data_5GL1
#
_entry.id   5GL1
#
_cell.length_a   1.0
_cell.length_b   1.0
_cell.length_c   1.0
_cell.angle_alpha   90.0
_cell.angle_beta   90.0
_cell.angle_gamma   90.0
#
_symmetry.space_group_name_H-M   'P 1'
#
loop_
_entity.id
_entity.type
_entity.pdbx_description
1 polymer 'Ryanodine receptor 1'
2 polymer 'Peptidyl-prolyl cis-trans isomerase FKBP1A'
3 non-polymer 'ZINC ION'
#
loop_
_entity_poly.entity_id
_entity_poly.type
_entity_poly.pdbx_seq_one_letter_code
_entity_poly.pdbx_strand_id
1 'polypeptide(L)'
;MGDGGEGEDEVQFLRTDDEVVLQCSATVLKEQLKLCLAAEGFGNRLCFLEPTSNAQNVPPDLAICCFTLEQSLSVRALQE
MLANTVEAGVESSQGGGHRTLLYGHAILLRHAHSRMYLSCLTTSRSMTDKLAFDVGLQEDATGEACWWTMHPASKQRSEG
EKVRVGDDLILVSVSSERYLHLSTASGELQVDASFMQTLWNMNPICSCCEEGYVTGGHVLRLFHGHMDECLTISAADSDD
QRRLVYYEGGAVCTHARSLWRLEPLRISWSGSHLRWGQPLRIRHVTTGRYLALTEDQGLVVVDACKAHTKATSFCFRVSK
EKLDTAPKRDVEGMGPPEIKYGESLCFVQHVASGLWLTYAAPDPKALRLGVLKKKAILHQEGHMDDALFLTRCQQEESQA
ARMIHSTAGLYNQFIKGLDSFSGKPRGSGPPAGPALPIEAVILSLQDLIGYFEPPSEELQHEEKQSKLRSLRNRQSLFQE
EGMLSLVLNCIDRLNVYTTAAHFAEYAGEEAAESWKEIVNLLYELLASLIRGNRANCALFSTNLDWVVSKLDRLEASSGI
LEVLYCVLIESPEVLNIIQENHIKSIISLLDKHGRNHKVLDVLCSLCVCNGVAVRSNQDLITENLLPGRELLLQTNLINY
VTSIRPNIFVGRAEGSTQYGKWYFEVMVDEVVPFLTAQATHLRVGWALTEGYSPYPGGGEGWGGNGVGDDLYSYGFDGLH
LWTGHVARPVTSPGQHLLAPEDVVSCCLDLSVPSISFRINGCPVQGVFEAFNLDGLFFPVVSFSAGVKVRFLLGGRHGEF
KFLPPPGYAPCHEAVLPRERLRLEPIKEYRREGPRGPHLVGPSRCLSHTDFVPCPVDTVQIVLPPHLERIREKLAENIHE
LWALTRIEQGWTYGPVRDDNKRLHPCLVNFHSLPEPERNYNLQMSGETLKTLLALGCHVGMADEKAEDNLKKTKLPKTYM
MSNGYKPAPLDLSHVRLTPAQTTLVDRLAENGHNVWARDRVAQGWSYSAVQDIPARRNPRLVPYRLLDEATKRSNRDSLC
QAVRTLLGYGYNIEPPDQEPSQVENQSRWDRVRIFRAEKSYTVQSGRWYFEFEAVTTGEMRVGWARPELRPDVELGADEL
AYVFNGHRGQRWHLGSEPFGRPWQSGDVVGCMIDLTENTIIFTLNGEVLMSDSGSETAFREIEIGDGFLPVCSLGPGQVG
HLNLGQDVSSLRFFAICGLQEGFEPFAINMQRPVTTWFSKSLPQFEPVPPEHPHYEVARMDGTVDTPPCLRLAHRTWGSQ
NSLVEMLFLRLSLPVQFHQHFRCTAGATPLAPPGLQPPAEDEARAAEPDPDYENLRRSAGGWGEAEGGKEGTAKEGTPGG
TPQPGVEAQPVRAENEKDATTEKNKKRGFLFKAKKAAMMTQPPATPALPRLPHDVVPADNRDDPEIILNTTTYYYSVRVF
AGQEPSCVWVGWVTPDYHQHDMNFDLSKVRAVTVTMGDEQGNVHSSLKCSNCYMVWGGDFVSPGQQGRISHTDLVIGCLV
DLATGLMTFTANGKESNTFFQVEPNTKLFPAVFVLPTHQNVIQFELGKQKNIMPLSAAMFLSERKNPAPQCPPRLEVQML
MPVSWSRMPNHFLQVETRRAGERLGWAVQCQDPLTMMALHIPEENRCMDILELSERLDLQRFHSHTLRLYRAVCALGNNR
VAHALCSHVDQAQLLHALEDAHLPGPLRAGYYDLLISIHLESACRSRRSMLSEYIVPLTPETRAITLFPPGRKGGNARRH
GLPGVGVTTSLRPPHHFSPPCFVAALPAAGVAEAPARLSPAIPLEALRDKALRMLGEAVRDGGQHARDPVGGSVEFQFVP
VLKLVSTLLVMGIFGDEDVKQILKMIEPEVFTEEEEEEEEEEEEEEEEEEDEEEKEEDEEEEEKEDAEKEEEEAPEGEKE
DLEEGLLQMKLPESVKLQMCNLLEYFCDQELQHRVESLAAFAERYVDKLQANQRSRYALLMRAFTMSAAETARRTREFRS
PPQEQINMLLHFKDEADEEDCPLPEDIRQDLQDFHQDLLAHCGIQLEGEEEEPEEETSLSSRLRSLLETVRLVKKKEEKP
EEELPAEEKKPQSLQELVSHMVVRWAQEDYVQSPELVRAMFSLLHRQYDGLGELLRALPRAYTISPSSVEDTMSLLECLG
QIRSLLIVQMGPQEENLMIQSIGNIMNNKVFYQHPNLMRALGMHETVMEVMVNVLGGGETKEIRFPKMVTSCCRFLCYFC
RISRQNQRSMFDHLSYLLENSGIGLGMQGSTPLDVAAASVIDNNELALALQEQDLEKVVSYLAGCGLQSCPMLLAKGYPD
IGWNPCGGERYLDFLRFAVFVNGESVEENANVVVRLLIRKPECFGPALRGEGGSGLLAAIEEAIRISEDPARDGPGVRRD
RRREHFGEEPPEENRVHLGHAIMSFYAALIDLLGRCAPEMHLIQAGKGEALRIRAILRSLVPLDDLVGIISLPLQIPTLG
KDGALVQPKMSASFVPDHKASMVLFLDRVYGIENQDFLLHVLDVGFLPDMRAAASLDTATFSTTEMALALNRYLCLAVLP
LITKCAPLFAGTEHRAIMVDSMLHTVYRLSRGRSLTKAQRDVIEDCLMALCRYIRPSMLQHLLRRLVFDVPILNEFAKMP
LKLLTNHYERCWKYYCLPTGWANFGVTSEEELHLTRKLFWGIFDSLAHKKYDQELYRMAMPCLCAIAGALPPDYVDASYS
SKAEKKATVDAEGNFDPRPVETLNVIIPEKLDSFINKFAEYTHEKWAFDKIQNNWSYGENVDEELKTHPMLRPYKTFSEK
DKEIYRWPIKESLKAMIAWEWTIEKAREGEEERTEKKKTRKISQTAQTYDPREGYNPQPPDLSGVTLSRELQAMAEQLAE
NYHNTWGRKKKQELEAKGGGTHPLLVPYDTLTAKEKARDREKAQELLKFLQMNGYAVTRGLKDMELDTSSIEKRFAFGFL
QQLLRWMDISQEFIAHLEAVVSSGRVEKSPHEQEIKFFAKILLPLINQYFTNHCLYFLSTPAKVLGSGGHASNKEKEMIT
SLFCKLAALVRHRVSLFGTDAPAVVNCLHILARSLDARTVMKSGPEIVKAGLRSFFESASEDIEKMVENLRLGKVSQART
QVKGVGQNLTYTTVALLPVLTTLFQHIAQHQFGDDVILDDVQVSCYRTLCSIYSLGTTKNTYVEKLRPALGECLARLAAA
MPVAFLEPQLNEYNACSVYTTKSPRERAILGLPNSVEEMCPDIPVLDRLMADIGGLAESGARYTEMPHVIEITLPMLCSY
LPRWWERGPEAPPPALPAGAPPPCTAVTSDHLNSLLGNILRIIVNNLGIDEATWMKRLAVFAQPIVSRARPELLHSHFIP
TIGRLRKRAGKVVAEEEQLRLEAKAEAEEGELLVRDEFSVLCRDLYALYPLLIRYVDNNRAHWLTEPNANAEELFRMVGE
IFIYWSKSHNFKREEQNFVVQNEINNMSFLTADSKSKMAKAGDAQSGGSDQERTKKKRRGDRYSVQTSLIVATLKKMLPI
GLNMCAPTDQDLIMLAKTRYALKDTDEEVREFLQNNLHLQGKVEGSPSLRWQMALYRGLPGREEDADDPEKIVRRVQEVS
AVLYHLEQTEHPYKSKKAVWHKLLSKQRRRAVVACFRMTPLYNLPTHRACNMFLESYKAAWILTEDHSFEDRMIDDLSKA
GEQEEEEEEVEEKKPDPLHQLVLHFSRTALTEKSKLDEDYLYMAYADIMAKSCHLEEGGENGEAEEEEVEVSFEEKEMEK
QRLLYQQSRLHTRGAAEMVLQMISACKGETGAMVSSTLKLGISILNGGNAEVQQKMLDYLKDKKEVGFFQSIQALMQTCS
VLDLNAFERQNKAEGLGMVNEDGTVINRQNGEKVMADDEFTQDLFRFLQLLCEGHNNDFQNYLRTQTGNTTTINIIICTV
DYLLRLQESISDFYWYYSGKDVIEEQGKRNFSKAMSVAKQVFNSLTEYIQGPCTGNQQSLAHSRLWDAVVGFLHVFAHMM
MKLAQDSSQIELLKELLDLQKDMVVMLLSLLEGNVVNGMIARQMVDMLVESSSNVEMILKFFDMFLKLKDIVGSEAFQDY
VTDPRGLISKKDFQKAMDSQKQFTGPEIQFLLSCSEADENEMINFEEFANRFQEPARDIGFNVAVLLTNLSEHVPHDPRL
RNFLELAESILEYFRPYLGRIEIMGASRRIERIYFEISETNRAQWEMPQVKESKRQFIFDVVNEGGEAEKMELFVSFCED
TIFEMQIAAQISEPEGEPEADEDEGMGEAAAEGAEEGAAGAEGAAGTVAAGATARLAAAAARALRGLSYRSLRRRVRRLR
RLTAREAATALAALLWAVVARAGAAGAGAAAGALRLLWGSLFGGGLVEGAKKVTVTELLAGMPDPTSDEVHGEQPAGPGG
DADGAGEGEGEGDAAEGDGDEEVAGHEAGPGGAEGVVAVADGGPFRPEGAGGLGDMGDTTPAEPPTPEGSPILKRKLGVD
GEEEELVPEPEPEPEPEPEKADEENGEKEEVPEAPPEPPKKAPPSPPAKKEEAGGAGMEFWGELEVQRVKFLNYLSRNFY
TLRFLALFLAFAINFILLFYKVSDSPPGEDDMEGSAAGDLAGAGSGGGSGWGSGAGEEAEGDEDENMVYYFLEESTGYME
PALWCLSLLHTLVAFLCIIGYNCLKVPLVIFKREKELARKLEFDGLYITEQPGDDDVKGQWDRLVLNTPSFPSNYWDKFV
KRKVLDKHGDIFGRERIAELLGMDLASLEITAHNERKPDPPPGLLTWLMSIDVKYQIWKFGVIFTDNSFLYLGWYMVMSL
LGHYNNFFFAAHLLDIAMGVKTLRTILSSVTHNGKQLVMTVGLLAVVVYLYTVVAFNFFRKFYNKSEDEDEPDMKCDDMM
TCYLFHMYVGVRAGGGIGDEIEDPAGDEYELYRVVFDITFFFFVIVILLAIIQGLIIDAFGELRDQQEQVKEDMETKCFI
CGIGSDYFDTTPHGFETHTLEEHNLANYMFFLMYLINKDETEHTGQESYVWKMYQERCWDFFPAGDCFRKQYEDQLS
;
A,C,E,G
2 'polypeptide(L)'
;MGVQVETISPGDGRTFPKRGQTCVVHYTGMLEDGKKFDSSRDRNKPFKFMLGKQEVIRGWEEGVAQMSVGQRAKLTISPD
YAYGATGHPGIIPPHATLVFDVELLKLE
;
B,D,F,H
#
# COMPACT_ATOMS: atom_id res chain seq x y z
N GLN A 12 0.87 33.79 -3.44
CA GLN A 12 -0.46 33.59 -3.99
C GLN A 12 -1.12 34.84 -4.41
N PHE A 13 -2.04 34.69 -5.34
CA PHE A 13 -2.78 35.79 -5.89
C PHE A 13 -3.69 36.31 -4.80
N LEU A 14 -3.83 37.63 -4.82
CA LEU A 14 -4.77 38.32 -3.96
C LEU A 14 -5.90 38.89 -4.78
N ARG A 15 -7.08 38.33 -4.65
CA ARG A 15 -8.19 38.76 -5.47
C ARG A 15 -9.05 39.77 -4.80
N THR A 16 -9.96 40.35 -5.57
CA THR A 16 -10.97 41.24 -5.01
C THR A 16 -11.86 40.54 -4.00
N ASP A 17 -12.32 41.32 -3.02
CA ASP A 17 -13.19 40.82 -1.98
C ASP A 17 -12.48 39.83 -1.14
N ASP A 18 -11.60 40.38 -0.30
CA ASP A 18 -10.74 39.60 0.55
C ASP A 18 -10.23 40.49 1.67
N GLU A 19 -9.93 39.88 2.79
CA GLU A 19 -9.48 40.62 3.93
C GLU A 19 -7.97 40.55 4.09
N VAL A 20 -7.30 41.65 3.88
CA VAL A 20 -5.85 41.72 4.10
C VAL A 20 -5.45 43.07 4.63
N VAL A 21 -4.53 43.08 5.56
CA VAL A 21 -4.05 44.32 6.13
C VAL A 21 -2.88 44.87 5.36
N LEU A 22 -2.66 46.17 5.47
CA LEU A 22 -1.45 46.79 4.98
C LEU A 22 -0.33 46.85 6.00
N GLN A 23 0.46 45.77 6.02
CA GLN A 23 1.69 45.70 6.85
C GLN A 23 2.90 46.41 6.24
N CYS A 24 3.14 47.67 6.60
CA CYS A 24 4.39 48.36 6.17
C CYS A 24 5.57 47.80 6.99
N SER A 25 6.75 47.74 6.38
CA SER A 25 7.97 47.39 7.09
C SER A 25 8.48 48.64 7.85
N ALA A 26 7.73 49.04 8.88
CA ALA A 26 7.93 50.31 9.57
C ALA A 26 8.95 50.21 10.70
N THR A 27 10.23 49.89 10.42
CA THR A 27 11.28 50.18 11.41
C THR A 27 11.27 51.71 11.54
N VAL A 28 11.41 52.16 12.77
CA VAL A 28 11.30 53.58 13.05
C VAL A 28 12.75 54.11 12.86
N LEU A 29 13.21 54.11 11.61
CA LEU A 29 14.56 54.61 11.25
C LEU A 29 15.72 54.06 12.19
N LYS A 30 15.50 52.88 12.79
CA LYS A 30 16.50 52.26 13.67
C LYS A 30 16.08 50.87 13.97
N GLU A 31 15.09 50.75 14.85
CA GLU A 31 14.53 49.48 15.19
C GLU A 31 13.07 49.68 15.63
N GLN A 32 12.40 48.53 15.76
CA GLN A 32 12.27 47.60 14.63
C GLN A 32 10.89 47.13 14.24
N LEU A 33 9.89 47.65 14.92
CA LEU A 33 8.57 47.04 14.94
C LEU A 33 7.95 46.90 13.52
N LYS A 34 7.25 45.77 13.27
CA LYS A 34 6.64 45.53 11.93
C LYS A 34 5.15 45.93 11.91
N LEU A 35 4.87 47.15 12.43
CA LEU A 35 3.51 47.66 12.70
C LEU A 35 2.66 47.81 11.42
N CYS A 36 1.42 47.32 11.51
CA CYS A 36 0.42 47.51 10.48
C CYS A 36 -0.25 48.88 10.52
N LEU A 37 -0.77 49.26 9.35
CA LEU A 37 -1.54 50.49 9.22
C LEU A 37 -2.89 50.28 9.92
N ALA A 38 -3.38 51.30 10.59
CA ALA A 38 -4.60 51.17 11.33
C ALA A 38 -5.22 52.53 11.56
N ALA A 39 -6.55 52.49 11.51
CA ALA A 39 -7.37 53.59 11.94
C ALA A 39 -8.78 53.06 12.39
N GLU A 40 -9.14 53.30 13.66
CA GLU A 40 -10.21 52.54 14.35
C GLU A 40 -11.60 52.76 13.81
N GLY A 41 -11.75 53.86 13.11
CA GLY A 41 -12.95 54.03 12.33
C GLY A 41 -13.86 55.08 12.86
N PHE A 42 -14.87 54.68 13.61
CA PHE A 42 -15.84 55.62 14.06
C PHE A 42 -15.20 56.65 14.96
N GLY A 43 -15.53 57.92 14.73
CA GLY A 43 -15.06 58.97 15.60
C GLY A 43 -13.59 59.29 15.46
N ASN A 44 -13.02 58.79 14.40
CA ASN A 44 -11.61 58.82 14.26
C ASN A 44 -11.22 58.84 12.78
N ARG A 45 -11.42 59.98 12.12
CA ARG A 45 -11.04 60.14 10.72
C ARG A 45 -9.51 60.00 10.52
N LEU A 46 -8.78 60.53 11.48
CA LEU A 46 -7.36 60.59 11.36
C LEU A 46 -6.70 59.26 11.42
N CYS A 47 -5.72 59.10 10.56
CA CYS A 47 -4.94 57.90 10.52
C CYS A 47 -3.86 57.84 11.64
N PHE A 48 -3.51 56.61 12.00
CA PHE A 48 -2.37 56.35 12.87
C PHE A 48 -1.76 54.96 12.53
N LEU A 49 -1.04 54.41 13.50
CA LEU A 49 -0.26 53.18 13.32
C LEU A 49 -0.41 52.23 14.51
N GLU A 50 -0.56 50.94 14.25
CA GLU A 50 -0.67 49.98 15.36
C GLU A 50 0.29 48.81 15.18
N PRO A 51 0.89 48.28 16.29
CA PRO A 51 1.72 47.08 16.19
C PRO A 51 0.89 45.86 15.72
N THR A 52 1.49 44.93 14.95
CA THR A 52 0.93 43.57 14.73
C THR A 52 2.03 42.50 14.69
N SER A 53 3.24 42.81 15.15
CA SER A 53 4.36 41.88 15.09
C SER A 53 4.92 41.41 16.47
N ASN A 54 4.73 42.21 17.55
CA ASN A 54 5.23 41.93 18.95
C ASN A 54 4.39 40.81 19.61
N ALA A 55 4.53 39.57 19.12
CA ALA A 55 3.68 38.44 19.58
C ALA A 55 4.36 37.78 20.73
N GLN A 56 4.28 38.48 21.86
CA GLN A 56 4.95 38.07 23.07
C GLN A 56 4.28 38.67 24.33
N ASN A 57 5.05 39.40 25.17
CA ASN A 57 4.54 39.97 26.43
C ASN A 57 3.70 41.22 26.28
N VAL A 58 3.83 41.87 25.12
CA VAL A 58 3.05 43.10 24.79
C VAL A 58 2.26 42.87 23.47
N PRO A 59 1.10 42.12 23.56
CA PRO A 59 0.28 41.74 22.37
C PRO A 59 -0.31 43.00 21.74
N PRO A 60 -0.46 42.98 20.42
CA PRO A 60 -0.90 44.06 19.56
C PRO A 60 -2.42 44.37 19.64
N ASP A 61 -2.95 45.03 18.60
CA ASP A 61 -4.39 45.26 18.43
C ASP A 61 -4.81 45.00 16.95
N LEU A 62 -4.92 43.72 16.58
CA LEU A 62 -5.16 43.29 15.17
C LEU A 62 -6.49 43.77 14.54
N ALA A 63 -7.53 43.95 15.36
CA ALA A 63 -8.91 44.11 14.87
C ALA A 63 -9.10 45.33 14.04
N ILE A 64 -8.38 46.40 14.34
CA ILE A 64 -8.56 47.65 13.59
C ILE A 64 -7.75 47.77 12.30
N CYS A 65 -6.87 46.83 12.05
CA CYS A 65 -6.01 46.92 10.86
C CYS A 65 -6.67 46.32 9.61
N CYS A 66 -7.81 45.64 9.77
CA CYS A 66 -8.32 44.68 8.76
C CYS A 66 -8.97 45.39 7.53
N PHE A 67 -8.15 45.89 6.62
CA PHE A 67 -8.69 46.50 5.44
C PHE A 67 -9.27 45.45 4.52
N THR A 68 -10.34 45.82 3.83
CA THR A 68 -10.97 44.95 2.86
C THR A 68 -10.70 45.43 1.45
N LEU A 69 -10.35 44.50 0.60
CA LEU A 69 -10.13 44.78 -0.80
C LEU A 69 -11.43 44.93 -1.49
N GLU A 70 -11.46 45.85 -2.45
CA GLU A 70 -12.72 46.19 -3.08
C GLU A 70 -12.77 46.31 -4.58
N GLN A 71 -12.07 47.28 -5.11
CA GLN A 71 -12.20 47.58 -6.51
C GLN A 71 -10.89 48.06 -7.08
N SER A 72 -10.19 47.15 -7.76
CA SER A 72 -8.90 47.48 -8.35
C SER A 72 -9.11 47.83 -9.80
N LEU A 73 -9.89 48.86 -10.01
CA LEU A 73 -10.20 49.29 -11.36
C LEU A 73 -9.13 50.22 -11.91
N SER A 74 -9.09 50.22 -13.22
CA SER A 74 -8.22 51.09 -13.93
C SER A 74 -8.56 52.52 -13.70
N VAL A 75 -7.51 53.28 -13.80
CA VAL A 75 -7.61 54.68 -13.54
C VAL A 75 -8.50 55.33 -14.53
N ARG A 76 -8.33 54.84 -15.74
CA ARG A 76 -9.12 55.30 -16.79
C ARG A 76 -10.57 54.79 -16.64
N ALA A 77 -10.69 53.59 -16.13
CA ALA A 77 -11.96 53.02 -15.85
C ALA A 77 -12.70 53.75 -14.78
N LEU A 78 -11.97 54.31 -13.84
CA LEU A 78 -12.57 55.05 -12.80
C LEU A 78 -13.24 56.28 -13.32
N GLN A 79 -12.74 56.79 -14.42
CA GLN A 79 -13.15 58.08 -14.89
C GLN A 79 -14.60 58.13 -15.29
N GLU A 80 -15.13 57.02 -15.77
CA GLU A 80 -16.53 57.00 -16.16
C GLU A 80 -17.46 56.60 -15.05
N MET A 81 -16.97 55.81 -14.11
CA MET A 81 -17.76 55.52 -12.97
C MET A 81 -17.94 56.79 -12.14
N LEU A 82 -16.96 57.65 -12.20
CA LEU A 82 -17.12 58.97 -11.68
C LEU A 82 -18.15 59.76 -12.49
N ALA A 83 -18.28 59.41 -13.76
CA ALA A 83 -19.24 60.05 -14.62
C ALA A 83 -20.59 59.39 -14.63
N ASN A 84 -21.27 59.52 -13.51
CA ASN A 84 -22.62 59.05 -13.38
C ASN A 84 -23.30 59.60 -12.12
N GLY A 97 -17.54 40.37 -9.74
CA GLY A 97 -17.22 40.93 -8.44
C GLY A 97 -15.88 40.53 -7.81
N HIS A 98 -15.25 39.43 -8.23
CA HIS A 98 -13.89 39.07 -7.72
C HIS A 98 -12.76 39.32 -8.73
N ARG A 99 -12.73 40.54 -9.27
CA ARG A 99 -11.70 40.95 -10.25
C ARG A 99 -10.35 40.88 -9.60
N THR A 100 -9.41 40.34 -10.32
CA THR A 100 -8.16 40.11 -9.70
C THR A 100 -7.50 41.44 -9.40
N LEU A 101 -6.81 41.53 -8.27
CA LEU A 101 -6.03 42.71 -8.01
C LEU A 101 -4.91 42.86 -9.03
N LEU A 102 -4.64 44.07 -9.51
CA LEU A 102 -3.52 44.28 -10.42
C LEU A 102 -2.82 45.56 -10.08
N TYR A 103 -1.50 45.58 -10.29
CA TYR A 103 -0.70 46.75 -10.01
C TYR A 103 -1.12 47.90 -10.87
N GLY A 104 -1.07 49.07 -10.27
CA GLY A 104 -1.30 50.32 -10.95
C GLY A 104 -2.73 50.78 -11.02
N HIS A 105 -3.66 49.97 -10.55
CA HIS A 105 -5.06 50.37 -10.52
C HIS A 105 -5.32 51.24 -9.33
N ALA A 106 -6.29 52.13 -9.49
CA ALA A 106 -6.85 52.75 -8.31
C ALA A 106 -7.64 51.67 -7.60
N ILE A 107 -7.58 51.74 -6.27
CA ILE A 107 -8.24 50.74 -5.47
C ILE A 107 -9.16 51.31 -4.43
N LEU A 108 -10.37 50.79 -4.41
CA LEU A 108 -11.22 51.08 -3.32
C LEU A 108 -10.75 50.26 -2.10
N LEU A 109 -10.86 50.82 -0.89
CA LEU A 109 -10.39 50.15 0.39
C LEU A 109 -11.30 50.53 1.56
N ARG A 110 -11.15 49.80 2.66
CA ARG A 110 -12.17 49.83 3.69
C ARG A 110 -11.58 49.61 5.07
N HIS A 111 -12.16 50.23 6.08
CA HIS A 111 -12.08 49.73 7.44
C HIS A 111 -13.35 48.95 7.73
N ALA A 112 -13.28 47.62 7.68
CA ALA A 112 -14.51 46.75 7.71
C ALA A 112 -15.36 46.99 8.92
N HIS A 113 -14.68 47.40 9.98
CA HIS A 113 -15.30 47.77 11.22
C HIS A 113 -16.19 48.99 11.09
N SER A 114 -15.84 49.91 10.22
CA SER A 114 -16.56 51.18 10.15
C SER A 114 -17.18 51.42 8.80
N ARG A 115 -16.63 50.74 7.80
CA ARG A 115 -16.90 51.00 6.42
C ARG A 115 -16.67 52.45 6.08
N MET A 116 -15.73 53.08 6.79
CA MET A 116 -15.26 54.40 6.41
C MET A 116 -14.08 54.17 5.54
N TYR A 117 -14.30 54.26 4.27
CA TYR A 117 -13.39 53.76 3.32
C TYR A 117 -12.14 54.58 3.41
N LEU A 118 -11.00 53.91 3.28
CA LEU A 118 -9.72 54.55 3.39
C LEU A 118 -9.52 55.67 2.35
N SER A 119 -8.97 56.83 2.75
CA SER A 119 -8.92 57.97 1.83
C SER A 119 -8.03 59.12 2.25
N CYS A 120 -7.60 59.91 1.29
CA CYS A 120 -6.93 61.15 1.58
C CYS A 120 -7.96 62.21 1.94
N LEU A 121 -7.52 63.17 2.77
CA LEU A 121 -8.35 64.29 3.13
C LEU A 121 -7.52 65.51 3.33
N THR A 122 -8.19 66.62 3.22
CA THR A 122 -7.49 67.88 3.17
C THR A 122 -7.27 68.48 4.56
N THR A 123 -6.14 68.12 5.17
CA THR A 123 -5.76 68.67 6.49
C THR A 123 -4.23 68.93 6.63
N SER A 124 -3.84 69.83 7.55
CA SER A 124 -2.42 70.16 7.83
C SER A 124 -1.77 69.19 8.84
N ARG A 125 -1.52 67.94 8.44
CA ARG A 125 -0.74 66.97 9.28
C ARG A 125 0.26 66.04 8.56
N LYS A 130 5.95 71.50 5.67
CA LYS A 130 5.01 70.39 5.88
C LYS A 130 3.69 70.73 5.13
N LEU A 131 3.72 70.60 3.81
CA LEU A 131 2.50 70.72 2.97
C LEU A 131 2.13 69.39 2.29
N ALA A 132 1.64 68.40 3.05
CA ALA A 132 1.12 67.15 2.46
C ALA A 132 -0.07 66.60 3.25
N PHE A 133 -1.22 66.53 2.58
CA PHE A 133 -2.49 66.30 3.29
C PHE A 133 -2.60 64.91 3.87
N ASP A 134 -3.15 64.82 5.07
CA ASP A 134 -3.20 63.55 5.80
C ASP A 134 -4.30 62.64 5.24
N VAL A 135 -4.03 61.35 5.28
CA VAL A 135 -5.01 60.35 4.93
C VAL A 135 -6.07 60.26 6.02
N GLY A 136 -7.30 59.97 5.59
CA GLY A 136 -8.38 59.83 6.52
C GLY A 136 -9.60 59.08 6.03
N LEU A 137 -10.32 58.52 6.98
CA LEU A 137 -11.37 57.56 6.68
C LEU A 137 -12.75 58.13 6.51
N GLN A 138 -13.02 58.50 5.29
CA GLN A 138 -14.33 58.98 4.95
C GLN A 138 -15.25 57.83 4.72
N GLU A 139 -16.48 58.04 5.08
CA GLU A 139 -17.50 57.03 4.90
C GLU A 139 -17.76 56.72 3.46
N ASP A 140 -17.71 57.78 2.68
CA ASP A 140 -18.27 57.78 1.37
C ASP A 140 -17.53 56.91 0.37
N ALA A 141 -18.31 56.27 -0.49
CA ALA A 141 -17.80 55.63 -1.68
C ALA A 141 -17.72 56.66 -2.84
N THR A 142 -18.07 57.91 -2.58
CA THR A 142 -17.88 58.96 -3.57
C THR A 142 -16.46 59.43 -3.72
N GLY A 143 -16.16 59.88 -4.93
CA GLY A 143 -15.03 60.70 -5.16
C GLY A 143 -13.73 59.97 -5.37
N GLU A 144 -12.80 60.74 -5.88
CA GLU A 144 -11.40 60.41 -6.00
C GLU A 144 -10.69 60.05 -4.72
N ALA A 145 -11.21 60.43 -3.56
CA ALA A 145 -10.51 60.24 -2.28
C ALA A 145 -10.23 58.81 -1.93
N CYS A 146 -11.13 57.94 -2.30
CA CYS A 146 -11.13 56.57 -1.88
C CYS A 146 -10.53 55.58 -2.87
N TRP A 147 -9.43 55.99 -3.47
CA TRP A 147 -8.81 55.24 -4.50
C TRP A 147 -7.32 55.51 -4.47
N TRP A 148 -6.52 54.51 -4.78
CA TRP A 148 -5.08 54.62 -4.59
C TRP A 148 -4.29 53.82 -5.62
N THR A 149 -3.75 54.51 -6.63
CA THR A 149 -3.02 53.82 -7.68
C THR A 149 -1.68 53.23 -7.16
N MET A 150 -1.32 52.03 -7.58
CA MET A 150 -0.05 51.45 -7.10
C MET A 150 1.11 51.64 -8.07
N HIS A 151 2.27 52.04 -7.53
CA HIS A 151 3.50 52.19 -8.35
C HIS A 151 4.69 51.46 -7.77
N PRO A 152 4.72 50.11 -8.00
CA PRO A 152 5.77 49.30 -7.43
C PRO A 152 7.13 49.67 -7.94
N ALA A 153 8.11 49.64 -7.03
CA ALA A 153 9.50 49.93 -7.34
C ALA A 153 10.08 48.84 -8.21
N SER A 154 9.54 47.62 -8.15
CA SER A 154 10.03 46.53 -8.97
C SER A 154 9.40 46.61 -10.34
N LYS A 155 10.23 46.88 -11.35
CA LYS A 155 9.77 46.92 -12.71
C LYS A 155 9.41 45.50 -13.16
N GLN A 156 10.02 44.50 -12.49
CA GLN A 156 9.69 43.07 -12.68
C GLN A 156 8.19 42.82 -12.48
N ARG A 157 7.63 43.57 -11.55
CA ARG A 157 6.19 43.60 -11.32
C ARG A 157 5.60 44.91 -11.82
N SER A 158 5.53 45.05 -13.14
CA SER A 158 5.02 46.29 -13.77
C SER A 158 3.54 46.50 -13.46
N GLU A 159 3.10 47.73 -13.51
CA GLU A 159 1.69 48.06 -13.23
C GLU A 159 0.84 47.37 -14.25
N GLY A 160 -0.25 46.79 -13.77
CA GLY A 160 -0.99 45.86 -14.55
C GLY A 160 -0.37 44.46 -14.42
N GLU A 161 -0.27 44.00 -13.18
CA GLU A 161 0.19 42.63 -12.88
C GLU A 161 -0.41 42.19 -11.54
N LYS A 162 -0.68 40.88 -11.42
CA LYS A 162 -1.38 40.36 -10.27
C LYS A 162 -0.57 40.57 -8.97
N VAL A 163 -1.25 41.00 -7.90
CA VAL A 163 -0.56 41.19 -6.59
C VAL A 163 -0.29 39.80 -6.02
N ARG A 164 0.91 39.64 -5.48
CA ARG A 164 1.23 38.45 -4.74
C ARG A 164 1.11 38.76 -3.28
N VAL A 165 1.01 37.70 -2.48
CA VAL A 165 0.92 37.85 -1.03
C VAL A 165 2.17 38.58 -0.48
N GLY A 166 1.95 39.60 0.37
CA GLY A 166 3.03 40.29 1.06
C GLY A 166 3.82 41.27 0.22
N ASP A 167 3.38 41.55 -0.99
CA ASP A 167 4.11 42.41 -1.91
C ASP A 167 4.22 43.87 -1.45
N ASP A 168 5.41 44.43 -1.64
CA ASP A 168 5.65 45.85 -1.40
C ASP A 168 5.05 46.71 -2.46
N LEU A 169 4.57 47.86 -2.02
CA LEU A 169 4.00 48.82 -2.94
C LEU A 169 3.85 50.22 -2.36
N ILE A 170 3.91 51.25 -3.21
CA ILE A 170 3.71 52.65 -2.83
C ILE A 170 2.41 53.19 -3.42
N LEU A 171 1.41 53.31 -2.56
CA LEU A 171 0.15 53.86 -2.96
C LEU A 171 0.28 55.32 -3.26
N VAL A 172 -0.51 55.74 -4.23
CA VAL A 172 -0.47 57.08 -4.73
C VAL A 172 -1.90 57.57 -4.79
N SER A 173 -2.12 58.74 -4.25
CA SER A 173 -3.44 59.26 -4.25
C SER A 173 -3.90 59.53 -5.62
N VAL A 174 -5.18 59.18 -5.85
CA VAL A 174 -5.88 59.60 -7.04
C VAL A 174 -6.42 61.02 -6.78
N SER A 175 -6.59 61.35 -5.50
CA SER A 175 -7.26 62.56 -5.12
C SER A 175 -6.31 63.78 -5.06
N SER A 176 -5.45 63.81 -4.05
CA SER A 176 -4.45 64.86 -3.88
C SER A 176 -3.19 64.55 -4.68
N GLU A 177 -3.20 63.38 -5.32
CA GLU A 177 -2.11 62.87 -6.09
C GLU A 177 -0.80 62.71 -5.27
N ARG A 178 -0.88 62.65 -3.95
CA ARG A 178 0.27 62.40 -3.11
C ARG A 178 0.61 60.92 -3.08
N TYR A 179 1.87 60.61 -2.83
CA TYR A 179 2.30 59.23 -2.57
C TYR A 179 1.88 58.92 -1.15
N LEU A 180 1.53 57.67 -0.86
CA LEU A 180 1.27 57.30 0.53
C LEU A 180 2.58 57.25 1.28
N HIS A 181 2.57 57.67 2.55
CA HIS A 181 3.78 57.62 3.34
C HIS A 181 3.65 57.54 4.88
N LEU A 182 4.70 56.96 5.49
CA LEU A 182 4.86 56.82 6.94
C LEU A 182 5.79 57.94 7.53
N SER A 183 5.20 59.01 8.10
CA SER A 183 5.98 60.17 8.63
C SER A 183 6.56 59.89 10.05
N THR A 184 7.82 59.46 10.06
CA THR A 184 8.53 59.13 11.32
C THR A 184 9.34 60.33 11.78
N LEU A 189 3.26 56.64 15.27
CA LEU A 189 3.92 57.90 14.79
C LEU A 189 3.13 58.55 13.63
N GLN A 190 3.55 59.74 13.11
CA GLN A 190 2.74 60.55 12.13
C GLN A 190 2.48 59.80 10.82
N VAL A 191 1.27 59.91 10.29
CA VAL A 191 0.96 59.33 8.99
C VAL A 191 0.72 60.45 7.98
N ASP A 192 1.21 60.32 6.74
CA ASP A 192 1.03 61.39 5.74
C ASP A 192 1.05 60.93 4.29
N ALA A 193 0.25 61.57 3.47
CA ALA A 193 0.36 61.38 2.06
C ALA A 193 1.31 62.42 1.52
N SER A 194 2.55 62.03 1.38
CA SER A 194 3.61 62.95 0.95
C SER A 194 4.29 62.40 -0.30
N PHE A 195 5.28 63.12 -0.83
CA PHE A 195 6.03 62.66 -2.03
C PHE A 195 7.16 61.69 -1.75
N MET A 196 7.31 61.44 -0.47
CA MET A 196 8.17 60.41 0.02
C MET A 196 7.41 59.08 -0.09
N GLN A 197 8.12 57.97 -0.24
CA GLN A 197 7.49 56.71 -0.60
C GLN A 197 7.77 55.48 0.28
N THR A 198 6.94 55.32 1.31
CA THR A 198 6.85 54.10 2.12
C THR A 198 6.20 52.94 1.36
N LEU A 199 6.75 51.75 1.53
CA LEU A 199 6.14 50.53 1.00
C LEU A 199 5.06 49.99 1.94
N TRP A 200 4.16 49.18 1.40
CA TRP A 200 3.06 48.68 2.19
C TRP A 200 2.65 47.27 1.79
N ASN A 201 2.99 46.28 2.60
CA ASN A 201 2.65 44.88 2.28
C ASN A 201 1.21 44.53 2.45
N MET A 202 0.66 43.61 1.66
CA MET A 202 -0.69 43.09 1.92
C MET A 202 -0.62 41.77 2.62
N ASN A 203 -0.55 41.86 3.93
CA ASN A 203 -0.56 40.68 4.75
C ASN A 203 -1.95 40.02 4.79
N PRO A 204 -2.02 38.71 4.46
CA PRO A 204 -3.27 37.94 4.42
C PRO A 204 -3.91 37.80 5.80
N ILE A 205 -5.24 37.79 5.81
CA ILE A 205 -6.01 37.47 7.01
C ILE A 205 -7.04 36.33 6.67
N CYS A 206 -8.04 36.60 5.81
CA CYS A 206 -9.08 35.59 5.45
C CYS A 206 -9.61 35.79 4.05
N SER A 207 -10.12 34.70 3.50
CA SER A 207 -10.58 34.65 2.14
C SER A 207 -11.80 33.84 2.12
N CYS A 208 -12.88 34.57 2.26
CA CYS A 208 -14.19 34.02 2.04
C CYS A 208 -14.51 32.91 3.05
N CYS A 209 -14.86 33.31 4.27
CA CYS A 209 -15.27 32.39 5.34
C CYS A 209 -16.55 31.71 4.93
N GLU A 210 -16.63 30.42 5.24
CA GLU A 210 -17.89 29.71 5.01
C GLU A 210 -18.66 29.54 6.28
N GLU A 211 -19.98 29.51 6.17
CA GLU A 211 -20.82 29.27 7.34
C GLU A 211 -20.56 27.87 7.85
N GLY A 212 -20.60 27.72 9.17
CA GLY A 212 -20.31 26.41 9.77
C GLY A 212 -18.85 26.14 9.90
N TYR A 213 -18.04 27.16 9.62
CA TYR A 213 -16.58 27.04 9.61
C TYR A 213 -15.94 28.22 10.30
N VAL A 214 -15.55 27.98 11.54
CA VAL A 214 -15.09 29.01 12.44
C VAL A 214 -13.79 29.68 12.00
N THR A 215 -13.68 30.99 12.27
CA THR A 215 -12.46 31.74 11.94
C THR A 215 -12.00 32.67 13.05
N GLY A 216 -10.70 32.96 13.11
CA GLY A 216 -10.17 33.94 14.08
C GLY A 216 -10.23 35.36 13.55
N GLY A 217 -9.99 36.36 14.43
CA GLY A 217 -10.13 37.77 14.09
C GLY A 217 -11.61 38.02 13.92
N HIS A 218 -12.43 37.10 14.45
CA HIS A 218 -13.84 36.94 14.04
C HIS A 218 -14.64 36.52 15.27
N VAL A 219 -15.44 37.44 15.76
CA VAL A 219 -16.09 37.30 17.06
C VAL A 219 -17.14 36.21 17.01
N LEU A 220 -17.26 35.52 18.12
CA LEU A 220 -18.30 34.56 18.29
C LEU A 220 -18.52 34.24 19.76
N ARG A 221 -19.76 33.92 20.10
CA ARG A 221 -20.08 33.48 21.48
C ARG A 221 -19.51 32.08 21.92
N LEU A 222 -19.12 31.93 23.20
CA LEU A 222 -18.66 30.63 23.77
C LEU A 222 -19.75 30.08 24.69
N PHE A 223 -20.58 29.26 24.09
CA PHE A 223 -21.79 28.77 24.73
C PHE A 223 -21.60 27.81 25.94
N HIS A 224 -22.52 27.81 26.91
CA HIS A 224 -22.61 26.74 27.92
C HIS A 224 -23.88 25.85 27.77
N GLY A 225 -24.78 26.24 26.88
CA GLY A 225 -26.07 25.55 26.72
C GLY A 225 -27.24 26.38 27.18
N GLU A 229 -27.27 29.96 26.98
CA GLU A 229 -26.29 30.18 28.05
C GLU A 229 -24.86 30.11 27.53
N CYS A 230 -24.02 31.07 27.91
CA CYS A 230 -22.68 31.19 27.31
C CYS A 230 -21.71 31.97 28.15
N LEU A 231 -20.44 31.87 27.79
CA LEU A 231 -19.40 32.57 28.50
C LEU A 231 -19.56 34.10 28.45
N THR A 232 -19.28 34.74 29.58
CA THR A 232 -19.41 36.18 29.75
C THR A 232 -18.71 36.71 31.03
N ILE A 233 -18.66 38.03 31.21
CA ILE A 233 -18.08 38.67 32.41
C ILE A 233 -18.93 39.85 32.91
N SER A 234 -18.77 40.27 34.18
CA SER A 234 -19.75 41.18 34.82
C SER A 234 -19.83 42.51 34.15
N ALA A 235 -21.05 43.00 33.98
CA ALA A 235 -21.29 44.20 33.19
C ALA A 235 -21.06 45.50 33.97
N ALA A 236 -20.76 45.37 35.25
CA ALA A 236 -20.57 46.52 36.12
C ALA A 236 -19.52 47.51 35.59
N ASP A 237 -18.45 46.95 35.00
CA ASP A 237 -17.30 47.73 34.54
C ASP A 237 -16.82 48.73 35.62
N SER A 238 -16.79 48.27 36.89
CA SER A 238 -16.49 49.13 38.04
C SER A 238 -15.10 48.83 38.63
N ASP A 239 -15.01 48.98 39.96
CA ASP A 239 -13.79 48.72 40.69
C ASP A 239 -13.42 47.25 40.53
N ASP A 240 -14.46 46.40 40.39
CA ASP A 240 -14.33 45.00 39.98
C ASP A 240 -14.05 44.98 38.49
N GLN A 241 -12.78 44.91 38.08
CA GLN A 241 -12.40 45.25 36.71
C GLN A 241 -12.78 44.10 35.75
N ARG A 242 -14.02 43.65 35.89
CA ARG A 242 -14.62 42.61 35.08
C ARG A 242 -13.78 41.35 35.10
N ARG A 243 -13.05 41.21 36.19
CA ARG A 243 -12.12 40.09 36.34
C ARG A 243 -12.86 38.77 36.55
N LEU A 244 -14.03 38.86 37.15
CA LEU A 244 -14.91 37.71 37.37
C LEU A 244 -15.33 37.10 36.04
N VAL A 245 -15.39 35.77 35.96
CA VAL A 245 -15.72 35.14 34.69
C VAL A 245 -16.79 34.05 34.83
N TYR A 246 -17.90 34.18 34.12
CA TYR A 246 -19.08 33.34 34.37
C TYR A 246 -19.74 32.86 33.11
N TYR A 247 -20.13 31.59 33.05
CA TYR A 247 -21.15 31.21 32.09
C TYR A 247 -22.48 31.74 32.61
N GLU A 248 -23.37 32.10 31.70
CA GLU A 248 -24.66 32.62 32.11
C GLU A 248 -25.70 32.55 30.99
N GLY A 249 -26.93 32.22 31.35
CA GLY A 249 -28.07 32.09 30.42
C GLY A 249 -28.90 33.35 30.27
N GLY A 250 -29.94 33.23 29.47
CA GLY A 250 -30.83 34.34 29.19
C GLY A 250 -30.24 35.46 28.34
N ALA A 251 -30.66 36.68 28.61
CA ALA A 251 -30.39 37.83 27.73
C ALA A 251 -28.94 38.27 27.74
N VAL A 252 -28.16 37.81 28.72
CA VAL A 252 -26.73 38.10 28.75
C VAL A 252 -26.05 37.57 27.48
N CYS A 253 -26.64 36.53 26.90
CA CYS A 253 -26.12 35.97 25.68
C CYS A 253 -26.16 36.99 24.53
N THR A 254 -27.17 37.84 24.52
CA THR A 254 -27.21 38.94 23.56
C THR A 254 -26.20 39.99 23.86
N HIS A 255 -25.76 40.05 25.12
CA HIS A 255 -24.87 41.10 25.56
C HIS A 255 -23.53 41.02 24.98
N ALA A 256 -22.93 42.20 24.87
CA ALA A 256 -21.66 42.28 24.18
C ALA A 256 -20.59 41.70 24.98
N ARG A 257 -20.81 41.78 26.28
CA ARG A 257 -19.92 41.21 27.22
C ARG A 257 -19.74 39.68 27.00
N SER A 258 -20.74 39.00 26.44
CA SER A 258 -20.62 37.60 26.05
C SER A 258 -20.20 37.43 24.61
N LEU A 259 -19.12 38.12 24.23
CA LEU A 259 -18.58 38.00 22.87
C LEU A 259 -17.09 37.98 22.90
N TRP A 260 -16.49 37.23 21.99
CA TRP A 260 -15.06 36.99 22.08
C TRP A 260 -14.40 36.97 20.74
N ARG A 261 -13.41 37.85 20.55
CA ARG A 261 -12.65 37.91 19.29
C ARG A 261 -11.40 37.04 19.35
N LEU A 262 -11.51 35.81 18.88
CA LEU A 262 -10.39 34.89 18.91
C LEU A 262 -9.27 35.36 17.90
N GLU A 263 -8.01 35.26 18.31
CA GLU A 263 -6.82 35.47 17.41
C GLU A 263 -5.91 34.19 17.39
N PRO A 264 -5.95 33.40 16.27
CA PRO A 264 -5.03 32.24 16.11
C PRO A 264 -3.57 32.66 16.21
N LEU A 265 -2.69 31.85 16.82
CA LEU A 265 -1.31 32.29 17.03
C LEU A 265 -0.60 32.35 15.70
N ARG A 266 -1.02 33.31 14.89
CA ARG A 266 -0.49 33.59 13.57
C ARG A 266 -0.78 35.10 13.33
N ILE A 267 0.04 35.77 12.55
CA ILE A 267 -0.26 37.12 12.11
C ILE A 267 -0.82 37.03 10.67
N SER A 268 -0.12 36.36 9.75
CA SER A 268 -0.71 36.03 8.43
C SER A 268 -1.78 34.99 8.54
N TRP A 269 -2.82 35.19 7.75
CA TRP A 269 -3.97 34.30 7.71
C TRP A 269 -4.58 34.08 9.07
N SER A 270 -4.64 35.15 9.88
CA SER A 270 -5.26 35.07 11.21
C SER A 270 -6.74 34.68 11.08
N GLY A 271 -7.31 35.11 9.97
CA GLY A 271 -8.68 34.86 9.71
C GLY A 271 -8.94 33.56 8.97
N SER A 272 -7.91 32.82 8.63
CA SER A 272 -8.10 31.57 8.01
C SER A 272 -8.88 30.60 8.98
N HIS A 273 -9.64 29.67 8.41
CA HIS A 273 -10.62 28.85 9.16
C HIS A 273 -9.95 28.05 10.30
N LEU A 274 -10.56 28.06 11.47
CA LEU A 274 -9.98 27.41 12.63
C LEU A 274 -10.10 25.89 12.66
N ARG A 275 -9.15 25.29 13.36
CA ARG A 275 -9.11 23.89 13.65
C ARG A 275 -9.30 23.59 15.15
N TRP A 276 -9.68 22.36 15.51
CA TRP A 276 -9.80 21.95 16.92
C TRP A 276 -8.44 21.50 17.39
N GLY A 277 -7.53 22.46 17.47
CA GLY A 277 -6.18 22.14 17.82
C GLY A 277 -5.21 23.24 17.62
N GLN A 278 -5.36 24.00 16.57
CA GLN A 278 -4.46 25.03 16.33
C GLN A 278 -4.59 26.12 17.39
N PRO A 279 -3.43 26.61 17.82
CA PRO A 279 -3.27 27.48 18.97
C PRO A 279 -3.85 28.85 18.74
N LEU A 280 -4.35 29.54 19.76
CA LEU A 280 -4.96 30.84 19.53
C LEU A 280 -5.00 31.82 20.74
N ARG A 281 -4.82 33.12 20.48
CA ARG A 281 -5.06 34.24 21.44
C ARG A 281 -6.55 34.47 21.64
N ILE A 282 -6.96 35.02 22.78
CA ILE A 282 -8.38 35.32 23.03
C ILE A 282 -8.53 36.73 23.54
N ARG A 283 -8.59 37.64 22.60
CA ARG A 283 -8.95 39.01 22.90
C ARG A 283 -10.45 39.10 23.31
N HIS A 284 -10.72 39.86 24.37
CA HIS A 284 -12.09 40.22 24.73
C HIS A 284 -12.57 41.30 23.80
N VAL A 285 -13.86 41.37 23.59
CA VAL A 285 -14.37 42.29 22.68
C VAL A 285 -14.77 43.58 23.40
N THR A 286 -15.63 43.48 24.41
CA THR A 286 -16.19 44.66 25.05
C THR A 286 -15.13 45.58 25.74
N THR A 287 -14.10 44.98 26.31
CA THR A 287 -13.02 45.74 26.93
C THR A 287 -11.70 45.60 26.20
N GLY A 288 -11.66 44.70 25.21
CA GLY A 288 -10.51 44.59 24.33
C GLY A 288 -9.40 43.78 24.95
N ARG A 289 -9.61 43.33 26.19
CA ARG A 289 -8.55 42.67 26.94
C ARG A 289 -8.21 41.29 26.37
N TYR A 290 -6.92 40.96 26.30
CA TYR A 290 -6.53 39.59 26.03
C TYR A 290 -6.80 38.73 27.25
N LEU A 291 -7.37 37.56 27.06
CA LEU A 291 -7.42 36.61 28.11
C LEU A 291 -5.98 36.00 28.19
N ALA A 292 -5.61 35.52 29.38
CA ALA A 292 -4.23 35.00 29.61
C ALA A 292 -4.19 34.02 30.82
N LEU A 293 -3.07 33.33 31.03
CA LEU A 293 -2.96 32.30 32.07
C LEU A 293 -2.73 32.93 33.46
N THR A 294 -3.81 33.41 34.07
CA THR A 294 -3.87 33.64 35.52
C THR A 294 -4.42 32.33 36.10
N GLU A 295 -3.55 31.39 36.50
CA GLU A 295 -4.03 30.11 37.12
C GLU A 295 -4.69 30.42 38.46
N ASP A 296 -4.38 31.56 39.09
CA ASP A 296 -5.19 32.12 40.20
C ASP A 296 -6.64 32.43 39.71
N GLN A 297 -7.65 32.19 40.55
CA GLN A 297 -9.08 32.24 40.15
C GLN A 297 -9.37 31.29 38.97
N GLY A 298 -8.60 30.21 38.87
CA GLY A 298 -8.68 29.25 37.79
C GLY A 298 -8.34 29.90 36.49
N LEU A 299 -9.32 30.54 35.91
CA LEU A 299 -9.09 31.34 34.75
C LEU A 299 -9.98 32.57 34.78
N VAL A 300 -9.40 33.72 34.45
CA VAL A 300 -10.09 35.00 34.51
C VAL A 300 -9.52 36.01 33.55
N VAL A 301 -10.29 37.03 33.30
CA VAL A 301 -9.87 38.17 32.49
C VAL A 301 -8.65 38.87 33.08
N VAL A 302 -7.81 39.40 32.21
CA VAL A 302 -6.69 40.22 32.62
C VAL A 302 -6.52 41.42 31.72
N ASP A 303 -5.85 42.47 32.16
CA ASP A 303 -5.65 43.64 31.30
C ASP A 303 -4.78 43.27 30.05
N ALA A 304 -5.02 43.91 28.92
CA ALA A 304 -4.18 43.74 27.72
C ALA A 304 -2.82 44.43 27.91
N CYS A 305 -2.09 43.98 28.92
CA CYS A 305 -0.72 44.42 29.20
C CYS A 305 0.05 43.23 29.79
N LYS A 306 -0.51 42.57 30.84
CA LYS A 306 0.03 41.28 31.39
C LYS A 306 -0.09 40.20 30.33
N ALA A 307 -1.03 40.29 29.38
CA ALA A 307 -1.36 39.15 28.53
C ALA A 307 -0.16 38.74 27.71
N HIS A 308 -0.01 37.44 27.59
CA HIS A 308 1.15 36.92 26.92
C HIS A 308 0.68 36.06 25.78
N THR A 309 1.47 36.00 24.71
CA THR A 309 1.22 35.05 23.61
C THR A 309 1.26 33.59 24.13
N LYS A 310 2.13 33.32 25.11
CA LYS A 310 2.22 32.04 25.83
C LYS A 310 1.03 31.77 26.75
N ALA A 311 0.70 32.79 27.54
CA ALA A 311 -0.30 32.67 28.57
C ALA A 311 -1.70 32.54 27.96
N THR A 312 -1.85 33.03 26.73
CA THR A 312 -3.12 32.97 26.07
C THR A 312 -3.24 31.75 25.17
N SER A 313 -2.26 30.88 25.18
CA SER A 313 -2.17 29.83 24.17
C SER A 313 -3.28 28.79 24.32
N PHE A 314 -4.53 29.23 24.30
CA PHE A 314 -5.67 28.33 24.29
C PHE A 314 -5.92 27.75 22.89
N CYS A 315 -6.51 26.57 22.84
CA CYS A 315 -6.85 25.97 21.58
C CYS A 315 -8.01 25.01 21.73
N PHE A 316 -8.73 24.80 20.64
CA PHE A 316 -9.94 23.95 20.65
C PHE A 316 -9.64 22.47 20.69
N ARG A 317 -10.57 21.67 21.17
CA ARG A 317 -10.49 20.21 21.07
C ARG A 317 -11.91 19.63 20.95
N VAL A 318 -11.99 18.52 20.21
CA VAL A 318 -13.26 17.77 19.97
C VAL A 318 -13.90 17.23 21.27
N SER A 319 -13.05 16.80 22.19
CA SER A 319 -13.49 16.19 23.47
C SER A 319 -12.30 16.27 24.45
N LYS A 320 -12.52 15.91 25.72
CA LYS A 320 -11.43 15.98 26.70
C LYS A 320 -10.38 14.95 26.30
N GLU A 321 -9.36 15.41 25.56
CA GLU A 321 -8.27 14.55 25.12
C GLU A 321 -6.97 15.36 25.03
N LYS A 322 -5.91 14.70 25.44
CA LYS A 322 -4.62 15.32 25.78
C LYS A 322 -3.58 15.22 24.65
N LEU A 323 -4.02 14.87 23.44
CA LEU A 323 -3.09 14.39 22.36
C LEU A 323 -1.89 15.33 22.15
N LYS A 328 -0.23 19.53 10.88
CA LYS A 328 0.90 20.45 10.84
C LYS A 328 0.45 21.88 11.09
N ARG A 329 1.42 22.79 11.27
CA ARG A 329 1.10 24.20 11.58
C ARG A 329 2.16 25.16 11.06
N ASP A 330 1.71 26.45 11.11
CA ASP A 330 0.45 26.88 10.43
C ASP A 330 0.04 26.35 9.03
N VAL A 331 -1.26 26.13 8.82
CA VAL A 331 -1.80 25.76 7.47
C VAL A 331 -2.23 27.02 6.67
N GLU A 332 -1.28 27.76 6.08
CA GLU A 332 -1.52 29.05 5.36
C GLU A 332 -2.13 28.86 3.94
N GLY A 333 -2.78 29.92 3.46
CA GLY A 333 -3.32 29.94 2.12
C GLY A 333 -4.82 29.84 2.05
N MET A 334 -5.44 29.41 3.12
CA MET A 334 -6.89 29.55 3.30
C MET A 334 -7.36 29.11 4.66
N GLY A 335 -6.71 28.08 5.19
CA GLY A 335 -7.09 27.50 6.45
C GLY A 335 -8.31 26.65 6.24
N PRO A 336 -8.17 25.35 6.46
CA PRO A 336 -9.24 24.45 6.06
C PRO A 336 -10.50 24.62 6.86
N PRO A 337 -11.65 24.47 6.20
CA PRO A 337 -12.93 24.54 6.92
C PRO A 337 -13.08 23.39 7.92
N GLU A 338 -13.66 23.66 9.10
CA GLU A 338 -13.92 22.60 10.10
C GLU A 338 -15.08 22.90 11.07
N ILE A 339 -14.76 23.59 12.15
CA ILE A 339 -15.69 23.70 13.27
C ILE A 339 -16.90 24.54 12.92
N LYS A 340 -18.05 24.05 13.36
CA LYS A 340 -19.33 24.65 13.06
C LYS A 340 -19.58 26.03 13.71
N TYR A 341 -20.27 26.91 13.00
CA TYR A 341 -20.99 28.02 13.64
C TYR A 341 -22.38 27.55 14.12
N GLY A 342 -22.39 26.68 15.10
CA GLY A 342 -23.65 26.15 15.62
C GLY A 342 -23.47 24.85 16.42
N GLU A 343 -23.91 23.76 15.81
CA GLU A 343 -24.10 22.48 16.49
C GLU A 343 -22.87 21.83 17.14
N SER A 344 -21.72 21.92 16.50
CA SER A 344 -20.54 21.17 16.97
C SER A 344 -19.98 21.73 18.29
N LEU A 345 -19.61 20.85 19.23
CA LEU A 345 -18.83 21.24 20.43
C LEU A 345 -17.36 21.35 20.16
N CYS A 346 -16.73 22.24 20.88
CA CYS A 346 -15.32 22.23 21.02
C CYS A 346 -14.95 22.72 22.39
N PHE A 347 -14.04 22.01 23.05
CA PHE A 347 -13.55 22.50 24.34
C PHE A 347 -12.15 23.00 24.18
N VAL A 348 -11.89 24.05 24.94
CA VAL A 348 -10.66 24.80 24.82
C VAL A 348 -9.61 24.29 25.80
N GLN A 349 -8.81 23.32 25.39
CA GLN A 349 -7.61 22.94 26.17
C GLN A 349 -6.55 24.08 26.10
N HIS A 350 -5.94 24.39 27.25
CA HIS A 350 -4.90 25.42 27.30
C HIS A 350 -3.54 24.75 27.05
N VAL A 351 -2.54 25.53 26.67
CA VAL A 351 -1.20 25.01 26.46
C VAL A 351 -0.22 25.38 27.61
N ALA A 352 -0.12 26.66 28.03
CA ALA A 352 0.89 27.08 29.07
C ALA A 352 0.75 26.39 30.40
N SER A 353 -0.50 26.14 30.79
CA SER A 353 -0.84 25.35 31.98
C SER A 353 -1.26 23.95 31.55
N GLY A 354 -1.92 23.85 30.39
CA GLY A 354 -2.43 22.55 29.88
C GLY A 354 -3.79 22.22 30.44
N LEU A 355 -4.26 23.10 31.34
CA LEU A 355 -5.50 22.90 32.02
C LEU A 355 -6.68 23.10 31.06
N TRP A 356 -7.71 22.24 31.19
CA TRP A 356 -8.98 22.45 30.52
C TRP A 356 -9.80 23.56 31.19
N LEU A 357 -10.50 24.33 30.37
CA LEU A 357 -11.46 25.28 30.88
C LEU A 357 -12.72 24.54 31.37
N THR A 358 -13.32 25.03 32.44
CA THR A 358 -14.58 24.52 32.95
C THR A 358 -15.19 25.44 34.01
N TYR A 359 -16.50 25.38 34.20
CA TYR A 359 -17.15 26.12 35.30
C TYR A 359 -16.69 25.60 36.67
N ALA A 360 -16.45 26.52 37.61
CA ALA A 360 -15.96 26.17 38.95
C ALA A 360 -16.97 25.32 39.75
N ALA A 361 -18.28 25.48 39.50
CA ALA A 361 -19.37 24.67 40.17
C ALA A 361 -20.76 24.80 39.53
N VAL A 371 -25.40 34.82 41.94
CA VAL A 371 -26.43 33.88 42.32
C VAL A 371 -26.27 32.55 41.54
N LEU A 372 -26.66 32.57 40.26
CA LEU A 372 -26.52 31.39 39.33
C LEU A 372 -25.13 31.31 38.77
N LYS A 373 -24.30 32.30 39.15
CA LYS A 373 -23.10 32.63 38.43
C LYS A 373 -22.12 31.48 38.57
N LYS A 374 -22.33 30.42 37.78
CA LYS A 374 -21.29 29.44 37.58
C LYS A 374 -20.09 30.12 36.90
N LYS A 375 -18.90 29.71 37.29
CA LYS A 375 -17.69 30.39 36.85
C LYS A 375 -17.20 29.77 35.55
N ALA A 376 -15.93 30.02 35.26
CA ALA A 376 -15.21 29.39 34.17
C ALA A 376 -13.68 29.35 34.51
N ILE A 377 -13.13 28.20 34.86
CA ILE A 377 -11.77 28.09 35.34
C ILE A 377 -10.98 26.95 34.71
N LEU A 378 -9.66 27.09 34.66
CA LEU A 378 -8.76 26.06 34.12
C LEU A 378 -8.32 24.92 35.16
N HIS A 379 -8.71 23.65 34.88
CA HIS A 379 -8.11 22.39 35.51
C HIS A 379 -8.55 21.16 34.62
N GLN A 380 -7.90 19.99 34.75
CA GLN A 380 -7.98 18.89 33.68
C GLN A 380 -9.37 18.29 33.42
N GLU A 381 -10.23 18.32 34.43
CA GLU A 381 -11.50 17.67 34.32
C GLU A 381 -12.63 18.61 34.21
N GLY A 382 -13.04 19.18 35.35
CA GLY A 382 -14.35 19.82 35.48
C GLY A 382 -15.42 18.80 35.22
N HIS A 383 -16.32 19.00 34.24
CA HIS A 383 -17.26 17.94 33.79
C HIS A 383 -17.49 17.93 32.26
N MET A 384 -18.04 16.84 31.72
CA MET A 384 -18.35 16.74 30.30
C MET A 384 -19.56 17.62 29.98
N ASP A 385 -19.36 18.93 29.98
CA ASP A 385 -20.47 19.88 29.76
C ASP A 385 -20.01 21.36 29.66
N ASP A 386 -18.75 21.61 29.20
CA ASP A 386 -18.28 22.99 28.85
C ASP A 386 -19.27 23.52 27.73
N ALA A 387 -19.80 22.59 26.91
CA ALA A 387 -20.93 22.80 25.96
C ALA A 387 -20.68 24.01 25.01
N LEU A 388 -19.44 24.23 24.54
CA LEU A 388 -19.11 25.40 23.67
C LEU A 388 -19.48 25.10 22.20
N PHE A 389 -20.78 25.01 21.95
CA PHE A 389 -21.27 24.84 20.59
C PHE A 389 -21.23 26.20 19.90
N LEU A 390 -20.04 26.55 19.40
CA LEU A 390 -19.74 27.89 18.92
C LEU A 390 -20.59 28.38 17.76
N THR A 391 -20.93 29.67 17.79
CA THR A 391 -21.72 30.30 16.71
C THR A 391 -21.28 31.76 16.46
N ARG A 392 -21.17 32.16 15.19
CA ARG A 392 -20.59 33.45 14.85
C ARG A 392 -21.45 34.61 15.33
N CYS A 393 -20.76 35.65 15.75
CA CYS A 393 -21.40 36.89 16.10
C CYS A 393 -21.88 37.65 14.85
N GLN A 394 -22.97 38.40 14.99
CA GLN A 394 -23.47 39.23 13.90
C GLN A 394 -22.60 40.40 13.70
N GLN A 395 -22.55 40.78 12.43
CA GLN A 395 -21.78 41.88 11.95
C GLN A 395 -21.94 43.08 12.84
N GLU A 396 -23.19 43.41 13.01
CA GLU A 396 -23.50 44.66 13.51
C GLU A 396 -23.14 44.64 14.98
N GLU A 397 -23.21 43.46 15.56
CA GLU A 397 -22.93 43.32 16.95
C GLU A 397 -21.55 43.62 17.27
N SER A 398 -20.73 43.27 16.34
CA SER A 398 -19.35 43.42 16.56
C SER A 398 -18.87 44.82 16.34
N GLN A 399 -19.33 45.46 15.30
CA GLN A 399 -18.93 46.84 15.12
C GLN A 399 -19.44 47.66 16.25
N ALA A 400 -20.60 47.26 16.72
CA ALA A 400 -21.19 47.94 17.79
C ALA A 400 -20.34 47.81 18.97
N ALA A 401 -19.96 46.60 19.26
CA ALA A 401 -19.28 46.40 20.42
C ALA A 401 -17.92 47.03 20.44
N ARG A 402 -17.19 46.80 19.39
CA ARG A 402 -15.88 47.33 19.29
C ARG A 402 -15.88 48.83 19.35
N MET A 403 -16.91 49.42 18.78
CA MET A 403 -17.10 50.82 18.92
C MET A 403 -17.38 51.24 20.34
N ILE A 404 -18.08 50.43 21.07
CA ILE A 404 -18.37 50.81 22.40
C ILE A 404 -17.07 50.78 23.18
N HIS A 405 -16.21 49.81 22.92
CA HIS A 405 -14.90 49.81 23.56
C HIS A 405 -14.06 50.96 23.10
N SER A 406 -14.28 51.42 21.90
CA SER A 406 -13.54 52.57 21.46
C SER A 406 -13.95 53.79 22.25
N THR A 407 -15.22 53.81 22.59
CA THR A 407 -15.78 54.92 23.26
C THR A 407 -15.40 54.98 24.71
N ALA A 408 -15.48 53.84 25.35
CA ALA A 408 -14.99 53.72 26.71
C ALA A 408 -13.51 53.97 26.74
N GLY A 409 -12.86 53.62 25.64
CA GLY A 409 -11.43 53.79 25.50
C GLY A 409 -11.01 55.21 25.25
N LEU A 410 -11.99 56.04 24.93
CA LEU A 410 -11.70 57.41 24.67
C LEU A 410 -12.18 58.43 25.69
N TYR A 411 -13.32 58.20 26.30
CA TYR A 411 -13.80 59.23 27.19
C TYR A 411 -12.99 59.44 28.38
N ASN A 412 -12.35 58.40 28.84
CA ASN A 412 -11.77 58.43 30.14
C ASN A 412 -10.66 59.41 30.30
N GLN A 413 -9.71 59.36 29.39
CA GLN A 413 -8.61 60.29 29.43
C GLN A 413 -9.11 61.72 29.24
N PHE A 414 -10.16 61.87 28.46
CA PHE A 414 -10.85 63.12 28.32
C PHE A 414 -11.41 63.61 29.65
N ILE A 415 -11.90 62.66 30.43
CA ILE A 415 -12.54 62.98 31.67
C ILE A 415 -11.53 63.42 32.74
N LYS A 416 -10.49 62.63 32.89
CA LYS A 416 -9.44 62.93 33.85
C LYS A 416 -8.72 64.20 33.46
N GLY A 417 -8.61 64.44 32.16
CA GLY A 417 -7.90 65.61 31.63
C GLY A 417 -8.70 66.89 31.81
N LEU A 418 -10.02 66.80 31.68
CA LEU A 418 -10.86 67.96 32.04
C LEU A 418 -10.87 68.18 33.55
N ASP A 419 -10.87 67.07 34.27
CA ASP A 419 -10.88 67.12 35.72
C ASP A 419 -9.53 67.66 36.27
N SER A 420 -8.47 67.50 35.48
CA SER A 420 -7.09 67.91 35.86
C SER A 420 -6.93 69.41 36.14
N PHE A 421 -7.62 70.30 35.42
CA PHE A 421 -7.51 71.78 35.68
C PHE A 421 -8.64 72.27 36.60
N SER A 422 -9.52 71.34 37.00
CA SER A 422 -10.48 71.61 38.08
C SER A 422 -9.78 71.86 39.39
N GLY A 423 -8.59 71.30 39.53
CA GLY A 423 -7.71 71.55 40.63
C GLY A 423 -7.08 72.94 40.57
N LYS A 424 -7.17 73.65 39.44
CA LYS A 424 -6.61 75.04 39.32
C LYS A 424 -7.58 76.04 38.67
N PRO A 425 -8.66 76.43 39.37
CA PRO A 425 -9.68 77.33 38.80
C PRO A 425 -9.19 78.70 38.42
N ARG A 426 -9.78 79.21 37.34
CA ARG A 426 -9.42 80.47 36.70
C ARG A 426 -10.45 80.86 35.57
N LEU A 436 -6.14 66.99 26.97
CA LEU A 436 -7.40 67.58 26.55
C LEU A 436 -7.93 67.13 25.17
N PRO A 437 -8.37 65.86 24.99
CA PRO A 437 -8.90 65.42 23.67
C PRO A 437 -10.26 66.06 23.28
N ILE A 438 -10.36 67.40 23.04
CA ILE A 438 -11.64 68.10 22.72
C ILE A 438 -12.29 67.62 21.39
N GLU A 439 -11.69 68.03 20.30
CA GLU A 439 -12.33 67.90 19.03
C GLU A 439 -12.45 66.43 18.58
N ALA A 440 -11.57 65.58 19.08
CA ALA A 440 -11.68 64.15 18.74
C ALA A 440 -12.85 63.53 19.47
N VAL A 441 -13.02 63.86 20.74
CA VAL A 441 -14.20 63.38 21.42
C VAL A 441 -15.48 64.01 20.82
N ILE A 442 -15.43 65.26 20.36
CA ILE A 442 -16.59 65.85 19.72
C ILE A 442 -16.94 65.04 18.49
N LEU A 443 -15.90 64.58 17.81
CA LEU A 443 -16.04 63.70 16.65
C LEU A 443 -16.70 62.40 17.04
N SER A 444 -16.31 61.87 18.19
CA SER A 444 -16.91 60.65 18.72
C SER A 444 -18.37 60.84 19.01
N LEU A 445 -18.74 62.05 19.41
CA LEU A 445 -20.11 62.33 19.75
C LEU A 445 -20.98 62.47 18.56
N GLN A 446 -20.55 63.25 17.62
CA GLN A 446 -21.36 63.39 16.49
C GLN A 446 -21.39 62.04 15.74
N ASP A 447 -20.35 61.22 15.89
CA ASP A 447 -20.35 59.85 15.33
C ASP A 447 -21.34 58.93 15.96
N LEU A 448 -21.44 59.00 17.25
CA LEU A 448 -22.43 58.20 17.87
C LEU A 448 -23.81 58.70 17.59
N ILE A 449 -23.97 60.02 17.48
CA ILE A 449 -25.25 60.59 17.16
C ILE A 449 -25.69 60.12 15.85
N GLY A 450 -24.76 59.99 14.91
CA GLY A 450 -25.08 59.48 13.62
C GLY A 450 -25.41 58.02 13.67
N TYR A 451 -24.64 57.32 14.50
CA TYR A 451 -24.81 55.90 14.68
C TYR A 451 -26.10 55.59 15.35
N PHE A 452 -26.60 56.56 16.11
CA PHE A 452 -27.81 56.41 16.82
C PHE A 452 -28.84 57.42 16.46
N GLU A 453 -29.62 57.11 15.46
CA GLU A 453 -30.75 57.92 15.11
C GLU A 453 -31.87 57.08 14.56
N PRO A 454 -33.03 57.63 14.55
CA PRO A 454 -34.20 57.12 13.97
C PRO A 454 -34.18 56.90 12.52
N PRO A 455 -34.86 55.83 12.10
CA PRO A 455 -35.14 55.55 10.74
C PRO A 455 -35.86 56.72 10.13
N SER A 456 -35.61 56.90 8.85
CA SER A 456 -36.33 57.80 8.00
C SER A 456 -37.80 57.63 8.00
N GLU A 457 -38.46 58.73 8.23
CA GLU A 457 -39.88 58.75 8.18
C GLU A 457 -40.34 58.53 6.77
N GLU A 458 -39.54 58.99 5.85
CA GLU A 458 -39.75 58.79 4.45
C GLU A 458 -39.14 57.48 4.04
N LEU A 459 -39.79 56.46 4.55
CA LEU A 459 -39.40 55.16 4.22
C LEU A 459 -40.60 54.22 4.31
N GLN A 460 -40.46 53.10 3.65
CA GLN A 460 -41.44 52.08 3.74
C GLN A 460 -41.51 51.55 5.16
N HIS A 461 -42.70 51.16 5.57
CA HIS A 461 -42.89 50.78 6.95
C HIS A 461 -42.08 49.64 7.40
N GLU A 462 -41.76 48.76 6.46
CA GLU A 462 -41.06 47.57 6.86
C GLU A 462 -39.64 47.92 7.19
N GLU A 463 -38.96 48.67 6.34
CA GLU A 463 -37.65 49.07 6.67
C GLU A 463 -37.59 50.03 7.76
N LYS A 464 -38.59 50.84 7.95
CA LYS A 464 -38.67 51.73 9.09
C LYS A 464 -38.70 50.94 10.38
N GLN A 465 -39.45 49.88 10.33
CA GLN A 465 -39.68 49.16 11.51
C GLN A 465 -38.46 48.27 11.78
N SER A 466 -37.88 47.68 10.75
CA SER A 466 -36.69 46.87 10.90
C SER A 466 -35.53 47.70 11.32
N LYS A 467 -35.43 48.87 10.74
CA LYS A 467 -34.37 49.72 11.08
C LYS A 467 -34.56 50.18 12.49
N LEU A 468 -35.80 50.32 12.88
CA LEU A 468 -36.10 50.64 14.24
C LEU A 468 -35.73 49.52 15.18
N ARG A 469 -35.81 48.30 14.72
CA ARG A 469 -35.33 47.19 15.48
C ARG A 469 -33.82 47.25 15.60
N SER A 470 -33.15 47.73 14.58
CA SER A 470 -31.73 47.91 14.68
C SER A 470 -31.39 48.96 15.65
N LEU A 471 -32.27 49.93 15.77
CA LEU A 471 -32.07 50.99 16.70
C LEU A 471 -32.27 50.59 18.10
N ARG A 472 -33.31 49.84 18.29
CA ARG A 472 -33.61 49.34 19.55
C ARG A 472 -32.49 48.41 20.05
N ASN A 473 -31.93 47.65 19.12
CA ASN A 473 -30.87 46.72 19.43
C ASN A 473 -29.60 47.43 19.75
N ARG A 474 -29.25 48.39 18.94
CA ARG A 474 -28.03 49.10 19.16
C ARG A 474 -28.06 49.90 20.46
N GLN A 475 -29.22 50.47 20.76
CA GLN A 475 -29.36 51.23 21.98
C GLN A 475 -29.25 50.34 23.13
N SER A 476 -29.87 49.16 23.01
CA SER A 476 -29.78 48.20 24.06
C SER A 476 -28.37 47.80 24.28
N LEU A 477 -27.62 47.70 23.19
CA LEU A 477 -26.27 47.21 23.28
C LEU A 477 -25.40 48.19 23.97
N PHE A 478 -25.48 49.46 23.57
CA PHE A 478 -24.63 50.39 24.25
C PHE A 478 -25.09 50.57 25.70
N GLN A 479 -26.38 50.36 25.96
CA GLN A 479 -26.91 50.43 27.30
C GLN A 479 -26.42 49.28 28.14
N GLU A 480 -25.99 48.18 27.50
CA GLU A 480 -25.54 46.99 28.22
C GLU A 480 -24.36 47.24 29.12
N GLU A 481 -23.52 48.17 28.71
CA GLU A 481 -22.43 48.62 29.54
C GLU A 481 -22.78 49.84 30.36
N GLY A 482 -23.71 50.67 29.91
CA GLY A 482 -24.19 51.83 30.62
C GLY A 482 -23.20 52.96 30.54
N MET A 483 -22.50 53.04 29.42
CA MET A 483 -21.45 54.11 29.33
C MET A 483 -22.00 55.50 29.27
N LEU A 484 -23.23 55.51 28.93
CA LEU A 484 -24.12 56.59 29.04
C LEU A 484 -24.11 57.26 30.40
N SER A 485 -23.96 56.44 31.42
CA SER A 485 -23.76 56.90 32.74
C SER A 485 -22.41 57.54 32.92
N LEU A 486 -21.41 57.09 32.17
CA LEU A 486 -20.13 57.80 32.16
C LEU A 486 -20.32 59.15 31.54
N VAL A 487 -21.23 59.22 30.58
CA VAL A 487 -21.57 60.49 30.03
C VAL A 487 -22.28 61.36 31.04
N LEU A 488 -23.07 60.72 31.86
CA LEU A 488 -23.73 61.38 32.95
C LEU A 488 -22.69 61.97 33.95
N ASN A 489 -21.60 61.24 34.16
CA ASN A 489 -20.48 61.75 34.96
C ASN A 489 -19.79 62.91 34.35
N CYS A 490 -19.77 62.88 33.02
CA CYS A 490 -19.13 63.92 32.32
C CYS A 490 -19.86 65.21 32.56
N ILE A 491 -21.16 65.11 32.34
CA ILE A 491 -22.03 66.24 32.50
C ILE A 491 -21.98 66.76 33.92
N ASP A 492 -21.82 65.83 34.85
CA ASP A 492 -21.67 66.23 36.20
C ASP A 492 -20.41 67.06 36.41
N ARG A 493 -19.34 66.70 35.66
CA ARG A 493 -18.05 67.41 35.82
C ARG A 493 -17.94 68.74 35.13
N LEU A 494 -18.86 68.99 34.22
CA LEU A 494 -18.67 70.06 33.30
C LEU A 494 -19.25 71.35 33.74
N ASN A 495 -20.58 71.39 33.86
CA ASN A 495 -21.33 72.62 33.83
C ASN A 495 -21.39 73.27 35.19
N VAL A 496 -20.29 73.13 35.91
CA VAL A 496 -19.94 73.99 37.02
C VAL A 496 -19.77 75.44 36.51
N TYR A 497 -19.24 75.58 35.32
CA TYR A 497 -18.81 76.87 34.81
C TYR A 497 -20.00 77.77 34.44
N THR A 498 -19.75 79.05 34.62
CA THR A 498 -20.59 80.06 34.06
C THR A 498 -20.24 80.38 32.61
N THR A 499 -19.09 79.94 32.10
CA THR A 499 -18.68 80.35 30.72
C THR A 499 -17.56 79.49 30.10
N TYR A 506 -14.36 78.77 30.86
CA TYR A 506 -14.05 79.49 32.07
C TYR A 506 -12.72 79.06 32.59
N ALA A 507 -12.64 77.85 33.17
CA ALA A 507 -11.31 77.34 33.50
C ALA A 507 -10.66 76.90 32.23
N GLY A 508 -9.34 77.04 32.14
CA GLY A 508 -8.63 76.86 30.90
C GLY A 508 -8.68 78.17 30.05
N GLU A 509 -9.87 78.75 29.85
CA GLU A 509 -10.03 80.03 29.12
C GLU A 509 -9.49 80.03 27.66
N GLU A 510 -9.58 78.91 26.96
CA GLU A 510 -9.04 78.74 25.61
C GLU A 510 -9.79 77.66 24.81
N ALA A 511 -9.78 76.39 25.27
CA ALA A 511 -10.54 75.29 24.61
C ALA A 511 -12.02 75.38 25.07
N ALA A 512 -12.27 76.23 26.06
CA ALA A 512 -13.61 76.25 26.74
C ALA A 512 -14.70 76.89 25.91
N GLU A 513 -14.35 77.63 24.86
CA GLU A 513 -15.45 78.15 24.03
C GLU A 513 -16.13 77.07 23.24
N SER A 514 -15.42 76.00 22.91
CA SER A 514 -16.07 74.81 22.33
C SER A 514 -16.98 74.04 23.32
N TRP A 515 -16.73 74.30 24.59
CA TRP A 515 -17.32 73.54 25.70
C TRP A 515 -18.85 73.55 25.88
N LYS A 516 -19.50 74.66 25.56
CA LYS A 516 -20.96 74.70 25.65
C LYS A 516 -21.61 73.84 24.54
N GLU A 517 -20.99 73.86 23.38
CA GLU A 517 -21.44 73.05 22.29
C GLU A 517 -21.22 71.62 22.64
N ILE A 518 -20.14 71.38 23.35
CA ILE A 518 -19.79 70.05 23.62
C ILE A 518 -20.80 69.50 24.56
N VAL A 519 -21.07 70.19 25.65
CA VAL A 519 -22.00 69.70 26.63
C VAL A 519 -23.38 69.48 26.05
N ASN A 520 -23.79 70.42 25.21
CA ASN A 520 -25.05 70.27 24.60
C ASN A 520 -25.07 69.05 23.70
N LEU A 521 -23.95 68.83 23.07
CA LEU A 521 -23.82 67.72 22.21
C LEU A 521 -23.90 66.41 22.97
N LEU A 522 -23.43 66.45 24.18
CA LEU A 522 -23.56 65.31 24.96
C LEU A 522 -25.00 65.06 25.35
N TYR A 523 -25.74 66.11 25.67
CA TYR A 523 -27.11 65.84 26.04
C TYR A 523 -27.80 65.24 24.88
N GLU A 524 -27.43 65.68 23.70
CA GLU A 524 -28.05 65.18 22.55
C GLU A 524 -27.73 63.77 22.35
N LEU A 525 -26.53 63.39 22.72
CA LEU A 525 -26.19 62.02 22.62
C LEU A 525 -27.03 61.14 23.49
N LEU A 526 -27.08 61.55 24.71
CA LEU A 526 -27.80 60.82 25.69
C LEU A 526 -29.22 60.66 25.28
N ALA A 527 -29.74 61.75 24.73
CA ALA A 527 -31.08 61.77 24.26
C ALA A 527 -31.30 60.77 23.18
N SER A 528 -30.28 60.68 22.35
CA SER A 528 -30.38 59.80 21.25
C SER A 528 -30.46 58.39 21.79
N LEU A 529 -29.81 58.13 22.91
CA LEU A 529 -29.96 56.88 23.58
C LEU A 529 -31.23 56.64 24.25
N ILE A 530 -31.88 57.70 24.60
CA ILE A 530 -33.14 57.55 25.26
C ILE A 530 -34.40 57.42 24.39
N ARG A 531 -34.44 57.96 23.17
CA ARG A 531 -35.77 58.15 22.53
C ARG A 531 -36.48 56.86 22.21
N GLY A 532 -35.68 55.79 22.00
CA GLY A 532 -36.17 54.51 21.53
C GLY A 532 -36.27 53.42 22.55
N ASN A 533 -36.15 53.70 23.86
CA ASN A 533 -36.14 52.65 24.86
C ASN A 533 -36.81 53.01 26.17
N ARG A 534 -37.39 52.00 26.82
CA ARG A 534 -37.95 52.17 28.15
C ARG A 534 -36.86 52.13 29.22
N ALA A 535 -35.97 51.20 29.05
CA ALA A 535 -35.08 50.86 30.10
C ALA A 535 -34.14 51.94 30.47
N ASN A 536 -33.76 52.72 29.50
CA ASN A 536 -32.88 53.79 29.80
C ASN A 536 -33.50 54.74 30.79
N CYS A 537 -34.77 54.95 30.52
CA CYS A 537 -35.58 55.78 31.35
C CYS A 537 -35.73 55.20 32.71
N ALA A 538 -35.78 53.90 32.74
CA ALA A 538 -35.88 53.23 33.99
C ALA A 538 -34.65 53.48 34.82
N LEU A 539 -33.50 53.53 34.16
CA LEU A 539 -32.30 53.88 34.86
C LEU A 539 -32.29 55.34 35.27
N PHE A 540 -32.99 56.15 34.51
CA PHE A 540 -33.03 57.56 34.77
C PHE A 540 -34.05 57.98 35.75
N SER A 541 -34.84 57.05 36.21
CA SER A 541 -35.85 57.38 37.20
C SER A 541 -35.25 57.94 38.48
N THR A 542 -34.07 57.45 38.81
CA THR A 542 -33.31 57.98 39.91
C THR A 542 -32.67 59.29 39.55
N ASN A 543 -32.47 59.49 38.25
CA ASN A 543 -31.84 60.66 37.74
C ASN A 543 -32.82 61.78 37.54
N LEU A 544 -34.10 61.60 37.84
CA LEU A 544 -35.11 62.66 37.68
C LEU A 544 -34.72 63.88 38.46
N ASP A 545 -34.31 63.69 39.68
CA ASP A 545 -33.87 64.79 40.50
C ASP A 545 -32.61 65.39 39.89
N TRP A 546 -31.81 64.54 39.25
CA TRP A 546 -30.62 64.99 38.58
C TRP A 546 -30.93 65.76 37.33
N VAL A 547 -31.84 65.24 36.56
CA VAL A 547 -32.23 65.87 35.36
C VAL A 547 -32.85 67.23 35.65
N VAL A 548 -33.64 67.29 36.70
CA VAL A 548 -34.23 68.52 37.08
C VAL A 548 -33.13 69.45 37.59
N SER A 549 -32.10 68.87 38.19
CA SER A 549 -30.99 69.65 38.68
C SER A 549 -30.27 70.32 37.55
N LYS A 550 -30.28 69.68 36.39
CA LYS A 550 -29.56 70.19 35.27
C LYS A 550 -30.38 71.10 34.40
N LEU A 551 -31.70 70.96 34.44
CA LEU A 551 -32.52 71.78 33.59
C LEU A 551 -32.44 73.23 33.93
N ASP A 552 -32.03 73.51 35.15
CA ASP A 552 -31.92 74.86 35.63
C ASP A 552 -30.86 75.66 34.86
N ARG A 553 -29.94 74.95 34.22
CA ARG A 553 -28.91 75.58 33.41
C ARG A 553 -29.52 76.37 32.28
N LEU A 554 -28.86 77.47 31.91
CA LEU A 554 -29.45 78.40 30.98
C LEU A 554 -28.62 78.68 29.72
N GLU A 555 -28.14 77.65 29.04
CA GLU A 555 -27.27 77.85 27.85
C GLU A 555 -27.41 76.80 26.76
N ALA A 556 -27.75 75.58 27.16
CA ALA A 556 -27.86 74.44 26.29
C ALA A 556 -29.00 73.57 26.83
N SER A 557 -30.02 74.23 27.35
CA SER A 557 -31.14 73.58 28.04
C SER A 557 -31.98 72.74 27.14
N SER A 558 -31.94 73.03 25.86
CA SER A 558 -32.76 72.36 24.90
C SER A 558 -32.52 70.90 24.79
N GLY A 559 -31.26 70.52 24.93
CA GLY A 559 -30.95 69.13 24.83
C GLY A 559 -31.42 68.41 26.06
N ILE A 560 -31.31 69.11 27.16
CA ILE A 560 -31.78 68.60 28.40
C ILE A 560 -33.28 68.43 28.27
N LEU A 561 -33.88 69.28 27.49
CA LEU A 561 -35.27 69.27 27.31
C LEU A 561 -35.68 68.09 26.49
N GLU A 562 -34.95 67.81 25.45
CA GLU A 562 -35.27 66.67 24.65
C GLU A 562 -35.11 65.47 25.47
N VAL A 563 -34.16 65.53 26.36
CA VAL A 563 -33.95 64.44 27.22
C VAL A 563 -35.13 64.20 28.07
N LEU A 564 -35.54 65.21 28.76
CA LEU A 564 -36.58 65.04 29.67
C LEU A 564 -37.77 64.62 28.97
N TYR A 565 -37.92 65.15 27.77
CA TYR A 565 -39.05 64.87 26.99
C TYR A 565 -39.17 63.42 26.66
N CYS A 566 -38.09 62.89 26.14
CA CYS A 566 -38.15 61.51 25.75
C CYS A 566 -38.29 60.57 26.90
N VAL A 567 -37.69 60.99 27.98
CA VAL A 567 -37.81 60.23 29.16
C VAL A 567 -39.25 60.14 29.58
N LEU A 568 -39.92 61.25 29.46
CA LEU A 568 -41.26 61.24 29.82
C LEU A 568 -42.06 60.41 28.88
N ILE A 569 -41.64 60.37 27.62
CA ILE A 569 -42.34 59.61 26.65
C ILE A 569 -42.30 58.16 26.99
N GLU A 570 -41.21 57.76 27.59
CA GLU A 570 -41.02 56.35 27.74
C GLU A 570 -40.85 55.88 29.16
N SER A 571 -41.59 56.49 30.07
CA SER A 571 -41.51 56.12 31.44
C SER A 571 -42.56 56.66 32.32
N PRO A 572 -43.68 55.95 32.43
CA PRO A 572 -44.78 56.29 33.33
C PRO A 572 -44.38 56.34 34.76
N GLU A 573 -43.49 55.45 35.12
CA GLU A 573 -43.08 55.37 36.46
C GLU A 573 -42.42 56.62 36.89
N VAL A 574 -41.70 57.24 35.97
CA VAL A 574 -41.05 58.46 36.26
C VAL A 574 -42.09 59.55 36.48
N LEU A 575 -43.20 59.45 35.78
CA LEU A 575 -44.31 60.34 36.03
C LEU A 575 -44.87 60.15 37.40
N ASN A 576 -44.88 58.92 37.87
CA ASN A 576 -45.28 58.65 39.22
C ASN A 576 -44.35 59.24 40.25
N ILE A 577 -43.09 59.31 39.89
CA ILE A 577 -42.08 59.64 40.83
C ILE A 577 -41.90 61.11 41.01
N ILE A 578 -42.03 61.89 39.94
CA ILE A 578 -41.52 63.22 39.97
C ILE A 578 -42.13 64.05 41.06
N GLN A 579 -41.28 64.84 41.72
CA GLN A 579 -41.69 65.57 42.92
C GLN A 579 -42.40 66.83 42.69
N GLU A 580 -43.12 67.33 43.67
CA GLU A 580 -44.14 68.35 43.41
C GLU A 580 -43.58 69.75 43.28
N ASN A 581 -42.41 69.79 42.74
CA ASN A 581 -41.59 70.93 42.88
C ASN A 581 -40.56 70.90 41.79
N HIS A 582 -40.04 69.73 41.46
CA HIS A 582 -39.22 69.56 40.28
C HIS A 582 -40.02 69.92 39.03
N ILE A 583 -41.27 69.59 39.09
CA ILE A 583 -42.19 70.00 38.10
C ILE A 583 -42.32 71.51 38.12
N LYS A 584 -42.39 72.06 39.31
CA LYS A 584 -42.47 73.48 39.49
C LYS A 584 -41.17 74.09 38.99
N SER A 585 -40.09 73.31 39.08
CA SER A 585 -38.83 73.70 38.47
C SER A 585 -38.91 73.72 36.95
N ILE A 586 -39.77 72.89 36.40
CA ILE A 586 -39.94 72.88 34.99
C ILE A 586 -40.78 74.04 34.51
N ILE A 587 -41.86 74.32 35.20
CA ILE A 587 -42.67 75.47 34.86
C ILE A 587 -41.85 76.70 35.00
N SER A 588 -41.03 76.68 36.02
CA SER A 588 -40.12 77.75 36.24
C SER A 588 -39.09 77.84 35.12
N LEU A 589 -38.76 76.69 34.54
CA LEU A 589 -37.91 76.70 33.39
C LEU A 589 -38.58 77.40 32.23
N LEU A 590 -39.85 77.14 32.09
CA LEU A 590 -40.54 77.76 31.05
C LEU A 590 -40.63 79.23 31.22
N ASP A 591 -40.75 79.64 32.44
CA ASP A 591 -40.73 81.04 32.71
C ASP A 591 -39.34 81.65 32.49
N LYS A 592 -38.31 80.85 32.67
CA LYS A 592 -36.96 81.26 32.37
C LYS A 592 -36.76 81.46 30.87
N HIS A 593 -37.45 80.66 30.08
CA HIS A 593 -37.21 80.64 28.67
C HIS A 593 -38.24 81.32 27.86
N GLY A 594 -39.22 81.90 28.50
CA GLY A 594 -40.25 82.53 27.75
C GLY A 594 -41.04 81.55 26.94
N ARG A 595 -41.32 81.91 25.69
CA ARG A 595 -42.25 81.15 24.86
C ARG A 595 -41.56 80.04 24.05
N ASN A 596 -41.31 78.90 24.69
CA ASN A 596 -40.77 77.72 24.00
C ASN A 596 -41.74 76.61 24.07
N HIS A 597 -42.20 76.26 22.92
CA HIS A 597 -43.17 75.25 22.75
C HIS A 597 -42.78 73.86 23.16
N LYS A 598 -41.51 73.61 23.11
CA LYS A 598 -41.02 72.35 23.45
C LYS A 598 -41.33 71.95 24.88
N VAL A 599 -41.24 72.92 25.73
CA VAL A 599 -41.45 72.70 27.13
C VAL A 599 -42.85 72.27 27.42
N LEU A 600 -43.72 72.77 26.60
CA LEU A 600 -45.08 72.42 26.72
C LEU A 600 -45.32 71.00 26.27
N ASP A 601 -44.60 70.56 25.26
CA ASP A 601 -44.73 69.19 24.80
C ASP A 601 -44.24 68.31 25.94
N VAL A 602 -43.29 68.83 26.67
CA VAL A 602 -42.82 68.20 27.86
C VAL A 602 -43.86 68.12 28.90
N LEU A 603 -44.68 69.13 28.95
CA LEU A 603 -45.66 69.14 29.97
C LEU A 603 -46.77 68.20 29.73
N CYS A 604 -47.26 68.20 28.52
CA CYS A 604 -48.30 67.29 28.18
C CYS A 604 -47.80 65.86 28.30
N SER A 605 -46.50 65.70 28.06
CA SER A 605 -45.92 64.44 28.32
C SER A 605 -45.93 64.12 29.81
N LEU A 606 -45.78 65.11 30.65
CA LEU A 606 -45.90 64.85 32.05
C LEU A 606 -47.25 64.45 32.46
N CYS A 607 -48.22 64.95 31.76
CA CYS A 607 -49.55 64.82 32.20
C CYS A 607 -50.02 63.38 32.16
N VAL A 608 -49.51 62.63 31.20
CA VAL A 608 -50.13 61.39 30.85
C VAL A 608 -49.15 60.37 30.54
N CYS A 609 -49.49 59.17 30.99
CA CYS A 609 -48.61 58.05 30.82
C CYS A 609 -48.90 57.36 29.51
N ASN A 610 -48.67 56.06 29.56
CA ASN A 610 -48.94 55.23 28.48
C ASN A 610 -50.40 55.21 28.12
N GLY A 611 -51.25 55.48 29.11
CA GLY A 611 -52.66 55.70 28.87
C GLY A 611 -53.26 56.31 30.10
N VAL A 612 -52.76 55.86 31.22
CA VAL A 612 -53.18 56.31 32.52
C VAL A 612 -52.55 57.62 32.84
N ALA A 613 -53.03 58.25 33.90
CA ALA A 613 -52.44 59.47 34.28
C ALA A 613 -52.44 59.73 35.79
N VAL A 614 -51.41 60.49 36.15
CA VAL A 614 -51.28 61.09 37.42
C VAL A 614 -51.99 62.41 37.46
N ARG A 615 -53.19 62.32 37.99
CA ARG A 615 -54.06 63.40 37.98
C ARG A 615 -53.54 64.51 38.86
N SER A 616 -52.81 64.13 39.89
CA SER A 616 -52.39 65.10 40.89
C SER A 616 -51.37 66.05 40.39
N ASN A 617 -50.40 65.53 39.69
CA ASN A 617 -49.36 66.35 39.18
C ASN A 617 -49.86 67.27 38.17
N GLN A 618 -50.88 66.84 37.46
CA GLN A 618 -51.55 67.69 36.52
C GLN A 618 -52.31 68.81 37.16
N ASP A 619 -52.97 68.51 38.24
CA ASP A 619 -53.71 69.55 38.94
C ASP A 619 -52.71 70.54 39.50
N LEU A 620 -51.53 70.04 39.85
CA LEU A 620 -50.43 70.90 40.26
C LEU A 620 -49.95 71.72 39.12
N ILE A 621 -50.02 71.18 37.92
CA ILE A 621 -49.65 71.94 36.75
C ILE A 621 -50.59 73.06 36.56
N THR A 622 -51.84 72.81 36.84
CA THR A 622 -52.83 73.81 36.61
C THR A 622 -52.72 74.88 37.64
N GLU A 623 -52.61 74.50 38.93
CA GLU A 623 -52.52 75.49 40.00
C GLU A 623 -51.27 76.30 39.84
N ASN A 624 -50.22 75.66 39.40
CA ASN A 624 -49.02 76.38 39.08
C ASN A 624 -49.12 77.17 37.77
N LEU A 625 -50.04 76.85 36.88
CA LEU A 625 -50.27 77.62 35.65
C LEU A 625 -51.47 78.55 35.70
N LEU A 626 -52.63 77.93 35.74
CA LEU A 626 -53.87 78.66 35.54
C LEU A 626 -54.12 79.79 36.53
N PRO A 627 -53.94 79.54 37.84
CA PRO A 627 -53.91 80.72 38.69
C PRO A 627 -52.78 81.67 38.38
N GLY A 628 -51.63 81.18 37.93
CA GLY A 628 -50.47 82.02 37.74
C GLY A 628 -50.67 82.93 36.56
N ARG A 629 -51.64 82.59 35.71
CA ARG A 629 -52.08 83.45 34.61
C ARG A 629 -50.99 83.74 33.65
N GLU A 630 -50.02 84.43 34.17
CA GLU A 630 -49.04 85.08 33.39
C GLU A 630 -48.11 84.22 32.53
N LEU A 631 -47.79 83.00 32.92
CA LEU A 631 -46.83 82.24 32.14
C LEU A 631 -47.39 81.69 30.83
N LEU A 632 -48.47 80.95 30.90
CA LEU A 632 -49.10 80.50 29.69
C LEU A 632 -49.85 81.70 29.06
N LEU A 633 -49.93 81.72 27.75
CA LEU A 633 -50.77 82.72 27.06
C LEU A 633 -52.21 82.40 27.28
N GLN A 634 -53.02 83.42 27.33
CA GLN A 634 -54.36 83.32 27.73
C GLN A 634 -55.21 84.31 26.99
N THR A 635 -56.48 83.97 26.99
CA THR A 635 -57.38 84.57 26.08
C THR A 635 -58.77 84.78 26.61
N ASN A 636 -59.51 85.64 25.93
CA ASN A 636 -60.86 85.94 26.28
C ASN A 636 -61.53 86.62 25.10
N LEU A 637 -62.44 87.54 25.32
CA LEU A 637 -62.99 88.28 24.21
C LEU A 637 -63.66 89.56 24.68
N ILE A 638 -63.77 90.51 23.76
CA ILE A 638 -64.43 91.77 24.09
C ILE A 638 -65.58 91.91 23.11
N ASN A 639 -66.23 93.08 23.02
CA ASN A 639 -67.09 93.45 21.90
C ASN A 639 -66.42 94.58 21.17
N TYR A 640 -66.78 94.80 19.93
CA TYR A 640 -66.10 95.86 19.17
C TYR A 640 -66.31 97.24 19.77
N VAL A 641 -65.24 98.03 19.83
CA VAL A 641 -65.25 99.37 20.43
C VAL A 641 -65.17 100.42 19.28
N THR A 642 -65.91 101.55 19.38
CA THR A 642 -65.90 102.62 18.32
C THR A 642 -65.96 104.01 18.95
N SER A 643 -64.86 104.75 18.86
CA SER A 643 -64.81 106.13 19.31
C SER A 643 -65.50 107.10 18.31
N ILE A 644 -66.03 108.23 18.81
CA ILE A 644 -66.61 109.33 17.98
C ILE A 644 -66.06 110.68 18.34
N ARG A 645 -65.77 111.49 17.34
CA ARG A 645 -65.31 112.81 17.67
C ARG A 645 -66.02 113.83 16.82
N PRO A 646 -66.20 115.02 17.39
CA PRO A 646 -66.47 116.22 16.60
C PRO A 646 -65.28 116.55 15.73
N ASN A 647 -65.56 117.15 14.57
CA ASN A 647 -64.53 117.28 13.53
C ASN A 647 -63.32 118.13 13.91
N ILE A 648 -63.57 119.09 14.80
CA ILE A 648 -62.57 120.04 15.19
C ILE A 648 -61.74 119.72 16.41
N PHE A 649 -60.45 119.69 16.13
CA PHE A 649 -59.42 119.59 17.09
C PHE A 649 -59.22 120.95 17.77
N VAL A 650 -58.95 120.98 19.06
CA VAL A 650 -58.61 122.22 19.80
C VAL A 650 -57.11 122.34 20.15
N GLY A 651 -56.48 123.51 19.95
CA GLY A 651 -55.04 123.77 20.33
C GLY A 651 -54.76 125.10 21.10
N GLY A 660 -59.05 129.26 23.40
CA GLY A 660 -59.35 129.37 24.81
C GLY A 660 -59.95 128.09 25.39
N LYS A 661 -60.64 128.24 26.52
CA LYS A 661 -61.39 127.13 27.13
C LYS A 661 -62.59 126.78 26.27
N TRP A 662 -62.93 125.51 26.28
CA TRP A 662 -64.02 125.04 25.45
C TRP A 662 -64.93 124.20 26.22
N TYR A 663 -66.14 124.13 25.70
CA TYR A 663 -67.18 123.39 26.34
C TYR A 663 -68.15 122.68 25.36
N PHE A 664 -68.56 121.45 25.66
CA PHE A 664 -69.51 120.72 24.79
C PHE A 664 -70.39 119.77 25.57
N GLU A 665 -71.49 119.49 24.88
CA GLU A 665 -72.57 118.81 25.47
C GLU A 665 -72.78 117.42 24.80
N VAL A 666 -73.06 116.40 25.63
CA VAL A 666 -73.34 115.04 25.14
C VAL A 666 -74.46 114.36 25.91
N MET A 667 -75.63 114.47 25.33
CA MET A 667 -76.79 113.82 25.91
C MET A 667 -76.65 112.35 25.62
N VAL A 668 -77.06 111.55 26.62
CA VAL A 668 -77.12 110.11 26.46
C VAL A 668 -78.52 109.62 26.08
N ASP A 669 -78.79 109.49 24.79
CA ASP A 669 -80.10 108.98 24.28
C ASP A 669 -80.43 107.54 24.61
N GLU A 670 -79.38 106.72 24.69
CA GLU A 670 -79.59 105.30 24.81
C GLU A 670 -78.35 104.61 25.45
N VAL A 671 -78.60 103.58 26.28
CA VAL A 671 -77.55 102.61 26.76
C VAL A 671 -78.16 101.18 26.80
N VAL A 672 -77.44 100.14 26.38
CA VAL A 672 -77.90 98.75 26.51
C VAL A 672 -76.76 97.99 27.17
N PRO A 673 -76.66 98.14 28.50
CA PRO A 673 -75.46 97.81 29.24
C PRO A 673 -74.98 96.35 29.14
N PHE A 674 -75.91 95.38 29.13
CA PHE A 674 -75.50 93.98 29.29
C PHE A 674 -75.77 93.09 28.14
N LEU A 675 -76.08 93.66 27.00
CA LEU A 675 -76.21 92.85 25.83
C LEU A 675 -74.85 92.23 25.55
N THR A 676 -74.87 90.97 25.13
CA THR A 676 -73.67 90.15 25.02
C THR A 676 -72.90 90.04 26.34
N ALA A 677 -71.86 89.21 26.35
CA ALA A 677 -71.16 88.88 27.62
C ALA A 677 -70.46 90.07 28.22
N GLN A 678 -70.03 90.98 27.37
CA GLN A 678 -69.35 92.17 27.84
C GLN A 678 -70.36 93.17 28.39
N ALA A 679 -69.98 93.89 29.45
CA ALA A 679 -70.68 95.12 29.78
C ALA A 679 -70.42 96.12 28.68
N THR A 680 -71.45 96.84 28.24
CA THR A 680 -71.38 97.70 27.08
C THR A 680 -70.40 98.82 27.37
N HIS A 681 -69.53 99.07 26.42
CA HIS A 681 -68.61 100.17 26.47
C HIS A 681 -69.31 101.50 26.14
N LEU A 682 -68.86 102.60 26.73
CA LEU A 682 -69.38 103.97 26.35
C LEU A 682 -68.57 105.03 27.06
N ARG A 683 -67.26 104.87 27.02
CA ARG A 683 -66.37 105.85 27.64
C ARG A 683 -66.38 107.16 26.83
N VAL A 684 -66.15 108.29 27.54
CA VAL A 684 -66.18 109.62 26.95
C VAL A 684 -65.03 110.47 27.50
N GLY A 685 -64.23 111.07 26.60
CA GLY A 685 -63.14 111.89 27.08
C GLY A 685 -62.26 112.53 26.04
N TRP A 686 -61.37 113.40 26.49
CA TRP A 686 -60.48 114.14 25.63
C TRP A 686 -59.32 113.32 25.08
N ALA A 687 -58.72 113.73 23.97
CA ALA A 687 -57.65 112.93 23.28
C ALA A 687 -56.84 113.72 22.30
N LEU A 688 -55.73 113.18 21.81
CA LEU A 688 -54.91 113.91 20.82
C LEU A 688 -54.30 113.01 19.74
N THR A 689 -54.00 113.54 18.54
CA THR A 689 -53.54 112.69 17.40
C THR A 689 -52.03 112.37 17.40
N GLU A 690 -51.63 111.45 18.28
CA GLU A 690 -50.34 110.67 18.20
C GLU A 690 -50.32 109.50 19.26
N GLY A 691 -50.78 109.77 20.49
CA GLY A 691 -50.80 108.74 21.58
C GLY A 691 -52.14 108.04 21.69
N TYR A 692 -53.01 108.28 20.72
CA TYR A 692 -54.30 107.58 20.65
C TYR A 692 -54.75 107.36 19.19
N SER A 693 -54.58 106.14 18.73
CA SER A 693 -54.94 105.77 17.39
C SER A 693 -55.74 104.47 17.44
N PRO A 694 -57.01 104.60 17.84
CA PRO A 694 -57.89 103.47 18.18
C PRO A 694 -58.18 102.53 16.99
N TYR A 695 -57.42 101.44 16.86
CA TYR A 695 -57.78 100.42 15.89
C TYR A 695 -58.54 99.35 16.60
N PRO A 696 -59.77 99.10 16.13
CA PRO A 696 -60.68 98.21 16.81
C PRO A 696 -60.18 96.80 16.95
N GLY A 697 -59.40 96.36 15.99
CA GLY A 697 -58.91 95.02 16.05
C GLY A 697 -57.89 94.75 17.13
N GLY A 698 -58.21 95.01 18.39
CA GLY A 698 -57.25 94.74 19.45
C GLY A 698 -56.22 95.83 19.71
N GLY A 699 -55.23 95.48 20.54
CA GLY A 699 -54.24 96.38 21.08
C GLY A 699 -54.64 96.82 22.46
N GLU A 700 -53.64 96.90 23.31
CA GLU A 700 -53.81 97.22 24.74
C GLU A 700 -54.61 96.18 25.48
N GLY A 701 -54.46 96.13 26.79
CA GLY A 701 -55.18 95.18 27.61
C GLY A 701 -56.66 95.29 27.53
N TRP A 702 -57.21 94.57 26.57
CA TRP A 702 -58.65 94.39 26.45
C TRP A 702 -59.45 95.71 26.26
N GLY A 703 -59.06 96.55 25.31
CA GLY A 703 -59.95 97.64 24.86
C GLY A 703 -59.40 98.69 23.91
N GLY A 704 -60.13 99.80 23.78
CA GLY A 704 -59.81 100.86 22.83
C GLY A 704 -59.75 102.29 23.45
N ASN A 705 -60.84 102.81 24.05
CA ASN A 705 -60.83 104.18 24.71
C ASN A 705 -60.17 104.13 26.07
N GLY A 706 -59.57 105.23 26.51
CA GLY A 706 -59.05 105.32 27.88
C GLY A 706 -57.69 104.69 28.05
N VAL A 707 -57.18 104.15 26.97
CA VAL A 707 -55.96 103.38 27.03
C VAL A 707 -54.70 104.27 26.94
N GLY A 708 -54.76 105.39 26.22
CA GLY A 708 -53.56 106.16 25.93
C GLY A 708 -53.12 107.03 27.05
N ASP A 709 -51.81 107.28 27.15
CA ASP A 709 -51.34 108.30 28.06
C ASP A 709 -51.82 109.62 27.50
N ASP A 710 -51.90 109.72 26.17
CA ASP A 710 -52.38 110.97 25.58
C ASP A 710 -53.93 111.21 25.67
N LEU A 711 -54.68 110.13 25.82
CA LEU A 711 -56.11 110.26 26.01
C LEU A 711 -56.57 110.37 27.49
N TYR A 712 -57.69 111.06 27.73
CA TYR A 712 -58.24 111.29 29.09
C TYR A 712 -59.72 110.94 29.06
N SER A 713 -60.27 110.23 30.05
CA SER A 713 -61.59 109.57 29.86
C SER A 713 -62.50 109.44 31.07
N TYR A 714 -63.73 108.97 30.80
CA TYR A 714 -64.82 108.92 31.77
C TYR A 714 -65.87 107.83 31.42
N GLY A 715 -66.58 107.34 32.43
CA GLY A 715 -67.72 106.49 32.22
C GLY A 715 -68.08 105.63 33.37
N PHE A 716 -69.09 104.83 33.11
CA PHE A 716 -69.51 103.73 33.95
C PHE A 716 -69.78 104.19 35.43
N ASP A 717 -69.79 103.20 36.32
CA ASP A 717 -70.05 103.31 37.77
C ASP A 717 -68.99 104.18 38.40
N GLY A 718 -69.47 105.00 39.33
CA GLY A 718 -68.61 105.79 40.16
C GLY A 718 -67.93 106.84 39.34
N LEU A 719 -68.45 107.09 38.14
CA LEU A 719 -67.92 108.02 37.22
C LEU A 719 -66.44 107.76 36.91
N HIS A 720 -65.59 108.56 37.55
CA HIS A 720 -64.15 108.47 37.44
C HIS A 720 -63.63 108.35 36.03
N LEU A 721 -62.44 107.79 35.92
CA LEU A 721 -61.65 107.95 34.72
C LEU A 721 -60.86 106.75 34.31
N TRP A 722 -60.27 106.82 33.11
CA TRP A 722 -59.32 105.82 32.62
C TRP A 722 -58.14 106.41 31.85
N THR A 723 -56.93 106.23 32.38
CA THR A 723 -55.69 106.54 31.65
C THR A 723 -54.74 105.38 31.73
N GLY A 724 -54.32 104.85 30.60
CA GLY A 724 -53.58 103.59 30.56
C GLY A 724 -54.56 102.46 30.75
N HIS A 725 -55.83 102.82 30.62
CA HIS A 725 -56.93 101.96 30.92
C HIS A 725 -56.91 101.58 32.39
N VAL A 726 -56.33 102.48 33.18
CA VAL A 726 -56.32 102.35 34.63
C VAL A 726 -57.60 102.91 35.19
N ALA A 727 -58.28 102.14 36.01
CA ALA A 727 -59.55 102.58 36.59
C ALA A 727 -59.31 103.28 37.92
N ARG A 728 -58.84 104.53 37.91
CA ARG A 728 -58.81 105.33 39.16
C ARG A 728 -60.25 105.60 39.55
N PRO A 729 -60.68 105.16 40.75
CA PRO A 729 -62.09 105.22 41.12
C PRO A 729 -62.50 106.44 41.94
N VAL A 730 -62.27 107.65 41.41
CA VAL A 730 -62.68 108.89 42.04
C VAL A 730 -64.20 108.83 42.10
N THR A 731 -64.77 108.86 43.30
CA THR A 731 -66.21 108.68 43.50
C THR A 731 -66.97 109.90 43.04
N SER A 732 -68.13 109.68 42.44
CA SER A 732 -68.95 110.83 42.01
C SER A 732 -69.64 111.48 43.23
N PRO A 733 -70.00 112.80 43.13
CA PRO A 733 -70.80 113.41 44.20
C PRO A 733 -72.11 112.63 44.47
N GLY A 734 -72.68 111.98 43.45
CA GLY A 734 -73.81 111.04 43.62
C GLY A 734 -74.65 110.97 42.37
N GLN A 735 -74.89 109.69 42.07
CA GLN A 735 -73.84 108.87 41.42
C GLN A 735 -74.14 108.32 40.06
N HIS A 736 -74.66 107.09 40.02
CA HIS A 736 -75.18 106.48 38.80
C HIS A 736 -74.16 106.24 37.70
N LEU A 737 -74.47 105.26 36.86
CA LEU A 737 -73.63 104.89 35.75
C LEU A 737 -73.96 105.69 34.53
N LEU A 738 -73.92 105.06 33.38
CA LEU A 738 -74.38 105.65 32.16
C LEU A 738 -75.69 104.93 31.68
N ALA A 739 -76.81 105.64 31.73
CA ALA A 739 -78.10 105.15 31.26
C ALA A 739 -78.77 106.24 30.39
N PRO A 740 -79.71 105.88 29.49
CA PRO A 740 -80.31 106.89 28.59
C PRO A 740 -81.04 108.02 29.27
N GLU A 741 -80.26 108.85 29.94
CA GLU A 741 -80.77 109.98 30.66
C GLU A 741 -79.76 111.12 30.72
N ASP A 742 -78.56 110.89 31.31
CA ASP A 742 -77.70 112.01 31.74
C ASP A 742 -77.18 112.78 30.57
N VAL A 743 -77.15 114.09 30.75
CA VAL A 743 -76.58 115.00 29.78
C VAL A 743 -75.11 115.20 30.20
N VAL A 744 -74.28 114.24 29.89
CA VAL A 744 -72.90 114.29 30.34
C VAL A 744 -72.16 115.33 29.54
N SER A 745 -71.32 116.08 30.24
CA SER A 745 -70.75 117.24 29.63
C SER A 745 -69.40 117.56 30.10
N CYS A 746 -68.67 118.25 29.24
CA CYS A 746 -67.28 118.43 29.47
C CYS A 746 -66.77 119.76 29.10
N CYS A 747 -65.71 120.07 29.82
CA CYS A 747 -65.02 121.30 29.60
C CYS A 747 -63.53 121.10 29.72
N LEU A 748 -62.82 122.01 29.04
CA LEU A 748 -61.36 122.07 29.14
C LEU A 748 -60.82 123.49 29.00
N ASP A 749 -60.06 123.91 30.02
CA ASP A 749 -59.41 125.23 30.07
C ASP A 749 -58.23 125.20 29.15
N LEU A 750 -57.93 126.33 28.55
CA LEU A 750 -56.81 126.40 27.66
C LEU A 750 -55.50 126.26 28.45
N SER A 751 -54.49 125.73 27.77
CA SER A 751 -53.16 125.49 28.33
C SER A 751 -53.23 124.43 29.43
N VAL A 752 -53.77 124.78 30.61
CA VAL A 752 -53.95 123.81 31.71
C VAL A 752 -55.01 122.77 31.35
N PRO A 753 -54.68 121.46 31.46
CA PRO A 753 -55.61 120.34 31.18
C PRO A 753 -56.43 119.97 32.40
N SER A 754 -57.20 120.93 32.88
CA SER A 754 -58.03 120.76 34.06
C SER A 754 -59.33 120.18 33.64
N ILE A 755 -59.30 119.00 33.05
CA ILE A 755 -60.49 118.37 32.61
C ILE A 755 -61.24 117.92 33.85
N SER A 756 -62.55 118.00 33.70
CA SER A 756 -63.46 117.53 34.72
C SER A 756 -64.77 117.29 34.03
N PHE A 757 -65.16 116.05 34.17
CA PHE A 757 -66.38 115.63 33.62
C PHE A 757 -67.52 116.11 34.53
N ARG A 758 -68.68 116.25 33.91
CA ARG A 758 -69.88 116.61 34.59
C ARG A 758 -71.06 115.66 34.28
N ILE A 759 -71.70 115.13 35.34
CA ILE A 759 -72.86 114.24 35.21
C ILE A 759 -74.17 115.03 35.23
N ASN A 760 -74.66 115.39 34.05
CA ASN A 760 -75.95 116.07 33.93
C ASN A 760 -76.06 117.32 34.82
N GLY A 761 -75.09 118.20 34.75
CA GLY A 761 -75.09 119.41 35.57
C GLY A 761 -74.39 119.20 36.91
N CYS A 762 -73.96 117.97 37.21
CA CYS A 762 -73.16 117.67 38.43
C CYS A 762 -71.73 117.23 38.08
N PRO A 763 -70.75 118.12 38.36
CA PRO A 763 -69.34 117.85 38.03
C PRO A 763 -68.78 116.66 38.78
N VAL A 764 -67.90 115.96 38.13
CA VAL A 764 -67.36 114.79 38.73
C VAL A 764 -66.08 115.15 39.49
N GLN A 765 -66.24 116.01 40.47
CA GLN A 765 -65.12 116.33 41.34
C GLN A 765 -63.89 116.83 40.60
N GLY A 766 -62.80 116.99 41.34
CA GLY A 766 -61.52 117.30 40.76
C GLY A 766 -61.06 116.09 40.01
N VAL A 767 -60.48 116.35 38.83
CA VAL A 767 -60.04 115.28 38.01
C VAL A 767 -58.62 115.55 37.45
N PHE A 768 -58.50 115.75 36.13
CA PHE A 768 -57.18 115.78 35.48
C PHE A 768 -56.49 117.09 35.64
N GLU A 769 -55.17 117.03 35.70
CA GLU A 769 -54.33 118.22 35.76
C GLU A 769 -52.98 117.95 35.19
N ALA A 770 -52.33 119.01 34.72
CA ALA A 770 -50.95 118.95 34.30
C ALA A 770 -50.66 117.79 33.29
N PHE A 771 -50.67 118.13 32.00
CA PHE A 771 -50.45 117.18 30.90
C PHE A 771 -49.78 117.93 29.75
N ASN A 772 -49.14 117.21 28.87
CA ASN A 772 -48.53 117.88 27.73
C ASN A 772 -49.62 118.42 26.79
N LEU A 773 -49.43 119.58 26.18
CA LEU A 773 -50.33 120.03 25.07
C LEU A 773 -49.58 119.73 23.73
N ASP A 774 -49.23 118.46 23.53
CA ASP A 774 -48.57 117.98 22.30
C ASP A 774 -49.59 117.65 21.23
N GLY A 775 -49.86 118.67 20.43
CA GLY A 775 -50.81 118.60 19.38
C GLY A 775 -52.18 118.91 19.89
N LEU A 776 -53.06 119.16 18.95
CA LEU A 776 -54.38 119.66 19.28
C LEU A 776 -55.24 118.66 20.06
N PHE A 777 -55.93 119.10 21.12
CA PHE A 777 -56.91 118.27 21.82
C PHE A 777 -58.27 118.17 21.11
N PHE A 778 -58.96 117.01 21.18
CA PHE A 778 -60.34 116.88 20.66
C PHE A 778 -61.17 115.96 21.54
N PRO A 779 -62.47 116.21 21.58
CA PRO A 779 -63.45 115.46 22.34
C PRO A 779 -63.71 114.08 21.75
N VAL A 780 -64.06 113.14 22.62
CA VAL A 780 -64.31 111.76 22.17
C VAL A 780 -65.43 111.08 22.91
N VAL A 781 -66.18 110.26 22.17
CA VAL A 781 -67.24 109.43 22.73
C VAL A 781 -67.22 108.00 22.12
N SER A 782 -66.54 107.08 22.79
CA SER A 782 -66.55 105.66 22.43
C SER A 782 -67.83 105.01 22.84
N PHE A 783 -68.16 103.93 22.17
CA PHE A 783 -69.38 103.23 22.51
C PHE A 783 -69.28 101.75 22.18
N SER A 784 -70.31 100.99 22.56
CA SER A 784 -70.47 99.61 22.09
C SER A 784 -71.95 99.32 22.03
N ALA A 785 -72.29 98.25 21.33
CA ALA A 785 -73.66 97.75 21.33
C ALA A 785 -74.61 98.74 20.72
N GLY A 786 -75.89 98.43 20.89
CA GLY A 786 -76.98 99.21 20.38
C GLY A 786 -77.20 100.45 21.21
N VAL A 787 -76.54 101.53 20.83
CA VAL A 787 -76.50 102.74 21.65
C VAL A 787 -76.59 104.03 20.80
N LYS A 788 -77.26 105.03 21.36
CA LYS A 788 -77.41 106.31 20.69
C LYS A 788 -77.18 107.42 21.67
N VAL A 789 -76.54 108.46 21.17
CA VAL A 789 -76.34 109.69 21.95
C VAL A 789 -76.53 110.95 21.11
N ARG A 790 -77.10 112.01 21.70
CA ARG A 790 -77.46 113.23 20.95
C ARG A 790 -76.61 114.40 21.40
N PHE A 791 -76.23 115.24 20.45
CA PHE A 791 -75.54 116.49 20.81
C PHE A 791 -76.51 117.69 20.73
N LEU A 792 -76.98 118.19 21.88
CA LEU A 792 -77.69 119.50 21.94
C LEU A 792 -76.71 120.68 21.70
N LEU A 793 -76.18 120.81 20.47
CA LEU A 793 -75.19 121.85 20.11
C LEU A 793 -75.76 122.84 19.05
N GLY A 794 -76.39 122.31 17.98
CA GLY A 794 -76.99 123.15 16.93
C GLY A 794 -78.26 122.53 16.32
N GLU A 799 -78.79 124.40 20.41
CA GLU A 799 -79.71 123.62 21.23
C GLU A 799 -79.17 123.49 22.71
N PHE A 800 -78.28 124.40 23.14
CA PHE A 800 -77.46 124.22 24.38
C PHE A 800 -78.25 124.02 25.70
N LYS A 801 -77.74 123.11 26.52
CA LYS A 801 -78.30 122.76 27.80
C LYS A 801 -77.15 122.49 28.85
N PHE A 802 -77.16 123.20 29.97
CA PHE A 802 -76.01 123.24 30.95
C PHE A 802 -74.77 123.85 30.34
N LEU A 803 -74.42 125.12 30.64
CA LEU A 803 -73.12 125.71 30.22
C LEU A 803 -72.36 126.39 31.35
N PRO A 804 -71.75 125.59 32.23
CA PRO A 804 -71.08 126.09 33.46
C PRO A 804 -69.85 126.93 33.15
N PRO A 805 -69.56 127.97 33.98
CA PRO A 805 -68.43 128.88 33.76
C PRO A 805 -67.07 128.30 34.16
N PRO A 806 -66.17 128.17 33.16
CA PRO A 806 -64.75 127.88 33.29
C PRO A 806 -63.91 128.72 32.30
N GLY A 807 -64.41 129.89 31.84
CA GLY A 807 -63.72 130.68 30.78
C GLY A 807 -64.04 130.11 29.40
N TYR A 808 -65.05 129.26 29.40
CA TYR A 808 -65.37 128.44 28.24
C TYR A 808 -65.93 129.22 27.06
N ALA A 809 -65.82 128.62 25.88
CA ALA A 809 -66.72 128.95 24.76
C ALA A 809 -67.31 127.65 24.16
N PRO A 810 -68.58 127.68 23.69
CA PRO A 810 -69.25 126.46 23.20
C PRO A 810 -68.63 125.89 21.93
N CYS A 811 -68.67 124.59 21.82
CA CYS A 811 -68.09 123.93 20.65
C CYS A 811 -68.88 124.01 19.33
N HIS A 812 -70.19 124.22 19.31
CA HIS A 812 -70.93 124.29 17.99
C HIS A 812 -70.50 125.52 17.22
N GLU A 813 -70.11 126.53 18.00
CA GLU A 813 -69.55 127.75 17.44
C GLU A 813 -68.15 127.45 16.83
N ALA A 814 -67.49 126.35 17.29
CA ALA A 814 -66.23 125.82 16.71
C ALA A 814 -66.52 125.16 15.36
N VAL A 815 -66.85 125.94 14.34
CA VAL A 815 -66.96 125.48 12.96
C VAL A 815 -66.18 126.52 12.11
N LEU A 816 -65.11 127.12 12.66
CA LEU A 816 -64.43 128.29 12.00
C LEU A 816 -63.83 128.03 10.59
N PRO A 817 -63.12 126.90 10.38
CA PRO A 817 -62.51 126.76 9.05
C PRO A 817 -63.54 126.35 7.99
N ARG A 818 -63.06 125.86 6.86
CA ARG A 818 -63.90 125.43 5.75
C ARG A 818 -64.89 124.35 6.14
N GLU A 819 -64.44 123.47 7.01
CA GLU A 819 -65.25 122.36 7.41
C GLU A 819 -66.40 122.82 8.27
N ARG A 820 -67.58 122.29 7.98
CA ARG A 820 -68.70 122.36 8.88
C ARG A 820 -68.47 121.41 10.09
N LEU A 821 -69.06 121.76 11.23
CA LEU A 821 -68.98 120.93 12.43
C LEU A 821 -69.62 119.54 12.13
N ARG A 822 -68.95 118.46 12.55
CA ARG A 822 -69.52 117.12 12.38
C ARG A 822 -68.80 116.07 13.21
N LEU A 823 -69.53 114.99 13.49
CA LEU A 823 -68.97 113.80 14.12
C LEU A 823 -68.02 113.05 13.20
N GLU A 824 -66.99 112.45 13.77
CA GLU A 824 -66.09 111.56 13.04
C GLU A 824 -65.77 110.36 13.90
N PRO A 825 -65.51 109.20 13.27
CA PRO A 825 -65.12 108.02 14.03
C PRO A 825 -63.64 107.84 14.34
N ILE A 826 -62.83 108.86 14.09
CA ILE A 826 -61.37 108.87 14.38
C ILE A 826 -60.55 107.87 13.55
N LYS A 827 -59.43 108.35 13.01
CA LYS A 827 -58.49 107.54 12.23
C LYS A 827 -59.11 106.96 11.01
N GLU A 828 -59.91 105.94 11.20
CA GLU A 828 -60.65 105.33 10.12
C GLU A 828 -59.66 104.69 9.11
N TYR A 829 -59.56 103.38 9.12
CA TYR A 829 -58.84 102.65 8.11
C TYR A 829 -59.82 101.91 7.18
N ARG A 830 -61.13 102.11 7.31
CA ARG A 830 -62.15 101.45 6.43
C ARG A 830 -63.45 102.20 6.40
N ARG A 831 -63.52 103.22 5.58
CA ARG A 831 -64.74 103.98 5.42
C ARG A 831 -65.81 103.16 4.78
N GLU A 832 -67.06 103.38 5.19
CA GLU A 832 -68.21 102.61 4.70
C GLU A 832 -68.65 103.11 3.32
N GLY A 833 -67.94 102.69 2.28
CA GLY A 833 -68.28 103.09 0.96
C GLY A 833 -69.36 102.26 0.32
N PRO A 834 -69.77 102.65 -0.90
CA PRO A 834 -70.86 102.00 -1.60
C PRO A 834 -70.58 100.57 -1.99
N ARG A 835 -69.70 100.38 -2.96
CA ARG A 835 -69.45 99.07 -3.47
C ARG A 835 -68.66 98.28 -2.44
N GLY A 836 -67.97 98.96 -1.53
CA GLY A 836 -67.30 98.31 -0.38
C GLY A 836 -66.59 99.29 0.54
N PRO A 837 -65.98 98.83 1.66
CA PRO A 837 -65.25 99.72 2.55
C PRO A 837 -63.96 100.22 1.94
N HIS A 838 -63.91 101.52 1.79
CA HIS A 838 -62.72 102.15 1.28
C HIS A 838 -61.60 102.07 2.29
N LEU A 839 -60.39 101.89 1.79
CA LEU A 839 -59.21 102.13 2.58
C LEU A 839 -58.98 103.60 2.68
N VAL A 840 -58.52 104.06 3.84
CA VAL A 840 -58.50 105.52 4.08
C VAL A 840 -57.46 106.09 5.08
N GLY A 841 -57.27 107.40 5.09
CA GLY A 841 -56.46 108.08 6.13
C GLY A 841 -55.08 108.39 5.77
N PRO A 842 -54.33 108.70 6.83
CA PRO A 842 -54.59 109.70 7.86
C PRO A 842 -54.90 111.18 7.59
N SER A 843 -54.86 111.61 6.35
CA SER A 843 -54.83 113.08 6.05
C SER A 843 -53.70 113.86 6.77
N ARG A 844 -53.98 114.93 7.53
CA ARG A 844 -52.97 115.52 8.46
C ARG A 844 -53.50 116.20 9.76
N CYS A 845 -53.56 117.54 9.89
CA CYS A 845 -53.86 118.16 11.24
C CYS A 845 -54.38 119.59 11.39
N PHE A 851 -52.27 124.31 14.62
CA PHE A 851 -51.13 125.15 14.81
C PHE A 851 -51.20 126.56 14.20
N VAL A 852 -51.62 127.56 15.01
CA VAL A 852 -52.03 128.90 14.51
C VAL A 852 -51.46 130.20 15.17
N PRO A 853 -51.45 130.34 16.53
CA PRO A 853 -51.15 131.67 17.08
C PRO A 853 -49.71 132.13 16.90
N CYS A 854 -49.46 133.03 15.92
CA CYS A 854 -48.10 133.54 15.62
C CYS A 854 -47.99 134.61 14.44
N PRO A 855 -48.04 135.98 14.68
CA PRO A 855 -47.80 137.04 13.60
C PRO A 855 -46.37 136.97 13.09
N VAL A 856 -46.14 137.12 11.79
CA VAL A 856 -44.86 136.68 11.17
C VAL A 856 -44.32 137.70 10.13
N ASP A 857 -44.40 138.96 10.56
CA ASP A 857 -43.73 140.09 9.88
C ASP A 857 -44.32 140.55 8.50
N THR A 858 -44.96 141.75 8.51
CA THR A 858 -45.39 142.54 7.32
C THR A 858 -44.72 143.94 7.19
N VAL A 859 -43.92 144.39 8.13
CA VAL A 859 -43.33 145.76 8.06
C VAL A 859 -41.86 145.75 8.49
N GLN A 860 -41.15 144.74 8.05
CA GLN A 860 -39.85 144.38 8.64
C GLN A 860 -38.82 145.12 7.85
N ILE A 861 -38.47 144.55 6.70
CA ILE A 861 -37.45 145.10 5.87
C ILE A 861 -37.91 146.47 5.37
N VAL A 862 -36.98 147.45 5.38
CA VAL A 862 -37.25 148.84 4.92
C VAL A 862 -37.57 148.91 3.37
N LEU A 863 -38.52 149.75 2.90
CA LEU A 863 -38.73 150.00 1.43
C LEU A 863 -37.90 151.21 0.98
N PRO A 864 -36.95 150.98 0.00
CA PRO A 864 -36.04 152.06 -0.43
C PRO A 864 -36.86 153.24 -0.99
N PRO A 865 -36.41 154.50 -0.71
CA PRO A 865 -37.31 155.61 -1.07
C PRO A 865 -37.52 155.82 -2.61
N HIS A 866 -36.59 155.31 -3.46
CA HIS A 866 -36.78 155.31 -4.96
C HIS A 866 -38.01 154.49 -5.40
N LEU A 867 -38.25 153.41 -4.69
CA LEU A 867 -39.44 152.58 -4.93
C LEU A 867 -40.66 153.10 -4.04
N GLU A 868 -40.39 153.69 -2.83
CA GLU A 868 -41.46 154.16 -1.82
C GLU A 868 -42.41 155.20 -2.42
N ARG A 869 -41.87 156.07 -3.28
CA ARG A 869 -42.65 157.04 -4.06
C ARG A 869 -43.63 156.28 -4.97
N ILE A 870 -43.18 155.18 -5.59
CA ILE A 870 -44.08 154.34 -6.47
C ILE A 870 -44.95 153.42 -5.61
N ARG A 871 -44.57 153.29 -4.31
CA ARG A 871 -45.43 152.57 -3.34
C ARG A 871 -46.66 153.48 -3.05
N GLU A 872 -46.36 154.75 -2.74
CA GLU A 872 -47.43 155.76 -2.52
C GLU A 872 -48.24 156.05 -3.85
N LYS A 873 -47.61 155.90 -5.04
CA LYS A 873 -48.30 156.07 -6.41
C LYS A 873 -49.28 154.92 -6.68
N LEU A 874 -48.79 153.69 -6.50
CA LEU A 874 -49.62 152.51 -6.76
C LEU A 874 -50.74 152.46 -5.66
N ALA A 875 -50.43 152.95 -4.44
CA ALA A 875 -51.41 152.99 -3.29
C ALA A 875 -52.50 154.04 -3.55
N GLU A 876 -52.11 155.21 -4.04
CA GLU A 876 -53.10 156.22 -4.39
C GLU A 876 -53.96 155.72 -5.57
N ASN A 877 -53.31 154.98 -6.50
CA ASN A 877 -54.01 154.36 -7.68
C ASN A 877 -55.06 153.30 -7.27
N ILE A 878 -54.71 152.50 -6.27
CA ILE A 878 -55.62 151.47 -5.76
C ILE A 878 -56.62 152.05 -4.72
N HIS A 879 -56.36 153.25 -4.20
CA HIS A 879 -57.31 153.92 -3.27
C HIS A 879 -58.42 154.59 -4.10
N GLU A 880 -57.97 155.20 -5.20
CA GLU A 880 -58.90 155.70 -6.20
C GLU A 880 -59.62 154.50 -6.86
N LEU A 881 -58.94 153.35 -6.98
CA LEU A 881 -59.58 152.09 -7.43
C LEU A 881 -60.59 151.64 -6.36
N TRP A 882 -60.32 151.95 -5.08
CA TRP A 882 -61.28 151.68 -3.99
C TRP A 882 -62.52 152.54 -4.19
N ALA A 883 -62.29 153.75 -4.71
CA ALA A 883 -63.41 154.63 -5.16
C ALA A 883 -64.18 154.02 -6.37
N LEU A 884 -63.52 153.22 -7.20
CA LEU A 884 -64.17 152.56 -8.36
C LEU A 884 -64.68 151.14 -8.00
N THR A 885 -65.53 151.03 -6.95
CA THR A 885 -66.09 149.71 -6.54
C THR A 885 -67.27 149.81 -5.56
N ARG A 886 -66.98 150.34 -4.37
CA ARG A 886 -68.01 150.58 -3.32
C ARG A 886 -69.09 151.58 -3.80
N ILE A 887 -68.73 152.54 -4.70
CA ILE A 887 -69.73 153.56 -5.19
C ILE A 887 -70.88 152.87 -5.99
N GLU A 888 -70.62 151.67 -6.53
CA GLU A 888 -71.64 150.85 -7.25
C GLU A 888 -72.81 150.52 -6.34
N GLN A 889 -72.57 150.52 -5.01
CA GLN A 889 -73.64 150.33 -3.99
C GLN A 889 -74.38 151.66 -3.71
N GLY A 890 -73.93 152.74 -4.36
CA GLY A 890 -74.49 154.11 -4.09
C GLY A 890 -73.79 154.97 -3.04
N TRP A 891 -72.71 154.42 -2.44
CA TRP A 891 -71.85 155.19 -1.49
C TRP A 891 -71.21 156.41 -2.21
N THR A 892 -71.02 157.52 -1.48
CA THR A 892 -70.44 158.75 -2.05
C THR A 892 -69.58 159.53 -1.02
N TYR A 893 -68.55 160.23 -1.51
CA TYR A 893 -67.59 160.98 -0.68
C TYR A 893 -68.25 162.15 0.03
N GLY A 894 -67.79 162.42 1.23
CA GLY A 894 -68.33 163.60 1.99
C GLY A 894 -69.12 163.11 3.13
N PRO A 895 -68.77 163.71 4.29
CA PRO A 895 -67.44 163.65 4.88
C PRO A 895 -67.14 162.83 6.09
N VAL A 896 -68.05 162.86 7.06
CA VAL A 896 -67.99 161.93 8.22
C VAL A 896 -68.11 160.48 7.75
N ARG A 897 -67.38 159.54 8.39
CA ARG A 897 -67.42 158.10 8.00
C ARG A 897 -68.68 157.46 8.59
N ASP A 898 -69.83 157.96 8.13
CA ASP A 898 -71.11 157.48 8.62
C ASP A 898 -71.31 156.04 8.11
N ASP A 899 -71.93 155.22 8.98
CA ASP A 899 -72.26 153.84 8.70
C ASP A 899 -73.52 153.74 7.74
N ASN A 900 -74.26 154.86 7.61
CA ASN A 900 -75.56 154.85 6.92
C ASN A 900 -75.50 154.53 5.37
N LYS A 901 -75.44 155.60 4.58
CA LYS A 901 -75.24 155.55 3.13
C LYS A 901 -74.59 156.88 2.60
N ARG A 902 -73.87 156.75 1.49
CA ARG A 902 -73.27 157.91 0.79
C ARG A 902 -72.32 158.79 1.66
N LEU A 903 -71.51 158.16 2.52
CA LEU A 903 -70.60 158.91 3.37
C LEU A 903 -69.29 158.21 3.77
N HIS A 904 -68.22 158.36 2.99
CA HIS A 904 -66.87 157.96 3.44
C HIS A 904 -65.79 159.02 3.13
N PRO A 905 -64.82 159.29 4.06
CA PRO A 905 -63.54 160.03 3.77
C PRO A 905 -62.67 159.25 2.72
N CYS A 906 -62.76 157.90 2.69
CA CYS A 906 -61.87 157.04 1.80
C CYS A 906 -62.05 157.35 0.26
N LEU A 907 -63.23 157.80 -0.15
CA LEU A 907 -63.53 158.06 -1.58
C LEU A 907 -62.87 159.38 -2.08
N VAL A 908 -61.53 159.46 -2.01
CA VAL A 908 -60.78 160.66 -2.45
C VAL A 908 -59.33 160.30 -2.64
N ASN A 909 -58.52 161.29 -2.99
CA ASN A 909 -57.07 161.08 -3.04
C ASN A 909 -56.53 160.73 -1.60
N PHE A 910 -55.62 159.72 -1.50
CA PHE A 910 -55.20 159.15 -0.15
C PHE A 910 -54.44 160.19 0.74
N HIS A 911 -53.67 161.09 0.10
CA HIS A 911 -52.87 162.18 0.79
C HIS A 911 -53.72 163.20 1.58
N SER A 912 -54.94 163.47 1.08
CA SER A 912 -55.77 164.62 1.55
C SER A 912 -56.17 164.61 3.03
N LEU A 913 -56.39 163.43 3.61
CA LEU A 913 -56.90 163.34 4.99
C LEU A 913 -56.08 162.37 5.84
N PRO A 914 -54.86 162.80 6.22
CA PRO A 914 -53.82 162.13 6.99
C PRO A 914 -53.69 160.63 6.65
N GLU A 915 -53.33 159.80 7.63
CA GLU A 915 -53.29 158.34 7.45
C GLU A 915 -54.05 157.59 8.61
N PRO A 916 -55.40 157.74 8.67
CA PRO A 916 -56.44 157.00 9.40
C PRO A 916 -57.79 157.06 8.67
N GLU A 917 -58.11 158.22 8.07
CA GLU A 917 -59.30 158.37 7.20
C GLU A 917 -59.01 157.77 5.78
N ARG A 918 -57.74 157.48 5.50
CA ARG A 918 -57.35 156.76 4.23
C ARG A 918 -56.41 155.61 4.61
N ASN A 919 -56.82 154.84 5.62
CA ASN A 919 -56.02 153.65 6.09
C ASN A 919 -56.25 152.49 5.09
N TYR A 920 -57.25 152.63 4.19
CA TYR A 920 -57.50 151.61 3.18
C TYR A 920 -56.31 151.43 2.22
N ASN A 921 -55.46 152.44 2.01
CA ASN A 921 -54.23 152.26 1.14
C ASN A 921 -52.83 152.62 1.72
N LEU A 922 -52.28 153.78 1.32
CA LEU A 922 -50.87 154.14 1.54
C LEU A 922 -50.40 154.05 3.03
N GLN A 923 -51.29 154.27 4.02
CA GLN A 923 -50.97 154.05 5.50
C GLN A 923 -50.57 152.60 5.72
N MET A 924 -51.15 151.71 4.91
CA MET A 924 -50.97 150.27 5.08
C MET A 924 -50.47 149.56 3.75
N SER A 925 -50.97 150.00 2.56
CA SER A 925 -50.54 149.41 1.23
C SER A 925 -49.07 149.65 0.99
N GLY A 926 -48.57 150.78 1.47
CA GLY A 926 -47.13 151.10 1.44
C GLY A 926 -46.37 150.16 2.39
N GLU A 927 -46.98 149.88 3.56
CA GLU A 927 -46.46 148.85 4.50
C GLU A 927 -46.53 147.42 3.89
N THR A 928 -47.58 147.20 3.08
CA THR A 928 -47.81 145.86 2.45
C THR A 928 -46.65 145.51 1.46
N LEU A 929 -46.14 146.52 0.76
CA LEU A 929 -44.97 146.31 -0.12
C LEU A 929 -43.64 146.24 0.71
N LYS A 930 -43.65 146.77 1.95
CA LYS A 930 -42.52 146.55 2.89
C LYS A 930 -42.46 145.11 3.27
N THR A 931 -43.64 144.50 3.30
CA THR A 931 -43.75 143.05 3.48
C THR A 931 -43.20 142.27 2.26
N LEU A 932 -43.30 142.86 1.05
CA LEU A 932 -42.82 142.21 -0.20
C LEU A 932 -41.27 142.08 -0.12
N LEU A 933 -40.62 143.02 0.61
CA LEU A 933 -39.20 142.86 0.95
C LEU A 933 -39.01 141.96 2.21
N ALA A 934 -40.08 141.72 2.99
CA ALA A 934 -40.00 140.95 4.27
C ALA A 934 -40.57 139.51 4.24
N LEU A 935 -41.49 139.21 3.33
CA LEU A 935 -42.13 137.86 3.26
C LEU A 935 -41.36 136.87 2.33
N GLY A 936 -40.27 137.31 1.72
CA GLY A 936 -39.39 136.40 0.94
C GLY A 936 -39.38 136.69 -0.53
N CYS A 937 -39.11 137.95 -0.87
CA CYS A 937 -39.03 138.36 -2.25
C CYS A 937 -37.93 139.48 -2.39
N HIS A 938 -37.22 139.53 -3.52
CA HIS A 938 -36.14 140.52 -3.78
C HIS A 938 -36.37 141.48 -5.01
N VAL A 939 -37.39 142.35 -4.95
CA VAL A 939 -37.98 143.09 -6.15
C VAL A 939 -36.97 144.04 -6.83
N GLY A 940 -37.00 144.14 -8.18
CA GLY A 940 -36.24 145.19 -8.95
C GLY A 940 -37.04 146.10 -9.94
N MET A 941 -36.54 147.32 -10.23
CA MET A 941 -37.05 148.15 -11.37
C MET A 941 -36.96 147.41 -12.76
N ALA A 942 -37.97 147.53 -13.64
CA ALA A 942 -38.00 146.81 -14.98
C ALA A 942 -38.83 147.49 -16.10
N ASP A 943 -39.76 148.38 -15.74
CA ASP A 943 -40.60 149.05 -16.75
C ASP A 943 -41.06 150.48 -16.30
N GLU A 944 -41.54 151.37 -17.22
CA GLU A 944 -42.00 152.76 -16.83
C GLU A 944 -43.21 152.70 -15.86
N LYS A 945 -43.25 153.58 -14.85
CA LYS A 945 -44.35 153.59 -13.82
C LYS A 945 -45.74 153.93 -14.42
N ALA A 946 -46.78 153.29 -13.88
CA ALA A 946 -48.20 153.55 -14.27
C ALA A 946 -49.20 153.03 -13.24
N TYR A 959 -67.85 154.29 -18.25
CA TYR A 959 -67.48 155.24 -17.21
C TYR A 959 -68.75 155.66 -16.44
N MET A 960 -68.84 155.24 -15.18
CA MET A 960 -70.08 155.37 -14.37
C MET A 960 -70.55 156.83 -14.14
N MET A 961 -69.65 157.81 -14.19
CA MET A 961 -69.94 159.23 -13.78
C MET A 961 -70.50 159.20 -12.33
N SER A 962 -69.88 158.34 -11.50
CA SER A 962 -70.37 157.96 -10.17
C SER A 962 -70.46 159.13 -9.16
N ASN A 963 -71.39 159.01 -8.21
CA ASN A 963 -71.54 160.02 -7.14
C ASN A 963 -70.26 160.13 -6.26
N GLY A 964 -69.87 161.36 -5.91
CA GLY A 964 -68.75 161.61 -4.96
C GLY A 964 -67.38 161.98 -5.52
N TYR A 965 -66.73 161.02 -6.19
CA TYR A 965 -65.36 161.17 -6.69
C TYR A 965 -65.08 160.10 -7.80
N LYS A 966 -64.60 160.54 -8.97
CA LYS A 966 -64.58 159.66 -10.20
C LYS A 966 -63.27 159.58 -11.00
N PRO A 967 -62.25 158.86 -10.50
CA PRO A 967 -61.08 158.55 -11.37
C PRO A 967 -61.12 157.12 -11.89
N ALA A 968 -60.91 156.90 -13.19
CA ALA A 968 -60.78 155.52 -13.68
C ALA A 968 -59.29 155.12 -13.80
N PRO A 969 -58.78 154.18 -12.91
CA PRO A 969 -57.33 153.79 -12.86
C PRO A 969 -56.75 153.25 -14.21
N LEU A 970 -55.48 153.57 -14.52
CA LEU A 970 -54.68 152.97 -15.62
C LEU A 970 -53.17 152.89 -15.15
N ASP A 971 -52.37 152.24 -16.00
CA ASP A 971 -52.55 150.83 -16.41
C ASP A 971 -53.01 149.65 -15.50
N LEU A 972 -54.09 149.76 -14.71
CA LEU A 972 -54.70 148.53 -14.07
C LEU A 972 -55.62 147.83 -15.07
N SER A 973 -55.98 148.56 -16.13
CA SER A 973 -56.84 148.03 -17.18
C SER A 973 -56.21 146.84 -18.01
N HIS A 974 -54.88 146.64 -18.09
CA HIS A 974 -54.32 145.46 -18.89
C HIS A 974 -53.48 144.39 -18.10
N VAL A 975 -53.82 144.15 -16.81
CA VAL A 975 -52.91 143.43 -15.85
C VAL A 975 -52.56 141.99 -16.26
N ARG A 976 -51.28 141.62 -16.08
CA ARG A 976 -50.78 140.28 -16.40
C ARG A 976 -49.74 139.71 -15.35
N LEU A 977 -50.18 139.41 -14.11
CA LEU A 977 -49.26 138.85 -13.05
C LEU A 977 -48.69 137.43 -13.34
N THR A 978 -47.43 137.18 -12.95
CA THR A 978 -46.91 135.79 -12.86
C THR A 978 -47.65 134.99 -11.76
N PRO A 979 -48.01 133.73 -12.09
CA PRO A 979 -49.00 133.01 -11.31
C PRO A 979 -48.54 132.68 -9.83
N ALA A 980 -47.25 132.44 -9.60
CA ALA A 980 -46.72 132.16 -8.18
C ALA A 980 -46.83 133.41 -7.27
N GLN A 981 -46.80 134.58 -7.90
CA GLN A 981 -46.86 135.84 -7.17
C GLN A 981 -48.27 136.04 -6.48
N THR A 982 -49.32 135.41 -7.00
CA THR A 982 -50.60 135.31 -6.27
C THR A 982 -50.47 134.48 -4.97
N THR A 983 -49.65 133.41 -4.99
CA THR A 983 -49.34 132.67 -3.74
C THR A 983 -48.52 133.56 -2.77
N LEU A 984 -47.64 134.36 -3.34
CA LEU A 984 -46.86 135.28 -2.54
C LEU A 984 -47.84 136.33 -1.89
N VAL A 985 -48.90 136.66 -2.66
CA VAL A 985 -50.01 137.52 -2.16
C VAL A 985 -50.81 136.82 -1.03
N ASP A 986 -50.85 135.49 -1.07
CA ASP A 986 -51.50 134.73 0.00
C ASP A 986 -50.65 134.86 1.29
N ARG A 987 -49.32 134.77 1.14
CA ARG A 987 -48.40 134.99 2.31
C ARG A 987 -48.53 136.38 2.87
N LEU A 988 -48.73 137.35 1.97
CA LEU A 988 -48.85 138.73 2.39
C LEU A 988 -50.18 138.96 3.16
N ALA A 989 -51.29 138.52 2.56
CA ALA A 989 -52.61 138.71 3.16
C ALA A 989 -52.72 137.95 4.53
N GLU A 990 -52.08 136.79 4.60
CA GLU A 990 -52.13 135.97 5.83
C GLU A 990 -51.29 136.55 6.95
N ASN A 991 -50.05 136.89 6.58
CA ASN A 991 -49.09 137.40 7.53
C ASN A 991 -49.66 138.68 8.13
N GLY A 992 -50.41 139.42 7.31
CA GLY A 992 -50.98 140.65 7.79
C GLY A 992 -52.21 140.47 8.63
N HIS A 993 -53.01 139.47 8.29
CA HIS A 993 -54.22 139.25 9.05
C HIS A 993 -53.88 138.70 10.43
N ASN A 994 -52.72 138.07 10.52
CA ASN A 994 -52.25 137.48 11.76
C ASN A 994 -52.05 138.42 12.94
N VAL A 995 -51.64 139.62 12.65
CA VAL A 995 -51.43 140.54 13.70
C VAL A 995 -52.77 140.98 14.32
N TRP A 996 -53.83 141.18 13.52
CA TRP A 996 -55.18 141.48 14.07
C TRP A 996 -55.69 140.34 14.92
N ALA A 997 -55.30 139.15 14.45
CA ALA A 997 -55.74 137.96 15.11
C ALA A 997 -55.19 137.85 16.55
N ARG A 998 -54.01 138.43 16.75
CA ARG A 998 -53.41 138.44 18.04
C ARG A 998 -54.15 139.33 19.07
N ASP A 999 -54.79 140.41 18.63
CA ASP A 999 -55.75 141.07 19.57
C ASP A 999 -57.21 140.56 19.52
N ARG A 1000 -57.46 139.61 18.60
CA ARG A 1000 -58.86 139.00 18.44
C ARG A 1000 -59.38 138.33 19.74
N VAL A 1001 -58.42 137.87 20.56
CA VAL A 1001 -58.73 137.31 21.90
C VAL A 1001 -59.46 138.32 22.81
N ALA A 1002 -59.15 139.59 22.64
CA ALA A 1002 -59.90 140.66 23.28
C ALA A 1002 -61.17 141.02 22.44
N GLN A 1003 -62.24 140.18 22.39
CA GLN A 1003 -63.44 140.48 21.49
C GLN A 1003 -64.70 140.94 22.24
N ARG A 1016 -68.11 138.89 19.55
CA ARG A 1016 -68.55 137.48 19.52
C ARG A 1016 -67.32 136.60 19.12
N ARG A 1017 -67.42 135.25 19.15
CA ARG A 1017 -66.21 134.31 19.01
C ARG A 1017 -65.94 134.11 17.56
N ASN A 1018 -65.12 135.04 17.01
CA ASN A 1018 -65.00 135.20 15.55
C ASN A 1018 -64.39 133.96 14.86
N PRO A 1019 -65.01 133.52 13.72
CA PRO A 1019 -64.48 132.50 12.84
C PRO A 1019 -63.17 133.03 12.14
N ARG A 1020 -63.05 134.36 11.96
CA ARG A 1020 -61.81 135.02 11.36
C ARG A 1020 -60.46 134.80 12.14
N LEU A 1021 -60.52 134.45 13.46
CA LEU A 1021 -59.30 134.45 14.40
C LEU A 1021 -58.21 133.51 13.85
N VAL A 1022 -58.65 132.44 13.21
CA VAL A 1022 -57.72 131.52 12.55
C VAL A 1022 -57.10 132.13 11.27
N PRO A 1023 -55.82 131.79 11.02
CA PRO A 1023 -55.05 132.18 9.84
C PRO A 1023 -55.58 131.57 8.54
N TYR A 1024 -55.35 132.27 7.42
CA TYR A 1024 -55.89 131.90 6.07
C TYR A 1024 -55.46 130.51 5.64
N ARG A 1025 -54.43 129.97 6.30
CA ARG A 1025 -54.03 128.55 6.16
C ARG A 1025 -55.27 127.64 6.28
N LEU A 1026 -56.26 128.03 7.10
CA LEU A 1026 -57.49 127.26 7.26
C LEU A 1026 -58.76 128.11 7.19
N LEU A 1027 -59.09 128.58 5.98
CA LEU A 1027 -60.32 129.36 5.75
C LEU A 1027 -60.93 129.15 4.32
N ASP A 1028 -62.13 129.69 4.11
CA ASP A 1028 -63.05 129.28 3.00
C ASP A 1028 -62.57 129.40 1.52
N GLU A 1029 -61.57 130.25 1.26
CA GLU A 1029 -61.20 130.61 -0.14
C GLU A 1029 -62.38 131.39 -0.79
N ALA A 1030 -63.19 132.06 0.06
CA ALA A 1030 -64.21 133.02 -0.37
C ALA A 1030 -63.90 134.38 0.28
N THR A 1031 -63.79 134.42 1.62
CA THR A 1031 -63.23 135.61 2.35
C THR A 1031 -61.76 135.80 1.95
N LYS A 1032 -61.06 134.69 1.71
CA LYS A 1032 -59.70 134.71 1.11
C LYS A 1032 -59.79 135.17 -0.38
N ARG A 1033 -60.93 134.92 -1.07
CA ARG A 1033 -61.14 135.37 -2.49
C ARG A 1033 -61.34 136.90 -2.46
N SER A 1034 -61.62 137.45 -1.27
CA SER A 1034 -61.75 138.90 -1.05
C SER A 1034 -60.45 139.56 -0.52
N ASN A 1035 -60.10 139.34 0.76
CA ASN A 1035 -58.93 140.02 1.38
C ASN A 1035 -57.55 139.76 0.68
N ARG A 1036 -57.34 138.56 0.16
CA ARG A 1036 -56.11 138.25 -0.62
C ARG A 1036 -56.14 138.84 -2.07
N ASP A 1037 -57.24 138.59 -2.81
CA ASP A 1037 -57.35 139.08 -4.21
C ASP A 1037 -57.44 140.65 -4.22
N SER A 1038 -58.00 141.28 -3.16
CA SER A 1038 -58.03 142.78 -3.05
C SER A 1038 -56.58 143.34 -2.91
N LEU A 1039 -55.72 142.59 -2.21
CA LEU A 1039 -54.25 142.91 -2.11
C LEU A 1039 -53.59 142.80 -3.52
N CYS A 1040 -54.07 141.86 -4.36
CA CYS A 1040 -53.60 141.68 -5.76
C CYS A 1040 -53.93 142.95 -6.63
N GLN A 1041 -55.04 143.65 -6.30
CA GLN A 1041 -55.40 144.91 -7.02
C GLN A 1041 -54.34 146.00 -6.77
N ALA A 1042 -53.75 146.05 -5.55
CA ALA A 1042 -52.56 146.93 -5.27
C ALA A 1042 -51.37 146.43 -6.12
N VAL A 1043 -51.27 145.10 -6.23
CA VAL A 1043 -50.22 144.46 -7.08
C VAL A 1043 -50.53 144.66 -8.61
N ARG A 1044 -51.82 144.88 -8.94
CA ARG A 1044 -52.23 145.10 -10.36
C ARG A 1044 -51.64 146.42 -10.89
N THR A 1045 -51.50 147.42 -10.00
CA THR A 1045 -50.79 148.70 -10.30
C THR A 1045 -49.30 148.46 -10.51
N LEU A 1046 -48.74 147.45 -9.82
CA LEU A 1046 -47.30 147.08 -9.98
C LEU A 1046 -47.00 146.60 -11.43
N LEU A 1047 -47.96 145.92 -12.07
CA LEU A 1047 -47.80 145.54 -13.50
C LEU A 1047 -47.73 146.80 -14.39
N GLY A 1048 -48.48 147.83 -13.97
CA GLY A 1048 -48.35 149.14 -14.60
C GLY A 1048 -47.07 149.86 -14.17
N TYR A 1049 -46.65 149.62 -12.91
CA TYR A 1049 -45.31 150.08 -12.42
C TYR A 1049 -44.20 149.26 -13.18
N GLY A 1050 -44.56 148.01 -13.56
CA GLY A 1050 -43.68 147.09 -14.29
C GLY A 1050 -42.54 146.47 -13.48
N TYR A 1051 -42.54 146.67 -12.15
CA TYR A 1051 -41.43 146.19 -11.30
C TYR A 1051 -41.24 144.63 -11.28
N ASN A 1052 -39.99 144.13 -11.33
CA ASN A 1052 -39.64 142.68 -11.42
C ASN A 1052 -39.93 141.90 -10.09
N ILE A 1053 -40.26 140.62 -10.17
CA ILE A 1053 -40.54 139.79 -8.94
C ILE A 1053 -39.80 138.42 -8.87
N GLU A 1054 -38.46 138.46 -8.93
CA GLU A 1054 -37.60 137.23 -8.83
C GLU A 1054 -37.70 136.51 -7.47
N PRO A 1055 -37.75 135.17 -7.46
CA PRO A 1055 -38.00 134.34 -6.25
C PRO A 1055 -37.15 133.05 -6.22
N ARG A 1071 -48.49 110.10 8.68
CA ARG A 1071 -47.80 108.85 8.63
C ARG A 1071 -48.21 108.06 7.36
N VAL A 1072 -47.25 107.74 6.49
CA VAL A 1072 -47.52 106.95 5.23
C VAL A 1072 -48.08 105.56 5.53
N ARG A 1073 -49.13 105.14 4.81
CA ARG A 1073 -49.89 103.88 5.08
C ARG A 1073 -49.65 102.75 4.05
N ILE A 1074 -49.96 101.49 4.44
CA ILE A 1074 -49.77 100.31 3.59
C ILE A 1074 -50.72 99.17 3.93
N PHE A 1075 -51.03 98.31 2.97
CA PHE A 1075 -51.99 97.23 3.19
C PHE A 1075 -51.61 95.96 2.46
N ARG A 1076 -52.02 94.80 2.98
CA ARG A 1076 -51.61 93.54 2.40
C ARG A 1076 -52.54 92.37 2.61
N ALA A 1077 -52.53 91.53 1.61
CA ALA A 1077 -53.29 90.31 1.55
C ALA A 1077 -52.76 89.18 2.40
N GLU A 1078 -53.60 88.19 2.68
CA GLU A 1078 -53.23 87.02 3.45
C GLU A 1078 -52.16 86.17 2.82
N LYS A 1079 -51.27 85.72 3.67
CA LYS A 1079 -50.21 84.93 3.23
C LYS A 1079 -50.71 83.62 2.75
N SER A 1080 -51.87 83.19 3.19
CA SER A 1080 -52.45 81.95 2.72
C SER A 1080 -52.72 81.95 1.28
N TYR A 1081 -52.94 83.15 0.83
CA TYR A 1081 -53.41 83.29 -0.45
C TYR A 1081 -52.22 83.48 -1.43
N THR A 1082 -51.01 83.31 -0.95
CA THR A 1082 -49.82 83.48 -1.76
C THR A 1082 -49.63 82.44 -2.80
N VAL A 1083 -50.32 82.67 -3.87
CA VAL A 1083 -50.24 81.70 -4.92
C VAL A 1083 -48.92 81.79 -5.61
N GLN A 1084 -48.36 80.65 -5.92
CA GLN A 1084 -47.21 80.63 -6.74
C GLN A 1084 -47.52 80.10 -8.10
N SER A 1085 -48.79 79.78 -8.33
CA SER A 1085 -49.20 79.27 -9.60
C SER A 1085 -50.67 79.63 -9.86
N GLY A 1086 -51.08 79.48 -11.11
CA GLY A 1086 -52.41 79.93 -11.52
C GLY A 1086 -52.37 81.30 -12.14
N ARG A 1087 -53.42 81.64 -12.87
CA ARG A 1087 -53.50 82.94 -13.49
C ARG A 1087 -54.32 83.84 -12.59
N TRP A 1088 -53.92 85.13 -12.53
CA TRP A 1088 -54.46 86.04 -11.53
C TRP A 1088 -54.44 87.53 -11.91
N TYR A 1089 -55.64 88.00 -12.26
CA TYR A 1089 -55.91 89.43 -12.29
C TYR A 1089 -56.28 89.86 -10.85
N PHE A 1090 -56.04 91.13 -10.55
CA PHE A 1090 -56.55 91.70 -9.32
C PHE A 1090 -56.85 93.20 -9.42
N GLU A 1091 -57.93 93.61 -8.75
CA GLU A 1091 -58.36 95.00 -8.72
C GLU A 1091 -57.59 95.91 -7.75
N PHE A 1092 -57.61 97.21 -8.05
CA PHE A 1092 -57.43 98.25 -7.03
C PHE A 1092 -58.31 99.43 -7.38
N GLU A 1093 -59.52 99.43 -6.83
CA GLU A 1093 -60.41 100.53 -7.12
C GLU A 1093 -59.87 101.87 -6.54
N ALA A 1094 -59.94 102.90 -7.38
CA ALA A 1094 -59.42 104.23 -7.11
C ALA A 1094 -60.35 105.09 -6.30
N VAL A 1095 -59.74 106.03 -5.60
CA VAL A 1095 -60.43 107.07 -4.91
C VAL A 1095 -59.57 108.33 -5.12
N THR A 1096 -58.61 108.60 -4.24
CA THR A 1096 -57.67 109.73 -4.41
C THR A 1096 -56.65 109.41 -5.52
N THR A 1097 -56.17 110.43 -6.23
CA THR A 1097 -55.19 110.20 -7.31
C THR A 1097 -53.74 110.49 -6.95
N GLY A 1098 -53.43 110.51 -5.65
CA GLY A 1098 -52.07 110.75 -5.18
C GLY A 1098 -51.18 109.51 -5.14
N GLU A 1099 -50.29 109.45 -4.16
CA GLU A 1099 -49.27 108.37 -4.09
C GLU A 1099 -49.89 107.08 -3.54
N MET A 1100 -50.66 106.44 -4.41
CA MET A 1100 -51.60 105.40 -4.01
C MET A 1100 -51.02 104.00 -4.06
N ARG A 1101 -49.73 103.94 -4.31
CA ARG A 1101 -49.13 102.86 -5.08
C ARG A 1101 -49.37 101.44 -4.59
N VAL A 1102 -49.57 100.51 -5.53
CA VAL A 1102 -50.04 99.15 -5.23
C VAL A 1102 -49.47 98.13 -6.22
N GLY A 1103 -49.23 96.91 -5.75
CA GLY A 1103 -48.72 95.85 -6.62
C GLY A 1103 -48.42 94.56 -5.88
N TRP A 1104 -47.99 93.56 -6.64
CA TRP A 1104 -47.67 92.28 -6.02
C TRP A 1104 -46.44 92.38 -5.13
N ALA A 1105 -46.44 91.62 -4.05
CA ALA A 1105 -45.28 91.50 -3.21
C ALA A 1105 -45.18 90.21 -2.41
N ARG A 1106 -43.98 89.70 -2.24
CA ARG A 1106 -43.72 88.57 -1.37
C ARG A 1106 -43.91 88.96 0.07
N PRO A 1107 -44.47 88.06 0.84
CA PRO A 1107 -44.96 88.32 2.17
C PRO A 1107 -43.91 88.77 3.13
N GLU A 1108 -42.70 88.30 2.89
CA GLU A 1108 -41.68 88.41 3.86
C GLU A 1108 -41.18 89.81 4.07
N LEU A 1109 -41.46 90.69 3.13
CA LEU A 1109 -41.02 92.09 3.23
C LEU A 1109 -41.64 92.74 4.37
N ARG A 1110 -40.92 93.65 4.99
CA ARG A 1110 -41.53 94.28 6.10
C ARG A 1110 -42.58 95.22 5.57
N PRO A 1111 -43.78 95.15 6.13
CA PRO A 1111 -44.70 96.21 6.00
C PRO A 1111 -44.15 97.40 6.79
N ASP A 1112 -43.35 97.17 7.82
CA ASP A 1112 -42.65 98.28 8.55
C ASP A 1112 -41.81 99.16 7.64
N VAL A 1113 -41.22 98.58 6.61
CA VAL A 1113 -40.47 99.37 5.62
C VAL A 1113 -41.46 100.04 4.71
N GLU A 1114 -41.18 101.24 4.31
CA GLU A 1114 -41.98 101.86 3.31
C GLU A 1114 -41.78 101.14 1.96
N LEU A 1115 -42.90 100.99 1.27
CA LEU A 1115 -42.90 100.39 -0.04
C LEU A 1115 -42.24 101.25 -1.03
N GLY A 1116 -41.50 100.59 -1.90
CA GLY A 1116 -40.84 101.24 -2.99
C GLY A 1116 -39.56 100.56 -3.27
N ALA A 1117 -38.54 100.93 -2.49
CA ALA A 1117 -37.21 100.33 -2.59
C ALA A 1117 -37.19 99.10 -1.74
N ASP A 1118 -37.66 98.06 -2.40
CA ASP A 1118 -37.59 96.74 -1.82
C ASP A 1118 -37.65 95.72 -2.93
N GLU A 1119 -36.88 94.66 -2.75
CA GLU A 1119 -36.81 93.63 -3.75
C GLU A 1119 -38.15 92.91 -3.90
N LEU A 1120 -38.88 92.82 -2.81
CA LEU A 1120 -39.96 91.88 -2.76
C LEU A 1120 -41.25 92.40 -3.36
N ALA A 1121 -41.30 93.71 -3.65
CA ALA A 1121 -42.58 94.39 -3.91
C ALA A 1121 -42.63 95.15 -5.20
N TYR A 1122 -42.98 94.43 -6.25
CA TYR A 1122 -43.24 95.00 -7.52
C TYR A 1122 -44.57 95.78 -7.37
N VAL A 1123 -44.57 97.05 -7.83
CA VAL A 1123 -45.75 97.92 -7.66
C VAL A 1123 -45.87 98.98 -8.74
N PHE A 1124 -47.03 99.64 -8.72
CA PHE A 1124 -47.33 100.70 -9.68
C PHE A 1124 -47.98 101.88 -8.95
N ASN A 1125 -47.56 103.10 -9.31
CA ASN A 1125 -48.04 104.32 -8.63
C ASN A 1125 -49.47 104.77 -8.99
N GLY A 1126 -50.10 105.40 -8.02
CA GLY A 1126 -51.36 106.03 -8.25
C GLY A 1126 -51.29 107.42 -8.86
N HIS A 1127 -50.07 107.89 -9.03
CA HIS A 1127 -49.82 109.17 -9.56
C HIS A 1127 -48.48 109.18 -10.26
N ARG A 1128 -48.30 110.13 -11.17
CA ARG A 1128 -47.11 110.24 -12.02
C ARG A 1128 -46.88 109.02 -12.95
N GLY A 1129 -47.13 107.85 -12.42
CA GLY A 1129 -47.28 106.67 -13.25
C GLY A 1129 -46.09 105.80 -13.58
N GLN A 1130 -44.90 106.23 -13.27
CA GLN A 1130 -43.83 105.30 -13.26
C GLN A 1130 -44.04 104.18 -12.23
N ARG A 1131 -43.71 102.96 -12.63
CA ARG A 1131 -43.73 101.86 -11.70
C ARG A 1131 -42.48 101.85 -10.75
N TRP A 1132 -42.65 101.33 -9.53
CA TRP A 1132 -41.49 101.19 -8.63
C TRP A 1132 -41.11 99.80 -8.27
N HIS A 1133 -39.80 99.58 -8.30
CA HIS A 1133 -39.19 98.43 -7.69
C HIS A 1133 -37.70 98.70 -7.56
N LEU A 1134 -37.20 98.61 -6.32
CA LEU A 1134 -35.86 99.02 -6.01
C LEU A 1134 -35.68 100.46 -6.49
N GLY A 1135 -36.64 101.30 -6.12
CA GLY A 1135 -36.76 102.66 -6.62
C GLY A 1135 -37.44 102.67 -7.94
N SER A 1136 -37.54 103.84 -8.53
CA SER A 1136 -38.35 104.00 -9.72
C SER A 1136 -37.79 103.32 -10.96
N GLU A 1137 -38.72 102.79 -11.74
CA GLU A 1137 -38.42 102.18 -13.03
C GLU A 1137 -39.46 102.68 -14.06
N PRO A 1138 -39.34 103.93 -14.51
CA PRO A 1138 -40.43 104.58 -15.24
C PRO A 1138 -40.90 103.87 -16.51
N PHE A 1139 -42.21 103.84 -16.73
CA PHE A 1139 -42.73 103.40 -18.03
C PHE A 1139 -44.14 103.85 -18.22
N GLY A 1140 -44.93 103.83 -17.16
CA GLY A 1140 -46.32 104.26 -17.25
C GLY A 1140 -46.72 105.73 -17.15
N ARG A 1141 -48.03 105.91 -16.98
CA ARG A 1141 -48.67 107.21 -16.80
C ARG A 1141 -49.67 107.21 -15.60
N PRO A 1142 -49.97 108.38 -15.01
CA PRO A 1142 -50.91 108.47 -13.88
C PRO A 1142 -52.37 108.26 -14.29
N TRP A 1143 -53.30 108.72 -13.47
CA TRP A 1143 -54.71 108.67 -13.79
C TRP A 1143 -55.59 109.66 -13.05
N GLN A 1144 -56.68 110.01 -13.70
CA GLN A 1144 -57.70 110.85 -13.12
C GLN A 1144 -58.40 110.11 -11.99
N SER A 1145 -58.84 110.82 -10.95
CA SER A 1145 -59.39 110.17 -9.75
C SER A 1145 -60.62 109.35 -10.12
N GLY A 1146 -60.80 108.22 -9.44
CA GLY A 1146 -61.90 107.31 -9.72
C GLY A 1146 -61.66 106.40 -10.93
N ASP A 1147 -60.45 106.46 -11.48
CA ASP A 1147 -60.01 105.52 -12.50
C ASP A 1147 -59.34 104.32 -11.80
N VAL A 1148 -60.07 103.20 -11.72
CA VAL A 1148 -59.61 101.97 -11.08
C VAL A 1148 -58.34 101.44 -11.73
N VAL A 1149 -57.41 100.95 -10.90
CA VAL A 1149 -56.18 100.39 -11.40
C VAL A 1149 -56.12 98.89 -11.14
N GLY A 1150 -56.37 98.12 -12.20
CA GLY A 1150 -56.25 96.69 -12.15
C GLY A 1150 -54.85 96.28 -12.50
N CYS A 1151 -54.58 94.98 -12.40
CA CYS A 1151 -53.28 94.42 -12.80
C CYS A 1151 -53.36 92.89 -13.07
N MET A 1152 -52.42 92.36 -13.86
CA MET A 1152 -52.43 90.95 -14.23
C MET A 1152 -51.08 90.29 -13.99
N ILE A 1153 -51.09 89.03 -13.55
CA ILE A 1153 -49.81 88.33 -13.39
C ILE A 1153 -49.82 86.94 -13.97
N ASP A 1154 -48.85 86.69 -14.86
CA ASP A 1154 -48.54 85.34 -15.24
C ASP A 1154 -47.84 84.68 -14.14
N LEU A 1155 -48.20 83.41 -13.98
CA LEU A 1155 -47.46 82.55 -13.15
C LEU A 1155 -46.98 81.43 -13.98
N THR A 1156 -45.92 80.80 -13.51
CA THR A 1156 -45.00 80.02 -14.33
C THR A 1156 -44.15 81.00 -15.17
N GLU A 1157 -44.82 81.70 -16.06
CA GLU A 1157 -44.20 82.82 -16.67
C GLU A 1157 -44.18 83.93 -15.62
N ASN A 1158 -43.14 84.71 -15.71
CA ASN A 1158 -42.83 85.73 -14.76
C ASN A 1158 -43.51 87.08 -14.95
N THR A 1159 -44.11 87.34 -16.10
CA THR A 1159 -44.54 88.69 -16.45
C THR A 1159 -45.63 89.26 -15.54
N ILE A 1160 -45.57 90.58 -15.35
CA ILE A 1160 -46.62 91.32 -14.66
C ILE A 1160 -47.05 92.50 -15.50
N ILE A 1161 -48.34 92.80 -15.47
CA ILE A 1161 -48.90 93.85 -16.29
C ILE A 1161 -49.98 94.65 -15.60
N PHE A 1162 -49.60 95.82 -15.10
CA PHE A 1162 -50.56 96.78 -14.59
C PHE A 1162 -51.46 97.35 -15.67
N THR A 1163 -52.74 97.59 -15.37
CA THR A 1163 -53.64 98.22 -16.33
C THR A 1163 -54.54 99.29 -15.71
N LEU A 1164 -54.75 100.41 -16.43
CA LEU A 1164 -55.73 101.45 -16.00
C LEU A 1164 -57.10 101.13 -16.57
N ASN A 1165 -57.90 100.43 -15.77
CA ASN A 1165 -59.20 99.97 -16.21
C ASN A 1165 -59.13 99.11 -17.51
N GLY A 1166 -58.17 98.20 -17.56
CA GLY A 1166 -57.93 97.32 -18.72
C GLY A 1166 -57.03 97.91 -19.81
N GLU A 1167 -56.45 99.06 -19.51
CA GLU A 1167 -55.47 99.63 -20.42
C GLU A 1167 -54.08 99.05 -20.24
N VAL A 1168 -53.77 98.09 -21.07
CA VAL A 1168 -52.50 97.40 -21.00
C VAL A 1168 -51.25 98.29 -21.29
N LEU A 1169 -50.10 98.06 -20.67
CA LEU A 1169 -48.77 98.74 -21.00
C LEU A 1169 -47.61 97.72 -21.24
N ALA A 1178 -45.66 95.57 -17.43
CA ALA A 1178 -45.00 96.07 -16.23
C ALA A 1178 -43.73 95.29 -15.88
N PHE A 1179 -43.78 94.48 -14.82
CA PHE A 1179 -42.60 93.78 -14.34
C PHE A 1179 -42.44 92.48 -15.00
N ARG A 1180 -42.06 92.58 -16.25
CA ARG A 1180 -41.74 91.45 -17.04
C ARG A 1180 -40.41 90.89 -16.57
N GLU A 1181 -40.30 89.56 -16.69
CA GLU A 1181 -39.07 88.82 -16.47
C GLU A 1181 -38.59 89.02 -15.07
N ILE A 1182 -39.09 88.17 -14.18
CA ILE A 1182 -38.70 88.19 -12.80
C ILE A 1182 -38.54 86.74 -12.33
N GLU A 1183 -38.96 86.40 -11.10
CA GLU A 1183 -38.95 85.01 -10.65
C GLU A 1183 -40.02 84.65 -9.63
N ILE A 1184 -40.49 83.43 -9.65
CA ILE A 1184 -41.39 82.93 -8.60
C ILE A 1184 -40.63 82.72 -7.37
N GLY A 1185 -41.29 82.98 -6.26
CA GLY A 1185 -40.60 82.89 -5.02
C GLY A 1185 -41.48 82.45 -3.90
N ASP A 1186 -41.68 83.37 -2.97
CA ASP A 1186 -42.55 83.13 -1.87
C ASP A 1186 -43.98 83.05 -2.32
N GLY A 1187 -44.33 83.70 -3.44
CA GLY A 1187 -45.73 83.80 -3.81
C GLY A 1187 -46.30 85.17 -3.52
N PHE A 1188 -46.58 85.84 -4.60
CA PHE A 1188 -46.90 87.25 -4.51
C PHE A 1188 -48.28 87.54 -3.97
N LEU A 1189 -48.41 88.69 -3.33
CA LEU A 1189 -49.67 89.17 -2.86
C LEU A 1189 -49.93 90.59 -3.16
N PRO A 1190 -51.19 90.93 -3.28
CA PRO A 1190 -51.41 92.31 -3.55
C PRO A 1190 -51.12 93.15 -2.38
N VAL A 1191 -50.68 94.36 -2.65
CA VAL A 1191 -50.30 95.24 -1.58
C VAL A 1191 -50.58 96.70 -1.91
N CYS A 1192 -51.49 97.27 -1.17
CA CYS A 1192 -51.74 98.69 -1.24
C CYS A 1192 -50.71 99.49 -0.47
N SER A 1193 -50.53 100.75 -0.81
CA SER A 1193 -49.74 101.68 0.01
C SER A 1193 -50.13 103.14 -0.27
N LEU A 1194 -50.93 103.67 0.64
CA LEU A 1194 -51.42 105.03 0.59
C LEU A 1194 -50.32 105.97 1.08
N GLY A 1195 -50.39 107.20 0.57
CA GLY A 1195 -49.69 108.30 1.18
C GLY A 1195 -50.50 108.80 2.37
N PRO A 1196 -49.89 109.68 3.19
CA PRO A 1196 -50.56 110.17 4.41
C PRO A 1196 -51.84 110.94 4.10
N GLY A 1197 -51.95 111.61 2.97
CA GLY A 1197 -53.16 112.31 2.62
C GLY A 1197 -54.14 111.53 1.80
N GLN A 1198 -53.62 110.50 1.12
CA GLN A 1198 -54.34 109.77 0.12
C GLN A 1198 -55.31 108.76 0.66
N VAL A 1199 -56.30 108.45 -0.18
CA VAL A 1199 -57.36 107.52 0.16
C VAL A 1199 -57.61 106.54 -0.99
N GLY A 1200 -57.85 105.26 -0.65
CA GLY A 1200 -58.01 104.20 -1.65
C GLY A 1200 -59.19 103.25 -1.45
N HIS A 1201 -59.22 102.15 -2.19
CA HIS A 1201 -60.26 101.10 -2.07
C HIS A 1201 -59.81 99.82 -2.74
N LEU A 1202 -60.30 98.68 -2.26
CA LEU A 1202 -60.02 97.44 -2.90
C LEU A 1202 -61.08 96.39 -2.76
N ASN A 1203 -61.18 95.56 -3.79
CA ASN A 1203 -62.07 94.39 -3.84
C ASN A 1203 -61.47 93.34 -4.75
N LEU A 1204 -61.53 92.08 -4.36
CA LEU A 1204 -60.91 91.00 -5.12
C LEU A 1204 -61.86 89.85 -5.15
N GLY A 1205 -61.93 89.26 -6.32
CA GLY A 1205 -62.90 88.23 -6.56
C GLY A 1205 -64.31 88.85 -6.74
N GLN A 1206 -65.33 87.98 -6.70
CA GLN A 1206 -66.72 88.30 -7.16
C GLN A 1206 -66.69 88.60 -8.71
N ASP A 1207 -67.37 87.79 -9.53
CA ASP A 1207 -67.36 87.99 -10.99
C ASP A 1207 -68.06 89.31 -11.35
N VAL A 1208 -68.91 89.77 -10.44
CA VAL A 1208 -69.55 91.08 -10.50
C VAL A 1208 -68.48 92.17 -10.53
N SER A 1209 -67.33 91.91 -9.90
CA SER A 1209 -66.19 92.82 -9.97
C SER A 1209 -65.44 92.58 -11.26
N SER A 1210 -66.07 93.06 -12.32
CA SER A 1210 -65.53 93.03 -13.65
C SER A 1210 -66.13 94.20 -14.45
N LEU A 1211 -65.93 95.43 -13.94
CA LEU A 1211 -66.49 96.64 -14.55
C LEU A 1211 -65.74 96.96 -15.87
N ARG A 1212 -64.98 98.04 -15.82
CA ARG A 1212 -64.19 98.57 -16.93
C ARG A 1212 -63.01 97.68 -17.24
N PHE A 1213 -62.60 96.91 -16.25
CA PHE A 1213 -61.25 96.34 -16.17
C PHE A 1213 -61.13 94.84 -16.43
N PHE A 1214 -61.71 94.00 -15.62
CA PHE A 1214 -61.59 92.57 -15.76
C PHE A 1214 -62.41 92.16 -16.95
N ALA A 1215 -63.41 92.97 -17.32
CA ALA A 1215 -64.22 92.64 -18.49
C ALA A 1215 -63.38 92.66 -19.76
N ILE A 1216 -62.28 93.43 -19.75
CA ILE A 1216 -61.35 93.49 -20.88
C ILE A 1216 -60.57 92.17 -20.99
N CYS A 1217 -59.31 92.17 -20.63
CA CYS A 1217 -58.47 91.02 -20.88
C CYS A 1217 -58.67 89.91 -19.84
N GLY A 1218 -59.33 90.26 -18.73
CA GLY A 1218 -59.46 89.37 -17.63
C GLY A 1218 -60.39 88.21 -17.86
N LEU A 1219 -61.48 88.43 -18.59
CA LEU A 1219 -62.41 87.33 -18.90
C LEU A 1219 -61.80 86.33 -19.87
N GLN A 1220 -60.82 86.84 -20.58
CA GLN A 1220 -60.38 86.28 -21.83
C GLN A 1220 -59.15 85.39 -21.64
N GLU A 1221 -58.19 85.97 -20.95
CA GLU A 1221 -56.92 85.33 -20.68
C GLU A 1221 -57.01 84.32 -19.53
N GLY A 1222 -58.15 84.30 -18.88
CA GLY A 1222 -58.38 83.36 -17.81
C GLY A 1222 -57.79 83.77 -16.47
N PHE A 1223 -57.39 85.03 -16.33
CA PHE A 1223 -56.77 85.51 -15.10
C PHE A 1223 -57.76 85.74 -13.96
N GLU A 1224 -58.17 84.66 -13.30
CA GLU A 1224 -59.21 84.69 -12.28
C GLU A 1224 -58.79 85.34 -10.97
N PRO A 1225 -59.60 86.24 -10.41
CA PRO A 1225 -59.59 86.96 -9.13
C PRO A 1225 -59.84 86.10 -7.93
N PHE A 1226 -59.35 86.53 -6.80
CA PHE A 1226 -59.20 85.65 -5.70
C PHE A 1226 -60.46 84.94 -5.14
N ALA A 1227 -61.56 85.65 -5.14
CA ALA A 1227 -62.73 85.18 -4.37
C ALA A 1227 -63.59 84.16 -5.14
N ILE A 1228 -63.22 83.88 -6.38
CA ILE A 1228 -63.86 82.81 -7.12
C ILE A 1228 -63.64 81.50 -6.41
N ASN A 1229 -62.46 81.44 -5.81
CA ASN A 1229 -62.04 80.30 -5.09
C ASN A 1229 -62.78 80.11 -3.80
N MET A 1230 -63.27 81.23 -3.24
CA MET A 1230 -63.74 81.19 -1.87
C MET A 1230 -65.00 82.00 -1.61
N GLN A 1231 -65.80 81.45 -0.71
CA GLN A 1231 -66.97 82.10 -0.12
C GLN A 1231 -66.57 83.36 0.64
N ARG A 1232 -65.43 83.29 1.28
CA ARG A 1232 -64.97 84.30 2.13
C ARG A 1232 -64.43 85.55 1.38
N PRO A 1233 -64.68 86.73 1.91
CA PRO A 1233 -63.89 87.91 1.56
C PRO A 1233 -62.45 87.74 2.03
N VAL A 1234 -61.54 88.34 1.31
CA VAL A 1234 -60.15 88.24 1.64
C VAL A 1234 -59.81 88.92 2.93
N THR A 1235 -59.00 88.25 3.71
CA THR A 1235 -58.42 88.89 4.85
C THR A 1235 -57.21 89.78 4.48
N THR A 1236 -56.99 90.85 5.21
CA THR A 1236 -55.89 91.79 4.94
C THR A 1236 -55.39 92.45 6.21
N TRP A 1237 -54.26 93.12 6.11
CA TRP A 1237 -53.65 93.78 7.25
C TRP A 1237 -53.29 95.26 6.95
N PHE A 1238 -53.91 96.19 7.64
CA PHE A 1238 -53.43 97.57 7.59
C PHE A 1238 -52.14 97.73 8.39
N SER A 1239 -51.25 98.57 7.90
CA SER A 1239 -50.09 98.95 8.67
C SER A 1239 -50.50 99.90 9.78
N LYS A 1240 -49.79 99.83 10.89
CA LYS A 1240 -50.14 100.54 12.13
C LYS A 1240 -48.92 101.28 12.54
N SER A 1241 -49.08 102.58 12.56
CA SER A 1241 -47.96 103.46 12.75
C SER A 1241 -47.37 103.30 14.15
N LEU A 1242 -48.17 102.75 15.06
CA LEU A 1242 -47.74 102.50 16.41
C LEU A 1242 -46.67 101.48 16.44
N PRO A 1243 -45.58 101.79 17.11
CA PRO A 1243 -44.43 100.90 17.19
C PRO A 1243 -44.54 100.02 18.40
N GLN A 1244 -45.27 98.95 18.28
CA GLN A 1244 -45.21 97.94 19.28
C GLN A 1244 -43.82 97.35 19.31
N PHE A 1245 -43.32 97.06 20.50
CA PHE A 1245 -41.99 96.47 20.62
C PHE A 1245 -41.85 95.11 19.97
N GLU A 1246 -40.69 94.85 19.39
CA GLU A 1246 -40.41 93.51 18.91
C GLU A 1246 -38.96 93.19 19.22
N PRO A 1247 -38.70 91.93 19.41
CA PRO A 1247 -37.35 91.54 19.73
C PRO A 1247 -36.39 91.78 18.60
N VAL A 1248 -35.15 92.15 18.92
CA VAL A 1248 -34.26 92.55 17.86
C VAL A 1248 -33.81 91.33 17.09
N PRO A 1249 -34.05 91.31 15.77
CA PRO A 1249 -33.57 90.23 14.91
C PRO A 1249 -32.06 90.26 14.79
N PRO A 1250 -31.43 89.11 14.61
CA PRO A 1250 -30.06 89.25 14.12
C PRO A 1250 -30.14 89.79 12.72
N GLU A 1251 -29.15 90.60 12.36
CA GLU A 1251 -29.27 91.52 11.24
C GLU A 1251 -30.44 92.46 11.38
N HIS A 1252 -30.27 93.40 12.29
CA HIS A 1252 -30.91 94.71 12.15
C HIS A 1252 -29.95 95.42 11.23
N PRO A 1253 -30.33 96.52 10.58
CA PRO A 1253 -29.35 97.25 9.80
C PRO A 1253 -28.06 97.48 10.57
N HIS A 1254 -28.20 97.77 11.88
CA HIS A 1254 -27.41 97.09 12.90
C HIS A 1254 -27.54 97.64 14.31
N TYR A 1255 -28.00 96.76 15.22
CA TYR A 1255 -27.86 96.96 16.66
C TYR A 1255 -27.39 95.65 17.33
N GLU A 1256 -26.10 95.55 17.55
CA GLU A 1256 -25.51 94.35 18.13
C GLU A 1256 -25.87 94.25 19.58
N VAL A 1257 -25.98 93.00 20.01
CA VAL A 1257 -26.20 92.75 21.41
C VAL A 1257 -25.52 91.46 21.84
N ALA A 1258 -25.04 91.42 23.09
CA ALA A 1258 -24.32 90.26 23.56
C ALA A 1258 -24.49 89.95 25.04
N ARG A 1259 -25.19 88.86 25.28
CA ARG A 1259 -25.36 88.31 26.60
C ARG A 1259 -24.04 87.82 27.22
N MET A 1260 -23.81 88.03 28.52
CA MET A 1260 -22.64 87.42 29.19
C MET A 1260 -22.63 87.45 30.72
N ASP A 1261 -21.71 86.65 31.28
CA ASP A 1261 -21.46 86.63 32.73
C ASP A 1261 -20.86 87.95 33.22
N LEU A 1272 -20.21 88.58 37.57
CA LEU A 1272 -21.09 89.76 37.45
C LEU A 1272 -21.85 89.79 36.10
N ALA A 1273 -23.08 89.25 36.06
CA ALA A 1273 -23.84 89.12 34.81
C ALA A 1273 -24.27 90.47 34.19
N HIS A 1274 -24.06 90.59 32.88
CA HIS A 1274 -24.32 91.83 32.11
C HIS A 1274 -24.44 91.56 30.56
N ARG A 1275 -24.62 92.57 29.71
CA ARG A 1275 -24.53 92.40 28.26
C ARG A 1275 -23.88 93.60 27.53
N THR A 1276 -23.24 93.39 26.37
CA THR A 1276 -22.56 94.48 25.63
C THR A 1276 -23.30 94.93 24.34
N TRP A 1277 -22.93 96.12 23.81
CA TRP A 1277 -23.72 96.81 22.76
C TRP A 1277 -22.91 97.62 21.78
N GLY A 1278 -23.51 98.07 20.67
CA GLY A 1278 -22.81 98.91 19.67
C GLY A 1278 -23.53 99.06 18.30
N SER A 1279 -23.60 100.30 17.82
CA SER A 1279 -24.11 100.62 16.48
C SER A 1279 -23.31 99.99 15.33
N GLN A 1280 -22.01 99.82 15.56
CA GLN A 1280 -21.07 99.33 14.58
C GLN A 1280 -21.03 100.19 13.29
N ASN A 1281 -21.91 99.88 12.33
CA ASN A 1281 -21.97 100.63 11.06
C ASN A 1281 -22.46 102.04 11.30
N SER A 1282 -21.97 102.98 10.48
CA SER A 1282 -22.50 104.33 10.49
C SER A 1282 -24.03 104.27 10.12
N LEU A 1283 -24.91 104.86 10.96
CA LEU A 1283 -26.39 104.61 10.96
C LEU A 1283 -27.09 105.62 11.90
N VAL A 1284 -28.35 105.80 11.59
CA VAL A 1284 -29.14 106.94 11.98
C VAL A 1284 -29.55 107.01 13.44
N GLU A 1285 -30.57 107.83 13.72
CA GLU A 1285 -31.01 108.25 15.05
C GLU A 1285 -31.61 107.20 15.98
N MET A 1286 -31.29 107.36 17.26
CA MET A 1286 -32.11 106.89 18.37
C MET A 1286 -32.30 105.40 18.57
N LEU A 1287 -32.36 105.03 19.84
CA LEU A 1287 -32.61 103.65 20.25
C LEU A 1287 -33.53 103.69 21.44
N PHE A 1288 -34.75 103.38 21.19
CA PHE A 1288 -35.70 103.26 22.26
C PHE A 1288 -35.54 101.84 22.83
N LEU A 1289 -34.62 101.72 23.76
CA LEU A 1289 -34.24 100.43 24.27
C LEU A 1289 -35.24 99.82 25.24
N ARG A 1290 -36.32 99.21 24.71
CA ARG A 1290 -37.41 98.73 25.59
C ARG A 1290 -37.21 97.32 26.02
N LEU A 1291 -36.76 97.11 27.24
CA LEU A 1291 -36.71 95.79 27.78
C LEU A 1291 -38.13 95.36 28.07
N SER A 1292 -38.40 94.10 27.74
CA SER A 1292 -39.79 93.61 27.75
C SER A 1292 -40.44 93.50 29.10
N LEU A 1293 -39.67 93.34 30.15
CA LEU A 1293 -40.21 92.75 31.37
C LEU A 1293 -40.71 93.80 32.38
N PRO A 1294 -42.03 93.81 32.68
CA PRO A 1294 -42.70 94.66 33.68
C PRO A 1294 -42.26 94.40 35.11
N VAL A 1295 -42.17 95.43 35.92
CA VAL A 1295 -41.82 95.22 37.32
C VAL A 1295 -42.99 94.74 38.19
N GLN A 1296 -42.85 93.74 39.02
CA GLN A 1296 -43.97 93.22 39.86
C GLN A 1296 -44.21 94.02 41.19
N PHE A 1297 -45.42 94.13 41.79
CA PHE A 1297 -45.57 94.72 43.19
C PHE A 1297 -46.05 93.89 44.40
N THR A 1432 -36.18 97.45 47.50
CA THR A 1432 -35.59 96.15 47.83
C THR A 1432 -34.50 95.80 46.75
N TYR A 1433 -34.99 95.55 45.53
CA TYR A 1433 -34.10 95.21 44.40
C TYR A 1433 -33.56 96.34 43.61
N TYR A 1434 -32.22 96.44 43.56
CA TYR A 1434 -31.54 97.32 42.59
C TYR A 1434 -31.57 96.76 41.17
N TYR A 1435 -31.52 97.67 40.19
CA TYR A 1435 -31.42 97.34 38.77
C TYR A 1435 -30.44 98.30 38.17
N SER A 1436 -29.61 97.84 37.21
CA SER A 1436 -28.42 98.59 36.84
C SER A 1436 -28.07 98.65 35.33
N VAL A 1437 -27.57 99.80 34.82
CA VAL A 1437 -27.26 99.98 33.38
C VAL A 1437 -26.20 101.09 33.27
N ARG A 1438 -24.94 100.68 33.23
CA ARG A 1438 -23.87 101.65 32.96
C ARG A 1438 -23.91 102.17 31.49
N VAL A 1439 -23.54 103.42 31.25
CA VAL A 1439 -23.40 104.00 29.87
C VAL A 1439 -22.04 104.73 29.78
N PHE A 1440 -21.30 104.68 28.65
CA PHE A 1440 -19.93 105.26 28.57
C PHE A 1440 -19.66 106.07 27.28
N ALA A 1441 -20.72 106.60 26.64
CA ALA A 1441 -20.56 107.40 25.39
C ALA A 1441 -21.83 108.18 25.16
N CYS A 1447 -27.12 113.69 27.68
CA CYS A 1447 -27.29 113.49 26.17
C CYS A 1447 -28.24 112.34 25.89
N VAL A 1448 -28.48 111.55 26.93
CA VAL A 1448 -29.31 110.33 26.85
C VAL A 1448 -30.34 110.31 27.96
N TRP A 1449 -31.55 109.90 27.60
CA TRP A 1449 -32.73 109.99 28.47
C TRP A 1449 -32.97 108.72 29.30
N VAL A 1450 -32.18 108.51 30.38
CA VAL A 1450 -32.48 107.40 31.35
C VAL A 1450 -33.83 107.71 32.11
N GLY A 1451 -34.63 106.65 32.34
CA GLY A 1451 -35.94 106.78 32.95
C GLY A 1451 -36.85 105.66 32.52
N TRP A 1452 -37.28 104.89 33.52
CA TRP A 1452 -37.95 103.63 33.26
C TRP A 1452 -39.31 103.78 32.59
N VAL A 1453 -39.51 102.97 31.55
CA VAL A 1453 -40.64 103.12 30.63
C VAL A 1453 -42.00 102.64 31.12
N THR A 1454 -43.00 103.36 30.64
CA THR A 1454 -44.37 102.96 30.72
C THR A 1454 -44.73 102.02 29.56
N PRO A 1455 -45.28 100.86 29.90
CA PRO A 1455 -45.56 99.85 28.93
C PRO A 1455 -46.43 100.18 27.71
N ASP A 1456 -47.43 101.01 27.87
CA ASP A 1456 -48.39 101.23 26.78
C ASP A 1456 -47.83 102.21 25.77
N TYR A 1457 -46.67 102.83 26.01
CA TYR A 1457 -46.23 104.05 25.27
C TYR A 1457 -45.89 104.02 23.74
N HIS A 1458 -45.56 105.19 23.18
CA HIS A 1458 -45.17 105.34 21.74
C HIS A 1458 -45.04 106.80 21.20
N GLN A 1459 -44.29 106.97 20.09
CA GLN A 1459 -44.00 108.24 19.38
C GLN A 1459 -42.55 108.20 18.84
N HIS A 1460 -42.09 109.09 17.94
CA HIS A 1460 -40.70 108.87 17.63
C HIS A 1460 -39.82 110.18 17.62
N ASP A 1461 -38.50 110.06 17.76
CA ASP A 1461 -37.53 111.19 17.62
C ASP A 1461 -37.57 112.21 18.76
N MET A 1462 -36.39 112.74 19.05
CA MET A 1462 -36.25 113.73 20.08
C MET A 1462 -36.82 113.32 21.47
N ASN A 1463 -38.08 113.62 21.78
CA ASN A 1463 -38.69 113.15 23.03
C ASN A 1463 -37.98 113.45 24.40
N PHE A 1464 -37.78 114.72 24.61
CA PHE A 1464 -37.18 115.23 25.89
C PHE A 1464 -38.06 116.29 26.50
N ASP A 1465 -38.73 115.77 27.50
CA ASP A 1465 -39.63 114.72 27.25
C ASP A 1465 -41.09 114.92 26.81
N LEU A 1466 -41.39 114.68 25.53
CA LEU A 1466 -42.75 114.63 25.04
C LEU A 1466 -43.56 113.33 25.38
N SER A 1467 -43.89 113.05 26.66
CA SER A 1467 -44.69 111.81 27.06
C SER A 1467 -46.18 111.85 26.71
N VAL A 1472 -48.15 114.35 33.61
CA VAL A 1472 -49.30 113.50 33.87
C VAL A 1472 -49.60 113.41 35.36
N THR A 1473 -50.72 114.00 35.75
CA THR A 1473 -51.18 114.01 37.14
C THR A 1473 -52.69 114.05 37.21
N VAL A 1474 -53.23 113.65 38.37
CA VAL A 1474 -54.65 113.64 38.59
C VAL A 1474 -54.99 113.95 40.02
N THR A 1475 -55.70 115.04 40.22
CA THR A 1475 -56.28 115.32 41.51
C THR A 1475 -57.37 114.34 41.86
N MET A 1476 -57.37 113.90 43.10
CA MET A 1476 -58.45 113.04 43.61
C MET A 1476 -59.40 113.89 44.47
N GLY A 1477 -60.07 114.79 43.76
CA GLY A 1477 -60.80 115.78 44.46
C GLY A 1477 -62.12 115.26 44.99
N ASP A 1478 -62.70 116.08 45.85
CA ASP A 1478 -64.07 115.88 46.40
C ASP A 1478 -64.95 117.13 45.99
N GLU A 1479 -64.76 117.61 44.76
CA GLU A 1479 -65.39 118.85 44.15
C GLU A 1479 -64.87 120.16 44.77
N GLN A 1480 -64.69 120.09 46.10
CA GLN A 1480 -64.09 121.18 46.90
C GLN A 1480 -62.67 121.55 46.39
N GLY A 1481 -61.97 120.56 45.85
CA GLY A 1481 -60.57 120.72 45.56
C GLY A 1481 -59.67 120.40 46.75
N ASN A 1482 -60.23 120.11 47.94
CA ASN A 1482 -59.35 119.69 49.11
C ASN A 1482 -58.59 118.40 48.82
N VAL A 1483 -59.26 117.56 48.03
CA VAL A 1483 -58.67 116.36 47.43
C VAL A 1483 -58.26 115.32 48.46
N HIS A 1484 -58.65 114.08 48.19
CA HIS A 1484 -58.11 112.95 48.92
C HIS A 1484 -56.76 112.57 48.27
N SER A 1485 -55.75 113.41 48.57
CA SER A 1485 -54.42 113.33 47.95
C SER A 1485 -54.51 113.51 46.40
N SER A 1486 -53.38 113.51 45.69
CA SER A 1486 -53.35 113.66 44.19
C SER A 1486 -52.10 113.06 43.65
N LEU A 1487 -52.20 112.33 42.57
CA LEU A 1487 -51.14 111.41 42.21
C LEU A 1487 -50.89 111.37 40.73
N LYS A 1488 -50.76 110.16 40.18
CA LYS A 1488 -50.40 109.94 38.77
C LYS A 1488 -49.00 110.47 38.38
N CYS A 1489 -48.14 109.57 37.90
CA CYS A 1489 -46.76 109.89 37.57
C CYS A 1489 -46.11 108.76 36.71
N SER A 1490 -45.01 109.11 36.07
CA SER A 1490 -44.29 108.23 35.15
C SER A 1490 -45.14 107.65 34.01
N ASN A 1491 -46.04 108.41 33.38
CA ASN A 1491 -46.81 107.94 32.18
C ASN A 1491 -46.20 108.35 30.81
N TYR A 1493 -43.13 107.74 31.62
CA TYR A 1493 -41.74 107.29 31.88
C TYR A 1493 -40.93 108.28 32.69
N MET A 1494 -39.67 108.48 32.33
CA MET A 1494 -38.80 109.50 32.90
C MET A 1494 -37.66 109.84 31.88
N VAL A 1495 -37.00 111.00 32.06
CA VAL A 1495 -35.99 111.49 31.10
C VAL A 1495 -34.75 112.09 31.83
N TRP A 1496 -33.60 112.14 31.15
CA TRP A 1496 -32.31 112.62 31.77
C TRP A 1496 -31.32 113.22 30.72
N GLY A 1497 -30.29 113.92 31.27
CA GLY A 1497 -29.32 114.72 30.52
C GLY A 1497 -27.94 114.54 31.02
N SER A 1510 -15.77 113.37 30.46
CA SER A 1510 -16.30 112.18 29.80
C SER A 1510 -16.54 111.06 30.81
N HIS A 1511 -17.15 111.40 31.94
CA HIS A 1511 -17.45 110.42 32.98
C HIS A 1511 -18.56 109.47 32.54
N THR A 1512 -18.35 108.18 32.77
CA THR A 1512 -19.33 107.17 32.40
C THR A 1512 -20.68 107.45 33.04
N ASP A 1513 -21.69 106.67 32.67
CA ASP A 1513 -23.03 106.84 33.20
C ASP A 1513 -23.59 105.52 33.72
N LEU A 1514 -23.89 105.47 35.02
CA LEU A 1514 -24.43 104.27 35.64
C LEU A 1514 -25.83 104.52 36.20
N VAL A 1515 -26.55 103.44 36.48
CA VAL A 1515 -27.90 103.55 37.03
C VAL A 1515 -28.25 102.32 37.86
N ILE A 1516 -28.26 102.48 39.18
CA ILE A 1516 -28.58 101.38 40.10
C ILE A 1516 -29.90 101.67 40.85
N GLY A 1517 -31.03 101.81 40.13
CA GLY A 1517 -32.26 102.19 40.78
C GLY A 1517 -32.86 101.05 41.62
N CYS A 1518 -33.17 101.39 42.87
CA CYS A 1518 -33.82 100.44 43.76
C CYS A 1518 -35.31 100.40 43.52
N LEU A 1519 -35.94 99.26 43.87
CA LEU A 1519 -37.41 99.15 43.83
C LEU A 1519 -38.00 98.19 44.88
N VAL A 1520 -39.26 98.44 45.32
CA VAL A 1520 -39.96 97.64 46.35
C VAL A 1520 -39.24 97.59 47.69
N GLY A 1525 -44.57 99.77 46.79
CA GLY A 1525 -43.28 100.44 46.75
C GLY A 1525 -43.43 101.82 46.10
N LEU A 1526 -42.32 102.42 45.65
CA LEU A 1526 -42.32 103.61 44.75
C LEU A 1526 -40.95 103.79 44.04
N MET A 1527 -40.91 104.49 42.91
CA MET A 1527 -39.69 104.66 42.15
C MET A 1527 -38.65 105.50 42.92
N THR A 1528 -37.40 105.06 42.81
CA THR A 1528 -36.25 105.69 43.45
C THR A 1528 -35.08 105.80 42.47
N PHE A 1529 -34.98 106.95 41.85
CA PHE A 1529 -33.97 107.13 40.83
C PHE A 1529 -32.57 107.18 41.44
N THR A 1530 -31.56 106.71 40.69
CA THR A 1530 -30.17 106.89 41.12
C THR A 1530 -29.23 107.36 39.99
N ALA A 1531 -29.52 108.58 39.50
CA ALA A 1531 -28.77 109.22 38.38
C ALA A 1531 -27.25 109.24 38.61
N ASN A 1532 -26.41 108.79 37.67
CA ASN A 1532 -24.94 108.94 37.78
C ASN A 1532 -24.42 108.25 39.04
N GLY A 1533 -25.03 107.11 39.40
CA GLY A 1533 -24.66 106.36 40.63
C GLY A 1533 -25.09 107.03 41.93
N LYS A 1534 -24.76 108.30 42.09
CA LYS A 1534 -25.16 109.11 43.25
C LYS A 1534 -26.69 109.28 43.37
N GLU A 1535 -27.20 109.44 44.57
CA GLU A 1535 -28.65 109.78 44.73
C GLU A 1535 -28.98 111.16 44.14
N SER A 1536 -30.13 111.37 43.50
CA SER A 1536 -30.59 112.75 43.10
C SER A 1536 -32.11 112.93 43.14
N ASN A 1537 -32.71 112.47 44.22
CA ASN A 1537 -34.18 112.46 44.35
C ASN A 1537 -34.90 111.59 43.28
N THR A 1538 -36.25 111.61 43.32
CA THR A 1538 -37.14 110.82 42.40
C THR A 1538 -38.57 111.39 42.39
N PHE A 1539 -38.89 112.20 41.38
CA PHE A 1539 -40.22 112.80 41.27
C PHE A 1539 -41.31 111.73 41.14
N PHE A 1540 -40.96 110.62 40.51
CA PHE A 1540 -41.92 109.53 40.34
C PHE A 1540 -42.20 108.80 41.67
N GLN A 1541 -43.46 108.39 41.79
CA GLN A 1541 -43.91 107.42 42.78
C GLN A 1541 -45.32 106.83 42.45
N VAL A 1542 -45.40 105.56 42.02
CA VAL A 1542 -46.72 104.90 41.88
C VAL A 1542 -46.70 103.41 42.12
N GLU A 1543 -47.34 102.93 43.19
CA GLU A 1543 -47.55 101.48 43.36
C GLU A 1543 -49.02 101.09 43.70
N PRO A 1544 -49.94 101.13 42.68
CA PRO A 1544 -51.26 100.45 42.77
C PRO A 1544 -51.23 98.92 42.39
N ASN A 1545 -50.21 98.17 42.85
CA ASN A 1545 -50.01 96.76 42.41
C ASN A 1545 -49.76 96.61 40.85
N THR A 1546 -49.43 97.67 40.12
CA THR A 1546 -49.16 97.61 38.69
C THR A 1546 -47.77 97.04 38.32
N LYS A 1547 -47.71 96.46 37.15
CA LYS A 1547 -46.48 96.10 36.50
C LYS A 1547 -46.08 97.14 35.47
N LEU A 1548 -44.79 97.46 35.41
CA LEU A 1548 -44.25 98.50 34.50
C LEU A 1548 -42.78 98.30 34.08
N PHE A 1549 -42.39 98.92 32.97
CA PHE A 1549 -41.07 98.70 32.40
C PHE A 1549 -39.96 99.48 33.05
N PRO A 1550 -38.78 98.87 33.10
CA PRO A 1550 -37.48 99.52 33.26
C PRO A 1550 -36.68 99.61 31.95
N ALA A 1551 -36.46 100.82 31.45
CA ALA A 1551 -35.76 100.98 30.14
C ALA A 1551 -35.25 102.41 29.87
N VAL A 1552 -34.50 102.59 28.77
CA VAL A 1552 -33.94 103.88 28.39
C VAL A 1552 -34.03 104.22 26.89
N PHE A 1553 -34.28 105.49 26.53
CA PHE A 1553 -34.23 105.94 25.12
C PHE A 1553 -32.90 106.54 24.68
N VAL A 1554 -31.88 105.71 24.48
CA VAL A 1554 -30.55 106.21 24.07
C VAL A 1554 -30.45 106.84 22.66
N LEU A 1555 -29.67 107.90 22.58
CA LEU A 1555 -29.17 108.41 21.33
C LEU A 1555 -27.71 107.91 21.13
N PRO A 1556 -27.47 107.16 20.08
CA PRO A 1556 -26.15 106.52 19.86
C PRO A 1556 -24.92 107.43 19.73
N THR A 1557 -23.78 107.01 20.28
CA THR A 1557 -22.46 107.67 20.10
C THR A 1557 -21.61 106.90 19.12
N HIS A 1558 -22.31 106.39 18.08
CA HIS A 1558 -21.74 105.45 17.11
C HIS A 1558 -21.14 104.22 17.80
N GLN A 1559 -19.80 104.15 17.92
CA GLN A 1559 -19.18 102.95 18.49
C GLN A 1559 -19.51 102.71 19.97
N ASN A 1560 -19.79 101.43 20.29
CA ASN A 1560 -20.08 100.97 21.63
C ASN A 1560 -21.08 101.83 22.43
N VAL A 1561 -22.31 101.82 21.88
CA VAL A 1561 -23.44 102.65 22.38
C VAL A 1561 -23.79 102.61 23.89
N ILE A 1562 -23.76 101.44 24.51
CA ILE A 1562 -24.16 101.34 25.92
C ILE A 1562 -23.71 100.06 26.62
N GLN A 1563 -23.43 100.16 27.93
CA GLN A 1563 -23.22 98.97 28.76
C GLN A 1563 -24.56 98.57 29.43
N PHE A 1564 -24.70 97.40 30.05
CA PHE A 1564 -26.02 97.06 30.63
C PHE A 1564 -25.91 95.95 31.71
N GLU A 1565 -26.84 95.84 32.66
CA GLU A 1565 -26.76 94.70 33.67
C GLU A 1565 -27.95 93.83 33.78
N ALA A 1577 -30.08 95.53 49.78
CA ALA A 1577 -29.79 95.65 48.37
C ALA A 1577 -29.47 94.29 47.81
N ALA A 1578 -30.16 93.94 46.71
CA ALA A 1578 -30.07 92.62 46.01
C ALA A 1578 -30.46 92.70 44.48
N MET A 1579 -29.76 91.91 43.64
CA MET A 1579 -29.92 91.99 42.18
C MET A 1579 -31.33 91.56 41.70
N PHE A 1580 -31.85 92.25 40.69
CA PHE A 1580 -33.24 92.09 40.21
C PHE A 1580 -33.44 90.83 39.38
N LEU A 1581 -32.37 90.18 38.98
CA LEU A 1581 -32.53 89.28 37.77
C LEU A 1581 -32.97 87.92 38.28
N SER A 1582 -34.18 87.86 38.81
CA SER A 1582 -34.64 86.70 39.64
C SER A 1582 -36.04 86.96 40.12
N GLU A 1583 -36.24 88.06 40.84
CA GLU A 1583 -37.56 88.42 41.36
C GLU A 1583 -38.54 88.64 40.22
N ARG A 1584 -38.01 89.09 39.07
CA ARG A 1584 -38.78 89.24 37.87
C ARG A 1584 -39.44 87.94 37.50
N LYS A 1585 -38.70 86.85 37.61
CA LYS A 1585 -39.24 85.48 37.49
C LYS A 1585 -39.99 85.04 38.76
N ASN A 1586 -40.88 84.05 38.66
CA ASN A 1586 -41.57 83.58 39.85
C ASN A 1586 -40.74 83.14 41.00
N PRO A 1587 -39.67 82.38 40.75
CA PRO A 1587 -38.92 81.98 41.92
C PRO A 1587 -38.18 83.10 42.65
N ALA A 1588 -38.85 84.23 43.01
CA ALA A 1588 -38.41 85.27 43.96
C ALA A 1588 -38.19 84.59 45.28
N PRO A 1589 -37.34 85.26 46.06
CA PRO A 1589 -36.04 85.75 45.64
C PRO A 1589 -35.06 85.01 44.77
N GLN A 1590 -34.45 83.94 45.28
CA GLN A 1590 -33.28 83.32 44.66
C GLN A 1590 -32.31 84.45 44.24
N CYS A 1591 -31.70 85.09 45.25
CA CYS A 1591 -31.04 86.39 45.08
C CYS A 1591 -29.95 86.50 44.02
N PRO A 1592 -29.05 85.51 43.87
CA PRO A 1592 -28.00 85.71 42.86
C PRO A 1592 -28.49 85.98 41.42
N PRO A 1593 -27.80 86.87 40.67
CA PRO A 1593 -28.19 87.28 39.30
C PRO A 1593 -28.13 86.11 38.27
N ARG A 1594 -29.08 86.07 37.33
CA ARG A 1594 -29.23 84.94 36.41
C ARG A 1594 -29.80 85.41 35.09
N LEU A 1595 -28.92 85.81 34.21
CA LEU A 1595 -29.35 86.18 32.89
C LEU A 1595 -29.70 84.92 32.12
N GLU A 1596 -30.65 85.09 31.22
CA GLU A 1596 -31.39 83.96 30.74
C GLU A 1596 -32.20 84.32 29.52
N VAL A 1597 -32.79 83.28 28.97
CA VAL A 1597 -33.40 83.32 27.69
C VAL A 1597 -34.53 84.32 27.58
N GLN A 1598 -35.31 84.50 28.62
CA GLN A 1598 -36.42 85.45 28.54
C GLN A 1598 -35.94 86.88 28.93
N MET A 1599 -34.66 87.05 29.19
CA MET A 1599 -34.18 88.43 29.47
C MET A 1599 -34.25 89.31 28.26
N LEU A 1600 -35.44 89.63 27.85
CA LEU A 1600 -35.65 90.01 26.48
C LEU A 1600 -35.06 91.36 26.07
N MET A 1601 -34.74 91.51 24.79
CA MET A 1601 -34.49 92.79 24.23
C MET A 1601 -35.32 93.22 23.02
N PRO A 1602 -36.59 93.58 23.26
CA PRO A 1602 -37.45 94.05 22.18
C PRO A 1602 -37.60 95.53 22.03
N VAL A 1603 -36.79 96.10 21.18
CA VAL A 1603 -36.90 97.51 20.95
C VAL A 1603 -38.23 97.86 20.26
N SER A 1604 -38.82 98.99 20.57
CA SER A 1604 -39.98 99.45 19.78
C SER A 1604 -39.49 99.95 18.45
N TRP A 1605 -40.22 99.71 17.36
CA TRP A 1605 -39.71 100.14 16.05
C TRP A 1605 -40.64 101.02 15.40
N SER A 1606 -41.52 100.49 14.55
CA SER A 1606 -42.49 101.30 13.97
C SER A 1606 -43.72 100.59 13.44
N ARG A 1607 -43.95 100.75 12.15
CA ARG A 1607 -45.19 100.37 11.49
C ARG A 1607 -45.37 98.84 11.48
N MET A 1608 -46.52 98.30 11.83
CA MET A 1608 -46.74 96.83 11.75
C MET A 1608 -48.18 96.51 11.33
N PRO A 1609 -48.36 95.39 10.68
CA PRO A 1609 -49.58 95.04 10.07
C PRO A 1609 -50.61 94.32 10.96
N ASN A 1610 -51.49 95.07 11.60
CA ASN A 1610 -52.64 94.47 12.24
C ASN A 1610 -53.81 94.18 11.30
N HIS A 1611 -54.59 93.19 11.67
CA HIS A 1611 -55.63 92.65 10.81
C HIS A 1611 -56.79 93.61 10.52
N PHE A 1612 -57.32 93.54 9.33
CA PHE A 1612 -58.40 94.40 8.93
C PHE A 1612 -59.74 94.23 9.68
N LEU A 1613 -60.00 93.02 10.13
CA LEU A 1613 -61.27 92.62 10.71
C LEU A 1613 -62.44 92.57 9.69
N GLN A 1614 -62.91 91.37 9.27
CA GLN A 1614 -63.98 91.21 8.21
C GLN A 1614 -65.27 92.01 8.50
N VAL A 1615 -65.65 92.13 9.76
CA VAL A 1615 -66.91 92.87 10.12
C VAL A 1615 -66.70 93.65 11.41
N GLU A 1616 -67.34 94.81 11.61
CA GLU A 1616 -67.23 95.44 12.95
C GLU A 1616 -68.34 96.39 13.42
N THR A 1617 -68.68 97.39 12.63
CA THR A 1617 -69.56 98.45 13.12
C THR A 1617 -70.69 98.80 12.13
N ARG A 1618 -71.81 99.28 12.63
CA ARG A 1618 -72.98 99.56 11.79
C ARG A 1618 -73.59 100.93 12.17
N ARG A 1619 -72.71 101.92 12.37
CA ARG A 1619 -73.13 103.23 12.91
C ARG A 1619 -74.01 104.02 11.92
N ALA A 1620 -74.95 104.79 12.48
CA ALA A 1620 -75.82 105.66 11.72
C ALA A 1620 -75.95 107.04 12.45
N GLY A 1621 -76.07 108.06 11.58
CA GLY A 1621 -75.88 109.46 11.97
C GLY A 1621 -77.08 110.33 11.75
N GLU A 1622 -76.91 111.61 12.10
CA GLU A 1622 -77.99 112.57 12.06
C GLU A 1622 -77.43 113.97 12.31
N ARG A 1623 -78.18 114.97 11.84
CA ARG A 1623 -77.81 116.38 11.95
C ARG A 1623 -78.99 117.36 12.39
N LEU A 1624 -78.68 118.63 12.69
CA LEU A 1624 -79.52 119.56 13.49
C LEU A 1624 -79.90 118.89 14.82
N GLY A 1625 -78.95 118.16 15.43
CA GLY A 1625 -79.16 117.36 16.67
C GLY A 1625 -78.01 116.33 16.94
N TRP A 1626 -77.42 115.78 15.87
CA TRP A 1626 -76.23 114.83 15.97
C TRP A 1626 -76.46 113.66 16.89
N ALA A 1627 -77.64 113.07 16.73
CA ALA A 1627 -78.05 111.96 17.55
C ALA A 1627 -77.46 110.67 16.96
N VAL A 1628 -76.15 110.51 17.11
CA VAL A 1628 -75.44 109.35 16.55
C VAL A 1628 -75.84 108.04 17.21
N GLN A 1629 -75.91 106.98 16.42
CA GLN A 1629 -76.38 105.71 16.91
C GLN A 1629 -75.68 104.59 16.18
N CYS A 1630 -75.59 103.47 16.88
CA CYS A 1630 -75.11 102.24 16.26
C CYS A 1630 -75.79 101.02 16.87
N GLN A 1631 -75.78 99.90 16.14
CA GLN A 1631 -76.58 98.71 16.54
C GLN A 1631 -75.69 97.56 17.04
N ASP A 1632 -75.87 96.34 16.52
CA ASP A 1632 -75.54 95.11 17.24
C ASP A 1632 -74.06 94.90 17.39
N PRO A 1633 -73.61 94.69 18.63
CA PRO A 1633 -72.22 94.35 18.95
C PRO A 1633 -71.82 92.96 18.48
N LEU A 1634 -70.55 92.88 18.12
CA LEU A 1634 -69.93 91.69 17.72
C LEU A 1634 -68.59 91.66 18.43
N THR A 1635 -68.19 90.46 18.76
CA THR A 1635 -67.08 90.24 19.63
C THR A 1635 -65.72 90.55 19.02
N MET A 1636 -64.87 91.13 19.85
CA MET A 1636 -63.44 91.08 19.63
C MET A 1636 -62.98 89.73 20.14
N MET A 1637 -63.09 88.73 19.27
CA MET A 1637 -62.56 87.48 19.63
C MET A 1637 -61.07 87.70 19.78
N ALA A 1638 -60.46 87.24 20.87
CA ALA A 1638 -59.06 87.59 21.12
C ALA A 1638 -58.32 86.84 22.22
N LEU A 1639 -56.99 86.97 22.15
CA LEU A 1639 -56.10 86.55 23.23
C LEU A 1639 -55.22 87.70 23.57
N HIS A 1640 -54.25 87.49 24.45
CA HIS A 1640 -53.27 88.53 24.65
C HIS A 1640 -52.06 87.92 25.20
N ILE A 1641 -50.94 88.58 24.92
CA ILE A 1641 -49.73 88.30 25.65
C ILE A 1641 -49.97 88.84 27.02
N PRO A 1642 -49.91 87.96 28.01
CA PRO A 1642 -50.21 88.35 29.35
C PRO A 1642 -49.31 89.47 29.86
N GLU A 1643 -48.06 89.44 29.45
CA GLU A 1643 -47.15 90.49 29.75
C GLU A 1643 -47.38 91.63 28.84
N GLU A 1644 -47.20 92.85 29.34
CA GLU A 1644 -47.47 94.03 28.53
C GLU A 1644 -48.77 93.90 27.78
N ASN A 1645 -49.86 93.85 28.54
CA ASN A 1645 -51.11 93.31 28.02
C ASN A 1645 -51.62 94.04 26.78
N ARG A 1646 -52.03 93.26 25.80
CA ARG A 1646 -52.45 93.76 24.48
C ARG A 1646 -53.37 92.77 23.84
N CYS A 1647 -54.64 93.11 23.76
CA CYS A 1647 -55.58 92.28 23.08
C CYS A 1647 -55.25 92.15 21.58
N MET A 1648 -55.37 90.90 21.08
CA MET A 1648 -55.09 90.52 19.72
C MET A 1648 -56.04 89.35 19.39
N ASP A 1649 -56.70 89.40 18.24
CA ASP A 1649 -57.54 88.28 17.80
C ASP A 1649 -56.68 87.18 17.50
N ILE A 1650 -57.21 86.02 17.77
CA ILE A 1650 -56.35 84.91 17.79
C ILE A 1650 -55.83 84.64 16.38
N LEU A 1651 -56.65 85.00 15.42
CA LEU A 1651 -56.32 84.71 14.08
C LEU A 1651 -55.06 85.45 13.60
N GLU A 1652 -54.72 86.50 14.33
CA GLU A 1652 -53.53 87.26 14.07
C GLU A 1652 -52.29 86.40 14.26
N LEU A 1653 -52.43 85.39 15.10
CA LEU A 1653 -51.33 84.50 15.34
C LEU A 1653 -51.13 83.55 14.21
N SER A 1654 -52.10 83.46 13.30
CA SER A 1654 -52.00 82.53 12.18
C SER A 1654 -50.82 82.87 11.32
N GLU A 1655 -50.43 84.12 11.32
CA GLU A 1655 -49.38 84.53 10.42
C GLU A 1655 -48.04 84.80 11.11
N ARG A 1656 -48.08 85.33 12.33
CA ARG A 1656 -46.89 85.23 13.17
C ARG A 1656 -47.02 83.95 13.99
N LEU A 1657 -46.76 82.88 13.27
CA LEU A 1657 -47.24 81.56 13.61
C LEU A 1657 -46.50 80.87 14.69
N ASP A 1658 -45.41 81.48 15.10
CA ASP A 1658 -44.66 80.90 16.12
C ASP A 1658 -45.48 80.87 17.39
N LEU A 1659 -46.19 81.96 17.61
CA LEU A 1659 -47.07 82.03 18.71
C LEU A 1659 -48.23 81.11 18.54
N GLN A 1660 -48.60 80.88 17.31
CA GLN A 1660 -49.61 79.89 17.04
C GLN A 1660 -49.17 78.50 17.47
N ARG A 1661 -47.90 78.26 17.31
CA ARG A 1661 -47.36 77.00 17.69
C ARG A 1661 -47.37 76.91 19.20
N PHE A 1662 -47.02 78.00 19.84
CA PHE A 1662 -47.03 78.01 21.26
C PHE A 1662 -48.42 77.83 21.83
N HIS A 1663 -49.38 78.41 21.16
CA HIS A 1663 -50.71 78.31 21.63
C HIS A 1663 -51.24 76.98 21.45
N SER A 1664 -50.96 76.44 20.29
CA SER A 1664 -51.41 75.16 20.00
C SER A 1664 -50.89 74.11 20.95
N HIS A 1665 -49.65 74.28 21.33
CA HIS A 1665 -49.13 73.43 22.36
C HIS A 1665 -49.79 73.71 23.73
N THR A 1666 -50.26 74.92 23.95
CA THR A 1666 -51.00 75.14 25.16
C THR A 1666 -52.30 74.37 25.21
N LEU A 1667 -52.81 74.17 24.04
CA LEU A 1667 -54.05 73.46 23.90
C LEU A 1667 -53.88 71.98 23.96
N ARG A 1668 -52.76 71.51 23.41
CA ARG A 1668 -52.40 70.15 23.60
C ARG A 1668 -52.26 69.94 25.06
N LEU A 1669 -51.75 70.96 25.72
CA LEU A 1669 -51.46 70.85 27.09
C LEU A 1669 -52.65 70.67 27.90
N TYR A 1670 -53.61 71.50 27.67
CA TYR A 1670 -54.77 71.35 28.44
C TYR A 1670 -55.46 70.08 28.14
N ARG A 1671 -55.34 69.67 26.90
CA ARG A 1671 -55.97 68.48 26.44
C ARG A 1671 -55.44 67.30 27.21
N ALA A 1672 -54.15 67.36 27.53
CA ALA A 1672 -53.51 66.39 28.40
C ALA A 1672 -53.85 66.61 29.82
N VAL A 1673 -54.21 67.82 30.12
CA VAL A 1673 -54.57 68.14 31.40
C VAL A 1673 -55.90 67.61 31.77
N CYS A 1674 -56.74 67.33 30.81
CA CYS A 1674 -58.00 66.76 31.19
C CYS A 1674 -57.88 65.35 31.85
N ALA A 1675 -56.81 64.63 31.54
CA ALA A 1675 -56.55 63.32 32.14
C ALA A 1675 -57.62 62.32 31.84
N LEU A 1676 -58.22 62.49 30.68
CA LEU A 1676 -59.33 61.68 30.33
C LEU A 1676 -60.38 61.74 31.45
N GLY A 1677 -61.17 62.80 31.51
CA GLY A 1677 -62.28 62.87 32.46
C GLY A 1677 -62.05 63.47 33.84
N ASN A 1678 -60.89 64.02 34.14
CA ASN A 1678 -60.75 64.72 35.41
C ASN A 1678 -61.63 65.94 35.38
N ASN A 1679 -62.30 66.22 36.47
CA ASN A 1679 -63.36 67.20 36.45
C ASN A 1679 -63.04 68.47 37.23
N ARG A 1680 -62.51 68.33 38.44
CA ARG A 1680 -62.22 69.48 39.23
C ARG A 1680 -61.17 70.32 38.55
N VAL A 1681 -60.35 69.68 37.75
CA VAL A 1681 -59.43 70.38 36.93
C VAL A 1681 -60.11 71.00 35.76
N ALA A 1682 -61.04 70.27 35.22
CA ALA A 1682 -61.74 70.74 34.09
C ALA A 1682 -62.54 71.99 34.41
N HIS A 1683 -63.05 72.07 35.62
CA HIS A 1683 -63.80 73.23 36.00
C HIS A 1683 -62.91 74.43 35.96
N ALA A 1684 -61.66 74.17 36.32
CA ALA A 1684 -60.67 75.19 36.33
C ALA A 1684 -60.45 75.76 34.99
N LEU A 1685 -60.48 74.88 34.06
CA LEU A 1685 -60.35 75.30 32.72
C LEU A 1685 -61.55 76.01 32.26
N CYS A 1686 -62.72 75.67 32.75
CA CYS A 1686 -63.88 76.37 32.32
C CYS A 1686 -63.77 77.76 32.76
N SER A 1687 -63.17 77.97 33.92
CA SER A 1687 -62.88 79.29 34.41
C SER A 1687 -61.97 80.03 33.46
N HIS A 1688 -61.14 79.28 32.77
CA HIS A 1688 -60.04 79.82 32.17
C HIS A 1688 -60.10 79.83 30.67
N VAL A 1689 -61.09 79.23 30.05
CA VAL A 1689 -61.18 79.28 28.63
C VAL A 1689 -62.58 79.61 28.14
N ASP A 1690 -63.59 79.28 28.93
CA ASP A 1690 -64.93 79.74 28.70
C ASP A 1690 -65.55 79.09 27.54
N GLN A 1691 -66.57 78.31 27.86
CA GLN A 1691 -67.31 77.58 26.87
C GLN A 1691 -67.89 78.43 25.80
N ALA A 1692 -68.36 79.57 26.18
CA ALA A 1692 -68.96 80.42 25.24
C ALA A 1692 -67.93 80.96 24.30
N GLN A 1693 -66.71 81.11 24.77
CA GLN A 1693 -65.66 81.63 23.95
C GLN A 1693 -65.41 80.67 22.84
N LEU A 1694 -65.44 79.42 23.20
CA LEU A 1694 -65.25 78.43 22.22
C LEU A 1694 -66.43 78.31 21.33
N LEU A 1695 -67.59 78.62 21.84
CA LEU A 1695 -68.75 78.60 21.00
C LEU A 1695 -68.67 79.63 19.94
N HIS A 1696 -68.08 80.76 20.26
CA HIS A 1696 -67.79 81.74 19.23
C HIS A 1696 -66.67 81.23 18.34
N ALA A 1697 -65.82 80.37 18.90
CA ALA A 1697 -64.75 79.81 18.14
C ALA A 1697 -65.23 78.75 17.20
N LEU A 1698 -66.44 78.27 17.33
CA LEU A 1698 -66.94 77.36 16.35
C LEU A 1698 -67.18 77.94 15.02
N GLU A 1699 -67.43 79.23 14.96
CA GLU A 1699 -67.96 79.80 13.75
C GLU A 1699 -66.93 79.95 12.61
N ASP A 1700 -66.12 80.98 12.70
CA ASP A 1700 -65.32 81.45 11.57
C ASP A 1700 -64.28 80.51 11.01
N ALA A 1701 -64.12 80.59 9.69
CA ALA A 1701 -63.00 79.94 8.98
C ALA A 1701 -61.75 80.69 9.21
N HIS A 1702 -61.91 81.96 9.55
CA HIS A 1702 -60.78 82.82 9.70
C HIS A 1702 -59.93 82.37 10.86
N LEU A 1703 -60.50 81.61 11.77
CA LEU A 1703 -59.76 81.03 12.82
C LEU A 1703 -58.83 79.99 12.28
N PRO A 1704 -57.55 80.08 12.68
CA PRO A 1704 -56.54 79.20 12.11
C PRO A 1704 -56.72 77.81 12.54
N GLY A 1705 -56.25 76.94 11.67
CA GLY A 1705 -56.59 75.57 11.71
C GLY A 1705 -56.33 74.88 13.01
N PRO A 1706 -55.06 74.64 13.31
CA PRO A 1706 -54.75 73.85 14.46
C PRO A 1706 -55.27 74.40 15.71
N LEU A 1707 -55.29 75.72 15.83
CA LEU A 1707 -55.70 76.30 17.03
C LEU A 1707 -57.12 75.97 17.26
N ARG A 1708 -57.86 75.99 16.19
CA ARG A 1708 -59.22 75.54 16.22
C ARG A 1708 -59.41 74.14 16.61
N ALA A 1709 -58.49 73.34 16.15
CA ALA A 1709 -58.59 71.97 16.42
C ALA A 1709 -58.46 71.78 17.90
N GLY A 1710 -57.68 72.65 18.50
CA GLY A 1710 -57.58 72.66 19.92
C GLY A 1710 -58.77 73.17 20.64
N TYR A 1711 -59.40 74.15 20.08
CA TYR A 1711 -60.51 74.61 20.78
C TYR A 1711 -61.61 73.58 20.71
N TYR A 1712 -61.69 72.84 19.63
CA TYR A 1712 -62.74 71.88 19.56
C TYR A 1712 -62.48 70.70 20.41
N ASP A 1713 -61.26 70.18 20.31
CA ASP A 1713 -60.90 69.02 21.11
C ASP A 1713 -60.98 69.27 22.55
N LEU A 1714 -60.67 70.47 22.94
CA LEU A 1714 -60.92 70.87 24.26
C LEU A 1714 -62.39 71.01 24.54
N LEU A 1715 -63.17 71.42 23.60
CA LEU A 1715 -64.55 71.57 23.94
C LEU A 1715 -65.15 70.23 24.26
N ILE A 1716 -64.62 69.22 23.61
CA ILE A 1716 -64.95 67.87 23.89
C ILE A 1716 -64.41 67.50 25.20
N SER A 1717 -63.17 67.88 25.39
CA SER A 1717 -62.39 67.39 26.47
C SER A 1717 -62.88 67.88 27.75
N ILE A 1718 -63.33 69.11 27.77
CA ILE A 1718 -63.68 69.69 28.99
C ILE A 1718 -64.91 69.14 29.50
N HIS A 1719 -65.71 68.64 28.59
CA HIS A 1719 -66.98 68.24 28.96
C HIS A 1719 -67.34 66.87 28.43
N LEU A 1720 -67.40 66.81 27.14
CA LEU A 1720 -68.10 65.75 26.52
C LEU A 1720 -67.43 64.43 26.67
N GLU A 1721 -66.15 64.54 26.85
CA GLU A 1721 -65.31 63.41 26.82
C GLU A 1721 -65.60 62.33 27.85
N SER A 1722 -66.05 62.70 29.04
CA SER A 1722 -66.17 61.70 30.11
C SER A 1722 -67.40 60.92 29.94
N ALA A 1723 -68.48 61.62 29.67
CA ALA A 1723 -69.77 61.02 29.47
C ALA A 1723 -69.69 60.01 28.37
N CYS A 1724 -69.02 60.42 27.33
CA CYS A 1724 -68.77 59.56 26.25
C CYS A 1724 -67.83 58.41 26.61
N ARG A 1725 -66.91 58.72 27.49
CA ARG A 1725 -65.91 57.77 27.84
C ARG A 1725 -66.56 56.56 28.44
N SER A 1726 -67.45 56.83 29.36
CA SER A 1726 -68.20 55.77 29.91
C SER A 1726 -69.15 55.19 28.92
N ARG A 1727 -69.69 56.06 28.09
CA ARG A 1727 -70.80 55.69 27.29
C ARG A 1727 -70.42 54.71 26.25
N ARG A 1728 -69.15 54.66 25.90
CA ARG A 1728 -68.77 53.74 24.90
C ARG A 1728 -69.05 52.35 25.38
N SER A 1729 -68.53 52.08 26.57
CA SER A 1729 -68.71 50.79 27.15
C SER A 1729 -70.16 50.44 27.47
N MET A 1730 -70.85 51.46 27.94
CA MET A 1730 -72.22 51.27 28.35
C MET A 1730 -73.11 50.88 27.17
N LEU A 1731 -72.91 51.59 26.09
CA LEU A 1731 -73.62 51.28 24.90
C LEU A 1731 -73.17 49.97 24.34
N SER A 1732 -71.91 49.61 24.58
CA SER A 1732 -71.46 48.32 24.13
C SER A 1732 -72.21 47.20 24.83
N GLU A 1733 -72.61 47.43 26.06
CA GLU A 1733 -73.19 46.37 26.86
C GLU A 1733 -74.45 45.78 26.33
N TYR A 1734 -75.25 46.57 25.66
CA TYR A 1734 -76.45 46.03 25.05
C TYR A 1734 -77.43 45.41 26.00
N ILE A 1735 -77.38 45.71 27.29
CA ILE A 1735 -78.41 45.15 28.20
C ILE A 1735 -79.73 45.87 28.09
N VAL A 1736 -80.85 45.17 28.32
CA VAL A 1736 -82.19 45.72 28.05
C VAL A 1736 -83.17 45.34 29.15
N PRO A 1737 -84.20 46.16 29.35
CA PRO A 1737 -85.27 45.80 30.26
C PRO A 1737 -86.51 45.27 29.58
N LEU A 1738 -87.56 45.10 30.39
CA LEU A 1738 -88.85 44.71 29.91
C LEU A 1738 -89.91 45.79 30.12
N THR A 1739 -89.57 47.02 29.78
CA THR A 1739 -90.59 48.08 29.70
C THR A 1739 -91.51 47.80 28.51
N PRO A 1740 -92.75 48.27 28.55
CA PRO A 1740 -93.73 47.97 27.53
C PRO A 1740 -93.30 48.24 26.09
N GLU A 1741 -92.49 49.25 25.87
CA GLU A 1741 -91.96 49.46 24.52
C GLU A 1741 -91.08 48.36 24.05
N THR A 1742 -90.33 47.85 24.98
CA THR A 1742 -89.35 46.87 24.67
C THR A 1742 -89.98 45.54 24.28
N ARG A 1743 -91.18 45.26 24.78
CA ARG A 1743 -91.83 44.00 24.46
C ARG A 1743 -92.58 44.08 23.15
N ALA A 1744 -92.68 45.28 22.61
CA ALA A 1744 -93.32 45.44 21.35
C ALA A 1744 -92.58 46.46 20.49
N ILE A 1745 -91.26 46.53 20.61
CA ILE A 1745 -90.51 47.46 19.82
C ILE A 1745 -90.50 47.12 18.35
N THR A 1746 -90.63 45.83 18.02
CA THR A 1746 -90.58 45.36 16.64
C THR A 1746 -89.35 45.84 15.85
N LEU A 1747 -89.39 45.78 14.50
CA LEU A 1747 -88.31 46.26 13.65
C LEU A 1747 -88.63 46.47 12.13
N PHE A 1748 -88.64 45.39 11.37
CA PHE A 1748 -88.42 45.47 9.95
C PHE A 1748 -89.54 46.11 9.06
N PRO A 1749 -89.19 47.06 8.21
CA PRO A 1749 -89.78 47.36 6.85
C PRO A 1749 -89.48 46.25 5.80
N PRO A 1750 -90.33 46.04 4.74
CA PRO A 1750 -90.07 44.96 3.76
C PRO A 1750 -88.88 45.19 2.88
N GLY A 1761 -85.32 50.31 5.46
CA GLY A 1761 -84.65 50.13 6.72
C GLY A 1761 -83.94 51.39 7.26
N LEU A 1762 -84.13 51.73 8.54
CA LEU A 1762 -83.64 53.02 9.10
C LEU A 1762 -82.96 52.83 10.49
N PRO A 1763 -82.00 53.69 10.90
CA PRO A 1763 -81.19 53.38 12.10
C PRO A 1763 -81.35 54.20 13.33
N GLY A 1764 -81.51 55.50 13.20
CA GLY A 1764 -81.34 56.40 14.33
C GLY A 1764 -82.65 56.68 15.03
N VAL A 1765 -83.36 55.62 15.31
CA VAL A 1765 -84.63 55.71 15.96
C VAL A 1765 -84.41 56.08 17.42
N GLY A 1766 -85.35 56.82 17.99
CA GLY A 1766 -85.23 57.23 19.38
C GLY A 1766 -85.88 56.27 20.37
N VAL A 1767 -86.27 55.09 19.91
CA VAL A 1767 -86.88 54.13 20.83
C VAL A 1767 -85.81 53.41 21.61
N THR A 1768 -85.67 52.10 21.42
CA THR A 1768 -84.47 51.37 21.76
C THR A 1768 -84.19 51.27 23.23
N THR A 1769 -83.69 52.38 23.74
CA THR A 1769 -83.39 52.54 25.12
C THR A 1769 -82.21 51.72 25.57
N SER A 1770 -82.32 50.39 25.48
CA SER A 1770 -81.42 49.56 26.24
C SER A 1770 -81.46 50.03 27.69
N LEU A 1771 -80.31 50.46 28.24
CA LEU A 1771 -80.28 51.11 29.51
C LEU A 1771 -79.44 52.37 29.43
N ARG A 1772 -78.21 52.23 29.85
CA ARG A 1772 -77.21 53.26 29.79
C ARG A 1772 -77.48 54.48 30.63
N PRO A 1773 -76.57 54.73 31.55
CA PRO A 1773 -76.88 55.70 32.57
C PRO A 1773 -76.86 57.09 31.96
N PRO A 1774 -77.68 58.01 32.48
CA PRO A 1774 -77.51 59.41 32.22
C PRO A 1774 -76.33 59.96 32.90
N HIS A 1775 -75.67 60.69 32.10
CA HIS A 1775 -74.64 61.56 32.48
C HIS A 1775 -75.15 62.81 33.18
N HIS A 1776 -74.68 62.93 34.38
CA HIS A 1776 -74.86 64.15 35.15
C HIS A 1776 -73.84 65.22 34.77
N PHE A 1777 -74.20 66.51 34.92
CA PHE A 1777 -73.23 67.62 34.75
C PHE A 1777 -73.58 68.85 35.59
N SER A 1778 -72.96 69.01 36.76
CA SER A 1778 -73.11 70.27 37.53
C SER A 1778 -72.22 71.37 36.93
N PRO A 1779 -72.77 72.56 36.73
CA PRO A 1779 -72.03 73.68 36.13
C PRO A 1779 -70.91 74.19 37.04
N PRO A 1780 -69.85 74.64 36.43
CA PRO A 1780 -68.65 75.09 37.16
C PRO A 1780 -68.84 76.34 38.01
N CYS A 1781 -69.54 76.20 39.12
CA CYS A 1781 -69.96 77.44 39.84
C CYS A 1781 -69.00 77.85 40.94
N PHE A 1782 -68.24 78.91 40.68
CA PHE A 1782 -67.11 79.19 41.52
C PHE A 1782 -67.43 79.80 42.88
N VAL A 1783 -67.97 78.95 43.77
CA VAL A 1783 -68.69 79.43 44.95
C VAL A 1783 -68.25 78.93 46.40
N ALA A 1784 -67.90 77.64 46.63
CA ALA A 1784 -67.34 77.07 48.01
C ALA A 1784 -66.37 75.78 47.99
N LEU A 1798 -68.21 68.08 40.60
CA LEU A 1798 -67.55 67.48 39.46
C LEU A 1798 -68.48 67.40 38.20
N SER A 1799 -67.90 67.08 37.05
CA SER A 1799 -68.60 67.03 35.73
C SER A 1799 -69.25 68.37 35.33
N PRO A 1800 -68.50 69.26 34.67
CA PRO A 1800 -68.92 70.60 34.24
C PRO A 1800 -70.04 70.60 33.21
N ALA A 1801 -70.93 71.58 33.29
CA ALA A 1801 -72.04 71.65 32.33
C ALA A 1801 -71.70 72.28 30.97
N ILE A 1802 -72.43 71.86 29.93
CA ILE A 1802 -72.43 72.58 28.65
C ILE A 1802 -73.81 72.64 28.02
N PRO A 1803 -74.06 73.61 27.13
CA PRO A 1803 -75.31 73.70 26.39
C PRO A 1803 -75.55 72.50 25.58
N LEU A 1804 -76.78 72.11 25.50
CA LEU A 1804 -77.05 70.84 24.94
C LEU A 1804 -77.49 70.98 23.53
N GLU A 1805 -78.76 71.21 23.40
CA GLU A 1805 -79.39 71.24 22.13
C GLU A 1805 -78.83 72.37 21.32
N ALA A 1806 -78.47 73.47 21.99
CA ALA A 1806 -77.89 74.63 21.34
C ALA A 1806 -76.68 74.23 20.57
N LEU A 1807 -75.91 73.41 21.24
CA LEU A 1807 -74.70 73.02 20.72
C LEU A 1807 -74.81 72.11 19.53
N ARG A 1808 -75.76 71.18 19.60
CA ARG A 1808 -75.94 70.27 18.50
C ARG A 1808 -76.44 71.00 17.31
N ASP A 1809 -77.18 72.04 17.59
CA ASP A 1809 -77.66 72.86 16.51
C ASP A 1809 -76.50 73.57 15.86
N LYS A 1810 -75.52 73.95 16.68
CA LYS A 1810 -74.35 74.62 16.17
C LYS A 1810 -73.55 73.76 15.31
N ALA A 1811 -73.28 72.60 15.84
CA ALA A 1811 -72.45 71.74 15.12
C ALA A 1811 -73.13 71.28 13.88
N LEU A 1812 -74.42 71.05 13.95
CA LEU A 1812 -75.10 70.60 12.81
C LEU A 1812 -75.07 71.70 11.75
N ARG A 1813 -75.13 72.94 12.21
CA ARG A 1813 -75.01 74.08 11.31
C ARG A 1813 -73.65 74.07 10.63
N MET A 1814 -72.65 73.68 11.40
CA MET A 1814 -71.31 73.52 10.84
C MET A 1814 -71.22 72.40 9.85
N LEU A 1815 -72.07 71.43 10.01
CA LEU A 1815 -72.11 70.38 9.06
C LEU A 1815 -72.65 70.80 7.80
N GLY A 1816 -73.71 71.56 7.87
CA GLY A 1816 -74.32 72.03 6.66
C GLY A 1816 -73.38 72.99 5.93
N GLU A 1817 -72.70 73.81 6.72
CA GLU A 1817 -71.68 74.68 6.17
C GLU A 1817 -70.52 73.89 5.60
N ALA A 1818 -70.21 72.77 6.21
CA ALA A 1818 -69.18 71.88 5.70
C ALA A 1818 -69.58 71.21 4.37
N VAL A 1819 -70.85 70.88 4.24
CA VAL A 1819 -71.31 70.11 3.09
C VAL A 1819 -71.64 70.97 1.89
N ARG A 1820 -72.22 72.14 2.12
CA ARG A 1820 -72.68 72.88 0.96
C ARG A 1820 -71.50 73.45 0.20
N ASP A 1821 -70.39 73.71 0.87
CA ASP A 1821 -69.20 74.14 0.14
C ASP A 1821 -68.22 72.98 -0.11
N GLY A 1822 -68.28 71.94 0.71
CA GLY A 1822 -67.38 70.80 0.55
C GLY A 1822 -67.69 69.95 -0.65
N GLY A 1823 -68.96 69.94 -1.03
CA GLY A 1823 -69.39 69.23 -2.25
C GLY A 1823 -68.99 70.01 -3.51
N GLN A 1824 -69.05 71.34 -3.41
CA GLN A 1824 -68.62 72.21 -4.51
C GLN A 1824 -67.10 72.11 -4.65
N HIS A 1825 -66.45 71.81 -3.54
CA HIS A 1825 -65.03 71.77 -3.42
C HIS A 1825 -64.36 73.04 -3.93
N ALA A 1826 -64.98 74.17 -3.64
CA ALA A 1826 -64.27 75.43 -3.78
C ALA A 1826 -63.15 75.38 -2.77
N ARG A 1827 -61.98 75.87 -3.16
CA ARG A 1827 -60.93 75.98 -2.20
C ARG A 1827 -61.08 77.28 -1.44
N ASP A 1828 -61.89 77.23 -0.39
CA ASP A 1828 -62.12 78.43 0.36
C ASP A 1828 -60.82 78.95 1.04
N PRO A 1829 -59.96 77.98 1.41
CA PRO A 1829 -60.20 76.88 2.33
C PRO A 1829 -61.04 77.15 3.52
N VAL A 1830 -61.89 76.21 3.88
CA VAL A 1830 -62.79 76.44 4.99
C VAL A 1830 -61.99 76.40 6.29
N GLY A 1831 -60.77 75.88 6.25
CA GLY A 1831 -59.83 75.97 7.39
C GLY A 1831 -58.79 74.83 7.36
N GLY A 1832 -57.53 75.26 7.40
CA GLY A 1832 -56.41 74.34 7.29
C GLY A 1832 -56.36 73.49 6.01
N SER A 1833 -56.65 74.14 4.89
CA SER A 1833 -56.82 73.46 3.59
C SER A 1833 -58.01 72.54 3.64
N VAL A 1834 -59.16 73.20 3.71
CA VAL A 1834 -60.49 72.56 3.63
C VAL A 1834 -60.65 71.39 4.59
N GLU A 1835 -59.96 70.31 4.31
CA GLU A 1835 -60.26 69.11 4.92
C GLU A 1835 -59.89 69.13 6.40
N PHE A 1836 -58.87 69.89 6.76
CA PHE A 1836 -58.42 69.86 8.09
C PHE A 1836 -59.49 70.50 8.97
N GLN A 1837 -60.32 71.36 8.37
CA GLN A 1837 -61.41 72.02 9.07
C GLN A 1837 -62.45 71.02 9.49
N PHE A 1838 -62.62 69.94 8.74
CA PHE A 1838 -63.73 69.05 8.98
C PHE A 1838 -63.59 68.26 10.19
N VAL A 1839 -62.36 67.82 10.41
CA VAL A 1839 -62.10 66.81 11.34
C VAL A 1839 -62.66 67.03 12.70
N PRO A 1840 -62.25 68.13 13.29
CA PRO A 1840 -62.71 68.33 14.64
C PRO A 1840 -64.24 68.39 14.81
N VAL A 1841 -64.91 68.89 13.80
CA VAL A 1841 -66.34 69.09 13.94
C VAL A 1841 -67.07 67.82 13.80
N LEU A 1842 -66.64 67.01 12.86
CA LEU A 1842 -67.29 65.75 12.70
C LEU A 1842 -66.99 64.89 13.86
N LYS A 1843 -65.87 65.18 14.51
CA LYS A 1843 -65.52 64.56 15.76
C LYS A 1843 -66.53 64.91 16.81
N LEU A 1844 -66.86 66.18 16.91
CA LEU A 1844 -67.78 66.61 17.92
C LEU A 1844 -69.11 65.99 17.70
N VAL A 1845 -69.49 65.92 16.45
CA VAL A 1845 -70.73 65.35 16.10
C VAL A 1845 -70.81 63.95 16.43
N SER A 1846 -69.68 63.33 16.24
CA SER A 1846 -69.66 61.95 16.42
C SER A 1846 -69.78 61.55 17.87
N THR A 1847 -69.01 62.21 18.69
CA THR A 1847 -69.04 61.89 20.05
C THR A 1847 -70.30 62.34 20.70
N LEU A 1848 -70.73 63.51 20.32
CA LEU A 1848 -71.94 64.04 20.86
C LEU A 1848 -73.10 63.14 20.48
N LEU A 1849 -73.00 62.56 19.31
CA LEU A 1849 -73.93 61.53 18.93
C LEU A 1849 -73.84 60.30 19.76
N VAL A 1850 -72.65 59.99 20.17
CA VAL A 1850 -72.50 58.87 20.94
C VAL A 1850 -73.13 59.04 22.30
N MET A 1851 -73.14 60.24 22.81
CA MET A 1851 -73.47 60.41 24.22
C MET A 1851 -74.94 60.41 24.50
N GLY A 1852 -75.73 60.30 23.46
CA GLY A 1852 -77.14 60.25 23.60
C GLY A 1852 -77.85 61.53 23.24
N ILE A 1853 -77.12 62.63 23.08
CA ILE A 1853 -77.70 63.80 22.45
C ILE A 1853 -77.71 63.49 21.00
N PHE A 1854 -78.64 64.13 20.28
CA PHE A 1854 -79.16 63.65 19.02
C PHE A 1854 -80.11 62.48 19.21
N GLY A 1855 -81.13 62.59 18.40
CA GLY A 1855 -80.96 62.61 16.88
C GLY A 1855 -81.64 63.96 16.68
N ASP A 1856 -82.75 63.82 15.99
CA ASP A 1856 -83.75 62.80 16.17
C ASP A 1856 -84.04 62.28 14.75
N GLU A 1857 -84.74 63.07 13.89
CA GLU A 1857 -84.34 64.42 13.34
C GLU A 1857 -82.92 64.69 12.89
N ASP A 1858 -82.05 65.24 13.72
CA ASP A 1858 -80.77 65.69 13.20
C ASP A 1858 -79.84 64.60 12.67
N VAL A 1859 -79.81 63.48 13.34
CA VAL A 1859 -79.08 62.41 12.81
C VAL A 1859 -79.73 61.93 11.53
N LYS A 1860 -81.06 62.05 11.47
CA LYS A 1860 -81.76 61.78 10.26
C LYS A 1860 -81.34 62.78 9.19
N GLN A 1861 -81.04 63.99 9.62
CA GLN A 1861 -80.51 64.98 8.71
C GLN A 1861 -79.17 64.55 8.15
N ILE A 1862 -78.42 63.85 8.95
CA ILE A 1862 -77.12 63.37 8.52
C ILE A 1862 -77.24 62.25 7.55
N LEU A 1863 -78.12 61.33 7.85
CA LEU A 1863 -78.30 60.17 7.00
C LEU A 1863 -78.91 60.57 5.65
N LYS A 1864 -79.84 61.54 5.67
CA LYS A 1864 -80.39 62.11 4.39
C LYS A 1864 -79.24 62.86 3.67
N MET A 1865 -78.35 63.46 4.50
CA MET A 1865 -77.20 64.19 4.02
C MET A 1865 -76.24 63.33 3.25
N ILE A 1866 -76.11 62.08 3.65
CA ILE A 1866 -75.04 61.26 3.12
C ILE A 1866 -75.51 60.20 2.02
N GLU A 1867 -76.65 59.49 2.18
CA GLU A 1867 -77.08 58.40 1.19
C GLU A 1867 -77.22 58.86 -0.27
N PRO A 1868 -77.79 60.07 -0.41
CA PRO A 1868 -79.15 60.42 -0.08
C PRO A 1868 -80.28 59.40 -0.44
N GLU A 1869 -81.27 59.30 0.46
CA GLU A 1869 -82.50 58.48 0.36
C GLU A 1869 -83.48 58.69 1.57
N GLY A 1925 -75.15 65.16 -1.95
CA GLY A 1925 -74.72 64.21 -0.90
C GLY A 1925 -73.38 64.55 -0.17
N LEU A 1926 -72.86 63.75 0.80
CA LEU A 1926 -71.55 64.05 1.58
C LEU A 1926 -70.59 62.88 1.54
N LEU A 1927 -71.12 61.73 1.94
CA LEU A 1927 -70.33 60.56 1.97
C LEU A 1927 -69.77 60.20 0.64
N GLN A 1928 -70.53 60.48 -0.41
CA GLN A 1928 -70.19 60.10 -1.74
C GLN A 1928 -69.03 61.00 -2.19
N MET A 1929 -68.94 62.20 -1.60
CA MET A 1929 -68.00 63.21 -2.04
C MET A 1929 -66.64 62.85 -1.58
N LYS A 1930 -65.65 63.07 -2.44
CA LYS A 1930 -64.30 62.70 -2.11
C LYS A 1930 -63.72 63.76 -1.24
N LEU A 1931 -63.03 63.24 -0.24
CA LEU A 1931 -62.22 63.99 0.64
C LEU A 1931 -61.02 63.14 1.07
N PRO A 1932 -59.99 63.83 1.48
CA PRO A 1932 -58.83 63.17 2.03
C PRO A 1932 -59.00 62.57 3.36
N GLU A 1933 -58.08 61.70 3.62
CA GLU A 1933 -58.28 60.52 4.38
C GLU A 1933 -58.63 60.73 5.80
N SER A 1934 -58.05 61.76 6.30
CA SER A 1934 -58.08 61.89 7.67
C SER A 1934 -59.52 62.13 8.11
N VAL A 1935 -60.32 62.74 7.25
CA VAL A 1935 -61.78 62.80 7.44
C VAL A 1935 -62.38 61.49 7.33
N LYS A 1936 -61.81 60.66 6.49
CA LYS A 1936 -62.40 59.40 6.23
C LYS A 1936 -62.48 58.65 7.55
N LEU A 1937 -61.54 58.89 8.41
CA LEU A 1937 -61.52 58.25 9.66
C LEU A 1937 -62.68 58.58 10.53
N GLN A 1938 -62.90 59.84 10.62
CA GLN A 1938 -63.88 60.27 11.48
C GLN A 1938 -65.23 59.86 10.99
N MET A 1939 -65.34 59.85 9.68
CA MET A 1939 -66.58 59.62 9.03
C MET A 1939 -66.99 58.18 9.18
N CYS A 1940 -66.02 57.31 9.03
CA CYS A 1940 -66.33 55.94 9.20
C CYS A 1940 -66.67 55.66 10.61
N ASN A 1941 -66.06 56.40 11.53
CA ASN A 1941 -66.42 56.25 12.88
C ASN A 1941 -67.88 56.70 13.07
N LEU A 1942 -68.25 57.76 12.41
CA LEU A 1942 -69.59 58.22 12.52
C LEU A 1942 -70.60 57.20 12.02
N LEU A 1943 -70.14 56.47 11.05
CA LEU A 1943 -70.87 55.37 10.57
C LEU A 1943 -70.94 54.17 11.55
N GLU A 1944 -69.88 54.00 12.32
CA GLU A 1944 -69.83 52.87 13.22
C GLU A 1944 -70.92 53.07 14.24
N TYR A 1945 -71.24 54.32 14.50
CA TYR A 1945 -72.35 54.53 15.39
C TYR A 1945 -73.60 53.96 14.81
N PHE A 1946 -73.72 54.04 13.49
CA PHE A 1946 -74.90 53.55 12.88
C PHE A 1946 -75.03 52.08 12.93
N CYS A 1947 -73.95 51.43 12.53
CA CYS A 1947 -74.01 50.00 12.55
C CYS A 1947 -74.25 49.47 13.97
N ASP A 1948 -73.64 50.15 14.92
CA ASP A 1948 -73.80 49.76 16.28
C ASP A 1948 -75.25 49.89 16.77
N GLN A 1949 -75.88 50.93 16.30
CA GLN A 1949 -77.24 51.10 16.61
C GLN A 1949 -78.10 50.03 15.97
N GLU A 1950 -77.71 49.58 14.79
CA GLU A 1950 -78.49 48.56 14.12
C GLU A 1950 -78.41 47.26 14.86
N LEU A 1951 -77.24 47.01 15.37
CA LEU A 1951 -77.05 45.86 16.16
C LEU A 1951 -77.82 45.93 17.46
N GLN A 1952 -77.89 47.12 18.00
CA GLN A 1952 -78.62 47.32 19.20
C GLN A 1952 -80.12 47.04 18.98
N HIS A 1953 -80.67 47.67 17.95
CA HIS A 1953 -82.08 47.56 17.67
C HIS A 1953 -82.47 46.17 17.31
N ARG A 1954 -81.51 45.49 16.72
CA ARG A 1954 -81.70 44.12 16.40
C ARG A 1954 -81.78 43.26 17.67
N VAL A 1955 -80.93 43.52 18.63
CA VAL A 1955 -80.97 42.76 19.85
C VAL A 1955 -82.29 42.97 20.53
N GLU A 1956 -82.74 44.18 20.39
CA GLU A 1956 -83.89 44.58 21.06
C GLU A 1956 -85.15 43.95 20.48
N SER A 1957 -85.24 43.95 19.15
CA SER A 1957 -86.36 43.31 18.48
C SER A 1957 -86.34 41.81 18.81
N LEU A 1958 -85.14 41.28 18.97
CA LEU A 1958 -84.98 39.90 19.34
C LEU A 1958 -85.60 39.64 20.69
N ALA A 1959 -85.41 40.60 21.58
CA ALA A 1959 -85.98 40.49 22.91
C ALA A 1959 -87.50 40.59 22.93
N ALA A 1960 -88.04 41.46 22.08
CA ALA A 1960 -89.50 41.59 21.98
C ALA A 1960 -90.06 40.28 21.44
N PHE A 1961 -89.30 39.68 20.53
CA PHE A 1961 -89.63 38.39 19.93
C PHE A 1961 -89.61 37.33 21.03
N ALA A 1962 -88.74 37.54 22.03
CA ALA A 1962 -88.68 36.65 23.16
C ALA A 1962 -89.89 36.71 23.99
N GLU A 1963 -90.19 37.94 24.44
CA GLU A 1963 -91.30 38.13 25.34
C GLU A 1963 -92.59 37.70 24.64
N ARG A 1964 -92.69 37.93 23.34
CA ARG A 1964 -93.85 37.46 22.59
C ARG A 1964 -93.90 35.93 22.49
N TYR A 1965 -92.76 35.29 22.35
CA TYR A 1965 -92.76 33.86 22.30
C TYR A 1965 -93.07 33.13 23.65
N VAL A 1966 -92.72 33.72 24.77
CA VAL A 1966 -92.75 32.93 26.03
C VAL A 1966 -94.17 32.52 26.45
N ASP A 1967 -95.16 33.30 26.02
CA ASP A 1967 -96.56 33.10 26.40
C ASP A 1967 -97.10 31.67 26.18
N LYS A 1968 -97.08 31.29 24.92
CA LYS A 1968 -97.62 29.99 24.56
C LYS A 1968 -96.74 28.87 25.11
N LEU A 1969 -95.45 29.19 25.33
CA LEU A 1969 -94.55 28.25 26.00
C LEU A 1969 -95.00 27.96 27.43
N GLN A 1970 -95.45 29.00 28.13
CA GLN A 1970 -95.91 28.75 29.47
C GLN A 1970 -97.29 28.02 29.42
N ALA A 1971 -98.03 28.23 28.33
CA ALA A 1971 -99.32 27.56 28.14
C ALA A 1971 -99.15 26.04 28.02
N ASN A 1972 -98.26 25.63 27.13
CA ASN A 1972 -97.97 24.22 26.95
C ASN A 1972 -97.30 23.70 28.22
N GLN A 1973 -96.51 24.58 28.89
CA GLN A 1973 -95.74 24.26 30.17
C GLN A 1973 -96.74 23.82 31.27
N ARG A 1974 -97.88 24.52 31.35
CA ARG A 1974 -98.90 24.15 32.36
C ARG A 1974 -99.91 23.09 31.80
N SER A 1975 -99.84 22.80 30.48
CA SER A 1975 -100.80 21.84 29.78
C SER A 1975 -100.61 20.35 30.16
N ARG A 1976 -99.46 20.12 30.81
CA ARG A 1976 -98.92 18.76 31.14
C ARG A 1976 -99.94 17.71 31.52
N THR A 2057 -94.67 21.08 20.88
CA THR A 2057 -93.60 21.32 20.00
C THR A 2057 -94.08 21.72 18.55
N SER A 2058 -95.27 21.30 18.09
CA SER A 2058 -95.67 21.46 16.63
C SER A 2058 -95.83 22.88 16.08
N LEU A 2059 -96.16 23.76 16.99
CA LEU A 2059 -96.38 25.16 16.73
C LEU A 2059 -95.12 25.82 16.10
N SER A 2060 -93.92 25.26 16.44
CA SER A 2060 -92.59 25.93 16.29
C SER A 2060 -92.35 26.49 14.91
N SER A 2061 -92.99 25.84 13.93
CA SER A 2061 -92.96 26.23 12.53
C SER A 2061 -93.26 27.73 12.31
N ARG A 2062 -94.19 28.32 13.04
CA ARG A 2062 -94.52 29.73 12.82
C ARG A 2062 -93.33 30.66 13.06
N LEU A 2063 -92.51 30.34 14.05
CA LEU A 2063 -91.38 31.21 14.38
C LEU A 2063 -90.40 31.17 13.23
N ARG A 2064 -90.38 30.04 12.48
CA ARG A 2064 -89.52 29.87 11.29
C ARG A 2064 -89.80 30.97 10.29
N SER A 2065 -91.08 31.36 10.24
CA SER A 2065 -91.52 32.40 9.35
C SER A 2065 -90.84 33.72 9.72
N LEU A 2066 -90.58 33.95 11.00
CA LEU A 2066 -89.92 35.16 11.43
C LEU A 2066 -88.46 35.01 11.73
N LEU A 2067 -88.03 33.77 11.79
CA LEU A 2067 -86.64 33.46 12.09
C LEU A 2067 -85.67 33.91 10.96
N GLU A 2068 -86.03 33.67 9.70
CA GLU A 2068 -85.08 34.00 8.61
C GLU A 2068 -85.00 35.49 8.42
N THR A 2069 -86.07 36.17 8.78
CA THR A 2069 -86.16 37.61 8.54
C THR A 2069 -85.15 38.45 9.34
N VAL A 2070 -84.71 37.83 10.42
CA VAL A 2070 -83.88 38.44 11.39
C VAL A 2070 -82.52 38.88 10.78
N ARG A 2071 -82.11 38.21 9.69
CA ARG A 2071 -80.73 38.31 9.16
C ARG A 2071 -80.30 39.66 8.81
N LEU A 2072 -81.20 40.48 8.27
CA LEU A 2072 -80.79 41.73 7.77
C LEU A 2072 -81.91 42.73 8.02
N SER A 2093 -80.72 51.17 -0.51
CA SER A 2093 -79.30 50.97 -0.29
C SER A 2093 -78.91 51.56 1.13
N LEU A 2094 -78.06 50.87 1.94
CA LEU A 2094 -77.59 51.32 3.36
C LEU A 2094 -76.20 50.76 3.84
N GLN A 2095 -76.22 49.51 4.22
CA GLN A 2095 -75.06 48.78 4.53
C GLN A 2095 -74.24 48.61 3.22
N GLU A 2096 -74.92 48.48 2.08
CA GLU A 2096 -74.26 48.23 0.78
C GLU A 2096 -73.36 49.40 0.35
N LEU A 2097 -73.89 50.60 0.43
CA LEU A 2097 -73.13 51.79 0.02
C LEU A 2097 -71.99 52.06 0.96
N VAL A 2098 -72.15 51.56 2.17
CA VAL A 2098 -71.10 51.65 3.08
C VAL A 2098 -69.97 50.72 2.63
N SER A 2099 -70.27 49.47 2.39
CA SER A 2099 -69.23 48.57 1.97
C SER A 2099 -68.54 49.06 0.70
N HIS A 2100 -69.37 49.56 -0.19
CA HIS A 2100 -68.89 49.95 -1.47
C HIS A 2100 -68.01 51.18 -1.37
N MET A 2101 -68.47 52.14 -0.61
CA MET A 2101 -67.69 53.34 -0.44
C MET A 2101 -66.37 53.05 0.27
N VAL A 2102 -66.37 52.07 1.17
CA VAL A 2102 -65.14 51.64 1.75
C VAL A 2102 -64.21 51.12 0.69
N VAL A 2103 -64.79 50.38 -0.22
CA VAL A 2103 -63.98 49.85 -1.25
C VAL A 2103 -63.40 50.93 -2.11
N ARG A 2104 -64.16 51.97 -2.31
CA ARG A 2104 -63.70 53.09 -3.06
C ARG A 2104 -62.58 53.77 -2.32
N TRP A 2105 -62.63 53.81 -1.00
CA TRP A 2105 -61.52 54.38 -0.25
C TRP A 2105 -60.26 53.60 -0.41
N ALA A 2106 -60.45 52.31 -0.52
CA ALA A 2106 -59.33 51.45 -0.59
C ALA A 2106 -58.83 51.22 -1.96
N GLN A 2107 -59.56 51.73 -2.93
CA GLN A 2107 -59.24 51.49 -4.28
C GLN A 2107 -58.28 52.52 -4.77
N GLU A 2108 -58.76 53.75 -4.79
CA GLU A 2108 -58.03 54.81 -5.36
C GLU A 2108 -57.07 55.42 -4.38
N ASP A 2109 -56.15 54.63 -3.80
CA ASP A 2109 -55.25 55.28 -2.94
C ASP A 2109 -53.95 54.66 -2.51
N TYR A 2110 -53.91 53.41 -2.18
CA TYR A 2110 -52.78 52.92 -1.34
C TYR A 2110 -52.70 53.74 -0.08
N VAL A 2111 -53.73 53.64 0.71
CA VAL A 2111 -53.81 54.43 1.88
C VAL A 2111 -52.77 53.88 2.85
N GLN A 2112 -52.33 54.79 3.70
CA GLN A 2112 -51.62 54.36 4.83
C GLN A 2112 -52.38 54.63 6.08
N SER A 2113 -51.67 54.85 7.18
CA SER A 2113 -52.25 55.09 8.50
C SER A 2113 -53.02 53.91 8.87
N PRO A 2114 -52.32 52.95 9.45
CA PRO A 2114 -52.84 51.62 9.71
C PRO A 2114 -54.07 51.58 10.59
N GLU A 2115 -54.14 52.56 11.46
CA GLU A 2115 -55.18 52.78 12.34
C GLU A 2115 -56.49 53.08 11.60
N LEU A 2116 -56.33 53.80 10.50
CA LEU A 2116 -57.43 54.21 9.72
C LEU A 2116 -58.03 53.04 9.04
N VAL A 2117 -57.14 52.32 8.50
CA VAL A 2117 -57.51 51.21 7.75
C VAL A 2117 -58.12 50.16 8.62
N ARG A 2118 -57.59 50.08 9.81
CA ARG A 2118 -58.07 49.15 10.76
C ARG A 2118 -59.51 49.39 11.08
N ALA A 2119 -59.81 50.66 11.16
CA ALA A 2119 -61.16 50.96 11.38
C ALA A 2119 -62.01 50.61 10.18
N MET A 2120 -61.41 50.77 9.03
CA MET A 2120 -62.09 50.61 7.86
C MET A 2120 -62.63 49.27 7.67
N PHE A 2121 -61.72 48.35 7.75
CA PHE A 2121 -62.12 47.01 7.55
C PHE A 2121 -62.84 46.47 8.74
N SER A 2122 -62.65 47.09 9.89
CA SER A 2122 -63.45 46.73 11.00
C SER A 2122 -64.89 46.92 10.62
N LEU A 2123 -65.16 48.09 10.08
CA LEU A 2123 -66.46 48.41 9.67
C LEU A 2123 -66.99 47.60 8.59
N LEU A 2124 -66.10 47.25 7.72
CA LEU A 2124 -66.48 46.50 6.63
C LEU A 2124 -66.90 45.12 7.06
N HIS A 2125 -66.14 44.56 7.95
CA HIS A 2125 -66.47 43.28 8.49
C HIS A 2125 -67.78 43.39 9.25
N ARG A 2126 -68.00 44.53 9.89
CA ARG A 2126 -69.26 44.77 10.58
C ARG A 2126 -70.37 44.80 9.60
N GLN A 2127 -70.05 45.09 8.37
CA GLN A 2127 -71.05 45.06 7.36
C GLN A 2127 -71.31 43.62 6.86
N TYR A 2128 -70.26 42.86 6.57
CA TYR A 2128 -70.45 41.56 5.91
C TYR A 2128 -70.87 40.36 6.71
N ASP A 2129 -70.82 40.46 8.01
CA ASP A 2129 -71.33 39.35 8.82
C ASP A 2129 -72.00 39.83 10.09
N GLY A 2130 -73.14 40.48 9.93
CA GLY A 2130 -73.82 41.04 11.07
C GLY A 2130 -74.51 39.99 11.88
N LEU A 2131 -74.54 38.81 11.31
CA LEU A 2131 -75.05 37.63 11.89
C LEU A 2131 -74.17 37.17 13.03
N GLY A 2132 -72.92 36.98 12.66
CA GLY A 2132 -71.95 36.52 13.61
C GLY A 2132 -71.51 37.61 14.52
N GLU A 2133 -71.57 38.81 14.01
CA GLU A 2133 -71.31 39.94 14.83
C GLU A 2133 -72.38 39.99 15.90
N LEU A 2134 -73.59 39.65 15.51
CA LEU A 2134 -74.65 39.55 16.45
C LEU A 2134 -74.38 38.49 17.45
N LEU A 2135 -73.72 37.48 17.00
CA LEU A 2135 -73.47 36.41 17.88
C LEU A 2135 -72.48 36.73 18.95
N ARG A 2136 -71.39 37.30 18.54
CA ARG A 2136 -70.46 37.77 19.52
C ARG A 2136 -71.02 38.88 20.34
N ALA A 2137 -71.95 39.60 19.78
CA ALA A 2137 -72.68 40.58 20.53
C ALA A 2137 -73.63 40.07 21.62
N LEU A 2138 -74.12 38.87 21.46
CA LEU A 2138 -75.17 38.42 22.37
C LEU A 2138 -74.83 38.31 23.80
N PRO A 2139 -73.67 37.81 24.13
CA PRO A 2139 -73.44 37.52 25.51
C PRO A 2139 -73.54 38.63 26.43
N ARG A 2140 -73.06 39.77 26.02
CA ARG A 2140 -73.12 40.92 26.80
C ARG A 2140 -74.57 41.47 26.83
N ALA A 2141 -75.40 41.16 25.84
CA ALA A 2141 -76.82 41.47 25.94
C ALA A 2141 -77.53 40.68 27.04
N TYR A 2142 -78.51 41.29 27.72
CA TYR A 2142 -79.20 40.65 28.85
C TYR A 2142 -80.48 41.36 29.20
N THR A 2143 -81.58 40.62 29.27
CA THR A 2143 -82.84 41.21 29.69
C THR A 2143 -82.90 41.45 31.19
N ILE A 2144 -83.68 42.45 31.59
CA ILE A 2144 -83.88 42.74 33.02
C ILE A 2144 -85.30 43.11 33.32
N SER A 2145 -85.74 42.77 34.52
CA SER A 2145 -87.08 43.13 34.94
C SER A 2145 -87.26 44.63 35.07
N PRO A 2146 -88.40 45.15 34.56
CA PRO A 2146 -88.70 46.56 34.63
C PRO A 2146 -88.76 47.13 36.06
N SER A 2147 -89.12 46.32 37.06
CA SER A 2147 -89.19 46.84 38.43
C SER A 2147 -87.84 47.21 38.97
N SER A 2148 -86.85 46.47 38.52
CA SER A 2148 -85.53 46.53 39.11
C SER A 2148 -84.61 47.49 38.43
N VAL A 2149 -85.10 48.19 37.45
CA VAL A 2149 -84.27 48.94 36.57
C VAL A 2149 -83.45 50.05 37.19
N GLU A 2150 -83.97 50.59 38.27
CA GLU A 2150 -83.40 51.75 38.83
C GLU A 2150 -82.02 51.46 39.45
N ASP A 2151 -82.05 50.41 40.26
CA ASP A 2151 -80.86 49.99 40.98
C ASP A 2151 -79.81 49.53 39.96
N THR A 2152 -80.28 48.90 38.89
CA THR A 2152 -79.39 48.41 37.87
C THR A 2152 -78.69 49.47 37.18
N MET A 2153 -79.44 50.49 36.84
CA MET A 2153 -78.87 51.59 36.13
C MET A 2153 -77.84 52.31 36.97
N SER A 2154 -78.15 52.44 38.25
CA SER A 2154 -77.21 53.10 39.13
C SER A 2154 -75.94 52.26 39.19
N LEU A 2155 -76.12 50.95 39.18
CA LEU A 2155 -75.00 50.05 39.23
C LEU A 2155 -74.18 50.10 38.03
N LEU A 2156 -74.82 50.44 36.95
CA LEU A 2156 -74.10 50.64 35.74
C LEU A 2156 -73.30 51.88 35.78
N GLU A 2157 -73.82 52.88 36.44
CA GLU A 2157 -73.11 54.12 36.54
C GLU A 2157 -71.89 53.90 37.47
N CYS A 2158 -72.05 53.22 38.57
CA CYS A 2158 -70.92 52.91 39.41
C CYS A 2158 -69.92 51.97 38.75
N LEU A 2159 -70.43 51.08 37.94
CA LEU A 2159 -69.56 50.28 37.19
C LEU A 2159 -68.81 51.14 36.20
N GLY A 2160 -69.43 52.22 35.76
CA GLY A 2160 -68.79 53.08 34.85
C GLY A 2160 -67.81 53.95 35.55
N GLN A 2161 -67.99 54.03 36.84
CA GLN A 2161 -67.06 54.71 37.64
C GLN A 2161 -65.82 53.89 37.78
N ILE A 2162 -66.01 52.61 38.05
CA ILE A 2162 -64.86 51.79 38.13
C ILE A 2162 -64.15 51.63 36.80
N ARG A 2163 -64.91 51.66 35.75
CA ARG A 2163 -64.29 51.66 34.51
C ARG A 2163 -63.60 52.97 34.24
N SER A 2164 -64.06 54.04 34.84
CA SER A 2164 -63.31 55.27 34.79
C SER A 2164 -61.98 55.11 35.50
N LEU A 2165 -62.00 54.26 36.50
CA LEU A 2165 -60.81 54.02 37.24
C LEU A 2165 -59.94 53.04 36.60
N LEU A 2166 -60.40 52.47 35.51
CA LEU A 2166 -59.59 51.61 34.77
C LEU A 2166 -58.34 52.29 34.33
N ILE A 2167 -58.44 53.58 34.15
CA ILE A 2167 -57.33 54.32 33.72
C ILE A 2167 -56.90 55.26 34.84
N VAL A 2168 -55.96 54.79 35.66
CA VAL A 2168 -55.35 55.58 36.73
C VAL A 2168 -53.82 55.42 36.97
N GLN A 2173 -57.53 59.32 46.82
CA GLN A 2173 -57.59 59.52 45.43
C GLN A 2173 -57.66 58.18 44.71
N GLU A 2174 -56.53 57.54 44.36
CA GLU A 2174 -56.45 56.15 43.85
C GLU A 2174 -57.12 55.24 44.84
N GLU A 2175 -56.85 55.55 46.10
CA GLU A 2175 -57.09 54.62 47.21
C GLU A 2175 -58.54 54.73 47.82
N ASN A 2176 -59.44 55.59 47.31
CA ASN A 2176 -60.76 55.74 47.97
C ASN A 2176 -61.97 55.58 47.10
N LEU A 2177 -61.92 56.17 45.94
CA LEU A 2177 -63.03 56.12 45.04
C LEU A 2177 -63.43 54.74 44.70
N MET A 2178 -62.41 53.93 44.57
CA MET A 2178 -62.62 52.60 44.18
C MET A 2178 -63.40 51.87 45.25
N ILE A 2179 -63.06 52.19 46.47
CA ILE A 2179 -63.71 51.62 47.58
C ILE A 2179 -65.15 52.15 47.65
N GLN A 2180 -65.35 53.39 47.23
CA GLN A 2180 -66.72 53.94 47.15
C GLN A 2180 -67.57 53.11 46.26
N SER A 2181 -66.95 52.68 45.17
CA SER A 2181 -67.59 51.77 44.25
C SER A 2181 -67.89 50.48 44.87
N ILE A 2182 -66.98 50.06 45.70
CA ILE A 2182 -67.09 48.79 46.25
C ILE A 2182 -68.31 48.72 47.14
N GLY A 2183 -68.39 49.71 48.02
CA GLY A 2183 -69.47 49.79 48.98
C GLY A 2183 -70.81 49.98 48.31
N ASN A 2184 -70.74 50.81 47.28
CA ASN A 2184 -71.91 51.07 46.54
C ASN A 2184 -72.48 49.81 45.86
N ILE A 2185 -71.58 48.95 45.41
CA ILE A 2185 -72.01 47.74 44.75
C ILE A 2185 -72.50 46.67 45.69
N MET A 2186 -71.91 46.64 46.86
CA MET A 2186 -72.41 45.76 47.88
C MET A 2186 -73.80 46.13 48.36
N ASN A 2187 -74.08 47.42 48.32
CA ASN A 2187 -75.38 47.91 48.72
C ASN A 2187 -76.49 47.46 47.82
N ASN A 2188 -76.16 47.23 46.56
CA ASN A 2188 -77.13 46.85 45.59
C ASN A 2188 -77.71 45.48 45.85
N LYS A 2189 -79.01 45.41 45.66
CA LYS A 2189 -79.74 44.15 45.77
C LYS A 2189 -79.71 43.41 44.46
N VAL A 2190 -79.30 44.08 43.39
CA VAL A 2190 -79.25 43.43 42.09
C VAL A 2190 -78.18 42.36 42.07
N PHE A 2191 -77.19 42.57 42.90
CA PHE A 2191 -76.05 41.71 42.98
C PHE A 2191 -76.48 40.30 43.43
N TYR A 2192 -77.55 40.18 44.20
CA TYR A 2192 -78.14 38.90 44.46
C TYR A 2192 -79.10 38.53 43.28
N GLN A 2193 -79.91 39.51 42.87
CA GLN A 2193 -81.08 39.27 42.05
C GLN A 2193 -80.78 38.83 40.66
N HIS A 2194 -79.68 39.30 40.12
CA HIS A 2194 -79.29 38.92 38.76
C HIS A 2194 -77.84 38.52 38.64
N PRO A 2195 -77.50 37.35 39.11
CA PRO A 2195 -76.11 36.92 39.05
C PRO A 2195 -75.58 36.79 37.64
N ASN A 2196 -76.45 36.40 36.73
CA ASN A 2196 -76.06 36.21 35.37
C ASN A 2196 -75.67 37.52 34.75
N LEU A 2197 -76.30 38.58 35.20
CA LEU A 2197 -75.94 39.88 34.74
C LEU A 2197 -74.56 40.23 35.22
N MET A 2198 -74.30 39.90 36.47
CA MET A 2198 -73.06 40.29 37.07
C MET A 2198 -71.91 39.54 36.46
N ARG A 2199 -72.18 38.34 36.00
CA ARG A 2199 -71.21 37.59 35.23
C ARG A 2199 -71.06 38.21 33.88
N ALA A 2200 -72.15 38.65 33.31
CA ALA A 2200 -72.14 39.25 31.98
C ALA A 2200 -71.37 40.53 31.92
N LEU A 2201 -71.35 41.21 33.02
CA LEU A 2201 -70.73 42.46 33.07
C LEU A 2201 -69.28 42.40 32.91
N GLY A 2202 -68.68 41.30 33.39
CA GLY A 2202 -67.26 40.99 33.25
C GLY A 2202 -66.43 41.80 34.17
N MET A 2203 -67.13 42.40 35.09
CA MET A 2203 -66.54 43.42 35.92
C MET A 2203 -65.54 42.90 36.86
N HIS A 2204 -65.68 41.64 37.13
CA HIS A 2204 -64.77 40.98 37.97
C HIS A 2204 -63.41 41.02 37.38
N GLU A 2205 -63.35 40.83 36.08
CA GLU A 2205 -62.13 40.86 35.43
C GLU A 2205 -61.54 42.26 35.57
N THR A 2206 -62.39 43.28 35.57
CA THR A 2206 -61.93 44.64 35.64
C THR A 2206 -61.31 45.05 36.94
N VAL A 2207 -62.05 44.73 37.94
CA VAL A 2207 -61.63 45.08 39.20
C VAL A 2207 -60.37 44.30 39.51
N MET A 2208 -60.32 43.08 39.04
CA MET A 2208 -59.13 42.28 39.24
C MET A 2208 -57.96 42.90 38.52
N GLU A 2209 -58.23 43.50 37.37
CA GLU A 2209 -57.17 44.18 36.68
C GLU A 2209 -56.68 45.34 37.46
N VAL A 2210 -57.58 45.99 38.16
CA VAL A 2210 -57.19 47.01 39.08
C VAL A 2210 -56.29 46.49 40.17
N MET A 2211 -56.59 45.31 40.60
CA MET A 2211 -55.86 44.75 41.66
C MET A 2211 -54.48 44.52 41.24
N VAL A 2212 -54.32 43.94 40.06
CA VAL A 2212 -53.00 43.64 39.52
C VAL A 2212 -52.21 44.91 39.37
N ASN A 2213 -52.94 45.93 38.95
CA ASN A 2213 -52.32 47.18 38.71
C ASN A 2213 -51.77 47.81 39.96
N VAL A 2214 -52.50 47.65 41.04
CA VAL A 2214 -51.98 48.07 42.30
C VAL A 2214 -50.78 47.24 42.69
N LEU A 2215 -50.84 45.97 42.32
CA LEU A 2215 -49.85 45.06 42.79
C LEU A 2215 -48.53 45.14 42.11
N GLY A 2216 -48.51 45.86 41.00
CA GLY A 2216 -47.27 46.17 40.36
C GLY A 2216 -46.39 47.19 41.09
N PRO A 2226 -50.39 49.84 49.36
CA PRO A 2226 -51.65 50.53 49.27
C PRO A 2226 -52.83 49.81 50.03
N LYS A 2227 -53.37 50.45 51.05
CA LYS A 2227 -54.27 49.79 52.06
C LYS A 2227 -55.66 49.44 51.57
N MET A 2228 -56.11 50.17 50.60
CA MET A 2228 -57.50 50.07 50.18
C MET A 2228 -57.76 48.71 49.56
N VAL A 2229 -56.66 48.13 49.11
CA VAL A 2229 -56.66 46.99 48.26
C VAL A 2229 -57.35 45.84 48.88
N THR A 2230 -57.25 45.77 50.19
CA THR A 2230 -57.73 44.63 50.88
C THR A 2230 -59.27 44.56 50.85
N SER A 2231 -59.97 45.65 51.15
CA SER A 2231 -61.43 45.63 51.09
C SER A 2231 -61.95 45.34 49.70
N CYS A 2232 -61.21 45.83 48.74
CA CYS A 2232 -61.53 45.55 47.38
C CYS A 2232 -61.40 44.07 47.03
N CYS A 2233 -60.44 43.47 47.65
CA CYS A 2233 -60.19 42.11 47.41
C CYS A 2233 -61.29 41.27 48.05
N ARG A 2234 -61.70 41.66 49.26
CA ARG A 2234 -62.76 40.95 49.97
C ARG A 2234 -64.08 41.13 49.18
N PHE A 2235 -64.16 42.24 48.46
CA PHE A 2235 -65.25 42.46 47.53
C PHE A 2235 -65.29 41.47 46.40
N LEU A 2236 -64.16 41.33 45.75
CA LEU A 2236 -64.14 40.49 44.64
C LEU A 2236 -64.39 39.08 45.08
N CYS A 2237 -63.97 38.80 46.31
CA CYS A 2237 -64.18 37.50 46.90
C CYS A 2237 -65.66 37.20 47.07
N TYR A 2238 -66.36 38.15 47.69
CA TYR A 2238 -67.79 37.95 47.97
C TYR A 2238 -68.53 37.87 46.68
N PHE A 2239 -68.02 38.59 45.69
CA PHE A 2239 -68.53 38.51 44.35
C PHE A 2239 -68.39 37.14 43.78
N CYS A 2240 -67.28 36.55 44.05
CA CYS A 2240 -67.08 35.26 43.55
C CYS A 2240 -68.00 34.24 44.21
N ARG A 2241 -68.38 34.53 45.45
CA ARG A 2241 -69.07 33.59 46.29
C ARG A 2241 -70.42 33.19 45.82
N ILE A 2242 -71.09 34.09 45.15
CA ILE A 2242 -72.50 33.94 44.96
C ILE A 2242 -72.95 32.78 44.04
N SER A 2243 -72.12 32.40 43.06
CA SER A 2243 -72.56 31.45 42.09
C SER A 2243 -71.46 30.70 41.41
N ARG A 2244 -71.80 29.50 41.03
CA ARG A 2244 -70.88 28.66 40.36
C ARG A 2244 -70.57 29.16 38.95
N GLN A 2245 -71.50 29.86 38.36
CA GLN A 2245 -71.32 30.35 37.01
C GLN A 2245 -70.54 31.63 36.99
N ASN A 2246 -69.55 31.67 37.83
CA ASN A 2246 -68.83 32.87 38.11
C ASN A 2246 -67.66 32.44 38.92
N GLN A 2247 -67.92 31.54 39.84
CA GLN A 2247 -66.88 30.89 40.54
C GLN A 2247 -66.04 30.11 39.54
N ARG A 2248 -66.64 29.56 38.49
CA ARG A 2248 -65.90 28.99 37.37
C ARG A 2248 -64.95 29.96 36.79
N SER A 2249 -65.50 31.13 36.60
CA SER A 2249 -64.87 32.10 35.80
C SER A 2249 -63.65 32.62 36.48
N MET A 2250 -63.82 32.98 37.72
CA MET A 2250 -62.70 33.47 38.44
C MET A 2250 -61.77 32.36 38.77
N PHE A 2251 -62.31 31.15 38.77
CA PHE A 2251 -61.44 30.00 38.95
C PHE A 2251 -60.42 29.91 37.83
N ASP A 2252 -60.85 30.34 36.65
CA ASP A 2252 -59.95 30.36 35.53
C ASP A 2252 -58.78 31.31 35.69
N HIS A 2253 -58.99 32.32 36.51
CA HIS A 2253 -57.99 33.33 36.77
C HIS A 2253 -57.04 33.03 37.86
N LEU A 2254 -57.29 31.97 38.60
CA LEU A 2254 -56.63 31.82 39.89
C LEU A 2254 -55.13 31.65 39.90
N SER A 2255 -54.52 31.14 38.84
CA SER A 2255 -53.04 31.05 38.87
C SER A 2255 -52.47 32.42 38.80
N TYR A 2256 -53.10 33.19 37.95
CA TYR A 2256 -52.80 34.54 37.72
C TYR A 2256 -52.98 35.32 39.02
N LEU A 2257 -54.03 34.96 39.74
CA LEU A 2257 -54.29 35.52 41.08
C LEU A 2257 -53.26 35.10 42.10
N LEU A 2258 -52.68 33.94 41.89
CA LEU A 2258 -51.73 33.43 42.85
C LEU A 2258 -50.35 34.07 42.69
N GLU A 2259 -50.01 34.39 41.46
CA GLU A 2259 -48.75 35.09 41.24
C GLU A 2259 -48.77 36.37 41.99
N ASN A 2260 -49.97 36.87 42.03
CA ASN A 2260 -50.31 37.96 42.87
C ASN A 2260 -50.41 37.61 44.36
N SER A 2261 -50.74 36.37 44.68
CA SER A 2261 -50.97 36.00 46.06
C SER A 2261 -49.67 35.71 46.78
N GLY A 2262 -48.59 35.85 46.04
CA GLY A 2262 -47.26 35.74 46.61
C GLY A 2262 -47.04 36.85 47.70
N ILE A 2263 -47.82 37.92 47.63
CA ILE A 2263 -47.78 39.01 48.60
C ILE A 2263 -48.80 38.87 49.74
N THR A 2271 -55.90 40.06 51.07
CA THR A 2271 -55.56 38.66 50.88
C THR A 2271 -56.29 37.99 49.69
N PRO A 2272 -55.63 37.98 48.53
CA PRO A 2272 -56.11 37.36 47.28
C PRO A 2272 -56.36 35.86 47.42
N LEU A 2273 -55.56 35.27 48.28
CA LEU A 2273 -55.65 33.89 48.55
C LEU A 2273 -57.02 33.50 49.04
N ASP A 2274 -57.60 34.41 49.79
CA ASP A 2274 -58.97 34.24 50.25
C ASP A 2274 -59.93 34.13 49.09
N VAL A 2275 -59.65 34.93 48.11
CA VAL A 2275 -60.44 34.91 46.93
C VAL A 2275 -60.29 33.60 46.22
N ALA A 2276 -59.09 33.06 46.29
CA ALA A 2276 -58.84 31.84 45.62
C ALA A 2276 -59.64 30.72 46.26
N ALA A 2277 -59.57 30.64 47.57
CA ALA A 2277 -60.30 29.58 48.24
C ALA A 2277 -61.82 29.73 48.08
N ALA A 2278 -62.27 30.98 48.03
CA ALA A 2278 -63.67 31.24 47.78
C ALA A 2278 -64.04 30.76 46.37
N SER A 2279 -63.07 30.83 45.48
CA SER A 2279 -63.29 30.39 44.11
C SER A 2279 -63.21 28.90 43.93
N VAL A 2280 -62.73 28.22 44.94
CA VAL A 2280 -62.55 26.81 44.78
C VAL A 2280 -63.48 25.93 45.59
N ILE A 2281 -63.68 26.27 46.86
CA ILE A 2281 -64.28 25.35 47.85
C ILE A 2281 -65.70 24.88 47.51
N ASP A 2282 -66.53 25.80 47.03
CA ASP A 2282 -67.93 25.48 46.85
C ASP A 2282 -68.21 24.48 45.74
N ASN A 2283 -67.29 24.42 44.79
CA ASN A 2283 -67.47 23.57 43.65
C ASN A 2283 -66.35 22.62 43.46
N ASN A 2284 -66.66 21.40 43.80
CA ASN A 2284 -65.80 20.31 43.61
C ASN A 2284 -65.47 20.10 42.15
N GLU A 2285 -66.41 20.41 41.30
CA GLU A 2285 -66.30 20.08 39.91
C GLU A 2285 -65.19 20.77 39.22
N LEU A 2286 -64.87 21.97 39.63
CA LEU A 2286 -63.67 22.56 39.13
C LEU A 2286 -62.55 22.47 40.14
N ALA A 2287 -62.88 22.05 41.34
CA ALA A 2287 -61.85 21.73 42.23
C ALA A 2287 -61.07 20.55 41.73
N LEU A 2288 -61.73 19.73 40.97
CA LEU A 2288 -61.08 18.72 40.26
C LEU A 2288 -60.18 19.29 39.20
N ALA A 2289 -60.60 20.40 38.61
CA ALA A 2289 -59.90 20.90 37.44
C ALA A 2289 -58.58 21.65 37.72
N LEU A 2290 -58.32 21.96 39.00
CA LEU A 2290 -57.17 22.78 39.35
C LEU A 2290 -55.82 22.20 38.98
N GLN A 2291 -55.00 23.11 38.47
CA GLN A 2291 -53.66 22.80 38.06
C GLN A 2291 -52.75 22.52 39.20
N GLU A 2292 -51.79 21.69 38.89
CA GLU A 2292 -50.73 21.41 39.85
C GLU A 2292 -49.86 22.61 40.05
N GLN A 2293 -49.77 23.43 39.02
CA GLN A 2293 -48.91 24.54 39.03
C GLN A 2293 -49.37 25.54 40.04
N ASP A 2294 -50.69 25.60 40.29
CA ASP A 2294 -51.21 26.49 41.33
C ASP A 2294 -50.53 26.19 42.62
N LEU A 2295 -50.46 24.90 42.82
CA LEU A 2295 -50.07 24.38 44.04
C LEU A 2295 -48.56 24.48 44.18
N GLU A 2296 -47.84 24.25 43.10
CA GLU A 2296 -46.39 24.42 43.17
C GLU A 2296 -45.98 25.83 43.41
N LYS A 2297 -46.77 26.74 42.90
CA LYS A 2297 -46.51 28.09 43.19
C LYS A 2297 -46.87 28.36 44.69
N VAL A 2298 -47.93 27.70 45.21
CA VAL A 2298 -48.36 27.89 46.60
C VAL A 2298 -47.23 27.46 47.55
N VAL A 2299 -46.69 26.27 47.30
CA VAL A 2299 -45.56 25.80 48.10
C VAL A 2299 -44.29 26.60 47.85
N SER A 2300 -44.19 27.16 46.65
CA SER A 2300 -43.05 27.98 46.35
C SER A 2300 -43.06 29.20 47.23
N TYR A 2301 -44.27 29.67 47.52
CA TYR A 2301 -44.45 30.76 48.44
C TYR A 2301 -44.10 30.37 49.85
N LEU A 2302 -44.15 29.08 50.14
CA LEU A 2302 -43.69 28.57 51.41
C LEU A 2302 -42.16 28.35 51.34
N ALA A 2303 -41.31 29.39 51.37
CA ALA A 2303 -39.82 29.19 51.18
C ALA A 2303 -38.89 29.76 52.33
N GLY A 2304 -38.68 31.07 52.37
CA GLY A 2304 -37.94 31.67 53.51
C GLY A 2304 -38.86 32.03 54.67
N CYS A 2305 -40.16 31.58 54.68
CA CYS A 2305 -41.14 31.94 55.77
C CYS A 2305 -40.96 30.98 56.91
N GLY A 2306 -40.21 31.44 57.89
CA GLY A 2306 -39.75 30.61 58.97
C GLY A 2306 -38.35 31.07 59.39
N LEU A 2307 -38.10 32.38 59.43
CA LEU A 2307 -36.76 32.90 59.76
C LEU A 2307 -36.74 33.38 61.22
N PRO A 2325 -44.89 31.57 59.72
CA PRO A 2325 -45.51 32.84 59.70
C PRO A 2325 -46.97 32.78 59.37
N CYS A 2326 -47.60 33.92 59.56
CA CYS A 2326 -48.99 34.11 59.23
C CYS A 2326 -49.32 33.95 57.74
N GLY A 2327 -48.40 34.37 56.89
CA GLY A 2327 -48.59 34.18 55.46
C GLY A 2327 -48.46 32.70 55.10
N GLY A 2328 -47.53 32.04 55.80
CA GLY A 2328 -47.36 30.61 55.65
C GLY A 2328 -48.58 29.82 56.15
N GLU A 2329 -49.15 30.22 57.30
CA GLU A 2329 -50.40 29.60 57.80
C GLU A 2329 -51.59 29.89 56.88
N ARG A 2330 -51.59 31.03 56.21
CA ARG A 2330 -52.60 31.28 55.17
C ARG A 2330 -52.41 30.36 53.95
N TYR A 2331 -51.15 30.12 53.54
CA TYR A 2331 -50.84 29.21 52.39
C TYR A 2331 -51.34 27.86 52.72
N LEU A 2332 -51.20 27.52 53.98
CA LEU A 2332 -51.74 26.27 54.50
C LEU A 2332 -53.26 26.29 54.51
N ASP A 2333 -53.85 27.43 54.79
CA ASP A 2333 -55.29 27.54 54.86
C ASP A 2333 -55.92 27.30 53.49
N PHE A 2334 -55.21 27.71 52.45
CA PHE A 2334 -55.73 27.48 51.10
C PHE A 2334 -55.73 26.04 50.68
N LEU A 2335 -54.61 25.43 50.96
CA LEU A 2335 -54.45 24.10 50.58
C LEU A 2335 -55.35 23.23 51.51
N ARG A 2336 -55.65 23.75 52.71
CA ARG A 2336 -56.67 23.21 53.62
C ARG A 2336 -58.03 23.24 52.98
N PHE A 2337 -58.28 24.32 52.25
CA PHE A 2337 -59.55 24.46 51.54
C PHE A 2337 -59.55 23.83 50.16
N ALA A 2338 -58.35 23.51 49.67
CA ALA A 2338 -58.10 23.05 48.30
C ALA A 2338 -58.53 21.65 48.00
N VAL A 2339 -58.90 20.91 49.01
CA VAL A 2339 -59.20 19.55 48.83
C VAL A 2339 -60.44 19.13 49.53
N PHE A 2340 -60.68 19.55 50.76
CA PHE A 2340 -61.65 18.85 51.61
C PHE A 2340 -63.03 19.08 51.09
N VAL A 2341 -63.24 20.24 50.51
CA VAL A 2341 -64.47 20.54 49.80
C VAL A 2341 -65.75 20.17 50.56
N ASN A 2342 -66.85 20.06 49.84
CA ASN A 2342 -68.19 19.87 50.39
C ASN A 2342 -68.40 18.53 51.10
N GLY A 2343 -67.67 17.56 50.63
CA GLY A 2343 -67.78 16.26 51.16
C GLY A 2343 -66.42 15.80 51.46
N GLU A 2344 -66.20 14.56 51.08
CA GLU A 2344 -64.91 13.96 51.34
C GLU A 2344 -63.98 14.50 50.30
N SER A 2345 -62.73 14.72 50.72
CA SER A 2345 -61.72 15.26 49.88
C SER A 2345 -61.49 14.34 48.78
N VAL A 2346 -61.32 14.90 47.61
CA VAL A 2346 -61.18 14.06 46.47
C VAL A 2346 -59.84 13.43 46.45
N GLU A 2347 -59.82 12.20 45.95
CA GLU A 2347 -58.58 11.46 45.87
C GLU A 2347 -57.72 11.98 44.78
N GLU A 2348 -58.31 12.77 43.92
CA GLU A 2348 -57.63 13.31 42.78
C GLU A 2348 -56.60 14.34 43.22
N ASN A 2349 -57.11 15.51 43.59
CA ASN A 2349 -56.33 16.62 44.01
C ASN A 2349 -55.50 16.29 45.22
N ALA A 2350 -56.06 15.54 46.14
CA ALA A 2350 -55.39 15.29 47.38
C ALA A 2350 -54.14 14.51 47.19
N ASN A 2351 -54.13 13.64 46.21
CA ASN A 2351 -52.96 12.86 45.95
C ASN A 2351 -51.84 13.75 45.43
N VAL A 2352 -52.19 14.62 44.50
CA VAL A 2352 -51.19 15.49 43.89
C VAL A 2352 -50.63 16.48 44.91
N VAL A 2353 -51.47 16.83 45.89
CA VAL A 2353 -51.02 17.64 47.01
C VAL A 2353 -50.02 16.89 47.86
N VAL A 2354 -50.44 15.68 48.21
CA VAL A 2354 -49.71 14.89 49.15
C VAL A 2354 -48.32 14.54 48.59
N ARG A 2355 -48.17 14.46 47.29
CA ARG A 2355 -46.89 14.10 46.70
C ARG A 2355 -45.79 15.10 47.06
N LEU A 2356 -46.21 16.35 47.23
CA LEU A 2356 -45.28 17.45 47.35
C LEU A 2356 -45.15 18.04 48.72
N LEU A 2357 -46.01 17.64 49.65
CA LEU A 2357 -46.14 18.29 50.97
C LEU A 2357 -44.90 18.31 51.81
N ILE A 2358 -44.18 17.20 51.76
CA ILE A 2358 -43.06 17.04 52.62
C ILE A 2358 -41.84 17.92 52.13
N ARG A 2359 -41.86 18.25 50.84
CA ARG A 2359 -40.68 18.74 50.09
C ARG A 2359 -40.08 20.11 50.54
N LYS A 2360 -40.94 20.96 51.03
CA LYS A 2360 -40.50 22.32 51.38
C LYS A 2360 -40.10 22.50 52.84
N PRO A 2361 -40.76 21.79 53.81
CA PRO A 2361 -40.16 21.82 55.12
C PRO A 2361 -38.72 21.32 55.03
N GLU A 2362 -38.50 20.36 54.16
CA GLU A 2362 -37.16 19.83 53.92
C GLU A 2362 -36.52 20.53 52.72
N GLY A 2375 -38.09 18.03 66.98
CA GLY A 2375 -38.72 18.52 68.18
C GLY A 2375 -39.70 19.64 67.93
N LEU A 2376 -40.55 19.42 66.96
CA LEU A 2376 -41.54 20.44 66.61
C LEU A 2376 -42.59 20.57 67.76
N LEU A 2377 -42.77 19.46 68.51
CA LEU A 2377 -43.69 19.48 69.68
C LEU A 2377 -43.23 20.45 70.75
N ALA A 2378 -41.92 20.60 70.85
CA ALA A 2378 -41.32 21.70 71.67
C ALA A 2378 -41.79 23.11 71.24
N ALA A 2379 -41.81 23.38 69.91
CA ALA A 2379 -42.31 24.68 69.42
C ALA A 2379 -43.81 24.83 69.83
N ILE A 2380 -44.53 23.68 69.73
CA ILE A 2380 -46.00 23.62 70.06
C ILE A 2380 -46.32 24.02 71.54
N GLU A 2381 -45.68 23.28 72.44
CA GLU A 2381 -46.01 23.44 73.86
C GLU A 2381 -45.39 24.79 74.42
N GLU A 2382 -44.23 25.23 73.87
CA GLU A 2382 -43.69 26.57 74.29
C GLU A 2382 -44.65 27.66 73.91
N ALA A 2383 -45.30 27.40 72.78
CA ALA A 2383 -46.32 28.34 72.35
C ALA A 2383 -47.56 28.33 73.30
N ILE A 2384 -48.00 27.13 73.71
CA ILE A 2384 -49.19 26.94 74.61
C ILE A 2384 -48.99 27.60 75.93
N ARG A 2385 -47.75 27.62 76.37
CA ARG A 2385 -47.46 28.14 77.66
C ARG A 2385 -47.40 29.71 77.75
N ILE A 2386 -47.36 30.47 76.64
CA ILE A 2386 -47.03 31.97 76.75
C ILE A 2386 -48.21 32.96 76.96
N GLY A 2419 -43.11 33.90 68.88
CA GLY A 2419 -44.42 34.51 69.18
C GLY A 2419 -45.62 33.76 68.59
N HIS A 2420 -46.83 34.35 68.60
CA HIS A 2420 -48.04 33.68 68.05
C HIS A 2420 -48.13 33.76 66.47
N ALA A 2421 -47.31 32.98 65.73
CA ALA A 2421 -47.34 32.91 64.20
C ALA A 2421 -46.93 31.50 63.64
N ILE A 2422 -45.68 31.22 63.95
CA ILE A 2422 -45.01 30.01 63.57
C ILE A 2422 -45.73 28.80 64.27
N MET A 2423 -46.22 29.02 65.49
CA MET A 2423 -46.99 27.97 66.26
C MET A 2423 -48.28 27.54 65.59
N SER A 2424 -48.94 28.51 64.99
CA SER A 2424 -50.17 28.26 64.32
C SER A 2424 -49.82 27.81 62.87
N PHE A 2425 -48.55 27.96 62.43
CA PHE A 2425 -48.06 27.32 61.15
C PHE A 2425 -48.01 25.82 61.37
N TYR A 2426 -47.32 25.41 62.45
CA TYR A 2426 -47.23 24.00 62.78
C TYR A 2426 -48.66 23.44 63.16
N ALA A 2427 -49.54 24.31 63.69
CA ALA A 2427 -50.93 23.88 64.01
C ALA A 2427 -51.86 23.75 62.82
N ALA A 2428 -51.79 24.68 61.90
CA ALA A 2428 -52.56 24.55 60.69
C ALA A 2428 -52.02 23.40 59.81
N LEU A 2429 -50.71 23.18 59.87
CA LEU A 2429 -50.08 22.20 58.97
C LEU A 2429 -50.63 20.82 59.26
N ILE A 2430 -50.95 20.58 60.54
CA ILE A 2430 -51.51 19.28 60.97
C ILE A 2430 -52.90 19.02 60.46
N ASP A 2431 -53.70 20.08 60.45
CA ASP A 2431 -55.00 19.93 59.88
C ASP A 2431 -54.88 19.72 58.40
N LEU A 2432 -53.86 20.33 57.81
CA LEU A 2432 -53.64 20.22 56.39
C LEU A 2432 -53.28 18.84 55.97
N LEU A 2433 -52.41 18.23 56.74
CA LEU A 2433 -52.05 16.88 56.48
C LEU A 2433 -53.22 15.97 56.82
N GLY A 2434 -54.07 16.37 57.77
CA GLY A 2434 -55.26 15.61 58.20
C GLY A 2434 -56.37 15.51 57.18
N ARG A 2435 -56.73 16.61 56.56
CA ARG A 2435 -57.83 16.58 55.62
C ARG A 2435 -57.52 15.80 54.34
N CYS A 2436 -56.26 15.76 53.93
CA CYS A 2436 -55.83 14.95 52.79
C CYS A 2436 -55.73 13.49 53.21
N ALA A 2437 -55.75 12.59 52.23
CA ALA A 2437 -55.84 11.19 52.51
C ALA A 2437 -55.54 10.32 51.26
N GLU A 2449 -53.25 1.68 45.57
CA GLU A 2449 -52.31 2.71 45.13
C GLU A 2449 -52.39 3.95 46.01
N ALA A 2450 -53.59 4.45 46.29
CA ALA A 2450 -53.71 5.52 47.31
C ALA A 2450 -53.42 4.93 48.69
N LEU A 2451 -53.79 3.65 48.94
CA LEU A 2451 -53.51 2.96 50.22
C LEU A 2451 -51.92 2.93 50.42
N ARG A 2452 -51.13 2.93 49.34
CA ARG A 2452 -49.67 3.04 49.42
C ARG A 2452 -49.21 4.29 50.14
N ILE A 2453 -49.44 5.38 49.48
CA ILE A 2453 -49.00 6.61 49.93
C ILE A 2453 -49.85 7.10 51.13
N ARG A 2454 -51.11 6.69 51.29
CA ARG A 2454 -51.88 7.24 52.44
C ARG A 2454 -51.31 6.75 53.75
N ALA A 2455 -50.66 5.61 53.70
CA ALA A 2455 -49.89 5.19 54.83
C ALA A 2455 -48.66 6.14 55.12
N ILE A 2456 -48.04 6.75 54.07
CA ILE A 2456 -46.81 7.61 54.23
C ILE A 2456 -47.13 8.82 55.06
N LEU A 2457 -48.41 9.21 55.12
CA LEU A 2457 -48.84 10.35 55.95
C LEU A 2457 -48.54 10.12 57.39
N ARG A 2458 -48.82 8.89 57.75
CA ARG A 2458 -48.68 8.51 59.11
C ARG A 2458 -47.18 8.44 59.45
N SER A 2459 -46.29 8.26 58.46
CA SER A 2459 -44.81 8.27 58.71
C SER A 2459 -44.19 9.66 58.57
N LEU A 2460 -44.79 10.44 57.66
CA LEU A 2460 -44.34 11.77 57.37
C LEU A 2460 -45.59 12.60 57.02
N LEU A 2463 -48.75 8.89 62.37
CA LEU A 2463 -47.77 8.75 63.46
C LEU A 2463 -46.58 9.73 63.30
N ASP A 2464 -46.58 10.49 62.22
CA ASP A 2464 -45.63 11.57 62.02
C ASP A 2464 -45.83 12.59 63.13
N ASP A 2465 -47.08 12.67 63.60
CA ASP A 2465 -47.51 13.43 64.76
C ASP A 2465 -47.54 12.50 66.02
N LEU A 2466 -48.49 11.56 66.04
CA LEU A 2466 -48.59 10.52 67.08
C LEU A 2466 -48.66 11.10 68.46
N VAL A 2467 -47.50 11.28 69.05
CA VAL A 2467 -47.41 11.89 70.34
C VAL A 2467 -47.92 13.35 70.29
N GLY A 2468 -47.82 13.97 69.11
CA GLY A 2468 -48.38 15.27 68.90
C GLY A 2468 -49.87 15.25 69.16
N ILE A 2469 -50.56 14.12 68.89
CA ILE A 2469 -51.99 13.97 69.25
C ILE A 2469 -52.21 14.15 70.75
N ILE A 2470 -51.27 13.59 71.47
CA ILE A 2470 -51.39 13.65 72.87
C ILE A 2470 -51.15 15.13 73.33
N SER A 2471 -50.42 15.95 72.52
CA SER A 2471 -50.19 17.41 72.80
C SER A 2471 -51.52 18.09 72.96
N LEU A 2472 -52.53 17.59 72.23
CA LEU A 2472 -53.87 18.18 72.27
C LEU A 2472 -54.48 18.11 73.67
N PRO A 2473 -54.16 17.01 74.34
CA PRO A 2473 -54.52 16.84 75.71
C PRO A 2473 -53.91 17.87 76.67
N LEU A 2474 -52.68 18.30 76.35
CA LEU A 2474 -51.91 19.27 77.20
C LEU A 2474 -52.43 20.73 77.04
N GLN A 2475 -53.20 20.91 75.96
CA GLN A 2475 -53.42 22.25 75.39
C GLN A 2475 -54.20 23.25 76.34
N ILE A 2476 -55.03 22.74 77.26
CA ILE A 2476 -56.20 23.52 77.69
C ILE A 2476 -55.76 24.62 78.65
N PHE A 2494 -55.90 31.76 69.10
CA PHE A 2494 -55.00 30.92 69.87
C PHE A 2494 -55.57 29.41 70.00
N VAL A 2495 -56.12 29.00 71.17
CA VAL A 2495 -56.33 27.53 71.49
C VAL A 2495 -57.19 26.67 70.52
N PRO A 2496 -58.40 27.14 70.13
CA PRO A 2496 -59.29 26.24 69.32
C PRO A 2496 -58.73 25.72 68.04
N ASP A 2497 -57.84 26.49 67.34
CA ASP A 2497 -57.09 26.06 66.07
C ASP A 2497 -56.37 24.75 66.33
N HIS A 2498 -55.83 24.63 67.55
CA HIS A 2498 -54.93 23.51 67.88
C HIS A 2498 -55.84 22.20 67.90
N LYS A 2499 -56.95 22.21 68.71
CA LYS A 2499 -57.96 21.05 68.77
C LYS A 2499 -58.60 20.80 67.40
N ALA A 2500 -58.98 21.88 66.74
CA ALA A 2500 -59.71 21.78 65.49
C ALA A 2500 -58.81 21.18 64.38
N SER A 2501 -57.49 21.37 64.51
CA SER A 2501 -56.52 20.79 63.56
C SER A 2501 -56.23 19.32 63.88
N MET A 2502 -55.72 19.11 65.08
CA MET A 2502 -55.26 17.78 65.44
C MET A 2502 -56.39 16.72 65.58
N VAL A 2503 -57.63 17.10 66.00
CA VAL A 2503 -58.78 16.11 66.12
C VAL A 2503 -59.12 15.55 64.74
N LEU A 2504 -59.21 16.45 63.76
CA LEU A 2504 -59.46 16.06 62.37
C LEU A 2504 -58.27 15.30 61.77
N PHE A 2505 -57.04 15.63 62.18
CA PHE A 2505 -55.88 14.83 61.76
C PHE A 2505 -55.99 13.41 62.25
N LEU A 2506 -56.59 13.27 63.43
CA LEU A 2506 -56.69 11.99 64.07
C LEU A 2506 -57.84 11.13 63.49
N ASP A 2507 -58.99 11.75 63.23
CA ASP A 2507 -60.16 11.01 62.76
C ASP A 2507 -59.95 10.45 61.33
N ARG A 2508 -59.16 11.13 60.51
CA ARG A 2508 -58.93 10.74 59.10
C ARG A 2508 -57.95 9.60 58.84
N VAL A 2509 -57.15 9.30 59.85
CA VAL A 2509 -56.14 8.26 59.75
C VAL A 2509 -56.28 7.19 60.90
N TYR A 2510 -56.85 7.53 62.07
CA TYR A 2510 -56.98 6.53 63.24
C TYR A 2510 -58.41 6.42 63.84
N ASN A 2514 -59.24 -1.31 69.37
CA ASN A 2514 -58.58 -0.13 69.86
C ASN A 2514 -59.46 0.80 70.66
N GLN A 2515 -60.50 0.21 71.21
CA GLN A 2515 -61.21 0.80 72.33
C GLN A 2515 -60.32 1.24 73.52
N ASP A 2516 -59.35 0.39 73.85
CA ASP A 2516 -58.41 0.74 74.95
C ASP A 2516 -57.53 1.93 74.58
N PHE A 2517 -57.22 2.04 73.27
CA PHE A 2517 -56.44 3.16 72.85
C PHE A 2517 -57.24 4.45 73.03
N LEU A 2518 -58.55 4.37 72.87
CA LEU A 2518 -59.48 5.45 73.25
C LEU A 2518 -59.43 5.72 74.72
N LEU A 2519 -59.18 4.68 75.52
CA LEU A 2519 -59.13 4.90 76.94
C LEU A 2519 -57.85 5.70 77.24
N HIS A 2520 -56.80 5.44 76.42
CA HIS A 2520 -55.55 6.25 76.42
C HIS A 2520 -55.89 7.69 76.01
N VAL A 2521 -56.81 7.83 75.07
CA VAL A 2521 -57.14 9.15 74.59
C VAL A 2521 -57.95 9.92 75.66
N LEU A 2522 -58.64 9.20 76.57
CA LEU A 2522 -59.50 9.83 77.64
C LEU A 2522 -58.81 10.85 78.55
N VAL A 2524 -56.45 13.26 76.16
CA VAL A 2524 -57.32 13.73 77.23
C VAL A 2524 -58.08 14.98 76.81
N GLY A 2525 -59.08 14.82 75.94
CA GLY A 2525 -59.94 15.94 75.60
C GLY A 2525 -60.88 16.36 76.73
N PHE A 2526 -61.02 15.44 77.73
CA PHE A 2526 -61.93 15.64 78.90
C PHE A 2526 -61.49 16.89 79.70
N LEU A 2527 -60.22 17.30 79.61
CA LEU A 2527 -59.68 18.59 80.20
C LEU A 2527 -60.55 19.82 79.86
N PRO A 2528 -60.72 20.01 78.57
CA PRO A 2528 -61.55 21.11 78.17
C PRO A 2528 -63.08 20.89 78.59
N ASP A 2529 -63.55 19.63 78.74
CA ASP A 2529 -64.95 19.34 79.32
C ASP A 2529 -64.98 19.79 80.77
N MET A 2530 -63.83 19.71 81.48
CA MET A 2530 -63.65 20.32 82.83
C MET A 2530 -63.68 21.84 82.73
N ARG A 2531 -63.18 22.37 81.61
CA ARG A 2531 -63.18 23.84 81.37
C ARG A 2531 -64.61 24.40 80.95
N ALA A 2532 -65.51 23.44 80.61
CA ALA A 2532 -66.89 23.73 80.04
C ALA A 2532 -67.74 24.61 80.94
N ALA A 2533 -67.63 24.42 82.27
CA ALA A 2533 -68.52 25.20 83.19
C ALA A 2533 -67.98 26.66 83.38
N ALA A 2534 -66.72 26.90 82.97
CA ALA A 2534 -66.05 28.20 83.22
C ALA A 2534 -66.67 29.39 82.43
N SER A 2535 -67.41 29.07 81.37
CA SER A 2535 -68.14 30.05 80.53
C SER A 2535 -69.14 30.92 81.27
N LEU A 2536 -69.77 30.37 82.30
CA LEU A 2536 -70.86 31.04 82.97
C LEU A 2536 -70.27 31.97 84.03
N THR A 2544 -64.66 36.43 78.15
CA THR A 2544 -63.38 35.77 78.02
C THR A 2544 -63.24 35.17 76.58
N GLU A 2545 -62.03 34.76 76.16
CA GLU A 2545 -61.76 34.11 74.83
C GLU A 2545 -62.06 32.58 74.94
N MET A 2546 -63.25 32.20 75.40
CA MET A 2546 -63.46 30.84 76.00
C MET A 2546 -64.96 30.53 76.06
N ALA A 2547 -65.74 31.48 76.59
CA ALA A 2547 -67.20 31.30 76.83
C ALA A 2547 -67.95 31.03 75.57
N LEU A 2548 -67.53 31.73 74.54
CA LEU A 2548 -68.16 31.65 73.26
C LEU A 2548 -67.56 30.44 72.48
N ALA A 2549 -66.36 30.01 72.90
CA ALA A 2549 -65.61 28.92 72.24
C ALA A 2549 -66.28 27.52 72.36
N LEU A 2550 -67.14 27.35 73.37
CA LEU A 2550 -67.77 26.05 73.64
C LEU A 2550 -68.63 25.46 72.46
N ASN A 2551 -69.28 26.35 71.74
CA ASN A 2551 -70.18 25.96 70.65
C ASN A 2551 -69.38 25.33 69.45
N ARG A 2552 -68.11 25.69 69.27
CA ARG A 2552 -67.27 25.01 68.25
C ARG A 2552 -66.60 23.71 68.89
N TYR A 2553 -66.33 23.79 70.18
CA TYR A 2553 -65.96 22.60 70.97
C TYR A 2553 -67.15 21.62 71.04
N LEU A 2554 -68.36 22.14 70.88
CA LEU A 2554 -69.59 21.33 70.76
C LEU A 2554 -69.54 20.41 69.55
N CYS A 2555 -68.89 20.87 68.49
CA CYS A 2555 -68.58 20.01 67.33
C CYS A 2555 -67.38 19.06 67.59
N LEU A 2556 -66.33 19.64 68.21
CA LEU A 2556 -65.06 18.93 68.37
C LEU A 2556 -65.27 17.70 69.29
N ALA A 2557 -66.18 17.83 70.27
CA ALA A 2557 -66.56 16.69 71.12
C ALA A 2557 -67.27 15.56 70.36
N VAL A 2558 -68.10 15.99 69.42
CA VAL A 2558 -68.85 15.04 68.63
C VAL A 2558 -67.93 14.24 67.63
N LEU A 2559 -66.84 14.87 67.16
CA LEU A 2559 -65.93 14.28 66.12
C LEU A 2559 -65.38 12.85 66.40
N PRO A 2560 -64.78 12.60 67.58
CA PRO A 2560 -64.08 11.31 67.70
C PRO A 2560 -65.00 10.15 68.09
N LEU A 2561 -66.22 10.10 67.54
CA LEU A 2561 -67.06 8.89 67.66
C LEU A 2561 -66.38 7.67 66.99
N ILE A 2562 -65.50 7.93 66.04
CA ILE A 2562 -64.71 6.95 65.33
C ILE A 2562 -63.24 6.78 65.84
N PRO A 2567 -58.20 2.70 82.35
CA PRO A 2567 -59.26 1.74 82.00
C PRO A 2567 -60.66 2.21 82.43
N LEU A 2568 -61.50 1.32 82.97
CA LEU A 2568 -62.97 1.44 82.81
C LEU A 2568 -63.59 2.56 83.62
N PHE A 2569 -63.04 2.76 84.80
CA PHE A 2569 -63.65 3.78 85.68
C PHE A 2569 -63.24 5.18 85.16
N ALA A 2570 -62.06 5.27 84.48
CA ALA A 2570 -61.63 6.55 83.76
C ALA A 2570 -62.73 6.89 82.71
N GLY A 2571 -63.24 5.83 82.08
CA GLY A 2571 -64.32 5.95 81.08
C GLY A 2571 -65.64 6.35 81.76
N THR A 2572 -65.86 5.87 83.00
CA THR A 2572 -66.99 6.36 83.83
C THR A 2572 -66.86 7.90 84.07
N GLU A 2573 -65.63 8.34 84.23
CA GLU A 2573 -65.37 9.76 84.44
C GLU A 2573 -65.56 10.68 83.16
N HIS A 2574 -64.88 10.34 82.03
CA HIS A 2574 -64.96 11.23 80.80
C HIS A 2574 -66.41 11.09 80.25
N ARG A 2575 -67.05 9.90 80.49
CA ARG A 2575 -68.52 9.71 80.16
C ARG A 2575 -69.41 10.57 81.05
N ALA A 2576 -69.00 10.73 82.33
CA ALA A 2576 -69.73 11.64 83.23
C ALA A 2576 -69.52 13.13 82.74
N ILE A 2577 -68.35 13.48 82.12
CA ILE A 2577 -68.07 14.86 81.44
C ILE A 2577 -69.06 15.11 80.28
N MET A 2578 -69.27 14.02 79.57
CA MET A 2578 -70.26 14.03 78.50
C MET A 2578 -71.72 14.12 79.05
N VAL A 2579 -71.95 13.51 80.22
CA VAL A 2579 -73.28 13.58 80.90
C VAL A 2579 -73.44 15.06 81.37
N ASP A 2580 -72.32 15.74 81.68
CA ASP A 2580 -72.30 17.22 81.96
C ASP A 2580 -72.70 17.99 80.70
N SER A 2581 -72.26 17.51 79.55
CA SER A 2581 -72.69 18.12 78.31
C SER A 2581 -74.24 17.86 78.10
N MET A 2582 -74.75 16.70 78.58
CA MET A 2582 -76.24 16.38 78.59
C MET A 2582 -76.97 17.39 79.51
N LEU A 2583 -76.27 17.75 80.58
CA LEU A 2583 -76.79 18.79 81.50
C LEU A 2583 -76.81 20.17 80.82
N HIS A 2584 -75.83 20.41 79.94
CA HIS A 2584 -75.82 21.62 79.13
C HIS A 2584 -77.01 21.55 78.16
N THR A 2585 -77.40 20.33 77.78
CA THR A 2585 -78.59 20.14 76.94
C THR A 2585 -79.91 20.22 77.75
N VAL A 2586 -79.79 20.16 79.07
CA VAL A 2586 -80.96 20.14 79.94
C VAL A 2586 -81.38 21.58 80.33
N ARG A 2591 -75.37 25.41 66.34
CA ARG A 2591 -75.58 25.76 67.74
C ARG A 2591 -76.34 24.71 68.50
N GLY A 2592 -77.60 24.98 68.88
CA GLY A 2592 -78.34 24.05 69.73
C GLY A 2592 -78.70 22.76 68.96
N ARG A 2593 -78.88 22.86 67.64
CA ARG A 2593 -79.09 21.64 66.85
C ARG A 2593 -77.75 20.85 66.78
N SER A 2594 -76.61 21.57 66.84
CA SER A 2594 -75.26 20.91 66.99
C SER A 2594 -75.20 20.19 68.37
N LEU A 2595 -75.92 20.74 69.35
CA LEU A 2595 -76.09 20.07 70.66
C LEU A 2595 -76.95 18.78 70.52
N THR A 2596 -77.93 18.81 69.60
CA THR A 2596 -78.68 17.59 69.26
C THR A 2596 -77.74 16.55 68.58
N LYS A 2597 -76.77 17.06 67.84
CA LYS A 2597 -75.72 16.21 67.28
C LYS A 2597 -74.80 15.66 68.40
N ALA A 2598 -74.66 16.42 69.48
CA ALA A 2598 -73.98 15.92 70.69
C ALA A 2598 -74.82 14.83 71.37
N GLN A 2599 -76.15 14.94 71.27
CA GLN A 2599 -77.07 13.85 71.77
C GLN A 2599 -76.88 12.59 70.93
N ARG A 2600 -76.62 12.83 69.64
CA ARG A 2600 -76.27 11.75 68.71
C ARG A 2600 -74.89 11.14 69.10
N ASP A 2601 -73.99 12.01 69.61
CA ASP A 2601 -72.64 11.58 70.13
C ASP A 2601 -72.84 10.71 71.39
N VAL A 2602 -73.93 10.99 72.11
CA VAL A 2602 -74.29 10.22 73.32
C VAL A 2602 -74.82 8.82 72.98
N ILE A 2603 -75.80 8.80 72.07
CA ILE A 2603 -76.40 7.52 71.66
C ILE A 2603 -75.30 6.65 70.93
N GLU A 2604 -74.41 7.36 70.19
CA GLU A 2604 -73.22 6.72 69.52
C GLU A 2604 -72.22 6.18 70.58
N ASP A 2605 -72.07 6.92 71.72
CA ASP A 2605 -71.20 6.49 72.83
C ASP A 2605 -71.79 5.16 73.42
N CYS A 2606 -73.15 5.08 73.47
CA CYS A 2606 -73.86 3.82 73.86
C CYS A 2606 -73.58 2.66 72.83
N LEU A 2607 -73.48 3.01 71.55
CA LEU A 2607 -73.20 1.99 70.46
C LEU A 2607 -71.72 1.51 70.48
N MET A 2608 -70.86 2.39 70.99
CA MET A 2608 -69.39 2.22 70.87
C MET A 2608 -68.91 1.06 71.71
N ALA A 2609 -69.65 0.70 72.76
CA ALA A 2609 -69.11 -0.02 73.90
C ALA A 2609 -70.25 -0.54 74.72
N ARG A 2615 -64.64 -2.19 80.82
CA ARG A 2615 -65.85 -2.72 81.43
C ARG A 2615 -67.05 -1.81 81.22
N PRO A 2616 -68.08 -2.37 80.59
CA PRO A 2616 -69.32 -1.65 80.21
C PRO A 2616 -70.06 -1.06 81.41
N SER A 2617 -69.94 -1.78 82.51
CA SER A 2617 -70.62 -1.42 83.71
C SER A 2617 -70.19 -0.03 84.25
N MET A 2618 -68.92 0.37 84.08
CA MET A 2618 -68.49 1.74 84.51
C MET A 2618 -69.19 2.80 83.66
N LEU A 2619 -69.48 2.45 82.41
CA LEU A 2619 -70.34 3.31 81.57
C LEU A 2619 -71.79 3.34 82.09
N GLN A 2620 -72.21 2.21 82.67
CA GLN A 2620 -73.48 2.18 83.32
C GLN A 2620 -73.42 3.04 84.70
N HIS A 2621 -72.22 3.31 85.24
CA HIS A 2621 -72.01 4.23 86.45
C HIS A 2621 -72.06 5.71 86.07
N LEU A 2622 -71.45 6.02 84.93
CA LEU A 2622 -71.61 7.35 84.34
C LEU A 2622 -73.06 7.58 83.94
N LEU A 2623 -73.75 6.46 83.58
CA LEU A 2623 -75.20 6.45 83.29
C LEU A 2623 -76.02 6.41 84.62
N ARG A 2624 -75.32 6.21 85.74
CA ARG A 2624 -75.95 6.32 87.08
C ARG A 2624 -75.98 7.82 87.52
N ARG A 2625 -74.83 8.51 87.36
CA ARG A 2625 -74.80 9.98 87.57
C ARG A 2625 -75.79 10.65 86.53
N LEU A 2626 -75.78 10.06 85.33
CA LEU A 2626 -76.70 10.49 84.27
C LEU A 2626 -78.19 10.13 84.64
N VAL A 2627 -78.40 9.04 85.40
CA VAL A 2627 -79.76 8.66 85.96
C VAL A 2627 -80.22 9.74 86.97
N PHE A 2628 -79.23 10.35 87.66
CA PHE A 2628 -79.51 11.54 88.51
C PHE A 2628 -80.00 12.73 87.68
N ASP A 2629 -79.35 12.88 86.54
CA ASP A 2629 -79.77 13.90 85.61
C ASP A 2629 -81.18 13.56 85.02
N VAL A 2630 -81.48 12.25 84.87
CA VAL A 2630 -82.80 11.76 84.31
C VAL A 2630 -83.97 12.10 85.24
N PRO A 2631 -83.69 11.87 86.52
CA PRO A 2631 -84.64 12.24 87.53
C PRO A 2631 -84.72 13.81 87.66
N ILE A 2632 -83.58 14.48 87.36
CA ILE A 2632 -83.55 15.98 87.34
C ILE A 2632 -84.49 16.51 86.21
N LEU A 2633 -84.63 15.72 85.13
CA LEU A 2633 -85.49 16.12 83.95
C LEU A 2633 -86.99 16.18 84.30
N ASN A 2634 -87.41 15.35 85.25
CA ASN A 2634 -88.85 15.16 85.58
C ASN A 2634 -89.00 14.46 86.90
N LYS A 2638 -83.37 21.39 77.81
CA LYS A 2638 -84.62 21.03 78.49
C LYS A 2638 -85.15 19.61 78.08
N MET A 2639 -85.96 19.59 77.01
CA MET A 2639 -86.48 18.33 76.40
C MET A 2639 -85.29 17.41 75.88
N PRO A 2640 -84.12 18.01 75.55
CA PRO A 2640 -82.90 17.22 75.12
C PRO A 2640 -82.42 16.29 76.27
N LEU A 2641 -82.63 16.68 77.54
CA LEU A 2641 -82.41 15.73 78.68
C LEU A 2641 -83.43 14.53 78.62
N LYS A 2642 -84.66 14.78 78.16
CA LYS A 2642 -85.64 13.63 77.86
C LYS A 2642 -85.16 12.77 76.67
N LEU A 2643 -84.48 13.42 75.72
CA LEU A 2643 -83.81 12.68 74.60
C LEU A 2643 -82.62 11.84 75.15
N LEU A 2644 -81.93 12.39 76.19
CA LEU A 2644 -80.82 11.68 76.93
C LEU A 2644 -81.50 10.43 77.63
N THR A 2645 -82.77 10.60 78.07
CA THR A 2645 -83.61 9.44 78.58
C THR A 2645 -83.96 8.42 77.48
N ASN A 2646 -84.05 8.89 76.23
CA ASN A 2646 -84.32 7.99 75.08
C ASN A 2646 -83.08 7.11 74.72
N HIS A 2647 -81.91 7.77 74.62
CA HIS A 2647 -80.60 7.06 74.32
C HIS A 2647 -80.29 6.12 75.50
N TYR A 2648 -80.62 6.63 76.72
CA TYR A 2648 -80.45 5.87 77.99
C TYR A 2648 -81.43 4.67 77.98
N GLU A 2649 -82.59 4.83 77.33
CA GLU A 2649 -83.64 3.75 77.27
C GLU A 2649 -83.24 2.56 76.34
N ARG A 2650 -82.75 2.90 75.14
CA ARG A 2650 -82.29 1.87 74.18
C ARG A 2650 -80.97 1.21 74.74
N CYS A 2651 -80.10 2.02 75.38
CA CYS A 2651 -78.86 1.48 76.04
C CYS A 2651 -79.26 0.61 77.27
N TRP A 2652 -80.36 0.95 77.93
CA TRP A 2652 -80.91 0.13 79.04
C TRP A 2652 -81.43 -1.20 78.43
N LYS A 2653 -81.97 -1.16 77.19
CA LYS A 2653 -82.35 -2.42 76.48
C LYS A 2653 -81.04 -3.27 76.15
N TYR A 2654 -79.92 -2.55 75.88
CA TYR A 2654 -78.59 -3.21 75.73
C TYR A 2654 -78.15 -3.82 77.11
N TYR A 2655 -78.52 -3.15 78.21
CA TYR A 2655 -78.31 -3.67 79.61
C TYR A 2655 -79.18 -4.95 79.83
N CYS A 2656 -80.38 -5.00 79.17
CA CYS A 2656 -81.25 -6.25 79.13
C CYS A 2656 -80.50 -7.36 78.42
N LEU A 2657 -79.72 -6.99 77.41
CA LEU A 2657 -78.81 -7.95 76.75
C LEU A 2657 -77.64 -8.39 77.68
N PRO A 2658 -77.20 -7.50 78.57
CA PRO A 2658 -76.24 -7.90 79.63
C PRO A 2658 -76.92 -8.78 80.68
N THR A 2659 -78.24 -8.55 80.82
CA THR A 2659 -79.06 -9.28 81.78
C THR A 2659 -79.50 -10.61 81.13
N GLY A 2660 -79.20 -10.84 79.83
CA GLY A 2660 -79.65 -12.04 79.03
C GLY A 2660 -78.76 -12.29 77.82
N THR A 2667 -80.33 -2.48 94.41
CA THR A 2667 -79.06 -1.93 93.96
C THR A 2667 -79.20 -0.58 93.25
N SER A 2668 -78.27 -0.25 92.33
CA SER A 2668 -78.38 0.95 91.42
C SER A 2668 -79.67 0.89 90.56
N GLU A 2669 -80.05 -0.33 90.23
CA GLU A 2669 -81.25 -0.60 89.50
C GLU A 2669 -82.53 -0.20 90.30
N GLU A 2670 -82.52 -0.35 91.64
CA GLU A 2670 -83.65 0.12 92.53
C GLU A 2670 -83.76 1.64 92.43
N GLU A 2671 -82.61 2.29 92.26
CA GLU A 2671 -82.60 3.77 91.99
C GLU A 2671 -83.17 4.16 90.67
N LEU A 2672 -82.90 3.26 89.71
CA LEU A 2672 -83.47 3.44 88.39
C LEU A 2672 -85.06 3.21 88.55
N HIS A 2673 -85.53 2.33 89.48
CA HIS A 2673 -87.01 2.14 89.83
C HIS A 2673 -87.55 3.46 90.41
N LEU A 2674 -86.70 4.18 91.22
CA LEU A 2674 -87.06 5.53 91.74
C LEU A 2674 -87.24 6.52 90.54
N THR A 2675 -86.33 6.37 89.57
CA THR A 2675 -86.36 7.17 88.33
C THR A 2675 -87.64 6.73 87.44
N ARG A 2676 -88.10 5.46 87.57
CA ARG A 2676 -89.41 4.95 86.91
C ARG A 2676 -90.62 5.61 87.59
N LYS A 2677 -90.50 5.85 88.90
CA LYS A 2677 -91.55 6.59 89.63
C LYS A 2677 -91.51 8.07 89.13
N LEU A 2678 -90.29 8.57 88.83
CA LEU A 2678 -90.09 9.91 88.19
C LEU A 2678 -90.74 9.95 86.80
N PHE A 2679 -90.73 8.80 86.13
CA PHE A 2679 -91.45 8.64 84.85
C PHE A 2679 -92.98 8.72 85.04
N TRP A 2680 -93.43 8.18 86.16
CA TRP A 2680 -94.84 8.29 86.50
C TRP A 2680 -95.16 9.79 86.79
N GLY A 2681 -94.17 10.50 87.35
CA GLY A 2681 -94.27 11.97 87.55
C GLY A 2681 -94.30 12.70 86.21
N ILE A 2682 -93.61 12.14 85.20
CA ILE A 2682 -93.69 12.68 83.83
C ILE A 2682 -95.11 12.41 83.25
N PHE A 2683 -95.77 11.30 83.66
CA PHE A 2683 -97.22 11.02 83.29
C PHE A 2683 -98.10 12.08 84.00
N ASP A 2684 -97.67 12.48 85.21
CA ASP A 2684 -98.33 13.59 85.94
C ASP A 2684 -98.11 14.98 85.23
N SER A 2685 -96.96 15.13 84.54
CA SER A 2685 -96.52 16.43 83.91
C SER A 2685 -97.49 16.93 82.83
N LEU A 2686 -98.17 16.00 82.15
CA LEU A 2686 -99.08 16.40 81.07
C LEU A 2686 -100.55 16.13 81.46
N TYR A 2691 -97.19 17.37 71.78
CA TYR A 2691 -96.89 16.41 70.71
C TYR A 2691 -95.47 15.81 70.91
N ASP A 2692 -94.46 16.64 71.25
CA ASP A 2692 -93.06 16.13 71.62
C ASP A 2692 -93.10 15.21 72.85
N GLN A 2693 -94.13 15.49 73.70
CA GLN A 2693 -94.47 14.67 74.90
C GLN A 2693 -94.65 13.17 74.47
N GLU A 2694 -95.29 12.92 73.31
CA GLU A 2694 -95.48 11.54 72.72
C GLU A 2694 -94.12 10.89 72.39
N LEU A 2695 -93.15 11.68 71.92
CA LEU A 2695 -91.79 11.11 71.58
C LEU A 2695 -91.04 10.69 72.83
N TYR A 2696 -91.04 11.62 73.79
CA TYR A 2696 -90.36 11.37 75.06
C TYR A 2696 -91.13 10.19 75.81
N ARG A 2697 -92.45 10.09 75.55
CA ARG A 2697 -93.31 8.93 76.03
C ARG A 2697 -92.96 7.59 75.37
N MET A 2698 -92.47 7.65 74.12
CA MET A 2698 -92.07 6.41 73.38
C MET A 2698 -90.75 5.87 73.98
N ALA A 2699 -89.80 6.79 74.18
CA ALA A 2699 -88.51 6.49 74.85
C ALA A 2699 -88.73 6.01 76.29
N MET A 2700 -89.73 6.61 76.95
CA MET A 2700 -90.15 6.19 78.28
C MET A 2700 -90.79 4.78 78.23
N PRO A 2701 -91.47 4.45 77.11
CA PRO A 2701 -92.07 3.10 76.90
C PRO A 2701 -90.87 2.04 76.76
N CYS A 2702 -89.81 2.44 76.05
CA CYS A 2702 -88.57 1.57 75.93
C CYS A 2702 -87.88 1.41 77.29
N LEU A 2703 -87.93 2.49 78.12
CA LEU A 2703 -87.38 2.50 79.52
C LEU A 2703 -88.22 1.53 80.38
N CYS A 2704 -89.55 1.46 80.10
CA CYS A 2704 -90.47 0.50 80.80
C CYS A 2704 -90.10 -0.98 80.41
N ALA A 2705 -89.78 -1.15 79.11
CA ALA A 2705 -89.33 -2.47 78.58
C ALA A 2705 -87.99 -2.87 79.27
N ILE A 2706 -87.15 -1.81 79.47
CA ILE A 2706 -85.80 -1.93 80.08
C ILE A 2706 -85.85 -2.37 81.58
N ALA A 2707 -86.65 -1.63 82.40
CA ALA A 2707 -86.77 -1.91 83.88
C ALA A 2707 -87.43 -3.30 84.05
N GLY A 2708 -88.38 -3.65 83.13
CA GLY A 2708 -89.05 -5.00 83.15
C GLY A 2708 -87.98 -6.10 82.87
N ALA A 2709 -87.06 -5.77 81.97
CA ALA A 2709 -85.90 -6.67 81.69
C ALA A 2709 -84.89 -6.75 82.87
N LEU A 2710 -84.79 -5.64 83.62
CA LEU A 2710 -83.97 -5.60 84.86
C LEU A 2710 -84.65 -6.45 85.94
N PRO A 2711 -86.00 -6.56 85.90
CA PRO A 2711 -86.80 -7.32 86.95
C PRO A 2711 -86.73 -8.85 86.68
N PRO A 2712 -86.18 -9.22 85.50
CA PRO A 2712 -86.10 -10.63 85.08
C PRO A 2712 -84.99 -11.51 85.71
N ASN A 2734 -81.44 23.02 88.50
CA ASN A 2734 -81.55 23.93 89.63
C ASN A 2734 -81.81 23.12 90.91
N PHE A 2735 -80.76 22.54 91.50
CA PHE A 2735 -80.91 22.04 92.87
C PHE A 2735 -81.28 23.16 93.87
N ASP A 2736 -82.35 22.93 94.67
CA ASP A 2736 -82.88 23.96 95.60
C ASP A 2736 -83.13 23.36 96.98
N PRO A 2737 -82.02 23.12 97.72
CA PRO A 2737 -82.12 22.55 99.06
C PRO A 2737 -82.99 23.45 100.00
N ARG A 2738 -83.80 22.86 100.88
CA ARG A 2738 -84.46 23.65 101.99
C ARG A 2738 -84.23 22.92 103.34
N PRO A 2739 -82.97 23.00 103.86
CA PRO A 2739 -82.61 22.33 105.12
C PRO A 2739 -83.45 22.81 106.29
N VAL A 2740 -83.80 21.90 107.18
CA VAL A 2740 -84.50 22.32 108.38
C VAL A 2740 -83.57 23.12 109.36
N GLU A 2741 -84.16 24.10 110.08
CA GLU A 2741 -83.61 24.82 111.30
C GLU A 2741 -82.89 23.83 112.22
N THR A 2742 -81.65 24.14 112.61
CA THR A 2742 -80.96 23.31 113.60
C THR A 2742 -80.58 24.15 114.86
N LEU A 2743 -79.91 25.29 114.65
CA LEU A 2743 -79.40 26.13 115.77
C LEU A 2743 -80.57 26.68 116.68
N ASN A 2744 -81.73 26.98 116.07
CA ASN A 2744 -83.01 27.36 116.79
C ASN A 2744 -83.42 26.33 117.88
N VAL A 2745 -83.21 25.05 117.54
CA VAL A 2745 -83.71 23.94 118.35
C VAL A 2745 -82.90 23.80 119.62
N ILE A 2746 -83.57 23.45 120.72
CA ILE A 2746 -82.85 23.16 121.96
C ILE A 2746 -83.02 21.66 122.44
N ILE A 2747 -81.96 20.81 122.34
CA ILE A 2747 -81.94 19.38 122.88
C ILE A 2747 -81.99 19.38 124.44
N PRO A 2748 -82.95 18.59 125.03
CA PRO A 2748 -83.00 18.50 126.51
C PRO A 2748 -81.70 17.86 127.07
N GLU A 2749 -81.28 18.29 128.25
CA GLU A 2749 -79.97 17.92 128.86
C GLU A 2749 -79.75 16.39 129.06
N LYS A 2750 -80.81 15.66 129.39
CA LYS A 2750 -80.75 14.20 129.62
C LYS A 2750 -80.33 13.46 128.34
N LEU A 2751 -80.71 13.95 127.14
CA LEU A 2751 -80.28 13.33 125.84
C LEU A 2751 -78.75 13.54 125.60
N ASP A 2752 -78.14 14.59 126.17
CA ASP A 2752 -76.67 14.82 126.00
C ASP A 2752 -75.84 13.65 126.67
N SER A 2753 -76.34 13.05 127.77
CA SER A 2753 -75.73 11.83 128.40
C SER A 2753 -75.80 10.63 127.42
N PHE A 2754 -76.90 10.55 126.64
CA PHE A 2754 -77.04 9.60 125.50
C PHE A 2754 -76.01 9.98 124.37
N ILE A 2755 -75.77 11.28 124.17
CA ILE A 2755 -74.80 11.78 123.14
C ILE A 2755 -73.38 11.37 123.57
N ASN A 2756 -73.14 11.26 124.90
CA ASN A 2756 -71.86 10.70 125.44
C ASN A 2756 -71.68 9.27 124.97
N LYS A 2757 -72.78 8.48 124.94
CA LYS A 2757 -72.74 7.04 124.51
C LYS A 2757 -72.53 6.96 122.96
N PHE A 2758 -73.33 7.69 122.17
CA PHE A 2758 -73.23 7.62 120.69
C PHE A 2758 -71.89 8.23 120.20
N ALA A 2759 -71.36 9.22 120.90
CA ALA A 2759 -70.03 9.83 120.54
C ALA A 2759 -68.88 8.95 121.01
N GLU A 2760 -69.02 8.34 122.18
CA GLU A 2760 -67.99 7.38 122.67
C GLU A 2760 -67.98 6.16 121.70
N TYR A 2761 -69.16 5.77 121.22
CA TYR A 2761 -69.27 4.73 120.17
C TYR A 2761 -68.64 5.28 118.86
N THR A 2762 -68.75 6.62 118.61
CA THR A 2762 -68.21 7.23 117.38
C THR A 2762 -66.70 7.10 117.38
N HIS A 2763 -66.04 7.43 118.50
CA HIS A 2763 -64.58 7.17 118.66
C HIS A 2763 -64.20 5.69 118.70
N GLU A 2764 -65.06 4.84 119.28
CA GLU A 2764 -64.77 3.42 119.30
C GLU A 2764 -64.77 2.83 117.86
N LYS A 2765 -65.68 3.29 117.01
CA LYS A 2765 -65.78 2.77 115.65
C LYS A 2765 -64.72 3.49 114.74
N TRP A 2766 -64.51 4.77 114.97
CA TRP A 2766 -63.49 5.55 114.23
C TRP A 2766 -62.04 5.08 114.58
N ALA A 2767 -61.82 4.58 115.81
CA ALA A 2767 -60.50 4.00 116.21
C ALA A 2767 -60.42 2.56 115.67
N PHE A 2768 -61.55 1.83 115.75
CA PHE A 2768 -61.61 0.43 115.25
C PHE A 2768 -61.43 0.35 113.69
N ASP A 2769 -61.91 1.35 112.92
CA ASP A 2769 -61.66 1.49 111.42
C ASP A 2769 -60.15 1.58 111.16
N LYS A 2770 -59.47 2.33 112.05
CA LYS A 2770 -58.01 2.44 112.02
C LYS A 2770 -57.35 1.07 112.37
N ILE A 2771 -57.99 0.32 113.30
CA ILE A 2771 -57.53 -1.04 113.69
C ILE A 2771 -57.71 -2.04 112.48
N GLN A 2772 -58.72 -1.81 111.62
CA GLN A 2772 -58.98 -2.69 110.44
C GLN A 2772 -57.78 -2.64 109.46
N ASN A 2773 -57.04 -1.51 109.40
CA ASN A 2773 -55.81 -1.37 108.53
C ASN A 2773 -54.46 -1.27 109.33
N ASN A 2774 -54.49 -1.74 110.57
CA ASN A 2774 -53.26 -1.72 111.42
C ASN A 2774 -52.64 -0.31 111.78
N TRP A 2775 -53.50 0.71 111.90
CA TRP A 2775 -53.07 2.04 112.34
C TRP A 2775 -52.78 2.05 113.84
N SER A 2776 -51.91 2.96 114.25
CA SER A 2776 -51.44 3.06 115.61
C SER A 2776 -51.19 4.55 116.07
N TYR A 2777 -51.05 4.77 117.40
CA TYR A 2777 -50.76 6.11 118.00
C TYR A 2777 -49.38 6.62 117.48
N GLY A 2778 -49.26 7.91 117.14
CA GLY A 2778 -47.98 8.51 116.66
C GLY A 2778 -47.82 10.01 116.96
N GLU A 2779 -46.56 10.46 117.02
CA GLU A 2779 -46.23 11.89 117.13
C GLU A 2779 -46.70 12.71 115.89
N ASN A 2780 -46.85 12.05 114.72
CA ASN A 2780 -47.19 12.78 113.47
C ASN A 2780 -48.19 12.04 112.54
N VAL A 2781 -48.90 12.79 111.69
CA VAL A 2781 -49.83 12.23 110.68
C VAL A 2781 -48.98 11.75 109.52
N ASP A 2782 -48.26 10.66 109.74
CA ASP A 2782 -47.37 10.10 108.76
C ASP A 2782 -48.07 8.86 108.21
N GLU A 2783 -48.73 8.98 107.07
CA GLU A 2783 -49.58 7.85 106.54
C GLU A 2783 -48.64 6.68 106.06
N GLU A 2784 -47.40 7.00 105.69
CA GLU A 2784 -46.38 5.95 105.38
C GLU A 2784 -45.95 5.15 106.61
N LEU A 2785 -45.99 5.81 107.78
CA LEU A 2785 -45.51 5.21 109.07
C LEU A 2785 -46.57 4.20 109.63
N LYS A 2786 -47.74 4.13 108.95
CA LYS A 2786 -48.91 3.34 109.41
C LYS A 2786 -49.33 3.81 110.86
N THR A 2787 -49.39 5.14 111.11
CA THR A 2787 -49.73 5.72 112.44
C THR A 2787 -50.49 7.05 112.37
N HIS A 2788 -51.36 7.28 113.33
CA HIS A 2788 -52.11 8.49 113.39
C HIS A 2788 -52.12 9.03 114.87
N PRO A 2789 -51.98 10.39 115.05
CA PRO A 2789 -51.93 11.09 116.39
C PRO A 2789 -53.15 10.89 117.28
N MET A 2790 -54.33 10.78 116.71
CA MET A 2790 -55.55 10.77 117.50
C MET A 2790 -55.91 9.39 118.11
N LEU A 2791 -55.14 8.33 117.83
CA LEU A 2791 -55.51 6.94 118.34
C LEU A 2791 -55.13 6.78 119.83
N ARG A 2792 -55.84 7.55 120.64
CA ARG A 2792 -55.72 7.54 122.08
C ARG A 2792 -57.16 7.47 122.65
N PRO A 2793 -57.30 6.91 123.87
CA PRO A 2793 -58.65 6.51 124.40
C PRO A 2793 -59.64 7.68 124.54
N TYR A 2794 -60.94 7.41 124.27
CA TYR A 2794 -61.98 8.49 124.22
C TYR A 2794 -62.07 9.23 125.57
N LYS A 2795 -61.84 8.49 126.66
CA LYS A 2795 -61.73 9.05 128.04
C LYS A 2795 -60.65 10.19 128.18
N THR A 2796 -59.53 9.99 127.49
CA THR A 2796 -58.40 10.94 127.52
C THR A 2796 -58.77 12.28 126.85
N PHE A 2797 -59.75 12.25 125.91
CA PHE A 2797 -60.16 13.47 125.18
C PHE A 2797 -60.68 14.56 126.17
N SER A 2798 -60.27 15.81 125.91
CA SER A 2798 -60.86 17.00 126.51
C SER A 2798 -62.30 17.06 125.92
N GLU A 2799 -63.26 17.61 126.68
CA GLU A 2799 -64.70 17.57 126.26
C GLU A 2799 -64.88 18.35 124.92
N LYS A 2800 -64.06 19.38 124.73
CA LYS A 2800 -64.06 20.17 123.46
C LYS A 2800 -63.61 19.30 122.28
N ASP A 2801 -62.65 18.38 122.50
CA ASP A 2801 -62.25 17.41 121.45
C ASP A 2801 -63.38 16.41 121.18
N LYS A 2802 -64.16 16.08 122.21
CA LYS A 2802 -65.34 15.23 122.06
C LYS A 2802 -66.44 15.97 121.28
N GLU A 2803 -66.46 17.32 121.40
CA GLU A 2803 -67.44 18.19 120.66
C GLU A 2803 -67.23 18.09 119.09
N ILE A 2804 -66.00 17.80 118.61
CA ILE A 2804 -65.73 17.64 117.14
C ILE A 2804 -66.53 16.40 116.60
N TYR A 2805 -66.70 15.36 117.45
CA TYR A 2805 -67.59 14.16 117.17
C TYR A 2805 -69.08 14.51 117.44
N ARG A 2806 -69.33 15.12 118.60
CA ARG A 2806 -70.71 15.33 119.09
C ARG A 2806 -71.52 16.38 118.28
N TRP A 2807 -70.85 17.42 117.80
CA TRP A 2807 -71.54 18.60 117.25
C TRP A 2807 -72.41 18.23 116.00
N PRO A 2808 -71.84 17.48 114.99
CA PRO A 2808 -72.78 16.98 113.89
C PRO A 2808 -73.99 16.10 114.44
N ILE A 2809 -73.72 15.32 115.50
CA ILE A 2809 -74.74 14.44 116.15
C ILE A 2809 -75.83 15.30 116.79
N LYS A 2810 -75.39 16.31 117.56
CA LYS A 2810 -76.28 17.31 118.18
C LYS A 2810 -77.11 18.10 117.14
N GLU A 2811 -76.47 18.42 116.00
CA GLU A 2811 -77.18 19.11 114.89
C GLU A 2811 -78.22 18.13 114.26
N SER A 2812 -77.91 16.83 114.28
CA SER A 2812 -78.87 15.82 113.78
C SER A 2812 -80.08 15.65 114.77
N LEU A 2813 -79.80 15.54 116.08
CA LEU A 2813 -80.89 15.42 117.13
C LEU A 2813 -81.75 16.72 117.14
N LYS A 2814 -81.13 17.88 116.90
CA LYS A 2814 -81.89 19.14 116.75
C LYS A 2814 -82.69 19.12 115.43
N ALA A 2815 -82.15 18.46 114.41
CA ALA A 2815 -82.86 18.31 113.13
C ALA A 2815 -84.10 17.40 113.29
N MET A 2816 -84.03 16.43 114.20
CA MET A 2816 -85.19 15.55 114.49
C MET A 2816 -86.21 16.27 115.42
N ILE A 2817 -85.73 16.97 116.43
CA ILE A 2817 -86.60 17.71 117.36
C ILE A 2817 -87.29 18.91 116.58
N ALA A 2818 -86.64 19.50 115.58
CA ALA A 2818 -87.32 20.54 114.70
C ALA A 2818 -88.40 19.90 113.82
N TRP A 2819 -88.22 18.61 113.52
CA TRP A 2819 -89.25 17.78 112.86
C TRP A 2819 -90.19 17.21 113.94
N GLU A 2820 -89.80 17.44 115.20
CA GLU A 2820 -90.58 17.00 116.38
C GLU A 2820 -90.74 15.49 116.47
N TRP A 2821 -89.80 14.76 115.87
CA TRP A 2821 -89.79 13.32 115.97
C TRP A 2821 -89.47 12.91 117.43
N THR A 2822 -90.24 11.92 117.88
CA THR A 2822 -90.07 11.31 119.16
C THR A 2822 -88.77 10.47 119.19
N ILE A 2823 -88.05 10.63 120.31
CA ILE A 2823 -86.88 9.80 120.74
C ILE A 2823 -86.96 9.64 122.32
N GLU A 2824 -87.38 8.48 122.81
CA GLU A 2824 -87.73 8.36 124.26
C GLU A 2824 -87.38 6.97 124.84
N LYS A 2825 -87.21 6.88 126.16
CA LYS A 2825 -86.87 5.57 126.81
C LYS A 2825 -88.02 4.53 126.66
N ALA A 2826 -87.62 3.28 126.45
CA ALA A 2826 -88.55 2.15 126.36
C ALA A 2826 -87.74 0.85 126.67
N ARG A 2827 -87.38 0.13 125.62
CA ARG A 2827 -86.65 -1.13 125.76
C ARG A 2827 -85.21 -0.94 126.29
N GLU A 2828 -84.73 -1.94 127.06
CA GLU A 2828 -83.33 -2.01 127.57
C GLU A 2828 -82.33 -2.03 126.44
N GLY A 2829 -81.22 -1.32 126.66
CA GLY A 2829 -80.14 -1.28 125.69
C GLY A 2829 -79.19 -2.50 125.67
N GLU A 2830 -78.13 -2.37 124.87
CA GLU A 2830 -77.09 -3.41 124.74
C GLU A 2830 -75.70 -2.81 124.54
N TYR A 2849 -57.94 -11.77 112.78
CA TYR A 2849 -57.84 -10.47 113.46
C TYR A 2849 -56.71 -10.50 114.55
N ASP A 2850 -55.39 -10.54 114.16
CA ASP A 2850 -54.21 -10.47 115.14
C ASP A 2850 -54.25 -9.02 115.84
N PRO A 2851 -54.25 -8.89 117.21
CA PRO A 2851 -54.70 -7.59 117.90
C PRO A 2851 -53.79 -6.39 117.61
N ARG A 2852 -54.37 -5.17 117.55
CA ARG A 2852 -53.57 -3.98 117.10
C ARG A 2852 -52.91 -3.13 118.19
N GLU A 2853 -51.78 -2.46 117.86
CA GLU A 2853 -51.15 -1.48 118.82
C GLU A 2853 -52.06 -0.21 118.98
N GLY A 2854 -52.01 0.51 120.12
CA GLY A 2854 -52.90 1.71 120.36
C GLY A 2854 -54.19 1.25 121.02
N TYR A 2855 -55.10 2.20 121.23
CA TYR A 2855 -56.35 1.89 121.92
C TYR A 2855 -57.17 0.88 121.07
N ASN A 2856 -57.80 -0.13 121.72
CA ASN A 2856 -58.45 -1.29 121.00
C ASN A 2856 -59.97 -1.56 121.27
N PRO A 2857 -60.86 -0.59 120.90
CA PRO A 2857 -62.31 -0.69 121.19
C PRO A 2857 -62.95 -1.83 120.41
N GLN A 2858 -63.95 -2.44 121.01
CA GLN A 2858 -64.73 -3.45 120.31
C GLN A 2858 -66.22 -3.01 120.38
N PRO A 2859 -66.61 -2.09 119.43
CA PRO A 2859 -67.96 -1.44 119.33
C PRO A 2859 -69.12 -2.46 119.27
N PRO A 2860 -70.27 -2.14 119.94
CA PRO A 2860 -71.51 -2.95 119.85
C PRO A 2860 -71.99 -3.04 118.38
N ASP A 2861 -72.58 -4.19 118.01
CA ASP A 2861 -72.89 -4.50 116.61
C ASP A 2861 -74.16 -3.76 116.07
N LEU A 2862 -74.00 -2.46 115.71
CA LEU A 2862 -75.06 -1.61 115.04
C LEU A 2862 -75.41 -2.20 113.69
N SER A 2863 -74.41 -2.85 113.04
CA SER A 2863 -74.58 -3.39 111.69
C SER A 2863 -75.64 -4.55 111.69
N GLY A 2864 -75.78 -5.25 112.83
CA GLY A 2864 -76.81 -6.32 112.98
C GLY A 2864 -78.22 -5.77 113.27
N VAL A 2865 -78.26 -4.52 113.73
CA VAL A 2865 -79.54 -3.80 113.93
C VAL A 2865 -80.21 -3.59 112.53
N THR A 2866 -81.51 -3.80 112.43
CA THR A 2866 -82.25 -3.66 111.15
C THR A 2866 -83.47 -2.78 111.44
N LEU A 2867 -83.45 -1.55 110.89
CA LEU A 2867 -84.57 -0.63 111.04
C LEU A 2867 -85.88 -1.20 110.38
N SER A 2868 -87.04 -0.97 111.01
CA SER A 2868 -88.38 -1.25 110.41
C SER A 2868 -88.54 -0.27 109.22
N ARG A 2869 -89.38 -0.63 108.26
CA ARG A 2869 -89.52 0.18 107.03
C ARG A 2869 -90.02 1.64 107.34
N GLU A 2870 -90.78 1.81 108.44
CA GLU A 2870 -91.12 3.14 108.99
C GLU A 2870 -89.80 3.91 109.34
N LEU A 2871 -88.99 3.28 110.21
CA LEU A 2871 -87.65 3.81 110.61
C LEU A 2871 -86.66 3.84 109.40
N GLN A 2872 -86.81 2.93 108.41
CA GLN A 2872 -85.97 2.98 107.17
C GLN A 2872 -86.31 4.21 106.35
N ALA A 2873 -87.60 4.57 106.30
CA ALA A 2873 -88.04 5.81 105.65
C ALA A 2873 -87.50 6.99 106.48
N MET A 2874 -87.43 6.82 107.80
CA MET A 2874 -86.84 7.83 108.71
C MET A 2874 -85.31 8.00 108.39
N ALA A 2875 -84.62 6.88 108.04
CA ALA A 2875 -83.18 6.94 107.59
C ALA A 2875 -83.10 7.63 106.23
N GLU A 2876 -84.13 7.40 105.41
CA GLU A 2876 -84.22 8.05 104.10
C GLU A 2876 -84.34 9.59 104.27
N GLN A 2877 -85.10 10.03 105.26
CA GLN A 2877 -85.39 11.47 105.47
C GLN A 2877 -84.24 12.16 106.27
N LEU A 2878 -83.59 11.46 107.23
CA LEU A 2878 -82.36 12.02 107.89
C LEU A 2878 -81.24 12.14 106.86
N ALA A 2879 -81.17 11.18 105.91
CA ALA A 2879 -80.22 11.27 104.78
C ALA A 2879 -80.61 12.44 103.88
N GLU A 2880 -81.90 12.69 103.76
CA GLU A 2880 -82.43 13.85 103.01
C GLU A 2880 -82.00 15.17 103.73
N ASN A 2881 -81.93 15.13 105.08
CA ASN A 2881 -81.42 16.29 105.89
C ASN A 2881 -79.93 16.55 105.67
N TYR A 2882 -79.13 15.44 105.68
CA TYR A 2882 -77.66 15.51 105.46
C TYR A 2882 -77.46 16.09 104.05
N HIS A 2883 -78.33 15.66 103.13
CA HIS A 2883 -78.22 16.11 101.72
C HIS A 2883 -78.59 17.58 101.49
N ASN A 2884 -79.73 18.00 102.02
CA ASN A 2884 -80.15 19.40 101.86
C ASN A 2884 -79.25 20.36 102.66
N THR A 2885 -78.76 19.94 103.84
CA THR A 2885 -77.97 20.85 104.69
C THR A 2885 -76.53 20.94 104.20
N TRP A 2886 -75.92 19.75 104.04
CA TRP A 2886 -74.52 19.71 103.62
C TRP A 2886 -74.51 20.17 102.13
N GLY A 2887 -75.57 19.93 101.34
CA GLY A 2887 -75.71 20.39 99.94
C GLY A 2887 -75.91 21.88 99.83
N ARG A 2888 -76.68 22.48 100.73
CA ARG A 2888 -76.87 23.93 100.67
C ARG A 2888 -75.57 24.65 101.13
N LYS A 2889 -74.95 24.12 102.22
CA LYS A 2889 -73.64 24.65 102.72
C LYS A 2889 -72.58 24.45 101.65
N LYS A 2890 -72.65 23.35 100.89
CA LYS A 2890 -71.72 23.07 99.77
C LYS A 2890 -71.92 24.03 98.63
N LYS A 2891 -73.18 24.40 98.33
CA LYS A 2891 -73.49 25.33 97.21
C LYS A 2891 -73.00 26.76 97.59
N GLN A 2892 -73.36 27.19 98.80
CA GLN A 2892 -72.94 28.51 99.27
C GLN A 2892 -71.43 28.58 99.50
N GLU A 2893 -70.80 27.45 99.81
CA GLU A 2893 -69.32 27.37 99.95
C GLU A 2893 -68.64 27.55 98.58
N LEU A 2894 -69.10 26.82 97.57
CA LEU A 2894 -68.48 26.92 96.24
C LEU A 2894 -68.80 28.30 95.57
N GLU A 2895 -69.97 28.86 95.86
CA GLU A 2895 -70.25 30.25 95.44
C GLU A 2895 -69.37 31.26 96.27
N ALA A 2896 -69.04 30.95 97.54
CA ALA A 2896 -68.08 31.78 98.36
C ALA A 2896 -66.66 31.72 97.80
N LYS A 2897 -66.28 30.59 97.21
CA LYS A 2897 -64.96 30.46 96.51
C LYS A 2897 -64.99 30.99 95.03
N GLY A 2898 -66.19 31.31 94.52
CA GLY A 2898 -66.38 31.73 93.12
C GLY A 2898 -66.43 30.53 92.20
N GLY A 2899 -66.49 29.35 92.81
CA GLY A 2899 -66.31 28.12 92.05
C GLY A 2899 -67.63 27.58 91.54
N GLY A 2900 -67.55 26.30 91.18
CA GLY A 2900 -68.63 25.67 90.49
C GLY A 2900 -69.62 24.95 91.36
N THR A 2901 -69.42 23.62 91.41
CA THR A 2901 -70.43 22.69 91.88
C THR A 2901 -69.84 21.32 92.25
N HIS A 2902 -70.70 20.48 92.82
CA HIS A 2902 -70.37 19.13 93.22
C HIS A 2902 -71.43 18.12 92.59
N PRO A 2903 -71.04 16.83 92.30
CA PRO A 2903 -71.98 15.79 91.68
C PRO A 2903 -73.27 15.50 92.46
N LEU A 2904 -73.13 15.49 93.81
CA LEU A 2904 -74.26 15.30 94.76
C LEU A 2904 -75.19 16.53 94.82
N LEU A 2905 -74.86 17.70 94.28
CA LEU A 2905 -75.78 18.89 94.37
C LEU A 2905 -76.92 18.69 93.32
N VAL A 2906 -77.68 17.60 93.51
CA VAL A 2906 -78.95 17.31 92.81
C VAL A 2906 -79.99 16.91 93.92
N PRO A 2907 -81.30 17.17 93.68
CA PRO A 2907 -82.33 16.95 94.74
C PRO A 2907 -82.36 15.54 95.23
N TYR A 2908 -82.64 15.39 96.53
CA TYR A 2908 -82.43 14.09 97.19
C TYR A 2908 -83.28 12.98 96.53
N ASP A 2909 -84.51 13.35 96.10
CA ASP A 2909 -85.38 12.41 95.35
C ASP A 2909 -84.71 11.95 94.01
N THR A 2910 -83.96 12.87 93.37
CA THR A 2910 -83.32 12.61 92.08
C THR A 2910 -82.11 11.66 92.19
N LEU A 2911 -81.53 11.55 93.38
CA LEU A 2911 -80.34 10.78 93.58
C LEU A 2911 -80.59 9.28 93.22
N THR A 2912 -79.59 8.66 92.62
CA THR A 2912 -79.53 7.22 92.62
C THR A 2912 -79.39 6.74 94.08
N ALA A 2913 -80.02 5.60 94.41
CA ALA A 2913 -80.08 5.00 95.78
C ALA A 2913 -78.69 4.75 96.29
N LYS A 2914 -77.71 4.43 95.42
CA LYS A 2914 -76.31 4.29 95.85
C LYS A 2914 -75.72 5.65 96.41
N GLU A 2915 -76.07 6.76 95.76
CA GLU A 2915 -75.70 8.12 96.26
C GLU A 2915 -76.47 8.48 97.59
N LYS A 2916 -77.71 7.98 97.71
CA LYS A 2916 -78.54 8.18 98.92
C LYS A 2916 -77.92 7.34 100.06
N ALA A 2917 -77.22 6.23 99.70
CA ALA A 2917 -76.73 5.16 100.67
C ALA A 2917 -75.70 5.75 101.56
N ARG A 2918 -74.87 6.68 101.04
CA ARG A 2918 -73.77 7.27 101.77
C ARG A 2918 -74.33 8.09 102.97
N ASP A 2919 -75.27 8.99 102.71
CA ASP A 2919 -76.01 9.69 103.78
C ASP A 2919 -76.89 8.69 104.65
N ARG A 2920 -77.45 7.67 104.00
CA ARG A 2920 -78.39 6.70 104.68
C ARG A 2920 -77.64 5.85 105.73
N GLU A 2921 -76.37 5.48 105.44
CA GLU A 2921 -75.49 4.69 106.37
C GLU A 2921 -75.27 5.55 107.63
N LYS A 2922 -75.12 6.87 107.46
CA LYS A 2922 -75.04 7.83 108.58
C LYS A 2922 -76.38 8.05 109.31
N ALA A 2923 -77.48 7.87 108.60
CA ALA A 2923 -78.80 8.01 109.21
C ALA A 2923 -79.16 6.78 110.03
N GLN A 2924 -78.97 5.61 109.43
CA GLN A 2924 -79.18 4.35 110.13
C GLN A 2924 -78.16 4.25 111.22
N GLU A 2925 -76.97 4.78 110.92
CA GLU A 2925 -75.88 4.99 111.89
C GLU A 2925 -76.47 5.32 113.23
N LEU A 2926 -77.44 6.22 113.11
CA LEU A 2926 -78.08 6.83 114.24
C LEU A 2926 -79.08 6.22 114.81
N LEU A 2927 -79.90 6.16 113.86
CA LEU A 2927 -81.20 5.43 114.17
C LEU A 2927 -80.96 3.97 114.66
N LYS A 2928 -79.95 3.26 114.09
CA LYS A 2928 -79.61 1.87 114.54
C LYS A 2928 -79.12 1.89 115.98
N PHE A 2929 -78.38 2.93 116.37
CA PHE A 2929 -77.89 3.02 117.75
C PHE A 2929 -79.09 3.35 118.65
N LEU A 2930 -80.04 4.14 118.12
CA LEU A 2930 -81.33 4.45 118.81
C LEU A 2930 -82.19 3.20 119.02
N GLN A 2931 -82.13 2.26 118.07
CA GLN A 2931 -82.90 1.01 118.19
C GLN A 2931 -82.16 0.05 119.17
N MET A 2932 -80.82 0.04 119.11
CA MET A 2932 -79.98 -0.78 120.00
C MET A 2932 -80.14 -0.35 121.46
N ASN A 2933 -80.33 0.95 121.71
CA ASN A 2933 -80.59 1.42 123.08
C ASN A 2933 -82.03 1.08 123.51
N GLY A 2934 -82.86 0.71 122.52
CA GLY A 2934 -84.22 0.27 122.75
C GLY A 2934 -85.17 1.43 122.84
N TYR A 2935 -84.67 2.65 122.60
CA TYR A 2935 -85.52 3.81 122.60
C TYR A 2935 -86.56 3.76 121.46
N ALA A 2936 -87.80 4.13 121.80
CA ALA A 2936 -88.81 4.41 120.78
C ALA A 2936 -88.31 5.62 119.94
N VAL A 2937 -88.38 5.50 118.62
CA VAL A 2937 -87.97 6.56 117.69
C VAL A 2937 -88.97 6.65 116.50
N THR A 2938 -89.84 7.67 116.44
CA THR A 2938 -90.91 7.74 115.37
C THR A 2938 -91.09 9.18 114.84
N ARG A 2939 -91.68 9.30 113.64
CA ARG A 2939 -91.97 10.63 113.05
C ARG A 2939 -92.97 11.45 113.88
N GLY A 2940 -93.86 10.75 114.60
CA GLY A 2940 -94.78 11.41 115.56
C GLY A 2940 -95.60 12.63 115.10
N TYR A 3016 -89.37 -6.32 91.62
CA TYR A 3016 -89.79 -6.51 93.04
C TYR A 3016 -91.26 -6.10 93.33
N PHE A 3017 -91.71 -6.31 94.58
CA PHE A 3017 -93.21 -6.21 94.90
C PHE A 3017 -93.70 -4.77 94.87
N LEU A 3018 -92.78 -3.89 95.27
CA LEU A 3018 -93.03 -2.45 95.29
C LEU A 3018 -93.37 -1.96 93.85
N SER A 3019 -92.77 -2.56 92.78
CA SER A 3019 -93.13 -2.23 91.31
C SER A 3019 -94.60 -2.58 91.00
N THR A 3020 -95.06 -3.70 91.57
CA THR A 3020 -96.48 -4.10 91.45
C THR A 3020 -97.38 -3.10 92.23
N PRO A 3021 -96.90 -2.61 93.38
CA PRO A 3021 -97.63 -1.55 94.19
C PRO A 3021 -97.69 -0.24 93.34
N ALA A 3022 -96.61 0.03 92.58
CA ALA A 3022 -96.55 1.23 91.66
C ALA A 3022 -97.55 1.02 90.52
N LYS A 3023 -97.74 -0.25 90.11
CA LYS A 3023 -98.76 -0.61 89.10
C LYS A 3023 -100.19 -0.37 89.67
N VAL A 3024 -100.36 -0.64 90.98
CA VAL A 3024 -101.62 -0.34 91.67
C VAL A 3024 -101.80 1.23 91.76
N LEU A 3025 -100.69 1.99 91.88
CA LEU A 3025 -100.74 3.49 91.81
C LEU A 3025 -101.18 3.92 90.40
N GLY A 3026 -100.76 3.15 89.40
CA GLY A 3026 -101.20 3.38 88.01
C GLY A 3026 -102.74 3.04 87.87
N SER A 3027 -103.19 2.06 88.67
CA SER A 3027 -104.66 1.70 88.76
C SER A 3027 -105.43 2.89 89.47
N GLY A 3028 -104.78 3.55 90.45
CA GLY A 3028 -105.35 4.78 91.12
C GLY A 3028 -105.47 5.91 90.04
N GLY A 3029 -104.47 5.94 89.12
CA GLY A 3029 -104.50 6.87 87.95
C GLY A 3029 -105.65 6.53 87.02
N HIS A 3030 -105.96 5.22 86.91
CA HIS A 3030 -107.15 4.72 86.17
C HIS A 3030 -108.47 5.21 86.87
N ALA A 3031 -108.47 5.28 88.22
CA ALA A 3031 -109.64 5.84 88.97
C ALA A 3031 -109.80 7.35 88.63
N SER A 3032 -108.63 8.00 88.51
CA SER A 3032 -108.60 9.41 88.14
C SER A 3032 -109.12 9.54 86.67
N ASN A 3033 -108.81 8.51 85.85
CA ASN A 3033 -109.28 8.43 84.42
C ASN A 3033 -110.80 8.22 84.37
N LYS A 3034 -111.37 7.54 85.39
CA LYS A 3034 -112.83 7.44 85.56
C LYS A 3034 -113.40 8.86 85.85
N GLU A 3035 -112.62 9.64 86.64
CA GLU A 3035 -113.01 11.06 86.92
C GLU A 3035 -113.02 11.90 85.59
N LYS A 3036 -112.06 11.57 84.70
CA LYS A 3036 -112.01 12.13 83.31
C LYS A 3036 -113.22 11.69 82.49
N GLU A 3037 -113.60 10.41 82.72
CA GLU A 3037 -114.74 9.76 81.98
C GLU A 3037 -116.10 10.42 82.37
N MET A 3038 -116.10 11.03 83.58
CA MET A 3038 -117.27 11.78 84.09
C MET A 3038 -117.73 12.93 83.15
N ILE A 3039 -116.76 13.55 82.45
CA ILE A 3039 -117.09 14.74 81.59
C ILE A 3039 -117.96 14.48 80.31
N PHE A 3043 -106.79 17.57 79.17
CA PHE A 3043 -105.62 17.11 78.44
C PHE A 3043 -104.85 16.03 79.21
N CYS A 3044 -105.00 15.97 80.54
CA CYS A 3044 -104.24 15.01 81.39
C CYS A 3044 -104.57 13.52 81.03
N LYS A 3045 -105.80 13.27 80.54
CA LYS A 3045 -106.19 11.84 80.16
C LYS A 3045 -105.32 11.30 78.98
N LEU A 3046 -104.86 12.18 78.08
CA LEU A 3046 -103.86 11.77 77.00
C LEU A 3046 -102.52 11.32 77.64
N ALA A 3047 -102.10 11.97 78.73
CA ALA A 3047 -100.89 11.54 79.54
C ALA A 3047 -101.15 10.19 80.20
N ALA A 3048 -102.43 9.98 80.56
CA ALA A 3048 -102.87 8.65 81.08
C ALA A 3048 -102.78 7.60 79.91
N LEU A 3049 -103.05 8.02 78.66
CA LEU A 3049 -102.88 7.15 77.45
C LEU A 3049 -101.35 6.86 77.25
N VAL A 3050 -100.50 7.85 77.61
CA VAL A 3050 -99.00 7.64 77.63
C VAL A 3050 -98.64 6.52 78.66
N ARG A 3051 -99.34 6.62 79.79
CA ARG A 3051 -99.23 5.60 80.85
C ARG A 3051 -99.80 4.20 80.33
N HIS A 3052 -100.77 4.23 79.38
CA HIS A 3052 -101.38 2.98 78.73
C HIS A 3052 -100.34 2.30 77.82
N ARG A 3053 -99.60 3.13 77.05
CA ARG A 3053 -98.44 2.63 76.17
C ARG A 3053 -97.37 1.99 77.10
N VAL A 3054 -97.13 2.72 78.23
CA VAL A 3054 -96.17 2.25 79.29
C VAL A 3054 -96.68 0.87 79.94
N SER A 3055 -98.02 0.74 80.07
CA SER A 3055 -98.69 -0.50 80.66
C SER A 3055 -98.57 -1.72 79.68
N LEU A 3056 -98.84 -1.50 78.37
CA LEU A 3056 -98.67 -2.59 77.34
C LEU A 3056 -97.24 -3.06 77.19
N PHE A 3057 -96.32 -2.09 77.28
CA PHE A 3057 -94.89 -2.40 77.13
C PHE A 3057 -94.30 -3.07 78.40
N GLY A 3058 -94.58 -2.51 79.60
CA GLY A 3058 -94.08 -3.07 80.89
C GLY A 3058 -94.73 -4.43 81.16
N THR A 3059 -95.99 -4.63 80.74
CA THR A 3059 -96.70 -5.93 80.90
C THR A 3059 -96.37 -6.90 79.75
N ASP A 3060 -95.78 -6.40 78.67
CA ASP A 3060 -95.37 -7.29 77.58
C ASP A 3060 -94.22 -8.21 78.13
N ALA A 3061 -93.39 -7.69 79.07
CA ALA A 3061 -92.35 -8.52 79.81
C ALA A 3061 -92.97 -9.44 80.83
N PRO A 3062 -94.22 -9.14 81.24
CA PRO A 3062 -94.96 -10.05 82.15
C PRO A 3062 -95.60 -11.25 81.39
N LEU A 3068 -96.62 -9.97 95.61
CA LEU A 3068 -97.01 -11.03 94.67
C LEU A 3068 -98.53 -10.96 94.29
N HIS A 3069 -99.37 -11.12 95.30
CA HIS A 3069 -100.81 -11.07 95.11
C HIS A 3069 -101.28 -9.64 94.69
N ILE A 3070 -100.50 -8.58 95.04
CA ILE A 3070 -100.79 -7.15 94.62
C ILE A 3070 -100.86 -7.06 93.11
N LEU A 3071 -100.02 -7.86 92.43
CA LEU A 3071 -100.03 -7.97 90.94
C LEU A 3071 -101.36 -8.60 90.45
N ALA A 3072 -101.86 -9.62 91.16
CA ALA A 3072 -103.14 -10.28 90.80
C ALA A 3072 -104.32 -9.24 91.04
N ARG A 3073 -104.12 -8.36 92.07
CA ARG A 3073 -105.06 -7.23 92.35
C ARG A 3073 -105.05 -6.24 91.17
N SER A 3074 -103.83 -6.01 90.64
CA SER A 3074 -103.66 -5.14 89.48
C SER A 3074 -104.31 -5.88 88.23
N LEU A 3075 -104.37 -7.23 88.19
CA LEU A 3075 -105.14 -8.02 87.13
C LEU A 3075 -106.65 -7.78 87.23
N ASP A 3076 -107.11 -7.71 88.47
CA ASP A 3076 -108.52 -7.39 88.70
C ASP A 3076 -108.76 -5.88 88.27
N ALA A 3077 -107.73 -5.03 88.49
CA ALA A 3077 -107.72 -3.57 88.05
C ALA A 3077 -107.74 -3.54 86.52
N ARG A 3078 -107.10 -4.55 85.86
CA ARG A 3078 -107.15 -4.76 84.34
C ARG A 3078 -108.59 -5.02 83.90
N THR A 3079 -109.27 -5.84 84.71
CA THR A 3079 -110.67 -6.10 84.46
C THR A 3079 -111.54 -4.76 84.70
N VAL A 3080 -111.10 -3.91 85.64
CA VAL A 3080 -111.81 -2.61 85.99
C VAL A 3080 -111.64 -1.53 84.89
N MET A 3081 -110.40 -1.38 84.43
CA MET A 3081 -110.14 -0.43 83.34
C MET A 3081 -110.74 -1.06 82.04
N LYS A 3082 -110.87 -2.41 81.99
CA LYS A 3082 -111.65 -3.13 80.87
C LYS A 3082 -113.15 -2.75 80.92
N SER A 3083 -113.66 -2.54 82.14
CA SER A 3083 -115.02 -1.94 82.34
C SER A 3083 -115.05 -0.44 81.85
N GLY A 3084 -113.96 0.29 82.04
CA GLY A 3084 -113.82 1.71 81.53
C GLY A 3084 -113.86 1.68 79.95
N PRO A 3085 -113.30 0.60 79.37
CA PRO A 3085 -113.45 0.29 77.90
C PRO A 3085 -114.89 -0.10 77.55
N GLU A 3086 -115.52 -0.77 78.50
CA GLU A 3086 -116.91 -1.21 78.32
C GLU A 3086 -117.84 0.06 78.29
N ILE A 3087 -117.43 1.17 78.96
CA ILE A 3087 -118.11 2.48 78.82
C ILE A 3087 -118.00 2.95 77.35
N VAL A 3088 -116.87 2.64 76.70
CA VAL A 3088 -116.70 2.91 75.24
C VAL A 3088 -117.34 1.82 74.30
N LYS A 3089 -117.65 0.66 74.90
CA LYS A 3089 -118.25 -0.48 74.16
C LYS A 3089 -119.66 -0.17 73.58
N ALA A 3090 -120.37 0.72 74.25
CA ALA A 3090 -121.80 0.93 74.04
C ALA A 3090 -122.32 2.23 74.69
N PHE A 3095 -108.88 9.07 72.82
CA PHE A 3095 -108.77 8.91 71.35
C PHE A 3095 -108.76 7.39 70.91
N PHE A 3096 -109.11 7.03 69.63
CA PHE A 3096 -109.27 5.56 69.19
C PHE A 3096 -107.93 4.80 69.29
N GLU A 3097 -106.86 5.54 69.00
CA GLU A 3097 -105.49 4.98 69.03
C GLU A 3097 -105.08 4.65 70.50
N SER A 3098 -105.56 5.46 71.47
CA SER A 3098 -105.37 5.18 72.96
C SER A 3098 -106.09 3.86 73.30
N ALA A 3099 -107.23 3.60 72.62
CA ALA A 3099 -107.95 2.31 72.75
C ALA A 3099 -107.14 1.16 72.15
N SER A 3100 -106.42 1.43 71.06
CA SER A 3100 -105.52 0.44 70.47
C SER A 3100 -104.34 0.19 71.46
N GLU A 3101 -103.95 1.25 72.21
CA GLU A 3101 -102.93 1.13 73.32
C GLU A 3101 -103.50 0.26 74.44
N ASP A 3102 -104.80 0.40 74.67
CA ASP A 3102 -105.52 -0.43 75.62
C ASP A 3102 -105.64 -1.90 75.08
N ILE A 3103 -105.61 -2.10 73.76
CA ILE A 3103 -105.68 -3.47 73.15
C ILE A 3103 -104.32 -4.19 73.27
N GLU A 3104 -103.23 -3.44 73.02
CA GLU A 3104 -101.87 -3.96 73.23
C GLU A 3104 -101.70 -4.22 74.75
N LYS A 3105 -102.35 -3.35 75.55
CA LYS A 3105 -102.45 -3.52 77.03
C LYS A 3105 -103.37 -4.75 77.38
N MET A 3106 -104.26 -5.17 76.47
CA MET A 3106 -105.17 -6.37 76.68
C MET A 3106 -104.42 -7.69 76.46
N VAL A 3107 -103.63 -7.74 75.37
CA VAL A 3107 -102.76 -8.93 75.12
C VAL A 3107 -101.68 -9.02 76.22
N GLU A 3108 -101.22 -7.83 76.63
CA GLU A 3108 -100.24 -7.71 77.73
C GLU A 3108 -100.95 -8.14 79.07
N ASN A 3109 -102.28 -7.90 79.16
CA ASN A 3109 -103.08 -8.35 80.33
C ASN A 3109 -103.19 -9.90 80.31
N LEU A 3110 -103.20 -10.50 79.11
CA LEU A 3110 -103.12 -11.96 79.00
C LEU A 3110 -101.77 -12.44 79.48
N ARG A 3111 -100.74 -11.63 79.20
CA ARG A 3111 -99.40 -11.91 79.73
C ARG A 3111 -99.43 -11.75 81.32
N LEU A 3112 -100.27 -10.85 81.86
CA LEU A 3112 -100.47 -10.69 83.35
C LEU A 3112 -101.16 -11.94 83.91
N GLY A 3113 -102.05 -12.53 83.09
CA GLY A 3113 -102.67 -13.83 83.39
C GLY A 3113 -101.57 -14.93 83.38
N LYS A 3114 -100.56 -14.74 82.53
CA LYS A 3114 -99.39 -15.68 82.43
C LYS A 3114 -98.31 -15.48 83.56
N VAL A 3115 -98.46 -14.43 84.39
CA VAL A 3115 -97.45 -14.11 85.50
C VAL A 3115 -97.29 -15.31 86.50
N SER A 3116 -98.38 -16.05 86.68
CA SER A 3116 -98.43 -17.22 87.58
C SER A 3116 -98.52 -18.42 86.70
N THR A 3132 -115.68 -10.50 90.42
CA THR A 3132 -115.14 -11.64 89.68
C THR A 3132 -116.19 -12.11 88.66
N THR A 3133 -117.23 -12.84 89.12
CA THR A 3133 -118.26 -13.39 88.19
C THR A 3133 -119.07 -12.30 87.46
N VAL A 3134 -119.10 -11.09 88.04
CA VAL A 3134 -119.77 -9.88 87.44
C VAL A 3134 -119.47 -9.67 85.94
N ALA A 3135 -118.21 -9.89 85.58
CA ALA A 3135 -117.76 -9.63 84.22
C ALA A 3135 -118.47 -10.57 83.21
N LEU A 3136 -118.76 -11.79 83.64
CA LEU A 3136 -119.48 -12.79 82.79
C LEU A 3136 -120.85 -12.23 82.50
N LEU A 3137 -121.42 -11.51 83.46
CA LEU A 3137 -122.76 -10.93 83.29
C LEU A 3137 -122.73 -9.86 82.15
N PRO A 3138 -121.56 -9.20 82.00
CA PRO A 3138 -121.43 -8.17 80.98
C PRO A 3138 -121.48 -8.89 79.62
N VAL A 3139 -121.11 -10.19 79.55
CA VAL A 3139 -121.32 -11.02 78.33
C VAL A 3139 -122.80 -11.14 77.96
N LEU A 3140 -123.68 -11.19 78.98
CA LEU A 3140 -125.15 -11.23 78.72
C LEU A 3140 -125.61 -9.95 78.02
N THR A 3141 -125.01 -8.82 78.40
CA THR A 3141 -125.24 -7.57 77.70
C THR A 3141 -124.64 -7.64 76.26
N THR A 3142 -123.54 -8.37 76.12
CA THR A 3142 -122.86 -8.52 74.79
C THR A 3142 -123.75 -9.32 73.83
N LEU A 3143 -124.49 -10.27 74.40
CA LEU A 3143 -125.38 -11.11 73.61
C LEU A 3143 -126.65 -10.28 73.19
N PHE A 3144 -127.26 -9.50 74.08
CA PHE A 3144 -128.46 -8.66 73.73
C PHE A 3144 -128.11 -7.62 72.70
N GLN A 3145 -126.87 -7.11 72.76
CA GLN A 3145 -126.37 -6.16 71.75
C GLN A 3145 -126.32 -6.85 70.37
N HIS A 3146 -126.00 -8.17 70.42
CA HIS A 3146 -125.95 -9.03 69.20
C HIS A 3146 -127.36 -9.08 68.58
N ILE A 3147 -128.42 -8.96 69.43
CA ILE A 3147 -129.83 -8.94 68.95
C ILE A 3147 -129.99 -7.71 68.01
N ALA A 3148 -129.31 -6.58 68.37
CA ALA A 3148 -129.33 -5.34 67.51
C ALA A 3148 -128.75 -5.67 66.11
N GLN A 3149 -127.70 -6.52 66.12
CA GLN A 3149 -127.05 -6.96 64.86
C GLN A 3149 -128.03 -7.84 64.01
N HIS A 3150 -128.94 -8.56 64.69
CA HIS A 3150 -129.96 -9.41 63.96
C HIS A 3150 -130.95 -8.44 63.22
N GLN A 3151 -131.11 -7.20 63.74
CA GLN A 3151 -131.95 -6.15 63.06
C GLN A 3151 -131.35 -5.75 61.70
N PHE A 3152 -130.03 -5.89 61.54
CA PHE A 3152 -129.34 -5.58 60.26
C PHE A 3152 -129.18 -6.82 59.34
N LEU A 3158 -120.23 1.16 69.03
CA LEU A 3158 -121.24 0.21 68.50
C LEU A 3158 -120.66 -1.20 68.44
N ASP A 3159 -119.82 -1.51 67.45
CA ASP A 3159 -119.22 -2.89 67.34
C ASP A 3159 -118.03 -3.13 68.39
N ASP A 3160 -117.72 -2.04 69.12
CA ASP A 3160 -116.63 -2.08 70.14
C ASP A 3160 -116.89 -3.16 71.28
N VAL A 3161 -118.17 -3.41 71.63
CA VAL A 3161 -118.49 -4.46 72.65
C VAL A 3161 -118.15 -5.88 72.04
N GLN A 3162 -118.33 -6.07 70.72
CA GLN A 3162 -117.81 -7.30 69.96
C GLN A 3162 -116.27 -7.46 69.96
N VAL A 3163 -115.58 -6.31 69.86
CA VAL A 3163 -114.07 -6.32 69.79
C VAL A 3163 -113.50 -6.67 71.22
N SER A 3164 -114.14 -6.07 72.26
CA SER A 3164 -113.86 -6.36 73.76
C SER A 3164 -114.13 -7.85 74.04
N CYS A 3165 -115.20 -8.33 73.39
CA CYS A 3165 -115.55 -9.74 73.50
C CYS A 3165 -114.46 -10.64 72.76
N TYR A 3166 -113.84 -10.12 71.67
CA TYR A 3166 -112.76 -10.86 70.94
C TYR A 3166 -111.43 -10.95 71.81
N ARG A 3167 -111.03 -9.80 72.42
CA ARG A 3167 -109.82 -9.76 73.36
C ARG A 3167 -110.08 -10.62 74.63
N THR A 3168 -111.35 -10.61 75.08
CA THR A 3168 -111.80 -11.45 76.23
C THR A 3168 -111.74 -12.94 75.82
N LEU A 3169 -112.02 -13.23 74.53
CA LEU A 3169 -111.87 -14.61 73.95
C LEU A 3169 -110.39 -15.04 73.93
N CYS A 3170 -109.52 -14.06 73.69
CA CYS A 3170 -108.06 -14.31 73.78
C CYS A 3170 -107.68 -14.59 75.26
N SER A 3171 -108.36 -13.91 76.21
CA SER A 3171 -108.21 -14.17 77.66
C SER A 3171 -108.73 -15.59 77.99
N ILE A 3172 -109.76 -16.04 77.24
CA ILE A 3172 -110.26 -17.43 77.36
C ILE A 3172 -109.19 -18.42 76.82
N TYR A 3173 -108.44 -18.02 75.79
CA TYR A 3173 -107.29 -18.83 75.30
C TYR A 3173 -106.19 -18.84 76.42
N SER A 3174 -106.08 -17.74 77.16
CA SER A 3174 -105.18 -17.71 78.35
C SER A 3174 -105.71 -18.67 79.46
N LEU A 3175 -107.04 -18.81 79.55
CA LEU A 3175 -107.68 -19.82 80.47
C LEU A 3175 -107.34 -21.23 79.96
N GLY A 3176 -107.23 -21.38 78.63
CA GLY A 3176 -106.79 -22.66 78.02
C GLY A 3176 -105.33 -22.97 78.40
N THR A 3177 -104.53 -21.91 78.56
CA THR A 3177 -103.13 -22.04 79.03
C THR A 3177 -103.11 -22.55 80.49
N THR A 3178 -104.18 -22.26 81.24
CA THR A 3178 -104.28 -22.59 82.65
C THR A 3178 -105.11 -23.84 82.91
N VAL A 3183 -120.23 -19.28 86.38
CA VAL A 3183 -120.18 -18.45 85.22
C VAL A 3183 -120.67 -19.20 83.90
N GLU A 3184 -120.85 -20.54 83.96
CA GLU A 3184 -121.30 -21.36 82.75
C GLU A 3184 -122.70 -20.96 82.19
N LYS A 3185 -123.57 -20.43 83.06
CA LYS A 3185 -124.91 -19.93 82.60
C LYS A 3185 -124.78 -18.70 81.66
N LEU A 3186 -123.75 -17.86 81.87
CA LEU A 3186 -123.44 -16.75 80.93
C LEU A 3186 -123.00 -17.35 79.58
N ARG A 3187 -122.33 -18.53 79.63
CA ARG A 3187 -122.01 -19.32 78.42
C ARG A 3187 -123.32 -19.84 77.77
N PRO A 3188 -124.33 -20.16 78.58
CA PRO A 3188 -125.67 -20.52 78.04
C PRO A 3188 -126.33 -19.26 77.36
N ALA A 3189 -126.04 -18.06 77.89
CA ALA A 3189 -126.47 -16.78 77.24
C ALA A 3189 -125.73 -16.61 75.88
N LEU A 3190 -124.49 -17.06 75.88
CA LEU A 3190 -123.71 -17.08 74.64
C LEU A 3190 -124.30 -18.17 73.68
N GLY A 3191 -124.89 -19.25 74.20
CA GLY A 3191 -125.64 -20.26 73.39
C GLY A 3191 -126.88 -19.57 72.80
N GLU A 3192 -127.45 -18.60 73.53
CA GLU A 3192 -128.52 -17.73 72.97
C GLU A 3192 -127.95 -16.86 71.81
N CYS A 3193 -126.71 -16.42 71.98
CA CYS A 3193 -126.00 -15.69 70.91
C CYS A 3193 -125.71 -16.69 69.72
N LEU A 3194 -125.53 -17.98 70.01
CA LEU A 3194 -125.43 -19.06 68.95
C LEU A 3194 -126.74 -19.21 68.20
N ALA A 3195 -127.82 -19.00 68.95
CA ALA A 3195 -129.16 -18.98 68.32
C ALA A 3195 -129.24 -17.73 67.39
N ARG A 3196 -128.58 -16.63 67.80
CA ARG A 3196 -128.45 -15.41 66.94
C ARG A 3196 -127.57 -15.74 65.69
N LEU A 3197 -126.59 -16.67 65.83
CA LEU A 3197 -125.78 -17.18 64.66
C LEU A 3197 -126.68 -17.94 63.68
N ALA A 3198 -127.62 -18.69 64.28
CA ALA A 3198 -128.64 -19.39 63.51
C ALA A 3198 -129.60 -18.38 62.76
N ALA A 3199 -129.82 -17.18 63.33
CA ALA A 3199 -130.72 -16.11 62.76
C ALA A 3199 -130.22 -15.63 61.38
N ALA A 3200 -128.90 -15.73 61.12
CA ALA A 3200 -128.32 -15.27 59.86
C ALA A 3200 -127.91 -16.42 58.96
N ALA A 3204 -119.37 -10.34 57.38
CA ALA A 3204 -118.46 -9.86 58.43
C ALA A 3204 -118.64 -10.70 59.72
N PHE A 3205 -119.90 -11.05 59.93
CA PHE A 3205 -120.40 -11.58 61.19
C PHE A 3205 -119.74 -12.94 61.55
N LEU A 3206 -119.38 -13.73 60.50
CA LEU A 3206 -118.81 -15.09 60.73
C LEU A 3206 -117.46 -14.96 61.48
N GLU A 3207 -116.75 -13.83 61.30
CA GLU A 3207 -115.51 -13.54 62.10
C GLU A 3207 -115.85 -13.31 63.59
N PRO A 3208 -117.01 -12.69 63.88
CA PRO A 3208 -117.45 -12.54 65.33
C PRO A 3208 -117.84 -13.96 65.88
N GLN A 3209 -118.35 -14.82 64.97
CA GLN A 3209 -118.64 -16.26 65.31
C GLN A 3209 -117.30 -16.96 65.64
N LEU A 3210 -116.24 -16.57 64.90
CA LEU A 3210 -114.85 -17.05 65.16
C LEU A 3210 -114.36 -16.50 66.56
N ASN A 3211 -114.78 -15.27 66.96
CA ASN A 3211 -114.48 -14.67 68.36
C ASN A 3211 -115.11 -15.63 69.41
N GLU A 3212 -116.33 -16.12 69.09
CA GLU A 3212 -117.03 -17.12 69.94
C GLU A 3212 -116.30 -18.50 69.96
N TYR A 3213 -115.70 -18.84 68.82
CA TYR A 3213 -114.89 -20.09 68.73
C TYR A 3213 -113.60 -19.96 69.60
N ASN A 3214 -113.07 -18.70 69.70
CA ASN A 3214 -111.92 -18.35 70.62
C ASN A 3214 -112.45 -18.44 72.06
N ALA A 3215 -113.75 -18.14 72.23
CA ALA A 3215 -114.40 -18.21 73.57
C ALA A 3215 -114.68 -19.69 74.00
N CYS A 3216 -114.63 -20.63 73.02
CA CYS A 3216 -114.81 -22.10 73.27
C CYS A 3216 -113.74 -22.65 74.25
N SER A 3217 -112.59 -21.99 74.26
CA SER A 3217 -111.47 -22.38 75.12
C SER A 3217 -111.67 -21.97 76.61
N THR A 3273 -124.21 -33.60 81.98
CA THR A 3273 -125.22 -33.19 81.01
C THR A 3273 -125.08 -33.94 79.68
N LEU A 3274 -125.28 -35.26 79.67
CA LEU A 3274 -125.11 -36.11 78.47
C LEU A 3274 -126.05 -35.68 77.30
N PRO A 3275 -127.23 -35.19 77.68
CA PRO A 3275 -128.24 -34.75 76.71
C PRO A 3275 -127.75 -33.57 75.86
N MET A 3276 -126.92 -32.69 76.44
CA MET A 3276 -126.26 -31.57 75.68
C MET A 3276 -125.32 -32.17 74.57
N LEU A 3277 -124.64 -33.27 74.94
CA LEU A 3277 -123.75 -33.99 73.98
C LEU A 3277 -124.63 -34.65 72.87
N CYS A 3278 -125.83 -35.15 73.24
CA CYS A 3278 -126.82 -35.72 72.25
C CYS A 3278 -127.30 -34.59 71.29
N SER A 3279 -127.42 -33.36 71.82
CA SER A 3279 -127.76 -32.15 70.99
C SER A 3279 -126.60 -31.82 70.02
N TYR A 3280 -125.36 -32.04 70.48
CA TYR A 3280 -124.17 -31.87 69.62
C TYR A 3280 -124.17 -32.99 68.53
N LEU A 3281 -124.69 -34.19 68.86
CA LEU A 3281 -124.89 -35.31 67.86
C LEU A 3281 -125.95 -34.90 66.84
N PRO A 3282 -126.97 -34.15 67.30
CA PRO A 3282 -128.00 -33.60 66.41
C PRO A 3282 -127.34 -32.51 65.48
N ARG A 3283 -126.34 -31.76 66.01
CA ARG A 3283 -125.53 -30.77 65.21
C ARG A 3283 -124.70 -31.53 64.13
N TRP A 3284 -124.23 -32.74 64.51
CA TRP A 3284 -123.52 -33.66 63.56
C TRP A 3284 -124.53 -34.14 62.49
N TRP A 3285 -125.80 -34.34 62.88
CA TRP A 3285 -126.88 -34.70 61.92
C TRP A 3285 -127.13 -33.52 60.95
N GLU A 3286 -126.99 -32.27 61.46
CA GLU A 3286 -127.05 -31.03 60.61
C GLU A 3286 -125.87 -31.07 59.61
N ARG A 3287 -124.72 -31.54 60.13
CA ARG A 3287 -123.51 -31.71 59.28
C ARG A 3287 -123.69 -32.82 58.17
N GLY A 3288 -124.52 -33.85 58.46
CA GLY A 3288 -124.78 -34.98 57.49
C GLY A 3288 -125.47 -34.44 56.23
N PRO A 3289 -126.26 -33.37 56.41
CA PRO A 3289 -126.97 -32.70 55.29
C PRO A 3289 -125.98 -32.04 54.32
N GLU A 3290 -124.84 -31.60 54.83
CA GLU A 3290 -123.86 -30.89 54.00
C GLU A 3290 -122.84 -31.87 53.38
N PRO A 3294 -125.34 -22.84 49.45
CA PRO A 3294 -125.78 -22.81 50.86
C PRO A 3294 -124.59 -22.72 51.87
N ALA A 3295 -123.42 -22.57 51.23
CA ALA A 3295 -122.12 -22.69 51.90
C ALA A 3295 -121.91 -21.65 53.02
N LEU A 3296 -122.54 -20.45 52.88
CA LEU A 3296 -122.43 -19.34 53.88
C LEU A 3296 -122.84 -19.80 55.30
N PRO A 3297 -123.92 -20.64 55.35
CA PRO A 3297 -124.43 -21.17 56.66
C PRO A 3297 -123.30 -22.03 57.30
N ALA A 3298 -122.66 -22.84 56.43
CA ALA A 3298 -121.51 -23.68 56.87
C ALA A 3298 -120.25 -22.80 57.35
N GLY A 3299 -120.08 -21.63 56.67
CA GLY A 3299 -118.98 -20.62 57.06
C GLY A 3299 -119.21 -20.14 58.50
N ALA A 3300 -120.51 -19.91 58.77
CA ALA A 3300 -120.96 -19.51 60.15
C ALA A 3300 -120.74 -20.69 61.12
N PRO A 3301 -120.88 -21.94 60.62
CA PRO A 3301 -120.82 -23.18 61.46
C PRO A 3301 -119.39 -23.62 61.77
N PRO A 3302 -118.44 -22.95 61.13
CA PRO A 3302 -117.07 -23.23 61.45
C PRO A 3302 -116.80 -22.90 63.00
N PRO A 3303 -117.52 -21.91 63.56
CA PRO A 3303 -117.55 -21.66 65.06
C PRO A 3303 -117.99 -22.88 65.85
N CYS A 3304 -119.02 -23.53 65.30
CA CYS A 3304 -119.53 -24.80 65.87
C CYS A 3304 -118.41 -25.90 65.79
N THR A 3305 -117.62 -25.90 64.70
CA THR A 3305 -116.48 -26.89 64.50
C THR A 3305 -115.37 -26.66 65.58
N ALA A 3306 -115.12 -25.38 65.91
CA ALA A 3306 -114.16 -25.04 67.01
C ALA A 3306 -114.71 -25.44 68.42
N VAL A 3307 -116.04 -25.35 68.54
CA VAL A 3307 -116.73 -25.88 69.76
C VAL A 3307 -116.55 -27.43 69.86
N THR A 3308 -116.54 -28.06 68.67
CA THR A 3308 -116.22 -29.51 68.51
C THR A 3308 -114.77 -29.77 68.90
N SER A 3309 -113.89 -28.79 68.65
CA SER A 3309 -112.45 -28.87 69.10
C SER A 3309 -112.38 -28.89 70.65
N ASP A 3310 -113.29 -28.10 71.27
CA ASP A 3310 -113.45 -28.10 72.74
C ASP A 3310 -113.96 -29.53 73.17
N HIS A 3311 -114.80 -30.11 72.30
CA HIS A 3311 -115.37 -31.46 72.51
C HIS A 3311 -114.37 -32.60 72.39
N LEU A 3312 -113.26 -32.33 71.73
CA LEU A 3312 -112.25 -33.34 71.53
C LEU A 3312 -111.61 -33.77 72.86
N ASN A 3313 -111.74 -32.96 73.92
CA ASN A 3313 -111.32 -33.40 75.29
C ASN A 3313 -112.05 -34.63 75.89
N GLY A 3317 -110.72 -40.81 72.85
CA GLY A 3317 -112.12 -40.88 73.25
C GLY A 3317 -113.06 -41.02 72.02
N ASN A 3318 -114.37 -41.03 72.26
CA ASN A 3318 -115.41 -41.12 71.16
C ASN A 3318 -115.35 -39.87 70.27
N ILE A 3319 -114.83 -38.77 70.88
CA ILE A 3319 -114.67 -37.49 70.16
C ILE A 3319 -113.68 -37.63 68.98
N LEU A 3320 -112.73 -38.58 69.06
CA LEU A 3320 -111.89 -38.98 67.90
C LEU A 3320 -112.76 -39.60 66.76
N ARG A 3321 -113.79 -40.40 67.09
CA ARG A 3321 -114.77 -40.92 66.05
C ARG A 3321 -115.57 -39.75 65.45
N ILE A 3322 -115.87 -38.76 66.29
CA ILE A 3322 -116.54 -37.51 65.81
C ILE A 3322 -115.61 -36.74 64.87
N ILE A 3323 -114.31 -36.80 65.16
CA ILE A 3323 -113.27 -36.23 64.31
C ILE A 3323 -113.20 -37.07 63.01
N VAL A 3324 -113.51 -38.38 63.05
CA VAL A 3324 -113.61 -39.22 61.82
C VAL A 3324 -114.78 -38.71 60.95
N ASN A 3325 -115.87 -38.34 61.64
CA ASN A 3325 -117.01 -37.71 60.97
C ASN A 3325 -116.56 -36.33 60.33
N ASN A 3326 -115.68 -35.61 61.07
CA ASN A 3326 -115.09 -34.30 60.62
C ASN A 3326 -114.20 -34.57 59.37
N LEU A 3327 -113.58 -35.78 59.30
CA LEU A 3327 -112.83 -36.24 58.09
C LEU A 3327 -113.74 -36.51 56.90
N GLY A 3328 -114.95 -37.00 57.18
CA GLY A 3328 -115.95 -37.14 56.11
C GLY A 3328 -116.38 -35.69 55.66
N ILE A 3329 -116.40 -34.73 56.61
CA ILE A 3329 -116.64 -33.26 56.32
C ILE A 3329 -115.53 -32.71 55.42
N ASP A 3330 -114.31 -33.20 55.66
CA ASP A 3330 -113.16 -32.86 54.80
C ASP A 3330 -113.32 -33.49 53.40
N GLU A 3331 -113.91 -34.70 53.33
CA GLU A 3331 -114.27 -35.34 52.03
C GLU A 3331 -115.38 -34.45 51.30
N ALA A 3332 -116.27 -33.81 52.06
CA ALA A 3332 -117.32 -32.90 51.47
C ALA A 3332 -116.73 -31.55 50.96
N THR A 3333 -115.80 -30.98 51.74
CA THR A 3333 -115.07 -29.73 51.34
C THR A 3333 -114.21 -30.06 50.09
N TRP A 3334 -113.73 -31.32 50.04
CA TRP A 3334 -113.00 -31.89 48.83
C TRP A 3334 -113.97 -32.00 47.63
N MET A 3335 -115.24 -32.31 47.90
CA MET A 3335 -116.27 -32.32 46.85
C MET A 3335 -116.50 -30.88 46.34
N LYS A 3336 -116.40 -29.89 47.25
CA LYS A 3336 -116.39 -28.44 46.87
C LYS A 3336 -115.15 -28.12 46.01
N ARG A 3337 -114.09 -28.84 46.31
CA ARG A 3337 -112.82 -28.65 45.60
C ARG A 3337 -112.73 -29.47 44.28
N LEU A 3338 -113.71 -30.32 44.02
CA LEU A 3338 -113.61 -31.28 42.88
C LEU A 3338 -113.63 -30.50 41.54
N ALA A 3339 -114.15 -29.26 41.54
CA ALA A 3339 -114.18 -28.41 40.34
C ALA A 3339 -113.02 -27.41 40.27
N VAL A 3346 -114.28 -17.37 44.94
CA VAL A 3346 -113.43 -16.17 45.03
C VAL A 3346 -113.21 -15.78 46.53
N SER A 3347 -113.61 -14.59 47.00
CA SER A 3347 -113.20 -14.16 48.42
C SER A 3347 -113.94 -14.95 49.52
N ARG A 3348 -115.16 -15.37 49.23
CA ARG A 3348 -115.87 -16.28 50.15
C ARG A 3348 -115.16 -17.66 50.16
N ALA A 3349 -114.53 -18.07 49.03
CA ALA A 3349 -113.64 -19.28 49.00
C ALA A 3349 -112.42 -19.04 49.91
N ARG A 3350 -111.97 -17.78 50.01
CA ARG A 3350 -110.91 -17.35 50.99
C ARG A 3350 -111.40 -17.50 52.45
N PRO A 3351 -112.69 -17.21 52.66
CA PRO A 3351 -113.28 -17.44 53.99
C PRO A 3351 -113.32 -18.98 54.27
N GLU A 3352 -113.53 -19.77 53.20
CA GLU A 3352 -113.47 -21.24 53.28
C GLU A 3352 -112.01 -21.69 53.57
N LEU A 3353 -111.04 -20.91 53.08
CA LEU A 3353 -109.63 -21.15 53.45
C LEU A 3353 -109.42 -20.81 54.97
N LEU A 3354 -110.14 -19.82 55.52
CA LEU A 3354 -110.09 -19.51 57.00
C LEU A 3354 -110.69 -20.74 57.76
N HIS A 3355 -111.66 -21.38 57.14
CA HIS A 3355 -112.19 -22.64 57.68
C HIS A 3355 -111.14 -23.80 57.53
N SER A 3356 -110.30 -23.74 56.48
CA SER A 3356 -109.13 -24.71 56.29
C SER A 3356 -108.13 -24.48 57.44
N HIS A 3357 -108.05 -23.23 57.91
CA HIS A 3357 -107.27 -22.89 59.15
C HIS A 3357 -107.93 -23.47 60.40
N PHE A 3358 -109.27 -23.50 60.39
CA PHE A 3358 -110.02 -24.13 61.49
C PHE A 3358 -109.67 -25.64 61.47
N ILE A 3359 -109.47 -26.20 60.24
CA ILE A 3359 -108.90 -27.59 60.04
C ILE A 3359 -107.48 -27.72 60.64
N PRO A 3360 -106.73 -26.63 60.48
CA PRO A 3360 -105.34 -26.60 60.97
C PRO A 3360 -105.31 -26.62 62.55
N THR A 3361 -106.35 -26.04 63.17
CA THR A 3361 -106.56 -26.14 64.65
C THR A 3361 -106.82 -27.64 65.01
N ILE A 3362 -107.44 -28.38 64.08
CA ILE A 3362 -107.71 -29.83 64.25
C ILE A 3362 -106.63 -30.76 63.68
N GLY A 3363 -105.60 -30.15 63.09
CA GLY A 3363 -104.61 -30.94 62.26
C GLY A 3363 -103.91 -32.17 62.89
N LYS A 3367 -107.41 -42.34 61.11
CA LYS A 3367 -107.93 -41.45 60.07
C LYS A 3367 -107.44 -41.81 58.63
N ARG A 3368 -106.62 -42.86 58.50
CA ARG A 3368 -105.94 -43.19 57.21
C ARG A 3368 -106.91 -43.57 56.05
N ALA A 3369 -108.03 -44.23 56.36
CA ALA A 3369 -109.03 -44.53 55.27
C ALA A 3369 -109.72 -43.22 54.83
N GLY A 3370 -109.85 -42.27 55.76
CA GLY A 3370 -110.29 -40.89 55.41
C GLY A 3370 -109.16 -40.19 54.63
N LYS A 3371 -107.90 -40.60 54.85
CA LYS A 3371 -106.74 -40.07 54.11
C LYS A 3371 -106.69 -40.70 52.70
N VAL A 3372 -107.44 -41.77 52.48
CA VAL A 3372 -107.63 -42.32 51.15
C VAL A 3372 -108.64 -41.46 50.37
N VAL A 3373 -109.70 -41.03 51.04
CA VAL A 3373 -110.65 -40.01 50.48
C VAL A 3373 -109.90 -38.68 50.26
N ALA A 3374 -108.94 -38.38 51.14
CA ALA A 3374 -108.05 -37.20 50.97
C ALA A 3374 -107.12 -37.43 49.77
N GLU A 3375 -106.74 -38.69 49.53
CA GLU A 3375 -105.97 -39.06 48.32
C GLU A 3375 -106.88 -38.83 47.06
N GLU A 3376 -108.18 -39.08 47.20
CA GLU A 3376 -109.16 -38.76 46.12
C GLU A 3376 -109.29 -37.19 45.96
N GLU A 3377 -109.14 -36.44 47.07
CA GLU A 3377 -109.12 -34.92 47.05
C GLU A 3377 -107.85 -34.49 46.28
N GLN A 3378 -106.75 -35.22 46.47
CA GLN A 3378 -105.48 -34.99 45.75
C GLN A 3378 -105.61 -35.40 44.26
N LEU A 3379 -106.47 -36.38 43.95
CA LEU A 3379 -106.69 -36.86 42.54
C LEU A 3379 -107.55 -35.82 41.77
N ARG A 3380 -108.59 -35.31 42.45
CA ARG A 3380 -109.45 -34.21 41.92
C ARG A 3380 -108.61 -32.94 41.77
N LEU A 3381 -107.74 -32.70 42.76
CA LEU A 3381 -106.78 -31.58 42.72
C LEU A 3381 -105.75 -31.81 41.60
N GLU A 3382 -105.47 -33.08 41.23
CA GLU A 3382 -104.52 -33.42 40.12
C GLU A 3382 -105.09 -33.08 38.78
N ALA A 3383 -106.33 -33.52 38.59
CA ALA A 3383 -107.07 -33.21 37.38
C ALA A 3383 -107.31 -31.67 37.28
N LYS A 3384 -107.57 -31.01 38.42
CA LYS A 3384 -107.87 -29.56 38.42
C LYS A 3384 -106.59 -28.71 38.20
N ALA A 3385 -105.47 -29.11 38.82
CA ALA A 3385 -104.17 -28.45 38.59
C ALA A 3385 -103.70 -28.72 37.15
N GLU A 3386 -104.03 -29.90 36.61
CA GLU A 3386 -103.73 -30.19 35.19
C GLU A 3386 -104.63 -29.29 34.25
N ALA A 3387 -105.86 -28.99 34.68
CA ALA A 3387 -106.75 -28.00 33.97
C ALA A 3387 -106.14 -26.59 34.03
N GLU A 3388 -105.49 -26.28 35.17
CA GLU A 3388 -104.76 -25.00 35.35
C GLU A 3388 -103.53 -25.02 34.38
N GLU A 3389 -102.95 -26.22 34.15
CA GLU A 3389 -101.85 -26.41 33.15
C GLU A 3389 -102.36 -26.16 31.71
N GLY A 3390 -103.61 -26.56 31.46
CA GLY A 3390 -104.25 -26.24 30.18
C GLY A 3390 -104.49 -24.71 30.07
N GLU A 3391 -104.77 -24.07 31.22
CA GLU A 3391 -104.89 -22.57 31.29
C GLU A 3391 -103.51 -21.93 30.97
N LEU A 3392 -102.44 -22.60 31.37
CA LEU A 3392 -101.07 -22.18 30.98
C LEU A 3392 -100.82 -22.44 29.46
N LEU A 3393 -101.47 -23.47 28.90
CA LEU A 3393 -101.42 -23.68 27.43
C LEU A 3393 -102.13 -22.53 26.73
N VAL A 3394 -103.18 -22.01 27.38
CA VAL A 3394 -103.84 -20.74 26.94
C VAL A 3394 -102.86 -19.53 27.13
N ARG A 3395 -102.04 -19.62 28.19
CA ARG A 3395 -101.02 -18.58 28.51
C ARG A 3395 -99.89 -18.57 27.46
N ASP A 3396 -99.71 -19.67 26.74
CA ASP A 3396 -98.73 -19.74 25.68
C ASP A 3396 -98.97 -18.66 24.57
N GLU A 3397 -100.22 -18.22 24.37
CA GLU A 3397 -100.50 -16.99 23.52
C GLU A 3397 -101.70 -16.17 24.02
N CYS A 3402 -104.51 -13.57 29.84
CA CYS A 3402 -105.36 -14.77 29.72
C CYS A 3402 -105.23 -15.65 31.00
N ARG A 3403 -103.98 -15.92 31.38
CA ARG A 3403 -103.74 -16.77 32.57
C ARG A 3403 -104.14 -16.07 33.89
N ASP A 3404 -104.36 -14.74 33.85
CA ASP A 3404 -104.90 -13.96 35.02
C ASP A 3404 -106.14 -14.60 35.73
N LEU A 3405 -107.07 -15.16 34.95
CA LEU A 3405 -108.25 -15.86 35.52
C LEU A 3405 -107.79 -17.15 36.22
N TYR A 3406 -106.75 -17.80 35.66
CA TYR A 3406 -106.08 -19.01 36.30
C TYR A 3406 -105.38 -18.66 37.64
N ALA A 3407 -104.89 -17.43 37.73
CA ALA A 3407 -104.09 -17.00 38.92
C ALA A 3407 -104.89 -17.03 40.28
N LEU A 3408 -106.18 -16.66 40.22
CA LEU A 3408 -107.07 -16.73 41.41
C LEU A 3408 -107.23 -18.21 41.81
N TYR A 3409 -107.28 -19.09 40.80
CA TYR A 3409 -107.34 -20.56 41.00
C TYR A 3409 -106.02 -21.03 41.65
N PRO A 3410 -104.88 -20.41 41.26
CA PRO A 3410 -103.57 -20.63 41.91
C PRO A 3410 -103.58 -20.21 43.44
N LEU A 3411 -104.34 -19.14 43.74
CA LEU A 3411 -104.41 -18.63 45.16
C LEU A 3411 -105.30 -19.56 46.05
N LEU A 3412 -106.45 -19.95 45.51
CA LEU A 3412 -107.38 -20.88 46.22
C LEU A 3412 -106.70 -22.29 46.32
N ILE A 3413 -105.92 -22.65 45.28
CA ILE A 3413 -105.14 -23.93 45.31
C ILE A 3413 -104.04 -23.82 46.38
N ARG A 3414 -103.53 -22.59 46.61
CA ARG A 3414 -102.60 -22.30 47.71
C ARG A 3414 -103.34 -22.51 49.10
N TYR A 3415 -104.63 -22.11 49.18
CA TYR A 3415 -105.46 -22.36 50.43
C TYR A 3415 -105.65 -23.91 50.67
N VAL A 3416 -105.73 -24.62 49.52
CA VAL A 3416 -105.76 -26.13 49.48
C VAL A 3416 -104.43 -26.69 50.00
N ASP A 3417 -103.34 -26.01 49.63
CA ASP A 3417 -102.00 -26.39 50.09
C ASP A 3417 -101.88 -26.11 51.63
N ASN A 3418 -102.62 -25.09 52.15
CA ASN A 3418 -102.75 -24.86 53.67
C ASN A 3418 -103.45 -26.06 54.31
N ASN A 3419 -104.44 -26.54 53.56
CA ASN A 3419 -105.15 -27.71 54.03
C ASN A 3419 -104.20 -28.99 53.93
N ARG A 3420 -103.26 -29.01 52.96
CA ARG A 3420 -102.18 -30.06 52.85
C ARG A 3420 -101.22 -29.94 54.03
N ALA A 3421 -101.01 -28.70 54.52
CA ALA A 3421 -100.19 -28.45 55.76
C ALA A 3421 -100.89 -29.08 56.97
N HIS A 3422 -102.24 -29.00 56.94
CA HIS A 3422 -103.07 -29.72 57.92
C HIS A 3422 -102.97 -31.26 57.68
N TRP A 3423 -102.75 -31.66 56.42
CA TRP A 3423 -102.64 -33.10 56.03
C TRP A 3423 -101.23 -33.64 56.30
N LEU A 3424 -100.28 -32.75 56.60
CA LEU A 3424 -98.87 -33.14 56.74
C LEU A 3424 -98.51 -34.02 57.98
N PRO A 3427 -98.71 -36.86 60.99
CA PRO A 3427 -99.47 -37.73 60.08
C PRO A 3427 -98.55 -38.55 59.16
N ASN A 3428 -97.43 -37.92 58.83
CA ASN A 3428 -96.52 -38.50 57.87
C ASN A 3428 -95.90 -39.88 58.33
N ALA A 3429 -95.92 -40.20 59.64
CA ALA A 3429 -95.43 -41.53 60.16
C ALA A 3429 -96.15 -42.71 59.53
N ASN A 3430 -97.46 -42.52 59.26
CA ASN A 3430 -98.25 -43.55 58.55
C ASN A 3430 -97.71 -43.74 57.12
N ALA A 3431 -97.31 -42.61 56.50
CA ALA A 3431 -96.67 -42.65 55.15
C ALA A 3431 -95.29 -43.37 55.29
N GLU A 3432 -94.61 -43.21 56.44
CA GLU A 3432 -93.35 -43.97 56.71
C GLU A 3432 -93.61 -45.47 56.78
N GLU A 3433 -94.77 -45.81 57.36
CA GLU A 3433 -95.23 -47.19 57.39
C GLU A 3433 -95.61 -47.69 55.96
N LEU A 3434 -96.06 -46.79 55.09
CA LEU A 3434 -96.46 -47.16 53.71
C LEU A 3434 -95.22 -47.59 52.82
N PHE A 3435 -94.00 -47.20 53.15
CA PHE A 3435 -92.87 -47.24 52.12
C PHE A 3435 -92.38 -48.66 51.70
N MET A 3437 -97.99 -48.06 50.50
CA MET A 3437 -97.39 -47.84 49.18
C MET A 3437 -98.25 -46.88 48.37
N VAL A 3438 -99.57 -47.11 48.40
CA VAL A 3438 -100.54 -46.26 47.72
C VAL A 3438 -100.44 -44.81 48.22
N GLY A 3439 -100.13 -44.60 49.52
CA GLY A 3439 -99.93 -43.22 50.10
C GLY A 3439 -98.84 -42.47 49.34
N GLU A 3440 -97.79 -43.24 49.03
CA GLU A 3440 -96.69 -42.78 48.28
C GLU A 3440 -97.07 -42.47 46.83
N ILE A 3441 -98.03 -43.22 46.30
CA ILE A 3441 -98.43 -43.06 44.89
C ILE A 3441 -99.32 -41.81 44.73
N PHE A 3442 -100.24 -41.61 45.69
CA PHE A 3442 -101.08 -40.37 45.69
C PHE A 3442 -100.23 -39.14 45.97
N ILE A 3443 -99.20 -39.32 46.80
CA ILE A 3443 -98.26 -38.24 47.06
C ILE A 3443 -97.46 -38.01 45.76
N TYR A 3444 -97.21 -39.07 44.94
CA TYR A 3444 -96.57 -38.96 43.59
C TYR A 3444 -97.44 -38.19 42.63
N TRP A 3445 -98.76 -38.31 42.81
CA TRP A 3445 -99.70 -37.57 41.98
C TRP A 3445 -99.74 -36.08 42.38
N SER A 3446 -99.75 -35.84 43.71
CA SER A 3446 -99.70 -34.47 44.27
C SER A 3446 -98.33 -33.84 43.80
N LYS A 3447 -97.30 -34.69 43.74
CA LYS A 3447 -95.96 -34.30 43.22
C LYS A 3447 -95.99 -33.98 41.71
N SER A 3448 -96.84 -34.68 40.95
CA SER A 3448 -97.03 -34.33 39.51
C SER A 3448 -97.66 -32.93 39.40
N HIS A 3449 -98.53 -32.66 40.40
CA HIS A 3449 -99.13 -31.33 40.53
C HIS A 3449 -98.03 -30.27 40.86
N ASN A 3450 -97.05 -30.68 41.67
CA ASN A 3450 -95.89 -29.82 42.00
C ASN A 3450 -95.04 -29.63 40.69
N PHE A 3451 -95.03 -30.65 39.78
CA PHE A 3451 -94.36 -30.55 38.44
C PHE A 3451 -95.03 -29.44 37.61
N LYS A 3452 -96.35 -29.40 37.74
CA LYS A 3452 -97.10 -28.31 37.12
C LYS A 3452 -96.84 -26.94 37.86
N ARG A 3453 -96.55 -26.98 39.17
CA ARG A 3453 -96.19 -25.76 40.01
C ARG A 3453 -94.88 -25.18 39.52
N GLU A 3454 -94.03 -26.05 38.97
CA GLU A 3454 -92.74 -25.64 38.37
C GLU A 3454 -92.98 -24.72 37.18
N GLU A 3455 -94.12 -24.90 36.52
CA GLU A 3455 -94.56 -24.01 35.45
C GLU A 3455 -95.28 -22.76 35.96
N ASN A 3457 -95.49 -19.51 35.23
CA ASN A 3457 -94.38 -18.71 35.67
C ASN A 3457 -94.90 -17.38 36.26
N PHE A 3458 -95.32 -16.43 35.39
CA PHE A 3458 -95.79 -15.12 35.83
C PHE A 3458 -97.06 -15.27 36.72
N VAL A 3459 -97.84 -16.33 36.46
CA VAL A 3459 -99.06 -16.64 37.27
C VAL A 3459 -98.72 -16.93 38.75
N VAL A 3460 -97.57 -17.57 38.96
CA VAL A 3460 -97.06 -17.86 40.31
C VAL A 3460 -96.66 -16.53 40.97
N GLN A 3461 -96.17 -15.56 40.18
CA GLN A 3461 -95.88 -14.19 40.68
C GLN A 3461 -97.19 -13.49 41.08
N ASN A 3462 -98.27 -13.79 40.35
CA ASN A 3462 -99.61 -13.29 40.72
C ASN A 3462 -100.06 -13.99 42.03
N GLU A 3463 -99.64 -15.25 42.23
CA GLU A 3463 -99.88 -15.95 43.52
C GLU A 3463 -99.05 -15.29 44.65
N ILE A 3464 -97.87 -14.77 44.30
CA ILE A 3464 -97.05 -13.98 45.24
C ILE A 3464 -97.78 -12.67 45.56
N ASN A 3465 -98.51 -12.13 44.57
CA ASN A 3465 -99.36 -10.94 44.78
C ASN A 3465 -100.52 -11.31 45.76
N ASN A 3466 -101.00 -12.56 45.68
CA ASN A 3466 -101.99 -13.07 46.65
C ASN A 3466 -101.38 -13.12 48.06
N MET A 3467 -100.10 -13.47 48.11
CA MET A 3467 -99.36 -13.45 49.37
C MET A 3467 -99.21 -12.01 49.89
N SER A 3468 -99.09 -11.05 48.96
CA SER A 3468 -99.04 -9.59 49.31
C SER A 3468 -100.35 -9.12 49.90
N PHE A 3469 -101.43 -9.80 49.52
CA PHE A 3469 -102.74 -9.49 50.08
C PHE A 3469 -102.90 -10.15 51.49
N LEU A 3470 -102.01 -11.09 51.83
CA LEU A 3470 -102.21 -12.02 53.02
C LEU A 3470 -101.37 -11.68 54.24
N MET A 3478 -93.92 -28.10 53.92
CA MET A 3478 -94.45 -28.12 52.58
C MET A 3478 -93.80 -29.21 51.67
N ALA A 3479 -93.38 -28.82 50.46
CA ALA A 3479 -93.26 -29.80 49.32
C ALA A 3479 -92.12 -30.76 49.57
N LYS A 3480 -91.10 -30.33 50.31
CA LYS A 3480 -89.95 -31.19 50.58
C LYS A 3480 -90.33 -32.45 51.37
N ALA A 3481 -91.30 -32.31 52.28
CA ALA A 3481 -91.75 -33.44 53.09
C ALA A 3481 -92.36 -34.49 52.10
N GLY A 3482 -92.99 -33.97 51.02
CA GLY A 3482 -93.57 -34.84 49.91
C GLY A 3482 -92.51 -35.72 49.27
N ASP A 3483 -91.32 -35.15 49.20
CA ASP A 3483 -90.26 -35.86 48.55
C ASP A 3483 -89.87 -37.06 49.39
N ALA A 3484 -90.23 -37.10 50.70
CA ALA A 3484 -90.10 -38.35 51.58
C ALA A 3484 -90.68 -39.57 50.89
N GLN A 3485 -91.84 -39.28 50.34
CA GLN A 3485 -92.56 -40.36 49.74
C GLN A 3485 -91.82 -40.88 48.45
N SER A 3486 -91.07 -39.99 47.77
CA SER A 3486 -90.33 -40.37 46.53
C SER A 3486 -89.31 -41.46 46.90
N GLY A 3487 -88.85 -41.41 48.14
CA GLY A 3487 -87.88 -42.38 48.64
C GLY A 3487 -88.47 -43.77 48.68
N GLY A 3488 -89.81 -43.87 48.77
CA GLY A 3488 -90.47 -45.18 48.69
C GLY A 3488 -90.11 -45.89 47.36
N SER A 3489 -89.88 -45.09 46.29
CA SER A 3489 -89.30 -45.62 44.98
C SER A 3489 -87.96 -46.43 45.15
N ASP A 3490 -87.11 -46.01 46.10
CA ASP A 3490 -85.78 -46.72 46.35
C ASP A 3490 -85.92 -48.14 46.85
N GLN A 3491 -87.04 -48.49 47.47
CA GLN A 3491 -87.20 -49.87 48.05
C GLN A 3491 -87.10 -51.01 47.00
N THR A 3494 -87.44 -52.88 51.32
CA THR A 3494 -87.14 -52.55 52.72
C THR A 3494 -85.65 -52.77 53.04
N LYS A 3495 -85.22 -54.01 53.26
CA LYS A 3495 -83.78 -54.29 53.53
C LYS A 3495 -82.92 -54.05 52.29
N LYS A 3496 -83.56 -54.10 51.11
CA LYS A 3496 -82.83 -53.82 49.87
C LYS A 3496 -82.33 -52.32 49.86
N LYS A 3497 -83.02 -51.41 50.56
CA LYS A 3497 -82.49 -50.01 50.79
C LYS A 3497 -81.19 -50.06 51.64
N ARG A 3498 -81.14 -51.00 52.59
CA ARG A 3498 -79.89 -51.24 53.37
C ARG A 3498 -78.78 -51.78 52.45
N ARG A 3499 -79.21 -52.58 51.46
CA ARG A 3499 -78.26 -53.04 50.41
C ARG A 3499 -77.78 -51.87 49.56
N GLY A 3500 -78.63 -50.85 49.39
CA GLY A 3500 -78.22 -49.60 48.73
C GLY A 3500 -77.21 -48.87 49.57
N ASP A 3501 -77.37 -48.98 50.89
CA ASP A 3501 -76.38 -48.44 51.80
C ASP A 3501 -75.05 -49.24 51.65
N ARG A 3502 -75.13 -50.56 51.38
CA ARG A 3502 -73.94 -51.39 51.05
C ARG A 3502 -73.31 -50.92 49.72
N TYR A 3503 -74.16 -50.38 48.85
CA TYR A 3503 -73.70 -49.89 47.54
C TYR A 3503 -73.10 -48.49 47.61
N SER A 3504 -73.34 -47.80 48.73
CA SER A 3504 -72.94 -46.40 48.88
C SER A 3504 -71.56 -46.33 49.53
N THR A 3513 -81.64 -50.95 46.98
CA THR A 3513 -80.61 -51.00 45.93
C THR A 3513 -80.94 -50.06 44.76
N LEU A 3514 -82.22 -49.76 44.60
CA LEU A 3514 -82.71 -48.95 43.48
C LEU A 3514 -82.26 -47.46 43.49
N LYS A 3515 -81.98 -46.94 44.69
CA LYS A 3515 -81.77 -45.48 44.88
C LYS A 3515 -80.58 -44.91 44.05
N LYS A 3516 -79.55 -45.73 43.84
CA LYS A 3516 -78.41 -45.31 42.98
C LYS A 3516 -78.85 -45.17 41.52
N MET A 3517 -79.73 -46.07 41.07
CA MET A 3517 -80.28 -45.97 39.72
C MET A 3517 -81.19 -44.71 39.69
N LEU A 3518 -81.82 -44.34 40.82
CA LEU A 3518 -82.57 -43.06 40.95
C LEU A 3518 -81.65 -41.82 40.84
N PRO A 3519 -80.44 -41.96 41.34
CA PRO A 3519 -79.44 -40.94 41.13
C PRO A 3519 -78.99 -40.90 39.63
N ILE A 3520 -78.99 -42.08 38.98
CA ILE A 3520 -78.70 -42.17 37.51
C ILE A 3520 -79.82 -41.40 36.78
N GLY A 3521 -81.03 -41.49 37.33
CA GLY A 3521 -82.19 -40.70 36.83
C GLY A 3521 -82.03 -39.19 37.07
N LEU A 3522 -81.35 -38.84 38.17
CA LEU A 3522 -81.02 -37.45 38.43
C LEU A 3522 -80.09 -36.94 37.33
N ASN A 3523 -79.16 -37.82 36.92
CA ASN A 3523 -78.33 -37.54 35.77
C ASN A 3523 -79.19 -37.46 34.48
N MET A 3524 -80.24 -38.28 34.40
CA MET A 3524 -81.22 -38.33 33.25
C MET A 3524 -82.04 -37.04 33.05
N CYS A 3525 -82.32 -36.36 34.17
CA CYS A 3525 -83.11 -35.15 34.08
C CYS A 3525 -82.35 -33.88 33.61
N ALA A 3526 -81.01 -34.01 33.52
CA ALA A 3526 -80.12 -32.91 33.01
C ALA A 3526 -80.44 -32.46 31.58
N PRO A 3527 -80.95 -33.41 30.80
CA PRO A 3527 -81.24 -33.21 29.40
C PRO A 3527 -82.36 -32.19 29.23
N LYS A 3537 -91.43 -37.28 30.48
CA LYS A 3537 -90.11 -37.86 30.75
C LYS A 3537 -89.94 -39.27 30.18
N THR A 3538 -90.40 -39.40 28.93
CA THR A 3538 -90.42 -40.65 28.21
C THR A 3538 -88.99 -41.27 28.09
N ARG A 3539 -87.96 -40.40 27.92
CA ARG A 3539 -86.53 -40.84 27.73
C ARG A 3539 -85.99 -41.69 28.92
N TYR A 3540 -86.44 -41.42 30.17
CA TYR A 3540 -86.01 -42.23 31.37
C TYR A 3540 -86.46 -43.71 31.25
N ALA A 3541 -87.71 -43.85 30.79
CA ALA A 3541 -88.21 -45.19 30.43
C ALA A 3541 -87.47 -45.75 29.12
N LEU A 3542 -87.08 -44.84 28.19
CA LEU A 3542 -86.40 -45.19 26.86
C LEU A 3542 -85.04 -45.83 27.07
N LYS A 3543 -84.40 -45.45 28.19
CA LYS A 3543 -83.06 -45.97 28.49
C LYS A 3543 -83.06 -47.50 28.72
N ASP A 3544 -84.22 -47.98 29.22
CA ASP A 3544 -84.43 -49.40 29.52
C ASP A 3544 -84.87 -50.12 28.25
N VAL A 3549 -88.21 -54.14 35.64
CA VAL A 3549 -89.10 -53.33 36.48
C VAL A 3549 -89.38 -51.99 35.77
N ARG A 3550 -90.26 -51.98 34.77
CA ARG A 3550 -90.57 -50.72 34.01
C ARG A 3550 -91.28 -49.63 34.88
N GLU A 3551 -92.00 -50.07 35.93
CA GLU A 3551 -92.61 -49.15 36.92
C GLU A 3551 -91.51 -48.36 37.63
N PHE A 3552 -90.36 -49.01 37.85
CA PHE A 3552 -89.19 -48.34 38.40
C PHE A 3552 -88.63 -47.29 37.37
N LEU A 3553 -88.76 -47.53 36.05
CA LEU A 3553 -88.43 -46.48 35.00
C LEU A 3553 -89.46 -45.32 35.04
N GLN A 3554 -90.71 -45.64 35.47
CA GLN A 3554 -91.76 -44.60 35.71
C GLN A 3554 -91.41 -43.76 36.98
N ASN A 3555 -90.90 -44.44 38.02
CA ASN A 3555 -90.36 -43.77 39.26
C ASN A 3555 -89.13 -42.93 38.89
N ASN A 3556 -88.36 -43.43 37.91
CA ASN A 3556 -87.21 -42.67 37.32
C ASN A 3556 -87.73 -41.42 36.56
N LEU A 3557 -88.94 -41.51 35.97
CA LEU A 3557 -89.55 -40.36 35.22
C LEU A 3557 -90.04 -39.27 36.20
N HIS A 3558 -90.70 -39.72 37.29
CA HIS A 3558 -91.14 -38.81 38.39
C HIS A 3558 -89.89 -38.16 39.03
N LEU A 3559 -88.82 -38.96 39.13
CA LEU A 3559 -87.52 -38.48 39.62
C LEU A 3559 -86.91 -37.48 38.60
N GLN A 3560 -87.21 -37.65 37.29
CA GLN A 3560 -86.67 -36.75 36.21
C GLN A 3560 -87.33 -35.37 36.29
N GLY A 3561 -88.66 -35.40 36.47
CA GLY A 3561 -89.40 -34.15 36.70
C GLY A 3561 -88.97 -33.52 38.05
N LYS A 3562 -88.70 -34.37 39.06
CA LYS A 3562 -88.17 -33.92 40.42
C LYS A 3562 -86.77 -33.29 40.28
N VAL A 3563 -85.98 -33.71 39.27
CA VAL A 3563 -84.59 -33.19 39.08
C VAL A 3563 -84.54 -31.89 38.26
N GLU A 3564 -85.44 -31.79 37.30
CA GLU A 3564 -85.61 -30.51 36.64
C GLU A 3564 -86.28 -29.54 37.71
N GLY A 3565 -87.07 -30.09 38.65
CA GLY A 3565 -87.57 -29.34 39.88
C GLY A 3565 -86.43 -28.96 40.80
N SER A 3566 -85.38 -29.76 40.82
CA SER A 3566 -84.14 -29.37 41.48
C SER A 3566 -83.46 -28.20 40.72
N PRO A 3567 -83.58 -28.18 39.39
CA PRO A 3567 -83.10 -27.03 38.60
C PRO A 3567 -83.93 -25.78 38.96
N SER A 3568 -85.19 -26.00 39.29
CA SER A 3568 -86.04 -24.95 39.87
C SER A 3568 -85.58 -24.57 41.28
N LEU A 3569 -85.05 -25.55 42.00
CA LEU A 3569 -84.56 -25.36 43.37
C LEU A 3569 -83.22 -24.60 43.32
N ARG A 3570 -82.59 -24.51 42.15
CA ARG A 3570 -81.42 -23.63 41.95
C ARG A 3570 -81.77 -22.16 42.20
N TRP A 3571 -83.03 -21.80 41.94
CA TRP A 3571 -83.54 -20.49 42.35
C TRP A 3571 -83.58 -20.35 43.89
N GLN A 3572 -83.72 -21.47 44.59
CA GLN A 3572 -83.75 -21.51 46.07
C GLN A 3572 -82.40 -21.91 46.69
N PRO A 3645 -91.35 32.03 35.96
CA PRO A 3645 -90.00 32.71 36.05
C PRO A 3645 -89.92 34.07 35.26
N THR A 3646 -90.80 34.13 34.25
CA THR A 3646 -90.94 35.30 33.36
C THR A 3646 -89.61 35.82 32.77
N HIS A 3647 -89.20 36.98 33.24
CA HIS A 3647 -88.00 37.62 32.70
C HIS A 3647 -86.73 36.80 33.00
N ARG A 3648 -86.74 36.05 34.11
CA ARG A 3648 -85.63 35.17 34.44
C ARG A 3648 -85.40 34.19 33.32
N ALA A 3649 -86.53 33.67 32.87
CA ALA A 3649 -86.53 32.77 31.74
C ALA A 3649 -86.18 33.36 30.39
N CYS A 3650 -86.42 34.63 30.24
CA CYS A 3650 -86.31 35.21 28.96
C CYS A 3650 -84.87 35.16 28.48
N ASN A 3651 -83.95 35.30 29.42
CA ASN A 3651 -82.57 35.17 29.06
C ASN A 3651 -82.25 33.78 28.59
N MET A 3652 -82.94 32.83 29.20
CA MET A 3652 -82.79 31.46 28.81
C MET A 3652 -83.27 31.33 27.38
N PHE A 3653 -84.30 32.07 27.00
CA PHE A 3653 -84.67 32.12 25.61
C PHE A 3653 -83.64 32.73 24.70
N LEU A 3654 -82.88 33.65 25.26
CA LEU A 3654 -81.91 34.24 24.43
C LEU A 3654 -80.83 33.29 24.06
N GLU A 3655 -80.33 32.67 25.11
CA GLU A 3655 -79.25 31.77 24.96
C GLU A 3655 -79.69 30.53 24.20
N SER A 3656 -80.95 30.12 24.36
CA SER A 3656 -81.46 28.99 23.60
C SER A 3656 -81.53 29.33 22.14
N TYR A 3657 -81.86 30.58 21.86
CA TYR A 3657 -82.01 30.98 20.49
C TYR A 3657 -80.66 31.05 19.91
N LYS A 3658 -79.66 31.26 20.73
CA LYS A 3658 -78.32 31.48 20.29
C LYS A 3658 -77.72 30.27 19.70
N ALA A 3659 -78.31 29.14 20.07
CA ALA A 3659 -77.68 27.90 19.86
C ALA A 3659 -77.75 27.49 18.41
N ALA A 3660 -77.80 26.19 18.14
CA ALA A 3660 -77.58 25.67 16.77
C ALA A 3660 -78.71 26.01 15.83
N TRP A 3661 -79.97 26.10 16.37
CA TRP A 3661 -81.16 26.39 15.53
C TRP A 3661 -80.91 27.79 14.82
N ILE A 3662 -80.06 28.69 15.36
CA ILE A 3662 -79.73 30.03 14.75
C ILE A 3662 -78.30 30.20 14.21
N LEU A 3663 -77.57 29.11 14.23
CA LEU A 3663 -76.22 29.11 13.67
C LEU A 3663 -76.33 28.86 12.20
N THR A 3664 -76.72 29.92 11.52
CA THR A 3664 -77.30 29.78 10.20
C THR A 3664 -76.36 29.39 9.06
N GLU A 3665 -76.98 28.85 8.03
CA GLU A 3665 -76.44 28.52 6.74
C GLU A 3665 -75.66 29.61 5.99
N ASP A 3666 -75.96 30.90 6.20
CA ASP A 3666 -75.55 31.92 5.18
C ASP A 3666 -74.14 32.16 5.39
N HIS A 3667 -73.33 31.42 4.67
CA HIS A 3667 -71.90 31.62 4.71
C HIS A 3667 -71.31 31.58 3.29
N SER A 3668 -72.09 31.90 2.25
CA SER A 3668 -71.54 32.07 0.89
C SER A 3668 -70.96 33.46 0.66
N PHE A 3669 -71.18 34.34 1.64
CA PHE A 3669 -70.85 35.72 1.49
C PHE A 3669 -69.39 36.03 1.41
N GLU A 3670 -68.57 35.18 2.01
CA GLU A 3670 -67.19 35.50 2.10
C GLU A 3670 -66.48 35.62 0.80
N ASP A 3671 -66.87 34.77 -0.10
CA ASP A 3671 -66.15 34.67 -1.35
C ASP A 3671 -66.42 35.85 -2.24
N ARG A 3672 -67.68 36.20 -2.34
CA ARG A 3672 -68.03 37.40 -3.05
C ARG A 3672 -67.47 38.62 -2.32
N MET A 3673 -67.27 38.51 -1.02
CA MET A 3673 -66.54 39.53 -0.30
C MET A 3673 -65.09 39.65 -0.66
N ILE A 3674 -64.48 38.51 -0.81
CA ILE A 3674 -63.12 38.46 -1.25
C ILE A 3674 -62.97 39.02 -2.64
N ASP A 3675 -63.94 38.78 -3.50
CA ASP A 3675 -63.86 39.38 -4.81
C ASP A 3675 -64.07 40.87 -4.71
N ASP A 3676 -64.91 41.27 -3.77
CA ASP A 3676 -65.18 42.65 -3.55
C ASP A 3676 -63.97 43.41 -3.03
N LEU A 3677 -63.09 42.73 -2.34
CA LEU A 3677 -61.88 43.39 -1.92
C LEU A 3677 -60.85 43.49 -3.02
N SER A 3678 -61.11 42.76 -4.09
CA SER A 3678 -60.16 42.66 -5.20
C SER A 3678 -60.75 43.05 -6.57
N LYS A 3679 -61.65 44.01 -6.56
CA LYS A 3679 -62.22 44.52 -7.81
C LYS A 3679 -61.29 45.42 -8.56
N ALA A 3680 -61.03 46.60 -8.00
CA ALA A 3680 -60.27 47.65 -8.68
C ALA A 3680 -60.79 47.97 -10.06
N LYS A 3694 -51.75 51.66 -7.92
CA LYS A 3694 -51.86 50.30 -8.41
C LYS A 3694 -52.53 49.32 -7.37
N PRO A 3695 -52.09 49.28 -6.09
CA PRO A 3695 -52.43 48.08 -5.31
C PRO A 3695 -53.87 47.91 -4.92
N ASP A 3696 -54.26 46.65 -4.82
CA ASP A 3696 -55.63 46.26 -4.54
C ASP A 3696 -56.04 46.41 -3.09
N PRO A 3697 -57.32 46.65 -2.89
CA PRO A 3697 -57.81 46.86 -1.57
C PRO A 3697 -57.63 45.68 -0.63
N LEU A 3698 -57.82 44.50 -1.14
CA LEU A 3698 -57.59 43.37 -0.36
C LEU A 3698 -56.15 43.31 -0.03
N HIS A 3699 -55.32 43.66 -1.00
CA HIS A 3699 -53.94 43.70 -0.78
C HIS A 3699 -53.59 44.74 0.19
N GLN A 3700 -54.40 45.79 0.24
CA GLN A 3700 -54.18 46.79 1.22
C GLN A 3700 -54.45 46.20 2.59
N LEU A 3701 -55.42 45.31 2.67
CA LEU A 3701 -55.68 44.59 3.89
C LEU A 3701 -54.55 43.73 4.30
N VAL A 3702 -53.92 43.21 3.29
CA VAL A 3702 -52.92 42.27 3.56
C VAL A 3702 -51.67 42.98 4.08
N LEU A 3703 -51.30 44.06 3.43
CA LEU A 3703 -50.16 44.81 3.86
C LEU A 3703 -50.44 45.49 5.15
N HIS A 3704 -51.71 45.69 5.45
CA HIS A 3704 -52.12 46.17 6.73
C HIS A 3704 -51.83 45.26 7.82
N PHE A 3705 -52.30 44.05 7.67
CA PHE A 3705 -52.01 43.10 8.66
C PHE A 3705 -50.59 42.76 8.75
N SER A 3706 -49.94 42.81 7.63
CA SER A 3706 -48.53 42.63 7.67
C SER A 3706 -47.79 43.69 8.46
N ARG A 3707 -48.31 44.89 8.34
CA ARG A 3707 -47.75 45.94 9.13
C ARG A 3707 -48.06 45.70 10.60
N THR A 3708 -49.23 45.10 10.84
CA THR A 3708 -49.60 44.81 12.19
C THR A 3708 -48.68 43.80 12.77
N ALA A 3709 -48.14 42.99 11.91
CA ALA A 3709 -47.27 41.96 12.34
C ALA A 3709 -45.88 42.40 12.57
N LEU A 3710 -45.42 43.29 11.75
CA LEU A 3710 -44.05 43.57 11.81
C LEU A 3710 -43.60 44.25 13.07
N THR A 3711 -44.50 44.99 13.65
CA THR A 3711 -44.17 45.74 14.82
C THR A 3711 -43.91 44.83 16.03
N GLU A 3712 -42.94 45.22 16.84
CA GLU A 3712 -42.69 44.53 18.08
C GLU A 3712 -43.79 44.71 19.10
N LYS A 3713 -44.20 43.62 19.74
CA LYS A 3713 -45.11 43.65 20.91
C LYS A 3713 -44.63 42.67 21.98
N SER A 3714 -43.44 42.10 21.80
CA SER A 3714 -42.99 40.96 22.62
C SER A 3714 -44.02 39.83 22.69
N LYS A 3715 -45.14 40.02 23.37
CA LYS A 3715 -46.32 39.17 23.15
C LYS A 3715 -47.09 39.68 21.91
N LEU A 3716 -48.39 39.47 21.83
CA LEU A 3716 -49.16 40.03 20.74
C LEU A 3716 -50.55 40.33 21.12
N ASP A 3717 -51.03 41.28 20.36
CA ASP A 3717 -52.38 41.75 20.44
C ASP A 3717 -53.29 40.62 20.03
N GLU A 3718 -54.43 40.42 20.70
CA GLU A 3718 -55.32 39.38 20.27
C GLU A 3718 -55.85 39.75 18.93
N ASP A 3719 -56.02 41.05 18.72
CA ASP A 3719 -56.56 41.59 17.49
C ASP A 3719 -57.63 40.74 16.86
N TYR A 3720 -58.83 40.88 17.37
CA TYR A 3720 -59.90 40.05 16.88
C TYR A 3720 -60.15 40.22 15.36
N LEU A 3721 -59.83 41.41 14.90
CA LEU A 3721 -60.03 41.79 13.57
C LEU A 3721 -59.24 40.98 12.57
N TYR A 3722 -58.08 40.63 12.99
CA TYR A 3722 -57.21 39.95 12.14
C TYR A 3722 -57.52 38.53 12.01
N MET A 3723 -57.89 37.92 13.11
CA MET A 3723 -58.28 36.54 13.13
C MET A 3723 -59.54 36.42 12.37
N ALA A 3724 -60.32 37.48 12.40
CA ALA A 3724 -61.53 37.47 11.69
C ALA A 3724 -61.28 37.45 10.20
N TYR A 3725 -60.46 38.36 9.71
CA TYR A 3725 -60.20 38.29 8.30
C TYR A 3725 -59.44 37.09 7.88
N ALA A 3726 -58.63 36.56 8.79
CA ALA A 3726 -57.97 35.34 8.50
C ALA A 3726 -58.99 34.25 8.29
N ASP A 3727 -60.10 34.35 9.01
CA ASP A 3727 -61.25 33.50 8.81
C ASP A 3727 -61.99 33.70 7.55
N ILE A 3728 -61.99 34.95 7.10
CA ILE A 3728 -62.66 35.29 5.86
C ILE A 3728 -61.92 34.70 4.69
N MET A 3729 -60.64 34.94 4.71
CA MET A 3729 -59.79 34.37 3.73
C MET A 3729 -59.69 32.87 3.89
N ALA A 3730 -59.99 32.39 5.09
CA ALA A 3730 -60.08 30.98 5.35
C ALA A 3730 -61.13 30.35 4.57
N LYS A 3731 -62.13 31.14 4.23
CA LYS A 3731 -63.17 30.68 3.38
C LYS A 3731 -62.70 30.67 1.93
N SER A 3732 -62.14 29.51 1.61
CA SER A 3732 -61.82 29.16 0.31
C SER A 3732 -61.82 27.57 0.10
N CYS A 3733 -62.86 26.78 0.47
CA CYS A 3733 -63.09 25.40 -0.10
C CYS A 3733 -64.47 25.22 -0.68
N GLU A 3750 -61.88 9.28 -12.75
CA GLU A 3750 -62.12 10.51 -13.51
C GLU A 3750 -63.20 11.44 -12.83
N VAL A 3751 -64.31 10.91 -12.30
CA VAL A 3751 -65.15 11.63 -11.26
C VAL A 3751 -64.27 11.96 -10.12
N SER A 3752 -63.40 10.99 -9.81
CA SER A 3752 -62.45 11.11 -8.75
C SER A 3752 -61.19 11.82 -9.27
N PHE A 3753 -61.12 12.15 -10.56
CA PHE A 3753 -59.94 12.78 -11.19
C PHE A 3753 -60.28 14.09 -11.92
N GLU A 3754 -60.92 13.97 -13.06
CA GLU A 3754 -61.17 15.09 -13.89
C GLU A 3754 -62.09 16.12 -13.23
N GLU A 3755 -63.08 15.63 -12.50
CA GLU A 3755 -63.92 16.52 -11.73
C GLU A 3755 -63.06 17.06 -10.55
N LYS A 3756 -62.20 16.19 -10.02
CA LYS A 3756 -61.27 16.55 -8.95
C LYS A 3756 -60.29 17.53 -9.45
N GLU A 3757 -60.03 17.50 -10.75
CA GLU A 3757 -59.14 18.43 -11.37
C GLU A 3757 -59.75 19.79 -11.48
N MET A 3758 -60.95 19.86 -11.96
CA MET A 3758 -61.54 21.15 -12.09
C MET A 3758 -61.76 21.79 -10.74
N GLU A 3759 -62.10 20.97 -9.74
CA GLU A 3759 -62.24 21.47 -8.41
C GLU A 3759 -60.88 21.87 -7.90
N LYS A 3760 -59.86 21.13 -8.30
CA LYS A 3760 -58.53 21.38 -7.82
C LYS A 3760 -58.02 22.68 -8.27
N GLN A 3761 -58.42 23.06 -9.46
CA GLN A 3761 -57.93 24.27 -10.02
C GLN A 3761 -58.81 25.45 -9.64
N ARG A 3762 -60.08 25.16 -9.34
CA ARG A 3762 -60.96 26.18 -8.76
C ARG A 3762 -60.36 26.58 -7.41
N LEU A 3763 -59.89 25.58 -6.69
CA LEU A 3763 -59.14 25.81 -5.46
C LEU A 3763 -57.81 26.45 -5.64
N LEU A 3764 -57.24 26.20 -6.77
CA LEU A 3764 -56.03 26.89 -7.07
C LEU A 3764 -56.24 28.31 -7.34
N TYR A 3765 -57.41 28.67 -7.81
CA TYR A 3765 -57.75 30.07 -8.03
C TYR A 3765 -58.07 30.68 -6.72
N GLN A 3766 -58.74 29.94 -5.86
CA GLN A 3766 -59.06 30.44 -4.56
C GLN A 3766 -57.84 30.63 -3.72
N GLN A 3767 -56.80 29.87 -4.01
CA GLN A 3767 -55.56 30.00 -3.32
C GLN A 3767 -54.60 30.97 -3.95
N SER A 3768 -54.61 31.01 -5.26
CA SER A 3768 -53.80 31.96 -5.98
C SER A 3768 -54.25 33.35 -5.73
N ARG A 3769 -55.53 33.51 -5.49
CA ARG A 3769 -56.09 34.79 -5.32
C ARG A 3769 -55.48 35.48 -4.14
N LEU A 3770 -55.11 34.69 -3.15
CA LEU A 3770 -54.41 35.21 -2.01
C LEU A 3770 -53.00 35.14 -2.17
N HIS A 3771 -52.59 34.27 -3.03
CA HIS A 3771 -51.22 34.16 -3.27
C HIS A 3771 -50.69 35.43 -3.90
N THR A 3772 -51.47 36.14 -4.67
CA THR A 3772 -51.00 37.36 -5.27
C THR A 3772 -50.72 38.42 -4.25
N ARG A 3773 -51.44 38.32 -3.17
CA ARG A 3773 -51.33 39.24 -2.10
C ARG A 3773 -50.06 39.16 -1.34
N GLY A 3774 -49.43 38.01 -1.36
CA GLY A 3774 -48.22 37.80 -0.56
C GLY A 3774 -48.58 37.46 0.81
N ALA A 3775 -49.80 36.98 0.93
CA ALA A 3775 -50.35 36.74 2.22
C ALA A 3775 -49.58 35.82 3.06
N ALA A 3776 -48.89 34.94 2.40
CA ALA A 3776 -48.26 33.93 3.13
C ALA A 3776 -47.27 34.50 3.95
N GLU A 3777 -46.68 35.57 3.41
CA GLU A 3777 -45.60 36.23 4.03
C GLU A 3777 -46.05 36.64 5.35
N MET A 3778 -47.13 37.37 5.32
CA MET A 3778 -47.63 37.93 6.52
C MET A 3778 -48.11 36.91 7.48
N VAL A 3779 -48.65 35.83 6.99
CA VAL A 3779 -49.09 34.90 7.88
C VAL A 3779 -47.95 34.29 8.58
N LEU A 3780 -46.92 34.08 7.83
CA LEU A 3780 -45.81 33.50 8.40
C LEU A 3780 -45.22 34.48 9.36
N GLN A 3781 -45.43 35.74 9.14
CA GLN A 3781 -44.89 36.72 9.97
C GLN A 3781 -45.59 36.71 11.25
N MET A 3782 -46.91 36.67 11.23
CA MET A 3782 -47.65 36.64 12.49
C MET A 3782 -47.28 35.44 13.26
N ILE A 3783 -47.16 34.36 12.54
CA ILE A 3783 -46.83 33.14 13.19
C ILE A 3783 -45.46 33.21 13.80
N SER A 3784 -44.57 33.91 13.13
CA SER A 3784 -43.30 34.17 13.69
C SER A 3784 -43.36 35.06 14.91
N ALA A 3785 -44.32 35.92 14.91
CA ALA A 3785 -44.53 36.76 16.05
C ALA A 3785 -45.15 36.09 17.22
N CYS A 3786 -45.76 34.95 16.99
CA CYS A 3786 -46.47 34.27 18.03
C CYS A 3786 -45.60 33.83 19.10
N LYS A 3787 -44.36 33.56 18.75
CA LYS A 3787 -43.40 33.12 19.69
C LYS A 3787 -43.98 32.01 20.55
N GLY A 3788 -44.03 32.22 21.88
CA GLY A 3788 -44.54 31.24 22.83
C GLY A 3788 -46.04 31.24 23.06
N GLU A 3789 -46.74 31.99 22.23
CA GLU A 3789 -48.14 32.14 22.38
C GLU A 3789 -48.81 30.97 21.85
N THR A 3790 -49.98 30.81 22.43
CA THR A 3790 -50.86 29.75 22.10
C THR A 3790 -52.26 30.32 21.92
N GLY A 3791 -52.36 31.50 21.31
CA GLY A 3791 -53.58 32.28 21.22
C GLY A 3791 -54.49 31.75 20.20
N ALA A 3792 -55.75 32.12 20.28
CA ALA A 3792 -56.72 31.62 19.32
C ALA A 3792 -56.49 32.21 17.93
N MET A 3793 -56.01 33.42 17.94
CA MET A 3793 -55.76 34.10 16.73
C MET A 3793 -54.64 33.35 16.00
N VAL A 3794 -53.75 32.71 16.73
CA VAL A 3794 -52.73 31.93 16.14
C VAL A 3794 -53.34 30.79 15.39
N SER A 3795 -54.38 30.23 15.93
CA SER A 3795 -55.12 29.18 15.26
C SER A 3795 -55.75 29.70 14.01
N SER A 3796 -56.23 30.91 14.05
CA SER A 3796 -56.85 31.44 12.87
C SER A 3796 -55.80 31.60 11.77
N THR A 3797 -54.61 31.89 12.18
CA THR A 3797 -53.55 32.09 11.27
C THR A 3797 -53.09 30.86 10.67
N LEU A 3798 -52.92 29.87 11.50
CA LEU A 3798 -52.48 28.65 11.02
C LEU A 3798 -53.44 28.02 10.13
N LYS A 3799 -54.72 28.14 10.49
CA LYS A 3799 -55.76 27.68 9.68
C LYS A 3799 -55.75 28.42 8.37
N LEU A 3800 -55.41 29.71 8.37
CA LEU A 3800 -55.24 30.42 7.16
C LEU A 3800 -54.10 29.90 6.32
N GLY A 3801 -53.08 29.45 6.99
CA GLY A 3801 -51.98 28.91 6.30
C GLY A 3801 -52.34 27.65 5.65
N ILE A 3802 -53.19 26.93 6.33
CA ILE A 3802 -53.78 25.73 5.77
C ILE A 3802 -54.65 26.04 4.59
N SER A 3803 -55.29 27.20 4.68
CA SER A 3803 -56.19 27.65 3.64
C SER A 3803 -55.43 27.96 2.40
N ILE A 3804 -54.20 28.38 2.55
CA ILE A 3804 -53.46 28.66 1.41
C ILE A 3804 -52.57 27.56 0.90
N LEU A 3805 -51.97 26.84 1.82
CA LEU A 3805 -51.03 25.81 1.43
C LEU A 3805 -51.58 24.47 0.95
N ASN A 3806 -52.88 24.29 1.10
CA ASN A 3806 -53.42 22.99 0.79
C ASN A 3806 -53.36 22.68 -0.65
N GLY A 3807 -53.23 21.42 -0.98
CA GLY A 3807 -53.12 21.09 -2.37
C GLY A 3807 -51.68 21.23 -2.82
N GLY A 3808 -50.83 21.34 -1.82
CA GLY A 3808 -49.44 21.25 -2.04
C GLY A 3808 -48.86 22.39 -2.83
N ASN A 3809 -49.40 23.58 -2.62
CA ASN A 3809 -49.00 24.75 -3.37
C ASN A 3809 -47.55 25.11 -3.13
N ALA A 3810 -46.71 24.60 -4.00
CA ALA A 3810 -45.27 24.82 -3.88
C ALA A 3810 -44.85 26.19 -4.10
N GLU A 3811 -45.57 26.90 -4.92
CA GLU A 3811 -45.23 28.25 -5.21
C GLU A 3811 -45.35 29.10 -3.99
N VAL A 3812 -46.32 28.80 -3.16
CA VAL A 3812 -46.50 29.53 -1.98
C VAL A 3812 -45.31 29.20 -1.08
N GLN A 3813 -44.90 27.95 -1.10
CA GLN A 3813 -43.82 27.46 -0.29
C GLN A 3813 -42.52 28.10 -0.70
N GLN A 3814 -42.36 28.45 -1.97
CA GLN A 3814 -41.13 29.02 -2.40
C GLN A 3814 -41.10 30.48 -2.18
N LYS A 3815 -42.21 31.16 -2.32
CA LYS A 3815 -42.17 32.52 -2.02
C LYS A 3815 -42.00 32.69 -0.54
N MET A 3816 -42.59 31.78 0.23
CA MET A 3816 -42.34 31.78 1.67
C MET A 3816 -40.94 31.56 1.99
N LEU A 3817 -40.36 30.62 1.29
CA LEU A 3817 -39.01 30.29 1.51
C LEU A 3817 -38.11 31.42 1.18
N ASP A 3818 -38.44 32.15 0.14
CA ASP A 3818 -37.67 33.30 -0.20
C ASP A 3818 -37.76 34.31 0.84
N TYR A 3819 -38.92 34.44 1.44
CA TYR A 3819 -39.02 35.36 2.51
C TYR A 3819 -38.24 34.83 3.67
N LEU A 3820 -38.11 33.52 3.80
CA LEU A 3820 -37.32 32.91 4.85
C LEU A 3820 -35.85 33.02 4.64
N LYS A 3821 -35.40 33.31 3.46
CA LYS A 3821 -33.98 33.43 3.23
C LYS A 3821 -33.55 34.85 3.07
N ASP A 3822 -34.36 35.65 2.45
CA ASP A 3822 -34.09 37.06 2.32
C ASP A 3822 -34.07 37.76 3.65
N LYS A 3823 -34.95 37.29 4.54
CA LYS A 3823 -35.12 37.89 5.83
C LYS A 3823 -34.35 37.17 6.82
N LYS A 3824 -34.20 35.86 6.63
CA LYS A 3824 -33.55 34.98 7.53
C LYS A 3824 -33.97 35.32 8.90
N GLU A 3825 -35.26 35.09 9.12
CA GLU A 3825 -35.94 35.52 10.28
C GLU A 3825 -35.52 34.85 11.58
N VAL A 3826 -35.00 33.64 11.56
CA VAL A 3826 -34.58 32.92 12.79
C VAL A 3826 -35.71 32.51 13.66
N GLY A 3827 -36.54 33.47 13.91
CA GLY A 3827 -37.50 33.33 14.92
C GLY A 3827 -38.73 32.67 14.52
N PHE A 3828 -38.90 32.45 13.23
CA PHE A 3828 -40.06 31.78 12.80
C PHE A 3828 -40.08 30.32 13.16
N PHE A 3829 -38.98 29.73 12.85
CA PHE A 3829 -38.81 28.39 13.14
C PHE A 3829 -38.77 28.19 14.64
N GLN A 3830 -38.20 29.13 15.37
CA GLN A 3830 -38.22 29.07 16.79
C GLN A 3830 -39.61 29.15 17.27
N SER A 3831 -40.44 29.90 16.58
CA SER A 3831 -41.82 30.04 16.95
C SER A 3831 -42.60 28.76 16.83
N ILE A 3832 -42.29 28.07 15.79
CA ILE A 3832 -42.93 26.84 15.59
C ILE A 3832 -42.39 25.91 16.62
N GLN A 3833 -41.15 26.09 17.02
CA GLN A 3833 -40.44 25.13 17.81
C GLN A 3833 -40.83 25.15 19.19
N ALA A 3834 -40.98 26.31 19.77
CA ALA A 3834 -41.36 26.33 21.13
C ALA A 3834 -42.80 25.82 21.24
N LEU A 3835 -43.63 26.08 20.23
CA LEU A 3835 -44.99 25.65 20.21
C LEU A 3835 -45.10 24.23 20.11
N MET A 3836 -44.30 23.74 19.21
CA MET A 3836 -44.23 22.37 19.01
C MET A 3836 -43.66 21.69 20.24
N GLN A 3837 -42.79 22.39 20.94
CA GLN A 3837 -42.18 21.90 22.11
C GLN A 3837 -43.24 21.80 23.17
N THR A 3838 -44.29 22.58 23.05
CA THR A 3838 -45.30 22.60 24.07
C THR A 3838 -46.62 22.07 23.63
N CYS A 3839 -47.24 22.85 22.75
CA CYS A 3839 -48.54 22.60 22.23
C CYS A 3839 -49.52 22.02 23.22
N SER A 3840 -49.93 20.76 23.06
CA SER A 3840 -51.01 20.17 23.86
C SER A 3840 -50.94 18.67 23.68
N VAL A 3841 -51.36 17.93 24.69
CA VAL A 3841 -51.30 16.49 24.66
C VAL A 3841 -52.44 15.93 25.55
N LEU A 3842 -53.05 14.82 25.19
CA LEU A 3842 -54.17 14.29 26.01
C LEU A 3842 -53.74 13.86 27.44
N ASP A 3843 -52.47 13.50 27.59
CA ASP A 3843 -51.90 13.02 28.90
C ASP A 3843 -52.72 11.88 29.52
N LEU A 3844 -53.38 12.13 30.66
CA LEU A 3844 -53.97 11.08 31.43
C LEU A 3844 -54.79 11.57 32.59
N ASN A 3845 -54.19 12.34 33.48
CA ASN A 3845 -54.84 12.72 34.69
C ASN A 3845 -56.05 13.55 34.41
N ALA A 3846 -55.95 14.28 33.31
CA ALA A 3846 -56.99 15.14 32.85
C ALA A 3846 -58.31 14.38 32.74
N PHE A 3847 -58.24 13.20 32.13
CA PHE A 3847 -59.41 12.36 31.98
C PHE A 3847 -59.90 11.87 33.30
N GLU A 3848 -58.93 11.61 34.18
CA GLU A 3848 -59.22 11.00 35.42
C GLU A 3848 -60.06 11.93 36.25
N ARG A 3849 -59.80 13.19 36.05
CA ARG A 3849 -60.55 14.19 36.69
C ARG A 3849 -61.85 14.42 35.93
N GLN A 3850 -61.85 14.10 34.62
CA GLN A 3850 -62.94 14.42 33.71
C GLN A 3850 -63.85 13.25 33.59
N ASN A 3851 -64.61 13.02 34.64
CA ASN A 3851 -65.48 11.91 34.69
C ASN A 3851 -66.89 12.30 35.13
N LYS A 3852 -67.07 13.44 35.78
CA LYS A 3852 -68.25 13.63 36.63
C LYS A 3852 -69.05 14.90 36.32
N ASP A 3877 -55.62 22.50 23.46
CA ASP A 3877 -56.42 21.73 22.51
C ASP A 3877 -55.60 20.91 21.58
N ASP A 3878 -55.87 19.63 21.73
CA ASP A 3878 -55.23 18.64 20.94
C ASP A 3878 -55.56 18.83 19.40
N GLU A 3879 -56.76 19.31 19.15
CA GLU A 3879 -57.21 19.60 17.79
C GLU A 3879 -56.37 20.65 17.15
N PHE A 3880 -55.93 21.56 17.98
CA PHE A 3880 -55.01 22.56 17.48
C PHE A 3880 -53.68 22.04 17.08
N THR A 3881 -53.27 21.01 17.76
CA THR A 3881 -52.03 20.43 17.45
C THR A 3881 -52.17 19.78 16.15
N GLN A 3882 -53.31 19.11 15.97
CA GLN A 3882 -53.59 18.40 14.71
C GLN A 3882 -53.50 19.32 13.58
N ASP A 3883 -54.16 20.43 13.80
CA ASP A 3883 -54.22 21.38 12.81
C ASP A 3883 -52.82 21.99 12.54
N LEU A 3884 -52.04 22.13 13.58
CA LEU A 3884 -50.78 22.73 13.42
C LEU A 3884 -49.79 21.91 12.64
N PHE A 3885 -49.72 20.68 12.99
CA PHE A 3885 -48.83 19.89 12.30
C PHE A 3885 -49.32 19.51 10.89
N ARG A 3886 -50.62 19.52 10.68
CA ARG A 3886 -51.12 19.38 9.31
C ARG A 3886 -50.60 20.55 8.53
N PHE A 3887 -50.62 21.72 9.16
CA PHE A 3887 -50.07 22.90 8.58
C PHE A 3887 -48.63 22.73 8.19
N LEU A 3888 -47.91 22.10 9.07
CA LEU A 3888 -46.57 21.88 8.80
C LEU A 3888 -46.37 20.92 7.67
N GLN A 3889 -47.27 19.98 7.54
CA GLN A 3889 -47.20 19.10 6.44
C GLN A 3889 -47.39 19.85 5.17
N LEU A 3890 -48.23 20.85 5.26
CA LEU A 3890 -48.48 21.65 4.11
C LEU A 3890 -47.30 22.50 3.67
N LEU A 3891 -46.38 22.74 4.58
CA LEU A 3891 -45.17 23.36 4.20
C LEU A 3891 -44.36 22.55 3.27
N CYS A 3892 -44.47 21.26 3.40
CA CYS A 3892 -43.60 20.36 2.70
C CYS A 3892 -44.21 19.67 1.49
N GLU A 3893 -45.53 19.75 1.33
CA GLU A 3893 -46.16 19.06 0.19
C GLU A 3893 -45.81 19.71 -1.10
N GLY A 3894 -45.81 18.86 -2.12
CA GLY A 3894 -45.18 19.20 -3.34
C GLY A 3894 -43.69 18.94 -3.24
N HIS A 3895 -43.27 18.38 -2.11
CA HIS A 3895 -41.95 17.79 -1.98
C HIS A 3895 -40.76 18.72 -2.25
N ASN A 3896 -40.80 19.90 -1.69
CA ASN A 3896 -39.74 20.84 -1.91
C ASN A 3896 -38.63 20.60 -0.96
N ASN A 3897 -37.74 19.79 -1.41
CA ASN A 3897 -36.71 19.35 -0.55
C ASN A 3897 -35.77 20.42 -0.17
N ASP A 3898 -35.66 21.44 -1.00
CA ASP A 3898 -34.86 22.58 -0.59
C ASP A 3898 -35.41 23.25 0.64
N PHE A 3899 -36.71 23.25 0.71
CA PHE A 3899 -37.36 23.81 1.84
C PHE A 3899 -37.31 22.91 3.03
N GLN A 3900 -37.37 21.59 2.80
CA GLN A 3900 -37.33 20.64 3.86
C GLN A 3900 -35.95 20.64 4.50
N ASN A 3901 -34.90 20.62 3.69
CA ASN A 3901 -33.54 20.75 4.19
C ASN A 3901 -33.33 22.05 4.89
N TYR A 3902 -33.92 23.10 4.35
CA TYR A 3902 -33.75 24.37 4.99
C TYR A 3902 -34.42 24.39 6.35
N LEU A 3903 -35.49 23.64 6.48
CA LEU A 3903 -36.06 23.41 7.79
C LEU A 3903 -35.17 22.54 8.63
N ARG A 3904 -34.45 21.63 8.01
CA ARG A 3904 -33.52 20.81 8.74
C ARG A 3904 -32.31 21.55 9.29
N THR A 3905 -31.85 22.59 8.60
CA THR A 3905 -30.58 23.18 8.95
C THR A 3905 -30.54 24.69 8.96
N GLN A 3906 -31.52 25.33 8.36
CA GLN A 3906 -31.64 26.72 8.50
C GLN A 3906 -30.34 27.49 8.09
N THR A 3907 -29.85 27.24 6.88
CA THR A 3907 -28.55 27.79 6.46
C THR A 3907 -28.43 29.27 6.24
N GLY A 3908 -29.53 29.93 5.87
CA GLY A 3908 -29.47 31.37 5.64
C GLY A 3908 -29.18 32.11 6.95
N ASN A 3909 -29.74 31.60 8.03
CA ASN A 3909 -29.56 32.15 9.40
C ASN A 3909 -28.30 31.68 9.97
N THR A 3910 -27.72 32.48 10.85
CA THR A 3910 -26.51 32.00 11.56
C THR A 3910 -26.87 30.87 12.52
N THR A 3911 -28.08 30.96 13.04
CA THR A 3911 -28.64 29.94 13.88
C THR A 3911 -29.10 28.75 13.07
N THR A 3912 -29.20 27.61 13.73
CA THR A 3912 -29.70 26.41 13.07
C THR A 3912 -30.72 25.64 13.89
N ILE A 3913 -31.73 25.07 13.23
CA ILE A 3913 -32.77 24.32 13.88
C ILE A 3913 -33.27 23.26 12.96
N ASN A 3914 -33.62 22.12 13.56
CA ASN A 3914 -34.27 21.02 12.84
C ASN A 3914 -35.57 20.73 13.47
N ILE A 3915 -36.57 21.35 12.91
CA ILE A 3915 -37.93 21.35 13.37
C ILE A 3915 -38.45 19.98 13.50
N ILE A 3916 -38.00 19.20 12.57
CA ILE A 3916 -38.56 17.99 12.40
C ILE A 3916 -38.14 17.10 13.56
N ILE A 3917 -36.98 17.35 14.09
CA ILE A 3917 -36.54 16.64 15.25
C ILE A 3917 -37.52 16.80 16.39
N CYS A 3918 -38.03 17.99 16.44
CA CYS A 3918 -38.91 18.33 17.47
C CYS A 3918 -40.30 17.74 17.26
N THR A 3919 -40.75 17.67 16.03
CA THR A 3919 -42.03 17.06 15.83
C THR A 3919 -41.96 15.60 16.13
N VAL A 3920 -40.81 15.03 15.90
CA VAL A 3920 -40.60 13.67 16.29
C VAL A 3920 -40.75 13.55 17.75
N ASP A 3921 -40.25 14.55 18.42
CA ASP A 3921 -40.36 14.52 19.83
C ASP A 3921 -41.79 14.64 20.32
N TYR A 3922 -42.57 15.41 19.60
CA TYR A 3922 -43.96 15.46 19.88
C TYR A 3922 -44.65 14.14 19.64
N LEU A 3923 -44.17 13.47 18.66
CA LEU A 3923 -44.73 12.24 18.40
C LEU A 3923 -44.41 11.33 19.56
N LEU A 3924 -43.26 11.58 20.16
CA LEU A 3924 -42.82 10.79 21.29
C LEU A 3924 -43.65 10.92 22.45
N ARG A 3925 -43.90 12.15 22.81
CA ARG A 3925 -44.67 12.39 23.98
C ARG A 3925 -46.12 11.95 23.79
N LEU A 3926 -46.70 12.22 22.62
CA LEU A 3926 -48.05 11.78 22.36
C LEU A 3926 -48.12 10.31 22.39
N GLN A 3927 -47.06 9.68 21.92
CA GLN A 3927 -46.96 8.25 22.03
C GLN A 3927 -46.90 7.72 23.42
N GLU A 3928 -46.22 8.46 24.25
CA GLU A 3928 -46.10 8.07 25.59
C GLU A 3928 -47.49 8.20 26.25
N SER A 3929 -48.27 9.19 25.81
CA SER A 3929 -49.71 9.29 26.21
C SER A 3929 -50.51 8.13 25.79
N ILE A 3930 -50.16 7.64 24.62
CA ILE A 3930 -50.87 6.55 24.10
C ILE A 3930 -50.60 5.38 24.94
N SER A 3931 -49.35 5.30 25.36
CA SER A 3931 -48.90 4.17 26.08
C SER A 3931 -49.52 4.12 27.46
N ASP A 3932 -49.54 5.23 28.14
CA ASP A 3932 -50.15 5.20 29.43
C ASP A 3932 -51.67 5.02 29.31
N PHE A 3933 -52.23 5.46 28.19
CA PHE A 3933 -53.62 5.19 27.91
C PHE A 3933 -53.83 3.66 27.84
N TYR A 3934 -52.83 2.97 27.34
CA TYR A 3934 -52.87 1.52 27.32
C TYR A 3934 -52.74 0.91 28.67
N TRP A 3935 -51.82 1.39 29.47
CA TRP A 3935 -51.56 0.75 30.71
C TRP A 3935 -52.63 1.04 31.73
N TYR A 3936 -53.48 2.00 31.42
CA TYR A 3936 -54.65 2.16 32.21
C TYR A 3936 -55.81 1.33 31.67
N TYR A 3937 -56.17 1.62 30.44
CA TYR A 3937 -57.35 1.03 29.85
C TYR A 3937 -57.29 -0.48 29.60
N SER A 3938 -56.08 -1.01 29.43
CA SER A 3938 -55.93 -2.43 29.13
C SER A 3938 -56.43 -3.34 30.21
N GLY A 3939 -56.28 -2.89 31.47
CA GLY A 3939 -56.78 -3.63 32.60
C GLY A 3939 -58.30 -3.58 32.77
N LYS A 3940 -58.94 -2.59 32.16
CA LYS A 3940 -60.40 -2.47 32.24
C LYS A 3940 -61.12 -3.05 31.00
N ASP A 3941 -60.36 -3.55 30.03
CA ASP A 3941 -60.95 -3.98 28.70
C ASP A 3941 -61.82 -2.94 27.99
N VAL A 3942 -63.11 -2.91 28.33
CA VAL A 3942 -64.03 -1.92 27.79
C VAL A 3942 -63.68 -0.49 28.18
N ILE A 3943 -63.83 0.45 27.25
CA ILE A 3943 -63.63 1.88 27.48
C ILE A 3943 -64.99 2.54 27.36
N GLU A 3944 -65.12 3.70 27.97
CA GLU A 3944 -66.40 4.30 28.16
C GLU A 3944 -66.93 4.89 26.92
N GLU A 3945 -66.82 6.21 26.80
CA GLU A 3945 -67.41 6.87 25.68
C GLU A 3945 -66.59 8.07 25.30
N GLN A 3946 -66.56 9.05 26.17
CA GLN A 3946 -65.90 10.29 25.88
C GLN A 3946 -64.40 10.04 25.74
N GLY A 3947 -63.85 9.08 26.49
CA GLY A 3947 -62.41 8.74 26.39
C GLY A 3947 -62.13 8.09 25.10
N LYS A 3948 -63.12 7.38 24.63
CA LYS A 3948 -62.99 6.70 23.41
C LYS A 3948 -62.89 7.70 22.26
N ARG A 3949 -63.87 8.57 22.17
CA ARG A 3949 -63.94 9.51 21.07
C ARG A 3949 -62.83 10.52 21.16
N ASN A 3950 -62.42 10.84 22.38
CA ASN A 3950 -61.41 11.86 22.53
C ASN A 3950 -60.09 11.26 22.20
N PHE A 3951 -59.84 10.05 22.72
CA PHE A 3951 -58.63 9.38 22.40
C PHE A 3951 -58.54 9.08 20.93
N SER A 3952 -59.69 8.86 20.31
CA SER A 3952 -59.73 8.69 18.87
C SER A 3952 -59.32 9.91 18.15
N LYS A 3953 -59.73 11.03 18.68
CA LYS A 3953 -59.38 12.23 18.06
C LYS A 3953 -57.84 12.43 18.22
N ALA A 3954 -57.30 11.91 19.33
CA ALA A 3954 -55.84 11.89 19.50
C ALA A 3954 -55.15 11.03 18.52
N MET A 3955 -55.85 9.98 18.12
CA MET A 3955 -55.33 9.18 17.06
C MET A 3955 -55.42 9.92 15.71
N SER A 3956 -56.39 10.80 15.53
CA SER A 3956 -56.42 11.61 14.30
C SER A 3956 -55.24 12.56 14.27
N VAL A 3957 -54.87 12.98 15.47
CA VAL A 3957 -53.79 13.89 15.62
C VAL A 3957 -52.51 13.19 15.34
N ALA A 3958 -52.31 12.13 16.04
CA ALA A 3958 -51.15 11.43 15.91
C ALA A 3958 -50.97 10.90 14.50
N LYS A 3959 -52.05 10.47 13.91
CA LYS A 3959 -52.03 10.08 12.54
C LYS A 3959 -51.58 11.21 11.67
N GLN A 3960 -52.05 12.37 12.01
CA GLN A 3960 -51.70 13.45 11.21
C GLN A 3960 -50.21 13.71 11.36
N VAL A 3961 -49.66 13.33 12.48
CA VAL A 3961 -48.27 13.52 12.70
C VAL A 3961 -47.43 12.60 11.96
N PHE A 3962 -47.88 11.40 11.96
CA PHE A 3962 -47.18 10.49 11.22
C PHE A 3962 -47.23 10.90 9.76
N ASN A 3963 -48.34 11.44 9.31
CA ASN A 3963 -48.47 11.85 7.97
C ASN A 3963 -47.56 12.97 7.65
N SER A 3964 -47.44 13.87 8.58
CA SER A 3964 -46.57 14.95 8.37
C SER A 3964 -45.11 14.53 8.23
N LEU A 3965 -44.75 13.54 8.98
CA LEU A 3965 -43.45 12.98 8.79
C LEU A 3965 -43.31 12.33 7.48
N THR A 3966 -44.38 11.71 7.06
CA THR A 3966 -44.29 10.97 5.85
C THR A 3966 -43.93 11.94 4.78
N GLU A 3967 -44.55 13.11 4.80
CA GLU A 3967 -44.19 14.16 3.84
C GLU A 3967 -42.80 14.70 4.08
N TYR A 3968 -42.35 14.64 5.32
CA TYR A 3968 -41.07 15.11 5.53
C TYR A 3968 -40.01 14.31 4.88
N ILE A 3969 -40.23 13.03 4.81
CA ILE A 3969 -39.26 12.13 4.25
C ILE A 3969 -39.59 11.74 2.84
N GLN A 3970 -40.77 12.06 2.40
CA GLN A 3970 -41.38 11.31 1.31
C GLN A 3970 -40.65 11.45 -0.02
N GLY A 3971 -39.88 12.49 -0.15
CA GLY A 3971 -39.18 12.66 -1.36
C GLY A 3971 -37.89 11.93 -1.22
N PRO A 3972 -37.10 12.05 -2.22
CA PRO A 3972 -35.74 11.58 -2.17
C PRO A 3972 -34.82 12.51 -1.32
N CYS A 3973 -35.24 12.80 -0.08
CA CYS A 3973 -34.39 13.56 0.88
C CYS A 3973 -33.52 12.65 1.66
N THR A 3974 -32.34 12.50 1.14
CA THR A 3974 -31.45 11.56 1.72
C THR A 3974 -30.93 12.14 3.05
N GLY A 3975 -30.82 13.46 3.12
CA GLY A 3975 -30.19 14.08 4.30
C GLY A 3975 -31.15 14.08 5.46
N ASN A 3976 -32.44 14.20 5.15
CA ASN A 3976 -33.46 14.11 6.17
C ASN A 3976 -33.51 12.73 6.71
N GLN A 3977 -33.26 11.75 5.84
CA GLN A 3977 -33.19 10.40 6.26
C GLN A 3977 -32.00 10.23 7.13
N GLN A 3978 -30.92 10.97 6.89
CA GLN A 3978 -29.79 10.99 7.80
C GLN A 3978 -30.18 11.50 9.14
N SER A 3979 -31.03 12.50 9.11
CA SER A 3979 -31.51 13.04 10.33
C SER A 3979 -32.32 12.04 11.10
N LEU A 3980 -33.09 11.28 10.39
CA LEU A 3980 -33.80 10.27 11.04
C LEU A 3980 -32.89 9.12 11.46
N ALA A 3981 -31.74 8.96 10.79
CA ALA A 3981 -30.69 8.02 11.23
C ALA A 3981 -30.20 8.38 12.55
N HIS A 3982 -30.18 9.68 12.80
CA HIS A 3982 -29.80 10.18 14.11
C HIS A 3982 -31.02 10.34 15.03
N SER A 3983 -32.23 10.11 14.49
CA SER A 3983 -33.53 10.23 15.23
C SER A 3983 -33.80 9.06 16.10
N ARG A 3984 -34.56 9.32 17.15
CA ARG A 3984 -34.86 8.29 18.10
C ARG A 3984 -36.06 7.48 17.61
N LEU A 3985 -36.35 7.66 16.35
CA LEU A 3985 -37.59 7.32 15.77
C LEU A 3985 -38.05 5.89 15.90
N TRP A 3986 -37.09 5.01 15.99
CA TRP A 3986 -37.39 3.64 15.99
C TRP A 3986 -38.14 3.23 17.29
N ASP A 3987 -37.78 3.76 18.45
CA ASP A 3987 -38.62 3.54 19.64
C ASP A 3987 -39.99 4.08 19.50
N ALA A 3988 -40.03 5.14 18.72
CA ALA A 3988 -41.27 5.76 18.44
C ALA A 3988 -42.16 4.90 17.67
N VAL A 3989 -41.55 4.04 16.92
CA VAL A 3989 -42.32 3.06 16.25
C VAL A 3989 -42.70 1.92 17.21
N VAL A 3990 -41.77 1.52 18.05
CA VAL A 3990 -41.99 0.34 18.93
C VAL A 3990 -43.15 0.44 19.82
N GLY A 3991 -43.30 1.63 20.34
CA GLY A 3991 -44.30 1.77 21.32
C GLY A 3991 -45.67 1.73 20.70
N PHE A 3992 -45.81 2.28 19.51
CA PHE A 3992 -47.07 2.11 18.84
C PHE A 3992 -47.30 0.70 18.50
N LEU A 3993 -46.22 0.03 18.18
CA LEU A 3993 -46.36 -1.31 17.86
C LEU A 3993 -46.88 -2.05 19.03
N HIS A 3994 -46.44 -1.69 20.21
CA HIS A 3994 -46.82 -2.37 21.38
C HIS A 3994 -48.28 -2.15 21.74
N VAL A 3995 -48.58 -0.91 21.86
CA VAL A 3995 -49.85 -0.54 22.41
C VAL A 3995 -50.91 -0.96 21.46
N PHE A 3996 -50.60 -0.96 20.19
CA PHE A 3996 -51.58 -1.37 19.26
C PHE A 3996 -51.65 -2.85 19.19
N ALA A 3997 -50.50 -3.51 19.35
CA ALA A 3997 -50.48 -4.95 19.30
C ALA A 3997 -51.37 -5.52 20.37
N HIS A 3998 -51.49 -4.84 21.50
CA HIS A 3998 -52.42 -5.31 22.49
C HIS A 3998 -53.81 -4.66 22.43
N MET A 3999 -53.85 -3.35 22.24
CA MET A 3999 -55.11 -2.64 22.26
C MET A 3999 -56.05 -2.96 21.15
N MET A 4000 -55.52 -3.29 20.00
CA MET A 4000 -56.42 -3.66 18.97
C MET A 4000 -57.14 -4.95 19.33
N MET A 4001 -56.45 -5.85 20.04
CA MET A 4001 -57.07 -7.06 20.54
C MET A 4001 -58.09 -6.74 21.60
N LYS A 4002 -57.78 -5.74 22.41
CA LYS A 4002 -58.70 -5.34 23.47
C LYS A 4002 -59.98 -4.73 22.91
N LEU A 4003 -59.83 -4.10 21.77
CA LEU A 4003 -60.95 -3.52 21.07
C LEU A 4003 -61.64 -4.48 20.14
N ALA A 4004 -61.02 -5.63 19.94
CA ALA A 4004 -61.61 -6.65 19.11
C ALA A 4004 -62.63 -7.44 19.88
N GLN A 4005 -62.72 -7.17 21.15
CA GLN A 4005 -63.67 -7.86 21.98
C GLN A 4005 -65.09 -7.57 21.59
N ASP A 4006 -65.29 -6.32 21.17
CA ASP A 4006 -66.60 -5.89 20.77
C ASP A 4006 -66.63 -5.19 19.46
N SER A 4007 -67.73 -5.43 18.74
CA SER A 4007 -67.98 -4.75 17.50
C SER A 4007 -68.30 -3.25 17.75
N SER A 4008 -68.83 -2.94 18.94
CA SER A 4008 -69.04 -1.53 19.31
C SER A 4008 -67.69 -0.83 19.44
N GLN A 4009 -66.66 -1.60 19.80
CA GLN A 4009 -65.32 -1.09 19.99
C GLN A 4009 -64.48 -0.85 18.74
N ILE A 4010 -64.92 -1.43 17.64
CA ILE A 4010 -64.11 -1.37 16.44
C ILE A 4010 -64.27 -0.06 15.70
N GLU A 4011 -65.23 0.75 16.11
CA GLU A 4011 -65.32 2.05 15.52
C GLU A 4011 -64.37 2.97 16.25
N LEU A 4012 -63.11 2.65 16.10
CA LEU A 4012 -62.06 3.17 16.92
C LEU A 4012 -60.85 2.34 16.63
N LEU A 4013 -61.11 1.05 16.60
CA LEU A 4013 -60.12 0.17 16.16
C LEU A 4013 -59.82 0.41 14.70
N LYS A 4014 -60.81 0.82 13.97
CA LYS A 4014 -60.65 1.25 12.64
C LYS A 4014 -59.67 2.38 12.56
N GLU A 4015 -59.77 3.28 13.50
CA GLU A 4015 -58.91 4.41 13.55
C GLU A 4015 -57.51 3.99 13.84
N LEU A 4016 -57.40 2.97 14.66
CA LEU A 4016 -56.13 2.39 14.97
C LEU A 4016 -55.54 1.80 13.76
N LEU A 4017 -56.38 1.24 12.93
CA LEU A 4017 -55.92 0.70 11.72
C LEU A 4017 -55.41 1.73 10.81
N ASP A 4018 -56.07 2.86 10.85
CA ASP A 4018 -55.65 3.91 10.01
C ASP A 4018 -54.31 4.42 10.42
N LEU A 4019 -54.20 4.62 11.72
CA LEU A 4019 -53.00 5.15 12.24
C LEU A 4019 -51.85 4.21 11.99
N GLN A 4020 -52.12 2.94 12.15
CA GLN A 4020 -51.14 1.94 11.96
C GLN A 4020 -50.71 1.90 10.49
N LYS A 4021 -51.65 2.23 9.61
CA LYS A 4021 -51.35 2.17 8.23
C LYS A 4021 -50.43 3.26 7.81
N ASP A 4022 -50.75 4.45 8.23
CA ASP A 4022 -49.94 5.52 7.85
C ASP A 4022 -48.60 5.42 8.53
N MET A 4023 -48.60 4.74 9.65
CA MET A 4023 -47.39 4.53 10.38
C MET A 4023 -46.40 3.72 9.60
N VAL A 4024 -46.91 2.63 9.10
CA VAL A 4024 -46.05 1.81 8.36
C VAL A 4024 -45.69 2.47 7.06
N VAL A 4025 -46.54 3.35 6.62
CA VAL A 4025 -46.22 4.11 5.46
C VAL A 4025 -45.03 4.97 5.67
N MET A 4026 -44.90 5.59 6.82
CA MET A 4026 -43.72 6.35 7.04
C MET A 4026 -42.52 5.48 7.11
N LEU A 4027 -42.77 4.30 7.58
CA LEU A 4027 -41.68 3.44 7.67
C LEU A 4027 -41.21 2.98 6.34
N LEU A 4028 -42.09 3.01 5.40
CA LEU A 4028 -41.69 2.70 4.11
C LEU A 4028 -41.05 3.87 3.45
N SER A 4029 -41.58 5.05 3.72
CA SER A 4029 -41.07 6.25 3.09
C SER A 4029 -39.61 6.42 3.51
N LEU A 4030 -39.30 5.99 4.73
CA LEU A 4030 -37.94 5.92 5.16
C LEU A 4030 -37.08 5.02 4.31
N LEU A 4031 -37.66 3.95 3.83
CA LEU A 4031 -36.92 2.99 3.04
C LEU A 4031 -36.81 3.31 1.57
N GLU A 4032 -37.55 4.33 1.19
CA GLU A 4032 -37.55 4.71 -0.19
C GLU A 4032 -36.20 5.21 -0.66
N GLY A 4033 -35.45 5.78 0.25
CA GLY A 4033 -34.10 6.17 -0.05
C GLY A 4033 -33.15 4.98 -0.07
N ASN A 4034 -33.53 3.93 0.62
CA ASN A 4034 -32.68 2.77 0.75
C ASN A 4034 -32.62 1.91 -0.49
N VAL A 4035 -31.42 1.35 -0.76
CA VAL A 4035 -31.22 0.34 -1.80
C VAL A 4035 -30.19 -0.75 -1.47
N VAL A 4036 -28.95 -0.33 -1.42
CA VAL A 4036 -27.87 -1.22 -1.07
C VAL A 4036 -27.95 -1.43 0.42
N ASN A 4037 -27.38 -2.50 0.95
CA ASN A 4037 -27.36 -2.78 2.41
C ASN A 4037 -27.34 -1.52 3.31
N GLY A 4038 -28.48 -0.81 3.34
CA GLY A 4038 -28.69 0.41 4.13
C GLY A 4038 -28.64 0.18 5.62
N MET A 4039 -27.83 1.01 6.20
CA MET A 4039 -27.61 1.03 7.61
C MET A 4039 -28.89 1.29 8.38
N ILE A 4040 -29.70 2.13 7.77
CA ILE A 4040 -30.82 2.61 8.47
C ILE A 4040 -31.90 1.57 8.42
N ALA A 4041 -31.98 0.90 7.27
CA ALA A 4041 -32.92 -0.16 7.13
C ALA A 4041 -32.58 -1.29 8.03
N ARG A 4042 -31.30 -1.50 8.22
CA ARG A 4042 -30.85 -2.51 9.15
C ARG A 4042 -31.20 -2.20 10.58
N GLN A 4043 -31.14 -0.93 10.93
CA GLN A 4043 -31.55 -0.56 12.26
C GLN A 4043 -33.02 -0.78 12.46
N MET A 4044 -33.77 -0.61 11.38
CA MET A 4044 -35.14 -1.01 11.43
C MET A 4044 -35.34 -2.45 11.65
N VAL A 4045 -34.45 -3.22 11.06
CA VAL A 4045 -34.54 -4.62 11.25
C VAL A 4045 -34.32 -4.96 12.70
N ASP A 4046 -33.39 -4.23 13.29
CA ASP A 4046 -33.02 -4.47 14.64
C ASP A 4046 -34.11 -4.11 15.62
N MET A 4047 -34.77 -3.00 15.37
CA MET A 4047 -35.92 -2.69 16.19
C MET A 4047 -37.05 -3.70 16.03
N LEU A 4048 -37.21 -4.19 14.80
CA LEU A 4048 -38.22 -5.17 14.57
C LEU A 4048 -37.82 -6.47 15.28
N VAL A 4049 -36.52 -6.71 15.47
CA VAL A 4049 -36.03 -7.80 16.33
C VAL A 4049 -36.47 -7.58 17.76
N GLU A 4050 -36.26 -6.38 18.26
CA GLU A 4050 -36.63 -6.07 19.62
C GLU A 4050 -38.14 -6.16 19.82
N SER A 4051 -38.89 -5.81 18.80
CA SER A 4051 -40.32 -5.73 18.93
C SER A 4051 -41.00 -6.85 18.27
N SER A 4052 -40.26 -7.89 18.06
CA SER A 4052 -40.77 -8.94 17.25
C SER A 4052 -41.93 -9.62 17.89
N SER A 4053 -42.02 -9.57 19.22
CA SER A 4053 -43.18 -10.11 19.93
C SER A 4053 -44.47 -9.52 19.42
N ASN A 4054 -44.39 -8.24 19.23
CA ASN A 4054 -45.52 -7.51 18.85
C ASN A 4054 -45.88 -7.83 17.41
N VAL A 4055 -44.86 -8.00 16.56
CA VAL A 4055 -45.07 -8.36 15.17
C VAL A 4055 -45.73 -9.71 15.11
N GLU A 4056 -45.34 -10.58 16.02
CA GLU A 4056 -45.94 -11.89 16.06
C GLU A 4056 -47.44 -11.74 16.38
N MET A 4057 -47.74 -10.79 17.28
CA MET A 4057 -49.13 -10.55 17.69
C MET A 4057 -50.00 -10.05 16.54
N ILE A 4058 -49.51 -9.00 15.90
CA ILE A 4058 -50.25 -8.39 14.82
C ILE A 4058 -50.42 -9.33 13.65
N LEU A 4059 -49.40 -10.14 13.39
CA LEU A 4059 -49.47 -11.09 12.30
C LEU A 4059 -50.45 -12.22 12.56
N LYS A 4060 -50.53 -12.64 13.81
CA LYS A 4060 -51.55 -13.65 14.12
C LYS A 4060 -52.92 -13.02 14.05
N PHE A 4061 -52.96 -11.71 14.25
CA PHE A 4061 -54.15 -11.02 13.90
C PHE A 4061 -54.38 -11.06 12.34
N PHE A 4062 -53.29 -10.99 11.54
CA PHE A 4062 -53.40 -11.03 10.05
C PHE A 4062 -53.76 -12.41 9.46
N ASP A 4063 -53.67 -13.43 10.30
CA ASP A 4063 -54.10 -14.76 9.90
C ASP A 4063 -55.58 -14.78 9.47
N MET A 4064 -56.32 -13.86 10.10
CA MET A 4064 -57.73 -13.62 9.81
C MET A 4064 -57.97 -13.29 8.31
N ILE A 4071 -61.28 -12.46 7.45
CA ILE A 4071 -62.02 -13.03 6.31
C ILE A 4071 -61.74 -14.55 6.15
N VAL A 4072 -60.62 -15.05 6.74
CA VAL A 4072 -60.20 -16.50 6.79
C VAL A 4072 -61.32 -17.44 7.25
N GLY A 4073 -62.20 -16.96 8.11
CA GLY A 4073 -63.20 -17.78 8.76
C GLY A 4073 -64.44 -18.03 7.93
N SER A 4074 -64.60 -17.35 6.79
CA SER A 4074 -65.70 -17.68 5.89
C SER A 4074 -65.49 -19.12 5.33
N GLU A 4075 -64.22 -19.55 5.28
CA GLU A 4075 -63.78 -20.95 5.03
C GLU A 4075 -64.38 -21.93 6.02
N ALA A 4076 -64.60 -21.49 7.26
CA ALA A 4076 -65.05 -22.40 8.30
C ALA A 4076 -66.50 -22.90 8.06
N PHE A 4077 -67.34 -22.07 7.35
CA PHE A 4077 -68.83 -22.29 7.30
C PHE A 4077 -69.28 -23.48 6.42
N GLN A 4078 -68.43 -23.98 5.52
CA GLN A 4078 -68.70 -25.29 4.86
C GLN A 4078 -67.59 -26.36 5.11
N ASP A 4079 -66.32 -25.95 5.38
CA ASP A 4079 -65.17 -26.94 5.67
C ASP A 4079 -65.43 -27.80 6.92
N TYR A 4080 -66.14 -27.21 7.88
CA TYR A 4080 -66.47 -27.88 9.13
C TYR A 4080 -67.89 -27.47 9.60
N VAL A 4081 -68.89 -27.54 8.70
CA VAL A 4081 -70.24 -27.02 8.95
C VAL A 4081 -70.88 -27.93 9.98
N THR A 4082 -71.71 -27.34 10.82
CA THR A 4082 -72.44 -28.07 11.84
C THR A 4082 -73.88 -27.51 11.97
N ASP A 4083 -74.40 -26.80 10.95
CA ASP A 4083 -75.82 -26.34 10.88
C ASP A 4083 -76.24 -25.75 9.49
N PRO A 4084 -75.37 -24.91 8.90
CA PRO A 4084 -75.54 -24.12 7.68
C PRO A 4084 -76.92 -23.41 7.60
N ARG A 4085 -77.41 -22.80 8.70
CA ARG A 4085 -78.70 -22.05 8.73
C ARG A 4085 -78.44 -20.59 9.23
N GLY A 4086 -77.27 -20.06 8.89
CA GLY A 4086 -76.85 -18.72 9.31
C GLY A 4086 -76.21 -18.78 10.68
N LEU A 4087 -76.16 -19.97 11.28
CA LEU A 4087 -75.64 -20.19 12.64
C LEU A 4087 -74.75 -21.47 12.66
N ILE A 4088 -73.74 -21.55 13.55
CA ILE A 4088 -72.91 -22.77 13.70
C ILE A 4088 -72.33 -22.88 15.12
N SER A 4089 -72.27 -24.06 15.72
CA SER A 4089 -71.76 -24.14 17.10
C SER A 4089 -70.26 -23.92 17.17
N LYS A 4090 -69.84 -23.37 18.29
CA LYS A 4090 -68.46 -23.16 18.57
C LYS A 4090 -67.81 -24.43 19.06
N LYS A 4091 -67.61 -25.31 18.13
CA LYS A 4091 -66.99 -26.58 18.41
C LYS A 4091 -66.31 -27.17 17.13
N ASP A 4092 -67.07 -27.38 16.02
CA ASP A 4092 -66.47 -27.94 14.75
C ASP A 4092 -65.41 -27.01 14.18
N PHE A 4093 -65.57 -25.69 14.32
CA PHE A 4093 -64.51 -24.74 13.90
C PHE A 4093 -63.53 -24.46 15.07
N GLN A 4094 -63.95 -24.75 16.31
CA GLN A 4094 -63.06 -24.65 17.51
C GLN A 4094 -61.91 -25.66 17.45
N LYS A 4095 -62.14 -26.77 16.76
CA LYS A 4095 -61.09 -27.78 16.59
C LYS A 4095 -60.99 -28.19 15.12
N ALA A 4096 -60.98 -27.20 14.22
CA ALA A 4096 -60.81 -27.44 12.76
C ALA A 4096 -59.43 -26.97 12.30
N MET A 4097 -59.31 -25.69 11.94
CA MET A 4097 -58.05 -25.08 11.56
C MET A 4097 -57.08 -25.08 12.73
N ASP A 4098 -57.62 -25.02 13.96
CA ASP A 4098 -56.78 -25.17 15.16
C ASP A 4098 -56.19 -26.58 15.24
N SER A 4099 -56.90 -27.53 14.64
CA SER A 4099 -56.49 -28.91 14.64
C SER A 4099 -55.70 -29.30 13.38
N GLN A 4100 -54.57 -28.63 13.15
CA GLN A 4100 -53.65 -28.99 12.04
C GLN A 4100 -52.23 -28.38 12.17
N GLN A 4102 -52.13 -24.76 14.30
CA GLN A 4102 -51.16 -23.71 14.06
C GLN A 4102 -51.33 -22.57 15.06
N PHE A 4103 -52.39 -21.80 14.90
CA PHE A 4103 -52.67 -20.71 15.80
C PHE A 4103 -53.00 -21.25 17.22
N THR A 4104 -52.59 -20.53 18.28
CA THR A 4104 -52.99 -20.87 19.66
C THR A 4104 -54.51 -20.87 19.81
N GLY A 4105 -55.01 -21.82 20.60
CA GLY A 4105 -56.46 -21.93 20.76
C GLY A 4105 -56.96 -20.83 21.66
N PRO A 4106 -56.04 -20.16 22.39
CA PRO A 4106 -56.36 -18.92 23.11
C PRO A 4106 -56.92 -17.85 22.19
N GLU A 4107 -56.39 -17.81 20.97
CA GLU A 4107 -56.86 -16.83 20.03
C GLU A 4107 -58.11 -17.38 19.31
N ILE A 4108 -58.42 -18.67 19.47
CA ILE A 4108 -59.70 -19.24 19.02
C ILE A 4108 -60.81 -18.91 20.05
N GLN A 4109 -60.45 -18.98 21.31
CA GLN A 4109 -61.36 -18.55 22.33
C GLN A 4109 -61.54 -17.02 22.25
N PHE A 4110 -60.49 -16.33 21.83
CA PHE A 4110 -60.54 -14.90 21.48
C PHE A 4110 -61.49 -14.68 20.28
N LEU A 4111 -61.46 -15.65 19.38
CA LEU A 4111 -62.30 -15.63 18.23
C LEU A 4111 -63.80 -15.83 18.61
N LEU A 4112 -64.07 -16.55 19.70
CA LEU A 4112 -65.46 -16.71 20.22
C LEU A 4112 -66.03 -15.37 20.65
N SER A 4113 -65.17 -14.57 21.24
CA SER A 4113 -65.52 -13.19 21.57
C SER A 4113 -65.67 -12.36 20.32
N CYS A 4114 -64.86 -12.67 19.31
CA CYS A 4114 -64.97 -11.99 18.03
C CYS A 4114 -66.32 -12.30 17.37
N SER A 4115 -66.85 -13.48 17.65
CA SER A 4115 -68.16 -13.84 17.20
C SER A 4115 -69.22 -13.16 18.05
N GLU A 4116 -68.81 -12.61 19.18
CA GLU A 4116 -69.69 -11.84 20.04
C GLU A 4116 -70.82 -12.71 20.56
N ALA A 4117 -70.58 -14.01 20.73
CA ALA A 4117 -71.60 -14.94 21.20
C ALA A 4117 -72.98 -14.81 20.44
N ASP A 4118 -72.96 -14.89 19.10
CA ASP A 4118 -74.20 -14.72 18.28
C ASP A 4118 -75.31 -15.73 18.64
N GLU A 4119 -76.55 -15.25 18.75
CA GLU A 4119 -77.67 -16.02 19.37
C GLU A 4119 -77.25 -16.54 20.75
N ASN A 4120 -76.47 -17.62 20.81
CA ASN A 4120 -75.72 -18.01 22.03
C ASN A 4120 -74.43 -18.75 21.70
N GLU A 4121 -74.41 -20.08 21.80
CA GLU A 4121 -73.21 -20.87 21.41
C GLU A 4121 -72.86 -20.71 19.94
N MET A 4122 -73.87 -20.43 19.13
CA MET A 4122 -73.71 -20.38 17.69
C MET A 4122 -72.77 -19.23 17.24
N ILE A 4123 -72.01 -19.46 16.17
CA ILE A 4123 -71.11 -18.46 15.57
C ILE A 4123 -71.72 -17.71 14.32
N ASN A 4124 -71.70 -16.37 14.32
CA ASN A 4124 -72.10 -15.56 13.14
C ASN A 4124 -71.02 -15.60 12.02
N PHE A 4125 -71.48 -15.38 10.80
CA PHE A 4125 -70.69 -15.58 9.61
C PHE A 4125 -69.94 -14.33 9.11
N GLU A 4126 -70.57 -13.60 8.19
CA GLU A 4126 -69.91 -12.56 7.37
C GLU A 4126 -69.39 -11.41 8.18
N GLU A 4127 -70.01 -11.15 9.34
CA GLU A 4127 -69.58 -10.04 10.17
C GLU A 4127 -68.14 -10.26 10.70
N PHE A 4128 -67.70 -11.54 10.78
CA PHE A 4128 -66.28 -11.92 10.96
C PHE A 4128 -65.31 -11.31 9.86
N ALA A 4129 -65.79 -11.30 8.61
CA ALA A 4129 -64.94 -10.97 7.45
C ALA A 4129 -64.37 -9.47 7.51
N ASN A 4130 -65.08 -8.54 8.18
CA ASN A 4130 -64.62 -7.12 8.33
C ASN A 4130 -63.33 -6.94 9.12
N ARG A 4131 -63.00 -7.88 10.00
CA ARG A 4131 -61.73 -7.82 10.73
C ARG A 4131 -60.85 -9.03 10.41
N PRO A 4135 -60.58 -4.20 4.78
CA PRO A 4135 -60.40 -2.97 5.53
C PRO A 4135 -58.96 -2.75 5.89
N ALA A 4136 -58.52 -3.66 6.74
CA ALA A 4136 -57.24 -3.70 7.30
C ALA A 4136 -56.28 -4.35 6.37
N ARG A 4137 -56.84 -4.85 5.27
CA ARG A 4137 -56.10 -5.60 4.27
C ARG A 4137 -54.87 -4.95 3.70
N ASP A 4138 -55.00 -3.69 3.50
CA ASP A 4138 -53.98 -2.96 2.91
C ASP A 4138 -52.84 -2.78 3.88
N ILE A 4139 -53.11 -2.82 5.17
CA ILE A 4139 -52.06 -2.70 6.14
C ILE A 4139 -51.11 -3.81 6.06
N GLY A 4140 -51.70 -4.95 5.80
CA GLY A 4140 -50.92 -6.12 5.76
C GLY A 4140 -50.10 -6.09 4.48
N PHE A 4141 -50.65 -5.53 3.40
CA PHE A 4141 -49.90 -5.28 2.20
C PHE A 4141 -48.75 -4.38 2.42
N ASN A 4142 -48.95 -3.45 3.31
CA ASN A 4142 -47.93 -2.52 3.57
C ASN A 4142 -46.79 -3.08 4.30
N VAL A 4143 -47.11 -3.79 5.33
CA VAL A 4143 -46.05 -4.43 6.06
C VAL A 4143 -45.37 -5.47 5.27
N ALA A 4144 -46.13 -6.11 4.42
CA ALA A 4144 -45.58 -7.12 3.58
C ALA A 4144 -44.60 -6.53 2.63
N VAL A 4145 -44.94 -5.37 2.11
CA VAL A 4145 -44.06 -4.71 1.24
C VAL A 4145 -42.84 -4.30 1.99
N LEU A 4146 -43.02 -3.91 3.22
CA LEU A 4146 -41.92 -3.54 3.98
C LEU A 4146 -41.00 -4.65 4.18
N LEU A 4147 -41.52 -5.84 4.31
CA LEU A 4147 -40.72 -6.97 4.59
C LEU A 4147 -39.97 -7.43 3.43
N THR A 4148 -40.70 -7.58 2.38
CA THR A 4148 -40.16 -8.04 1.15
C THR A 4148 -39.13 -7.06 0.64
N ASN A 4149 -39.32 -5.80 0.97
CA ASN A 4149 -38.36 -4.84 0.53
C ASN A 4149 -37.20 -4.77 1.46
N LEU A 4150 -37.41 -5.11 2.71
CA LEU A 4150 -36.29 -5.23 3.61
C LEU A 4150 -35.41 -6.33 3.19
N SER A 4151 -36.02 -7.36 2.63
CA SER A 4151 -35.28 -8.43 2.11
C SER A 4151 -34.40 -7.96 1.02
N GLU A 4152 -34.85 -6.94 0.30
CA GLU A 4152 -34.08 -6.41 -0.79
C GLU A 4152 -33.19 -5.27 -0.46
N HIS A 4153 -33.59 -4.43 0.48
CA HIS A 4153 -32.76 -3.33 0.78
C HIS A 4153 -31.45 -3.79 1.36
N VAL A 4154 -31.47 -4.90 2.07
CA VAL A 4154 -30.26 -5.39 2.73
C VAL A 4154 -30.06 -6.82 2.45
N PRO A 4155 -29.65 -7.10 1.21
CA PRO A 4155 -29.58 -8.35 0.57
C PRO A 4155 -28.55 -9.34 1.12
N HIS A 4156 -28.87 -10.61 0.95
CA HIS A 4156 -28.00 -11.73 1.22
C HIS A 4156 -27.70 -11.83 2.75
N ASP A 4157 -28.71 -11.69 3.61
CA ASP A 4157 -28.54 -11.63 5.05
C ASP A 4157 -29.42 -12.58 5.89
N PRO A 4158 -28.94 -12.88 7.11
CA PRO A 4158 -29.52 -13.87 7.99
C PRO A 4158 -30.67 -13.45 8.88
N ARG A 4159 -30.43 -12.55 9.83
CA ARG A 4159 -31.40 -12.30 10.91
C ARG A 4159 -32.63 -11.71 10.39
N LEU A 4160 -32.46 -11.00 9.30
CA LEU A 4160 -33.52 -10.38 8.58
C LEU A 4160 -34.48 -11.41 8.09
N ARG A 4161 -33.96 -12.45 7.42
CA ARG A 4161 -34.79 -13.48 6.82
C ARG A 4161 -35.18 -14.48 7.88
N ASN A 4162 -34.58 -14.42 9.06
CA ASN A 4162 -35.08 -15.16 10.24
C ASN A 4162 -36.33 -14.56 10.77
N PHE A 4163 -36.26 -13.25 10.97
CA PHE A 4163 -37.41 -12.49 11.36
C PHE A 4163 -38.46 -12.47 10.25
N LEU A 4164 -38.01 -12.53 9.00
CA LEU A 4164 -38.90 -12.47 7.85
C LEU A 4164 -39.57 -13.77 7.66
N GLU A 4165 -38.86 -14.86 7.87
CA GLU A 4165 -39.45 -16.15 7.77
C GLU A 4165 -40.40 -16.32 8.93
N LEU A 4166 -40.08 -15.69 10.05
CA LEU A 4166 -40.98 -15.67 11.16
C LEU A 4166 -42.24 -14.94 10.83
N ALA A 4167 -42.07 -13.97 9.95
CA ALA A 4167 -43.15 -13.13 9.57
C ALA A 4167 -43.81 -13.62 8.32
N GLU A 4168 -43.35 -14.75 7.83
CA GLU A 4168 -43.74 -15.16 6.51
C GLU A 4168 -45.12 -15.83 6.56
N SER A 4169 -45.58 -16.02 7.78
CA SER A 4169 -46.77 -16.71 8.10
C SER A 4169 -48.03 -16.26 7.34
N ILE A 4170 -48.17 -14.96 7.09
CA ILE A 4170 -49.34 -14.45 6.35
C ILE A 4170 -48.85 -13.34 5.43
N LEU A 4171 -48.34 -13.71 4.26
CA LEU A 4171 -47.92 -12.76 3.19
C LEU A 4171 -48.41 -13.19 1.83
N GLU A 4172 -48.83 -14.41 1.82
CA GLU A 4172 -49.23 -15.11 0.62
C GLU A 4172 -50.56 -14.63 0.12
N TYR A 4173 -51.41 -14.24 1.05
CA TYR A 4173 -52.72 -13.66 0.76
C TYR A 4173 -52.52 -12.39 0.03
N PHE A 4174 -51.43 -11.72 0.26
CA PHE A 4174 -51.18 -10.46 -0.28
C PHE A 4174 -50.48 -10.46 -1.64
N ARG A 4175 -49.88 -11.56 -2.06
CA ARG A 4175 -49.17 -11.54 -3.33
C ARG A 4175 -50.06 -11.25 -4.56
N PRO A 4176 -51.28 -11.80 -4.59
CA PRO A 4176 -52.21 -11.34 -5.62
C PRO A 4176 -52.37 -9.87 -5.65
N TYR A 4177 -52.46 -9.30 -4.50
CA TYR A 4177 -52.68 -7.92 -4.36
C TYR A 4177 -51.40 -7.19 -4.74
N LEU A 4178 -50.25 -7.87 -4.65
CA LEU A 4178 -48.92 -7.28 -4.85
C LEU A 4178 -48.65 -6.82 -6.23
N GLY A 4179 -47.94 -5.70 -6.32
CA GLY A 4179 -47.28 -5.29 -7.55
C GLY A 4179 -45.86 -4.86 -7.24
N ARG A 4180 -44.92 -5.18 -8.12
CA ARG A 4180 -43.52 -4.85 -7.89
C ARG A 4180 -42.73 -4.63 -9.14
N ILE A 4181 -41.90 -3.59 -9.10
CA ILE A 4181 -41.10 -3.23 -10.24
C ILE A 4181 -39.81 -2.52 -9.93
N GLU A 4182 -38.86 -2.73 -10.85
CA GLU A 4182 -37.64 -2.00 -10.90
C GLU A 4182 -37.94 -0.69 -11.56
N ILE A 4183 -37.23 0.31 -11.04
CA ILE A 4183 -37.17 1.56 -11.67
C ILE A 4183 -35.80 2.25 -11.51
N MET A 4184 -35.45 3.01 -12.50
CA MET A 4184 -34.24 3.72 -12.49
C MET A 4184 -34.64 5.13 -12.51
N GLY A 4185 -34.75 5.60 -11.30
CA GLY A 4185 -35.13 6.96 -11.15
C GLY A 4185 -34.05 8.00 -11.20
N ALA A 4186 -34.42 9.25 -10.86
CA ALA A 4186 -33.55 10.38 -11.10
C ALA A 4186 -32.41 10.49 -10.08
N SER A 4187 -31.68 9.39 -9.82
CA SER A 4187 -30.58 9.38 -8.87
C SER A 4187 -29.66 8.20 -9.13
N ARG A 4188 -29.81 7.58 -10.28
CA ARG A 4188 -28.84 6.60 -10.75
C ARG A 4188 -28.60 5.40 -9.87
N ARG A 4189 -29.76 4.88 -9.53
CA ARG A 4189 -29.90 3.69 -8.85
C ARG A 4189 -31.23 3.11 -9.24
N ILE A 4190 -31.27 1.84 -9.08
CA ILE A 4190 -32.40 1.11 -9.42
C ILE A 4190 -33.13 0.62 -8.19
N GLU A 4191 -34.19 1.33 -7.92
CA GLU A 4191 -35.02 0.97 -6.84
C GLU A 4191 -35.85 -0.21 -7.17
N ARG A 4192 -36.08 -1.00 -6.15
CA ARG A 4192 -37.01 -2.06 -6.29
C ARG A 4192 -38.31 -1.64 -5.61
N ILE A 4193 -39.02 -0.72 -6.21
CA ILE A 4193 -40.25 -0.23 -5.59
C ILE A 4193 -41.41 -1.16 -5.67
N TYR A 4194 -42.30 -0.95 -4.71
CA TYR A 4194 -43.49 -1.71 -4.72
C TYR A 4194 -44.71 -0.82 -4.78
N PHE A 4195 -45.80 -1.47 -5.21
CA PHE A 4195 -47.08 -0.85 -5.34
C PHE A 4195 -48.29 -1.85 -5.37
N GLU A 4196 -49.39 -1.44 -4.84
CA GLU A 4196 -50.57 -2.27 -4.80
C GLU A 4196 -51.21 -2.23 -6.11
N ILE A 4197 -51.81 -3.36 -6.44
CA ILE A 4197 -52.64 -3.44 -7.63
C ILE A 4197 -54.13 -3.65 -7.32
N SER A 4198 -54.99 -2.83 -7.93
CA SER A 4198 -56.42 -2.99 -7.80
C SER A 4198 -56.85 -4.33 -8.31
N GLU A 4199 -57.75 -4.94 -7.56
CA GLU A 4199 -58.16 -6.26 -7.84
C GLU A 4199 -59.31 -6.33 -8.83
N THR A 4200 -60.17 -5.33 -8.80
CA THR A 4200 -61.26 -5.27 -9.75
C THR A 4200 -60.66 -5.11 -11.14
N ASN A 4201 -59.66 -4.25 -11.22
CA ASN A 4201 -58.95 -4.05 -12.46
C ASN A 4201 -58.21 -5.28 -12.94
N ARG A 4202 -57.64 -5.98 -11.97
CA ARG A 4202 -56.91 -7.17 -12.28
C ARG A 4202 -57.86 -8.19 -12.84
N ALA A 4203 -59.09 -8.17 -12.35
CA ALA A 4203 -60.13 -9.06 -12.83
C ALA A 4203 -60.52 -8.73 -14.24
N GLN A 4204 -60.63 -7.46 -14.51
CA GLN A 4204 -61.01 -7.05 -15.83
C GLN A 4204 -59.92 -7.40 -16.84
N TRP A 4205 -58.66 -7.40 -16.37
CA TRP A 4205 -57.52 -7.68 -17.20
C TRP A 4205 -57.47 -9.06 -17.77
N GLU A 4206 -58.03 -10.01 -17.06
CA GLU A 4206 -57.71 -11.38 -17.35
C GLU A 4206 -58.16 -12.02 -18.70
N MET A 4207 -59.23 -11.53 -19.34
CA MET A 4207 -59.92 -12.33 -20.37
C MET A 4207 -60.18 -11.75 -21.77
N PRO A 4208 -60.56 -10.45 -21.86
CA PRO A 4208 -61.06 -10.04 -23.12
C PRO A 4208 -59.98 -9.75 -24.07
N GLN A 4209 -60.14 -8.63 -24.81
CA GLN A 4209 -59.15 -8.18 -25.76
C GLN A 4209 -58.09 -7.51 -25.02
N VAL A 4210 -57.41 -8.31 -24.24
CA VAL A 4210 -56.35 -7.82 -23.43
C VAL A 4210 -55.19 -8.70 -23.62
N LYS A 4211 -55.30 -9.93 -23.16
CA LYS A 4211 -54.26 -10.86 -23.31
C LYS A 4211 -53.96 -11.10 -24.75
N GLU A 4212 -55.01 -11.13 -25.56
CA GLU A 4212 -54.79 -11.22 -26.96
C GLU A 4212 -54.22 -9.89 -27.46
N SER A 4213 -54.73 -8.80 -26.92
CA SER A 4213 -54.19 -7.48 -27.21
C SER A 4213 -52.77 -7.42 -26.72
N LYS A 4214 -52.50 -8.13 -25.66
CA LYS A 4214 -51.16 -8.17 -25.18
C LYS A 4214 -50.25 -8.93 -26.12
N ARG A 4215 -50.78 -9.96 -26.77
CA ARG A 4215 -49.99 -10.64 -27.80
C ARG A 4215 -49.79 -9.68 -28.93
N GLN A 4216 -50.81 -8.89 -29.26
CA GLN A 4216 -50.77 -8.01 -30.40
C GLN A 4216 -49.74 -7.04 -30.19
N PHE A 4217 -49.58 -6.59 -28.97
CA PHE A 4217 -48.65 -5.53 -28.69
C PHE A 4217 -47.27 -6.04 -28.54
N ILE A 4218 -47.16 -7.19 -27.94
CA ILE A 4218 -45.88 -7.78 -27.85
C ILE A 4218 -45.43 -8.11 -29.27
N PHE A 4219 -46.35 -8.46 -30.15
CA PHE A 4219 -46.02 -8.52 -31.56
C PHE A 4219 -45.67 -7.17 -32.13
N ASP A 4220 -46.34 -6.14 -31.64
CA ASP A 4220 -46.07 -4.81 -32.11
C ASP A 4220 -44.71 -4.30 -31.72
N VAL A 4221 -44.15 -4.85 -30.68
CA VAL A 4221 -42.82 -4.47 -30.28
C VAL A 4221 -41.84 -5.37 -30.93
N VAL A 4222 -42.05 -6.66 -30.90
CA VAL A 4222 -41.02 -7.56 -31.41
C VAL A 4222 -40.89 -7.35 -32.93
N ASN A 4223 -41.94 -6.83 -33.53
CA ASN A 4223 -41.83 -6.39 -34.87
C ASN A 4223 -40.75 -5.32 -35.06
N GLU A 4224 -40.51 -4.51 -34.05
CA GLU A 4224 -39.52 -3.48 -34.11
C GLU A 4224 -39.02 -3.06 -32.71
N GLY A 4225 -38.65 -4.07 -31.89
CA GLY A 4225 -38.40 -3.95 -30.45
C GLY A 4225 -37.14 -3.39 -29.92
N GLY A 4226 -36.12 -3.49 -30.74
CA GLY A 4226 -34.80 -3.12 -30.33
C GLY A 4226 -34.63 -1.62 -30.31
N GLU A 4227 -35.58 -0.90 -30.93
CA GLU A 4227 -35.64 0.56 -30.88
C GLU A 4227 -36.13 0.98 -29.51
N ALA A 4228 -35.65 2.13 -29.04
CA ALA A 4228 -35.88 2.53 -27.68
C ALA A 4228 -37.19 3.30 -27.67
N GLU A 4229 -38.19 2.68 -28.29
CA GLU A 4229 -39.54 3.10 -28.08
C GLU A 4229 -40.25 2.00 -27.40
N LYS A 4230 -39.50 1.06 -26.84
CA LYS A 4230 -39.94 0.04 -25.98
C LYS A 4230 -40.62 0.65 -24.81
N MET A 4231 -40.16 1.81 -24.53
CA MET A 4231 -40.60 2.57 -23.48
C MET A 4231 -41.90 3.14 -23.88
N GLU A 4232 -41.90 4.03 -24.85
CA GLU A 4232 -43.03 4.78 -25.21
C GLU A 4232 -44.18 3.99 -25.81
N LEU A 4233 -43.86 2.98 -26.57
CA LEU A 4233 -44.90 2.19 -27.14
C LEU A 4233 -45.67 1.49 -26.07
N PHE A 4234 -44.92 1.07 -25.09
CA PHE A 4234 -45.45 0.42 -23.99
C PHE A 4234 -46.37 1.34 -23.27
N VAL A 4235 -46.03 2.60 -23.28
CA VAL A 4235 -46.83 3.55 -22.62
C VAL A 4235 -48.15 3.66 -23.28
N SER A 4236 -48.10 3.76 -24.60
CA SER A 4236 -49.29 3.92 -25.30
C SER A 4236 -50.23 2.73 -25.12
N PHE A 4237 -49.64 1.55 -25.03
CA PHE A 4237 -50.40 0.35 -24.79
C PHE A 4237 -51.06 0.33 -23.48
N CYS A 4238 -50.30 0.73 -22.51
CA CYS A 4238 -50.82 0.73 -21.23
C CYS A 4238 -51.95 1.68 -21.08
N GLU A 4239 -51.82 2.84 -21.68
CA GLU A 4239 -52.78 3.87 -21.43
C GLU A 4239 -54.03 3.52 -22.16
N ASP A 4240 -53.88 3.02 -23.36
CA ASP A 4240 -55.03 2.60 -24.08
C ASP A 4240 -55.74 1.43 -23.45
N THR A 4241 -54.98 0.54 -22.87
CA THR A 4241 -55.58 -0.54 -22.15
C THR A 4241 -56.28 -0.10 -20.89
N ILE A 4242 -55.77 0.95 -20.28
CA ILE A 4242 -56.45 1.51 -19.16
C ILE A 4242 -57.77 1.99 -19.62
N PHE A 4243 -57.81 2.59 -20.80
CA PHE A 4243 -59.06 3.02 -21.34
C PHE A 4243 -59.96 1.87 -21.59
N GLU A 4244 -59.34 0.74 -21.90
CA GLU A 4244 -60.06 -0.50 -22.04
C GLU A 4244 -60.76 -0.91 -20.78
N MET A 4245 -60.09 -0.77 -19.66
CA MET A 4245 -60.73 -1.10 -18.44
C MET A 4245 -61.79 -0.06 -18.10
N GLN A 4246 -61.57 1.16 -18.61
CA GLN A 4246 -62.53 2.23 -18.42
C GLN A 4246 -63.81 1.92 -19.17
N ILE A 4247 -63.67 1.18 -20.23
CA ILE A 4247 -64.83 0.71 -20.91
C ILE A 4247 -65.41 -0.52 -20.22
N ALA A 4248 -64.53 -1.40 -19.72
CA ALA A 4248 -64.96 -2.65 -19.12
C ALA A 4248 -65.83 -2.37 -17.89
N ALA A 4249 -65.54 -1.25 -17.24
CA ALA A 4249 -66.29 -0.86 -16.06
C ALA A 4249 -67.79 -0.57 -16.36
N GLN A 4250 -68.03 -0.11 -17.59
CA GLN A 4250 -69.35 0.19 -18.04
C GLN A 4250 -70.23 -1.04 -18.13
N ILE A 4251 -69.60 -2.20 -18.33
CA ILE A 4251 -70.32 -3.43 -18.51
C ILE A 4251 -70.19 -4.33 -17.29
N GLU A 4545 -85.46 3.62 -22.32
CA GLU A 4545 -84.83 2.98 -23.47
C GLU A 4545 -83.52 2.28 -22.97
N VAL A 4546 -83.30 2.33 -21.66
CA VAL A 4546 -81.98 1.94 -21.13
C VAL A 4546 -81.74 0.44 -21.27
N GLN A 4547 -82.83 -0.34 -21.35
CA GLN A 4547 -82.75 -1.82 -21.62
C GLN A 4547 -82.06 -2.06 -22.93
N ARG A 4548 -82.37 -1.24 -23.94
CA ARG A 4548 -81.66 -1.37 -25.23
C ARG A 4548 -80.15 -1.06 -25.04
N VAL A 4549 -79.83 -0.10 -24.18
CA VAL A 4549 -78.41 0.32 -23.95
C VAL A 4549 -77.58 -0.79 -23.33
N LYS A 4550 -78.14 -1.34 -22.27
CA LYS A 4550 -77.47 -2.41 -21.57
C LYS A 4550 -77.48 -3.68 -22.48
N PHE A 4551 -78.49 -3.81 -23.34
CA PHE A 4551 -78.58 -4.99 -24.27
C PHE A 4551 -77.48 -4.96 -25.30
N LEU A 4552 -77.18 -3.75 -25.77
CA LEU A 4552 -75.98 -3.52 -26.59
C LEU A 4552 -74.70 -3.74 -25.82
N ASN A 4553 -74.74 -3.46 -24.54
CA ASN A 4553 -73.62 -3.77 -23.71
C ASN A 4553 -73.43 -5.30 -23.58
N TYR A 4554 -74.51 -6.07 -23.62
CA TYR A 4554 -74.45 -7.54 -23.77
C TYR A 4554 -73.89 -7.88 -25.12
N LEU A 4555 -74.14 -7.02 -26.07
CA LEU A 4555 -73.76 -7.32 -27.42
C LEU A 4555 -72.25 -7.27 -27.56
N SER A 4556 -71.70 -6.24 -26.96
CA SER A 4556 -70.28 -6.13 -26.87
C SER A 4556 -69.72 -7.15 -25.92
N ARG A 4557 -70.52 -7.54 -24.95
CA ARG A 4557 -70.11 -8.46 -23.94
C ARG A 4557 -69.76 -9.81 -24.54
N ASN A 4558 -70.34 -10.10 -25.70
CA ASN A 4558 -70.13 -11.38 -26.35
C ASN A 4558 -69.74 -11.16 -27.83
N PHE A 4559 -68.96 -10.12 -28.06
CA PHE A 4559 -68.68 -9.73 -29.39
C PHE A 4559 -67.94 -10.73 -30.28
N TYR A 4560 -67.07 -11.49 -29.66
CA TYR A 4560 -66.26 -12.41 -30.46
C TYR A 4560 -66.94 -13.71 -30.91
N THR A 4561 -67.59 -14.33 -29.94
CA THR A 4561 -68.22 -15.62 -30.17
C THR A 4561 -69.35 -15.44 -31.20
N LEU A 4562 -70.04 -14.29 -31.18
CA LEU A 4562 -71.06 -13.96 -32.23
C LEU A 4562 -70.48 -13.88 -33.57
N ARG A 4563 -69.28 -13.34 -33.62
CA ARG A 4563 -68.61 -13.19 -34.85
C ARG A 4563 -68.23 -14.54 -35.39
N PHE A 4564 -67.78 -15.39 -34.48
CA PHE A 4564 -67.23 -16.70 -34.84
C PHE A 4564 -68.35 -17.63 -35.33
N LEU A 4565 -69.41 -17.74 -34.50
CA LEU A 4565 -70.60 -18.53 -34.85
C LEU A 4565 -71.29 -17.94 -36.06
N ALA A 4566 -71.21 -16.63 -36.26
CA ALA A 4566 -71.75 -16.07 -37.45
C ALA A 4566 -71.02 -16.47 -38.67
N LEU A 4567 -69.74 -16.58 -38.51
CA LEU A 4567 -69.02 -17.02 -39.62
C LEU A 4567 -69.34 -18.45 -39.88
N PHE A 4568 -69.56 -19.23 -38.85
CA PHE A 4568 -70.01 -20.60 -39.02
C PHE A 4568 -71.38 -20.64 -39.70
N LEU A 4569 -72.18 -19.59 -39.49
CA LEU A 4569 -73.42 -19.45 -40.21
C LEU A 4569 -73.29 -19.24 -41.65
N ALA A 4570 -72.44 -18.34 -41.97
CA ALA A 4570 -72.23 -18.10 -43.34
C ALA A 4570 -71.57 -19.32 -43.99
N PHE A 4571 -70.73 -20.02 -43.28
CA PHE A 4571 -70.04 -21.15 -43.84
C PHE A 4571 -70.99 -22.23 -44.14
N ALA A 4572 -71.96 -22.35 -43.27
CA ALA A 4572 -73.00 -23.34 -43.46
C ALA A 4572 -73.88 -22.96 -44.62
N ILE A 4573 -74.24 -21.68 -44.71
CA ILE A 4573 -74.98 -21.13 -45.84
C ILE A 4573 -74.35 -21.45 -47.10
N ASN A 4574 -73.06 -21.28 -47.11
CA ASN A 4574 -72.34 -21.46 -48.30
C ASN A 4574 -72.21 -22.97 -48.68
N PHE A 4575 -72.12 -23.81 -47.67
CA PHE A 4575 -72.13 -25.30 -47.90
C PHE A 4575 -73.42 -25.77 -48.49
N ILE A 4576 -74.45 -25.13 -48.03
CA ILE A 4576 -75.71 -25.57 -48.39
C ILE A 4576 -76.13 -24.76 -49.56
N LEU A 4577 -75.33 -23.82 -49.94
CA LEU A 4577 -75.59 -23.05 -51.10
C LEU A 4577 -75.17 -23.77 -52.29
N LEU A 4578 -74.56 -24.90 -52.03
CA LEU A 4578 -74.23 -25.80 -53.05
C LEU A 4578 -75.42 -26.58 -53.69
N PHE A 4579 -76.53 -25.93 -54.04
CA PHE A 4579 -77.67 -26.70 -54.54
C PHE A 4579 -78.53 -26.08 -55.65
N TYR A 4580 -78.57 -24.76 -55.76
CA TYR A 4580 -79.58 -24.15 -56.70
C TYR A 4580 -79.32 -24.43 -58.19
N LYS A 4581 -80.36 -24.61 -58.94
CA LYS A 4581 -80.25 -24.80 -60.36
C LYS A 4581 -81.37 -24.30 -61.17
N VAL A 4582 -81.01 -23.52 -62.16
CA VAL A 4582 -82.02 -23.09 -63.12
C VAL A 4582 -82.63 -24.26 -64.00
N SER A 4583 -83.95 -24.22 -64.32
CA SER A 4583 -84.72 -25.27 -65.09
C SER A 4583 -84.35 -25.25 -66.54
N VAL A 4628 -86.81 -19.94 -66.29
CA VAL A 4628 -85.44 -20.41 -66.23
C VAL A 4628 -85.12 -20.76 -64.75
N TYR A 4629 -85.22 -19.77 -63.83
CA TYR A 4629 -84.76 -19.94 -62.40
C TYR A 4629 -85.57 -20.98 -61.60
N TYR A 4630 -84.82 -21.73 -60.76
CA TYR A 4630 -85.34 -22.80 -59.82
C TYR A 4630 -84.26 -23.24 -58.75
N PHE A 4631 -84.64 -23.80 -57.58
CA PHE A 4631 -83.67 -24.27 -56.54
C PHE A 4631 -83.84 -25.75 -56.25
N LEU A 4632 -82.76 -26.51 -56.38
CA LEU A 4632 -82.76 -27.94 -56.07
C LEU A 4632 -82.47 -28.23 -54.59
N GLU A 4633 -83.51 -28.27 -53.80
CA GLU A 4633 -83.38 -28.82 -52.48
C GLU A 4633 -83.34 -30.37 -52.57
N GLU A 4634 -82.64 -31.02 -51.66
CA GLU A 4634 -82.59 -32.49 -51.62
C GLU A 4634 -83.82 -33.05 -50.86
N SER A 4635 -83.63 -33.28 -49.56
CA SER A 4635 -84.54 -33.99 -48.69
C SER A 4635 -85.54 -33.07 -48.02
N THR A 4636 -85.12 -32.35 -46.96
CA THR A 4636 -86.03 -31.51 -46.15
C THR A 4636 -86.61 -30.37 -46.99
N GLY A 4637 -87.88 -30.02 -46.78
CA GLY A 4637 -88.49 -28.93 -47.57
C GLY A 4637 -88.16 -27.54 -47.04
N TYR A 4638 -87.59 -27.50 -45.84
CA TYR A 4638 -87.46 -26.24 -45.12
C TYR A 4638 -86.12 -25.53 -45.25
N MET A 4639 -85.16 -26.14 -45.94
CA MET A 4639 -83.83 -25.54 -46.09
C MET A 4639 -83.75 -24.22 -46.83
N GLU A 4640 -84.39 -24.16 -47.99
CA GLU A 4640 -84.43 -22.90 -48.68
C GLU A 4640 -85.26 -21.88 -47.92
N PRO A 4641 -86.46 -22.27 -47.46
CA PRO A 4641 -87.22 -21.26 -46.67
C PRO A 4641 -86.50 -20.77 -45.42
N ALA A 4642 -85.72 -21.64 -44.75
CA ALA A 4642 -84.96 -21.21 -43.58
C ALA A 4642 -83.97 -20.14 -44.01
N LEU A 4643 -83.42 -20.33 -45.20
CA LEU A 4643 -82.53 -19.37 -45.77
C LEU A 4643 -83.22 -18.04 -46.05
N TRP A 4644 -84.55 -18.08 -46.31
CA TRP A 4644 -85.36 -16.86 -46.59
C TRP A 4644 -85.18 -16.00 -45.34
N CYS A 4645 -85.04 -16.68 -44.20
CA CYS A 4645 -84.72 -16.02 -42.97
C CYS A 4645 -83.19 -16.01 -42.74
N LEU A 4646 -82.47 -17.08 -43.07
CA LEU A 4646 -81.09 -17.22 -42.65
C LEU A 4646 -80.23 -16.17 -43.18
N SER A 4647 -80.59 -15.75 -44.39
CA SER A 4647 -79.86 -14.68 -45.02
C SER A 4647 -79.93 -13.51 -44.10
N LEU A 4648 -81.16 -13.13 -43.88
CA LEU A 4648 -81.41 -12.01 -43.06
C LEU A 4648 -80.88 -12.33 -41.68
N LEU A 4649 -80.93 -13.59 -41.27
CA LEU A 4649 -80.43 -13.96 -39.96
C LEU A 4649 -79.01 -13.61 -39.91
N HIS A 4650 -78.32 -14.03 -40.95
CA HIS A 4650 -76.93 -13.73 -40.94
C HIS A 4650 -76.75 -12.23 -41.01
N THR A 4651 -77.62 -11.63 -41.81
CA THR A 4651 -77.53 -10.23 -42.06
C THR A 4651 -77.79 -9.52 -40.74
N LEU A 4652 -78.64 -10.10 -39.91
CA LEU A 4652 -79.00 -9.49 -38.66
C LEU A 4652 -77.74 -9.31 -37.90
N VAL A 4653 -76.95 -10.37 -37.90
CA VAL A 4653 -75.80 -10.36 -37.07
C VAL A 4653 -74.87 -9.30 -37.60
N ALA A 4654 -74.88 -9.15 -38.89
CA ALA A 4654 -74.02 -8.16 -39.49
C ALA A 4654 -74.44 -6.86 -38.91
N PHE A 4655 -75.73 -6.58 -39.02
CA PHE A 4655 -76.23 -5.30 -38.57
C PHE A 4655 -75.82 -5.21 -37.11
N LEU A 4656 -76.04 -6.32 -36.44
CA LEU A 4656 -75.74 -6.41 -35.01
C LEU A 4656 -74.32 -6.03 -34.79
N CYS A 4657 -73.45 -6.69 -35.50
CA CYS A 4657 -72.09 -6.56 -35.11
C CYS A 4657 -71.66 -5.17 -35.32
N ILE A 4658 -72.19 -4.53 -36.35
CA ILE A 4658 -71.63 -3.24 -36.64
C ILE A 4658 -71.90 -2.31 -35.51
N ILE A 4659 -73.08 -2.45 -34.97
CA ILE A 4659 -73.44 -1.49 -33.99
C ILE A 4659 -72.56 -1.75 -32.80
N GLY A 4660 -72.22 -3.01 -32.60
CA GLY A 4660 -71.42 -3.36 -31.46
C GLY A 4660 -70.05 -2.77 -31.58
N TYR A 4661 -69.56 -2.74 -32.81
CA TYR A 4661 -68.25 -2.16 -32.99
C TYR A 4661 -68.26 -0.73 -32.61
N ASN A 4662 -69.41 -0.09 -32.81
CA ASN A 4662 -69.56 1.30 -32.43
C ASN A 4662 -69.40 1.45 -30.95
N CYS A 4663 -69.83 0.44 -30.23
CA CYS A 4663 -69.67 0.40 -28.80
C CYS A 4663 -68.35 -0.19 -28.41
N LEU A 4664 -67.53 -0.61 -29.36
CA LEU A 4664 -66.38 -1.34 -28.98
C LEU A 4664 -65.15 -0.54 -29.17
N LYS A 4665 -64.51 -0.81 -30.28
CA LYS A 4665 -63.24 -0.24 -30.52
C LYS A 4665 -63.32 1.24 -30.88
N VAL A 4666 -64.49 1.63 -31.30
CA VAL A 4666 -64.65 2.97 -31.78
C VAL A 4666 -64.31 4.04 -30.75
N PRO A 4667 -64.88 3.92 -29.58
CA PRO A 4667 -64.47 4.96 -28.69
C PRO A 4667 -62.99 4.74 -28.31
N LEU A 4668 -62.49 3.54 -28.45
CA LEU A 4668 -61.09 3.26 -28.21
C LEU A 4668 -60.17 3.83 -29.24
N VAL A 4669 -60.56 3.70 -30.48
CA VAL A 4669 -59.71 4.25 -31.45
C VAL A 4669 -59.79 5.74 -31.45
N ILE A 4670 -60.95 6.27 -31.12
CA ILE A 4670 -61.07 7.69 -30.97
C ILE A 4670 -60.22 8.20 -29.83
N PHE A 4671 -60.17 7.43 -28.77
CA PHE A 4671 -59.30 7.75 -27.69
C PHE A 4671 -57.82 7.68 -28.12
N LYS A 4672 -57.56 6.81 -29.05
CA LYS A 4672 -56.24 6.62 -29.49
C LYS A 4672 -55.75 7.82 -30.30
N ARG A 4673 -56.55 8.22 -31.25
CA ARG A 4673 -56.28 9.35 -32.06
C ARG A 4673 -56.23 10.57 -31.25
N GLU A 4674 -57.03 10.58 -30.23
CA GLU A 4674 -57.14 11.71 -29.37
C GLU A 4674 -55.85 11.89 -28.67
N LYS A 4675 -55.34 10.79 -28.09
CA LYS A 4675 -54.06 10.85 -27.39
C LYS A 4675 -52.99 11.24 -28.35
N GLU A 4676 -53.11 10.77 -29.59
CA GLU A 4676 -52.10 11.02 -30.56
C GLU A 4676 -51.97 12.47 -30.81
N LEU A 4677 -53.03 13.04 -31.32
CA LEU A 4677 -52.97 14.38 -31.66
C LEU A 4677 -52.68 15.29 -30.50
N ALA A 4678 -53.17 14.88 -29.37
CA ALA A 4678 -52.99 15.68 -28.24
C ALA A 4678 -51.55 15.69 -27.79
N ARG A 4679 -50.93 14.53 -27.73
CA ARG A 4679 -49.54 14.52 -27.30
C ARG A 4679 -48.66 15.22 -28.36
N LYS A 4680 -49.11 15.16 -29.61
CA LYS A 4680 -48.41 15.83 -30.65
C LYS A 4680 -48.37 17.33 -30.41
N LEU A 4681 -49.51 17.90 -30.06
CA LEU A 4681 -49.52 19.27 -29.73
C LEU A 4681 -48.77 19.53 -28.47
N GLU A 4682 -48.74 18.55 -27.59
CA GLU A 4682 -48.08 18.71 -26.32
C GLU A 4682 -46.59 18.87 -26.45
N PHE A 4683 -46.03 18.27 -27.49
CA PHE A 4683 -44.61 18.38 -27.66
C PHE A 4683 -44.17 19.01 -28.95
N ASP A 4684 -45.01 18.94 -29.95
CA ASP A 4684 -44.62 19.41 -31.26
C ASP A 4684 -45.41 20.59 -31.75
N GLY A 4685 -46.70 20.59 -31.53
CA GLY A 4685 -47.47 21.78 -31.82
C GLY A 4685 -47.59 21.92 -33.30
N LEU A 4686 -47.75 20.82 -34.01
CA LEU A 4686 -47.62 20.89 -35.46
C LEU A 4686 -48.58 21.83 -36.15
N TYR A 4687 -49.79 21.93 -35.62
CA TYR A 4687 -50.70 22.91 -36.12
C TYR A 4687 -50.25 24.32 -35.75
N ILE A 4688 -49.54 24.49 -34.65
CA ILE A 4688 -48.86 25.75 -34.35
C ILE A 4688 -47.68 25.94 -35.28
N THR A 4689 -47.15 24.84 -35.75
CA THR A 4689 -45.91 24.87 -36.47
C THR A 4689 -45.92 23.97 -37.69
N GLU A 4690 -45.58 22.70 -37.51
CA GLU A 4690 -45.37 21.80 -38.64
C GLU A 4690 -46.66 21.26 -39.22
N GLN A 4691 -47.44 22.17 -39.76
CA GLN A 4691 -48.72 21.79 -40.25
C GLN A 4691 -48.67 20.96 -41.56
N PRO A 4692 -49.54 19.97 -41.59
CA PRO A 4692 -49.87 19.31 -42.77
C PRO A 4692 -50.53 20.08 -43.89
N GLY A 4693 -50.27 19.71 -45.13
CA GLY A 4693 -51.23 19.97 -46.26
C GLY A 4693 -52.05 18.68 -46.61
N ASP A 4694 -52.34 18.39 -47.90
CA ASP A 4694 -52.80 17.01 -48.30
C ASP A 4694 -51.59 16.04 -48.06
N ASP A 4695 -50.36 16.57 -48.12
CA ASP A 4695 -49.14 15.88 -47.58
C ASP A 4695 -49.27 15.81 -46.06
N ASP A 4696 -48.62 14.83 -45.43
CA ASP A 4696 -48.80 14.59 -43.98
C ASP A 4696 -50.35 14.33 -43.78
N VAL A 4697 -50.84 13.41 -44.58
CA VAL A 4697 -52.24 13.31 -44.96
C VAL A 4697 -53.21 13.22 -43.84
N LYS A 4698 -52.83 12.55 -42.75
CA LYS A 4698 -53.79 12.27 -41.73
C LYS A 4698 -54.37 13.43 -41.12
N GLY A 4699 -53.57 14.48 -41.14
CA GLY A 4699 -53.90 15.63 -40.45
C GLY A 4699 -54.85 16.49 -41.17
N GLN A 4700 -55.11 16.26 -42.46
CA GLN A 4700 -55.99 17.17 -43.23
C GLN A 4700 -57.40 17.23 -42.63
N TRP A 4701 -58.00 16.06 -42.33
CA TRP A 4701 -59.28 16.01 -41.58
C TRP A 4701 -59.07 16.52 -40.20
N ASP A 4702 -57.88 16.32 -39.68
CA ASP A 4702 -57.61 16.59 -38.28
C ASP A 4702 -57.42 18.04 -37.96
N ARG A 4703 -57.31 18.84 -39.00
CA ARG A 4703 -57.18 20.27 -38.79
C ARG A 4703 -58.38 20.82 -38.14
N LEU A 4704 -59.53 20.48 -38.70
CA LEU A 4704 -60.80 21.06 -38.30
C LEU A 4704 -61.19 20.66 -36.86
N VAL A 4705 -60.79 19.47 -36.43
CA VAL A 4705 -61.29 18.93 -35.21
C VAL A 4705 -60.86 19.72 -34.00
N LEU A 4706 -59.71 20.35 -34.07
CA LEU A 4706 -59.27 21.10 -32.92
C LEU A 4706 -60.11 22.29 -32.57
N ASN A 4707 -60.78 22.77 -33.58
CA ASN A 4707 -61.58 23.93 -33.40
C ASN A 4707 -62.72 23.69 -32.48
N THR A 4708 -63.20 22.46 -32.52
CA THR A 4708 -64.33 22.04 -31.73
C THR A 4708 -63.99 21.99 -30.27
N PRO A 4709 -64.97 22.39 -29.44
CA PRO A 4709 -64.90 22.31 -28.01
C PRO A 4709 -64.53 20.91 -27.48
N SER A 4710 -65.14 19.96 -28.14
CA SER A 4710 -65.27 18.63 -27.63
C SER A 4710 -64.16 17.71 -28.13
N PHE A 4711 -63.11 18.31 -28.70
CA PHE A 4711 -61.92 17.59 -29.19
C PHE A 4711 -61.38 16.62 -28.18
N PRO A 4712 -61.17 17.12 -26.95
CA PRO A 4712 -60.76 16.14 -26.02
C PRO A 4712 -61.98 15.41 -25.48
N SER A 4713 -62.57 14.54 -26.29
CA SER A 4713 -63.76 13.84 -25.85
C SER A 4713 -63.56 12.80 -24.73
N ASN A 4714 -62.41 12.13 -24.70
CA ASN A 4714 -62.19 11.02 -23.79
C ASN A 4714 -60.75 10.77 -23.33
N TYR A 4715 -59.90 11.79 -23.34
CA TYR A 4715 -58.47 11.62 -23.01
C TYR A 4715 -58.17 11.62 -21.54
N TRP A 4716 -59.17 11.86 -20.70
CA TRP A 4716 -59.03 11.86 -19.23
C TRP A 4716 -57.91 12.74 -18.69
N ASP A 4717 -57.34 13.61 -19.53
CA ASP A 4717 -56.58 14.78 -19.10
C ASP A 4717 -57.12 15.91 -19.97
N LYS A 4718 -58.43 15.93 -20.08
CA LYS A 4718 -59.12 16.68 -21.07
C LYS A 4718 -59.06 18.16 -20.87
N PHE A 4719 -57.85 18.69 -20.74
CA PHE A 4719 -57.63 20.10 -20.47
C PHE A 4719 -56.40 20.63 -21.14
N VAL A 4720 -55.99 19.82 -22.07
CA VAL A 4720 -54.71 19.92 -22.65
C VAL A 4720 -54.58 21.18 -23.46
N LYS A 4721 -55.69 21.63 -24.00
CA LYS A 4721 -55.71 22.75 -24.90
C LYS A 4721 -55.14 23.98 -24.17
N ARG A 4722 -55.48 24.07 -22.90
CA ARG A 4722 -55.04 25.19 -22.14
C ARG A 4722 -53.53 25.11 -21.85
N LYS A 4723 -53.02 23.89 -21.76
CA LYS A 4723 -51.54 23.70 -21.76
C LYS A 4723 -50.86 24.05 -23.05
N VAL A 4724 -51.60 23.87 -24.10
CA VAL A 4724 -51.08 24.18 -25.36
C VAL A 4724 -50.94 25.68 -25.54
N LEU A 4725 -51.98 26.43 -25.13
CA LEU A 4725 -51.87 27.88 -25.11
C LEU A 4725 -50.79 28.27 -24.11
N ASP A 4726 -50.62 27.47 -23.06
CA ASP A 4726 -49.59 27.70 -22.03
C ASP A 4726 -48.16 27.61 -22.55
N LYS A 4727 -47.96 26.79 -23.56
CA LYS A 4727 -46.64 26.63 -24.08
C LYS A 4727 -46.43 27.32 -25.41
N HIS A 4728 -47.15 26.89 -26.44
CA HIS A 4728 -47.01 27.49 -27.77
C HIS A 4728 -47.63 28.86 -27.89
N GLY A 4729 -48.47 29.23 -26.93
CA GLY A 4729 -49.15 30.51 -27.00
C GLY A 4729 -48.26 31.71 -26.80
N ASP A 4730 -47.18 31.58 -26.03
CA ASP A 4730 -46.24 32.68 -25.80
C ASP A 4730 -45.49 33.06 -27.06
N ILE A 4731 -45.22 32.09 -27.93
CA ILE A 4731 -44.53 32.36 -29.17
C ILE A 4731 -45.38 33.20 -30.06
N PHE A 4732 -46.69 33.00 -29.96
CA PHE A 4732 -47.65 33.71 -30.74
C PHE A 4732 -48.57 34.51 -29.85
N GLY A 4733 -49.75 34.82 -30.34
CA GLY A 4733 -50.72 35.49 -29.53
C GLY A 4733 -51.16 34.49 -28.55
N ARG A 4734 -51.30 34.89 -27.30
CA ARG A 4734 -51.82 33.97 -26.30
C ARG A 4734 -53.25 33.68 -26.61
N GLU A 4735 -53.98 34.69 -27.13
CA GLU A 4735 -55.38 34.50 -27.56
C GLU A 4735 -55.48 34.17 -29.11
N ARG A 4736 -54.42 34.42 -29.87
CA ARG A 4736 -54.41 33.95 -31.24
C ARG A 4736 -54.37 32.40 -31.36
N ILE A 4737 -53.69 31.78 -30.44
CA ILE A 4737 -53.74 30.32 -30.33
C ILE A 4737 -55.12 29.90 -29.84
N ALA A 4738 -55.72 30.71 -28.99
CA ALA A 4738 -57.12 30.53 -28.55
C ALA A 4738 -58.08 30.79 -29.67
N GLU A 4739 -57.69 31.67 -30.59
CA GLU A 4739 -58.44 31.87 -31.81
C GLU A 4739 -58.42 30.58 -32.61
N LEU A 4740 -57.30 29.88 -32.57
CA LEU A 4740 -57.23 28.58 -33.12
C LEU A 4740 -58.06 27.59 -32.30
N LEU A 4741 -58.16 27.83 -31.00
CA LEU A 4741 -58.66 26.85 -30.06
C LEU A 4741 -59.81 27.35 -29.19
N GLY A 4742 -59.53 27.79 -27.96
CA GLY A 4742 -60.56 28.26 -27.04
C GLY A 4742 -61.03 29.67 -27.29
N LEU A 4765 -85.78 15.53 -28.52
CA LEU A 4765 -85.20 15.50 -27.18
C LEU A 4765 -84.15 16.62 -27.05
N THR A 4766 -83.77 16.94 -25.80
CA THR A 4766 -82.63 17.86 -25.51
C THR A 4766 -81.32 17.36 -26.14
N TRP A 4767 -81.22 16.02 -26.11
CA TRP A 4767 -80.11 15.23 -26.57
C TRP A 4767 -79.74 15.61 -28.03
N LEU A 4768 -80.77 15.81 -28.91
CA LEU A 4768 -80.60 16.23 -30.34
C LEU A 4768 -79.93 17.60 -30.49
N MET A 4769 -80.44 18.57 -29.74
CA MET A 4769 -79.93 19.93 -29.92
C MET A 4769 -78.51 20.05 -29.29
N SER A 4770 -78.19 19.20 -28.30
CA SER A 4770 -76.88 19.28 -27.54
C SER A 4770 -75.70 18.86 -28.39
N ILE A 4771 -75.33 17.57 -28.32
CA ILE A 4771 -74.40 16.90 -29.26
C ILE A 4771 -73.06 17.57 -29.62
N ASP A 4772 -73.07 18.89 -29.84
CA ASP A 4772 -71.89 19.62 -30.39
C ASP A 4772 -71.52 19.14 -31.86
N VAL A 4773 -71.21 20.07 -32.76
CA VAL A 4773 -71.29 19.78 -34.17
C VAL A 4773 -70.00 19.27 -34.87
N LYS A 4774 -69.00 20.10 -35.06
CA LYS A 4774 -67.97 19.81 -36.15
C LYS A 4774 -67.08 18.62 -35.92
N TYR A 4775 -67.00 18.24 -34.68
CA TYR A 4775 -66.29 17.10 -34.30
C TYR A 4775 -66.84 15.89 -34.91
N GLN A 4776 -68.14 15.93 -35.14
CA GLN A 4776 -68.84 14.76 -35.48
C GLN A 4776 -68.39 14.23 -36.88
N ILE A 4777 -68.33 15.12 -37.88
CA ILE A 4777 -68.02 14.63 -39.24
C ILE A 4777 -66.60 14.06 -39.31
N TRP A 4778 -65.70 14.66 -38.56
CA TRP A 4778 -64.38 14.12 -38.44
C TRP A 4778 -64.39 12.82 -37.73
N LYS A 4779 -65.34 12.64 -36.85
CA LYS A 4779 -65.34 11.44 -36.11
C LYS A 4779 -65.78 10.29 -36.99
N PHE A 4780 -66.85 10.49 -37.74
CA PHE A 4780 -67.29 9.50 -38.70
C PHE A 4780 -66.19 9.28 -39.79
N GLY A 4781 -65.37 10.30 -40.02
CA GLY A 4781 -64.25 10.15 -40.94
C GLY A 4781 -63.15 9.28 -40.36
N VAL A 4782 -62.95 9.41 -39.07
CA VAL A 4782 -62.06 8.50 -38.41
C VAL A 4782 -62.63 7.10 -38.42
N ILE A 4783 -63.93 7.04 -38.39
CA ILE A 4783 -64.52 5.79 -38.50
C ILE A 4783 -64.24 5.19 -39.85
N PHE A 4784 -64.20 6.06 -40.88
CA PHE A 4784 -63.79 5.65 -42.22
C PHE A 4784 -62.33 5.21 -42.26
N THR A 4785 -61.51 5.76 -41.39
CA THR A 4785 -60.09 5.46 -41.44
C THR A 4785 -59.80 4.01 -41.12
N ASP A 4786 -60.65 3.43 -40.30
CA ASP A 4786 -60.43 2.10 -39.83
C ASP A 4786 -60.49 1.09 -40.90
N ASN A 4787 -59.59 0.13 -40.80
CA ASN A 4787 -59.65 -0.98 -41.69
C ASN A 4787 -60.84 -1.93 -41.35
N SER A 4788 -61.04 -2.17 -40.08
CA SER A 4788 -62.09 -3.04 -39.60
C SER A 4788 -63.49 -2.57 -39.84
N PHE A 4789 -63.64 -1.28 -39.86
CA PHE A 4789 -64.93 -0.81 -40.06
C PHE A 4789 -65.32 -0.92 -41.54
N LEU A 4790 -64.36 -0.69 -42.47
CA LEU A 4790 -64.57 -0.96 -43.98
C LEU A 4790 -64.88 -2.40 -44.11
N TYR A 4791 -64.29 -3.19 -43.23
CA TYR A 4791 -64.40 -4.59 -43.35
C TYR A 4791 -65.79 -5.10 -43.03
N LEU A 4792 -66.26 -4.67 -41.89
CA LEU A 4792 -67.59 -5.01 -41.52
C LEU A 4792 -68.63 -4.32 -42.39
N GLY A 4793 -68.33 -3.14 -42.91
CA GLY A 4793 -69.26 -2.45 -43.78
C GLY A 4793 -69.39 -3.05 -45.16
N TRP A 4794 -68.30 -3.56 -45.66
CA TRP A 4794 -68.31 -4.25 -46.93
C TRP A 4794 -69.07 -5.56 -46.72
N TYR A 4795 -68.93 -6.04 -45.51
CA TYR A 4795 -69.55 -7.24 -45.15
C TYR A 4795 -71.02 -7.04 -45.09
N MET A 4796 -71.47 -5.99 -44.43
CA MET A 4796 -72.85 -5.77 -44.29
C MET A 4796 -73.51 -5.33 -45.52
N VAL A 4797 -72.79 -4.58 -46.32
CA VAL A 4797 -73.38 -4.20 -47.58
C VAL A 4797 -73.64 -5.46 -48.41
N MET A 4798 -72.74 -6.40 -48.29
CA MET A 4798 -72.95 -7.64 -48.92
C MET A 4798 -74.16 -8.38 -48.34
N SER A 4799 -74.35 -8.19 -47.06
CA SER A 4799 -75.44 -8.82 -46.38
C SER A 4799 -76.79 -8.37 -46.91
N LEU A 4800 -76.84 -7.10 -47.22
CA LEU A 4800 -78.07 -6.57 -47.83
C LEU A 4800 -78.13 -7.01 -49.26
N LEU A 4801 -76.98 -7.30 -49.86
CA LEU A 4801 -76.99 -7.90 -51.19
C LEU A 4801 -77.62 -9.28 -51.15
N GLY A 4802 -77.58 -9.92 -49.99
CA GLY A 4802 -78.21 -11.19 -49.87
C GLY A 4802 -79.71 -11.12 -50.03
N HIS A 4803 -80.31 -10.00 -49.62
CA HIS A 4803 -81.77 -9.71 -49.94
C HIS A 4803 -81.96 -9.58 -51.43
N TYR A 4804 -80.92 -9.12 -52.14
CA TYR A 4804 -80.98 -8.96 -53.62
C TYR A 4804 -80.66 -10.26 -54.32
N ASN A 4805 -79.78 -11.06 -53.71
CA ASN A 4805 -79.28 -12.30 -54.28
C ASN A 4805 -78.37 -12.99 -53.25
N ASN A 4806 -78.78 -14.18 -52.92
CA ASN A 4806 -78.11 -14.97 -51.94
C ASN A 4806 -76.70 -15.50 -52.40
N PHE A 4807 -76.44 -15.52 -53.69
CA PHE A 4807 -75.16 -16.05 -54.19
C PHE A 4807 -74.10 -15.02 -54.20
N PHE A 4808 -74.45 -13.77 -54.40
CA PHE A 4808 -73.46 -12.72 -54.21
C PHE A 4808 -73.21 -12.62 -52.71
N PHE A 4809 -74.19 -13.10 -51.93
CA PHE A 4809 -74.15 -13.15 -50.49
C PHE A 4809 -73.12 -14.16 -49.96
N ALA A 4810 -72.62 -14.97 -50.82
CA ALA A 4810 -71.70 -15.91 -50.35
C ALA A 4810 -70.31 -15.36 -49.89
N ALA A 4811 -69.95 -14.20 -50.34
CA ALA A 4811 -68.54 -13.72 -50.23
C ALA A 4811 -68.19 -13.44 -48.76
N HIS A 4812 -69.15 -13.54 -47.85
CA HIS A 4812 -68.89 -13.36 -46.44
C HIS A 4812 -67.87 -14.31 -45.91
N LEU A 4813 -67.77 -15.45 -46.56
CA LEU A 4813 -66.82 -16.45 -46.19
C LEU A 4813 -65.43 -15.93 -46.13
N LEU A 4814 -65.17 -14.87 -46.86
CA LEU A 4814 -63.87 -14.22 -46.92
C LEU A 4814 -63.46 -13.75 -45.61
N ASP A 4815 -64.43 -13.62 -44.72
CA ASP A 4815 -64.20 -13.17 -43.39
C ASP A 4815 -63.28 -14.14 -42.72
N ILE A 4816 -63.22 -15.35 -43.25
CA ILE A 4816 -62.35 -16.32 -42.72
C ILE A 4816 -60.92 -15.83 -42.79
N ALA A 4817 -60.64 -14.90 -43.66
CA ALA A 4817 -59.32 -14.37 -43.81
C ALA A 4817 -58.79 -13.74 -42.49
N MET A 4818 -59.72 -13.20 -41.71
CA MET A 4818 -59.38 -12.73 -40.37
C MET A 4818 -59.47 -13.85 -39.34
N GLY A 4819 -59.95 -15.02 -39.75
CA GLY A 4819 -60.16 -16.17 -38.86
C GLY A 4819 -59.08 -17.18 -39.15
N VAL A 4820 -58.37 -17.44 -38.08
CA VAL A 4820 -57.81 -16.39 -37.30
C VAL A 4820 -56.53 -15.74 -37.74
N LYS A 4821 -55.49 -15.88 -36.96
CA LYS A 4821 -54.25 -15.15 -37.25
C LYS A 4821 -53.52 -15.76 -38.43
N THR A 4822 -53.73 -17.04 -38.61
CA THR A 4822 -53.02 -17.81 -39.55
C THR A 4822 -53.33 -17.41 -40.98
N LEU A 4823 -54.57 -17.18 -41.27
CA LEU A 4823 -54.97 -16.68 -42.55
C LEU A 4823 -54.58 -15.26 -42.74
N ARG A 4824 -54.65 -14.53 -41.65
CA ARG A 4824 -54.14 -13.19 -41.66
C ARG A 4824 -52.64 -13.22 -41.92
N THR A 4825 -52.00 -14.31 -41.46
CA THR A 4825 -50.63 -14.60 -41.81
C THR A 4825 -50.43 -14.81 -43.30
N ILE A 4826 -51.44 -15.38 -43.88
CA ILE A 4826 -51.31 -15.60 -45.23
C ILE A 4826 -51.43 -14.31 -46.06
N LEU A 4827 -52.45 -13.55 -45.76
CA LEU A 4827 -52.67 -12.35 -46.51
C LEU A 4827 -51.53 -11.41 -46.31
N SER A 4828 -51.03 -11.42 -45.09
CA SER A 4828 -49.89 -10.60 -44.80
C SER A 4828 -48.66 -11.07 -45.61
N SER A 4829 -48.62 -12.39 -45.84
CA SER A 4829 -47.60 -12.98 -46.68
C SER A 4829 -47.60 -12.44 -48.02
N VAL A 4830 -48.75 -12.08 -48.46
CA VAL A 4830 -48.84 -11.61 -49.78
C VAL A 4830 -48.43 -10.16 -49.97
N THR A 4831 -48.95 -9.37 -49.07
CA THR A 4831 -49.19 -7.97 -49.38
C THR A 4831 -48.19 -7.02 -48.78
N HIS A 4832 -47.41 -7.43 -47.75
CA HIS A 4832 -46.42 -6.54 -47.17
C HIS A 4832 -45.42 -6.03 -48.22
N ASN A 4833 -45.20 -6.85 -49.26
CA ASN A 4833 -44.31 -6.46 -50.30
C ASN A 4833 -44.76 -6.73 -51.70
N GLY A 4834 -45.81 -6.05 -52.12
CA GLY A 4834 -46.28 -6.15 -53.50
C GLY A 4834 -45.54 -5.20 -54.43
N LYS A 4835 -44.71 -4.34 -53.84
CA LYS A 4835 -43.89 -3.48 -54.67
C LYS A 4835 -42.93 -4.38 -55.46
N GLN A 4836 -42.63 -5.50 -54.82
CA GLN A 4836 -41.94 -6.55 -55.47
C GLN A 4836 -42.76 -7.26 -56.49
N LEU A 4837 -44.02 -7.31 -56.28
CA LEU A 4837 -44.83 -7.90 -57.25
C LEU A 4837 -44.86 -7.07 -58.51
N VAL A 4838 -44.68 -5.76 -58.39
CA VAL A 4838 -44.76 -4.89 -59.54
C VAL A 4838 -43.76 -5.22 -60.59
N MET A 4839 -42.57 -5.51 -60.12
CA MET A 4839 -41.53 -5.78 -61.07
C MET A 4839 -41.74 -7.08 -61.82
N THR A 4840 -42.46 -7.97 -61.20
CA THR A 4840 -42.64 -9.25 -61.76
C THR A 4840 -43.69 -9.30 -62.72
N VAL A 4841 -44.80 -8.69 -62.38
CA VAL A 4841 -45.90 -8.65 -63.31
C VAL A 4841 -45.48 -7.78 -64.45
N GLY A 4842 -44.73 -6.74 -64.16
CA GLY A 4842 -44.22 -5.88 -65.17
C GLY A 4842 -43.28 -6.62 -66.06
N LEU A 4843 -42.35 -7.33 -65.48
CA LEU A 4843 -41.46 -8.04 -66.25
C LEU A 4843 -42.13 -9.07 -67.05
N LEU A 4844 -43.14 -9.62 -66.52
CA LEU A 4844 -43.85 -10.56 -67.26
C LEU A 4844 -44.44 -9.95 -68.49
N ALA A 4845 -45.02 -8.79 -68.32
CA ALA A 4845 -45.71 -8.11 -69.42
C ALA A 4845 -44.73 -7.70 -70.48
N VAL A 4846 -43.56 -7.43 -69.98
CA VAL A 4846 -42.48 -7.07 -70.80
C VAL A 4846 -42.04 -8.15 -71.68
N VAL A 4847 -41.93 -9.28 -71.08
CA VAL A 4847 -41.43 -10.34 -71.79
C VAL A 4847 -42.38 -10.82 -72.74
N VAL A 4848 -43.60 -10.83 -72.31
CA VAL A 4848 -44.61 -11.24 -73.18
C VAL A 4848 -44.66 -10.32 -74.41
N TYR A 4849 -44.47 -9.02 -74.27
CA TYR A 4849 -44.40 -8.17 -75.46
C TYR A 4849 -43.27 -8.56 -76.26
N LEU A 4850 -42.20 -8.84 -75.56
CA LEU A 4850 -40.94 -9.04 -76.18
C LEU A 4850 -40.99 -10.15 -77.15
N TYR A 4851 -41.72 -11.17 -76.81
CA TYR A 4851 -41.77 -12.30 -77.63
C TYR A 4851 -42.83 -12.15 -78.62
N THR A 4852 -43.92 -11.59 -78.18
CA THR A 4852 -45.05 -11.60 -78.98
C THR A 4852 -44.86 -10.75 -80.16
N VAL A 4853 -44.01 -9.76 -80.08
CA VAL A 4853 -44.02 -8.89 -81.24
C VAL A 4853 -43.34 -9.52 -82.37
N VAL A 4854 -42.23 -10.14 -82.07
CA VAL A 4854 -41.52 -10.92 -83.06
C VAL A 4854 -42.37 -12.05 -83.51
N ALA A 4855 -43.17 -12.56 -82.64
CA ALA A 4855 -44.10 -13.58 -82.99
C ALA A 4855 -45.11 -13.02 -84.01
N PHE A 4856 -45.48 -11.75 -83.93
CA PHE A 4856 -46.34 -11.17 -84.92
C PHE A 4856 -45.59 -10.81 -86.17
N ASN A 4857 -44.29 -10.77 -86.03
CA ASN A 4857 -43.46 -10.56 -87.15
C ASN A 4857 -43.10 -11.87 -87.77
N PHE A 4858 -42.01 -12.51 -87.31
CA PHE A 4858 -41.44 -13.63 -87.96
C PHE A 4858 -42.22 -14.92 -87.85
N PHE A 4859 -43.23 -15.04 -87.00
CA PHE A 4859 -43.80 -16.35 -86.75
C PHE A 4859 -45.29 -16.49 -86.67
N ARG A 4860 -46.02 -15.77 -87.51
CA ARG A 4860 -47.45 -15.83 -87.38
C ARG A 4860 -48.03 -17.11 -87.78
N LYS A 4861 -47.27 -17.81 -88.56
CA LYS A 4861 -47.78 -18.93 -89.19
C LYS A 4861 -47.72 -20.16 -88.41
N PHE A 4862 -47.59 -20.04 -87.11
CA PHE A 4862 -47.50 -21.20 -86.30
C PHE A 4862 -48.52 -21.23 -85.21
N TYR A 4863 -49.38 -20.22 -85.25
CA TYR A 4863 -50.25 -19.93 -84.15
C TYR A 4863 -51.67 -20.40 -84.27
N ASN A 4864 -51.91 -21.26 -85.23
CA ASN A 4864 -53.25 -21.66 -85.56
C ASN A 4864 -53.86 -22.44 -84.47
N LYS A 4865 -55.14 -22.26 -84.25
CA LYS A 4865 -55.81 -23.27 -83.50
C LYS A 4865 -57.08 -23.59 -84.18
N SER A 4866 -56.93 -23.78 -85.48
CA SER A 4866 -58.01 -24.21 -86.35
C SER A 4866 -58.37 -25.60 -86.02
N GLU A 4867 -59.64 -25.96 -86.28
CA GLU A 4867 -60.07 -27.32 -86.19
C GLU A 4867 -59.21 -28.09 -87.21
N ASP A 4868 -58.05 -28.55 -86.73
CA ASP A 4868 -57.01 -29.25 -87.46
C ASP A 4868 -56.99 -29.01 -88.95
N GLU A 4869 -58.08 -29.36 -89.62
CA GLU A 4869 -58.12 -29.28 -91.06
C GLU A 4869 -58.12 -27.81 -91.53
N ASP A 4870 -57.58 -27.56 -92.74
CA ASP A 4870 -57.45 -26.17 -93.32
C ASP A 4870 -58.78 -25.41 -93.47
N GLU A 4871 -59.11 -24.72 -92.40
CA GLU A 4871 -60.19 -23.82 -92.34
C GLU A 4871 -59.65 -22.60 -91.61
N PRO A 4872 -60.22 -21.46 -91.95
CA PRO A 4872 -59.73 -20.18 -91.42
C PRO A 4872 -59.78 -20.07 -89.87
N ASP A 4873 -58.79 -19.45 -89.18
CA ASP A 4873 -58.78 -19.42 -87.71
C ASP A 4873 -58.19 -18.24 -87.00
N MET A 4874 -58.33 -18.29 -85.68
CA MET A 4874 -58.04 -17.27 -84.75
C MET A 4874 -56.58 -17.29 -84.20
N LYS A 4875 -55.63 -17.62 -85.01
CA LYS A 4875 -54.29 -17.26 -84.67
C LYS A 4875 -54.02 -15.78 -84.63
N CYS A 4876 -53.18 -15.30 -83.74
CA CYS A 4876 -52.70 -13.90 -83.79
C CYS A 4876 -53.81 -12.93 -84.06
N ASP A 4877 -53.99 -12.59 -85.34
CA ASP A 4877 -55.04 -11.75 -85.90
C ASP A 4877 -54.99 -10.29 -85.52
N ASP A 4878 -54.45 -10.03 -84.34
CA ASP A 4878 -54.30 -8.65 -83.86
C ASP A 4878 -53.20 -8.68 -82.87
N MET A 4879 -52.60 -7.54 -82.64
CA MET A 4879 -51.55 -7.45 -81.73
C MET A 4879 -52.01 -7.71 -80.37
N MET A 4880 -53.19 -7.25 -80.07
CA MET A 4880 -53.73 -7.42 -78.77
C MET A 4880 -54.04 -8.86 -78.53
N THR A 4881 -54.67 -9.44 -79.52
CA THR A 4881 -55.17 -10.74 -79.39
C THR A 4881 -54.10 -11.76 -79.20
N CYS A 4882 -52.97 -11.54 -79.82
CA CYS A 4882 -51.89 -12.43 -79.65
C CYS A 4882 -51.26 -12.28 -78.26
N TYR A 4883 -51.19 -11.04 -77.81
CA TYR A 4883 -50.62 -10.85 -76.49
C TYR A 4883 -51.47 -11.46 -75.48
N LEU A 4884 -52.79 -11.46 -75.68
CA LEU A 4884 -53.68 -12.01 -74.71
C LEU A 4884 -53.81 -13.51 -74.92
N PHE A 4885 -53.31 -13.97 -76.05
CA PHE A 4885 -53.24 -15.39 -76.26
C PHE A 4885 -52.13 -16.00 -75.41
N HIS A 4886 -51.00 -15.34 -75.44
CA HIS A 4886 -49.95 -15.70 -74.60
C HIS A 4886 -50.23 -15.33 -73.17
N MET A 4887 -50.93 -14.25 -72.99
CA MET A 4887 -51.29 -13.77 -71.68
C MET A 4887 -52.33 -14.75 -71.08
N TYR A 4888 -53.04 -15.54 -71.89
CA TYR A 4888 -53.91 -16.60 -71.37
C TYR A 4888 -53.22 -17.90 -71.26
N VAL A 4889 -52.30 -18.10 -72.15
CA VAL A 4889 -51.75 -19.37 -72.28
C VAL A 4889 -50.35 -19.31 -71.90
N GLY A 4890 -49.58 -18.49 -72.59
CA GLY A 4890 -48.18 -18.41 -72.32
C GLY A 4890 -47.87 -17.98 -70.94
N VAL A 4891 -48.69 -17.08 -70.40
CA VAL A 4891 -48.49 -16.67 -69.03
C VAL A 4891 -48.82 -17.79 -68.14
N ARG A 4892 -49.77 -18.64 -68.49
CA ARG A 4892 -49.86 -19.91 -67.79
C ARG A 4892 -48.83 -20.93 -68.22
N ALA A 4893 -48.73 -21.12 -69.50
CA ALA A 4893 -47.93 -22.15 -70.08
C ALA A 4893 -48.05 -23.48 -69.37
N GLY A 4894 -47.09 -23.70 -68.48
CA GLY A 4894 -46.90 -24.97 -67.82
C GLY A 4894 -46.22 -25.91 -68.77
N GLY A 4895 -47.02 -26.39 -69.72
CA GLY A 4895 -46.57 -27.20 -70.82
C GLY A 4895 -46.02 -26.34 -71.92
N GLY A 4896 -46.05 -25.01 -71.72
CA GLY A 4896 -45.35 -24.04 -72.56
C GLY A 4896 -46.10 -23.58 -73.81
N ILE A 4897 -45.55 -22.59 -74.52
CA ILE A 4897 -46.23 -22.10 -75.72
C ILE A 4897 -46.05 -23.08 -76.80
N GLY A 4898 -45.04 -23.88 -76.63
CA GLY A 4898 -44.74 -24.89 -77.55
C GLY A 4898 -45.74 -26.00 -77.51
N ASP A 4899 -46.51 -26.07 -76.44
CA ASP A 4899 -47.58 -27.01 -76.33
C ASP A 4899 -48.69 -26.80 -77.38
N GLU A 4900 -48.99 -25.53 -77.69
CA GLU A 4900 -50.06 -25.23 -78.62
C GLU A 4900 -49.67 -24.39 -79.83
N ILE A 4901 -48.41 -24.10 -79.97
CA ILE A 4901 -47.91 -23.61 -81.25
C ILE A 4901 -47.90 -24.73 -82.32
N GLU A 4902 -48.09 -24.37 -83.57
CA GLU A 4902 -48.24 -25.37 -84.61
C GLU A 4902 -46.93 -25.80 -85.21
N ASP A 4903 -46.39 -26.92 -84.74
CA ASP A 4903 -44.98 -27.26 -85.12
C ASP A 4903 -44.65 -28.72 -85.01
N PRO A 4904 -43.33 -29.05 -85.30
CA PRO A 4904 -42.57 -28.84 -86.55
C PRO A 4904 -43.31 -28.72 -87.85
N ALA A 4905 -42.65 -28.03 -88.79
CA ALA A 4905 -42.07 -26.61 -88.61
C ALA A 4905 -40.73 -26.98 -87.91
N GLY A 4906 -39.76 -27.38 -88.71
CA GLY A 4906 -39.91 -28.18 -89.91
C GLY A 4906 -39.71 -27.13 -91.08
N ASP A 4907 -39.32 -25.86 -90.81
CA ASP A 4907 -39.28 -24.81 -91.85
C ASP A 4907 -38.31 -23.66 -91.60
N GLU A 4908 -38.59 -22.52 -92.23
CA GLU A 4908 -37.79 -21.34 -92.13
C GLU A 4908 -37.82 -20.75 -90.73
N TYR A 4909 -36.64 -20.32 -90.34
CA TYR A 4909 -36.40 -19.78 -89.08
C TYR A 4909 -36.83 -20.72 -87.91
N GLU A 4910 -36.81 -22.03 -88.16
CA GLU A 4910 -37.13 -23.05 -87.18
C GLU A 4910 -36.20 -23.02 -85.99
N LEU A 4911 -34.92 -22.82 -86.24
CA LEU A 4911 -33.95 -22.86 -85.16
C LEU A 4911 -34.27 -21.66 -84.28
N TYR A 4912 -34.69 -20.55 -84.88
CA TYR A 4912 -34.87 -19.36 -84.15
C TYR A 4912 -36.19 -19.47 -83.34
N ARG A 4913 -37.24 -20.08 -83.86
CA ARG A 4913 -38.45 -20.30 -83.06
C ARG A 4913 -38.28 -21.31 -82.00
N VAL A 4914 -37.35 -22.18 -82.24
CA VAL A 4914 -37.10 -23.15 -81.27
C VAL A 4914 -36.30 -22.57 -80.10
N VAL A 4915 -35.30 -21.79 -80.44
CA VAL A 4915 -34.56 -21.08 -79.41
C VAL A 4915 -35.49 -20.08 -78.76
N PHE A 4916 -36.45 -19.61 -79.51
CA PHE A 4916 -37.49 -18.76 -79.01
C PHE A 4916 -38.24 -19.47 -77.95
N ASP A 4917 -38.59 -20.71 -78.20
CA ASP A 4917 -39.27 -21.45 -77.23
C ASP A 4917 -38.42 -21.72 -76.00
N ILE A 4918 -37.13 -21.81 -76.21
CA ILE A 4918 -36.29 -22.09 -75.14
C ILE A 4918 -36.12 -20.90 -74.19
N THR A 4919 -35.99 -19.74 -74.82
CA THR A 4919 -35.95 -18.49 -74.09
C THR A 4919 -37.23 -18.27 -73.32
N PHE A 4920 -38.30 -18.69 -73.93
CA PHE A 4920 -39.58 -18.61 -73.28
C PHE A 4920 -39.59 -19.55 -72.11
N PHE A 4921 -38.90 -20.63 -72.22
CA PHE A 4921 -38.98 -21.61 -71.22
C PHE A 4921 -38.02 -21.42 -70.13
N PHE A 4922 -37.09 -20.52 -70.31
CA PHE A 4922 -36.19 -20.28 -69.23
C PHE A 4922 -36.57 -18.97 -68.65
N PHE A 4923 -36.65 -17.93 -69.45
CA PHE A 4923 -36.85 -16.64 -68.90
C PHE A 4923 -38.21 -16.44 -68.29
N VAL A 4924 -39.11 -17.35 -68.57
CA VAL A 4924 -40.42 -17.17 -68.11
C VAL A 4924 -40.80 -18.23 -67.21
N ILE A 4925 -40.71 -19.41 -67.73
CA ILE A 4925 -41.24 -20.58 -67.09
C ILE A 4925 -40.54 -20.82 -65.84
N VAL A 4926 -39.30 -20.40 -65.83
CA VAL A 4926 -38.46 -20.69 -64.75
C VAL A 4926 -38.23 -19.52 -63.87
N ILE A 4927 -37.88 -18.41 -64.48
CA ILE A 4927 -37.45 -17.28 -63.72
C ILE A 4927 -38.54 -16.48 -63.08
N LEU A 4928 -39.55 -16.22 -63.85
CA LEU A 4928 -40.55 -15.32 -63.41
C LEU A 4928 -41.47 -15.84 -62.35
N LEU A 4929 -41.97 -16.98 -62.64
CA LEU A 4929 -42.92 -17.56 -61.79
C LEU A 4929 -42.28 -17.86 -60.46
N ALA A 4930 -41.13 -18.47 -60.52
CA ALA A 4930 -40.41 -18.83 -59.37
C ALA A 4930 -40.02 -17.66 -58.59
N ILE A 4931 -39.68 -16.55 -59.24
CA ILE A 4931 -39.30 -15.39 -58.47
C ILE A 4931 -40.42 -14.91 -57.72
N ILE A 4932 -41.56 -15.01 -58.29
CA ILE A 4932 -42.66 -14.62 -57.59
C ILE A 4932 -42.89 -15.56 -56.43
N GLN A 4933 -42.67 -16.81 -56.65
CA GLN A 4933 -42.98 -17.76 -55.66
C GLN A 4933 -42.09 -17.61 -54.48
N GLY A 4934 -40.82 -17.31 -54.71
CA GLY A 4934 -39.92 -17.09 -53.62
C GLY A 4934 -40.18 -15.79 -52.97
N LEU A 4935 -40.70 -14.90 -53.80
CA LEU A 4935 -41.05 -13.60 -53.36
C LEU A 4935 -42.10 -13.71 -52.30
N ILE A 4936 -42.93 -14.72 -52.38
CA ILE A 4936 -43.93 -14.93 -51.41
C ILE A 4936 -43.50 -15.82 -50.30
N ILE A 4937 -42.83 -16.89 -50.62
CA ILE A 4937 -42.59 -17.86 -49.61
C ILE A 4937 -41.59 -17.40 -48.57
N ASP A 4938 -40.55 -16.72 -49.07
CA ASP A 4938 -39.53 -16.23 -48.15
C ASP A 4938 -40.12 -15.25 -47.16
N ALA A 4939 -41.15 -14.59 -47.63
CA ALA A 4939 -41.90 -13.68 -46.87
C ALA A 4939 -42.79 -14.38 -45.86
N PHE A 4940 -43.38 -15.48 -46.25
CA PHE A 4940 -44.18 -16.21 -45.32
C PHE A 4940 -43.38 -16.70 -44.15
N GLY A 4941 -42.16 -17.12 -44.46
CA GLY A 4941 -41.26 -17.54 -43.44
C GLY A 4941 -40.67 -16.38 -42.72
N GLU A 4942 -40.76 -15.22 -43.34
CA GLU A 4942 -40.28 -14.03 -42.73
C GLU A 4942 -41.20 -13.66 -41.64
N LEU A 4943 -42.44 -13.38 -41.98
CA LEU A 4943 -43.28 -12.90 -40.99
C LEU A 4943 -43.58 -14.04 -40.02
N ARG A 4944 -43.56 -15.29 -40.49
CA ARG A 4944 -43.70 -16.34 -39.52
C ARG A 4944 -42.53 -16.41 -38.54
N ASP A 4945 -41.34 -16.22 -39.07
CA ASP A 4945 -40.19 -16.27 -38.21
C ASP A 4945 -40.26 -15.16 -37.19
N GLN A 4946 -40.86 -14.05 -37.59
CA GLN A 4946 -41.18 -13.01 -36.63
C GLN A 4946 -42.20 -13.47 -35.63
N GLN A 4947 -43.05 -14.43 -36.02
CA GLN A 4947 -44.04 -14.96 -35.09
C GLN A 4947 -43.43 -15.80 -34.01
N GLU A 4948 -42.51 -16.67 -34.35
CA GLU A 4948 -41.82 -17.37 -33.29
C GLU A 4948 -40.85 -16.44 -32.55
N GLN A 4949 -40.38 -15.44 -33.29
CA GLN A 4949 -39.34 -14.59 -32.77
C GLN A 4949 -39.85 -13.82 -31.56
N VAL A 4950 -41.16 -13.66 -31.46
CA VAL A 4950 -41.79 -13.03 -30.29
C VAL A 4950 -41.54 -13.77 -29.03
N LYS A 4951 -41.85 -15.03 -29.07
CA LYS A 4951 -41.70 -15.89 -27.92
C LYS A 4951 -40.26 -16.07 -27.62
N GLU A 4952 -39.42 -16.10 -28.65
CA GLU A 4952 -37.99 -16.26 -28.48
C GLU A 4952 -37.40 -15.07 -27.79
N ASP A 4953 -37.69 -13.87 -28.26
CA ASP A 4953 -37.20 -12.67 -27.61
C ASP A 4953 -37.79 -12.51 -26.21
N MET A 4954 -39.05 -12.91 -26.00
CA MET A 4954 -39.64 -12.81 -24.65
C MET A 4954 -38.91 -13.73 -23.68
N GLU A 4955 -38.47 -14.84 -24.23
CA GLU A 4955 -37.84 -15.86 -23.41
C GLU A 4955 -36.30 -15.70 -23.46
N THR A 4956 -35.77 -14.68 -24.17
CA THR A 4956 -34.32 -14.43 -24.21
C THR A 4956 -34.01 -13.07 -23.72
N LYS A 4957 -33.94 -12.13 -24.60
CA LYS A 4957 -33.68 -10.87 -24.10
C LYS A 4957 -34.88 -10.40 -23.27
N CYS A 4958 -34.64 -9.69 -22.17
CA CYS A 4958 -35.76 -9.25 -21.35
C CYS A 4958 -36.52 -8.20 -22.09
N PHE A 4959 -37.84 -8.29 -21.98
CA PHE A 4959 -38.69 -7.45 -22.78
C PHE A 4959 -38.65 -6.06 -22.25
N ILE A 4960 -38.12 -5.96 -21.05
CA ILE A 4960 -38.02 -4.74 -20.39
C ILE A 4960 -36.56 -4.29 -20.28
N CYS A 4961 -35.77 -4.93 -19.39
CA CYS A 4961 -34.41 -4.50 -19.11
C CYS A 4961 -33.50 -4.91 -20.18
N GLY A 4962 -33.96 -5.72 -21.10
CA GLY A 4962 -33.11 -6.22 -22.05
C GLY A 4962 -32.14 -7.14 -21.39
N ILE A 4963 -30.86 -6.87 -21.60
CA ILE A 4963 -29.81 -7.64 -21.01
C ILE A 4963 -29.71 -9.04 -21.64
N GLY A 4964 -30.81 -9.80 -21.62
CA GLY A 4964 -30.82 -11.21 -22.12
C GLY A 4964 -31.18 -12.12 -20.95
N SER A 4965 -31.83 -13.24 -21.23
CA SER A 4965 -32.23 -14.22 -20.19
C SER A 4965 -31.13 -14.81 -19.45
N ASP A 4966 -30.03 -14.78 -20.13
CA ASP A 4966 -28.87 -15.51 -19.92
C ASP A 4966 -28.23 -15.22 -18.57
N TYR A 4967 -28.15 -13.94 -18.32
CA TYR A 4967 -27.61 -13.51 -17.11
C TYR A 4967 -28.57 -13.95 -15.91
N PHE A 4968 -29.88 -13.98 -16.12
CA PHE A 4968 -30.87 -14.38 -15.06
C PHE A 4968 -31.27 -15.79 -15.01
N ASP A 4969 -30.84 -16.51 -16.00
CA ASP A 4969 -30.96 -17.92 -15.96
C ASP A 4969 -29.94 -18.53 -14.96
N THR A 4970 -28.95 -17.71 -14.52
CA THR A 4970 -27.94 -18.13 -13.57
C THR A 4970 -28.52 -18.68 -12.30
N THR A 4971 -29.60 -18.10 -11.83
CA THR A 4971 -30.42 -18.80 -10.89
C THR A 4971 -31.36 -19.69 -11.70
N PRO A 4972 -31.59 -20.91 -11.21
CA PRO A 4972 -32.46 -21.81 -11.94
C PRO A 4972 -33.86 -21.29 -12.14
N HIS A 4973 -34.49 -21.68 -13.23
CA HIS A 4973 -35.79 -21.17 -13.68
C HIS A 4973 -35.86 -19.66 -13.54
N GLY A 4974 -34.73 -18.94 -13.64
CA GLY A 4974 -34.68 -17.58 -13.03
C GLY A 4974 -35.15 -16.38 -13.75
N PHE A 4975 -34.94 -16.43 -15.02
CA PHE A 4975 -35.31 -15.34 -15.76
C PHE A 4975 -36.88 -15.16 -15.80
N GLU A 4976 -37.72 -16.20 -15.67
CA GLU A 4976 -39.27 -15.96 -15.55
C GLU A 4976 -39.56 -15.20 -14.33
N THR A 4977 -38.75 -15.43 -13.29
CA THR A 4977 -38.85 -14.65 -12.08
C THR A 4977 -38.35 -13.23 -12.32
N HIS A 4978 -37.35 -13.07 -13.20
CA HIS A 4978 -36.89 -11.73 -13.57
C HIS A 4978 -37.95 -11.02 -14.37
N THR A 4979 -38.83 -11.78 -14.99
CA THR A 4979 -39.97 -11.21 -15.66
C THR A 4979 -41.12 -11.12 -14.68
N LEU A 4980 -42.02 -12.09 -14.64
CA LEU A 4980 -43.32 -11.97 -13.96
C LEU A 4980 -43.23 -11.67 -12.49
N GLU A 4981 -42.25 -12.25 -11.85
CA GLU A 4981 -42.01 -11.98 -10.46
C GLU A 4981 -41.14 -10.68 -10.21
N GLU A 4982 -40.57 -10.06 -11.24
CA GLU A 4982 -39.82 -8.79 -11.07
C GLU A 4982 -40.36 -7.73 -12.00
N HIS A 4983 -39.80 -7.68 -13.21
CA HIS A 4983 -40.26 -6.79 -14.22
C HIS A 4983 -41.69 -6.98 -14.61
N ASN A 4984 -42.11 -8.21 -14.63
CA ASN A 4984 -43.35 -8.57 -15.21
C ASN A 4984 -43.42 -7.81 -16.48
N LEU A 4985 -44.48 -6.99 -16.59
CA LEU A 4985 -44.61 -6.08 -17.65
C LEU A 4985 -45.95 -5.45 -17.43
N ALA A 4986 -47.00 -6.24 -17.15
CA ALA A 4986 -48.33 -5.67 -16.93
C ALA A 4986 -48.32 -4.86 -15.66
N ASN A 4987 -47.39 -5.15 -14.81
CA ASN A 4987 -47.30 -4.42 -13.60
C ASN A 4987 -47.04 -2.97 -13.82
N TYR A 4988 -46.39 -2.61 -14.92
CA TYR A 4988 -46.19 -1.22 -15.17
C TYR A 4988 -47.48 -0.54 -15.34
N MET A 4989 -48.32 -1.12 -16.10
CA MET A 4989 -49.57 -0.52 -16.28
C MET A 4989 -50.51 -0.52 -15.08
N PHE A 4990 -50.44 -1.58 -14.32
CA PHE A 4990 -51.25 -1.59 -13.17
C PHE A 4990 -50.75 -0.45 -12.27
N PHE A 4991 -49.45 -0.21 -12.33
CA PHE A 4991 -48.88 0.94 -11.61
C PHE A 4991 -49.36 2.26 -12.11
N LEU A 4992 -49.70 2.29 -13.37
CA LEU A 4992 -50.20 3.49 -13.85
C LEU A 4992 -51.59 3.80 -13.39
N MET A 4993 -52.46 2.81 -13.45
CA MET A 4993 -53.80 3.02 -12.91
C MET A 4993 -53.75 3.36 -11.43
N TYR A 4994 -52.77 2.74 -10.77
CA TYR A 4994 -52.49 3.01 -9.38
C TYR A 4994 -52.06 4.42 -9.16
N LEU A 4995 -51.44 4.98 -10.17
CA LEU A 4995 -51.11 6.35 -10.10
C LEU A 4995 -52.25 7.28 -10.29
N ILE A 4996 -53.05 6.91 -11.26
CA ILE A 4996 -54.11 7.73 -11.61
C ILE A 4996 -55.19 7.84 -10.57
N ASN A 4997 -55.39 6.77 -9.84
CA ASN A 4997 -56.42 6.79 -8.85
C ASN A 4997 -56.10 7.52 -7.57
N LYS A 4998 -54.82 7.49 -7.24
CA LYS A 4998 -54.33 8.17 -6.07
C LYS A 4998 -54.32 9.69 -6.25
N ASP A 4999 -54.56 10.37 -5.14
CA ASP A 4999 -54.41 11.81 -5.09
C ASP A 4999 -52.96 12.18 -4.97
N GLU A 5000 -52.68 13.37 -5.43
CA GLU A 5000 -51.34 13.82 -5.47
C GLU A 5000 -50.75 13.97 -4.08
N THR A 5001 -51.57 14.23 -3.08
CA THR A 5001 -51.07 14.40 -1.70
C THR A 5001 -50.44 13.16 -1.10
N GLU A 5002 -51.03 12.05 -1.50
CA GLU A 5002 -50.72 10.78 -0.95
C GLU A 5002 -49.73 10.10 -1.82
N HIS A 5003 -49.35 10.66 -2.98
CA HIS A 5003 -48.30 10.07 -3.81
C HIS A 5003 -47.01 10.03 -3.04
N THR A 5004 -46.33 8.88 -3.10
CA THR A 5004 -45.03 8.76 -2.54
C THR A 5004 -44.10 9.49 -3.48
N GLY A 5005 -43.00 9.99 -2.94
CA GLY A 5005 -42.15 10.90 -3.68
C GLY A 5005 -41.58 10.27 -4.96
N GLN A 5006 -41.33 8.98 -4.88
CA GLN A 5006 -40.84 8.24 -6.03
C GLN A 5006 -41.88 8.19 -7.08
N GLU A 5007 -43.09 7.90 -6.69
CA GLU A 5007 -44.14 7.84 -7.67
C GLU A 5007 -44.59 9.10 -8.12
N SER A 5008 -44.28 10.08 -7.36
CA SER A 5008 -44.63 11.34 -7.75
C SER A 5008 -43.65 11.84 -8.84
N TYR A 5009 -42.34 11.68 -8.69
CA TYR A 5009 -41.48 12.14 -9.80
C TYR A 5009 -41.64 11.33 -10.98
N VAL A 5010 -42.03 10.12 -10.72
CA VAL A 5010 -42.32 9.29 -11.77
C VAL A 5010 -43.59 9.76 -12.47
N TRP A 5011 -44.58 10.23 -11.70
CA TRP A 5011 -45.81 10.79 -12.22
C TRP A 5011 -45.51 11.96 -13.08
N LYS A 5012 -44.52 12.71 -12.68
CA LYS A 5012 -44.07 13.79 -13.48
C LYS A 5012 -43.41 13.38 -14.71
N MET A 5013 -42.76 12.28 -14.62
CA MET A 5013 -42.17 11.78 -15.78
C MET A 5013 -43.27 11.32 -16.74
N TYR A 5014 -44.39 10.89 -16.20
CA TYR A 5014 -45.57 10.66 -17.00
C TYR A 5014 -46.03 11.92 -17.63
N GLN A 5015 -45.90 13.00 -16.88
CA GLN A 5015 -46.36 14.24 -17.40
C GLN A 5015 -45.48 14.69 -18.59
N GLU A 5016 -44.22 14.30 -18.55
CA GLU A 5016 -43.25 14.70 -19.47
C GLU A 5016 -42.90 13.66 -20.45
N ARG A 5017 -43.30 12.43 -20.20
CA ARG A 5017 -43.20 11.38 -21.17
C ARG A 5017 -41.84 11.03 -21.81
N CYS A 5018 -40.74 11.28 -21.13
CA CYS A 5018 -39.44 10.78 -21.64
C CYS A 5018 -39.35 9.27 -21.52
N TRP A 5019 -39.99 8.85 -20.45
CA TRP A 5019 -40.03 7.51 -19.96
C TRP A 5019 -38.75 6.86 -19.70
N ASP A 5020 -37.76 7.67 -19.40
CA ASP A 5020 -36.38 7.23 -19.25
C ASP A 5020 -36.12 6.35 -18.04
N PHE A 5021 -37.01 6.40 -17.09
CA PHE A 5021 -36.80 5.70 -15.88
C PHE A 5021 -37.00 4.22 -16.05
N PHE A 5022 -37.58 3.83 -17.20
CA PHE A 5022 -37.47 2.44 -17.59
C PHE A 5022 -36.07 2.11 -17.86
N PRO A 5023 -35.65 0.93 -17.33
CA PRO A 5023 -34.25 0.56 -17.24
C PRO A 5023 -33.49 0.69 -18.53
N ALA A 5024 -32.26 1.21 -18.40
CA ALA A 5024 -31.24 1.17 -19.39
C ALA A 5024 -30.92 -0.26 -19.68
N GLY A 5025 -31.04 -1.05 -18.61
CA GLY A 5025 -30.81 -2.44 -18.62
C GLY A 5025 -29.75 -2.77 -17.65
N ASP A 5026 -29.98 -2.42 -16.38
CA ASP A 5026 -28.93 -2.58 -15.40
C ASP A 5026 -29.30 -3.58 -14.28
N CYS A 5027 -30.59 -3.61 -13.97
CA CYS A 5027 -31.16 -4.49 -12.98
C CYS A 5027 -30.60 -4.30 -11.58
N PHE A 5028 -31.47 -4.48 -10.59
CA PHE A 5028 -31.16 -4.23 -9.18
C PHE A 5028 -30.12 -5.19 -8.66
N ARG A 5029 -30.48 -6.45 -8.61
CA ARG A 5029 -29.59 -7.41 -8.03
C ARG A 5029 -28.37 -7.66 -8.91
N LYS A 5030 -28.55 -7.44 -10.22
CA LYS A 5030 -27.44 -7.30 -11.15
C LYS A 5030 -26.55 -6.11 -10.84
N GLN A 5031 -27.13 -5.02 -10.44
CA GLN A 5031 -26.35 -3.88 -10.14
C GLN A 5031 -25.57 -4.12 -8.84
N TYR A 5032 -26.08 -4.98 -7.97
CA TYR A 5032 -25.48 -5.13 -6.65
C TYR A 5032 -24.92 -6.54 -6.34
N GLU A 5033 -25.40 -7.16 -5.27
CA GLU A 5033 -24.88 -8.37 -4.76
C GLU A 5033 -23.43 -8.13 -4.35
N GLY B 2 -63.34 94.35 56.95
CA GLY B 2 -62.53 93.83 55.85
C GLY B 2 -63.17 94.01 54.49
N VAL B 3 -64.37 93.47 54.27
CA VAL B 3 -64.96 93.47 52.92
C VAL B 3 -65.35 94.86 52.47
N GLN B 4 -65.19 95.14 51.17
CA GLN B 4 -65.40 96.46 50.65
C GLN B 4 -66.27 96.48 49.39
N VAL B 5 -67.46 95.90 49.47
CA VAL B 5 -68.32 95.85 48.29
C VAL B 5 -68.84 97.22 47.94
N GLU B 6 -68.93 97.52 46.66
CA GLU B 6 -69.47 98.77 46.22
C GLU B 6 -70.55 98.61 45.17
N THR B 7 -71.59 99.37 45.40
CA THR B 7 -72.72 99.34 44.52
C THR B 7 -72.37 99.98 43.19
N ILE B 8 -72.94 99.43 42.14
CA ILE B 8 -72.84 99.98 40.82
C ILE B 8 -74.16 100.70 40.47
N SER B 9 -75.12 100.02 39.82
CA SER B 9 -76.40 100.65 39.46
C SER B 9 -77.37 100.45 40.61
N PRO B 10 -77.89 101.55 41.16
CA PRO B 10 -78.81 101.43 42.30
C PRO B 10 -80.13 100.75 41.84
N GLY B 11 -80.76 99.95 42.69
CA GLY B 11 -81.99 99.15 42.35
C GLY B 11 -83.27 99.82 42.94
N ASP B 12 -84.23 99.04 43.46
CA ASP B 12 -85.38 99.61 44.18
C ASP B 12 -84.90 100.29 45.46
N GLY B 13 -83.76 99.85 46.00
CA GLY B 13 -83.15 100.42 47.19
C GLY B 13 -83.82 99.97 48.46
N ARG B 14 -84.55 98.88 48.38
CA ARG B 14 -85.36 98.47 49.53
C ARG B 14 -85.17 97.02 49.94
N THR B 15 -85.61 96.09 49.06
CA THR B 15 -85.71 94.68 49.41
C THR B 15 -84.38 94.01 49.23
N PHE B 16 -83.59 94.07 50.30
CA PHE B 16 -82.34 93.39 50.40
C PHE B 16 -82.60 91.92 50.59
N PRO B 17 -81.66 91.07 50.12
CA PRO B 17 -81.81 89.64 50.35
C PRO B 17 -81.88 89.28 51.87
N LYS B 18 -82.74 88.30 52.19
CA LYS B 18 -82.96 87.89 53.56
C LYS B 18 -82.75 86.38 53.69
N ARG B 19 -82.93 85.88 54.90
CA ARG B 19 -82.70 84.50 55.17
C ARG B 19 -83.49 83.51 54.33
N GLY B 20 -82.78 82.52 53.78
CA GLY B 20 -83.44 81.47 53.06
C GLY B 20 -83.80 81.80 51.62
N GLN B 21 -83.69 83.06 51.21
CA GLN B 21 -84.07 83.47 49.88
C GLN B 21 -83.09 82.94 48.85
N THR B 22 -83.60 82.47 47.72
CA THR B 22 -82.78 82.01 46.61
C THR B 22 -82.54 83.17 45.62
N CYS B 23 -81.47 83.91 45.82
CA CYS B 23 -81.12 85.07 44.96
C CYS B 23 -80.83 84.65 43.53
N VAL B 24 -81.40 85.40 42.58
CA VAL B 24 -81.19 85.18 41.14
C VAL B 24 -80.46 86.35 40.52
N VAL B 25 -79.22 86.07 40.09
CA VAL B 25 -78.26 87.11 39.71
C VAL B 25 -77.39 86.78 38.48
N HIS B 26 -77.01 87.84 37.77
CA HIS B 26 -75.96 87.76 36.78
C HIS B 26 -74.76 88.44 37.31
N TYR B 27 -73.61 87.96 36.83
CA TYR B 27 -72.34 88.45 37.34
C TYR B 27 -71.17 88.03 36.49
N THR B 28 -70.00 88.46 36.92
CA THR B 28 -68.75 87.89 36.41
C THR B 28 -67.70 87.98 37.49
N GLY B 29 -66.74 87.06 37.38
CA GLY B 29 -65.67 86.96 38.36
C GLY B 29 -64.30 87.26 37.80
N MET B 30 -63.65 88.26 38.39
CA MET B 30 -62.32 88.63 37.99
C MET B 30 -61.41 88.82 39.20
N LEU B 31 -60.11 88.75 38.93
CA LEU B 31 -59.09 88.76 39.94
C LEU B 31 -58.75 90.18 40.36
N GLU B 32 -57.84 90.30 41.31
CA GLU B 32 -57.21 91.58 41.60
C GLU B 32 -56.51 92.09 40.34
N ASP B 33 -56.00 91.14 39.52
CA ASP B 33 -55.38 91.43 38.24
C ASP B 33 -56.46 92.06 37.33
N GLY B 34 -57.73 91.71 37.56
CA GLY B 34 -58.85 92.11 36.70
C GLY B 34 -59.15 91.06 35.61
N LYS B 35 -58.30 90.04 35.51
CA LYS B 35 -58.51 88.88 34.69
C LYS B 35 -59.70 88.13 35.09
N LYS B 36 -60.53 87.80 34.12
CA LYS B 36 -61.73 87.06 34.38
C LYS B 36 -61.47 85.62 34.69
N PHE B 37 -62.33 85.09 35.54
CA PHE B 37 -62.32 83.71 35.82
C PHE B 37 -63.72 83.18 35.89
N ASP B 38 -64.70 84.03 35.64
CA ASP B 38 -66.05 83.54 35.62
C ASP B 38 -66.92 84.55 34.97
N SER B 39 -68.09 84.08 34.54
CA SER B 39 -69.13 84.98 34.11
C SER B 39 -70.41 84.23 33.95
N SER B 40 -71.43 84.73 34.64
CA SER B 40 -72.76 84.13 34.51
C SER B 40 -73.28 84.26 33.07
N ARG B 41 -72.86 85.32 32.40
CA ARG B 41 -73.22 85.57 31.01
C ARG B 41 -72.60 84.58 30.05
N ASP B 42 -71.49 84.02 30.47
CA ASP B 42 -70.85 83.02 29.71
C ASP B 42 -71.67 81.78 29.51
N ARG B 43 -72.50 81.52 30.49
CA ARG B 43 -73.43 80.44 30.38
C ARG B 43 -74.82 80.98 30.05
N ASN B 44 -74.93 82.31 30.06
CA ASN B 44 -76.16 83.05 29.78
C ASN B 44 -77.22 82.86 30.86
N LYS B 45 -77.25 81.65 31.40
CA LYS B 45 -78.07 81.29 32.53
C LYS B 45 -77.74 82.04 33.82
N PRO B 46 -78.75 82.54 34.49
CA PRO B 46 -78.61 83.17 35.77
C PRO B 46 -78.17 82.18 36.82
N PHE B 47 -77.42 82.66 37.78
CA PHE B 47 -77.06 81.83 38.89
C PHE B 47 -77.94 82.12 40.12
N LYS B 48 -78.31 81.04 40.79
CA LYS B 48 -79.25 81.08 41.89
C LYS B 48 -78.67 80.46 43.13
N PHE B 49 -78.73 81.17 44.23
CA PHE B 49 -78.21 80.65 45.47
C PHE B 49 -79.08 81.00 46.68
N MET B 50 -79.36 80.05 47.56
CA MET B 50 -80.00 80.37 48.85
C MET B 50 -79.07 81.19 49.75
N LEU B 51 -79.61 82.20 50.42
CA LEU B 51 -78.83 82.95 51.39
C LEU B 51 -78.84 82.26 52.75
N GLY B 52 -77.68 82.34 53.40
CA GLY B 52 -77.52 81.76 54.71
C GLY B 52 -77.24 80.28 54.62
N LYS B 53 -77.13 79.78 53.40
CA LYS B 53 -76.89 78.38 53.24
C LYS B 53 -75.42 78.05 53.39
N GLN B 54 -74.59 79.11 53.47
CA GLN B 54 -73.12 78.97 53.55
C GLN B 54 -72.60 78.13 52.41
N GLU B 55 -73.28 78.25 51.29
CA GLU B 55 -72.93 77.55 50.07
C GLU B 55 -71.96 78.39 49.22
N VAL B 56 -71.66 79.58 49.70
CA VAL B 56 -70.93 80.56 48.92
C VAL B 56 -69.70 80.97 49.65
N ILE B 57 -68.83 81.73 49.00
CA ILE B 57 -67.74 82.39 49.72
C ILE B 57 -68.32 83.43 50.68
N ARG B 58 -67.69 83.60 51.84
CA ARG B 58 -68.28 84.41 52.92
C ARG B 58 -68.54 85.86 52.50
N GLY B 59 -67.67 86.36 51.63
CA GLY B 59 -67.82 87.71 51.17
C GLY B 59 -69.02 87.86 50.25
N TRP B 60 -69.34 86.83 49.49
CA TRP B 60 -70.54 86.79 48.68
C TRP B 60 -71.76 86.76 49.59
N GLU B 61 -71.64 86.07 50.72
CA GLU B 61 -72.74 85.94 51.68
C GLU B 61 -73.03 87.30 52.35
N GLU B 62 -71.98 88.13 52.46
CA GLU B 62 -72.08 89.43 53.14
C GLU B 62 -72.50 90.54 52.20
N GLY B 63 -71.78 90.62 51.09
CA GLY B 63 -71.99 91.62 50.12
C GLY B 63 -73.29 91.56 49.35
N VAL B 64 -73.75 90.36 49.00
CA VAL B 64 -74.93 90.26 48.15
C VAL B 64 -76.13 90.70 48.97
N ALA B 65 -76.03 90.50 50.28
CA ALA B 65 -77.10 90.89 51.19
C ALA B 65 -77.31 92.42 51.14
N GLN B 66 -76.23 93.16 50.84
CA GLN B 66 -76.30 94.61 50.63
C GLN B 66 -77.16 95.01 49.43
N MET B 67 -77.20 94.15 48.42
CA MET B 67 -77.88 94.46 47.14
C MET B 67 -79.35 94.59 47.20
N SER B 68 -79.88 95.52 46.44
CA SER B 68 -81.30 95.68 46.33
C SER B 68 -81.79 94.98 45.08
N VAL B 69 -83.10 94.78 44.97
CA VAL B 69 -83.70 94.22 43.75
C VAL B 69 -83.43 95.13 42.51
N GLY B 70 -82.96 94.52 41.40
CA GLY B 70 -82.65 95.20 40.10
C GLY B 70 -81.29 95.87 40.09
N GLN B 71 -80.65 95.86 41.26
CA GLN B 71 -79.37 96.51 41.49
C GLN B 71 -78.23 95.76 40.79
N ARG B 72 -77.26 96.52 40.28
CA ARG B 72 -75.93 96.00 39.91
C ARG B 72 -74.86 96.46 40.95
N ALA B 73 -73.86 95.61 41.28
CA ALA B 73 -72.88 95.93 42.36
C ALA B 73 -71.52 95.31 42.12
N LYS B 74 -70.47 96.07 42.38
CA LYS B 74 -69.14 95.53 42.25
C LYS B 74 -68.63 95.05 43.60
N LEU B 75 -68.22 93.78 43.61
CA LEU B 75 -67.80 93.16 44.87
C LEU B 75 -66.34 93.11 45.02
N THR B 76 -65.87 93.68 46.11
CA THR B 76 -64.46 93.71 46.38
C THR B 76 -64.20 92.78 47.56
N ILE B 77 -64.58 91.54 47.41
CA ILE B 77 -64.49 90.63 48.55
C ILE B 77 -63.03 90.27 48.89
N SER B 78 -62.68 90.33 50.16
CA SER B 78 -61.37 89.95 50.66
C SER B 78 -61.16 88.44 50.54
N PRO B 79 -59.91 88.01 50.26
CA PRO B 79 -59.62 86.59 50.12
C PRO B 79 -59.94 85.79 51.37
N ASP B 80 -59.80 86.44 52.52
CA ASP B 80 -60.08 85.80 53.81
C ASP B 80 -61.56 85.40 53.91
N TYR B 81 -62.40 86.17 53.23
CA TYR B 81 -63.82 85.82 53.11
C TYR B 81 -64.07 84.93 51.91
N ALA B 82 -63.05 84.70 51.09
CA ALA B 82 -63.17 83.82 49.90
C ALA B 82 -62.39 82.54 50.06
N TYR B 83 -61.80 82.03 48.97
CA TYR B 83 -61.03 80.79 49.04
C TYR B 83 -59.78 80.93 49.86
N GLY B 84 -59.30 82.19 49.92
CA GLY B 84 -58.23 82.60 50.82
C GLY B 84 -56.89 81.94 50.58
N ALA B 85 -56.22 81.64 51.69
CA ALA B 85 -54.87 81.17 51.66
C ALA B 85 -54.70 79.84 50.93
N THR B 86 -55.72 79.01 50.96
CA THR B 86 -55.73 77.79 50.19
C THR B 86 -55.74 78.15 48.71
N GLY B 87 -56.43 79.24 48.42
CA GLY B 87 -56.68 79.58 47.07
C GLY B 87 -57.81 78.72 46.58
N HIS B 88 -58.13 78.82 45.31
CA HIS B 88 -59.12 77.91 44.72
C HIS B 88 -58.38 77.04 43.74
N PRO B 89 -58.26 75.74 44.05
CA PRO B 89 -57.46 74.80 43.33
C PRO B 89 -57.72 74.81 41.88
N GLY B 90 -56.76 75.33 41.15
CA GLY B 90 -56.87 75.43 39.71
C GLY B 90 -57.46 76.75 39.22
N ILE B 91 -57.88 77.60 40.14
CA ILE B 91 -58.59 78.79 39.72
C ILE B 91 -57.99 80.04 40.31
N ILE B 92 -58.23 80.22 41.59
CA ILE B 92 -57.89 81.44 42.27
C ILE B 92 -56.63 81.25 43.08
N PRO B 93 -55.64 82.06 42.80
CA PRO B 93 -54.40 82.01 43.54
C PRO B 93 -54.63 82.46 44.96
N PRO B 94 -53.80 81.95 45.87
CA PRO B 94 -53.86 82.31 47.29
C PRO B 94 -53.75 83.83 47.63
N HIS B 95 -54.54 84.35 48.57
CA HIS B 95 -54.51 85.78 48.96
C HIS B 95 -54.84 86.71 47.88
N ALA B 96 -55.94 86.39 47.24
CA ALA B 96 -56.44 87.19 46.16
C ALA B 96 -57.85 87.72 46.43
N THR B 97 -57.95 89.04 46.51
CA THR B 97 -59.24 89.72 46.59
C THR B 97 -60.01 89.51 45.31
N LEU B 98 -61.27 89.22 45.47
CA LEU B 98 -62.08 89.00 44.30
C LEU B 98 -62.86 90.20 43.91
N VAL B 99 -63.03 90.33 42.61
CA VAL B 99 -63.75 91.43 42.06
C VAL B 99 -64.90 90.94 41.20
N PHE B 100 -66.11 91.28 41.60
CA PHE B 100 -67.32 90.85 40.87
C PHE B 100 -68.16 91.98 40.30
N ASP B 101 -68.93 91.71 39.24
CA ASP B 101 -69.85 92.66 38.62
C ASP B 101 -71.23 92.08 38.71
N VAL B 102 -71.77 92.04 39.92
CA VAL B 102 -73.01 91.32 40.14
C VAL B 102 -74.20 92.14 39.67
N GLU B 103 -75.26 91.43 39.28
CA GLU B 103 -76.50 92.07 38.97
C GLU B 103 -77.67 91.21 39.36
N LEU B 104 -78.25 91.53 40.50
CA LEU B 104 -79.40 90.82 40.95
C LEU B 104 -80.58 91.03 39.98
N LEU B 105 -81.24 89.92 39.65
CA LEU B 105 -82.48 89.95 38.85
C LEU B 105 -83.66 89.88 39.78
N LYS B 106 -83.68 88.83 40.62
CA LYS B 106 -84.82 88.65 41.54
C LYS B 106 -84.57 87.74 42.77
N LEU B 107 -85.08 88.17 43.93
CA LEU B 107 -85.02 87.37 45.17
C LEU B 107 -86.05 86.29 45.01
N GLU B 108 -85.73 85.09 45.48
CA GLU B 108 -86.68 83.98 45.39
C GLU B 108 -86.65 83.14 46.68
N GLN C 12 -21.81 5.72 25.43
CA GLN C 12 -22.52 4.59 24.86
C GLN C 12 -23.76 4.23 25.58
N PHE C 13 -24.67 3.62 24.83
CA PHE C 13 -25.92 3.16 25.36
C PHE C 13 -25.65 2.07 26.36
N LEU C 14 -26.43 2.11 27.42
CA LEU C 14 -26.46 1.05 28.41
C LEU C 14 -27.76 0.29 28.29
N ARG C 15 -27.70 -0.93 27.82
CA ARG C 15 -28.90 -1.69 27.58
C ARG C 15 -29.25 -2.56 28.73
N THR C 16 -30.45 -3.13 28.67
CA THR C 16 -30.86 -4.15 29.63
C THR C 16 -29.96 -5.37 29.57
N ASP C 17 -29.79 -6.00 30.73
CA ASP C 17 -28.98 -7.19 30.87
C ASP C 17 -27.55 -6.86 30.61
N ASP C 18 -26.97 -6.21 31.61
CA ASP C 18 -25.61 -5.74 31.54
C ASP C 18 -25.11 -5.49 32.96
N GLU C 19 -23.81 -5.59 33.15
CA GLU C 19 -23.24 -5.41 34.44
C GLU C 19 -22.61 -4.03 34.58
N VAL C 20 -23.20 -3.19 35.42
CA VAL C 20 -22.62 -1.88 35.71
C VAL C 20 -22.89 -1.50 37.15
N VAL C 21 -21.91 -0.89 37.77
CA VAL C 21 -22.03 -0.44 39.14
C VAL C 21 -22.59 0.97 39.23
N LEU C 22 -23.18 1.29 40.37
CA LEU C 22 -23.54 2.66 40.68
C LEU C 22 -22.46 3.43 41.40
N GLN C 23 -21.59 4.05 40.60
CA GLN C 23 -20.54 4.97 41.13
C GLN C 23 -21.05 6.38 41.42
N CYS C 24 -21.43 6.66 42.68
CA CYS C 24 -21.78 8.04 43.08
C CYS C 24 -20.48 8.87 43.19
N SER C 25 -20.56 10.17 42.89
CA SER C 25 -19.46 11.08 43.11
C SER C 25 -19.43 11.49 44.59
N ALA C 26 -19.10 10.52 45.46
CA ALA C 26 -19.26 10.66 46.91
C ALA C 26 -18.03 11.29 47.56
N THR C 27 -17.66 12.54 47.24
CA THR C 27 -16.76 13.28 48.14
C THR C 27 -17.55 13.43 49.44
N VAL C 28 -16.83 13.26 50.54
CA VAL C 28 -17.46 13.23 51.85
C VAL C 28 -17.49 14.71 52.29
N LEU C 29 -18.30 15.53 51.59
CA LEU C 29 -18.45 16.97 51.89
C LEU C 29 -17.07 17.73 52.09
N LYS C 30 -16.01 17.21 51.47
CA LYS C 30 -14.67 17.85 51.57
C LYS C 30 -13.77 17.20 50.57
N GLU C 31 -13.33 15.99 50.90
CA GLU C 31 -12.51 15.21 50.03
C GLU C 31 -12.73 13.72 50.32
N GLN C 32 -12.18 12.91 49.42
CA GLN C 32 -12.53 13.01 48.00
C GLN C 32 -12.96 11.75 47.29
N LEU C 33 -13.06 10.66 48.03
CA LEU C 33 -13.09 9.32 47.43
C LEU C 33 -14.28 9.14 46.46
N LYS C 34 -14.04 8.41 45.34
CA LYS C 34 -15.10 8.19 44.32
C LYS C 34 -15.79 6.83 44.53
N LEU C 35 -16.18 6.56 45.80
CA LEU C 35 -16.68 5.25 46.26
C LEU C 35 -17.99 4.82 45.57
N CYS C 36 -18.02 3.56 45.13
CA CYS C 36 -19.21 2.93 44.61
C CYS C 36 -20.17 2.44 45.69
N LEU C 37 -21.44 2.33 45.27
CA LEU C 37 -22.48 1.77 46.13
C LEU C 37 -22.23 0.28 46.27
N ALA C 38 -22.46 -0.27 47.45
CA ALA C 38 -22.19 -1.66 47.67
C ALA C 38 -22.99 -2.16 48.86
N ALA C 39 -23.39 -3.41 48.71
CA ALA C 39 -23.95 -4.19 49.77
C ALA C 39 -23.72 -5.72 49.49
N GLU C 40 -23.01 -6.39 50.41
CA GLU C 40 -22.37 -7.70 50.11
C GLU C 40 -23.32 -8.84 49.87
N GLY C 41 -24.53 -8.66 50.33
CA GLY C 41 -25.58 -9.55 49.92
C GLY C 41 -26.06 -10.44 51.02
N PHE C 42 -25.55 -11.67 51.05
CA PHE C 42 -26.05 -12.62 52.01
C PHE C 42 -25.77 -12.14 53.41
N GLY C 43 -26.77 -12.24 54.28
CA GLY C 43 -26.59 -11.92 55.67
C GLY C 43 -26.43 -10.44 55.96
N ASN C 44 -26.78 -9.66 54.98
CA ASN C 44 -26.47 -8.27 55.03
C ASN C 44 -27.50 -7.47 54.23
N ARG C 45 -28.71 -7.34 54.75
CA ARG C 45 -29.76 -6.55 54.08
C ARG C 45 -29.37 -5.07 53.98
N LEU C 46 -28.70 -4.58 55.02
CA LEU C 46 -28.41 -3.19 55.12
C LEU C 46 -27.41 -2.74 54.11
N CYS C 47 -27.68 -1.57 53.57
CA CYS C 47 -26.78 -0.97 52.62
C CYS C 47 -25.57 -0.27 53.31
N PHE C 48 -24.48 -0.18 52.55
CA PHE C 48 -23.33 0.62 52.93
C PHE C 48 -22.60 1.14 51.66
N LEU C 49 -21.33 1.48 51.84
CA LEU C 49 -20.53 2.14 50.79
C LEU C 49 -19.13 1.54 50.71
N GLU C 50 -18.61 1.31 49.51
CA GLU C 50 -17.26 0.77 49.36
C GLU C 50 -16.42 1.59 48.37
N PRO C 51 -15.11 1.79 48.64
CA PRO C 51 -14.24 2.47 47.67
C PRO C 51 -14.13 1.66 46.36
N THR C 52 -14.01 2.34 45.21
CA THR C 52 -13.57 1.73 43.93
C THR C 52 -12.65 2.65 43.12
N SER C 53 -12.12 3.70 43.73
CA SER C 53 -11.29 4.68 43.01
C SER C 53 -9.79 4.76 43.48
N ASN C 54 -9.49 4.37 44.74
CA ASN C 54 -8.12 4.41 45.37
C ASN C 54 -7.22 3.28 44.79
N ALA C 55 -6.84 3.41 43.51
CA ALA C 55 -6.09 2.34 42.80
C ALA C 55 -4.64 2.57 43.00
N GLN C 56 -4.21 2.26 44.21
CA GLN C 56 -2.84 2.49 44.62
C GLN C 56 -2.43 1.56 45.79
N ASN C 57 -1.98 2.14 46.93
CA ASN C 57 -1.51 1.35 48.10
C ASN C 57 -2.59 0.75 48.95
N VAL C 58 -3.82 1.29 48.80
CA VAL C 58 -4.99 0.79 49.54
C VAL C 58 -6.11 0.39 48.53
N PRO C 59 -5.97 -0.83 47.89
CA PRO C 59 -6.90 -1.31 46.84
C PRO C 59 -8.29 -1.54 47.44
N PRO C 60 -9.32 -1.31 46.65
CA PRO C 60 -10.72 -1.35 47.00
C PRO C 60 -11.30 -2.78 47.19
N ASP C 61 -12.63 -2.90 47.07
CA ASP C 61 -13.33 -4.19 47.04
C ASP C 61 -14.43 -4.21 45.94
N LEU C 62 -14.01 -4.35 44.68
CA LEU C 62 -14.90 -4.23 43.49
C LEU C 62 -16.06 -5.25 43.41
N ALA C 63 -15.85 -6.45 43.95
CA ALA C 63 -16.73 -7.60 43.69
C ALA C 63 -18.12 -7.40 44.18
N ILE C 64 -18.29 -6.69 45.28
CA ILE C 64 -19.63 -6.49 45.84
C ILE C 64 -20.45 -5.33 45.25
N CYS C 65 -19.81 -4.54 44.40
CA CYS C 65 -20.52 -3.37 43.86
C CYS C 65 -21.33 -3.70 42.58
N CYS C 66 -21.16 -4.90 42.04
CA CYS C 66 -21.53 -5.21 40.63
C CYS C 66 -23.06 -5.40 40.44
N PHE C 67 -23.80 -4.30 40.38
CA PHE C 67 -25.21 -4.39 40.15
C PHE C 67 -25.49 -4.82 38.73
N THR C 68 -26.54 -5.59 38.55
CA THR C 68 -26.96 -6.01 37.23
C THR C 68 -28.23 -5.28 36.82
N LEU C 69 -28.23 -4.80 35.61
CA LEU C 69 -29.38 -4.17 35.03
C LEU C 69 -30.38 -5.17 34.65
N GLU C 70 -31.65 -4.81 34.80
CA GLU C 70 -32.71 -5.79 34.62
C GLU C 70 -33.94 -5.39 33.85
N GLN C 71 -34.69 -4.46 34.39
CA GLN C 71 -35.97 -4.16 33.81
C GLN C 71 -36.28 -2.69 33.98
N SER C 72 -36.04 -1.92 32.93
CA SER C 72 -36.30 -0.49 32.95
C SER C 72 -37.65 -0.23 32.37
N LEU C 73 -38.65 -0.80 33.00
CA LEU C 73 -40.01 -0.67 32.51
C LEU C 73 -40.65 0.59 33.01
N SER C 74 -41.63 1.01 32.26
CA SER C 74 -42.39 2.17 32.61
C SER C 74 -43.14 1.99 33.87
N VAL C 75 -43.29 3.13 34.48
CA VAL C 75 -43.92 3.22 35.75
C VAL C 75 -45.29 2.68 35.70
N ARG C 76 -46.00 3.19 34.72
CA ARG C 76 -47.33 2.80 34.54
C ARG C 76 -47.39 1.31 34.05
N ALA C 77 -46.37 0.92 33.32
CA ALA C 77 -46.25 -0.42 32.87
C ALA C 77 -46.03 -1.39 33.99
N LEU C 78 -45.34 -0.92 35.02
CA LEU C 78 -45.14 -1.72 36.15
C LEU C 78 -46.42 -2.05 36.83
N GLN C 79 -47.37 -1.16 36.71
CA GLN C 79 -48.61 -1.26 37.44
C GLN C 79 -49.41 -2.49 37.05
N GLU C 80 -49.33 -2.87 35.79
CA GLU C 80 -50.09 -4.01 35.33
C GLU C 80 -49.33 -5.30 35.55
N MET C 81 -48.02 -5.26 35.48
CA MET C 81 -47.27 -6.45 35.80
C MET C 81 -47.40 -6.78 37.28
N LEU C 82 -47.60 -5.75 38.08
CA LEU C 82 -47.95 -5.99 39.45
C LEU C 82 -49.32 -6.65 39.55
N ALA C 83 -50.16 -6.41 38.56
CA ALA C 83 -51.45 -7.03 38.52
C ALA C 83 -51.43 -8.41 37.88
N ASN C 84 -50.91 -9.34 38.66
CA ASN C 84 -50.91 -10.72 38.28
C ASN C 84 -50.55 -11.63 39.47
N GLY C 97 -35.85 -9.02 25.69
CA GLY C 97 -35.18 -8.97 26.97
C GLY C 97 -33.93 -8.08 27.03
N HIS C 98 -33.54 -7.41 25.94
CA HIS C 98 -32.52 -6.33 26.02
C HIS C 98 -33.09 -4.93 25.70
N ARG C 99 -34.21 -4.60 26.35
CA ARG C 99 -34.86 -3.30 26.19
C ARG C 99 -33.91 -2.23 26.65
N THR C 100 -33.85 -1.18 25.88
CA THR C 100 -32.87 -0.20 26.17
C THR C 100 -33.23 0.48 27.46
N LEU C 101 -32.22 0.79 28.28
CA LEU C 101 -32.48 1.57 29.45
C LEU C 101 -32.98 2.97 29.10
N LEU C 102 -33.98 3.50 29.81
CA LEU C 102 -34.44 4.84 29.57
C LEU C 102 -34.71 5.55 30.86
N TYR C 103 -34.49 6.86 30.86
CA TYR C 103 -34.70 7.67 32.04
C TYR C 103 -36.15 7.65 32.44
N GLY C 104 -36.34 7.67 33.75
CA GLY C 104 -37.65 7.78 34.36
C GLY C 104 -38.40 6.50 34.54
N HIS C 105 -37.85 5.38 34.09
CA HIS C 105 -38.50 4.11 34.31
C HIS C 105 -38.17 3.60 35.68
N ALA C 106 -39.10 2.83 36.24
CA ALA C 106 -38.73 2.01 37.37
C ALA C 106 -37.78 0.95 36.86
N ILE C 107 -36.79 0.64 37.70
CA ILE C 107 -35.80 -0.32 37.29
C ILE C 107 -35.61 -1.43 38.30
N LEU C 108 -35.66 -2.65 37.79
CA LEU C 108 -35.24 -3.74 38.60
C LEU C 108 -33.70 -3.75 38.67
N LEU C 109 -33.14 -4.13 39.82
CA LEU C 109 -31.65 -4.13 40.05
C LEU C 109 -31.25 -5.28 40.96
N ARG C 110 -29.96 -5.55 41.03
CA ARG C 110 -29.49 -6.81 41.56
C ARG C 110 -28.14 -6.67 42.23
N HIS C 111 -27.92 -7.44 43.28
CA HIS C 111 -26.55 -7.81 43.67
C HIS C 111 -26.28 -9.19 43.12
N ALA C 112 -25.52 -9.27 42.02
CA ALA C 112 -25.37 -10.56 41.23
C ALA C 112 -24.85 -11.67 42.06
N HIS C 113 -24.09 -11.29 43.06
CA HIS C 113 -23.55 -12.20 44.04
C HIS C 113 -24.60 -12.87 44.87
N SER C 114 -25.70 -12.17 45.14
CA SER C 114 -26.69 -12.68 46.07
C SER C 114 -28.05 -12.85 45.43
N ARG C 115 -28.24 -12.11 44.35
CA ARG C 115 -29.54 -11.94 43.74
C ARG C 115 -30.55 -11.47 44.73
N MET C 116 -30.09 -10.70 45.72
CA MET C 116 -30.98 -9.99 46.60
C MET C 116 -31.16 -8.64 46.01
N TYR C 117 -32.26 -8.47 45.32
CA TYR C 117 -32.41 -7.39 44.45
C TYR C 117 -32.43 -6.13 45.25
N LEU C 118 -31.81 -5.10 44.72
CA LEU C 118 -31.70 -3.84 45.41
C LEU C 118 -33.08 -3.21 45.72
N SER C 119 -33.28 -2.68 46.94
CA SER C 119 -34.63 -2.23 47.34
C SER C 119 -34.69 -1.38 48.58
N CYS C 120 -35.76 -0.60 48.68
CA CYS C 120 -36.05 0.10 49.90
C CYS C 120 -36.68 -0.86 50.90
N LEU C 121 -36.48 -0.57 52.19
CA LEU C 121 -37.10 -1.32 53.25
C LEU C 121 -37.39 -0.45 54.42
N THR C 122 -38.32 -0.92 55.20
CA THR C 122 -38.87 -0.11 56.25
C THR C 122 -38.08 -0.21 57.55
N THR C 123 -37.07 0.63 57.70
CA THR C 123 -36.26 0.68 58.94
C THR C 123 -35.86 2.12 59.36
N SER C 124 -35.57 2.33 60.65
CA SER C 124 -35.11 3.63 61.18
C SER C 124 -33.59 3.86 61.05
N ARG C 125 -33.11 4.06 59.82
CA ARG C 125 -31.67 4.45 59.59
C ARG C 125 -31.38 5.50 58.49
N LYS C 130 -35.01 12.40 61.63
CA LYS C 130 -34.50 11.32 60.80
C LYS C 130 -35.65 10.33 60.53
N LEU C 131 -36.58 10.71 59.66
CA LEU C 131 -37.65 9.79 59.18
C LEU C 131 -37.52 9.46 57.69
N ALA C 132 -36.52 8.67 57.28
CA ALA C 132 -36.40 8.21 55.89
C ALA C 132 -35.84 6.78 55.82
N PHE C 133 -36.65 5.87 55.28
CA PHE C 133 -36.36 4.44 55.42
C PHE C 133 -35.16 4.00 54.61
N ASP C 134 -34.36 3.12 55.21
CA ASP C 134 -33.10 2.72 54.59
C ASP C 134 -33.32 1.73 53.45
N VAL C 135 -32.47 1.82 52.45
CA VAL C 135 -32.46 0.87 51.36
C VAL C 135 -31.90 -0.47 51.84
N GLY C 136 -32.42 -1.54 51.26
CA GLY C 136 -31.96 -2.85 51.61
C GLY C 136 -32.27 -3.96 50.62
N LEU C 137 -31.45 -4.98 50.65
CA LEU C 137 -31.44 -6.01 49.62
C LEU C 137 -32.31 -7.20 49.88
N GLN C 138 -33.53 -7.07 49.45
CA GLN C 138 -34.46 -8.16 49.53
C GLN C 138 -34.24 -9.09 48.40
N GLU C 139 -34.46 -10.35 48.68
CA GLU C 139 -34.32 -11.37 47.68
C GLU C 139 -35.34 -11.25 46.57
N ASP C 140 -36.52 -10.85 46.98
CA ASP C 140 -37.68 -10.99 46.17
C ASP C 140 -37.72 -10.11 44.95
N ALA C 141 -38.23 -10.68 43.87
CA ALA C 141 -38.62 -9.93 42.70
C ALA C 141 -40.06 -9.38 42.86
N THR C 142 -40.69 -9.65 44.00
CA THR C 142 -41.99 -9.06 44.28
C THR C 142 -41.95 -7.61 44.66
N GLY C 143 -43.05 -6.93 44.33
CA GLY C 143 -43.36 -5.69 44.94
C GLY C 143 -42.71 -4.47 44.34
N GLU C 144 -43.26 -3.35 44.74
CA GLU C 144 -42.73 -2.03 44.53
C GLU C 144 -41.34 -1.77 45.05
N ALA C 145 -40.83 -2.57 45.99
CA ALA C 145 -39.55 -2.29 46.65
C ALA C 145 -38.37 -2.29 45.73
N CYS C 146 -38.42 -3.15 44.73
CA CYS C 146 -37.30 -3.42 43.87
C CYS C 146 -37.29 -2.67 42.55
N TRP C 147 -37.65 -1.42 42.62
CA TRP C 147 -37.82 -0.62 41.44
C TRP C 147 -37.51 0.82 41.80
N TRP C 148 -36.94 1.56 40.88
CA TRP C 148 -36.42 2.88 41.19
C TRP C 148 -36.51 3.84 40.00
N THR C 149 -37.52 4.68 39.99
CA THR C 149 -37.69 5.62 38.88
C THR C 149 -36.59 6.69 38.84
N MET C 150 -36.06 7.00 37.67
CA MET C 150 -35.00 8.02 37.58
C MET C 150 -35.50 9.42 37.26
N HIS C 151 -34.97 10.42 37.98
CA HIS C 151 -35.32 11.84 37.72
C HIS C 151 -34.11 12.72 37.54
N PRO C 152 -33.50 12.65 36.32
CA PRO C 152 -32.28 13.39 36.07
C PRO C 152 -32.46 14.88 36.17
N ALA C 153 -31.46 15.55 36.75
CA ALA C 153 -31.46 16.99 36.93
C ALA C 153 -31.36 17.68 35.58
N SER C 154 -30.74 17.02 34.59
CA SER C 154 -30.61 17.62 33.27
C SER C 154 -31.90 17.41 32.49
N LYS C 155 -32.54 18.52 32.14
CA LYS C 155 -33.72 18.47 31.32
C LYS C 155 -33.32 18.07 29.90
N GLN C 156 -32.06 18.34 29.54
CA GLN C 156 -31.46 17.90 28.27
C GLN C 156 -31.61 16.39 28.09
N ARG C 157 -31.55 15.69 29.21
CA ARG C 157 -31.82 14.25 29.26
C ARG C 157 -33.12 13.99 30.01
N SER C 158 -34.22 14.35 29.36
CA SER C 158 -35.58 14.21 29.95
C SER C 158 -35.90 12.73 30.21
N GLU C 159 -36.77 12.48 31.16
CA GLU C 159 -37.18 11.10 31.47
C GLU C 159 -37.81 10.51 30.26
N GLY C 160 -37.44 9.26 29.99
CA GLY C 160 -37.71 8.69 28.71
C GLY C 160 -36.62 9.10 27.73
N GLU C 161 -35.39 8.74 28.04
CA GLU C 161 -34.22 8.97 27.16
C GLU C 161 -33.15 7.93 27.46
N LYS C 162 -32.41 7.52 26.41
CA LYS C 162 -31.47 6.43 26.56
C LYS C 162 -30.32 6.80 27.52
N VAL C 163 -29.96 5.89 28.42
CA VAL C 163 -28.87 6.14 29.39
C VAL C 163 -27.54 6.07 28.64
N ARG C 164 -26.68 7.02 28.96
CA ARG C 164 -25.34 6.99 28.46
C ARG C 164 -24.44 6.53 29.56
N VAL C 165 -23.27 6.06 29.17
CA VAL C 165 -22.28 5.58 30.13
C VAL C 165 -21.90 6.70 31.14
N GLY C 166 -21.91 6.36 32.44
CA GLY C 166 -21.45 7.28 33.49
C GLY C 166 -22.41 8.38 33.85
N ASP C 167 -23.62 8.34 33.34
CA ASP C 167 -24.60 9.40 33.55
C ASP C 167 -25.06 9.56 35.02
N ASP C 168 -25.16 10.81 35.44
CA ASP C 168 -25.72 11.15 36.75
C ASP C 168 -27.19 10.98 36.80
N LEU C 169 -27.65 10.53 37.94
CA LEU C 169 -29.07 10.34 38.15
C LEU C 169 -29.48 10.21 39.61
N ILE C 170 -30.72 10.61 39.93
CA ILE C 170 -31.29 10.48 41.27
C ILE C 170 -32.45 9.48 41.27
N LEU C 171 -32.16 8.29 41.80
CA LEU C 171 -33.16 7.27 41.93
C LEU C 171 -34.18 7.67 42.93
N VAL C 172 -35.40 7.25 42.65
CA VAL C 172 -36.54 7.57 43.44
C VAL C 172 -37.31 6.30 43.69
N SER C 173 -37.64 6.07 44.93
CA SER C 173 -38.33 4.88 45.24
C SER C 173 -39.68 4.87 44.63
N VAL C 174 -40.03 3.69 44.11
CA VAL C 174 -41.39 3.41 43.71
C VAL C 174 -42.18 2.98 44.95
N SER C 175 -41.45 2.49 45.96
CA SER C 175 -42.05 1.89 47.12
C SER C 175 -42.42 2.92 48.20
N SER C 176 -41.41 3.45 48.88
CA SER C 176 -41.59 4.47 49.91
C SER C 176 -41.63 5.86 49.29
N GLU C 177 -41.46 5.91 47.96
CA GLU C 177 -41.41 7.11 47.18
C GLU C 177 -40.30 8.10 47.63
N ARG C 178 -39.30 7.62 48.37
CA ARG C 178 -38.16 8.46 48.73
C ARG C 178 -37.19 8.59 47.58
N TYR C 179 -36.43 9.69 47.57
CA TYR C 179 -35.31 9.85 46.64
C TYR C 179 -34.17 9.00 47.18
N LEU C 180 -33.34 8.43 46.32
CA LEU C 180 -32.16 7.75 46.81
C LEU C 180 -31.15 8.78 47.31
N HIS C 181 -30.44 8.46 48.39
CA HIS C 181 -29.44 9.37 48.90
C HIS C 181 -28.26 8.80 49.73
N LEU C 182 -27.15 9.54 49.70
CA LEU C 182 -25.93 9.25 50.44
C LEU C 182 -25.84 10.10 51.75
N SER C 183 -26.19 9.51 52.90
CA SER C 183 -26.22 10.22 54.22
C SER C 183 -24.81 10.34 54.86
N THR C 184 -24.17 11.49 54.61
CA THR C 184 -22.81 11.76 55.13
C THR C 184 -22.91 12.54 56.43
N LEU C 189 -19.97 5.32 55.02
CA LEU C 189 -20.85 6.23 55.80
C LEU C 189 -22.36 5.89 55.59
N GLN C 190 -23.29 6.58 56.29
CA GLN C 190 -24.76 6.19 56.31
C GLN C 190 -25.40 6.24 54.91
N VAL C 191 -26.24 5.25 54.61
CA VAL C 191 -26.97 5.26 53.35
C VAL C 191 -28.47 5.45 53.66
N ASP C 192 -29.19 6.27 52.86
CA ASP C 192 -30.62 6.49 53.14
C ASP C 192 -31.45 6.89 51.92
N ALA C 193 -32.68 6.44 51.90
CA ALA C 193 -33.62 6.93 50.94
C ALA C 193 -34.34 8.10 51.54
N SER C 194 -33.85 9.29 51.23
CA SER C 194 -34.38 10.52 51.80
C SER C 194 -34.82 11.47 50.68
N PHE C 195 -35.34 12.65 51.03
CA PHE C 195 -35.76 13.65 50.02
C PHE C 195 -34.63 14.52 49.47
N MET C 196 -33.48 14.26 50.04
CA MET C 196 -32.24 14.82 49.56
C MET C 196 -31.80 13.98 48.36
N GLN C 197 -31.05 14.57 47.42
CA GLN C 197 -30.78 13.92 46.14
C GLN C 197 -29.33 13.80 45.69
N THR C 198 -28.71 12.69 46.10
CA THR C 198 -27.41 12.23 45.59
C THR C 198 -27.52 11.70 44.14
N LEU C 199 -26.54 12.03 43.32
CA LEU C 199 -26.43 11.47 41.97
C LEU C 199 -25.72 10.10 42.00
N TRP C 200 -25.94 9.31 40.97
CA TRP C 200 -25.39 7.97 40.94
C TRP C 200 -25.01 7.53 39.54
N ASN C 201 -23.71 7.51 39.23
CA ASN C 201 -23.27 7.12 37.88
C ASN C 201 -23.37 5.65 37.59
N MET C 202 -23.62 5.25 36.35
CA MET C 202 -23.52 3.82 35.97
C MET C 202 -22.20 3.54 35.32
N ASN C 203 -21.24 3.24 36.15
CA ASN C 203 -19.94 2.85 35.67
C ASN C 203 -19.95 1.45 35.06
N PRO C 204 -19.48 1.31 33.79
CA PRO C 204 -19.44 0.04 33.05
C PRO C 204 -18.51 -0.97 33.68
N ILE C 205 -18.88 -2.23 33.59
CA ILE C 205 -18.02 -3.35 33.97
C ILE C 205 -17.94 -4.36 32.76
N CYS C 206 -19.05 -5.03 32.39
CA CYS C 206 -19.06 -6.03 31.29
C CYS C 206 -20.39 -6.12 30.59
N SER C 207 -20.35 -6.57 29.35
CA SER C 207 -21.50 -6.60 28.47
C SER C 207 -21.41 -7.86 27.72
N CYS C 208 -22.06 -8.84 28.31
CA CYS C 208 -22.30 -10.09 27.65
C CYS C 208 -21.00 -10.81 27.30
N CYS C 209 -20.39 -11.45 28.32
CA CYS C 209 -19.18 -12.27 28.17
C CYS C 209 -19.48 -13.44 27.27
N GLU C 210 -18.53 -13.76 26.40
CA GLU C 210 -18.68 -14.97 25.60
C GLU C 210 -17.84 -16.09 26.14
N GLU C 211 -18.30 -17.32 25.93
CA GLU C 211 -17.54 -18.48 26.37
C GLU C 211 -16.26 -18.54 25.55
N GLY C 212 -15.18 -18.99 26.18
CA GLY C 212 -13.90 -19.04 25.50
C GLY C 212 -13.19 -17.71 25.48
N TYR C 213 -13.75 -16.74 26.21
CA TYR C 213 -13.25 -15.37 26.21
C TYR C 213 -13.20 -14.82 27.61
N VAL C 214 -12.01 -14.83 28.18
CA VAL C 214 -11.79 -14.54 29.58
C VAL C 214 -12.10 -13.10 29.96
N THR C 215 -12.62 -12.92 31.18
CA THR C 215 -12.94 -11.57 31.69
C THR C 215 -12.49 -11.35 33.12
N GLY C 216 -12.22 -10.10 33.49
CA GLY C 216 -11.89 -9.75 34.90
C GLY C 216 -13.12 -9.50 35.74
N GLY C 217 -12.96 -9.41 37.07
CA GLY C 217 -14.07 -9.28 38.01
C GLY C 217 -14.79 -10.61 37.99
N HIS C 218 -14.10 -11.65 37.50
CA HIS C 218 -14.74 -12.89 37.02
C HIS C 218 -13.82 -14.05 37.32
N VAL C 219 -14.20 -14.85 38.30
CA VAL C 219 -13.32 -15.86 38.89
C VAL C 219 -13.06 -16.97 37.90
N LEU C 220 -11.85 -17.48 37.97
CA LEU C 220 -11.48 -18.63 37.20
C LEU C 220 -10.25 -19.31 37.79
N ARG C 221 -10.18 -20.62 37.63
CA ARG C 221 -8.98 -21.38 38.05
C ARG C 221 -7.65 -21.13 37.22
N LEU C 222 -6.48 -21.13 37.87
CA LEU C 222 -5.16 -21.01 37.18
C LEU C 222 -4.47 -22.38 37.19
N PHE C 223 -4.72 -23.09 36.12
CA PHE C 223 -4.31 -24.48 36.00
C PHE C 223 -2.78 -24.76 35.95
N HIS C 224 -2.31 -25.91 36.44
CA HIS C 224 -0.96 -26.42 36.16
C HIS C 224 -0.94 -27.69 35.25
N GLY C 225 -2.11 -28.23 34.98
CA GLY C 225 -2.22 -29.50 34.22
C GLY C 225 -2.72 -30.65 35.07
N GLU C 229 -4.93 -30.20 37.86
CA GLU C 229 -3.95 -29.55 38.74
C GLU C 229 -3.87 -28.05 38.48
N CYS C 230 -3.89 -27.24 39.55
CA CYS C 230 -4.01 -25.78 39.40
C CYS C 230 -3.51 -25.01 40.59
N LEU C 231 -3.36 -23.71 40.39
CA LEU C 231 -2.90 -22.85 41.46
C LEU C 231 -3.86 -22.81 42.65
N THR C 232 -3.29 -22.80 43.85
CA THR C 232 -4.03 -22.80 45.10
C THR C 232 -3.16 -22.45 46.33
N ILE C 233 -3.76 -22.29 47.52
CA ILE C 233 -3.04 -22.01 48.77
C ILE C 233 -3.59 -22.82 49.95
N SER C 234 -2.82 -22.98 51.05
CA SER C 234 -3.16 -23.98 52.07
C SER C 234 -4.46 -23.70 52.76
N ALA C 235 -5.25 -24.74 52.95
CA ALA C 235 -6.60 -24.60 53.47
C ALA C 235 -6.69 -24.48 54.99
N ALA C 236 -5.54 -24.57 55.66
CA ALA C 236 -5.49 -24.53 57.10
C ALA C 236 -6.15 -23.25 57.68
N ASP C 237 -5.96 -22.13 56.97
CA ASP C 237 -6.41 -20.82 57.42
C ASP C 237 -6.02 -20.55 58.89
N SER C 238 -4.78 -20.94 59.25
CA SER C 238 -4.31 -20.88 60.64
C SER C 238 -3.26 -19.77 60.84
N ASP C 239 -2.32 -20.05 61.75
CA ASP C 239 -1.24 -19.14 62.07
C ASP C 239 -0.40 -18.91 60.81
N ASP C 240 -0.34 -19.95 59.96
CA ASP C 240 0.20 -19.87 58.60
C ASP C 240 -0.84 -19.18 57.74
N GLN C 241 -0.72 -17.86 57.53
CA GLN C 241 -1.85 -17.07 57.04
C GLN C 241 -2.03 -17.28 55.54
N ARG C 242 -2.03 -18.57 55.14
CA ARG C 242 -2.23 -19.03 53.79
C ARG C 242 -1.24 -18.38 52.85
N ARG C 243 -0.10 -18.02 53.42
CA ARG C 243 0.94 -17.32 52.67
C ARG C 243 1.62 -18.22 51.67
N LEU C 244 1.68 -19.50 52.00
CA LEU C 244 2.24 -20.53 51.14
C LEU C 244 1.46 -20.62 49.84
N VAL C 245 2.15 -20.81 48.71
CA VAL C 245 1.44 -20.85 47.43
C VAL C 245 1.86 -22.02 46.55
N TYR C 246 0.90 -22.84 46.14
CA TYR C 246 1.23 -24.13 45.51
C TYR C 246 0.34 -24.46 44.35
N TYR C 247 0.90 -24.97 43.25
CA TYR C 247 0.08 -25.70 42.31
C TYR C 247 -0.23 -27.06 42.94
N GLU C 248 -1.40 -27.59 42.63
CA GLU C 248 -1.77 -28.87 43.19
C GLU C 248 -2.90 -29.55 42.40
N GLY C 249 -2.79 -30.87 42.26
CA GLY C 249 -3.77 -31.69 41.52
C GLY C 249 -4.87 -32.29 42.38
N GLY C 250 -5.72 -33.07 41.75
CA GLY C 250 -6.84 -33.70 42.41
C GLY C 250 -7.96 -32.76 42.85
N ALA C 251 -8.58 -33.10 43.97
CA ALA C 251 -9.84 -32.46 44.41
C ALA C 251 -9.64 -31.04 44.89
N VAL C 252 -8.40 -30.64 45.16
CA VAL C 252 -8.10 -29.25 45.50
C VAL C 252 -8.55 -28.30 44.39
N CYS C 253 -8.59 -28.80 43.17
CA CYS C 253 -9.04 -28.02 42.05
C CYS C 253 -10.50 -27.60 42.20
N THR C 254 -11.31 -28.46 42.82
CA THR C 254 -12.69 -28.11 43.14
C THR C 254 -12.75 -27.10 44.24
N HIS C 255 -11.70 -27.04 45.05
CA HIS C 255 -11.69 -26.21 46.22
C HIS C 255 -11.68 -24.77 45.93
N ALA C 256 -12.27 -24.04 46.86
CA ALA C 256 -12.44 -22.61 46.64
C ALA C 256 -11.18 -21.89 46.71
N ARG C 257 -10.31 -22.47 47.51
CA ARG C 257 -9.00 -21.97 47.67
C ARG C 257 -8.23 -21.91 46.30
N SER C 258 -8.58 -22.77 45.36
CA SER C 258 -8.03 -22.73 44.01
C SER C 258 -8.90 -21.93 43.07
N LEU C 259 -9.26 -20.70 43.49
CA LEU C 259 -10.06 -19.81 42.64
C LEU C 259 -9.57 -18.42 42.76
N TRP C 260 -9.64 -17.67 41.67
CA TRP C 260 -9.01 -16.36 41.63
C TRP C 260 -9.82 -15.35 40.89
N ARG C 261 -10.16 -14.25 41.56
CA ARG C 261 -10.93 -13.15 40.94
C ARG C 261 -10.01 -12.09 40.35
N LEU C 262 -9.72 -12.20 39.07
CA LEU C 262 -8.83 -11.25 38.41
C LEU C 262 -9.52 -9.83 38.32
N GLU C 263 -8.77 -8.77 38.57
CA GLU C 263 -9.20 -7.36 38.32
C GLU C 263 -8.21 -6.64 37.34
N PRO C 264 -8.62 -6.45 36.04
CA PRO C 264 -7.80 -5.67 35.08
C PRO C 264 -7.53 -4.26 35.59
N LEU C 265 -6.34 -3.69 35.37
CA LEU C 265 -6.01 -2.39 35.94
C LEU C 265 -6.84 -1.32 35.27
N ARG C 266 -8.13 -1.37 35.54
CA ARG C 266 -9.13 -0.45 35.04
C ARG C 266 -10.27 -0.48 36.11
N ILE C 267 -11.00 0.61 36.26
CA ILE C 267 -12.20 0.60 37.08
C ILE C 267 -13.41 0.47 36.12
N SER C 268 -13.52 1.32 35.10
CA SER C 268 -14.51 1.10 34.02
C SER C 268 -14.16 -0.07 33.16
N TRP C 269 -15.19 -0.81 32.78
CA TRP C 269 -15.06 -1.99 31.96
C TRP C 269 -14.07 -2.98 32.53
N SER C 270 -14.09 -3.15 33.86
CA SER C 270 -13.23 -4.14 34.51
C SER C 270 -13.55 -5.53 34.01
N GLY C 271 -14.81 -5.72 33.68
CA GLY C 271 -15.28 -6.98 33.21
C GLY C 271 -15.17 -7.17 31.71
N SER C 272 -14.70 -6.18 30.99
CA SER C 272 -14.51 -6.33 29.59
C SER C 272 -13.46 -7.45 29.32
N HIS C 273 -13.58 -8.12 28.18
CA HIS C 273 -12.83 -9.36 27.87
C HIS C 273 -11.31 -9.15 27.93
N LEU C 274 -10.60 -10.06 28.57
CA LEU C 274 -9.17 -9.92 28.78
C LEU C 274 -8.31 -10.22 27.54
N ARG C 275 -7.14 -9.58 27.54
CA ARG C 275 -6.09 -9.80 26.58
C ARG C 275 -4.85 -10.46 27.21
N TRP C 276 -3.99 -11.06 26.39
CA TRP C 276 -2.71 -11.64 26.87
C TRP C 276 -1.68 -10.53 26.87
N GLY C 277 -1.90 -9.58 27.77
CA GLY C 277 -1.04 -8.43 27.82
C GLY C 277 -1.53 -7.32 28.67
N GLN C 278 -2.81 -7.07 28.66
CA GLN C 278 -3.32 -6.03 29.41
C GLN C 278 -3.18 -6.31 30.91
N PRO C 279 -2.77 -5.27 31.64
CA PRO C 279 -2.36 -5.36 33.03
C PRO C 279 -3.50 -5.67 33.96
N LEU C 280 -3.27 -6.37 35.07
CA LEU C 280 -4.37 -6.74 35.95
C LEU C 280 -4.02 -7.03 37.43
N ARG C 281 -4.92 -6.61 38.35
CA ARG C 281 -4.90 -7.00 39.79
C ARG C 281 -5.34 -8.44 39.98
N ILE C 282 -4.91 -9.10 41.07
CA ILE C 282 -5.33 -10.49 41.35
C ILE C 282 -5.80 -10.60 42.78
N ARG C 283 -7.06 -10.28 42.96
CA ARG C 283 -7.72 -10.55 44.22
C ARG C 283 -7.92 -12.08 44.41
N HIS C 284 -7.63 -12.56 45.63
CA HIS C 284 -7.97 -13.93 46.01
C HIS C 284 -9.45 -13.99 46.32
N VAL C 285 -10.03 -15.15 46.15
CA VAL C 285 -11.40 -15.26 46.34
C VAL C 285 -11.72 -15.70 47.76
N THR C 286 -11.15 -16.81 48.21
CA THR C 286 -11.51 -17.39 49.50
C THR C 286 -11.19 -16.49 50.71
N THR C 287 -10.12 -15.73 50.64
CA THR C 287 -9.75 -14.79 51.71
C THR C 287 -9.83 -13.35 51.26
N GLY C 288 -10.05 -13.13 49.97
CA GLY C 288 -10.31 -11.79 49.45
C GLY C 288 -9.03 -11.01 49.25
N ARG C 289 -7.91 -11.63 49.58
CA ARG C 289 -6.63 -10.90 49.57
C ARG C 289 -6.17 -10.59 48.15
N TYR C 290 -5.64 -9.38 47.94
CA TYR C 290 -4.94 -9.09 46.69
C TYR C 290 -3.61 -9.80 46.69
N LEU C 291 -3.25 -10.41 45.59
CA LEU C 291 -1.91 -10.88 45.41
C LEU C 291 -1.07 -9.60 45.10
N ALA C 292 0.22 -9.66 45.41
CA ALA C 292 1.12 -8.47 45.24
C ALA C 292 2.62 -8.89 45.15
N LEU C 293 3.51 -7.97 44.81
CA LEU C 293 4.93 -8.29 44.58
C LEU C 293 5.70 -8.40 45.91
N THR C 294 5.55 -9.56 46.58
CA THR C 294 6.50 -9.99 47.59
C THR C 294 7.54 -10.85 46.84
N GLU C 295 8.64 -10.25 46.37
CA GLU C 295 9.69 -11.04 45.65
C GLU C 295 10.36 -12.01 46.63
N ASP C 296 10.26 -11.76 47.94
CA ASP C 296 10.55 -12.79 48.98
C ASP C 296 9.56 -14.00 48.84
N GLN C 297 10.02 -15.22 49.06
CA GLN C 297 9.25 -16.46 48.77
C GLN C 297 8.82 -16.49 47.28
N GLY C 298 9.60 -15.87 46.40
CA GLY C 298 9.30 -15.74 44.99
C GLY C 298 8.04 -14.96 44.79
N LEU C 299 6.93 -15.65 44.90
CA LEU C 299 5.66 -15.00 44.89
C LEU C 299 4.70 -15.72 45.83
N VAL C 300 3.96 -14.93 46.62
CA VAL C 300 3.08 -15.46 47.65
C VAL C 300 1.94 -14.52 47.94
N VAL C 301 0.92 -15.05 48.57
CA VAL C 301 -0.21 -14.29 49.05
C VAL C 301 0.20 -13.22 50.05
N VAL C 302 -0.50 -12.10 50.03
CA VAL C 302 -0.34 -11.07 51.04
C VAL C 302 -1.66 -10.51 51.49
N ASP C 303 -1.72 -9.88 52.66
CA ASP C 303 -3.00 -9.30 53.12
C ASP C 303 -3.47 -8.17 52.15
N ALA C 304 -4.78 -7.99 52.00
CA ALA C 304 -5.34 -6.87 51.23
C ALA C 304 -5.18 -5.55 52.01
N CYS C 305 -3.94 -5.20 52.28
CA CYS C 305 -3.57 -3.92 52.90
C CYS C 305 -2.20 -3.50 52.34
N LYS C 306 -1.19 -4.42 52.37
CA LYS C 306 0.14 -4.21 51.68
C LYS C 306 -0.09 -4.13 50.19
N ALA C 307 -1.15 -4.74 49.64
CA ALA C 307 -1.24 -4.94 48.19
C ALA C 307 -1.25 -3.61 47.47
N HIS C 308 -0.54 -3.59 46.37
CA HIS C 308 -0.40 -2.35 45.65
C HIS C 308 -0.91 -2.57 44.25
N THR C 309 -1.46 -1.52 43.63
CA THR C 309 -1.82 -1.56 42.21
C THR C 309 -0.57 -1.84 41.33
N LYS C 310 0.58 -1.32 41.75
CA LYS C 310 1.89 -1.60 41.13
C LYS C 310 2.39 -3.03 41.37
N ALA C 311 2.31 -3.44 42.62
CA ALA C 311 2.86 -4.71 43.05
C ALA C 311 2.04 -5.88 42.48
N THR C 312 0.79 -5.61 42.15
CA THR C 312 -0.07 -6.64 41.62
C THR C 312 -0.08 -6.62 40.10
N SER C 313 0.72 -5.80 39.47
CA SER C 313 0.58 -5.55 38.05
C SER C 313 0.96 -6.77 37.20
N PHE C 314 0.30 -7.90 37.46
CA PHE C 314 0.48 -9.09 36.64
C PHE C 314 -0.33 -8.98 35.34
N CYS C 315 0.14 -9.68 34.31
CA CYS C 315 -0.59 -9.70 33.06
C CYS C 315 -0.25 -10.96 32.28
N PHE C 316 -1.19 -11.36 31.42
CA PHE C 316 -1.06 -12.61 30.64
C PHE C 316 -0.10 -12.51 29.48
N ARG C 317 0.46 -13.62 29.04
CA ARG C 317 1.24 -13.69 27.82
C ARG C 317 1.05 -15.07 27.17
N VAL C 318 1.12 -15.06 25.83
CA VAL C 318 0.98 -16.28 24.99
C VAL C 318 2.08 -17.33 25.25
N SER C 319 3.30 -16.84 25.51
CA SER C 319 4.48 -17.70 25.73
C SER C 319 5.54 -16.84 26.45
N LYS C 320 6.64 -17.45 26.88
CA LYS C 320 7.67 -16.70 27.59
C LYS C 320 8.28 -15.70 26.60
N GLU C 321 7.77 -14.46 26.63
CA GLU C 321 8.24 -13.40 25.75
C GLU C 321 8.12 -12.05 26.46
N LYS C 322 9.12 -11.23 26.24
CA LYS C 322 9.41 -10.03 27.04
C LYS C 322 8.90 -8.74 26.39
N LEU C 323 8.06 -8.85 25.36
CA LEU C 323 7.77 -7.71 24.44
C LEU C 323 7.40 -6.41 25.18
N LYS C 328 -3.05 -1.08 22.14
CA LYS C 328 -3.27 0.11 22.94
C LYS C 328 -4.02 -0.22 24.23
N ARG C 329 -4.11 0.76 25.14
CA ARG C 329 -4.78 0.53 26.43
C ARG C 329 -5.40 1.81 26.99
N ASP C 330 -6.25 1.53 28.03
CA ASP C 330 -7.40 0.58 27.87
C ASP C 330 -8.27 0.51 26.60
N VAL C 331 -8.70 -0.69 26.21
CA VAL C 331 -9.67 -0.87 25.08
C VAL C 331 -11.14 -0.89 25.59
N GLU C 332 -11.72 0.28 25.93
CA GLU C 332 -13.09 0.40 26.53
C GLU C 332 -14.23 0.22 25.51
N GLY C 333 -15.41 -0.15 26.04
CA GLY C 333 -16.60 -0.28 25.23
C GLY C 333 -17.05 -1.69 25.00
N MET C 334 -16.17 -2.65 25.23
CA MET C 334 -16.56 -4.05 25.34
C MET C 334 -15.41 -4.94 25.72
N GLY C 335 -14.23 -4.58 25.25
CA GLY C 335 -13.06 -5.38 25.48
C GLY C 335 -13.09 -6.57 24.57
N PRO C 336 -12.13 -6.67 23.65
CA PRO C 336 -12.25 -7.67 22.61
C PRO C 336 -12.11 -9.08 23.12
N PRO C 337 -12.88 -10.00 22.54
CA PRO C 337 -12.76 -11.41 22.92
C PRO C 337 -11.39 -11.96 22.55
N GLU C 338 -10.80 -12.83 23.40
CA GLU C 338 -9.52 -13.50 23.11
C GLU C 338 -9.30 -14.85 23.82
N ILE C 339 -8.78 -14.77 25.04
CA ILE C 339 -8.28 -15.97 25.72
C ILE C 339 -9.39 -16.92 26.10
N LYS C 340 -9.12 -18.19 25.86
CA LYS C 340 -10.08 -19.26 26.07
C LYS C 340 -10.45 -19.53 27.54
N TYR C 341 -11.71 -19.87 27.79
CA TYR C 341 -12.07 -20.61 29.00
C TYR C 341 -11.85 -22.12 28.80
N GLY C 342 -10.59 -22.51 28.67
CA GLY C 342 -10.27 -23.92 28.44
C GLY C 342 -8.86 -24.13 27.86
N GLU C 343 -8.84 -24.50 26.60
CA GLU C 343 -7.64 -25.04 25.93
C GLU C 343 -6.41 -24.12 25.88
N SER C 344 -6.61 -22.83 25.67
CA SER C 344 -5.48 -21.93 25.42
C SER C 344 -4.61 -21.71 26.69
N LEU C 345 -3.28 -21.73 26.54
CA LEU C 345 -2.36 -21.29 27.63
C LEU C 345 -2.17 -19.81 27.67
N CYS C 346 -1.96 -19.32 28.86
CA CYS C 346 -1.41 -18.03 29.04
C CYS C 346 -0.53 -18.02 30.26
N PHE C 347 0.63 -17.40 30.15
CA PHE C 347 1.48 -17.27 31.33
C PHE C 347 1.50 -15.84 31.76
N VAL C 348 1.55 -15.68 33.07
CA VAL C 348 1.41 -14.40 33.70
C VAL C 348 2.77 -13.75 33.94
N GLN C 349 3.25 -12.97 32.97
CA GLN C 349 4.43 -12.10 33.21
C GLN C 349 4.04 -10.95 34.17
N HIS C 350 4.92 -10.65 35.15
CA HIS C 350 4.67 -9.56 36.08
C HIS C 350 5.29 -8.28 35.50
N VAL C 351 4.84 -7.12 35.99
CA VAL C 351 5.40 -5.84 35.56
C VAL C 351 6.35 -5.21 36.60
N ALA C 352 5.96 -5.08 37.88
CA ALA C 352 6.82 -4.37 38.91
C ALA C 352 8.18 -4.99 39.11
N SER C 353 8.24 -6.31 39.03
CA SER C 353 9.50 -7.06 39.06
C SER C 353 9.86 -7.51 37.65
N GLY C 354 8.83 -7.80 36.83
CA GLY C 354 9.05 -8.29 35.45
C GLY C 354 9.25 -9.79 35.40
N LEU C 355 9.26 -10.38 36.59
CA LEU C 355 9.54 -11.78 36.72
C LEU C 355 8.33 -12.60 36.24
N TRP C 356 8.62 -13.73 35.56
CA TRP C 356 7.60 -14.73 35.23
C TRP C 356 7.22 -15.56 36.46
N LEU C 357 5.95 -15.90 36.55
CA LEU C 357 5.51 -16.85 37.54
C LEU C 357 5.92 -18.27 37.13
N THR C 358 6.26 -19.10 38.11
CA THR C 358 6.57 -20.51 37.88
C THR C 358 6.65 -21.28 39.22
N TYR C 359 6.44 -22.59 39.17
CA TYR C 359 6.66 -23.44 40.36
C TYR C 359 8.15 -23.46 40.78
N ALA C 360 8.40 -23.40 42.08
CA ALA C 360 9.77 -23.35 42.62
C ALA C 360 10.57 -24.62 42.31
N ALA C 361 9.91 -25.78 42.18
CA ALA C 361 10.57 -27.09 41.82
C ALA C 361 9.59 -28.22 41.46
N VAL C 371 4.26 -32.15 50.64
CA VAL C 371 4.79 -33.34 50.01
C VAL C 371 4.97 -33.12 48.49
N LEU C 372 3.85 -33.12 47.74
CA LEU C 372 3.85 -32.86 46.26
C LEU C 372 3.87 -31.39 45.97
N LYS C 373 3.86 -30.61 47.06
CA LYS C 373 3.47 -29.22 47.00
C LYS C 373 4.55 -28.46 46.22
N LYS C 374 4.49 -28.56 44.90
CA LYS C 374 5.23 -27.64 44.07
C LYS C 374 4.69 -26.22 44.31
N LYS C 375 5.58 -25.25 44.31
CA LYS C 375 5.22 -23.89 44.69
C LYS C 375 4.73 -23.12 43.47
N ALA C 376 4.75 -21.81 43.60
CA ALA C 376 4.50 -20.88 42.51
C ALA C 376 5.25 -19.52 42.79
N ILE C 377 6.34 -19.24 42.09
CA ILE C 377 7.18 -18.10 42.41
C ILE C 377 7.60 -17.30 41.17
N LEU C 378 7.87 -16.01 41.35
CA LEU C 378 8.32 -15.12 40.27
C LEU C 378 9.90 -15.14 39.99
N HIS C 379 10.31 -15.59 38.78
CA HIS C 379 11.70 -15.33 38.17
C HIS C 379 11.58 -15.63 36.61
N GLN C 380 12.55 -15.19 35.80
CA GLN C 380 12.35 -15.09 34.28
C GLN C 380 12.08 -16.41 33.53
N GLU C 381 12.57 -17.52 34.08
CA GLU C 381 12.49 -18.76 33.39
C GLU C 381 11.51 -19.69 33.99
N GLY C 382 11.93 -20.35 35.09
CA GLY C 382 11.27 -21.56 35.58
C GLY C 382 11.33 -22.61 34.52
N HIS C 383 10.20 -23.15 34.02
CA HIS C 383 10.19 -24.07 32.86
C HIS C 383 8.96 -23.83 31.94
N MET C 384 9.01 -24.33 30.70
CA MET C 384 7.89 -24.22 29.77
C MET C 384 6.78 -25.19 30.20
N ASP C 385 6.09 -24.84 31.28
CA ASP C 385 5.03 -25.73 31.83
C ASP C 385 4.24 -25.07 33.00
N ASP C 386 4.13 -23.73 33.02
CA ASP C 386 3.20 -23.01 33.99
C ASP C 386 1.75 -23.56 33.68
N ALA C 387 1.51 -23.94 32.41
CA ALA C 387 0.31 -24.72 31.95
C ALA C 387 -1.02 -24.07 32.40
N LEU C 388 -1.13 -22.73 32.39
CA LEU C 388 -2.37 -22.02 32.86
C LEU C 388 -3.42 -21.99 31.74
N PHE C 389 -3.96 -23.16 31.42
CA PHE C 389 -5.04 -23.26 30.45
C PHE C 389 -6.34 -22.85 31.16
N LEU C 390 -6.56 -21.56 31.24
CA LEU C 390 -7.60 -20.95 32.07
C LEU C 390 -9.02 -21.39 31.73
N THR C 391 -9.84 -21.55 32.75
CA THR C 391 -11.27 -21.93 32.58
C THR C 391 -12.15 -21.26 33.65
N ARG C 392 -13.33 -20.75 33.23
CA ARG C 392 -14.16 -19.95 34.13
C ARG C 392 -14.71 -20.76 35.29
N CYS C 393 -14.78 -20.11 36.42
CA CYS C 393 -15.41 -20.67 37.58
C CYS C 393 -16.96 -20.69 37.44
N GLN C 394 -17.61 -21.67 38.04
CA GLN C 394 -19.07 -21.73 38.05
C GLN C 394 -19.63 -20.72 38.94
N GLN C 395 -20.80 -20.27 38.51
CA GLN C 395 -21.56 -19.25 39.19
C GLN C 395 -21.62 -19.51 40.67
N GLU C 396 -22.06 -20.72 40.93
CA GLU C 396 -22.49 -21.00 42.21
C GLU C 396 -21.25 -21.10 43.08
N GLU C 397 -20.16 -21.46 42.45
CA GLU C 397 -18.93 -21.61 43.17
C GLU C 397 -18.44 -20.36 43.71
N SER C 398 -18.69 -19.34 42.96
CA SER C 398 -18.20 -18.08 43.31
C SER C 398 -19.01 -17.41 44.35
N GLN C 399 -20.33 -17.47 44.22
CA GLN C 399 -21.13 -16.88 45.26
C GLN C 399 -20.90 -17.59 46.54
N ALA C 400 -20.67 -18.88 46.41
CA ALA C 400 -20.43 -19.66 47.53
C ALA C 400 -19.19 -19.21 48.19
N ALA C 401 -18.17 -19.08 47.41
CA ALA C 401 -16.96 -18.78 47.96
C ALA C 401 -16.90 -17.44 48.60
N ARG C 402 -17.35 -16.46 47.86
CA ARG C 402 -17.33 -15.13 48.33
C ARG C 402 -18.15 -14.96 49.57
N MET C 403 -19.23 -15.72 49.64
CA MET C 403 -19.98 -15.77 50.83
C MET C 403 -19.23 -16.39 52.00
N ILE C 404 -18.44 -17.36 51.71
CA ILE C 404 -17.73 -17.97 52.77
C ILE C 404 -16.71 -16.98 53.29
N HIS C 405 -16.10 -16.18 52.41
CA HIS C 405 -15.21 -15.13 52.88
C HIS C 405 -15.97 -14.07 53.62
N SER C 406 -17.22 -13.87 53.27
CA SER C 406 -17.98 -12.91 54.01
C SER C 406 -18.20 -13.38 55.43
N THR C 407 -18.36 -14.69 55.55
CA THR C 407 -18.65 -15.29 56.79
C THR C 407 -17.46 -15.33 57.71
N ALA C 408 -16.33 -15.73 57.16
CA ALA C 408 -15.08 -15.68 57.88
C ALA C 408 -14.74 -14.25 58.22
N GLY C 409 -15.19 -13.35 57.35
CA GLY C 409 -14.96 -11.94 57.52
C GLY C 409 -15.85 -11.29 58.55
N LEU C 410 -16.86 -12.04 58.96
CA LEU C 410 -17.77 -11.53 59.95
C LEU C 410 -17.72 -12.15 61.32
N TYR C 411 -17.47 -13.44 61.41
CA TYR C 411 -17.52 -14.04 62.72
C TYR C 411 -16.49 -13.59 63.64
N ASN C 412 -15.35 -13.22 63.11
CA ASN C 412 -14.21 -13.05 63.94
C ASN C 412 -14.31 -11.92 64.93
N GLN C 413 -14.69 -10.76 64.43
CA GLN C 413 -14.87 -9.62 65.28
C GLN C 413 -15.99 -9.87 66.29
N PHE C 414 -16.98 -10.64 65.87
CA PHE C 414 -18.01 -11.10 66.74
C PHE C 414 -17.46 -11.96 67.87
N ILE C 415 -16.47 -12.76 67.53
CA ILE C 415 -15.91 -13.70 68.46
C ILE C 415 -15.05 -12.99 69.51
N LYS C 416 -14.15 -12.13 69.05
CA LYS C 416 -13.29 -11.38 69.94
C LYS C 416 -14.11 -10.44 70.78
N GLY C 417 -15.19 -9.93 70.22
CA GLY C 417 -16.06 -8.96 70.91
C GLY C 417 -16.90 -9.63 71.99
N LEU C 418 -17.34 -10.87 71.75
CA LEU C 418 -17.99 -11.61 72.83
C LEU C 418 -16.98 -12.05 73.88
N ASP C 419 -15.80 -12.40 73.41
CA ASP C 419 -14.73 -12.82 74.30
C ASP C 419 -14.21 -11.64 75.15
N SER C 420 -14.39 -10.42 74.66
CA SER C 420 -13.91 -9.17 75.31
C SER C 420 -14.51 -8.92 76.71
N PHE C 421 -15.79 -9.25 76.94
CA PHE C 421 -16.41 -9.04 78.30
C PHE C 421 -16.33 -10.33 79.15
N SER C 422 -15.74 -11.39 78.57
CA SER C 422 -15.38 -12.59 79.35
C SER C 422 -14.31 -12.27 80.36
N GLY C 423 -13.53 -11.24 80.07
CA GLY C 423 -12.57 -10.68 80.98
C GLY C 423 -13.23 -9.91 82.13
N LYS C 424 -14.52 -9.60 82.04
CA LYS C 424 -15.24 -8.85 83.14
C LYS C 424 -16.61 -9.46 83.50
N PRO C 425 -16.63 -10.64 84.16
CA PRO C 425 -17.89 -11.33 84.46
C PRO C 425 -18.81 -10.62 85.39
N ARG C 426 -20.11 -10.80 85.12
CA ARG C 426 -21.21 -10.12 85.79
C ARG C 426 -22.61 -10.73 85.37
N LEU C 436 -19.85 -5.79 69.47
CA LEU C 436 -20.89 -6.79 69.61
C LEU C 436 -21.85 -6.94 68.40
N PRO C 437 -21.39 -7.46 67.23
CA PRO C 437 -22.30 -7.62 66.06
C PRO C 437 -23.38 -8.73 66.24
N ILE C 438 -24.35 -8.62 67.20
CA ILE C 438 -25.39 -9.66 67.47
C ILE C 438 -26.32 -9.94 66.26
N GLU C 439 -27.20 -9.00 66.00
CA GLU C 439 -28.29 -9.24 65.11
C GLU C 439 -27.81 -9.42 63.65
N ALA C 440 -26.68 -8.81 63.31
CA ALA C 440 -26.15 -9.00 61.94
C ALA C 440 -25.60 -10.40 61.79
N VAL C 441 -24.88 -10.88 62.79
CA VAL C 441 -24.44 -12.26 62.71
C VAL C 441 -25.65 -13.24 62.77
N ILE C 442 -26.70 -12.91 63.51
CA ILE C 442 -27.88 -13.76 63.53
C ILE C 442 -28.44 -13.82 62.13
N LEU C 443 -28.39 -12.69 61.43
CA LEU C 443 -28.80 -12.60 60.05
C LEU C 443 -27.95 -13.49 59.16
N SER C 444 -26.65 -13.51 59.43
CA SER C 444 -25.73 -14.38 58.71
C SER C 444 -26.06 -15.83 58.93
N LEU C 445 -26.55 -16.16 60.12
CA LEU C 445 -26.86 -17.52 60.42
C LEU C 445 -28.11 -18.00 59.78
N GLN C 446 -29.14 -17.23 59.91
CA GLN C 446 -30.33 -17.65 59.30
C GLN C 446 -30.13 -17.62 57.76
N ASP C 447 -29.23 -16.77 57.27
CA ASP C 447 -28.87 -16.77 55.84
C ASP C 447 -28.17 -18.00 55.36
N LEU C 448 -27.25 -18.45 56.16
CA LEU C 448 -26.62 -19.67 55.80
C LEU C 448 -27.54 -20.84 55.94
N ILE C 449 -28.42 -20.80 56.92
CA ILE C 449 -29.38 -21.86 57.10
C ILE C 449 -30.25 -21.96 55.92
N GLY C 450 -30.60 -20.81 55.36
CA GLY C 450 -31.38 -20.80 54.16
C GLY C 450 -30.60 -21.30 52.98
N TYR C 451 -29.35 -20.88 52.96
CA TYR C 451 -28.44 -21.26 51.89
C TYR C 451 -28.16 -22.72 51.93
N PHE C 452 -28.29 -23.31 53.11
CA PHE C 452 -28.03 -24.68 53.30
C PHE C 452 -29.19 -25.44 53.84
N GLU C 453 -30.02 -25.92 52.94
CA GLU C 453 -31.07 -26.80 53.30
C GLU C 453 -31.37 -27.80 52.22
N PRO C 454 -32.03 -28.84 52.58
CA PRO C 454 -32.53 -29.84 51.73
C PRO C 454 -33.50 -29.45 50.73
N PRO C 455 -33.41 -30.09 49.56
CA PRO C 455 -34.38 -30.00 48.53
C PRO C 455 -35.73 -30.39 49.08
N SER C 456 -36.74 -29.76 48.50
CA SER C 456 -38.10 -30.11 48.70
C SER C 456 -38.45 -31.52 48.43
N GLU C 457 -39.10 -32.09 49.40
CA GLU C 457 -39.57 -33.44 49.28
C GLU C 457 -40.67 -33.50 48.26
N GLU C 458 -41.39 -32.41 48.16
CA GLU C 458 -42.41 -32.22 47.17
C GLU C 458 -41.80 -31.69 45.92
N LEU C 459 -41.02 -32.56 45.34
CA LEU C 459 -40.41 -32.24 44.12
C LEU C 459 -40.15 -33.51 43.30
N GLN C 460 -39.96 -33.31 42.03
CA GLN C 460 -39.61 -34.38 41.18
C GLN C 460 -38.25 -34.91 41.58
N HIS C 461 -38.07 -36.22 41.40
CA HIS C 461 -36.86 -36.84 41.89
C HIS C 461 -35.61 -36.32 41.26
N GLU C 462 -35.72 -35.85 40.04
CA GLU C 462 -34.53 -35.43 39.36
C GLU C 462 -34.06 -34.14 39.94
N GLU C 463 -34.93 -33.16 40.11
CA GLU C 463 -34.52 -31.96 40.73
C GLU C 463 -34.21 -32.10 42.14
N LYS C 464 -34.85 -33.02 42.83
CA LYS C 464 -34.49 -33.31 44.21
C LYS C 464 -33.07 -33.81 44.32
N GLN C 465 -32.72 -34.63 43.38
CA GLN C 465 -31.49 -35.27 43.45
C GLN C 465 -30.41 -34.29 42.99
N SER C 466 -30.68 -33.52 41.94
CA SER C 466 -29.74 -32.52 41.47
C SER C 466 -29.54 -31.44 42.47
N LYS C 467 -30.63 -31.04 43.09
CA LYS C 467 -30.53 -30.03 44.05
C LYS C 467 -29.78 -30.56 45.23
N LEU C 468 -29.94 -31.84 45.48
CA LEU C 468 -29.18 -32.48 46.51
C LEU C 468 -27.71 -32.53 46.17
N ARG C 469 -27.37 -32.62 44.90
CA ARG C 469 -26.02 -32.51 44.48
C ARG C 469 -25.50 -31.11 44.71
N SER C 470 -26.35 -30.12 44.56
CA SER C 470 -25.95 -28.78 44.87
C SER C 470 -25.71 -28.61 46.31
N LEU C 471 -26.44 -29.36 47.10
CA LEU C 471 -26.29 -29.32 48.52
C LEU C 471 -25.05 -29.95 48.99
N ARG C 472 -24.80 -31.09 48.42
CA ARG C 472 -23.64 -31.80 48.73
C ARG C 472 -22.40 -30.99 48.35
N ASN C 473 -22.48 -30.28 47.23
CA ASN C 473 -21.40 -29.49 46.75
C ASN C 473 -21.17 -28.29 47.61
N ARG C 474 -22.24 -27.59 47.94
CA ARG C 474 -22.11 -26.43 48.75
C ARG C 474 -21.60 -26.73 50.15
N GLN C 475 -22.05 -27.85 50.70
CA GLN C 475 -21.61 -28.25 52.01
C GLN C 475 -20.18 -28.60 51.96
N SER C 476 -19.77 -29.27 50.90
CA SER C 476 -18.40 -29.61 50.74
C SER C 476 -17.57 -28.37 50.65
N LEU C 477 -18.11 -27.36 49.99
CA LEU C 477 -17.37 -26.17 49.75
C LEU C 477 -17.15 -25.41 51.02
N PHE C 478 -18.19 -25.23 51.80
CA PHE C 478 -17.96 -24.52 53.02
C PHE C 478 -17.10 -25.35 53.97
N GLN C 479 -17.18 -26.68 53.84
CA GLN C 479 -16.34 -27.56 54.65
C GLN C 479 -14.90 -27.47 54.23
N GLU C 480 -14.63 -26.99 53.01
CA GLU C 480 -13.25 -26.92 52.50
C GLU C 480 -12.36 -26.03 53.31
N GLU C 481 -12.95 -24.99 53.89
CA GLU C 481 -12.25 -24.16 54.83
C GLU C 481 -12.43 -24.58 56.27
N GLY C 482 -13.54 -25.24 56.60
CA GLY C 482 -13.81 -25.77 57.92
C GLY C 482 -14.22 -24.68 58.87
N MET C 483 -14.90 -23.68 58.34
CA MET C 483 -15.26 -22.54 59.23
C MET C 483 -16.27 -22.87 60.29
N LEU C 484 -16.91 -23.95 59.99
CA LEU C 484 -17.72 -24.68 60.87
C LEU C 484 -17.06 -25.00 62.21
N SER C 485 -15.77 -25.24 62.14
CA SER C 485 -14.97 -25.39 63.30
C SER C 485 -14.80 -24.07 64.02
N LEU C 486 -14.82 -22.96 63.29
CA LEU C 486 -14.83 -21.66 63.95
C LEU C 486 -16.14 -21.51 64.68
N VAL C 487 -17.18 -22.08 64.11
CA VAL C 487 -18.43 -22.10 64.80
C VAL C 487 -18.38 -22.95 66.04
N LEU C 488 -17.62 -24.03 65.93
CA LEU C 488 -17.37 -24.89 67.05
C LEU C 488 -16.64 -24.11 68.19
N ASN C 489 -15.73 -23.22 67.81
CA ASN C 489 -15.08 -22.33 68.77
C ASN C 489 -16.01 -21.35 69.41
N CYS C 490 -17.00 -20.96 68.61
CA CYS C 490 -17.94 -20.03 69.09
C CYS C 490 -18.72 -20.64 70.21
N ILE C 491 -19.20 -21.82 69.91
CA ILE C 491 -20.00 -22.57 70.86
C ILE C 491 -19.21 -22.87 72.10
N ASP C 492 -17.92 -23.08 71.91
CA ASP C 492 -17.07 -23.28 73.03
C ASP C 492 -17.00 -22.04 73.91
N ARG C 493 -17.06 -20.86 73.27
CA ARG C 493 -16.94 -19.60 74.03
C ARG C 493 -18.21 -19.13 74.72
N LEU C 494 -19.32 -19.72 74.33
CA LEU C 494 -20.58 -19.16 74.66
C LEU C 494 -21.14 -19.69 75.94
N ASN C 495 -21.48 -20.98 75.93
CA ASN C 495 -22.43 -21.54 76.86
C ASN C 495 -21.79 -21.92 78.16
N VAL C 496 -20.83 -21.10 78.56
CA VAL C 496 -20.39 -20.99 79.92
C VAL C 496 -21.56 -20.50 80.81
N TYR C 497 -22.39 -19.64 80.28
CA TYR C 497 -23.38 -18.93 81.05
C TYR C 497 -24.54 -19.85 81.49
N THR C 498 -25.07 -19.51 82.63
CA THR C 498 -26.33 -20.03 83.06
C THR C 498 -27.52 -19.24 82.50
N THR C 499 -27.31 -18.06 81.93
CA THR C 499 -28.46 -17.22 81.47
C THR C 499 -28.09 -16.09 80.50
N TYR C 506 -26.14 -13.34 80.63
CA TYR C 506 -25.54 -13.32 81.94
C TYR C 506 -24.50 -12.25 82.01
N ALA C 507 -23.34 -12.48 81.37
CA ALA C 507 -22.39 -11.37 81.26
C ALA C 507 -22.90 -10.43 80.21
N GLY C 508 -22.66 -9.14 80.38
CA GLY C 508 -23.28 -8.12 79.56
C GLY C 508 -24.69 -7.77 80.11
N GLU C 509 -25.53 -8.76 80.39
CA GLU C 509 -26.87 -8.56 81.00
C GLU C 509 -27.83 -7.63 80.20
N GLU C 510 -27.75 -7.66 78.87
CA GLU C 510 -28.52 -6.77 77.99
C GLU C 510 -28.73 -7.38 76.58
N ALA C 511 -27.65 -7.65 75.82
CA ALA C 511 -27.76 -8.31 74.47
C ALA C 511 -27.90 -9.84 74.71
N ALA C 512 -27.72 -10.27 75.96
CA ALA C 512 -27.61 -11.74 76.27
C ALA C 512 -28.93 -12.46 76.21
N GLU C 513 -30.05 -11.75 76.22
CA GLU C 513 -31.32 -12.48 76.09
C GLU C 513 -31.49 -13.04 74.68
N SER C 514 -30.92 -12.38 73.68
CA SER C 514 -30.87 -12.98 72.33
C SER C 514 -29.93 -14.20 72.23
N TRP C 515 -29.04 -14.31 73.19
CA TRP C 515 -27.94 -15.28 73.18
C TRP C 515 -28.28 -16.79 73.17
N LYS C 516 -29.34 -17.18 73.83
CA LYS C 516 -29.75 -18.59 73.80
C LYS C 516 -30.29 -18.99 72.40
N GLU C 517 -31.01 -18.06 71.79
CA GLU C 517 -31.50 -18.25 70.48
C GLU C 517 -30.35 -18.31 69.54
N ILE C 518 -29.34 -17.53 69.85
CA ILE C 518 -28.25 -17.44 68.95
C ILE C 518 -27.53 -18.74 68.96
N VAL C 519 -27.19 -19.22 70.14
CA VAL C 519 -26.44 -20.45 70.25
C VAL C 519 -27.18 -21.61 69.62
N ASN C 520 -28.48 -21.66 69.87
CA ASN C 520 -29.24 -22.69 69.29
C ASN C 520 -29.22 -22.59 67.78
N LEU C 521 -29.24 -21.37 67.32
CA LEU C 521 -29.22 -21.13 65.93
C LEU C 521 -27.91 -21.58 65.31
N LEU C 522 -26.87 -21.48 66.07
CA LEU C 522 -25.66 -21.97 65.59
C LEU C 522 -25.67 -23.47 65.51
N TYR C 523 -26.24 -24.15 66.49
CA TYR C 523 -26.23 -25.59 66.38
C TYR C 523 -26.97 -25.98 65.16
N GLU C 524 -28.00 -25.23 64.87
CA GLU C 524 -28.79 -25.56 63.75
C GLU C 524 -28.03 -25.35 62.51
N LEU C 525 -27.17 -24.37 62.51
CA LEU C 525 -26.36 -24.18 61.36
C LEU C 525 -25.44 -25.33 61.09
N LEU C 526 -24.76 -25.67 62.13
CA LEU C 526 -23.82 -26.73 62.05
C LEU C 526 -24.46 -27.97 61.56
N ALA C 527 -25.65 -28.19 62.09
CA ALA C 527 -26.44 -29.32 61.72
C ALA C 527 -26.75 -29.33 60.28
N SER C 528 -27.02 -28.13 59.80
CA SER C 528 -27.38 -28.01 58.44
C SER C 528 -26.19 -28.40 57.60
N LEU C 529 -24.99 -28.13 58.10
CA LEU C 529 -23.80 -28.60 57.46
C LEU C 529 -23.54 -30.04 57.56
N ILE C 530 -24.08 -30.63 58.57
CA ILE C 530 -23.85 -32.04 58.74
C ILE C 530 -24.82 -33.00 58.01
N ARG C 531 -26.07 -32.63 57.75
CA ARG C 531 -27.07 -33.70 57.43
C ARG C 531 -26.79 -34.43 56.15
N GLY C 532 -26.11 -33.74 55.22
CA GLY C 532 -25.87 -34.21 53.88
C GLY C 532 -24.49 -34.73 53.59
N ASN C 533 -23.61 -34.95 54.56
CA ASN C 533 -22.25 -35.36 54.31
C ASN C 533 -21.66 -36.33 55.31
N ARG C 534 -20.76 -37.20 54.82
CA ARG C 534 -20.02 -38.09 55.70
C ARG C 534 -18.86 -37.37 56.38
N ALA C 535 -18.18 -36.58 55.58
CA ALA C 535 -16.92 -36.07 55.99
C ALA C 535 -16.97 -35.17 57.15
N ASN C 536 -18.05 -34.44 57.24
CA ASN C 536 -18.17 -33.57 58.35
C ASN C 536 -18.15 -34.33 59.64
N CYS C 537 -18.86 -35.43 59.56
CA CYS C 537 -18.96 -36.34 60.66
C CYS C 537 -17.63 -36.94 60.97
N ALA C 538 -16.87 -37.16 59.93
CA ALA C 538 -15.56 -37.68 60.11
C ALA C 538 -14.71 -36.72 60.90
N LEU C 539 -14.88 -35.44 60.63
CA LEU C 539 -14.20 -34.45 61.42
C LEU C 539 -14.72 -34.41 62.84
N PHE C 540 -15.99 -34.75 63.00
CA PHE C 540 -16.61 -34.69 64.29
C PHE C 540 -16.41 -35.89 65.12
N SER C 541 -15.77 -36.90 64.58
CA SER C 541 -15.51 -38.10 65.34
C SER C 541 -14.67 -37.82 66.58
N THR C 542 -13.78 -36.86 66.47
CA THR C 542 -13.02 -36.39 67.60
C THR C 542 -13.85 -35.53 68.50
N ASN C 543 -14.89 -34.94 67.91
CA ASN C 543 -15.76 -34.05 68.63
C ASN C 543 -16.86 -34.80 69.34
N LEU C 544 -16.92 -36.12 69.26
CA LEU C 544 -17.95 -36.92 69.95
C LEU C 544 -17.95 -36.63 71.42
N ASP C 545 -16.78 -36.61 72.01
CA ASP C 545 -16.64 -36.30 73.40
C ASP C 545 -17.08 -34.87 73.64
N TRP C 546 -16.83 -34.01 72.66
CA TRP C 546 -17.24 -32.63 72.71
C TRP C 546 -18.73 -32.48 72.59
N VAL C 547 -19.29 -33.19 71.64
CA VAL C 547 -20.68 -33.14 71.42
C VAL C 547 -21.43 -33.64 72.66
N VAL C 548 -20.91 -34.69 73.25
CA VAL C 548 -21.51 -35.21 74.42
C VAL C 548 -21.31 -34.22 75.56
N SER C 549 -20.22 -33.48 75.50
CA SER C 549 -19.95 -32.48 76.51
C SER C 549 -20.99 -31.38 76.46
N LYS C 550 -21.50 -31.13 75.26
CA LYS C 550 -22.43 -30.06 75.09
C LYS C 550 -23.86 -30.49 75.25
N LEU C 551 -24.16 -31.76 75.06
CA LEU C 551 -25.52 -32.21 75.17
C LEU C 551 -26.07 -32.05 76.54
N ASP C 552 -25.18 -31.99 77.50
CA ASP C 552 -25.57 -31.87 78.89
C ASP C 552 -26.28 -30.54 79.18
N ARG C 553 -26.09 -29.56 78.30
CA ARG C 553 -26.75 -28.27 78.41
C ARG C 553 -28.25 -28.43 78.35
N LEU C 554 -28.97 -27.59 79.07
CA LEU C 554 -30.39 -27.77 79.23
C LEU C 554 -31.26 -26.58 78.79
N GLU C 555 -31.04 -26.04 77.59
CA GLU C 555 -31.78 -24.86 77.14
C GLU C 555 -32.05 -24.79 75.64
N ALA C 556 -31.15 -25.36 74.87
CA ALA C 556 -31.18 -25.36 73.43
C ALA C 556 -30.62 -26.70 72.95
N SER C 557 -30.91 -27.75 73.71
CA SER C 557 -30.35 -29.09 73.50
C SER C 557 -30.82 -29.72 72.23
N SER C 558 -31.95 -29.28 71.72
CA SER C 558 -32.55 -29.87 70.56
C SER C 558 -31.72 -29.78 69.34
N GLY C 559 -31.00 -28.68 69.20
CA GLY C 559 -30.20 -28.53 68.03
C GLY C 559 -28.97 -29.39 68.14
N ILE C 560 -28.49 -29.51 69.35
CA ILE C 560 -27.42 -30.38 69.62
C ILE C 560 -27.86 -31.79 69.31
N LEU C 561 -29.13 -32.02 69.49
CA LEU C 561 -29.68 -33.31 69.27
C LEU C 561 -29.74 -33.59 67.81
N GLU C 562 -30.16 -32.62 67.02
CA GLU C 562 -30.21 -32.83 65.62
C GLU C 562 -28.84 -33.06 65.13
N VAL C 563 -27.92 -32.41 65.77
CA VAL C 563 -26.58 -32.58 65.41
C VAL C 563 -26.14 -33.97 65.61
N LEU C 564 -26.33 -34.45 66.79
CA LEU C 564 -25.85 -35.71 67.12
C LEU C 564 -26.50 -36.70 66.27
N TYR C 565 -27.77 -36.44 65.99
CA TYR C 565 -28.54 -37.31 65.22
C TYR C 565 -27.99 -37.50 63.85
N CYS C 566 -27.76 -36.39 63.19
CA CYS C 566 -27.28 -36.49 61.85
C CYS C 566 -25.91 -37.06 61.74
N VAL C 567 -25.14 -36.76 62.76
CA VAL C 567 -23.86 -37.30 62.81
C VAL C 567 -23.91 -38.80 62.88
N LEU C 568 -24.84 -39.27 63.66
CA LEU C 568 -24.97 -40.66 63.75
C LEU C 568 -25.47 -41.24 62.48
N ILE C 569 -26.26 -40.48 61.75
CA ILE C 569 -26.77 -40.95 60.52
C ILE C 569 -25.67 -41.19 59.54
N GLU C 570 -24.64 -40.37 59.64
CA GLU C 570 -23.67 -40.40 58.61
C GLU C 570 -22.27 -40.71 59.05
N SER C 571 -22.15 -41.60 60.02
CA SER C 571 -20.87 -41.97 60.53
C SER C 571 -20.82 -43.15 61.40
N PRO C 572 -20.67 -44.34 60.79
CA PRO C 572 -20.52 -45.60 61.52
C PRO C 572 -19.35 -45.63 62.42
N GLU C 573 -18.29 -44.99 61.98
CA GLU C 573 -17.10 -44.98 62.71
C GLU C 573 -17.30 -44.34 64.04
N VAL C 574 -18.14 -43.33 64.06
CA VAL C 574 -18.42 -42.64 65.26
C VAL C 574 -19.20 -43.56 66.20
N LEU C 575 -20.01 -44.44 65.62
CA LEU C 575 -20.65 -45.46 66.40
C LEU C 575 -19.67 -46.41 67.00
N ASN C 576 -18.61 -46.69 66.27
CA ASN C 576 -17.55 -47.49 66.81
C ASN C 576 -16.82 -46.84 67.96
N ILE C 577 -16.75 -45.53 67.90
CA ILE C 577 -15.92 -44.80 68.80
C ILE C 577 -16.59 -44.51 70.11
N ILE C 578 -17.87 -44.24 70.11
CA ILE C 578 -18.46 -43.60 71.24
C ILE C 578 -18.29 -44.40 72.52
N GLN C 579 -17.99 -43.69 73.59
CA GLN C 579 -17.62 -44.33 74.86
C GLN C 579 -18.74 -44.79 75.67
N GLU C 580 -18.49 -45.71 76.60
CA GLU C 580 -19.59 -46.48 77.20
C GLU C 580 -20.33 -45.75 78.30
N ASN C 581 -20.41 -44.47 78.10
CA ASN C 581 -20.71 -43.61 79.16
C ASN C 581 -21.21 -42.32 78.60
N HIS C 582 -20.63 -41.87 77.50
CA HIS C 582 -21.18 -40.77 76.73
C HIS C 582 -22.57 -41.13 76.23
N ILE C 583 -22.72 -42.37 75.91
CA ILE C 583 -23.98 -42.92 75.59
C ILE C 583 -24.88 -42.86 76.82
N LYS C 584 -24.31 -43.21 77.95
CA LYS C 584 -25.01 -43.17 79.20
C LYS C 584 -25.35 -41.71 79.50
N SER C 585 -24.52 -40.81 79.01
CA SER C 585 -24.82 -39.39 79.06
C SER C 585 -26.01 -39.02 78.19
N ILE C 586 -26.21 -39.77 77.13
CA ILE C 586 -27.32 -39.54 76.29
C ILE C 586 -28.61 -40.06 76.89
N ILE C 587 -28.57 -41.25 77.44
CA ILE C 587 -29.74 -41.79 78.09
C ILE C 587 -30.10 -40.91 79.23
N SER C 588 -29.06 -40.42 79.88
CA SER C 588 -29.23 -39.49 80.95
C SER C 588 -29.83 -38.19 80.44
N LEU C 589 -29.50 -37.84 79.21
CA LEU C 589 -30.12 -36.71 78.61
C LEU C 589 -31.62 -36.92 78.46
N LEU C 590 -31.96 -38.12 78.06
CA LEU C 590 -33.31 -38.40 77.90
C LEU C 590 -34.05 -38.36 79.19
N ASP C 591 -33.39 -38.78 80.21
CA ASP C 591 -34.00 -38.67 81.52
C ASP C 591 -34.10 -37.23 81.99
N LYS C 592 -33.18 -36.38 81.53
CA LYS C 592 -33.24 -34.97 81.79
C LYS C 592 -34.44 -34.33 81.10
N HIS C 593 -34.79 -34.85 79.93
CA HIS C 593 -35.78 -34.21 79.11
C HIS C 593 -37.10 -34.88 79.12
N GLY C 594 -37.23 -35.93 79.88
CA GLY C 594 -38.48 -36.62 79.88
C GLY C 594 -38.77 -37.24 78.55
N ARG C 595 -40.02 -37.11 78.10
CA ARG C 595 -40.48 -37.85 76.91
C ARG C 595 -40.25 -37.09 75.61
N ASN C 596 -39.04 -37.15 75.08
CA ASN C 596 -38.72 -36.59 73.76
C ASN C 596 -38.32 -37.66 72.82
N HIS C 597 -39.14 -37.79 71.83
CA HIS C 597 -38.97 -38.80 70.84
C HIS C 597 -37.75 -38.70 69.98
N LYS C 598 -37.26 -37.51 69.85
CA LYS C 598 -36.13 -37.29 69.06
C LYS C 598 -34.89 -38.05 69.55
N VAL C 599 -34.79 -38.10 70.84
CA VAL C 599 -33.66 -38.72 71.46
C VAL C 599 -33.61 -40.19 71.17
N LEU C 600 -34.78 -40.73 71.03
CA LEU C 600 -34.91 -42.09 70.70
C LEU C 600 -34.50 -42.36 69.28
N ASP C 601 -34.80 -41.42 68.39
CA ASP C 601 -34.40 -41.57 67.01
C ASP C 601 -32.89 -41.55 66.99
N VAL C 602 -32.34 -40.78 67.91
CA VAL C 602 -30.93 -40.75 68.13
C VAL C 602 -30.41 -42.07 68.59
N LEU C 603 -31.19 -42.75 69.38
CA LEU C 603 -30.72 -43.95 69.90
C LEU C 603 -30.70 -45.06 68.93
N CYS C 604 -31.77 -45.17 68.18
CA CYS C 604 -31.82 -46.17 67.16
C CYS C 604 -30.75 -45.89 66.11
N SER C 605 -30.46 -44.62 65.94
CA SER C 605 -29.35 -44.27 65.12
C SER C 605 -28.04 -44.76 65.72
N LEU C 606 -27.93 -44.74 67.03
CA LEU C 606 -26.75 -45.29 67.61
C LEU C 606 -26.62 -46.74 67.42
N CYS C 607 -27.74 -47.40 67.36
CA CYS C 607 -27.73 -48.81 67.40
C CYS C 607 -27.06 -49.40 66.17
N VAL C 608 -27.23 -48.74 65.04
CA VAL C 608 -26.96 -49.38 63.79
C VAL C 608 -26.31 -48.47 62.86
N CYS C 609 -25.38 -49.07 62.13
CA CYS C 609 -24.60 -48.32 61.18
C CYS C 609 -25.29 -48.29 59.85
N ASN C 610 -24.44 -48.23 58.85
CA ASN C 610 -24.86 -48.27 57.52
C ASN C 610 -25.56 -49.56 57.18
N GLY C 611 -25.22 -50.61 57.90
CA GLY C 611 -25.94 -51.87 57.84
C GLY C 611 -25.55 -52.72 59.00
N VAL C 612 -24.28 -52.62 59.33
CA VAL C 612 -23.68 -53.34 60.41
C VAL C 612 -23.99 -52.69 61.70
N ALA C 613 -23.69 -53.37 62.80
CA ALA C 613 -23.92 -52.78 64.06
C ALA C 613 -22.92 -53.18 65.14
N VAL C 614 -22.78 -52.23 66.04
CA VAL C 614 -22.11 -52.40 67.29
C VAL C 614 -23.06 -52.93 68.33
N ARG C 615 -22.96 -54.24 68.46
CA ARG C 615 -23.85 -54.93 69.27
C ARG C 615 -23.68 -54.55 70.72
N SER C 616 -22.46 -54.20 71.07
CA SER C 616 -22.13 -53.97 72.46
C SER C 616 -22.75 -52.75 73.03
N ASN C 617 -22.69 -51.67 72.27
CA ASN C 617 -23.23 -50.45 72.71
C ASN C 617 -24.68 -50.53 72.84
N GLN C 618 -25.28 -51.35 72.00
CA GLN C 618 -26.69 -51.61 72.09
C GLN C 618 -27.08 -52.39 73.30
N ASP C 619 -26.28 -53.37 73.64
CA ASP C 619 -26.57 -54.15 74.82
C ASP C 619 -26.40 -53.24 76.04
N LEU C 620 -25.50 -52.28 75.93
CA LEU C 620 -25.36 -51.25 76.94
C LEU C 620 -26.55 -50.38 76.98
N ILE C 621 -27.17 -50.16 75.84
CA ILE C 621 -28.38 -49.38 75.81
C ILE C 621 -29.46 -50.09 76.53
N THR C 622 -29.49 -51.39 76.39
CA THR C 622 -30.52 -52.14 76.99
C THR C 622 -30.32 -52.21 78.48
N GLU C 623 -29.09 -52.53 78.92
CA GLU C 623 -28.82 -52.63 80.35
C GLU C 623 -29.02 -51.29 81.01
N ASN C 624 -28.68 -50.24 80.31
CA ASN C 624 -28.98 -48.94 80.80
C ASN C 624 -30.46 -48.55 80.69
N LEU C 625 -31.23 -49.21 79.83
CA LEU C 625 -32.67 -48.99 79.72
C LEU C 625 -33.53 -50.04 80.41
N LEU C 626 -33.49 -51.23 79.83
CA LEU C 626 -34.44 -52.27 80.22
C LEU C 626 -34.42 -52.65 81.70
N PRO C 627 -33.22 -52.90 82.27
CA PRO C 627 -33.23 -52.97 83.72
C PRO C 627 -33.67 -51.69 84.40
N GLY C 628 -33.38 -50.53 83.83
CA GLY C 628 -33.66 -49.27 84.49
C GLY C 628 -35.15 -49.01 84.52
N ARG C 629 -35.89 -49.73 83.69
CA ARG C 629 -37.36 -49.73 83.71
C ARG C 629 -37.93 -48.39 83.46
N GLU C 630 -37.62 -47.53 84.40
CA GLU C 630 -38.31 -46.31 84.54
C GLU C 630 -38.18 -45.28 83.42
N LEU C 631 -37.08 -45.24 82.68
CA LEU C 631 -36.95 -44.18 81.68
C LEU C 631 -37.80 -44.39 80.44
N LEU C 632 -37.65 -45.54 79.79
CA LEU C 632 -38.50 -45.82 78.68
C LEU C 632 -39.89 -46.22 79.22
N LEU C 633 -40.93 -45.91 78.46
CA LEU C 633 -42.27 -46.39 78.81
C LEU C 633 -42.36 -47.88 78.56
N GLN C 634 -43.16 -48.54 79.36
CA GLN C 634 -43.18 -49.93 79.40
C GLN C 634 -44.58 -50.41 79.72
N THR C 635 -44.77 -51.65 79.34
CA THR C 635 -46.08 -52.18 79.21
C THR C 635 -46.21 -53.63 79.59
N ASN C 636 -47.43 -54.03 79.84
CA ASN C 636 -47.76 -55.39 80.18
C ASN C 636 -49.25 -55.61 79.99
N LEU C 637 -49.89 -56.42 80.80
CA LEU C 637 -51.34 -56.53 80.70
C LEU C 637 -51.91 -57.14 81.95
N ILE C 638 -53.20 -56.88 82.19
CA ILE C 638 -53.86 -57.46 83.34
C ILE C 638 -55.05 -58.27 82.81
N ASN C 639 -55.98 -58.69 83.65
CA ASN C 639 -57.31 -59.15 83.24
C ASN C 639 -58.30 -58.18 83.78
N TYR C 640 -59.49 -58.14 83.21
CA TYR C 640 -60.47 -57.15 83.67
C TYR C 640 -60.86 -57.36 85.12
N VAL C 641 -60.95 -56.27 85.88
CA VAL C 641 -61.27 -56.28 87.32
C VAL C 641 -62.72 -55.76 87.50
N THR C 642 -63.52 -56.36 88.41
CA THR C 642 -64.93 -55.92 88.68
C THR C 642 -65.27 -55.99 90.17
N SER C 643 -65.44 -54.84 90.80
CA SER C 643 -65.87 -54.76 92.18
C SER C 643 -67.39 -55.01 92.33
N ILE C 644 -67.82 -55.52 93.50
CA ILE C 644 -69.27 -55.72 93.85
C ILE C 644 -69.60 -55.14 95.19
N ARG C 645 -70.73 -54.48 95.29
CA ARG C 645 -71.10 -53.99 96.59
C ARG C 645 -72.55 -54.28 96.87
N PRO C 646 -72.86 -54.49 98.16
CA PRO C 646 -74.23 -54.38 98.65
C PRO C 646 -74.73 -52.96 98.49
N ASN C 647 -76.04 -52.82 98.28
CA ASN C 647 -76.59 -51.53 97.88
C ASN C 647 -76.43 -50.39 98.87
N ILE C 648 -76.37 -50.76 100.14
CA ILE C 648 -76.33 -49.81 101.21
C ILE C 648 -74.97 -49.40 101.73
N PHE C 649 -74.78 -48.10 101.64
CA PHE C 649 -73.68 -47.42 102.21
C PHE C 649 -73.88 -47.26 103.71
N VAL C 650 -72.83 -47.39 104.51
CA VAL C 650 -72.87 -47.13 105.97
C VAL C 650 -72.23 -45.79 106.37
N GLY C 651 -72.86 -45.01 107.27
CA GLY C 651 -72.31 -43.71 107.81
C GLY C 651 -72.37 -43.53 109.36
N GLY C 660 -74.29 -47.74 113.70
CA GLY C 660 -73.40 -48.44 114.60
C GLY C 660 -72.39 -49.32 113.86
N LYS C 661 -71.84 -50.29 114.59
CA LYS C 661 -70.96 -51.31 114.00
C LYS C 661 -71.78 -52.24 113.13
N TRP C 662 -71.15 -52.72 112.07
CA TRP C 662 -71.84 -53.57 111.13
C TRP C 662 -71.03 -54.76 110.83
N TYR C 663 -71.77 -55.77 110.38
CA TYR C 663 -71.17 -57.03 110.07
C TYR C 663 -71.80 -57.75 108.86
N PHE C 664 -70.98 -58.37 107.99
CA PHE C 664 -71.52 -59.10 106.83
C PHE C 664 -70.64 -60.27 106.44
N GLU C 665 -71.33 -61.16 105.73
CA GLU C 665 -70.82 -62.43 105.44
C GLU C 665 -70.59 -62.60 103.91
N VAL C 666 -69.46 -63.22 103.54
CA VAL C 666 -69.14 -63.51 102.14
C VAL C 666 -68.50 -64.87 101.95
N MET C 667 -69.35 -65.82 101.61
CA MET C 667 -68.89 -67.15 101.34
C MET C 667 -68.23 -67.11 99.99
N VAL C 668 -67.13 -67.88 99.89
CA VAL C 668 -66.44 -68.06 98.63
C VAL C 668 -66.86 -69.33 97.89
N ASP C 669 -67.86 -69.23 97.02
CA ASP C 669 -68.35 -70.39 96.21
C ASP C 669 -67.36 -70.95 95.21
N GLU C 670 -66.53 -70.09 94.67
CA GLU C 670 -65.67 -70.48 93.57
C GLU C 670 -64.41 -69.58 93.48
N VAL C 671 -63.28 -70.18 93.11
CA VAL C 671 -62.03 -69.43 92.69
C VAL C 671 -61.37 -70.19 91.50
N VAL C 672 -60.86 -69.50 90.47
CA VAL C 672 -60.11 -70.14 89.38
C VAL C 672 -58.83 -69.35 89.24
N PRO C 673 -57.87 -69.62 90.13
CA PRO C 673 -56.74 -68.74 90.39
C PRO C 673 -55.85 -68.42 89.19
N PHE C 674 -55.57 -69.40 88.33
CA PHE C 674 -54.52 -69.21 87.31
C PHE C 674 -54.96 -69.25 85.91
N LEU C 675 -56.26 -69.15 85.69
CA LEU C 675 -56.72 -69.03 84.33
C LEU C 675 -56.17 -67.73 83.77
N THR C 676 -55.77 -67.77 82.51
CA THR C 676 -55.01 -66.70 81.87
C THR C 676 -53.72 -66.36 82.60
N ALA C 677 -52.92 -65.46 82.03
CA ALA C 677 -51.55 -65.20 82.54
C ALA C 677 -51.58 -64.60 83.91
N GLN C 678 -52.62 -63.82 84.20
CA GLN C 678 -52.72 -63.17 85.49
C GLN C 678 -53.19 -64.18 86.55
N ALA C 679 -52.69 -64.04 87.78
CA ALA C 679 -53.34 -64.67 88.90
C ALA C 679 -54.69 -63.98 89.08
N THR C 680 -55.73 -64.76 89.35
CA THR C 680 -57.09 -64.24 89.38
C THR C 680 -57.23 -63.26 90.53
N HIS C 681 -57.84 -62.13 90.24
CA HIS C 681 -58.15 -61.14 91.22
C HIS C 681 -59.38 -61.56 92.05
N LEU C 682 -59.43 -61.17 93.33
CA LEU C 682 -60.66 -61.39 94.18
C LEU C 682 -60.48 -60.70 95.51
N ARG C 683 -60.02 -59.47 95.46
CA ARG C 683 -59.86 -58.68 96.68
C ARG C 683 -61.22 -58.30 97.27
N VAL C 684 -61.25 -58.16 98.61
CA VAL C 684 -62.48 -57.85 99.35
C VAL C 684 -62.21 -56.82 100.44
N GLY C 685 -62.98 -55.74 100.46
CA GLY C 685 -62.76 -54.75 101.49
C GLY C 685 -63.66 -53.53 101.47
N TRP C 686 -63.54 -52.72 102.50
CA TRP C 686 -64.36 -51.54 102.68
C TRP C 686 -63.96 -50.38 101.78
N ALA C 687 -64.86 -49.43 101.52
CA ALA C 687 -64.61 -48.32 100.54
C ALA C 687 -65.55 -47.17 100.68
N LEU C 688 -65.28 -46.03 100.05
CA LEU C 688 -66.20 -44.88 100.13
C LEU C 688 -66.32 -44.09 98.82
N THR C 689 -67.45 -43.41 98.56
CA THR C 689 -67.70 -42.72 97.27
C THR C 689 -67.05 -41.33 97.12
N GLU C 690 -65.73 -41.32 96.91
CA GLU C 690 -64.96 -40.17 96.34
C GLU C 690 -63.47 -40.59 96.00
N GLY C 691 -62.81 -41.33 96.89
CA GLY C 691 -61.41 -41.79 96.69
C GLY C 691 -61.32 -43.17 96.08
N TYR C 692 -62.45 -43.71 95.65
CA TYR C 692 -62.50 -44.99 94.94
C TYR C 692 -63.62 -45.02 93.89
N SER C 693 -63.20 -44.87 92.63
CA SER C 693 -64.12 -44.86 91.53
C SER C 693 -63.58 -45.79 90.45
N PRO C 694 -63.75 -47.10 90.69
CA PRO C 694 -63.11 -48.16 89.90
C PRO C 694 -63.56 -48.20 88.42
N TYR C 695 -62.81 -47.59 87.53
CA TYR C 695 -63.06 -47.77 86.11
C TYR C 695 -62.14 -48.82 85.59
N PRO C 696 -62.72 -49.87 85.02
CA PRO C 696 -61.98 -51.04 84.62
C PRO C 696 -60.90 -50.78 83.59
N GLY C 697 -61.15 -49.81 82.73
CA GLY C 697 -60.18 -49.51 81.73
C GLY C 697 -58.90 -48.89 82.23
N GLY C 698 -58.20 -49.54 83.14
CA GLY C 698 -56.93 -48.97 83.62
C GLY C 698 -57.06 -47.93 84.72
N GLY C 699 -55.92 -47.27 85.00
CA GLY C 699 -55.73 -46.38 86.12
C GLY C 699 -55.05 -47.11 87.26
N GLU C 700 -54.15 -46.39 87.89
CA GLU C 700 -53.30 -46.94 88.97
C GLU C 700 -52.38 -48.03 88.49
N GLY C 701 -51.31 -48.27 89.22
CA GLY C 701 -50.35 -49.29 88.87
C GLY C 701 -50.92 -50.67 88.81
N TRP C 702 -51.41 -51.01 87.61
CA TRP C 702 -51.83 -52.35 87.30
C TRP C 702 -52.98 -52.92 88.20
N GLY C 703 -54.07 -52.16 88.36
CA GLY C 703 -55.31 -52.74 88.92
C GLY C 703 -56.46 -51.83 89.24
N GLY C 704 -57.42 -52.34 90.01
CA GLY C 704 -58.64 -51.63 90.35
C GLY C 704 -58.98 -51.60 91.86
N ASN C 705 -59.16 -52.75 92.56
CA ASN C 705 -59.44 -52.77 94.05
C ASN C 705 -58.17 -52.55 94.85
N GLY C 706 -58.29 -51.97 96.04
CA GLY C 706 -57.15 -51.86 96.94
C GLY C 706 -56.24 -50.70 96.64
N VAL C 707 -56.58 -49.96 95.62
CA VAL C 707 -55.74 -48.92 95.13
C VAL C 707 -55.94 -47.58 95.90
N GLY C 708 -57.15 -47.30 96.38
CA GLY C 708 -57.45 -45.99 96.92
C GLY C 708 -56.96 -45.79 98.30
N ASP C 709 -56.65 -44.55 98.67
CA ASP C 709 -56.41 -44.24 100.06
C ASP C 709 -57.72 -44.38 100.78
N ASP C 710 -58.82 -44.06 100.07
CA ASP C 710 -60.14 -44.20 100.71
C ASP C 710 -60.66 -45.67 100.84
N LEU C 711 -60.16 -46.55 99.99
CA LEU C 711 -60.53 -47.94 100.09
C LEU C 711 -59.59 -48.80 101.00
N TYR C 712 -60.14 -49.85 101.62
CA TYR C 712 -59.41 -50.74 102.55
C TYR C 712 -59.68 -52.18 102.14
N SER C 713 -58.69 -53.07 102.09
CA SER C 713 -58.86 -54.35 101.36
C SER C 713 -58.13 -55.58 101.87
N TYR C 714 -58.42 -56.72 101.24
CA TYR C 714 -58.01 -58.05 101.68
C TYR C 714 -57.96 -59.07 100.53
N GLY C 715 -57.12 -60.09 100.66
CA GLY C 715 -57.13 -61.21 99.75
C GLY C 715 -55.87 -61.98 99.71
N PHE C 716 -55.92 -62.98 98.83
CA PHE C 716 -54.78 -63.75 98.40
C PHE C 716 -53.99 -64.37 99.60
N ASP C 717 -52.74 -64.76 99.33
CA ASP C 717 -51.78 -65.41 100.24
C ASP C 717 -51.48 -64.47 101.38
N GLY C 718 -51.41 -65.10 102.55
CA GLY C 718 -50.95 -64.42 103.73
C GLY C 718 -51.99 -63.43 104.18
N LEU C 719 -53.20 -63.55 103.64
CA LEU C 719 -54.28 -62.67 103.90
C LEU C 719 -53.91 -61.21 103.63
N HIS C 720 -53.63 -60.49 104.70
CA HIS C 720 -53.23 -59.09 104.67
C HIS C 720 -54.06 -58.21 103.79
N LEU C 721 -53.47 -57.11 103.36
CA LEU C 721 -54.25 -55.99 102.86
C LEU C 721 -53.62 -55.27 101.71
N TRP C 722 -54.39 -54.35 101.11
CA TRP C 722 -53.91 -53.43 100.09
C TRP C 722 -54.48 -52.03 100.22
N THR C 723 -53.61 -51.04 100.47
CA THR C 723 -53.96 -49.62 100.40
C THR C 723 -52.94 -48.88 99.58
N GLY C 724 -53.38 -48.21 98.52
CA GLY C 724 -52.46 -47.65 97.53
C GLY C 724 -51.96 -48.76 96.64
N HIS C 725 -52.64 -49.89 96.77
CA HIS C 725 -52.25 -51.12 96.15
C HIS C 725 -50.92 -51.56 96.71
N VAL C 726 -50.65 -51.14 97.95
CA VAL C 726 -49.48 -51.57 98.68
C VAL C 726 -49.77 -52.89 99.37
N ALA C 727 -48.90 -53.85 99.16
CA ALA C 727 -49.09 -55.17 99.77
C ALA C 727 -48.41 -55.26 101.13
N ARG C 728 -49.01 -54.65 102.17
CA ARG C 728 -48.50 -54.89 103.54
C ARG C 728 -48.79 -56.34 103.88
N PRO C 729 -47.75 -57.14 104.18
CA PRO C 729 -47.94 -58.58 104.35
C PRO C 729 -48.14 -59.06 105.77
N VAL C 730 -49.18 -58.54 106.47
CA VAL C 730 -49.52 -58.98 107.81
C VAL C 730 -49.91 -60.45 107.68
N THR C 731 -49.18 -61.33 108.35
CA THR C 731 -49.36 -62.78 108.21
C THR C 731 -50.64 -63.21 108.87
N SER C 732 -51.33 -64.17 108.26
CA SER C 732 -52.56 -64.69 108.89
C SER C 732 -52.22 -65.61 110.07
N PRO C 733 -53.15 -65.78 111.05
CA PRO C 733 -52.92 -66.78 112.11
C PRO C 733 -52.68 -68.20 111.53
N GLY C 734 -53.25 -68.51 110.36
CA GLY C 734 -52.95 -69.75 109.63
C GLY C 734 -54.12 -70.18 108.78
N GLN C 735 -53.69 -70.48 107.54
CA GLN C 735 -53.38 -69.40 106.59
C GLN C 735 -54.19 -69.37 105.32
N HIS C 736 -53.67 -69.99 104.27
CA HIS C 736 -54.38 -70.21 103.02
C HIS C 736 -54.77 -68.96 102.26
N LEU C 737 -54.95 -69.11 100.96
CA LEU C 737 -55.32 -68.03 100.08
C LEU C 737 -56.80 -67.90 100.00
N LEU C 738 -57.30 -67.60 98.81
CA LEU C 738 -58.71 -67.63 98.54
C LEU C 738 -59.05 -68.80 97.58
N ALA C 739 -59.77 -69.80 98.10
CA ALA C 739 -60.23 -70.96 97.32
C ALA C 739 -61.72 -71.21 97.64
N PRO C 740 -62.48 -71.89 96.76
CA PRO C 740 -63.93 -72.08 97.01
C PRO C 740 -64.28 -72.84 98.26
N GLU C 741 -64.02 -72.19 99.38
CA GLU C 741 -64.27 -72.76 100.68
C GLU C 741 -64.57 -71.67 101.72
N ASP C 742 -63.62 -70.75 101.97
CA ASP C 742 -63.69 -69.91 103.20
C ASP C 742 -64.87 -68.99 103.17
N VAL C 743 -65.47 -68.87 104.34
CA VAL C 743 -66.56 -67.93 104.56
C VAL C 743 -65.92 -66.64 105.08
N VAL C 744 -65.34 -65.87 104.17
CA VAL C 744 -64.61 -64.69 104.58
C VAL C 744 -65.60 -63.64 105.02
N SER C 745 -65.25 -62.94 106.10
CA SER C 745 -66.20 -62.09 106.72
C SER C 745 -65.62 -60.90 107.36
N CYS C 746 -66.44 -59.88 107.48
CA CYS C 746 -65.96 -58.61 107.87
C CYS C 746 -66.85 -57.86 108.76
N CYS C 747 -66.16 -57.02 109.52
CA CYS C 747 -66.82 -56.16 110.44
C CYS C 747 -66.17 -54.80 110.46
N LEU C 748 -67.00 -53.82 110.85
CA LEU C 748 -66.52 -52.47 111.07
C LEU C 748 -67.28 -51.73 112.19
N ASP C 749 -66.52 -51.26 113.18
CA ASP C 749 -67.04 -50.50 114.31
C ASP C 749 -67.37 -49.12 113.84
N LEU C 750 -68.38 -48.53 114.43
CA LEU C 750 -68.75 -47.19 114.05
C LEU C 750 -67.69 -46.19 114.51
N SER C 751 -67.58 -45.10 113.76
CA SER C 751 -66.62 -44.02 114.00
C SER C 751 -65.20 -44.55 113.78
N VAL C 752 -64.67 -45.35 114.70
CA VAL C 752 -63.33 -45.95 114.54
C VAL C 752 -63.33 -46.98 113.41
N PRO C 753 -62.40 -46.85 112.44
CA PRO C 753 -62.25 -47.79 111.29
C PRO C 753 -61.35 -48.96 111.64
N SER C 754 -61.77 -49.72 112.64
CA SER C 754 -61.02 -50.86 113.13
C SER C 754 -61.40 -52.06 112.31
N ILE C 755 -61.16 -51.99 111.02
CA ILE C 755 -61.49 -53.06 110.16
C ILE C 755 -60.51 -54.18 110.46
N SER C 756 -61.06 -55.38 110.34
CA SER C 756 -60.29 -56.58 110.47
C SER C 756 -61.07 -57.67 109.78
N PHE C 757 -60.38 -58.22 108.83
CA PHE C 757 -60.91 -59.28 108.08
C PHE C 757 -60.85 -60.57 108.91
N ARG C 758 -61.75 -61.48 108.58
CA ARG C 758 -61.80 -62.77 109.16
C ARG C 758 -61.85 -63.92 108.13
N ILE C 759 -60.94 -64.89 108.26
CA ILE C 759 -60.87 -66.07 107.38
C ILE C 759 -61.70 -67.22 107.94
N ASN C 760 -62.96 -67.32 107.50
CA ASN C 760 -63.84 -68.42 107.88
C ASN C 760 -63.91 -68.63 109.40
N GLY C 761 -64.17 -67.57 110.15
CA GLY C 761 -64.25 -67.67 111.61
C GLY C 761 -62.89 -67.43 112.27
N CYS C 762 -61.82 -67.24 111.49
CA CYS C 762 -60.49 -66.85 112.02
C CYS C 762 -60.08 -65.45 111.57
N PRO C 763 -60.06 -64.51 112.52
CA PRO C 763 -59.72 -63.10 112.22
C PRO C 763 -58.31 -62.93 111.73
N VAL C 764 -58.14 -61.98 110.85
CA VAL C 764 -56.85 -61.77 110.29
C VAL C 764 -56.09 -60.74 111.12
N GLN C 765 -55.89 -61.07 112.38
CA GLN C 765 -55.07 -60.21 113.23
C GLN C 765 -55.55 -58.78 113.30
N GLY C 766 -54.75 -57.94 113.93
CA GLY C 766 -54.99 -56.53 113.96
C GLY C 766 -54.72 -56.01 112.58
N VAL C 767 -55.59 -55.09 112.15
CA VAL C 767 -55.47 -54.56 110.84
C VAL C 767 -55.63 -53.01 110.84
N PHE C 768 -56.70 -52.49 110.25
CA PHE C 768 -56.82 -51.06 109.99
C PHE C 768 -57.24 -50.30 111.20
N GLU C 769 -56.77 -49.06 111.29
CA GLU C 769 -57.15 -48.15 112.35
C GLU C 769 -57.02 -46.72 111.90
N ALA C 770 -57.79 -45.84 112.54
CA ALA C 770 -57.68 -44.42 112.34
C ALA C 770 -57.67 -43.99 110.85
N PHE C 771 -58.86 -43.59 110.37
CA PHE C 771 -59.08 -43.17 108.98
C PHE C 771 -60.18 -42.12 108.97
N ASN C 772 -60.24 -41.34 107.92
CA ASN C 772 -61.31 -40.35 107.85
C ASN C 772 -62.66 -41.06 107.66
N LEU C 773 -63.75 -40.57 108.25
CA LEU C 773 -65.11 -41.05 107.90
C LEU C 773 -65.73 -39.99 106.94
N ASP C 774 -65.03 -39.74 105.81
CA ASP C 774 -65.50 -38.81 104.76
C ASP C 774 -66.43 -39.52 103.78
N GLY C 775 -67.71 -39.41 104.12
CA GLY C 775 -68.75 -40.02 103.37
C GLY C 775 -68.96 -41.42 103.82
N LEU C 776 -70.09 -41.97 103.41
CA LEU C 776 -70.52 -43.25 103.91
C LEU C 776 -69.62 -44.42 103.49
N PHE C 777 -69.27 -45.32 104.41
CA PHE C 777 -68.55 -46.54 104.07
C PHE C 777 -69.45 -47.65 103.48
N PHE C 778 -68.95 -48.46 102.54
CA PHE C 778 -69.67 -49.65 102.01
C PHE C 778 -68.73 -50.79 101.72
N PRO C 779 -69.23 -52.01 101.84
CA PRO C 779 -68.52 -53.25 101.59
C PRO C 779 -68.25 -53.50 100.12
N VAL C 780 -67.15 -54.17 99.82
CA VAL C 780 -66.77 -54.45 98.44
C VAL C 780 -66.16 -55.82 98.24
N VAL C 781 -66.48 -56.41 97.09
CA VAL C 781 -65.90 -57.68 96.65
C VAL C 781 -65.54 -57.64 95.15
N SER C 782 -64.29 -57.29 94.84
CA SER C 782 -63.75 -57.37 93.48
C SER C 782 -63.45 -58.77 93.09
N PHE C 783 -63.44 -59.03 91.81
CA PHE C 783 -63.15 -60.37 91.34
C PHE C 783 -62.52 -60.35 89.96
N SER C 784 -62.11 -61.53 89.49
CA SER C 784 -61.73 -61.71 88.09
C SER C 784 -62.05 -63.13 87.70
N ALA C 785 -62.07 -63.38 86.40
CA ALA C 785 -62.19 -64.72 85.89
C ALA C 785 -63.51 -65.35 86.27
N GLY C 786 -63.59 -66.66 86.01
CA GLY C 786 -64.75 -67.45 86.27
C GLY C 786 -64.91 -67.75 87.74
N VAL C 787 -65.61 -66.88 88.44
CA VAL C 787 -65.68 -66.95 89.91
C VAL C 787 -67.09 -66.63 90.44
N LYS C 788 -67.44 -67.30 91.53
CA LYS C 788 -68.72 -67.10 92.17
C LYS C 788 -68.54 -67.05 93.65
N VAL C 789 -69.33 -66.16 94.26
CA VAL C 789 -69.38 -66.06 95.72
C VAL C 789 -70.81 -65.85 96.24
N ARG C 790 -71.14 -66.44 97.39
CA ARG C 790 -72.53 -66.42 97.91
C ARG C 790 -72.59 -65.61 99.18
N PHE C 791 -73.69 -64.88 99.34
CA PHE C 791 -73.93 -64.18 100.62
C PHE C 791 -74.97 -64.93 101.47
N LEU C 792 -74.53 -65.64 102.51
CA LEU C 792 -75.44 -66.19 103.55
C LEU C 792 -76.01 -65.05 104.44
N LEU C 793 -76.86 -64.19 103.87
CA LEU C 793 -77.43 -63.01 104.58
C LEU C 793 -78.97 -63.13 104.72
N GLY C 794 -79.66 -63.48 103.62
CA GLY C 794 -81.13 -63.65 103.65
C GLY C 794 -81.63 -64.76 102.70
N GLU C 799 -79.75 -66.22 106.54
CA GLU C 799 -78.95 -67.44 106.32
C GLU C 799 -77.59 -67.36 107.12
N PHE C 800 -77.52 -66.52 108.16
CA PHE C 800 -76.22 -66.13 108.81
C PHE C 800 -75.35 -67.28 109.36
N LYS C 801 -74.04 -67.15 109.13
CA LYS C 801 -73.04 -68.10 109.55
C LYS C 801 -71.74 -67.35 110.03
N PHE C 802 -71.29 -67.58 111.27
CA PHE C 802 -70.24 -66.77 111.95
C PHE C 802 -70.67 -65.34 112.19
N LEU C 803 -71.07 -64.95 113.41
CA LEU C 803 -71.34 -63.51 113.74
C LEU C 803 -70.63 -63.05 115.02
N PRO C 804 -69.32 -62.81 114.92
CA PRO C 804 -68.48 -62.46 116.09
C PRO C 804 -68.82 -61.11 116.69
N PRO C 805 -68.71 -60.96 118.03
CA PRO C 805 -69.04 -59.71 118.73
C PRO C 805 -68.01 -58.60 118.60
N PRO C 806 -68.41 -57.48 117.98
CA PRO C 806 -67.72 -56.21 117.94
C PRO C 806 -68.71 -55.02 118.10
N GLY C 807 -69.87 -55.21 118.74
CA GLY C 807 -70.92 -54.16 118.81
C GLY C 807 -71.75 -54.13 117.53
N TYR C 808 -71.56 -55.19 116.76
CA TYR C 808 -72.08 -55.27 115.40
C TYR C 808 -73.59 -55.36 115.30
N ALA C 809 -74.10 -54.99 114.14
CA ALA C 809 -75.41 -55.49 113.70
C ALA C 809 -75.31 -56.02 112.24
N PRO C 810 -76.08 -57.10 111.89
CA PRO C 810 -75.94 -57.73 110.57
C PRO C 810 -76.39 -56.83 109.42
N CYS C 811 -75.74 -57.00 108.29
CA CYS C 811 -76.07 -56.18 107.14
C CYS C 811 -77.36 -56.54 106.36
N HIS C 812 -77.89 -57.76 106.43
CA HIS C 812 -79.17 -58.07 105.65
C HIS C 812 -80.33 -57.29 106.23
N GLU C 813 -80.20 -57.03 107.53
CA GLU C 813 -81.15 -56.20 108.25
C GLU C 813 -81.03 -54.73 107.75
N ALA C 814 -79.85 -54.36 107.19
CA ALA C 814 -79.61 -53.05 106.52
C ALA C 814 -80.33 -53.02 105.16
N VAL C 815 -81.66 -52.96 105.18
CA VAL C 815 -82.48 -52.72 104.00
C VAL C 815 -83.48 -51.58 104.40
N LEU C 816 -83.08 -50.66 105.29
CA LEU C 816 -84.04 -49.69 105.90
C LEU C 816 -84.79 -48.75 104.92
N PRO C 817 -84.08 -48.14 103.94
CA PRO C 817 -84.83 -47.20 103.09
C PRO C 817 -85.71 -47.91 102.07
N ARG C 818 -86.15 -47.19 101.05
CA ARG C 818 -87.01 -47.72 100.01
C ARG C 818 -86.39 -48.90 99.28
N GLU C 819 -85.07 -48.83 99.10
CA GLU C 819 -84.40 -49.84 98.37
C GLU C 819 -84.35 -51.14 99.15
N ARG C 820 -84.62 -52.22 98.47
CA ARG C 820 -84.31 -53.54 98.95
C ARG C 820 -82.78 -53.78 98.92
N LEU C 821 -82.28 -54.63 99.82
CA LEU C 821 -80.87 -55.01 99.85
C LEU C 821 -80.49 -55.68 98.51
N ARG C 822 -79.35 -55.30 97.92
CA ARG C 822 -78.88 -55.94 96.70
C ARG C 822 -77.43 -55.62 96.37
N LEU C 823 -76.82 -56.52 95.61
CA LEU C 823 -75.49 -56.32 95.05
C LEU C 823 -75.47 -55.24 93.97
N GLU C 824 -74.38 -54.50 93.91
CA GLU C 824 -74.15 -53.53 92.83
C GLU C 824 -72.71 -53.61 92.39
N PRO C 825 -72.43 -53.32 91.09
CA PRO C 825 -71.06 -53.31 90.62
C PRO C 825 -70.27 -52.01 90.78
N ILE C 826 -70.81 -51.04 91.52
CA ILE C 826 -70.15 -49.76 91.80
C ILE C 826 -69.97 -48.84 90.57
N LYS C 827 -70.31 -47.57 90.73
CA LYS C 827 -70.15 -46.55 89.69
C LYS C 827 -70.93 -46.86 88.47
N GLU C 828 -70.44 -47.80 87.69
CA GLU C 828 -71.15 -48.26 86.51
C GLU C 828 -71.25 -47.09 85.48
N TYR C 829 -70.46 -47.16 84.43
CA TYR C 829 -70.59 -46.26 83.31
C TYR C 829 -71.16 -47.01 82.10
N ARG C 830 -71.58 -48.27 82.24
CA ARG C 830 -72.17 -49.06 81.11
C ARG C 830 -73.02 -50.21 81.60
N ARG C 831 -74.25 -49.91 81.93
CA ARG C 831 -75.19 -50.94 82.37
C ARG C 831 -75.52 -51.88 81.26
N GLU C 832 -75.71 -53.16 81.58
CA GLU C 832 -75.99 -54.20 80.58
C GLU C 832 -77.45 -54.16 80.14
N GLY C 833 -77.78 -53.24 79.25
CA GLY C 833 -79.12 -53.12 78.77
C GLY C 833 -79.45 -54.06 77.66
N PRO C 834 -80.73 -54.06 77.23
CA PRO C 834 -81.22 -54.97 76.22
C PRO C 834 -80.60 -54.77 74.85
N ARG C 835 -80.97 -53.67 74.19
CA ARG C 835 -80.53 -53.44 72.86
C ARG C 835 -79.05 -53.08 72.87
N GLY C 836 -78.55 -52.61 74.02
CA GLY C 836 -77.10 -52.37 74.21
C GLY C 836 -76.75 -51.83 75.60
N PRO C 837 -75.46 -51.63 75.91
CA PRO C 837 -75.07 -51.09 77.21
C PRO C 837 -75.43 -49.64 77.36
N HIS C 838 -76.27 -49.39 78.33
CA HIS C 838 -76.67 -48.05 78.65
C HIS C 838 -75.51 -47.28 79.25
N LEU C 839 -75.43 -46.02 78.90
CA LEU C 839 -74.62 -45.09 79.64
C LEU C 839 -75.31 -44.72 80.91
N VAL C 840 -74.56 -44.58 81.99
CA VAL C 840 -75.21 -44.45 83.32
C VAL C 840 -74.47 -43.68 84.44
N GLY C 841 -75.16 -43.35 85.52
CA GLY C 841 -74.51 -42.81 86.74
C GLY C 841 -74.56 -41.34 86.88
N PRO C 842 -73.70 -40.90 87.82
CA PRO C 842 -73.58 -41.32 89.21
C PRO C 842 -74.74 -41.38 90.22
N SER C 843 -75.93 -40.93 89.85
CA SER C 843 -76.98 -40.64 90.87
C SER C 843 -76.52 -39.68 92.00
N ARG C 844 -76.64 -40.04 93.30
CA ARG C 844 -75.96 -39.28 94.40
C ARG C 844 -75.54 -40.09 95.66
N CYS C 845 -76.24 -40.01 96.81
CA CYS C 845 -75.66 -40.65 98.08
C CYS C 845 -76.53 -41.04 99.29
N PHE C 851 -76.07 -39.28 105.11
CA PHE C 851 -76.06 -38.17 106.04
C PHE C 851 -77.38 -37.93 106.79
N VAL C 852 -77.47 -38.46 108.03
CA VAL C 852 -78.76 -38.54 108.79
C VAL C 852 -78.84 -38.05 110.28
N PRO C 853 -77.89 -38.43 111.19
CA PRO C 853 -78.15 -38.15 112.61
C PRO C 853 -78.11 -36.68 112.99
N CYS C 854 -79.29 -36.05 113.18
CA CYS C 854 -79.40 -34.61 113.53
C CYS C 854 -80.89 -34.02 113.71
N PRO C 855 -81.51 -33.98 114.95
CA PRO C 855 -82.87 -33.31 115.18
C PRO C 855 -82.78 -31.82 114.92
N VAL C 856 -83.80 -31.22 114.30
CA VAL C 856 -83.64 -29.86 113.68
C VAL C 856 -84.85 -28.94 113.96
N ASP C 857 -85.24 -28.99 115.22
CA ASP C 857 -86.21 -28.03 115.81
C ASP C 857 -87.71 -28.14 115.34
N THR C 858 -88.58 -28.63 116.27
CA THR C 858 -90.08 -28.58 116.19
C THR C 858 -90.77 -27.74 117.28
N VAL C 859 -90.07 -27.21 118.26
CA VAL C 859 -90.73 -26.47 119.38
C VAL C 859 -89.97 -25.20 119.73
N GLN C 860 -89.51 -24.53 118.69
CA GLN C 860 -88.46 -23.49 118.84
C GLN C 860 -89.17 -22.21 119.07
N ILE C 861 -89.63 -21.60 117.99
CA ILE C 861 -90.27 -20.33 118.04
C ILE C 861 -91.57 -20.47 118.83
N VAL C 862 -91.84 -19.48 119.69
CA VAL C 862 -93.06 -19.46 120.55
C VAL C 862 -94.38 -19.29 119.67
N LEU C 863 -95.51 -19.96 120.00
CA LEU C 863 -96.84 -19.70 119.33
C LEU C 863 -97.63 -18.64 120.13
N PRO C 864 -97.96 -17.48 119.47
CA PRO C 864 -98.63 -16.37 120.16
C PRO C 864 -99.98 -16.86 120.72
N PRO C 865 -100.36 -16.38 121.93
CA PRO C 865 -101.55 -17.00 122.54
C PRO C 865 -102.90 -16.73 121.80
N HIS C 866 -102.98 -15.66 120.98
CA HIS C 866 -104.17 -15.40 120.07
C HIS C 866 -104.40 -16.52 119.06
N LEU C 867 -103.31 -17.08 118.57
CA LEU C 867 -103.38 -18.24 117.67
C LEU C 867 -103.37 -19.59 118.51
N GLU C 868 -102.72 -19.62 119.71
CA GLU C 868 -102.53 -20.88 120.58
C GLU C 868 -103.87 -21.49 121.01
N ARG C 869 -104.87 -20.63 121.26
CA ARG C 869 -106.24 -21.04 121.53
C ARG C 869 -106.80 -21.79 120.30
N ILE C 870 -106.50 -21.30 119.08
CA ILE C 870 -106.95 -21.99 117.83
C ILE C 870 -106.04 -23.19 117.52
N ARG C 871 -104.86 -23.21 118.19
CA ARG C 871 -103.98 -24.39 118.11
C ARG C 871 -104.64 -25.53 118.92
N GLU C 872 -105.05 -25.20 120.15
CA GLU C 872 -105.78 -26.15 121.01
C GLU C 872 -107.20 -26.51 120.41
N LYS C 873 -107.83 -25.58 119.65
CA LYS C 873 -109.17 -25.82 118.93
C LYS C 873 -109.03 -26.82 117.77
N LEU C 874 -108.02 -26.55 116.92
CA LEU C 874 -107.80 -27.42 115.75
C LEU C 874 -107.25 -28.79 116.26
N ALA C 875 -106.53 -28.79 117.41
CA ALA C 875 -105.97 -30.05 118.03
C ALA C 875 -107.08 -30.89 118.64
N GLU C 876 -108.02 -30.25 119.34
CA GLU C 876 -109.17 -30.97 119.89
C GLU C 876 -110.04 -31.50 118.73
N ASN C 877 -110.12 -30.70 117.64
CA ASN C 877 -110.88 -31.09 116.39
C ASN C 877 -110.28 -32.32 115.69
N ILE C 878 -108.94 -32.37 115.65
CA ILE C 878 -108.25 -33.49 115.04
C ILE C 878 -108.08 -34.69 116.03
N HIS C 879 -108.30 -34.44 117.32
CA HIS C 879 -108.27 -35.55 118.33
C HIS C 879 -109.61 -36.28 118.32
N GLU C 880 -110.66 -35.47 118.20
CA GLU C 880 -112.00 -36.00 117.96
C GLU C 880 -112.03 -36.63 116.55
N LEU C 881 -111.26 -36.09 115.60
CA LEU C 881 -111.06 -36.71 114.27
C LEU C 881 -110.30 -38.04 114.44
N TRP C 882 -109.41 -38.12 115.45
CA TRP C 882 -108.72 -39.37 115.79
C TRP C 882 -109.76 -40.39 116.28
N ALA C 883 -110.78 -39.88 116.98
CA ALA C 883 -111.95 -40.71 117.34
C ALA C 883 -112.77 -41.17 116.09
N LEU C 884 -112.74 -40.40 115.00
CA LEU C 884 -113.45 -40.76 113.75
C LEU C 884 -112.52 -41.53 112.78
N THR C 885 -111.91 -42.64 113.22
CA THR C 885 -111.00 -43.45 112.34
C THR C 885 -110.67 -44.83 112.89
N ARG C 886 -109.97 -44.85 114.05
CA ARG C 886 -109.63 -46.09 114.77
C ARG C 886 -110.90 -46.86 115.22
N ILE C 887 -112.02 -46.15 115.51
CA ILE C 887 -113.28 -46.84 115.97
C ILE C 887 -113.83 -47.79 114.86
N GLU C 888 -113.49 -47.53 113.59
CA GLU C 888 -113.87 -48.38 112.42
C GLU C 888 -113.34 -49.80 112.61
N GLN C 889 -112.26 -49.96 113.40
CA GLN C 889 -111.69 -51.28 113.75
C GLN C 889 -112.46 -51.91 114.93
N GLY C 890 -113.45 -51.17 115.46
CA GLY C 890 -114.21 -51.62 116.69
C GLY C 890 -113.69 -51.15 118.06
N TRP C 891 -112.60 -50.36 118.04
CA TRP C 891 -112.05 -49.74 119.29
C TRP C 891 -113.11 -48.77 119.90
N THR C 892 -113.13 -48.68 121.24
CA THR C 892 -114.10 -47.82 121.95
C THR C 892 -113.50 -47.20 123.26
N TYR C 893 -113.97 -45.99 123.61
CA TYR C 893 -113.46 -45.24 124.77
C TYR C 893 -113.79 -45.93 126.08
N GLY C 894 -112.90 -45.81 127.04
CA GLY C 894 -113.16 -46.39 128.38
C GLY C 894 -112.24 -47.54 128.60
N PRO C 895 -111.60 -47.46 129.78
CA PRO C 895 -110.71 -46.38 130.18
C PRO C 895 -109.23 -46.54 130.25
N VAL C 896 -108.78 -47.67 130.77
CA VAL C 896 -107.35 -48.05 130.68
C VAL C 896 -106.91 -48.21 129.22
N ARG C 897 -105.66 -47.81 128.89
CA ARG C 897 -105.15 -47.91 127.49
C ARG C 897 -104.72 -49.36 127.21
N ASP C 898 -105.70 -50.26 127.28
CA ASP C 898 -105.44 -51.68 127.07
C ASP C 898 -105.07 -51.88 125.58
N ASP C 899 -104.14 -52.81 125.38
CA ASP C 899 -103.66 -53.20 124.05
C ASP C 899 -104.69 -54.15 123.33
N ASN C 900 -105.66 -54.68 124.10
CA ASN C 900 -106.58 -55.72 123.60
C ASN C 900 -107.56 -55.26 122.44
N LYS C 901 -108.75 -54.84 122.87
CA LYS C 901 -109.77 -54.24 122.01
C LYS C 901 -110.74 -53.31 122.82
N ARG C 902 -111.29 -52.32 122.12
CA ARG C 902 -112.32 -51.41 122.71
C ARG C 902 -111.86 -50.67 124.00
N LEU C 903 -110.61 -50.21 124.05
CA LEU C 903 -110.10 -49.51 125.23
C LEU C 903 -109.01 -48.46 125.00
N HIS C 904 -109.37 -47.20 124.74
CA HIS C 904 -108.39 -46.10 124.78
C HIS C 904 -108.90 -44.84 125.55
N PRO C 905 -108.04 -44.16 126.37
CA PRO C 905 -108.31 -42.77 126.90
C PRO C 905 -108.40 -41.74 125.72
N CYS C 906 -107.68 -41.98 124.60
CA CYS C 906 -107.59 -40.98 123.45
C CYS C 906 -108.98 -40.67 122.79
N LEU C 907 -109.93 -41.63 122.84
CA LEU C 907 -111.25 -41.46 122.19
C LEU C 907 -112.18 -40.53 123.03
N VAL C 908 -111.77 -39.28 123.23
CA VAL C 908 -112.57 -38.29 123.99
C VAL C 908 -112.06 -36.90 123.71
N ASN C 909 -112.65 -35.91 124.37
CA ASN C 909 -112.13 -34.55 124.28
C ASN C 909 -110.67 -34.49 124.87
N PHE C 910 -109.74 -33.79 124.19
CA PHE C 910 -108.26 -33.83 124.55
C PHE C 910 -107.95 -33.25 125.96
N HIS C 911 -108.72 -32.23 126.38
CA HIS C 911 -108.59 -31.53 127.72
C HIS C 911 -108.83 -32.45 128.94
N SER C 912 -109.72 -33.44 128.78
CA SER C 912 -110.28 -34.23 129.92
C SER C 912 -109.27 -35.04 130.75
N LEU C 913 -108.22 -35.55 130.11
CA LEU C 913 -107.27 -36.45 130.80
C LEU C 913 -105.83 -36.02 130.58
N PRO C 914 -105.41 -34.92 131.23
CA PRO C 914 -104.14 -34.24 131.21
C PRO C 914 -103.48 -34.19 129.81
N GLU C 915 -102.14 -34.23 129.73
CA GLU C 915 -101.43 -34.30 128.45
C GLU C 915 -100.35 -35.46 128.45
N PRO C 916 -100.80 -36.73 128.51
CA PRO C 916 -100.13 -38.03 128.26
C PRO C 916 -101.14 -39.10 127.78
N GLU C 917 -102.35 -39.09 128.36
CA GLU C 917 -103.46 -39.96 127.90
C GLU C 917 -104.10 -39.34 126.60
N ARG C 918 -103.78 -38.08 126.29
CA ARG C 918 -104.21 -37.43 125.00
C ARG C 918 -102.98 -36.77 124.37
N ASN C 919 -101.88 -37.54 124.28
CA ASN C 919 -100.61 -37.05 123.65
C ASN C 919 -100.77 -37.16 122.11
N TYR C 920 -101.85 -37.80 121.63
CA TYR C 920 -102.10 -37.86 120.20
C TYR C 920 -102.35 -36.47 119.59
N ASN C 921 -102.82 -35.48 120.35
CA ASN C 921 -103.03 -34.08 119.79
C ASN C 921 -102.37 -32.87 120.52
N LEU C 922 -103.18 -32.12 121.27
CA LEU C 922 -102.80 -30.80 121.80
C LEU C 922 -101.46 -30.77 122.63
N GLN C 923 -101.10 -31.88 123.31
CA GLN C 923 -99.75 -32.02 124.02
C GLN C 923 -98.63 -31.87 123.00
N MET C 924 -98.91 -32.29 121.77
CA MET C 924 -97.91 -32.35 120.71
C MET C 924 -98.37 -31.58 119.41
N SER C 925 -99.67 -31.65 119.04
CA SER C 925 -100.21 -30.92 117.81
C SER C 925 -100.08 -29.43 117.97
N GLY C 926 -100.22 -28.96 119.22
CA GLY C 926 -99.99 -27.55 119.57
C GLY C 926 -98.50 -27.22 119.41
N GLU C 927 -97.63 -28.15 119.81
CA GLU C 927 -96.16 -28.05 119.58
C GLU C 927 -95.83 -28.13 118.05
N THR C 928 -96.65 -28.91 117.33
CA THR C 928 -96.44 -29.11 115.87
C THR C 928 -96.63 -27.78 115.09
N LEU C 929 -97.59 -26.97 115.53
CA LEU C 929 -97.78 -25.62 114.93
C LEU C 929 -96.71 -24.60 115.46
N LYS C 930 -96.07 -24.91 116.61
CA LYS C 930 -94.87 -24.14 117.05
C LYS C 930 -93.75 -24.37 116.11
N THR C 931 -93.73 -25.57 115.55
CA THR C 931 -92.81 -25.89 114.46
C THR C 931 -93.11 -25.09 113.17
N LEU C 932 -94.39 -24.76 112.93
CA LEU C 932 -94.81 -24.00 111.72
C LEU C 932 -94.19 -22.58 111.79
N LEU C 933 -94.00 -22.05 113.01
CA LEU C 933 -93.22 -20.81 113.20
C LEU C 933 -91.69 -21.13 113.24
N ALA C 934 -91.32 -22.41 113.43
CA ALA C 934 -89.88 -22.80 113.59
C ALA C 934 -89.20 -23.42 112.34
N LEU C 935 -89.94 -24.19 111.55
CA LEU C 935 -89.37 -24.89 110.38
C LEU C 935 -89.23 -23.97 109.13
N GLY C 936 -89.79 -22.76 109.17
CA GLY C 936 -89.59 -21.78 108.07
C GLY C 936 -90.87 -21.33 107.42
N CYS C 937 -91.77 -20.78 108.23
CA CYS C 937 -93.01 -20.23 107.74
C CYS C 937 -93.43 -19.01 108.64
N HIS C 938 -94.11 -18.01 108.06
CA HIS C 938 -94.55 -16.79 108.79
C HIS C 938 -96.12 -16.56 108.81
N VAL C 939 -96.88 -17.44 109.49
CA VAL C 939 -98.39 -17.57 109.37
C VAL C 939 -99.17 -16.31 109.80
N GLY C 940 -100.26 -15.95 109.10
CA GLY C 940 -101.24 -14.89 109.56
C GLY C 940 -102.75 -15.28 109.66
N MET C 941 -103.52 -14.58 110.53
CA MET C 941 -105.03 -14.64 110.50
C MET C 941 -105.62 -14.23 109.09
N ALA C 942 -106.66 -14.94 108.59
CA ALA C 942 -107.27 -14.66 107.23
C ALA C 942 -108.76 -15.06 107.06
N ASP C 943 -109.28 -15.93 107.92
CA ASP C 943 -110.70 -16.35 107.82
C ASP C 943 -111.32 -16.75 109.21
N GLU C 944 -112.66 -16.83 109.35
CA GLU C 944 -113.30 -17.20 110.68
C GLU C 944 -112.90 -18.65 111.11
N LYS C 945 -112.65 -18.87 112.41
CA LYS C 945 -112.21 -20.21 112.92
C LYS C 945 -113.28 -21.31 112.74
N ALA C 946 -112.81 -22.55 112.46
CA ALA C 946 -113.70 -23.74 112.32
C ALA C 946 -112.94 -25.06 112.42
N TYR C 959 -123.08 -41.21 109.10
CA TYR C 959 -122.72 -41.04 110.50
C TYR C 959 -122.75 -42.41 111.20
N MET C 960 -121.57 -42.92 111.59
CA MET C 960 -121.40 -44.31 112.07
C MET C 960 -122.21 -44.64 113.36
N MET C 961 -122.54 -43.65 114.18
CA MET C 961 -123.12 -43.88 115.56
C MET C 961 -122.18 -44.84 116.33
N SER C 962 -120.87 -44.59 116.16
CA SER C 962 -119.79 -45.48 116.59
C SER C 962 -119.70 -45.73 118.12
N ASN C 963 -119.20 -46.90 118.50
CA ASN C 963 -119.01 -47.23 119.92
C ASN C 963 -118.03 -46.26 120.62
N GLY C 964 -118.35 -45.85 121.85
CA GLY C 964 -117.43 -45.04 122.70
C GLY C 964 -117.65 -43.53 122.77
N TYR C 965 -117.42 -42.83 121.66
CA TYR C 965 -117.47 -41.38 121.59
C TYR C 965 -117.63 -40.91 120.10
N LYS C 966 -118.61 -40.05 119.81
CA LYS C 966 -119.04 -39.78 118.40
C LYS C 966 -119.20 -38.30 117.97
N PRO C 967 -118.10 -37.58 117.74
CA PRO C 967 -118.23 -36.24 117.08
C PRO C 967 -117.82 -36.31 115.62
N ALA C 968 -118.60 -35.76 114.70
CA ALA C 968 -118.16 -35.68 113.29
C ALA C 968 -117.57 -34.27 113.01
N PRO C 969 -116.20 -34.16 112.80
CA PRO C 969 -115.50 -32.84 112.62
C PRO C 969 -116.04 -31.96 111.45
N LEU C 970 -116.08 -30.63 111.63
CA LEU C 970 -116.33 -29.61 110.57
C LEU C 970 -115.47 -28.32 110.92
N ASP C 971 -115.48 -27.37 109.98
CA ASP C 971 -115.04 -27.60 108.56
C ASP C 971 -113.81 -28.43 108.10
N LEU C 972 -113.60 -29.67 108.57
CA LEU C 972 -112.60 -30.58 107.91
C LEU C 972 -113.24 -31.25 106.68
N SER C 973 -114.57 -31.20 106.62
CA SER C 973 -115.32 -31.77 105.51
C SER C 973 -115.06 -31.07 104.12
N HIS C 974 -114.62 -29.80 104.00
CA HIS C 974 -114.37 -29.19 102.63
C HIS C 974 -112.92 -28.74 102.29
N VAL C 975 -111.90 -29.46 102.81
CA VAL C 975 -110.47 -28.95 102.87
C VAL C 975 -109.85 -28.67 101.49
N ARG C 976 -109.13 -27.54 101.40
CA ARG C 976 -108.45 -27.14 100.17
C ARG C 976 -107.01 -26.51 100.41
N LEU C 977 -106.02 -27.32 100.84
CA LEU C 977 -104.62 -26.82 101.08
C LEU C 977 -103.85 -26.34 99.81
N THR C 978 -103.03 -25.28 99.93
CA THR C 978 -102.01 -24.97 98.89
C THR C 978 -100.94 -26.09 98.81
N PRO C 979 -100.57 -26.46 97.57
CA PRO C 979 -99.88 -27.73 97.35
C PRO C 979 -98.41 -27.78 97.99
N ALA C 980 -97.70 -26.66 98.03
CA ALA C 980 -96.30 -26.61 98.67
C ALA C 980 -96.35 -26.82 100.20
N GLN C 981 -97.50 -26.47 100.77
CA GLN C 981 -97.67 -26.59 102.22
C GLN C 981 -97.70 -28.10 102.68
N THR C 982 -98.05 -29.02 101.78
CA THR C 982 -97.83 -30.46 102.03
C THR C 982 -96.32 -30.80 102.13
N THR C 983 -95.49 -30.15 101.32
CA THR C 983 -94.01 -30.30 101.46
C THR C 983 -93.53 -29.70 102.81
N LEU C 984 -94.17 -28.59 103.19
CA LEU C 984 -93.84 -27.99 104.47
C LEU C 984 -94.25 -28.98 105.62
N VAL C 985 -95.34 -29.73 105.37
CA VAL C 985 -95.79 -30.83 106.26
C VAL C 985 -94.77 -32.00 106.30
N ASP C 986 -94.06 -32.17 105.19
CA ASP C 986 -93.00 -33.20 105.14
C ASP C 986 -91.84 -32.75 106.06
N ARG C 987 -91.51 -31.45 106.01
CA ARG C 987 -90.48 -30.87 106.94
C ARG C 987 -90.88 -31.01 108.38
N LEU C 988 -92.19 -30.84 108.63
CA LEU C 988 -92.70 -30.92 109.98
C LEU C 988 -92.62 -32.38 110.51
N ALA C 989 -93.17 -33.31 109.72
CA ALA C 989 -93.21 -34.73 110.12
C ALA C 989 -91.77 -35.30 110.28
N GLU C 990 -90.85 -34.83 109.43
CA GLU C 990 -89.47 -35.33 109.48
C GLU C 990 -88.69 -34.77 110.68
N ASN C 991 -88.81 -33.46 110.83
CA ASN C 991 -88.10 -32.77 111.88
C ASN C 991 -88.54 -33.34 113.22
N GLY C 992 -89.81 -33.73 113.29
CA GLY C 992 -90.31 -34.28 114.52
C GLY C 992 -89.95 -35.71 114.76
N HIS C 993 -89.88 -36.49 113.68
CA HIS C 993 -89.53 -37.88 113.84
C HIS C 993 -88.06 -38.01 114.23
N ASN C 994 -87.28 -37.00 113.86
CA ASN C 994 -85.85 -36.98 114.15
C ASN C 994 -85.44 -37.02 115.60
N VAL C 995 -86.22 -36.43 116.45
CA VAL C 995 -85.90 -36.42 117.82
C VAL C 995 -86.08 -37.83 118.43
N TRP C 996 -87.13 -38.57 118.05
CA TRP C 996 -87.29 -39.99 118.53
C TRP C 996 -86.15 -40.84 118.05
N ALA C 997 -85.71 -40.48 116.84
CA ALA C 997 -84.66 -41.22 116.22
C ALA C 997 -83.33 -41.11 117.00
N ARG C 998 -83.15 -39.99 117.67
CA ARG C 998 -81.99 -39.78 118.48
C ARG C 998 -81.94 -40.68 119.73
N ASP C 999 -83.08 -41.04 120.31
CA ASP C 999 -83.04 -42.14 121.32
C ASP C 999 -83.22 -43.58 120.76
N ARG C 1000 -83.44 -43.67 119.44
CA ARG C 1000 -83.64 -45.02 118.73
C ARG C 1000 -82.42 -45.97 118.91
N VAL C 1001 -81.24 -45.36 119.08
CA VAL C 1001 -80.00 -46.10 119.38
C VAL C 1001 -80.10 -46.94 120.68
N ALA C 1002 -80.86 -46.45 121.63
CA ALA C 1002 -81.21 -47.22 122.82
C ALA C 1002 -82.45 -48.14 122.52
N GLN C 1003 -82.33 -49.23 121.73
CA GLN C 1003 -83.54 -50.09 121.37
C GLN C 1003 -83.62 -51.44 122.07
N ARG C 1016 -85.46 -54.16 118.59
CA ARG C 1016 -84.81 -54.72 117.39
C ARG C 1016 -84.27 -53.53 116.53
N ARG C 1017 -83.49 -53.79 115.45
CA ARG C 1017 -82.72 -52.71 114.69
C ARG C 1017 -83.63 -52.05 113.71
N ASN C 1018 -84.35 -51.02 114.20
CA ASN C 1018 -85.51 -50.46 113.50
C ASN C 1018 -85.13 -49.81 112.14
N PRO C 1019 -85.92 -50.14 111.08
CA PRO C 1019 -85.84 -49.49 109.78
C PRO C 1019 -86.29 -47.98 109.90
N ARG C 1020 -87.17 -47.67 110.90
CA ARG C 1020 -87.62 -46.25 111.18
C ARG C 1020 -86.50 -45.21 111.54
N LEU C 1021 -85.32 -45.67 112.04
CA LEU C 1021 -84.23 -44.80 112.67
C LEU C 1021 -83.78 -43.71 111.67
N VAL C 1022 -83.78 -44.06 110.39
CA VAL C 1022 -83.49 -43.10 109.35
C VAL C 1022 -84.61 -42.07 109.15
N PRO C 1023 -84.22 -40.81 108.83
CA PRO C 1023 -85.11 -39.70 108.53
C PRO C 1023 -85.91 -39.90 107.24
N TYR C 1024 -87.10 -39.27 107.17
CA TYR C 1024 -88.08 -39.45 106.04
C TYR C 1024 -87.48 -39.08 104.71
N ARG C 1025 -86.34 -38.36 104.72
CA ARG C 1025 -85.54 -38.10 103.51
C ARG C 1025 -85.32 -39.41 102.75
N LEU C 1026 -85.19 -40.53 103.48
CA LEU C 1026 -84.99 -41.84 102.85
C LEU C 1026 -85.92 -42.92 103.41
N LEU C 1027 -87.21 -42.84 103.06
CA LEU C 1027 -88.20 -43.87 103.44
C LEU C 1027 -89.35 -44.05 102.42
N ASP C 1028 -90.19 -45.07 102.63
CA ASP C 1028 -91.07 -45.67 101.58
C ASP C 1028 -92.11 -44.77 100.86
N GLU C 1029 -92.50 -43.64 101.47
CA GLU C 1029 -93.66 -42.85 100.97
C GLU C 1029 -94.96 -43.70 101.13
N ALA C 1030 -94.94 -44.63 102.09
CA ALA C 1030 -96.12 -45.37 102.54
C ALA C 1030 -96.32 -45.11 104.05
N THR C 1031 -95.30 -45.39 104.87
CA THR C 1031 -95.24 -44.94 106.30
C THR C 1031 -95.21 -43.40 106.34
N LYS C 1032 -94.55 -42.79 105.36
CA LYS C 1032 -94.61 -41.32 105.14
C LYS C 1032 -96.03 -40.92 104.65
N ARG C 1033 -96.76 -41.83 103.96
CA ARG C 1033 -98.16 -41.55 103.48
C ARG C 1033 -99.07 -41.58 104.71
N SER C 1034 -98.56 -42.13 105.82
CA SER C 1034 -99.27 -42.15 107.12
C SER C 1034 -98.87 -40.99 108.06
N ASN C 1035 -97.67 -41.04 108.65
CA ASN C 1035 -97.23 -40.03 109.65
C ASN C 1035 -97.19 -38.55 109.13
N ARG C 1036 -96.83 -38.35 107.87
CA ARG C 1036 -96.87 -36.98 107.27
C ARG C 1036 -98.32 -36.52 106.90
N ASP C 1037 -99.07 -37.38 106.19
CA ASP C 1037 -100.46 -37.03 105.75
C ASP C 1037 -101.40 -36.93 107.02
N SER C 1038 -101.12 -37.69 108.10
CA SER C 1038 -101.92 -37.57 109.38
C SER C 1038 -101.69 -36.17 110.03
N LEU C 1039 -100.46 -35.64 109.88
CA LEU C 1039 -100.12 -34.25 110.32
C LEU C 1039 -100.94 -33.22 109.47
N CYS C 1040 -101.17 -33.55 108.19
CA CYS C 1040 -102.01 -32.70 107.26
C CYS C 1040 -103.49 -32.63 107.76
N GLN C 1041 -103.99 -33.69 108.44
CA GLN C 1041 -105.36 -33.69 109.00
C GLN C 1041 -105.49 -32.62 110.12
N ALA C 1042 -104.40 -32.41 110.92
CA ALA C 1042 -104.34 -31.26 111.90
C ALA C 1042 -104.35 -29.95 111.07
N VAL C 1043 -103.63 -29.96 109.94
CA VAL C 1043 -103.59 -28.80 109.02
C VAL C 1043 -104.96 -28.64 108.27
N ARG C 1044 -105.72 -29.74 108.14
CA ARG C 1044 -107.06 -29.70 107.46
C ARG C 1044 -108.04 -28.82 108.27
N THR C 1045 -107.89 -28.84 109.61
CA THR C 1045 -108.66 -27.94 110.52
C THR C 1045 -108.23 -26.48 110.32
N LEU C 1046 -106.96 -26.26 109.95
CA LEU C 1046 -106.44 -24.89 109.67
C LEU C 1046 -107.17 -24.25 108.45
N LEU C 1047 -107.56 -25.06 107.46
CA LEU C 1047 -108.38 -24.53 106.33
C LEU C 1047 -109.76 -24.07 106.84
N GLY C 1048 -110.26 -24.77 107.86
CA GLY C 1048 -111.45 -24.31 108.56
C GLY C 1048 -111.14 -23.13 109.50
N TYR C 1049 -109.93 -23.13 110.07
CA TYR C 1049 -109.41 -21.95 110.82
C TYR C 1049 -109.19 -20.76 109.80
N GLY C 1050 -108.86 -21.14 108.54
CA GLY C 1050 -108.62 -20.21 107.43
C GLY C 1050 -107.30 -19.44 107.49
N TYR C 1051 -106.42 -19.80 108.43
CA TYR C 1051 -105.15 -19.05 108.63
C TYR C 1051 -104.17 -19.06 107.39
N ASN C 1052 -103.56 -17.92 107.06
CA ASN C 1052 -102.66 -17.75 105.86
C ASN C 1052 -101.30 -18.49 105.99
N ILE C 1053 -100.70 -18.94 104.88
CA ILE C 1053 -99.36 -19.63 104.90
C ILE C 1053 -98.31 -19.12 103.88
N GLU C 1054 -98.00 -17.81 103.95
CA GLU C 1054 -96.96 -17.17 103.07
C GLU C 1054 -95.54 -17.73 103.28
N PRO C 1055 -94.78 -17.96 102.19
CA PRO C 1055 -93.46 -18.62 102.21
C PRO C 1055 -92.44 -17.99 101.23
N ARG C 1071 -71.32 -35.74 90.48
CA ARG C 1071 -70.43 -35.19 89.50
C ARG C 1071 -71.06 -35.32 88.09
N VAL C 1072 -71.25 -34.19 87.39
CA VAL C 1072 -71.84 -34.19 86.00
C VAL C 1072 -70.99 -34.96 85.00
N ARG C 1073 -71.61 -35.81 84.16
CA ARG C 1073 -70.92 -36.75 83.25
C ARG C 1073 -70.97 -36.36 81.75
N ILE C 1074 -70.04 -36.92 80.92
CA ILE C 1074 -69.96 -36.61 79.49
C ILE C 1074 -69.32 -37.76 78.70
N PHE C 1075 -69.65 -37.87 77.41
CA PHE C 1075 -69.15 -38.97 76.59
C PHE C 1075 -68.86 -38.54 75.16
N ARG C 1076 -67.92 -39.21 74.51
CA ARG C 1076 -67.51 -38.80 73.18
C ARG C 1076 -66.97 -39.88 72.28
N ALA C 1077 -67.24 -39.68 71.02
CA ALA C 1077 -66.83 -40.54 69.94
C ALA C 1077 -65.36 -40.41 69.56
N GLU C 1078 -64.84 -41.42 68.85
CA GLU C 1078 -63.47 -41.42 68.38
C GLU C 1078 -63.13 -40.31 67.41
N LYS C 1079 -61.96 -39.77 67.60
CA LYS C 1079 -61.52 -38.73 66.80
C LYS C 1079 -61.28 -39.21 65.41
N SER C 1080 -61.06 -40.49 65.22
CA SER C 1080 -60.87 -41.07 63.91
C SER C 1080 -62.06 -40.91 63.05
N TYR C 1081 -63.15 -40.84 63.74
CA TYR C 1081 -64.35 -40.90 63.08
C TYR C 1081 -64.83 -39.47 62.75
N THR C 1082 -64.01 -38.47 62.99
CA THR C 1082 -64.37 -37.08 62.75
C THR C 1082 -64.51 -36.71 61.32
N VAL C 1083 -65.66 -37.04 60.83
CA VAL C 1083 -65.89 -36.77 59.44
C VAL C 1083 -66.06 -35.32 59.22
N GLN C 1084 -65.47 -34.83 58.15
CA GLN C 1084 -65.72 -33.50 57.75
C GLN C 1084 -66.56 -33.46 56.50
N SER C 1085 -66.93 -34.64 56.02
CA SER C 1085 -67.73 -34.74 54.84
C SER C 1085 -68.57 -36.01 54.86
N GLY C 1086 -69.57 -36.06 53.99
CA GLY C 1086 -70.53 -37.15 54.00
C GLY C 1086 -71.78 -36.78 54.76
N ARG C 1087 -72.84 -37.53 54.52
CA ARG C 1087 -74.09 -37.29 55.20
C ARG C 1087 -74.18 -38.21 56.40
N TRP C 1088 -74.75 -37.70 57.49
CA TRP C 1088 -74.68 -38.38 58.78
C TRP C 1088 -75.83 -38.08 59.75
N TYR C 1089 -76.72 -39.04 59.84
CA TYR C 1089 -77.64 -39.14 60.97
C TYR C 1089 -76.92 -39.85 62.12
N PHE C 1090 -77.34 -39.56 63.35
CA PHE C 1090 -76.89 -40.34 64.49
C PHE C 1090 -77.91 -40.42 65.61
N GLU C 1091 -77.96 -41.58 66.26
CA GLU C 1091 -78.86 -41.85 67.36
C GLU C 1091 -78.43 -41.30 68.73
N PHE C 1092 -79.40 -41.08 69.60
CA PHE C 1092 -79.18 -41.07 71.06
C PHE C 1092 -80.37 -41.68 71.74
N GLU C 1093 -80.33 -42.98 71.97
CA GLU C 1093 -81.43 -43.61 72.62
C GLU C 1093 -81.61 -43.11 74.09
N ALA C 1094 -82.86 -42.81 74.43
CA ALA C 1094 -83.27 -42.25 75.70
C ALA C 1094 -83.42 -43.27 76.80
N VAL C 1095 -83.24 -42.77 78.00
CA VAL C 1095 -83.53 -43.51 79.21
C VAL C 1095 -84.15 -42.50 80.17
N THR C 1096 -83.35 -41.80 80.98
CA THR C 1096 -83.85 -40.73 81.86
C THR C 1096 -84.20 -39.47 81.03
N THR C 1097 -85.18 -38.69 81.48
CA THR C 1097 -85.58 -37.47 80.74
C THR C 1097 -85.03 -36.16 81.29
N GLY C 1098 -83.96 -36.24 82.09
CA GLY C 1098 -83.33 -35.06 82.67
C GLY C 1098 -82.31 -34.38 81.75
N GLU C 1099 -81.26 -33.81 82.33
CA GLU C 1099 -80.28 -33.00 81.58
C GLU C 1099 -79.31 -33.88 80.81
N MET C 1100 -79.83 -34.45 79.73
CA MET C 1100 -79.21 -35.58 79.05
C MET C 1100 -78.28 -35.18 77.94
N ARG C 1101 -78.03 -33.88 77.84
CA ARG C 1101 -77.83 -33.21 76.56
C ARG C 1101 -76.70 -33.75 75.68
N VAL C 1102 -76.95 -33.77 74.36
CA VAL C 1102 -76.08 -34.47 73.39
C VAL C 1102 -76.07 -33.76 72.04
N GLY C 1103 -74.94 -33.80 71.35
CA GLY C 1103 -74.84 -33.19 70.03
C GLY C 1103 -73.45 -33.28 69.43
N TRP C 1104 -73.32 -32.77 68.21
CA TRP C 1104 -72.02 -32.78 67.56
C TRP C 1104 -71.03 -31.85 68.26
N ALA C 1105 -69.77 -32.26 68.25
CA ALA C 1105 -68.72 -31.41 68.74
C ALA C 1105 -67.34 -31.70 68.17
N ARG C 1106 -66.54 -30.66 67.96
CA ARG C 1106 -65.15 -30.80 67.57
C ARG C 1106 -64.34 -31.35 68.70
N PRO C 1107 -63.41 -32.21 68.38
CA PRO C 1107 -62.70 -33.04 69.32
C PRO C 1107 -61.92 -32.27 70.33
N GLU C 1108 -61.46 -31.11 69.91
CA GLU C 1108 -60.47 -30.40 70.64
C GLU C 1108 -60.97 -29.84 71.94
N LEU C 1109 -62.27 -29.73 72.07
CA LEU C 1109 -62.88 -29.17 73.30
C LEU C 1109 -62.58 -30.03 74.44
N ARG C 1110 -62.41 -29.40 75.60
CA ARG C 1110 -62.12 -30.22 76.70
C ARG C 1110 -63.38 -30.96 77.07
N PRO C 1111 -63.28 -32.28 77.25
CA PRO C 1111 -64.25 -32.98 77.97
C PRO C 1111 -64.17 -32.55 79.44
N ASP C 1112 -63.01 -32.10 79.91
CA ASP C 1112 -62.87 -31.53 81.28
C ASP C 1112 -63.82 -30.36 81.53
N VAL C 1113 -64.09 -29.57 80.51
CA VAL C 1113 -65.07 -28.49 80.63
C VAL C 1113 -66.45 -29.09 80.57
N GLU C 1114 -67.37 -28.56 81.33
CA GLU C 1114 -68.72 -28.97 81.18
C GLU C 1114 -69.26 -28.48 79.84
N LEU C 1115 -70.03 -29.35 79.21
CA LEU C 1115 -70.69 -29.04 77.97
C LEU C 1115 -71.74 -28.02 78.14
N GLY C 1116 -71.80 -27.15 77.16
CA GLY C 1116 -72.81 -26.14 77.10
C GLY C 1116 -72.24 -24.92 76.49
N ALA C 1117 -71.56 -24.12 77.32
CA ALA C 1117 -70.88 -22.90 76.88
C ALA C 1117 -69.52 -23.27 76.39
N ASP C 1118 -69.56 -23.64 75.12
CA ASP C 1118 -68.34 -23.90 74.39
C ASP C 1118 -68.62 -23.76 72.91
N GLU C 1119 -67.64 -23.20 72.22
CA GLU C 1119 -67.79 -22.97 70.80
C GLU C 1119 -67.90 -24.27 70.04
N LEU C 1120 -67.24 -25.28 70.54
CA LEU C 1120 -66.99 -26.44 69.72
C LEU C 1120 -68.12 -27.44 69.72
N ALA C 1121 -69.12 -27.25 70.58
CA ALA C 1121 -70.09 -28.32 70.88
C ALA C 1121 -71.53 -27.90 70.75
N TYR C 1122 -72.02 -28.00 69.53
CA TYR C 1122 -73.38 -27.83 69.23
C TYR C 1122 -74.12 -29.04 69.85
N VAL C 1123 -75.20 -28.76 70.61
CA VAL C 1123 -75.92 -29.83 71.32
C VAL C 1123 -77.39 -29.53 71.55
N PHE C 1124 -78.11 -30.54 72.00
CA PHE C 1124 -79.53 -30.42 72.28
C PHE C 1124 -79.85 -31.13 73.61
N ASN C 1125 -80.71 -30.49 74.42
CA ASN C 1125 -81.04 -30.99 75.75
C ASN C 1125 -81.99 -32.19 75.80
N GLY C 1126 -81.82 -32.99 76.84
CA GLY C 1126 -82.73 -34.05 77.12
C GLY C 1126 -83.98 -33.64 77.89
N HIS C 1127 -84.00 -32.38 78.26
CA HIS C 1127 -85.07 -31.84 79.01
C HIS C 1127 -85.20 -30.36 78.72
N ARG C 1128 -86.39 -29.82 78.96
CA ARG C 1128 -86.73 -28.44 78.66
C ARG C 1128 -86.68 -28.09 77.15
N GLY C 1129 -85.66 -28.61 76.49
CA GLY C 1129 -85.65 -28.65 75.04
C GLY C 1129 -85.06 -27.52 74.23
N GLN C 1130 -84.71 -26.43 74.86
CA GLN C 1130 -83.85 -25.51 74.20
C GLN C 1130 -82.48 -26.15 73.88
N ARG C 1131 -81.99 -25.87 72.68
CA ARG C 1131 -80.64 -26.28 72.33
C ARG C 1131 -79.55 -25.37 72.97
N TRP C 1132 -78.37 -25.94 73.25
CA TRP C 1132 -77.25 -25.12 73.74
C TRP C 1132 -76.06 -25.02 72.85
N HIS C 1133 -75.57 -23.80 72.75
CA HIS C 1133 -74.26 -23.52 72.23
C HIS C 1133 -73.87 -22.12 72.64
N LEU C 1134 -72.72 -22.01 73.32
CA LEU C 1134 -72.32 -20.77 73.95
C LEU C 1134 -73.46 -20.31 74.85
N GLY C 1135 -73.95 -21.23 75.67
CA GLY C 1135 -75.15 -21.03 76.46
C GLY C 1135 -76.37 -21.29 75.65
N SER C 1136 -77.52 -21.09 76.25
CA SER C 1136 -78.76 -21.49 75.63
C SER C 1136 -79.14 -20.68 74.40
N GLU C 1137 -79.70 -21.40 73.44
CA GLU C 1137 -80.25 -20.82 72.22
C GLU C 1137 -81.63 -21.45 71.95
N PRO C 1138 -82.66 -21.06 72.71
CA PRO C 1138 -83.91 -21.80 72.72
C PRO C 1138 -84.62 -21.96 71.37
N PHE C 1139 -85.17 -23.14 71.11
CA PHE C 1139 -86.06 -23.31 69.97
C PHE C 1139 -86.89 -24.54 70.12
N GLY C 1140 -86.31 -25.60 70.66
CA GLY C 1140 -87.03 -26.85 70.83
C GLY C 1140 -87.91 -27.09 72.05
N ARG C 1141 -88.27 -28.37 72.18
CA ARG C 1141 -89.08 -28.89 73.29
C ARG C 1141 -88.47 -30.19 73.92
N PRO C 1142 -88.79 -30.50 75.19
CA PRO C 1142 -88.26 -31.72 75.84
C PRO C 1142 -88.91 -33.00 75.32
N TRP C 1143 -88.83 -34.07 76.11
CA TRP C 1143 -89.48 -35.33 75.76
C TRP C 1143 -89.74 -36.25 76.94
N GLN C 1144 -90.77 -37.07 76.74
CA GLN C 1144 -91.11 -38.09 77.68
C GLN C 1144 -90.05 -39.18 77.69
N SER C 1145 -89.80 -39.81 78.83
CA SER C 1145 -88.68 -40.75 78.96
C SER C 1145 -88.85 -41.91 78.00
N GLY C 1146 -87.75 -42.42 77.47
CA GLY C 1146 -87.76 -43.50 76.47
C GLY C 1146 -88.09 -43.02 75.06
N ASP C 1147 -88.18 -41.69 74.88
CA ASP C 1147 -88.28 -41.10 73.56
C ASP C 1147 -86.86 -40.80 73.04
N VAL C 1148 -86.38 -41.65 72.13
CA VAL C 1148 -85.04 -41.55 71.55
C VAL C 1148 -84.85 -40.21 70.83
N VAL C 1149 -83.65 -39.62 70.98
CA VAL C 1149 -83.33 -38.38 70.34
C VAL C 1149 -82.26 -38.56 69.28
N GLY C 1150 -82.70 -38.59 68.02
CA GLY C 1150 -81.81 -38.66 66.90
C GLY C 1150 -81.42 -37.27 66.47
N CYS C 1151 -80.51 -37.20 65.49
CA CYS C 1151 -80.10 -35.90 64.92
C CYS C 1151 -79.45 -36.09 63.52
N MET C 1152 -79.46 -35.02 62.71
CA MET C 1152 -78.92 -35.08 61.34
C MET C 1152 -77.96 -33.96 61.06
N ILE C 1153 -76.90 -34.23 60.30
CA ILE C 1153 -75.99 -33.15 59.92
C ILE C 1153 -75.64 -33.15 58.45
N ASP C 1154 -75.89 -32.02 57.81
CA ASP C 1154 -75.30 -31.78 56.52
C ASP C 1154 -73.87 -31.49 56.67
N LEU C 1155 -73.14 -32.04 55.71
CA LEU C 1155 -71.79 -31.66 55.55
C LEU C 1155 -71.63 -31.11 54.20
N THR C 1156 -70.58 -30.31 54.04
CA THR C 1156 -70.49 -29.28 53.00
C THR C 1156 -71.44 -28.13 53.38
N GLU C 1157 -72.72 -28.42 53.38
CA GLU C 1157 -73.64 -27.53 53.98
C GLU C 1157 -73.48 -27.67 55.49
N ASN C 1158 -73.68 -26.57 56.15
CA ASN C 1158 -73.45 -26.43 57.55
C ASN C 1158 -74.57 -26.86 58.48
N THR C 1159 -75.77 -27.08 57.98
CA THR C 1159 -76.95 -27.23 58.83
C THR C 1159 -76.91 -28.46 59.74
N ILE C 1160 -77.50 -28.30 60.93
CA ILE C 1160 -77.73 -29.40 61.84
C ILE C 1160 -79.17 -29.44 62.28
N ILE C 1161 -79.71 -30.64 62.44
CA ILE C 1161 -81.11 -30.81 62.77
C ILE C 1161 -81.38 -31.94 63.73
N PHE C 1162 -81.55 -31.59 64.99
CA PHE C 1162 -82.00 -32.54 66.00
C PHE C 1162 -83.42 -33.01 65.76
N THR C 1163 -83.72 -34.28 66.03
CA THR C 1163 -85.08 -34.79 65.91
C THR C 1163 -85.50 -35.70 67.06
N LEU C 1164 -86.74 -35.57 67.53
CA LEU C 1164 -87.32 -36.49 68.56
C LEU C 1164 -87.98 -37.67 67.86
N ASN C 1165 -87.21 -38.74 67.70
CA ASN C 1165 -87.67 -39.90 66.97
C ASN C 1165 -88.14 -39.56 65.53
N GLY C 1166 -87.37 -38.73 64.84
CA GLY C 1166 -87.67 -38.28 63.47
C GLY C 1166 -88.56 -37.04 63.38
N GLU C 1167 -88.83 -36.44 64.52
CA GLU C 1167 -89.56 -35.19 64.54
C GLU C 1167 -88.67 -33.98 64.29
N VAL C 1168 -88.65 -33.56 63.05
CA VAL C 1168 -87.82 -32.46 62.62
C VAL C 1168 -88.18 -31.07 63.27
N LEU C 1169 -87.22 -30.18 63.53
CA LEU C 1169 -87.47 -28.75 64.00
C LEU C 1169 -86.71 -27.69 63.13
N ALA C 1178 -81.98 -27.19 63.74
CA ALA C 1178 -81.17 -26.86 64.88
C ALA C 1178 -80.06 -25.86 64.57
N PHE C 1179 -78.81 -26.29 64.53
CA PHE C 1179 -77.68 -25.39 64.34
C PHE C 1179 -77.39 -25.20 62.90
N ARG C 1180 -78.28 -24.47 62.29
CA ARG C 1180 -78.13 -24.08 60.94
C ARG C 1180 -77.05 -23.00 60.85
N GLU C 1181 -76.36 -23.02 59.73
CA GLU C 1181 -75.40 -22.01 59.34
C GLU C 1181 -74.30 -21.93 60.35
N ILE C 1182 -73.28 -22.75 60.15
CA ILE C 1182 -72.13 -22.79 61.00
C ILE C 1182 -70.89 -22.94 60.12
N GLU C 1183 -69.89 -23.74 60.53
CA GLU C 1183 -68.74 -24.01 59.66
C GLU C 1183 -68.08 -25.36 59.89
N ILE C 1184 -67.53 -25.95 58.84
CA ILE C 1184 -66.73 -27.17 58.98
C ILE C 1184 -65.44 -26.82 59.59
N GLY C 1185 -64.93 -27.74 60.40
CA GLY C 1185 -63.73 -27.45 61.10
C GLY C 1185 -62.89 -28.66 61.32
N ASP C 1186 -62.77 -29.01 62.58
CA ASP C 1186 -62.05 -30.17 62.96
C ASP C 1186 -62.79 -31.42 62.52
N GLY C 1187 -64.12 -31.36 62.38
CA GLY C 1187 -64.88 -32.58 62.13
C GLY C 1187 -65.61 -33.04 63.36
N PHE C 1188 -66.90 -32.92 63.26
CA PHE C 1188 -67.74 -33.08 64.42
C PHE C 1188 -67.92 -34.51 64.86
N LEU C 1189 -68.13 -34.69 66.16
CA LEU C 1189 -68.43 -35.97 66.72
C LEU C 1189 -69.55 -35.96 67.68
N PRO C 1190 -70.22 -37.07 67.78
CA PRO C 1190 -71.29 -37.05 68.73
C PRO C 1190 -70.80 -37.01 70.11
N VAL C 1191 -71.55 -36.37 70.97
CA VAL C 1191 -71.13 -36.22 72.33
C VAL C 1191 -72.31 -36.22 73.30
N CYS C 1192 -72.34 -37.24 74.13
CA CYS C 1192 -73.29 -37.29 75.22
C CYS C 1192 -72.85 -36.43 76.39
N SER C 1193 -73.78 -36.02 77.23
CA SER C 1193 -73.45 -35.40 78.52
C SER C 1193 -74.62 -35.51 79.51
N LEU C 1194 -74.49 -36.48 80.40
CA LEU C 1194 -75.46 -36.77 81.44
C LEU C 1194 -75.29 -35.77 82.58
N GLY C 1195 -76.40 -35.53 83.26
CA GLY C 1195 -76.36 -34.90 84.56
C GLY C 1195 -76.00 -35.97 85.60
N PRO C 1196 -75.69 -35.53 86.83
CA PRO C 1196 -75.24 -36.46 87.86
C PRO C 1196 -76.31 -37.50 88.23
N GLY C 1197 -77.58 -37.19 88.10
CA GLY C 1197 -78.63 -38.15 88.37
C GLY C 1197 -79.10 -38.95 87.20
N GLN C 1198 -78.86 -38.40 86.02
CA GLN C 1198 -79.42 -38.86 84.78
C GLN C 1198 -78.72 -40.06 84.19
N VAL C 1199 -79.47 -40.79 83.39
CA VAL C 1199 -79.00 -42.01 82.74
C VAL C 1199 -79.39 -42.02 81.27
N GLY C 1200 -78.46 -42.50 80.41
CA GLY C 1200 -78.67 -42.49 78.96
C GLY C 1200 -78.31 -43.78 78.21
N HIS C 1201 -78.27 -43.72 76.89
CA HIS C 1201 -77.87 -44.86 76.03
C HIS C 1201 -77.51 -44.39 74.63
N LEU C 1202 -76.64 -45.12 73.96
CA LEU C 1202 -76.34 -44.83 72.59
C LEU C 1202 -75.94 -45.99 71.75
N ASN C 1203 -76.28 -45.89 70.46
CA ASN C 1203 -75.90 -46.85 69.43
C ASN C 1203 -75.81 -46.13 68.09
N LEU C 1204 -74.81 -46.45 67.29
CA LEU C 1204 -74.58 -45.77 66.02
C LEU C 1204 -74.24 -46.80 65.00
N GLY C 1205 -74.81 -46.58 63.84
CA GLY C 1205 -74.71 -47.55 62.78
C GLY C 1205 -75.62 -48.77 63.06
N GLN C 1206 -75.40 -49.86 62.29
CA GLN C 1206 -76.36 -51.01 62.19
C GLN C 1206 -77.70 -50.50 61.53
N ASP C 1207 -78.06 -50.98 60.33
CA ASP C 1207 -79.30 -50.53 59.66
C ASP C 1207 -80.53 -50.95 60.46
N VAL C 1208 -80.35 -51.98 61.30
CA VAL C 1208 -81.34 -52.43 62.26
C VAL C 1208 -81.67 -51.29 63.22
N SER C 1209 -80.70 -50.41 63.48
CA SER C 1209 -80.92 -49.20 64.29
C SER C 1209 -81.56 -48.14 63.42
N SER C 1210 -82.83 -48.37 63.15
CA SER C 1210 -83.66 -47.48 62.39
C SER C 1210 -85.12 -47.68 62.83
N LEU C 1211 -85.37 -47.50 64.14
CA LEU C 1211 -86.71 -47.71 64.74
C LEU C 1211 -87.66 -46.58 64.29
N ARG C 1212 -88.02 -45.74 65.24
CA ARG C 1212 -88.93 -44.62 65.07
C ARG C 1212 -88.28 -43.51 64.25
N PHE C 1213 -86.97 -43.50 64.25
CA PHE C 1213 -86.18 -42.31 63.93
C PHE C 1213 -85.49 -42.30 62.56
N PHE C 1214 -84.56 -43.19 62.32
CA PHE C 1214 -83.81 -43.20 61.09
C PHE C 1214 -84.73 -43.69 60.00
N ALA C 1215 -85.78 -44.43 60.37
CA ALA C 1215 -86.72 -44.89 59.38
C ALA C 1215 -87.45 -43.73 58.72
N ILE C 1216 -87.55 -42.59 59.43
CA ILE C 1216 -88.15 -41.37 58.89
C ILE C 1216 -87.22 -40.78 57.82
N CYS C 1217 -86.60 -39.65 58.11
CA CYS C 1217 -85.87 -38.92 57.09
C CYS C 1217 -84.51 -39.56 56.81
N GLY C 1218 -84.06 -40.44 57.71
CA GLY C 1218 -82.75 -40.99 57.62
C GLY C 1218 -82.54 -41.94 56.47
N LEU C 1219 -83.54 -42.76 56.14
CA LEU C 1219 -83.44 -43.66 54.98
C LEU C 1219 -83.43 -42.91 53.67
N GLN C 1220 -84.00 -41.73 53.75
CA GLN C 1220 -84.47 -41.01 52.60
C GLN C 1220 -83.44 -40.02 52.07
N GLU C 1221 -82.91 -39.26 53.00
CA GLU C 1221 -81.97 -38.20 52.71
C GLU C 1221 -80.55 -38.72 52.54
N GLY C 1222 -80.38 -40.01 52.79
CA GLY C 1222 -79.08 -40.60 52.62
C GLY C 1222 -78.14 -40.41 53.81
N PHE C 1223 -78.66 -39.93 54.93
CA PHE C 1223 -77.79 -39.63 56.09
C PHE C 1223 -77.36 -40.87 56.87
N GLU C 1224 -76.37 -41.58 56.34
CA GLU C 1224 -75.93 -42.86 56.91
C GLU C 1224 -75.13 -42.75 58.21
N PRO C 1225 -75.49 -43.55 59.21
CA PRO C 1225 -74.90 -43.80 60.54
C PRO C 1225 -73.59 -44.52 60.52
N PHE C 1226 -72.80 -44.31 61.55
CA PHE C 1226 -71.42 -44.61 61.50
C PHE C 1226 -70.99 -46.05 61.14
N ALA C 1227 -71.73 -47.02 61.65
CA ALA C 1227 -71.24 -48.41 61.60
C ALA C 1227 -71.51 -49.12 60.27
N ILE C 1228 -72.18 -48.44 59.36
CA ILE C 1228 -72.34 -48.97 58.00
C ILE C 1228 -70.97 -49.11 57.38
N ASN C 1229 -70.12 -48.17 57.76
CA ASN C 1229 -68.79 -48.11 57.29
C ASN C 1229 -67.92 -49.21 57.84
N MET C 1230 -68.27 -49.69 59.04
CA MET C 1230 -67.34 -50.54 59.75
C MET C 1230 -67.98 -51.71 60.47
N GLN C 1231 -67.22 -52.81 60.48
CA GLN C 1231 -67.49 -54.01 61.25
C GLN C 1231 -67.52 -53.71 62.76
N ARG C 1232 -66.65 -52.82 63.16
CA ARG C 1232 -66.46 -52.52 64.51
C ARG C 1232 -67.59 -51.63 65.12
N PRO C 1233 -67.94 -51.89 66.37
CA PRO C 1233 -68.64 -50.91 67.17
C PRO C 1233 -67.77 -49.69 67.43
N VAL C 1234 -68.36 -48.55 67.57
CA VAL C 1234 -67.65 -47.33 67.78
C VAL C 1234 -66.95 -47.31 69.11
N THR C 1235 -65.73 -46.85 69.09
CA THR C 1235 -65.04 -46.54 70.30
C THR C 1235 -65.47 -45.18 70.90
N THR C 1236 -65.47 -45.05 72.21
CA THR C 1236 -65.86 -43.81 72.90
C THR C 1236 -65.12 -43.63 74.21
N TRP C 1237 -65.25 -42.45 74.79
CA TRP C 1237 -64.58 -42.12 76.03
C TRP C 1237 -65.55 -41.52 77.07
N PHE C 1238 -65.74 -42.21 78.18
CA PHE C 1238 -66.43 -41.57 79.31
C PHE C 1238 -65.53 -40.55 80.00
N SER C 1239 -66.11 -39.47 80.46
CA SER C 1239 -65.40 -38.54 81.30
C SER C 1239 -65.22 -39.14 82.69
N LYS C 1240 -64.13 -38.80 83.34
CA LYS C 1240 -63.70 -39.41 84.60
C LYS C 1240 -63.44 -38.27 85.55
N SER C 1241 -64.22 -38.29 86.59
CA SER C 1241 -64.25 -37.18 87.50
C SER C 1241 -62.92 -37.04 88.23
N LEU C 1242 -62.14 -38.13 88.25
CA LEU C 1242 -60.85 -38.13 88.87
C LEU C 1242 -59.93 -37.25 88.14
N PRO C 1243 -59.24 -36.36 88.87
CA PRO C 1243 -58.33 -35.40 88.29
C PRO C 1243 -56.95 -35.97 88.27
N GLN C 1244 -56.64 -36.75 87.27
CA GLN C 1244 -55.27 -37.10 87.05
C GLN C 1244 -54.49 -35.85 86.68
N PHE C 1245 -53.27 -35.75 87.17
CA PHE C 1245 -52.43 -34.59 86.88
C PHE C 1245 -52.11 -34.43 85.41
N GLU C 1246 -52.06 -33.19 84.95
CA GLU C 1246 -51.56 -32.93 83.61
C GLU C 1246 -50.72 -31.69 83.64
N PRO C 1247 -49.77 -31.64 82.75
CA PRO C 1247 -48.90 -30.49 82.72
C PRO C 1247 -49.60 -29.24 82.35
N VAL C 1248 -49.19 -28.10 82.92
CA VAL C 1248 -49.96 -26.90 82.70
C VAL C 1248 -49.71 -26.40 81.30
N PRO C 1249 -50.77 -26.23 80.49
CA PRO C 1249 -50.67 -25.66 79.15
C PRO C 1249 -50.31 -24.19 79.24
N PRO C 1250 -49.59 -23.68 78.24
CA PRO C 1250 -49.64 -22.23 78.17
C PRO C 1250 -51.05 -21.83 77.80
N GLU C 1251 -51.48 -20.70 78.32
CA GLU C 1251 -52.89 -20.37 78.40
C GLU C 1251 -53.69 -21.43 79.16
N HIS C 1252 -53.49 -21.41 80.46
CA HIS C 1252 -54.53 -21.83 81.38
C HIS C 1252 -55.36 -20.56 81.49
N PRO C 1253 -56.60 -20.60 81.99
CA PRO C 1253 -57.31 -19.37 82.20
C PRO C 1253 -56.47 -18.34 82.93
N HIS C 1254 -55.68 -18.80 83.91
CA HIS C 1254 -54.27 -18.43 84.01
C HIS C 1254 -53.55 -18.89 85.26
N TYR C 1255 -52.50 -19.69 85.05
CA TYR C 1255 -51.47 -19.96 86.05
C TYR C 1255 -50.06 -19.86 85.43
N GLU C 1256 -49.45 -18.70 85.57
CA GLU C 1256 -48.15 -18.45 84.98
C GLU C 1256 -47.09 -19.22 85.72
N VAL C 1257 -46.08 -19.60 84.95
CA VAL C 1257 -44.94 -20.24 85.54
C VAL C 1257 -43.67 -19.87 84.80
N ALA C 1258 -42.55 -19.77 85.52
CA ALA C 1258 -41.30 -19.35 84.93
C ALA C 1258 -40.05 -19.99 85.52
N ARG C 1259 -39.46 -20.84 84.72
CA ARG C 1259 -38.19 -21.45 85.04
C ARG C 1259 -37.03 -20.44 85.10
N MET C 1260 -36.10 -20.58 86.05
CA MET C 1260 -34.88 -19.74 86.03
C MET C 1260 -33.73 -20.15 86.95
N ASP C 1261 -32.57 -19.54 86.70
CA ASP C 1261 -31.38 -19.71 87.55
C ASP C 1261 -31.58 -19.14 88.95
N LEU C 1272 -28.44 -19.70 92.05
CA LEU C 1272 -29.48 -20.38 92.86
C LEU C 1272 -30.74 -20.70 92.04
N ALA C 1273 -30.84 -21.92 91.48
CA ALA C 1273 -31.95 -22.31 90.58
C ALA C 1273 -33.32 -22.36 91.28
N HIS C 1274 -34.33 -21.79 90.64
CA HIS C 1274 -35.71 -21.65 91.17
C HIS C 1274 -36.76 -21.35 90.04
N ARG C 1275 -38.04 -21.16 90.35
CA ARG C 1275 -39.02 -20.67 89.37
C ARG C 1275 -40.08 -19.69 89.97
N THR C 1276 -40.63 -18.79 89.17
CA THR C 1276 -41.63 -17.80 89.68
C THR C 1276 -43.10 -18.08 89.24
N TRP C 1277 -44.06 -17.43 89.92
CA TRP C 1277 -45.51 -17.80 89.81
C TRP C 1277 -46.46 -16.64 89.96
N GLY C 1278 -47.75 -16.85 89.64
CA GLY C 1278 -48.79 -15.79 89.79
C GLY C 1278 -50.13 -16.07 89.05
N SER C 1279 -51.23 -15.84 89.78
CA SER C 1279 -52.58 -15.93 89.22
C SER C 1279 -52.86 -14.89 88.09
N GLN C 1280 -52.18 -13.75 88.20
CA GLN C 1280 -52.36 -12.62 87.30
C GLN C 1280 -53.84 -12.13 87.25
N ASN C 1281 -54.64 -12.70 86.37
CA ASN C 1281 -56.07 -12.32 86.24
C ASN C 1281 -56.85 -12.69 87.48
N SER C 1282 -57.86 -11.88 87.80
CA SER C 1282 -58.79 -12.23 88.86
C SER C 1282 -59.48 -13.59 88.48
N LEU C 1283 -59.46 -14.60 89.38
CA LEU C 1283 -59.76 -16.04 89.07
C LEU C 1283 -59.84 -16.85 90.39
N VAL C 1284 -60.56 -17.93 90.25
CA VAL C 1284 -61.16 -18.66 91.32
C VAL C 1284 -60.21 -19.47 92.20
N GLU C 1285 -60.77 -20.42 92.96
CA GLU C 1285 -60.13 -21.17 94.04
C GLU C 1285 -59.01 -22.13 93.68
N MET C 1286 -58.02 -22.17 94.57
CA MET C 1286 -57.16 -23.33 94.77
C MET C 1286 -56.21 -23.73 93.67
N LEU C 1287 -55.05 -24.20 94.11
CA LEU C 1287 -54.03 -24.72 93.22
C LEU C 1287 -53.42 -25.92 93.86
N PHE C 1288 -53.80 -27.06 93.36
CA PHE C 1288 -53.20 -28.28 93.81
C PHE C 1288 -51.91 -28.46 93.02
N LEU C 1289 -50.84 -27.87 93.53
CA LEU C 1289 -49.60 -27.81 92.80
C LEU C 1289 -48.82 -29.11 92.80
N ARG C 1290 -49.20 -30.04 91.92
CA ARG C 1290 -48.57 -31.41 91.95
C ARG C 1290 -47.38 -31.50 91.08
N LEU C 1291 -46.19 -31.46 91.66
CA LEU C 1291 -45.02 -31.72 90.90
C LEU C 1291 -44.96 -33.20 90.61
N SER C 1292 -44.58 -33.51 89.38
CA SER C 1292 -44.71 -34.89 88.88
C SER C 1292 -43.82 -35.91 89.53
N LEU C 1293 -42.69 -35.51 90.07
CA LEU C 1293 -41.59 -36.43 90.26
C LEU C 1293 -41.58 -37.08 91.67
N PRO C 1294 -41.74 -38.42 91.74
CA PRO C 1294 -41.68 -39.24 92.96
C PRO C 1294 -40.31 -39.26 93.62
N VAL C 1295 -40.25 -39.30 94.93
CA VAL C 1295 -38.96 -39.39 95.60
C VAL C 1295 -38.39 -40.80 95.62
N GLN C 1296 -37.13 -41.03 95.31
CA GLN C 1296 -36.54 -42.40 95.29
C GLN C 1296 -36.05 -42.92 96.69
N PHE C 1297 -36.03 -44.23 97.04
CA PHE C 1297 -35.34 -44.71 98.31
C PHE C 1297 -34.10 -45.60 98.27
N THR C 1432 -30.80 -36.70 103.75
CA THR C 1432 -29.62 -36.38 102.94
C THR C 1432 -29.91 -35.09 102.11
N TYR C 1433 -30.85 -35.23 101.17
CA TYR C 1433 -31.25 -34.10 100.29
C TYR C 1433 -32.33 -33.23 100.79
N TYR C 1434 -32.03 -31.93 100.95
CA TYR C 1434 -33.08 -30.91 101.15
C TYR C 1434 -33.84 -30.58 99.86
N TYR C 1435 -35.09 -30.15 100.04
CA TYR C 1435 -35.95 -29.68 98.94
C TYR C 1435 -36.67 -28.45 99.46
N SER C 1436 -36.88 -27.45 98.60
CA SER C 1436 -37.24 -26.12 99.08
C SER C 1436 -38.32 -25.35 98.29
N VAL C 1437 -39.22 -24.61 98.95
CA VAL C 1437 -40.32 -23.87 98.29
C VAL C 1437 -40.71 -22.69 99.20
N ARG C 1438 -40.12 -21.53 98.95
CA ARG C 1438 -40.57 -20.32 99.66
C ARG C 1438 -42.00 -19.88 99.22
N VAL C 1439 -42.79 -19.32 100.12
CA VAL C 1439 -44.13 -18.71 99.78
C VAL C 1439 -44.20 -17.30 100.43
N PHE C 1440 -44.81 -16.28 99.79
CA PHE C 1440 -44.78 -14.89 100.33
C PHE C 1440 -46.16 -14.16 100.24
N ALA C 1441 -47.26 -14.92 100.23
CA ALA C 1441 -48.63 -14.31 100.16
C ALA C 1441 -49.64 -15.36 100.57
N CYS C 1447 -52.51 -20.47 106.08
CA CYS C 1447 -53.57 -20.22 105.02
C CYS C 1447 -53.41 -21.18 103.85
N VAL C 1448 -52.24 -21.80 103.81
CA VAL C 1448 -51.86 -22.71 102.71
C VAL C 1448 -51.30 -24.02 103.25
N TRP C 1449 -51.72 -25.11 102.62
CA TRP C 1449 -51.46 -26.47 103.11
C TRP C 1449 -50.16 -27.08 102.56
N VAL C 1450 -48.99 -26.67 103.07
CA VAL C 1450 -47.70 -27.37 102.72
C VAL C 1450 -47.69 -28.82 103.31
N GLY C 1451 -47.16 -29.78 102.52
CA GLY C 1451 -47.16 -31.19 102.88
C GLY C 1451 -47.13 -32.06 101.66
N TRP C 1452 -46.06 -32.83 101.57
CA TRP C 1452 -45.73 -33.56 100.34
C TRP C 1452 -46.73 -34.63 99.97
N VAL C 1453 -47.12 -34.62 98.70
CA VAL C 1453 -48.23 -35.41 98.19
C VAL C 1453 -48.00 -36.89 97.97
N THR C 1454 -49.08 -37.62 98.20
CA THR C 1454 -49.20 -39.00 97.83
C THR C 1454 -49.66 -39.12 96.37
N PRO C 1455 -48.90 -39.88 95.58
CA PRO C 1455 -49.13 -39.98 94.17
C PRO C 1455 -50.51 -40.42 93.67
N ASP C 1456 -51.18 -41.32 94.35
CA ASP C 1456 -52.41 -41.90 93.82
C ASP C 1456 -53.57 -40.96 94.06
N TYR C 1457 -53.41 -39.86 94.80
CA TYR C 1457 -54.54 -39.08 95.39
C TYR C 1457 -55.55 -38.30 94.50
N HIS C 1458 -56.57 -37.71 95.15
CA HIS C 1458 -57.63 -36.89 94.47
C HIS C 1458 -58.84 -36.44 95.34
N GLN C 1459 -59.54 -35.38 94.90
CA GLN C 1459 -60.75 -34.76 95.54
C GLN C 1459 -60.69 -33.23 95.30
N HIS C 1460 -61.75 -32.43 95.53
CA HIS C 1460 -61.45 -31.05 95.29
C HIS C 1460 -61.95 -30.05 96.41
N ASP C 1461 -61.37 -28.85 96.49
CA ASP C 1461 -61.85 -27.76 97.40
C ASP C 1461 -61.58 -28.01 98.88
N MET C 1462 -61.33 -26.91 99.60
CA MET C 1462 -61.06 -26.97 100.99
C MET C 1462 -59.94 -27.95 101.43
N ASN C 1463 -60.26 -29.20 101.76
CA ASN C 1463 -59.22 -30.20 102.04
C ASN C 1463 -58.13 -29.87 103.13
N PHE C 1464 -58.62 -29.61 104.30
CA PHE C 1464 -57.78 -29.34 105.50
C PHE C 1464 -58.16 -30.24 106.65
N ASP C 1465 -57.30 -31.22 106.74
CA ASP C 1465 -57.18 -32.12 105.68
C ASP C 1465 -58.06 -33.36 105.49
N LEU C 1466 -58.98 -33.30 104.52
CA LEU C 1466 -59.73 -34.47 104.11
C LEU C 1466 -58.97 -35.49 103.19
N SER C 1467 -57.94 -36.21 103.69
CA SER C 1467 -57.16 -37.22 102.86
C SER C 1467 -57.89 -38.54 102.57
N VAL C 1472 -54.70 -42.10 108.44
CA VAL C 1472 -54.36 -43.37 107.82
C VAL C 1472 -53.26 -44.09 108.58
N THR C 1473 -53.64 -45.20 109.21
CA THR C 1473 -52.74 -46.03 109.99
C THR C 1473 -53.15 -47.48 109.95
N VAL C 1474 -52.20 -48.38 110.25
CA VAL C 1474 -52.47 -49.78 110.27
C VAL C 1474 -51.66 -50.49 111.32
N THR C 1475 -52.35 -51.10 112.27
CA THR C 1475 -51.70 -51.98 113.21
C THR C 1475 -51.19 -53.24 112.53
N MET C 1476 -49.99 -53.65 112.89
CA MET C 1476 -49.44 -54.91 112.41
C MET C 1476 -49.56 -55.96 113.51
N GLY C 1477 -50.82 -56.29 113.77
CA GLY C 1477 -51.08 -57.07 114.93
C GLY C 1477 -50.78 -58.54 114.72
N ASP C 1478 -50.76 -59.26 115.84
CA ASP C 1478 -50.64 -60.74 115.89
C ASP C 1478 -51.95 -61.30 116.61
N GLU C 1479 -53.10 -60.71 116.28
CA GLU C 1479 -54.46 -61.00 116.88
C GLU C 1479 -54.58 -60.52 118.35
N GLN C 1480 -53.48 -60.74 119.09
CA GLN C 1480 -53.31 -60.29 120.48
C GLN C 1480 -53.48 -58.75 120.59
N GLY C 1481 -53.13 -58.04 119.53
CA GLY C 1481 -53.01 -56.61 119.60
C GLY C 1481 -51.64 -56.14 120.10
N ASN C 1482 -50.73 -57.04 120.50
CA ASN C 1482 -49.34 -56.61 120.91
C ASN C 1482 -48.59 -55.95 119.76
N VAL C 1483 -48.91 -56.44 118.57
CA VAL C 1483 -48.50 -55.85 117.28
C VAL C 1483 -46.99 -55.88 117.08
N HIS C 1484 -46.61 -56.31 115.88
CA HIS C 1484 -45.24 -56.14 115.43
C HIS C 1484 -45.11 -54.71 114.86
N SER C 1485 -45.05 -53.74 115.80
CA SER C 1485 -45.09 -52.31 115.47
C SER C 1485 -46.40 -51.92 114.71
N SER C 1486 -46.60 -50.64 114.38
CA SER C 1486 -47.82 -50.17 113.63
C SER C 1486 -47.51 -48.89 112.94
N LEU C 1487 -47.95 -48.76 111.70
CA LEU C 1487 -47.37 -47.77 110.83
C LEU C 1487 -48.41 -47.11 109.95
N LYS C 1488 -48.09 -46.97 108.67
CA LYS C 1488 -48.92 -46.23 107.70
C LYS C 1488 -49.10 -44.74 108.01
N CYS C 1489 -48.68 -43.89 107.07
CA CYS C 1489 -48.70 -42.45 107.24
C CYS C 1489 -48.51 -41.71 105.88
N SER C 1490 -48.87 -40.43 105.86
CA SER C 1490 -48.85 -39.59 104.68
C SER C 1490 -49.64 -40.14 103.47
N ASN C 1491 -50.83 -40.71 103.65
CA ASN C 1491 -51.69 -41.17 102.51
C ASN C 1491 -52.80 -40.15 102.10
N TYR C 1493 -50.89 -37.53 102.29
CA TYR C 1493 -50.02 -36.34 102.20
C TYR C 1493 -49.75 -35.70 103.54
N MET C 1494 -49.74 -34.36 103.59
CA MET C 1494 -49.64 -33.59 104.82
C MET C 1494 -50.26 -32.16 104.60
N VAL C 1495 -50.58 -31.45 105.68
CA VAL C 1495 -51.29 -30.16 105.60
C VAL C 1495 -50.71 -29.12 106.61
N TRP C 1496 -50.92 -27.83 106.35
CA TRP C 1496 -50.33 -26.73 107.20
C TRP C 1496 -51.18 -25.41 107.16
N GLY C 1497 -50.85 -24.50 108.11
CA GLY C 1497 -51.59 -23.28 108.40
C GLY C 1497 -50.69 -22.13 108.64
N SER C 1510 -46.57 -10.54 108.33
CA SER C 1510 -46.54 -10.99 106.94
C SER C 1510 -45.19 -11.62 106.59
N HIS C 1511 -44.73 -12.51 107.45
CA HIS C 1511 -43.45 -13.19 107.23
C HIS C 1511 -43.55 -14.22 106.12
N THR C 1512 -42.47 -14.38 105.36
CA THR C 1512 -42.44 -15.34 104.26
C THR C 1512 -42.81 -16.73 104.74
N ASP C 1513 -42.79 -17.69 103.82
CA ASP C 1513 -43.13 -19.08 104.15
C ASP C 1513 -42.21 -20.05 103.41
N LEU C 1514 -41.06 -20.33 103.99
CA LEU C 1514 -40.10 -21.24 103.39
C LEU C 1514 -40.44 -22.69 103.72
N VAL C 1515 -39.84 -23.62 102.99
CA VAL C 1515 -40.08 -25.05 103.20
C VAL C 1515 -38.91 -25.89 102.73
N ILE C 1516 -37.92 -26.05 103.60
CA ILE C 1516 -36.74 -26.84 103.27
C ILE C 1516 -36.75 -28.18 104.00
N GLY C 1517 -37.38 -29.18 103.39
CA GLY C 1517 -37.46 -30.50 103.98
C GLY C 1517 -36.36 -31.44 103.50
N CYS C 1518 -35.69 -32.06 104.47
CA CYS C 1518 -34.66 -33.05 104.18
C CYS C 1518 -35.27 -34.40 103.89
N LEU C 1519 -34.54 -35.24 103.12
CA LEU C 1519 -34.94 -36.62 102.90
C LEU C 1519 -33.77 -37.61 102.70
N VAL C 1520 -33.96 -38.89 103.07
CA VAL C 1520 -32.92 -39.96 102.96
C VAL C 1520 -31.65 -39.65 103.74
N GLY C 1525 -35.24 -44.16 104.51
CA GLY C 1525 -35.27 -42.86 105.17
C GLY C 1525 -36.59 -42.67 105.89
N LEU C 1526 -36.94 -41.42 106.20
CA LEU C 1526 -38.30 -41.02 106.66
C LEU C 1526 -38.53 -39.49 106.50
N MET C 1527 -39.79 -39.05 106.42
CA MET C 1527 -40.11 -37.64 106.23
C MET C 1527 -39.67 -36.79 107.43
N THR C 1528 -39.14 -35.62 107.10
CA THR C 1528 -38.64 -34.64 108.06
C THR C 1528 -39.10 -33.23 107.67
N PHE C 1529 -40.21 -32.81 108.25
CA PHE C 1529 -40.78 -31.54 107.89
C PHE C 1529 -39.92 -30.39 108.40
N THR C 1530 -39.92 -29.27 107.66
CA THR C 1530 -39.27 -28.04 108.15
C THR C 1530 -40.11 -26.77 107.96
N ALA C 1531 -41.27 -26.76 108.63
CA ALA C 1531 -42.27 -25.66 108.56
C ALA C 1531 -41.65 -24.27 108.83
N ASN C 1532 -41.85 -23.26 107.97
CA ASN C 1532 -41.42 -21.86 108.28
C ASN C 1532 -39.90 -21.82 108.49
N GLY C 1533 -39.15 -22.64 107.73
CA GLY C 1533 -37.69 -22.73 107.86
C GLY C 1533 -37.21 -23.44 109.13
N LYS C 1534 -37.71 -23.01 110.28
CA LYS C 1534 -37.41 -23.63 111.57
C LYS C 1534 -37.87 -25.11 111.67
N GLU C 1535 -37.21 -25.92 112.46
CA GLU C 1535 -37.72 -27.29 112.71
C GLU C 1535 -39.07 -27.28 113.47
N SER C 1536 -40.02 -28.17 113.17
CA SER C 1536 -41.25 -28.32 114.02
C SER C 1536 -41.79 -29.76 114.07
N ASN C 1537 -40.88 -30.71 114.27
CA ASN C 1537 -41.23 -32.13 114.23
C ASN C 1537 -41.75 -32.62 112.85
N THR C 1538 -42.14 -33.90 112.79
CA THR C 1538 -42.66 -34.57 111.56
C THR C 1538 -43.43 -35.87 111.89
N PHE C 1539 -44.75 -35.79 111.94
CA PHE C 1539 -45.59 -36.94 112.26
C PHE C 1539 -45.40 -38.07 111.24
N PHE C 1540 -45.14 -37.69 109.99
CA PHE C 1540 -44.93 -38.68 108.93
C PHE C 1540 -43.59 -39.41 109.09
N GLN C 1541 -43.64 -40.70 108.74
CA GLN C 1541 -42.47 -41.52 108.49
C GLN C 1541 -42.81 -42.83 107.70
N VAL C 1542 -42.44 -42.93 106.42
CA VAL C 1542 -42.55 -44.22 105.70
C VAL C 1542 -41.51 -44.45 104.64
N GLU C 1543 -40.62 -45.42 104.82
CA GLU C 1543 -39.71 -45.85 103.75
C GLU C 1543 -39.68 -47.39 103.51
N PRO C 1544 -40.76 -47.96 102.88
CA PRO C 1544 -40.68 -49.33 102.27
C PRO C 1544 -40.08 -49.35 100.82
N ASN C 1545 -38.99 -48.61 100.58
CA ASN C 1545 -38.44 -48.44 99.20
C ASN C 1545 -39.45 -47.78 98.18
N THR C 1546 -40.53 -47.13 98.64
CA THR C 1546 -41.49 -46.45 97.77
C THR C 1546 -41.02 -45.10 97.21
N LYS C 1547 -41.57 -44.78 96.07
CA LYS C 1547 -41.48 -43.47 95.48
C LYS C 1547 -42.75 -42.67 95.75
N LEU C 1548 -42.59 -41.41 96.06
CA LEU C 1548 -43.72 -40.50 96.43
C LEU C 1548 -43.47 -39.01 96.14
N PHE C 1549 -44.56 -38.24 96.03
CA PHE C 1549 -44.48 -36.85 95.61
C PHE C 1549 -44.10 -35.89 96.70
N PRO C 1550 -43.35 -34.85 96.34
CA PRO C 1550 -43.21 -33.59 97.05
C PRO C 1550 -44.02 -32.45 96.42
N ALA C 1551 -45.05 -31.96 97.12
CA ALA C 1551 -45.93 -30.90 96.55
C ALA C 1551 -46.80 -30.17 97.59
N VAL C 1552 -47.51 -29.11 97.15
CA VAL C 1552 -48.37 -28.32 98.02
C VAL C 1552 -49.72 -27.92 97.41
N PHE C 1553 -50.80 -27.92 98.22
CA PHE C 1553 -52.13 -27.41 97.76
C PHE C 1553 -52.40 -25.94 98.10
N VAL C 1554 -51.77 -25.02 97.39
CA VAL C 1554 -51.96 -23.57 97.66
C VAL C 1554 -53.35 -23.00 97.36
N LEU C 1555 -53.80 -22.12 98.23
CA LEU C 1555 -54.88 -21.21 97.95
C LEU C 1555 -54.32 -19.84 97.55
N PRO C 1556 -54.61 -19.38 96.34
CA PRO C 1556 -54.02 -18.14 95.79
C PRO C 1556 -54.26 -16.83 96.56
N THR C 1557 -53.26 -15.95 96.63
CA THR C 1557 -53.37 -14.58 97.15
C THR C 1557 -53.43 -13.57 96.02
N HIS C 1558 -54.14 -13.99 94.96
CA HIS C 1558 -54.17 -13.30 93.68
C HIS C 1558 -52.75 -13.06 93.13
N GLN C 1559 -52.23 -11.83 93.25
CA GLN C 1559 -50.91 -11.54 92.65
C GLN C 1559 -49.75 -12.31 93.29
N ASN C 1560 -48.85 -12.80 92.42
CA ASN C 1560 -47.65 -13.53 92.81
C ASN C 1560 -47.83 -14.61 93.89
N VAL C 1561 -48.61 -15.62 93.47
CA VAL C 1561 -49.05 -16.74 94.34
C VAL C 1561 -47.99 -17.52 95.16
N ILE C 1562 -46.83 -17.80 94.57
CA ILE C 1562 -45.82 -18.60 95.29
C ILE C 1562 -44.43 -18.52 94.69
N GLN C 1563 -43.40 -18.62 95.55
CA GLN C 1563 -42.02 -18.81 95.08
C GLN C 1563 -41.70 -20.32 95.06
N PHE C 1564 -40.59 -20.77 94.46
CA PHE C 1564 -40.35 -22.23 94.41
C PHE C 1564 -38.86 -22.57 94.16
N GLU C 1565 -38.36 -23.75 94.53
CA GLU C 1565 -36.92 -24.10 94.22
C GLU C 1565 -36.69 -25.36 93.49
N ALA C 1577 -26.14 -31.79 103.98
CA ALA C 1577 -27.19 -31.09 103.28
C ALA C 1577 -26.73 -30.78 101.89
N ALA C 1578 -27.58 -31.17 100.92
CA ALA C 1578 -27.34 -31.03 99.45
C ALA C 1578 -28.66 -30.94 98.59
N MET C 1579 -28.63 -30.14 97.52
CA MET C 1579 -29.83 -29.86 96.73
C MET C 1579 -30.38 -31.10 95.98
N PHE C 1580 -31.70 -31.21 95.91
CA PHE C 1580 -32.37 -32.42 95.39
C PHE C 1580 -32.34 -32.52 93.88
N LEU C 1581 -31.95 -31.46 93.19
CA LEU C 1581 -32.41 -31.37 91.75
C LEU C 1581 -31.36 -32.10 90.92
N SER C 1582 -31.30 -33.42 91.08
CA SER C 1582 -30.15 -34.22 90.60
C SER C 1582 -30.35 -35.66 90.97
N GLU C 1583 -30.50 -35.94 92.26
CA GLU C 1583 -30.70 -37.30 92.76
C GLU C 1583 -31.98 -37.86 92.20
N ARG C 1584 -32.96 -36.98 91.93
CA ARG C 1584 -34.20 -37.35 91.31
C ARG C 1584 -33.93 -38.04 89.97
N LYS C 1585 -32.98 -37.48 89.22
CA LYS C 1585 -32.45 -38.12 88.00
C LYS C 1585 -31.48 -39.27 88.33
N ASN C 1586 -31.25 -40.19 87.39
CA ASN C 1586 -30.29 -41.24 87.66
C ASN C 1586 -28.90 -40.83 88.02
N PRO C 1587 -28.32 -39.84 87.35
CA PRO C 1587 -26.97 -39.51 87.75
C PRO C 1587 -26.85 -38.88 89.15
N ALA C 1588 -27.43 -39.50 90.21
CA ALA C 1588 -27.18 -39.23 91.64
C ALA C 1588 -25.71 -39.48 91.89
N PRO C 1589 -25.24 -38.82 92.95
CA PRO C 1589 -25.46 -37.40 93.20
C PRO C 1589 -25.40 -36.32 92.16
N GLN C 1590 -24.21 -36.00 91.65
CA GLN C 1590 -23.98 -34.79 90.87
C GLN C 1590 -24.64 -33.61 91.62
N CYS C 1591 -24.06 -33.24 92.77
CA CYS C 1591 -24.73 -32.42 93.79
C CYS C 1591 -25.27 -31.07 93.34
N PRO C 1592 -24.55 -30.27 92.52
CA PRO C 1592 -25.11 -28.96 92.18
C PRO C 1592 -26.51 -28.98 91.52
N PRO C 1593 -27.39 -28.00 91.86
CA PRO C 1593 -28.77 -27.93 91.35
C PRO C 1593 -28.87 -27.71 89.82
N ARG C 1594 -29.86 -28.34 89.17
CA ARG C 1594 -29.95 -28.36 87.71
C ARG C 1594 -31.39 -28.47 87.27
N LEU C 1595 -32.03 -27.33 87.17
CA LEU C 1595 -33.37 -27.32 86.67
C LEU C 1595 -33.35 -27.57 85.17
N GLU C 1596 -34.41 -28.19 84.70
CA GLU C 1596 -34.35 -28.88 83.45
C GLU C 1596 -35.73 -29.28 82.97
N VAL C 1597 -35.72 -29.80 81.76
CA VAL C 1597 -36.91 -29.99 81.01
C VAL C 1597 -37.91 -30.92 81.66
N GLN C 1598 -37.45 -31.94 82.36
CA GLN C 1598 -38.40 -32.86 82.99
C GLN C 1598 -38.78 -32.35 84.41
N MET C 1599 -38.29 -31.19 84.81
CA MET C 1599 -38.73 -30.65 86.12
C MET C 1599 -40.18 -30.27 86.13
N LEU C 1600 -41.03 -31.26 86.06
CA LEU C 1600 -42.36 -31.01 85.55
C LEU C 1600 -43.28 -30.18 86.45
N MET C 1601 -44.25 -29.50 85.85
CA MET C 1601 -45.32 -28.93 86.58
C MET C 1601 -46.74 -29.33 86.15
N PRO C 1602 -47.15 -30.55 86.49
CA PRO C 1602 -48.51 -31.01 86.17
C PRO C 1602 -49.50 -30.93 87.27
N VAL C 1603 -50.24 -29.85 87.31
CA VAL C 1603 -51.26 -29.72 88.31
C VAL C 1603 -52.39 -30.75 88.09
N SER C 1604 -52.98 -31.27 89.14
CA SER C 1604 -54.19 -32.09 88.96
C SER C 1604 -55.34 -31.19 88.63
N TRP C 1605 -56.25 -31.59 87.75
CA TRP C 1605 -57.34 -30.68 87.37
C TRP C 1605 -58.63 -31.27 87.63
N SER C 1606 -59.23 -31.91 86.64
CA SER C 1606 -60.44 -32.58 86.89
C SER C 1606 -60.79 -33.67 85.90
N ARG C 1607 -61.94 -33.51 85.27
CA ARG C 1607 -62.59 -34.54 84.48
C ARG C 1607 -61.77 -34.89 83.24
N MET C 1608 -61.55 -36.15 82.90
CA MET C 1608 -60.83 -36.49 81.66
C MET C 1608 -61.39 -37.78 81.03
N PRO C 1609 -61.30 -37.90 79.73
CA PRO C 1609 -61.93 -38.93 79.01
C PRO C 1609 -61.15 -40.25 78.85
N ASN C 1610 -61.35 -41.18 79.77
CA ASN C 1610 -60.87 -42.53 79.57
C ASN C 1610 -61.78 -43.39 78.70
N HIS C 1611 -61.16 -44.36 78.05
CA HIS C 1611 -61.83 -45.16 77.02
C HIS C 1611 -62.94 -46.08 77.55
N PHE C 1612 -63.97 -46.24 76.76
CA PHE C 1612 -65.08 -47.04 77.14
C PHE C 1612 -64.82 -48.56 77.32
N LEU C 1613 -63.86 -49.07 76.59
CA LEU C 1613 -63.57 -50.49 76.50
C LEU C 1613 -64.67 -51.32 75.79
N GLN C 1614 -64.45 -51.78 74.52
CA GLN C 1614 -65.48 -52.52 73.69
C GLN C 1614 -66.13 -53.72 74.42
N VAL C 1615 -65.35 -54.44 75.22
CA VAL C 1615 -65.87 -55.65 75.94
C VAL C 1615 -65.28 -55.74 77.33
N GLU C 1616 -65.99 -56.27 78.33
CA GLU C 1616 -65.29 -56.48 79.63
C GLU C 1616 -65.82 -57.56 80.59
N THR C 1617 -67.11 -57.54 80.92
CA THR C 1617 -67.60 -58.39 81.99
C THR C 1617 -68.90 -59.13 81.61
N ARG C 1618 -69.14 -60.29 82.21
CA ARG C 1618 -70.29 -61.12 81.87
C ARG C 1618 -70.96 -61.65 83.16
N ARG C 1619 -71.11 -60.77 84.13
CA ARG C 1619 -71.58 -61.15 85.48
C ARG C 1619 -73.06 -61.61 85.48
N ALA C 1620 -73.34 -62.58 86.35
CA ALA C 1620 -74.69 -63.08 86.55
C ALA C 1620 -74.97 -63.24 88.06
N GLY C 1621 -76.25 -63.00 88.39
CA GLY C 1621 -76.70 -62.77 89.76
C GLY C 1621 -77.73 -63.75 90.25
N GLU C 1622 -78.15 -63.53 91.50
CA GLU C 1622 -79.06 -64.44 92.18
C GLU C 1622 -79.50 -63.82 93.50
N ARG C 1623 -80.67 -64.28 93.97
CA ARG C 1623 -81.29 -63.80 95.20
C ARG C 1623 -81.88 -64.94 96.16
N LEU C 1624 -82.28 -64.57 97.39
CA LEU C 1624 -82.46 -65.49 98.55
C LEU C 1624 -81.19 -66.31 98.75
N GLY C 1625 -80.01 -65.67 98.60
CA GLY C 1625 -78.66 -66.31 98.65
C GLY C 1625 -77.52 -65.44 98.05
N TRP C 1626 -77.85 -64.61 97.03
CA TRP C 1626 -76.86 -63.62 96.41
C TRP C 1626 -75.56 -64.25 95.98
N ALA C 1627 -75.71 -65.39 95.32
CA ALA C 1627 -74.56 -66.15 94.86
C ALA C 1627 -74.09 -65.58 93.52
N VAL C 1628 -73.49 -64.38 93.58
CA VAL C 1628 -73.04 -63.68 92.37
C VAL C 1628 -71.88 -64.41 91.67
N GLN C 1629 -71.91 -64.38 90.33
CA GLN C 1629 -70.94 -65.11 89.56
C GLN C 1629 -70.64 -64.36 88.29
N CYS C 1630 -69.44 -64.61 87.79
CA CYS C 1630 -69.06 -64.13 86.47
C CYS C 1630 -68.11 -65.09 85.78
N GLN C 1631 -68.02 -65.01 84.45
CA GLN C 1631 -67.28 -66.02 83.66
C GLN C 1631 -65.96 -65.47 83.09
N ASP C 1632 -65.72 -65.63 81.79
CA ASP C 1632 -64.35 -65.66 81.23
C ASP C 1632 -63.67 -64.32 81.26
N PRO C 1633 -62.47 -64.27 81.84
CA PRO C 1633 -61.61 -63.10 81.85
C PRO C 1633 -61.05 -62.74 80.49
N LEU C 1634 -60.90 -61.44 80.32
CA LEU C 1634 -60.33 -60.86 79.16
C LEU C 1634 -59.37 -59.80 79.66
N THR C 1635 -58.30 -59.66 78.92
CA THR C 1635 -57.18 -58.88 79.34
C THR C 1635 -57.40 -57.39 79.33
N MET C 1636 -56.84 -56.74 80.34
CA MET C 1636 -56.53 -55.32 80.27
C MET C 1636 -55.24 -55.19 79.51
N MET C 1637 -55.36 -55.19 78.20
CA MET C 1637 -54.22 -54.91 77.41
C MET C 1637 -53.80 -53.51 77.79
N ALA C 1638 -52.51 -53.27 78.07
CA ALA C 1638 -52.11 -52.00 78.64
C ALA C 1638 -50.63 -51.69 78.77
N LEU C 1639 -50.35 -50.41 78.93
CA LEU C 1639 -49.02 -49.91 79.29
C LEU C 1639 -49.15 -49.04 80.49
N HIS C 1640 -48.06 -48.40 80.90
CA HIS C 1640 -48.21 -47.41 81.93
C HIS C 1640 -47.08 -46.47 81.84
N ILE C 1641 -47.32 -45.26 82.30
CA ILE C 1641 -46.24 -44.36 82.59
C ILE C 1641 -45.58 -44.92 83.81
N PRO C 1642 -44.30 -45.25 83.68
CA PRO C 1642 -43.61 -45.87 84.76
C PRO C 1642 -43.58 -45.05 86.02
N GLU C 1643 -43.50 -43.74 85.86
CA GLU C 1643 -43.61 -42.82 86.96
C GLU C 1643 -45.02 -42.66 87.32
N GLU C 1644 -45.29 -42.49 88.62
CA GLU C 1644 -46.67 -42.36 89.08
C GLU C 1644 -47.56 -43.40 88.44
N ASN C 1645 -47.28 -44.66 88.75
CA ASN C 1645 -47.74 -45.77 87.92
C ASN C 1645 -49.25 -45.80 87.75
N ARG C 1646 -49.68 -46.00 86.51
CA ARG C 1646 -51.10 -45.97 86.13
C ARG C 1646 -51.30 -46.77 84.88
N CYS C 1647 -51.93 -47.91 85.01
CA CYS C 1647 -52.26 -48.70 83.86
C CYS C 1647 -53.22 -47.97 82.92
N MET C 1648 -52.92 -48.08 81.61
CA MET C 1648 -53.65 -47.45 80.52
C MET C 1648 -53.52 -48.40 79.31
N ASP C 1649 -54.63 -48.69 78.63
CA ASP C 1649 -54.57 -49.49 77.41
C ASP C 1649 -53.90 -48.72 76.41
N ILE C 1650 -53.20 -49.45 75.59
CA ILE C 1650 -52.28 -48.78 74.76
C ILE C 1650 -53.03 -47.90 73.77
N LEU C 1651 -54.22 -48.35 73.43
CA LEU C 1651 -54.98 -47.69 72.45
C LEU C 1651 -55.37 -46.27 72.86
N GLU C 1652 -55.33 -46.04 74.16
CA GLU C 1652 -55.60 -44.74 74.72
C GLU C 1652 -54.59 -43.73 74.23
N LEU C 1653 -53.41 -44.21 73.90
CA LEU C 1653 -52.39 -43.34 73.40
C LEU C 1653 -52.63 -42.93 71.99
N SER C 1654 -53.57 -43.60 71.31
CA SER C 1654 -53.86 -43.29 69.91
C SER C 1654 -54.35 -41.89 69.77
N GLU C 1655 -54.96 -41.37 70.83
CA GLU C 1655 -55.56 -40.06 70.72
C GLU C 1655 -54.78 -38.97 71.44
N ARG C 1656 -54.17 -39.28 72.57
CA ARG C 1656 -53.12 -38.42 73.07
C ARG C 1656 -51.80 -38.92 72.50
N LEU C 1657 -51.65 -38.59 71.25
CA LEU C 1657 -50.78 -39.30 70.32
C LEU C 1657 -49.34 -38.97 70.45
N ASP C 1658 -49.05 -37.99 71.27
CA ASP C 1658 -47.71 -37.65 71.45
C ASP C 1658 -46.98 -38.80 72.10
N LEU C 1659 -47.65 -39.41 73.05
CA LEU C 1659 -47.12 -40.57 73.68
C LEU C 1659 -47.08 -41.72 72.76
N GLN C 1660 -47.99 -41.76 71.81
CA GLN C 1660 -47.92 -42.75 70.78
C GLN C 1660 -46.67 -42.61 69.94
N ARG C 1661 -46.27 -41.38 69.75
CA ARG C 1661 -45.09 -41.13 69.00
C ARG C 1661 -43.90 -41.58 69.80
N PHE C 1662 -43.93 -41.31 71.09
CA PHE C 1662 -42.86 -41.72 71.92
C PHE C 1662 -42.74 -43.23 72.00
N HIS C 1663 -43.87 -43.88 72.00
CA HIS C 1663 -43.86 -45.29 72.10
C HIS C 1663 -43.38 -45.91 70.86
N SER C 1664 -43.87 -45.35 69.78
CA SER C 1664 -43.49 -45.85 68.54
C SER C 1664 -42.01 -45.74 68.27
N HIS C 1665 -41.44 -44.66 68.73
CA HIS C 1665 -40.02 -44.57 68.70
C HIS C 1665 -39.34 -45.56 69.66
N THR C 1666 -40.02 -45.92 70.73
CA THR C 1666 -39.44 -46.95 71.57
C THR C 1666 -39.35 -48.29 70.87
N LEU C 1667 -40.29 -48.46 69.98
CA LEU C 1667 -40.35 -49.68 69.23
C LEU C 1667 -39.40 -49.71 68.08
N ARG C 1668 -39.21 -48.55 67.48
CA ARG C 1668 -38.17 -48.41 66.51
C ARG C 1668 -36.90 -48.73 67.20
N LEU C 1669 -36.83 -48.31 68.45
CA LEU C 1669 -35.63 -48.45 69.18
C LEU C 1669 -35.28 -49.82 69.42
N TYR C 1670 -36.22 -50.58 69.88
CA TYR C 1670 -35.91 -51.92 70.13
C TYR C 1670 -35.59 -52.64 68.87
N ARG C 1671 -36.29 -52.22 67.83
CA ARG C 1671 -36.13 -52.83 66.53
C ARG C 1671 -34.72 -52.68 66.08
N ALA C 1672 -34.12 -51.54 66.41
CA ALA C 1672 -32.70 -51.30 66.17
C ALA C 1672 -31.85 -52.01 67.16
N VAL C 1673 -32.42 -52.28 68.28
CA VAL C 1673 -31.74 -52.97 69.26
C VAL C 1673 -31.56 -54.39 68.94
N CYS C 1674 -32.38 -54.94 68.10
CA CYS C 1674 -32.15 -56.32 67.75
C CYS C 1674 -30.80 -56.56 67.01
N ALA C 1675 -30.30 -55.54 66.33
CA ALA C 1675 -29.00 -55.62 65.64
C ALA C 1675 -28.98 -56.65 64.56
N LEU C 1676 -30.15 -56.87 63.99
CA LEU C 1676 -30.29 -57.91 63.03
C LEU C 1676 -29.77 -59.23 63.64
N GLY C 1677 -30.58 -59.88 64.46
CA GLY C 1677 -30.24 -61.20 65.00
C GLY C 1677 -29.46 -61.32 66.29
N ASN C 1678 -29.20 -60.24 67.02
CA ASN C 1678 -28.59 -60.40 68.34
C ASN C 1678 -29.59 -61.08 69.23
N ASN C 1679 -29.11 -62.01 70.05
CA ASN C 1679 -30.02 -62.89 70.74
C ASN C 1679 -30.07 -62.66 72.25
N ARG C 1680 -28.90 -62.52 72.87
CA ARG C 1680 -28.87 -62.35 74.29
C ARG C 1680 -29.57 -61.06 74.66
N VAL C 1681 -29.55 -60.13 73.73
CA VAL C 1681 -30.30 -58.93 73.89
C VAL C 1681 -31.75 -59.16 73.67
N ALA C 1682 -32.02 -59.97 72.69
CA ALA C 1682 -33.36 -60.25 72.35
C ALA C 1682 -34.08 -60.95 73.50
N HIS C 1683 -33.36 -61.79 74.22
CA HIS C 1683 -33.97 -62.47 75.33
C HIS C 1683 -34.42 -61.47 76.34
N ALA C 1684 -33.60 -60.42 76.43
CA ALA C 1684 -33.89 -59.36 77.34
C ALA C 1684 -35.17 -58.70 77.04
N LEU C 1685 -35.38 -58.57 75.78
CA LEU C 1685 -36.60 -58.00 75.35
C LEU C 1685 -37.72 -58.92 75.58
N CYS C 1686 -37.51 -60.21 75.50
CA CYS C 1686 -38.60 -61.11 75.73
C CYS C 1686 -39.02 -60.97 77.12
N SER C 1687 -38.07 -60.71 78.00
CA SER C 1687 -38.37 -60.41 79.39
C SER C 1687 -39.24 -59.18 79.50
N HIS C 1688 -39.08 -58.28 78.55
CA HIS C 1688 -39.51 -57.01 78.72
C HIS C 1688 -40.68 -56.64 77.84
N VAL C 1689 -41.11 -57.48 76.93
CA VAL C 1689 -42.24 -57.14 76.13
C VAL C 1689 -43.23 -58.29 76.00
N ASP C 1690 -42.74 -59.51 76.10
CA ASP C 1690 -43.59 -60.67 76.25
C ASP C 1690 -44.28 -61.00 75.00
N GLN C 1691 -43.90 -62.16 74.49
CA GLN C 1691 -44.45 -62.67 73.27
C GLN C 1691 -45.93 -62.80 73.29
N ALA C 1692 -46.44 -63.22 74.41
CA ALA C 1692 -47.82 -63.42 74.51
C ALA C 1692 -48.55 -62.11 74.47
N GLN C 1693 -47.90 -61.06 74.95
CA GLN C 1693 -48.51 -59.78 74.98
C GLN C 1693 -48.73 -59.32 73.57
N LEU C 1694 -47.75 -59.60 72.77
CA LEU C 1694 -47.86 -59.27 71.40
C LEU C 1694 -48.84 -60.13 70.71
N LEU C 1695 -48.97 -61.35 71.16
CA LEU C 1695 -49.94 -62.21 70.57
C LEU C 1695 -51.32 -61.72 70.80
N HIS C 1696 -51.55 -61.11 71.95
CA HIS C 1696 -52.80 -60.43 72.17
C HIS C 1696 -52.84 -59.16 71.32
N ALA C 1697 -51.68 -58.61 71.01
CA ALA C 1697 -51.62 -57.45 70.21
C ALA C 1697 -51.87 -57.75 68.75
N LEU C 1698 -51.87 -59.00 68.35
CA LEU C 1698 -52.24 -59.30 67.01
C LEU C 1698 -53.66 -59.08 66.69
N GLU C 1699 -54.52 -59.15 67.68
CA GLU C 1699 -55.92 -59.24 67.40
C GLU C 1699 -56.57 -57.93 66.95
N ASP C 1700 -56.86 -57.06 67.90
CA ASP C 1700 -57.75 -55.93 67.68
C ASP C 1700 -57.32 -54.89 66.66
N ALA C 1701 -58.33 -54.34 65.98
CA ALA C 1701 -58.14 -53.15 65.11
C ALA C 1701 -58.02 -51.94 65.95
N HIS C 1702 -58.53 -52.03 67.16
CA HIS C 1702 -58.57 -50.89 68.03
C HIS C 1702 -57.18 -50.48 68.41
N LEU C 1703 -56.22 -51.38 68.27
CA LEU C 1703 -54.87 -51.04 68.47
C LEU C 1703 -54.39 -50.14 67.40
N PRO C 1704 -53.75 -49.02 67.78
CA PRO C 1704 -53.39 -47.99 66.82
C PRO C 1704 -52.32 -48.45 65.92
N GLY C 1705 -52.34 -47.86 64.75
CA GLY C 1705 -51.61 -48.33 63.64
C GLY C 1705 -50.15 -48.53 63.87
N PRO C 1706 -49.39 -47.44 63.95
CA PRO C 1706 -47.98 -47.57 64.00
C PRO C 1706 -47.50 -48.36 65.14
N LEU C 1707 -48.18 -48.26 66.27
CA LEU C 1707 -47.73 -48.93 67.40
C LEU C 1707 -47.79 -50.38 67.16
N ARG C 1708 -48.84 -50.77 66.49
CA ARG C 1708 -48.96 -52.14 66.05
C ARG C 1708 -47.91 -52.57 65.12
N ALA C 1709 -47.52 -51.67 64.28
CA ALA C 1709 -46.57 -51.99 63.31
C ALA C 1709 -45.29 -52.32 64.03
N GLY C 1710 -45.09 -51.66 65.15
CA GLY C 1710 -43.98 -51.97 65.99
C GLY C 1710 -44.10 -53.25 66.72
N TYR C 1711 -45.28 -53.57 67.14
CA TYR C 1711 -45.34 -54.78 67.84
C TYR C 1711 -45.14 -55.92 66.89
N TYR C 1712 -45.56 -55.78 65.65
CA TYR C 1712 -45.39 -56.86 64.75
C TYR C 1712 -43.96 -56.99 64.31
N ASP C 1713 -43.38 -55.87 63.94
CA ASP C 1713 -42.00 -55.90 63.50
C ASP C 1713 -41.07 -56.36 64.52
N LEU C 1714 -41.38 -56.03 65.74
CA LEU C 1714 -40.67 -56.61 66.81
C LEU C 1714 -40.98 -58.06 66.98
N LEU C 1715 -42.16 -58.49 66.70
CA LEU C 1715 -42.40 -59.88 66.91
C LEU C 1715 -41.56 -60.70 65.97
N ILE C 1716 -41.32 -60.12 64.82
CA ILE C 1716 -40.43 -60.67 63.86
C ILE C 1716 -39.07 -60.58 64.36
N SER C 1717 -38.76 -59.42 64.88
CA SER C 1717 -37.42 -59.04 65.17
C SER C 1717 -36.88 -59.82 66.27
N ILE C 1718 -37.71 -60.12 67.24
CA ILE C 1718 -37.23 -60.73 68.40
C ILE C 1718 -36.92 -62.12 68.15
N HIS C 1719 -37.56 -62.67 67.16
CA HIS C 1719 -37.42 -64.02 66.95
C HIS C 1719 -37.13 -64.38 65.51
N LEU C 1720 -38.10 -64.07 64.70
CA LEU C 1720 -38.16 -64.67 63.41
C LEU C 1720 -37.08 -64.23 62.49
N GLU C 1721 -36.63 -63.06 62.79
CA GLU C 1721 -35.75 -62.37 61.92
C GLU C 1721 -34.43 -63.07 61.62
N SER C 1722 -33.88 -63.81 62.58
CA SER C 1722 -32.53 -64.33 62.38
C SER C 1722 -32.58 -65.55 61.55
N ALA C 1723 -33.52 -66.42 61.88
CA ALA C 1723 -33.72 -67.64 61.18
C ALA C 1723 -33.95 -67.38 59.72
N CYS C 1724 -34.77 -66.38 59.50
CA CYS C 1724 -35.03 -65.93 58.20
C CYS C 1724 -33.81 -65.28 57.55
N ARG C 1725 -33.03 -64.62 58.38
CA ARG C 1725 -31.92 -63.90 57.89
C ARG C 1725 -30.96 -64.82 57.21
N SER C 1726 -30.70 -65.90 57.89
CA SER C 1726 -29.90 -66.90 57.30
C SER C 1726 -30.60 -67.58 56.18
N ARG C 1727 -31.90 -67.76 56.36
CA ARG C 1727 -32.64 -68.62 55.52
C ARG C 1727 -32.75 -68.08 54.14
N ARG C 1728 -32.60 -66.78 53.99
CA ARG C 1728 -32.72 -66.24 52.69
C ARG C 1728 -31.64 -66.81 51.82
N SER C 1729 -30.42 -66.70 52.33
CA SER C 1729 -29.29 -67.18 51.61
C SER C 1729 -29.29 -68.69 51.42
N MET C 1730 -29.72 -69.37 52.47
CA MET C 1730 -29.71 -70.81 52.44
C MET C 1730 -30.64 -71.36 51.38
N LEU C 1731 -31.82 -70.77 51.33
CA LEU C 1731 -32.76 -71.15 50.34
C LEU C 1731 -32.29 -70.72 48.98
N SER C 1732 -31.52 -69.63 48.93
CA SER C 1732 -30.98 -69.22 47.65
C SER C 1732 -30.04 -70.27 47.09
N GLU C 1733 -29.36 -70.98 47.97
CA GLU C 1733 -28.31 -71.88 47.54
C GLU C 1733 -28.74 -73.00 46.65
N TYR C 1734 -29.96 -73.47 46.85
CA TYR C 1734 -30.46 -74.50 45.96
C TYR C 1734 -29.67 -75.78 45.93
N ILE C 1735 -28.85 -76.07 46.94
CA ILE C 1735 -28.14 -77.37 46.93
C ILE C 1735 -29.03 -78.52 47.34
N VAL C 1736 -28.80 -79.72 46.82
CA VAL C 1736 -29.72 -80.86 47.02
C VAL C 1736 -28.97 -82.16 47.27
N PRO C 1737 -29.60 -83.10 47.97
CA PRO C 1737 -29.03 -84.42 48.12
C PRO C 1737 -29.62 -85.46 47.20
N LEU C 1738 -29.22 -86.71 47.46
CA LEU C 1738 -29.74 -87.85 46.76
C LEU C 1738 -30.52 -88.79 47.67
N THR C 1739 -31.40 -88.23 48.49
CA THR C 1739 -32.37 -89.05 49.23
C THR C 1739 -33.38 -89.61 48.23
N PRO C 1740 -34.00 -90.75 48.55
CA PRO C 1740 -34.90 -91.42 47.63
C PRO C 1740 -36.03 -90.58 47.06
N GLU C 1741 -36.53 -89.62 47.80
CA GLU C 1741 -37.52 -88.70 47.24
C GLU C 1741 -36.98 -87.85 46.14
N THR C 1742 -35.74 -87.47 46.31
CA THR C 1742 -35.13 -86.56 45.42
C THR C 1742 -34.86 -87.20 44.07
N ARG C 1743 -34.68 -88.52 44.05
CA ARG C 1743 -34.40 -89.20 42.77
C ARG C 1743 -35.67 -89.51 42.02
N ALA C 1744 -36.80 -89.31 42.68
CA ALA C 1744 -38.05 -89.54 42.04
C ALA C 1744 -39.06 -88.46 42.41
N ILE C 1745 -38.60 -87.24 42.64
CA ILE C 1745 -39.50 -86.18 43.00
C ILE C 1745 -40.44 -85.78 41.87
N THR C 1746 -39.98 -85.96 40.63
CA THR C 1746 -40.76 -85.59 39.44
C THR C 1746 -41.25 -84.14 39.47
N LEU C 1747 -42.26 -83.79 38.64
CA LEU C 1747 -42.86 -82.46 38.61
C LEU C 1747 -44.22 -82.32 37.87
N PHE C 1748 -44.19 -82.23 36.55
CA PHE C 1748 -45.24 -81.59 35.81
C PHE C 1748 -46.62 -82.33 35.71
N PRO C 1749 -47.70 -81.63 36.02
CA PRO C 1749 -49.08 -81.76 35.42
C PRO C 1749 -49.16 -81.30 33.93
N PRO C 1750 -50.10 -81.82 33.08
CA PRO C 1750 -50.15 -81.39 31.66
C PRO C 1750 -50.62 -79.97 31.46
N GLY C 1761 -50.51 -76.77 37.33
CA GLY C 1761 -49.25 -76.50 37.98
C GLY C 1761 -49.36 -75.84 39.36
N LEU C 1762 -48.64 -76.35 40.37
CA LEU C 1762 -48.79 -75.89 41.79
C LEU C 1762 -47.43 -75.70 42.50
N PRO C 1763 -47.31 -74.81 43.51
CA PRO C 1763 -45.98 -74.42 44.00
C PRO C 1763 -45.54 -74.82 45.38
N GLY C 1764 -46.44 -74.77 46.36
CA GLY C 1764 -46.03 -74.83 47.75
C GLY C 1764 -46.06 -76.25 48.29
N VAL C 1765 -45.45 -77.13 47.53
CA VAL C 1765 -45.41 -78.51 47.90
C VAL C 1765 -44.45 -78.69 49.06
N GLY C 1766 -44.72 -79.65 49.91
CA GLY C 1766 -43.86 -79.89 51.07
C GLY C 1766 -42.76 -80.91 50.82
N VAL C 1767 -42.55 -81.29 49.56
CA VAL C 1767 -41.48 -82.24 49.27
C VAL C 1767 -40.15 -81.53 49.21
N THR C 1768 -39.50 -81.50 48.06
CA THR C 1768 -38.45 -80.55 47.76
C THR C 1768 -37.20 -80.71 48.55
N THR C 1769 -37.30 -80.26 49.77
CA THR C 1769 -36.25 -80.36 50.74
C THR C 1769 -35.07 -79.46 50.41
N SER C 1770 -34.41 -79.69 49.28
CA SER C 1770 -33.08 -79.16 49.11
C SER C 1770 -32.26 -79.56 50.33
N LEU C 1771 -31.74 -78.58 51.09
CA LEU C 1771 -31.14 -78.84 52.37
C LEU C 1771 -31.67 -77.87 53.40
N ARG C 1772 -30.90 -76.82 53.63
CA ARG C 1772 -31.25 -75.75 54.50
C ARG C 1772 -31.39 -76.10 55.95
N PRO C 1773 -30.57 -75.47 56.77
CA PRO C 1773 -30.45 -75.93 58.12
C PRO C 1773 -31.71 -75.60 58.90
N PRO C 1774 -32.08 -76.42 59.88
CA PRO C 1774 -33.03 -76.03 60.89
C PRO C 1774 -32.47 -75.04 61.83
N HIS C 1775 -33.30 -74.08 61.98
CA HIS C 1775 -33.19 -73.11 62.98
C HIS C 1775 -33.54 -73.64 64.36
N HIS C 1776 -32.56 -73.53 65.20
CA HIS C 1776 -32.74 -73.78 66.61
C HIS C 1776 -33.33 -72.59 67.35
N PHE C 1777 -34.05 -72.81 68.45
CA PHE C 1777 -34.53 -71.73 69.33
C PHE C 1777 -34.71 -72.15 70.78
N SER C 1778 -33.72 -71.89 71.64
CA SER C 1778 -33.90 -72.11 73.09
C SER C 1778 -34.73 -70.97 73.71
N PRO C 1779 -35.73 -71.30 74.52
CA PRO C 1779 -36.60 -70.29 75.13
C PRO C 1779 -35.87 -69.42 76.15
N PRO C 1780 -36.27 -68.18 76.26
CA PRO C 1780 -35.60 -67.20 77.13
C PRO C 1780 -35.74 -67.47 78.62
N CYS C 1781 -35.04 -68.47 79.09
CA CYS C 1781 -35.32 -68.94 80.49
C CYS C 1781 -34.41 -68.30 81.51
N PHE C 1782 -34.96 -67.39 82.30
CA PHE C 1782 -34.12 -66.51 83.08
C PHE C 1782 -33.55 -67.16 84.33
N VAL C 1783 -32.53 -68.02 84.11
CA VAL C 1783 -32.10 -68.99 85.11
C VAL C 1783 -30.57 -69.06 85.50
N ALA C 1784 -29.59 -68.96 84.56
CA ALA C 1784 -28.03 -68.92 84.92
C ALA C 1784 -26.97 -68.10 84.04
N LEU C 1798 -28.85 -68.59 73.51
CA LEU C 1798 -29.16 -67.70 72.40
C LEU C 1798 -30.36 -68.24 71.52
N SER C 1799 -30.87 -67.40 70.64
CA SER C 1799 -32.06 -67.68 69.79
C SER C 1799 -33.33 -68.03 70.58
N PRO C 1800 -34.09 -67.01 70.98
CA PRO C 1800 -35.33 -67.12 71.78
C PRO C 1800 -36.46 -67.89 71.09
N ALA C 1801 -37.23 -68.65 71.86
CA ALA C 1801 -38.33 -69.42 71.28
C ALA C 1801 -39.62 -68.64 71.03
N ILE C 1802 -40.39 -69.08 70.02
CA ILE C 1802 -41.78 -68.63 69.86
C ILE C 1802 -42.70 -69.76 69.44
N PRO C 1803 -44.01 -69.63 69.68
CA PRO C 1803 -45.00 -70.60 69.22
C PRO C 1803 -45.00 -70.72 67.77
N LEU C 1804 -45.21 -71.92 67.30
CA LEU C 1804 -45.01 -72.16 65.93
C LEU C 1804 -46.29 -72.14 65.21
N GLU C 1805 -46.90 -73.29 65.21
CA GLU C 1805 -48.07 -73.51 64.46
C GLU C 1805 -49.16 -72.61 64.94
N ALA C 1806 -49.17 -72.33 66.25
CA ALA C 1806 -50.17 -71.46 66.86
C ALA C 1806 -50.16 -70.13 66.18
N LEU C 1807 -48.95 -69.70 65.96
CA LEU C 1807 -48.76 -68.43 65.44
C LEU C 1807 -49.17 -68.31 64.00
N ARG C 1808 -48.86 -69.33 63.21
CA ARG C 1808 -49.24 -69.31 61.82
C ARG C 1808 -50.71 -69.35 61.68
N ASP C 1809 -51.33 -70.01 62.64
CA ASP C 1809 -52.76 -70.05 62.64
C ASP C 1809 -53.32 -68.68 62.92
N LYS C 1810 -52.61 -67.95 63.78
CA LYS C 1810 -53.02 -66.60 64.13
C LYS C 1810 -52.94 -65.70 62.98
N ALA C 1811 -51.79 -65.73 62.36
CA ALA C 1811 -51.59 -64.83 61.33
C ALA C 1811 -52.46 -65.17 60.17
N LEU C 1812 -52.67 -66.44 59.92
CA LEU C 1812 -53.49 -66.82 58.84
C LEU C 1812 -54.92 -66.35 59.12
N ARG C 1813 -55.30 -66.39 60.39
CA ARG C 1813 -56.61 -65.88 60.79
C ARG C 1813 -56.70 -64.40 60.50
N MET C 1814 -55.59 -63.71 60.70
CA MET C 1814 -55.51 -62.30 60.35
C MET C 1814 -55.59 -62.06 58.89
N LEU C 1815 -55.18 -63.02 58.12
CA LEU C 1815 -55.31 -62.90 56.73
C LEU C 1815 -56.67 -63.00 56.28
N GLY C 1816 -57.38 -63.93 56.86
CA GLY C 1816 -58.75 -64.11 56.50
C GLY C 1816 -59.57 -62.90 56.92
N GLU C 1817 -59.24 -62.38 58.10
CA GLU C 1817 -59.85 -61.16 58.56
C GLU C 1817 -59.48 -59.98 57.68
N ALA C 1818 -58.28 -59.99 57.14
CA ALA C 1818 -57.86 -58.97 56.20
C ALA C 1818 -58.61 -59.05 54.85
N VAL C 1819 -58.89 -60.26 54.41
CA VAL C 1819 -59.46 -60.47 53.09
C VAL C 1819 -60.97 -60.33 53.05
N ARG C 1820 -61.64 -60.81 54.09
CA ARG C 1820 -63.08 -60.83 53.98
C ARG C 1820 -63.65 -59.43 54.09
N ASP C 1821 -62.95 -58.52 54.78
CA ASP C 1821 -63.40 -57.14 54.79
C ASP C 1821 -62.64 -56.27 53.79
N GLY C 1822 -61.42 -56.68 53.40
CA GLY C 1822 -60.62 -55.91 52.47
C GLY C 1822 -61.14 -55.95 51.06
N GLY C 1823 -61.81 -57.05 50.72
CA GLY C 1823 -62.46 -57.18 49.40
C GLY C 1823 -63.74 -56.35 49.34
N GLN C 1824 -64.46 -56.28 50.45
CA GLN C 1824 -65.65 -55.47 50.55
C GLN C 1824 -65.25 -53.99 50.52
N HIS C 1825 -64.03 -53.73 50.97
CA HIS C 1825 -63.50 -52.41 51.13
C HIS C 1825 -64.42 -51.50 51.91
N ALA C 1826 -65.02 -52.04 52.94
CA ALA C 1826 -65.64 -51.17 53.94
C ALA C 1826 -64.51 -50.40 54.58
N ARG C 1827 -64.73 -49.13 54.84
CA ARG C 1827 -63.75 -48.39 55.57
C ARG C 1827 -63.97 -48.60 57.05
N ASP C 1828 -63.39 -49.67 57.56
CA ASP C 1828 -63.57 -49.97 58.95
C ASP C 1828 -62.96 -48.88 59.87
N PRO C 1829 -61.86 -48.27 59.36
CA PRO C 1829 -60.60 -48.89 58.98
C PRO C 1829 -60.11 -50.00 59.84
N VAL C 1830 -59.53 -51.01 59.21
CA VAL C 1830 -59.11 -52.17 59.97
C VAL C 1830 -57.85 -51.79 60.75
N GLY C 1831 -57.21 -50.67 60.41
CA GLY C 1831 -56.11 -50.12 61.22
C GLY C 1831 -55.16 -49.26 60.37
N GLY C 1832 -54.99 -48.02 60.83
CA GLY C 1832 -54.20 -47.04 60.11
C GLY C 1832 -54.68 -46.71 58.70
N SER C 1833 -55.98 -46.58 58.54
CA SER C 1833 -56.64 -46.44 57.24
C SER C 1833 -56.43 -47.68 56.42
N VAL C 1834 -57.11 -48.73 56.90
CA VAL C 1834 -57.20 -50.03 56.22
C VAL C 1834 -55.86 -50.61 55.81
N GLU C 1835 -55.23 -49.99 54.84
CA GLU C 1835 -54.17 -50.59 54.20
C GLU C 1835 -52.95 -50.68 55.10
N PHE C 1836 -52.81 -49.73 56.01
CA PHE C 1836 -51.64 -49.70 56.79
C PHE C 1836 -51.65 -50.89 57.74
N GLN C 1837 -52.86 -51.40 58.02
CA GLN C 1837 -53.05 -52.57 58.88
C GLN C 1837 -52.47 -53.80 58.24
N PHE C 1838 -52.46 -53.86 56.91
CA PHE C 1838 -52.09 -55.10 56.24
C PHE C 1838 -50.67 -55.39 56.32
N VAL C 1839 -49.90 -54.34 56.17
CA VAL C 1839 -48.52 -54.48 55.92
C VAL C 1839 -47.79 -55.38 56.85
N PRO C 1840 -47.85 -55.04 58.10
CA PRO C 1840 -47.08 -55.83 59.02
C PRO C 1840 -47.44 -57.33 59.06
N VAL C 1841 -48.69 -57.62 58.82
CA VAL C 1841 -49.14 -58.99 58.95
C VAL C 1841 -48.73 -59.80 57.78
N LEU C 1842 -48.85 -59.21 56.62
CA LEU C 1842 -48.43 -59.93 55.45
C LEU C 1842 -46.97 -60.08 55.45
N LYS C 1843 -46.31 -59.16 56.15
CA LYS C 1843 -44.89 -59.26 56.41
C LYS C 1843 -44.60 -60.49 57.22
N LEU C 1844 -45.35 -60.68 58.28
CA LEU C 1844 -45.11 -61.80 59.15
C LEU C 1844 -45.31 -63.07 58.41
N VAL C 1845 -46.34 -63.08 57.59
CA VAL C 1845 -46.66 -64.23 56.84
C VAL C 1845 -45.63 -64.56 55.89
N SER C 1846 -45.06 -63.50 55.37
CA SER C 1846 -44.13 -63.69 54.35
C SER C 1846 -42.84 -64.28 54.86
N THR C 1847 -42.37 -63.71 55.93
CA THR C 1847 -41.16 -64.15 56.46
C THR C 1847 -41.30 -65.50 57.11
N LEU C 1848 -42.40 -65.66 57.81
CA LEU C 1848 -42.65 -66.90 58.46
C LEU C 1848 -42.77 -68.00 57.42
N LEU C 1849 -43.29 -67.64 56.27
CA LEU C 1849 -43.26 -68.53 55.15
C LEU C 1849 -41.89 -68.82 54.64
N VAL C 1850 -41.05 -67.85 54.73
CA VAL C 1850 -39.77 -68.05 54.28
C VAL C 1850 -39.02 -69.03 55.16
N MET C 1851 -39.33 -69.04 56.42
CA MET C 1851 -38.46 -69.73 57.35
C MET C 1851 -38.68 -71.20 57.40
N GLY C 1852 -39.65 -71.68 56.66
CA GLY C 1852 -39.93 -73.07 56.59
C GLY C 1852 -41.15 -73.49 57.34
N ILE C 1853 -41.70 -72.63 58.20
CA ILE C 1853 -43.03 -72.85 58.73
C ILE C 1853 -43.97 -72.49 57.63
N PHE C 1854 -45.15 -73.10 57.67
CA PHE C 1854 -45.98 -73.27 56.51
C PHE C 1854 -45.45 -74.36 55.60
N GLY C 1855 -46.45 -75.09 55.14
CA GLY C 1855 -47.56 -74.50 54.29
C GLY C 1855 -48.69 -74.93 55.21
N ASP C 1856 -49.47 -75.80 54.61
CA ASP C 1856 -49.05 -76.92 53.80
C ASP C 1856 -49.93 -76.84 52.54
N GLU C 1857 -51.24 -77.17 52.63
CA GLU C 1857 -52.31 -76.48 53.43
C GLU C 1857 -52.39 -74.96 53.49
N ASP C 1858 -51.80 -74.31 54.48
CA ASP C 1858 -52.08 -72.89 54.64
C ASP C 1858 -51.56 -71.98 53.54
N VAL C 1859 -50.41 -72.28 53.02
CA VAL C 1859 -49.97 -71.55 51.90
C VAL C 1859 -50.87 -71.85 50.71
N LYS C 1860 -51.37 -73.08 50.67
CA LYS C 1860 -52.36 -73.44 49.69
C LYS C 1860 -53.61 -72.61 49.92
N GLN C 1861 -53.89 -72.30 51.18
CA GLN C 1861 -55.00 -71.44 51.48
C GLN C 1861 -54.78 -70.04 50.92
N ILE C 1862 -53.54 -69.64 50.87
CA ILE C 1862 -53.20 -68.35 50.33
C ILE C 1862 -53.33 -68.30 48.85
N LEU C 1863 -52.84 -69.32 48.22
CA LEU C 1863 -52.87 -69.38 46.78
C LEU C 1863 -54.31 -69.54 46.26
N LYS C 1864 -55.14 -70.31 46.99
CA LYS C 1864 -56.61 -70.40 46.66
C LYS C 1864 -57.23 -69.02 46.95
N MET C 1865 -56.68 -68.35 47.97
CA MET C 1865 -57.12 -67.03 48.37
C MET C 1865 -56.93 -65.99 47.31
N ILE C 1866 -55.86 -66.13 46.54
CA ILE C 1866 -55.48 -65.05 45.65
C ILE C 1866 -55.85 -65.31 44.12
N GLU C 1867 -55.67 -66.52 43.55
CA GLU C 1867 -55.92 -66.76 42.05
C GLU C 1867 -57.33 -66.43 41.56
N PRO C 1868 -58.30 -66.79 42.42
CA PRO C 1868 -58.67 -68.14 42.79
C PRO C 1868 -58.69 -69.21 41.66
N GLU C 1869 -58.24 -70.44 42.03
CA GLU C 1869 -58.22 -71.66 41.21
C GLU C 1869 -57.71 -72.92 41.98
N GLY C 1925 -61.61 -63.22 45.82
CA GLY C 1925 -60.13 -63.25 45.72
C GLY C 1925 -59.37 -62.13 46.53
N LEU C 1926 -58.02 -62.03 46.49
CA LEU C 1926 -57.20 -60.97 47.28
C LEU C 1926 -56.28 -60.18 46.39
N LEU C 1927 -55.48 -60.93 45.64
CA LEU C 1927 -54.54 -60.32 44.78
C LEU C 1927 -55.18 -59.44 43.76
N GLN C 1928 -56.37 -59.85 43.33
CA GLN C 1928 -57.06 -59.18 42.26
C GLN C 1928 -57.56 -57.83 42.83
N MET C 1929 -57.77 -57.78 44.14
CA MET C 1929 -58.41 -56.64 44.77
C MET C 1929 -57.43 -55.52 44.86
N LYS C 1930 -57.93 -54.31 44.60
CA LYS C 1930 -57.06 -53.17 44.60
C LYS C 1930 -56.82 -52.74 46.01
N LEU C 1931 -55.55 -52.43 46.22
CA LEU C 1931 -55.07 -51.83 47.40
C LEU C 1931 -53.88 -50.92 47.05
N PRO C 1932 -53.65 -49.99 47.93
CA PRO C 1932 -52.51 -49.12 47.82
C PRO C 1932 -51.19 -49.73 48.10
N GLU C 1933 -50.22 -49.04 47.60
CA GLU C 1933 -49.02 -49.58 47.07
C GLU C 1933 -48.17 -50.30 48.05
N SER C 1934 -48.22 -49.77 49.21
CA SER C 1934 -47.25 -50.18 50.12
C SER C 1934 -47.50 -51.64 50.47
N VAL C 1935 -48.74 -52.09 50.39
CA VAL C 1935 -49.07 -53.51 50.44
C VAL C 1935 -48.58 -54.21 49.26
N LYS C 1936 -48.57 -53.52 48.14
CA LYS C 1936 -48.20 -54.16 46.93
C LYS C 1936 -46.81 -54.71 47.09
N LEU C 1937 -46.01 -54.02 47.86
CA LEU C 1937 -44.69 -54.45 48.06
C LEU C 1937 -44.58 -55.76 48.75
N GLN C 1938 -45.29 -55.84 49.80
CA GLN C 1938 -45.17 -56.98 50.58
C GLN C 1938 -45.73 -58.16 49.86
N MET C 1939 -46.75 -57.89 49.08
CA MET C 1939 -47.49 -58.92 48.41
C MET C 1939 -46.66 -59.51 47.30
N CYS C 1940 -45.97 -58.65 46.59
CA CYS C 1940 -45.16 -59.15 45.55
C CYS C 1940 -44.01 -59.91 46.13
N ASN C 1941 -43.58 -59.52 47.31
CA ASN C 1941 -42.56 -60.27 47.95
C ASN C 1941 -43.12 -61.67 48.30
N LEU C 1942 -44.34 -61.70 48.75
CA LEU C 1942 -44.94 -62.95 49.08
C LEU C 1942 -45.03 -63.88 47.88
N LEU C 1943 -45.20 -63.24 46.76
CA LEU C 1943 -45.15 -63.92 45.54
C LEU C 1943 -43.74 -64.41 45.13
N GLU C 1944 -42.74 -63.65 45.51
CA GLU C 1944 -41.39 -64.00 45.13
C GLU C 1944 -41.07 -65.30 45.79
N TYR C 1945 -41.68 -65.55 46.93
CA TYR C 1945 -41.46 -66.82 47.53
C TYR C 1945 -41.95 -67.91 46.64
N PHE C 1946 -43.03 -67.63 45.95
CA PHE C 1946 -43.59 -68.65 45.08
C PHE C 1946 -42.74 -68.95 43.93
N CYS C 1947 -42.34 -67.89 43.23
CA CYS C 1947 -41.52 -68.12 42.09
C CYS C 1947 -40.20 -68.81 42.47
N ASP C 1948 -39.69 -68.43 43.62
CA ASP C 1948 -38.48 -69.02 44.09
C ASP C 1948 -38.62 -70.51 44.36
N GLN C 1949 -39.76 -70.86 44.88
CA GLN C 1949 -40.03 -72.22 45.10
C GLN C 1949 -40.17 -72.98 43.79
N GLU C 1950 -40.69 -72.33 42.76
CA GLU C 1950 -40.86 -72.99 41.49
C GLU C 1950 -39.52 -73.29 40.88
N LEU C 1951 -38.62 -72.35 41.06
CA LEU C 1951 -37.31 -72.53 40.60
C LEU C 1951 -36.59 -73.63 41.35
N GLN C 1952 -36.89 -73.70 42.63
CA GLN C 1952 -36.32 -74.73 43.43
C GLN C 1952 -36.77 -76.12 42.96
N HIS C 1953 -38.08 -76.27 42.83
CA HIS C 1953 -38.66 -77.55 42.47
C HIS C 1953 -38.25 -77.97 41.09
N ARG C 1954 -38.01 -76.97 40.28
CA ARG C 1954 -37.53 -77.22 38.97
C ARG C 1954 -36.10 -77.77 39.01
N VAL C 1955 -35.26 -77.20 39.85
CA VAL C 1955 -33.91 -77.69 39.94
C VAL C 1955 -33.91 -79.11 40.39
N GLU C 1956 -34.85 -79.35 41.27
CA GLU C 1956 -34.92 -80.59 41.89
C GLU C 1956 -35.37 -81.70 40.94
N SER C 1957 -36.41 -81.39 40.16
CA SER C 1957 -36.89 -82.35 39.16
C SER C 1957 -35.78 -82.59 38.14
N LEU C 1958 -34.98 -81.56 37.90
CA LEU C 1958 -33.85 -81.67 37.02
C LEU C 1958 -32.87 -82.69 37.55
N ALA C 1959 -32.68 -82.65 38.85
CA ALA C 1959 -31.79 -83.59 39.48
C ALA C 1959 -32.28 -85.03 39.48
N ALA C 1960 -33.60 -85.20 39.63
CA ALA C 1960 -34.18 -86.54 39.58
C ALA C 1960 -34.01 -87.07 38.16
N PHE C 1961 -34.13 -86.15 37.20
CA PHE C 1961 -33.94 -86.44 35.78
C PHE C 1961 -32.49 -86.87 35.57
N ALA C 1962 -31.60 -86.31 36.39
CA ALA C 1962 -30.21 -86.68 36.34
C ALA C 1962 -29.97 -88.06 36.77
N GLU C 1963 -30.42 -88.33 38.00
CA GLU C 1963 -30.18 -89.62 38.59
C GLU C 1963 -30.86 -90.70 37.74
N ARG C 1964 -32.01 -90.39 37.16
CA ARG C 1964 -32.67 -91.33 36.26
C ARG C 1964 -31.88 -91.53 34.96
N TYR C 1965 -31.27 -90.48 34.45
CA TYR C 1965 -30.48 -90.65 33.26
C TYR C 1965 -29.13 -91.41 33.43
N VAL C 1966 -28.51 -91.34 34.59
CA VAL C 1966 -27.12 -91.82 34.69
C VAL C 1966 -26.99 -93.34 34.48
N ASP C 1967 -28.06 -94.06 34.79
CA ASP C 1967 -28.08 -95.52 34.74
C ASP C 1967 -27.58 -96.14 33.40
N LYS C 1968 -28.32 -95.80 32.37
CA LYS C 1968 -28.00 -96.35 31.06
C LYS C 1968 -26.67 -95.81 30.54
N LEU C 1969 -26.31 -94.61 31.04
CA LEU C 1969 -24.98 -94.06 30.74
C LEU C 1969 -23.86 -94.94 31.30
N GLN C 1970 -24.06 -95.45 32.51
CA GLN C 1970 -23.04 -96.31 33.04
C GLN C 1970 -23.08 -97.68 32.33
N ALA C 1971 -24.25 -98.05 31.79
CA ALA C 1971 -24.39 -99.29 31.04
C ALA C 1971 -23.56 -99.29 29.75
N ASN C 1972 -23.74 -98.21 28.98
CA ASN C 1972 -22.97 -98.06 27.75
C ASN C 1972 -21.50 -97.84 28.12
N GLN C 1973 -21.27 -97.18 29.29
CA GLN C 1973 -19.88 -96.86 29.83
C GLN C 1973 -19.08 -98.18 30.04
N ARG C 1974 -19.76 -99.20 30.56
CA ARG C 1974 -19.10 -100.51 30.77
C ARG C 1974 -19.22 -101.42 29.49
N SER C 1975 -20.03 -101.02 28.51
CA SER C 1975 -20.30 -101.83 27.25
C SER C 1975 -19.08 -101.93 26.28
N ARG C 1976 -18.11 -101.05 26.55
CA ARG C 1976 -16.92 -100.78 25.69
C ARG C 1976 -16.34 -101.97 24.98
N THR C 2057 -24.77 -93.53 21.94
CA THR C 2057 -25.26 -92.23 21.70
C THR C 2057 -26.74 -92.21 21.15
N SER C 2058 -27.21 -93.27 20.45
CA SER C 2058 -28.53 -93.21 19.69
C SER C 2058 -29.82 -93.03 20.52
N LEU C 2059 -29.74 -93.51 21.74
CA LEU C 2059 -30.80 -93.48 22.70
C LEU C 2059 -31.27 -92.02 22.96
N SER C 2060 -30.33 -91.05 22.79
CA SER C 2060 -30.42 -89.67 23.35
C SER C 2060 -31.72 -88.96 23.03
N SER C 2061 -32.29 -89.37 21.88
CA SER C 2061 -33.56 -88.88 21.38
C SER C 2061 -34.68 -88.92 22.44
N ARG C 2062 -34.76 -89.96 23.26
CA ARG C 2062 -35.83 -90.04 24.25
C ARG C 2062 -35.83 -88.88 25.24
N LEU C 2063 -34.64 -88.41 25.61
CA LEU C 2063 -34.56 -87.34 26.60
C LEU C 2063 -35.11 -86.07 25.98
N ARG C 2064 -35.02 -85.98 24.63
CA ARG C 2064 -35.57 -84.82 23.87
C ARG C 2064 -37.05 -84.67 24.17
N SER C 2065 -37.69 -85.83 24.34
CA SER C 2065 -39.10 -85.88 24.62
C SER C 2065 -39.38 -85.18 25.96
N LEU C 2066 -38.46 -85.27 26.91
CA LEU C 2066 -38.64 -84.63 28.20
C LEU C 2066 -37.88 -83.35 28.37
N LEU C 2067 -36.99 -83.10 27.43
CA LEU C 2067 -36.17 -81.92 27.48
C LEU C 2067 -37.00 -80.61 27.24
N GLU C 2068 -37.92 -80.61 26.29
CA GLU C 2068 -38.66 -79.37 25.99
C GLU C 2068 -39.64 -79.06 27.10
N THR C 2069 -40.07 -80.10 27.77
CA THR C 2069 -41.12 -79.94 28.79
C THR C 2069 -40.68 -79.12 30.01
N VAL C 2070 -39.37 -79.08 30.19
CA VAL C 2070 -38.73 -78.51 31.29
C VAL C 2070 -39.04 -76.99 31.40
N ARG C 2071 -39.35 -76.36 30.25
CA ARG C 2071 -39.39 -74.88 30.12
C ARG C 2071 -40.31 -74.21 31.05
N LEU C 2072 -41.46 -74.84 31.32
CA LEU C 2072 -42.45 -74.15 32.06
C LEU C 2072 -43.17 -75.17 32.93
N SER C 2093 -54.14 -70.60 34.92
CA SER C 2093 -53.45 -69.33 35.00
C SER C 2093 -52.58 -69.30 36.34
N LEU C 2094 -51.30 -68.80 36.31
CA LEU C 2094 -50.36 -68.71 37.54
C LEU C 2094 -49.25 -67.60 37.48
N GLN C 2095 -48.24 -67.87 36.69
CA GLN C 2095 -47.23 -66.94 36.37
C GLN C 2095 -47.89 -65.80 35.53
N GLU C 2096 -48.88 -66.14 34.71
CA GLU C 2096 -49.52 -65.16 33.80
C GLU C 2096 -50.26 -64.05 34.56
N LEU C 2097 -51.05 -64.44 35.54
CA LEU C 2097 -51.81 -63.46 36.33
C LEU C 2097 -50.91 -62.61 37.18
N VAL C 2098 -49.75 -63.17 37.48
CA VAL C 2098 -48.79 -62.41 38.16
C VAL C 2098 -48.26 -61.33 37.24
N SER C 2099 -47.82 -61.69 36.06
CA SER C 2099 -47.31 -60.69 35.17
C SER C 2099 -48.34 -59.61 34.87
N HIS C 2100 -49.55 -60.08 34.69
CA HIS C 2100 -50.61 -59.21 34.30
C HIS C 2100 -50.97 -58.26 35.42
N MET C 2101 -51.08 -58.80 36.61
CA MET C 2101 -51.41 -57.98 37.74
C MET C 2101 -50.31 -56.96 38.02
N VAL C 2102 -49.07 -57.34 37.75
CA VAL C 2102 -48.00 -56.38 37.83
C VAL C 2102 -48.22 -55.26 36.87
N VAL C 2103 -48.67 -55.63 35.70
CA VAL C 2103 -48.90 -54.62 34.73
C VAL C 2103 -50.00 -53.69 35.15
N ARG C 2104 -50.99 -54.24 35.82
CA ARG C 2104 -52.07 -53.46 36.33
C ARG C 2104 -51.55 -52.52 37.38
N TRP C 2105 -50.59 -52.95 38.17
CA TRP C 2105 -50.01 -52.05 39.16
C TRP C 2105 -49.30 -50.89 38.54
N ALA C 2106 -48.70 -51.19 37.42
CA ALA C 2106 -47.92 -50.22 36.75
C ALA C 2106 -48.69 -49.37 35.82
N GLN C 2107 -49.94 -49.72 35.62
CA GLN C 2107 -50.73 -49.06 34.66
C GLN C 2107 -51.40 -47.89 35.29
N GLU C 2108 -52.28 -48.20 36.23
CA GLU C 2108 -53.10 -47.21 36.82
C GLU C 2108 -52.42 -46.51 37.94
N ASP C 2109 -51.26 -45.88 37.71
CA ASP C 2109 -50.69 -45.20 38.81
C ASP C 2109 -49.62 -44.16 38.64
N TYR C 2110 -48.63 -44.38 37.83
CA TYR C 2110 -47.38 -43.61 38.02
C TYR C 2110 -46.87 -43.80 39.41
N VAL C 2111 -46.51 -45.01 39.72
CA VAL C 2111 -46.10 -45.33 41.03
C VAL C 2111 -44.73 -44.69 41.23
N GLN C 2112 -44.48 -44.40 42.49
CA GLN C 2112 -43.16 -44.11 42.85
C GLN C 2112 -42.59 -45.16 43.75
N SER C 2113 -41.67 -44.78 44.62
CA SER C 2113 -40.98 -45.69 45.53
C SER C 2113 -40.26 -46.66 44.73
N PRO C 2114 -39.05 -46.27 44.35
CA PRO C 2114 -38.24 -46.99 43.38
C PRO C 2114 -37.91 -48.42 43.76
N GLU C 2115 -37.84 -48.61 45.05
CA GLU C 2115 -37.60 -49.84 45.66
C GLU C 2115 -38.73 -50.83 45.39
N LEU C 2116 -39.93 -50.27 45.33
CA LEU C 2116 -41.09 -51.05 45.14
C LEU C 2116 -41.10 -51.56 43.75
N VAL C 2117 -40.86 -50.64 42.91
CA VAL C 2117 -40.89 -50.91 41.55
C VAL C 2117 -39.82 -51.85 41.16
N ARG C 2118 -38.70 -51.72 41.83
CA ARG C 2118 -37.59 -52.55 41.59
C ARG C 2118 -37.91 -53.99 41.86
N ALA C 2119 -38.67 -54.15 42.91
CA ALA C 2119 -39.10 -55.46 43.18
C ALA C 2119 -40.05 -55.96 42.14
N MET C 2120 -40.83 -55.03 41.64
CA MET C 2120 -41.85 -55.35 40.77
C MET C 2120 -41.38 -55.97 39.53
N PHE C 2121 -40.51 -55.25 38.91
CA PHE C 2121 -40.02 -55.72 37.68
C PHE C 2121 -39.01 -56.81 37.87
N SER C 2122 -38.44 -56.89 39.06
CA SER C 2122 -37.63 -58.01 39.36
C SER C 2122 -38.48 -59.25 39.18
N LEU C 2123 -39.64 -59.20 39.79
CA LEU C 2123 -40.52 -60.29 39.72
C LEU C 2123 -41.04 -60.58 38.39
N LEU C 2124 -41.23 -59.52 37.68
CA LEU C 2124 -41.74 -59.65 36.40
C LEU C 2124 -40.75 -60.35 35.49
N HIS C 2125 -39.51 -59.94 35.62
CA HIS C 2125 -38.47 -60.56 34.87
C HIS C 2125 -38.36 -62.00 35.30
N ARG C 2126 -38.58 -62.28 36.59
CA ARG C 2126 -38.56 -63.63 37.08
C ARG C 2126 -39.66 -64.42 36.45
N GLN C 2127 -40.67 -63.72 36.00
CA GLN C 2127 -41.73 -64.38 35.31
C GLN C 2127 -41.36 -64.65 33.83
N TYR C 2128 -40.82 -63.67 33.13
CA TYR C 2128 -40.64 -63.80 31.68
C TYR C 2128 -39.46 -64.56 31.12
N ASP C 2129 -38.51 -64.88 31.98
CA ASP C 2129 -37.42 -65.72 31.51
C ASP C 2129 -36.93 -66.67 32.59
N GLY C 2130 -37.77 -67.62 32.92
CA GLY C 2130 -37.44 -68.55 33.99
C GLY C 2130 -36.42 -69.57 33.55
N LEU C 2131 -36.19 -69.56 32.25
CA LEU C 2131 -35.23 -70.35 31.59
C LEU C 2131 -33.83 -69.91 31.95
N GLY C 2132 -33.62 -68.64 31.67
CA GLY C 2132 -32.34 -68.04 31.93
C GLY C 2132 -32.13 -67.76 33.38
N GLU C 2133 -33.24 -67.52 34.06
CA GLU C 2133 -33.16 -67.38 35.46
C GLU C 2133 -32.72 -68.69 36.05
N LEU C 2134 -33.18 -69.78 35.45
CA LEU C 2134 -32.73 -71.07 35.84
C LEU C 2134 -31.28 -71.23 35.58
N LEU C 2135 -30.85 -70.59 34.55
CA LEU C 2135 -29.49 -70.74 34.21
C LEU C 2135 -28.56 -70.07 35.16
N ARG C 2136 -28.85 -68.84 35.47
CA ARG C 2136 -28.10 -68.18 36.49
C ARG C 2136 -28.29 -68.82 37.83
N ALA C 2137 -29.41 -69.46 38.02
CA ALA C 2137 -29.63 -70.26 39.19
C ALA C 2137 -28.79 -71.53 39.34
N LEU C 2138 -28.37 -72.09 38.24
CA LEU C 2138 -27.74 -73.39 38.32
C LEU C 2138 -26.48 -73.51 39.10
N PRO C 2139 -25.59 -72.55 38.98
CA PRO C 2139 -24.32 -72.74 39.56
C PRO C 2139 -24.28 -73.00 41.00
N ARG C 2140 -25.12 -72.29 41.71
CA ARG C 2140 -25.19 -72.44 43.10
C ARG C 2140 -25.92 -73.76 43.45
N ALA C 2141 -26.75 -74.30 42.56
CA ALA C 2141 -27.28 -75.64 42.74
C ALA C 2141 -26.21 -76.72 42.70
N TYR C 2142 -26.33 -77.78 43.52
CA TYR C 2142 -25.31 -78.84 43.60
C TYR C 2142 -25.83 -80.08 44.28
N THR C 2143 -25.69 -81.22 43.64
CA THR C 2143 -26.08 -82.47 44.26
C THR C 2143 -25.10 -82.95 45.32
N ILE C 2144 -25.61 -83.68 46.31
CA ILE C 2144 -24.74 -84.25 47.36
C ILE C 2144 -25.16 -85.64 47.72
N SER C 2145 -24.19 -86.44 48.11
CA SER C 2145 -24.47 -87.80 48.54
C SER C 2145 -25.29 -87.83 49.82
N PRO C 2146 -26.32 -88.71 49.85
CA PRO C 2146 -27.17 -88.87 51.00
C PRO C 2146 -26.43 -89.26 52.30
N SER C 2147 -25.32 -89.99 52.21
CA SER C 2147 -24.59 -90.37 53.42
C SER C 2147 -23.98 -89.21 54.13
N SER C 2148 -23.59 -88.22 53.35
CA SER C 2148 -22.80 -87.12 53.84
C SER C 2148 -23.58 -85.94 54.30
N VAL C 2149 -24.88 -86.04 54.25
CA VAL C 2149 -25.73 -84.93 54.42
C VAL C 2149 -25.64 -84.19 55.73
N GLU C 2150 -25.30 -84.93 56.76
CA GLU C 2150 -25.37 -84.41 58.07
C GLU C 2150 -24.32 -83.32 58.30
N ASP C 2151 -23.11 -83.69 57.93
CA ASP C 2151 -21.96 -82.82 58.09
C ASP C 2151 -22.15 -81.59 57.22
N THR C 2152 -22.74 -81.79 56.04
CA THR C 2152 -22.97 -80.71 55.12
C THR C 2152 -23.89 -79.73 55.63
N MET C 2153 -24.96 -80.23 56.20
CA MET C 2153 -25.96 -79.33 56.72
C MET C 2153 -25.42 -78.52 57.87
N SER C 2154 -24.63 -79.18 58.70
CA SER C 2154 -24.06 -78.45 59.81
C SER C 2154 -23.14 -77.37 59.26
N LEU C 2155 -22.44 -77.68 58.19
CA LEU C 2155 -21.55 -76.74 57.57
C LEU C 2155 -22.25 -75.61 56.98
N LEU C 2156 -23.45 -75.87 56.57
CA LEU C 2156 -24.27 -74.81 56.09
C LEU C 2156 -24.72 -73.92 57.17
N GLU C 2157 -24.94 -74.48 58.34
CA GLU C 2157 -25.38 -73.70 59.44
C GLU C 2157 -24.18 -72.82 59.90
N CYS C 2158 -23.00 -73.38 59.98
CA CYS C 2158 -21.84 -72.58 60.30
C CYS C 2158 -21.50 -71.55 59.23
N LEU C 2159 -21.76 -71.90 58.02
CA LEU C 2159 -21.60 -70.96 56.99
C LEU C 2159 -22.63 -69.85 57.16
N GLY C 2160 -23.76 -70.20 57.73
CA GLY C 2160 -24.76 -69.21 57.95
C GLY C 2160 -24.45 -68.39 59.14
N GLN C 2161 -23.54 -68.93 59.94
CA GLN C 2161 -23.06 -68.18 61.03
C GLN C 2161 -22.09 -67.15 60.54
N ILE C 2162 -21.22 -67.56 59.64
CA ILE C 2162 -20.34 -66.59 59.12
C ILE C 2162 -21.04 -65.55 58.26
N ARG C 2163 -22.09 -65.97 57.62
CA ARG C 2163 -22.84 -65.02 56.95
C ARG C 2163 -23.59 -64.13 57.91
N SER C 2164 -23.88 -64.61 59.09
CA SER C 2164 -24.40 -63.74 60.10
C SER C 2164 -23.37 -62.69 60.49
N LEU C 2165 -22.12 -63.12 60.38
CA LEU C 2165 -21.05 -62.22 60.70
C LEU C 2165 -20.71 -61.34 59.60
N LEU C 2166 -21.36 -61.52 58.48
CA LEU C 2166 -21.19 -60.64 57.40
C LEU C 2166 -21.54 -59.24 57.78
N ILE C 2167 -22.43 -59.14 58.72
CA ILE C 2167 -22.86 -57.87 59.16
C ILE C 2167 -22.43 -57.67 60.60
N VAL C 2168 -21.24 -57.07 60.77
CA VAL C 2168 -20.69 -56.71 62.09
C VAL C 2168 -19.97 -55.34 62.22
N GLN C 2173 -15.85 -61.26 70.87
CA GLN C 2173 -17.05 -60.89 70.20
C GLN C 2173 -16.84 -60.90 68.69
N GLU C 2174 -16.39 -59.80 68.06
CA GLU C 2174 -15.97 -59.74 66.63
C GLU C 2174 -14.90 -60.77 66.42
N GLU C 2175 -14.03 -60.84 67.43
CA GLU C 2175 -12.72 -61.50 67.28
C GLU C 2175 -12.76 -63.05 67.62
N ASN C 2176 -13.91 -63.64 67.97
CA ASN C 2176 -13.89 -65.06 68.37
C ASN C 2176 -14.83 -65.99 67.65
N LEU C 2177 -16.04 -65.53 67.44
CA LEU C 2177 -17.03 -66.33 66.79
C LEU C 2177 -16.60 -66.77 65.45
N MET C 2178 -15.94 -65.86 64.80
CA MET C 2178 -15.53 -66.10 63.48
C MET C 2178 -14.53 -67.24 63.44
N ILE C 2179 -13.68 -67.23 64.44
CA ILE C 2179 -12.71 -68.24 64.58
C ILE C 2179 -13.40 -69.56 64.94
N GLN C 2180 -14.50 -69.50 65.68
CA GLN C 2180 -15.28 -70.70 65.97
C GLN C 2180 -15.74 -71.35 64.71
N SER C 2181 -16.13 -70.50 63.78
CA SER C 2181 -16.51 -70.95 62.45
C SER C 2181 -15.37 -71.57 61.74
N ILE C 2182 -14.23 -70.99 61.97
CA ILE C 2182 -13.10 -71.40 61.25
C ILE C 2182 -12.77 -72.81 61.62
N GLY C 2183 -12.68 -73.04 62.93
CA GLY C 2183 -12.33 -74.33 63.47
C GLY C 2183 -13.35 -75.38 63.13
N ASN C 2184 -14.59 -74.93 63.21
CA ASN C 2184 -15.66 -75.80 62.90
C ASN C 2184 -15.61 -76.28 61.43
N ILE C 2185 -15.19 -75.41 60.54
CA ILE C 2185 -15.12 -75.76 59.14
C ILE C 2185 -13.94 -76.62 58.79
N MET C 2186 -12.86 -76.41 59.49
CA MET C 2186 -11.72 -77.28 59.33
C MET C 2186 -11.99 -78.69 59.80
N ASN C 2187 -12.85 -78.80 60.81
CA ASN C 2187 -13.22 -80.10 61.33
C ASN C 2187 -13.99 -80.95 60.36
N ASN C 2188 -14.71 -80.28 59.47
CA ASN C 2188 -15.52 -80.98 58.53
C ASN C 2188 -14.70 -81.76 57.52
N LYS C 2189 -15.20 -82.95 57.24
CA LYS C 2189 -14.62 -83.82 56.24
C LYS C 2189 -15.20 -83.50 54.88
N VAL C 2190 -16.25 -82.71 54.83
CA VAL C 2190 -16.86 -82.39 53.54
C VAL C 2190 -15.94 -81.47 52.75
N PHE C 2191 -15.13 -80.75 53.48
CA PHE C 2191 -14.23 -79.79 52.91
C PHE C 2191 -13.21 -80.48 52.00
N TYR C 2192 -12.86 -81.74 52.26
CA TYR C 2192 -12.12 -82.52 51.33
C TYR C 2192 -13.10 -83.13 50.29
N GLN C 2193 -14.20 -83.68 50.76
CA GLN C 2193 -15.05 -84.58 50.01
C GLN C 2193 -15.75 -83.96 48.87
N HIS C 2194 -16.11 -82.70 49.02
CA HIS C 2194 -16.82 -81.98 47.96
C HIS C 2194 -16.24 -80.61 47.68
N PRO C 2195 -15.10 -80.56 47.01
CA PRO C 2195 -14.49 -79.28 46.74
C PRO C 2195 -15.33 -78.38 45.86
N ASN C 2196 -16.05 -78.98 44.94
CA ASN C 2196 -16.86 -78.25 44.03
C ASN C 2196 -17.97 -77.55 44.76
N LEU C 2197 -18.43 -78.16 45.84
CA LEU C 2197 -19.42 -77.52 46.64
C LEU C 2197 -18.84 -76.32 47.30
N MET C 2198 -17.62 -76.46 47.80
CA MET C 2198 -17.01 -75.41 48.56
C MET C 2198 -16.70 -74.22 47.68
N ARG C 2199 -16.43 -74.49 46.42
CA ARG C 2199 -16.29 -73.44 45.45
C ARG C 2199 -17.63 -72.83 45.17
N ALA C 2200 -18.65 -73.66 45.11
CA ALA C 2200 -20.00 -73.18 44.83
C ALA C 2200 -20.55 -72.29 45.88
N LEU C 2201 -20.09 -72.51 47.09
CA LEU C 2201 -20.59 -71.78 48.17
C LEU C 2201 -20.23 -70.36 48.14
N GLY C 2202 -19.05 -70.07 47.57
CA GLY C 2202 -18.55 -68.71 47.35
C GLY C 2202 -18.09 -68.10 48.60
N MET C 2203 -17.94 -68.95 49.57
CA MET C 2203 -17.71 -68.52 50.93
C MET C 2203 -16.40 -67.90 51.13
N HIS C 2204 -15.50 -68.25 50.24
CA HIS C 2204 -14.22 -67.71 50.27
C HIS C 2204 -14.27 -66.25 50.06
N GLU C 2205 -15.15 -65.85 49.16
CA GLU C 2205 -15.27 -64.48 48.90
C GLU C 2205 -15.79 -63.81 50.16
N THR C 2206 -16.64 -64.50 50.92
CA THR C 2206 -17.22 -63.91 52.10
C THR C 2206 -16.28 -63.66 53.24
N VAL C 2207 -15.56 -64.69 53.51
CA VAL C 2207 -14.68 -64.62 54.55
C VAL C 2207 -13.61 -63.60 54.20
N MET C 2208 -13.26 -63.55 52.93
CA MET C 2208 -12.28 -62.58 52.51
C MET C 2208 -12.83 -61.19 52.69
N GLU C 2209 -14.13 -61.04 52.47
CA GLU C 2209 -14.72 -59.75 52.70
C GLU C 2209 -14.66 -59.37 54.14
N VAL C 2210 -14.77 -60.36 55.00
CA VAL C 2210 -14.54 -60.13 56.40
C VAL C 2210 -13.15 -59.66 56.68
N MET C 2211 -12.23 -60.20 55.95
CA MET C 2211 -10.88 -59.87 56.18
C MET C 2211 -10.66 -58.47 55.86
N VAL C 2212 -11.17 -58.05 54.71
CA VAL C 2212 -11.02 -56.67 54.27
C VAL C 2212 -11.63 -55.72 55.25
N ASN C 2213 -12.74 -56.19 55.79
CA ASN C 2213 -13.47 -55.38 56.71
C ASN C 2213 -12.73 -55.14 57.97
N VAL C 2214 -12.03 -56.16 58.42
CA VAL C 2214 -11.16 -55.99 59.54
C VAL C 2214 -10.03 -55.06 59.19
N LEU C 2215 -9.59 -55.15 57.95
CA LEU C 2215 -8.40 -54.46 57.55
C LEU C 2215 -8.57 -53.00 57.32
N GLY C 2216 -9.83 -52.57 57.28
CA GLY C 2216 -10.11 -51.18 57.25
C GLY C 2216 -9.86 -50.43 58.56
N PRO C 2226 -6.34 -56.29 65.18
CA PRO C 2226 -7.18 -57.39 65.59
C PRO C 2226 -6.52 -58.81 65.36
N LYS C 2227 -6.27 -59.54 66.44
CA LYS C 2227 -5.40 -60.77 66.41
C LYS C 2227 -5.98 -61.98 65.75
N MET C 2228 -7.28 -62.06 65.74
CA MET C 2228 -7.95 -63.28 65.32
C MET C 2228 -7.74 -63.50 63.83
N VAL C 2229 -7.41 -62.40 63.19
CA VAL C 2229 -7.41 -62.28 61.77
C VAL C 2229 -6.48 -63.26 61.13
N THR C 2230 -5.42 -63.53 61.85
CA THR C 2230 -4.37 -64.32 61.30
C THR C 2230 -4.82 -65.79 61.10
N SER C 2231 -5.43 -66.40 62.12
CA SER C 2231 -5.91 -67.79 61.94
C SER C 2231 -6.95 -67.91 60.86
N CYS C 2232 -7.74 -66.89 60.76
CA CYS C 2232 -8.71 -66.82 59.72
C CYS C 2232 -8.08 -66.78 58.32
N CYS C 2233 -6.97 -66.10 58.27
CA CYS C 2233 -6.30 -65.96 57.05
C CYS C 2233 -5.66 -67.29 56.65
N ARG C 2234 -5.10 -67.98 57.64
CA ARG C 2234 -4.47 -69.27 57.40
C ARG C 2234 -5.57 -70.28 56.98
N PHE C 2235 -6.77 -70.01 57.45
CA PHE C 2235 -7.94 -70.75 57.01
C PHE C 2235 -8.25 -70.58 55.54
N LEU C 2236 -8.32 -69.34 55.13
CA LEU C 2236 -8.67 -69.10 53.82
C LEU C 2236 -7.59 -69.62 52.91
N CYS C 2237 -6.37 -69.61 53.43
CA CYS C 2237 -5.23 -70.14 52.71
C CYS C 2237 -5.39 -71.63 52.46
N TYR C 2238 -5.67 -72.36 53.52
CA TYR C 2238 -5.77 -73.82 53.40
C TYR C 2238 -6.93 -74.17 52.53
N PHE C 2239 -7.94 -73.31 52.58
CA PHE C 2239 -9.08 -73.41 51.70
C PHE C 2239 -8.68 -73.27 50.26
N CYS C 2240 -7.79 -72.37 50.02
CA CYS C 2240 -7.37 -72.19 48.70
C CYS C 2240 -6.56 -73.38 48.20
N ARG C 2241 -5.90 -74.06 49.13
CA ARG C 2241 -4.93 -75.07 48.79
C ARG C 2241 -5.46 -76.26 48.10
N ILE C 2242 -6.69 -76.60 48.40
CA ILE C 2242 -7.18 -77.90 48.05
C ILE C 2242 -7.35 -78.20 46.54
N SER C 2243 -7.62 -77.19 45.73
CA SER C 2243 -7.94 -77.44 44.35
C SER C 2243 -7.70 -76.29 43.42
N ARG C 2244 -7.40 -76.64 42.21
CA ARG C 2244 -7.15 -75.67 41.22
C ARG C 2244 -8.40 -74.90 40.82
N GLN C 2245 -9.53 -75.54 40.98
CA GLN C 2245 -10.79 -74.91 40.60
C GLN C 2245 -11.30 -74.02 41.69
N ASN C 2246 -10.39 -73.32 42.28
CA ASN C 2246 -10.66 -72.58 43.48
C ASN C 2246 -9.44 -71.74 43.69
N GLN C 2247 -8.30 -72.37 43.47
CA GLN C 2247 -7.07 -71.66 43.43
C GLN C 2247 -7.14 -70.65 42.29
N ARG C 2248 -7.81 -71.00 41.19
CA ARG C 2248 -8.09 -70.03 40.13
C ARG C 2248 -8.81 -68.85 40.66
N SER C 2249 -9.80 -69.18 41.45
CA SER C 2249 -10.77 -68.23 41.83
C SER C 2249 -10.19 -67.20 42.73
N MET C 2250 -9.50 -67.68 43.74
CA MET C 2250 -8.91 -66.77 44.63
C MET C 2250 -7.74 -66.12 44.00
N PHE C 2251 -7.20 -66.76 42.98
CA PHE C 2251 -6.15 -66.12 42.23
C PHE C 2251 -6.65 -64.85 41.57
N ASP C 2252 -7.91 -64.86 41.21
CA ASP C 2252 -8.51 -63.68 40.63
C ASP C 2252 -8.58 -62.51 41.59
N HIS C 2253 -8.60 -62.83 42.86
CA HIS C 2253 -8.68 -61.83 43.92
C HIS C 2253 -7.39 -61.27 44.37
N LEU C 2254 -6.30 -61.84 43.92
CA LEU C 2254 -5.03 -61.61 44.61
C LEU C 2254 -4.47 -60.21 44.60
N SER C 2255 -4.80 -59.38 43.62
CA SER C 2255 -4.28 -57.99 43.67
C SER C 2255 -4.96 -57.28 44.78
N TYR C 2256 -6.24 -57.54 44.86
CA TYR C 2256 -7.09 -57.01 45.85
C TYR C 2256 -6.62 -57.47 47.22
N LEU C 2257 -6.17 -58.72 47.28
CA LEU C 2257 -5.56 -59.29 48.47
C LEU C 2257 -4.22 -58.66 48.81
N LEU C 2258 -3.53 -58.18 47.80
CA LEU C 2258 -2.23 -57.60 48.01
C LEU C 2258 -2.30 -56.18 48.54
N GLU C 2259 -3.32 -55.47 48.12
CA GLU C 2259 -3.52 -54.13 48.64
C GLU C 2259 -3.68 -54.21 50.12
N ASN C 2260 -4.31 -55.31 50.45
CA ASN C 2260 -4.39 -55.75 51.80
C ASN C 2260 -3.09 -56.31 52.37
N SER C 2261 -2.23 -56.87 51.54
CA SER C 2261 -1.03 -57.52 52.02
C SER C 2261 0.06 -56.53 52.30
N GLY C 2262 -0.25 -55.27 52.07
CA GLY C 2262 0.64 -54.17 52.42
C GLY C 2262 0.90 -54.16 53.97
N ILE C 2263 -0.01 -54.76 54.73
CA ILE C 2263 0.12 -54.87 56.18
C ILE C 2263 0.74 -56.20 56.66
N THR C 2271 -1.05 -63.17 57.85
CA THR C 2271 -0.29 -62.96 56.62
C THR C 2271 -1.02 -63.39 55.34
N PRO C 2272 -1.70 -62.44 54.70
CA PRO C 2272 -2.44 -62.60 53.43
C PRO C 2272 -1.55 -63.04 52.28
N LEU C 2273 -0.31 -62.60 52.36
CA LEU C 2273 0.66 -62.93 51.40
C LEU C 2273 0.84 -64.41 51.25
N ASP C 2274 0.71 -65.08 52.39
CA ASP C 2274 0.76 -66.53 52.42
C ASP C 2274 -0.35 -67.13 51.57
N VAL C 2275 -1.47 -66.48 51.67
CA VAL C 2275 -2.59 -66.89 50.92
C VAL C 2275 -2.33 -66.70 49.45
N ALA C 2276 -1.61 -65.64 49.14
CA ALA C 2276 -1.34 -65.36 47.78
C ALA C 2276 -0.45 -66.42 47.18
N ALA C 2277 0.62 -66.76 47.89
CA ALA C 2277 1.52 -67.77 47.37
C ALA C 2277 0.84 -69.14 47.28
N ALA C 2278 -0.05 -69.41 48.23
CA ALA C 2278 -0.81 -70.63 48.19
C ALA C 2278 -1.73 -70.63 46.96
N SER C 2279 -2.15 -69.45 46.56
CA SER C 2279 -2.99 -69.32 45.40
C SER C 2279 -2.24 -69.36 44.09
N VAL C 2280 -0.95 -69.28 44.17
CA VAL C 2280 -0.21 -69.22 42.94
C VAL C 2280 0.63 -70.45 42.63
N ILE C 2281 1.35 -70.96 43.63
CA ILE C 2281 2.45 -71.92 43.41
C ILE C 2281 2.01 -73.23 42.72
N ASP C 2282 0.89 -73.77 43.11
CA ASP C 2282 0.50 -75.08 42.65
C ASP C 2282 0.14 -75.15 41.18
N ASN C 2283 -0.28 -74.01 40.65
CA ASN C 2283 -0.70 -73.95 39.29
C ASN C 2283 0.03 -72.94 38.50
N ASN C 2284 0.90 -73.47 37.68
CA ASN C 2284 1.64 -72.74 36.75
C ASN C 2284 0.75 -72.02 35.76
N GLU C 2285 -0.36 -72.63 35.42
CA GLU C 2285 -1.17 -72.17 34.37
C GLU C 2285 -1.77 -70.83 34.61
N LEU C 2286 -2.05 -70.52 35.84
CA LEU C 2286 -2.42 -69.16 36.13
C LEU C 2286 -1.26 -68.41 36.72
N ALA C 2287 -0.20 -69.10 37.05
CA ALA C 2287 0.97 -68.42 37.41
C ALA C 2287 1.49 -67.67 36.21
N LEU C 2288 1.19 -68.19 35.06
CA LEU C 2288 1.43 -67.47 33.87
C LEU C 2288 0.56 -66.24 33.78
N ALA C 2289 -0.64 -66.34 34.30
CA ALA C 2289 -1.61 -65.28 34.10
C ALA C 2289 -1.42 -64.02 34.97
N LEU C 2290 -0.56 -64.10 35.97
CA LEU C 2290 -0.42 -63.01 36.93
C LEU C 2290 0.05 -61.69 36.34
N GLN C 2291 -0.60 -60.66 36.84
CA GLN C 2291 -0.34 -59.32 36.46
C GLN C 2291 0.96 -58.80 36.97
N GLU C 2292 1.49 -57.90 36.19
CA GLU C 2292 2.70 -57.19 36.61
C GLU C 2292 2.41 -56.30 37.77
N GLN C 2293 1.19 -55.83 37.84
CA GLN C 2293 0.81 -54.88 38.81
C GLN C 2293 0.86 -55.49 40.17
N ASP C 2294 0.63 -56.80 40.26
CA ASP C 2294 0.75 -57.50 41.55
C ASP C 2294 2.11 -57.26 42.11
N LEU C 2295 3.03 -57.40 41.19
CA LEU C 2295 4.38 -57.44 41.51
C LEU C 2295 4.87 -56.04 41.78
N GLU C 2296 4.40 -55.06 41.02
CA GLU C 2296 4.79 -53.69 41.31
C GLU C 2296 4.29 -53.21 42.63
N LYS C 2297 3.14 -53.69 43.00
CA LYS C 2297 2.66 -53.39 44.29
C LYS C 2297 3.54 -54.13 45.36
N VAL C 2298 4.00 -55.36 45.04
CA VAL C 2298 4.82 -56.14 45.97
C VAL C 2298 6.13 -55.40 46.25
N VAL C 2299 6.78 -54.95 45.19
CA VAL C 2299 8.00 -54.17 45.35
C VAL C 2299 7.74 -52.79 45.96
N SER C 2300 6.54 -52.28 45.72
CA SER C 2300 6.19 -51.02 46.31
C SER C 2300 6.15 -51.13 47.80
N TYR C 2301 5.75 -52.32 48.25
CA TYR C 2301 5.75 -52.62 49.67
C TYR C 2301 7.17 -52.74 50.20
N LEU C 2302 8.10 -53.02 49.30
CA LEU C 2302 9.51 -53.01 49.67
C LEU C 2302 10.04 -51.55 49.57
N ALA C 2303 9.73 -50.64 50.49
CA ALA C 2303 10.17 -49.20 50.33
C ALA C 2303 10.98 -48.59 51.54
N GLY C 2304 10.31 -48.24 52.64
CA GLY C 2304 11.03 -47.82 53.84
C GLY C 2304 11.43 -48.99 54.74
N CYS C 2305 11.31 -50.27 54.29
CA CYS C 2305 11.64 -51.47 55.16
C CYS C 2305 13.10 -51.74 55.06
N GLY C 2306 13.82 -51.19 56.03
CA GLY C 2306 15.26 -51.16 56.04
C GLY C 2306 15.75 -49.94 56.78
N LEU C 2307 15.10 -49.58 57.90
CA LEU C 2307 15.45 -48.36 58.65
C LEU C 2307 16.25 -48.72 59.90
N PRO C 2325 13.73 -56.20 56.86
CA PRO C 2325 12.81 -56.63 57.82
C PRO C 2325 12.14 -57.94 57.47
N CYS C 2326 11.45 -58.45 58.45
CA CYS C 2326 10.67 -59.65 58.30
C CYS C 2326 9.53 -59.54 57.28
N GLY C 2327 8.91 -58.38 57.20
CA GLY C 2327 7.87 -58.17 56.19
C GLY C 2327 8.50 -58.11 54.81
N GLY C 2328 9.69 -57.52 54.76
CA GLY C 2328 10.44 -57.48 53.52
C GLY C 2328 10.92 -58.88 53.07
N GLU C 2329 11.39 -59.70 54.03
CA GLU C 2329 11.74 -61.10 53.71
C GLU C 2329 10.53 -61.94 53.31
N ARG C 2330 9.36 -61.61 53.86
CA ARG C 2330 8.13 -62.24 53.36
C ARG C 2330 7.78 -61.82 51.93
N TYR C 2331 7.99 -60.53 51.60
CA TYR C 2331 7.73 -60.01 50.21
C TYR C 2331 8.59 -60.73 49.27
N LEU C 2332 9.80 -61.01 49.74
CA LEU C 2332 10.75 -61.81 48.99
C LEU C 2332 10.28 -63.25 48.89
N ASP C 2333 9.67 -63.77 49.95
CA ASP C 2333 9.23 -65.13 49.96
C ASP C 2333 8.14 -65.37 48.91
N PHE C 2334 7.31 -64.35 48.69
CA PHE C 2334 6.26 -64.48 47.69
C PHE C 2334 6.78 -64.53 46.29
N LEU C 2335 7.67 -63.61 46.03
CA LEU C 2335 8.20 -63.51 44.74
C LEU C 2335 9.13 -64.73 44.50
N ARG C 2336 9.65 -65.30 45.60
CA ARG C 2336 10.35 -66.61 45.61
C ARG C 2336 9.43 -67.70 45.17
N PHE C 2337 8.18 -67.61 45.59
CA PHE C 2337 7.18 -68.60 45.20
C PHE C 2337 6.49 -68.28 43.89
N ALA C 2338 6.66 -67.03 43.44
CA ALA C 2338 5.95 -66.46 42.29
C ALA C 2338 6.39 -66.94 40.94
N VAL C 2339 7.48 -67.66 40.90
CA VAL C 2339 8.03 -68.06 39.67
C VAL C 2339 8.45 -69.48 39.65
N PHE C 2340 9.07 -70.01 40.69
CA PHE C 2340 9.83 -71.26 40.54
C PHE C 2340 8.89 -72.41 40.31
N VAL C 2341 7.72 -72.30 40.91
CA VAL C 2341 6.63 -73.23 40.63
C VAL C 2341 7.04 -74.71 40.67
N ASN C 2342 6.21 -75.55 40.07
CA ASN C 2342 6.32 -77.01 40.11
C ASN C 2342 7.57 -77.56 39.42
N GLY C 2343 8.00 -76.84 38.43
CA GLY C 2343 9.10 -77.24 37.67
C GLY C 2343 10.03 -76.12 37.60
N GLU C 2344 10.54 -75.93 36.40
CA GLU C 2344 11.46 -74.85 36.17
C GLU C 2344 10.65 -73.61 36.08
N SER C 2345 11.22 -72.51 36.59
CA SER C 2345 10.57 -71.24 36.63
C SER C 2345 10.32 -70.81 35.25
N VAL C 2346 9.17 -70.25 35.04
CA VAL C 2346 8.81 -69.89 33.72
C VAL C 2346 9.57 -68.69 33.29
N GLU C 2347 9.90 -68.66 32.00
CA GLU C 2347 10.63 -67.55 31.45
C GLU C 2347 9.77 -66.36 31.30
N GLU C 2348 8.48 -66.58 31.41
CA GLU C 2348 7.51 -65.54 31.24
C GLU C 2348 7.56 -64.56 32.41
N ASN C 2349 7.01 -65.03 33.53
CA ASN C 2349 6.94 -64.28 34.73
C ASN C 2349 8.29 -63.88 35.23
N ALA C 2350 9.25 -64.77 35.11
CA ALA C 2350 10.54 -64.51 35.69
C ALA C 2350 11.22 -63.37 35.04
N ASN C 2351 10.99 -63.17 33.77
CA ASN C 2351 11.58 -62.08 33.06
C ASN C 2351 11.02 -60.75 33.57
N VAL C 2352 9.70 -60.72 33.71
CA VAL C 2352 9.04 -59.49 34.15
C VAL C 2352 9.42 -59.14 35.59
N VAL C 2353 9.72 -60.18 36.36
CA VAL C 2353 10.24 -59.97 37.71
C VAL C 2353 11.62 -59.37 37.67
N VAL C 2354 12.45 -60.00 36.85
CA VAL C 2354 13.84 -59.68 36.81
C VAL C 2354 14.04 -58.24 36.31
N ARG C 2355 13.14 -57.74 35.49
CA ARG C 2355 13.29 -56.38 34.97
C ARG C 2355 13.32 -55.34 36.06
N LEU C 2356 12.61 -55.63 37.14
CA LEU C 2356 12.36 -54.64 38.16
C LEU C 2356 13.10 -54.84 39.46
N LEU C 2357 13.78 -55.98 39.61
CA LEU C 2357 14.36 -56.41 40.88
C LEU C 2357 15.37 -55.47 41.49
N ILE C 2358 16.18 -54.91 40.62
CA ILE C 2358 17.27 -54.10 41.08
C ILE C 2358 16.77 -52.70 41.61
N ARG C 2359 15.58 -52.32 41.12
CA ARG C 2359 15.08 -50.91 41.18
C ARG C 2359 14.81 -50.32 42.58
N LYS C 2360 14.43 -51.18 43.50
CA LYS C 2360 14.04 -50.71 44.84
C LYS C 2360 15.17 -50.72 45.86
N PRO C 2361 16.12 -51.71 45.80
CA PRO C 2361 17.28 -51.50 46.63
C PRO C 2361 17.93 -50.17 46.28
N GLU C 2362 17.89 -49.82 45.01
CA GLU C 2362 18.40 -48.55 44.56
C GLU C 2362 17.29 -47.51 44.47
N GLY C 2375 29.06 -53.43 50.60
CA GLY C 2375 29.52 -54.31 51.64
C GLY C 2375 28.39 -55.03 52.34
N LEU C 2376 27.52 -55.60 51.54
CA LEU C 2376 26.37 -56.30 52.08
C LEU C 2376 26.85 -57.63 52.78
N LEU C 2377 28.00 -58.13 52.30
CA LEU C 2377 28.61 -59.35 52.93
C LEU C 2377 29.01 -59.11 54.37
N ALA C 2378 29.39 -57.86 54.65
CA ALA C 2378 29.56 -57.40 56.06
C ALA C 2378 28.28 -57.56 56.92
N ALA C 2379 27.12 -57.17 56.35
CA ALA C 2379 25.83 -57.36 57.09
C ALA C 2379 25.61 -58.90 57.34
N ILE C 2380 25.99 -59.68 56.30
CA ILE C 2380 25.84 -61.17 56.32
C ILE C 2380 26.64 -61.86 57.49
N GLU C 2381 27.94 -61.59 57.46
CA GLU C 2381 28.83 -62.29 58.39
C GLU C 2381 28.67 -61.69 59.85
N GLU C 2382 28.34 -60.39 59.99
CA GLU C 2382 28.04 -59.84 61.35
C GLU C 2382 26.84 -60.52 61.94
N ALA C 2383 25.94 -60.85 61.02
CA ALA C 2383 24.77 -61.58 61.46
C ALA C 2383 25.13 -63.04 61.91
N ILE C 2384 26.00 -63.72 61.14
CA ILE C 2384 26.44 -65.13 61.41
C ILE C 2384 27.12 -65.24 62.74
N ARG C 2385 27.81 -64.18 63.11
CA ARG C 2385 28.59 -64.22 64.29
C ARG C 2385 27.78 -64.02 65.63
N ILE C 2386 26.51 -63.56 65.59
CA ILE C 2386 25.82 -63.13 66.89
C ILE C 2386 25.04 -64.22 67.69
N GLY C 2419 19.93 -56.87 64.18
CA GLY C 2419 19.39 -58.11 64.75
C GLY C 2419 19.00 -59.18 63.71
N HIS C 2420 18.31 -60.26 64.11
CA HIS C 2420 17.91 -61.35 63.16
C HIS C 2420 16.64 -60.96 62.30
N ALA C 2421 16.78 -60.07 61.29
CA ALA C 2421 15.63 -59.68 60.34
C ALA C 2421 16.14 -59.28 58.91
N ILE C 2422 16.91 -58.21 58.95
CA ILE C 2422 17.53 -57.61 57.81
C ILE C 2422 18.54 -58.64 57.18
N MET C 2423 19.20 -59.44 58.03
CA MET C 2423 20.16 -60.51 57.57
C MET C 2423 19.49 -61.60 56.73
N SER C 2424 18.29 -61.93 57.12
CA SER C 2424 17.54 -62.95 56.43
C SER C 2424 16.81 -62.24 55.25
N PHE C 2425 16.76 -60.88 55.21
CA PHE C 2425 16.32 -60.13 53.99
C PHE C 2425 17.36 -60.31 52.90
N TYR C 2426 18.62 -60.01 53.26
CA TYR C 2426 19.71 -60.19 52.31
C TYR C 2426 19.90 -61.73 51.99
N ALA C 2427 19.53 -62.61 52.91
CA ALA C 2427 19.60 -64.07 52.65
C ALA C 2427 18.49 -64.63 51.77
N ALA C 2428 17.28 -64.19 52.00
CA ALA C 2428 16.21 -64.58 51.13
C ALA C 2428 16.34 -63.95 49.73
N LEU C 2429 16.92 -62.74 49.68
CA LEU C 2429 16.99 -62.00 48.43
C LEU C 2429 17.85 -62.77 47.42
N ILE C 2430 18.85 -63.47 47.95
CA ILE C 2430 19.76 -64.27 47.12
C ILE C 2430 19.11 -65.49 46.51
N ASP C 2431 18.25 -66.12 47.29
CA ASP C 2431 17.51 -67.20 46.74
C ASP C 2431 16.54 -66.69 45.72
N LEU C 2432 16.05 -65.48 45.95
CA LEU C 2432 15.10 -64.87 45.05
C LEU C 2432 15.68 -64.58 43.70
N LEU C 2433 16.88 -64.04 43.73
CA LEU C 2433 17.56 -63.77 42.51
C LEU C 2433 17.99 -65.09 41.87
N GLY C 2434 18.25 -66.11 42.69
CA GLY C 2434 18.65 -67.45 42.22
C GLY C 2434 17.59 -68.26 41.50
N ARG C 2435 16.37 -68.25 41.99
CA ARG C 2435 15.34 -69.04 41.33
C ARG C 2435 14.90 -68.48 39.98
N CYS C 2436 15.00 -67.16 39.80
CA CYS C 2436 14.74 -66.53 38.50
C CYS C 2436 15.93 -66.74 37.58
N ALA C 2437 15.69 -66.59 36.28
CA ALA C 2437 16.69 -66.91 35.31
C ALA C 2437 16.34 -66.38 33.90
N GLU C 2449 17.64 -63.51 23.75
CA GLU C 2449 16.97 -62.40 24.42
C GLU C 2449 16.91 -62.60 25.92
N ALA C 2450 16.47 -63.77 26.39
CA ALA C 2450 16.60 -64.05 27.84
C ALA C 2450 18.07 -64.24 28.19
N LEU C 2451 18.89 -64.81 27.27
CA LEU C 2451 20.34 -64.99 27.47
C LEU C 2451 20.99 -63.55 27.68
N ARG C 2452 20.40 -62.49 27.12
CA ARG C 2452 20.84 -61.10 27.37
C ARG C 2452 20.82 -60.74 28.84
N ILE C 2453 19.62 -60.64 29.32
CA ILE C 2453 19.39 -60.20 30.61
C ILE C 2453 19.75 -61.31 31.64
N ARG C 2454 19.75 -62.59 31.31
CA ARG C 2454 20.08 -63.60 32.35
C ARG C 2454 21.52 -63.49 32.76
N ALA C 2455 22.34 -62.99 31.86
CA ALA C 2455 23.68 -62.64 32.23
C ALA C 2455 23.71 -61.44 33.26
N ILE C 2456 22.76 -60.47 33.19
CA ILE C 2456 22.76 -59.25 34.08
C ILE C 2456 22.61 -59.65 35.52
N LEU C 2457 22.03 -60.82 35.77
CA LEU C 2457 21.88 -61.34 37.15
C LEU C 2457 23.20 -61.49 37.82
N ARG C 2458 24.09 -62.02 37.01
CA ARG C 2458 25.40 -62.32 37.50
C ARG C 2458 26.14 -60.99 37.76
N SER C 2459 25.77 -59.89 37.10
CA SER C 2459 26.39 -58.55 37.37
C SER C 2459 25.68 -57.76 38.45
N LEU C 2460 24.37 -57.97 38.52
CA LEU C 2460 23.51 -57.30 39.46
C LEU C 2460 22.39 -58.28 39.83
N LEU C 2463 27.61 -63.31 39.70
CA LEU C 2463 28.82 -62.70 40.30
C LEU C 2463 28.51 -61.40 41.09
N ASP C 2464 27.24 -61.00 41.07
CA ASP C 2464 26.76 -59.91 41.91
C ASP C 2464 26.96 -60.29 43.37
N ASP C 2465 26.90 -61.60 43.62
CA ASP C 2465 27.21 -62.24 44.88
C ASP C 2465 28.68 -62.77 44.86
N LEU C 2466 28.94 -63.78 44.05
CA LEU C 2466 30.31 -64.31 43.80
C LEU C 2466 31.01 -64.69 45.06
N VAL C 2467 31.70 -63.73 45.63
CA VAL C 2467 32.36 -63.95 46.88
C VAL C 2467 31.34 -64.25 48.00
N GLY C 2468 30.12 -63.75 47.83
CA GLY C 2468 29.03 -64.07 48.72
C GLY C 2468 28.81 -65.57 48.74
N ILE C 2469 29.03 -66.27 47.62
CA ILE C 2469 28.98 -67.75 47.60
C ILE C 2469 29.94 -68.36 48.60
N ILE C 2470 31.10 -67.74 48.64
CA ILE C 2470 32.09 -68.26 49.49
C ILE C 2470 31.66 -67.99 50.98
N SER C 2471 30.80 -66.96 51.22
CA SER C 2471 30.22 -66.66 52.59
C SER C 2471 29.57 -67.90 53.13
N LEU C 2472 29.00 -68.70 52.22
CA LEU C 2472 28.28 -69.92 52.61
C LEU C 2472 29.21 -70.91 53.32
N PRO C 2473 30.44 -70.93 52.85
CA PRO C 2473 31.48 -71.70 53.48
C PRO C 2473 31.81 -71.27 54.91
N LEU C 2474 31.68 -69.97 55.17
CA LEU C 2474 32.01 -69.36 56.52
C LEU C 2474 30.88 -69.65 57.55
N GLN C 2475 29.73 -70.05 57.02
CA GLN C 2475 28.44 -69.93 57.75
C GLN C 2475 28.35 -70.82 59.06
N ILE C 2476 29.09 -71.93 59.12
CA ILE C 2476 28.62 -73.06 59.95
C ILE C 2476 28.86 -72.76 61.43
N PHE C 2494 17.43 -69.34 61.61
CA PHE C 2494 18.77 -68.81 61.44
C PHE C 2494 19.56 -69.57 60.24
N VAL C 2495 20.53 -70.47 60.54
CA VAL C 2495 21.55 -70.93 59.52
C VAL C 2495 21.05 -71.58 58.20
N PRO C 2496 20.12 -72.55 58.25
CA PRO C 2496 19.76 -73.26 56.99
C PRO C 2496 19.25 -72.44 55.87
N ASP C 2497 18.54 -71.30 56.15
CA ASP C 2497 18.04 -70.26 55.12
C ASP C 2497 19.22 -69.81 54.27
N HIS C 2498 20.38 -69.65 54.93
CA HIS C 2498 21.54 -69.03 54.29
C HIS C 2498 22.05 -70.06 53.16
N LYS C 2499 22.32 -71.34 53.56
CA LYS C 2499 22.73 -72.44 52.57
C LYS C 2499 21.64 -72.70 51.53
N ALA C 2500 20.41 -72.75 51.98
CA ALA C 2500 19.30 -73.09 51.11
C ALA C 2500 19.06 -71.98 50.06
N SER C 2501 19.44 -70.75 50.39
CA SER C 2501 19.35 -69.61 49.45
C SER C 2501 20.52 -69.61 48.46
N MET C 2502 21.70 -69.50 49.03
CA MET C 2502 22.89 -69.31 48.21
C MET C 2502 23.27 -70.55 47.33
N VAL C 2503 22.99 -71.80 47.79
CA VAL C 2503 23.28 -73.03 46.97
C VAL C 2503 22.46 -73.03 45.69
N LEU C 2504 21.18 -72.73 45.83
CA LEU C 2504 20.27 -72.61 44.69
C LEU C 2504 20.61 -71.39 43.82
N PHE C 2505 21.10 -70.29 44.43
CA PHE C 2505 21.59 -69.17 43.63
C PHE C 2505 22.76 -69.59 42.75
N LEU C 2506 23.54 -70.51 43.27
CA LEU C 2506 24.74 -70.94 42.61
C LEU C 2506 24.46 -71.98 41.48
N ASP C 2507 23.56 -72.94 41.75
CA ASP C 2507 23.28 -74.01 40.79
C ASP C 2507 22.56 -73.46 39.53
N ARG C 2508 21.79 -72.38 39.66
CA ARG C 2508 21.02 -71.80 38.54
C ARG C 2508 21.77 -70.93 37.54
N VAL C 2509 22.97 -70.51 37.94
CA VAL C 2509 23.78 -69.64 37.10
C VAL C 2509 25.22 -70.24 36.90
N TYR C 2510 25.76 -71.05 37.82
CA TYR C 2510 27.17 -71.63 37.69
C TYR C 2510 27.25 -73.18 37.85
N ASN C 2514 35.69 -76.47 34.73
CA ASN C 2514 35.57 -75.85 36.01
C ASN C 2514 35.37 -76.80 37.17
N GLN C 2515 35.81 -78.01 36.93
CA GLN C 2515 36.10 -78.96 38.01
C GLN C 2515 37.02 -78.39 39.13
N ASP C 2516 38.05 -77.65 38.71
CA ASP C 2516 38.97 -77.04 39.70
C ASP C 2516 38.25 -75.96 40.51
N PHE C 2517 37.29 -75.28 39.87
CA PHE C 2517 36.55 -74.28 40.59
C PHE C 2517 35.71 -74.94 41.67
N LEU C 2518 35.24 -76.16 41.42
CA LEU C 2518 34.63 -77.03 42.44
C LEU C 2518 35.61 -77.37 43.51
N LEU C 2519 36.90 -77.48 43.16
CA LEU C 2519 37.86 -77.82 44.18
C LEU C 2519 38.01 -76.60 45.09
N HIS C 2520 37.86 -75.39 44.49
CA HIS C 2520 37.76 -74.10 45.25
C HIS C 2520 36.53 -74.15 46.14
N VAL C 2521 35.45 -74.73 45.64
CA VAL C 2521 34.23 -74.77 46.40
C VAL C 2521 34.37 -75.74 47.60
N LEU C 2522 35.25 -76.76 47.49
CA LEU C 2522 35.44 -77.80 48.55
C LEU C 2522 35.78 -77.29 49.94
N VAL C 2524 33.26 -74.09 50.70
CA VAL C 2524 33.54 -75.16 51.65
C VAL C 2524 32.29 -75.62 52.36
N GLY C 2525 31.42 -76.34 51.64
CA GLY C 2525 30.26 -76.92 52.27
C GLY C 2525 30.60 -78.10 53.19
N PHE C 2526 31.85 -78.62 53.01
CA PHE C 2526 32.35 -79.79 53.80
C PHE C 2526 32.38 -79.46 55.31
N LEU C 2527 32.46 -78.16 55.67
CA LEU C 2527 32.33 -77.67 57.10
C LEU C 2527 31.11 -78.25 57.85
N PRO C 2528 29.97 -78.01 57.24
CA PRO C 2528 28.77 -78.55 57.83
C PRO C 2528 28.76 -80.15 57.78
N ASP C 2529 29.45 -80.80 56.82
CA ASP C 2529 29.64 -82.34 56.79
C ASP C 2529 30.47 -82.73 58.01
N MET C 2530 31.40 -81.85 58.44
CA MET C 2530 32.14 -82.00 59.73
C MET C 2530 31.18 -81.83 60.91
N ARG C 2531 30.18 -80.97 60.72
CA ARG C 2531 29.16 -80.72 61.78
C ARG C 2531 28.09 -81.89 61.87
N ALA C 2532 28.09 -82.76 60.82
CA ALA C 2532 27.08 -83.87 60.62
C ALA C 2532 27.01 -84.85 61.79
N ALA C 2533 28.15 -85.14 62.42
CA ALA C 2533 28.14 -86.15 63.52
C ALA C 2533 27.61 -85.54 64.85
N ALA C 2534 27.54 -84.20 64.90
CA ALA C 2534 27.17 -83.48 66.15
C ALA C 2534 25.70 -83.70 66.60
N SER C 2535 24.85 -84.14 65.66
CA SER C 2535 23.44 -84.48 65.93
C SER C 2535 23.19 -85.55 66.98
N LEU C 2536 24.11 -86.51 67.07
CA LEU C 2536 23.91 -87.66 67.92
C LEU C 2536 24.36 -87.30 69.33
N THR C 2544 19.01 -79.71 69.99
CA THR C 2544 19.70 -78.55 69.48
C THR C 2544 18.98 -78.07 68.16
N GLU C 2545 19.26 -76.84 67.68
CA GLU C 2545 18.70 -76.28 66.40
C GLU C 2545 19.54 -76.79 65.19
N MET C 2546 19.74 -78.09 65.06
CA MET C 2546 20.93 -78.62 64.28
C MET C 2546 20.70 -80.09 63.97
N ALA C 2547 20.33 -80.89 64.97
CA ALA C 2547 20.19 -82.35 64.85
C ALA C 2547 19.15 -82.74 63.84
N LEU C 2548 18.09 -81.97 63.86
CA LEU C 2548 16.97 -82.20 63.00
C LEU C 2548 17.24 -81.55 61.62
N ALA C 2549 18.18 -80.57 61.61
CA ALA C 2549 18.51 -79.78 60.40
C ALA C 2549 19.22 -80.63 59.28
N LEU C 2550 19.80 -81.77 59.66
CA LEU C 2550 20.59 -82.59 58.71
C LEU C 2550 19.78 -83.14 57.50
N ASN C 2551 18.52 -83.43 57.74
CA ASN C 2551 17.65 -84.04 56.72
C ASN C 2551 17.35 -83.00 55.57
N ARG C 2552 17.37 -81.70 55.86
CA ARG C 2552 17.25 -80.69 54.77
C ARG C 2552 18.68 -80.40 54.15
N TYR C 2553 19.70 -80.50 54.99
CA TYR C 2553 21.10 -80.51 54.50
C TYR C 2553 21.36 -81.77 53.65
N LEU C 2554 20.56 -82.82 53.90
CA LEU C 2554 20.58 -84.04 53.08
C LEU C 2554 20.19 -83.76 51.63
N CYS C 2555 19.31 -82.78 51.44
CA CYS C 2555 19.02 -82.26 50.09
C CYS C 2555 20.14 -81.31 49.56
N LEU C 2556 20.60 -80.41 50.47
CA LEU C 2556 21.50 -79.33 50.08
C LEU C 2556 22.84 -79.95 49.62
N ALA C 2557 23.24 -81.07 50.22
CA ALA C 2557 24.43 -81.81 49.76
C ALA C 2557 24.29 -82.40 48.35
N VAL C 2558 23.07 -82.88 48.09
CA VAL C 2558 22.79 -83.47 46.80
C VAL C 2558 22.77 -82.40 45.64
N LEU C 2559 22.38 -81.16 45.97
CA LEU C 2559 22.20 -80.07 44.95
C LEU C 2559 23.41 -79.79 44.00
N PRO C 2560 24.63 -79.60 44.53
CA PRO C 2560 25.67 -79.11 43.60
C PRO C 2560 26.35 -80.22 42.82
N LEU C 2561 25.60 -81.23 42.37
CA LEU C 2561 26.12 -82.22 41.39
C LEU C 2561 26.52 -81.52 40.06
N ILE C 2562 25.92 -80.37 39.79
CA ILE C 2562 26.18 -79.53 38.65
C ILE C 2562 27.11 -78.31 38.91
N PRO C 2567 43.57 -78.76 45.58
CA PRO C 2567 43.51 -79.78 44.53
C PRO C 2567 43.14 -81.18 45.06
N LEU C 2568 43.81 -82.23 44.60
CA LEU C 2568 43.17 -83.57 44.48
C LEU C 2568 42.95 -84.26 45.83
N PHE C 2569 43.91 -84.06 46.71
CA PHE C 2569 43.80 -84.77 48.00
C PHE C 2569 42.73 -84.07 48.86
N ALA C 2570 42.50 -82.73 48.64
CA ALA C 2570 41.36 -81.96 49.29
C ALA C 2570 40.03 -82.68 48.86
N GLY C 2571 40.01 -83.11 47.60
CA GLY C 2571 38.86 -83.83 47.03
C GLY C 2571 38.75 -85.23 47.65
N THR C 2572 39.89 -85.86 47.97
CA THR C 2572 39.90 -87.10 48.76
C THR C 2572 39.23 -86.88 50.15
N GLU C 2573 39.49 -85.70 50.70
CA GLU C 2573 38.91 -85.35 51.99
C GLU C 2573 37.35 -85.05 51.97
N HIS C 2574 36.88 -84.12 51.11
CA HIS C 2574 35.41 -83.74 51.09
C HIS C 2574 34.64 -84.98 50.55
N ARG C 2575 35.33 -85.79 49.68
CA ARG C 2575 34.74 -87.11 49.21
C ARG C 2575 34.62 -88.11 50.36
N ALA C 2576 35.63 -88.08 51.27
CA ALA C 2576 35.58 -88.92 52.47
C ALA C 2576 34.40 -88.42 53.40
N ILE C 2577 34.09 -87.08 53.42
CA ILE C 2577 32.86 -86.46 54.17
C ILE C 2577 31.55 -87.02 53.62
N MET C 2578 31.57 -87.15 52.30
CA MET C 2578 30.45 -87.76 51.62
C MET C 2578 30.36 -89.31 51.90
N VAL C 2579 31.54 -89.95 52.05
CA VAL C 2579 31.61 -91.40 52.41
C VAL C 2579 31.07 -91.52 53.86
N ASP C 2580 31.27 -90.45 54.68
CA ASP C 2580 30.63 -90.35 56.04
C ASP C 2580 29.11 -90.27 55.91
N SER C 2581 28.64 -89.58 54.88
CA SER C 2581 27.21 -89.56 54.63
C SER C 2581 26.73 -91.01 54.18
N MET C 2582 27.61 -91.75 53.48
CA MET C 2582 27.35 -93.21 53.11
C MET C 2582 27.25 -94.05 54.40
N LEU C 2583 28.07 -93.66 55.38
CA LEU C 2583 28.02 -94.29 56.71
C LEU C 2583 26.71 -93.97 57.43
N HIS C 2584 26.19 -92.75 57.19
CA HIS C 2584 24.88 -92.36 57.71
C HIS C 2584 23.83 -93.23 57.00
N THR C 2585 24.12 -93.63 55.76
CA THR C 2585 23.24 -94.55 55.01
C THR C 2585 23.40 -96.02 55.45
N VAL C 2586 24.48 -96.29 56.18
CA VAL C 2586 24.81 -97.66 56.57
C VAL C 2586 24.15 -98.01 57.93
N ARG C 2591 13.13 -87.80 53.37
CA ARG C 2591 13.92 -88.37 54.46
C ARG C 2591 14.88 -89.44 53.99
N GLY C 2592 14.64 -90.70 54.34
CA GLY C 2592 15.59 -91.76 54.02
C GLY C 2592 15.64 -92.04 52.48
N ARG C 2593 14.53 -91.81 51.79
CA ARG C 2593 14.57 -91.92 50.32
C ARG C 2593 15.36 -90.72 49.75
N SER C 2594 15.34 -89.57 50.45
CA SER C 2594 16.25 -88.41 50.12
C SER C 2594 17.72 -88.83 50.34
N LEU C 2595 17.94 -89.72 51.31
CA LEU C 2595 19.26 -90.35 51.50
C LEU C 2595 19.63 -91.28 50.31
N THR C 2596 18.63 -91.94 49.72
CA THR C 2596 18.84 -92.69 48.48
C THR C 2596 19.20 -91.73 47.33
N LYS C 2597 18.63 -90.53 47.39
CA LYS C 2597 19.02 -89.48 46.45
C LYS C 2597 20.47 -88.98 46.72
N ALA C 2598 20.90 -89.07 47.97
CA ALA C 2598 22.31 -88.83 48.33
C ALA C 2598 23.21 -89.97 47.76
N GLN C 2599 22.66 -91.19 47.69
CA GLN C 2599 23.39 -92.33 47.04
C GLN C 2599 23.53 -92.06 45.54
N ARG C 2600 22.49 -91.42 44.99
CA ARG C 2600 22.52 -90.93 43.61
C ARG C 2600 23.57 -89.80 43.45
N ASP C 2601 23.73 -88.99 44.53
CA ASP C 2601 24.77 -87.92 44.59
C ASP C 2601 26.18 -88.56 44.60
N VAL C 2602 26.23 -89.77 45.15
CA VAL C 2602 27.48 -90.56 45.20
C VAL C 2602 27.87 -91.13 43.83
N ILE C 2603 26.90 -91.81 43.20
CA ILE C 2603 27.15 -92.40 41.88
C ILE C 2603 27.42 -91.23 40.85
N GLU C 2604 26.71 -90.09 41.06
CA GLU C 2604 26.93 -88.85 40.24
C GLU C 2604 28.35 -88.27 40.50
N ASP C 2605 28.83 -88.38 41.76
CA ASP C 2605 30.19 -87.91 42.14
C ASP C 2605 31.22 -88.80 41.36
N CYS C 2606 30.90 -90.11 41.21
CA CYS C 2606 31.70 -91.06 40.36
C CYS C 2606 31.67 -90.62 38.85
N LEU C 2607 30.53 -90.12 38.40
CA LEU C 2607 30.37 -89.66 36.96
C LEU C 2607 31.11 -88.31 36.69
N MET C 2608 31.26 -87.53 37.76
CA MET C 2608 31.70 -86.12 37.69
C MET C 2608 33.15 -86.04 37.26
N ALA C 2609 33.93 -87.08 37.53
CA ALA C 2609 35.37 -86.99 37.64
C ALA C 2609 35.96 -88.36 37.59
N ARG C 2615 43.24 -85.00 40.26
CA ARG C 2615 43.64 -86.38 40.11
C ARG C 2615 42.60 -87.36 40.63
N PRO C 2616 42.12 -88.22 39.73
CA PRO C 2616 41.06 -89.20 39.99
C PRO C 2616 41.40 -90.19 41.10
N SER C 2617 42.69 -90.47 41.17
CA SER C 2617 43.18 -91.43 42.11
C SER C 2617 42.92 -91.02 43.59
N MET C 2618 42.96 -89.71 43.90
CA MET C 2618 42.63 -89.27 45.30
C MET C 2618 41.16 -89.56 45.61
N LEU C 2619 40.32 -89.51 44.58
CA LEU C 2619 38.93 -89.99 44.72
C LEU C 2619 38.86 -91.52 44.93
N GLN C 2620 39.83 -92.21 44.32
CA GLN C 2620 39.95 -93.62 44.56
C GLN C 2620 40.53 -93.87 46.08
N HIS C 2621 41.16 -92.85 46.70
CA HIS C 2621 41.61 -92.90 48.16
C HIS C 2621 40.45 -92.65 49.14
N LEU C 2622 39.59 -91.72 48.78
CA LEU C 2622 38.33 -91.54 49.51
C LEU C 2622 37.45 -92.77 49.34
N LEU C 2623 37.60 -93.45 48.17
CA LEU C 2623 36.94 -94.75 47.88
C LEU C 2623 37.74 -95.91 48.56
N ARG C 2624 38.93 -95.61 49.10
CA ARG C 2624 39.68 -96.58 49.91
C ARG C 2624 39.16 -96.56 51.38
N ARG C 2625 38.99 -95.34 51.93
CA ARG C 2625 38.31 -95.19 53.25
C ARG C 2625 36.84 -95.75 53.12
N LEU C 2626 36.27 -95.47 51.94
CA LEU C 2626 34.93 -95.99 51.61
C LEU C 2626 34.96 -97.56 51.42
N VAL C 2627 36.12 -98.10 50.96
CA VAL C 2627 36.35 -99.60 50.88
C VAL C 2627 36.34 -100.20 52.32
N PHE C 2628 36.83 -99.38 53.27
CA PHE C 2628 36.70 -99.75 54.71
C PHE C 2628 35.25 -99.83 55.15
N ASP C 2629 34.49 -98.87 54.66
CA ASP C 2629 33.05 -98.89 54.90
C ASP C 2629 32.38 -100.10 54.18
N VAL C 2630 32.95 -100.51 53.02
CA VAL C 2630 32.40 -101.65 52.18
C VAL C 2630 32.56 -102.99 52.90
N PRO C 2631 33.75 -103.13 53.48
CA PRO C 2631 34.02 -104.29 54.29
C PRO C 2631 33.20 -104.21 55.63
N ILE C 2632 32.93 -102.98 56.10
CA ILE C 2632 32.07 -102.75 57.30
C ILE C 2632 30.62 -103.25 57.00
N LEU C 2633 30.21 -103.16 55.72
CA LEU C 2633 28.82 -103.58 55.30
C LEU C 2633 28.59 -105.10 55.45
N ASN C 2634 29.67 -105.87 55.28
CA ASN C 2634 29.58 -107.37 55.22
C ASN C 2634 30.94 -107.97 55.40
N LYS C 2638 21.75 -99.21 56.15
CA LYS C 2638 22.11 -100.63 56.16
C LYS C 2638 22.45 -101.18 54.73
N MET C 2639 21.40 -101.66 54.04
CA MET C 2639 21.48 -102.09 52.63
C MET C 2639 21.97 -100.93 51.67
N PRO C 2640 21.74 -99.65 52.07
CA PRO C 2640 22.22 -98.45 51.26
C PRO C 2640 23.78 -98.43 51.21
N LEU C 2641 24.46 -98.95 52.25
CA LEU C 2641 25.94 -99.19 52.15
C LEU C 2641 26.28 -100.27 51.07
N LYS C 2642 25.41 -101.28 50.90
CA LYS C 2642 25.55 -102.26 49.73
C LYS C 2642 25.30 -101.56 48.38
N LEU C 2643 24.40 -100.57 48.41
CA LEU C 2643 24.18 -99.69 47.20
C LEU C 2643 25.44 -98.81 46.94
N LEU C 2644 26.12 -98.39 48.04
CA LEU C 2644 27.43 -97.64 47.99
C LEU C 2644 28.47 -98.62 47.32
N THR C 2645 28.34 -99.94 47.62
CA THR C 2645 29.12 -101.02 46.92
C THR C 2645 28.78 -101.15 45.42
N ASN C 2646 27.54 -100.82 45.07
CA ASN C 2646 27.08 -100.85 43.66
C ASN C 2646 27.68 -99.67 42.83
N HIS C 2647 27.59 -98.46 43.39
CA HIS C 2647 28.17 -97.21 42.74
C HIS C 2647 29.69 -97.35 42.69
N TYR C 2648 30.23 -97.96 43.78
CA TYR C 2648 31.68 -98.25 43.91
C TYR C 2648 32.06 -99.33 42.87
N GLU C 2649 31.12 -100.23 42.53
CA GLU C 2649 31.39 -101.33 41.55
C GLU C 2649 31.50 -100.82 40.06
N ARG C 2650 30.51 -99.97 39.68
CA ARG C 2650 30.52 -99.37 38.32
C ARG C 2650 31.74 -98.37 38.21
N CYS C 2651 32.02 -97.63 39.30
CA CYS C 2651 33.19 -96.70 39.35
C CYS C 2651 34.51 -97.53 39.33
N TRP C 2652 34.49 -98.75 39.91
CA TRP C 2652 35.63 -99.67 39.84
C TRP C 2652 35.79 -100.15 38.37
N LYS C 2653 34.67 -100.30 37.65
CA LYS C 2653 34.73 -100.60 36.19
C LYS C 2653 35.36 -99.35 35.40
N TYR C 2654 35.08 -98.14 35.92
CA TYR C 2654 35.75 -96.90 35.39
C TYR C 2654 37.28 -96.96 35.74
N TYR C 2655 37.61 -97.55 36.89
CA TYR C 2655 39.05 -97.81 37.29
C TYR C 2655 39.68 -98.86 36.32
N CYS C 2656 38.85 -99.82 35.81
CA CYS C 2656 39.28 -100.79 34.70
C CYS C 2656 39.62 -99.97 33.46
N LEU C 2657 38.85 -98.91 33.23
CA LEU C 2657 39.18 -97.96 32.14
C LEU C 2657 40.50 -97.18 32.42
N PRO C 2658 40.78 -96.89 33.68
CA PRO C 2658 42.11 -96.34 34.05
C PRO C 2658 43.20 -97.39 33.90
N THR C 2659 42.80 -98.66 34.09
CA THR C 2659 43.70 -99.79 33.98
C THR C 2659 43.86 -100.15 32.48
N GLY C 2660 43.07 -99.55 31.57
CA GLY C 2660 43.04 -99.87 30.10
C GLY C 2660 42.51 -98.71 29.26
N THR C 2667 49.03 -103.88 46.74
CA THR C 2667 48.74 -102.47 47.01
C THR C 2667 47.38 -102.25 47.67
N SER C 2668 46.78 -101.05 47.47
CA SER C 2668 45.36 -100.76 47.91
C SER C 2668 44.35 -101.74 47.27
N GLU C 2669 44.68 -102.14 46.06
CA GLU C 2669 43.91 -103.11 45.32
C GLU C 2669 43.91 -104.50 46.01
N GLU C 2670 45.02 -104.90 46.65
CA GLU C 2670 45.09 -106.18 47.47
C GLU C 2670 44.09 -106.09 48.63
N GLU C 2671 43.95 -104.87 49.15
CA GLU C 2671 42.90 -104.61 50.19
C GLU C 2671 41.49 -104.72 49.70
N LEU C 2672 41.36 -104.29 48.44
CA LEU C 2672 40.08 -104.41 47.77
C LEU C 2672 39.85 -105.98 47.55
N HIS C 2673 40.91 -106.81 47.34
CA HIS C 2673 40.82 -108.33 47.26
C HIS C 2673 40.36 -108.87 48.64
N LEU C 2674 40.83 -108.22 49.75
CA LEU C 2674 40.35 -108.56 51.13
C LEU C 2674 38.82 -108.28 51.22
N THR C 2675 38.44 -107.14 50.61
CA THR C 2675 37.02 -106.73 50.54
C THR C 2675 36.21 -107.72 49.56
N ARG C 2676 36.90 -108.34 48.56
CA ARG C 2676 36.30 -109.45 47.67
C ARG C 2676 36.06 -110.73 48.50
N LYS C 2677 36.96 -110.98 49.46
CA LYS C 2677 36.76 -112.10 50.40
C LYS C 2677 35.55 -111.73 51.31
N LEU C 2678 35.41 -110.43 51.64
CA LEU C 2678 34.21 -109.90 52.38
C LEU C 2678 32.93 -110.12 51.56
N PHE C 2679 33.08 -110.04 50.24
CA PHE C 2679 31.98 -110.38 49.32
C PHE C 2679 31.63 -111.87 49.38
N TRP C 2680 32.67 -112.70 49.53
CA TRP C 2680 32.43 -114.12 49.71
C TRP C 2680 31.70 -114.35 51.08
N GLY C 2681 32.00 -113.48 52.05
CA GLY C 2681 31.29 -113.46 53.36
C GLY C 2681 29.83 -113.02 53.15
N ILE C 2682 29.60 -112.13 52.19
CA ILE C 2682 28.23 -111.74 51.82
C ILE C 2682 27.50 -112.97 51.15
N PHE C 2683 28.25 -113.83 50.42
CA PHE C 2683 27.69 -115.12 49.88
C PHE C 2683 27.36 -116.05 51.08
N ASP C 2684 28.18 -115.96 52.13
CA ASP C 2684 27.92 -116.67 53.41
C ASP C 2684 26.64 -116.10 54.14
N SER C 2685 26.37 -114.80 53.96
CA SER C 2685 25.27 -114.04 54.69
C SER C 2685 23.88 -114.60 54.39
N LEU C 2686 23.69 -115.16 53.19
CA LEU C 2686 22.36 -115.68 52.84
C LEU C 2686 22.37 -117.21 52.73
N TYR C 2691 15.29 -111.03 48.32
CA TYR C 2691 15.12 -110.55 46.95
C TYR C 2691 16.06 -109.32 46.70
N ASP C 2692 16.13 -108.36 47.64
CA ASP C 2692 17.13 -107.21 47.56
C ASP C 2692 18.59 -107.72 47.53
N GLN C 2693 18.76 -108.90 48.17
CA GLN C 2693 20.03 -109.66 48.18
C GLN C 2693 20.53 -109.90 46.72
N GLU C 2694 19.59 -110.20 45.78
CA GLU C 2694 19.89 -110.36 44.30
C GLU C 2694 20.42 -109.07 43.68
N LEU C 2695 19.91 -107.91 44.13
CA LEU C 2695 20.37 -106.59 43.58
C LEU C 2695 21.81 -106.28 44.02
N TYR C 2696 21.99 -106.46 45.33
CA TYR C 2696 23.30 -106.20 45.93
C TYR C 2696 24.32 -107.28 45.35
N ARG C 2697 23.78 -108.48 45.02
CA ARG C 2697 24.56 -109.56 44.29
C ARG C 2697 24.94 -109.19 42.86
N MET C 2698 24.09 -108.37 42.21
CA MET C 2698 24.36 -107.92 40.80
C MET C 2698 25.53 -106.90 40.81
N ALA C 2699 25.45 -105.96 41.76
CA ALA C 2699 26.52 -104.95 41.99
C ALA C 2699 27.82 -105.63 42.43
N MET C 2700 27.66 -106.70 43.22
CA MET C 2700 28.80 -107.53 43.62
C MET C 2700 29.38 -108.29 42.39
N PRO C 2701 28.50 -108.64 41.42
CA PRO C 2701 28.94 -109.31 40.16
C PRO C 2701 29.80 -108.26 39.32
N CYS C 2702 29.35 -107.00 39.31
CA CYS C 2702 30.13 -105.89 38.63
C CYS C 2702 31.47 -105.64 39.35
N LEU C 2703 31.48 -105.81 40.70
CA LEU C 2703 32.71 -105.67 41.55
C LEU C 2703 33.67 -106.85 41.20
N CYS C 2704 33.09 -108.03 40.87
CA CYS C 2704 33.88 -109.22 40.44
C CYS C 2704 34.55 -108.94 39.03
N ALA C 2705 33.75 -108.28 38.17
CA ALA C 2705 34.25 -107.84 36.83
C ALA C 2705 35.40 -106.81 37.01
N ILE C 2706 35.20 -105.97 38.06
CA ILE C 2706 36.13 -104.85 38.41
C ILE C 2706 37.52 -105.37 38.92
N ALA C 2707 37.49 -106.30 39.93
CA ALA C 2707 38.76 -106.84 40.54
C ALA C 2707 39.47 -107.72 39.48
N GLY C 2708 38.67 -108.39 38.58
CA GLY C 2708 39.26 -109.18 37.46
C GLY C 2708 39.99 -108.22 36.47
N ALA C 2709 39.39 -107.03 36.29
CA ALA C 2709 40.05 -105.95 35.49
C ALA C 2709 41.29 -105.35 36.20
N LEU C 2710 41.25 -105.35 37.54
CA LEU C 2710 42.42 -104.94 38.37
C LEU C 2710 43.54 -105.99 38.24
N PRO C 2711 43.17 -107.27 38.01
CA PRO C 2711 44.16 -108.41 37.92
C PRO C 2711 44.86 -108.42 36.54
N PRO C 2712 44.33 -107.60 35.60
CA PRO C 2712 44.85 -107.53 34.22
C PRO C 2712 46.14 -106.72 34.00
N ASN C 2734 29.49 -100.19 63.90
CA ASN C 2734 29.82 -100.53 65.28
C ASN C 2734 31.16 -101.26 65.32
N PHE C 2735 32.28 -100.52 65.26
CA PHE C 2735 33.56 -101.12 65.64
C PHE C 2735 33.57 -101.62 67.09
N ASP C 2736 33.99 -102.89 67.29
CA ASP C 2736 33.95 -103.54 68.62
C ASP C 2736 35.25 -104.25 68.92
N PRO C 2737 36.29 -103.44 69.25
CA PRO C 2737 37.61 -103.99 69.55
C PRO C 2737 37.54 -104.98 70.77
N ARG C 2738 38.31 -106.08 70.75
CA ARG C 2738 38.50 -106.92 71.97
C ARG C 2738 40.01 -107.18 72.18
N PRO C 2739 40.75 -106.13 72.65
CA PRO C 2739 42.20 -106.23 72.87
C PRO C 2739 42.55 -107.30 73.87
N VAL C 2740 43.66 -108.00 73.62
CA VAL C 2740 44.12 -108.96 74.60
C VAL C 2740 44.68 -108.26 75.89
N GLU C 2741 44.49 -108.92 77.07
CA GLU C 2741 45.16 -108.65 78.39
C GLU C 2741 46.65 -108.36 78.18
N THR C 2742 47.14 -107.26 78.75
CA THR C 2742 48.58 -106.99 78.71
C THR C 2742 49.18 -106.89 80.15
N LEU C 2743 48.56 -106.06 81.01
CA LEU C 2743 49.09 -105.80 82.37
C LEU C 2743 49.11 -107.09 83.26
N ASN C 2744 48.13 -107.98 83.06
CA ASN C 2744 48.07 -109.36 83.70
C ASN C 2744 49.37 -110.18 83.46
N VAL C 2745 49.91 -110.06 82.24
CA VAL C 2745 51.00 -110.90 81.77
C VAL C 2745 52.29 -110.52 82.47
N ILE C 2746 53.13 -111.51 82.76
CA ILE C 2746 54.45 -111.22 83.30
C ILE C 2746 55.63 -111.70 82.35
N ILE C 2747 56.36 -110.76 81.68
CA ILE C 2747 57.61 -111.06 80.85
C ILE C 2747 58.77 -111.57 81.76
N PRO C 2748 59.38 -112.73 81.37
CA PRO C 2748 60.56 -113.22 82.17
C PRO C 2748 61.74 -112.20 82.07
N GLU C 2749 62.51 -112.11 83.14
CA GLU C 2749 63.57 -111.05 83.30
C GLU C 2749 64.68 -111.07 82.22
N LYS C 2750 65.03 -112.27 81.74
CA LYS C 2750 66.06 -112.46 80.71
C LYS C 2750 65.65 -111.78 79.37
N LEU C 2751 64.34 -111.74 79.05
CA LEU C 2751 63.85 -111.03 77.81
C LEU C 2751 63.99 -109.48 77.96
N ASP C 2752 64.01 -108.95 79.19
CA ASP C 2752 64.18 -107.47 79.39
C ASP C 2752 65.63 -107.02 78.89
N SER C 2753 66.66 -107.88 79.01
CA SER C 2753 68.01 -107.62 78.43
C SER C 2753 67.93 -107.55 76.89
N PHE C 2754 67.06 -108.37 76.29
CA PHE C 2754 66.70 -108.29 74.85
C PHE C 2754 65.93 -106.95 74.56
N ILE C 2755 65.11 -106.51 75.52
CA ILE C 2755 64.32 -105.24 75.40
C ILE C 2755 65.33 -104.05 75.43
N ASN C 2756 66.47 -104.23 76.14
CA ASN C 2756 67.59 -103.23 76.09
C ASN C 2756 68.12 -103.08 74.67
N LYS C 2757 68.20 -104.22 73.93
CA LYS C 2757 68.72 -104.22 72.52
C LYS C 2757 67.65 -103.59 71.57
N PHE C 2758 66.38 -104.03 71.63
CA PHE C 2758 65.33 -103.52 70.73
C PHE C 2758 65.01 -102.03 71.03
N ALA C 2759 65.14 -101.61 72.30
CA ALA C 2759 64.91 -100.17 72.67
C ALA C 2759 66.12 -99.31 72.33
N GLU C 2760 67.32 -99.86 72.51
CA GLU C 2760 68.55 -99.13 72.10
C GLU C 2760 68.52 -98.98 70.56
N TYR C 2761 68.03 -100.01 69.87
CA TYR C 2761 67.79 -99.94 68.40
C TYR C 2761 66.68 -98.90 68.14
N THR C 2762 65.69 -98.78 69.05
CA THR C 2762 64.55 -97.83 68.88
C THR C 2762 65.10 -96.42 68.89
N HIS C 2763 65.95 -96.07 69.86
CA HIS C 2763 66.66 -94.76 69.85
C HIS C 2763 67.66 -94.59 68.70
N GLU C 2764 68.33 -95.66 68.29
CA GLU C 2764 69.25 -95.56 67.17
C GLU C 2764 68.49 -95.22 65.85
N LYS C 2765 67.30 -95.78 65.66
CA LYS C 2765 66.54 -95.54 64.44
C LYS C 2765 65.76 -94.20 64.58
N TRP C 2766 65.25 -93.91 65.78
CA TRP C 2766 64.54 -92.63 66.04
C TRP C 2766 65.52 -91.42 65.99
N ALA C 2767 66.81 -91.62 66.31
CA ALA C 2767 67.84 -90.54 66.17
C ALA C 2767 68.29 -90.48 64.69
N PHE C 2768 68.43 -91.67 64.07
CA PHE C 2768 68.83 -91.74 62.64
C PHE C 2768 67.75 -91.13 61.68
N ASP C 2769 66.45 -91.26 62.00
CA ASP C 2769 65.30 -90.56 61.26
C ASP C 2769 65.50 -89.05 61.30
N LYS C 2770 65.95 -88.57 62.47
CA LYS C 2770 66.30 -87.16 62.66
C LYS C 2770 67.57 -86.80 61.80
N ILE C 2771 68.50 -87.77 61.69
CA ILE C 2771 69.72 -87.59 60.85
C ILE C 2771 69.33 -87.53 59.32
N GLN C 2772 68.24 -88.21 58.94
CA GLN C 2772 67.76 -88.22 57.52
C GLN C 2772 67.35 -86.78 57.08
N ASN C 2773 66.88 -85.93 58.01
CA ASN C 2773 66.51 -84.50 57.71
C ASN C 2773 67.47 -83.43 58.37
N ASN C 2774 68.67 -83.88 58.70
CA ASN C 2774 69.67 -82.95 59.32
C ASN C 2774 69.32 -82.31 60.71
N TRP C 2775 68.56 -83.04 61.54
CA TRP C 2775 68.27 -82.61 62.90
C TRP C 2775 69.48 -82.76 63.82
N SER C 2776 69.54 -81.95 64.86
CA SER C 2776 70.66 -81.89 65.78
C SER C 2776 70.23 -81.60 67.26
N TYR C 2777 71.15 -81.82 68.21
CA TYR C 2777 70.92 -81.58 69.67
C TYR C 2777 70.65 -80.05 69.88
N GLY C 2778 69.68 -79.68 70.75
CA GLY C 2778 69.35 -78.27 71.06
C GLY C 2778 68.78 -78.02 72.46
N GLU C 2779 68.95 -76.79 72.96
CA GLU C 2779 68.30 -76.35 74.20
C GLU C 2779 66.75 -76.32 74.11
N ASN C 2780 66.19 -76.22 72.89
CA ASN C 2780 64.72 -76.09 72.73
C ASN C 2780 64.14 -76.86 71.50
N VAL C 2781 62.85 -77.20 71.56
CA VAL C 2781 62.12 -77.85 70.45
C VAL C 2781 61.76 -76.76 69.45
N ASP C 2782 62.78 -76.29 68.74
CA ASP C 2782 62.62 -75.21 67.79
C ASP C 2782 62.71 -75.86 66.40
N GLU C 2783 61.57 -76.15 65.78
CA GLU C 2783 61.57 -76.95 64.50
C GLU C 2783 62.15 -76.06 63.34
N GLU C 2784 62.06 -74.72 63.48
CA GLU C 2784 62.74 -73.78 62.52
C GLU C 2784 64.27 -73.83 62.62
N LEU C 2785 64.77 -74.12 63.84
CA LEU C 2785 66.23 -74.10 64.14
C LEU C 2785 66.91 -75.40 63.57
N LYS C 2786 66.09 -76.33 63.03
CA LYS C 2786 66.54 -77.66 62.57
C LYS C 2786 67.25 -78.41 63.77
N THR C 2787 66.66 -78.39 64.99
CA THR C 2787 67.23 -79.03 66.20
C THR C 2787 66.18 -79.57 67.18
N HIS C 2788 66.51 -80.67 67.85
CA HIS C 2788 65.64 -81.26 68.81
C HIS C 2788 66.45 -81.61 70.11
N PRO C 2789 65.85 -81.38 71.33
CA PRO C 2789 66.49 -81.63 72.68
C PRO C 2789 66.91 -83.06 72.95
N MET C 2790 66.18 -84.04 72.42
CA MET C 2790 66.41 -85.43 72.80
C MET C 2790 67.56 -86.12 72.00
N LEU C 2791 68.20 -85.42 71.03
CA LEU C 2791 69.26 -86.09 70.19
C LEU C 2791 70.60 -86.17 70.95
N ARG C 2792 70.58 -86.99 71.99
CA ARG C 2792 71.71 -87.28 72.83
C ARG C 2792 71.75 -88.82 72.97
N PRO C 2793 72.96 -89.37 73.23
CA PRO C 2793 73.17 -90.85 73.11
C PRO C 2793 72.32 -91.70 74.05
N TYR C 2794 71.88 -92.89 73.59
CA TYR C 2794 70.92 -93.74 74.35
C TYR C 2794 71.49 -94.13 75.73
N LYS C 2795 72.81 -94.31 75.79
CA LYS C 2795 73.58 -94.53 77.04
C LYS C 2795 73.34 -93.42 78.13
N THR C 2796 73.25 -92.17 77.66
CA THR C 2796 73.09 -91.00 78.54
C THR C 2796 71.69 -90.98 79.18
N PHE C 2797 70.70 -91.66 78.56
CA PHE C 2797 69.33 -91.70 79.09
C PHE C 2797 69.29 -92.34 80.51
N SER C 2798 68.49 -91.73 81.39
CA SER C 2798 68.09 -92.33 82.66
C SER C 2798 67.19 -93.54 82.26
N GLU C 2799 67.15 -94.59 83.07
CA GLU C 2799 66.42 -95.84 82.69
C GLU C 2799 64.90 -95.54 82.52
N LYS C 2800 64.40 -94.58 83.31
CA LYS C 2800 62.99 -94.13 83.21
C LYS C 2800 62.73 -93.46 81.85
N ASP C 2801 63.71 -92.71 81.31
CA ASP C 2801 63.60 -92.16 79.94
C ASP C 2801 63.62 -93.26 78.89
N LYS C 2802 64.36 -94.34 79.17
CA LYS C 2802 64.38 -95.52 78.29
C LYS C 2802 63.03 -96.25 78.36
N GLU C 2803 62.33 -96.15 79.51
CA GLU C 2803 60.98 -96.77 79.72
C GLU C 2803 59.91 -96.13 78.75
N ILE C 2804 60.09 -94.85 78.32
CA ILE C 2804 59.14 -94.18 77.34
C ILE C 2804 59.20 -94.94 75.97
N TYR C 2805 60.38 -95.48 75.61
CA TYR C 2805 60.60 -96.38 74.40
C TYR C 2805 60.16 -97.83 74.74
N ARG C 2806 60.61 -98.34 75.88
CA ARG C 2806 60.44 -99.76 76.24
C ARG C 2806 58.99 -100.18 76.56
N TRP C 2807 58.22 -99.27 77.16
CA TRP C 2807 56.91 -99.64 77.75
C TRP C 2807 55.91 -100.14 76.65
N PRO C 2808 55.74 -99.39 75.50
CA PRO C 2808 54.92 -100.03 74.37
C PRO C 2808 55.47 -101.43 73.91
N ILE C 2809 56.81 -101.58 73.92
CA ILE C 2809 57.50 -102.84 73.48
C ILE C 2809 57.17 -103.96 74.49
N LYS C 2810 57.31 -103.65 75.78
CA LYS C 2810 56.94 -104.56 76.89
C LYS C 2810 55.43 -104.94 76.84
N GLU C 2811 54.58 -103.98 76.49
CA GLU C 2811 53.13 -104.25 76.36
C GLU C 2811 52.89 -105.17 75.12
N SER C 2812 53.74 -105.04 74.09
CA SER C 2812 53.66 -105.92 72.92
C SER C 2812 54.14 -107.38 73.27
N LEU C 2813 55.30 -107.50 73.96
CA LEU C 2813 55.83 -108.86 74.39
C LEU C 2813 54.83 -109.53 75.39
N LYS C 2814 54.17 -108.73 76.23
CA LYS C 2814 53.10 -109.26 77.09
C LYS C 2814 51.87 -109.65 76.25
N ALA C 2815 51.63 -108.92 75.17
CA ALA C 2815 50.53 -109.23 74.24
C ALA C 2815 50.80 -110.57 73.50
N MET C 2816 52.08 -110.88 73.27
CA MET C 2816 52.45 -112.17 72.63
C MET C 2816 52.43 -113.32 73.66
N ILE C 2817 52.95 -113.07 74.87
CA ILE C 2817 52.96 -114.08 75.94
C ILE C 2817 51.48 -114.37 76.40
N ALA C 2818 50.57 -113.40 76.35
CA ALA C 2818 49.10 -113.67 76.61
C ALA C 2818 48.48 -114.52 75.51
N TRP C 2819 49.04 -114.40 74.31
CA TRP C 2819 48.71 -115.29 73.18
C TRP C 2819 49.58 -116.57 73.27
N GLU C 2820 50.52 -116.54 74.22
CA GLU C 2820 51.45 -117.66 74.49
C GLU C 2820 52.32 -118.02 73.30
N TRP C 2821 52.58 -117.03 72.44
CA TRP C 2821 53.48 -117.22 71.32
C TRP C 2821 54.92 -117.39 71.87
N THR C 2822 55.59 -118.36 71.26
CA THR C 2822 56.96 -118.65 71.54
C THR C 2822 57.87 -117.52 70.96
N ILE C 2823 58.85 -117.13 71.80
CA ILE C 2823 59.98 -116.25 71.48
C ILE C 2823 61.26 -116.79 72.25
N GLU C 2824 62.19 -117.47 71.57
CA GLU C 2824 63.26 -118.24 72.29
C GLU C 2824 64.60 -118.24 71.52
N LYS C 2825 65.71 -118.46 72.23
CA LYS C 2825 67.05 -118.49 71.58
C LYS C 2825 67.19 -119.65 70.55
N ALA C 2826 67.86 -119.37 69.46
CA ALA C 2826 68.17 -120.35 68.41
C ALA C 2826 69.39 -119.82 67.61
N ARG C 2827 69.13 -119.26 66.44
CA ARG C 2827 70.18 -118.74 65.57
C ARG C 2827 70.91 -117.51 66.15
N GLU C 2828 72.21 -117.40 65.82
CA GLU C 2828 73.05 -116.22 66.17
C GLU C 2828 72.50 -114.94 65.57
N GLY C 2829 72.61 -113.87 66.35
CA GLY C 2829 72.17 -112.56 65.90
C GLY C 2829 73.14 -111.80 64.97
N GLU C 2830 72.77 -110.55 64.67
CA GLU C 2830 73.60 -109.64 63.84
C GLU C 2830 73.55 -108.19 64.31
N TYR C 2849 75.10 -88.98 51.60
CA TYR C 2849 74.88 -88.92 53.04
C TYR C 2849 76.06 -88.16 53.75
N ASP C 2850 76.18 -86.80 53.59
CA ASP C 2850 77.24 -85.95 54.31
C ASP C 2850 76.93 -86.01 55.89
N PRO C 2851 77.90 -86.39 56.80
CA PRO C 2851 77.54 -86.88 58.21
C PRO C 2851 76.91 -85.79 59.08
N ARG C 2852 75.99 -86.18 59.99
CA ARG C 2852 75.20 -85.15 60.75
C ARG C 2852 75.74 -84.74 62.14
N GLU C 2853 75.45 -83.49 62.59
CA GLU C 2853 75.81 -83.06 63.97
C GLU C 2853 74.93 -83.82 65.03
N GLY C 2854 75.40 -84.01 66.28
CA GLY C 2854 74.64 -84.78 67.32
C GLY C 2854 75.01 -86.26 67.23
N TYR C 2855 74.35 -87.07 68.05
CA TYR C 2855 74.68 -88.50 68.10
C TYR C 2855 74.35 -89.15 66.72
N ASN C 2856 75.23 -90.05 66.24
CA ASN C 2856 75.16 -90.61 64.82
C ASN C 2856 75.05 -92.15 64.64
N PRO C 2857 73.93 -92.77 65.15
CA PRO C 2857 73.78 -94.25 65.14
C PRO C 2857 73.65 -94.77 63.72
N GLN C 2858 74.16 -95.98 63.49
CA GLN C 2858 73.98 -96.63 62.21
C GLN C 2858 73.33 -98.01 62.48
N PRO C 2859 71.96 -97.99 62.64
CA PRO C 2859 71.11 -99.17 63.00
C PRO C 2859 71.28 -100.38 62.06
N PRO C 2860 71.27 -101.64 62.63
CA PRO C 2860 71.30 -102.87 61.82
C PRO C 2860 70.09 -102.92 60.85
N ASP C 2861 70.29 -103.50 59.66
CA ASP C 2861 69.30 -103.44 58.57
C ASP C 2861 68.08 -104.40 58.76
N LEU C 2862 67.11 -103.99 59.62
CA LEU C 2862 65.80 -104.71 59.83
C LEU C 2862 65.00 -104.70 58.53
N SER C 2863 65.20 -103.66 57.71
CA SER C 2863 64.43 -103.49 56.46
C SER C 2863 64.77 -104.63 55.46
N GLY C 2864 65.99 -105.18 55.54
CA GLY C 2864 66.41 -106.33 54.68
C GLY C 2864 65.88 -107.68 55.19
N VAL C 2865 65.50 -107.71 56.47
CA VAL C 2865 64.86 -108.90 57.06
C VAL C 2865 63.46 -109.10 56.38
N THR C 2866 63.12 -110.33 56.05
CA THR C 2866 61.84 -110.66 55.36
C THR C 2866 61.18 -111.80 56.15
N LEU C 2867 60.07 -111.47 56.82
CA LEU C 2867 59.32 -112.47 57.56
C LEU C 2867 58.75 -113.59 56.62
N SER C 2868 58.74 -114.85 57.09
CA SER C 2868 58.05 -115.98 56.40
C SER C 2868 56.52 -115.67 56.49
N ARG C 2869 55.75 -116.23 55.57
CA ARG C 2869 54.30 -115.93 55.51
C ARG C 2869 53.56 -116.32 56.84
N GLU C 2870 54.07 -117.33 57.55
CA GLU C 2870 53.62 -117.66 58.91
C GLU C 2870 53.84 -116.42 59.85
N LEU C 2871 55.11 -115.97 59.90
CA LEU C 2871 55.51 -114.75 60.67
C LEU C 2871 54.87 -113.47 60.07
N GLN C 2872 54.59 -113.42 58.75
CA GLN C 2872 53.88 -112.27 58.13
C GLN C 2872 52.44 -112.20 58.62
N ALA C 2873 51.82 -113.37 58.78
CA ALA C 2873 50.47 -113.45 59.37
C ALA C 2873 50.58 -113.04 60.85
N MET C 2874 51.71 -113.38 61.49
CA MET C 2874 52.01 -112.96 62.89
C MET C 2874 52.12 -111.41 62.96
N ALA C 2875 52.71 -110.78 61.90
CA ALA C 2875 52.75 -109.28 61.79
C ALA C 2875 51.36 -108.72 61.57
N GLU C 2876 50.55 -109.49 60.81
CA GLU C 2876 49.15 -109.13 60.58
C GLU C 2876 48.35 -109.10 61.92
N GLN C 2877 48.64 -110.07 62.79
CA GLN C 2877 47.88 -110.23 64.05
C GLN C 2877 48.43 -109.29 65.18
N LEU C 2878 49.76 -109.03 65.22
CA LEU C 2878 50.31 -107.98 66.15
C LEU C 2878 49.80 -106.61 65.73
N ALA C 2879 49.65 -106.38 64.41
CA ALA C 2879 49.02 -105.14 63.90
C ALA C 2879 47.54 -105.11 64.30
N GLU C 2880 46.92 -106.29 64.33
CA GLU C 2880 45.53 -106.43 64.79
C GLU C 2880 45.44 -106.07 66.31
N ASN C 2881 46.51 -106.40 67.06
CA ASN C 2881 46.62 -106.02 68.51
C ASN C 2881 46.75 -104.51 68.70
N TYR C 2882 47.64 -103.89 67.88
CA TYR C 2882 47.85 -102.41 67.93
C TYR C 2882 46.52 -101.75 67.59
N HIS C 2883 45.80 -102.35 66.65
CA HIS C 2883 44.51 -101.80 66.19
C HIS C 2883 43.37 -101.91 67.22
N ASN C 2884 43.18 -103.10 67.78
CA ASN C 2884 42.14 -103.30 68.78
C ASN C 2884 42.47 -102.55 70.09
N THR C 2885 43.76 -102.46 70.47
CA THR C 2885 44.12 -101.86 71.77
C THR C 2885 44.14 -100.35 71.67
N TRP C 2886 44.91 -99.85 70.70
CA TRP C 2886 45.02 -98.41 70.51
C TRP C 2886 43.62 -97.91 70.02
N GLY C 2887 42.84 -98.72 69.28
CA GLY C 2887 41.48 -98.39 68.81
C GLY C 2887 40.46 -98.37 69.94
N ARG C 2888 40.55 -99.31 70.88
CA ARG C 2888 39.62 -99.30 72.01
C ARG C 2888 39.95 -98.11 72.95
N LYS C 2889 41.27 -97.89 73.21
CA LYS C 2889 41.73 -96.73 74.04
C LYS C 2889 41.36 -95.43 73.33
N LYS C 2890 41.39 -95.41 72.00
CA LYS C 2890 40.99 -94.24 71.20
C LYS C 2890 39.49 -93.99 71.30
N LYS C 2891 38.69 -95.06 71.32
CA LYS C 2891 37.21 -94.92 71.41
C LYS C 2891 36.82 -94.41 72.81
N GLN C 2892 37.39 -95.03 73.84
CA GLN C 2892 37.11 -94.63 75.22
C GLN C 2892 37.70 -93.25 75.52
N GLU C 2893 38.78 -92.87 74.83
CA GLU C 2893 39.37 -91.50 74.97
C GLU C 2893 38.43 -90.44 74.36
N LEU C 2894 37.94 -90.68 73.15
CA LEU C 2894 37.06 -89.70 72.51
C LEU C 2894 35.67 -89.64 73.22
N GLU C 2895 35.21 -90.78 73.74
CA GLU C 2895 34.01 -90.76 74.61
C GLU C 2895 34.33 -90.04 75.98
N ALA C 2896 35.57 -90.13 76.49
CA ALA C 2896 36.01 -89.37 77.70
C ALA C 2896 36.03 -87.85 77.45
N LYS C 2897 36.35 -87.45 76.22
CA LYS C 2897 36.30 -86.03 75.81
C LYS C 2897 34.86 -85.55 75.38
N GLY C 2898 33.93 -86.51 75.24
CA GLY C 2898 32.57 -86.23 74.75
C GLY C 2898 32.55 -86.14 73.23
N GLY C 2899 33.67 -86.52 72.63
CA GLY C 2899 33.86 -86.27 71.22
C GLY C 2899 33.39 -87.43 70.37
N GLY C 2900 33.86 -87.40 69.13
CA GLY C 2900 33.38 -88.31 68.13
C GLY C 2900 34.15 -89.59 67.97
N THR C 2901 35.02 -89.58 66.94
CA THR C 2901 35.60 -90.79 66.38
C THR C 2901 36.84 -90.50 65.53
N HIS C 2902 37.50 -91.58 65.12
CA HIS C 2902 38.67 -91.54 64.29
C HIS C 2902 38.45 -92.48 63.03
N PRO C 2903 39.09 -92.18 61.84
CA PRO C 2903 38.93 -93.02 60.57
C PRO C 2903 39.32 -94.50 60.69
N LEU C 2904 40.40 -94.76 61.47
CA LEU C 2904 40.89 -96.12 61.79
C LEU C 2904 39.95 -96.88 62.76
N LEU C 2905 38.96 -96.28 63.41
CA LEU C 2905 38.06 -97.04 64.35
C LEU C 2905 37.04 -97.85 63.49
N VAL C 2906 37.58 -98.75 62.65
CA VAL C 2906 36.83 -99.79 61.91
C VAL C 2906 37.59 -101.14 62.16
N PRO C 2907 36.87 -102.29 62.13
CA PRO C 2907 37.49 -103.60 62.49
C PRO C 2907 38.66 -103.93 61.63
N TYR C 2908 39.65 -104.58 62.23
CA TYR C 2908 40.95 -104.73 61.59
C TYR C 2908 40.85 -105.48 60.24
N ASP C 2909 39.94 -106.49 60.19
CA ASP C 2909 39.64 -107.21 58.93
C ASP C 2909 39.09 -106.23 57.83
N THR C 2910 38.30 -105.23 58.26
CA THR C 2910 37.66 -104.28 57.35
C THR C 2910 38.65 -103.28 56.73
N LEU C 2911 39.79 -103.08 57.38
CA LEU C 2911 40.74 -102.09 56.95
C LEU C 2911 41.27 -102.40 55.52
N THR C 2912 41.46 -101.35 54.75
CA THR C 2912 42.32 -101.47 53.59
C THR C 2912 43.75 -101.80 54.07
N ALA C 2913 44.46 -102.63 53.29
CA ALA C 2913 45.83 -103.15 53.60
C ALA C 2913 46.79 -101.99 53.80
N LYS C 2914 46.60 -100.86 53.11
CA LYS C 2914 47.42 -99.67 53.35
C LYS C 2914 47.25 -99.11 54.82
N GLU C 2915 46.00 -99.12 55.32
CA GLU C 2915 45.72 -98.76 56.74
C GLU C 2915 46.29 -99.83 57.74
N LYS C 2916 46.29 -101.09 57.32
CA LYS C 2916 46.86 -102.21 58.11
C LYS C 2916 48.38 -102.05 58.15
N ALA C 2917 48.96 -101.41 57.10
CA ALA C 2917 50.46 -101.35 56.83
C ALA C 2917 51.11 -100.55 57.90
N ARG C 2918 50.41 -99.52 58.42
CA ARG C 2918 50.97 -98.60 59.41
C ARG C 2918 51.26 -99.39 60.74
N ASP C 2919 50.25 -100.10 61.24
CA ASP C 2919 50.44 -101.04 62.37
C ASP C 2919 51.42 -102.24 62.00
N ARG C 2920 51.34 -102.70 60.73
CA ARG C 2920 52.14 -103.89 60.28
C ARG C 2920 53.65 -103.58 60.26
N GLU C 2921 54.03 -102.35 59.90
CA GLU C 2921 55.45 -101.86 59.88
C GLU C 2921 55.97 -101.85 61.35
N LYS C 2922 55.08 -101.62 62.31
CA LYS C 2922 55.42 -101.68 63.75
C LYS C 2922 55.46 -103.12 64.28
N ALA C 2923 54.71 -104.03 63.62
CA ALA C 2923 54.72 -105.44 64.00
C ALA C 2923 55.93 -106.12 63.42
N GLN C 2924 56.32 -105.68 62.23
CA GLN C 2924 57.53 -106.17 61.59
C GLN C 2924 58.72 -105.45 62.13
N GLU C 2925 58.51 -104.26 62.67
CA GLU C 2925 59.43 -103.54 63.54
C GLU C 2925 60.05 -104.56 64.46
N LEU C 2926 59.09 -105.23 65.10
CA LEU C 2926 59.36 -106.09 66.17
C LEU C 2926 59.81 -107.43 65.83
N LEU C 2927 58.96 -108.05 65.06
CA LEU C 2927 59.23 -109.47 64.56
C LEU C 2927 60.51 -109.55 63.66
N LYS C 2928 60.79 -108.51 62.85
CA LYS C 2928 62.03 -108.48 62.01
C LYS C 2928 63.28 -108.42 62.90
N PHE C 2929 63.20 -107.71 64.02
CA PHE C 2929 64.33 -107.63 64.93
C PHE C 2929 64.47 -109.00 65.64
N LEU C 2930 63.32 -109.65 65.89
CA LEU C 2930 63.29 -111.04 66.45
C LEU C 2930 63.89 -112.07 65.49
N GLN C 2931 63.75 -111.84 64.18
CA GLN C 2931 64.32 -112.76 63.18
C GLN C 2931 65.84 -112.45 63.03
N MET C 2932 66.20 -111.15 63.09
CA MET C 2932 67.61 -110.71 63.01
C MET C 2932 68.41 -111.24 64.18
N ASN C 2933 67.80 -111.34 65.38
CA ASN C 2933 68.50 -111.92 66.54
C ASN C 2933 68.58 -113.46 66.41
N GLY C 2934 67.80 -113.99 65.46
CA GLY C 2934 67.83 -115.41 65.14
C GLY C 2934 66.93 -116.21 66.05
N TYR C 2935 66.20 -115.52 66.93
CA TYR C 2935 65.27 -116.19 67.80
C TYR C 2935 64.12 -116.86 67.02
N ALA C 2936 63.78 -118.10 67.43
CA ALA C 2936 62.54 -118.73 66.99
C ALA C 2936 61.37 -117.86 67.51
N VAL C 2937 60.41 -117.57 66.64
CA VAL C 2937 59.21 -116.77 66.99
C VAL C 2937 57.96 -117.38 66.29
N THR C 2938 57.07 -118.06 67.02
CA THR C 2938 55.88 -118.76 66.38
C THR C 2938 54.60 -118.62 67.22
N ARG C 2939 53.44 -118.82 66.58
CA ARG C 2939 52.14 -118.77 67.28
C ARG C 2939 52.01 -119.86 68.35
N GLY C 2940 52.68 -121.00 68.14
CA GLY C 2940 52.72 -122.08 69.16
C GLY C 2940 51.43 -122.57 69.82
N TYR C 3016 46.40 -112.09 41.34
CA TYR C 3016 47.45 -112.93 41.96
C TYR C 3016 46.99 -114.36 42.34
N PHE C 3017 47.92 -115.18 42.86
CA PHE C 3017 47.65 -116.68 43.01
C PHE C 3017 46.64 -116.97 44.11
N LEU C 3018 46.72 -116.11 45.13
CA LEU C 3018 45.83 -116.17 46.28
C LEU C 3018 44.34 -116.03 45.81
N SER C 3019 44.07 -115.22 44.75
CA SER C 3019 42.65 -115.10 44.12
C SER C 3019 42.17 -116.46 43.56
N THR C 3020 43.12 -117.20 42.95
CA THR C 3020 42.83 -118.55 42.44
C THR C 3020 42.57 -119.52 43.64
N PRO C 3021 43.31 -119.33 44.75
CA PRO C 3021 43.09 -120.13 46.02
C PRO C 3021 41.67 -119.78 46.57
N ALA C 3022 41.25 -118.51 46.43
CA ALA C 3022 39.88 -118.05 46.86
C ALA C 3022 38.85 -118.70 45.95
N LYS C 3023 39.21 -118.90 44.66
CA LYS C 3023 38.34 -119.63 43.72
C LYS C 3023 38.20 -121.13 44.13
N VAL C 3024 39.30 -121.70 44.67
CA VAL C 3024 39.27 -123.07 45.22
C VAL C 3024 38.39 -123.07 46.53
N LEU C 3025 38.37 -121.96 47.30
CA LEU C 3025 37.43 -121.82 48.48
C LEU C 3025 35.98 -121.77 47.97
N GLY C 3026 35.79 -121.17 46.79
CA GLY C 3026 34.47 -121.16 46.14
C GLY C 3026 34.11 -122.63 45.67
N SER C 3027 35.15 -123.40 45.30
CA SER C 3027 34.96 -124.86 44.94
C SER C 3027 34.59 -125.67 46.26
N GLY C 3028 35.14 -125.25 47.42
CA GLY C 3028 34.77 -125.86 48.76
C GLY C 3028 33.27 -125.50 49.03
N GLY C 3029 32.86 -124.29 48.59
CA GLY C 3029 31.44 -123.85 48.65
C GLY C 3029 30.57 -124.74 47.76
N HIS C 3030 31.14 -125.15 46.62
CA HIS C 3030 30.50 -126.13 45.69
C HIS C 3030 30.37 -127.52 46.39
N ALA C 3031 31.35 -127.90 47.24
CA ALA C 3031 31.25 -129.16 48.05
C ALA C 3031 30.08 -129.04 49.06
N SER C 3032 29.96 -127.82 49.61
CA SER C 3032 28.87 -127.52 50.53
C SER C 3032 27.52 -127.59 49.73
N ASN C 3033 27.59 -127.15 48.45
CA ASN C 3033 26.40 -127.21 47.52
C ASN C 3033 26.02 -128.67 47.20
N LYS C 3034 27.02 -129.58 47.20
CA LYS C 3034 26.77 -131.03 47.10
C LYS C 3034 26.01 -131.49 48.39
N GLU C 3035 26.39 -130.89 49.53
CA GLU C 3035 25.68 -131.16 50.81
C GLU C 3035 24.17 -130.69 50.72
N LYS C 3036 23.98 -129.57 50.00
CA LYS C 3036 22.61 -129.07 49.65
C LYS C 3036 21.87 -130.03 48.73
N GLU C 3037 22.66 -130.61 47.80
CA GLU C 3037 22.14 -131.54 46.76
C GLU C 3037 21.65 -132.88 47.41
N MET C 3038 22.22 -133.16 48.60
CA MET C 3038 21.82 -134.33 49.42
C MET C 3038 20.32 -134.35 49.75
N ILE C 3039 19.70 -133.17 49.91
CA ILE C 3039 18.27 -133.10 50.38
C ILE C 3039 17.16 -133.61 49.41
N PHE C 3043 17.89 -122.27 52.05
CA PHE C 3043 17.97 -120.99 51.34
C PHE C 3043 19.41 -120.62 50.98
N CYS C 3044 20.41 -121.17 51.70
CA CYS C 3044 21.83 -120.81 51.48
C CYS C 3044 22.32 -121.18 50.02
N LYS C 3045 21.72 -122.24 49.44
CA LYS C 3045 22.14 -122.65 48.03
C LYS C 3045 21.82 -121.55 46.98
N LEU C 3046 20.77 -120.74 47.20
CA LEU C 3046 20.48 -119.54 46.33
C LEU C 3046 21.62 -118.49 46.44
N ALA C 3047 22.20 -118.35 47.64
CA ALA C 3047 23.43 -117.47 47.85
C ALA C 3047 24.64 -118.08 47.12
N ALA C 3048 24.65 -119.42 47.06
CA ALA C 3048 25.67 -120.16 46.25
C ALA C 3048 25.42 -119.84 44.72
N LEU C 3049 24.14 -119.69 44.32
CA LEU C 3049 23.78 -119.28 42.91
C LEU C 3049 24.25 -117.79 42.69
N VAL C 3050 24.22 -116.97 43.77
CA VAL C 3050 24.81 -115.58 43.73
C VAL C 3050 26.34 -115.66 43.45
N ARG C 3051 26.94 -116.65 44.13
CA ARG C 3051 28.36 -116.97 43.93
C ARG C 3051 28.60 -117.51 42.45
N HIS C 3052 27.57 -118.16 41.85
CA HIS C 3052 27.59 -118.71 40.41
C HIS C 3052 27.61 -117.54 39.41
N ARG C 3053 26.77 -116.49 39.71
CA ARG C 3053 26.75 -115.21 38.87
C ARG C 3053 28.13 -114.53 38.98
N VAL C 3054 28.66 -114.55 40.25
CA VAL C 3054 30.03 -114.00 40.55
C VAL C 3054 31.14 -114.83 39.76
N SER C 3055 30.92 -116.17 39.63
CA SER C 3055 31.88 -117.11 38.93
C SER C 3055 31.88 -116.85 37.38
N LEU C 3056 30.67 -116.71 36.77
CA LEU C 3056 30.56 -116.39 35.30
C LEU C 3056 31.16 -115.03 34.95
N PHE C 3057 30.93 -114.08 35.87
CA PHE C 3057 31.41 -112.70 35.62
C PHE C 3057 32.95 -112.59 35.87
N GLY C 3058 33.47 -113.15 36.98
CA GLY C 3058 34.93 -113.09 37.30
C GLY C 3058 35.72 -113.95 36.32
N THR C 3059 35.12 -115.05 35.82
CA THR C 3059 35.79 -115.92 34.81
C THR C 3059 35.57 -115.40 33.38
N ASP C 3060 34.63 -114.46 33.20
CA ASP C 3060 34.43 -113.87 31.87
C ASP C 3060 35.73 -113.03 31.54
N ALA C 3061 36.40 -112.45 32.57
CA ALA C 3061 37.75 -111.78 32.40
C ALA C 3061 38.86 -112.77 32.20
N PRO C 3062 38.64 -114.03 32.59
CA PRO C 3062 39.62 -115.11 32.32
C PRO C 3062 39.56 -115.64 30.86
N LEU C 3068 49.33 -120.56 40.06
CA LEU C 3068 49.12 -120.79 38.63
C LEU C 3068 48.32 -122.12 38.36
N HIS C 3069 48.92 -123.24 38.76
CA HIS C 3069 48.30 -124.55 38.59
C HIS C 3069 47.01 -124.68 39.46
N ILE C 3070 46.90 -123.91 40.59
CA ILE C 3070 45.67 -123.90 41.47
C ILE C 3070 44.45 -123.52 40.64
N LEU C 3071 44.66 -122.61 39.67
CA LEU C 3071 43.59 -122.22 38.69
C LEU C 3071 43.17 -123.42 37.81
N ALA C 3072 44.16 -124.22 37.37
CA ALA C 3072 43.87 -125.41 36.52
C ALA C 3072 43.11 -126.47 37.41
N ARG C 3073 43.43 -126.47 38.74
CA ARG C 3073 42.71 -127.31 39.75
C ARG C 3073 41.25 -126.84 39.86
N SER C 3074 41.08 -125.51 39.82
CA SER C 3074 39.75 -124.91 39.86
C SER C 3074 39.02 -125.26 38.50
N LEU C 3075 39.75 -125.46 37.38
CA LEU C 3075 39.17 -125.99 36.06
C LEU C 3075 38.66 -127.42 36.20
N ASP C 3076 39.42 -128.22 36.96
CA ASP C 3076 38.99 -129.58 37.24
C ASP C 3076 37.72 -129.51 38.18
N ALA C 3077 37.71 -128.49 39.09
CA ALA C 3077 36.55 -128.18 40.02
C ALA C 3077 35.36 -127.76 39.14
N ARG C 3078 35.62 -127.08 37.99
CA ARG C 3078 34.57 -126.72 36.94
C ARG C 3078 33.96 -127.98 36.36
N THR C 3079 34.83 -128.96 36.11
CA THR C 3079 34.36 -130.26 35.64
C THR C 3079 33.52 -130.98 36.80
N VAL C 3080 33.89 -130.74 38.08
CA VAL C 3080 33.19 -131.37 39.28
C VAL C 3080 31.79 -130.76 39.53
N MET C 3081 31.72 -129.43 39.48
CA MET C 3081 30.43 -128.76 39.65
C MET C 3081 29.61 -129.02 38.32
N LYS C 3082 30.30 -129.28 37.19
CA LYS C 3082 29.63 -129.78 35.90
C LYS C 3082 29.00 -131.18 36.12
N SER C 3083 29.65 -132.00 36.96
CA SER C 3083 29.06 -133.27 37.45
C SER C 3083 27.81 -133.00 38.38
N GLY C 3084 27.88 -131.92 39.18
CA GLY C 3084 26.72 -131.50 40.03
C GLY C 3084 25.52 -131.07 39.09
N PRO C 3085 25.86 -130.50 37.92
CA PRO C 3085 24.88 -130.26 36.82
C PRO C 3085 24.39 -131.57 36.19
N GLU C 3086 25.32 -132.53 36.14
CA GLU C 3086 25.01 -133.84 35.59
C GLU C 3086 23.99 -134.58 36.53
N ILE C 3087 23.98 -134.24 37.84
CA ILE C 3087 22.92 -134.70 38.77
C ILE C 3087 21.57 -134.13 38.31
N VAL C 3088 21.58 -132.89 37.77
CA VAL C 3088 20.36 -132.30 37.15
C VAL C 3088 20.08 -132.77 35.68
N LYS C 3089 21.11 -133.37 35.06
CA LYS C 3089 21.03 -133.85 33.66
C LYS C 3089 19.98 -134.99 33.46
N ALA C 3090 19.75 -135.76 34.53
CA ALA C 3090 19.05 -137.03 34.46
C ALA C 3090 18.64 -137.55 35.86
N PHE C 3095 17.33 -123.39 41.32
CA PHE C 3095 16.36 -122.86 40.35
C PHE C 3095 16.89 -122.91 38.86
N PHE C 3096 16.02 -122.94 37.80
CA PHE C 3096 16.48 -123.14 36.34
C PHE C 3096 17.39 -121.99 35.88
N GLU C 3097 17.07 -120.80 36.37
CA GLU C 3097 17.84 -119.56 36.03
C GLU C 3097 19.25 -119.63 36.66
N SER C 3098 19.38 -120.28 37.85
CA SER C 3098 20.73 -120.54 38.52
C SER C 3098 21.54 -121.48 37.60
N ALA C 3099 20.83 -122.41 36.90
CA ALA C 3099 21.46 -123.29 35.89
C ALA C 3099 21.90 -122.48 34.67
N SER C 3100 21.13 -121.46 34.29
CA SER C 3100 21.54 -120.55 33.22
C SER C 3100 22.79 -119.75 33.69
N GLU C 3101 22.87 -119.45 35.00
CA GLU C 3101 24.08 -118.82 35.63
C GLU C 3101 25.27 -119.78 35.54
N ASP C 3102 24.96 -121.08 35.69
CA ASP C 3102 25.95 -122.13 35.52
C ASP C 3102 26.35 -122.27 34.00
N ILE C 3103 25.47 -121.88 33.07
CA ILE C 3103 25.77 -121.91 31.61
C ILE C 3103 26.69 -120.75 31.21
N GLU C 3104 26.39 -119.56 31.74
CA GLU C 3104 27.28 -118.39 31.55
C GLU C 3104 28.64 -118.71 32.24
N LYS C 3105 28.54 -119.45 33.36
CA LYS C 3105 29.72 -119.99 34.06
C LYS C 3105 30.42 -121.11 33.21
N MET C 3106 29.71 -121.74 32.26
CA MET C 3106 30.28 -122.81 31.34
C MET C 3106 31.09 -122.18 30.20
N VAL C 3107 30.53 -121.13 29.59
CA VAL C 3107 31.29 -120.36 28.55
C VAL C 3107 32.51 -119.66 29.19
N GLU C 3108 32.28 -119.21 30.43
CA GLU C 3108 33.34 -118.58 31.25
C GLU C 3108 34.38 -119.69 31.62
N ASN C 3109 33.92 -120.94 31.78
CA ASN C 3109 34.82 -122.11 32.03
C ASN C 3109 35.67 -122.39 30.76
N LEU C 3110 35.10 -122.11 29.58
CA LEU C 3110 35.88 -122.17 28.33
C LEU C 3110 36.93 -121.07 28.35
N ARG C 3111 36.56 -119.93 28.92
CA ARG C 3111 37.52 -118.83 29.09
C ARG C 3111 38.64 -119.31 30.14
N LEU C 3112 38.28 -120.14 31.13
CA LEU C 3112 39.27 -120.76 32.11
C LEU C 3112 40.18 -121.73 31.38
N GLY C 3113 39.62 -122.40 30.34
CA GLY C 3113 40.42 -123.23 29.41
C GLY C 3113 41.39 -122.31 28.62
N LYS C 3114 40.94 -121.08 28.36
CA LYS C 3114 41.77 -120.06 27.63
C LYS C 3114 42.82 -119.31 28.55
N VAL C 3115 42.80 -119.59 29.87
CA VAL C 3115 43.74 -118.91 30.86
C VAL C 3115 45.24 -119.18 30.50
N SER C 3116 45.48 -120.36 29.91
CA SER C 3116 46.83 -120.80 29.51
C SER C 3116 46.86 -120.78 28.02
N THR C 3132 39.93 -137.28 35.22
CA THR C 3132 40.20 -136.68 33.93
C THR C 3132 39.38 -137.41 32.86
N THR C 3133 39.83 -138.62 32.44
CA THR C 3133 39.12 -139.37 31.35
C THR C 3133 37.70 -139.81 31.75
N VAL C 3134 37.42 -139.87 33.07
CA VAL C 3134 36.08 -140.20 33.65
C VAL C 3134 34.92 -139.46 32.98
N ALA C 3135 35.13 -138.17 32.68
CA ALA C 3135 34.08 -137.33 32.13
C ALA C 3135 33.64 -137.83 30.74
N LEU C 3136 34.60 -138.38 29.97
CA LEU C 3136 34.30 -138.93 28.62
C LEU C 3136 33.34 -140.09 28.78
N LEU C 3137 33.49 -140.81 29.89
CA LEU C 3137 32.61 -141.96 30.16
C LEU C 3137 31.14 -141.47 30.37
N PRO C 3138 31.00 -140.24 30.89
CA PRO C 3138 29.67 -139.70 31.13
C PRO C 3138 29.04 -139.44 29.75
N VAL C 3139 29.85 -139.22 28.70
CA VAL C 3139 29.34 -139.18 27.30
C VAL C 3139 28.68 -140.49 26.88
N LEU C 3140 29.22 -141.62 27.36
CA LEU C 3140 28.60 -142.94 27.06
C LEU C 3140 27.19 -143.04 27.65
N THR C 3141 27.01 -142.45 28.83
CA THR C 3141 25.68 -142.31 29.42
C THR C 3141 24.81 -141.34 28.57
N THR C 3142 25.45 -140.32 27.99
CA THR C 3142 24.74 -139.33 27.14
C THR C 3142 24.21 -139.98 25.86
N LEU C 3143 24.96 -140.95 25.38
CA LEU C 3143 24.59 -141.67 24.16
C LEU C 3143 23.40 -142.66 24.48
N PHE C 3144 23.44 -143.40 25.59
CA PHE C 3144 22.33 -144.36 25.97
C PHE C 3144 21.04 -143.59 26.24
N GLN C 3145 21.19 -142.37 26.78
CA GLN C 3145 20.01 -141.50 27.00
C GLN C 3145 19.39 -141.13 25.64
N HIS C 3146 20.28 -141.00 24.63
CA HIS C 3146 19.85 -140.71 23.23
C HIS C 3146 18.99 -141.87 22.71
N ILE C 3147 19.24 -143.11 23.21
CA ILE C 3147 18.43 -144.31 22.86
C ILE C 3147 16.97 -144.04 23.30
N ALA C 3148 16.80 -143.36 24.46
CA ALA C 3148 15.44 -142.99 24.97
C ALA C 3148 14.74 -142.06 23.93
N GLN C 3149 15.55 -141.18 23.33
CA GLN C 3149 15.03 -140.25 22.28
C GLN C 3149 14.59 -141.05 21.01
N HIS C 3150 15.24 -142.19 20.75
CA HIS C 3150 14.88 -143.04 19.57
C HIS C 3150 13.46 -143.66 19.85
N GLN C 3151 13.09 -143.82 21.15
CA GLN C 3151 11.72 -144.30 21.55
C GLN C 3151 10.64 -143.30 21.12
N PHE C 3152 10.99 -142.01 21.02
CA PHE C 3152 10.04 -140.95 20.56
C PHE C 3152 10.09 -140.69 19.04
N LEU C 3158 15.59 -134.05 31.84
CA LEU C 3158 15.42 -134.96 30.68
C LEU C 3158 16.37 -134.56 29.55
N ASP C 3159 16.06 -133.50 28.79
CA ASP C 3159 16.95 -133.06 27.68
C ASP C 3159 18.24 -132.26 28.19
N ASP C 3160 18.26 -132.07 29.52
CA ASP C 3160 19.39 -131.34 30.19
C ASP C 3160 20.80 -132.03 29.96
N VAL C 3161 20.83 -133.38 29.85
CA VAL C 3161 22.12 -134.10 29.57
C VAL C 3161 22.57 -133.74 28.10
N GLN C 3162 21.60 -133.51 27.19
CA GLN C 3162 21.89 -132.98 25.79
C GLN C 3162 22.46 -131.52 25.76
N VAL C 3163 21.87 -130.64 26.57
CA VAL C 3163 22.33 -129.21 26.63
C VAL C 3163 23.77 -129.16 27.26
N SER C 3164 24.00 -130.05 28.27
CA SER C 3164 25.37 -130.26 28.95
C SER C 3164 26.39 -130.76 27.92
N CYS C 3165 25.89 -131.65 27.05
CA CYS C 3165 26.70 -132.18 25.97
C CYS C 3165 27.00 -131.03 24.91
N TYR C 3166 26.08 -130.06 24.76
CA TYR C 3166 26.26 -128.91 23.81
C TYR C 3166 27.35 -127.90 24.36
N ARG C 3167 27.28 -127.57 25.67
CA ARG C 3167 28.32 -126.68 26.35
C ARG C 3167 29.70 -127.41 26.38
N THR C 3168 29.65 -128.74 26.54
CA THR C 3168 30.87 -129.59 26.49
C THR C 3168 31.43 -129.58 25.04
N LEU C 3169 30.54 -129.51 24.04
CA LEU C 3169 30.94 -129.37 22.59
C LEU C 3169 31.60 -128.00 22.34
N CYS C 3170 31.13 -126.98 23.07
CA CYS C 3170 31.78 -125.65 23.03
C CYS C 3170 33.19 -125.75 23.69
N SER C 3171 33.29 -126.60 24.74
CA SER C 3171 34.61 -126.91 25.38
C SER C 3171 35.51 -127.66 24.38
N ILE C 3172 34.90 -128.47 23.50
CA ILE C 3172 35.63 -129.15 22.40
C ILE C 3172 36.11 -128.09 21.37
N TYR C 3173 35.32 -127.03 21.15
CA TYR C 3173 35.75 -125.89 20.29
C TYR C 3173 36.94 -125.17 21.02
N SER C 3174 36.91 -125.16 22.35
CA SER C 3174 38.07 -124.64 23.13
C SER C 3174 39.31 -125.57 22.96
N LEU C 3175 39.06 -126.88 22.79
CA LEU C 3175 40.14 -127.86 22.46
C LEU C 3175 40.66 -127.56 21.04
N GLY C 3176 39.77 -127.09 20.16
CA GLY C 3176 40.17 -126.64 18.80
C GLY C 3176 41.07 -125.40 18.89
N THR C 3177 40.82 -124.57 19.90
CA THR C 3177 41.68 -123.39 20.17
C THR C 3177 43.10 -123.84 20.60
N THR C 3178 43.18 -125.04 21.18
CA THR C 3178 44.42 -125.58 21.74
C THR C 3178 45.07 -126.60 20.81
N VAL C 3183 40.51 -141.43 25.40
CA VAL C 3183 39.16 -140.94 25.38
C VAL C 3183 38.46 -141.11 23.95
N GLU C 3184 39.23 -141.47 22.91
CA GLU C 3184 38.67 -141.66 21.51
C GLU C 3184 37.58 -142.77 21.40
N LYS C 3185 37.66 -143.78 22.25
CA LYS C 3185 36.63 -144.86 22.30
C LYS C 3185 35.24 -144.31 22.75
N LEU C 3186 35.23 -143.30 23.63
CA LEU C 3186 33.96 -142.60 24.00
C LEU C 3186 33.42 -141.86 22.76
N ARG C 3187 34.34 -141.39 21.89
CA ARG C 3187 33.97 -140.83 20.56
C ARG C 3187 33.38 -141.94 19.67
N PRO C 3188 33.87 -143.18 19.81
CA PRO C 3188 33.27 -144.33 19.09
C PRO C 3188 31.82 -144.61 19.67
N ALA C 3189 31.64 -144.35 20.97
CA ALA C 3189 30.26 -144.41 21.61
C ALA C 3189 29.36 -143.31 21.02
N LEU C 3190 30.00 -142.18 20.73
CA LEU C 3190 29.30 -141.09 20.05
C LEU C 3190 29.02 -141.49 18.56
N GLY C 3191 29.86 -142.34 17.94
CA GLY C 3191 29.59 -142.93 16.61
C GLY C 3191 28.38 -143.87 16.73
N GLU C 3192 28.19 -144.50 17.89
CA GLU C 3192 26.95 -145.25 18.18
C GLU C 3192 25.74 -144.27 18.26
N CYS C 3193 25.99 -143.10 18.81
CA CYS C 3193 24.97 -142.03 18.83
C CYS C 3193 24.73 -141.52 17.35
N LEU C 3194 25.74 -141.58 16.49
CA LEU C 3194 25.58 -141.31 15.00
C LEU C 3194 24.71 -142.36 14.35
N ALA C 3195 24.83 -143.59 14.87
CA ALA C 3195 23.94 -144.67 14.42
C ALA C 3195 22.49 -144.33 14.89
N ARG C 3196 22.37 -143.69 16.06
CA ARG C 3196 21.05 -143.18 16.57
C ARG C 3196 20.56 -142.03 15.63
N LEU C 3197 21.49 -141.24 15.04
CA LEU C 3197 21.14 -140.20 14.00
C LEU C 3197 20.56 -140.86 12.75
N ALA C 3198 21.17 -142.02 12.43
CA ALA C 3198 20.68 -142.85 11.33
C ALA C 3198 19.22 -143.44 11.64
N ALA C 3199 18.91 -143.65 12.93
CA ALA C 3199 17.58 -144.21 13.39
C ALA C 3199 16.41 -143.29 13.02
N ALA C 3200 16.68 -141.98 12.87
CA ALA C 3200 15.64 -141.00 12.56
C ALA C 3200 15.74 -140.48 11.13
N ALA C 3204 13.58 -131.21 15.82
CA ALA C 3204 14.40 -130.60 16.87
C ALA C 3204 15.81 -131.25 16.93
N PHE C 3205 15.78 -132.54 16.66
CA PHE C 3205 16.90 -133.43 16.91
C PHE C 3205 18.15 -133.08 16.08
N LEU C 3206 17.92 -132.52 14.87
CA LEU C 3206 19.06 -132.19 13.94
C LEU C 3206 19.95 -131.12 14.60
N GLU C 3207 19.38 -130.25 15.47
CA GLU C 3207 20.18 -129.27 16.27
C GLU C 3207 21.09 -130.01 17.30
N PRO C 3208 20.60 -131.11 17.88
CA PRO C 3208 21.48 -131.95 18.80
C PRO C 3208 22.61 -132.63 17.94
N GLN C 3209 22.26 -132.95 16.67
CA GLN C 3209 23.26 -133.49 15.68
C GLN C 3209 24.33 -132.39 15.42
N LEU C 3210 23.85 -131.13 15.38
CA LEU C 3210 24.74 -129.94 15.26
C LEU C 3210 25.64 -129.82 16.56
N ASN C 3211 25.10 -130.19 17.76
CA ASN C 3211 25.91 -130.23 19.07
C ASN C 3211 27.07 -131.24 18.87
N GLU C 3212 26.74 -132.36 18.20
CA GLU C 3212 27.76 -133.40 17.83
C GLU C 3212 28.79 -132.86 16.78
N TYR C 3213 28.30 -132.01 15.88
CA TYR C 3213 29.19 -131.36 14.89
C TYR C 3213 30.17 -130.38 15.58
N ASN C 3214 29.69 -129.74 16.69
CA ASN C 3214 30.54 -128.87 17.61
C ASN C 3214 31.53 -129.81 18.34
N ALA C 3215 31.08 -131.07 18.58
CA ALA C 3215 31.93 -132.08 19.26
C ALA C 3215 33.04 -132.62 18.29
N CYS C 3216 32.84 -132.42 16.97
CA CYS C 3216 33.83 -132.84 15.91
C CYS C 3216 35.19 -132.15 16.09
N SER C 3217 35.17 -130.96 16.70
CA SER C 3217 36.38 -130.19 16.95
C SER C 3217 37.23 -130.75 18.14
N THR C 3273 44.22 -145.63 10.91
CA THR C 3273 42.94 -146.27 10.61
C THR C 3273 42.40 -145.82 9.24
N LEU C 3274 43.10 -146.17 8.15
CA LEU C 3274 42.72 -145.76 6.78
C LEU C 3274 41.29 -146.26 6.38
N PRO C 3275 40.95 -147.44 6.90
CA PRO C 3275 39.64 -148.06 6.61
C PRO C 3275 38.47 -147.21 7.12
N MET C 3276 38.66 -146.48 8.24
CA MET C 3276 37.64 -145.51 8.75
C MET C 3276 37.43 -144.37 7.69
N LEU C 3277 38.54 -143.96 7.06
CA LEU C 3277 38.50 -142.92 5.99
C LEU C 3277 37.76 -143.51 4.74
N CYS C 3278 37.97 -144.81 4.45
CA CYS C 3278 37.24 -145.54 3.35
C CYS C 3278 35.72 -145.59 3.67
N SER C 3279 35.38 -145.71 4.96
CA SER C 3279 33.95 -145.65 5.42
C SER C 3279 33.37 -144.22 5.22
N TYR C 3280 34.23 -143.20 5.41
CA TYR C 3280 33.84 -141.80 5.13
C TYR C 3280 33.64 -141.62 3.59
N LEU C 3281 34.44 -142.35 2.77
CA LEU C 3281 34.26 -142.39 1.27
C LEU C 3281 32.92 -143.06 0.92
N PRO C 3282 32.54 -144.06 1.73
CA PRO C 3282 31.22 -144.72 1.58
C PRO C 3282 30.10 -143.68 1.97
N ARG C 3283 30.38 -142.80 2.96
CA ARG C 3283 29.43 -141.68 3.35
C ARG C 3283 29.31 -140.67 2.17
N TRP C 3284 30.44 -140.48 1.45
CA TRP C 3284 30.47 -139.65 0.21
C TRP C 3284 29.62 -140.34 -0.89
N TRP C 3285 29.65 -141.69 -0.91
CA TRP C 3285 28.80 -142.49 -1.84
C TRP C 3285 27.31 -142.31 -1.48
N GLU C 3286 27.02 -142.17 -0.15
CA GLU C 3286 25.65 -141.84 0.35
C GLU C 3286 25.26 -140.43 -0.19
N ARG C 3287 26.27 -139.54 -0.17
CA ARG C 3287 26.10 -138.16 -0.71
C ARG C 3287 25.82 -138.16 -2.27
N GLY C 3288 26.39 -139.15 -3.00
CA GLY C 3288 26.23 -139.26 -4.49
C GLY C 3288 24.74 -139.49 -4.85
N PRO C 3289 24.03 -140.17 -3.93
CA PRO C 3289 22.58 -140.45 -4.09
C PRO C 3289 21.75 -139.17 -4.05
N GLU C 3290 22.24 -138.15 -3.32
CA GLU C 3290 21.48 -136.91 -3.15
C GLU C 3290 21.87 -135.88 -4.23
N PRO C 3294 12.94 -136.06 0.64
CA PRO C 3294 13.86 -136.87 1.48
C PRO C 3294 14.94 -136.02 2.19
N ALA C 3295 14.74 -134.71 2.02
CA ALA C 3295 15.72 -133.67 2.40
C ALA C 3295 16.02 -133.66 3.93
N LEU C 3296 15.04 -134.06 4.77
CA LEU C 3296 15.21 -134.11 6.26
C LEU C 3296 16.41 -134.98 6.68
N PRO C 3297 16.60 -136.11 5.97
CA PRO C 3297 17.76 -137.05 6.25
C PRO C 3297 19.07 -136.27 6.01
N ALA C 3298 19.07 -135.51 4.89
CA ALA C 3298 20.24 -134.64 4.56
C ALA C 3298 20.47 -133.48 5.64
N GLY C 3299 19.35 -132.97 6.21
CA GLY C 3299 19.39 -131.91 7.32
C GLY C 3299 20.15 -132.50 8.54
N ALA C 3300 19.84 -133.79 8.79
CA ALA C 3300 20.51 -134.56 9.87
C ALA C 3300 21.98 -134.78 9.49
N PRO C 3301 22.27 -134.91 8.18
CA PRO C 3301 23.65 -135.25 7.67
C PRO C 3301 24.57 -134.04 7.60
N PRO C 3302 23.98 -132.87 7.84
CA PRO C 3302 24.81 -131.70 7.91
C PRO C 3302 25.87 -131.84 9.10
N PRO C 3303 25.52 -132.57 10.17
CA PRO C 3303 26.51 -133.01 11.24
C PRO C 3303 27.67 -133.79 10.69
N CYS C 3304 27.32 -134.69 9.76
CA CYS C 3304 28.33 -135.48 9.02
C CYS C 3304 29.25 -134.53 8.17
N THR C 3305 28.64 -133.45 7.60
CA THR C 3305 29.41 -132.43 6.78
C THR C 3305 30.43 -131.67 7.68
N ALA C 3306 30.03 -131.37 8.93
CA ALA C 3306 30.97 -130.74 9.93
C ALA C 3306 32.09 -131.73 10.37
N VAL C 3307 31.72 -133.02 10.41
CA VAL C 3307 32.75 -134.09 10.64
C VAL C 3307 33.77 -134.11 9.44
N THR C 3308 33.23 -133.82 8.24
CA THR C 3308 34.05 -133.64 7.00
C THR C 3308 34.93 -132.40 7.14
N SER C 3309 34.44 -131.38 7.87
CA SER C 3309 35.27 -130.17 8.19
C SER C 3309 36.47 -130.55 9.09
N ASP C 3310 36.21 -131.50 10.01
CA ASP C 3310 37.28 -132.08 10.84
C ASP C 3310 38.27 -132.87 9.90
N HIS C 3311 37.69 -133.47 8.85
CA HIS C 3311 38.47 -134.23 7.84
C HIS C 3311 39.34 -133.38 6.92
N LEU C 3312 39.03 -132.10 6.84
CA LEU C 3312 39.76 -131.20 5.99
C LEU C 3312 41.21 -131.04 6.49
N ASN C 3313 41.50 -131.37 7.75
CA ASN C 3313 42.90 -131.41 8.24
C ASN C 3313 43.84 -132.45 7.57
N GLY C 3317 45.52 -130.99 0.77
CA GLY C 3317 45.43 -132.46 0.84
C GLY C 3317 44.27 -133.00 -0.03
N ASN C 3318 44.06 -134.33 0.01
CA ASN C 3318 42.97 -135.01 -0.77
C ASN C 3318 41.58 -134.54 -0.27
N ILE C 3319 41.58 -134.10 1.01
CA ILE C 3319 40.35 -133.59 1.65
C ILE C 3319 39.82 -132.32 0.91
N LEU C 3320 40.72 -131.56 0.26
CA LEU C 3320 40.33 -130.47 -0.69
C LEU C 3320 39.54 -131.04 -1.91
N ARG C 3321 39.95 -132.21 -2.44
CA ARG C 3321 39.15 -132.92 -3.54
C ARG C 3321 37.79 -133.36 -3.00
N ILE C 3322 37.77 -133.76 -1.73
CA ILE C 3322 36.48 -134.11 -1.04
C ILE C 3322 35.61 -132.88 -0.90
N ILE C 3323 36.25 -131.73 -0.69
CA ILE C 3323 35.59 -130.44 -0.64
C ILE C 3323 35.10 -130.10 -2.07
N VAL C 3324 35.80 -130.55 -3.13
CA VAL C 3324 35.31 -130.40 -4.54
C VAL C 3324 34.01 -131.20 -4.72
N ASN C 3325 33.99 -132.39 -4.11
CA ASN C 3325 32.77 -133.20 -4.08
C ASN C 3325 31.63 -132.42 -3.29
N ASN C 3326 32.05 -131.71 -2.21
CA ASN C 3326 31.12 -130.87 -1.37
C ASN C 3326 30.60 -129.69 -2.25
N LEU C 3327 31.42 -129.24 -3.22
CA LEU C 3327 30.99 -128.22 -4.24
C LEU C 3327 29.96 -128.78 -5.23
N GLY C 3328 30.10 -130.07 -5.54
CA GLY C 3328 29.07 -130.74 -6.36
C GLY C 3328 27.77 -130.83 -5.50
N ILE C 3329 27.92 -131.02 -4.16
CA ILE C 3329 26.77 -130.99 -3.15
C ILE C 3329 26.11 -129.61 -3.15
N ASP C 3330 26.95 -128.58 -3.30
CA ASP C 3330 26.46 -127.20 -3.43
C ASP C 3330 25.69 -127.01 -4.77
N GLU C 3331 26.17 -127.69 -5.83
CA GLU C 3331 25.44 -127.73 -7.13
C GLU C 3331 24.04 -128.45 -6.93
N ALA C 3332 23.99 -129.45 -6.04
CA ALA C 3332 22.69 -130.17 -5.73
C ALA C 3332 21.71 -129.31 -4.88
N THR C 3333 22.25 -128.59 -3.90
CA THR C 3333 21.44 -127.64 -3.05
C THR C 3333 20.95 -126.50 -3.97
N TRP C 3334 21.78 -126.17 -4.99
CA TRP C 3334 21.41 -125.20 -6.11
C TRP C 3334 20.27 -125.78 -6.96
N MET C 3335 20.27 -127.10 -7.16
CA MET C 3335 19.16 -127.78 -7.85
C MET C 3335 17.88 -127.68 -7.00
N LYS C 3336 18.03 -127.73 -5.66
CA LYS C 3336 16.90 -127.44 -4.72
C LYS C 3336 16.45 -125.98 -4.86
N ARG C 3337 17.40 -125.13 -5.18
CA ARG C 3337 17.15 -123.71 -5.35
C ARG C 3337 16.63 -123.34 -6.77
N LEU C 3338 16.62 -124.29 -7.69
CA LEU C 3338 16.36 -123.99 -9.12
C LEU C 3338 14.89 -123.52 -9.28
N ALA C 3339 14.01 -123.86 -8.32
CA ALA C 3339 12.60 -123.45 -8.34
C ALA C 3339 12.32 -122.21 -7.47
N VAL C 3346 9.72 -123.57 3.28
CA VAL C 3346 9.34 -122.65 4.38
C VAL C 3346 10.32 -122.84 5.59
N SER C 3347 9.87 -123.21 6.80
CA SER C 3347 10.82 -123.19 8.00
C SER C 3347 11.90 -124.29 7.96
N ARG C 3348 11.56 -125.42 7.35
CA ARG C 3348 12.56 -126.47 7.11
C ARG C 3348 13.58 -125.96 6.05
N ALA C 3349 13.14 -125.10 5.10
CA ALA C 3349 14.09 -124.40 4.16
C ALA C 3349 15.01 -123.46 4.96
N ARG C 3350 14.49 -122.90 6.08
CA ARG C 3350 15.31 -122.12 7.08
C ARG C 3350 16.35 -123.03 7.76
N PRO C 3351 15.96 -124.28 8.03
CA PRO C 3351 16.93 -125.25 8.59
C PRO C 3351 18.03 -125.56 7.50
N GLU C 3352 17.58 -125.55 6.23
CA GLU C 3352 18.52 -125.68 5.08
C GLU C 3352 19.43 -124.43 4.98
N LEU C 3353 18.91 -123.28 5.40
CA LEU C 3353 19.75 -122.07 5.52
C LEU C 3353 20.78 -122.26 6.69
N LEU C 3354 20.40 -122.99 7.78
CA LEU C 3354 21.38 -123.33 8.88
C LEU C 3354 22.47 -124.27 8.28
N HIS C 3355 22.07 -125.09 7.32
CA HIS C 3355 23.04 -125.90 6.57
C HIS C 3355 23.91 -124.99 5.63
N SER C 3356 23.34 -123.89 5.13
CA SER C 3356 24.09 -122.84 4.33
C SER C 3356 25.15 -122.19 5.26
N HIS C 3357 24.82 -122.10 6.55
CA HIS C 3357 25.80 -121.68 7.60
C HIS C 3357 26.88 -122.76 7.81
N PHE C 3358 26.49 -124.02 7.68
CA PHE C 3358 27.46 -125.12 7.75
C PHE C 3358 28.40 -124.96 6.55
N ILE C 3359 27.86 -124.49 5.39
CA ILE C 3359 28.68 -124.06 4.19
C ILE C 3359 29.64 -122.90 4.53
N PRO C 3360 29.12 -121.99 5.38
CA PRO C 3360 29.90 -120.82 5.80
C PRO C 3360 31.12 -121.25 6.70
N THR C 3361 30.94 -122.35 7.45
CA THR C 3361 32.07 -122.99 8.20
C THR C 3361 33.11 -123.52 7.19
N ILE C 3362 32.64 -123.93 6.01
CA ILE C 3362 33.52 -124.41 4.91
C ILE C 3362 33.95 -123.33 3.91
N GLY C 3363 33.47 -122.10 4.13
CA GLY C 3363 33.59 -121.02 3.09
C GLY C 3363 34.97 -120.68 2.51
N LYS C 3367 38.44 -124.64 -7.03
CA LYS C 3367 36.97 -124.74 -6.95
C LYS C 3367 36.23 -123.89 -8.03
N ARG C 3368 36.99 -123.18 -8.88
CA ARG C 3368 36.40 -122.21 -9.84
C ARG C 3368 35.44 -122.85 -10.91
N ALA C 3369 35.72 -124.08 -11.34
CA ALA C 3369 34.77 -124.74 -12.30
C ALA C 3369 33.47 -125.12 -11.55
N GLY C 3370 33.59 -125.40 -10.25
CA GLY C 3370 32.40 -125.56 -9.37
C GLY C 3370 31.75 -124.18 -9.17
N LYS C 3371 32.52 -123.10 -9.27
CA LYS C 3371 32.01 -121.72 -9.20
C LYS C 3371 31.31 -121.33 -10.52
N VAL C 3372 31.54 -122.12 -11.57
CA VAL C 3372 30.78 -121.97 -12.81
C VAL C 3372 29.39 -122.61 -12.64
N VAL C 3373 29.33 -123.77 -11.98
CA VAL C 3373 28.04 -124.38 -11.55
C VAL C 3373 27.34 -123.45 -10.54
N ALA C 3374 28.12 -122.75 -9.72
CA ALA C 3374 27.58 -121.72 -8.79
C ALA C 3374 27.07 -120.53 -9.60
N GLU C 3375 27.73 -120.24 -10.74
CA GLU C 3375 27.25 -119.20 -11.69
C GLU C 3375 25.89 -119.67 -12.30
N GLU C 3376 25.75 -120.97 -12.53
CA GLU C 3376 24.45 -121.56 -12.97
C GLU C 3376 23.39 -121.46 -11.80
N GLU C 3377 23.84 -121.55 -10.52
CA GLU C 3377 22.95 -121.35 -9.31
C GLU C 3377 22.50 -119.86 -9.31
N GLN C 3378 23.40 -118.97 -9.71
CA GLN C 3378 23.10 -117.52 -9.84
C GLN C 3378 22.17 -117.26 -11.04
N LEU C 3379 22.24 -118.10 -12.09
CA LEU C 3379 21.38 -117.95 -13.32
C LEU C 3379 19.94 -118.43 -12.98
N ARG C 3380 19.85 -119.57 -12.27
CA ARG C 3380 18.56 -120.10 -11.75
C ARG C 3380 17.95 -119.10 -10.74
N LEU C 3381 18.83 -118.53 -9.91
CA LEU C 3381 18.44 -117.49 -8.95
C LEU C 3381 18.04 -116.20 -9.71
N GLU C 3382 18.57 -115.98 -10.92
CA GLU C 3382 18.22 -114.81 -11.77
C GLU C 3382 16.84 -114.92 -12.32
N ALA C 3383 16.57 -116.10 -12.89
CA ALA C 3383 15.25 -116.42 -13.40
C ALA C 3383 14.21 -116.43 -12.22
N LYS C 3384 14.62 -116.93 -11.06
CA LYS C 3384 13.69 -117.06 -9.90
C LYS C 3384 13.42 -115.67 -9.24
N ALA C 3385 14.46 -114.83 -9.11
CA ALA C 3385 14.29 -113.45 -8.61
C ALA C 3385 13.50 -112.61 -9.64
N GLU C 3386 13.67 -112.91 -10.93
CA GLU C 3386 12.84 -112.25 -11.97
C GLU C 3386 11.35 -112.73 -11.86
N ALA C 3387 11.12 -113.99 -11.46
CA ALA C 3387 9.74 -114.51 -11.15
C ALA C 3387 9.17 -113.79 -9.92
N GLU C 3388 10.05 -113.47 -8.95
CA GLU C 3388 9.67 -112.68 -7.75
C GLU C 3388 9.31 -111.23 -8.23
N GLU C 3389 10.00 -110.75 -9.30
CA GLU C 3389 9.67 -109.44 -9.95
C GLU C 3389 8.29 -109.49 -10.61
N GLY C 3390 7.95 -110.64 -11.18
CA GLY C 3390 6.61 -110.84 -11.72
C GLY C 3390 5.56 -110.86 -10.56
N GLU C 3391 5.99 -111.38 -9.39
CA GLU C 3391 5.14 -111.34 -8.16
C GLU C 3391 4.94 -109.86 -7.72
N LEU C 3392 5.96 -109.03 -7.93
CA LEU C 3392 5.84 -107.59 -7.72
C LEU C 3392 4.91 -106.94 -8.79
N LEU C 3393 4.88 -107.51 -10.00
CA LEU C 3393 3.91 -107.06 -11.03
C LEU C 3393 2.49 -107.39 -10.55
N VAL C 3394 2.36 -108.52 -9.83
CA VAL C 3394 1.10 -108.86 -9.12
C VAL C 3394 0.85 -107.84 -7.96
N ARG C 3395 1.95 -107.38 -7.34
CA ARG C 3395 1.92 -106.39 -6.25
C ARG C 3395 1.46 -105.02 -6.75
N ASP C 3396 1.59 -104.76 -8.06
CA ASP C 3396 1.12 -103.52 -8.65
C ASP C 3396 -0.41 -103.29 -8.42
N GLU C 3397 -1.21 -104.36 -8.27
CA GLU C 3397 -2.63 -104.23 -7.78
C GLU C 3397 -3.09 -105.42 -6.94
N CYS C 3402 -1.07 -109.61 -1.57
CA CYS C 3402 -0.71 -110.52 -2.67
C CYS C 3402 0.82 -110.84 -2.67
N ARG C 3403 1.62 -109.77 -2.60
CA ARG C 3403 3.09 -109.96 -2.59
C ARG C 3403 3.59 -110.63 -1.29
N ASP C 3404 2.76 -110.68 -0.24
CA ASP C 3404 3.05 -111.42 1.03
C ASP C 3404 3.58 -112.88 0.80
N LEU C 3405 3.01 -113.61 -0.15
CA LEU C 3405 3.50 -114.97 -0.51
C LEU C 3405 4.91 -114.88 -1.11
N TYR C 3406 5.16 -113.81 -1.90
CA TYR C 3406 6.54 -113.49 -2.46
C TYR C 3406 7.58 -113.18 -1.35
N ALA C 3407 7.11 -112.58 -0.26
CA ALA C 3407 8.01 -112.12 0.83
C ALA C 3407 8.80 -113.28 1.54
N LEU C 3408 8.16 -114.44 1.71
CA LEU C 3408 8.83 -115.65 2.28
C LEU C 3408 9.95 -116.09 1.32
N TYR C 3409 9.67 -115.96 0.00
CA TYR C 3409 10.65 -116.25 -1.07
C TYR C 3409 11.80 -115.23 -0.98
N PRO C 3410 11.48 -113.97 -0.62
CA PRO C 3410 12.50 -112.92 -0.33
C PRO C 3410 13.43 -113.33 0.90
N LEU C 3411 12.83 -113.99 1.89
CA LEU C 3411 13.58 -114.40 3.12
C LEU C 3411 14.53 -115.62 2.82
N LEU C 3412 13.99 -116.61 2.11
CA LEU C 3412 14.79 -117.80 1.70
C LEU C 3412 15.87 -117.36 0.68
N ILE C 3413 15.53 -116.36 -0.17
CA ILE C 3413 16.52 -115.78 -1.13
C ILE C 3413 17.61 -115.04 -0.34
N ARG C 3414 17.22 -114.47 0.82
CA ARG C 3414 18.18 -113.86 1.76
C ARG C 3414 19.13 -115.00 2.34
N TYR C 3415 18.57 -116.20 2.63
CA TYR C 3415 19.41 -117.37 3.09
C TYR C 3415 20.42 -117.81 1.97
N VAL C 3416 19.94 -117.64 0.71
CA VAL C 3416 20.77 -117.85 -0.54
C VAL C 3416 21.88 -116.79 -0.59
N ASP C 3417 21.56 -115.57 -0.17
CA ASP C 3417 22.52 -114.47 -0.11
C ASP C 3417 23.57 -114.77 1.03
N ASN C 3418 23.16 -115.50 2.10
CA ASN C 3418 24.13 -116.03 3.15
C ASN C 3418 25.09 -117.02 2.51
N ASN C 3419 24.50 -117.80 1.61
CA ASN C 3419 25.32 -118.75 0.88
C ASN C 3419 26.27 -117.97 -0.14
N ARG C 3420 25.83 -116.80 -0.65
CA ARG C 3420 26.67 -115.87 -1.49
C ARG C 3420 27.80 -115.29 -0.62
N ALA C 3421 27.51 -115.08 0.69
CA ALA C 3421 28.56 -114.63 1.67
C ALA C 3421 29.63 -115.72 1.81
N HIS C 3422 29.16 -116.97 1.75
CA HIS C 3422 30.05 -118.14 1.67
C HIS C 3422 30.80 -118.15 0.30
N TRP C 3423 30.14 -117.63 -0.75
CA TRP C 3423 30.70 -117.58 -2.11
C TRP C 3423 31.64 -116.39 -2.29
N LEU C 3424 31.64 -115.46 -1.33
CA LEU C 3424 32.39 -114.20 -1.45
C LEU C 3424 33.95 -114.31 -1.41
N PRO C 3427 37.83 -115.71 -1.98
CA PRO C 3427 37.40 -116.28 -3.27
C PRO C 3427 37.45 -115.24 -4.41
N ASN C 3428 37.16 -114.00 -3.99
CA ASN C 3428 37.06 -112.91 -4.95
C ASN C 3428 38.39 -112.63 -5.75
N ALA C 3429 39.56 -113.07 -5.24
CA ALA C 3429 40.87 -112.92 -5.99
C ALA C 3429 40.85 -113.56 -7.37
N ASN C 3430 40.13 -114.69 -7.47
CA ASN C 3430 39.93 -115.35 -8.77
C ASN C 3430 39.12 -114.44 -9.73
N ALA C 3431 38.12 -113.75 -9.14
CA ALA C 3431 37.32 -112.75 -9.89
C ALA C 3431 38.26 -111.57 -10.29
N GLU C 3432 39.26 -111.24 -9.44
CA GLU C 3432 40.28 -110.22 -9.79
C GLU C 3432 41.11 -110.66 -10.99
N GLU C 3433 41.39 -111.97 -11.03
CA GLU C 3433 42.06 -112.58 -12.17
C GLU C 3433 41.14 -112.59 -13.43
N LEU C 3434 39.83 -112.65 -13.23
CA LEU C 3434 38.87 -112.66 -14.37
C LEU C 3434 38.82 -111.28 -15.15
N PHE C 3435 39.23 -110.17 -14.54
CA PHE C 3435 38.81 -108.80 -15.09
C PHE C 3435 39.47 -108.39 -16.43
N MET C 3437 36.50 -113.31 -17.10
CA MET C 3437 35.55 -112.34 -17.65
C MET C 3437 34.12 -112.80 -17.40
N VAL C 3438 33.87 -114.08 -17.67
CA VAL C 3438 32.58 -114.70 -17.45
C VAL C 3438 32.15 -114.59 -15.98
N GLY C 3439 33.11 -114.64 -15.02
CA GLY C 3439 32.82 -114.46 -13.55
C GLY C 3439 32.13 -113.12 -13.32
N GLU C 3440 32.66 -112.14 -14.03
CA GLU C 3440 32.15 -110.81 -14.01
C GLU C 3440 30.76 -110.71 -14.63
N ILE C 3441 30.50 -111.55 -15.63
CA ILE C 3441 29.22 -111.50 -16.35
C ILE C 3441 28.11 -112.16 -15.49
N PHE C 3442 28.44 -113.28 -14.83
CA PHE C 3442 27.48 -113.94 -13.91
C PHE C 3442 27.24 -113.07 -12.69
N ILE C 3443 28.29 -112.35 -12.27
CA ILE C 3443 28.15 -111.41 -11.17
C ILE C 3443 27.28 -110.24 -11.69
N TYR C 3444 27.33 -109.89 -13.00
CA TYR C 3444 26.43 -108.88 -13.64
C TYR C 3444 25.00 -109.35 -13.64
N TRP C 3445 24.82 -110.67 -13.73
CA TRP C 3445 23.47 -111.23 -13.69
C TRP C 3445 22.90 -111.22 -12.25
N SER C 3446 23.77 -111.58 -11.29
CA SER C 3446 23.42 -111.52 -9.84
C SER C 3446 23.11 -110.02 -9.49
N LYS C 3447 23.87 -109.12 -10.15
CA LYS C 3447 23.65 -107.66 -10.04
C LYS C 3447 22.31 -107.21 -10.66
N SER C 3448 21.87 -107.88 -11.73
CA SER C 3448 20.52 -107.61 -12.30
C SER C 3448 19.46 -108.02 -11.27
N HIS C 3449 19.80 -109.09 -10.54
CA HIS C 3449 18.95 -109.55 -9.43
C HIS C 3449 18.92 -108.48 -8.29
N ASN C 3450 20.07 -107.82 -8.08
CA ASN C 3450 20.17 -106.72 -7.11
C ASN C 3450 19.33 -105.50 -7.66
N PHE C 3451 19.23 -105.36 -9.01
CA PHE C 3451 18.33 -104.32 -9.66
C PHE C 3451 16.87 -104.59 -9.28
N LYS C 3452 16.55 -105.87 -9.28
CA LYS C 3452 15.23 -106.28 -8.81
C LYS C 3452 15.09 -106.09 -7.25
N ARG C 3453 16.19 -106.20 -6.50
CA ARG C 3453 16.23 -105.96 -5.01
C ARG C 3453 15.93 -104.50 -4.71
N GLU C 3454 16.27 -103.63 -5.68
CA GLU C 3454 15.96 -102.19 -5.58
C GLU C 3454 14.45 -101.97 -5.56
N GLU C 3455 13.71 -102.89 -6.18
CA GLU C 3455 12.25 -102.88 -6.12
C GLU C 3455 11.70 -103.57 -4.86
N ASN C 3457 9.22 -103.21 -2.65
CA ASN C 3457 9.41 -102.18 -1.66
C ASN C 3457 8.94 -102.68 -0.27
N PHE C 3458 7.62 -102.72 -0.05
CA PHE C 3458 7.06 -103.15 1.24
C PHE C 3458 7.44 -104.63 1.54
N VAL C 3459 7.62 -105.42 0.46
CA VAL C 3459 8.06 -106.86 0.58
C VAL C 3459 9.44 -106.98 1.24
N VAL C 3460 10.32 -106.01 0.92
CA VAL C 3460 11.66 -105.95 1.53
C VAL C 3460 11.52 -105.60 3.02
N GLN C 3461 10.51 -104.80 3.38
CA GLN C 3461 10.19 -104.51 4.80
C GLN C 3461 9.70 -105.80 5.49
N ASN C 3462 9.00 -106.64 4.74
CA ASN C 3462 8.59 -107.97 5.26
C ASN C 3462 9.85 -108.85 5.43
N GLU C 3463 10.85 -108.66 4.56
CA GLU C 3463 12.17 -109.34 4.71
C GLU C 3463 12.90 -108.79 5.98
N ILE C 3464 12.68 -107.50 6.28
CA ILE C 3464 13.19 -106.91 7.53
C ILE C 3464 12.46 -107.55 8.73
N ASN C 3465 11.17 -107.89 8.53
CA ASN C 3465 10.40 -108.63 9.55
C ASN C 3465 11.01 -110.05 9.73
N ASN C 3466 11.52 -110.63 8.63
CA ASN C 3466 12.27 -111.91 8.69
C ASN C 3466 13.54 -111.73 9.52
N MET C 3467 14.16 -110.56 9.38
CA MET C 3467 15.34 -110.23 10.17
C MET C 3467 14.95 -110.06 11.65
N SER C 3468 13.73 -109.58 11.92
CA SER C 3468 13.17 -109.48 13.30
C SER C 3468 12.96 -110.84 13.91
N PHE C 3469 12.73 -111.83 13.06
CA PHE C 3469 12.59 -113.20 13.54
C PHE C 3469 14.00 -113.83 13.81
N LEU C 3470 15.07 -113.19 13.31
CA LEU C 3470 16.44 -113.82 13.23
C LEU C 3470 17.42 -113.31 14.29
N MET C 3478 28.85 -108.05 1.41
CA MET C 3478 27.70 -108.18 0.57
C MET C 3478 27.83 -107.46 -0.80
N ALA C 3479 26.82 -106.66 -1.16
CA ALA C 3479 26.54 -106.33 -2.59
C ALA C 3479 27.63 -105.44 -3.16
N LYS C 3480 28.26 -104.63 -2.29
CA LYS C 3480 29.31 -103.72 -2.75
C LYS C 3480 30.51 -104.45 -3.34
N ALA C 3481 30.83 -105.63 -2.77
CA ALA C 3481 31.96 -106.43 -3.25
C ALA C 3481 31.61 -106.84 -4.71
N GLY C 3482 30.30 -107.06 -4.98
CA GLY C 3482 29.80 -107.40 -6.37
C GLY C 3482 30.13 -106.31 -7.37
N ASP C 3483 30.11 -105.09 -6.87
CA ASP C 3483 30.34 -103.97 -7.73
C ASP C 3483 31.79 -104.00 -8.20
N ALA C 3484 32.71 -104.72 -7.49
CA ALA C 3484 34.13 -104.99 -7.99
C ALA C 3484 34.12 -105.50 -9.42
N GLN C 3485 33.19 -106.41 -9.60
CA GLN C 3485 33.13 -107.05 -10.88
C GLN C 3485 32.67 -106.01 -12.00
N SER C 3486 31.87 -105.00 -11.60
CA SER C 3486 31.37 -103.98 -12.57
C SER C 3486 32.58 -103.23 -13.16
N GLY C 3487 33.64 -103.16 -12.36
CA GLY C 3487 34.87 -102.50 -12.77
C GLY C 3487 35.52 -103.23 -13.93
N GLY C 3488 35.24 -104.54 -14.06
CA GLY C 3488 35.74 -105.30 -15.22
C GLY C 3488 35.23 -104.65 -16.54
N SER C 3489 34.03 -104.03 -16.50
CA SER C 3489 33.51 -103.17 -17.64
C SER C 3489 34.50 -102.04 -18.09
N ASP C 3490 35.24 -101.44 -17.14
CA ASP C 3490 36.23 -100.34 -17.47
C ASP C 3490 37.39 -100.77 -18.34
N GLN C 3491 37.73 -102.07 -18.35
CA GLN C 3491 38.90 -102.55 -19.15
C GLN C 3491 38.79 -102.28 -20.67
N THR C 3494 43.05 -104.10 -19.71
CA THR C 3494 44.00 -104.18 -18.60
C THR C 3494 44.82 -102.88 -18.46
N LYS C 3495 45.85 -102.69 -19.30
CA LYS C 3495 46.65 -101.43 -19.26
C LYS C 3495 45.83 -100.22 -19.71
N LYS C 3496 44.78 -100.49 -20.50
CA LYS C 3496 43.87 -99.41 -20.92
C LYS C 3496 43.17 -98.75 -19.69
N LYS C 3497 42.96 -99.49 -18.58
CA LYS C 3497 42.50 -98.88 -17.28
C LYS C 3497 43.57 -97.91 -16.72
N ARG C 3498 44.85 -98.25 -16.94
CA ARG C 3498 45.95 -97.30 -16.59
C ARG C 3498 45.90 -96.06 -17.49
N ARG C 3499 45.48 -96.27 -18.74
CA ARG C 3499 45.24 -95.13 -19.65
C ARG C 3499 44.07 -94.27 -19.17
N GLY C 3500 43.09 -94.92 -18.52
CA GLY C 3500 41.99 -94.19 -17.84
C GLY C 3500 42.53 -93.38 -16.69
N ASP C 3501 43.55 -93.93 -16.03
CA ASP C 3501 44.21 -93.19 -14.99
C ASP C 3501 44.96 -91.97 -15.62
N ARG C 3502 45.49 -92.12 -16.85
CA ARG C 3502 46.07 -90.99 -17.62
C ARG C 3502 44.98 -89.97 -17.98
N TYR C 3503 43.75 -90.45 -18.11
CA TYR C 3503 42.60 -89.59 -18.45
C TYR C 3503 42.05 -88.86 -17.23
N SER C 3504 42.43 -89.33 -16.04
CA SER C 3504 41.86 -88.83 -14.79
C SER C 3504 42.74 -87.70 -14.25
N THR C 3513 40.40 -97.09 -20.20
CA THR C 3513 39.94 -95.80 -20.78
C THR C 3513 38.40 -95.68 -20.74
N LEU C 3514 37.73 -96.82 -20.69
CA LEU C 3514 36.27 -96.86 -20.72
C LEU C 3514 35.57 -96.26 -19.48
N LYS C 3515 36.26 -96.28 -18.33
CA LYS C 3515 35.63 -95.94 -17.03
C LYS C 3515 35.03 -94.52 -16.96
N LYS C 3516 35.65 -93.57 -17.67
CA LYS C 3516 35.09 -92.20 -17.77
C LYS C 3516 33.76 -92.19 -18.52
N MET C 3517 33.66 -93.01 -19.56
CA MET C 3517 32.42 -93.15 -20.31
C MET C 3517 31.40 -93.85 -19.37
N LEU C 3518 31.87 -94.72 -18.46
CA LEU C 3518 31.00 -95.31 -17.38
C LEU C 3518 30.48 -94.25 -16.40
N PRO C 3519 31.31 -93.26 -16.13
CA PRO C 3519 30.86 -92.13 -15.34
C PRO C 3519 29.83 -91.27 -16.17
N ILE C 3520 30.01 -91.22 -17.50
CA ILE C 3520 29.03 -90.55 -18.41
C ILE C 3520 27.70 -91.31 -18.29
N GLY C 3521 27.81 -92.63 -18.12
CA GLY C 3521 26.64 -93.50 -17.86
C GLY C 3521 26.00 -93.23 -16.49
N LEU C 3522 26.84 -92.86 -15.51
CA LEU C 3522 26.32 -92.45 -14.21
C LEU C 3522 25.47 -91.19 -14.38
N ASN C 3523 25.95 -90.30 -15.26
CA ASN C 3523 25.16 -89.15 -15.66
C ASN C 3523 23.87 -89.59 -16.40
N MET C 3524 23.96 -90.67 -17.19
CA MET C 3524 22.82 -91.28 -17.97
C MET C 3524 21.69 -91.85 -17.10
N CYS C 3525 22.07 -92.34 -15.92
CA CYS C 3525 21.07 -92.94 -15.04
C CYS C 3525 20.21 -91.92 -14.25
N ALA C 3526 20.61 -90.64 -14.31
CA ALA C 3526 19.85 -89.51 -13.64
C ALA C 3526 18.42 -89.35 -14.14
N PRO C 3527 18.22 -89.73 -15.40
CA PRO C 3527 16.94 -89.59 -16.08
C PRO C 3527 15.90 -90.49 -15.43
N LYS C 3537 17.04 -100.03 -19.49
CA LYS C 3537 17.98 -98.92 -19.68
C LYS C 3537 18.40 -98.74 -21.14
N THR C 3538 17.39 -98.85 -22.01
CA THR C 3538 17.55 -98.79 -23.44
C THR C 3538 18.25 -97.47 -23.90
N ARG C 3539 17.92 -96.34 -23.23
CA ARG C 3539 18.46 -94.98 -23.58
C ARG C 3539 20.02 -94.91 -23.54
N TYR C 3540 20.67 -95.67 -22.61
CA TYR C 3540 22.19 -95.69 -22.53
C TYR C 3540 22.82 -96.25 -23.84
N ALA C 3541 22.18 -97.33 -24.31
CA ALA C 3541 22.52 -97.86 -25.64
C ALA C 3541 22.08 -96.85 -26.80
N LEU C 3542 20.96 -96.11 -26.58
CA LEU C 3542 20.36 -95.13 -27.60
C LEU C 3542 21.28 -93.96 -27.89
N LYS C 3543 22.10 -93.63 -26.88
CA LYS C 3543 23.04 -92.49 -27.02
C LYS C 3543 24.09 -92.76 -28.12
N ASP C 3544 24.40 -94.06 -28.29
CA ASP C 3544 25.39 -94.50 -29.28
C ASP C 3544 24.72 -94.65 -30.65
N VAL C 3549 31.63 -100.43 -29.90
CA VAL C 3549 31.55 -101.43 -28.82
C VAL C 3549 30.16 -101.35 -28.17
N ARG C 3550 29.12 -101.90 -28.82
CA ARG C 3550 27.73 -101.82 -28.27
C ARG C 3550 27.55 -102.61 -26.93
N GLU C 3551 28.38 -103.66 -26.73
CA GLU C 3551 28.41 -104.41 -25.45
C GLU C 3551 28.83 -103.48 -24.31
N PHE C 3552 29.72 -102.53 -24.62
CA PHE C 3552 30.10 -101.50 -23.67
C PHE C 3552 28.89 -100.54 -23.38
N LEU C 3553 27.98 -100.32 -24.35
CA LEU C 3553 26.69 -99.56 -24.09
C LEU C 3553 25.74 -100.42 -23.21
N GLN C 3554 25.87 -101.76 -23.31
CA GLN C 3554 25.13 -102.70 -22.41
C GLN C 3554 25.73 -102.64 -20.97
N ASN C 3555 27.06 -102.54 -20.87
CA ASN C 3555 27.78 -102.32 -19.56
C ASN C 3555 27.40 -100.93 -19.00
N ASN C 3556 27.17 -99.98 -19.92
CA ASN C 3556 26.62 -98.63 -19.56
C ASN C 3556 25.17 -98.76 -19.03
N LEU C 3557 24.42 -99.74 -19.54
CA LEU C 3557 23.00 -99.96 -19.10
C LEU C 3557 22.97 -100.58 -17.67
N HIS C 3558 23.85 -101.58 -17.46
CA HIS C 3558 24.03 -102.21 -16.11
C HIS C 3558 24.53 -101.13 -15.12
N LEU C 3559 25.39 -100.24 -15.62
CA LEU C 3559 25.87 -99.10 -14.85
C LEU C 3559 24.71 -98.11 -14.59
N GLN C 3560 23.72 -98.03 -15.50
CA GLN C 3560 22.55 -97.09 -15.37
C GLN C 3560 21.61 -97.58 -14.25
N GLY C 3561 21.38 -98.90 -14.28
CA GLY C 3561 20.60 -99.52 -13.20
C GLY C 3561 21.40 -99.44 -11.86
N LYS C 3562 22.73 -99.57 -11.94
CA LYS C 3562 23.66 -99.41 -10.75
C LYS C 3562 23.62 -97.95 -10.21
N VAL C 3563 23.34 -96.97 -11.08
CA VAL C 3563 23.30 -95.53 -10.65
C VAL C 3563 21.95 -95.10 -10.08
N GLU C 3564 20.89 -95.67 -10.62
CA GLU C 3564 19.60 -95.49 -9.98
C GLU C 3564 19.66 -96.32 -8.62
N GLY C 3565 20.45 -97.41 -8.59
CA GLY C 3565 20.79 -98.16 -7.31
C GLY C 3565 21.62 -97.30 -6.37
N SER C 3566 22.41 -96.39 -6.93
CA SER C 3566 23.07 -95.36 -6.12
C SER C 3566 22.02 -94.35 -5.57
N PRO C 3567 20.96 -94.09 -6.34
CA PRO C 3567 19.84 -93.27 -5.83
C PRO C 3567 19.15 -94.01 -4.68
N SER C 3568 19.14 -95.34 -4.76
CA SER C 3568 18.72 -96.18 -3.63
C SER C 3568 19.72 -96.11 -2.47
N LEU C 3569 20.99 -95.93 -2.81
CA LEU C 3569 22.07 -95.84 -1.82
C LEU C 3569 21.99 -94.46 -1.12
N ARG C 3570 21.25 -93.51 -1.68
CA ARG C 3570 20.94 -92.24 -1.00
C ARG C 3570 20.17 -92.48 0.30
N TRP C 3571 19.38 -93.56 0.35
CA TRP C 3571 18.79 -94.01 1.61
C TRP C 3571 19.86 -94.49 2.62
N GLN C 3572 21.00 -94.95 2.11
CA GLN C 3572 22.13 -95.41 2.93
C GLN C 3572 23.25 -94.36 3.08
N PRO C 3645 -18.61 -93.48 39.85
CA PRO C 3645 -18.51 -92.13 40.55
C PRO C 3645 -19.88 -91.66 41.16
N THR C 3646 -20.95 -92.19 40.57
CA THR C 3646 -22.34 -91.93 41.00
C THR C 3646 -22.68 -90.44 41.17
N HIS C 3647 -22.87 -90.05 42.41
CA HIS C 3647 -23.29 -88.68 42.70
C HIS C 3647 -22.21 -87.66 42.33
N ARG C 3648 -20.94 -88.08 42.35
CA ARG C 3648 -19.84 -87.21 41.91
C ARG C 3648 -20.06 -86.78 40.49
N ALA C 3649 -20.44 -87.79 39.72
CA ALA C 3649 -20.78 -87.57 38.33
C ALA C 3649 -22.04 -86.78 38.05
N CYS C 3650 -22.97 -86.82 38.98
CA CYS C 3650 -24.23 -86.27 38.71
C CYS C 3650 -24.14 -84.78 38.51
N ASN C 3651 -23.23 -84.16 39.24
CA ASN C 3651 -23.01 -82.75 39.03
C ASN C 3651 -22.48 -82.47 37.66
N MET C 3652 -21.67 -83.42 37.18
CA MET C 3652 -21.15 -83.32 35.86
C MET C 3652 -22.29 -83.38 34.88
N PHE C 3653 -23.32 -84.17 35.19
CA PHE C 3653 -24.51 -84.10 34.38
C PHE C 3653 -25.25 -82.80 34.43
N LEU C 3654 -25.12 -82.13 35.56
CA LEU C 3654 -25.80 -80.90 35.64
C LEU C 3654 -25.20 -79.88 34.73
N GLU C 3655 -23.90 -79.78 34.86
CA GLU C 3655 -23.18 -78.82 34.15
C GLU C 3655 -23.16 -79.15 32.67
N SER C 3656 -23.19 -80.44 32.33
CA SER C 3656 -23.27 -80.84 30.93
C SER C 3656 -24.60 -80.44 30.35
N TYR C 3657 -25.63 -80.54 31.18
CA TYR C 3657 -26.94 -80.24 30.69
C TYR C 3657 -27.02 -78.77 30.51
N LYS C 3658 -26.21 -78.04 31.23
CA LYS C 3658 -26.25 -76.61 31.25
C LYS C 3658 -25.82 -76.03 29.99
N ALA C 3659 -25.07 -76.82 29.24
CA ALA C 3659 -24.32 -76.32 28.17
C ALA C 3659 -25.21 -76.01 26.97
N ALA C 3660 -24.70 -76.15 25.76
CA ALA C 3660 -25.37 -75.61 24.57
C ALA C 3660 -26.64 -76.35 24.21
N TRP C 3661 -26.69 -77.68 24.51
CA TRP C 3661 -27.85 -78.54 24.17
C TRP C 3661 -29.11 -77.92 24.91
N ILE C 3662 -28.94 -77.15 26.01
CA ILE C 3662 -30.06 -76.49 26.79
C ILE C 3662 -30.13 -74.95 26.71
N LEU C 3663 -29.26 -74.41 25.89
CA LEU C 3663 -29.27 -72.96 25.67
C LEU C 3663 -30.29 -72.66 24.59
N THR C 3664 -31.52 -72.73 25.01
CA THR C 3664 -32.62 -72.92 24.08
C THR C 3664 -32.99 -71.74 23.17
N GLU C 3665 -33.64 -72.10 22.09
CA GLU C 3665 -34.30 -71.25 21.13
C GLU C 3665 -35.26 -70.17 21.65
N ASP C 3666 -35.93 -70.36 22.78
CA ASP C 3666 -37.17 -69.58 23.05
C ASP C 3666 -36.73 -68.26 23.48
N HIS C 3667 -36.61 -67.36 22.52
CA HIS C 3667 -36.27 -66.00 22.82
C HIS C 3667 -37.16 -65.03 22.01
N SER C 3668 -38.36 -65.45 21.61
CA SER C 3668 -39.34 -64.52 20.99
C SER C 3668 -40.14 -63.72 22.02
N PHE C 3669 -39.96 -64.11 23.29
CA PHE C 3669 -40.77 -63.59 24.35
C PHE C 3669 -40.56 -62.14 24.66
N GLU C 3670 -39.38 -61.64 24.38
CA GLU C 3670 -39.08 -60.31 24.81
C GLU C 3670 -39.92 -59.25 24.20
N ASP C 3671 -40.24 -59.47 22.94
CA ASP C 3671 -40.92 -58.44 22.21
C ASP C 3671 -42.34 -58.31 22.62
N ARG C 3672 -43.01 -59.43 22.75
CA ARG C 3672 -44.34 -59.41 23.29
C ARG C 3672 -44.32 -58.94 24.74
N MET C 3673 -43.21 -59.14 25.42
CA MET C 3673 -43.03 -58.54 26.73
C MET C 3673 -42.94 -57.04 26.72
N ILE C 3674 -42.21 -56.55 25.76
CA ILE C 3674 -42.11 -55.14 25.57
C ILE C 3674 -43.44 -54.53 25.23
N ASP C 3675 -44.25 -55.23 24.45
CA ASP C 3675 -45.57 -54.70 24.18
C ASP C 3675 -46.41 -54.76 25.42
N ASP C 3676 -46.18 -55.79 26.23
CA ASP C 3676 -46.89 -55.94 27.46
C ASP C 3676 -46.56 -54.86 28.47
N LEU C 3677 -45.37 -54.29 28.39
CA LEU C 3677 -45.07 -53.19 29.26
C LEU C 3677 -45.64 -51.88 28.79
N SER C 3678 -46.12 -51.89 27.56
CA SER C 3678 -46.62 -50.69 26.91
C SER C 3678 -48.07 -50.80 26.39
N LYS C 3679 -48.90 -51.55 27.10
CA LYS C 3679 -50.30 -51.67 26.73
C LYS C 3679 -51.12 -50.45 27.10
N ALA C 3680 -51.30 -50.23 28.41
CA ALA C 3680 -52.18 -49.18 28.91
C ALA C 3680 -53.58 -49.21 28.33
N LYS C 3694 -51.32 -40.89 33.31
CA LYS C 3694 -50.98 -41.01 31.92
C LYS C 3694 -49.81 -42.04 31.65
N PRO C 3695 -48.66 -41.97 32.37
CA PRO C 3695 -47.48 -42.66 31.82
C PRO C 3695 -47.53 -44.17 31.81
N ASP C 3696 -46.85 -44.72 30.82
CA ASP C 3696 -46.83 -46.15 30.56
C ASP C 3696 -45.94 -46.93 31.48
N PRO C 3697 -46.30 -48.18 31.69
CA PRO C 3697 -45.57 -49.01 32.58
C PRO C 3697 -44.12 -49.25 32.19
N LEU C 3698 -43.89 -49.41 30.92
CA LEU C 3698 -42.57 -49.56 30.49
C LEU C 3698 -41.86 -48.29 30.73
N HIS C 3699 -42.55 -47.18 30.52
CA HIS C 3699 -41.98 -45.93 30.78
C HIS C 3699 -41.74 -45.76 32.22
N GLN C 3700 -42.53 -46.42 33.04
CA GLN C 3700 -42.30 -46.38 34.44
C GLN C 3700 -41.01 -47.10 34.74
N LEU C 3701 -40.73 -48.15 33.98
CA LEU C 3701 -39.45 -48.83 34.08
C LEU C 3701 -38.30 -47.97 33.70
N VAL C 3702 -38.59 -47.14 32.75
CA VAL C 3702 -37.55 -46.38 32.23
C VAL C 3702 -37.19 -45.26 33.19
N LEU C 3703 -38.19 -44.60 33.71
CA LEU C 3703 -37.94 -43.55 34.65
C LEU C 3703 -37.44 -44.11 35.94
N HIS C 3704 -37.71 -45.38 36.17
CA HIS C 3704 -37.12 -46.09 37.28
C HIS C 3704 -35.69 -46.23 37.19
N PHE C 3705 -35.25 -46.77 36.10
CA PHE C 3705 -33.86 -46.89 35.92
C PHE C 3705 -33.17 -45.61 35.83
N SER C 3706 -33.84 -44.65 35.26
CA SER C 3706 -33.30 -43.36 35.25
C SER C 3706 -33.09 -42.76 36.63
N ARG C 3707 -34.04 -43.07 37.48
CA ARG C 3707 -33.87 -42.65 38.84
C ARG C 3707 -32.71 -43.39 39.48
N THR C 3708 -32.53 -44.63 39.05
CA THR C 3708 -31.45 -45.42 39.56
C THR C 3708 -30.14 -44.83 39.17
N ALA C 3709 -30.17 -44.16 38.04
CA ALA C 3709 -28.99 -43.58 37.54
C ALA C 3709 -28.65 -42.27 38.14
N LEU C 3710 -29.65 -41.49 38.40
CA LEU C 3710 -29.36 -40.17 38.77
C LEU C 3710 -28.66 -40.02 40.09
N THR C 3711 -28.91 -40.95 40.96
CA THR C 3711 -28.35 -40.89 42.27
C THR C 3711 -26.83 -41.10 42.27
N GLU C 3712 -26.15 -40.37 43.12
CA GLU C 3712 -24.73 -40.57 43.30
C GLU C 3712 -24.39 -41.88 43.95
N LYS C 3713 -23.40 -42.59 43.40
CA LYS C 3713 -22.80 -43.78 44.04
C LYS C 3713 -21.27 -43.76 43.90
N SER C 3714 -20.73 -42.64 43.42
CA SER C 3714 -19.32 -42.59 43.02
C SER C 3714 -18.93 -43.73 42.06
N LYS C 3715 -18.86 -44.96 42.53
CA LYS C 3715 -18.90 -46.12 41.63
C LYS C 3715 -20.36 -46.43 41.26
N LEU C 3716 -20.69 -47.68 40.94
CA LEU C 3716 -22.06 -48.03 40.70
C LEU C 3716 -22.36 -49.43 41.05
N ASP C 3717 -23.64 -49.57 41.34
CA ASP C 3717 -24.24 -50.80 41.66
C ASP C 3717 -24.19 -51.68 40.44
N GLU C 3718 -23.91 -52.97 40.57
CA GLU C 3718 -23.89 -53.81 39.40
C GLU C 3718 -25.29 -53.89 38.88
N ASP C 3719 -26.25 -53.85 39.81
CA ASP C 3719 -27.66 -53.94 39.49
C ASP C 3719 -27.96 -54.87 38.35
N TYR C 3720 -28.03 -56.14 38.66
CA TYR C 3720 -28.25 -57.12 37.61
C TYR C 3720 -29.58 -56.90 36.87
N LEU C 3721 -30.51 -56.32 37.58
CA LEU C 3721 -31.82 -56.08 37.10
C LEU C 3721 -31.86 -55.13 35.93
N TYR C 3722 -30.99 -54.19 35.99
CA TYR C 3722 -30.98 -53.20 35.00
C TYR C 3722 -30.36 -53.62 33.75
N MET C 3723 -29.28 -54.36 33.87
CA MET C 3723 -28.59 -54.90 32.74
C MET C 3723 -29.48 -55.90 32.10
N ALA C 3724 -30.31 -56.51 32.92
CA ALA C 3724 -31.21 -57.46 32.40
C ALA C 3724 -32.26 -56.80 31.54
N TYR C 3725 -32.91 -55.77 32.05
CA TYR C 3725 -33.86 -55.13 31.21
C TYR C 3725 -33.25 -54.42 30.04
N ALA C 3726 -32.02 -53.98 30.21
CA ALA C 3726 -31.34 -53.42 29.09
C ALA C 3726 -31.19 -54.46 28.01
N ASP C 3727 -31.02 -55.69 28.43
CA ASP C 3727 -31.03 -56.83 27.54
C ASP C 3727 -32.34 -57.14 26.91
N ILE C 3728 -33.39 -56.87 27.65
CA ILE C 3728 -34.73 -57.11 27.16
C ILE C 3728 -35.05 -56.14 26.05
N MET C 3729 -34.79 -54.91 26.36
CA MET C 3729 -34.96 -53.89 25.40
C MET C 3729 -33.95 -54.02 24.28
N ALA C 3730 -32.85 -54.70 24.57
CA ALA C 3730 -31.86 -55.02 23.57
C ALA C 3730 -32.41 -55.87 22.52
N LYS C 3731 -33.42 -56.63 22.90
CA LYS C 3731 -34.12 -57.44 21.94
C LYS C 3731 -35.07 -56.56 21.13
N SER C 3732 -34.48 -56.07 20.05
CA SER C 3732 -35.18 -55.44 19.03
C SER C 3732 -34.41 -55.55 17.62
N CYS C 3733 -34.00 -56.74 17.10
CA CYS C 3733 -33.71 -56.96 15.63
C CYS C 3733 -34.48 -58.11 15.05
N GLU C 3750 -33.70 -54.04 -4.67
CA GLU C 3750 -35.05 -53.91 -4.12
C GLU C 3750 -35.39 -55.03 -3.06
N VAL C 3751 -35.00 -56.30 -3.28
CA VAL C 3751 -34.88 -57.31 -2.15
C VAL C 3751 -33.95 -56.76 -1.15
N SER C 3752 -32.89 -56.14 -1.68
CA SER C 3752 -31.87 -55.53 -0.90
C SER C 3752 -32.30 -54.08 -0.53
N PHE C 3753 -33.45 -53.62 -1.01
CA PHE C 3753 -33.93 -52.25 -0.77
C PHE C 3753 -35.34 -52.20 -0.16
N GLU C 3754 -36.33 -52.49 -0.97
CA GLU C 3754 -37.70 -52.36 -0.58
C GLU C 3754 -38.06 -53.30 0.57
N GLU C 3755 -37.53 -54.51 0.53
CA GLU C 3755 -37.70 -55.44 1.63
C GLU C 3755 -36.86 -54.89 2.83
N LYS C 3756 -35.70 -54.33 2.49
CA LYS C 3756 -34.80 -53.71 3.48
C LYS C 3756 -35.46 -52.52 4.05
N GLU C 3757 -36.35 -51.90 3.28
CA GLU C 3757 -37.09 -50.77 3.75
C GLU C 3757 -38.14 -51.14 4.74
N MET C 3758 -38.91 -52.15 4.42
CA MET C 3758 -39.93 -52.50 5.35
C MET C 3758 -39.33 -53.04 6.64
N GLU C 3759 -38.22 -53.74 6.53
CA GLU C 3759 -37.53 -54.21 7.70
C GLU C 3759 -36.96 -53.00 8.43
N LYS C 3760 -36.53 -52.00 7.67
CA LYS C 3760 -35.91 -50.85 8.25
C LYS C 3760 -36.85 -50.08 9.07
N GLN C 3761 -38.10 -50.08 8.66
CA GLN C 3761 -39.06 -49.31 9.36
C GLN C 3761 -39.71 -50.11 10.46
N ARG C 3762 -39.71 -51.44 10.31
CA ARG C 3762 -40.11 -52.32 11.41
C ARG C 3762 -39.12 -52.09 12.56
N LEU C 3763 -37.87 -51.96 12.21
CA LEU C 3763 -36.84 -51.58 13.17
C LEU C 3763 -36.94 -50.18 13.67
N LEU C 3764 -37.48 -49.35 12.86
CA LEU C 3764 -37.74 -48.03 13.33
C LEU C 3764 -38.84 -47.99 14.31
N TYR C 3765 -39.75 -48.93 14.24
CA TYR C 3765 -40.81 -49.03 15.23
C TYR C 3765 -40.27 -49.64 16.46
N GLN C 3766 -39.38 -50.61 16.31
CA GLN C 3766 -38.78 -51.24 17.44
C GLN C 3766 -37.88 -50.29 18.18
N GLN C 3767 -37.35 -49.31 17.48
CA GLN C 3767 -36.52 -48.32 18.08
C GLN C 3767 -37.27 -47.11 18.57
N SER C 3768 -38.31 -46.74 17.84
CA SER C 3768 -39.15 -45.65 18.25
C SER C 3768 -39.89 -45.99 19.49
N ARG C 3769 -40.19 -47.26 19.67
CA ARG C 3769 -40.97 -47.69 20.76
C ARG C 3769 -40.28 -47.38 22.03
N LEU C 3770 -38.96 -47.40 22.00
CA LEU C 3770 -38.17 -47.00 23.14
C LEU C 3770 -37.83 -45.63 23.11
N HIS C 3771 -37.87 -45.09 21.93
CA HIS C 3771 -37.58 -43.73 21.80
C HIS C 3771 -38.63 -42.89 22.52
N THR C 3772 -39.86 -43.34 22.59
CA THR C 3772 -40.88 -42.57 23.26
C THR C 3772 -40.62 -42.46 24.75
N ARG C 3773 -39.97 -43.48 25.23
CA ARG C 3773 -39.64 -43.57 26.61
C ARG C 3773 -38.62 -42.60 27.07
N GLY C 3774 -37.79 -42.13 26.18
CA GLY C 3774 -36.70 -41.24 26.54
C GLY C 3774 -35.58 -42.03 27.04
N ALA C 3775 -35.56 -43.27 26.64
CA ALA C 3775 -34.62 -44.19 27.16
C ALA C 3775 -33.22 -43.82 26.98
N ALA C 3776 -32.99 -43.08 25.93
CA ALA C 3776 -31.66 -42.82 25.58
C ALA C 3776 -31.07 -42.04 26.59
N GLU C 3777 -31.93 -41.20 27.19
CA GLU C 3777 -31.52 -40.27 28.17
C GLU C 3777 -30.89 -41.02 29.24
N MET C 3778 -31.65 -41.96 29.73
CA MET C 3778 -31.22 -42.71 30.84
C MET C 3778 -30.04 -43.56 30.54
N VAL C 3779 -29.96 -44.06 29.34
CA VAL C 3779 -28.88 -44.86 29.07
C VAL C 3779 -27.65 -44.03 29.07
N LEU C 3780 -27.79 -42.87 28.54
CA LEU C 3780 -26.68 -42.04 28.50
C LEU C 3780 -26.33 -41.64 29.89
N GLN C 3781 -27.30 -41.62 30.76
CA GLN C 3781 -27.06 -41.25 32.08
C GLN C 3781 -26.30 -42.27 32.76
N MET C 3782 -26.68 -43.53 32.63
CA MET C 3782 -25.94 -44.60 33.27
C MET C 3782 -24.56 -44.60 32.78
N ILE C 3783 -24.43 -44.42 31.48
CA ILE C 3783 -23.14 -44.43 30.92
C ILE C 3783 -22.31 -43.29 31.43
N SER C 3784 -22.95 -42.17 31.67
CA SER C 3784 -22.29 -41.10 32.31
C SER C 3784 -21.90 -41.41 33.74
N ALA C 3785 -22.68 -42.23 34.36
CA ALA C 3785 -22.37 -42.64 35.68
C ALA C 3785 -21.28 -43.65 35.77
N CYS C 3786 -20.98 -44.30 34.66
CA CYS C 3786 -20.01 -45.36 34.66
C CYS C 3786 -18.69 -44.90 35.00
N LYS C 3787 -18.42 -43.64 34.68
CA LYS C 3787 -17.16 -43.05 34.93
C LYS C 3787 -16.03 -43.98 34.50
N GLY C 3788 -15.17 -44.39 35.45
CA GLY C 3788 -14.02 -45.26 35.16
C GLY C 3788 -14.31 -46.75 35.18
N GLU C 3789 -15.58 -47.09 35.24
CA GLU C 3789 -15.98 -48.44 35.35
C GLU C 3789 -15.90 -49.07 34.05
N THR C 3790 -15.71 -50.36 34.15
CA THR C 3790 -15.63 -51.21 33.03
C THR C 3790 -16.51 -52.44 33.26
N GLY C 3791 -17.68 -52.22 33.86
CA GLY C 3791 -18.57 -53.27 34.34
C GLY C 3791 -19.31 -53.90 33.26
N ALA C 3792 -19.85 -55.07 33.51
CA ALA C 3792 -20.60 -55.78 32.48
C ALA C 3792 -21.92 -55.10 32.17
N MET C 3793 -22.46 -54.49 33.19
CA MET C 3793 -23.69 -53.82 33.04
C MET C 3793 -23.48 -52.63 32.10
N VAL C 3794 -22.29 -52.07 32.08
CA VAL C 3794 -21.99 -51.03 31.17
C VAL C 3794 -22.08 -51.52 29.76
N SER C 3795 -21.66 -52.74 29.54
CA SER C 3795 -21.80 -53.37 28.25
C SER C 3795 -23.24 -53.55 27.90
N SER C 3796 -24.04 -53.87 28.87
CA SER C 3796 -25.43 -54.06 28.57
C SER C 3796 -26.04 -52.73 28.14
N THR C 3797 -25.53 -51.68 28.70
CA THR C 3797 -26.03 -50.38 28.41
C THR C 3797 -25.63 -49.92 27.10
N LEU C 3798 -24.39 -50.12 26.80
CA LEU C 3798 -23.92 -49.69 25.56
C LEU C 3798 -24.53 -50.43 24.46
N LYS C 3799 -24.71 -51.73 24.68
CA LYS C 3799 -25.37 -52.55 23.75
C LYS C 3799 -26.80 -52.08 23.59
N LEU C 3800 -27.42 -51.60 24.66
CA LEU C 3800 -28.70 -51.00 24.54
C LEU C 3800 -28.70 -49.75 23.72
N GLY C 3801 -27.63 -49.01 23.82
CA GLY C 3801 -27.51 -47.84 23.06
C GLY C 3801 -27.38 -48.14 21.64
N ILE C 3802 -26.71 -49.22 21.38
CA ILE C 3802 -26.64 -49.76 20.05
C ILE C 3802 -27.97 -50.23 19.55
N SER C 3803 -28.76 -50.72 20.50
CA SER C 3803 -30.08 -51.21 20.19
C SER C 3803 -30.97 -50.10 19.77
N ILE C 3804 -30.73 -48.93 20.30
CA ILE C 3804 -31.53 -47.85 19.91
C ILE C 3804 -31.01 -47.00 18.80
N LEU C 3805 -29.72 -46.77 18.79
CA LEU C 3805 -29.14 -45.89 17.81
C LEU C 3805 -28.90 -46.44 16.40
N ASN C 3806 -29.08 -47.73 16.24
CA ASN C 3806 -28.73 -48.30 14.96
C ASN C 3806 -29.62 -47.87 13.88
N GLY C 3807 -29.11 -47.79 12.68
CA GLY C 3807 -29.94 -47.33 11.61
C GLY C 3807 -29.94 -45.82 11.57
N GLY C 3808 -28.98 -45.27 12.32
CA GLY C 3808 -28.68 -43.91 12.22
C GLY C 3808 -29.76 -43.01 12.73
N ASN C 3809 -30.45 -43.43 13.78
CA ASN C 3809 -31.56 -42.70 14.30
C ASN C 3809 -31.15 -41.35 14.85
N ALA C 3810 -31.26 -40.36 14.00
CA ALA C 3810 -30.87 -39.00 14.36
C ALA C 3810 -31.69 -38.37 15.37
N GLU C 3811 -32.95 -38.73 15.41
CA GLU C 3811 -33.84 -38.17 16.37
C GLU C 3811 -33.43 -38.54 17.76
N VAL C 3812 -32.93 -39.73 17.91
CA VAL C 3812 -32.50 -40.17 19.18
C VAL C 3812 -31.27 -39.33 19.54
N GLN C 3813 -30.44 -39.09 18.53
CA GLN C 3813 -29.22 -38.35 18.69
C GLN C 3813 -29.50 -36.92 19.08
N GLN C 3814 -30.61 -36.37 18.64
CA GLN C 3814 -30.90 -35.00 18.94
C GLN C 3814 -31.57 -34.86 20.25
N LYS C 3815 -32.40 -35.81 20.63
CA LYS C 3815 -32.95 -35.70 21.91
C LYS C 3815 -31.87 -35.94 22.92
N MET C 3816 -30.93 -36.82 22.60
CA MET C 3816 -29.77 -37.01 23.45
C MET C 3816 -28.97 -35.80 23.56
N LEU C 3817 -28.79 -35.16 22.45
CA LEU C 3817 -28.03 -33.97 22.41
C LEU C 3817 -28.66 -32.89 23.20
N ASP C 3818 -29.97 -32.82 23.16
CA ASP C 3818 -30.65 -31.85 23.96
C ASP C 3818 -30.48 -32.12 25.37
N TYR C 3819 -30.44 -33.38 25.73
CA TYR C 3819 -30.18 -33.69 27.09
C TYR C 3819 -28.76 -33.34 27.39
N LEU C 3820 -27.87 -33.40 26.41
CA LEU C 3820 -26.48 -33.01 26.60
C LEU C 3820 -26.26 -31.55 26.68
N LYS C 3821 -27.19 -30.75 26.26
CA LYS C 3821 -27.01 -29.32 26.34
C LYS C 3821 -27.82 -28.70 27.43
N ASP C 3822 -29.01 -29.20 27.65
CA ASP C 3822 -29.82 -28.74 28.73
C ASP C 3822 -29.20 -29.03 30.08
N LYS C 3823 -28.53 -30.17 30.15
CA LYS C 3823 -27.94 -30.63 31.38
C LYS C 3823 -26.54 -30.27 31.43
N LYS C 3824 -25.90 -30.24 30.26
CA LYS C 3824 -24.51 -29.97 30.11
C LYS C 3824 -23.79 -30.73 31.17
N GLU C 3825 -23.88 -32.03 31.01
CA GLU C 3825 -23.44 -32.97 31.98
C GLU C 3825 -21.94 -33.02 32.23
N VAL C 3826 -21.10 -32.67 31.27
CA VAL C 3826 -19.64 -32.70 31.43
C VAL C 3826 -19.07 -34.07 31.53
N GLY C 3827 -19.68 -34.82 32.38
CA GLY C 3827 -19.12 -36.04 32.78
C GLY C 3827 -19.42 -37.18 31.92
N PHE C 3828 -20.32 -36.98 30.97
CA PHE C 3828 -20.62 -38.06 30.10
C PHE C 3828 -19.51 -38.34 29.14
N PHE C 3829 -19.08 -37.28 28.55
CA PHE C 3829 -18.04 -37.36 27.65
C PHE C 3829 -16.77 -37.77 28.35
N GLN C 3830 -16.57 -37.33 29.59
CA GLN C 3830 -15.46 -37.76 30.37
C GLN C 3830 -15.56 -39.22 30.61
N SER C 3831 -16.78 -39.71 30.75
CA SER C 3831 -16.99 -41.11 30.98
C SER C 3831 -16.59 -41.97 29.80
N ILE C 3832 -16.88 -41.47 28.66
CA ILE C 3832 -16.52 -42.16 27.52
C ILE C 3832 -15.04 -42.05 27.39
N GLN C 3833 -14.46 -40.96 27.86
CA GLN C 3833 -13.10 -40.63 27.59
C GLN C 3833 -12.18 -41.40 28.39
N ALA C 3834 -12.44 -41.57 29.65
CA ALA C 3834 -11.53 -42.33 30.43
C ALA C 3834 -11.59 -43.78 29.97
N LEU C 3835 -12.75 -44.26 29.52
CA LEU C 3835 -12.94 -45.59 29.06
C LEU C 3835 -12.23 -45.83 27.85
N MET C 3836 -12.39 -44.86 26.99
CA MET C 3836 -11.74 -44.91 25.77
C MET C 3836 -10.24 -44.80 25.96
N GLN C 3837 -9.85 -44.08 27.00
CA GLN C 3837 -8.49 -43.91 27.33
C GLN C 3837 -7.95 -45.22 27.78
N THR C 3838 -8.81 -46.11 28.27
CA THR C 3838 -8.34 -47.36 28.80
C THR C 3838 -8.78 -48.54 28.01
N CYS C 3839 -10.09 -48.78 28.09
CA CYS C 3839 -10.74 -49.92 27.50
C CYS C 3839 -9.93 -51.19 27.53
N SER C 3840 -9.46 -51.68 26.39
CA SER C 3840 -8.84 -53.02 26.29
C SER C 3840 -8.11 -53.08 24.99
N VAL C 3841 -7.04 -53.85 24.95
CA VAL C 3841 -6.21 -53.95 23.78
C VAL C 3841 -5.56 -55.36 23.76
N LEU C 3842 -5.38 -55.97 22.59
CA LEU C 3842 -4.79 -57.33 22.55
C LEU C 3842 -3.31 -57.38 23.06
N ASP C 3843 -2.61 -56.25 22.94
CA ASP C 3843 -1.17 -56.15 23.36
C ASP C 3843 -0.28 -57.22 22.73
N LEU C 3844 0.23 -58.16 23.56
CA LEU C 3844 1.27 -59.06 23.11
C LEU C 3844 1.62 -60.12 24.12
N ASN C 3845 2.03 -59.70 25.30
CA ASN C 3845 2.54 -60.63 26.26
C ASN C 3845 1.49 -61.60 26.68
N ALA C 3846 0.27 -61.12 26.64
CA ALA C 3846 -0.89 -61.88 26.99
C ALA C 3846 -0.94 -63.18 26.21
N PHE C 3847 -0.70 -63.08 24.90
CA PHE C 3847 -0.68 -64.24 24.05
C PHE C 3847 0.47 -65.14 24.37
N GLU C 3848 1.56 -64.51 24.74
CA GLU C 3848 2.78 -65.19 24.94
C GLU C 3848 2.63 -66.13 26.12
N ARG C 3849 1.82 -65.68 27.04
CA ARG C 3849 1.53 -66.47 28.16
C ARG C 3849 0.41 -67.46 27.79
N GLN C 3850 -0.39 -67.11 26.79
CA GLN C 3850 -1.60 -67.86 26.44
C GLN C 3850 -1.30 -68.81 25.33
N ASN C 3851 -0.60 -69.87 25.71
CA ASN C 3851 -0.17 -70.84 24.78
C ASN C 3851 -0.50 -72.26 25.23
N LYS C 3852 -0.73 -72.48 26.53
CA LYS C 3852 -0.55 -73.83 27.08
C LYS C 3852 -1.76 -74.37 27.84
N ASP C 3877 -11.91 -56.97 27.59
CA ASP C 3877 -12.42 -57.57 26.36
C ASP C 3877 -12.40 -56.61 25.22
N ASP C 3878 -11.64 -57.07 24.26
CA ASP C 3878 -11.45 -56.35 23.03
C ASP C 3878 -12.82 -56.20 22.26
N GLU C 3879 -13.66 -57.21 22.41
CA GLU C 3879 -14.99 -57.20 21.81
C GLU C 3879 -15.84 -56.11 22.35
N PHE C 3880 -15.61 -55.82 23.61
CA PHE C 3880 -16.28 -54.68 24.20
C PHE C 3880 -15.88 -53.37 23.65
N THR C 3881 -14.64 -53.30 23.24
CA THR C 3881 -14.16 -52.09 22.69
C THR C 3881 -14.82 -51.93 21.40
N GLN C 3882 -14.92 -53.04 20.66
CA GLN C 3882 -15.55 -53.02 19.34
C GLN C 3882 -16.92 -52.50 19.43
N ASP C 3883 -17.59 -53.05 20.40
CA ASP C 3883 -18.90 -52.72 20.59
C ASP C 3883 -19.04 -51.24 21.04
N LEU C 3884 -18.08 -50.79 21.81
CA LEU C 3884 -18.18 -49.48 22.31
C LEU C 3884 -18.01 -48.40 21.27
N PHE C 3885 -17.01 -48.59 20.47
CA PHE C 3885 -16.82 -47.63 19.50
C PHE C 3885 -17.81 -47.73 18.34
N ARG C 3886 -18.39 -48.90 18.13
CA ARG C 3886 -19.48 -49.00 17.18
C ARG C 3886 -20.60 -48.15 17.70
N PHE C 3887 -20.80 -48.21 19.02
CA PHE C 3887 -21.75 -47.38 19.67
C PHE C 3887 -21.50 -45.92 19.42
N LEU C 3888 -20.27 -45.56 19.48
CA LEU C 3888 -19.94 -44.25 19.24
C LEU C 3888 -20.18 -43.84 17.82
N GLN C 3889 -20.01 -44.77 16.92
CA GLN C 3889 -20.32 -44.47 15.57
C GLN C 3889 -21.78 -44.21 15.44
N LEU C 3890 -22.53 -44.91 16.23
CA LEU C 3890 -23.94 -44.73 16.18
C LEU C 3890 -24.42 -43.38 16.71
N LEU C 3891 -23.59 -42.75 17.50
CA LEU C 3891 -23.86 -41.41 17.87
C LEU C 3891 -23.86 -40.47 16.75
N CYS C 3892 -23.05 -40.76 15.77
CA CYS C 3892 -22.80 -39.84 14.70
C CYS C 3892 -23.50 -40.14 13.39
N GLU C 3893 -24.07 -41.35 13.25
CA GLU C 3893 -24.73 -41.69 11.98
C GLU C 3893 -25.98 -40.91 11.79
N GLY C 3894 -26.27 -40.71 10.51
CA GLY C 3894 -27.21 -39.72 10.12
C GLY C 3894 -26.52 -38.37 10.08
N HIS C 3895 -25.21 -38.37 10.32
CA HIS C 3895 -24.36 -37.22 10.01
C HIS C 3895 -24.76 -35.91 10.70
N ASN C 3896 -25.03 -35.96 12.00
CA ASN C 3896 -25.42 -34.78 12.70
C ASN C 3896 -24.22 -34.02 13.15
N ASN C 3897 -23.83 -33.13 12.30
CA ASN C 3897 -22.62 -32.45 12.52
C ASN C 3897 -22.66 -31.54 13.69
N ASP C 3898 -23.84 -31.09 14.05
CA ASP C 3898 -23.95 -30.32 15.27
C ASP C 3898 -23.56 -31.11 16.49
N PHE C 3899 -23.90 -32.38 16.42
CA PHE C 3899 -23.56 -33.26 17.48
C PHE C 3899 -22.11 -33.65 17.44
N GLN C 3900 -21.56 -33.79 16.24
CA GLN C 3900 -20.19 -34.17 16.08
C GLN C 3900 -19.28 -33.05 16.56
N ASN C 3901 -19.58 -31.82 16.17
CA ASN C 3901 -18.85 -30.66 16.67
C ASN C 3901 -19.01 -30.51 18.13
N TYR C 3902 -20.20 -30.79 18.64
CA TYR C 3902 -20.40 -30.66 20.05
C TYR C 3902 -19.57 -31.69 20.80
N LEU C 3903 -19.37 -32.84 20.19
CA LEU C 3903 -18.40 -33.78 20.71
C LEU C 3903 -17.00 -33.28 20.58
N ARG C 3904 -16.73 -32.52 19.52
CA ARG C 3904 -15.42 -31.94 19.36
C ARG C 3904 -15.06 -30.87 20.36
N THR C 3905 -16.05 -30.12 20.84
CA THR C 3905 -15.73 -28.94 21.62
C THR C 3905 -16.58 -28.72 22.84
N GLN C 3906 -17.70 -29.41 22.94
CA GLN C 3906 -18.43 -29.40 24.13
C GLN C 3906 -18.80 -27.95 24.62
N THR C 3907 -19.43 -27.17 23.75
CA THR C 3907 -19.67 -25.75 24.05
C THR C 3907 -20.66 -25.40 25.12
N GLY C 3908 -21.64 -26.25 25.36
CA GLY C 3908 -22.63 -25.97 26.40
C GLY C 3908 -21.98 -25.98 27.78
N ASN C 3909 -21.03 -26.89 27.95
CA ASN C 3909 -20.26 -27.04 29.21
C ASN C 3909 -19.17 -26.06 29.27
N THR C 3910 -18.81 -25.67 30.48
CA THR C 3910 -17.63 -24.79 30.61
C THR C 3910 -16.35 -25.53 30.24
N THR C 3911 -16.37 -26.82 30.49
CA THR C 3911 -15.30 -27.72 30.11
C THR C 3911 -15.37 -28.05 28.63
N THR C 3912 -14.24 -28.49 28.09
CA THR C 3912 -14.21 -28.91 26.70
C THR C 3912 -13.45 -30.20 26.48
N ILE C 3913 -13.93 -31.03 25.56
CA ILE C 3913 -13.31 -32.30 25.25
C ILE C 3913 -13.54 -32.65 23.81
N ASN C 3914 -12.53 -33.28 23.21
CA ASN C 3914 -12.65 -33.81 21.86
C ASN C 3914 -12.39 -35.27 21.88
N ILE C 3915 -13.49 -35.98 21.98
CA ILE C 3915 -13.54 -37.40 22.14
C ILE C 3915 -12.81 -38.10 21.06
N ILE C 3916 -12.93 -37.49 19.93
CA ILE C 3916 -12.53 -38.11 18.81
C ILE C 3916 -11.01 -38.16 18.80
N ILE C 3917 -10.40 -37.17 19.41
CA ILE C 3917 -8.98 -37.18 19.53
C ILE C 3917 -8.50 -38.42 20.25
N CYS C 3918 -9.31 -38.78 21.20
CA CYS C 3918 -8.98 -39.87 22.01
C CYS C 3918 -9.22 -41.20 21.30
N THR C 3919 -10.25 -41.28 20.49
CA THR C 3919 -10.45 -42.52 19.79
C THR C 3919 -9.36 -42.70 18.79
N VAL C 3920 -8.85 -41.61 18.28
CA VAL C 3920 -7.70 -41.69 17.42
C VAL C 3920 -6.58 -42.27 18.16
N ASP C 3921 -6.49 -41.87 19.40
CA ASP C 3921 -5.44 -42.38 20.19
C ASP C 3921 -5.57 -43.86 20.46
N TYR C 3922 -6.79 -44.31 20.60
CA TYR C 3922 -7.03 -45.70 20.70
C TYR C 3922 -6.65 -46.45 19.45
N LEU C 3923 -6.87 -45.79 18.37
CA LEU C 3923 -6.53 -46.39 17.19
C LEU C 3923 -5.03 -46.53 17.14
N LEU C 3924 -4.36 -45.58 17.79
CA LEU C 3924 -2.92 -45.57 17.84
C LEU C 3924 -2.36 -46.68 18.56
N ARG C 3925 -2.88 -46.88 19.75
CA ARG C 3925 -2.36 -47.93 20.56
C ARG C 3925 -2.69 -49.30 19.99
N LEU C 3926 -3.90 -49.48 19.47
CA LEU C 3926 -4.25 -50.74 18.86
C LEU C 3926 -3.40 -50.98 17.68
N GLN C 3927 -3.09 -49.92 16.99
CA GLN C 3927 -2.15 -50.02 15.89
C GLN C 3927 -0.76 -50.43 16.27
N GLU C 3928 -0.35 -49.93 17.41
CA GLU C 3928 0.93 -50.26 17.86
C GLU C 3928 0.93 -51.74 18.26
N SER C 3929 -0.21 -52.25 18.75
CA SER C 3929 -0.40 -53.72 18.95
C SER C 3929 -0.27 -54.50 17.69
N ILE C 3930 -0.80 -53.88 16.65
CA ILE C 3930 -0.77 -54.53 15.40
C ILE C 3930 0.63 -54.65 14.97
N SER C 3931 1.37 -53.59 15.24
CA SER C 3931 2.69 -53.50 14.79
C SER C 3931 3.58 -54.51 15.50
N ASP C 3932 3.45 -54.59 16.79
CA ASP C 3932 4.27 -55.55 17.47
C ASP C 3932 3.82 -56.98 17.13
N PHE C 3933 2.56 -57.13 16.79
CA PHE C 3933 2.08 -58.40 16.31
C PHE C 3933 2.84 -58.77 15.00
N TYR C 3934 3.15 -57.75 14.23
CA TYR C 3934 3.96 -57.93 13.05
C TYR C 3934 5.38 -58.29 13.35
N TRP C 3935 5.99 -57.58 14.27
CA TRP C 3935 7.39 -57.76 14.49
C TRP C 3935 7.66 -59.04 15.23
N TYR C 3936 6.62 -59.65 15.77
CA TYR C 3936 6.77 -60.98 16.27
C TYR C 3936 6.49 -62.02 15.21
N TYR C 3937 5.27 -61.97 14.69
CA TYR C 3937 4.81 -62.98 13.78
C TYR C 3937 5.51 -63.04 12.41
N SER C 3938 6.04 -61.89 11.99
CA SER C 3938 6.67 -61.83 10.67
C SER C 3938 7.88 -62.73 10.52
N GLY C 3939 8.62 -62.89 11.60
CA GLY C 3939 9.76 -63.78 11.63
C GLY C 3939 9.40 -65.27 11.65
N LYS C 3940 8.18 -65.59 12.07
CA LYS C 3940 7.73 -66.99 12.10
C LYS C 3940 6.91 -67.38 10.85
N ASP C 3941 6.68 -66.43 9.95
CA ASP C 3941 5.74 -66.67 8.79
C ASP C 3941 4.34 -67.17 9.15
N VAL C 3942 4.19 -68.49 9.27
CA VAL C 3942 2.92 -69.09 9.68
C VAL C 3942 2.51 -68.71 11.11
N ILE C 3943 1.22 -68.47 11.31
CA ILE C 3943 0.63 -68.18 12.61
C ILE C 3943 -0.24 -69.37 12.98
N GLU C 3944 -0.49 -69.52 14.26
CA GLU C 3944 -1.08 -70.72 14.76
C GLU C 3944 -2.51 -70.80 14.48
N GLU C 3945 -3.33 -70.51 15.48
CA GLU C 3945 -4.74 -70.66 15.33
C GLU C 3945 -5.48 -69.64 16.13
N GLN C 3946 -5.37 -69.75 17.44
CA GLN C 3946 -6.10 -68.88 18.33
C GLN C 3946 -5.62 -67.45 18.14
N GLY C 3947 -4.33 -67.25 17.86
CA GLY C 3947 -3.78 -65.91 17.64
C GLY C 3947 -4.30 -65.33 16.37
N LYS C 3948 -4.54 -66.22 15.45
CA LYS C 3948 -5.04 -65.83 14.20
C LYS C 3948 -6.46 -65.29 14.35
N ARG C 3949 -7.32 -66.10 14.92
CA ARG C 3949 -8.71 -65.73 15.03
C ARG C 3949 -8.90 -64.58 16.00
N ASN C 3950 -8.04 -64.51 16.99
CA ASN C 3950 -8.20 -63.49 17.99
C ASN C 3950 -7.71 -62.19 17.41
N PHE C 3951 -6.55 -62.25 16.76
CA PHE C 3951 -6.04 -61.09 16.12
C PHE C 3951 -6.96 -60.61 15.02
N SER C 3952 -7.65 -61.55 14.40
CA SER C 3952 -8.65 -61.21 13.42
C SER C 3952 -9.79 -60.45 14.02
N LYS C 3953 -10.15 -60.86 15.20
CA LYS C 3953 -11.21 -60.22 15.83
C LYS C 3953 -10.74 -58.78 16.21
N ALA C 3954 -9.43 -58.65 16.48
CA ALA C 3954 -8.85 -57.30 16.68
C ALA C 3954 -8.89 -56.47 15.46
N MET C 3955 -8.81 -57.14 14.32
CA MET C 3955 -9.00 -56.44 13.10
C MET C 3955 -10.46 -56.04 12.91
N SER C 3956 -11.41 -56.82 13.43
CA SER C 3956 -12.82 -56.39 13.38
C SER C 3956 -13.02 -55.15 14.22
N VAL C 3957 -12.25 -55.11 15.30
CA VAL C 3957 -12.32 -54.02 16.20
C VAL C 3957 -11.75 -52.79 15.57
N ALA C 3958 -10.56 -52.93 15.14
CA ALA C 3958 -9.90 -51.87 14.58
C ALA C 3958 -10.61 -51.35 13.34
N LYS C 3959 -11.14 -52.26 12.57
CA LYS C 3959 -11.94 -51.88 11.47
C LYS C 3959 -13.12 -51.07 11.90
N GLN C 3960 -13.67 -51.49 13.00
CA GLN C 3960 -14.79 -50.81 13.44
C GLN C 3960 -14.38 -49.40 13.84
N VAL C 3961 -13.15 -49.24 14.23
CA VAL C 3961 -12.67 -47.96 14.62
C VAL C 3961 -12.44 -47.07 13.51
N PHE C 3962 -11.89 -47.63 12.50
CA PHE C 3962 -11.72 -46.86 11.39
C PHE C 3962 -13.08 -46.42 10.87
N ASN C 3963 -14.07 -47.30 10.96
CA ASN C 3963 -15.36 -46.99 10.51
C ASN C 3963 -15.97 -45.89 11.29
N SER C 3964 -15.75 -45.94 12.57
CA SER C 3964 -16.27 -44.93 13.40
C SER C 3964 -15.70 -43.54 13.08
N LEU C 3965 -14.43 -43.55 12.74
CA LEU C 3965 -13.87 -42.32 12.28
C LEU C 3965 -14.46 -41.88 11.00
N THR C 3966 -14.75 -42.85 10.17
CA THR C 3966 -15.20 -42.50 8.89
C THR C 3966 -16.47 -41.73 9.07
N GLU C 3967 -17.32 -42.19 9.97
CA GLU C 3967 -18.54 -41.46 10.30
C GLU C 3967 -18.24 -40.13 10.97
N TYR C 3968 -17.14 -40.07 11.68
CA TYR C 3968 -16.86 -38.86 12.29
C TYR C 3968 -16.57 -37.76 11.34
N ILE C 3969 -15.96 -38.09 10.25
CA ILE C 3969 -15.58 -37.11 9.27
C ILE C 3969 -16.54 -37.06 8.12
N GLN C 3970 -17.41 -38.02 8.03
CA GLN C 3970 -17.99 -38.37 6.74
C GLN C 3970 -18.86 -37.28 6.13
N GLY C 3971 -19.33 -36.39 6.96
CA GLY C 3971 -20.15 -35.37 6.46
C GLY C 3971 -19.22 -34.26 6.05
N PRO C 3972 -19.83 -33.20 5.63
CA PRO C 3972 -19.12 -31.97 5.38
C PRO C 3972 -18.71 -31.25 6.70
N CYS C 3973 -18.05 -31.97 7.61
CA CYS C 3973 -17.50 -31.35 8.86
C CYS C 3973 -16.12 -30.85 8.63
N THR C 3974 -16.07 -29.60 8.29
CA THR C 3974 -14.81 -29.03 7.94
C THR C 3974 -13.98 -28.86 9.21
N GLY C 3975 -14.66 -28.63 10.34
CA GLY C 3975 -13.93 -28.30 11.58
C GLY C 3975 -13.33 -29.55 12.16
N ASN C 3976 -14.03 -30.67 11.99
CA ASN C 3976 -13.52 -31.94 12.43
C ASN C 3976 -12.32 -32.30 11.62
N GLN C 3977 -12.34 -31.92 10.35
CA GLN C 3977 -11.22 -32.14 9.50
C GLN C 3977 -10.09 -31.28 9.96
N GLN C 3978 -10.39 -30.10 10.51
CA GLN C 3978 -9.37 -29.29 11.13
C GLN C 3978 -8.77 -29.99 12.31
N SER C 3979 -9.61 -30.67 13.03
CA SER C 3979 -9.14 -31.41 14.14
C SER C 3979 -8.24 -32.52 13.73
N LEU C 3980 -8.56 -33.13 12.64
CA LEU C 3980 -7.70 -34.12 12.13
C LEU C 3980 -6.45 -33.50 11.52
N ALA C 3981 -6.52 -32.24 11.10
CA ALA C 3981 -5.32 -31.47 10.67
C ALA C 3981 -4.38 -31.34 11.77
N HIS C 3982 -4.94 -31.25 12.97
CA HIS C 3982 -4.12 -31.20 14.16
C HIS C 3982 -3.87 -32.61 14.74
N SER C 3983 -4.52 -33.63 14.15
CA SER C 3983 -4.41 -35.06 14.57
C SER C 3983 -3.16 -35.72 14.11
N ARG C 3984 -2.74 -36.71 14.86
CA ARG C 3984 -1.50 -37.38 14.56
C ARG C 3984 -1.76 -38.47 13.52
N LEU C 3985 -2.93 -38.37 12.92
CA LEU C 3985 -3.53 -39.40 12.21
C LEU C 3985 -2.76 -40.06 11.10
N TRP C 3986 -1.90 -39.28 10.50
CA TRP C 3986 -1.21 -39.73 9.37
C TRP C 3986 -0.21 -40.86 9.74
N ASP C 3987 0.49 -40.79 10.87
CA ASP C 3987 1.26 -41.96 11.32
C ASP C 3987 0.43 -43.15 11.56
N ALA C 3988 -0.77 -42.85 11.98
CA ALA C 3988 -1.72 -43.88 12.22
C ALA C 3988 -2.08 -44.60 11.00
N VAL C 3989 -1.98 -43.89 9.92
CA VAL C 3989 -2.15 -44.55 8.69
C VAL C 3989 -0.89 -45.32 8.29
N VAL C 3990 0.28 -44.73 8.53
CA VAL C 3990 1.54 -45.32 8.05
C VAL C 3990 1.82 -46.67 8.58
N GLY C 3991 1.48 -46.83 9.82
CA GLY C 3991 1.84 -48.04 10.42
C GLY C 3991 0.98 -49.17 9.94
N PHE C 3992 -0.28 -48.90 9.68
CA PHE C 3992 -1.07 -49.92 9.05
C PHE C 3992 -0.58 -50.21 7.69
N LEU C 3993 -0.13 -49.16 7.04
CA LEU C 3993 0.37 -49.36 5.76
C LEU C 3993 1.52 -50.28 5.80
N HIS C 3994 2.35 -50.16 6.82
CA HIS C 3994 3.51 -50.95 6.91
C HIS C 3994 3.21 -52.40 7.19
N VAL C 3995 2.51 -52.59 8.25
CA VAL C 3995 2.32 -53.90 8.75
C VAL C 3995 1.52 -54.69 7.79
N PHE C 3996 0.64 -54.03 7.07
CA PHE C 3996 -0.12 -54.73 6.11
C PHE C 3996 0.66 -54.95 4.89
N ALA C 3997 1.50 -53.99 4.51
CA ALA C 3997 2.30 -54.12 3.32
C ALA C 3997 3.17 -55.33 3.42
N HIS C 3998 3.60 -55.70 4.61
CA HIS C 3998 4.34 -56.93 4.75
C HIS C 3998 3.51 -58.15 5.13
N MET C 3999 2.60 -57.98 6.08
CA MET C 3999 1.83 -59.11 6.57
C MET C 3999 0.88 -59.71 5.59
N MET C 4000 0.36 -58.92 4.70
CA MET C 4000 -0.48 -59.52 3.73
C MET C 4000 0.32 -60.46 2.84
N MET C 4001 1.56 -60.11 2.57
CA MET C 4001 2.47 -60.99 1.84
C MET C 4001 2.79 -62.22 2.64
N LYS C 4002 2.92 -62.04 3.94
CA LYS C 4002 3.22 -63.17 4.81
C LYS C 4002 2.06 -64.17 4.88
N LEU C 4003 0.87 -63.62 4.74
CA LEU C 4003 -0.34 -64.42 4.71
C LEU C 4003 -0.70 -64.92 3.34
N ALA C 4004 0.00 -64.40 2.35
CA ALA C 4004 -0.22 -64.84 0.98
C ALA C 4004 0.50 -66.13 0.71
N GLN C 4005 1.29 -66.55 1.67
CA GLN C 4005 2.03 -67.77 1.51
C GLN C 4005 1.13 -68.96 1.42
N ASP C 4006 0.04 -68.90 2.17
CA ASP C 4006 -0.90 -69.96 2.18
C ASP C 4006 -2.32 -69.55 1.99
N SER C 4007 -3.06 -70.41 1.30
CA SER C 4007 -4.47 -70.22 1.12
C SER C 4007 -5.23 -70.41 2.46
N SER C 4008 -4.66 -71.22 3.35
CA SER C 4008 -5.24 -71.37 4.69
C SER C 4008 -5.15 -70.04 5.44
N GLN C 4009 -4.12 -69.25 5.10
CA GLN C 4009 -3.87 -67.96 5.73
C GLN C 4009 -4.70 -66.79 5.25
N ILE C 4010 -5.35 -66.96 4.12
CA ILE C 4010 -6.05 -65.84 3.53
C ILE C 4010 -7.41 -65.62 4.15
N GLU C 4011 -7.85 -66.55 4.98
CA GLU C 4011 -9.08 -66.31 5.68
C GLU C 4011 -8.76 -65.51 6.92
N LEU C 4012 -8.31 -64.30 6.67
CA LEU C 4012 -7.66 -63.49 7.65
C LEU C 4012 -7.04 -62.35 6.90
N LEU C 4013 -6.41 -62.75 5.82
CA LEU C 4013 -5.93 -61.78 4.92
C LEU C 4013 -7.09 -61.04 4.29
N LYS C 4014 -8.18 -61.72 4.12
CA LYS C 4014 -9.39 -61.14 3.71
C LYS C 4014 -9.81 -60.05 4.64
N GLU C 4015 -9.64 -60.32 5.92
CA GLU C 4015 -9.99 -59.38 6.93
C GLU C 4015 -9.10 -58.18 6.85
N LEU C 4016 -7.87 -58.44 6.52
CA LEU C 4016 -6.92 -57.38 6.33
C LEU C 4016 -7.31 -56.54 5.19
N LEU C 4017 -7.88 -57.16 4.19
CA LEU C 4017 -8.34 -56.44 3.09
C LEU C 4017 -9.49 -55.58 3.43
N ASP C 4018 -10.31 -56.08 4.32
CA ASP C 4018 -11.42 -55.32 4.71
C ASP C 4018 -10.99 -54.11 5.46
N LEU C 4019 -10.09 -54.34 6.38
CA LEU C 4019 -9.64 -53.29 7.23
C LEU C 4019 -8.94 -52.24 6.40
N GLN C 4020 -8.17 -52.69 5.44
CA GLN C 4020 -7.44 -51.82 4.59
C GLN C 4020 -8.41 -51.00 3.74
N LYS C 4021 -9.53 -51.59 3.43
CA LYS C 4021 -10.46 -50.92 2.59
C LYS C 4021 -11.13 -49.80 3.32
N ASP C 4022 -11.60 -50.09 4.49
CA ASP C 4022 -12.26 -49.07 5.21
C ASP C 4022 -11.27 -48.01 5.62
N MET C 4023 -10.03 -48.41 5.71
CA MET C 4023 -8.99 -47.50 6.06
C MET C 4023 -8.82 -46.42 5.03
N VAL C 4024 -8.72 -46.89 3.82
CA VAL C 4024 -8.58 -45.96 2.79
C VAL C 4024 -9.81 -45.17 2.60
N VAL C 4025 -10.92 -45.75 2.98
CA VAL C 4025 -12.15 -45.02 2.96
C VAL C 4025 -12.11 -43.85 3.86
N MET C 4026 -11.56 -43.99 5.05
CA MET C 4026 -11.48 -42.83 5.87
C MET C 4026 -10.55 -41.82 5.30
N LEU C 4027 -9.60 -42.32 4.61
CA LEU C 4027 -8.71 -41.43 4.04
C LEU C 4027 -9.32 -40.64 2.93
N LEU C 4028 -10.31 -41.20 2.33
CA LEU C 4028 -10.98 -40.49 1.36
C LEU C 4028 -11.98 -39.55 1.98
N SER C 4029 -12.61 -40.00 3.05
CA SER C 4029 -13.63 -39.19 3.69
C SER C 4029 -12.96 -37.91 4.18
N LEU C 4030 -11.70 -38.01 4.57
CA LEU C 4030 -10.91 -36.86 4.87
C LEU C 4030 -10.79 -35.90 3.71
N LEU C 4031 -10.71 -36.43 2.52
CA LEU C 4031 -10.54 -35.61 1.33
C LEU C 4031 -11.80 -35.05 0.76
N GLU C 4032 -12.90 -35.53 1.29
CA GLU C 4032 -14.18 -35.08 0.80
C GLU C 4032 -14.42 -33.60 1.04
N GLY C 4033 -13.81 -33.09 2.09
CA GLY C 4033 -13.86 -31.67 2.35
C GLY C 4033 -12.93 -30.91 1.43
N ASN C 4034 -11.90 -31.58 0.95
CA ASN C 4034 -10.88 -30.95 0.16
C ASN C 4034 -11.30 -30.65 -1.26
N VAL C 4035 -10.84 -29.48 -1.76
CA VAL C 4035 -10.99 -29.12 -3.17
C VAL C 4035 -9.79 -28.36 -3.78
N VAL C 4036 -9.62 -27.15 -3.32
CA VAL C 4036 -8.52 -26.32 -3.75
C VAL C 4036 -7.29 -26.84 -3.07
N ASN C 4037 -6.10 -26.58 -3.58
CA ASN C 4037 -4.82 -27.03 -2.95
C ASN C 4037 -4.86 -27.12 -1.40
N GLY C 4038 -5.58 -28.12 -0.92
CA GLY C 4038 -5.74 -28.42 0.51
C GLY C 4038 -4.48 -28.83 1.20
N MET C 4039 -4.26 -28.13 2.28
CA MET C 4039 -3.14 -28.32 3.12
C MET C 4039 -3.09 -29.72 3.67
N ILE C 4040 -4.28 -30.23 3.94
CA ILE C 4040 -4.35 -31.44 4.67
C ILE C 4040 -4.12 -32.58 3.70
N ALA C 4041 -4.63 -32.40 2.50
CA ALA C 4041 -4.42 -33.38 1.48
C ALA C 4041 -2.97 -33.45 1.11
N ARG C 4042 -2.33 -32.31 1.15
CA ARG C 4042 -0.91 -32.27 0.91
C ARG C 4042 -0.10 -32.96 1.97
N GLN C 4043 -0.54 -32.86 3.21
CA GLN C 4043 0.12 -33.58 4.26
C GLN C 4043 -0.04 -35.07 4.07
N MET C 4044 -1.17 -35.45 3.52
CA MET C 4044 -1.33 -36.82 3.14
C MET C 4044 -0.39 -37.23 2.08
N VAL C 4045 -0.12 -36.31 1.18
CA VAL C 4045 0.79 -36.63 0.15
C VAL C 4045 2.16 -36.86 0.73
N ASP C 4046 2.47 -36.07 1.74
CA ASP C 4046 3.75 -36.14 2.35
C ASP C 4046 3.95 -37.41 3.14
N MET C 4047 2.92 -37.83 3.83
CA MET C 4047 3.02 -39.12 4.48
C MET C 4047 3.14 -40.27 3.48
N LEU C 4048 2.45 -40.13 2.36
CA LEU C 4048 2.53 -41.14 1.35
C LEU C 4048 3.94 -41.11 0.74
N VAL C 4049 4.62 -39.95 0.76
CA VAL C 4049 6.04 -39.85 0.41
C VAL C 4049 6.88 -40.66 1.38
N GLU C 4050 6.63 -40.47 2.66
CA GLU C 4050 7.37 -41.18 3.68
C GLU C 4050 7.11 -42.69 3.61
N SER C 4051 5.90 -43.07 3.23
CA SER C 4051 5.53 -44.46 3.26
C SER C 4051 5.47 -45.03 1.92
N SER C 4052 6.14 -44.40 1.01
CA SER C 4052 5.98 -44.77 -0.34
C SER C 4052 6.50 -46.14 -0.62
N SER C 4053 7.45 -46.60 0.19
CA SER C 4053 7.95 -47.98 0.08
C SER C 4053 6.83 -48.98 0.15
N ASN C 4054 5.98 -48.71 1.10
CA ASN C 4054 4.92 -49.58 1.38
C ASN C 4054 3.91 -49.53 0.25
N VAL C 4055 3.67 -48.34 -0.31
CA VAL C 4055 2.76 -48.19 -1.43
C VAL C 4055 3.30 -48.95 -2.60
N GLU C 4056 4.59 -48.94 -2.75
CA GLU C 4056 5.20 -49.69 -3.84
C GLU C 4056 4.91 -51.18 -3.64
N MET C 4057 4.96 -51.62 -2.36
CA MET C 4057 4.71 -53.04 -2.04
C MET C 4057 3.28 -53.46 -2.37
N ILE C 4058 2.34 -52.70 -1.86
CA ILE C 4058 0.94 -53.01 -2.05
C ILE C 4058 0.55 -52.95 -3.50
N LEU C 4059 1.12 -51.99 -4.23
CA LEU C 4059 0.82 -51.86 -5.64
C LEU C 4059 1.37 -53.00 -6.48
N LYS C 4060 2.54 -53.48 -6.10
CA LYS C 4060 3.05 -54.65 -6.82
C LYS C 4060 2.22 -55.86 -6.45
N PHE C 4061 1.60 -55.81 -5.28
CA PHE C 4061 0.58 -56.76 -5.01
C PHE C 4061 -0.65 -56.53 -5.96
N PHE C 4062 -0.97 -55.26 -6.30
CA PHE C 4062 -2.11 -54.93 -7.21
C PHE C 4062 -1.87 -55.27 -8.69
N ASP C 4063 -0.62 -55.55 -9.02
CA ASP C 4063 -0.29 -55.99 -10.37
C ASP C 4063 -1.04 -57.27 -10.75
N MET C 4064 -1.33 -58.05 -9.71
CA MET C 4064 -2.11 -59.27 -9.79
C MET C 4064 -3.50 -59.05 -10.41
N ILE C 4071 -5.65 -61.84 -10.49
CA ILE C 4071 -6.40 -62.28 -11.67
C ILE C 4071 -5.58 -62.13 -12.97
N VAL C 4072 -4.49 -61.30 -12.95
CA VAL C 4072 -3.50 -61.10 -14.07
C VAL C 4072 -2.95 -62.40 -14.64
N GLY C 4073 -2.83 -63.42 -13.81
CA GLY C 4073 -2.17 -64.66 -14.17
C GLY C 4073 -3.03 -65.63 -14.96
N SER C 4074 -4.34 -65.37 -15.08
CA SER C 4074 -5.16 -66.20 -15.95
C SER C 4074 -4.70 -66.01 -17.43
N GLU C 4075 -4.11 -64.84 -17.71
CA GLU C 4075 -3.36 -64.51 -18.95
C GLU C 4075 -2.22 -65.47 -19.22
N ALA C 4076 -1.60 -66.00 -18.16
CA ALA C 4076 -0.43 -66.83 -18.33
C ALA C 4076 -0.76 -68.21 -18.98
N PHE C 4077 -2.02 -68.69 -18.78
CA PHE C 4077 -2.40 -70.11 -19.12
C PHE C 4077 -2.54 -70.44 -20.62
N GLN C 4078 -2.65 -69.43 -21.49
CA GLN C 4078 -2.48 -69.66 -22.95
C GLN C 4078 -1.34 -68.80 -23.58
N ASP C 4079 -0.98 -67.62 -23.00
CA ASP C 4079 0.16 -66.72 -23.55
C ASP C 4079 1.52 -67.42 -23.54
N TYR C 4080 1.71 -68.30 -22.56
CA TYR C 4080 2.94 -69.06 -22.39
C TYR C 4080 2.64 -70.50 -21.89
N VAL C 4081 1.69 -71.20 -22.55
CA VAL C 4081 1.16 -72.48 -22.08
C VAL C 4081 2.27 -73.50 -22.26
N THR C 4082 2.32 -74.47 -21.35
CA THR C 4082 3.29 -75.53 -21.42
C THR C 4082 2.65 -76.87 -20.98
N ASP C 4083 1.30 -76.99 -21.05
CA ASP C 4083 0.56 -78.28 -20.82
C ASP C 4083 -0.96 -78.20 -21.20
N PRO C 4084 -1.64 -77.11 -20.79
CA PRO C 4084 -3.08 -76.83 -20.87
C PRO C 4084 -3.96 -78.04 -20.46
N ARG C 4085 -3.62 -78.74 -19.37
CA ARG C 4085 -4.42 -79.91 -18.84
C ARG C 4085 -4.80 -79.64 -17.34
N GLY C 4086 -5.02 -78.37 -17.02
CA GLY C 4086 -5.34 -77.93 -15.66
C GLY C 4086 -4.07 -77.71 -14.87
N LEU C 4087 -2.92 -77.99 -15.48
CA LEU C 4087 -1.60 -77.89 -14.82
C LEU C 4087 -0.58 -77.19 -15.76
N ILE C 4088 0.43 -76.50 -15.24
CA ILE C 4088 1.51 -75.89 -16.09
C ILE C 4088 2.82 -75.77 -15.30
N SER C 4089 3.97 -76.04 -15.90
CA SER C 4089 5.22 -75.97 -15.13
C SER C 4089 5.63 -74.54 -14.80
N LYS C 4090 6.29 -74.40 -13.68
CA LYS C 4090 6.78 -73.14 -13.23
C LYS C 4090 8.09 -72.79 -13.92
N LYS C 4091 7.95 -72.43 -15.16
CA LYS C 4091 9.09 -72.08 -15.97
C LYS C 4091 8.65 -71.14 -17.14
N ASP C 4092 7.71 -71.56 -18.03
CA ASP C 4092 7.25 -70.68 -19.16
C ASP C 4092 6.60 -69.40 -18.67
N PHE C 4093 5.90 -69.44 -17.53
CA PHE C 4093 5.36 -68.21 -16.92
C PHE C 4093 6.38 -67.57 -15.95
N GLN C 4094 7.36 -68.36 -15.49
CA GLN C 4094 8.50 -67.86 -14.64
C GLN C 4094 9.38 -66.87 -15.39
N LYS C 4095 9.42 -67.02 -16.72
CA LYS C 4095 10.18 -66.08 -17.54
C LYS C 4095 9.33 -65.61 -18.74
N ALA C 4096 8.09 -65.23 -18.46
CA ALA C 4096 7.17 -64.68 -19.49
C ALA C 4096 6.96 -63.18 -19.27
N MET C 4097 5.98 -62.82 -18.43
CA MET C 4097 5.71 -61.44 -18.06
C MET C 4097 6.91 -60.86 -17.29
N ASP C 4098 7.64 -61.71 -16.57
CA ASP C 4098 8.90 -61.28 -15.93
C ASP C 4098 9.94 -60.91 -16.98
N SER C 4099 9.82 -61.52 -18.16
CA SER C 4099 10.74 -61.28 -19.24
C SER C 4099 10.25 -60.22 -20.23
N GLN C 4100 10.02 -59.00 -19.74
CA GLN C 4100 9.66 -57.84 -20.60
C GLN C 4100 9.84 -56.47 -19.92
N GLN C 4102 9.41 -56.54 -15.76
CA GLN C 4102 8.92 -55.43 -14.96
C GLN C 4102 8.97 -55.76 -13.47
N PHE C 4103 8.09 -56.63 -13.03
CA PHE C 4103 8.05 -57.04 -11.63
C PHE C 4103 9.35 -57.83 -11.28
N THR C 4104 9.87 -57.66 -10.05
CA THR C 4104 10.99 -58.47 -9.55
C THR C 4104 10.63 -59.96 -9.57
N GLY C 4105 11.62 -60.79 -9.92
CA GLY C 4105 11.37 -62.22 -10.03
C GLY C 4105 11.27 -62.83 -8.66
N PRO C 4106 11.73 -62.09 -7.62
CA PRO C 4106 11.47 -62.45 -6.21
C PRO C 4106 9.98 -62.60 -5.94
N GLU C 4107 9.19 -61.73 -6.57
CA GLU C 4107 7.77 -61.79 -6.37
C GLU C 4107 7.16 -62.84 -7.31
N ILE C 4108 7.92 -63.33 -8.30
CA ILE C 4108 7.52 -64.49 -9.12
C ILE C 4108 7.78 -65.79 -8.34
N GLN C 4109 8.90 -65.82 -7.63
CA GLN C 4109 9.14 -66.94 -6.76
C GLN C 4109 8.15 -66.91 -5.58
N PHE C 4110 7.77 -65.69 -5.19
CA PHE C 4110 6.65 -65.49 -4.24
C PHE C 4110 5.32 -66.01 -4.83
N LEU C 4111 5.21 -65.83 -6.13
CA LEU C 4111 4.07 -66.30 -6.84
C LEU C 4111 4.02 -67.84 -6.90
N LEU C 4112 5.18 -68.51 -6.89
CA LEU C 4112 5.25 -70.00 -6.81
C LEU C 4112 4.62 -70.51 -5.53
N SER C 4113 4.88 -69.77 -4.45
CA SER C 4113 4.23 -70.05 -3.19
C SER C 4113 2.76 -69.72 -3.26
N CYS C 4114 2.41 -68.70 -4.02
CA CYS C 4114 1.00 -68.36 -4.22
C CYS C 4114 0.29 -69.49 -4.96
N SER C 4115 1.03 -70.19 -5.80
CA SER C 4115 0.51 -71.36 -6.45
C SER C 4115 0.41 -72.52 -5.48
N GLU C 4116 1.10 -72.40 -4.36
CA GLU C 4116 1.04 -73.39 -3.29
C GLU C 4116 1.57 -74.73 -3.78
N ALA C 4117 2.52 -74.70 -4.72
CA ALA C 4117 3.11 -75.91 -5.28
C ALA C 4117 2.04 -76.99 -5.73
N ASP C 4118 1.07 -76.60 -6.57
CA ASP C 4118 -0.02 -77.51 -7.02
C ASP C 4118 0.51 -78.79 -7.71
N GLU C 4119 -0.05 -79.95 -7.36
CA GLU C 4119 0.52 -81.28 -7.71
C GLU C 4119 2.00 -81.34 -7.28
N ASN C 4120 2.90 -80.75 -8.07
CA ASN C 4120 4.27 -80.43 -7.60
C ASN C 4120 4.85 -79.18 -8.29
N GLU C 4121 5.68 -79.34 -9.31
CA GLU C 4121 6.20 -78.18 -10.08
C GLU C 4121 5.11 -77.41 -10.79
N MET C 4122 4.02 -78.11 -11.11
CA MET C 4122 2.94 -77.54 -11.89
C MET C 4122 2.21 -76.39 -11.15
N ILE C 4123 1.77 -75.37 -11.90
CA ILE C 4123 1.01 -74.22 -11.36
C ILE C 4123 -0.54 -74.36 -11.52
N ASN C 4124 -1.31 -74.18 -10.44
CA ASN C 4124 -2.80 -74.13 -10.50
C ASN C 4124 -3.30 -72.78 -11.11
N PHE C 4125 -4.50 -72.84 -11.68
CA PHE C 4125 -5.06 -71.77 -12.47
C PHE C 4125 -5.92 -70.77 -11.69
N GLU C 4126 -7.24 -71.01 -11.68
CA GLU C 4126 -8.26 -70.03 -11.26
C GLU C 4126 -8.15 -69.63 -9.82
N GLU C 4127 -7.60 -70.52 -8.99
CA GLU C 4127 -7.49 -70.22 -7.56
C GLU C 4127 -6.51 -69.03 -7.32
N PHE C 4128 -5.59 -68.80 -8.28
CA PHE C 4128 -4.80 -67.55 -8.39
C PHE C 4128 -5.69 -66.23 -8.46
N ALA C 4129 -6.80 -66.32 -9.21
CA ALA C 4129 -7.60 -65.14 -9.56
C ALA C 4129 -8.25 -64.44 -8.26
N ASN C 4130 -8.48 -65.18 -7.18
CA ASN C 4130 -9.05 -64.62 -5.90
C ASN C 4130 -8.15 -63.60 -5.21
N ARG C 4131 -6.85 -63.65 -5.44
CA ARG C 4131 -5.94 -62.64 -4.87
C ARG C 4131 -5.23 -61.87 -5.98
N PRO C 4135 -12.23 -59.45 -5.27
CA PRO C 4135 -12.30 -59.35 -3.82
C PRO C 4135 -11.72 -58.06 -3.33
N ALA C 4136 -10.42 -58.00 -3.54
CA ALA C 4136 -9.59 -56.93 -3.15
C ALA C 4136 -9.62 -55.85 -4.16
N ARG C 4137 -10.35 -56.11 -5.24
CA ARG C 4137 -10.46 -55.21 -6.38
C ARG C 4137 -10.88 -53.79 -6.09
N ASP C 4138 -11.80 -53.71 -5.20
CA ASP C 4138 -12.35 -52.49 -4.88
C ASP C 4138 -11.37 -51.67 -4.08
N ILE C 4139 -10.46 -52.29 -3.38
CA ILE C 4139 -9.47 -51.56 -2.64
C ILE C 4139 -8.61 -50.78 -3.51
N GLY C 4140 -8.33 -51.39 -4.62
CA GLY C 4140 -7.46 -50.77 -5.54
C GLY C 4140 -8.20 -49.62 -6.21
N PHE C 4141 -9.51 -49.78 -6.41
CA PHE C 4141 -10.33 -48.68 -6.85
C PHE C 4141 -10.33 -47.55 -5.90
N ASN C 4142 -10.26 -47.89 -4.65
CA ASN C 4142 -10.28 -46.89 -3.67
C ASN C 4142 -9.08 -46.07 -3.61
N VAL C 4143 -7.97 -46.75 -3.62
CA VAL C 4143 -6.73 -46.03 -3.61
C VAL C 4143 -6.53 -45.28 -4.88
N ALA C 4144 -7.04 -45.83 -5.94
CA ALA C 4144 -6.93 -45.18 -7.20
C ALA C 4144 -7.70 -43.91 -7.21
N VAL C 4145 -8.86 -43.95 -6.60
CA VAL C 4145 -9.63 -42.78 -6.51
C VAL C 4145 -8.94 -41.79 -5.64
N LEU C 4146 -8.28 -42.27 -4.63
CA LEU C 4146 -7.59 -41.40 -3.79
C LEU C 4146 -6.51 -40.71 -4.51
N LEU C 4147 -5.89 -41.39 -5.44
CA LEU C 4147 -4.79 -40.84 -6.13
C LEU C 4147 -5.17 -39.84 -7.12
N THR C 4148 -6.10 -40.25 -7.90
CA THR C 4148 -6.61 -39.44 -8.94
C THR C 4148 -7.25 -38.20 -8.36
N ASN C 4149 -7.79 -38.32 -7.17
CA ASN C 4149 -8.39 -37.18 -6.57
C ASN C 4149 -7.37 -36.33 -5.89
N LEU C 4150 -6.29 -36.93 -5.45
CA LEU C 4150 -5.21 -36.14 -4.94
C LEU C 4150 -4.61 -35.31 -6.01
N SER C 4151 -4.64 -35.86 -7.20
CA SER C 4151 -4.19 -35.12 -8.33
C SER C 4151 -5.04 -33.92 -8.50
N GLU C 4152 -6.30 -34.01 -8.13
CA GLU C 4152 -7.19 -32.90 -8.28
C GLU C 4152 -7.33 -32.02 -7.10
N HIS C 4153 -7.23 -32.57 -5.90
CA HIS C 4153 -7.39 -31.74 -4.77
C HIS C 4153 -6.29 -30.73 -4.71
N VAL C 4154 -5.10 -31.08 -5.19
CA VAL C 4154 -3.97 -30.16 -5.11
C VAL C 4154 -3.29 -30.07 -6.42
N PRO C 4155 -3.95 -29.35 -7.32
CA PRO C 4155 -3.70 -29.25 -8.72
C PRO C 4155 -2.39 -28.54 -9.11
N HIS C 4156 -1.87 -28.95 -10.27
CA HIS C 4156 -0.76 -28.33 -10.94
C HIS C 4156 0.55 -28.50 -10.12
N ASP C 4157 0.81 -29.70 -9.59
CA ASP C 4157 1.92 -29.94 -8.68
C ASP C 4157 2.84 -31.14 -9.02
N PRO C 4158 4.09 -31.07 -8.52
CA PRO C 4158 5.14 -31.99 -8.86
C PRO C 4158 5.24 -33.28 -8.08
N ARG C 4159 5.51 -33.22 -6.79
CA ARG C 4159 5.90 -34.42 -6.03
C ARG C 4159 4.79 -35.38 -5.96
N LEU C 4160 3.60 -34.82 -6.00
CA LEU C 4160 2.38 -35.55 -6.00
C LEU C 4160 2.32 -36.43 -7.19
N ARG C 4161 2.56 -35.87 -8.38
CA ARG C 4161 2.45 -36.61 -9.62
C ARG C 4161 3.72 -37.40 -9.85
N ASN C 4162 4.76 -37.16 -9.07
CA ASN C 4162 5.91 -38.07 -9.02
C ASN C 4162 5.59 -39.34 -8.33
N PHE C 4163 5.02 -39.18 -7.15
CA PHE C 4163 4.54 -40.29 -6.39
C PHE C 4163 3.36 -40.97 -7.10
N LEU C 4164 2.57 -40.20 -7.84
CA LEU C 4164 1.40 -40.70 -8.53
C LEU C 4164 1.82 -41.44 -9.74
N GLU C 4165 2.81 -40.94 -10.45
CA GLU C 4165 3.31 -41.63 -11.60
C GLU C 4165 3.98 -42.89 -11.14
N LEU C 4166 4.57 -42.82 -9.95
CA LEU C 4166 5.14 -43.99 -9.35
C LEU C 4166 4.08 -45.02 -9.06
N ALA C 4167 2.91 -44.49 -8.76
CA ALA C 4167 1.81 -45.30 -8.40
C ALA C 4167 0.94 -45.63 -9.58
N GLU C 4168 1.36 -45.18 -10.74
CA GLU C 4168 0.48 -45.23 -11.88
C GLU C 4168 0.48 -46.62 -12.50
N SER C 4169 1.39 -47.44 -11.99
CA SER C 4169 1.67 -48.74 -12.45
C SER C 4169 0.45 -49.66 -12.62
N ILE C 4170 -0.53 -49.58 -11.72
CA ILE C 4170 -1.73 -50.41 -11.82
C ILE C 4170 -2.92 -49.56 -11.42
N LEU C 4171 -3.45 -48.78 -12.36
CA LEU C 4171 -4.68 -47.96 -12.17
C LEU C 4171 -5.62 -48.09 -13.35
N GLU C 4172 -5.06 -48.63 -14.39
CA GLU C 4172 -5.68 -48.74 -15.68
C GLU C 4172 -6.75 -49.81 -15.69
N TYR C 4173 -6.52 -50.83 -14.90
CA TYR C 4173 -7.45 -51.93 -14.69
C TYR C 4173 -8.69 -51.38 -14.07
N PHE C 4174 -8.57 -50.33 -13.30
CA PHE C 4174 -9.62 -49.79 -12.58
C PHE C 4174 -10.45 -48.72 -13.31
N ARG C 4175 -9.96 -48.17 -14.41
CA ARG C 4175 -10.73 -47.13 -15.07
C ARG C 4175 -12.09 -47.58 -15.61
N PRO C 4176 -12.16 -48.80 -16.19
CA PRO C 4176 -13.48 -49.34 -16.46
C PRO C 4176 -14.41 -49.30 -15.33
N TYR C 4177 -13.87 -49.66 -14.19
CA TYR C 4177 -14.64 -49.74 -13.00
C TYR C 4177 -14.96 -48.33 -12.55
N LEU C 4178 -14.16 -47.34 -12.95
CA LEU C 4178 -14.24 -45.95 -12.48
C LEU C 4178 -15.48 -45.24 -12.90
N GLY C 4179 -15.98 -44.41 -11.98
CA GLY C 4179 -16.94 -43.38 -12.32
C GLY C 4179 -16.54 -42.07 -11.69
N ARG C 4180 -16.74 -40.96 -12.39
CA ARG C 4180 -16.33 -39.66 -11.88
C ARG C 4180 -17.17 -38.52 -12.36
N ILE C 4181 -17.49 -37.63 -11.43
CA ILE C 4181 -18.33 -36.48 -11.75
C ILE C 4181 -18.11 -35.26 -10.89
N GLU C 4182 -18.40 -34.13 -11.52
CA GLU C 4182 -18.49 -32.87 -10.87
C GLU C 4182 -19.84 -32.80 -10.21
N ILE C 4183 -19.80 -32.17 -9.04
CA ILE C 4183 -20.97 -31.78 -8.39
C ILE C 4183 -20.84 -30.45 -7.64
N MET C 4184 -21.93 -29.73 -7.58
CA MET C 4184 -21.96 -28.50 -6.90
C MET C 4184 -22.90 -28.71 -5.80
N GLY C 4185 -22.29 -29.11 -4.72
CA GLY C 4185 -23.07 -29.36 -3.57
C GLY C 4185 -23.39 -28.21 -2.66
N ALA C 4186 -23.95 -28.50 -1.48
CA ALA C 4186 -24.53 -27.49 -0.64
C ALA C 4186 -23.47 -26.67 0.12
N SER C 4187 -22.42 -26.18 -0.56
CA SER C 4187 -21.37 -25.41 0.07
C SER C 4187 -20.60 -24.61 -0.96
N ARG C 4188 -21.16 -24.48 -2.15
CA ARG C 4188 -20.66 -23.53 -3.13
C ARG C 4188 -19.23 -23.71 -3.58
N ARG C 4189 -19.03 -24.96 -3.87
CA ARG C 4189 -17.86 -25.43 -4.46
C ARG C 4189 -18.23 -26.65 -5.26
N ILE C 4190 -17.37 -26.89 -6.20
CA ILE C 4190 -17.55 -27.94 -7.08
C ILE C 4190 -16.55 -29.05 -6.81
N GLU C 4191 -17.09 -30.06 -6.17
CA GLU C 4191 -16.30 -31.21 -5.89
C GLU C 4191 -16.14 -32.03 -7.12
N ARG C 4192 -14.97 -32.64 -7.18
CA ARG C 4192 -14.77 -33.61 -8.19
C ARG C 4192 -14.87 -34.98 -7.57
N ILE C 4193 -16.07 -35.37 -7.22
CA ILE C 4193 -16.25 -36.67 -6.55
C ILE C 4193 -16.14 -37.86 -7.42
N TYR C 4194 -15.79 -38.96 -6.78
CA TYR C 4194 -15.72 -40.17 -7.48
C TYR C 4194 -16.64 -41.20 -6.89
N PHE C 4195 -16.92 -42.21 -7.74
CA PHE C 4195 -17.77 -43.31 -7.43
C PHE C 4195 -17.58 -44.55 -8.35
N GLU C 4196 -17.75 -45.71 -7.78
CA GLU C 4196 -17.60 -46.95 -8.53
C GLU C 4196 -18.81 -47.16 -9.31
N ILE C 4197 -18.58 -47.78 -10.45
CA ILE C 4197 -19.70 -48.24 -11.28
C ILE C 4197 -19.79 -49.77 -11.37
N SER C 4198 -20.98 -50.31 -11.13
CA SER C 4198 -21.22 -51.73 -11.30
C SER C 4198 -20.97 -52.14 -12.71
N GLU C 4199 -20.32 -53.28 -12.84
CA GLU C 4199 -19.90 -53.75 -14.11
C GLU C 4199 -20.95 -54.56 -14.82
N THR C 4200 -21.77 -55.27 -14.05
CA THR C 4200 -22.85 -56.02 -14.65
C THR C 4200 -23.82 -55.05 -15.29
N ASN C 4201 -24.08 -53.98 -14.56
CA ASN C 4201 -24.92 -52.91 -15.06
C ASN C 4201 -24.35 -52.22 -16.27
N ARG C 4202 -23.04 -52.04 -16.24
CA ARG C 4202 -22.37 -51.39 -17.32
C ARG C 4202 -22.50 -52.25 -18.55
N ALA C 4203 -22.50 -53.57 -18.34
CA ALA C 4203 -22.68 -54.51 -19.42
C ALA C 4203 -24.05 -54.44 -20.01
N GLN C 4204 -25.03 -54.31 -19.14
CA GLN C 4204 -26.38 -54.25 -19.61
C GLN C 4204 -26.61 -52.97 -20.40
N TRP C 4205 -25.87 -51.91 -20.03
CA TRP C 4205 -26.00 -50.60 -20.64
C TRP C 4205 -25.63 -50.57 -22.09
N GLU C 4206 -24.71 -51.42 -22.49
CA GLU C 4206 -24.06 -51.20 -23.75
C GLU C 4206 -24.85 -51.32 -25.08
N MET C 4207 -25.92 -52.10 -25.14
CA MET C 4207 -26.47 -52.52 -26.46
C MET C 4207 -27.96 -52.30 -26.80
N PRO C 4208 -28.88 -52.48 -25.83
CA PRO C 4208 -30.23 -52.55 -26.28
C PRO C 4208 -30.80 -51.21 -26.51
N GLN C 4209 -32.04 -51.02 -26.04
CA GLN C 4209 -32.73 -49.75 -26.17
C GLN C 4209 -32.23 -48.88 -25.11
N VAL C 4210 -30.97 -48.55 -25.24
CA VAL C 4210 -30.33 -47.72 -24.30
C VAL C 4210 -29.61 -46.67 -25.03
N LYS C 4211 -28.58 -47.05 -25.77
CA LYS C 4211 -27.84 -46.14 -26.52
C LYS C 4211 -28.71 -45.44 -27.53
N GLU C 4212 -29.62 -46.22 -28.11
CA GLU C 4212 -30.59 -45.61 -28.99
C GLU C 4212 -31.55 -44.77 -28.16
N SER C 4213 -31.92 -45.29 -27.00
CA SER C 4213 -32.74 -44.54 -26.06
C SER C 4213 -31.97 -43.33 -25.60
N LYS C 4214 -30.67 -43.45 -25.54
CA LYS C 4214 -29.88 -42.32 -25.20
C LYS C 4214 -29.88 -41.28 -26.29
N ARG C 4215 -29.94 -41.71 -27.53
CA ARG C 4215 -30.09 -40.75 -28.62
C ARG C 4215 -31.44 -40.11 -28.49
N GLN C 4216 -32.46 -40.89 -28.13
CA GLN C 4216 -33.83 -40.42 -28.07
C GLN C 4216 -33.91 -39.39 -27.08
N PHE C 4217 -33.18 -39.54 -25.99
CA PHE C 4217 -33.30 -38.60 -24.91
C PHE C 4217 -32.49 -37.40 -25.12
N ILE C 4218 -31.33 -37.60 -25.71
CA ILE C 4218 -30.53 -36.49 -26.02
C ILE C 4218 -31.28 -35.68 -27.09
N PHE C 4219 -32.03 -36.34 -27.95
CA PHE C 4219 -32.97 -35.65 -28.80
C PHE C 4219 -34.08 -34.98 -28.01
N ASP C 4220 -34.50 -35.63 -26.95
CA ASP C 4220 -35.55 -35.09 -26.13
C ASP C 4220 -35.13 -33.84 -25.39
N VAL C 4221 -33.85 -33.67 -25.17
CA VAL C 4221 -33.36 -32.48 -24.54
C VAL C 4221 -33.05 -31.47 -25.58
N VAL C 4222 -32.34 -31.82 -26.62
CA VAL C 4222 -31.91 -30.81 -27.56
C VAL C 4222 -33.14 -30.22 -28.27
N ASN C 4223 -34.22 -30.98 -28.26
CA ASN C 4223 -35.46 -30.44 -28.69
C ASN C 4223 -35.89 -29.23 -27.85
N GLU C 4224 -35.52 -29.21 -26.59
CA GLU C 4224 -35.88 -28.13 -25.72
C GLU C 4224 -34.90 -28.00 -24.52
N GLY C 4225 -33.59 -27.99 -24.84
CA GLY C 4225 -32.48 -28.15 -23.89
C GLY C 4225 -32.01 -27.04 -23.03
N GLY C 4226 -32.29 -25.85 -23.49
CA GLY C 4226 -31.80 -24.67 -22.84
C GLY C 4226 -32.61 -24.33 -21.62
N GLU C 4227 -33.77 -24.99 -21.47
CA GLU C 4227 -34.58 -24.92 -20.26
C GLU C 4227 -33.92 -25.71 -19.16
N ALA C 4228 -34.07 -25.25 -17.92
CA ALA C 4228 -33.31 -25.82 -16.82
C ALA C 4228 -34.13 -26.99 -16.29
N GLU C 4229 -34.57 -27.82 -17.22
CA GLU C 4229 -35.06 -29.12 -16.88
C GLU C 4229 -34.13 -30.11 -17.43
N LYS C 4230 -32.95 -29.67 -17.81
CA LYS C 4230 -31.83 -30.46 -18.18
C LYS C 4230 -31.50 -31.37 -17.05
N MET C 4231 -31.82 -30.88 -15.90
CA MET C 4231 -31.57 -31.52 -14.72
C MET C 4231 -32.61 -32.57 -14.58
N GLU C 4232 -33.85 -32.18 -14.43
CA GLU C 4232 -34.90 -33.06 -14.11
C GLU C 4232 -35.25 -34.09 -15.18
N LEU C 4233 -35.14 -33.68 -16.41
CA LEU C 4233 -35.44 -34.60 -17.47
C LEU C 4233 -34.46 -35.72 -17.48
N PHE C 4234 -33.25 -35.32 -17.20
CA PHE C 4234 -32.20 -36.23 -17.11
C PHE C 4234 -32.45 -37.20 -16.02
N VAL C 4235 -33.08 -36.73 -14.98
CA VAL C 4235 -33.36 -37.57 -13.89
C VAL C 4235 -34.33 -38.62 -14.29
N SER C 4236 -35.37 -38.19 -14.96
CA SER C 4236 -36.36 -39.10 -15.33
C SER C 4236 -35.81 -40.18 -16.25
N PHE C 4237 -34.90 -39.78 -17.12
CA PHE C 4237 -34.24 -40.72 -18.02
C PHE C 4237 -33.43 -41.72 -17.32
N CYS C 4238 -32.71 -41.24 -16.37
CA CYS C 4238 -31.88 -42.09 -15.66
C CYS C 4238 -32.65 -43.10 -14.89
N GLU C 4239 -33.73 -42.67 -14.29
CA GLU C 4239 -34.42 -43.53 -13.39
C GLU C 4239 -35.15 -44.55 -14.19
N ASP C 4240 -35.73 -44.11 -15.29
CA ASP C 4240 -36.40 -45.04 -16.13
C ASP C 4240 -35.46 -46.04 -16.76
N THR C 4241 -34.28 -45.59 -17.09
CA THR C 4241 -33.28 -46.50 -17.59
C THR C 4241 -32.79 -47.48 -16.56
N ILE C 4242 -32.77 -47.04 -15.32
CA ILE C 4242 -32.45 -47.94 -14.26
C ILE C 4242 -33.47 -49.01 -14.24
N PHE C 4243 -34.73 -48.64 -14.45
CA PHE C 4243 -35.77 -49.62 -14.51
C PHE C 4243 -35.57 -50.53 -15.65
N GLU C 4244 -34.97 -49.99 -16.71
CA GLU C 4244 -34.58 -50.79 -17.83
C GLU C 4244 -33.60 -51.86 -17.49
N MET C 4245 -32.63 -51.52 -16.68
CA MET C 4245 -31.70 -52.53 -16.29
C MET C 4245 -32.37 -53.51 -15.33
N GLN C 4246 -33.38 -53.00 -14.62
CA GLN C 4246 -34.15 -53.85 -13.73
C GLN C 4246 -34.93 -54.89 -14.50
N ILE C 4247 -35.26 -54.54 -15.71
CA ILE C 4247 -35.87 -55.49 -16.59
C ILE C 4247 -34.81 -56.39 -17.23
N ALA C 4248 -33.66 -55.81 -17.57
CA ALA C 4248 -32.60 -56.53 -18.27
C ALA C 4248 -32.10 -57.68 -17.39
N ALA C 4249 -32.17 -57.47 -16.09
CA ALA C 4249 -31.73 -58.48 -15.14
C ALA C 4249 -32.57 -59.78 -15.21
N GLN C 4250 -33.84 -59.60 -15.57
CA GLN C 4250 -34.76 -60.69 -15.69
C GLN C 4250 -34.38 -61.64 -16.82
N ILE C 4251 -33.68 -61.11 -17.82
CA ILE C 4251 -33.34 -61.87 -18.99
C ILE C 4251 -31.84 -62.20 -18.98
N GLU C 4545 -44.82 -74.36 -16.65
CA GLU C 4545 -45.13 -73.50 -17.79
C GLU C 4545 -43.96 -72.48 -17.96
N VAL C 4546 -42.92 -72.65 -17.14
CA VAL C 4546 -41.90 -71.60 -17.04
C VAL C 4546 -41.07 -71.50 -18.32
N GLN C 4547 -41.01 -72.61 -19.09
CA GLN C 4547 -40.34 -72.62 -20.44
C GLN C 4547 -41.00 -71.61 -21.34
N ARG C 4548 -42.33 -71.52 -21.29
CA ARG C 4548 -43.01 -70.49 -22.08
C ARG C 4548 -42.60 -69.07 -21.61
N VAL C 4549 -42.40 -68.90 -20.30
CA VAL C 4549 -42.04 -67.57 -19.72
C VAL C 4549 -40.68 -67.09 -20.20
N LYS C 4550 -39.71 -68.00 -20.07
CA LYS C 4550 -38.39 -67.68 -20.49
C LYS C 4550 -38.34 -67.58 -22.04
N PHE C 4551 -39.23 -68.30 -22.72
CA PHE C 4551 -39.29 -68.26 -24.22
C PHE C 4551 -39.76 -66.91 -24.70
N LEU C 4552 -40.72 -66.36 -23.98
CA LEU C 4552 -41.11 -64.96 -24.19
C LEU C 4552 -40.01 -63.98 -23.81
N ASN C 4553 -39.22 -64.36 -22.84
CA ASN C 4553 -38.08 -63.56 -22.53
C ASN C 4553 -37.04 -63.59 -23.67
N TYR C 4554 -36.94 -64.70 -24.40
CA TYR C 4554 -36.20 -64.77 -25.67
C TYR C 4554 -36.85 -63.90 -26.69
N LEU C 4555 -38.16 -63.75 -26.57
CA LEU C 4555 -38.90 -63.04 -27.57
C LEU C 4555 -38.58 -61.56 -27.48
N SER C 4556 -38.55 -61.09 -26.26
CA SER C 4556 -38.12 -59.76 -26.01
C SER C 4556 -36.64 -59.60 -26.25
N ARG C 4557 -35.91 -60.70 -26.05
CA ARG C 4557 -34.49 -60.69 -26.19
C ARG C 4557 -34.07 -60.35 -27.60
N ASN C 4558 -34.95 -60.60 -28.56
CA ASN C 4558 -34.66 -60.36 -29.95
C ASN C 4558 -35.78 -59.55 -30.61
N PHE C 4559 -36.32 -58.62 -29.83
CA PHE C 4559 -37.49 -57.92 -30.26
C PHE C 4559 -37.37 -57.07 -31.53
N TYR C 4560 -36.20 -56.51 -31.72
CA TYR C 4560 -36.01 -55.63 -32.88
C TYR C 4560 -35.81 -56.30 -34.23
N THR C 4561 -34.93 -57.27 -34.23
CA THR C 4561 -34.54 -57.95 -35.46
C THR C 4561 -35.78 -58.70 -36.00
N LEU C 4562 -36.64 -59.23 -35.10
CA LEU C 4562 -37.93 -59.85 -35.53
C LEU C 4562 -38.81 -58.90 -36.20
N ARG C 4563 -38.79 -57.68 -35.70
CA ARG C 4563 -39.61 -56.67 -36.25
C ARG C 4563 -39.14 -56.31 -37.62
N PHE C 4564 -37.82 -56.25 -37.75
CA PHE C 4564 -37.17 -55.79 -38.98
C PHE C 4564 -37.35 -56.82 -40.09
N LEU C 4565 -36.98 -58.07 -39.79
CA LEU C 4565 -37.15 -59.19 -40.72
C LEU C 4565 -38.62 -59.43 -40.99
N ALA C 4566 -39.50 -59.14 -40.04
CA ALA C 4566 -40.90 -59.24 -40.33
C ALA C 4566 -41.37 -58.25 -41.30
N LEU C 4567 -40.80 -57.09 -41.20
CA LEU C 4567 -41.18 -56.14 -42.15
C LEU C 4567 -40.64 -56.53 -43.49
N PHE C 4568 -39.47 -57.14 -43.53
CA PHE C 4568 -38.96 -57.67 -44.78
C PHE C 4568 -39.87 -58.78 -45.30
N LEU C 4569 -40.55 -59.47 -44.40
CA LEU C 4569 -41.55 -60.43 -44.79
C LEU C 4569 -42.72 -59.87 -45.46
N ALA C 4570 -43.24 -58.86 -44.85
CA ALA C 4570 -44.35 -58.23 -45.44
C ALA C 4570 -43.95 -57.56 -46.76
N PHE C 4571 -42.75 -57.05 -46.83
CA PHE C 4571 -42.31 -56.37 -48.03
C PHE C 4571 -42.20 -57.31 -49.16
N ALA C 4572 -41.78 -58.51 -48.81
CA ALA C 4572 -41.65 -59.55 -49.80
C ALA C 4572 -43.03 -60.00 -50.24
N ILE C 4573 -43.94 -60.17 -49.28
CA ILE C 4573 -45.35 -60.48 -49.55
C ILE C 4573 -45.93 -59.55 -50.49
N ASN C 4574 -45.64 -58.32 -50.28
CA ASN C 4574 -46.22 -57.30 -51.06
C ASN C 4574 -45.60 -57.25 -52.48
N PHE C 4575 -44.33 -57.56 -52.57
CA PHE C 4575 -43.65 -57.68 -53.91
C PHE C 4575 -44.22 -58.78 -54.73
N ILE C 4576 -44.54 -59.82 -54.04
CA ILE C 4576 -44.93 -60.97 -54.68
C ILE C 4576 -46.42 -60.94 -54.74
N LEU C 4577 -47.01 -59.97 -54.13
CA LEU C 4577 -48.41 -59.78 -54.21
C LEU C 4577 -48.78 -59.15 -55.47
N LEU C 4578 -47.75 -58.76 -56.19
CA LEU C 4578 -47.90 -58.26 -57.48
C LEU C 4578 -48.28 -59.31 -58.56
N PHE C 4579 -49.26 -60.18 -58.33
CA PHE C 4579 -49.54 -61.21 -59.35
C PHE C 4579 -51.01 -61.63 -59.54
N TYR C 4580 -51.86 -61.50 -58.55
CA TYR C 4580 -53.23 -62.11 -58.66
C TYR C 4580 -54.11 -61.45 -59.74
N LYS C 4581 -54.91 -62.24 -60.42
CA LYS C 4581 -55.83 -61.75 -61.37
C LYS C 4581 -57.09 -62.51 -61.52
N VAL C 4582 -58.18 -61.80 -61.44
CA VAL C 4582 -59.46 -62.43 -61.72
C VAL C 4582 -59.63 -62.88 -63.24
N SER C 4583 -60.30 -64.04 -63.48
CA SER C 4583 -60.51 -64.67 -64.85
C SER C 4583 -61.51 -63.89 -65.64
N VAL C 4628 -65.13 -65.70 -61.41
CA VAL C 4628 -64.40 -64.47 -61.65
C VAL C 4628 -62.97 -64.62 -61.04
N TYR C 4629 -62.87 -64.86 -59.71
CA TYR C 4629 -61.55 -64.86 -58.98
C TYR C 4629 -60.60 -66.00 -59.43
N TYR C 4630 -59.29 -65.61 -59.48
CA TYR C 4630 -58.13 -66.51 -59.84
C TYR C 4630 -56.72 -65.84 -59.48
N PHE C 4631 -55.63 -66.61 -59.28
CA PHE C 4631 -54.29 -66.05 -58.99
C PHE C 4631 -53.25 -66.46 -60.02
N LEU C 4632 -52.58 -65.49 -60.64
CA LEU C 4632 -51.52 -65.76 -61.61
C LEU C 4632 -50.15 -65.93 -60.96
N GLU C 4633 -49.85 -67.16 -60.61
CA GLU C 4633 -48.48 -67.48 -60.28
C GLU C 4633 -47.63 -67.58 -61.57
N GLU C 4634 -46.36 -67.25 -61.51
CA GLU C 4634 -45.47 -67.41 -62.67
C GLU C 4634 -44.94 -68.87 -62.77
N SER C 4635 -43.76 -69.07 -62.20
CA SER C 4635 -42.98 -70.28 -62.34
C SER C 4635 -43.28 -71.32 -61.27
N THR C 4636 -42.77 -71.13 -60.05
CA THR C 4636 -42.93 -72.12 -58.97
C THR C 4636 -44.40 -72.30 -58.58
N GLY C 4637 -44.81 -73.52 -58.27
CA GLY C 4637 -46.23 -73.75 -57.89
C GLY C 4637 -46.53 -73.43 -56.43
N TYR C 4638 -45.46 -73.22 -55.65
CA TYR C 4638 -45.61 -73.16 -54.21
C TYR C 4638 -45.70 -71.76 -53.61
N MET C 4639 -45.60 -70.73 -54.43
CA MET C 4639 -45.65 -69.36 -53.93
C MET C 4639 -46.94 -68.92 -53.29
N GLU C 4640 -48.05 -69.18 -53.96
CA GLU C 4640 -49.32 -68.86 -53.35
C GLU C 4640 -49.59 -69.76 -52.15
N PRO C 4641 -49.37 -71.08 -52.28
CA PRO C 4641 -49.59 -71.91 -51.07
C PRO C 4641 -48.69 -71.54 -49.89
N ALA C 4642 -47.45 -71.08 -50.15
CA ALA C 4642 -46.56 -70.65 -49.05
C ALA C 4642 -47.21 -69.45 -48.36
N LEU C 4643 -47.85 -68.62 -49.16
CA LEU C 4643 -48.57 -67.50 -48.65
C LEU C 4643 -49.76 -67.92 -47.79
N TRP C 4644 -50.33 -69.11 -48.07
CA TRP C 4644 -51.49 -69.65 -47.30
C TRP C 4644 -50.97 -69.74 -45.86
N CYS C 4645 -49.68 -70.01 -45.74
CA CYS C 4645 -49.02 -69.97 -44.48
C CYS C 4645 -48.38 -68.58 -44.22
N LEU C 4646 -47.82 -67.94 -45.23
CA LEU C 4646 -47.00 -66.75 -44.99
C LEU C 4646 -47.74 -65.66 -44.39
N SER C 4647 -49.02 -65.61 -44.78
CA SER C 4647 -49.90 -64.61 -44.22
C SER C 4647 -49.89 -64.80 -42.75
N LEU C 4648 -50.30 -65.99 -42.40
CA LEU C 4648 -50.40 -66.33 -41.04
C LEU C 4648 -49.02 -66.26 -40.45
N LEU C 4649 -47.99 -66.57 -41.24
CA LEU C 4649 -46.63 -66.52 -40.74
C LEU C 4649 -46.37 -65.14 -40.32
N HIS C 4650 -46.71 -64.23 -41.21
CA HIS C 4650 -46.47 -62.89 -40.86
C HIS C 4650 -47.33 -62.52 -39.67
N THR C 4651 -48.54 -63.04 -39.73
CA THR C 4651 -49.50 -62.73 -38.73
C THR C 4651 -48.98 -63.26 -37.39
N LEU C 4652 -48.28 -64.38 -37.46
CA LEU C 4652 -47.79 -65.02 -36.26
C LEU C 4652 -46.93 -64.01 -35.58
N VAL C 4653 -46.09 -63.39 -36.38
CA VAL C 4653 -45.11 -62.52 -35.79
C VAL C 4653 -45.83 -61.38 -35.16
N ALA C 4654 -46.91 -60.99 -35.79
CA ALA C 4654 -47.68 -59.89 -35.28
C ALA C 4654 -48.12 -60.30 -33.91
N PHE C 4655 -48.75 -61.46 -33.85
CA PHE C 4655 -49.28 -61.93 -32.59
C PHE C 4655 -48.10 -61.95 -31.64
N LEU C 4656 -47.01 -62.48 -32.17
CA LEU C 4656 -45.79 -62.61 -31.39
C LEU C 4656 -45.41 -61.29 -30.84
N CYS C 4657 -45.32 -60.33 -31.72
CA CYS C 4657 -44.68 -59.15 -31.29
C CYS C 4657 -45.51 -58.51 -30.24
N ILE C 4658 -46.83 -58.65 -30.36
CA ILE C 4658 -47.60 -57.88 -29.44
C ILE C 4658 -47.38 -58.36 -28.05
N ILE C 4659 -47.23 -59.66 -27.94
CA ILE C 4659 -47.14 -60.17 -26.63
C ILE C 4659 -45.81 -59.70 -26.07
N GLY C 4660 -44.84 -59.58 -26.96
CA GLY C 4660 -43.52 -59.18 -26.51
C GLY C 4660 -43.55 -57.78 -26.00
N TYR C 4661 -44.35 -56.97 -26.66
CA TYR C 4661 -44.43 -55.60 -26.19
C TYR C 4661 -44.97 -55.55 -24.81
N ASN C 4662 -45.83 -56.51 -24.50
CA ASN C 4662 -46.39 -56.60 -23.16
C ASN C 4662 -45.30 -56.85 -22.16
N CYS C 4663 -44.29 -57.59 -22.60
CA CYS C 4663 -43.14 -57.84 -21.78
C CYS C 4663 -42.10 -56.77 -21.94
N LEU C 4664 -42.34 -55.77 -22.77
CA LEU C 4664 -41.28 -54.86 -23.06
C LEU C 4664 -41.51 -53.55 -22.43
N LYS C 4665 -42.02 -52.66 -23.24
CA LYS C 4665 -42.14 -51.32 -22.81
C LYS C 4665 -43.27 -51.13 -21.83
N VAL C 4666 -44.18 -52.08 -21.84
CA VAL C 4666 -45.36 -51.93 -21.05
C VAL C 4666 -45.08 -51.77 -19.56
N PRO C 4667 -44.29 -52.68 -19.01
CA PRO C 4667 -44.08 -52.41 -17.63
C PRO C 4667 -43.24 -51.13 -17.46
N LEU C 4668 -42.50 -50.77 -18.48
CA LEU C 4668 -41.74 -49.54 -18.45
C LEU C 4668 -42.57 -48.30 -18.53
N VAL C 4669 -43.56 -48.32 -19.38
CA VAL C 4669 -44.35 -47.18 -19.43
C VAL C 4669 -45.23 -47.07 -18.24
N ILE C 4670 -45.64 -48.22 -17.71
CA ILE C 4670 -46.37 -48.21 -16.48
C ILE C 4670 -45.54 -47.67 -15.34
N PHE C 4671 -44.29 -48.01 -15.32
CA PHE C 4671 -43.39 -47.46 -14.39
C PHE C 4671 -43.23 -45.94 -14.57
N LYS C 4672 -43.36 -45.52 -15.81
CA LYS C 4672 -43.18 -44.16 -16.11
C LYS C 4672 -44.33 -43.32 -15.57
N ARG C 4673 -45.53 -43.76 -15.86
CA ARG C 4673 -46.72 -43.14 -15.39
C ARG C 4673 -46.79 -43.18 -13.93
N GLU C 4674 -46.27 -44.26 -13.39
CA GLU C 4674 -46.29 -44.47 -11.99
C GLU C 4674 -45.47 -43.42 -11.34
N LYS C 4675 -44.25 -43.24 -11.85
CA LYS C 4675 -43.36 -42.20 -11.30
C LYS C 4675 -44.00 -40.87 -11.46
N GLU C 4676 -44.71 -40.68 -12.56
CA GLU C 4676 -45.28 -39.42 -12.85
C GLU C 4676 -46.28 -39.05 -11.81
N LEU C 4677 -47.30 -39.85 -11.72
CA LEU C 4677 -48.31 -39.53 -10.83
C LEU C 4677 -47.87 -39.48 -9.39
N ALA C 4678 -46.92 -40.33 -9.11
CA ALA C 4678 -46.46 -40.39 -7.79
C ALA C 4678 -45.69 -39.15 -7.41
N ARG C 4679 -44.80 -38.70 -8.26
CA ARG C 4679 -44.05 -37.51 -7.93
C ARG C 4679 -44.98 -36.28 -7.91
N LYS C 4680 -46.04 -36.37 -8.71
CA LYS C 4680 -47.00 -35.32 -8.73
C LYS C 4680 -47.68 -35.17 -7.37
N LEU C 4681 -48.07 -36.30 -6.79
CA LEU C 4681 -48.62 -36.23 -5.49
C LEU C 4681 -47.59 -35.86 -4.50
N GLU C 4682 -46.33 -36.20 -4.77
CA GLU C 4682 -45.27 -35.91 -3.85
C GLU C 4682 -45.01 -34.44 -3.68
N PHE C 4683 -45.29 -33.68 -4.73
CA PHE C 4683 -45.05 -32.28 -4.62
C PHE C 4683 -46.26 -31.42 -4.83
N ASP C 4684 -47.24 -31.92 -5.54
CA ASP C 4684 -48.39 -31.12 -5.89
C ASP C 4684 -49.68 -31.59 -5.28
N GLY C 4685 -49.90 -32.89 -5.25
CA GLY C 4685 -51.04 -33.39 -4.53
C GLY C 4685 -52.28 -33.05 -5.28
N LEU C 4686 -52.24 -33.14 -6.59
CA LEU C 4686 -53.34 -32.59 -7.37
C LEU C 4686 -54.70 -33.19 -7.09
N TYR C 4687 -54.71 -34.48 -6.79
CA TYR C 4687 -55.93 -35.09 -6.35
C TYR C 4687 -56.33 -34.60 -4.96
N ILE C 4688 -55.36 -34.22 -4.13
CA ILE C 4688 -55.66 -33.50 -2.88
C ILE C 4688 -56.12 -32.11 -3.19
N THR C 4689 -55.69 -31.58 -4.31
CA THR C 4689 -55.89 -30.20 -4.61
C THR C 4689 -56.29 -29.96 -6.05
N GLU C 4690 -55.32 -29.85 -6.94
CA GLU C 4690 -55.59 -29.42 -8.33
C GLU C 4690 -56.12 -30.53 -9.20
N GLN C 4691 -57.28 -31.01 -8.84
CA GLN C 4691 -57.83 -32.13 -9.53
C GLN C 4691 -58.33 -31.82 -10.95
N PRO C 4692 -58.06 -32.75 -11.83
CA PRO C 4692 -58.67 -32.80 -13.08
C PRO C 4692 -60.17 -33.01 -13.14
N GLY C 4693 -60.84 -32.45 -14.14
CA GLY C 4693 -62.12 -33.03 -14.66
C GLY C 4693 -61.91 -33.85 -15.97
N ASP C 4694 -62.79 -33.79 -16.99
CA ASP C 4694 -62.44 -34.26 -18.38
C ASP C 4694 -61.33 -33.29 -18.92
N ASP C 4695 -61.32 -32.05 -18.43
CA ASP C 4695 -60.16 -31.12 -18.57
C ASP C 4695 -58.99 -31.69 -17.77
N ASP C 4696 -57.76 -31.35 -18.14
CA ASP C 4696 -56.57 -31.98 -17.52
C ASP C 4696 -56.72 -33.53 -17.73
N VAL C 4697 -56.95 -33.87 -18.98
CA VAL C 4697 -57.60 -35.11 -19.37
C VAL C 4697 -57.00 -36.38 -18.87
N LYS C 4698 -55.67 -36.39 -18.76
CA LYS C 4698 -55.01 -37.62 -18.46
C LYS C 4698 -55.39 -38.21 -17.21
N GLY C 4699 -55.77 -37.34 -16.31
CA GLY C 4699 -56.00 -37.71 -15.02
C GLY C 4699 -57.34 -38.33 -14.81
N GLN C 4700 -58.26 -38.23 -15.76
CA GLN C 4700 -59.63 -38.75 -15.55
C GLN C 4700 -59.64 -40.24 -15.27
N TRP C 4701 -58.91 -41.04 -16.08
CA TRP C 4701 -58.70 -42.47 -15.79
C TRP C 4701 -57.88 -42.61 -14.54
N ASP C 4702 -57.01 -41.67 -14.32
CA ASP C 4702 -56.02 -41.77 -13.26
C ASP C 4702 -56.55 -41.51 -11.90
N ARG C 4703 -57.76 -41.02 -11.84
CA ARG C 4703 -58.40 -40.79 -10.55
C ARG C 4703 -58.59 -42.04 -9.80
N LEU C 4704 -59.16 -43.02 -10.51
CA LEU C 4704 -59.57 -44.26 -9.90
C LEU C 4704 -58.36 -45.11 -9.43
N VAL C 4705 -57.23 -44.99 -10.10
CA VAL C 4705 -56.14 -45.88 -9.87
C VAL C 4705 -55.54 -45.73 -8.49
N LEU C 4706 -55.60 -44.55 -7.94
CA LEU C 4706 -55.03 -44.37 -6.62
C LEU C 4706 -55.71 -45.13 -5.53
N ASN C 4707 -56.96 -45.42 -5.78
CA ASN C 4707 -57.72 -46.09 -4.79
C ASN C 4707 -57.23 -47.48 -4.54
N THR C 4708 -56.70 -48.07 -5.59
CA THR C 4708 -56.21 -49.41 -5.56
C THR C 4708 -54.95 -49.52 -4.73
N PRO C 4709 -54.86 -50.65 -4.00
CA PRO C 4709 -53.70 -51.01 -3.23
C PRO C 4709 -52.38 -50.97 -4.02
N SER C 4710 -52.52 -51.46 -5.22
CA SER C 4710 -51.42 -51.89 -6.01
C SER C 4710 -50.93 -50.79 -6.96
N PHE C 4711 -51.39 -49.56 -6.72
CA PHE C 4711 -50.98 -48.37 -7.49
C PHE C 4711 -49.50 -48.27 -7.64
N PRO C 4712 -48.79 -48.38 -6.51
CA PRO C 4712 -47.39 -48.35 -6.72
C PRO C 4712 -46.92 -49.75 -7.10
N SER C 4713 -47.22 -50.18 -8.32
CA SER C 4713 -46.84 -51.52 -8.73
C SER C 4713 -45.34 -51.78 -8.90
N ASN C 4714 -44.58 -50.77 -9.35
CA ASN C 4714 -43.18 -50.95 -9.70
C ASN C 4714 -42.24 -49.75 -9.52
N TYR C 4715 -42.59 -48.81 -8.64
CA TYR C 4715 -41.80 -47.58 -8.48
C TYR C 4715 -40.59 -47.71 -7.59
N TRP C 4716 -40.40 -48.88 -6.99
CA TRP C 4716 -39.24 -49.16 -6.12
C TRP C 4716 -39.00 -48.16 -5.01
N ASP C 4717 -39.97 -47.27 -4.75
CA ASP C 4717 -40.08 -46.53 -3.49
C ASP C 4717 -41.56 -46.67 -3.13
N LYS C 4718 -42.05 -47.88 -3.27
CA LYS C 4718 -43.45 -48.16 -3.30
C LYS C 4718 -44.12 -47.99 -1.97
N PHE C 4719 -43.97 -46.81 -1.38
CA PHE C 4719 -44.51 -46.51 -0.06
C PHE C 4719 -44.95 -45.10 0.07
N VAL C 4720 -45.07 -44.53 -1.10
CA VAL C 4720 -45.18 -43.14 -1.25
C VAL C 4720 -46.48 -42.63 -0.69
N LYS C 4721 -47.49 -43.48 -0.75
CA LYS C 4721 -48.82 -43.09 -0.35
C LYS C 4721 -48.80 -42.62 1.11
N ARG C 4722 -47.99 -43.30 1.89
CA ARG C 4722 -47.94 -42.96 3.28
C ARG C 4722 -47.20 -41.63 3.49
N LYS C 4723 -46.28 -41.31 2.59
CA LYS C 4723 -45.73 -39.93 2.56
C LYS C 4723 -46.69 -38.87 2.14
N VAL C 4724 -47.62 -39.29 1.33
CA VAL C 4724 -48.59 -38.39 0.89
C VAL C 4724 -49.56 -38.04 2.01
N LEU C 4725 -49.99 -39.05 2.77
CA LEU C 4725 -50.78 -38.78 3.98
C LEU C 4725 -49.90 -37.99 4.95
N ASP C 4726 -48.60 -38.23 4.93
CA ASP C 4726 -47.63 -37.53 5.79
C ASP C 4726 -47.56 -36.04 5.53
N LYS C 4727 -47.79 -35.65 4.29
CA LYS C 4727 -47.69 -34.26 3.96
C LYS C 4727 -49.05 -33.60 3.76
N HIS C 4728 -49.79 -34.04 2.76
CA HIS C 4728 -51.11 -33.43 2.49
C HIS C 4728 -52.17 -33.84 3.48
N GLY C 4729 -51.91 -34.87 4.26
CA GLY C 4729 -52.90 -35.35 5.22
C GLY C 4729 -53.17 -34.43 6.37
N ASP C 4730 -52.19 -33.63 6.80
CA ASP C 4730 -52.36 -32.68 7.91
C ASP C 4730 -53.32 -31.56 7.53
N ILE C 4731 -53.34 -31.17 6.25
CA ILE C 4731 -54.23 -30.12 5.81
C ILE C 4731 -55.65 -30.57 5.90
N PHE C 4732 -55.85 -31.88 5.70
CA PHE C 4732 -57.14 -32.49 5.74
C PHE C 4732 -57.20 -33.52 6.84
N GLY C 4733 -58.11 -34.46 6.72
CA GLY C 4733 -58.17 -35.54 7.66
C GLY C 4733 -56.97 -36.36 7.38
N ARG C 4734 -56.29 -36.80 8.41
CA ARG C 4734 -55.16 -37.68 8.20
C ARG C 4734 -55.65 -38.99 7.69
N GLU C 4735 -56.86 -39.42 8.14
CA GLU C 4735 -57.50 -40.65 7.64
C GLU C 4735 -58.51 -40.34 6.47
N ARG C 4736 -58.92 -39.09 6.31
CA ARG C 4736 -59.68 -38.74 5.13
C ARG C 4736 -58.88 -38.85 3.81
N ILE C 4737 -57.61 -38.54 3.89
CA ILE C 4737 -56.70 -38.80 2.77
C ILE C 4737 -56.50 -40.30 2.60
N ALA C 4738 -56.49 -41.01 3.72
CA ALA C 4738 -56.48 -42.49 3.71
C ALA C 4738 -57.78 -43.06 3.20
N GLU C 4739 -58.86 -42.31 3.41
CA GLU C 4739 -60.14 -42.64 2.80
C GLU C 4739 -59.99 -42.55 1.30
N LEU C 4740 -59.21 -41.58 0.85
CA LEU C 4740 -58.88 -41.50 -0.54
C LEU C 4740 -57.92 -42.63 -0.92
N LEU C 4741 -57.11 -43.09 0.03
CA LEU C 4741 -55.98 -43.95 -0.25
C LEU C 4741 -55.96 -45.23 0.57
N GLY C 4742 -55.16 -45.29 1.63
CA GLY C 4742 -55.04 -46.47 2.48
C GLY C 4742 -56.20 -46.66 3.43
N LEU C 4765 -56.48 -71.46 -10.61
CA LEU C 4765 -55.27 -71.32 -9.80
C LEU C 4765 -55.49 -70.24 -8.73
N THR C 4766 -54.61 -70.19 -7.72
CA THR C 4766 -54.57 -69.10 -6.71
C THR C 4766 -54.38 -67.72 -7.39
N TRP C 4767 -53.54 -67.78 -8.45
CA TRP C 4767 -53.11 -66.69 -9.28
C TRP C 4767 -54.32 -65.88 -9.79
N LEU C 4768 -55.42 -66.59 -10.22
CA LEU C 4768 -56.70 -65.97 -10.70
C LEU C 4768 -57.40 -65.12 -9.62
N MET C 4769 -57.54 -65.71 -8.44
CA MET C 4769 -58.31 -65.02 -7.41
C MET C 4769 -57.48 -63.84 -6.84
N SER C 4770 -56.14 -63.92 -6.92
CA SER C 4770 -55.21 -62.88 -6.33
C SER C 4770 -55.27 -61.55 -7.08
N ILE C 4771 -54.37 -61.38 -8.04
CA ILE C 4771 -54.41 -60.31 -9.06
C ILE C 4771 -54.66 -58.85 -8.65
N ASP C 4772 -55.59 -58.63 -7.70
CA ASP C 4772 -56.07 -57.28 -7.35
C ASP C 4772 -56.79 -56.55 -8.55
N VAL C 4773 -57.92 -55.88 -8.29
CA VAL C 4773 -58.85 -55.58 -9.35
C VAL C 4773 -58.69 -54.22 -10.08
N LYS C 4774 -59.02 -53.12 -9.44
CA LYS C 4774 -59.38 -51.86 -10.23
C LYS C 4774 -58.24 -51.22 -11.00
N TYR C 4775 -57.07 -51.54 -10.57
CA TYR C 4775 -55.90 -51.11 -11.21
C TYR C 4775 -55.84 -51.59 -12.58
N GLN C 4776 -56.42 -52.77 -12.78
CA GLN C 4776 -56.22 -53.46 -13.99
C GLN C 4776 -56.85 -52.69 -15.19
N ILE C 4777 -58.10 -52.25 -15.06
CA ILE C 4777 -58.77 -51.61 -16.21
C ILE C 4777 -58.06 -50.31 -16.61
N TRP C 4778 -57.56 -49.60 -15.62
CA TRP C 4778 -56.76 -48.45 -15.88
C TRP C 4778 -55.48 -48.82 -16.53
N LYS C 4779 -54.99 -49.99 -16.24
CA LYS C 4779 -53.74 -50.34 -16.77
C LYS C 4779 -53.88 -50.65 -18.25
N PHE C 4780 -54.90 -51.42 -18.60
CA PHE C 4780 -55.19 -51.68 -19.99
C PHE C 4780 -55.55 -50.35 -20.73
N GLY C 4781 -56.07 -49.39 -19.97
CA GLY C 4781 -56.35 -48.07 -20.55
C GLY C 4781 -55.08 -47.30 -20.82
N VAL C 4782 -54.09 -47.46 -19.95
CA VAL C 4782 -52.81 -46.92 -20.23
C VAL C 4782 -52.19 -47.62 -21.41
N ILE C 4783 -52.53 -48.86 -21.54
CA ILE C 4783 -52.07 -49.55 -22.67
C ILE C 4783 -52.67 -48.96 -23.93
N PHE C 4784 -53.93 -48.53 -23.82
CA PHE C 4784 -54.59 -47.79 -24.89
C PHE C 4784 -53.94 -46.45 -25.16
N THR C 4785 -53.34 -45.84 -24.15
CA THR C 4785 -52.78 -44.52 -24.31
C THR C 4785 -51.61 -44.50 -25.27
N ASP C 4786 -50.91 -45.62 -25.33
CA ASP C 4786 -49.72 -45.70 -26.11
C ASP C 4786 -49.97 -45.56 -27.55
N ASN C 4787 -49.06 -44.85 -28.20
CA ASN C 4787 -49.12 -44.78 -29.61
C ASN C 4787 -48.69 -46.13 -30.28
N SER C 4788 -47.64 -46.70 -29.76
CA SER C 4788 -47.10 -47.94 -30.27
C SER C 4788 -47.97 -49.15 -30.14
N PHE C 4789 -48.78 -49.14 -29.12
CA PHE C 4789 -49.59 -50.25 -28.95
C PHE C 4789 -50.77 -50.20 -29.94
N LEU C 4790 -51.31 -49.00 -30.21
CA LEU C 4790 -52.36 -48.79 -31.33
C LEU C 4790 -51.74 -49.21 -32.59
N TYR C 4791 -50.43 -49.00 -32.68
CA TYR C 4791 -49.74 -49.24 -33.89
C TYR C 4791 -49.63 -50.70 -34.23
N LEU C 4792 -49.15 -51.43 -33.24
CA LEU C 4792 -49.09 -52.84 -33.42
C LEU C 4792 -50.46 -53.50 -33.45
N GLY C 4793 -51.44 -52.92 -32.77
CA GLY C 4793 -52.79 -53.46 -32.79
C GLY C 4793 -53.53 -53.26 -34.10
N TRP C 4794 -53.28 -52.13 -34.72
CA TRP C 4794 -53.85 -51.86 -36.02
C TRP C 4794 -53.17 -52.80 -37.00
N TYR C 4795 -51.92 -53.07 -36.68
CA TYR C 4795 -51.16 -53.90 -37.49
C TYR C 4795 -51.67 -55.29 -37.41
N MET C 4796 -51.92 -55.78 -36.21
CA MET C 4796 -52.36 -57.11 -36.06
C MET C 4796 -53.75 -57.33 -36.47
N VAL C 4797 -54.58 -56.32 -36.27
CA VAL C 4797 -55.93 -56.48 -36.75
C VAL C 4797 -55.90 -56.64 -38.27
N MET C 4798 -54.99 -55.92 -38.89
CA MET C 4798 -54.83 -56.09 -40.28
C MET C 4798 -54.32 -57.49 -40.63
N SER C 4799 -53.52 -58.01 -39.74
CA SER C 4799 -52.97 -59.33 -39.95
C SER C 4799 -54.03 -60.41 -40.00
N LEU C 4800 -55.03 -60.22 -39.15
CA LEU C 4800 -56.16 -61.13 -39.17
C LEU C 4800 -57.01 -60.84 -40.35
N LEU C 4801 -56.96 -59.60 -40.87
CA LEU C 4801 -57.62 -59.31 -42.12
C LEU C 4801 -56.98 -60.07 -43.26
N GLY C 4802 -55.73 -60.45 -43.09
CA GLY C 4802 -55.08 -61.24 -44.11
C GLY C 4802 -55.70 -62.61 -44.25
N HIS C 4803 -56.22 -63.17 -43.15
CA HIS C 4803 -57.07 -64.42 -43.20
C HIS C 4803 -58.33 -64.16 -44.00
N TYR C 4804 -58.82 -62.91 -43.97
CA TYR C 4804 -60.06 -62.52 -44.70
C TYR C 4804 -59.74 -62.18 -46.14
N ASN C 4805 -58.55 -61.62 -46.37
CA ASN C 4805 -58.12 -61.13 -47.66
C ASN C 4805 -56.65 -60.63 -47.55
N ASN C 4806 -55.85 -61.25 -48.34
CA ASN C 4806 -54.45 -61.00 -48.37
C ASN C 4806 -54.06 -59.59 -48.95
N PHE C 4807 -54.95 -58.97 -49.70
CA PHE C 4807 -54.65 -57.66 -50.32
C PHE C 4807 -54.93 -56.54 -49.42
N PHE C 4808 -55.91 -56.66 -48.55
CA PHE C 4808 -56.08 -55.66 -47.49
C PHE C 4808 -54.91 -55.84 -46.53
N PHE C 4809 -54.34 -57.05 -46.55
CA PHE C 4809 -53.20 -57.43 -45.75
C PHE C 4809 -51.91 -56.71 -46.16
N ALA C 4810 -51.95 -56.08 -47.28
CA ALA C 4810 -50.78 -55.44 -47.70
C ALA C 4810 -50.33 -54.19 -46.89
N ALA C 4811 -51.24 -53.58 -46.17
CA ALA C 4811 -51.01 -52.23 -45.61
C ALA C 4811 -49.93 -52.29 -44.51
N HIS C 4812 -49.47 -53.47 -44.14
CA HIS C 4812 -48.42 -53.62 -43.15
C HIS C 4812 -47.16 -52.91 -43.53
N LEU C 4813 -46.97 -52.76 -44.83
CA LEU C 4813 -45.82 -52.08 -45.35
C LEU C 4813 -45.65 -50.73 -44.79
N LEU C 4814 -46.74 -50.14 -44.33
CA LEU C 4814 -46.76 -48.81 -43.73
C LEU C 4814 -45.91 -48.75 -42.55
N ASP C 4815 -45.60 -49.92 -42.01
CA ASP C 4815 -44.78 -50.03 -40.85
C ASP C 4815 -43.44 -49.47 -41.18
N ILE C 4816 -43.12 -49.40 -42.46
CA ILE C 4816 -41.90 -48.84 -42.86
C ILE C 4816 -41.81 -47.40 -42.40
N ALA C 4817 -42.92 -46.77 -42.13
CA ALA C 4817 -42.94 -45.41 -41.69
C ALA C 4817 -42.14 -45.22 -40.37
N MET C 4818 -42.15 -46.26 -39.55
CA MET C 4818 -41.30 -46.27 -38.36
C MET C 4818 -39.89 -46.78 -38.66
N GLY C 4819 -39.67 -47.25 -39.88
CA GLY C 4819 -38.41 -47.85 -40.31
C GLY C 4819 -37.71 -46.87 -41.21
N VAL C 4820 -36.54 -46.55 -40.74
CA VAL C 4820 -36.38 -46.11 -39.40
C VAL C 4820 -36.71 -44.67 -39.05
N LYS C 4821 -35.72 -43.93 -38.62
CA LYS C 4821 -35.98 -42.57 -38.10
C LYS C 4821 -36.31 -41.61 -39.22
N THR C 4822 -35.78 -41.91 -40.38
CA THR C 4822 -35.83 -41.05 -41.49
C THR C 4822 -37.24 -40.88 -42.03
N LEU C 4823 -37.97 -41.97 -42.10
CA LEU C 4823 -39.35 -41.92 -42.48
C LEU C 4823 -40.20 -41.34 -41.41
N ARG C 4824 -39.80 -41.62 -40.19
CA ARG C 4824 -40.44 -40.99 -39.07
C ARG C 4824 -40.16 -39.48 -39.14
N THR C 4825 -39.00 -39.13 -39.69
CA THR C 4825 -38.68 -37.76 -40.03
C THR C 4825 -39.65 -37.18 -41.05
N ILE C 4826 -40.05 -38.02 -41.92
CA ILE C 4826 -40.92 -37.54 -42.88
C ILE C 4826 -42.33 -37.28 -42.32
N LEU C 4827 -42.84 -38.25 -41.63
CA LEU C 4827 -44.17 -38.10 -41.11
C LEU C 4827 -44.23 -36.98 -40.14
N SER C 4828 -43.14 -36.85 -39.41
CA SER C 4828 -43.05 -35.76 -38.47
C SER C 4828 -43.02 -34.40 -39.23
N SER C 4829 -42.44 -34.44 -40.43
CA SER C 4829 -42.43 -33.30 -41.32
C SER C 4829 -43.76 -32.85 -41.67
N VAL C 4830 -44.63 -33.78 -41.72
CA VAL C 4830 -45.95 -33.43 -42.11
C VAL C 4830 -46.80 -32.83 -41.02
N THR C 4831 -46.77 -33.54 -39.90
CA THR C 4831 -47.87 -33.50 -38.97
C THR C 4831 -47.67 -32.59 -37.78
N HIS C 4832 -46.44 -32.18 -37.48
CA HIS C 4832 -46.19 -31.31 -36.33
C HIS C 4832 -46.98 -30.00 -36.44
N ASN C 4833 -47.28 -29.59 -37.67
CA ASN C 4833 -48.02 -28.39 -37.88
C ASN C 4833 -49.09 -28.45 -38.93
N GLY C 4834 -50.12 -29.22 -38.66
CA GLY C 4834 -51.28 -29.28 -39.54
C GLY C 4834 -52.27 -28.16 -39.28
N LYS C 4835 -52.03 -27.43 -38.20
CA LYS C 4835 -52.87 -26.29 -37.93
C LYS C 4835 -52.64 -25.26 -39.06
N GLN C 4836 -51.42 -25.35 -39.57
CA GLN C 4836 -51.09 -24.66 -40.76
C GLN C 4836 -51.71 -25.26 -41.99
N LEU C 4837 -51.95 -26.51 -41.98
CA LEU C 4837 -52.62 -27.06 -43.07
C LEU C 4837 -54.06 -26.56 -43.17
N VAL C 4838 -54.63 -26.22 -42.02
CA VAL C 4838 -56.02 -25.83 -42.00
C VAL C 4838 -56.31 -24.62 -42.83
N MET C 4839 -55.41 -23.68 -42.73
CA MET C 4839 -55.59 -22.46 -43.46
C MET C 4839 -55.50 -22.67 -44.96
N THR C 4840 -54.78 -23.66 -45.35
CA THR C 4840 -54.52 -23.86 -46.72
C THR C 4840 -55.56 -24.58 -47.39
N VAL C 4841 -56.01 -25.65 -46.76
CA VAL C 4841 -57.08 -26.41 -47.36
C VAL C 4841 -58.30 -25.56 -47.27
N GLY C 4842 -58.43 -24.78 -46.21
CA GLY C 4842 -59.53 -23.87 -46.07
C GLY C 4842 -59.49 -22.83 -47.12
N LEU C 4843 -58.35 -22.20 -47.30
CA LEU C 4843 -58.26 -21.22 -48.26
C LEU C 4843 -58.47 -21.76 -49.59
N LEU C 4844 -58.07 -22.95 -49.80
CA LEU C 4844 -58.31 -23.52 -51.06
C LEU C 4844 -59.78 -23.65 -51.30
N ALA C 4845 -60.50 -24.12 -50.31
CA ALA C 4845 -61.94 -24.37 -50.42
C ALA C 4845 -62.67 -23.08 -50.66
N VAL C 4846 -62.07 -22.08 -50.07
CA VAL C 4846 -62.56 -20.77 -50.18
C VAL C 4846 -62.49 -20.23 -51.52
N VAL C 4847 -61.34 -20.40 -52.06
CA VAL C 4847 -61.12 -19.87 -53.31
C VAL C 4847 -61.87 -20.57 -54.32
N VAL C 4848 -61.91 -21.85 -54.17
CA VAL C 4848 -62.64 -22.61 -55.07
C VAL C 4848 -64.12 -22.21 -55.05
N TYR C 4849 -64.70 -21.90 -53.91
CA TYR C 4849 -66.08 -21.40 -53.92
C TYR C 4849 -66.11 -20.14 -54.62
N LEU C 4850 -65.10 -19.36 -54.36
CA LEU C 4850 -65.08 -18.02 -54.80
C LEU C 4850 -65.18 -17.92 -56.26
N TYR C 4851 -64.55 -18.84 -56.93
CA TYR C 4851 -64.54 -18.79 -58.33
C TYR C 4851 -65.69 -19.48 -58.87
N THR C 4852 -66.01 -20.58 -58.23
CA THR C 4852 -66.97 -21.43 -58.79
C THR C 4852 -68.30 -20.79 -58.77
N VAL C 4853 -68.54 -19.88 -57.86
CA VAL C 4853 -69.92 -19.46 -57.82
C VAL C 4853 -70.21 -18.54 -58.95
N VAL C 4854 -69.28 -17.66 -59.19
CA VAL C 4854 -69.37 -16.80 -60.36
C VAL C 4854 -69.33 -17.62 -61.59
N ALA C 4855 -68.62 -18.70 -61.56
CA ALA C 4855 -68.59 -19.59 -62.66
C ALA C 4855 -69.99 -20.18 -62.88
N PHE C 4856 -70.76 -20.41 -61.83
CA PHE C 4856 -72.11 -20.86 -62.01
C PHE C 4856 -73.04 -19.76 -62.37
N ASN C 4857 -72.56 -18.56 -62.15
CA ASN C 4857 -73.27 -17.40 -62.58
C ASN C 4857 -72.85 -17.06 -63.96
N PHE C 4858 -71.81 -16.21 -64.12
CA PHE C 4858 -71.48 -15.60 -65.36
C PHE C 4858 -70.93 -16.53 -66.41
N PHE C 4859 -70.49 -17.74 -66.08
CA PHE C 4859 -69.75 -18.51 -67.04
C PHE C 4859 -70.08 -19.97 -67.22
N ARG C 4860 -71.34 -20.32 -67.19
CA ARG C 4860 -71.65 -21.72 -67.29
C ARG C 4860 -71.38 -22.31 -68.59
N LYS C 4861 -71.34 -21.45 -69.57
CA LYS C 4861 -71.33 -21.89 -70.86
C LYS C 4861 -70.02 -22.19 -71.41
N PHE C 4862 -69.06 -22.50 -70.56
CA PHE C 4862 -67.75 -22.77 -71.03
C PHE C 4862 -67.21 -24.05 -70.49
N TYR C 4863 -68.09 -24.73 -69.76
CA TYR C 4863 -67.68 -25.84 -68.95
C TYR C 4863 -67.93 -27.20 -69.51
N ASN C 4864 -68.26 -27.25 -70.78
CA ASN C 4864 -68.66 -28.48 -71.40
C ASN C 4864 -67.56 -29.45 -71.45
N LYS C 4865 -67.90 -30.72 -71.27
CA LYS C 4865 -66.92 -31.69 -71.71
C LYS C 4865 -67.64 -32.73 -72.45
N SER C 4866 -68.48 -32.24 -73.35
CA SER C 4866 -69.23 -33.07 -74.29
C SER C 4866 -68.29 -33.68 -75.26
N GLU C 4867 -68.67 -34.84 -75.79
CA GLU C 4867 -67.93 -35.43 -76.88
C GLU C 4867 -68.02 -34.40 -78.02
N ASP C 4868 -67.04 -33.49 -78.02
CA ASP C 4868 -66.89 -32.37 -78.93
C ASP C 4868 -68.16 -31.89 -79.61
N GLU C 4869 -68.79 -32.79 -80.37
CA GLU C 4869 -69.96 -32.41 -81.15
C GLU C 4869 -71.15 -32.09 -80.23
N ASP C 4870 -72.06 -31.21 -80.69
CA ASP C 4870 -73.26 -30.76 -79.89
C ASP C 4870 -74.21 -31.88 -79.47
N GLU C 4871 -73.89 -32.43 -78.31
CA GLU C 4871 -74.69 -33.37 -77.63
C GLU C 4871 -74.67 -32.93 -76.18
N PRO C 4872 -75.75 -33.23 -75.49
CA PRO C 4872 -75.93 -32.76 -74.11
C PRO C 4872 -74.83 -33.25 -73.12
N ASP C 4873 -74.37 -32.44 -72.15
CA ASP C 4873 -73.26 -32.85 -71.26
C ASP C 4873 -73.22 -32.37 -69.84
N MET C 4874 -72.23 -32.88 -69.13
CA MET C 4874 -72.00 -32.74 -67.74
C MET C 4874 -71.15 -31.52 -67.33
N LYS C 4875 -71.29 -30.43 -68.01
CA LYS C 4875 -70.85 -29.21 -67.42
C LYS C 4875 -71.58 -28.78 -66.19
N CYS C 4876 -70.92 -28.17 -65.21
CA CYS C 4876 -71.60 -27.54 -64.07
C CYS C 4876 -72.70 -28.40 -63.52
N ASP C 4877 -73.93 -28.17 -64.02
CA ASP C 4877 -75.16 -28.91 -63.73
C ASP C 4877 -75.69 -28.79 -62.32
N ASP C 4878 -74.77 -28.62 -61.38
CA ASP C 4878 -75.15 -28.45 -59.98
C ASP C 4878 -74.04 -27.71 -59.34
N MET C 4879 -74.34 -27.09 -58.24
CA MET C 4879 -73.37 -26.35 -57.56
C MET C 4879 -72.33 -27.21 -57.00
N MET C 4880 -72.73 -28.37 -56.56
CA MET C 4880 -71.81 -29.30 -55.99
C MET C 4880 -70.90 -29.82 -57.03
N THR C 4881 -71.49 -30.17 -58.13
CA THR C 4881 -70.80 -30.84 -59.16
C THR C 4881 -69.74 -29.98 -59.78
N CYS C 4882 -70.01 -28.71 -59.85
CA CYS C 4882 -69.03 -27.83 -60.39
C CYS C 4882 -67.88 -27.61 -59.40
N TYR C 4883 -68.24 -27.54 -58.13
CA TYR C 4883 -67.18 -27.36 -57.17
C TYR C 4883 -66.31 -28.53 -57.13
N LEU C 4884 -66.87 -29.73 -57.36
CA LEU C 4884 -66.07 -30.91 -57.32
C LEU C 4884 -65.39 -31.13 -58.66
N PHE C 4885 -65.83 -30.38 -59.65
CA PHE C 4885 -65.15 -30.40 -60.92
C PHE C 4885 -63.82 -29.68 -60.81
N HIS C 4886 -63.88 -28.52 -60.21
CA HIS C 4886 -62.72 -27.80 -59.93
C HIS C 4886 -61.94 -28.44 -58.82
N MET C 4887 -62.64 -29.03 -57.89
CA MET C 4887 -62.02 -29.70 -56.77
C MET C 4887 -61.31 -30.96 -57.30
N TYR C 4888 -61.69 -31.49 -58.46
CA TYR C 4888 -60.94 -32.59 -59.08
C TYR C 4888 -59.90 -32.13 -60.02
N VAL C 4889 -60.20 -31.03 -60.63
CA VAL C 4889 -59.38 -30.62 -61.69
C VAL C 4889 -58.71 -29.40 -61.31
N GLY C 4890 -59.48 -28.36 -61.00
CA GLY C 4890 -58.90 -27.09 -60.67
C GLY C 4890 -58.01 -27.14 -59.50
N VAL C 4891 -58.38 -27.97 -58.50
CA VAL C 4891 -57.51 -28.11 -57.37
C VAL C 4891 -56.26 -28.80 -57.77
N ARG C 4892 -56.33 -29.71 -58.73
CA ARG C 4892 -55.09 -30.16 -59.35
C ARG C 4892 -54.53 -29.18 -60.36
N ALA C 4893 -55.37 -28.74 -61.24
CA ALA C 4893 -54.98 -27.94 -62.35
C ALA C 4893 -53.71 -28.41 -63.03
N GLY C 4894 -52.60 -27.78 -62.64
CA GLY C 4894 -51.33 -27.95 -63.28
C GLY C 4894 -51.30 -27.11 -64.52
N GLY C 4895 -51.99 -27.63 -65.53
CA GLY C 4895 -52.23 -26.95 -66.79
C GLY C 4895 -53.41 -26.01 -66.66
N GLY C 4896 -54.01 -25.95 -65.46
CA GLY C 4896 -55.02 -24.95 -65.12
C GLY C 4896 -56.45 -25.26 -65.53
N ILE C 4897 -57.41 -24.43 -65.09
CA ILE C 4897 -58.81 -24.67 -65.44
C ILE C 4897 -59.02 -24.30 -66.85
N GLY C 4898 -58.12 -23.50 -67.33
CA GLY C 4898 -58.17 -23.05 -68.65
C GLY C 4898 -57.78 -24.13 -69.61
N ASP C 4899 -57.15 -25.19 -69.11
CA ASP C 4899 -56.84 -26.33 -69.92
C ASP C 4899 -58.09 -27.06 -70.43
N GLU C 4900 -59.15 -27.11 -69.60
CA GLU C 4900 -60.35 -27.84 -69.98
C GLU C 4900 -61.64 -27.04 -69.97
N ILE C 4901 -61.55 -25.76 -69.72
CA ILE C 4901 -62.66 -24.87 -70.03
C ILE C 4901 -62.83 -24.68 -71.57
N GLU C 4902 -64.05 -24.47 -72.01
CA GLU C 4902 -64.31 -24.44 -73.45
C GLU C 4902 -64.13 -23.07 -74.05
N ASP C 4903 -62.96 -22.82 -74.64
CA ASP C 4903 -62.64 -21.41 -75.05
C ASP C 4903 -61.59 -21.30 -76.15
N PRO C 4904 -61.24 -20.00 -76.48
CA PRO C 4904 -62.08 -18.89 -76.98
C PRO C 4904 -63.34 -19.19 -77.70
N ALA C 4905 -64.26 -18.22 -77.65
CA ALA C 4905 -64.77 -17.55 -76.36
C ALA C 4905 -63.62 -16.54 -76.13
N GLY C 4906 -63.70 -15.42 -76.82
CA GLY C 4906 -64.20 -15.31 -78.19
C GLY C 4906 -65.64 -14.67 -78.00
N ASP C 4907 -66.03 -14.22 -76.79
CA ASP C 4907 -67.42 -13.76 -76.54
C ASP C 4907 -67.59 -12.77 -75.39
N GLU C 4908 -68.81 -12.72 -74.85
CA GLU C 4908 -69.15 -11.84 -73.76
C GLU C 4908 -68.44 -12.20 -72.49
N TYR C 4909 -68.02 -11.15 -71.82
CA TYR C 4909 -67.32 -11.22 -70.62
C TYR C 4909 -66.01 -12.07 -70.74
N GLU C 4910 -65.45 -12.13 -71.95
CA GLU C 4910 -64.22 -12.85 -72.22
C GLU C 4910 -63.04 -12.32 -71.43
N LEU C 4911 -62.94 -11.02 -71.32
CA LEU C 4911 -61.79 -10.42 -70.66
C LEU C 4911 -61.92 -10.83 -69.20
N TYR C 4912 -63.14 -10.90 -68.68
CA TYR C 4912 -63.33 -11.15 -67.30
C TYR C 4912 -63.07 -12.64 -67.02
N ARG C 4913 -63.44 -13.56 -67.88
CA ARG C 4913 -63.08 -14.98 -67.68
C ARG C 4913 -61.65 -15.26 -67.87
N VAL C 4914 -61.04 -14.43 -68.66
CA VAL C 4914 -59.67 -14.60 -68.86
C VAL C 4914 -58.86 -14.12 -67.65
N VAL C 4915 -59.24 -12.96 -67.15
CA VAL C 4915 -58.63 -12.47 -65.95
C VAL C 4915 -58.99 -13.40 -64.82
N PHE C 4916 -60.15 -14.03 -64.93
CA PHE C 4916 -60.58 -15.05 -64.02
C PHE C 4916 -59.61 -16.17 -64.02
N ASP C 4917 -59.18 -16.57 -65.20
CA ASP C 4917 -58.23 -17.60 -65.29
C ASP C 4917 -56.88 -17.20 -64.71
N ILE C 4918 -56.61 -15.92 -64.79
CA ILE C 4918 -55.37 -15.45 -64.34
C ILE C 4918 -55.29 -15.39 -62.81
N THR C 4919 -56.40 -14.94 -62.24
CA THR C 4919 -56.56 -14.96 -60.80
C THR C 4919 -56.48 -16.37 -60.26
N PHE C 4920 -57.01 -17.27 -61.05
CA PHE C 4920 -56.94 -18.66 -60.70
C PHE C 4920 -55.51 -19.10 -60.77
N PHE C 4921 -54.76 -18.54 -61.65
CA PHE C 4921 -53.44 -18.99 -61.86
C PHE C 4921 -52.44 -18.36 -61.00
N PHE C 4922 -52.83 -17.34 -60.30
CA PHE C 4922 -51.90 -16.75 -59.40
C PHE C 4922 -52.32 -17.14 -58.03
N PHE C 4923 -53.56 -16.90 -57.69
CA PHE C 4923 -53.97 -17.09 -56.33
C PHE C 4923 -54.04 -18.54 -55.93
N VAL C 4924 -53.95 -19.42 -56.90
CA VAL C 4924 -54.08 -20.79 -56.59
C VAL C 4924 -52.89 -21.50 -56.96
N ILE C 4925 -52.59 -21.40 -58.22
CA ILE C 4925 -51.58 -22.19 -58.83
C ILE C 4925 -50.27 -21.91 -58.22
N VAL C 4926 -50.14 -20.69 -57.77
CA VAL C 4926 -48.89 -20.24 -57.31
C VAL C 4926 -48.83 -20.15 -55.82
N ILE C 4927 -49.84 -19.51 -55.25
CA ILE C 4927 -49.79 -19.21 -53.86
C ILE C 4927 -50.11 -20.35 -52.94
N LEU C 4928 -51.14 -21.06 -53.27
CA LEU C 4928 -51.62 -22.04 -52.37
C LEU C 4928 -50.79 -23.28 -52.27
N LEU C 4929 -50.51 -23.79 -53.40
CA LEU C 4929 -49.81 -25.01 -53.46
C LEU C 4929 -48.45 -24.84 -52.87
N ALA C 4930 -47.79 -23.78 -53.29
CA ALA C 4930 -46.48 -23.50 -52.84
C ALA C 4930 -46.48 -23.26 -51.40
N ILE C 4931 -47.50 -22.62 -50.86
CA ILE C 4931 -47.48 -22.36 -49.43
C ILE C 4931 -47.54 -23.59 -48.71
N ILE C 4932 -48.25 -24.51 -49.23
CA ILE C 4932 -48.29 -25.72 -48.61
C ILE C 4932 -46.93 -26.38 -48.70
N GLN C 4933 -46.31 -26.25 -49.83
CA GLN C 4933 -45.10 -26.94 -50.05
C GLN C 4933 -44.02 -26.44 -49.15
N GLY C 4934 -43.96 -25.15 -48.95
CA GLY C 4934 -42.99 -24.59 -48.05
C GLY C 4934 -43.35 -24.86 -46.63
N LEU C 4935 -44.65 -25.00 -46.46
CA LEU C 4935 -45.17 -25.28 -45.17
C LEU C 4935 -44.64 -26.61 -44.72
N ILE C 4936 -44.36 -27.50 -45.65
CA ILE C 4936 -43.78 -28.75 -45.35
C ILE C 4936 -42.28 -28.76 -45.38
N ILE C 4937 -41.72 -28.12 -46.36
CA ILE C 4937 -40.31 -28.28 -46.55
C ILE C 4937 -39.50 -27.57 -45.50
N ASP C 4938 -39.96 -26.37 -45.16
CA ASP C 4938 -39.24 -25.59 -44.17
C ASP C 4938 -39.20 -26.33 -42.84
N ALA C 4939 -40.24 -27.11 -42.65
CA ALA C 4939 -40.40 -27.93 -41.52
C ALA C 4939 -39.51 -29.15 -41.57
N PHE C 4940 -39.36 -29.73 -42.75
CA PHE C 4940 -38.47 -30.85 -42.87
C PHE C 4940 -37.06 -30.49 -42.54
N GLY C 4941 -36.68 -29.29 -42.97
CA GLY C 4941 -35.39 -28.79 -42.65
C GLY C 4941 -35.33 -28.30 -41.25
N GLU C 4942 -36.49 -28.07 -40.67
CA GLU C 4942 -36.54 -27.65 -39.32
C GLU C 4942 -36.21 -28.80 -38.46
N LEU C 4943 -37.01 -29.85 -38.52
CA LEU C 4943 -36.78 -30.87 -37.60
C LEU C 4943 -35.46 -31.56 -37.99
N ARG C 4944 -35.11 -31.56 -39.28
CA ARG C 4944 -33.81 -32.09 -39.59
C ARG C 4944 -32.69 -31.26 -38.98
N ASP C 4945 -32.84 -29.96 -39.05
CA ASP C 4945 -31.80 -29.11 -38.50
C ASP C 4945 -31.70 -29.33 -37.02
N GLN C 4946 -32.81 -29.68 -36.39
CA GLN C 4946 -32.78 -30.11 -35.01
C GLN C 4946 -32.06 -31.42 -34.88
N GLN C 4947 -32.05 -32.23 -35.94
CA GLN C 4947 -31.34 -33.50 -35.90
C GLN C 4947 -29.84 -33.33 -35.91
N GLU C 4948 -29.33 -32.46 -36.74
CA GLU C 4948 -27.92 -32.19 -36.64
C GLU C 4948 -27.60 -31.38 -35.40
N GLN C 4949 -28.59 -30.58 -34.98
CA GLN C 4949 -28.38 -29.64 -33.92
C GLN C 4949 -28.06 -30.39 -32.63
N VAL C 4950 -28.47 -31.64 -32.53
CA VAL C 4950 -28.15 -32.50 -31.39
C VAL C 4950 -26.68 -32.71 -31.22
N LYS C 4951 -26.07 -33.14 -32.31
CA LYS C 4951 -24.67 -33.43 -32.32
C LYS C 4951 -23.88 -32.17 -32.18
N GLU C 4952 -24.41 -31.08 -32.75
CA GLU C 4952 -23.75 -29.78 -32.65
C GLU C 4952 -23.73 -29.29 -31.24
N ASP C 4953 -24.87 -29.28 -30.58
CA ASP C 4953 -24.92 -28.87 -29.19
C ASP C 4953 -24.13 -29.81 -28.29
N MET C 4954 -24.12 -31.11 -28.59
CA MET C 4954 -23.32 -32.06 -27.77
C MET C 4954 -21.84 -31.75 -27.89
N GLU C 4955 -21.48 -31.31 -29.08
CA GLU C 4955 -20.09 -31.06 -29.38
C GLU C 4955 -19.76 -29.56 -29.16
N THR C 4956 -20.72 -28.73 -28.71
CA THR C 4956 -20.45 -27.30 -28.42
C THR C 4956 -20.78 -27.00 -27.01
N LYS C 4957 -21.96 -26.56 -26.75
CA LYS C 4957 -22.22 -26.32 -25.41
C LYS C 4957 -22.23 -27.64 -24.65
N CYS C 4958 -21.74 -27.65 -23.42
CA CYS C 4958 -21.70 -28.89 -22.66
C CYS C 4958 -23.11 -29.27 -22.32
N PHE C 4959 -23.37 -30.56 -22.42
CA PHE C 4959 -24.71 -31.05 -22.28
C PHE C 4959 -25.09 -31.01 -20.84
N ILE C 4960 -24.09 -30.84 -20.01
CA ILE C 4960 -24.25 -30.80 -18.63
C ILE C 4960 -23.99 -29.38 -18.09
N CYS C 4961 -22.72 -28.96 -18.03
CA CYS C 4961 -22.34 -27.70 -17.41
C CYS C 4961 -22.63 -26.58 -18.31
N GLY C 4962 -23.01 -26.84 -19.53
CA GLY C 4962 -23.19 -25.81 -20.43
C GLY C 4962 -21.87 -25.19 -20.70
N ILE C 4963 -21.79 -23.89 -20.51
CA ILE C 4963 -20.58 -23.16 -20.70
C ILE C 4963 -20.22 -23.05 -22.19
N GLY C 4964 -20.10 -24.19 -22.87
CA GLY C 4964 -19.66 -24.22 -24.31
C GLY C 4964 -18.36 -25.00 -24.40
N SER C 4965 -18.12 -25.67 -25.52
CA SER C 4965 -16.89 -26.47 -25.74
C SER C 4965 -15.65 -25.70 -25.71
N ASP C 4966 -15.86 -24.46 -26.00
CA ASP C 4966 -14.92 -23.50 -26.36
C ASP C 4966 -13.88 -23.24 -25.29
N TYR C 4967 -14.40 -23.10 -24.11
CA TYR C 4967 -13.56 -22.89 -23.02
C TYR C 4967 -12.69 -24.19 -22.76
N PHE C 4968 -13.22 -25.38 -23.00
CA PHE C 4968 -12.49 -26.67 -22.79
C PHE C 4968 -11.76 -27.23 -23.93
N ASP C 4969 -11.97 -26.62 -25.05
CA ASP C 4969 -11.17 -26.91 -26.19
C ASP C 4969 -9.75 -26.30 -26.01
N THR C 4970 -9.59 -25.39 -25.02
CA THR C 4970 -8.31 -24.75 -24.72
C THR C 4970 -7.21 -25.74 -24.47
N THR C 4971 -7.52 -26.83 -23.82
CA THR C 4971 -6.65 -27.97 -23.89
C THR C 4971 -7.03 -28.73 -25.17
N PRO C 4972 -6.04 -29.22 -25.89
CA PRO C 4972 -6.33 -29.96 -27.11
C PRO C 4972 -7.20 -31.17 -26.90
N HIS C 4973 -8.00 -31.48 -27.90
CA HIS C 4973 -9.02 -32.54 -27.86
C HIS C 4973 -9.79 -32.47 -26.55
N GLY C 4974 -9.95 -31.29 -25.93
CA GLY C 4974 -10.25 -31.28 -24.49
C GLY C 4974 -11.63 -31.35 -23.96
N PHE C 4975 -12.51 -30.79 -24.73
CA PHE C 4975 -13.81 -30.80 -24.32
C PHE C 4975 -14.42 -32.25 -24.30
N GLU C 4976 -13.98 -33.21 -25.14
CA GLU C 4976 -14.49 -34.69 -24.99
C GLU C 4976 -14.08 -35.23 -23.68
N THR C 4977 -12.93 -34.78 -23.20
CA THR C 4977 -12.48 -35.14 -21.89
C THR C 4977 -13.33 -34.43 -20.82
N HIS C 4978 -13.79 -33.21 -21.13
CA HIS C 4978 -14.71 -32.50 -20.23
C HIS C 4978 -16.05 -33.21 -20.21
N THR C 4979 -16.36 -33.95 -21.25
CA THR C 4979 -17.53 -34.77 -21.27
C THR C 4979 -17.17 -36.15 -20.72
N LEU C 4980 -16.86 -37.12 -21.55
CA LEU C 4980 -16.79 -38.53 -21.14
C LEU C 4980 -15.83 -38.83 -20.05
N GLU C 4981 -14.70 -38.15 -20.06
CA GLU C 4981 -13.74 -38.30 -19.01
C GLU C 4981 -14.03 -37.39 -17.76
N GLU C 4982 -15.00 -36.48 -17.81
CA GLU C 4982 -15.38 -35.67 -16.62
C GLU C 4982 -16.86 -35.79 -16.34
N HIS C 4983 -17.64 -34.91 -16.98
CA HIS C 4983 -19.07 -34.95 -16.87
C HIS C 4983 -19.68 -36.21 -17.36
N ASN C 4984 -19.11 -36.75 -18.41
CA ASN C 4984 -19.72 -37.81 -19.14
C ASN C 4984 -21.15 -37.42 -19.26
N LEU C 4985 -22.01 -38.30 -18.75
CA LEU C 4985 -23.37 -38.02 -18.64
C LEU C 4985 -23.97 -39.29 -18.10
N ALA C 4986 -23.62 -40.46 -18.65
CA ALA C 4986 -24.18 -41.71 -18.16
C ALA C 4986 -23.68 -41.98 -16.77
N ASN C 4987 -22.59 -41.38 -16.44
CA ASN C 4987 -22.07 -41.55 -15.14
C ASN C 4987 -22.99 -41.08 -14.07
N TYR C 4988 -23.85 -40.09 -14.37
CA TYR C 4988 -24.76 -39.67 -13.38
C TYR C 4988 -25.67 -40.77 -13.03
N MET C 4989 -26.17 -41.40 -14.01
CA MET C 4989 -27.04 -42.48 -13.72
C MET C 4989 -26.41 -43.71 -13.09
N PHE C 4990 -25.18 -44.00 -13.50
CA PHE C 4990 -24.55 -45.08 -12.90
C PHE C 4990 -24.36 -44.73 -11.42
N PHE C 4991 -24.16 -43.46 -11.15
CA PHE C 4991 -24.11 -43.00 -9.77
C PHE C 4991 -25.39 -43.16 -9.02
N LEU C 4992 -26.46 -43.12 -9.75
CA LEU C 4992 -27.66 -43.31 -9.10
C LEU C 4992 -27.91 -44.73 -8.69
N MET C 4993 -27.65 -45.66 -9.59
CA MET C 4993 -27.77 -47.06 -9.21
C MET C 4993 -26.83 -47.40 -8.07
N TYR C 4994 -25.68 -46.73 -8.10
CA TYR C 4994 -24.68 -46.84 -7.06
C TYR C 4994 -25.20 -46.33 -5.76
N LEU C 4995 -26.12 -45.39 -5.85
CA LEU C 4995 -26.75 -44.92 -4.67
C LEU C 4995 -27.77 -45.85 -4.12
N ILE C 4996 -28.54 -46.36 -5.04
CA ILE C 4996 -29.60 -47.17 -4.65
C ILE C 4996 -29.19 -48.48 -4.05
N ASN C 4997 -28.08 -49.00 -4.51
CA ASN C 4997 -27.65 -50.27 -4.00
C ASN C 4997 -27.00 -50.24 -2.63
N LYS C 4998 -26.34 -49.13 -2.37
CA LYS C 4998 -25.70 -48.92 -1.09
C LYS C 4998 -26.69 -48.68 0.03
N ASP C 4999 -26.33 -49.15 1.22
CA ASP C 4999 -27.07 -48.86 2.42
C ASP C 4999 -26.75 -47.47 2.91
N GLU C 5000 -27.70 -46.94 3.62
CA GLU C 5000 -27.59 -45.60 4.05
C GLU C 5000 -26.44 -45.41 5.03
N THR C 5001 -26.07 -46.44 5.76
CA THR C 5001 -24.97 -46.34 6.75
C THR C 5001 -23.60 -46.06 6.13
N GLU C 5002 -23.45 -46.64 4.97
CA GLU C 5002 -22.22 -46.66 4.27
C GLU C 5002 -22.19 -45.56 3.29
N HIS C 5003 -23.28 -44.78 3.10
CA HIS C 5003 -23.26 -43.61 2.22
C HIS C 5003 -22.25 -42.62 2.72
N THR C 5004 -21.43 -42.10 1.82
CA THR C 5004 -20.54 -41.03 2.15
C THR C 5004 -21.39 -39.79 2.25
N GLY C 5005 -20.93 -38.85 3.05
CA GLY C 5005 -21.76 -37.72 3.43
C GLY C 5005 -22.22 -36.89 2.22
N GLN C 5006 -21.33 -36.83 1.23
CA GLN C 5006 -21.62 -36.11 0.02
C GLN C 5006 -22.72 -36.81 -0.72
N GLU C 5007 -22.63 -38.10 -0.82
CA GLU C 5007 -23.65 -38.82 -1.52
C GLU C 5007 -24.86 -38.98 -0.78
N SER C 5008 -24.74 -38.77 0.47
CA SER C 5008 -25.87 -38.85 1.23
C SER C 5008 -26.69 -37.55 1.08
N TYR C 5009 -26.08 -36.36 1.13
CA TYR C 5009 -26.94 -35.17 0.93
C TYR C 5009 -27.42 -35.07 -0.42
N VAL C 5010 -26.63 -35.67 -1.29
CA VAL C 5010 -27.05 -35.75 -2.59
C VAL C 5010 -28.23 -36.70 -2.71
N TRP C 5011 -28.21 -37.80 -1.96
CA TRP C 5011 -29.30 -38.76 -1.90
C TRP C 5011 -30.54 -38.09 -1.43
N LYS C 5012 -30.37 -37.17 -0.52
CA LYS C 5012 -31.46 -36.39 -0.07
C LYS C 5012 -31.96 -35.45 -1.07
N MET C 5013 -31.07 -34.98 -1.85
CA MET C 5013 -31.49 -34.15 -2.90
C MET C 5013 -32.28 -34.97 -3.90
N TYR C 5014 -31.95 -36.25 -4.03
CA TYR C 5014 -32.79 -37.16 -4.76
C TYR C 5014 -34.14 -37.26 -4.13
N GLN C 5015 -34.15 -37.24 -2.82
CA GLN C 5015 -35.39 -37.37 -2.14
C GLN C 5015 -36.29 -36.14 -2.40
N GLU C 5016 -35.65 -35.01 -2.61
CA GLU C 5016 -36.29 -33.77 -2.75
C GLU C 5016 -36.34 -33.27 -4.14
N ARG C 5017 -35.56 -33.87 -5.02
CA ARG C 5017 -35.67 -33.61 -6.42
C ARG C 5017 -35.54 -32.19 -6.97
N CYS C 5018 -34.83 -31.31 -6.30
CA CYS C 5018 -34.55 -29.99 -6.90
C CYS C 5018 -33.56 -30.11 -8.05
N TRP C 5019 -32.70 -31.07 -7.83
CA TRP C 5019 -31.56 -31.42 -8.63
C TRP C 5019 -30.61 -30.33 -8.90
N ASP C 5020 -30.54 -29.40 -7.99
CA ASP C 5020 -29.77 -28.18 -8.16
C ASP C 5020 -28.27 -28.38 -8.14
N PHE C 5021 -27.84 -29.50 -7.62
CA PHE C 5021 -26.45 -29.71 -7.45
C PHE C 5021 -25.79 -30.03 -8.77
N PHE C 5022 -26.61 -30.31 -9.81
CA PHE C 5022 -26.08 -30.25 -11.14
C PHE C 5022 -25.66 -28.89 -11.45
N PRO C 5023 -24.47 -28.77 -12.06
CA PRO C 5023 -23.75 -27.50 -12.20
C PRO C 5023 -24.58 -26.40 -12.80
N ALA C 5024 -24.42 -25.20 -12.21
CA ALA C 5024 -24.84 -23.96 -12.74
C ALA C 5024 -24.14 -23.74 -14.04
N GLY C 5025 -22.92 -24.25 -14.07
CA GLY C 5025 -22.05 -24.20 -15.19
C GLY C 5025 -20.80 -23.51 -14.80
N ASP C 5026 -20.10 -24.06 -13.81
CA ASP C 5026 -18.95 -23.36 -13.28
C ASP C 5026 -17.64 -24.15 -13.46
N CYS C 5027 -17.78 -25.47 -13.41
CA CYS C 5027 -16.68 -26.39 -13.59
C CYS C 5027 -15.56 -26.24 -12.57
N PHE C 5028 -14.97 -27.38 -12.22
CA PHE C 5028 -13.95 -27.45 -11.16
C PHE C 5028 -12.68 -26.73 -11.56
N ARG C 5029 -12.03 -27.23 -12.58
CA ARG C 5029 -10.77 -26.67 -12.96
C ARG C 5029 -10.92 -25.28 -13.57
N LYS C 5030 -12.10 -25.05 -14.17
CA LYS C 5030 -12.55 -23.72 -14.50
C LYS C 5030 -12.74 -22.81 -13.30
N GLN C 5031 -13.24 -23.35 -12.22
CA GLN C 5031 -13.42 -22.57 -11.07
C GLN C 5031 -12.07 -22.23 -10.44
N TYR C 5032 -11.07 -23.07 -10.67
CA TYR C 5032 -9.79 -22.90 -9.98
C TYR C 5032 -8.58 -22.62 -10.90
N GLU C 5033 -7.55 -23.46 -10.82
CA GLU C 5033 -6.32 -23.26 -11.47
C GLU C 5033 -5.70 -21.98 -10.92
N GLY D 2 -30.02 -65.59 104.65
CA GLY D 2 -30.31 -64.56 103.65
C GLY D 2 -31.65 -64.75 102.95
N VAL D 3 -31.87 -65.90 102.30
CA VAL D 3 -33.06 -66.08 101.46
C VAL D 3 -34.32 -66.15 102.30
N GLN D 4 -35.43 -65.60 101.78
CA GLN D 4 -36.65 -65.51 102.54
C GLN D 4 -37.88 -65.97 101.77
N VAL D 5 -37.84 -67.18 101.23
CA VAL D 5 -38.97 -67.66 100.45
C VAL D 5 -40.18 -67.90 101.33
N GLU D 6 -41.36 -67.58 100.80
CA GLU D 6 -42.57 -67.82 101.53
C GLU D 6 -43.61 -68.57 100.70
N THR D 7 -44.18 -69.53 101.36
CA THR D 7 -45.18 -70.35 100.74
C THR D 7 -46.46 -69.56 100.52
N ILE D 8 -47.10 -69.86 99.41
CA ILE D 8 -48.39 -69.32 99.10
C ILE D 8 -49.47 -70.40 99.38
N SER D 9 -49.87 -71.19 98.37
CA SER D 9 -50.89 -72.24 98.58
C SER D 9 -50.19 -73.51 99.01
N PRO D 10 -50.56 -74.04 100.18
CA PRO D 10 -49.91 -75.25 100.66
C PRO D 10 -50.27 -76.46 99.75
N GLY D 11 -49.34 -77.39 99.55
CA GLY D 11 -49.51 -78.56 98.61
C GLY D 11 -49.83 -79.87 99.39
N ASP D 12 -49.27 -81.02 98.99
CA ASP D 12 -49.41 -82.25 99.78
C ASP D 12 -48.67 -82.08 101.11
N GLY D 13 -47.68 -81.21 101.15
CA GLY D 13 -46.91 -80.90 102.37
C GLY D 13 -45.88 -81.96 102.69
N ARG D 14 -45.55 -82.77 101.71
CA ARG D 14 -44.67 -83.91 101.98
C ARG D 14 -43.47 -84.02 101.06
N THR D 15 -43.74 -84.28 99.76
CA THR D 15 -42.69 -84.65 98.81
C THR D 15 -42.04 -83.41 98.26
N PHE D 16 -41.02 -82.97 99.00
CA PHE D 16 -40.18 -81.88 98.60
C PHE D 16 -39.27 -82.35 97.51
N PRO D 17 -38.85 -81.42 96.62
CA PRO D 17 -37.91 -81.81 95.58
C PRO D 17 -36.56 -82.35 96.17
N LYS D 18 -36.02 -83.38 95.49
CA LYS D 18 -34.80 -84.03 95.94
C LYS D 18 -33.77 -84.03 94.80
N ARG D 19 -32.62 -84.61 95.09
CA ARG D 19 -31.55 -84.63 94.14
C ARG D 19 -31.86 -85.24 92.80
N GLY D 20 -31.49 -84.52 91.73
CA GLY D 20 -31.64 -85.06 90.41
C GLY D 20 -33.03 -84.96 89.82
N GLN D 21 -34.03 -84.61 90.62
CA GLN D 21 -35.40 -84.53 90.13
C GLN D 21 -35.58 -83.36 89.18
N THR D 22 -36.33 -83.58 88.10
CA THR D 22 -36.65 -82.52 87.14
C THR D 22 -38.00 -81.88 87.53
N CYS D 23 -37.96 -80.83 88.33
CA CYS D 23 -39.16 -80.13 88.79
C CYS D 23 -39.94 -79.48 87.64
N VAL D 24 -41.26 -79.66 87.65
CA VAL D 24 -42.16 -79.08 86.65
C VAL D 24 -43.08 -78.07 87.30
N VAL D 25 -42.87 -76.80 86.92
CA VAL D 25 -43.47 -75.66 87.61
C VAL D 25 -43.96 -74.51 86.70
N HIS D 26 -44.99 -73.81 87.17
CA HIS D 26 -45.38 -72.55 86.61
C HIS D 26 -45.00 -71.48 87.56
N TYR D 27 -44.75 -70.30 86.98
CA TYR D 27 -44.27 -69.20 87.78
C TYR D 27 -44.31 -67.88 87.03
N THR D 28 -43.88 -66.84 87.71
CA THR D 28 -43.57 -65.58 87.07
C THR D 28 -42.49 -64.88 87.84
N GLY D 29 -41.76 -64.04 87.11
CA GLY D 29 -40.63 -63.31 87.69
C GLY D 29 -40.81 -61.82 87.70
N MET D 30 -40.74 -61.26 88.90
CA MET D 30 -40.85 -59.84 89.08
C MET D 30 -39.77 -59.30 90.00
N LEU D 31 -39.54 -57.99 89.89
CA LEU D 31 -38.47 -57.31 90.57
C LEU D 31 -38.86 -56.93 91.98
N GLU D 32 -37.93 -56.34 92.70
CA GLU D 32 -38.25 -55.68 93.96
C GLU D 32 -39.28 -54.57 93.70
N ASP D 33 -39.22 -53.98 92.49
CA ASP D 33 -40.17 -52.98 92.02
C ASP D 33 -41.56 -53.66 91.93
N GLY D 34 -41.56 -54.99 91.68
CA GLY D 34 -42.79 -55.75 91.41
C GLY D 34 -43.10 -55.84 89.91
N LYS D 35 -42.33 -55.13 89.09
CA LYS D 35 -42.35 -55.24 87.66
C LYS D 35 -41.98 -56.57 87.20
N LYS D 36 -42.78 -57.12 86.29
CA LYS D 36 -42.51 -58.42 85.76
C LYS D 36 -41.38 -58.43 84.80
N PHE D 37 -40.69 -59.55 84.80
CA PHE D 37 -39.67 -59.79 83.84
C PHE D 37 -39.74 -61.19 83.34
N ASP D 38 -40.71 -61.95 83.81
CA ASP D 38 -40.86 -63.27 83.28
C ASP D 38 -42.19 -63.81 83.66
N SER D 39 -42.60 -64.84 82.95
CA SER D 39 -43.76 -65.61 83.34
C SER D 39 -43.83 -66.86 82.54
N SER D 40 -43.91 -67.98 83.26
CA SER D 40 -44.06 -69.27 82.60
C SER D 40 -45.38 -69.32 81.83
N ARG D 41 -46.38 -68.61 82.33
CA ARG D 41 -47.69 -68.53 81.70
C ARG D 41 -47.67 -67.77 80.40
N ASP D 42 -46.69 -66.91 80.26
CA ASP D 42 -46.51 -66.20 79.05
C ASP D 42 -46.20 -67.06 77.87
N ARG D 43 -45.54 -68.16 78.17
CA ARG D 43 -45.27 -69.13 77.17
C ARG D 43 -46.26 -70.29 77.30
N ASN D 44 -47.06 -70.25 78.38
CA ASN D 44 -48.06 -71.26 78.71
C ASN D 44 -47.44 -72.59 79.10
N LYS D 45 -46.36 -72.93 78.42
CA LYS D 45 -45.54 -74.07 78.74
C LYS D 45 -44.88 -74.04 80.11
N PRO D 46 -44.97 -75.13 80.83
CA PRO D 46 -44.31 -75.30 82.09
C PRO D 46 -42.81 -75.31 81.92
N PHE D 47 -42.13 -74.81 82.93
CA PHE D 47 -40.71 -74.89 82.93
C PHE D 47 -40.21 -76.05 83.81
N LYS D 48 -39.18 -76.72 83.31
CA LYS D 48 -38.66 -77.93 83.92
C LYS D 48 -37.18 -77.81 84.18
N PHE D 49 -36.77 -78.09 85.40
CA PHE D 49 -35.36 -78.01 85.72
C PHE D 49 -34.91 -79.15 86.66
N MET D 50 -33.77 -79.78 86.37
CA MET D 50 -33.18 -80.73 87.32
C MET D 50 -32.68 -80.01 88.59
N LEU D 51 -32.91 -80.60 89.76
CA LEU D 51 -32.37 -80.05 90.99
C LEU D 51 -30.94 -80.52 91.22
N GLY D 52 -30.14 -79.61 91.75
CA GLY D 52 -28.76 -79.88 92.06
C GLY D 52 -27.89 -79.78 90.83
N LYS D 53 -28.50 -79.37 89.73
CA LYS D 53 -27.75 -79.26 88.51
C LYS D 53 -27.00 -77.94 88.45
N GLN D 54 -27.29 -77.06 89.41
CA GLN D 54 -26.70 -75.71 89.45
C GLN D 54 -26.93 -74.97 88.15
N GLU D 55 -28.06 -75.28 87.54
CA GLU D 55 -28.48 -74.69 86.30
C GLU D 55 -29.32 -73.43 86.56
N VAL D 56 -29.56 -73.15 87.83
CA VAL D 56 -30.48 -72.11 88.22
C VAL D 56 -29.79 -71.10 89.08
N ILE D 57 -30.47 -70.00 89.37
CA ILE D 57 -29.96 -69.09 90.41
C ILE D 57 -30.01 -69.80 91.78
N ARG D 58 -29.04 -69.51 92.63
CA ARG D 58 -28.86 -70.30 93.87
C ARG D 58 -30.10 -70.25 94.78
N GLY D 59 -30.78 -69.10 94.74
CA GLY D 59 -31.94 -68.97 95.56
C GLY D 59 -33.10 -69.82 95.06
N TRP D 60 -33.18 -70.03 93.75
CA TRP D 60 -34.14 -70.94 93.17
C TRP D 60 -33.80 -72.36 93.58
N GLU D 61 -32.50 -72.66 93.68
CA GLU D 61 -32.03 -74.01 94.05
C GLU D 61 -32.40 -74.31 95.51
N GLU D 62 -32.48 -73.24 96.34
CA GLU D 62 -32.73 -73.38 97.78
C GLU D 62 -34.21 -73.38 98.09
N GLY D 63 -34.87 -72.37 97.57
CA GLY D 63 -36.26 -72.18 97.80
C GLY D 63 -37.19 -73.21 97.21
N VAL D 64 -36.90 -73.67 96.00
CA VAL D 64 -37.86 -74.57 95.34
C VAL D 64 -37.84 -75.88 96.07
N ALA D 65 -36.70 -76.20 96.68
CA ALA D 65 -36.57 -77.43 97.45
C ALA D 65 -37.55 -77.43 98.63
N GLN D 66 -37.87 -76.23 99.14
CA GLN D 66 -38.89 -76.06 100.20
C GLN D 66 -40.29 -76.50 99.75
N MET D 67 -40.57 -76.34 98.45
CA MET D 67 -41.92 -76.57 97.92
C MET D 67 -42.40 -77.98 97.94
N SER D 68 -43.67 -78.16 98.21
CA SER D 68 -44.28 -79.46 98.17
C SER D 68 -44.98 -79.64 96.84
N VAL D 69 -45.34 -80.88 96.51
CA VAL D 69 -46.13 -81.17 95.30
C VAL D 69 -47.51 -80.44 95.34
N GLY D 70 -47.87 -79.74 94.23
CA GLY D 70 -49.15 -78.99 94.04
C GLY D 70 -49.13 -77.62 94.68
N GLN D 71 -48.04 -77.35 95.41
CA GLN D 71 -47.86 -76.12 96.17
C GLN D 71 -47.62 -74.92 95.25
N ARG D 72 -48.16 -73.77 95.64
CA ARG D 72 -47.73 -72.46 95.10
C ARG D 72 -46.88 -71.69 96.16
N ALA D 73 -45.83 -70.94 95.74
CA ALA D 73 -44.90 -70.28 96.71
C ALA D 73 -44.33 -68.98 96.18
N LYS D 74 -44.24 -67.98 97.02
CA LYS D 74 -43.64 -66.73 96.63
C LYS D 74 -42.17 -66.69 97.05
N LEU D 75 -41.31 -66.46 96.07
CA LEU D 75 -39.87 -66.50 96.33
C LEU D 75 -39.29 -65.16 96.48
N THR D 76 -38.65 -64.95 97.62
CA THR D 76 -38.04 -63.70 97.90
C THR D 76 -36.52 -63.90 97.87
N ILE D 77 -36.03 -64.36 96.74
CA ILE D 77 -34.62 -64.71 96.68
C ILE D 77 -33.72 -63.47 96.68
N SER D 78 -32.67 -63.50 97.50
CA SER D 78 -31.67 -62.44 97.58
C SER D 78 -30.83 -62.38 96.31
N PRO D 79 -30.44 -61.16 95.89
CA PRO D 79 -29.63 -61.00 94.68
C PRO D 79 -28.33 -61.77 94.74
N ASP D 80 -27.77 -61.89 95.94
CA ASP D 80 -26.51 -62.60 96.16
C ASP D 80 -26.65 -64.08 95.79
N TYR D 81 -27.86 -64.59 95.94
CA TYR D 81 -28.18 -65.95 95.49
C TYR D 81 -28.66 -65.95 94.05
N ALA D 82 -28.83 -64.77 93.46
CA ALA D 82 -29.27 -64.63 92.05
C ALA D 82 -28.17 -64.09 91.16
N TYR D 83 -28.53 -63.28 90.16
CA TYR D 83 -27.55 -62.72 89.25
C TYR D 83 -26.63 -61.73 89.94
N GLY D 84 -27.17 -61.16 91.03
CA GLY D 84 -26.39 -60.35 91.96
C GLY D 84 -25.79 -59.08 91.41
N ALA D 85 -24.58 -58.81 91.86
CA ALA D 85 -23.92 -57.56 91.57
C ALA D 85 -23.66 -57.34 90.08
N THR D 86 -23.47 -58.42 89.35
CA THR D 86 -23.37 -58.34 87.91
C THR D 86 -24.69 -57.89 87.34
N GLY D 87 -25.74 -58.33 87.99
CA GLY D 87 -27.04 -58.15 87.47
C GLY D 87 -27.26 -59.18 86.39
N HIS D 88 -28.39 -59.12 85.72
CA HIS D 88 -28.61 -59.98 84.56
C HIS D 88 -28.63 -59.09 83.34
N PRO D 89 -27.60 -59.24 82.48
CA PRO D 89 -27.38 -58.37 81.36
C PRO D 89 -28.56 -58.20 80.50
N GLY D 90 -29.14 -57.02 80.58
CA GLY D 90 -30.31 -56.70 79.81
C GLY D 90 -31.62 -56.96 80.55
N ILE D 91 -31.54 -57.53 81.74
CA ILE D 91 -32.75 -57.93 82.41
C ILE D 91 -32.85 -57.39 83.81
N ILE D 92 -32.05 -57.97 84.67
CA ILE D 92 -32.13 -57.69 86.09
C ILE D 92 -31.02 -56.75 86.50
N PRO D 93 -31.41 -55.64 87.07
CA PRO D 93 -30.45 -54.68 87.55
C PRO D 93 -29.68 -55.25 88.72
N PRO D 94 -28.44 -54.79 88.91
CA PRO D 94 -27.58 -55.22 90.02
C PRO D 94 -28.18 -55.02 91.45
N HIS D 95 -28.00 -55.99 92.36
CA HIS D 95 -28.51 -55.91 93.75
C HIS D 95 -29.97 -55.79 93.86
N ALA D 96 -30.60 -56.70 93.13
CA ALA D 96 -32.03 -56.77 93.12
C ALA D 96 -32.55 -58.12 93.60
N THR D 97 -33.28 -58.10 94.71
CA THR D 97 -34.01 -59.26 95.20
C THR D 97 -35.09 -59.65 94.24
N LEU D 98 -35.19 -60.93 93.98
CA LEU D 98 -36.20 -61.39 93.06
C LEU D 98 -37.41 -61.88 93.76
N VAL D 99 -38.52 -61.64 93.08
CA VAL D 99 -39.79 -62.04 93.60
C VAL D 99 -40.52 -62.94 92.62
N PHE D 100 -40.78 -64.17 93.05
CA PHE D 100 -41.44 -65.15 92.17
C PHE D 100 -42.78 -65.65 92.69
N ASP D 101 -43.65 -66.11 91.79
CA ASP D 101 -44.95 -66.69 92.13
C ASP D 101 -44.98 -68.11 91.61
N VAL D 102 -44.19 -68.97 92.22
CA VAL D 102 -43.99 -70.30 91.68
C VAL D 102 -45.17 -71.21 91.97
N GLU D 103 -45.38 -72.17 91.09
CA GLU D 103 -46.35 -73.19 91.33
C GLU D 103 -45.92 -74.52 90.78
N LEU D 104 -45.42 -75.35 91.66
CA LEU D 104 -45.01 -76.66 91.25
C LEU D 104 -46.22 -77.48 90.77
N LEU D 105 -46.03 -78.14 89.63
CA LEU D 105 -47.03 -79.08 89.09
C LEU D 105 -46.64 -80.48 89.50
N LYS D 106 -45.41 -80.87 89.12
CA LYS D 106 -44.94 -82.22 89.42
C LYS D 106 -43.43 -82.46 89.42
N LEU D 107 -42.93 -83.23 90.40
CA LEU D 107 -41.51 -83.63 90.48
C LEU D 107 -41.32 -84.68 89.43
N GLU D 108 -40.17 -84.65 88.76
CA GLU D 108 -39.90 -85.65 87.73
C GLU D 108 -38.42 -86.10 87.80
N GLN E 12 9.46 -27.42 17.77
CA GLN E 12 9.46 -28.04 16.45
C GLN E 12 9.85 -29.47 16.47
N PHE E 13 9.36 -30.18 15.48
CA PHE E 13 9.65 -31.58 15.32
C PHE E 13 11.12 -31.74 15.04
N LEU E 14 11.66 -32.79 15.62
CA LEU E 14 13.02 -33.22 15.34
C LEU E 14 12.99 -34.52 14.56
N ARG E 15 13.35 -34.46 13.30
CA ARG E 15 13.24 -35.62 12.46
C ARG E 15 14.51 -36.39 12.38
N THR E 16 14.43 -37.57 11.80
CA THR E 16 15.62 -38.36 11.50
C THR E 16 16.55 -37.63 10.54
N ASP E 17 17.85 -37.87 10.71
CA ASP E 17 18.88 -37.27 9.90
C ASP E 17 18.92 -35.80 10.13
N ASP E 18 19.48 -35.46 11.29
CA ASP E 18 19.57 -34.09 11.74
C ASP E 18 20.66 -34.01 12.81
N GLU E 19 21.24 -32.84 12.92
CA GLU E 19 22.30 -32.65 13.88
C GLU E 19 21.81 -31.93 15.12
N VAL E 20 21.78 -32.63 16.23
CA VAL E 20 21.42 -32.02 17.51
C VAL E 20 22.22 -32.64 18.64
N VAL E 21 22.64 -31.81 19.58
CA VAL E 21 23.39 -32.27 20.71
C VAL E 21 22.47 -32.67 21.86
N LEU E 22 22.97 -33.52 22.73
CA LEU E 22 22.31 -33.79 24.00
C LEU E 22 22.74 -32.88 25.13
N GLN E 23 22.04 -31.75 25.24
CA GLN E 23 22.23 -30.80 26.36
C GLN E 23 21.50 -31.20 27.64
N CYS E 24 22.17 -31.89 28.56
CA CYS E 24 21.58 -32.19 29.90
C CYS E 24 21.57 -30.88 30.72
N SER E 25 20.58 -30.72 31.59
CA SER E 25 20.56 -29.62 32.54
C SER E 25 21.46 -29.98 33.74
N ALA E 26 22.77 -30.04 33.49
CA ALA E 26 23.76 -30.58 34.42
C ALA E 26 24.26 -29.53 35.43
N THR E 27 23.40 -28.95 36.27
CA THR E 27 23.93 -28.27 37.47
C THR E 27 24.60 -29.38 38.27
N VAL E 28 25.75 -29.04 38.84
CA VAL E 28 26.56 -30.02 39.54
C VAL E 28 26.02 -29.98 40.98
N LEU E 29 24.78 -30.45 41.17
CA LEU E 29 24.13 -30.51 42.50
C LEU E 29 24.26 -29.16 43.34
N LYS E 30 24.42 -28.04 42.64
CA LYS E 30 24.53 -26.73 43.31
C LYS E 30 24.41 -25.65 42.27
N GLU E 31 25.50 -25.48 41.53
CA GLU E 31 25.52 -24.54 40.45
C GLU E 31 26.55 -25.01 39.39
N GLN E 32 26.48 -24.30 38.25
CA GLN E 32 25.24 -24.23 37.49
C GLN E 32 25.29 -24.58 36.02
N LEU E 33 26.46 -25.01 35.57
CA LEU E 33 26.76 -25.02 34.14
C LEU E 33 25.77 -25.89 33.32
N LYS E 34 25.41 -25.43 32.10
CA LYS E 34 24.45 -26.17 31.24
C LYS E 34 25.18 -27.06 30.22
N LEU E 35 26.18 -27.82 30.70
CA LEU E 35 27.14 -28.58 29.87
C LEU E 35 26.46 -29.67 29.03
N CYS E 36 26.85 -29.72 27.74
CA CYS E 36 26.45 -30.78 26.85
C CYS E 36 27.27 -32.06 27.00
N LEU E 37 26.63 -33.16 26.57
CA LEU E 37 27.30 -34.46 26.54
C LEU E 37 28.33 -34.43 25.42
N ALA E 38 29.48 -35.06 25.65
CA ALA E 38 30.53 -35.03 24.67
C ALA E 38 31.48 -36.18 24.91
N ALA E 39 31.95 -36.68 23.77
CA ALA E 39 33.04 -37.61 23.71
C ALA E 39 33.78 -37.49 22.33
N GLU E 40 35.07 -37.15 22.38
CA GLU E 40 35.79 -36.61 21.20
C GLU E 40 35.97 -37.58 20.06
N GLY E 41 35.86 -38.85 20.38
CA GLY E 41 35.76 -39.82 19.34
C GLY E 41 36.95 -40.70 19.22
N PHE E 42 37.83 -40.38 18.28
CA PHE E 42 38.96 -41.23 18.04
C PHE E 42 39.83 -41.31 19.25
N GLY E 43 40.25 -42.53 19.60
CA GLY E 43 41.18 -42.71 20.68
C GLY E 43 40.60 -42.48 22.05
N ASN E 44 39.30 -42.44 22.09
CA ASN E 44 38.63 -41.99 23.27
C ASN E 44 37.24 -42.64 23.36
N ARG E 45 37.21 -43.93 23.68
CA ARG E 45 35.93 -44.65 23.86
C ARG E 45 35.11 -44.07 25.04
N LEU E 46 35.82 -43.68 26.09
CA LEU E 46 35.20 -43.27 27.30
C LEU E 46 34.48 -41.97 27.15
N CYS E 47 33.31 -41.93 27.76
CA CYS E 47 32.51 -40.73 27.77
C CYS E 47 33.00 -39.71 28.82
N PHE E 48 32.70 -38.44 28.54
CA PHE E 48 32.88 -37.36 29.49
C PHE E 48 31.82 -36.25 29.23
N LEU E 49 32.15 -35.05 29.71
CA LEU E 49 31.22 -33.90 29.70
C LEU E 49 31.93 -32.62 29.27
N GLU E 50 31.28 -31.81 28.43
CA GLU E 50 31.90 -30.55 28.02
C GLU E 50 30.92 -29.37 28.17
N PRO E 51 31.41 -28.18 28.58
CA PRO E 51 30.55 -26.99 28.64
C PRO E 51 30.04 -26.60 27.23
N THR E 52 28.81 -26.08 27.12
CA THR E 52 28.33 -25.36 25.90
C THR E 52 27.46 -24.15 26.26
N SER E 53 27.48 -23.68 27.50
CA SER E 53 26.62 -22.59 27.94
C SER E 53 27.38 -21.30 28.39
N ASN E 54 28.65 -21.41 28.82
CA ASN E 54 29.52 -20.29 29.33
C ASN E 54 29.99 -19.39 28.16
N ALA E 55 29.06 -18.64 27.55
CA ALA E 55 29.35 -17.85 26.32
C ALA E 55 29.81 -16.49 26.74
N GLN E 56 31.05 -16.47 27.22
CA GLN E 56 31.64 -15.27 27.76
C GLN E 56 33.20 -15.33 27.71
N ASN E 57 33.86 -15.16 28.87
CA ASN E 57 35.34 -15.14 28.94
C ASN E 57 36.01 -16.49 28.88
N VAL E 58 35.22 -17.54 29.13
CA VAL E 58 35.72 -18.94 29.06
C VAL E 58 34.84 -19.76 28.07
N PRO E 59 35.09 -19.57 26.72
CA PRO E 59 34.29 -20.21 25.64
C PRO E 59 34.47 -21.73 25.71
N PRO E 60 33.41 -22.47 25.35
CA PRO E 60 33.28 -23.90 25.41
C PRO E 60 34.08 -24.67 24.33
N ASP E 61 33.66 -25.92 24.05
CA ASP E 61 34.17 -26.73 22.94
C ASP E 61 33.01 -27.46 22.21
N LEU E 62 32.26 -26.71 21.39
CA LEU E 62 31.01 -27.20 20.73
C LEU E 62 31.19 -28.40 19.76
N ALA E 63 32.36 -28.49 19.12
CA ALA E 63 32.55 -29.38 17.97
C ALA E 63 32.39 -30.82 18.31
N ILE E 64 32.77 -31.23 19.52
CA ILE E 64 32.69 -32.63 19.89
C ILE E 64 31.31 -33.10 20.42
N CYS E 65 30.40 -32.17 20.63
CA CYS E 65 29.09 -32.54 21.19
C CYS E 65 28.08 -32.99 20.13
N CYS E 66 28.42 -32.81 18.85
CA CYS E 66 27.41 -32.79 17.75
C CYS E 66 26.91 -34.22 17.38
N PHE E 67 26.00 -34.77 18.17
CA PHE E 67 25.46 -36.05 17.85
C PHE E 67 24.54 -35.95 16.66
N THR E 68 24.54 -37.00 15.85
CA THR E 68 23.65 -37.06 14.71
C THR E 68 22.53 -38.07 14.97
N LEU E 69 21.33 -37.66 14.66
CA LEU E 69 20.19 -38.50 14.75
C LEU E 69 20.18 -39.47 13.63
N GLU E 70 19.69 -40.67 13.92
CA GLU E 70 19.79 -41.74 12.95
C GLU E 70 18.60 -42.64 12.72
N GLN E 71 18.25 -43.40 13.73
CA GLN E 71 17.26 -44.41 13.54
C GLN E 71 16.46 -44.59 14.80
N SER E 72 15.28 -43.98 14.83
CA SER E 72 14.40 -44.06 15.98
C SER E 72 13.40 -45.15 15.75
N LEU E 73 13.91 -46.35 15.56
CA LEU E 73 13.05 -47.48 15.28
C LEU E 73 12.52 -48.10 16.55
N SER E 74 11.39 -48.76 16.37
CA SER E 74 10.77 -49.44 17.44
C SER E 74 11.60 -50.54 17.98
N VAL E 75 11.35 -50.73 19.24
CA VAL E 75 12.07 -51.68 20.01
C VAL E 75 11.93 -53.03 19.43
N ARG E 76 10.67 -53.37 19.22
CA ARG E 76 10.37 -54.63 18.69
C ARG E 76 10.83 -54.70 17.21
N ALA E 77 10.81 -53.57 16.55
CA ALA E 77 11.28 -53.49 15.20
C ALA E 77 12.76 -53.71 15.10
N LEU E 78 13.47 -53.31 16.13
CA LEU E 78 14.86 -53.53 16.15
C LEU E 78 15.18 -54.99 16.19
N GLN E 79 14.28 -55.75 16.77
CA GLN E 79 14.54 -57.14 17.01
C GLN E 79 14.70 -57.94 15.73
N GLU E 80 13.98 -57.54 14.69
CA GLU E 80 14.08 -58.26 13.44
C GLU E 80 15.22 -57.76 12.58
N MET E 81 15.53 -56.49 12.67
CA MET E 81 16.68 -56.01 11.97
C MET E 81 17.96 -56.59 12.56
N LEU E 82 17.91 -56.89 13.83
CA LEU E 82 18.97 -57.65 14.41
C LEU E 82 19.03 -59.05 13.83
N ALA E 83 17.89 -59.55 13.38
CA ALA E 83 17.83 -60.83 12.75
C ALA E 83 18.14 -60.79 11.28
N ASN E 84 19.42 -60.64 11.02
CA ASN E 84 19.94 -60.69 9.67
C ASN E 84 21.47 -60.78 9.66
N GLY E 97 13.86 -42.61 4.98
CA GLY E 97 15.06 -42.24 5.69
C GLY E 97 14.97 -40.97 6.54
N HIS E 98 13.88 -40.21 6.49
CA HIS E 98 13.64 -39.14 7.51
C HIS E 98 12.42 -39.42 8.41
N ARG E 99 12.39 -40.63 8.96
CA ARG E 99 11.33 -41.06 9.87
C ARG E 99 11.34 -40.17 11.08
N THR E 100 10.16 -39.77 11.47
CA THR E 100 10.11 -38.81 12.52
C THR E 100 10.59 -39.44 13.79
N LEU E 101 11.33 -38.67 14.60
CA LEU E 101 11.70 -39.19 15.89
C LEU E 101 10.48 -39.40 16.78
N LEU E 102 10.42 -40.48 17.55
CA LEU E 102 9.32 -40.69 18.46
C LEU E 102 9.81 -41.24 19.76
N TYR E 103 9.13 -40.87 20.84
CA TYR E 103 9.49 -41.31 22.17
C TYR E 103 9.37 -42.82 22.28
N GLY E 104 10.31 -43.37 23.04
CA GLY E 104 10.30 -44.77 23.38
C GLY E 104 10.94 -45.71 22.39
N HIS E 105 11.42 -45.18 21.27
CA HIS E 105 12.13 -46.01 20.32
C HIS E 105 13.56 -46.16 20.74
N ALA E 106 14.14 -47.27 20.35
CA ALA E 106 15.59 -47.35 20.39
C ALA E 106 16.09 -46.42 19.31
N ILE E 107 17.21 -45.77 19.62
CA ILE E 107 17.75 -44.82 18.68
C ILE E 107 19.21 -45.06 18.38
N LEU E 108 19.53 -45.11 17.10
CA LEU E 108 20.88 -45.07 16.71
C LEU E 108 21.40 -43.62 16.87
N LEU E 109 22.67 -43.46 17.27
CA LEU E 109 23.29 -42.12 17.52
C LEU E 109 24.76 -42.13 17.13
N ARG E 110 25.36 -40.95 17.06
CA ARG E 110 26.64 -40.82 16.39
C ARG E 110 27.48 -39.71 16.99
N HIS E 111 28.78 -39.88 17.00
CA HIS E 111 29.70 -38.74 17.03
C HIS E 111 30.16 -38.49 15.60
N ALA E 112 29.60 -37.46 14.96
CA ALA E 112 29.78 -37.24 13.48
C ALA E 112 31.21 -37.11 13.10
N HIS E 113 31.99 -36.63 14.05
CA HIS E 113 33.41 -36.50 13.92
C HIS E 113 34.11 -37.83 13.79
N SER E 114 33.58 -38.88 14.43
CA SER E 114 34.29 -40.14 14.48
C SER E 114 33.49 -41.26 13.85
N ARG E 115 32.19 -41.05 13.81
CA ARG E 115 31.23 -42.08 13.49
C ARG E 115 31.40 -43.28 14.38
N MET E 116 31.85 -43.03 15.61
CA MET E 116 31.84 -44.07 16.63
C MET E 116 30.57 -43.90 17.37
N TYR E 117 29.62 -44.72 17.02
CA TYR E 117 28.28 -44.49 17.37
C TYR E 117 28.17 -44.60 18.86
N LEU E 118 27.35 -43.73 19.44
CA LEU E 118 27.18 -43.68 20.87
C LEU E 118 26.65 -45.00 21.44
N SER E 119 27.21 -45.48 22.57
CA SER E 119 26.84 -46.82 23.06
C SER E 119 27.27 -47.13 24.47
N CYS E 120 26.59 -48.08 25.07
CA CYS E 120 27.03 -48.64 26.33
C CYS E 120 28.14 -49.63 26.09
N LEU E 121 29.02 -49.79 27.08
CA LEU E 121 30.08 -50.76 27.04
C LEU E 121 30.37 -51.28 28.40
N THR E 122 30.95 -52.44 28.40
CA THR E 122 31.12 -53.17 29.64
C THR E 122 32.41 -52.82 30.36
N THR E 123 32.35 -51.80 31.21
CA THR E 123 33.51 -51.39 32.03
C THR E 123 33.12 -50.94 33.47
N SER E 124 34.07 -51.02 34.41
CA SER E 124 33.87 -50.59 35.82
C SER E 124 34.09 -49.09 36.04
N ARG E 125 33.19 -48.24 35.53
CA ARG E 125 33.23 -46.77 35.82
C ARG E 125 31.88 -46.06 36.05
N LYS E 130 29.15 -49.56 43.20
CA LYS E 130 29.31 -48.97 41.87
C LYS E 130 29.35 -50.11 40.83
N LEU E 131 28.18 -50.70 40.55
CA LEU E 131 28.04 -51.70 39.46
C LEU E 131 27.13 -51.19 38.33
N ALA E 132 27.58 -50.22 37.53
CA ALA E 132 26.83 -49.75 36.36
C ALA E 132 27.75 -49.35 35.20
N PHE E 133 27.63 -50.09 34.09
CA PHE E 133 28.64 -50.02 33.02
C PHE E 133 28.64 -48.69 32.31
N ASP E 134 29.83 -48.20 31.99
CA ASP E 134 29.98 -46.88 31.40
C ASP E 134 29.61 -46.88 29.92
N VAL E 135 29.05 -45.77 29.48
CA VAL E 135 28.77 -45.56 28.07
C VAL E 135 30.07 -45.32 27.32
N GLY E 136 30.09 -45.78 26.08
CA GLY E 136 31.25 -45.59 25.25
C GLY E 136 31.04 -45.73 23.76
N LEU E 137 31.90 -45.08 23.01
CA LEU E 137 31.72 -44.89 21.57
C LEU E 137 32.34 -45.93 20.70
N GLN E 138 31.56 -46.96 20.46
CA GLN E 138 31.97 -47.98 19.56
C GLN E 138 31.71 -47.57 18.16
N GLU E 139 32.58 -48.00 17.28
CA GLU E 139 32.46 -47.70 15.88
C GLU E 139 31.23 -48.33 15.26
N ASP E 140 30.96 -49.52 15.74
CA ASP E 140 30.09 -50.42 15.06
C ASP E 140 28.63 -50.00 15.07
N ALA E 141 27.98 -50.23 13.93
CA ALA E 141 26.54 -50.18 13.82
C ALA E 141 25.92 -51.53 14.26
N THR E 142 26.75 -52.48 14.65
CA THR E 142 26.23 -53.74 15.20
C THR E 142 25.70 -53.65 16.60
N GLY E 143 24.74 -54.51 16.87
CA GLY E 143 24.38 -54.84 18.20
C GLY E 143 23.42 -53.91 18.88
N GLU E 144 22.92 -54.42 19.97
CA GLU E 144 22.16 -53.70 20.97
C GLU E 144 22.83 -52.50 21.59
N ALA E 145 24.15 -52.38 21.52
CA ALA E 145 24.88 -51.31 22.24
C ALA E 145 24.53 -49.92 21.79
N CYS E 146 24.25 -49.79 20.51
CA CYS E 146 24.09 -48.50 19.87
C CYS E 146 22.65 -48.04 19.71
N TRP E 147 21.87 -48.25 20.74
CA TRP E 147 20.47 -47.97 20.69
C TRP E 147 20.01 -47.62 22.10
N TRP E 148 19.05 -46.71 22.20
CA TRP E 148 18.68 -46.16 23.49
C TRP E 148 17.21 -45.79 23.57
N THR E 149 16.40 -46.65 24.17
CA THR E 149 14.97 -46.38 24.27
C THR E 149 14.67 -45.19 25.20
N MET E 150 13.74 -44.31 24.80
CA MET E 150 13.42 -43.16 25.66
C MET E 150 12.22 -43.37 26.57
N HIS E 151 12.35 -42.97 27.84
CA HIS E 151 11.23 -43.05 28.80
C HIS E 151 10.96 -41.75 29.50
N PRO E 152 10.25 -40.82 28.78
CA PRO E 152 10.01 -39.50 29.33
C PRO E 152 9.17 -39.54 30.58
N ALA E 153 9.53 -38.68 31.53
CA ALA E 153 8.83 -38.55 32.80
C ALA E 153 7.45 -37.99 32.59
N SER E 154 7.25 -37.20 31.52
CA SER E 154 5.94 -36.63 31.25
C SER E 154 5.09 -37.65 30.54
N LYS E 155 3.99 -38.03 31.19
CA LYS E 155 3.04 -38.94 30.59
C LYS E 155 2.30 -38.20 29.46
N GLN E 156 2.27 -36.85 29.56
CA GLN E 156 1.73 -35.97 28.52
C GLN E 156 2.41 -36.23 27.17
N ARG E 157 3.68 -36.58 27.25
CA ARG E 157 4.46 -37.02 26.10
C ARG E 157 4.79 -38.50 26.22
N SER E 158 3.75 -39.32 26.06
CA SER E 158 3.87 -40.78 26.17
C SER E 158 4.81 -41.35 25.10
N GLU E 159 5.43 -42.48 25.38
CA GLU E 159 6.34 -43.11 24.43
C GLU E 159 5.57 -43.44 23.19
N GLY E 160 6.18 -43.16 22.06
CA GLY E 160 5.47 -43.11 20.82
C GLY E 160 4.81 -41.73 20.67
N GLU E 161 5.63 -40.70 20.66
CA GLU E 161 5.18 -39.31 20.41
C GLU E 161 6.34 -38.49 19.84
N LYS E 162 5.99 -37.54 18.95
CA LYS E 162 7.02 -36.82 18.22
C LYS E 162 7.87 -35.95 19.17
N VAL E 163 9.20 -35.98 18.99
CA VAL E 163 10.12 -35.19 19.83
C VAL E 163 9.98 -33.73 19.45
N ARG E 164 9.94 -32.89 20.47
CA ARG E 164 9.98 -31.48 20.26
C ARG E 164 11.35 -30.99 20.59
N VAL E 165 11.68 -29.81 20.08
CA VAL E 165 12.99 -29.22 20.32
C VAL E 165 13.22 -29.02 21.85
N GLY E 166 14.41 -29.44 22.33
CA GLY E 166 14.82 -29.20 23.71
C GLY E 166 14.18 -30.08 24.75
N ASP E 167 13.44 -31.11 24.32
CA ASP E 167 12.69 -31.96 25.24
C ASP E 167 13.58 -32.80 26.17
N ASP E 168 13.14 -32.88 27.43
CA ASP E 168 13.78 -33.74 28.42
C ASP E 168 13.47 -35.18 28.21
N LEU E 169 14.46 -36.00 28.46
CA LEU E 169 14.30 -37.43 28.33
C LEU E 169 15.37 -38.25 29.05
N ILE E 170 15.01 -39.46 29.46
CA ILE E 170 15.92 -40.42 30.09
C ILE E 170 16.15 -41.63 29.19
N LEU E 171 17.32 -41.65 28.56
CA LEU E 171 17.71 -42.76 27.73
C LEU E 171 17.93 -43.96 28.57
N VAL E 172 17.59 -45.09 27.95
CA VAL E 172 17.67 -46.36 28.60
C VAL E 172 18.35 -47.31 27.64
N SER E 173 19.33 -48.02 28.16
CA SER E 173 20.04 -48.90 27.32
C SER E 173 19.18 -50.01 26.85
N VAL E 174 19.36 -50.33 25.57
CA VAL E 174 18.80 -51.53 25.00
C VAL E 174 19.76 -52.70 25.31
N SER E 175 21.02 -52.36 25.55
CA SER E 175 22.06 -53.33 25.70
C SER E 175 22.19 -53.88 27.12
N SER E 176 22.71 -53.05 28.03
CA SER E 176 22.85 -53.39 29.45
C SER E 176 21.57 -53.10 30.21
N GLU E 177 20.59 -52.54 29.49
CA GLU E 177 19.32 -52.13 30.02
C GLU E 177 19.43 -51.10 31.17
N ARG E 178 20.56 -50.40 31.28
CA ARG E 178 20.70 -49.34 32.26
C ARG E 178 20.06 -48.06 31.77
N TYR E 179 19.64 -47.21 32.71
CA TYR E 179 19.17 -45.87 32.39
C TYR E 179 20.42 -45.03 32.11
N LEU E 180 20.33 -44.06 31.22
CA LEU E 180 21.45 -43.15 31.04
C LEU E 180 21.54 -42.23 32.24
N HIS E 181 22.76 -41.90 32.66
CA HIS E 181 22.93 -40.99 33.77
C HIS E 181 24.25 -40.17 33.87
N LEU E 182 24.13 -39.02 34.54
CA LEU E 182 25.23 -38.10 34.83
C LEU E 182 25.77 -38.30 36.29
N SER E 183 26.88 -39.03 36.45
CA SER E 183 27.45 -39.36 37.79
C SER E 183 28.30 -38.19 38.36
N THR E 184 27.66 -37.37 39.21
CA THR E 184 28.30 -36.21 39.82
C THR E 184 28.81 -36.58 41.21
N LEU E 189 32.80 -34.24 34.79
CA LEU E 189 32.59 -35.19 35.90
C LEU E 189 32.18 -36.60 35.38
N GLN E 190 32.02 -37.62 36.27
CA GLN E 190 31.82 -39.06 35.85
C GLN E 190 30.53 -39.26 35.03
N VAL E 191 30.61 -40.07 33.99
CA VAL E 191 29.43 -40.40 33.21
C VAL E 191 29.10 -41.89 33.43
N ASP E 192 27.81 -42.25 33.58
CA ASP E 192 27.45 -43.67 33.81
C ASP E 192 26.05 -44.05 33.37
N ALA E 193 25.92 -45.27 32.88
CA ALA E 193 24.62 -45.84 32.66
C ALA E 193 24.18 -46.55 33.90
N SER E 194 23.42 -45.86 34.71
CA SER E 194 22.98 -46.39 36.01
C SER E 194 21.46 -46.36 36.09
N PHE E 195 20.89 -46.81 37.22
CA PHE E 195 19.42 -46.80 37.41
C PHE E 195 18.84 -45.48 37.89
N MET E 196 19.76 -44.57 38.09
CA MET E 196 19.44 -43.20 38.36
C MET E 196 19.16 -42.53 37.00
N GLN E 197 18.33 -41.48 37.00
CA GLN E 197 17.82 -40.94 35.75
C GLN E 197 17.98 -39.44 35.49
N THR E 198 19.11 -39.10 34.87
CA THR E 198 19.37 -37.77 34.30
C THR E 198 18.55 -37.52 33.02
N LEU E 199 18.03 -36.31 32.89
CA LEU E 199 17.37 -35.89 31.66
C LEU E 199 18.38 -35.38 30.62
N TRP E 200 17.99 -35.38 29.36
CA TRP E 200 18.90 -35.01 28.30
C TRP E 200 18.20 -34.29 27.17
N ASN E 201 18.37 -32.97 27.06
CA ASN E 201 17.71 -32.21 26.00
C ASN E 201 18.30 -32.38 24.63
N MET E 202 17.51 -32.31 23.57
CA MET E 202 18.06 -32.27 22.21
C MET E 202 18.12 -30.87 21.70
N ASN E 203 19.22 -30.23 22.02
CA ASN E 203 19.48 -28.89 21.52
C ASN E 203 19.81 -28.90 20.03
N PRO E 204 19.07 -28.11 19.22
CA PRO E 204 19.25 -27.99 17.77
C PRO E 204 20.60 -27.41 17.39
N ILE E 205 21.14 -27.88 16.28
CA ILE E 205 22.32 -27.31 15.66
C ILE E 205 22.02 -26.99 14.15
N CYS E 206 21.79 -28.03 13.31
CA CYS E 206 21.52 -27.83 11.85
C CYS E 206 20.64 -28.92 11.27
N SER E 207 19.98 -28.57 10.19
CA SER E 207 18.99 -29.42 9.56
C SER E 207 19.16 -29.27 8.11
N CYS E 208 19.98 -30.16 7.61
CA CYS E 208 20.11 -30.34 6.19
C CYS E 208 20.67 -29.08 5.50
N CYS E 209 21.98 -28.88 5.62
CA CYS E 209 22.69 -27.78 4.98
C CYS E 209 22.60 -27.94 3.48
N GLU E 210 22.41 -26.83 2.79
CA GLU E 210 22.44 -26.87 1.33
C GLU E 210 23.76 -26.37 0.80
N GLU E 211 24.17 -26.89 -0.35
CA GLU E 211 25.39 -26.42 -0.97
C GLU E 211 25.19 -24.98 -1.40
N GLY E 212 26.26 -24.18 -1.31
CA GLY E 212 26.16 -22.77 -1.64
C GLY E 212 25.58 -21.94 -0.54
N TYR E 213 25.41 -22.57 0.63
CA TYR E 213 24.78 -21.94 1.78
C TYR E 213 25.55 -22.24 3.05
N VAL E 214 26.35 -21.27 3.46
CA VAL E 214 27.30 -21.42 4.52
C VAL E 214 26.66 -21.66 5.89
N THR E 215 27.33 -22.49 6.70
CA THR E 215 26.86 -22.77 8.07
C THR E 215 27.96 -22.75 9.12
N GLY E 216 27.60 -22.44 10.37
CA GLY E 216 28.55 -22.49 11.49
C GLY E 216 28.69 -23.88 12.08
N GLY E 217 29.69 -24.11 12.94
CA GLY E 217 29.99 -25.42 13.50
C GLY E 217 30.53 -26.25 12.37
N HIS E 218 30.96 -25.57 11.30
CA HIS E 218 31.12 -26.18 9.96
C HIS E 218 32.29 -25.54 9.27
N VAL E 219 33.38 -26.27 9.16
CA VAL E 219 34.67 -25.73 8.77
C VAL E 219 34.63 -25.32 7.31
N LEU E 220 35.35 -24.25 7.02
CA LEU E 220 35.54 -23.82 5.68
C LEU E 220 36.75 -22.91 5.57
N ARG E 221 37.42 -22.94 4.42
CA ARG E 221 38.53 -22.00 4.14
C ARG E 221 38.15 -20.48 3.97
N LEU E 222 38.99 -19.55 4.41
CA LEU E 222 38.80 -18.08 4.22
C LEU E 222 39.81 -17.60 3.17
N PHE E 223 39.32 -17.60 1.95
CA PHE E 223 40.16 -17.34 0.79
C PHE E 223 40.74 -15.91 0.65
N HIS E 224 41.91 -15.74 0.04
CA HIS E 224 42.40 -14.43 -0.44
C HIS E 224 42.45 -14.30 -1.99
N GLY E 225 42.19 -15.40 -2.68
CA GLY E 225 42.31 -15.43 -4.15
C GLY E 225 43.49 -16.28 -4.63
N GLU E 229 44.67 -19.13 -2.81
CA GLU E 229 45.26 -18.38 -1.70
C GLU E 229 44.22 -18.06 -0.62
N CYS E 230 44.57 -18.28 0.64
CA CYS E 230 43.59 -18.18 1.73
C CYS E 230 44.19 -17.98 3.08
N LEU E 231 43.35 -17.60 4.04
CA LEU E 231 43.79 -17.38 5.39
C LEU E 231 44.39 -18.63 6.05
N THR E 232 45.46 -18.43 6.79
CA THR E 232 46.20 -19.51 7.47
C THR E 232 47.20 -18.98 8.53
N ILE E 233 47.82 -19.89 9.30
CA ILE E 233 48.83 -19.53 10.32
C ILE E 233 50.03 -20.49 10.30
N SER E 234 51.19 -20.10 10.87
CA SER E 234 52.45 -20.83 10.63
C SER E 234 52.41 -22.24 11.16
N ALA E 235 52.92 -23.16 10.36
CA ALA E 235 52.82 -24.58 10.67
C ALA E 235 53.88 -25.08 11.65
N ALA E 236 54.79 -24.20 12.04
CA ALA E 236 55.88 -24.57 12.94
C ALA E 236 55.39 -25.20 14.25
N ASP E 237 54.26 -24.69 14.75
CA ASP E 237 53.70 -25.10 16.05
C ASP E 237 54.78 -25.11 17.15
N SER E 238 55.66 -24.10 17.14
CA SER E 238 56.83 -24.04 18.03
C SER E 238 56.66 -22.97 19.12
N ASP E 239 57.80 -22.37 19.49
CA ASP E 239 57.84 -21.32 20.50
C ASP E 239 57.01 -20.14 20.02
N ASP E 240 56.97 -19.95 18.69
CA ASP E 240 56.06 -19.03 18.00
C ASP E 240 54.69 -19.70 17.99
N GLN E 241 53.81 -19.38 18.95
CA GLN E 241 52.64 -20.21 19.22
C GLN E 241 51.56 -19.97 18.15
N ARG E 242 52.00 -20.01 16.89
CA ARG E 242 51.18 -19.86 15.71
C ARG E 242 50.39 -18.56 15.76
N ARG E 243 50.96 -17.61 16.47
CA ARG E 243 50.30 -16.33 16.69
C ARG E 243 50.27 -15.49 15.42
N LEU E 244 51.27 -15.69 14.59
CA LEU E 244 51.37 -15.02 13.29
C LEU E 244 50.21 -15.40 12.40
N VAL E 245 49.66 -14.45 11.65
CA VAL E 245 48.50 -14.74 10.82
C VAL E 245 48.62 -14.24 9.39
N TYR E 246 48.50 -15.12 8.40
CA TYR E 246 48.86 -14.78 7.03
C TYR E 246 47.90 -15.32 6.02
N TYR E 247 47.52 -14.54 5.01
CA TYR E 247 46.99 -15.13 3.80
C TYR E 247 48.16 -15.77 3.05
N GLU E 248 47.87 -16.85 2.35
CA GLU E 248 48.92 -17.51 1.60
C GLU E 248 48.37 -18.44 0.51
N GLY E 249 49.05 -18.45 -0.63
CA GLY E 249 48.66 -19.26 -1.80
C GLY E 249 49.34 -20.62 -1.87
N GLY E 250 49.04 -21.34 -2.94
CA GLY E 250 49.56 -22.67 -3.15
C GLY E 250 49.03 -23.75 -2.21
N ALA E 251 49.88 -24.71 -1.89
CA ALA E 251 49.47 -25.94 -1.21
C ALA E 251 49.07 -25.73 0.24
N VAL E 252 49.42 -24.58 0.81
CA VAL E 252 48.98 -24.25 2.16
C VAL E 252 47.45 -24.24 2.25
N CYS E 253 46.80 -23.97 1.13
CA CYS E 253 45.36 -23.99 1.07
C CYS E 253 44.80 -25.38 1.37
N THR E 254 45.51 -26.42 0.98
CA THR E 254 45.14 -27.79 1.34
C THR E 254 45.38 -28.05 2.81
N HIS E 255 46.28 -27.28 3.40
CA HIS E 255 46.70 -27.51 4.75
C HIS E 255 45.64 -27.25 5.75
N ALA E 256 45.76 -27.98 6.85
CA ALA E 256 44.72 -27.93 7.86
C ALA E 256 44.74 -26.66 8.58
N ARG E 257 45.95 -26.14 8.64
CA ARG E 257 46.17 -24.88 9.24
C ARG E 257 45.33 -23.75 8.56
N SER E 258 45.00 -23.90 7.28
CA SER E 258 44.12 -22.98 6.58
C SER E 258 42.68 -23.45 6.61
N LEU E 259 42.19 -23.76 7.82
CA LEU E 259 40.79 -24.17 7.99
C LEU E 259 40.22 -23.58 9.22
N TRP E 260 38.93 -23.25 9.20
CA TRP E 260 38.35 -22.48 10.28
C TRP E 260 36.96 -22.92 10.60
N ARG E 261 36.74 -23.31 11.85
CA ARG E 261 35.40 -23.74 12.33
C ARG E 261 34.63 -22.56 12.92
N LEU E 262 33.79 -21.93 12.10
CA LEU E 262 33.03 -20.78 12.57
C LEU E 262 31.92 -21.25 13.60
N GLU E 263 31.74 -20.49 14.67
CA GLU E 263 30.59 -20.65 15.64
C GLU E 263 29.73 -19.34 15.73
N PRO E 264 28.51 -19.33 15.09
CA PRO E 264 27.59 -18.19 15.23
C PRO E 264 27.25 -17.91 16.69
N LEU E 265 27.11 -16.65 17.10
CA LEU E 265 26.90 -16.35 18.52
C LEU E 265 25.52 -16.82 18.93
N ARG E 266 25.37 -18.14 18.94
CA ARG E 266 24.15 -18.83 19.32
C ARG E 266 24.64 -20.22 19.83
N ILE E 267 23.90 -20.84 20.75
CA ILE E 267 24.17 -22.21 21.13
C ILE E 267 23.15 -23.11 20.37
N SER E 268 21.85 -22.82 20.45
CA SER E 268 20.86 -23.47 19.57
C SER E 268 20.99 -23.03 18.16
N TRP E 269 20.81 -23.97 17.25
CA TRP E 269 20.90 -23.76 15.82
C TRP E 269 22.20 -23.10 15.43
N SER E 270 23.31 -23.53 16.06
CA SER E 270 24.63 -23.00 15.71
C SER E 270 24.96 -23.32 14.25
N GLY E 271 24.43 -24.45 13.82
CA GLY E 271 24.66 -24.91 12.49
C GLY E 271 23.66 -24.40 11.48
N SER E 272 22.68 -23.62 11.90
CA SER E 272 21.77 -23.06 10.98
C SER E 272 22.53 -22.10 9.99
N HIS E 273 22.00 -21.98 8.77
CA HIS E 273 22.72 -21.32 7.64
C HIS E 273 23.09 -19.87 7.97
N LEU E 274 24.32 -19.49 7.66
CA LEU E 274 24.82 -18.17 8.01
C LEU E 274 24.32 -17.03 7.11
N ARG E 275 24.30 -15.85 7.71
CA ARG E 275 24.02 -14.60 7.06
C ARG E 275 25.24 -13.67 6.99
N TRP E 276 25.23 -12.70 6.09
CA TRP E 276 26.31 -11.68 6.00
C TRP E 276 25.99 -10.58 6.99
N GLY E 277 26.06 -10.94 8.25
CA GLY E 277 25.69 -10.00 9.28
C GLY E 277 25.56 -10.58 10.65
N GLN E 278 25.01 -11.77 10.73
CA GLN E 278 24.83 -12.34 11.98
C GLN E 278 26.19 -12.67 12.62
N PRO E 279 26.27 -12.37 13.92
CA PRO E 279 27.51 -12.39 14.68
C PRO E 279 28.04 -13.78 14.88
N LEU E 280 29.36 -13.96 14.99
CA LEU E 280 29.90 -15.31 15.12
C LEU E 280 31.29 -15.45 15.79
N ARG E 281 31.49 -16.51 16.58
CA ARG E 281 32.81 -16.95 17.11
C ARG E 281 33.66 -17.60 16.02
N ILE E 282 34.98 -17.58 16.15
CA ILE E 282 35.87 -18.22 15.15
C ILE E 282 36.88 -19.09 15.85
N ARG E 283 36.45 -20.30 16.13
CA ARG E 283 37.37 -21.32 16.58
C ARG E 283 38.33 -21.75 15.45
N HIS E 284 39.63 -21.88 15.78
CA HIS E 284 40.60 -22.47 14.87
C HIS E 284 40.42 -23.97 14.89
N VAL E 285 40.79 -24.61 13.81
CA VAL E 285 40.58 -25.98 13.72
C VAL E 285 41.82 -26.75 14.17
N THR E 286 42.97 -26.47 13.57
CA THR E 286 44.17 -27.25 13.82
C THR E 286 44.68 -27.19 15.28
N THR E 287 44.51 -26.05 15.94
CA THR E 287 44.89 -25.90 17.35
C THR E 287 43.70 -25.67 18.26
N GLY E 288 42.53 -25.49 17.66
CA GLY E 288 41.28 -25.44 18.42
C GLY E 288 41.07 -24.07 19.03
N ARG E 289 42.01 -23.16 18.81
CA ARG E 289 41.97 -21.87 19.49
C ARG E 289 40.85 -20.98 18.95
N TYR E 290 40.15 -20.28 19.85
CA TYR E 290 39.25 -19.23 19.42
C TYR E 290 40.05 -18.04 18.94
N LEU E 291 39.68 -17.45 17.84
CA LEU E 291 40.23 -16.19 17.46
C LEU E 291 39.50 -15.14 18.37
N ALA E 292 40.17 -14.01 18.60
CA ALA E 292 39.62 -12.97 19.54
C ALA E 292 40.24 -11.57 19.26
N LEU E 293 39.71 -10.51 19.88
CA LEU E 293 40.17 -9.14 19.61
C LEU E 293 41.46 -8.81 20.35
N THR E 294 42.60 -9.27 19.79
CA THR E 294 43.92 -8.72 20.11
C THR E 294 44.14 -7.61 19.05
N GLU E 295 43.77 -6.36 19.36
CA GLU E 295 43.99 -5.24 18.39
C GLU E 295 45.50 -5.01 18.22
N ASP E 296 46.33 -5.46 19.17
CA ASP E 296 47.79 -5.61 18.96
C ASP E 296 48.08 -6.64 17.83
N GLN E 297 49.08 -6.41 17.00
CA GLN E 297 49.34 -7.19 15.76
C GLN E 297 48.10 -7.18 14.84
N GLY E 298 47.31 -6.12 14.90
CA GLY E 298 46.08 -5.98 14.15
C GLY E 298 45.10 -7.01 14.58
N LEU E 299 45.23 -8.18 13.98
CA LEU E 299 44.47 -9.32 14.41
C LEU E 299 45.31 -10.58 14.30
N VAL E 300 45.23 -11.43 15.33
CA VAL E 300 46.06 -12.62 15.44
C VAL E 300 45.38 -13.69 16.29
N VAL E 301 45.87 -14.88 16.14
CA VAL E 301 45.45 -16.01 16.95
C VAL E 301 45.74 -15.79 18.43
N VAL E 302 44.86 -16.33 19.26
CA VAL E 302 45.07 -16.33 20.70
C VAL E 302 44.70 -17.66 21.31
N ASP E 303 45.20 -17.98 22.50
CA ASP E 303 44.84 -19.25 23.13
C ASP E 303 43.31 -19.30 23.46
N ALA E 304 42.70 -20.48 23.41
CA ALA E 304 41.30 -20.66 23.83
C ALA E 304 41.17 -20.57 25.35
N CYS E 305 41.56 -19.43 25.89
CA CYS E 305 41.41 -19.11 27.32
C CYS E 305 41.15 -17.59 27.45
N LYS E 306 42.00 -16.75 26.80
CA LYS E 306 41.76 -15.26 26.68
C LYS E 306 40.52 -15.03 25.85
N ALA E 307 40.13 -15.95 24.95
CA ALA E 307 39.12 -15.64 23.94
C ALA E 307 37.80 -15.29 24.59
N HIS E 308 37.16 -14.29 24.04
CA HIS E 308 35.95 -13.80 24.62
C HIS E 308 34.86 -13.92 23.59
N THR E 309 33.62 -14.15 24.05
CA THR E 309 32.45 -14.09 23.16
C THR E 309 32.32 -12.68 22.50
N LYS E 310 32.68 -11.65 23.26
CA LYS E 310 32.78 -10.25 22.78
C LYS E 310 33.92 -10.02 21.80
N ALA E 311 35.09 -10.50 22.18
CA ALA E 311 36.32 -10.25 21.46
C ALA E 311 36.31 -11.00 20.12
N THR E 312 35.52 -12.06 20.05
CA THR E 312 35.44 -12.84 18.83
C THR E 312 34.28 -12.42 17.96
N SER E 313 33.57 -11.38 18.32
CA SER E 313 32.30 -11.07 17.68
C SER E 313 32.48 -10.61 16.23
N PHE E 314 33.13 -11.44 15.41
CA PHE E 314 33.23 -11.17 13.99
C PHE E 314 31.95 -11.55 13.26
N CYS E 315 31.70 -10.89 12.13
CA CYS E 315 30.55 -11.22 11.33
C CYS E 315 30.78 -10.84 9.88
N PHE E 316 30.07 -11.52 8.99
CA PHE E 316 30.23 -11.32 7.53
C PHE E 316 29.59 -10.06 7.02
N ARG E 317 30.06 -9.53 5.91
CA ARG E 317 29.40 -8.43 5.18
C ARG E 317 29.65 -8.60 3.69
N VAL E 318 28.64 -8.15 2.91
CA VAL E 318 28.67 -8.18 1.43
C VAL E 318 29.79 -7.33 0.82
N SER E 319 30.07 -6.19 1.45
CA SER E 319 31.10 -5.23 0.98
C SER E 319 31.47 -4.34 2.17
N LYS E 320 32.49 -3.49 2.01
CA LYS E 320 32.90 -2.63 3.11
C LYS E 320 31.76 -1.65 3.39
N GLU E 321 30.92 -1.98 4.37
CA GLU E 321 29.79 -1.17 4.75
C GLU E 321 29.50 -1.34 6.25
N LYS E 322 29.15 -0.22 6.86
CA LYS E 322 29.14 -0.04 8.32
C LYS E 322 27.74 -0.18 8.95
N LEU E 323 26.79 -0.73 8.18
CA LEU E 323 25.34 -0.59 8.54
C LEU E 323 25.04 -1.02 9.99
N LYS E 328 16.57 -9.36 11.76
CA LYS E 328 16.42 -9.67 13.17
C LYS E 328 17.33 -10.82 13.59
N ARG E 329 17.44 -11.04 14.90
CA ARG E 329 18.35 -12.10 15.43
C ARG E 329 17.86 -12.70 16.73
N ASP E 330 18.55 -13.82 17.04
CA ASP E 330 18.64 -14.99 16.10
C ASP E 330 17.43 -15.46 15.24
N VAL E 331 17.69 -15.89 14.01
CA VAL E 331 16.63 -16.51 13.15
C VAL E 331 16.60 -18.06 13.30
N GLU E 332 16.01 -18.57 14.40
CA GLU E 332 15.99 -20.03 14.75
C GLU E 332 14.99 -20.86 13.91
N GLY E 333 15.25 -22.17 13.84
CA GLY E 333 14.34 -23.09 13.18
C GLY E 333 14.83 -23.61 11.87
N MET E 334 15.83 -22.95 11.29
CA MET E 334 16.60 -23.52 10.19
C MET E 334 17.75 -22.64 9.79
N GLY E 335 17.56 -21.33 9.88
CA GLY E 335 18.55 -20.39 9.47
C GLY E 335 18.53 -20.29 7.97
N PRO E 336 18.16 -19.12 7.43
CA PRO E 336 17.92 -19.06 6.01
C PRO E 336 19.15 -19.23 5.16
N PRO E 337 19.01 -19.90 4.01
CA PRO E 337 20.14 -20.06 3.11
C PRO E 337 20.60 -18.72 2.56
N GLU E 338 21.92 -18.51 2.39
CA GLU E 338 22.46 -17.28 1.78
C GLU E 338 23.85 -17.43 1.12
N ILE E 339 24.89 -17.29 1.92
CA ILE E 339 26.25 -17.14 1.39
C ILE E 339 26.75 -18.41 0.76
N LYS E 340 27.38 -18.24 -0.39
CA LYS E 340 27.87 -19.33 -1.21
C LYS E 340 29.02 -20.15 -0.59
N TYR E 341 29.04 -21.45 -0.82
CA TYR E 341 30.27 -22.24 -0.74
C TYR E 341 31.04 -22.15 -2.07
N GLY E 342 31.55 -20.97 -2.37
CA GLY E 342 32.29 -20.76 -3.62
C GLY E 342 32.40 -19.29 -4.02
N GLU E 343 31.66 -18.94 -5.06
CA GLU E 343 31.81 -17.67 -5.78
C GLU E 343 31.62 -16.37 -4.96
N SER E 344 30.66 -16.34 -4.06
CA SER E 344 30.31 -15.09 -3.39
C SER E 344 31.41 -14.60 -2.41
N LEU E 345 31.71 -13.30 -2.41
CA LEU E 345 32.55 -12.70 -1.35
C LEU E 345 31.79 -12.37 -0.11
N CYS E 346 32.48 -12.44 1.00
CA CYS E 346 32.03 -11.82 2.20
C CYS E 346 33.21 -11.34 2.99
N PHE E 347 33.15 -10.12 3.48
CA PHE E 347 34.21 -9.64 4.36
C PHE E 347 33.72 -9.58 5.76
N VAL E 348 34.65 -9.89 6.66
CA VAL E 348 34.33 -10.06 8.05
C VAL E 348 34.55 -8.77 8.83
N GLN E 349 33.51 -7.94 8.93
CA GLN E 349 33.55 -6.79 9.86
C GLN E 349 33.50 -7.30 11.32
N HIS E 350 34.34 -6.71 12.20
CA HIS E 350 34.35 -7.08 13.60
C HIS E 350 33.35 -6.19 14.35
N VAL E 351 32.94 -6.60 15.55
CA VAL E 351 32.03 -5.81 16.36
C VAL E 351 32.74 -5.14 17.56
N ALA E 352 33.53 -5.86 18.38
CA ALA E 352 34.16 -5.25 19.62
C ALA E 352 35.07 -4.10 19.35
N SER E 353 35.81 -4.17 18.24
CA SER E 353 36.64 -3.08 17.75
C SER E 353 35.93 -2.38 16.60
N GLY E 354 35.17 -3.15 15.80
CA GLY E 354 34.46 -2.61 14.62
C GLY E 354 35.33 -2.57 13.39
N LEU E 355 36.59 -2.97 13.59
CA LEU E 355 37.58 -2.91 12.56
C LEU E 355 37.33 -4.02 11.52
N TRP E 356 37.53 -3.67 10.23
CA TRP E 356 37.55 -4.67 9.15
C TRP E 356 38.86 -5.48 9.17
N LEU E 357 38.74 -6.76 8.85
CA LEU E 357 39.91 -7.58 8.62
C LEU E 357 40.54 -7.23 7.27
N THR E 358 41.86 -7.27 7.19
CA THR E 358 42.59 -7.09 5.95
C THR E 358 44.07 -7.47 6.11
N TYR E 359 44.73 -7.82 4.99
CA TYR E 359 46.18 -8.04 5.02
C TYR E 359 46.96 -6.76 5.36
N ALA E 360 47.99 -6.89 6.18
CA ALA E 360 48.78 -5.74 6.65
C ALA E 360 49.52 -5.04 5.50
N ALA E 361 49.90 -5.76 4.44
CA ALA E 361 50.58 -5.18 3.21
C ALA E 361 50.65 -6.14 2.01
N VAL E 371 58.28 -14.29 3.75
CA VAL E 371 58.66 -13.76 2.45
C VAL E 371 57.43 -13.13 1.75
N LEU E 372 56.52 -13.97 1.24
CA LEU E 372 55.25 -13.51 0.59
C LEU E 372 54.19 -13.24 1.61
N LYS E 373 54.56 -13.49 2.88
CA LYS E 373 53.60 -13.67 3.94
C LYS E 373 52.90 -12.33 4.19
N LYS E 374 51.92 -12.02 3.33
CA LYS E 374 50.99 -10.97 3.66
C LYS E 374 50.19 -11.39 4.90
N LYS E 375 49.89 -10.43 5.76
CA LYS E 375 49.30 -10.72 7.05
C LYS E 375 47.78 -10.74 6.93
N ALA E 376 47.13 -10.61 8.08
CA ALA E 376 45.70 -10.42 8.17
C ALA E 376 45.35 -9.64 9.49
N ILE E 377 44.99 -8.37 9.40
CA ILE E 377 44.82 -7.53 10.57
C ILE E 377 43.55 -6.68 10.52
N LEU E 378 43.03 -6.33 11.69
CA LEU E 378 41.83 -5.48 11.82
C LEU E 378 42.11 -3.89 11.78
N HIS E 379 41.57 -3.22 10.73
CA HIS E 379 41.38 -1.70 10.69
C HIS E 379 40.34 -1.38 9.53
N GLN E 380 39.75 -0.18 9.49
CA GLN E 380 38.49 0.09 8.67
C GLN E 380 38.59 -0.11 7.15
N GLU E 381 39.79 0.06 6.62
CA GLU E 381 39.97 0.04 5.20
C GLU E 381 40.68 -1.17 4.71
N GLY E 382 42.01 -1.16 4.85
CA GLY E 382 42.89 -2.07 4.11
C GLY E 382 42.69 -1.83 2.63
N HIS E 383 42.30 -2.83 1.83
CA HIS E 383 41.91 -2.60 0.42
C HIS E 383 40.71 -3.48 -0.02
N MET E 384 40.07 -3.13 -1.14
CA MET E 384 38.96 -3.91 -1.68
C MET E 384 39.50 -5.21 -2.29
N ASP E 385 39.91 -6.14 -1.44
CA ASP E 385 40.52 -7.39 -1.91
C ASP E 385 40.80 -8.42 -0.77
N ASP E 386 40.01 -8.37 0.32
CA ASP E 386 40.05 -9.45 1.39
C ASP E 386 39.70 -10.80 0.65
N ALA E 387 38.88 -10.72 -0.41
CA ALA E 387 38.61 -11.81 -1.40
C ALA E 387 38.18 -13.12 -0.71
N LEU E 388 37.37 -13.07 0.36
CA LEU E 388 36.95 -14.30 1.11
C LEU E 388 35.76 -14.97 0.39
N PHE E 389 36.02 -15.53 -0.78
CA PHE E 389 35.01 -16.28 -1.50
C PHE E 389 34.93 -17.68 -0.86
N LEU E 390 34.17 -17.76 0.21
CA LEU E 390 34.15 -18.92 1.10
C LEU E 390 33.70 -20.21 0.45
N THR E 391 34.34 -21.32 0.85
CA THR E 391 33.98 -22.67 0.33
C THR E 391 34.15 -23.74 1.43
N ARG E 392 33.19 -24.67 1.51
CA ARG E 392 33.16 -25.63 2.62
C ARG E 392 34.34 -26.58 2.59
N CYS E 393 34.81 -26.91 3.76
CA CYS E 393 35.82 -27.91 3.94
C CYS E 393 35.26 -29.33 3.72
N GLN E 394 36.09 -30.23 3.23
CA GLN E 394 35.69 -31.63 3.06
C GLN E 394 35.61 -32.31 4.37
N GLN E 395 34.68 -33.24 4.40
CA GLN E 395 34.38 -34.04 5.55
C GLN E 395 35.64 -34.56 6.20
N GLU E 396 36.40 -35.19 5.35
CA GLU E 396 37.41 -36.00 5.82
C GLU E 396 38.49 -35.08 6.34
N GLU E 397 38.56 -33.90 5.77
CA GLU E 397 39.56 -32.96 6.16
C GLU E 397 39.40 -32.51 7.52
N SER E 398 38.16 -32.41 7.88
CA SER E 398 37.85 -31.90 9.15
C SER E 398 38.01 -32.90 10.24
N GLN E 399 37.56 -34.11 10.01
CA GLN E 399 37.76 -35.11 11.03
C GLN E 399 39.22 -35.35 11.21
N ALA E 400 39.93 -35.24 10.11
CA ALA E 400 41.31 -35.43 10.15
C ALA E 400 41.93 -34.38 10.99
N ALA E 401 41.55 -33.17 10.72
CA ALA E 401 42.18 -32.15 11.37
C ALA E 401 41.89 -32.12 12.85
N ARG E 402 40.64 -32.21 13.17
CA ARG E 402 40.24 -32.18 14.53
C ARG E 402 40.84 -33.30 15.32
N MET E 403 40.99 -34.43 14.67
CA MET E 403 41.71 -35.49 15.26
C MET E 403 43.18 -35.19 15.49
N ILE E 404 43.76 -34.45 14.58
CA ILE E 404 45.13 -34.16 14.76
C ILE E 404 45.26 -33.23 15.96
N HIS E 405 44.32 -32.30 16.14
CA HIS E 405 44.35 -31.48 17.34
C HIS E 405 44.06 -32.28 18.56
N SER E 406 43.30 -33.35 18.43
CA SER E 406 43.09 -34.17 19.57
C SER E 406 44.37 -34.85 20.00
N THR E 407 45.17 -35.16 19.00
CA THR E 407 46.37 -35.89 19.23
C THR E 407 47.44 -35.03 19.81
N ALA E 408 47.59 -33.85 19.25
CA ALA E 408 48.50 -32.87 19.81
C ALA E 408 48.03 -32.48 21.19
N GLY E 409 46.72 -32.53 21.37
CA GLY E 409 46.11 -32.21 22.64
C GLY E 409 46.27 -33.26 23.69
N LEU E 410 46.69 -34.45 23.25
CA LEU E 410 46.87 -35.53 24.17
C LEU E 410 48.29 -35.94 24.46
N TYR E 411 49.16 -35.89 23.49
CA TYR E 411 50.50 -36.38 23.76
C TYR E 411 51.25 -35.63 24.74
N ASN E 412 50.98 -34.34 24.82
CA ASN E 412 51.86 -33.48 25.53
C ASN E 412 51.93 -33.73 27.01
N GLN E 413 50.76 -33.81 27.64
CA GLN E 413 50.71 -34.08 29.04
C GLN E 413 51.29 -35.47 29.34
N PHE E 414 51.10 -36.38 28.40
CA PHE E 414 51.72 -37.67 28.46
C PHE E 414 53.25 -37.57 28.45
N ILE E 415 53.74 -36.61 27.68
CA ILE E 415 55.15 -36.46 27.50
C ILE E 415 55.81 -35.88 28.76
N LYS E 416 55.23 -34.78 29.25
CA LYS E 416 55.74 -34.12 30.45
C LYS E 416 55.60 -35.02 31.63
N GLY E 417 54.55 -35.84 31.65
CA GLY E 417 54.26 -36.75 32.75
C GLY E 417 55.21 -37.94 32.78
N LEU E 418 55.61 -38.44 31.60
CA LEU E 418 56.67 -39.45 31.58
C LEU E 418 58.03 -38.84 31.91
N ASP E 419 58.22 -37.61 31.45
CA ASP E 419 59.46 -36.91 31.71
C ASP E 419 59.58 -36.52 33.20
N SER E 420 58.44 -36.41 33.89
CA SER E 420 58.38 -36.02 35.31
C SER E 420 59.11 -36.96 36.28
N PHE E 421 59.10 -38.28 36.04
CA PHE E 421 59.82 -39.23 36.95
C PHE E 421 61.22 -39.55 36.41
N SER E 422 61.56 -38.98 35.25
CA SER E 422 62.96 -38.99 34.76
C SER E 422 63.87 -38.24 35.69
N GLY E 423 63.30 -37.28 36.41
CA GLY E 423 63.97 -36.56 37.45
C GLY E 423 64.18 -37.42 38.70
N LYS E 424 63.55 -38.58 38.81
CA LYS E 424 63.75 -39.50 40.00
C LYS E 424 63.96 -40.98 39.59
N PRO E 425 65.11 -41.31 38.98
CA PRO E 425 65.38 -42.68 38.52
C PRO E 425 65.39 -43.74 39.58
N ARG E 426 64.91 -44.92 39.19
CA ARG E 426 64.71 -46.08 40.05
C ARG E 426 64.30 -47.36 39.20
N LEU E 436 50.16 -39.58 34.20
CA LEU E 436 50.54 -40.73 33.39
C LEU E 436 49.43 -41.31 32.47
N PRO E 437 48.98 -40.59 31.41
CA PRO E 437 47.93 -41.14 30.52
C PRO E 437 48.39 -42.34 29.64
N ILE E 438 48.72 -43.53 30.22
CA ILE E 438 49.22 -44.71 29.46
C ILE E 438 48.18 -45.29 28.46
N GLU E 439 47.19 -45.95 28.99
CA GLU E 439 46.32 -46.75 28.19
C GLU E 439 45.46 -45.89 27.25
N ALA E 440 45.21 -44.64 27.63
CA ALA E 440 44.43 -43.77 26.72
C ALA E 440 45.27 -43.36 25.55
N VAL E 441 46.52 -43.02 25.79
CA VAL E 441 47.38 -42.74 24.66
C VAL E 441 47.62 -44.01 23.81
N ILE E 442 47.69 -45.18 24.43
CA ILE E 442 47.82 -46.42 23.66
C ILE E 442 46.63 -46.56 22.75
N LEU E 443 45.47 -46.18 23.27
CA LEU E 443 44.24 -46.16 22.50
C LEU E 443 44.33 -45.20 21.33
N SER E 444 44.94 -44.06 21.57
CA SER E 444 45.17 -43.06 20.52
C SER E 444 46.08 -43.60 19.44
N LEU E 445 47.01 -44.46 19.84
CA LEU E 445 47.92 -45.01 18.89
C LEU E 445 47.34 -46.07 18.02
N GLN E 446 46.67 -46.99 18.65
CA GLN E 446 46.09 -47.98 17.85
C GLN E 446 44.98 -47.34 17.01
N ASP E 447 44.38 -46.25 17.47
CA ASP E 447 43.40 -45.49 16.67
C ASP E 447 43.97 -44.83 15.46
N LEU E 448 45.12 -44.25 15.63
CA LEU E 448 45.73 -43.69 14.48
C LEU E 448 46.23 -44.74 13.55
N ILE E 449 46.70 -45.86 14.08
CA ILE E 449 47.15 -46.94 13.25
C ILE E 449 46.04 -47.43 12.42
N GLY E 450 44.85 -47.47 12.99
CA GLY E 450 43.69 -47.88 12.25
C GLY E 450 43.32 -46.86 11.22
N TYR E 451 43.44 -45.61 11.64
CA TYR E 451 43.11 -44.49 10.79
C TYR E 451 44.06 -44.40 9.64
N PHE E 452 45.26 -44.91 9.85
CA PHE E 452 46.28 -44.88 8.87
C PHE E 452 46.77 -46.24 8.46
N GLU E 453 46.12 -46.81 7.49
CA GLU E 453 46.57 -48.02 6.90
C GLU E 453 46.25 -48.10 5.44
N PRO E 454 46.92 -48.96 4.76
CA PRO E 454 46.71 -49.32 3.42
C PRO E 454 45.41 -49.90 3.09
N PRO E 455 44.92 -49.56 1.89
CA PRO E 455 43.80 -50.17 1.30
C PRO E 455 44.03 -51.66 1.20
N SER E 456 42.93 -52.38 1.29
CA SER E 456 42.84 -53.77 1.01
C SER E 456 43.37 -54.19 -0.32
N GLU E 457 44.25 -55.16 -0.26
CA GLU E 457 44.78 -55.73 -1.45
C GLU E 457 43.71 -56.48 -2.19
N GLU E 458 42.79 -57.01 -1.42
CA GLU E 458 41.63 -57.68 -1.92
C GLU E 458 40.55 -56.67 -2.18
N LEU E 459 40.85 -55.85 -3.15
CA LEU E 459 39.92 -54.89 -3.55
C LEU E 459 40.11 -54.56 -5.02
N GLN E 460 39.07 -53.99 -5.59
CA GLN E 460 39.15 -53.53 -6.93
C GLN E 460 40.17 -52.41 -7.03
N HIS E 461 40.83 -52.34 -8.17
CA HIS E 461 41.92 -51.41 -8.30
C HIS E 461 41.54 -49.98 -8.15
N GLU E 462 40.31 -49.68 -8.50
CA GLU E 462 39.91 -48.30 -8.47
C GLU E 462 39.75 -47.86 -7.03
N GLU E 463 39.05 -48.63 -6.21
CA GLU E 463 38.94 -48.28 -4.85
C GLU E 463 40.20 -48.41 -4.11
N LYS E 464 41.07 -49.32 -4.50
CA LYS E 464 42.38 -49.42 -3.91
C LYS E 464 43.17 -48.16 -4.14
N GLN E 465 43.05 -47.65 -5.33
CA GLN E 465 43.85 -46.58 -5.71
C GLN E 465 43.25 -45.30 -5.10
N SER E 466 41.93 -45.17 -5.10
CA SER E 466 41.28 -44.02 -4.51
C SER E 466 41.48 -43.99 -3.03
N LYS E 467 41.38 -45.15 -2.43
CA LYS E 467 41.57 -45.23 -1.04
C LYS E 467 43.00 -44.91 -0.73
N LEU E 468 43.88 -45.29 -1.63
CA LEU E 468 45.26 -44.94 -1.49
C LEU E 468 45.47 -43.45 -1.62
N ARG E 469 44.65 -42.78 -2.40
CA ARG E 469 44.69 -41.35 -2.45
C ARG E 469 44.21 -40.77 -1.14
N SER E 470 43.26 -41.41 -0.49
CA SER E 470 42.85 -40.96 0.81
C SER E 470 43.93 -41.13 1.80
N LEU E 471 44.73 -42.14 1.59
CA LEU E 471 45.83 -42.39 2.46
C LEU E 471 46.93 -41.43 2.31
N ARG E 472 47.23 -41.15 1.09
CA ARG E 472 48.23 -40.24 0.78
C ARG E 472 47.84 -38.84 1.30
N ASN E 473 46.56 -38.52 1.22
CA ASN E 473 46.05 -37.26 1.67
C ASN E 473 46.09 -37.16 3.15
N ARG E 474 45.63 -38.18 3.83
CA ARG E 474 45.60 -38.16 5.25
C ARG E 474 47.00 -38.10 5.86
N GLN E 475 47.93 -38.83 5.24
CA GLN E 475 49.29 -38.82 5.72
C GLN E 475 49.89 -37.50 5.52
N SER E 476 49.58 -36.89 4.38
CA SER E 476 50.07 -35.57 4.11
C SER E 476 49.54 -34.62 5.13
N LEU E 477 48.30 -34.82 5.53
CA LEU E 477 47.66 -33.91 6.42
C LEU E 477 48.25 -33.97 7.78
N PHE E 478 48.42 -35.18 8.30
CA PHE E 478 49.02 -35.22 9.61
C PHE E 478 50.48 -34.78 9.54
N GLN E 479 51.12 -34.96 8.40
CA GLN E 479 52.49 -34.51 8.21
C GLN E 479 52.55 -33.00 8.15
N GLU E 480 51.43 -32.34 7.84
CA GLU E 480 51.42 -30.87 7.72
C GLU E 480 51.80 -30.16 8.98
N GLU E 481 51.46 -30.77 10.11
CA GLU E 481 51.90 -30.28 11.39
C GLU E 481 53.18 -30.91 11.86
N GLY E 482 53.49 -32.14 11.44
CA GLY E 482 54.71 -32.83 11.77
C GLY E 482 54.69 -33.37 13.17
N MET E 483 53.50 -33.75 13.60
CA MET E 483 53.41 -34.22 15.04
C MET E 483 54.09 -35.52 15.29
N LEU E 484 54.29 -36.17 14.21
CA LEU E 484 55.14 -37.27 14.05
C LEU E 484 56.54 -37.07 14.63
N SER E 485 57.01 -35.85 14.49
CA SER E 485 58.23 -35.45 15.12
C SER E 485 58.08 -35.34 16.60
N LEU E 486 56.88 -35.01 17.08
CA LEU E 486 56.63 -35.07 18.52
C LEU E 486 56.70 -36.51 18.97
N VAL E 487 56.27 -37.40 18.09
CA VAL E 487 56.43 -38.79 18.38
C VAL E 487 57.88 -39.20 18.41
N LEU E 488 58.64 -38.58 17.55
CA LEU E 488 60.06 -38.76 17.51
C LEU E 488 60.71 -38.30 18.86
N ASN E 489 60.18 -37.22 19.43
CA ASN E 489 60.60 -36.78 20.76
C ASN E 489 60.24 -37.73 21.85
N CYS E 490 59.11 -38.39 21.62
CA CYS E 490 58.65 -39.31 22.60
C CYS E 490 59.62 -40.46 22.69
N ILE E 491 59.93 -40.98 21.51
CA ILE E 491 60.83 -42.09 21.40
C ILE E 491 62.19 -41.73 21.94
N ASP E 492 62.56 -40.47 21.74
CA ASP E 492 63.78 -40.02 22.30
C ASP E 492 63.76 -40.06 23.83
N ARG E 493 62.59 -39.79 24.41
CA ARG E 493 62.47 -39.76 25.88
C ARG E 493 62.35 -41.10 26.56
N LEU E 494 62.05 -42.12 25.77
CA LEU E 494 61.60 -43.33 26.33
C LEU E 494 62.69 -44.31 26.59
N ASN E 495 63.33 -44.78 25.51
CA ASN E 495 64.07 -46.01 25.52
C ASN E 495 65.47 -45.82 26.02
N VAL E 496 65.59 -44.94 26.99
CA VAL E 496 66.70 -44.88 27.90
C VAL E 496 66.76 -46.19 28.72
N TYR E 497 65.59 -46.73 29.06
CA TYR E 497 65.49 -47.81 29.99
C TYR E 497 66.00 -49.15 29.42
N THR E 498 66.53 -49.94 30.32
CA THR E 498 66.76 -51.32 30.05
C THR E 498 65.53 -52.20 30.27
N THR E 499 64.48 -51.69 30.91
CA THR E 499 63.31 -52.57 31.25
C THR E 499 62.02 -51.81 31.63
N TYR E 506 61.09 -49.66 34.06
CA TYR E 506 62.26 -49.47 34.89
C TYR E 506 62.01 -48.37 35.88
N ALA E 507 62.02 -47.11 35.40
CA ALA E 507 61.58 -46.05 36.32
C ALA E 507 60.09 -46.12 36.43
N GLY E 508 59.55 -45.79 37.58
CA GLY E 508 58.15 -46.05 37.88
C GLY E 508 57.97 -47.51 38.38
N GLU E 509 58.50 -48.50 37.66
CA GLU E 509 58.44 -49.93 38.07
C GLU E 509 57.01 -50.49 38.29
N GLU E 510 56.03 -50.04 37.50
CA GLU E 510 54.63 -50.42 37.66
C GLU E 510 53.83 -50.25 36.34
N ALA E 511 53.73 -49.04 35.77
CA ALA E 511 53.04 -48.82 34.48
C ALA E 511 54.03 -49.18 33.34
N ALA E 512 55.30 -49.39 33.71
CA ALA E 512 56.40 -49.56 32.70
C ALA E 512 56.37 -50.91 32.00
N GLU E 513 55.63 -51.88 32.51
CA GLU E 513 55.59 -53.14 31.74
C GLU E 513 54.80 -53.00 30.47
N SER E 514 53.84 -52.08 30.44
CA SER E 514 53.17 -51.73 29.17
C SER E 514 54.08 -50.95 28.20
N TRP E 515 55.15 -50.39 28.74
CA TRP E 515 56.03 -49.46 28.04
C TRP E 515 56.78 -49.95 26.79
N LYS E 516 57.19 -51.21 26.77
CA LYS E 516 57.85 -51.75 25.58
C LYS E 516 56.85 -51.89 24.41
N GLU E 517 55.64 -52.30 24.74
CA GLU E 517 54.60 -52.41 23.78
C GLU E 517 54.28 -51.05 23.27
N ILE E 518 54.35 -50.08 24.16
CA ILE E 518 53.96 -48.78 23.81
C ILE E 518 54.92 -48.25 22.83
N VAL E 519 56.20 -48.33 23.14
CA VAL E 519 57.22 -47.79 22.27
C VAL E 519 57.18 -48.43 20.91
N ASN E 520 57.00 -49.75 20.91
CA ASN E 520 56.93 -50.42 19.68
C ASN E 520 55.72 -49.96 18.87
N LEU E 521 54.67 -49.69 19.60
CA LEU E 521 53.49 -49.25 18.98
C LEU E 521 53.65 -47.89 18.36
N LEU E 522 54.50 -47.11 18.97
CA LEU E 522 54.78 -45.87 18.40
C LEU E 522 55.58 -46.03 17.12
N TYR E 523 56.54 -46.94 17.10
CA TYR E 523 57.30 -47.06 15.88
C TYR E 523 56.37 -47.47 14.79
N GLU E 524 55.39 -48.27 15.15
CA GLU E 524 54.50 -48.73 14.18
C GLU E 524 53.67 -47.63 13.67
N LEU E 525 53.37 -46.69 14.54
CA LEU E 525 52.63 -45.57 14.08
C LEU E 525 53.35 -44.75 13.06
N LEU E 526 54.56 -44.45 13.45
CA LEU E 526 55.38 -43.65 12.62
C LEU E 526 55.53 -44.27 11.28
N ALA E 527 55.70 -45.58 11.32
CA ALA E 527 55.84 -46.35 10.13
C ALA E 527 54.65 -46.23 9.27
N SER E 528 53.52 -46.22 9.92
CA SER E 528 52.30 -46.15 9.21
C SER E 528 52.25 -44.82 8.49
N LEU E 529 52.84 -43.79 9.09
CA LEU E 529 52.97 -42.54 8.43
C LEU E 529 53.96 -42.48 7.35
N ILE E 530 54.90 -43.35 7.40
CA ILE E 530 55.91 -43.35 6.39
C ILE E 530 55.62 -44.18 5.10
N ARG E 531 54.82 -45.25 5.16
CA ARG E 531 54.89 -46.23 4.03
C ARG E 531 54.43 -45.67 2.71
N GLY E 532 53.54 -44.67 2.79
CA GLY E 532 52.86 -44.12 1.64
C GLY E 532 53.34 -42.79 1.17
N ASN E 533 54.48 -42.27 1.62
CA ASN E 533 54.93 -40.94 1.24
C ASN E 533 56.43 -40.78 1.08
N ARG E 534 56.82 -39.89 0.17
CA ARG E 534 58.23 -39.54 0.01
C ARG E 534 58.68 -38.55 1.07
N ALA E 535 57.83 -37.59 1.31
CA ALA E 535 58.22 -36.44 2.05
C ALA E 535 58.57 -36.72 3.46
N ASN E 536 57.90 -37.68 4.01
CA ASN E 536 58.21 -38.02 5.36
C ASN E 536 59.63 -38.47 5.50
N CYS E 537 59.99 -39.24 4.50
CA CYS E 537 61.32 -39.77 4.40
C CYS E 537 62.30 -38.66 4.20
N ALA E 538 61.86 -37.66 3.47
CA ALA E 538 62.69 -36.53 3.25
C ALA E 538 63.00 -35.84 4.54
N LEU E 539 62.00 -35.78 5.42
CA LEU E 539 62.24 -35.23 6.73
C LEU E 539 63.14 -36.14 7.56
N PHE E 540 63.07 -37.42 7.28
CA PHE E 540 63.83 -38.38 8.03
C PHE E 540 65.21 -38.57 7.55
N SER E 541 65.58 -37.91 6.47
CA SER E 541 66.93 -38.04 5.96
C SER E 541 67.96 -37.56 6.97
N THR E 542 67.58 -36.57 7.75
CA THR E 542 68.40 -36.12 8.85
C THR E 542 68.35 -37.08 10.01
N ASN E 543 67.26 -37.81 10.07
CA ASN E 543 67.03 -38.75 11.13
C ASN E 543 67.67 -40.09 10.85
N LEU E 544 68.35 -40.27 9.74
CA LEU E 544 69.03 -41.54 9.41
C LEU E 544 69.98 -41.93 10.50
N ASP E 545 70.78 -40.98 10.95
CA ASP E 545 71.69 -41.22 12.02
C ASP E 545 70.91 -41.54 13.29
N TRP E 546 69.75 -40.92 13.43
CA TRP E 546 68.87 -41.17 14.55
C TRP E 546 68.25 -42.52 14.48
N VAL E 547 67.76 -42.87 13.31
CA VAL E 547 67.15 -44.12 13.12
C VAL E 547 68.15 -45.24 13.37
N VAL E 548 69.36 -45.05 12.89
CA VAL E 548 70.37 -46.02 13.12
C VAL E 548 70.72 -46.04 14.59
N SER E 549 70.59 -44.90 15.25
CA SER E 549 70.86 -44.82 16.67
C SER E 549 69.89 -45.67 17.44
N LYS E 550 68.68 -45.77 16.91
CA LYS E 550 67.64 -46.48 17.59
C LYS E 550 67.57 -47.94 17.24
N LEU E 551 68.08 -48.31 16.07
CA LEU E 551 68.00 -49.69 15.67
C LEU E 551 68.80 -50.59 16.55
N ASP E 552 69.76 -50.01 17.23
CA ASP E 552 70.63 -50.76 18.11
C ASP E 552 69.87 -51.38 19.29
N ARG E 553 68.70 -50.82 19.59
CA ARG E 553 67.84 -51.35 20.65
C ARG E 553 67.43 -52.76 20.37
N LEU E 554 67.28 -53.56 21.43
CA LEU E 554 67.08 -54.98 21.26
C LEU E 554 65.80 -55.54 21.91
N GLU E 555 64.65 -54.93 21.65
CA GLU E 555 63.40 -55.37 22.30
C GLU E 555 62.15 -55.22 21.46
N ALA E 556 62.14 -54.19 20.62
CA ALA E 556 61.01 -53.83 19.77
C ALA E 556 61.59 -53.28 18.47
N SER E 557 62.69 -53.87 18.02
CA SER E 557 63.45 -53.41 16.86
C SER E 557 62.72 -53.58 15.57
N SER E 558 61.75 -54.46 15.55
CA SER E 558 61.03 -54.77 14.36
C SER E 558 60.29 -53.63 13.77
N GLY E 559 59.76 -52.78 14.62
CA GLY E 559 59.04 -51.66 14.13
C GLY E 559 59.97 -50.63 13.60
N ILE E 560 61.11 -50.54 14.23
CA ILE E 560 62.15 -49.69 13.79
C ILE E 560 62.58 -50.19 12.42
N LEU E 561 62.48 -51.47 12.23
CA LEU E 561 62.88 -52.09 11.03
C LEU E 561 61.92 -51.76 9.95
N GLU E 562 60.63 -51.81 10.24
CA GLU E 562 59.67 -51.48 9.25
C GLU E 562 59.84 -50.07 8.89
N VAL E 563 60.24 -49.29 9.85
CA VAL E 563 60.46 -47.93 9.61
C VAL E 563 61.55 -47.74 8.63
N LEU E 564 62.67 -48.32 8.93
CA LEU E 564 63.79 -48.11 8.12
C LEU E 564 63.51 -48.59 6.79
N TYR E 565 62.77 -49.67 6.74
CA TYR E 565 62.45 -50.29 5.51
C TYR E 565 61.68 -49.40 4.61
N CYS E 566 60.62 -48.86 5.14
CA CYS E 566 59.79 -48.04 4.32
C CYS E 566 60.45 -46.76 3.90
N VAL E 567 61.28 -46.30 4.80
CA VAL E 567 62.03 -45.14 4.49
C VAL E 567 62.92 -45.40 3.31
N LEU E 568 63.50 -46.56 3.31
CA LEU E 568 64.34 -46.87 2.22
C LEU E 568 63.55 -47.03 0.98
N ILE E 569 62.32 -47.49 1.10
CA ILE E 569 61.50 -47.67 -0.03
C ILE E 569 61.23 -46.38 -0.71
N GLU E 570 61.15 -45.34 0.09
CA GLU E 570 60.66 -44.12 -0.45
C GLU E 570 61.61 -42.95 -0.33
N SER E 571 62.89 -43.23 -0.48
CA SER E 571 63.87 -42.20 -0.40
C SER E 571 65.23 -42.54 -0.84
N PRO E 572 65.50 -42.37 -2.14
CA PRO E 572 66.82 -42.58 -2.72
C PRO E 572 67.88 -41.72 -2.13
N GLU E 573 67.49 -40.51 -1.79
CA GLU E 573 68.41 -39.59 -1.26
C GLU E 573 68.98 -40.10 0.01
N VAL E 574 68.16 -40.78 0.78
CA VAL E 574 68.60 -41.31 2.01
C VAL E 574 69.61 -42.42 1.75
N LEU E 575 69.43 -43.13 0.65
CA LEU E 575 70.41 -44.08 0.22
C LEU E 575 71.71 -43.44 -0.12
N ASN E 576 71.63 -42.25 -0.69
CA ASN E 576 72.84 -41.50 -0.94
C ASN E 576 73.55 -41.06 0.31
N ILE E 577 72.77 -40.83 1.34
CA ILE E 577 73.28 -40.21 2.52
C ILE E 577 73.91 -41.18 3.45
N ILE E 578 73.37 -42.37 3.58
CA ILE E 578 73.70 -43.18 4.71
C ILE E 578 75.17 -43.49 4.82
N GLN E 579 75.68 -43.42 6.04
CA GLN E 579 77.12 -43.51 6.27
C GLN E 579 77.67 -44.86 6.30
N GLU E 580 78.98 -45.00 6.11
CA GLU E 580 79.54 -46.31 5.75
C GLU E 580 79.72 -47.25 6.92
N ASN E 581 78.83 -47.12 7.83
CA ASN E 581 79.05 -47.60 9.13
C ASN E 581 77.73 -47.76 9.81
N HIS E 582 76.80 -46.85 9.58
CA HIS E 582 75.42 -47.02 9.98
C HIS E 582 74.83 -48.24 9.30
N ILE E 583 75.25 -48.44 8.09
CA ILE E 583 74.94 -49.60 7.37
C ILE E 583 75.57 -50.81 8.06
N LYS E 584 76.81 -50.63 8.48
CA LYS E 584 77.53 -51.65 9.19
C LYS E 584 76.81 -51.90 10.51
N SER E 585 76.17 -50.85 11.03
CA SER E 585 75.30 -50.99 12.19
C SER E 585 74.07 -51.82 11.89
N ILE E 586 73.63 -51.80 10.64
CA ILE E 586 72.52 -52.59 10.26
C ILE E 586 72.89 -54.05 10.08
N ILE E 587 74.00 -54.31 9.44
CA ILE E 587 74.46 -55.67 9.31
C ILE E 587 74.72 -56.23 10.64
N SER E 588 75.24 -55.37 11.49
CA SER E 588 75.46 -55.74 12.85
C SER E 588 74.15 -56.01 13.58
N LEU E 589 73.10 -55.31 13.16
CA LEU E 589 71.82 -55.60 13.69
C LEU E 589 71.37 -56.99 13.30
N LEU E 590 71.66 -57.34 12.08
CA LEU E 590 71.29 -58.61 11.65
C LEU E 590 72.02 -59.68 12.38
N ASP E 591 73.25 -59.41 12.69
CA ASP E 591 73.98 -60.33 13.48
C ASP E 591 73.49 -60.40 14.92
N LYS E 592 72.93 -59.30 15.40
CA LYS E 592 72.29 -59.26 16.70
C LYS E 592 71.04 -60.13 16.73
N HIS E 593 70.34 -60.19 15.60
CA HIS E 593 69.05 -60.81 15.55
C HIS E 593 69.03 -62.15 14.92
N GLY E 594 70.19 -62.62 14.50
CA GLY E 594 70.21 -63.89 13.85
C GLY E 594 69.47 -63.85 12.54
N ARG E 595 68.68 -64.89 12.29
CA ARG E 595 68.06 -65.07 10.98
C ARG E 595 66.69 -64.39 10.85
N ASN E 596 66.69 -63.10 10.58
CA ASN E 596 65.47 -62.35 10.30
C ASN E 596 65.49 -61.82 8.91
N HIS E 597 64.57 -62.33 8.17
CA HIS E 597 64.44 -62.00 6.78
C HIS E 597 64.10 -60.58 6.45
N LYS E 598 63.47 -59.93 7.38
CA LYS E 598 63.08 -58.61 7.19
C LYS E 598 64.25 -57.67 6.96
N VAL E 599 65.30 -57.94 7.68
CA VAL E 599 66.48 -57.12 7.63
C VAL E 599 67.12 -57.17 6.27
N LEU E 600 66.96 -58.31 5.66
CA LEU E 600 67.46 -58.48 4.36
C LEU E 600 66.65 -57.73 3.34
N ASP E 601 65.35 -57.65 3.56
CA ASP E 601 64.51 -56.88 2.66
C ASP E 601 64.93 -55.43 2.79
N VAL E 602 65.36 -55.09 3.98
CA VAL E 602 65.93 -53.80 4.24
C VAL E 602 67.19 -53.60 3.49
N LEU E 603 67.94 -54.65 3.34
CA LEU E 603 69.18 -54.49 2.69
C LEU E 603 69.08 -54.32 1.23
N CYS E 604 68.25 -55.14 0.63
CA CYS E 604 68.04 -55.01 -0.78
C CYS E 604 67.39 -53.66 -1.07
N SER E 605 66.63 -53.17 -0.12
CA SER E 605 66.14 -51.85 -0.24
C SER E 605 67.26 -50.84 -0.17
N LEU E 606 68.29 -51.10 0.60
CA LEU E 606 69.39 -50.21 0.60
C LEU E 606 70.13 -50.20 -0.68
N CYS E 607 70.11 -51.32 -1.34
CA CYS E 607 70.97 -51.48 -2.45
C CYS E 607 70.57 -50.56 -3.60
N VAL E 608 69.28 -50.32 -3.72
CA VAL E 608 68.78 -49.77 -4.96
C VAL E 608 67.75 -48.79 -4.72
N CYS E 609 67.81 -47.76 -5.55
CA CYS E 609 66.90 -46.67 -5.43
C CYS E 609 65.66 -46.92 -6.23
N ASN E 610 65.12 -45.83 -6.71
CA ASN E 610 64.01 -45.85 -7.55
C ASN E 610 64.28 -46.58 -8.84
N GLY E 611 65.53 -46.59 -9.25
CA GLY E 611 65.99 -47.41 -10.35
C GLY E 611 67.48 -47.46 -10.34
N VAL E 612 68.05 -46.33 -9.96
CA VAL E 612 69.47 -46.15 -9.88
C VAL E 612 69.99 -46.76 -8.62
N ALA E 613 71.31 -46.86 -8.51
CA ALA E 613 71.86 -47.38 -7.33
C ALA E 613 73.21 -46.78 -6.94
N VAL E 614 73.39 -46.80 -5.64
CA VAL E 614 74.65 -46.54 -5.00
C VAL E 614 75.46 -47.80 -4.91
N ARG E 615 76.33 -47.91 -5.87
CA ARG E 615 77.08 -49.06 -6.03
C ARG E 615 78.02 -49.26 -4.87
N SER E 616 78.44 -48.17 -4.28
CA SER E 616 79.48 -48.23 -3.27
C SER E 616 79.01 -48.84 -1.99
N ASN E 617 77.85 -48.44 -1.57
CA ASN E 617 77.31 -48.93 -0.35
C ASN E 617 77.01 -50.36 -0.46
N GLN E 618 76.65 -50.79 -1.65
CA GLN E 618 76.45 -52.17 -1.92
C GLN E 618 77.70 -53.00 -1.87
N ASP E 619 78.77 -52.44 -2.41
CA ASP E 619 80.03 -53.16 -2.37
C ASP E 619 80.48 -53.24 -0.93
N LEU E 620 80.12 -52.23 -0.14
CA LEU E 620 80.34 -52.28 1.29
C LEU E 620 79.51 -53.31 1.94
N ILE E 621 78.32 -53.55 1.41
CA ILE E 621 77.49 -54.59 1.92
C ILE E 621 78.12 -55.91 1.68
N THR E 622 78.75 -56.06 0.55
CA THR E 622 79.33 -57.30 0.21
C THR E 622 80.55 -57.55 1.04
N GLU E 623 81.45 -56.54 1.12
CA GLU E 623 82.68 -56.70 1.89
C GLU E 623 82.36 -56.94 3.35
N ASN E 624 81.32 -56.29 3.82
CA ASN E 624 80.85 -56.56 5.14
C ASN E 624 80.10 -57.89 5.27
N LEU E 625 79.59 -58.45 4.18
CA LEU E 625 78.95 -59.76 4.18
C LEU E 625 79.81 -60.90 3.67
N LEU E 626 80.07 -60.84 2.37
CA LEU E 626 80.69 -61.97 1.68
C LEU E 626 82.04 -62.41 2.23
N PRO E 627 82.97 -61.47 2.46
CA PRO E 627 84.11 -61.91 3.24
C PRO E 627 83.77 -62.38 4.63
N GLY E 628 82.74 -61.80 5.26
CA GLY E 628 82.45 -62.12 6.64
C GLY E 628 81.88 -63.51 6.76
N ARG E 629 81.42 -64.06 5.63
CA ARG E 629 81.00 -65.46 5.52
C ARG E 629 79.86 -65.76 6.42
N GLU E 630 80.17 -65.65 7.70
CA GLU E 630 79.37 -66.19 8.72
C GLU E 630 77.96 -65.63 8.91
N LEU E 631 77.71 -64.37 8.59
CA LEU E 631 76.39 -63.83 8.89
C LEU E 631 75.30 -64.30 7.92
N LEU E 632 75.51 -64.11 6.64
CA LEU E 632 74.58 -64.63 5.70
C LEU E 632 74.79 -66.16 5.57
N LEU E 633 73.72 -66.89 5.31
CA LEU E 633 73.87 -68.33 5.02
C LEU E 633 74.50 -68.50 3.67
N GLN E 634 75.25 -69.56 3.54
CA GLN E 634 76.08 -69.78 2.43
C GLN E 634 76.16 -71.25 2.11
N THR E 635 76.55 -71.46 0.87
CA THR E 635 76.35 -72.74 0.28
C THR E 635 77.44 -73.14 -0.69
N ASN E 636 77.49 -74.42 -0.97
CA ASN E 636 78.44 -74.98 -1.89
C ASN E 636 77.96 -76.37 -2.29
N LEU E 637 78.85 -77.31 -2.53
CA LEU E 637 78.40 -78.67 -2.79
C LEU E 637 79.53 -79.65 -2.60
N ILE E 638 79.18 -80.91 -2.36
CA ILE E 638 80.18 -81.95 -2.21
C ILE E 638 79.89 -83.01 -3.26
N ASN E 639 80.49 -84.19 -3.18
CA ASN E 639 80.03 -85.38 -3.90
C ASN E 639 79.60 -86.37 -2.87
N TYR E 640 78.78 -87.33 -3.25
CA TYR E 640 78.27 -88.27 -2.27
C TYR E 640 79.38 -89.09 -1.62
N VAL E 641 79.29 -89.27 -0.29
CA VAL E 641 80.30 -89.99 0.50
C VAL E 641 79.70 -91.36 0.91
N THR E 642 80.50 -92.45 0.91
CA THR E 642 80.02 -93.82 1.30
C THR E 642 81.09 -94.58 2.08
N SER E 643 80.87 -94.78 3.37
CA SER E 643 81.73 -95.59 4.20
C SER E 643 81.54 -97.11 3.96
N ILE E 644 82.59 -97.91 4.19
CA ILE E 644 82.53 -99.41 4.14
C ILE E 644 83.12 -100.04 5.36
N ARG E 645 82.47 -101.08 5.86
CA ARG E 645 83.06 -101.74 6.99
C ARG E 645 83.01 -103.24 6.80
N PRO E 646 84.01 -103.93 7.35
CA PRO E 646 83.91 -105.35 7.63
C PRO E 646 82.82 -105.62 8.65
N ASN E 647 82.18 -106.78 8.54
CA ASN E 647 80.96 -107.04 9.32
C ASN E 647 81.12 -107.04 10.82
N ILE E 648 82.31 -107.40 11.26
CA ILE E 648 82.61 -107.55 12.66
C ILE E 648 83.19 -106.36 13.37
N PHE E 649 82.43 -106.00 14.40
CA PHE E 649 82.80 -105.03 15.37
C PHE E 649 83.80 -105.65 16.35
N VAL E 650 84.78 -104.88 16.80
CA VAL E 650 85.73 -105.32 17.86
C VAL E 650 85.46 -104.66 19.24
N GLY E 651 85.48 -105.43 20.34
CA GLY E 651 85.33 -104.92 21.74
C GLY E 651 86.39 -105.38 22.78
N GLY E 660 91.52 -108.98 21.75
CA GLY E 660 92.88 -108.47 21.78
C GLY E 660 93.12 -107.41 20.71
N LYS E 661 94.40 -107.20 20.40
CA LYS E 661 94.80 -106.32 19.29
C LYS E 661 94.43 -106.94 17.97
N TRP E 662 94.09 -106.09 17.02
CA TRP E 662 93.66 -106.59 15.73
C TRP E 662 94.36 -105.87 14.66
N TYR E 663 94.37 -106.55 13.52
CA TYR E 663 95.05 -106.04 12.37
C TYR E 663 94.33 -106.38 11.02
N PHE E 664 94.29 -105.43 10.08
CA PHE E 664 93.67 -105.68 8.78
C PHE E 664 94.31 -104.88 7.67
N GLU E 665 94.07 -105.43 6.49
CA GLU E 665 94.73 -105.01 5.31
C GLU E 665 93.74 -104.37 4.30
N VAL E 666 94.15 -103.26 3.68
CA VAL E 666 93.35 -102.59 2.65
C VAL E 666 94.17 -102.08 1.49
N MET E 667 94.21 -102.91 0.46
CA MET E 667 94.90 -102.54 -0.74
C MET E 667 94.06 -101.52 -1.44
N VAL E 668 94.75 -100.53 -2.03
CA VAL E 668 94.10 -99.53 -2.86
C VAL E 668 94.16 -99.88 -4.36
N ASP E 669 93.13 -100.55 -4.85
CA ASP E 669 93.03 -100.92 -6.30
C ASP E 669 92.90 -99.77 -7.27
N GLU E 670 92.24 -98.72 -6.82
CA GLU E 670 91.90 -97.63 -7.70
C GLU E 670 91.69 -96.31 -6.94
N VAL E 671 92.09 -95.19 -7.55
CA VAL E 671 91.71 -93.80 -7.09
C VAL E 671 91.45 -92.92 -8.34
N VAL E 672 90.42 -92.05 -8.34
CA VAL E 672 90.19 -91.09 -9.44
C VAL E 672 90.00 -89.74 -8.77
N PRO E 673 91.13 -89.13 -8.40
CA PRO E 673 91.16 -88.03 -7.44
C PRO E 673 90.34 -86.79 -7.82
N PHE E 674 90.33 -86.40 -9.09
CA PHE E 674 89.78 -85.09 -9.45
C PHE E 674 88.59 -85.10 -10.34
N LEU E 675 87.97 -86.25 -10.49
CA LEU E 675 86.74 -86.28 -11.21
C LEU E 675 85.73 -85.45 -10.44
N THR E 676 84.91 -84.71 -11.18
CA THR E 676 84.04 -83.68 -10.63
C THR E 676 84.79 -82.62 -9.84
N ALA E 677 84.07 -81.59 -9.38
CA ALA E 677 84.73 -80.41 -8.77
C ALA E 677 85.41 -80.76 -7.47
N GLN E 678 84.87 -81.74 -6.76
CA GLN E 678 85.45 -82.13 -5.50
C GLN E 678 86.69 -83.00 -5.72
N ALA E 679 87.69 -82.86 -4.85
CA ALA E 679 88.71 -83.89 -4.75
C ALA E 679 88.05 -85.14 -4.20
N THR E 680 88.37 -86.30 -4.75
CA THR E 680 87.69 -87.54 -4.41
C THR E 680 87.97 -87.88 -2.98
N HIS E 681 86.90 -88.24 -2.27
CA HIS E 681 86.99 -88.71 -0.92
C HIS E 681 87.50 -90.16 -0.87
N LEU E 682 88.23 -90.54 0.17
CA LEU E 682 88.64 -91.97 0.39
C LEU E 682 89.31 -92.12 1.74
N ARG E 683 88.70 -91.52 2.75
CA ARG E 683 89.23 -91.62 4.10
C ARG E 683 89.05 -93.05 4.66
N VAL E 684 89.97 -93.44 5.55
CA VAL E 684 89.98 -94.79 6.13
C VAL E 684 90.31 -94.72 7.62
N GLY E 685 89.46 -95.34 8.45
CA GLY E 685 89.75 -95.32 9.87
C GLY E 685 88.76 -96.02 10.77
N TRP E 686 89.11 -96.11 12.04
CA TRP E 686 88.32 -96.81 13.03
C TRP E 686 87.09 -96.03 13.49
N ALA E 687 86.07 -96.68 14.03
CA ALA E 687 84.77 -96.04 14.37
C ALA E 687 83.93 -96.85 15.32
N LEU E 688 82.87 -96.26 15.88
CA LEU E 688 82.00 -97.04 16.80
C LEU E 688 80.51 -96.67 16.66
N THR E 689 79.58 -97.61 16.99
CA THR E 689 78.13 -97.38 16.77
C THR E 689 77.41 -96.57 17.86
N GLU E 690 77.64 -95.25 17.86
CA GLU E 690 76.77 -94.22 18.52
C GLU E 690 77.20 -92.76 18.09
N GLY E 691 78.51 -92.49 18.05
CA GLY E 691 79.05 -91.14 17.67
C GLY E 691 79.40 -91.03 16.21
N TYR E 692 79.04 -92.04 15.43
CA TYR E 692 79.22 -92.03 13.98
C TYR E 692 78.10 -92.79 13.26
N SER E 693 77.19 -92.03 12.68
CA SER E 693 76.07 -92.58 11.97
C SER E 693 75.94 -91.87 10.64
N PRO E 694 76.83 -92.24 9.70
CA PRO E 694 77.03 -91.54 8.43
C PRO E 694 75.80 -91.55 7.51
N TYR E 695 74.99 -90.49 7.53
CA TYR E 695 73.94 -90.35 6.54
C TYR E 695 74.43 -89.44 5.46
N PRO E 696 74.43 -89.94 4.23
CA PRO E 696 75.03 -89.26 3.11
C PRO E 696 74.42 -87.91 2.82
N GLY E 697 73.14 -87.79 3.08
CA GLY E 697 72.49 -86.54 2.81
C GLY E 697 72.88 -85.40 3.71
N GLY E 698 74.17 -85.06 3.77
CA GLY E 698 74.57 -83.93 4.61
C GLY E 698 74.79 -84.25 6.08
N GLY E 699 74.96 -83.18 6.87
CA GLY E 699 75.36 -83.23 8.25
C GLY E 699 76.84 -82.99 8.38
N GLU E 700 77.18 -82.23 9.39
CA GLU E 700 78.57 -81.80 9.64
C GLU E 700 79.12 -80.92 8.54
N GLY E 701 80.14 -80.13 8.86
CA GLY E 701 80.75 -79.25 7.90
C GLY E 701 81.32 -79.92 6.70
N TRP E 702 80.45 -80.09 5.71
CA TRP E 702 80.86 -80.56 4.40
C TRP E 702 81.51 -81.97 4.37
N GLY E 703 80.88 -82.96 5.00
CA GLY E 703 81.26 -84.37 4.75
C GLY E 703 80.64 -85.45 5.60
N GLY E 704 81.24 -86.64 5.55
CA GLY E 704 80.73 -87.82 6.22
C GLY E 704 81.76 -88.58 7.10
N ASN E 705 82.88 -89.08 6.57
CA ASN E 705 83.95 -89.78 7.40
C ASN E 705 84.81 -88.78 8.14
N GLY E 706 85.35 -89.18 9.30
CA GLY E 706 86.32 -88.34 9.99
C GLY E 706 85.69 -87.24 10.83
N VAL E 707 84.38 -87.19 10.81
CA VAL E 707 83.67 -86.13 11.43
C VAL E 707 83.43 -86.38 12.94
N GLY E 708 83.27 -87.64 13.36
CA GLY E 708 82.84 -87.93 14.72
C GLY E 708 83.92 -87.84 15.72
N ASP E 709 83.58 -87.50 16.96
CA ASP E 709 84.54 -87.64 18.03
C ASP E 709 84.76 -89.11 18.23
N ASP E 710 83.71 -89.90 18.00
CA ASP E 710 83.86 -91.36 18.15
C ASP E 710 84.66 -92.08 17.00
N LEU E 711 84.68 -91.45 15.83
CA LEU E 711 85.44 -91.99 14.74
C LEU E 711 86.91 -91.47 14.64
N TYR E 712 87.81 -92.29 14.11
CA TYR E 712 89.26 -91.97 13.98
C TYR E 712 89.69 -92.28 12.57
N SER E 713 90.47 -91.42 11.90
CA SER E 713 90.58 -91.51 10.42
C SER E 713 91.91 -91.12 9.77
N TYR E 714 92.00 -91.35 8.46
CA TYR E 714 93.22 -91.24 7.68
C TYR E 714 92.94 -90.97 6.18
N GLY E 715 93.88 -90.34 5.49
CA GLY E 715 93.84 -90.22 4.06
C GLY E 715 94.62 -89.10 3.49
N PHE E 716 94.52 -89.01 2.18
CA PHE E 716 94.97 -87.89 1.40
C PHE E 716 96.48 -87.56 1.66
N ASP E 717 96.87 -86.35 1.28
CA ASP E 717 98.23 -85.78 1.36
C ASP E 717 98.66 -85.71 2.80
N GLY E 718 99.94 -86.05 2.98
CA GLY E 718 100.58 -85.88 4.25
C GLY E 718 100.02 -86.86 5.22
N LEU E 719 99.31 -87.87 4.73
CA LEU E 719 98.68 -88.88 5.52
C LEU E 719 97.75 -88.28 6.56
N HIS E 720 98.24 -88.23 7.79
CA HIS E 720 97.54 -87.68 8.93
C HIS E 720 96.10 -88.12 9.08
N LEU E 721 95.32 -87.30 9.76
CA LEU E 721 94.07 -87.76 10.31
C LEU E 721 92.96 -86.76 10.28
N TRP E 722 91.75 -87.21 10.61
CA TRP E 722 90.60 -86.34 10.80
C TRP E 722 89.70 -86.75 11.97
N THR E 723 89.60 -85.89 12.98
CA THR E 723 88.62 -86.04 14.06
C THR E 723 87.87 -84.75 14.27
N GLY E 724 86.56 -84.78 14.16
CA GLY E 724 85.76 -83.55 14.11
C GLY E 724 85.88 -82.95 12.74
N HIS E 725 86.41 -83.76 11.84
CA HIS E 725 86.76 -83.37 10.52
C HIS E 725 87.85 -82.31 10.58
N VAL E 726 88.62 -82.36 11.66
CA VAL E 726 89.78 -81.51 11.83
C VAL E 726 90.97 -82.14 11.14
N ALA E 727 91.64 -81.37 10.31
CA ALA E 727 92.80 -81.87 9.57
C ALA E 727 94.08 -81.62 10.34
N ARG E 728 94.35 -82.42 11.39
CA ARG E 728 95.69 -82.37 12.05
C ARG E 728 96.69 -82.92 11.03
N PRO E 729 97.70 -82.10 10.65
CA PRO E 729 98.59 -82.50 9.56
C PRO E 729 99.89 -83.16 9.99
N VAL E 730 99.81 -84.28 10.72
CA VAL E 730 100.98 -85.05 11.13
C VAL E 730 101.61 -85.56 9.84
N THR E 731 102.84 -85.16 9.57
CA THR E 731 103.51 -85.46 8.30
C THR E 731 103.87 -86.92 8.23
N SER E 732 103.76 -87.50 7.05
CA SER E 732 104.17 -88.91 6.91
C SER E 732 105.70 -89.04 6.86
N PRO E 733 106.25 -90.23 7.23
CA PRO E 733 107.70 -90.43 7.06
C PRO E 733 108.16 -90.20 5.59
N GLY E 734 107.28 -90.45 4.62
CA GLY E 734 107.52 -90.09 3.21
C GLY E 734 106.75 -91.00 2.27
N GLN E 735 106.12 -90.28 1.35
CA GLN E 735 104.87 -89.58 1.69
C GLN E 735 103.64 -89.98 0.92
N HIS E 736 103.36 -89.26 -0.17
CA HIS E 736 102.32 -89.59 -1.13
C HIS E 736 100.90 -89.60 -0.57
N LEU E 737 99.96 -89.40 -1.47
CA LEU E 737 98.55 -89.39 -1.15
C LEU E 737 97.96 -90.76 -1.20
N LEU E 738 96.74 -90.86 -1.69
CA LEU E 738 96.13 -92.12 -1.97
C LEU E 738 95.96 -92.31 -3.51
N ALA E 739 96.72 -93.25 -4.08
CA ALA E 739 96.66 -93.59 -5.49
C ALA E 739 96.59 -95.14 -5.62
N PRO E 740 96.09 -95.68 -6.75
CA PRO E 740 95.95 -97.16 -6.87
C PRO E 740 97.24 -97.94 -6.78
N GLU E 741 97.79 -97.94 -5.58
CA GLU E 741 99.03 -98.61 -5.29
C GLU E 741 99.10 -99.06 -3.85
N ASP E 742 99.04 -98.14 -2.88
CA ASP E 742 99.47 -98.45 -1.49
C ASP E 742 98.57 -99.46 -0.85
N VAL E 743 99.21 -100.36 -0.11
CA VAL E 743 98.50 -101.35 0.68
C VAL E 743 98.35 -100.73 2.09
N VAL E 744 97.40 -99.84 2.23
CA VAL E 744 97.26 -99.12 3.48
C VAL E 744 96.67 -100.06 4.50
N SER E 745 97.20 -99.96 5.73
CA SER E 745 96.90 -100.96 6.70
C SER E 745 96.88 -100.45 8.08
N CYS E 746 96.14 -101.14 8.91
CA CYS E 746 95.84 -100.65 10.21
C CYS E 746 95.84 -101.67 11.27
N CYS E 747 96.14 -101.14 12.43
CA CYS E 747 96.14 -101.93 13.61
C CYS E 747 95.57 -101.15 14.78
N LEU E 748 95.05 -101.94 15.74
CA LEU E 748 94.59 -101.39 17.00
C LEU E 748 94.78 -102.34 18.18
N ASP E 749 95.50 -101.85 19.21
CA ASP E 749 95.76 -102.59 20.44
C ASP E 749 94.51 -102.60 21.26
N LEU E 750 94.32 -103.66 22.00
CA LEU E 750 93.14 -103.75 22.83
C LEU E 750 93.24 -102.76 23.98
N SER E 751 92.08 -102.31 24.45
CA SER E 751 91.93 -101.34 25.54
C SER E 751 92.48 -99.99 25.08
N VAL E 752 93.81 -99.84 25.02
CA VAL E 752 94.44 -98.59 24.54
C VAL E 752 94.17 -98.38 23.05
N PRO E 753 93.64 -97.21 22.66
CA PRO E 753 93.35 -96.84 21.25
C PRO E 753 94.57 -96.22 20.57
N SER E 754 95.63 -97.00 20.51
CA SER E 754 96.89 -96.57 19.92
C SER E 754 96.84 -96.84 18.44
N ILE E 755 95.89 -96.23 17.77
CA ILE E 755 95.76 -96.42 16.38
C ILE E 755 96.92 -95.71 15.72
N SER E 756 97.36 -96.34 14.64
CA SER E 756 98.38 -95.78 13.80
C SER E 756 98.24 -96.45 12.45
N PHE E 757 98.04 -95.58 11.51
CA PHE E 757 97.91 -95.99 10.18
C PHE E 757 99.30 -96.32 9.61
N ARG E 758 99.29 -97.19 8.62
CA ARG E 758 100.47 -97.56 7.91
C ARG E 758 100.34 -97.43 6.37
N ILE E 759 101.27 -96.72 5.74
CA ILE E 759 101.29 -96.54 4.27
C ILE E 759 102.13 -97.63 3.61
N ASN E 760 101.47 -98.71 3.18
CA ASN E 760 102.13 -99.78 2.44
C ASN E 760 103.39 -100.32 3.15
N GLY E 761 103.27 -100.65 4.42
CA GLY E 761 104.42 -101.15 5.19
C GLY E 761 105.18 -100.04 5.88
N CYS E 762 104.80 -98.77 5.65
CA CYS E 762 105.39 -97.62 6.37
C CYS E 762 104.37 -96.93 7.27
N PRO E 763 104.55 -97.07 8.60
CA PRO E 763 103.62 -96.51 9.59
C PRO E 763 103.58 -95.00 9.55
N VAL E 764 102.41 -94.46 9.82
CA VAL E 764 102.27 -93.06 9.75
C VAL E 764 102.53 -92.45 11.13
N GLN E 765 103.72 -92.65 11.62
CA GLN E 765 104.13 -92.04 12.87
C GLN E 765 103.22 -92.34 14.03
N GLY E 766 103.46 -91.67 15.15
CA GLY E 766 102.60 -91.74 16.28
C GLY E 766 101.33 -91.03 15.91
N VAL E 767 100.21 -91.62 16.34
CA VAL E 767 98.94 -91.07 16.03
C VAL E 767 98.01 -91.03 17.26
N PHE E 768 96.93 -91.83 17.25
CA PHE E 768 95.88 -91.70 18.27
C PHE E 768 96.24 -92.35 19.55
N GLU E 769 95.73 -91.79 20.63
CA GLU E 769 95.90 -92.35 21.96
C GLU E 769 94.78 -91.93 22.87
N ALA E 770 94.53 -92.75 23.89
CA ALA E 770 93.60 -92.40 24.93
C ALA E 770 92.21 -91.92 24.42
N PHE E 771 91.26 -92.86 24.37
CA PHE E 771 89.89 -92.63 23.89
C PHE E 771 88.96 -93.55 24.64
N ASN E 772 87.69 -93.22 24.67
CA ASN E 772 86.74 -94.11 25.36
C ASN E 772 86.59 -95.40 24.55
N LEU E 773 86.43 -96.56 25.21
CA LEU E 773 86.02 -97.80 24.52
C LEU E 773 84.49 -97.99 24.77
N ASP E 774 83.71 -96.98 24.37
CA ASP E 774 82.24 -97.02 24.48
C ASP E 774 81.62 -97.69 23.26
N GLY E 775 81.44 -98.99 23.43
CA GLY E 775 80.89 -99.82 22.42
C GLY E 775 81.99 -100.33 21.53
N LEU E 776 81.65 -101.34 20.76
CA LEU E 776 82.64 -102.04 19.98
C LEU E 776 83.26 -101.20 18.86
N PHE E 777 84.59 -101.23 18.70
CA PHE E 777 85.25 -100.60 17.56
C PHE E 777 85.16 -101.42 16.25
N PHE E 778 85.06 -100.75 15.09
CA PHE E 778 85.13 -101.43 13.77
C PHE E 778 85.85 -100.59 12.74
N PRO E 779 86.49 -101.24 11.79
CA PRO E 779 87.23 -100.64 10.68
C PRO E 779 86.33 -100.00 9.65
N VAL E 780 86.83 -98.93 9.02
CA VAL E 780 86.04 -98.21 8.02
C VAL E 780 86.86 -97.73 6.85
N VAL E 781 86.23 -97.78 5.67
CA VAL E 781 86.81 -97.24 4.44
C VAL E 781 85.75 -96.47 3.62
N SER E 782 85.69 -95.15 3.82
CA SER E 782 84.86 -94.25 3.01
C SER E 782 85.47 -94.02 1.66
N PHE E 783 84.64 -93.66 0.71
CA PHE E 783 85.15 -93.42 -0.61
C PHE E 783 84.28 -92.41 -1.35
N SER E 784 84.71 -92.03 -2.55
CA SER E 784 83.87 -91.28 -3.48
C SER E 784 84.28 -91.64 -4.88
N ALA E 785 83.44 -91.30 -5.84
CA ALA E 785 83.79 -91.43 -7.24
C ALA E 785 84.04 -92.88 -7.63
N GLY E 786 84.57 -93.03 -8.85
CA GLY E 786 84.87 -94.31 -9.42
C GLY E 786 86.12 -94.91 -8.83
N VAL E 787 85.94 -95.67 -7.76
CA VAL E 787 87.07 -96.17 -6.97
C VAL E 787 86.86 -97.62 -6.51
N LYS E 788 87.98 -98.36 -6.47
CA LYS E 788 87.96 -99.74 -6.02
C LYS E 788 89.11 -99.99 -5.10
N VAL E 789 88.83 -100.81 -4.09
CA VAL E 789 89.86 -101.27 -3.16
C VAL E 789 89.70 -102.75 -2.81
N ARG E 790 90.82 -103.47 -2.63
CA ARG E 790 90.79 -104.93 -2.42
C ARG E 790 91.27 -105.27 -1.04
N PHE E 791 90.64 -106.26 -0.42
CA PHE E 791 91.13 -106.77 0.86
C PHE E 791 91.90 -108.10 0.66
N LEU E 792 93.24 -108.07 0.72
CA LEU E 792 94.07 -109.30 0.81
C LEU E 792 93.92 -109.96 2.22
N LEU E 793 92.73 -110.51 2.52
CA LEU E 793 92.43 -111.11 3.83
C LEU E 793 92.13 -112.63 3.70
N GLY E 794 91.28 -113.02 2.73
CA GLY E 794 90.95 -114.44 2.49
C GLY E 794 90.74 -114.76 1.00
N GLU E 799 95.05 -114.26 2.20
CA GLU E 799 95.83 -113.58 1.15
C GLU E 799 96.80 -112.51 1.78
N PHE E 800 97.13 -112.64 3.07
CA PHE E 800 97.79 -111.55 3.87
C PHE E 800 99.14 -111.02 3.32
N LYS E 801 99.27 -109.70 3.40
CA LYS E 801 100.45 -108.96 2.95
C LYS E 801 100.77 -107.79 3.95
N PHE E 802 101.98 -107.75 4.51
CA PHE E 802 102.36 -106.85 5.64
C PHE E 802 101.58 -107.15 6.91
N LEU E 803 102.17 -107.84 7.91
CA LEU E 803 101.52 -108.03 9.24
C LEU E 803 102.43 -107.66 10.41
N PRO E 804 102.62 -106.36 10.65
CA PRO E 804 103.56 -105.85 11.67
C PRO E 804 103.13 -106.20 13.09
N PRO E 805 104.10 -106.47 14.01
CA PRO E 805 103.83 -106.84 15.40
C PRO E 805 103.40 -105.69 16.30
N PRO E 806 102.16 -105.78 16.81
CA PRO E 806 101.60 -104.95 17.87
C PRO E 806 100.74 -105.80 18.86
N GLY E 807 100.99 -107.11 18.98
CA GLY E 807 100.13 -108.02 19.79
C GLY E 807 98.88 -108.42 19.00
N TYR E 808 98.97 -108.15 17.71
CA TYR E 808 97.82 -108.24 16.82
C TYR E 808 97.34 -109.65 16.57
N ALA E 809 96.07 -109.78 16.16
CA ALA E 809 95.63 -110.94 15.40
C ALA E 809 94.86 -110.49 14.12
N PRO E 810 94.99 -111.23 12.99
CA PRO E 810 94.39 -110.80 11.72
C PRO E 810 92.86 -110.80 11.74
N CYS E 811 92.29 -109.87 11.01
CA CYS E 811 90.83 -109.76 10.97
C CYS E 811 90.07 -110.80 10.13
N HIS E 812 90.67 -111.45 9.13
CA HIS E 812 89.87 -112.49 8.33
C HIS E 812 89.52 -113.66 9.20
N GLU E 813 90.39 -113.88 10.18
CA GLU E 813 90.18 -114.91 11.20
C GLU E 813 88.99 -114.47 12.12
N ALA E 814 88.71 -113.14 12.18
CA ALA E 814 87.52 -112.57 12.87
C ALA E 814 86.26 -112.87 12.06
N VAL E 815 85.83 -114.13 12.02
CA VAL E 815 84.55 -114.54 11.47
C VAL E 815 83.92 -115.48 12.54
N LEU E 816 84.19 -115.25 13.84
CA LEU E 816 83.81 -116.23 14.90
C LEU E 816 82.29 -116.54 15.03
N PRO E 817 81.41 -115.52 15.02
CA PRO E 817 80.00 -115.87 15.23
C PRO E 817 79.36 -116.50 13.99
N ARG E 818 78.03 -116.54 13.95
CA ARG E 818 77.27 -117.10 12.85
C ARG E 818 77.60 -116.43 11.52
N GLU E 819 77.82 -115.14 11.58
CA GLU E 819 78.06 -114.38 10.40
C GLU E 819 79.41 -114.73 9.79
N ARG E 820 79.42 -114.91 8.49
CA ARG E 820 80.62 -114.92 7.71
C ARG E 820 81.20 -113.47 7.61
N LEU E 821 82.52 -113.37 7.48
CA LEU E 821 83.18 -112.08 7.32
C LEU E 821 82.66 -111.41 6.01
N ARG E 822 82.32 -110.11 6.07
CA ARG E 822 81.92 -109.39 4.87
C ARG E 822 81.92 -107.88 5.05
N LEU E 823 82.04 -107.19 3.93
CA LEU E 823 81.91 -105.73 3.87
C LEU E 823 80.47 -105.28 4.12
N GLU E 824 80.32 -104.13 4.76
CA GLU E 824 79.02 -103.50 4.93
C GLU E 824 79.18 -102.01 4.72
N PRO E 825 78.10 -101.34 4.24
CA PRO E 825 78.14 -99.89 4.06
C PRO E 825 77.75 -99.04 5.27
N ILE E 826 77.60 -99.66 6.43
CA ILE E 826 77.27 -98.95 7.69
C ILE E 826 75.87 -98.32 7.74
N LYS E 827 75.16 -98.53 8.83
CA LYS E 827 73.84 -97.96 9.07
C LYS E 827 72.85 -98.40 8.04
N GLU E 828 72.94 -97.81 6.86
CA GLU E 828 72.09 -98.19 5.76
C GLU E 828 70.62 -97.86 6.09
N TYR E 829 70.08 -96.82 5.49
CA TYR E 829 68.68 -96.51 5.56
C TYR E 829 68.01 -96.79 4.20
N ARG E 830 68.71 -97.38 3.24
CA ARG E 830 68.13 -97.71 1.89
C ARG E 830 68.91 -98.80 1.19
N ARG E 831 68.62 -100.03 1.53
CA ARG E 831 69.27 -101.16 0.89
C ARG E 831 68.86 -101.26 -0.55
N GLU E 832 69.77 -101.68 -1.42
CA GLU E 832 69.53 -101.78 -2.86
C GLU E 832 68.73 -103.04 -3.21
N GLY E 833 67.44 -102.99 -3.00
CA GLY E 833 66.60 -104.12 -3.29
C GLY E 833 66.20 -104.23 -4.72
N PRO E 834 65.48 -105.31 -5.07
CA PRO E 834 65.09 -105.59 -6.43
C PRO E 834 64.11 -104.58 -7.01
N ARG E 835 62.87 -104.62 -6.54
CA ARG E 835 61.85 -103.79 -7.08
C ARG E 835 62.10 -102.35 -6.67
N GLY E 836 62.85 -102.15 -5.59
CA GLY E 836 63.31 -100.80 -5.17
C GLY E 836 64.15 -100.80 -3.90
N PRO E 837 64.67 -99.64 -3.46
CA PRO E 837 65.46 -99.57 -2.24
C PRO E 837 64.63 -99.78 -1.01
N HIS E 838 64.97 -100.85 -0.30
CA HIS E 838 64.31 -101.16 0.94
C HIS E 838 64.68 -100.14 2.00
N LEU E 839 63.72 -99.82 2.84
CA LEU E 839 64.01 -99.15 4.07
C LEU E 839 64.56 -100.13 5.05
N VAL E 840 65.51 -99.72 5.87
CA VAL E 840 66.26 -100.70 6.68
C VAL E 840 66.89 -100.22 8.01
N GLY E 841 67.32 -101.15 8.86
CA GLY E 841 68.12 -100.84 10.05
C GLY E 841 67.37 -100.75 11.33
N PRO E 842 68.08 -100.14 12.29
CA PRO E 842 69.42 -100.47 12.77
C PRO E 842 69.88 -101.87 13.22
N SER E 843 68.98 -102.84 13.27
CA SER E 843 69.27 -104.11 14.02
C SER E 843 69.72 -103.89 15.49
N ARG E 844 70.87 -104.43 15.94
CA ARG E 844 71.48 -104.02 17.24
C ARG E 844 73.03 -104.06 17.35
N CYS E 845 73.66 -105.05 18.02
CA CYS E 845 75.17 -104.95 18.26
C CYS E 845 76.04 -106.18 18.55
N PHE E 851 79.62 -107.22 23.45
CA PHE E 851 79.67 -107.35 24.88
C PHE E 851 79.70 -108.77 25.44
N VAL E 852 80.91 -109.28 25.75
CA VAL E 852 81.15 -110.73 26.02
C VAL E 852 81.97 -111.17 27.28
N PRO E 853 83.17 -110.57 27.58
CA PRO E 853 84.02 -111.20 28.61
C PRO E 853 83.47 -111.10 30.02
N CYS E 854 82.89 -112.20 30.55
CA CYS E 854 82.29 -112.24 31.91
C CYS E 854 81.65 -113.63 32.37
N PRO E 855 82.39 -114.58 33.08
CA PRO E 855 81.78 -115.86 33.65
C PRO E 855 80.75 -115.54 34.72
N VAL E 856 79.62 -116.25 34.76
CA VAL E 856 78.41 -115.77 35.51
C VAL E 856 77.72 -116.90 36.31
N ASP E 857 78.59 -117.64 36.99
CA ASP E 857 78.18 -118.60 38.03
C ASP E 857 77.46 -119.91 37.55
N THR E 858 78.17 -121.06 37.62
CA THR E 858 77.65 -122.46 37.50
C THR E 858 77.78 -123.34 38.76
N VAL E 859 78.44 -122.89 39.82
CA VAL E 859 78.67 -123.75 41.01
C VAL E 859 78.44 -122.98 42.30
N GLN E 860 77.40 -122.17 42.28
CA GLN E 860 77.22 -121.10 43.28
C GLN E 860 76.46 -121.68 44.40
N ILE E 861 75.14 -121.74 44.22
CA ILE E 861 74.26 -122.21 45.24
C ILE E 861 74.55 -123.70 45.47
N VAL E 862 74.56 -124.09 46.77
CA VAL E 862 74.83 -125.49 47.19
C VAL E 862 73.67 -126.47 46.71
N LEU E 863 73.97 -127.72 46.27
CA LEU E 863 72.90 -128.75 45.99
C LEU E 863 72.66 -129.61 47.25
N PRO E 864 71.38 -129.59 47.77
CA PRO E 864 71.07 -130.30 49.03
C PRO E 864 71.36 -131.81 48.86
N PRO E 865 71.89 -132.46 49.92
CA PRO E 865 72.36 -133.84 49.70
C PRO E 865 71.22 -134.87 49.37
N HIS E 866 69.96 -134.59 49.75
CA HIS E 866 68.76 -135.43 49.35
C HIS E 866 68.57 -135.49 47.82
N LEU E 867 68.85 -134.38 47.17
CA LEU E 867 68.82 -134.31 45.72
C LEU E 867 70.24 -134.70 45.10
N GLU E 868 71.37 -134.43 45.83
CA GLU E 868 72.81 -134.66 45.34
C GLU E 868 73.07 -136.14 45.00
N ARG E 869 72.46 -137.05 45.77
CA ARG E 869 72.49 -138.48 45.50
C ARG E 869 71.82 -138.75 44.12
N ILE E 870 70.70 -138.05 43.83
CA ILE E 870 70.02 -138.20 42.50
C ILE E 870 70.74 -137.37 41.43
N ARG E 871 71.63 -136.45 41.88
CA ARG E 871 72.52 -135.73 40.95
C ARG E 871 73.59 -136.72 40.45
N GLU E 872 74.22 -137.43 41.40
CA GLU E 872 75.18 -138.50 41.08
C GLU E 872 74.50 -139.73 40.34
N LYS E 873 73.19 -139.98 40.59
CA LYS E 873 72.37 -141.08 39.88
C LYS E 873 72.10 -140.71 38.42
N LEU E 874 71.62 -139.49 38.20
CA LEU E 874 71.30 -139.04 36.84
C LEU E 874 72.65 -138.84 36.07
N ALA E 875 73.73 -138.48 36.78
CA ALA E 875 75.10 -138.27 36.18
C ALA E 875 75.71 -139.62 35.77
N GLU E 876 75.59 -140.63 36.63
CA GLU E 876 76.07 -141.96 36.28
C GLU E 876 75.21 -142.53 35.12
N ASN E 877 73.90 -142.18 35.13
CA ASN E 877 72.96 -142.59 34.03
C ASN E 877 73.31 -141.96 32.67
N ILE E 878 73.74 -140.70 32.71
CA ILE E 878 74.13 -139.99 31.48
C ILE E 878 75.62 -140.24 31.11
N HIS E 879 76.42 -140.79 32.04
CA HIS E 879 77.82 -141.16 31.73
C HIS E 879 77.81 -142.52 31.03
N GLU E 880 76.94 -143.38 31.54
CA GLU E 880 76.66 -144.65 30.87
C GLU E 880 75.94 -144.32 29.54
N LEU E 881 75.11 -143.26 29.50
CA LEU E 881 74.50 -142.80 28.22
C LEU E 881 75.62 -142.28 27.31
N TRP E 882 76.70 -141.73 27.89
CA TRP E 882 77.89 -141.32 27.12
C TRP E 882 78.53 -142.56 26.50
N ALA E 883 78.48 -143.68 27.24
CA ALA E 883 78.91 -144.98 26.68
C ALA E 883 77.98 -145.44 25.50
N LEU E 884 76.71 -145.03 25.50
CA LEU E 884 75.76 -145.40 24.42
C LEU E 884 75.71 -144.33 23.32
N THR E 885 76.87 -144.00 22.72
CA THR E 885 76.93 -142.98 21.63
C THR E 885 78.26 -142.97 20.85
N ARG E 886 79.34 -142.64 21.56
CA ARG E 886 80.72 -142.66 20.99
C ARG E 886 81.13 -144.09 20.54
N ILE E 887 80.60 -145.16 21.19
CA ILE E 887 80.97 -146.57 20.82
C ILE E 887 80.51 -146.89 19.36
N GLU E 888 79.48 -146.17 18.86
CA GLU E 888 78.98 -146.30 17.45
C GLU E 888 80.10 -146.00 16.45
N GLN E 889 81.11 -145.23 16.87
CA GLN E 889 82.31 -144.92 16.05
C GLN E 889 83.35 -146.08 16.17
N GLY E 890 83.03 -147.08 16.99
CA GLY E 890 84.00 -148.20 17.28
C GLY E 890 84.93 -148.04 18.49
N TRP E 891 84.79 -146.91 19.21
CA TRP E 891 85.54 -146.68 20.48
C TRP E 891 85.13 -147.75 21.53
N THR E 892 86.09 -148.16 22.38
CA THR E 892 85.84 -149.18 23.41
C THR E 892 86.64 -148.92 24.72
N TYR E 893 86.08 -149.32 25.87
CA TYR E 893 86.68 -149.11 27.19
C TYR E 893 87.98 -149.86 27.37
N GLY E 894 88.90 -149.28 28.09
CA GLY E 894 90.19 -149.98 28.39
C GLY E 894 91.27 -149.30 27.65
N PRO E 895 92.33 -149.03 28.46
CA PRO E 895 92.27 -148.18 29.64
C PRO E 895 92.87 -146.82 29.68
N VAL E 896 94.05 -146.68 29.09
CA VAL E 896 94.64 -145.33 28.84
C VAL E 896 93.77 -144.51 27.89
N ARG E 897 93.65 -143.18 28.13
CA ARG E 897 92.80 -142.30 27.28
C ARG E 897 93.54 -141.98 25.99
N ASP E 898 93.81 -143.03 25.19
CA ASP E 898 94.54 -142.89 23.96
C ASP E 898 93.64 -142.12 22.95
N ASP E 899 94.31 -141.27 22.16
CA ASP E 899 93.68 -140.49 21.11
C ASP E 899 93.35 -141.37 19.85
N ASN E 900 93.95 -142.57 19.78
CA ASN E 900 93.90 -143.42 18.58
C ASN E 900 92.46 -143.96 18.20
N LYS E 901 92.18 -145.17 18.68
CA LYS E 901 90.88 -145.81 18.58
C LYS E 901 90.67 -146.87 19.73
N ARG E 902 89.40 -147.08 20.10
CA ARG E 902 89.02 -148.12 21.08
C ARG E 902 89.71 -147.98 22.47
N LEU E 903 89.85 -146.74 22.96
CA LEU E 903 90.50 -146.54 24.27
C LEU E 903 90.05 -145.31 25.07
N HIS E 904 89.02 -145.43 25.90
CA HIS E 904 88.71 -144.38 26.91
C HIS E 904 88.43 -144.95 28.33
N PRO E 905 88.91 -144.30 29.43
CA PRO E 905 88.43 -144.55 30.83
C PRO E 905 86.91 -144.18 30.99
N CYS E 906 86.42 -143.19 30.19
CA CYS E 906 85.00 -142.67 30.33
C CYS E 906 83.89 -143.77 30.08
N LEU E 907 84.19 -144.80 29.27
CA LEU E 907 83.18 -145.84 28.91
C LEU E 907 83.01 -146.85 30.08
N VAL E 908 82.55 -146.37 31.24
CA VAL E 908 82.32 -147.24 32.41
C VAL E 908 81.48 -146.50 33.43
N ASN E 909 81.27 -147.13 34.58
CA ASN E 909 80.57 -146.45 35.68
C ASN E 909 81.43 -145.23 36.17
N PHE E 910 80.77 -144.06 36.42
CA PHE E 910 81.52 -142.77 36.70
C PHE E 910 82.36 -142.81 38.02
N HIS E 911 81.86 -143.55 39.03
CA HIS E 911 82.52 -143.72 40.38
C HIS E 911 83.91 -144.41 40.33
N SER E 912 84.09 -145.33 39.37
CA SER E 912 85.24 -146.28 39.35
C SER E 912 86.64 -145.65 39.26
N LEU E 913 86.77 -144.52 38.56
CA LEU E 913 88.10 -143.94 38.30
C LEU E 913 88.11 -142.45 38.63
N PRO E 914 88.11 -142.11 39.93
CA PRO E 914 88.09 -140.82 40.57
C PRO E 914 87.18 -139.80 39.86
N GLU E 915 87.54 -138.51 39.88
CA GLU E 915 86.82 -137.47 39.13
C GLU E 915 87.82 -136.58 38.29
N PRO E 916 88.46 -137.17 37.25
CA PRO E 916 89.21 -136.61 36.10
C PRO E 916 89.16 -137.54 34.88
N GLU E 917 89.21 -138.87 35.12
CA GLU E 917 89.02 -139.87 34.06
C GLU E 917 87.48 -140.04 33.76
N ARG E 918 86.63 -139.50 34.64
CA ARG E 918 85.15 -139.46 34.38
C ARG E 918 84.65 -138.03 34.63
N ASN E 919 85.39 -137.06 34.06
CA ASN E 919 85.02 -135.62 34.19
C ASN E 919 83.84 -135.34 33.24
N TYR E 920 83.53 -136.28 32.32
CA TYR E 920 82.41 -136.12 31.41
C TYR E 920 81.06 -136.04 32.14
N ASN E 921 80.93 -136.60 33.35
CA ASN E 921 79.65 -136.45 34.14
C ASN E 921 79.71 -135.90 35.60
N LEU E 922 79.60 -136.79 36.58
CA LEU E 922 79.35 -136.42 37.99
C LEU E 922 80.37 -135.40 38.59
N GLN E 923 81.64 -135.38 38.12
CA GLN E 923 82.66 -134.32 38.52
C GLN E 923 82.15 -132.95 38.12
N MET E 924 81.37 -132.90 37.03
CA MET E 924 80.90 -131.64 36.46
C MET E 924 79.32 -131.63 36.30
N SER E 925 78.69 -132.76 35.92
CA SER E 925 77.18 -132.85 35.76
C SER E 925 76.49 -132.58 37.07
N GLY E 926 77.12 -133.03 38.17
CA GLY E 926 76.64 -132.74 39.52
C GLY E 926 76.77 -131.24 39.82
N GLU E 927 77.89 -130.64 39.37
CA GLU E 927 78.09 -129.17 39.42
C GLU E 927 77.08 -128.42 38.50
N THR E 928 76.73 -129.09 37.39
CA THR E 928 75.80 -128.49 36.39
C THR E 928 74.38 -128.29 36.99
N LEU E 929 73.96 -129.22 37.85
CA LEU E 929 72.68 -129.08 38.57
C LEU E 929 72.82 -128.10 39.78
N LYS E 930 74.05 -127.86 40.25
CA LYS E 930 74.31 -126.76 41.22
C LYS E 930 74.06 -125.44 40.58
N THR E 931 74.34 -125.40 39.27
CA THR E 931 73.97 -124.26 38.45
C THR E 931 72.43 -124.06 38.33
N LEU E 932 71.67 -125.18 38.36
CA LEU E 932 70.18 -125.15 38.24
C LEU E 932 69.62 -124.41 39.48
N LEU E 933 70.29 -124.52 40.63
CA LEU E 933 69.97 -123.69 41.81
C LEU E 933 70.64 -122.28 41.69
N ALA E 934 71.62 -122.13 40.80
CA ALA E 934 72.41 -120.85 40.68
C ALA E 934 72.02 -119.92 39.50
N LEU E 935 71.63 -120.49 38.36
CA LEU E 935 71.31 -119.70 37.15
C LEU E 935 69.88 -119.11 37.18
N GLY E 936 69.05 -119.49 38.15
CA GLY E 936 67.70 -118.88 38.32
C GLY E 936 66.57 -119.85 38.19
N CYS E 937 66.60 -120.87 39.05
CA CYS E 937 65.53 -121.84 39.11
C CYS E 937 65.39 -122.35 40.59
N HIS E 938 64.17 -122.71 41.02
CA HIS E 938 63.90 -123.20 42.40
C HIS E 938 63.31 -124.68 42.49
N VAL E 939 64.11 -125.69 42.11
CA VAL E 939 63.63 -127.11 41.81
C VAL E 939 63.01 -127.83 43.03
N GLY E 940 61.94 -128.61 42.83
CA GLY E 940 61.39 -129.54 43.88
C GLY E 940 61.23 -131.06 43.51
N MET E 941 61.24 -131.96 44.52
CA MET E 941 60.80 -133.39 44.35
C MET E 941 59.32 -133.51 43.81
N ALA E 942 59.03 -134.43 42.88
CA ALA E 942 57.66 -134.59 42.27
C ALA E 942 57.30 -136.01 41.74
N ASP E 943 58.30 -136.84 41.49
CA ASP E 943 58.03 -138.22 40.99
C ASP E 943 59.13 -139.26 41.42
N GLU E 944 58.89 -140.58 41.33
CA GLU E 944 59.93 -141.62 41.73
C GLU E 944 61.20 -141.52 40.84
N LYS E 945 62.39 -141.69 41.41
CA LYS E 945 63.68 -141.56 40.64
C LYS E 945 63.85 -142.68 39.56
N ALA E 946 64.50 -142.31 38.44
CA ALA E 946 64.82 -143.25 37.34
C ALA E 946 65.90 -142.70 36.40
N TYR E 959 69.54 -153.25 20.62
CA TYR E 959 70.63 -153.29 21.58
C TYR E 959 71.92 -153.70 20.85
N MET E 960 72.86 -152.77 20.73
CA MET E 960 74.08 -152.91 19.89
C MET E 960 75.01 -154.08 20.33
N MET E 961 74.97 -154.49 21.60
CA MET E 961 75.97 -155.46 22.19
C MET E 961 77.40 -154.91 21.93
N SER E 962 77.52 -153.59 22.12
CA SER E 962 78.70 -152.79 21.72
C SER E 962 80.01 -153.15 22.44
N ASN E 963 81.13 -152.94 21.77
CA ASN E 963 82.46 -153.23 22.33
C ASN E 963 82.77 -152.40 23.60
N GLY E 964 83.39 -153.02 24.62
CA GLY E 964 83.86 -152.31 25.84
C GLY E 964 82.99 -152.38 27.09
N TYR E 965 81.84 -151.74 27.04
CA TYR E 965 80.90 -151.67 28.15
C TYR E 965 79.49 -151.33 27.59
N LYS E 966 78.44 -151.99 28.11
CA LYS E 966 77.09 -151.94 27.45
C LYS E 966 75.89 -151.62 28.35
N PRO E 967 75.75 -150.36 28.76
CA PRO E 967 74.58 -149.92 29.52
C PRO E 967 73.38 -149.80 28.59
N ALA E 968 72.16 -150.01 29.10
CA ALA E 968 70.94 -149.71 28.35
C ALA E 968 69.95 -148.78 29.14
N PRO E 969 70.35 -147.46 29.41
CA PRO E 969 69.65 -146.49 30.35
C PRO E 969 68.12 -146.32 30.14
N LEU E 970 67.38 -146.23 31.26
CA LEU E 970 65.93 -145.90 31.34
C LEU E 970 65.69 -145.06 32.67
N ASP E 971 64.42 -144.67 32.86
CA ASP E 971 63.65 -143.81 31.91
C ASP E 971 64.19 -142.62 31.07
N LEU E 972 65.34 -142.73 30.37
CA LEU E 972 65.70 -141.71 29.32
C LEU E 972 64.95 -142.06 28.01
N SER E 973 64.47 -143.30 27.93
CA SER E 973 63.74 -143.77 26.77
C SER E 973 62.35 -143.06 26.55
N HIS E 974 61.68 -142.43 27.54
CA HIS E 974 60.35 -141.72 27.24
C HIS E 974 60.29 -140.19 27.50
N VAL E 975 61.41 -139.46 27.32
CA VAL E 975 61.58 -138.06 27.88
C VAL E 975 60.56 -137.03 27.35
N ARG E 976 60.07 -136.19 28.27
CA ARG E 976 59.09 -135.14 27.93
C ARG E 976 59.35 -133.76 28.70
N LEU E 977 60.44 -133.05 28.37
CA LEU E 977 60.76 -131.73 29.02
C LEU E 977 59.75 -130.57 28.73
N THR E 978 59.48 -129.71 29.71
CA THR E 978 58.82 -128.41 29.45
C THR E 978 59.72 -127.50 28.59
N PRO E 979 59.10 -126.84 27.58
CA PRO E 979 59.88 -126.26 26.49
C PRO E 979 60.82 -125.06 26.92
N ALA E 980 60.42 -124.26 27.92
CA ALA E 980 61.29 -123.10 28.44
C ALA E 980 62.57 -123.62 29.15
N GLN E 981 62.47 -124.83 29.66
CA GLN E 981 63.58 -125.44 30.40
C GLN E 981 64.79 -125.76 29.44
N THR E 982 64.54 -125.93 28.14
CA THR E 982 65.62 -125.96 27.14
C THR E 982 66.34 -124.59 27.04
N THR E 983 65.60 -123.48 27.16
CA THR E 983 66.24 -122.15 27.25
C THR E 983 67.07 -122.01 28.55
N LEU E 984 66.53 -122.60 29.62
CA LEU E 984 67.26 -122.60 30.88
C LEU E 984 68.58 -123.43 30.71
N VAL E 985 68.48 -124.48 29.87
CA VAL E 985 69.67 -125.29 29.46
C VAL E 985 70.67 -124.46 28.61
N ASP E 986 70.14 -123.48 27.89
CA ASP E 986 71.01 -122.58 27.12
C ASP E 986 71.80 -121.69 28.09
N ARG E 987 71.12 -121.20 29.15
CA ARG E 987 71.81 -120.44 30.23
C ARG E 987 72.87 -121.27 30.93
N LEU E 988 72.56 -122.55 31.12
CA LEU E 988 73.47 -123.43 31.80
C LEU E 988 74.73 -123.69 30.93
N ALA E 989 74.51 -124.08 29.67
CA ALA E 989 75.61 -124.39 28.75
C ALA E 989 76.49 -123.14 28.49
N GLU E 990 75.86 -121.97 28.45
CA GLU E 990 76.60 -120.71 28.20
C GLU E 990 77.43 -120.26 29.39
N ASN E 991 76.76 -120.27 30.54
CA ASN E 991 77.37 -119.81 31.76
C ASN E 991 78.58 -120.70 32.05
N GLY E 992 78.47 -121.97 31.66
CA GLY E 992 79.57 -122.88 31.89
C GLY E 992 80.69 -122.75 30.91
N HIS E 993 80.34 -122.46 29.67
CA HIS E 993 81.38 -122.33 28.67
C HIS E 993 82.19 -121.06 28.89
N ASN E 994 81.56 -120.10 29.56
CA ASN E 994 82.19 -118.82 29.85
C ASN E 994 83.45 -118.85 30.69
N VAL E 995 83.51 -119.76 31.61
CA VAL E 995 84.65 -119.85 32.44
C VAL E 995 85.87 -120.38 31.64
N TRP E 996 85.69 -121.35 30.74
CA TRP E 996 86.80 -121.80 29.85
C TRP E 996 87.28 -120.68 28.96
N ALA E 997 86.29 -119.87 28.59
CA ALA E 997 86.56 -118.78 27.71
C ALA E 997 87.50 -117.74 28.35
N ARG E 998 87.43 -117.63 29.67
CA ARG E 998 88.27 -116.74 30.39
C ARG E 998 89.76 -117.16 30.40
N ASP E 999 90.05 -118.45 30.35
CA ASP E 999 91.47 -118.83 30.05
C ASP E 999 91.82 -119.01 28.55
N ARG E 1000 90.79 -118.86 27.69
CA ARG E 1000 90.97 -119.00 26.17
C ARG E 1000 92.02 -117.99 25.60
N VAL E 1001 92.16 -116.86 26.29
CA VAL E 1001 93.19 -115.84 25.96
C VAL E 1001 94.62 -116.42 26.02
N ALA E 1002 94.84 -117.37 26.91
CA ALA E 1002 96.07 -118.13 26.94
C ALA E 1002 96.01 -119.33 25.92
N GLN E 1003 96.06 -119.11 24.59
CA GLN E 1003 95.90 -120.26 23.59
C GLN E 1003 97.19 -120.69 22.89
N ARG E 1016 95.54 -121.76 18.52
CA ARG E 1016 95.11 -120.90 17.41
C ARG E 1016 93.96 -119.98 17.93
N ARG E 1017 93.51 -118.96 17.15
CA ARG E 1017 92.56 -117.88 17.64
C ARG E 1017 91.17 -118.40 17.54
N ASN E 1018 90.73 -119.11 18.59
CA ASN E 1018 89.54 -119.95 18.55
C ASN E 1018 88.24 -119.12 18.33
N PRO E 1019 87.37 -119.61 17.39
CA PRO E 1019 86.03 -119.07 17.18
C PRO E 1019 85.14 -119.33 18.44
N ARG E 1020 85.45 -120.41 19.20
CA ARG E 1020 84.71 -120.76 20.50
C ARG E 1020 84.74 -119.66 21.63
N LEU E 1021 85.75 -118.73 21.61
CA LEU E 1021 86.05 -117.78 22.78
C LEU E 1021 84.81 -116.94 23.11
N VAL E 1022 84.04 -116.62 22.08
CA VAL E 1022 82.78 -115.92 22.28
C VAL E 1022 81.69 -116.81 22.90
N PRO E 1023 80.84 -116.20 23.76
CA PRO E 1023 79.69 -116.82 24.42
C PRO E 1023 78.59 -117.24 23.45
N TYR E 1024 77.81 -118.27 23.83
CA TYR E 1024 76.77 -118.90 22.96
C TYR E 1024 75.71 -117.90 22.53
N ARG E 1025 75.65 -116.74 23.21
CA ARG E 1025 74.84 -115.59 22.77
C ARG E 1025 75.09 -115.30 21.29
N LEU E 1026 76.32 -115.54 20.81
CA LEU E 1026 76.66 -115.33 19.39
C LEU E 1026 77.42 -116.49 18.77
N LEU E 1027 76.72 -117.61 18.54
CA LEU E 1027 77.30 -118.79 17.86
C LEU E 1027 76.27 -119.60 17.02
N ASP E 1028 76.77 -120.58 16.25
CA ASP E 1028 76.05 -121.18 15.09
C ASP E 1028 74.67 -121.86 15.32
N GLU E 1029 74.37 -122.27 16.56
CA GLU E 1029 73.18 -123.13 16.82
C GLU E 1029 73.39 -124.51 16.12
N ALA E 1030 74.67 -124.88 15.94
CA ALA E 1030 75.09 -126.22 15.51
C ALA E 1030 76.01 -126.82 16.58
N THR E 1031 77.12 -126.11 16.91
CA THR E 1031 77.95 -126.43 18.11
C THR E 1031 77.11 -126.23 19.39
N LYS E 1032 76.21 -125.24 19.36
CA LYS E 1032 75.19 -125.06 20.42
C LYS E 1032 74.15 -126.22 20.34
N ARG E 1033 73.93 -126.82 19.14
CA ARG E 1033 72.99 -127.98 18.99
C ARG E 1033 73.67 -129.22 19.61
N SER E 1034 74.98 -129.11 19.84
CA SER E 1034 75.77 -130.16 20.52
C SER E 1034 75.94 -129.92 22.04
N ASN E 1035 76.78 -128.94 22.43
CA ASN E 1035 77.11 -128.70 23.87
C ASN E 1035 75.87 -128.35 24.76
N ARG E 1036 74.90 -127.62 24.23
CA ARG E 1036 73.65 -127.33 24.99
C ARG E 1036 72.66 -128.54 25.03
N ASP E 1037 72.39 -129.16 23.87
CA ASP E 1037 71.45 -130.31 23.79
C ASP E 1037 72.06 -131.55 24.53
N SER E 1038 73.41 -131.69 24.57
CA SER E 1038 74.08 -132.80 25.34
C SER E 1038 73.83 -132.61 26.87
N LEU E 1039 73.79 -131.34 27.31
CA LEU E 1039 73.42 -131.00 28.72
C LEU E 1039 71.93 -131.40 29.00
N CYS E 1040 71.08 -131.29 27.96
CA CYS E 1040 69.64 -131.71 28.04
C CYS E 1040 69.52 -133.26 28.28
N GLN E 1041 70.50 -134.05 27.77
CA GLN E 1041 70.51 -135.51 28.01
C GLN E 1041 70.71 -135.83 29.51
N ALA E 1042 71.52 -135.01 30.22
CA ALA E 1042 71.62 -135.10 31.72
C ALA E 1042 70.24 -134.70 32.32
N VAL E 1043 69.61 -133.70 31.71
CA VAL E 1043 68.25 -133.26 32.11
C VAL E 1043 67.17 -134.34 31.70
N ARG E 1044 67.47 -135.15 30.68
CA ARG E 1044 66.54 -136.21 30.21
C ARG E 1044 66.35 -137.29 31.32
N THR E 1045 67.42 -137.54 32.09
CA THR E 1045 67.37 -138.42 33.30
C THR E 1045 66.50 -137.78 34.39
N LEU E 1046 66.48 -136.44 34.46
CA LEU E 1046 65.63 -135.70 35.44
C LEU E 1046 64.13 -135.97 35.20
N LEU E 1047 63.72 -136.14 33.93
CA LEU E 1047 62.30 -136.53 33.64
C LEU E 1047 62.02 -137.93 34.20
N GLY E 1048 63.04 -138.78 34.20
CA GLY E 1048 62.93 -140.06 34.88
C GLY E 1048 63.07 -139.90 36.40
N TYR E 1049 63.88 -138.92 36.83
CA TYR E 1049 63.94 -138.51 38.26
C TYR E 1049 62.55 -137.86 38.66
N GLY E 1050 61.90 -137.24 37.65
CA GLY E 1050 60.58 -136.59 37.78
C GLY E 1050 60.59 -135.26 38.54
N TYR E 1051 61.77 -134.72 38.86
CA TYR E 1051 61.86 -133.49 39.67
C TYR E 1051 61.23 -132.20 39.01
N ASN E 1052 60.50 -131.38 39.79
CA ASN E 1052 59.76 -130.17 39.30
C ASN E 1052 60.70 -129.00 38.89
N ILE E 1053 60.29 -128.16 37.91
CA ILE E 1053 61.12 -126.98 37.47
C ILE E 1053 60.37 -125.64 37.37
N GLU E 1054 59.77 -125.20 38.51
CA GLU E 1054 59.05 -123.89 38.59
C GLU E 1054 59.95 -122.65 38.36
N PRO E 1055 59.49 -121.65 37.60
CA PRO E 1055 60.29 -120.47 37.17
C PRO E 1055 59.49 -119.16 37.21
N ARG E 1071 67.87 -98.04 18.19
CA ARG E 1071 67.08 -96.86 18.13
C ARG E 1071 65.88 -97.07 17.17
N VAL E 1072 64.65 -96.91 17.65
CA VAL E 1072 63.41 -97.07 16.80
C VAL E 1072 63.35 -96.05 15.66
N ARG E 1073 63.01 -96.50 14.44
CA ARG E 1073 63.06 -95.69 13.20
C ARG E 1073 61.68 -95.26 12.64
N ILE E 1074 61.66 -94.21 11.78
CA ILE E 1074 60.42 -93.69 11.20
C ILE E 1074 60.65 -92.99 9.86
N PHE E 1075 59.65 -92.93 9.00
CA PHE E 1075 59.81 -92.36 7.67
C PHE E 1075 58.57 -91.62 7.20
N ARG E 1076 58.73 -90.62 6.35
CA ARG E 1076 57.61 -89.79 5.93
C ARG E 1076 57.71 -89.15 4.58
N ALA E 1077 56.55 -89.03 3.99
CA ALA E 1077 56.35 -88.42 2.71
C ALA E 1077 56.43 -86.90 2.70
N GLU E 1078 56.62 -86.31 1.51
CA GLU E 1078 56.68 -84.87 1.34
C GLU E 1078 55.41 -84.15 1.69
N LYS E 1079 55.60 -83.02 2.33
CA LYS E 1079 54.53 -82.25 2.74
C LYS E 1079 53.83 -81.68 1.56
N SER E 1080 54.49 -81.56 0.44
CA SER E 1080 53.86 -81.08 -0.78
C SER E 1080 52.75 -81.94 -1.23
N TYR E 1081 52.92 -83.17 -0.87
CA TYR E 1081 52.09 -84.13 -1.39
C TYR E 1081 50.87 -84.33 -0.46
N THR E 1082 50.73 -83.49 0.55
CA THR E 1082 49.64 -83.60 1.51
C THR E 1082 48.31 -83.28 0.96
N VAL E 1083 47.76 -84.26 0.31
CA VAL E 1083 46.49 -84.06 -0.29
C VAL E 1083 45.43 -83.98 0.75
N GLN E 1084 44.50 -83.05 0.57
CA GLN E 1084 43.36 -83.03 1.39
C GLN E 1084 42.14 -83.46 0.63
N SER E 1085 42.34 -83.81 -0.63
CA SER E 1085 41.26 -84.24 -1.45
C SER E 1085 41.75 -85.20 -2.53
N GLY E 1086 40.82 -85.90 -3.15
CA GLY E 1086 41.16 -86.95 -4.10
C GLY E 1086 41.17 -88.31 -3.47
N ARG E 1087 41.08 -89.34 -4.28
CA ARG E 1087 41.10 -90.69 -3.79
C ARG E 1087 42.51 -91.22 -3.85
N TRP E 1088 42.87 -92.03 -2.85
CA TRP E 1088 44.27 -92.42 -2.63
C TRP E 1088 44.49 -93.75 -1.91
N TYR E 1089 44.84 -94.74 -2.72
CA TYR E 1089 45.46 -95.95 -2.20
C TYR E 1089 46.97 -95.67 -2.05
N PHE E 1090 47.60 -96.39 -1.14
CA PHE E 1090 49.06 -96.39 -1.07
C PHE E 1090 49.66 -97.69 -0.57
N GLU E 1091 50.81 -98.05 -1.14
CA GLU E 1091 51.52 -99.26 -0.78
C GLU E 1091 52.37 -99.18 0.49
N PHE E 1092 52.62 -100.33 1.10
CA PHE E 1092 53.79 -100.54 1.97
C PHE E 1092 54.30 -101.94 1.79
N GLU E 1093 55.23 -102.12 0.87
CA GLU E 1093 55.76 -103.44 0.66
C GLU E 1093 56.53 -103.96 1.90
N ALA E 1094 56.24 -105.21 2.24
CA ALA E 1094 56.76 -105.89 3.40
C ALA E 1094 58.13 -106.49 3.22
N VAL E 1095 58.81 -106.61 4.33
CA VAL E 1095 60.07 -107.32 4.41
C VAL E 1095 60.03 -108.05 5.74
N THR E 1096 60.50 -107.45 6.83
CA THR E 1096 60.40 -108.05 8.17
C THR E 1096 58.94 -108.00 8.68
N THR E 1097 58.54 -108.97 9.50
CA THR E 1097 57.15 -108.99 10.02
C THR E 1097 56.98 -108.45 11.45
N GLY E 1098 57.97 -107.70 11.94
CA GLY E 1098 57.92 -107.13 13.28
C GLY E 1098 57.14 -105.82 13.37
N GLU E 1099 57.57 -104.92 14.25
CA GLU E 1099 56.82 -103.68 14.55
C GLU E 1099 57.03 -102.64 13.47
N MET E 1100 56.38 -102.88 12.34
CA MET E 1100 56.69 -102.23 11.08
C MET E 1100 55.91 -100.98 10.82
N ARG E 1101 55.16 -100.56 11.83
CA ARG E 1101 53.86 -99.93 11.64
C ARG E 1101 53.84 -98.66 10.78
N VAL E 1102 52.78 -98.52 9.98
CA VAL E 1102 52.71 -97.50 8.91
C VAL E 1102 51.27 -97.01 8.71
N GLY E 1103 51.11 -95.74 8.36
CA GLY E 1103 49.78 -95.19 8.09
C GLY E 1103 49.79 -93.70 7.78
N TRP E 1104 48.61 -93.17 7.50
CA TRP E 1104 48.52 -91.74 7.20
C TRP E 1104 48.81 -90.90 8.44
N ALA E 1105 49.43 -89.75 8.20
CA ALA E 1105 49.64 -88.80 9.26
C ALA E 1105 49.78 -87.35 8.79
N ARG E 1106 49.27 -86.42 9.57
CA ARG E 1106 49.46 -85.00 9.34
C ARG E 1106 50.88 -84.63 9.61
N PRO E 1107 51.42 -83.76 8.81
CA PRO E 1107 52.83 -83.45 8.74
C PRO E 1107 53.39 -82.90 10.00
N GLU E 1108 52.53 -82.21 10.72
CA GLU E 1108 52.99 -81.39 11.79
C GLU E 1108 53.49 -82.16 12.98
N LEU E 1109 53.14 -83.44 13.05
CA LEU E 1109 53.56 -84.29 14.17
C LEU E 1109 55.02 -84.44 14.17
N ARG E 1110 55.60 -84.54 15.36
CA ARG E 1110 57.00 -84.68 15.36
C ARG E 1110 57.32 -86.06 14.88
N PRO E 1111 58.24 -86.17 13.94
CA PRO E 1111 58.90 -87.38 13.70
C PRO E 1111 59.78 -87.69 14.91
N ASP E 1112 60.24 -86.68 15.63
CA ASP E 1112 60.99 -86.88 16.92
C ASP E 1112 60.22 -87.70 17.94
N VAL E 1113 58.91 -87.59 17.96
CA VAL E 1113 58.08 -88.42 18.82
C VAL E 1113 57.96 -89.78 18.19
N GLU E 1114 57.96 -90.81 19.00
CA GLU E 1114 57.68 -92.10 18.46
C GLU E 1114 56.21 -92.17 18.04
N LEU E 1115 56.00 -92.82 16.91
CA LEU E 1115 54.68 -93.06 16.38
C LEU E 1115 53.91 -93.99 17.24
N GLY E 1116 52.65 -93.66 17.37
CA GLY E 1116 51.71 -94.48 18.07
C GLY E 1116 50.73 -93.61 18.76
N ALA E 1117 51.10 -93.11 19.93
CA ALA E 1117 50.28 -92.21 20.71
C ALA E 1117 50.53 -90.82 20.24
N ASP E 1118 49.76 -90.53 19.19
CA ASP E 1118 49.71 -89.20 18.65
C ASP E 1118 48.43 -89.02 17.88
N GLU E 1119 47.87 -87.82 18.01
CA GLU E 1119 46.63 -87.52 17.37
C GLU E 1119 46.76 -87.56 15.85
N LEU E 1120 47.93 -87.19 15.37
CA LEU E 1120 48.05 -86.85 13.98
C LEU E 1120 48.26 -88.05 13.08
N ALA E 1121 48.52 -89.22 13.66
CA ALA E 1121 49.06 -90.36 12.90
C ALA E 1121 48.29 -91.64 13.05
N TYR E 1122 47.28 -91.75 12.22
CA TYR E 1122 46.54 -92.94 12.09
C TYR E 1122 47.48 -93.98 11.40
N VAL E 1123 47.56 -95.18 11.99
CA VAL E 1123 48.51 -96.21 11.48
C VAL E 1123 48.05 -97.63 11.75
N PHE E 1124 48.77 -98.56 11.13
CA PHE E 1124 48.49 -99.99 11.28
C PHE E 1124 49.80 -100.75 11.47
N ASN E 1125 49.79 -101.72 12.39
CA ASN E 1125 51.01 -102.48 12.74
C ASN E 1125 51.43 -103.54 11.71
N GLY E 1126 52.74 -103.76 11.67
CA GLY E 1126 53.29 -104.84 10.91
C GLY E 1126 53.27 -106.19 11.60
N HIS E 1127 52.82 -106.18 12.83
CA HIS E 1127 52.75 -107.36 13.63
C HIS E 1127 51.63 -107.22 14.65
N ARG E 1128 51.16 -108.35 15.13
CA ARG E 1128 50.02 -108.42 16.05
C ARG E 1128 48.70 -107.90 15.46
N GLY E 1129 48.80 -106.80 14.73
CA GLY E 1129 47.73 -106.39 13.85
C GLY E 1129 46.64 -105.46 14.34
N GLN E 1130 46.59 -105.18 15.62
CA GLN E 1130 45.82 -104.05 16.05
C GLN E 1130 46.36 -102.73 15.44
N ARG E 1131 45.43 -101.91 15.02
CA ARG E 1131 45.81 -100.57 14.58
C ARG E 1131 46.09 -99.60 15.76
N TRP E 1132 47.00 -98.63 15.56
CA TRP E 1132 47.24 -97.62 16.60
C TRP E 1132 46.87 -96.22 16.26
N HIS E 1133 46.24 -95.58 17.23
CA HIS E 1133 46.08 -94.15 17.25
C HIS E 1133 45.70 -93.73 18.66
N LEU E 1134 46.50 -92.83 19.22
CA LEU E 1134 46.38 -92.47 20.62
C LEU E 1134 46.45 -93.76 21.43
N GLY E 1135 47.46 -94.58 21.13
CA GLY E 1135 47.59 -95.92 21.66
C GLY E 1135 46.76 -96.88 20.88
N SER E 1136 46.75 -98.12 21.31
CA SER E 1136 46.14 -99.16 20.53
C SER E 1136 44.61 -99.07 20.43
N GLU E 1137 44.13 -99.42 19.24
CA GLU E 1137 42.71 -99.52 18.97
C GLU E 1137 42.45 -100.82 18.19
N PRO E 1138 42.49 -101.97 18.87
CA PRO E 1138 42.55 -103.25 18.17
C PRO E 1138 41.41 -103.55 17.21
N PHE E 1139 41.72 -104.14 16.06
CA PHE E 1139 40.68 -104.68 15.19
C PHE E 1139 41.24 -105.66 14.22
N GLY E 1140 42.44 -105.38 13.71
CA GLY E 1140 43.07 -106.28 12.76
C GLY E 1140 43.87 -107.49 13.20
N ARG E 1141 44.60 -108.02 12.22
CA ARG E 1141 45.49 -109.17 12.37
C ARG E 1141 46.90 -108.93 11.74
N PRO E 1142 47.96 -109.63 12.19
CA PRO E 1142 49.30 -109.46 11.64
C PRO E 1142 49.45 -110.06 10.24
N TRP E 1143 50.69 -110.34 9.84
CA TRP E 1143 50.96 -111.00 8.57
C TRP E 1143 52.29 -111.71 8.47
N GLN E 1144 52.30 -112.73 7.63
CA GLN E 1144 53.51 -113.45 7.31
C GLN E 1144 54.46 -112.55 6.53
N SER E 1145 55.76 -112.73 6.71
CA SER E 1145 56.75 -111.82 6.11
C SER E 1145 56.63 -111.84 4.60
N GLY E 1146 56.86 -110.69 3.96
CA GLY E 1146 56.71 -110.55 2.51
C GLY E 1146 55.25 -110.40 2.04
N ASP E 1147 54.34 -110.27 3.00
CA ASP E 1147 52.95 -109.91 2.71
C ASP E 1147 52.83 -108.38 2.75
N VAL E 1148 52.76 -107.75 1.58
CA VAL E 1148 52.67 -106.30 1.43
C VAL E 1148 51.41 -105.76 2.11
N VAL E 1149 51.55 -104.60 2.76
CA VAL E 1149 50.44 -103.96 3.41
C VAL E 1149 50.07 -102.67 2.73
N GLY E 1150 48.98 -102.72 1.95
CA GLY E 1150 48.44 -101.56 1.31
C GLY E 1150 47.43 -100.89 2.21
N CYS E 1151 46.93 -99.75 1.78
CA CYS E 1151 45.87 -99.04 2.52
C CYS E 1151 45.10 -98.04 1.62
N MET E 1152 43.88 -97.69 2.00
CA MET E 1152 43.03 -96.79 1.20
C MET E 1152 42.46 -95.66 2.01
N ILE E 1153 42.35 -94.48 1.43
CA ILE E 1153 41.73 -93.37 2.16
C ILE E 1153 40.71 -92.61 1.33
N ASP E 1154 39.50 -92.52 1.86
CA ASP E 1154 38.55 -91.57 1.34
C ASP E 1154 38.94 -90.23 1.78
N LEU E 1155 38.74 -89.32 0.84
CA LEU E 1155 38.81 -87.95 1.15
C LEU E 1155 37.51 -87.34 0.83
N THR E 1156 37.25 -86.21 1.45
CA THR E 1156 35.89 -85.69 1.69
C THR E 1156 35.23 -86.57 2.77
N GLU E 1157 35.01 -87.81 2.44
CA GLU E 1157 34.69 -88.76 3.43
C GLU E 1157 35.96 -89.05 4.21
N ASN E 1158 35.76 -89.31 5.47
CA ASN E 1158 36.82 -89.48 6.41
C ASN E 1158 37.43 -90.86 6.53
N THR E 1159 36.82 -91.90 5.96
CA THR E 1159 37.20 -93.28 6.25
C THR E 1159 38.61 -93.65 5.79
N ILE E 1160 39.24 -94.53 6.55
CA ILE E 1160 40.50 -95.13 6.18
C ILE E 1160 40.42 -96.63 6.29
N ILE E 1161 41.07 -97.34 5.37
CA ILE E 1161 40.99 -98.78 5.32
C ILE E 1161 42.30 -99.44 4.94
N PHE E 1162 43.01 -99.93 5.95
CA PHE E 1162 44.18 -100.76 5.73
C PHE E 1162 43.84 -102.10 5.10
N THR E 1163 44.69 -102.61 4.20
CA THR E 1163 44.48 -103.92 3.61
C THR E 1163 45.76 -104.77 3.51
N LEU E 1164 45.66 -106.07 3.80
CA LEU E 1164 46.79 -107.01 3.61
C LEU E 1164 46.74 -107.58 2.19
N ASN E 1165 47.47 -106.92 1.29
CA ASN E 1165 47.45 -107.27 -0.11
C ASN E 1165 46.02 -107.28 -0.71
N GLY E 1166 45.24 -106.24 -0.38
CA GLY E 1166 43.85 -106.10 -0.84
C GLY E 1166 42.81 -106.77 0.04
N GLU E 1167 43.25 -107.28 1.17
CA GLU E 1167 42.32 -107.83 2.14
C GLU E 1167 41.70 -106.77 3.03
N VAL E 1168 40.52 -106.35 2.66
CA VAL E 1168 39.81 -105.30 3.38
C VAL E 1168 39.41 -105.68 4.84
N LEU E 1169 39.38 -104.73 5.79
CA LEU E 1169 38.84 -104.94 7.21
C LEU E 1169 37.79 -103.85 7.61
N ALA E 1178 39.40 -99.46 8.74
CA ALA E 1178 40.33 -98.98 9.75
C ALA E 1178 39.83 -97.72 10.46
N PHE E 1179 40.44 -96.57 10.17
CA PHE E 1179 40.11 -95.34 10.88
C PHE E 1179 39.00 -94.63 10.22
N ARG E 1180 37.84 -95.21 10.38
CA ARG E 1180 36.63 -94.64 9.94
C ARG E 1180 36.28 -93.47 10.83
N GLU E 1181 35.63 -92.47 10.22
CA GLU E 1181 35.06 -91.33 10.90
C GLU E 1181 36.11 -90.57 11.63
N ILE E 1182 36.74 -89.64 10.92
CA ILE E 1182 37.76 -88.80 11.48
C ILE E 1182 37.54 -87.38 10.93
N GLU E 1183 38.61 -86.64 10.60
CA GLU E 1183 38.46 -85.33 9.97
C GLU E 1183 39.61 -84.93 9.06
N ILE E 1184 39.32 -84.16 8.02
CA ILE E 1184 40.37 -83.59 7.17
C ILE E 1184 41.02 -82.50 7.91
N GLY E 1185 42.31 -82.35 7.67
CA GLY E 1185 43.04 -81.38 8.40
C GLY E 1185 44.16 -80.79 7.61
N ASP E 1186 45.36 -81.08 8.07
CA ASP E 1186 46.53 -80.65 7.39
C ASP E 1186 46.69 -81.36 6.08
N GLY E 1187 46.14 -82.58 5.94
CA GLY E 1187 46.43 -83.37 4.76
C GLY E 1187 47.40 -84.49 5.04
N PHE E 1188 46.87 -85.67 4.98
CA PHE E 1188 47.59 -86.82 5.46
C PHE E 1188 48.70 -87.28 4.56
N LEU E 1189 49.73 -87.88 5.15
CA LEU E 1189 50.80 -88.48 4.41
C LEU E 1189 51.18 -89.81 4.89
N PRO E 1190 51.70 -90.61 4.00
CA PRO E 1190 52.08 -91.90 4.48
C PRO E 1190 53.27 -91.83 5.36
N VAL E 1191 53.31 -92.71 6.32
CA VAL E 1191 54.39 -92.68 7.26
C VAL E 1191 54.77 -94.09 7.74
N CYS E 1192 55.98 -94.48 7.39
CA CYS E 1192 56.55 -95.71 7.90
C CYS E 1192 57.10 -95.52 9.31
N SER E 1193 57.21 -96.60 10.07
CA SER E 1193 57.94 -96.58 11.35
C SER E 1193 58.40 -98.00 11.74
N LEU E 1194 59.68 -98.23 11.49
CA LEU E 1194 60.33 -99.49 11.78
C LEU E 1194 60.66 -99.54 13.28
N GLY E 1195 60.72 -100.77 13.78
CA GLY E 1195 61.36 -101.03 15.04
C GLY E 1195 62.86 -101.11 14.81
N PRO E 1196 63.65 -101.12 15.91
CA PRO E 1196 65.11 -101.10 15.80
C PRO E 1196 65.66 -102.35 15.09
N GLY E 1197 65.00 -103.48 15.17
CA GLY E 1197 65.45 -104.67 14.45
C GLY E 1197 64.87 -104.86 13.08
N GLN E 1198 63.73 -104.23 12.87
CA GLN E 1198 62.89 -104.46 11.73
C GLN E 1198 63.34 -103.77 10.47
N VAL E 1199 62.91 -104.33 9.35
CA VAL E 1199 63.26 -103.85 8.03
C VAL E 1199 62.04 -103.79 7.13
N GLY E 1200 61.94 -102.73 6.32
CA GLY E 1200 60.75 -102.50 5.47
C GLY E 1200 61.05 -102.10 4.01
N HIS E 1201 60.01 -101.66 3.29
CA HIS E 1201 60.14 -101.16 1.90
C HIS E 1201 58.92 -100.37 1.50
N LEU E 1202 59.08 -99.44 0.58
CA LEU E 1202 57.96 -98.72 0.05
C LEU E 1202 58.11 -98.24 -1.36
N ASN E 1203 56.98 -98.18 -2.05
CA ASN E 1203 56.86 -97.63 -3.40
C ASN E 1203 55.46 -97.08 -3.59
N LEU E 1204 55.33 -95.94 -4.24
CA LEU E 1204 54.03 -95.27 -4.41
C LEU E 1204 53.96 -94.77 -5.81
N GLY E 1205 52.78 -94.95 -6.37
CA GLY E 1205 52.58 -94.65 -7.75
C GLY E 1205 53.21 -95.75 -8.64
N GLN E 1206 53.31 -95.45 -9.96
CA GLN E 1206 53.60 -96.45 -11.02
C GLN E 1206 52.41 -97.49 -11.09
N ASP E 1207 51.67 -97.55 -12.20
CA ASP E 1207 50.52 -98.48 -12.33
C ASP E 1207 51.01 -99.93 -12.29
N VAL E 1208 52.28 -100.12 -12.63
CA VAL E 1208 52.98 -101.39 -12.51
C VAL E 1208 52.94 -101.85 -11.05
N SER E 1209 52.93 -100.89 -10.12
CA SER E 1209 52.79 -101.19 -8.69
C SER E 1209 51.32 -101.42 -8.38
N SER E 1210 50.87 -102.58 -8.81
CA SER E 1210 49.53 -103.05 -8.60
C SER E 1210 49.54 -104.57 -8.62
N LEU E 1211 50.35 -105.18 -7.72
CA LEU E 1211 50.52 -106.64 -7.65
C LEU E 1211 49.24 -107.29 -7.07
N ARG E 1212 49.37 -107.83 -5.87
CA ARG E 1212 48.33 -108.51 -5.13
C ARG E 1212 47.27 -107.52 -4.67
N PHE E 1213 47.67 -106.27 -4.54
CA PHE E 1213 46.99 -105.28 -3.70
C PHE E 1213 46.14 -104.24 -4.43
N PHE E 1214 46.75 -103.39 -5.23
CA PHE E 1214 46.04 -102.33 -5.89
C PHE E 1214 45.21 -102.94 -7.00
N ALA E 1215 45.60 -104.13 -7.46
CA ALA E 1215 44.82 -104.80 -8.49
C ALA E 1215 43.43 -105.16 -7.99
N ILE E 1216 43.29 -105.33 -6.67
CA ILE E 1216 42.00 -105.59 -6.04
C ILE E 1216 41.13 -104.34 -6.11
N CYS E 1217 40.89 -103.70 -4.97
CA CYS E 1217 39.91 -102.63 -4.93
C CYS E 1217 40.47 -101.32 -5.50
N GLY E 1218 41.80 -101.25 -5.65
CA GLY E 1218 42.45 -100.05 -6.05
C GLY E 1218 42.18 -99.62 -7.47
N LEU E 1219 42.11 -100.57 -8.41
CA LEU E 1219 41.77 -100.24 -9.80
C LEU E 1219 40.34 -99.77 -9.95
N GLN E 1220 39.55 -100.20 -8.98
CA GLN E 1220 38.12 -100.24 -9.11
C GLN E 1220 37.46 -98.99 -8.55
N GLU E 1221 37.89 -98.68 -7.34
CA GLU E 1221 37.34 -97.58 -6.58
C GLU E 1221 37.95 -96.23 -6.99
N GLY E 1222 38.92 -96.28 -7.88
CA GLY E 1222 39.52 -95.06 -8.36
C GLY E 1222 40.60 -94.49 -7.45
N PHE E 1223 41.02 -95.26 -6.44
CA PHE E 1223 42.00 -94.74 -5.46
C PHE E 1223 43.43 -94.68 -5.98
N GLU E 1224 43.73 -93.67 -6.79
CA GLU E 1224 45.03 -93.57 -7.48
C GLU E 1224 46.19 -93.17 -6.57
N PRO E 1225 47.30 -93.90 -6.65
CA PRO E 1225 48.63 -93.75 -6.02
C PRO E 1225 49.42 -92.58 -6.52
N PHE E 1226 50.32 -92.10 -5.68
CA PHE E 1226 50.88 -90.81 -5.87
C PHE E 1226 51.54 -90.47 -7.22
N ALA E 1227 52.31 -91.42 -7.73
CA ALA E 1227 53.22 -91.09 -8.85
C ALA E 1227 52.54 -91.08 -10.22
N ILE E 1228 51.26 -91.39 -10.26
CA ILE E 1228 50.47 -91.21 -11.47
C ILE E 1228 50.49 -89.74 -11.85
N ASN E 1229 50.49 -88.94 -10.81
CA ASN E 1229 50.50 -87.52 -10.95
C ASN E 1229 51.80 -86.98 -11.46
N MET E 1230 52.89 -87.71 -11.18
CA MET E 1230 54.20 -87.14 -11.36
C MET E 1230 55.24 -88.08 -11.94
N GLN E 1231 56.09 -87.49 -12.76
CA GLN E 1231 57.29 -88.11 -13.31
C GLN E 1231 58.26 -88.53 -12.19
N ARG E 1232 58.31 -87.71 -11.16
CA ARG E 1232 59.23 -87.89 -10.12
C ARG E 1232 58.83 -89.03 -9.14
N PRO E 1233 59.82 -89.76 -8.65
CA PRO E 1233 59.65 -90.55 -7.44
C PRO E 1233 59.42 -89.64 -6.23
N VAL E 1234 58.70 -90.12 -5.28
CA VAL E 1234 58.38 -89.35 -4.12
C VAL E 1234 59.58 -89.08 -3.26
N THR E 1235 59.66 -87.85 -2.82
CA THR E 1235 60.62 -87.51 -1.81
C THR E 1235 60.16 -87.93 -0.40
N THR E 1236 61.10 -88.30 0.48
CA THR E 1236 60.77 -88.73 1.85
C THR E 1236 61.89 -88.39 2.82
N TRP E 1237 61.61 -88.53 4.10
CA TRP E 1237 62.56 -88.22 5.15
C TRP E 1237 62.72 -89.37 6.16
N PHE E 1238 63.90 -89.96 6.23
CA PHE E 1238 64.19 -90.86 7.36
C PHE E 1238 64.40 -90.08 8.64
N SER E 1239 63.95 -90.64 9.76
CA SER E 1239 64.27 -90.09 11.04
C SER E 1239 65.73 -90.40 11.38
N LYS E 1240 66.35 -89.51 12.11
CA LYS E 1240 67.80 -89.53 12.39
C LYS E 1240 67.94 -89.43 13.88
N SER E 1241 68.50 -90.47 14.42
CA SER E 1241 68.55 -90.63 15.84
C SER E 1241 69.42 -89.55 16.48
N LEU E 1242 70.30 -88.96 15.67
CA LEU E 1242 71.17 -87.90 16.13
C LEU E 1242 70.39 -86.71 16.50
N PRO E 1243 70.64 -86.18 17.68
CA PRO E 1243 69.92 -85.03 18.21
C PRO E 1243 70.65 -83.77 17.84
N GLN E 1244 70.43 -83.28 16.65
CA GLN E 1244 70.87 -81.97 16.34
C GLN E 1244 70.12 -80.97 17.19
N PHE E 1245 70.81 -79.94 17.66
CA PHE E 1245 70.16 -78.93 18.48
C PHE E 1245 69.05 -78.17 17.78
N GLU E 1246 68.01 -77.85 18.52
CA GLU E 1246 66.98 -76.96 17.99
C GLU E 1246 66.55 -76.02 19.07
N PRO E 1247 66.14 -74.85 18.68
CA PRO E 1247 65.72 -73.87 19.66
C PRO E 1247 64.48 -74.29 20.40
N VAL E 1248 64.39 -73.94 21.69
CA VAL E 1248 63.30 -74.47 22.47
C VAL E 1248 62.03 -73.77 22.07
N PRO E 1249 61.00 -74.53 21.66
CA PRO E 1249 59.69 -73.98 21.35
C PRO E 1249 59.00 -73.50 22.61
N PRO E 1250 58.16 -72.46 22.51
CA PRO E 1250 57.26 -72.32 23.64
C PRO E 1250 56.33 -73.50 23.64
N GLU E 1251 55.93 -73.94 24.82
CA GLU E 1251 55.38 -75.27 25.02
C GLU E 1251 56.34 -76.36 24.56
N HIS E 1252 57.37 -76.53 25.33
CA HIS E 1252 58.01 -77.84 25.46
C HIS E 1252 57.12 -78.51 26.48
N PRO E 1253 57.14 -79.84 26.64
CA PRO E 1253 56.38 -80.44 27.71
C PRO E 1253 56.60 -79.72 29.04
N HIS E 1254 57.85 -79.31 29.29
CA HIS E 1254 58.13 -77.96 29.77
C HIS E 1254 59.57 -77.69 30.17
N TYR E 1255 60.19 -76.72 29.48
CA TYR E 1255 61.41 -76.07 29.93
C TYR E 1255 61.30 -74.54 29.75
N GLU E 1256 60.93 -73.86 30.82
CA GLU E 1256 60.73 -72.42 30.78
C GLU E 1256 62.05 -71.72 30.67
N VAL E 1257 61.99 -70.58 29.99
CA VAL E 1257 63.15 -69.74 29.90
C VAL E 1257 62.76 -68.28 29.87
N ALA E 1258 63.60 -67.41 30.45
CA ALA E 1258 63.27 -66.02 30.53
C ALA E 1258 64.46 -65.06 30.47
N ARG E 1259 64.53 -64.37 29.36
CA ARG E 1259 65.50 -63.33 29.14
C ARG E 1259 65.31 -62.13 30.10
N MET E 1260 66.39 -61.53 30.62
CA MET E 1260 66.26 -60.27 31.38
C MET E 1260 67.56 -59.48 31.65
N ASP E 1261 67.36 -58.24 32.11
CA ASP E 1261 68.47 -57.38 32.55
C ASP E 1261 69.14 -57.91 33.82
N LEU E 1272 72.77 -55.89 35.42
CA LEU E 1272 73.45 -57.19 35.26
C LEU E 1272 72.63 -58.20 34.41
N ALA E 1273 72.88 -58.26 33.10
CA ALA E 1273 72.08 -59.10 32.18
C ALA E 1273 72.24 -60.61 32.44
N HIS E 1274 71.11 -61.33 32.44
CA HIS E 1274 71.03 -62.76 32.75
C HIS E 1274 69.67 -63.41 32.24
N ARG E 1275 69.41 -64.69 32.49
CA ARG E 1275 68.08 -65.28 32.23
C ARG E 1275 67.66 -66.34 33.29
N THR E 1276 66.37 -66.54 33.52
CA THR E 1276 65.89 -67.51 34.54
C THR E 1276 65.27 -68.81 33.94
N TRP E 1277 65.13 -69.85 34.80
CA TRP E 1277 64.82 -71.22 34.32
C TRP E 1277 63.98 -72.05 35.26
N GLY E 1278 63.46 -73.20 34.81
CA GLY E 1278 62.66 -74.10 35.68
C GLY E 1278 61.84 -75.19 34.92
N SER E 1279 61.94 -76.42 35.43
CA SER E 1279 61.16 -77.56 34.95
C SER E 1279 59.62 -77.37 35.09
N GLN E 1280 59.24 -76.63 36.13
CA GLN E 1280 57.86 -76.41 36.50
C GLN E 1280 57.10 -77.73 36.78
N ASN E 1281 56.51 -78.32 35.73
CA ASN E 1281 55.76 -79.59 35.86
C ASN E 1281 56.68 -80.73 36.22
N SER E 1282 56.16 -81.69 36.99
CA SER E 1282 56.89 -82.92 37.25
C SER E 1282 57.17 -83.63 35.87
N LEU E 1283 58.44 -83.99 35.59
CA LEU E 1283 58.93 -84.35 34.22
C LEU E 1283 60.38 -84.90 34.31
N VAL E 1284 60.68 -85.68 33.31
CA VAL E 1284 61.74 -86.64 33.30
C VAL E 1284 63.17 -86.09 33.23
N GLU E 1285 64.11 -86.96 32.86
CA GLU E 1285 65.55 -86.74 32.94
C GLU E 1285 66.17 -85.69 32.03
N MET E 1286 67.18 -85.02 32.58
CA MET E 1286 68.25 -84.38 31.83
C MET E 1286 67.93 -83.21 30.94
N LEU E 1287 68.89 -82.29 30.90
CA LEU E 1287 68.81 -81.12 30.04
C LEU E 1287 70.18 -80.87 29.49
N PHE E 1288 70.34 -81.22 28.25
CA PHE E 1288 71.57 -80.92 27.57
C PHE E 1288 71.46 -79.49 27.06
N LEU E 1289 71.83 -78.57 27.91
CA LEU E 1289 71.61 -77.16 27.64
C LEU E 1289 72.60 -76.57 26.65
N ARG E 1290 72.35 -76.78 25.35
CA ARG E 1290 73.34 -76.36 24.31
C ARG E 1290 73.10 -74.98 23.83
N LEU E 1291 73.87 -74.02 24.28
CA LEU E 1291 73.81 -72.70 23.73
C LEU E 1291 74.44 -72.75 22.36
N SER E 1292 73.81 -72.05 21.43
CA SER E 1292 74.17 -72.19 20.01
C SER E 1292 75.52 -71.65 19.62
N LEU E 1293 76.05 -70.69 20.35
CA LEU E 1293 77.06 -69.81 19.79
C LEU E 1293 78.51 -70.28 20.08
N PRO E 1294 79.27 -70.62 19.03
CA PRO E 1294 80.69 -71.01 19.09
C PRO E 1294 81.62 -69.90 19.55
N VAL E 1295 82.65 -70.23 20.29
CA VAL E 1295 83.60 -69.20 20.71
C VAL E 1295 84.60 -68.83 19.62
N GLN E 1296 84.88 -67.57 19.36
CA GLN E 1296 85.84 -67.17 18.28
C GLN E 1296 87.35 -67.17 18.71
N PHE E 1297 88.37 -67.40 17.84
CA PHE E 1297 89.83 -67.17 18.25
C PHE E 1297 90.70 -66.08 17.59
N THR E 1432 90.72 -63.49 28.24
CA THR E 1432 90.28 -62.10 28.12
C THR E 1432 88.82 -61.98 28.66
N TYR E 1433 87.90 -62.62 27.93
CA TYR E 1433 86.46 -62.61 28.32
C TYR E 1433 86.01 -63.68 29.23
N TYR E 1434 85.48 -63.29 30.40
CA TYR E 1434 84.73 -64.22 31.26
C TYR E 1434 83.33 -64.53 30.72
N TYR E 1435 82.85 -65.73 31.08
CA TYR E 1435 81.48 -66.18 30.75
C TYR E 1435 80.94 -66.86 31.99
N SER E 1436 79.65 -66.69 32.29
CA SER E 1436 79.13 -67.02 33.61
C SER E 1436 77.77 -67.72 33.70
N VAL E 1437 77.57 -68.68 34.61
CA VAL E 1437 76.32 -69.45 34.74
C VAL E 1437 76.22 -69.95 36.19
N ARG E 1438 75.53 -69.20 37.04
CA ARG E 1438 75.24 -69.67 38.39
C ARG E 1438 74.22 -70.86 38.38
N VAL E 1439 74.35 -71.80 39.30
CA VAL E 1439 73.34 -72.91 39.50
C VAL E 1439 73.00 -73.00 41.00
N PHE E 1440 71.75 -73.27 41.41
CA PHE E 1440 71.35 -73.23 42.85
C PHE E 1440 70.46 -74.43 43.29
N ALA E 1441 70.55 -75.56 42.58
CA ALA E 1441 69.73 -76.78 42.94
C ALA E 1441 70.35 -77.98 42.26
N CYS E 1447 76.61 -82.87 41.09
CA CYS E 1447 75.34 -83.56 40.59
C CYS E 1447 75.05 -83.18 39.14
N VAL E 1448 75.73 -82.12 38.71
CA VAL E 1448 75.54 -81.55 37.35
C VAL E 1448 76.87 -81.34 36.66
N TRP E 1449 76.89 -81.68 35.38
CA TRP E 1449 78.12 -81.74 34.58
C TRP E 1449 78.44 -80.41 33.85
N VAL E 1450 78.95 -79.39 34.58
CA VAL E 1450 79.47 -78.16 33.91
C VAL E 1450 80.76 -78.49 33.08
N GLY E 1451 80.87 -77.87 31.88
CA GLY E 1451 81.96 -78.14 30.96
C GLY E 1451 81.54 -77.84 29.54
N TRP E 1452 82.24 -76.90 28.94
CA TRP E 1452 81.81 -76.32 27.67
C TRP E 1452 81.85 -77.29 26.51
N VAL E 1453 80.76 -77.29 25.75
CA VAL E 1453 80.50 -78.29 24.72
C VAL E 1453 81.26 -78.19 23.42
N THR E 1454 81.54 -79.36 22.88
CA THR E 1454 82.00 -79.52 21.53
C THR E 1454 80.83 -79.55 20.55
N PRO E 1455 80.89 -78.69 19.53
CA PRO E 1455 79.80 -78.52 18.61
C PRO E 1455 79.26 -79.73 17.86
N ASP E 1456 80.10 -80.68 17.48
CA ASP E 1456 79.65 -81.76 16.61
C ASP E 1456 78.95 -82.84 17.42
N TYR E 1457 78.91 -82.76 18.75
CA TYR E 1457 78.58 -83.91 19.64
C TYR E 1457 77.15 -84.54 19.67
N HIS E 1458 76.99 -85.61 20.46
CA HIS E 1458 75.68 -86.32 20.64
C HIS E 1458 75.72 -87.68 21.42
N GLN E 1459 74.56 -88.10 21.96
CA GLN E 1459 74.32 -89.35 22.74
C GLN E 1459 73.28 -89.05 23.84
N HIS E 1460 72.68 -90.04 24.55
CA HIS E 1460 71.79 -89.53 25.55
C HIS E 1460 71.92 -90.21 26.97
N ASP E 1461 71.46 -89.54 28.03
CA ASP E 1461 71.39 -90.13 29.41
C ASP E 1461 72.74 -90.31 30.10
N MET E 1462 72.72 -90.12 31.40
CA MET E 1462 73.90 -90.28 32.21
C MET E 1462 75.13 -89.45 31.75
N ASN E 1463 76.00 -90.01 30.91
CA ASN E 1463 77.11 -89.22 30.34
C ASN E 1463 78.09 -88.46 31.32
N PHE E 1464 78.67 -89.25 32.18
CA PHE E 1464 79.68 -88.76 33.16
C PHE E 1464 80.94 -89.57 33.08
N ASP E 1465 81.85 -88.91 32.41
CA ASP E 1465 81.60 -88.58 31.07
C ASP E 1465 81.89 -89.50 29.88
N LEU E 1466 80.85 -90.09 29.29
CA LEU E 1466 80.98 -90.83 28.05
C LEU E 1466 81.11 -89.96 26.74
N SER E 1467 82.22 -89.21 26.54
CA SER E 1467 82.40 -88.35 25.29
C SER E 1467 82.73 -89.11 24.00
N VAL E 1472 90.18 -88.19 24.78
CA VAL E 1472 90.54 -87.84 23.42
C VAL E 1472 91.88 -87.10 23.36
N THR E 1473 92.88 -87.77 22.79
CA THR E 1473 94.22 -87.22 22.64
C THR E 1473 94.91 -87.78 21.41
N VAL E 1474 95.93 -87.07 20.93
CA VAL E 1474 96.67 -87.48 19.78
C VAL E 1474 98.13 -87.10 19.88
N THR E 1475 98.98 -88.10 19.90
CA THR E 1475 100.40 -87.86 19.77
C THR E 1475 100.76 -87.33 18.40
N MET E 1476 101.63 -86.35 18.36
CA MET E 1476 102.16 -85.83 17.11
C MET E 1476 103.57 -86.39 16.89
N GLY E 1477 103.58 -87.70 16.68
CA GLY E 1477 104.84 -88.36 16.70
C GLY E 1477 105.60 -88.18 15.41
N ASP E 1478 106.87 -88.59 15.48
CA ASP E 1478 107.79 -88.65 14.33
C ASP E 1478 108.26 -90.17 14.18
N GLU E 1479 107.34 -91.10 14.39
CA GLU E 1479 107.54 -92.60 14.40
C GLU E 1479 108.36 -93.08 15.63
N GLN E 1480 109.37 -92.28 15.96
CA GLN E 1480 110.22 -92.47 17.15
C GLN E 1480 109.37 -92.48 18.45
N GLY E 1481 108.27 -91.74 18.43
CA GLY E 1481 107.54 -91.49 19.65
C GLY E 1481 108.05 -90.28 20.42
N ASN E 1482 109.16 -89.64 19.99
CA ASN E 1482 109.64 -88.37 20.69
C ASN E 1482 108.61 -87.27 20.61
N VAL E 1483 107.89 -87.28 19.49
CA VAL E 1483 106.69 -86.45 19.26
C VAL E 1483 107.00 -84.96 19.24
N HIS E 1484 106.45 -84.31 18.22
CA HIS E 1484 106.42 -82.86 18.21
C HIS E 1484 105.21 -82.41 19.04
N SER E 1485 105.38 -82.50 20.37
CA SER E 1485 104.30 -82.28 21.33
C SER E 1485 103.10 -83.26 21.11
N SER E 1486 102.07 -83.22 21.95
CA SER E 1486 100.85 -84.11 21.80
C SER E 1486 99.68 -83.45 22.45
N LEU E 1487 98.54 -83.50 21.80
CA LEU E 1487 97.48 -82.58 22.14
C LEU E 1487 96.13 -83.23 22.08
N LYS E 1488 95.15 -82.53 21.47
CA LYS E 1488 93.75 -82.96 21.44
C LYS E 1488 93.07 -83.05 22.81
N CYS E 1489 91.99 -82.27 22.99
CA CYS E 1489 91.29 -82.17 24.25
C CYS E 1489 89.88 -81.51 24.08
N SER E 1490 89.04 -81.71 25.07
CA SER E 1490 87.65 -81.24 25.06
C SER E 1490 86.82 -81.71 23.85
N ASN E 1491 86.92 -82.96 23.41
CA ASN E 1491 86.06 -83.50 22.32
C ASN E 1491 84.83 -84.32 22.81
N TYR E 1493 84.05 -82.25 25.20
CA TYR E 1493 83.54 -81.26 26.17
C TYR E 1493 84.27 -81.30 27.50
N MET E 1494 83.54 -81.16 28.60
CA MET E 1494 84.07 -81.33 29.95
C MET E 1494 82.89 -81.70 30.92
N VAL E 1495 83.20 -82.24 32.11
CA VAL E 1495 82.18 -82.73 33.05
C VAL E 1495 82.53 -82.35 34.52
N TRP E 1496 81.53 -82.31 35.41
CA TRP E 1496 81.71 -81.86 36.84
C TRP E 1496 80.67 -82.51 37.81
N GLY E 1497 80.97 -82.36 39.13
CA GLY E 1497 80.27 -82.99 40.23
C GLY E 1497 80.06 -82.07 41.36
N SER E 1510 73.63 -76.84 50.57
CA SER E 1510 72.93 -76.45 49.39
C SER E 1510 73.59 -75.22 48.71
N HIS E 1511 74.91 -75.22 48.59
CA HIS E 1511 75.64 -74.12 47.97
C HIS E 1511 75.44 -74.11 46.46
N THR E 1512 75.30 -72.92 45.89
CA THR E 1512 75.10 -72.77 44.45
C THR E 1512 76.34 -73.20 43.68
N ASP E 1513 76.28 -73.10 42.36
CA ASP E 1513 77.40 -73.48 41.50
C ASP E 1513 77.63 -72.45 40.40
N LEU E 1514 78.61 -71.58 40.61
CA LEU E 1514 78.93 -70.54 39.64
C LEU E 1514 79.98 -71.03 38.65
N VAL E 1515 80.12 -70.30 37.54
CA VAL E 1515 81.08 -70.66 36.51
C VAL E 1515 81.49 -69.43 35.68
N ILE E 1516 82.51 -68.72 36.16
CA ILE E 1516 83.00 -67.51 35.45
C ILE E 1516 84.24 -67.85 34.62
N GLY E 1517 84.14 -68.76 33.64
CA GLY E 1517 85.32 -69.17 32.89
C GLY E 1517 85.84 -68.08 31.94
N CYS E 1518 87.13 -67.81 32.05
CA CYS E 1518 87.78 -66.85 31.17
C CYS E 1518 88.16 -67.51 29.85
N LEU E 1519 88.28 -66.69 28.79
CA LEU E 1519 88.79 -67.17 27.51
C LEU E 1519 89.55 -66.11 26.67
N VAL E 1520 90.51 -66.54 25.84
CA VAL E 1520 91.35 -65.65 25.00
C VAL E 1520 92.16 -64.64 25.79
N GLY E 1525 94.27 -68.78 22.33
CA GLY E 1525 94.00 -68.84 23.76
C GLY E 1525 94.05 -70.29 24.23
N LEU E 1526 93.45 -70.58 25.39
CA LEU E 1526 93.16 -71.96 25.87
C LEU E 1526 92.09 -71.96 27.00
N MET E 1527 91.39 -73.07 27.21
CA MET E 1527 90.34 -73.15 28.21
C MET E 1527 90.89 -72.99 29.64
N THR E 1528 90.14 -72.24 30.43
CA THR E 1528 90.45 -71.95 31.82
C THR E 1528 89.21 -72.10 32.71
N PHE E 1529 89.07 -73.27 33.29
CA PHE E 1529 87.91 -73.57 34.07
C PHE E 1529 87.88 -72.76 35.36
N THR E 1530 86.67 -72.42 35.83
CA THR E 1530 86.53 -71.80 37.17
C THR E 1530 85.39 -72.40 38.01
N ALA E 1531 85.55 -73.69 38.33
CA ALA E 1531 84.57 -74.48 39.11
C ALA E 1531 84.17 -73.81 40.43
N ASN E 1532 82.87 -73.65 40.74
CA ASN E 1532 82.44 -73.15 42.08
C ASN E 1532 83.03 -71.76 42.35
N GLY E 1533 83.15 -70.94 41.31
CA GLY E 1533 83.74 -69.59 41.42
C GLY E 1533 85.26 -69.59 41.63
N LYS E 1534 85.73 -70.34 42.59
CA LYS E 1534 87.17 -70.51 42.86
C LYS E 1534 87.95 -71.14 41.69
N GLU E 1535 89.21 -70.83 41.55
CA GLU E 1535 90.04 -71.54 40.54
C GLU E 1535 90.20 -73.05 40.89
N SER E 1536 90.21 -73.96 39.92
CA SER E 1536 90.57 -75.40 40.19
C SER E 1536 91.28 -76.09 39.02
N ASN E 1537 92.25 -75.40 38.45
CA ASN E 1537 92.93 -75.87 37.24
C ASN E 1537 92.00 -76.04 36.00
N THR E 1538 92.58 -76.54 34.90
CA THR E 1538 91.87 -76.75 33.60
C THR E 1538 92.63 -77.73 32.69
N PHE E 1539 92.24 -79.00 32.69
CA PHE E 1539 92.89 -80.02 31.87
C PHE E 1539 92.82 -79.69 30.37
N PHE E 1540 91.73 -79.03 29.97
CA PHE E 1540 91.56 -78.65 28.58
C PHE E 1540 92.51 -77.50 28.18
N GLN E 1541 92.96 -77.60 26.93
CA GLN E 1541 93.59 -76.51 26.20
C GLN E 1541 93.64 -76.75 24.66
N VAL E 1542 92.83 -76.04 23.85
CA VAL E 1542 93.01 -76.10 22.39
C VAL E 1542 92.63 -74.82 21.66
N GLU E 1543 93.60 -74.13 21.05
CA GLU E 1543 93.31 -73.01 20.15
C GLU E 1543 94.01 -73.08 18.77
N PRO E 1544 93.54 -73.98 17.86
CA PRO E 1544 93.89 -73.90 16.40
C PRO E 1544 92.98 -72.92 15.58
N ASN E 1545 92.68 -71.72 16.12
CA ASN E 1545 91.69 -70.79 15.51
C ASN E 1545 90.23 -71.39 15.39
N THR E 1546 89.89 -72.47 16.10
CA THR E 1546 88.56 -73.07 16.06
C THR E 1546 87.50 -72.30 16.86
N LYS E 1547 86.27 -72.45 16.42
CA LYS E 1547 85.11 -72.04 17.15
C LYS E 1547 84.47 -73.24 17.85
N LEU E 1548 84.04 -73.03 19.07
CA LEU E 1548 83.44 -74.09 19.93
C LEU E 1548 82.44 -73.60 20.99
N PHE E 1549 81.58 -74.52 21.46
CA PHE E 1549 80.49 -74.15 22.35
C PHE E 1549 80.89 -74.00 23.78
N PRO E 1550 80.24 -73.06 24.46
CA PRO E 1550 80.10 -72.99 25.92
C PRO E 1550 78.72 -73.44 26.42
N ALA E 1551 78.66 -74.56 27.14
CA ALA E 1551 77.34 -75.10 27.60
C ALA E 1551 77.45 -76.16 28.72
N VAL E 1552 76.30 -76.58 29.28
CA VAL E 1552 76.25 -77.55 30.36
C VAL E 1552 75.15 -78.62 30.23
N PHE E 1553 75.43 -79.88 30.60
CA PHE E 1553 74.40 -80.94 30.66
C PHE E 1553 73.72 -81.12 32.02
N VAL E 1554 72.85 -80.22 32.39
CA VAL E 1554 72.16 -80.31 33.72
C VAL E 1554 71.18 -81.48 33.89
N LEU E 1555 71.21 -82.05 35.09
CA LEU E 1555 70.14 -82.89 35.56
C LEU E 1555 69.21 -82.07 36.50
N PRO E 1556 67.94 -81.96 36.14
CA PRO E 1556 66.99 -81.10 36.87
C PRO E 1556 66.74 -81.38 38.36
N THR E 1557 66.59 -80.34 39.16
CA THR E 1557 66.17 -80.44 40.59
C THR E 1557 64.72 -80.05 40.75
N HIS E 1558 63.94 -80.46 39.73
CA HIS E 1558 62.55 -80.05 39.55
C HIS E 1558 62.43 -78.51 39.53
N GLN E 1559 61.97 -77.89 40.63
CA GLN E 1559 61.75 -76.45 40.62
C GLN E 1559 63.03 -75.60 40.46
N ASN E 1560 62.92 -74.56 39.63
CA ASN E 1560 64.00 -73.61 39.35
C ASN E 1560 65.38 -74.24 39.10
N VAL E 1561 65.40 -74.97 37.98
CA VAL E 1561 66.58 -75.78 37.55
C VAL E 1561 67.97 -75.10 37.47
N ILE E 1562 68.04 -73.87 37.00
CA ILE E 1562 69.34 -73.21 36.83
C ILE E 1562 69.26 -71.69 36.66
N GLN E 1563 70.29 -70.99 37.15
CA GLN E 1563 70.45 -69.56 36.84
C GLN E 1563 71.40 -69.41 35.63
N PHE E 1564 71.55 -68.25 35.00
CA PHE E 1564 72.42 -68.18 33.81
C PHE E 1564 72.87 -66.73 33.50
N GLU E 1565 73.99 -66.50 32.82
CA GLU E 1565 74.38 -65.07 32.46
C GLU E 1565 74.62 -64.79 31.02
N ALA E 1577 89.48 -58.53 32.70
CA ALA E 1577 88.24 -59.26 32.76
C ALA E 1577 87.12 -58.39 32.26
N ALA E 1578 86.35 -58.96 31.33
CA ALA E 1578 85.23 -58.28 30.61
C ALA E 1578 84.13 -59.29 30.07
N MET E 1579 82.86 -58.86 30.11
CA MET E 1579 81.73 -59.75 29.78
C MET E 1579 81.72 -60.19 28.30
N PHE E 1580 81.34 -61.44 28.06
CA PHE E 1580 81.44 -62.08 26.73
C PHE E 1580 80.36 -61.63 25.77
N LEU E 1581 79.35 -60.94 26.26
CA LEU E 1581 78.06 -60.94 25.45
C LEU E 1581 78.14 -59.79 24.47
N SER E 1582 79.05 -59.93 23.51
CA SER E 1582 79.48 -58.78 22.66
C SER E 1582 80.54 -59.25 21.70
N GLU E 1583 81.64 -59.79 22.22
CA GLU E 1583 82.74 -60.28 21.38
C GLU E 1583 82.25 -61.41 20.50
N ARG E 1584 81.25 -62.16 20.99
CA ARG E 1584 80.62 -63.20 20.23
C ARG E 1584 80.08 -62.65 18.92
N LYS E 1585 79.47 -61.46 19.00
CA LYS E 1585 79.07 -60.68 17.82
C LYS E 1585 80.26 -59.98 17.16
N ASN E 1586 80.16 -59.61 15.88
CA ASN E 1586 81.25 -58.88 15.26
C ASN E 1586 81.71 -57.63 15.91
N PRO E 1587 80.79 -56.77 16.37
CA PRO E 1587 81.32 -55.57 16.97
C PRO E 1587 82.06 -55.78 18.31
N ALA E 1588 83.04 -56.71 18.38
CA ALA E 1588 84.05 -56.84 19.46
C ALA E 1588 84.82 -55.55 19.50
N PRO E 1589 85.38 -55.33 20.69
CA PRO E 1589 84.71 -55.44 21.97
C PRO E 1589 83.31 -54.96 22.24
N GLN E 1590 83.10 -53.64 22.29
CA GLN E 1590 81.87 -53.06 22.85
C GLN E 1590 81.57 -53.77 24.19
N CYS E 1591 82.41 -53.51 25.19
CA CYS E 1591 82.51 -54.35 26.39
C CYS E 1591 81.23 -54.57 27.20
N PRO E 1592 80.37 -53.56 27.42
CA PRO E 1592 79.18 -53.84 28.23
C PRO E 1592 78.27 -54.99 27.73
N PRO E 1593 77.70 -55.80 28.65
CA PRO E 1593 76.86 -56.96 28.31
C PRO E 1593 75.54 -56.59 27.59
N ARG E 1594 75.12 -57.41 26.62
CA ARG E 1594 73.98 -57.08 25.75
C ARG E 1594 73.29 -58.34 25.30
N LEU E 1595 72.35 -58.78 26.10
CA LEU E 1595 71.56 -59.91 25.72
C LEU E 1595 70.57 -59.48 24.64
N GLU E 1596 70.26 -60.43 23.78
CA GLU E 1596 69.71 -60.09 22.51
C GLU E 1596 69.16 -61.30 21.81
N VAL E 1597 68.55 -61.02 20.68
CA VAL E 1597 67.73 -61.94 19.99
C VAL E 1597 68.46 -63.19 19.54
N GLN E 1598 69.71 -63.08 19.16
CA GLN E 1598 70.44 -64.27 18.70
C GLN E 1598 71.11 -64.98 19.92
N MET E 1599 70.90 -64.50 21.12
CA MET E 1599 71.44 -65.22 22.29
C MET E 1599 70.80 -66.56 22.49
N LEU E 1600 71.06 -67.46 21.59
CA LEU E 1600 70.12 -68.56 21.39
C LEU E 1600 70.06 -69.58 22.53
N MET E 1601 68.91 -70.25 22.66
CA MET E 1601 68.82 -71.42 23.44
C MET E 1601 68.29 -72.70 22.77
N PRO E 1602 69.14 -73.32 21.94
CA PRO E 1602 68.75 -74.57 21.27
C PRO E 1602 69.24 -75.82 21.90
N VAL E 1603 68.42 -76.41 22.73
CA VAL E 1603 68.81 -77.65 23.35
C VAL E 1603 68.90 -78.78 22.29
N SER E 1604 69.82 -79.71 22.45
CA SER E 1604 69.79 -80.90 21.59
C SER E 1604 68.65 -81.79 22.03
N TRP E 1605 67.95 -82.46 21.12
CA TRP E 1605 66.81 -83.27 21.56
C TRP E 1605 66.95 -84.63 21.14
N SER E 1606 66.39 -85.00 19.99
CA SER E 1606 66.59 -86.30 19.50
C SER E 1606 66.37 -86.47 18.02
N ARG E 1607 65.44 -87.37 17.69
CA ARG E 1607 65.24 -87.88 16.35
C ARG E 1607 64.73 -86.78 15.41
N MET E 1608 65.27 -86.61 14.22
CA MET E 1608 64.74 -85.62 13.25
C MET E 1608 64.84 -86.12 11.81
N PRO E 1609 63.94 -85.67 10.97
CA PRO E 1609 63.79 -86.18 9.67
C PRO E 1609 64.67 -85.55 8.57
N ASN E 1610 65.84 -86.12 8.34
CA ASN E 1610 66.62 -85.75 7.16
C ASN E 1610 66.18 -86.47 5.89
N HIS E 1611 66.42 -85.81 4.76
CA HIS E 1611 65.91 -86.25 3.48
C HIS E 1611 66.50 -87.56 2.95
N PHE E 1612 65.69 -88.33 2.29
CA PHE E 1612 66.10 -89.59 1.77
C PHE E 1612 67.19 -89.57 0.66
N LEU E 1613 67.22 -88.51 -0.11
CA LEU E 1613 68.05 -88.38 -1.29
C LEU E 1613 67.64 -89.31 -2.46
N GLN E 1614 67.02 -88.79 -3.55
CA GLN E 1614 66.50 -89.62 -4.70
C GLN E 1614 67.55 -90.58 -5.31
N VAL E 1615 68.81 -90.15 -5.37
CA VAL E 1615 69.89 -91.01 -5.97
C VAL E 1615 71.18 -90.86 -5.18
N GLU E 1616 72.03 -91.88 -5.08
CA GLU E 1616 73.35 -91.62 -4.44
C GLU E 1616 74.54 -92.52 -4.80
N THR E 1617 74.39 -93.83 -4.68
CA THR E 1617 75.55 -94.72 -4.78
C THR E 1617 75.29 -95.93 -5.70
N ARG E 1618 76.34 -96.46 -6.32
CA ARG E 1618 76.20 -97.55 -7.28
C ARG E 1618 77.29 -98.63 -7.02
N ARG E 1619 77.49 -98.95 -5.75
CA ARG E 1619 78.59 -99.82 -5.32
C ARG E 1619 78.41 -101.28 -5.82
N ALA E 1620 79.54 -101.93 -6.11
CA ALA E 1620 79.58 -103.32 -6.52
C ALA E 1620 80.74 -104.05 -5.79
N GLY E 1621 80.46 -105.33 -5.52
CA GLY E 1621 81.23 -106.13 -4.56
C GLY E 1621 81.84 -107.37 -5.15
N GLU E 1622 82.54 -108.09 -4.28
CA GLU E 1622 83.31 -109.26 -4.68
C GLU E 1622 83.82 -109.98 -3.43
N ARG E 1623 84.11 -111.29 -3.62
CA ARG E 1623 84.58 -112.17 -2.54
C ARG E 1623 85.79 -113.14 -2.96
N LEU E 1624 86.39 -113.83 -1.97
CA LEU E 1624 87.75 -114.44 -2.06
C LEU E 1624 88.75 -113.39 -2.52
N GLY E 1625 88.62 -112.15 -2.00
CA GLY E 1625 89.44 -110.96 -2.38
C GLY E 1625 88.82 -109.59 -1.94
N TRP E 1626 87.47 -109.52 -1.89
CA TRP E 1626 86.73 -108.29 -1.37
C TRP E 1626 87.15 -107.00 -2.03
N ALA E 1627 87.27 -107.09 -3.35
CA ALA E 1627 87.70 -105.95 -4.14
C ALA E 1627 86.50 -105.05 -4.42
N VAL E 1628 86.03 -104.35 -3.38
CA VAL E 1628 84.85 -103.49 -3.48
C VAL E 1628 85.07 -102.29 -4.38
N GLN E 1629 84.03 -101.92 -5.13
CA GLN E 1629 84.16 -100.86 -6.11
C GLN E 1629 82.86 -100.12 -6.22
N CYS E 1630 82.98 -98.87 -6.62
CA CYS E 1630 81.82 -98.06 -6.95
C CYS E 1630 82.13 -97.07 -8.07
N GLN E 1631 81.10 -96.59 -8.76
CA GLN E 1631 81.30 -95.78 -9.98
C GLN E 1631 80.95 -94.30 -9.76
N ASP E 1632 80.13 -93.71 -10.64
CA ASP E 1632 80.14 -92.25 -10.88
C ASP E 1632 79.60 -91.45 -9.73
N PRO E 1633 80.37 -90.48 -9.25
CA PRO E 1633 79.96 -89.53 -8.23
C PRO E 1633 78.89 -88.55 -8.69
N LEU E 1634 78.05 -88.21 -7.73
CA LEU E 1634 77.02 -87.27 -7.89
C LEU E 1634 77.08 -86.39 -6.66
N THR E 1635 76.75 -85.13 -6.90
CA THR E 1635 76.96 -84.10 -5.94
C THR E 1635 76.01 -84.13 -4.75
N MET E 1636 76.59 -83.82 -3.59
CA MET E 1636 75.82 -83.34 -2.47
C MET E 1636 75.55 -81.87 -2.70
N MET E 1637 74.51 -81.61 -3.47
CA MET E 1637 74.10 -80.26 -3.62
C MET E 1637 73.71 -79.81 -2.23
N ALA E 1638 74.16 -78.64 -1.78
CA ALA E 1638 73.99 -78.28 -0.38
C ALA E 1638 74.36 -76.87 0.06
N LEU E 1639 73.83 -76.51 1.21
CA LEU E 1639 74.22 -75.29 1.93
C LEU E 1639 74.60 -75.65 3.32
N HIS E 1640 74.87 -74.66 4.16
CA HIS E 1640 75.04 -74.98 5.56
C HIS E 1640 74.78 -73.77 6.35
N ILE E 1641 74.35 -74.00 7.58
CA ILE E 1641 74.38 -72.95 8.56
C ILE E 1641 75.83 -72.74 8.86
N PRO E 1642 76.30 -71.52 8.62
CA PRO E 1642 77.69 -71.24 8.79
C PRO E 1642 78.19 -71.48 10.19
N GLU E 1643 77.33 -71.19 11.17
CA GLU E 1643 77.61 -71.51 12.53
C GLU E 1643 77.37 -72.95 12.78
N GLU E 1644 78.17 -73.56 13.64
CA GLU E 1644 78.04 -74.98 13.91
C GLU E 1644 77.88 -75.76 12.64
N ASN E 1645 78.92 -75.74 11.82
CA ASN E 1645 78.78 -76.07 10.41
C ASN E 1645 78.22 -77.46 10.16
N ARG E 1646 77.26 -77.53 9.24
CA ARG E 1646 76.53 -78.77 8.94
C ARG E 1646 75.98 -78.69 7.55
N CYS E 1647 76.55 -79.47 6.65
CA CYS E 1647 76.02 -79.54 5.32
C CYS E 1647 74.59 -80.10 5.29
N MET E 1648 73.75 -79.45 4.46
CA MET E 1648 72.34 -79.76 4.28
C MET E 1648 72.01 -79.39 2.83
N ASP E 1649 71.33 -80.28 2.11
CA ASP E 1649 70.87 -79.97 0.75
C ASP E 1649 69.88 -78.96 0.84
N ILE E 1650 69.89 -78.13 -0.18
CA ILE E 1650 69.14 -76.94 -0.04
C ILE E 1650 67.65 -77.27 0.04
N LEU E 1651 67.30 -78.36 -0.61
CA LEU E 1651 65.94 -78.71 -0.72
C LEU E 1651 65.32 -79.05 0.65
N GLU E 1652 66.20 -79.34 1.59
CA GLU E 1652 65.78 -79.61 2.95
C GLU E 1652 65.13 -78.39 3.57
N LEU E 1653 65.52 -77.23 3.07
CA LEU E 1653 64.95 -76.01 3.56
C LEU E 1653 63.56 -75.79 3.06
N SER E 1654 63.14 -76.56 2.04
CA SER E 1654 61.82 -76.40 1.46
C SER E 1654 60.77 -76.67 2.48
N GLU E 1655 61.08 -77.49 3.46
CA GLU E 1655 60.06 -77.87 4.42
C GLU E 1655 60.22 -77.21 5.78
N ARG E 1656 61.45 -77.00 6.23
CA ARG E 1656 61.64 -76.04 7.30
C ARG E 1656 61.91 -74.68 6.66
N LEU E 1657 60.80 -74.15 6.22
CA LEU E 1657 60.77 -73.14 5.17
C LEU E 1657 61.12 -71.76 5.62
N ASP E 1658 61.27 -71.60 6.91
CA ASP E 1658 61.62 -70.36 7.40
C ASP E 1658 62.99 -69.97 6.90
N LEU E 1659 63.85 -70.95 6.90
CA LEU E 1659 65.16 -70.77 6.38
C LEU E 1659 65.13 -70.60 4.90
N GLN E 1660 64.15 -71.19 4.27
CA GLN E 1660 63.96 -70.95 2.87
C GLN E 1660 63.62 -69.50 2.58
N ARG E 1661 62.89 -68.92 3.50
CA ARG E 1661 62.53 -67.56 3.35
C ARG E 1661 63.77 -66.71 3.55
N PHE E 1662 64.58 -67.08 4.52
CA PHE E 1662 65.77 -66.35 4.74
C PHE E 1662 66.73 -66.43 3.58
N HIS E 1663 66.77 -67.59 2.97
CA HIS E 1663 67.65 -67.77 1.88
C HIS E 1663 67.21 -67.03 0.70
N SER E 1664 65.92 -67.12 0.47
CA SER E 1664 65.37 -66.45 -0.63
C SER E 1664 65.57 -64.96 -0.57
N HIS E 1665 65.46 -64.42 0.62
CA HIS E 1665 65.82 -63.06 0.78
C HIS E 1665 67.33 -62.81 0.61
N THR E 1666 68.15 -63.80 0.87
CA THR E 1666 69.53 -63.61 0.57
C THR E 1666 69.81 -63.48 -0.92
N LEU E 1667 68.94 -64.13 -1.64
CA LEU E 1667 69.06 -64.12 -3.06
C LEU E 1667 68.50 -62.88 -3.69
N ARG E 1668 67.42 -62.40 -3.09
CA ARG E 1668 66.92 -61.12 -3.45
C ARG E 1668 68.02 -60.15 -3.21
N LEU E 1669 68.74 -60.40 -2.15
CA LEU E 1669 69.74 -59.49 -1.74
C LEU E 1669 70.81 -59.37 -2.68
N TYR E 1670 71.31 -60.48 -3.11
CA TYR E 1670 72.37 -60.42 -4.02
C TYR E 1670 71.92 -59.85 -5.31
N ARG E 1671 70.67 -60.14 -5.63
CA ARG E 1671 70.10 -59.70 -6.86
C ARG E 1671 70.09 -58.20 -6.89
N ALA E 1672 69.86 -57.59 -5.73
CA ALA E 1672 69.96 -56.16 -5.57
C ALA E 1672 71.38 -55.71 -5.49
N VAL E 1673 72.22 -56.61 -5.12
CA VAL E 1673 73.56 -56.32 -5.04
C VAL E 1673 74.20 -56.23 -6.37
N CYS E 1674 73.62 -56.83 -7.38
CA CYS E 1674 74.22 -56.67 -8.67
C CYS E 1674 74.19 -55.20 -9.20
N ALA E 1675 73.25 -54.42 -8.73
CA ALA E 1675 73.15 -52.99 -9.10
C ALA E 1675 72.93 -52.79 -10.55
N LEU E 1676 72.27 -53.76 -11.16
CA LEU E 1676 72.10 -53.73 -12.57
C LEU E 1676 73.48 -53.57 -13.25
N GLY E 1677 74.24 -54.65 -13.35
CA GLY E 1677 75.50 -54.64 -14.09
C GLY E 1677 76.79 -54.29 -13.37
N ASN E 1678 76.80 -54.12 -12.05
CA ASN E 1678 78.08 -53.94 -11.36
C ASN E 1678 78.85 -55.22 -11.47
N ASN E 1679 80.14 -55.12 -11.71
CA ASN E 1679 80.90 -56.28 -12.09
C ASN E 1679 81.90 -56.74 -11.04
N ARG E 1680 82.65 -55.79 -10.47
CA ARG E 1680 83.64 -56.14 -9.51
C ARG E 1680 82.97 -56.76 -8.29
N VAL E 1681 81.73 -56.37 -8.08
CA VAL E 1681 80.94 -56.99 -7.07
C VAL E 1681 80.46 -58.34 -7.50
N ALA E 1682 80.11 -58.40 -8.75
CA ALA E 1682 79.61 -59.62 -9.27
C ALA E 1682 80.67 -60.70 -9.24
N HIS E 1683 81.91 -60.33 -9.43
CA HIS E 1683 82.97 -61.30 -9.39
C HIS E 1683 83.04 -61.89 -8.02
N ALA E 1684 82.74 -61.04 -7.06
CA ALA E 1684 82.73 -61.46 -5.69
C ALA E 1684 81.74 -62.51 -5.43
N LEU E 1685 80.63 -62.33 -6.08
CA LEU E 1685 79.63 -63.29 -5.96
C LEU E 1685 79.98 -64.53 -6.67
N CYS E 1686 80.72 -64.46 -7.74
CA CYS E 1686 81.09 -65.65 -8.41
C CYS E 1686 81.95 -66.45 -7.52
N SER E 1687 82.76 -65.76 -6.73
CA SER E 1687 83.54 -66.43 -5.70
C SER E 1687 82.66 -67.14 -4.72
N HIS E 1688 81.47 -66.60 -4.53
CA HIS E 1688 80.73 -66.92 -3.42
C HIS E 1688 79.50 -67.73 -3.73
N VAL E 1689 79.16 -67.97 -4.97
CA VAL E 1689 78.02 -68.78 -5.25
C VAL E 1689 78.29 -69.81 -6.33
N ASP E 1690 79.22 -69.52 -7.22
CA ASP E 1690 79.74 -70.50 -8.14
C ASP E 1690 78.77 -70.84 -9.18
N GLN E 1691 79.16 -70.47 -10.40
CA GLN E 1691 78.34 -70.70 -11.55
C GLN E 1691 77.98 -72.12 -11.77
N ALA E 1692 78.94 -72.99 -11.50
CA ALA E 1692 78.71 -74.35 -11.71
C ALA E 1692 77.70 -74.86 -10.73
N GLN E 1693 77.66 -74.28 -9.54
CA GLN E 1693 76.77 -74.71 -8.53
C GLN E 1693 75.37 -74.45 -9.00
N LEU E 1694 75.21 -73.32 -9.61
CA LEU E 1694 73.95 -73.01 -10.14
C LEU E 1694 73.62 -73.83 -11.32
N LEU E 1695 74.63 -74.24 -12.06
CA LEU E 1695 74.38 -75.09 -13.18
C LEU E 1695 73.84 -76.40 -12.75
N HIS E 1696 74.30 -76.88 -11.61
CA HIS E 1696 73.70 -78.05 -11.02
C HIS E 1696 72.32 -77.70 -10.49
N ALA E 1697 72.12 -76.44 -10.13
CA ALA E 1697 70.86 -76.00 -9.66
C ALA E 1697 69.85 -75.86 -10.77
N LEU E 1698 70.26 -75.90 -12.01
CA LEU E 1698 69.30 -75.89 -13.06
C LEU E 1698 68.50 -77.13 -13.19
N GLU E 1699 69.03 -78.24 -12.73
CA GLU E 1699 68.46 -79.50 -13.08
C GLU E 1699 67.16 -79.83 -12.32
N ASP E 1700 67.29 -80.29 -11.09
CA ASP E 1700 66.20 -80.94 -10.38
C ASP E 1700 64.96 -80.11 -10.09
N ALA E 1701 63.82 -80.80 -10.12
CA ALA E 1701 62.54 -80.25 -9.65
C ALA E 1701 62.51 -80.23 -8.18
N HIS E 1702 63.33 -81.08 -7.59
CA HIS E 1702 63.32 -81.23 -6.16
C HIS E 1702 63.80 -79.97 -5.50
N LEU E 1703 64.50 -79.12 -6.22
CA LEU E 1703 64.86 -77.85 -5.74
C LEU E 1703 63.66 -76.99 -5.59
N PRO E 1704 63.51 -76.36 -4.40
CA PRO E 1704 62.30 -75.62 -4.10
C PRO E 1704 62.21 -74.40 -4.92
N GLY E 1705 60.97 -74.00 -5.13
CA GLY E 1705 60.61 -73.05 -6.11
C GLY E 1705 61.34 -71.76 -6.02
N PRO E 1706 61.01 -70.93 -5.03
CA PRO E 1706 61.56 -69.62 -5.01
C PRO E 1706 63.02 -69.59 -4.94
N LEU E 1707 63.61 -70.54 -4.24
CA LEU E 1707 65.01 -70.52 -4.09
C LEU E 1707 65.63 -70.68 -5.42
N ARG E 1708 65.03 -71.52 -6.20
CA ARG E 1708 65.43 -71.68 -7.57
C ARG E 1708 65.30 -70.46 -8.39
N ALA E 1709 64.26 -69.74 -8.12
CA ALA E 1709 64.01 -68.59 -8.86
C ALA E 1709 65.14 -67.63 -8.62
N GLY E 1710 65.65 -67.68 -7.41
CA GLY E 1710 66.81 -66.91 -7.09
C GLY E 1710 68.07 -67.38 -7.71
N TYR E 1711 68.22 -68.66 -7.82
CA TYR E 1711 69.42 -69.06 -8.40
C TYR E 1711 69.42 -68.72 -9.86
N TYR E 1712 68.26 -68.75 -10.50
CA TYR E 1712 68.25 -68.45 -11.89
C TYR E 1712 68.43 -66.99 -12.13
N ASP E 1713 67.68 -66.19 -11.40
CA ASP E 1713 67.77 -64.77 -11.56
C ASP E 1713 69.10 -64.22 -11.27
N LEU E 1714 69.74 -64.83 -10.32
CA LEU E 1714 71.10 -64.54 -10.12
C LEU E 1714 71.96 -65.05 -11.22
N LEU E 1715 71.65 -66.14 -11.82
CA LEU E 1715 72.54 -66.59 -12.85
C LEU E 1715 72.55 -65.62 -13.99
N ILE E 1716 71.41 -64.99 -14.18
CA ILE E 1716 71.27 -63.94 -15.11
C ILE E 1716 72.01 -62.77 -14.64
N SER E 1717 71.82 -62.50 -13.38
CA SER E 1717 72.23 -61.28 -12.79
C SER E 1717 73.67 -61.15 -12.74
N ILE E 1718 74.34 -62.26 -12.47
CA ILE E 1718 75.72 -62.19 -12.26
C ILE E 1718 76.42 -61.98 -13.51
N HIS E 1719 75.79 -62.36 -14.58
CA HIS E 1719 76.44 -62.35 -15.79
C HIS E 1719 75.64 -61.69 -16.89
N LEU E 1720 74.56 -62.36 -17.19
CA LEU E 1720 73.91 -62.11 -18.42
C LEU E 1720 73.28 -60.77 -18.53
N GLU E 1721 72.96 -60.30 -17.37
CA GLU E 1721 72.17 -59.12 -17.25
C GLU E 1721 72.75 -57.86 -17.89
N SER E 1722 74.07 -57.70 -17.87
CA SER E 1722 74.64 -56.43 -18.32
C SER E 1722 74.68 -56.38 -19.79
N ALA E 1723 75.15 -57.47 -20.37
CA ALA E 1723 75.27 -57.60 -21.79
C ALA E 1723 73.93 -57.36 -22.44
N CYS E 1724 72.95 -57.96 -21.83
CA CYS E 1724 71.62 -57.77 -22.25
C CYS E 1724 71.12 -56.36 -22.00
N ARG E 1725 71.61 -55.77 -20.92
CA ARG E 1725 71.15 -54.49 -20.54
C ARG E 1725 71.47 -53.50 -21.60
N SER E 1726 72.69 -53.57 -22.06
CA SER E 1726 73.04 -52.76 -23.16
C SER E 1726 72.38 -53.17 -24.41
N ARG E 1727 72.23 -54.48 -24.55
CA ARG E 1727 71.86 -55.03 -25.79
C ARG E 1727 70.46 -54.68 -26.17
N ARG E 1728 69.64 -54.35 -25.19
CA ARG E 1728 68.31 -54.03 -25.51
C ARG E 1728 68.30 -52.82 -26.39
N SER E 1729 69.00 -51.79 -25.92
CA SER E 1729 69.07 -50.57 -26.65
C SER E 1729 69.78 -50.69 -27.98
N MET E 1730 70.83 -51.48 -27.95
CA MET E 1730 71.65 -51.63 -29.14
C MET E 1730 70.87 -52.27 -30.27
N LEU E 1731 70.15 -53.31 -29.91
CA LEU E 1731 69.33 -53.97 -30.86
C LEU E 1731 68.19 -53.08 -31.26
N SER E 1732 67.75 -52.21 -30.36
CA SER E 1732 66.71 -51.29 -30.73
C SER E 1732 67.18 -50.35 -31.83
N GLU E 1733 68.46 -50.03 -31.84
CA GLU E 1733 68.95 -49.03 -32.74
C GLU E 1733 68.80 -49.31 -34.19
N TYR E 1734 68.85 -50.57 -34.56
CA TYR E 1734 68.62 -50.91 -35.94
C TYR E 1734 69.58 -50.31 -36.93
N ILE E 1735 70.75 -49.85 -36.52
CA ILE E 1735 71.70 -49.33 -37.52
C ILE E 1735 72.41 -50.43 -38.27
N VAL E 1736 72.79 -50.20 -39.54
CA VAL E 1736 73.31 -51.26 -40.41
C VAL E 1736 74.46 -50.78 -41.26
N PRO E 1737 75.35 -51.68 -41.66
CA PRO E 1737 76.40 -51.33 -42.59
C PRO E 1737 76.12 -51.74 -44.03
N LEU E 1738 77.15 -51.59 -44.85
CA LEU E 1738 77.12 -52.01 -46.23
C LEU E 1738 78.12 -53.12 -46.51
N THR E 1739 78.14 -54.13 -45.66
CA THR E 1739 78.89 -55.36 -45.97
C THR E 1739 78.15 -56.11 -47.08
N PRO E 1740 78.87 -56.93 -47.86
CA PRO E 1740 78.29 -57.59 -49.01
C PRO E 1740 77.01 -58.39 -48.75
N GLU E 1741 76.87 -58.97 -47.58
CA GLU E 1741 75.62 -59.64 -47.24
C GLU E 1741 74.46 -58.71 -47.16
N THR E 1742 74.76 -57.55 -46.64
CA THR E 1742 73.74 -56.60 -46.38
C THR E 1742 73.16 -56.03 -47.66
N ARG E 1743 73.95 -56.00 -48.73
CA ARG E 1743 73.47 -55.45 -49.99
C ARG E 1743 72.69 -56.46 -50.78
N ALA E 1744 72.73 -57.72 -50.34
CA ALA E 1744 72.00 -58.73 -50.99
C ALA E 1744 71.35 -59.68 -49.98
N ILE E 1745 70.96 -59.17 -48.83
CA ILE E 1745 70.36 -60.01 -47.84
C ILE E 1745 69.00 -60.52 -48.24
N THR E 1746 68.29 -59.76 -49.09
CA THR E 1746 66.93 -60.11 -49.53
C THR E 1746 65.96 -60.42 -48.36
N LEU E 1747 64.83 -61.10 -48.65
CA LEU E 1747 63.87 -61.49 -47.63
C LEU E 1747 62.80 -62.56 -48.05
N PHE E 1748 61.76 -62.14 -48.74
CA PHE E 1748 60.51 -62.87 -48.74
C PHE E 1748 60.46 -64.23 -49.50
N PRO E 1749 59.96 -65.27 -48.83
CA PRO E 1749 59.16 -66.43 -49.39
C PRO E 1749 57.74 -66.01 -49.89
N PRO E 1750 57.12 -66.71 -50.89
CA PRO E 1750 55.77 -66.30 -51.37
C PRO E 1750 54.66 -66.52 -50.37
N GLY E 1761 57.32 -67.75 -44.35
CA GLY E 1761 58.03 -66.71 -43.66
C GLY E 1761 58.67 -67.11 -42.33
N LEU E 1762 59.94 -66.79 -42.09
CA LEU E 1762 60.71 -67.30 -40.92
C LEU E 1762 61.54 -66.16 -40.23
N PRO E 1763 61.84 -66.26 -38.91
CA PRO E 1763 62.40 -65.09 -38.21
C PRO E 1763 63.80 -65.12 -37.70
N GLY E 1764 64.25 -66.24 -37.18
CA GLY E 1764 65.47 -66.27 -36.39
C GLY E 1764 66.68 -66.62 -37.22
N VAL E 1765 66.79 -65.92 -38.33
CA VAL E 1765 67.88 -66.13 -39.23
C VAL E 1765 69.16 -65.58 -38.62
N GLY E 1766 70.27 -66.20 -38.94
CA GLY E 1766 71.55 -65.75 -38.39
C GLY E 1766 72.28 -64.75 -39.26
N VAL E 1767 71.61 -64.23 -40.29
CA VAL E 1767 72.25 -63.24 -41.15
C VAL E 1767 72.20 -61.88 -40.50
N THR E 1768 71.50 -60.93 -41.10
CA THR E 1768 71.04 -59.73 -40.41
C THR E 1768 72.13 -58.79 -39.99
N THR E 1769 72.77 -59.19 -38.92
CA THR E 1769 73.87 -58.48 -38.35
C THR E 1769 73.46 -57.16 -37.73
N SER E 1770 72.94 -56.23 -38.52
CA SER E 1770 72.90 -54.86 -38.07
C SER E 1770 74.31 -54.48 -37.63
N LEU E 1771 74.47 -54.09 -36.36
CA LEU E 1771 75.79 -53.92 -35.78
C LEU E 1771 75.84 -54.61 -34.44
N ARG E 1772 75.65 -53.81 -33.40
CA ARG E 1772 75.59 -54.26 -32.05
C ARG E 1772 76.86 -54.87 -31.50
N PRO E 1773 77.36 -54.24 -30.45
CA PRO E 1773 78.69 -54.57 -30.03
C PRO E 1773 78.70 -55.96 -29.40
N PRO E 1774 79.83 -56.68 -29.52
CA PRO E 1774 80.07 -57.83 -28.70
C PRO E 1774 80.38 -57.46 -27.30
N HIS E 1775 79.70 -58.18 -26.50
CA HIS E 1775 79.93 -58.26 -25.12
C HIS E 1775 81.17 -59.05 -24.78
N HIS E 1776 82.06 -58.34 -24.12
CA HIS E 1776 83.22 -58.94 -23.52
C HIS E 1776 82.91 -59.57 -22.16
N PHE E 1777 83.66 -60.61 -21.76
CA PHE E 1777 83.55 -61.19 -20.41
C PHE E 1777 84.86 -61.83 -19.91
N SER E 1778 85.65 -61.11 -19.13
CA SER E 1778 86.83 -61.72 -18.48
C SER E 1778 86.39 -62.55 -17.26
N PRO E 1779 86.89 -63.77 -17.14
CA PRO E 1779 86.51 -64.66 -16.03
C PRO E 1779 87.01 -64.17 -14.68
N PRO E 1780 86.25 -64.43 -13.64
CA PRO E 1780 86.56 -63.93 -12.29
C PRO E 1780 87.81 -64.53 -11.65
N CYS E 1781 88.95 -64.12 -12.15
CA CYS E 1781 90.19 -64.85 -11.73
C CYS E 1781 90.89 -64.21 -10.55
N PHE E 1782 90.79 -64.85 -9.39
CA PHE E 1782 91.14 -64.19 -8.16
C PHE E 1782 92.64 -64.05 -7.92
N VAL E 1783 93.27 -63.15 -8.66
CA VAL E 1783 94.73 -63.13 -8.85
C VAL E 1783 95.47 -61.74 -8.64
N ALA E 1784 94.96 -60.56 -9.10
CA ALA E 1784 95.61 -59.14 -8.81
C ALA E 1784 94.74 -57.82 -8.64
N LEU E 1798 86.64 -56.61 -15.00
CA LEU E 1798 85.19 -56.50 -14.95
C LEU E 1798 84.48 -57.44 -15.98
N SER E 1799 83.16 -57.58 -15.86
CA SER E 1799 82.33 -58.49 -16.69
C SER E 1799 82.75 -59.98 -16.59
N PRO E 1800 82.23 -60.70 -15.60
CA PRO E 1800 82.53 -62.12 -15.33
C PRO E 1800 82.11 -63.08 -16.43
N ALA E 1801 82.89 -64.12 -16.66
CA ALA E 1801 82.56 -65.10 -17.71
C ALA E 1801 81.53 -66.16 -17.32
N ILE E 1802 80.79 -66.66 -18.32
CA ILE E 1802 79.99 -67.87 -18.17
C ILE E 1802 80.04 -68.75 -19.40
N PRO E 1803 79.77 -70.06 -19.25
CA PRO E 1803 79.68 -70.97 -20.37
C PRO E 1803 78.63 -70.59 -21.32
N LEU E 1804 78.90 -70.79 -22.57
CA LEU E 1804 78.06 -70.22 -23.54
C LEU E 1804 77.10 -71.22 -24.06
N GLU E 1805 77.59 -71.95 -25.02
CA GLU E 1805 76.80 -72.88 -25.74
C GLU E 1805 76.32 -73.94 -24.80
N ALA E 1806 77.14 -74.30 -23.82
CA ALA E 1806 76.81 -75.31 -22.84
C ALA E 1806 75.53 -74.95 -22.16
N LEU E 1807 75.48 -73.68 -21.84
CA LEU E 1807 74.41 -73.20 -21.10
C LEU E 1807 73.12 -73.16 -21.87
N ARG E 1808 73.20 -72.78 -23.15
CA ARG E 1808 72.02 -72.72 -23.95
C ARG E 1808 71.49 -74.09 -24.18
N ASP E 1809 72.41 -75.04 -24.21
CA ASP E 1809 72.00 -76.39 -24.35
C ASP E 1809 71.26 -76.84 -23.12
N LYS E 1810 71.70 -76.34 -21.97
CA LYS E 1810 71.07 -76.68 -20.72
C LYS E 1810 69.71 -76.16 -20.64
N ALA E 1811 69.59 -74.90 -20.94
CA ALA E 1811 68.35 -74.30 -20.80
C ALA E 1811 67.41 -74.85 -21.81
N LEU E 1812 67.89 -75.10 -23.00
CA LEU E 1812 67.04 -75.62 -24.01
C LEU E 1812 66.55 -77.01 -23.58
N ARG E 1813 67.43 -77.74 -22.90
CA ARG E 1813 67.04 -79.03 -22.36
C ARG E 1813 65.94 -78.87 -21.34
N MET E 1814 66.03 -77.80 -20.58
CA MET E 1814 64.97 -77.46 -19.63
C MET E 1814 63.68 -77.08 -20.31
N LEU E 1815 63.79 -76.59 -21.50
CA LEU E 1815 62.62 -76.29 -22.23
C LEU E 1815 61.94 -77.46 -22.67
N GLY E 1816 62.70 -78.41 -23.15
CA GLY E 1816 62.10 -79.63 -23.60
C GLY E 1816 61.48 -80.39 -22.44
N GLU E 1817 62.18 -80.37 -21.32
CA GLU E 1817 61.65 -80.93 -20.10
C GLU E 1817 60.41 -80.19 -19.63
N ALA E 1818 60.37 -78.89 -19.85
CA ALA E 1818 59.21 -78.10 -19.54
C ALA E 1818 58.00 -78.43 -20.44
N VAL E 1819 58.27 -78.71 -21.69
CA VAL E 1819 57.21 -78.89 -22.68
C VAL E 1819 56.65 -80.30 -22.69
N ARG E 1820 57.51 -81.30 -22.53
CA ARG E 1820 57.00 -82.64 -22.72
C ARG E 1820 56.10 -83.04 -21.56
N ASP E 1821 56.32 -82.47 -20.38
CA ASP E 1821 55.40 -82.74 -19.28
C ASP E 1821 54.38 -81.62 -19.11
N GLY E 1822 54.68 -80.41 -19.57
CA GLY E 1822 53.77 -79.28 -19.44
C GLY E 1822 52.56 -79.37 -20.32
N GLY E 1823 52.74 -80.03 -21.46
CA GLY E 1823 51.62 -80.29 -22.39
C GLY E 1823 50.69 -81.38 -21.85
N GLN E 1824 51.29 -82.38 -21.20
CA GLN E 1824 50.54 -83.45 -20.58
C GLN E 1824 49.78 -82.89 -19.38
N HIS E 1825 50.35 -81.84 -18.81
CA HIS E 1825 49.87 -81.21 -17.61
C HIS E 1825 49.65 -82.19 -16.48
N ALA E 1826 50.56 -83.14 -16.36
CA ALA E 1826 50.63 -83.90 -15.13
C ALA E 1826 51.03 -82.94 -14.05
N ARG E 1827 50.42 -83.07 -12.87
CA ARG E 1827 50.86 -82.27 -11.78
C ARG E 1827 52.05 -82.92 -11.12
N ASP E 1828 53.22 -82.65 -11.64
CA ASP E 1828 54.40 -83.25 -11.08
C ASP E 1828 54.65 -82.81 -9.62
N PRO E 1829 54.25 -81.55 -9.35
CA PRO E 1829 54.68 -80.32 -9.97
C PRO E 1829 56.13 -80.22 -10.34
N VAL E 1830 56.41 -79.63 -11.48
CA VAL E 1830 57.78 -79.57 -11.94
C VAL E 1830 58.53 -78.56 -11.07
N GLY E 1831 57.83 -77.72 -10.33
CA GLY E 1831 58.45 -76.85 -9.32
C GLY E 1831 57.59 -75.60 -9.03
N GLY E 1832 57.27 -75.43 -7.75
CA GLY E 1832 56.41 -74.34 -7.32
C GLY E 1832 55.00 -74.35 -7.91
N SER E 1833 54.41 -75.53 -7.99
CA SER E 1833 53.14 -75.76 -8.70
C SER E 1833 53.31 -75.48 -10.16
N VAL E 1834 54.06 -76.38 -10.78
CA VAL E 1834 54.27 -76.43 -12.24
C VAL E 1834 54.71 -75.10 -12.83
N GLU E 1835 53.79 -74.15 -12.85
CA GLU E 1835 53.98 -73.03 -13.63
C GLU E 1835 55.07 -72.14 -13.07
N PHE E 1836 55.26 -72.16 -11.77
CA PHE E 1836 56.18 -71.26 -11.19
C PHE E 1836 57.59 -71.69 -11.61
N GLN E 1837 57.74 -72.98 -11.95
CA GLN E 1837 59.00 -73.53 -12.42
C GLN E 1837 59.40 -72.94 -13.74
N PHE E 1838 58.42 -72.56 -14.56
CA PHE E 1838 58.73 -72.16 -15.92
C PHE E 1838 59.39 -70.87 -16.01
N VAL E 1839 58.91 -69.97 -15.18
CA VAL E 1839 59.21 -68.60 -15.33
C VAL E 1839 60.66 -68.28 -15.45
N PRO E 1840 61.40 -68.65 -14.46
CA PRO E 1840 62.79 -68.28 -14.52
C PRO E 1840 63.56 -68.81 -15.74
N VAL E 1841 63.17 -69.97 -16.21
CA VAL E 1841 63.93 -70.59 -17.28
C VAL E 1841 63.62 -69.96 -18.58
N LEU E 1842 62.36 -69.66 -18.79
CA LEU E 1842 62.02 -69.02 -20.01
C LEU E 1842 62.55 -67.65 -20.02
N LYS E 1843 62.75 -67.11 -18.82
CA LYS E 1843 63.43 -65.86 -18.65
C LYS E 1843 64.85 -65.95 -19.15
N LEU E 1844 65.53 -67.00 -18.74
CA LEU E 1844 66.91 -67.16 -19.13
C LEU E 1844 67.02 -67.29 -20.59
N VAL E 1845 66.09 -68.03 -21.16
CA VAL E 1845 66.09 -68.25 -22.55
C VAL E 1845 65.87 -67.04 -23.29
N SER E 1846 65.04 -66.22 -22.70
CA SER E 1846 64.65 -65.07 -23.37
C SER E 1846 65.77 -64.05 -23.45
N THR E 1847 66.40 -63.85 -22.33
CA THR E 1847 67.43 -62.90 -22.29
C THR E 1847 68.64 -63.39 -23.00
N LEU E 1848 68.93 -64.65 -22.81
CA LEU E 1848 70.06 -65.22 -23.46
C LEU E 1848 69.88 -65.17 -24.97
N LEU E 1849 68.64 -65.29 -25.38
CA LEU E 1849 68.30 -65.04 -26.75
C LEU E 1849 68.49 -63.63 -27.18
N VAL E 1850 68.26 -62.75 -26.28
CA VAL E 1850 68.41 -61.42 -26.60
C VAL E 1850 69.87 -61.07 -26.82
N MET E 1851 70.75 -61.74 -26.12
CA MET E 1851 72.12 -61.25 -26.08
C MET E 1851 72.95 -61.64 -27.25
N GLY E 1852 72.36 -62.41 -28.15
CA GLY E 1852 73.01 -62.83 -29.33
C GLY E 1852 73.45 -64.26 -29.33
N ILE E 1853 73.46 -64.91 -28.17
CA ILE E 1853 73.59 -66.37 -28.15
C ILE E 1853 72.26 -66.89 -28.56
N PHE E 1854 72.28 -68.09 -29.13
CA PHE E 1854 71.25 -68.57 -30.02
C PHE E 1854 71.34 -67.93 -31.39
N GLY E 1855 71.10 -68.82 -32.33
CA GLY E 1855 69.78 -69.56 -32.42
C GLY E 1855 70.39 -70.96 -32.33
N ASP E 1856 70.21 -71.63 -33.43
CA ASP E 1856 70.36 -71.13 -34.79
C ASP E 1856 69.09 -71.58 -35.53
N GLU E 1857 68.95 -72.88 -35.84
CA GLU E 1857 68.84 -74.06 -34.89
C GLU E 1857 67.99 -73.97 -33.64
N ASP E 1858 68.54 -73.63 -32.49
CA ASP E 1858 67.78 -73.77 -31.27
C ASP E 1858 66.56 -72.86 -31.13
N VAL E 1859 66.68 -71.64 -31.59
CA VAL E 1859 65.54 -70.83 -31.62
C VAL E 1859 64.54 -71.36 -32.61
N LYS E 1860 65.06 -71.99 -33.68
CA LYS E 1860 64.24 -72.67 -34.61
C LYS E 1860 63.55 -73.83 -33.90
N GLN E 1861 64.24 -74.43 -32.94
CA GLN E 1861 63.64 -75.46 -32.15
C GLN E 1861 62.49 -74.93 -31.33
N ILE E 1862 62.60 -73.69 -30.93
CA ILE E 1862 61.55 -73.07 -30.18
C ILE E 1862 60.35 -72.76 -31.00
N LEU E 1863 60.61 -72.22 -32.16
CA LEU E 1863 59.53 -71.84 -33.05
C LEU E 1863 58.79 -73.07 -33.58
N LYS E 1864 59.54 -74.17 -33.85
CA LYS E 1864 58.91 -75.48 -34.23
C LYS E 1864 58.13 -76.00 -32.99
N MET E 1865 58.70 -75.69 -31.80
CA MET E 1865 58.11 -76.07 -30.53
C MET E 1865 56.77 -75.45 -30.30
N ILE E 1866 56.57 -74.23 -30.77
CA ILE E 1866 55.40 -73.49 -30.39
C ILE E 1866 54.27 -73.44 -31.51
N GLU E 1867 54.58 -73.24 -32.81
CA GLU E 1867 53.50 -73.06 -33.88
C GLU E 1867 52.51 -74.23 -34.01
N PRO E 1868 53.09 -75.45 -33.88
CA PRO E 1868 54.03 -76.05 -34.80
C PRO E 1868 53.78 -75.87 -36.33
N GLU E 1869 54.90 -75.67 -37.06
CA GLU E 1869 54.99 -75.55 -38.53
C GLU E 1869 56.46 -75.43 -39.04
N GLY E 1925 52.68 -79.16 -29.27
CA GLY E 1925 53.02 -77.72 -29.23
C GLY E 1925 53.22 -77.10 -27.82
N LEU E 1926 53.54 -75.79 -27.64
CA LEU E 1926 53.77 -75.12 -26.27
C LEU E 1926 52.92 -73.88 -26.08
N LEU E 1927 53.02 -73.00 -27.06
CA LEU E 1927 52.30 -71.78 -27.00
C LEU E 1927 50.82 -72.00 -26.93
N GLN E 1928 50.38 -73.05 -27.60
CA GLN E 1928 48.97 -73.34 -27.73
C GLN E 1928 48.48 -73.82 -26.36
N MET E 1929 49.38 -74.38 -25.56
CA MET E 1929 49.01 -75.04 -24.31
C MET E 1929 48.72 -74.00 -23.29
N LYS E 1930 47.69 -74.26 -22.50
CA LYS E 1930 47.29 -73.30 -21.50
C LYS E 1930 48.19 -73.43 -20.32
N LEU E 1931 48.55 -72.25 -19.85
CA LEU E 1931 49.24 -72.06 -18.64
C LEU E 1931 48.80 -70.73 -18.02
N PRO E 1932 49.01 -70.65 -16.73
CA PRO E 1932 48.76 -69.42 -16.01
C PRO E 1932 49.72 -68.32 -16.25
N GLU E 1933 49.24 -67.18 -15.91
CA GLU E 1933 49.52 -65.96 -16.56
C GLU E 1933 50.92 -65.51 -16.50
N SER E 1934 51.49 -65.84 -15.40
CA SER E 1934 52.72 -65.23 -15.13
C SER E 1934 53.74 -65.73 -16.13
N VAL E 1935 53.56 -66.93 -16.62
CA VAL E 1935 54.32 -67.44 -17.78
C VAL E 1935 53.98 -66.70 -18.99
N LYS E 1936 52.73 -66.28 -19.09
CA LYS E 1936 52.29 -65.67 -20.27
C LYS E 1936 53.14 -64.46 -20.53
N LEU E 1937 53.57 -63.83 -19.47
CA LEU E 1937 54.38 -62.69 -19.57
C LEU E 1937 55.69 -62.92 -20.24
N GLN E 1938 56.32 -63.91 -19.74
CA GLN E 1938 57.60 -64.16 -20.21
C GLN E 1938 57.56 -64.62 -21.63
N MET E 1939 56.51 -65.33 -21.93
CA MET E 1939 56.37 -65.97 -23.21
C MET E 1939 56.12 -64.93 -24.27
N CYS E 1940 55.29 -63.98 -23.94
CA CYS E 1940 55.04 -62.96 -24.89
C CYS E 1940 56.25 -62.14 -25.08
N ASN E 1941 57.06 -62.01 -24.04
CA ASN E 1941 58.29 -61.32 -24.21
C ASN E 1941 59.19 -62.12 -25.17
N LEU E 1942 59.18 -63.41 -25.03
CA LEU E 1942 59.97 -64.22 -25.89
C LEU E 1942 59.57 -64.06 -27.35
N LEU E 1943 58.30 -63.83 -27.51
CA LEU E 1943 57.77 -63.53 -28.76
C LEU E 1943 58.16 -62.11 -29.28
N GLU E 1944 58.33 -61.18 -28.36
CA GLU E 1944 58.65 -59.83 -28.77
C GLU E 1944 60.00 -59.87 -29.41
N TYR E 1945 60.82 -60.81 -28.98
CA TYR E 1945 62.08 -60.91 -29.66
C TYR E 1945 61.88 -61.25 -31.10
N PHE E 1946 60.86 -62.05 -31.36
CA PHE E 1946 60.62 -62.44 -32.73
C PHE E 1946 60.17 -61.35 -33.57
N CYS E 1947 59.16 -60.65 -33.09
CA CYS E 1947 58.67 -59.56 -33.88
C CYS E 1947 59.75 -58.50 -34.11
N ASP E 1948 60.56 -58.30 -33.10
CA ASP E 1948 61.63 -57.36 -33.21
C ASP E 1948 62.65 -57.75 -34.27
N GLN E 1949 62.89 -59.02 -34.33
CA GLN E 1949 63.76 -59.51 -35.34
C GLN E 1949 63.16 -59.34 -36.73
N GLU E 1950 61.84 -59.46 -36.83
CA GLU E 1950 61.20 -59.32 -38.12
C GLU E 1950 61.31 -57.91 -38.61
N LEU E 1951 61.18 -57.01 -37.67
CA LEU E 1951 61.35 -55.65 -37.99
C LEU E 1951 62.75 -55.32 -38.39
N GLN E 1952 63.69 -55.97 -37.73
CA GLN E 1952 65.05 -55.78 -38.05
C GLN E 1952 65.36 -56.24 -39.48
N HIS E 1953 64.95 -57.46 -39.80
CA HIS E 1953 65.23 -58.06 -41.07
C HIS E 1953 64.56 -57.33 -42.18
N ARG E 1954 63.44 -56.74 -41.83
CA ARG E 1954 62.73 -55.93 -42.75
C ARG E 1954 63.50 -54.64 -43.07
N VAL E 1955 64.07 -54.03 -42.05
CA VAL E 1955 64.84 -52.83 -42.29
C VAL E 1955 65.99 -53.12 -43.17
N GLU E 1956 66.51 -54.29 -42.93
CA GLU E 1956 67.67 -54.68 -43.58
C GLU E 1956 67.46 -54.96 -45.07
N SER E 1957 66.37 -55.70 -45.36
CA SER E 1957 66.02 -55.96 -46.74
C SER E 1957 65.72 -54.65 -47.44
N LEU E 1958 65.18 -53.70 -46.69
CA LEU E 1958 64.92 -52.38 -47.21
C LEU E 1958 66.19 -51.72 -47.64
N ALA E 1959 67.22 -51.92 -46.85
CA ALA E 1959 68.51 -51.36 -47.16
C ALA E 1959 69.19 -52.00 -48.39
N ALA E 1960 69.00 -53.30 -48.52
CA ALA E 1960 69.57 -54.01 -49.69
C ALA E 1960 68.84 -53.50 -50.93
N PHE E 1961 67.54 -53.23 -50.76
CA PHE E 1961 66.68 -52.67 -51.81
C PHE E 1961 67.20 -51.28 -52.14
N ALA E 1962 67.77 -50.60 -51.15
CA ALA E 1962 68.36 -49.31 -51.38
C ALA E 1962 69.57 -49.38 -52.22
N GLU E 1963 70.52 -50.17 -51.76
CA GLU E 1963 71.78 -50.27 -52.45
C GLU E 1963 71.55 -50.80 -53.87
N ARG E 1964 70.58 -51.68 -54.04
CA ARG E 1964 70.25 -52.16 -55.38
C ARG E 1964 69.61 -51.06 -56.23
N TYR E 1965 68.81 -50.22 -55.64
CA TYR E 1965 68.22 -49.14 -56.40
C TYR E 1965 69.20 -48.01 -56.82
N VAL E 1966 70.22 -47.73 -56.03
CA VAL E 1966 71.00 -46.49 -56.26
C VAL E 1966 71.76 -46.49 -57.60
N ASP E 1967 72.08 -47.69 -58.10
CA ASP E 1967 72.88 -47.85 -59.30
C ASP E 1967 72.37 -47.08 -60.54
N LYS E 1968 71.17 -47.43 -60.92
CA LYS E 1968 70.58 -46.82 -62.12
C LYS E 1968 70.28 -45.35 -61.87
N LEU E 1969 70.07 -45.00 -60.59
CA LEU E 1969 69.93 -43.59 -60.22
C LEU E 1969 71.19 -42.79 -60.51
N GLN E 1970 72.35 -43.38 -60.24
CA GLN E 1970 73.55 -42.67 -60.54
C GLN E 1970 73.79 -42.66 -62.08
N ALA E 1971 73.24 -43.66 -62.76
CA ALA E 1971 73.35 -43.73 -64.23
C ALA E 1971 72.62 -42.56 -64.91
N ASN E 1972 71.36 -42.40 -64.51
CA ASN E 1972 70.56 -41.28 -65.04
C ASN E 1972 71.16 -39.97 -64.53
N GLN E 1973 71.74 -40.01 -63.31
CA GLN E 1973 72.38 -38.81 -62.62
C GLN E 1973 73.54 -38.26 -63.51
N ARG E 1974 74.33 -39.18 -64.09
CA ARG E 1974 75.44 -38.77 -64.97
C ARG E 1974 74.97 -38.62 -66.47
N SER E 1975 73.73 -39.06 -66.77
CA SER E 1975 73.16 -39.05 -68.17
C SER E 1975 72.84 -37.62 -68.73
N ARG E 1976 72.85 -36.67 -67.78
CA ARG E 1976 72.38 -35.27 -67.98
C ARG E 1976 72.72 -34.64 -69.29
N THR E 2057 62.99 -40.82 -64.93
CA THR E 2057 61.92 -41.06 -64.04
C THR E 2057 61.04 -42.30 -64.47
N SER E 2058 60.98 -42.68 -65.76
CA SER E 2058 59.97 -43.71 -66.25
C SER E 2058 60.10 -45.14 -65.73
N LEU E 2059 61.34 -45.47 -65.39
CA LEU E 2059 61.73 -46.76 -64.89
C LEU E 2059 60.94 -47.12 -63.59
N SER E 2060 60.55 -46.06 -62.83
CA SER E 2060 60.15 -46.14 -61.39
C SER E 2060 59.11 -47.20 -61.12
N SER E 2061 58.29 -47.45 -62.14
CA SER E 2061 57.25 -48.47 -62.13
C SER E 2061 57.73 -49.84 -61.64
N ARG E 2062 58.94 -50.26 -62.01
CA ARG E 2062 59.41 -51.58 -61.57
C ARG E 2062 59.50 -51.72 -60.05
N LEU E 2063 59.87 -50.65 -59.37
CA LEU E 2063 60.04 -50.73 -57.92
C LEU E 2063 58.67 -50.91 -57.30
N ARG E 2064 57.61 -50.44 -58.00
CA ARG E 2064 56.20 -50.59 -57.55
C ARG E 2064 55.89 -52.08 -57.37
N SER E 2065 56.49 -52.87 -58.25
CA SER E 2065 56.32 -54.30 -58.23
C SER E 2065 56.85 -54.87 -56.92
N LEU E 2066 57.91 -54.26 -56.36
CA LEU E 2066 58.47 -54.73 -55.10
C LEU E 2066 58.08 -53.92 -53.91
N LEU E 2067 57.49 -52.77 -54.19
CA LEU E 2067 57.09 -51.86 -53.14
C LEU E 2067 55.92 -52.43 -52.28
N GLU E 2068 54.93 -53.03 -52.91
CA GLU E 2068 53.75 -53.50 -52.13
C GLU E 2068 54.12 -54.72 -51.32
N THR E 2069 55.10 -55.44 -51.79
CA THR E 2069 55.46 -56.71 -51.16
C THR E 2069 56.06 -56.57 -49.75
N VAL E 2070 56.55 -55.36 -49.52
CA VAL E 2070 57.27 -55.02 -48.35
C VAL E 2070 56.38 -55.16 -47.08
N ARG E 2071 55.05 -55.06 -47.26
CA ARG E 2071 54.09 -54.89 -46.15
C ARG E 2071 54.13 -55.95 -45.14
N LEU E 2072 54.34 -57.18 -45.58
CA LEU E 2072 54.22 -58.26 -44.66
C LEU E 2072 55.24 -59.32 -45.04
N SER E 2093 50.82 -69.76 -41.05
CA SER E 2093 50.37 -68.97 -39.92
C SER E 2093 51.63 -68.54 -39.05
N LEU E 2094 51.71 -67.28 -38.55
CA LEU E 2094 52.88 -66.72 -37.68
C LEU E 2094 52.53 -65.52 -36.73
N GLN E 2095 52.39 -64.37 -37.34
CA GLN E 2095 51.93 -63.21 -36.69
C GLN E 2095 50.43 -63.45 -36.31
N GLU E 2096 49.70 -64.19 -37.14
CA GLU E 2096 48.25 -64.41 -36.94
C GLU E 2096 47.96 -65.20 -35.65
N LEU E 2097 48.68 -66.29 -35.45
CA LEU E 2097 48.47 -67.13 -34.26
C LEU E 2097 48.92 -66.43 -33.02
N VAL E 2098 49.82 -65.48 -33.20
CA VAL E 2098 50.19 -64.67 -32.12
C VAL E 2098 49.03 -63.78 -31.73
N SER E 2099 48.47 -63.06 -32.68
CA SER E 2099 47.38 -62.20 -32.35
C SER E 2099 46.22 -62.97 -31.72
N HIS E 2100 45.97 -64.11 -32.30
CA HIS E 2100 44.86 -64.91 -31.91
C HIS E 2100 45.07 -65.47 -30.52
N MET E 2101 46.25 -65.98 -30.27
CA MET E 2101 46.53 -66.53 -28.97
C MET E 2101 46.49 -65.44 -27.90
N VAL E 2102 46.88 -64.22 -28.26
CA VAL E 2102 46.71 -63.12 -27.36
C VAL E 2102 45.27 -62.93 -27.02
N VAL E 2103 44.45 -63.06 -28.05
CA VAL E 2103 43.08 -62.87 -27.81
C VAL E 2103 42.52 -63.94 -26.90
N ARG E 2104 43.06 -65.12 -27.04
CA ARG E 2104 42.67 -66.20 -26.19
C ARG E 2104 43.07 -65.92 -24.78
N TRP E 2105 44.22 -65.27 -24.60
CA TRP E 2105 44.63 -64.91 -23.25
C TRP E 2105 43.70 -63.93 -22.61
N ALA E 2106 43.19 -63.07 -23.45
CA ALA E 2106 42.37 -62.02 -22.98
C ALA E 2106 40.94 -62.37 -22.90
N GLN E 2107 40.62 -63.54 -23.40
CA GLN E 2107 39.26 -63.94 -23.49
C GLN E 2107 38.88 -64.63 -22.23
N GLU E 2108 39.50 -65.77 -21.99
CA GLU E 2108 39.14 -66.59 -20.92
C GLU E 2108 39.80 -66.20 -19.63
N ASP E 2109 39.61 -64.93 -19.17
CA ASP E 2109 40.23 -64.63 -17.95
C ASP E 2109 39.83 -63.46 -17.12
N TYR E 2110 39.64 -62.31 -17.69
CA TYR E 2110 39.70 -61.07 -16.86
C TYR E 2110 41.03 -61.01 -16.16
N VAL E 2111 42.07 -60.90 -16.94
CA VAL E 2111 43.38 -60.93 -16.40
C VAL E 2111 43.57 -59.61 -15.66
N GLN E 2112 44.44 -59.69 -14.68
CA GLN E 2112 44.93 -58.52 -14.12
C GLN E 2112 46.40 -58.36 -14.41
N SER E 2113 47.12 -57.68 -13.52
CA SER E 2113 48.54 -57.41 -13.67
C SER E 2113 48.73 -56.60 -14.86
N PRO E 2114 48.57 -55.30 -14.68
CA PRO E 2114 48.49 -54.33 -15.77
C PRO E 2114 49.70 -54.31 -16.68
N GLU E 2115 50.81 -54.62 -16.08
CA GLU E 2115 52.06 -54.72 -16.70
C GLU E 2115 52.07 -55.82 -17.75
N LEU E 2116 51.36 -56.89 -17.43
CA LEU E 2116 51.30 -58.03 -18.26
C LEU E 2116 50.53 -57.70 -19.47
N VAL E 2117 49.44 -57.11 -19.20
CA VAL E 2117 48.55 -56.79 -20.21
C VAL E 2117 49.12 -55.76 -21.12
N ARG E 2118 49.89 -54.88 -20.54
CA ARG E 2118 50.51 -53.85 -21.26
C ARG E 2118 51.45 -54.42 -22.30
N ALA E 2119 52.11 -55.45 -21.88
CA ALA E 2119 52.95 -56.08 -22.81
C ALA E 2119 52.15 -56.76 -23.89
N MET E 2120 51.01 -57.25 -23.49
CA MET E 2120 50.22 -58.00 -24.33
C MET E 2120 49.78 -57.27 -25.52
N PHE E 2121 49.15 -56.19 -25.23
CA PHE E 2121 48.63 -55.42 -26.28
C PHE E 2121 49.71 -54.64 -26.99
N SER E 2122 50.83 -54.46 -26.32
CA SER E 2122 51.94 -53.89 -26.99
C SER E 2122 52.27 -54.79 -28.17
N LEU E 2123 52.36 -56.05 -27.86
CA LEU E 2123 52.66 -57.01 -28.85
C LEU E 2123 51.66 -57.15 -29.89
N LEU E 2124 50.45 -57.00 -29.47
CA LEU E 2124 49.40 -57.13 -30.36
C LEU E 2124 49.41 -56.01 -31.37
N HIS E 2125 49.64 -54.82 -30.87
CA HIS E 2125 49.74 -53.70 -31.74
C HIS E 2125 50.93 -53.89 -32.64
N ARG E 2126 52.00 -54.50 -32.13
CA ARG E 2126 53.17 -54.79 -32.94
C ARG E 2126 52.80 -55.74 -34.02
N GLN E 2127 51.75 -56.49 -33.80
CA GLN E 2127 51.29 -57.37 -34.82
C GLN E 2127 50.43 -56.63 -35.87
N TYR E 2128 49.48 -55.81 -35.44
CA TYR E 2128 48.52 -55.22 -36.38
C TYR E 2128 48.91 -54.03 -37.23
N ASP E 2129 50.02 -53.41 -36.91
CA ASP E 2129 50.48 -52.34 -37.79
C ASP E 2129 51.98 -52.28 -37.91
N GLY E 2130 52.55 -53.29 -38.54
CA GLY E 2130 53.98 -53.37 -38.64
C GLY E 2130 54.54 -52.40 -39.64
N LEU E 2131 53.63 -51.81 -40.37
CA LEU E 2131 53.87 -50.80 -41.32
C LEU E 2131 54.30 -49.53 -40.64
N GLY E 2132 53.43 -49.10 -39.75
CA GLY E 2132 53.67 -47.89 -39.03
C GLY E 2132 54.67 -48.08 -37.95
N GLU E 2133 54.71 -49.30 -37.43
CA GLU E 2133 55.72 -49.63 -36.51
C GLU E 2133 57.06 -49.52 -37.20
N LEU E 2134 57.09 -49.92 -38.46
CA LEU E 2134 58.27 -49.75 -39.25
C LEU E 2134 58.60 -48.31 -39.40
N LEU E 2135 57.58 -47.53 -39.45
CA LEU E 2135 57.82 -46.16 -39.66
C LEU E 2135 58.43 -45.47 -38.49
N ARG E 2136 57.88 -45.70 -37.34
CA ARG E 2136 58.50 -45.21 -36.15
C ARG E 2136 59.83 -45.85 -35.91
N ALA E 2137 60.00 -47.05 -36.40
CA ALA E 2137 61.28 -47.68 -36.38
C ALA E 2137 62.38 -47.08 -37.26
N LEU E 2138 61.99 -46.42 -38.32
CA LEU E 2138 63.00 -46.00 -39.28
C LEU E 2138 64.03 -45.05 -38.82
N PRO E 2139 63.66 -44.05 -38.05
CA PRO E 2139 64.60 -43.03 -37.78
C PRO E 2139 65.84 -43.43 -37.12
N ARG E 2140 65.72 -44.35 -36.21
CA ARG E 2140 66.83 -44.84 -35.53
C ARG E 2140 67.65 -45.79 -36.44
N ALA E 2141 67.04 -46.38 -37.47
CA ALA E 2141 67.80 -47.09 -38.48
C ALA E 2141 68.71 -46.18 -39.30
N TYR E 2142 69.89 -46.66 -39.70
CA TYR E 2142 70.87 -45.84 -40.43
C TYR E 2142 71.95 -46.69 -41.07
N THR E 2143 72.17 -46.50 -42.36
CA THR E 2143 73.24 -47.19 -43.04
C THR E 2143 74.61 -46.62 -42.74
N ILE E 2144 75.63 -47.48 -42.79
CA ILE E 2144 77.00 -47.01 -42.58
C ILE E 2144 77.96 -47.69 -43.53
N SER E 2145 79.01 -46.96 -43.88
CA SER E 2145 80.03 -47.51 -44.75
C SER E 2145 80.78 -48.67 -44.09
N PRO E 2146 80.99 -49.75 -44.86
CA PRO E 2146 81.70 -50.91 -44.38
C PRO E 2146 83.14 -50.62 -43.90
N SER E 2147 83.82 -49.63 -44.46
CA SER E 2147 85.19 -49.33 -44.01
C SER E 2147 85.24 -48.83 -42.60
N SER E 2148 84.20 -48.11 -42.22
CA SER E 2148 84.18 -47.37 -40.99
C SER E 2148 83.61 -48.11 -39.82
N VAL E 2149 83.24 -49.34 -40.04
CA VAL E 2149 82.46 -50.07 -39.10
C VAL E 2149 83.07 -50.29 -37.74
N GLU E 2150 84.37 -50.33 -37.71
CA GLU E 2150 85.06 -50.72 -36.53
C GLU E 2150 84.92 -49.66 -35.43
N ASP E 2151 85.22 -48.44 -35.85
CA ASP E 2151 85.19 -47.30 -34.97
C ASP E 2151 83.75 -47.09 -34.49
N THR E 2152 82.81 -47.33 -35.39
CA THR E 2152 81.40 -47.16 -35.07
C THR E 2152 80.96 -48.07 -34.05
N MET E 2153 81.36 -49.31 -34.19
CA MET E 2153 80.94 -50.30 -33.25
C MET E 2153 81.50 -50.04 -31.88
N SER E 2154 82.76 -49.59 -31.86
CA SER E 2154 83.35 -49.29 -30.58
C SER E 2154 82.59 -48.12 -29.95
N LEU E 2155 82.17 -47.19 -30.78
CA LEU E 2155 81.42 -46.06 -30.31
C LEU E 2155 80.11 -46.42 -29.79
N LEU E 2156 79.58 -47.48 -30.34
CA LEU E 2156 78.37 -47.99 -29.83
C LEU E 2156 78.54 -48.63 -28.50
N GLU E 2157 79.68 -49.24 -28.30
CA GLU E 2157 79.93 -49.88 -27.04
C GLU E 2157 80.14 -48.78 -25.98
N CYS E 2158 80.89 -47.74 -26.29
CA CYS E 2158 81.01 -46.64 -25.37
C CYS E 2158 79.71 -45.89 -25.12
N LEU E 2159 78.91 -45.82 -26.15
CA LEU E 2159 77.63 -45.26 -25.97
C LEU E 2159 76.82 -46.16 -25.06
N GLY E 2160 77.11 -47.44 -25.09
CA GLY E 2160 76.41 -48.34 -24.24
C GLY E 2160 76.92 -48.27 -22.86
N GLN E 2161 78.11 -47.72 -22.76
CA GLN E 2161 78.66 -47.49 -21.48
C GLN E 2161 77.99 -46.31 -20.85
N ILE E 2162 77.80 -45.26 -21.64
CA ILE E 2162 77.11 -44.16 -21.10
C ILE E 2162 75.65 -44.46 -20.81
N ARG E 2163 75.08 -45.31 -21.62
CA ARG E 2163 73.80 -45.71 -21.28
C ARG E 2163 73.79 -46.61 -20.06
N SER E 2164 74.87 -47.28 -19.80
CA SER E 2164 74.98 -47.96 -18.53
C SER E 2164 74.99 -46.97 -17.38
N LEU E 2165 75.53 -45.80 -17.69
CA LEU E 2165 75.59 -44.77 -16.70
C LEU E 2165 74.34 -44.02 -16.61
N LEU E 2166 73.40 -44.34 -17.45
CA LEU E 2166 72.13 -43.76 -17.36
C LEU E 2166 71.51 -44.03 -16.04
N ILE E 2167 71.89 -45.14 -15.46
CA ILE E 2167 71.35 -45.51 -14.22
C ILE E 2167 72.48 -45.49 -13.18
N VAL E 2168 72.62 -44.34 -12.51
CA VAL E 2168 73.58 -44.16 -11.41
C VAL E 2168 73.12 -43.38 -10.15
N GLN E 2173 84.39 -42.62 -9.61
CA GLN E 2173 83.32 -43.54 -9.77
C GLN E 2173 82.22 -42.92 -10.64
N GLU E 2174 81.25 -42.19 -10.07
CA GLU E 2174 80.25 -41.38 -10.82
C GLU E 2174 80.98 -40.42 -11.72
N GLU E 2175 82.05 -39.89 -11.12
CA GLU E 2175 82.71 -38.68 -11.63
C GLU E 2175 83.85 -38.99 -12.69
N ASN E 2176 84.10 -40.25 -13.07
CA ASN E 2176 85.22 -40.52 -14.00
C ASN E 2176 84.93 -41.30 -15.23
N LEU E 2177 84.14 -42.34 -15.06
CA LEU E 2177 83.82 -43.19 -16.17
C LEU E 2177 83.17 -42.46 -17.27
N MET E 2178 82.35 -41.53 -16.86
CA MET E 2178 81.61 -40.80 -17.79
C MET E 2178 82.53 -39.96 -18.66
N ILE E 2179 83.54 -39.45 -18.01
CA ILE E 2179 84.52 -38.68 -18.68
C ILE E 2179 85.35 -39.59 -19.59
N GLN E 2180 85.54 -40.83 -19.19
CA GLN E 2180 86.22 -41.81 -20.05
C GLN E 2180 85.51 -41.95 -21.35
N SER E 2181 84.19 -41.96 -21.23
CA SER E 2181 83.31 -41.99 -22.39
C SER E 2181 83.48 -40.79 -23.23
N ILE E 2182 83.66 -39.70 -22.53
CA ILE E 2182 83.68 -38.48 -23.20
C ILE E 2182 84.87 -38.42 -24.11
N GLY E 2183 86.02 -38.74 -23.52
CA GLY E 2183 87.28 -38.71 -24.22
C GLY E 2183 87.33 -39.72 -25.35
N ASN E 2184 86.75 -40.86 -25.04
CA ASN E 2184 86.70 -41.89 -26.00
C ASN E 2184 85.87 -41.48 -27.24
N ILE E 2185 84.83 -40.71 -27.02
CA ILE E 2185 83.99 -40.29 -28.11
C ILE E 2185 84.57 -39.17 -28.92
N MET E 2186 85.31 -38.31 -28.26
CA MET E 2186 86.02 -37.28 -28.97
C MET E 2186 87.11 -37.84 -29.86
N ASN E 2187 87.68 -38.96 -29.42
CA ASN E 2187 88.71 -39.62 -30.20
C ASN E 2187 88.23 -40.16 -31.52
N ASN E 2188 86.96 -40.51 -31.55
CA ASN E 2188 86.40 -41.09 -32.71
C ASN E 2188 86.33 -40.12 -33.87
N LYS E 2189 86.65 -40.65 -35.04
CA LYS E 2189 86.56 -39.91 -36.29
C LYS E 2189 85.17 -40.02 -36.87
N VAL E 2190 84.36 -40.92 -36.35
CA VAL E 2190 83.02 -41.09 -36.86
C VAL E 2190 82.16 -39.88 -36.51
N PHE E 2191 82.54 -39.23 -35.44
CA PHE E 2191 81.84 -38.12 -34.92
C PHE E 2191 81.84 -36.95 -35.94
N TYR E 2192 82.88 -36.86 -36.77
CA TYR E 2192 82.83 -35.96 -37.89
C TYR E 2192 82.10 -36.67 -39.08
N GLN E 2193 82.44 -37.92 -39.32
CA GLN E 2193 82.14 -38.60 -40.56
C GLN E 2193 80.69 -38.88 -40.77
N HIS E 2194 79.97 -39.11 -39.69
CA HIS E 2194 78.55 -39.39 -39.79
C HIS E 2194 77.71 -38.61 -38.80
N PRO E 2195 77.52 -37.33 -39.05
CA PRO E 2195 76.76 -36.51 -38.12
C PRO E 2195 75.32 -36.95 -37.98
N ASN E 2196 74.75 -37.45 -39.05
CA ASN E 2196 73.39 -37.87 -39.05
C ASN E 2196 73.22 -39.06 -38.14
N LEU E 2197 74.25 -39.87 -38.04
CA LEU E 2197 74.20 -40.98 -37.14
C LEU E 2197 74.19 -40.46 -35.73
N MET E 2198 75.00 -39.46 -35.47
CA MET E 2198 75.16 -38.99 -34.13
C MET E 2198 73.91 -38.30 -33.65
N ARG E 2199 73.18 -37.72 -34.58
CA ARG E 2199 71.88 -37.17 -34.29
C ARG E 2199 70.92 -38.31 -34.06
N ALA E 2200 71.04 -39.35 -34.84
CA ALA E 2200 70.15 -40.49 -34.73
C ALA E 2200 70.27 -41.22 -33.44
N LEU E 2201 71.45 -41.15 -32.88
CA LEU E 2201 71.70 -41.85 -31.69
C LEU E 2201 70.97 -41.34 -30.53
N GLY E 2202 70.72 -40.02 -30.54
CA GLY E 2202 69.93 -39.31 -29.53
C GLY E 2202 70.66 -39.16 -28.27
N MET E 2203 71.94 -39.39 -28.39
CA MET E 2203 72.79 -39.53 -27.22
C MET E 2203 72.98 -38.27 -26.50
N HIS E 2204 72.78 -37.20 -27.24
CA HIS E 2204 72.88 -35.93 -26.69
C HIS E 2204 71.86 -35.74 -25.63
N GLU E 2205 70.68 -36.27 -25.88
CA GLU E 2205 69.66 -36.15 -24.95
C GLU E 2205 70.07 -36.93 -23.70
N THR E 2206 70.79 -38.04 -23.89
CA THR E 2206 71.18 -38.87 -22.77
C THR E 2206 72.17 -38.27 -21.83
N VAL E 2207 73.19 -37.78 -22.45
CA VAL E 2207 74.21 -37.24 -21.71
C VAL E 2207 73.67 -36.01 -21.01
N MET E 2208 72.80 -35.30 -21.68
CA MET E 2208 72.20 -34.14 -21.07
C MET E 2208 71.37 -34.54 -19.89
N GLU E 2209 70.73 -35.70 -19.99
CA GLU E 2209 69.98 -36.17 -18.86
C GLU E 2209 70.86 -36.48 -17.71
N VAL E 2210 72.06 -36.96 -18.01
CA VAL E 2210 73.06 -37.10 -16.99
C VAL E 2210 73.42 -35.81 -16.34
N MET E 2211 73.45 -34.79 -17.13
CA MET E 2211 73.85 -33.55 -16.64
C MET E 2211 72.86 -33.07 -15.67
N VAL E 2212 71.60 -33.17 -16.04
CA VAL E 2212 70.51 -32.73 -15.18
C VAL E 2212 70.54 -33.48 -13.88
N ASN E 2213 70.86 -34.75 -14.03
CA ASN E 2213 70.88 -35.60 -12.90
C ASN E 2213 71.94 -35.24 -11.91
N VAL E 2214 73.07 -34.83 -12.42
CA VAL E 2214 74.08 -34.31 -11.56
C VAL E 2214 73.63 -33.01 -10.94
N LEU E 2215 72.87 -32.25 -11.69
CA LEU E 2215 72.53 -30.93 -11.28
C LEU E 2215 71.46 -30.85 -10.24
N GLY E 2216 70.81 -31.97 -10.02
CA GLY E 2216 69.89 -32.06 -8.91
C GLY E 2216 70.56 -32.14 -7.53
N PRO E 2226 80.04 -31.40 -8.16
CA PRO E 2226 80.72 -32.45 -8.86
C PRO E 2226 81.55 -31.92 -10.11
N LYS E 2227 82.86 -32.09 -10.05
CA LYS E 2227 83.81 -31.38 -11.00
C LYS E 2227 83.84 -31.89 -12.42
N MET E 2228 83.48 -33.13 -12.57
CA MET E 2228 83.65 -33.80 -13.85
C MET E 2228 82.72 -33.18 -14.89
N VAL E 2229 81.70 -32.57 -14.35
CA VAL E 2229 80.55 -32.14 -15.07
C VAL E 2229 80.90 -31.19 -16.15
N THR E 2230 81.93 -30.42 -15.89
CA THR E 2230 82.29 -29.35 -16.77
C THR E 2230 82.84 -29.89 -18.10
N SER E 2231 83.78 -30.84 -18.06
CA SER E 2231 84.30 -31.40 -19.32
C SER E 2231 83.24 -32.09 -20.13
N CYS E 2232 82.33 -32.70 -19.42
CA CYS E 2232 81.20 -33.31 -20.03
C CYS E 2232 80.30 -32.31 -20.78
N CYS E 2233 80.22 -31.17 -20.17
CA CYS E 2233 79.40 -30.16 -20.71
C CYS E 2233 80.06 -29.59 -21.96
N ARG E 2234 81.38 -29.42 -21.92
CA ARG E 2234 82.12 -28.91 -23.05
C ARG E 2234 82.06 -29.94 -24.19
N PHE E 2235 81.89 -31.20 -23.80
CA PHE E 2235 81.63 -32.26 -24.75
C PHE E 2235 80.32 -32.11 -25.47
N LEU E 2236 79.28 -31.91 -24.72
CA LEU E 2236 78.03 -31.84 -25.32
C LEU E 2236 77.97 -30.62 -26.19
N CYS E 2237 78.73 -29.61 -25.78
CA CYS E 2237 78.82 -28.38 -26.53
C CYS E 2237 79.44 -28.62 -27.90
N TYR E 2238 80.60 -29.29 -27.89
CA TYR E 2238 81.32 -29.52 -29.15
C TYR E 2238 80.50 -30.41 -30.03
N PHE E 2239 79.74 -31.29 -29.38
CA PHE E 2239 78.79 -32.12 -30.08
C PHE E 2239 77.73 -31.31 -30.76
N CYS E 2240 77.30 -30.29 -30.10
CA CYS E 2240 76.31 -29.50 -30.69
C CYS E 2240 76.86 -28.72 -31.88
N ARG E 2241 78.15 -28.44 -31.83
CA ARG E 2241 78.78 -27.55 -32.78
C ARG E 2241 78.77 -27.98 -34.19
N ILE E 2242 78.82 -29.27 -34.38
CA ILE E 2242 79.16 -29.79 -35.68
C ILE E 2242 78.14 -29.55 -36.81
N SER E 2243 76.85 -29.46 -36.49
CA SER E 2243 75.85 -29.40 -37.51
C SER E 2243 74.56 -28.76 -37.09
N ARG E 2244 73.93 -28.17 -38.07
CA ARG E 2244 72.69 -27.54 -37.84
C ARG E 2244 71.57 -28.53 -37.54
N GLN E 2245 71.72 -29.72 -38.05
CA GLN E 2245 70.70 -30.74 -37.87
C GLN E 2245 70.85 -31.43 -36.55
N ASN E 2246 71.17 -30.66 -35.57
CA ASN E 2246 71.57 -31.16 -34.30
C ASN E 2246 71.62 -29.96 -33.40
N GLN E 2247 72.15 -28.89 -33.94
CA GLN E 2247 72.09 -27.64 -33.29
C GLN E 2247 70.63 -27.25 -33.15
N ARG E 2248 69.78 -27.60 -34.11
CA ARG E 2248 68.34 -27.46 -33.98
C ARG E 2248 67.84 -28.14 -32.78
N SER E 2249 68.34 -29.35 -32.66
CA SER E 2249 67.78 -30.28 -31.75
C SER E 2249 68.05 -29.86 -30.34
N MET E 2250 69.30 -29.57 -30.10
CA MET E 2250 69.64 -29.14 -28.79
C MET E 2250 69.12 -27.77 -28.53
N PHE E 2251 68.90 -27.05 -29.61
CA PHE E 2251 68.27 -25.75 -29.45
C PHE E 2251 66.89 -25.88 -28.83
N ASP E 2252 66.24 -26.98 -29.15
CA ASP E 2252 64.94 -27.23 -28.58
C ASP E 2252 64.98 -27.45 -27.08
N HIS E 2253 66.12 -27.87 -26.60
CA HIS E 2253 66.32 -28.14 -25.18
C HIS E 2253 66.73 -26.97 -24.36
N LEU E 2254 67.06 -25.87 -25.01
CA LEU E 2254 67.84 -24.85 -24.33
C LEU E 2254 67.18 -24.14 -23.16
N SER E 2255 65.86 -24.08 -23.08
CA SER E 2255 65.26 -23.43 -21.88
C SER E 2255 65.49 -24.30 -20.70
N TYR E 2256 65.31 -25.58 -20.97
CA TYR E 2256 65.50 -26.61 -20.04
C TYR E 2256 66.96 -26.62 -19.57
N LEU E 2257 67.85 -26.36 -20.52
CA LEU E 2257 69.27 -26.19 -20.25
C LEU E 2257 69.57 -24.94 -19.43
N LEU E 2258 68.73 -23.94 -19.58
CA LEU E 2258 68.97 -22.70 -18.89
C LEU E 2258 68.52 -22.74 -17.43
N GLU E 2259 67.48 -23.51 -17.18
CA GLU E 2259 67.05 -23.69 -15.81
C GLU E 2259 68.17 -24.28 -15.03
N ASN E 2260 68.87 -25.10 -15.77
CA ASN E 2260 70.12 -25.62 -15.35
C ASN E 2260 71.28 -24.62 -15.37
N SER E 2261 71.22 -23.63 -16.24
CA SER E 2261 72.32 -22.70 -16.40
C SER E 2261 72.30 -21.64 -15.35
N GLY E 2262 71.30 -21.71 -14.48
CA GLY E 2262 71.22 -20.82 -13.32
C GLY E 2262 72.46 -21.03 -12.40
N ILE E 2263 73.11 -22.18 -12.51
CA ILE E 2263 74.33 -22.50 -11.76
C ILE E 2263 75.63 -22.20 -12.52
N THR E 2271 80.00 -25.07 -17.59
CA THR E 2271 79.17 -23.97 -18.07
C THR E 2271 78.23 -24.34 -19.22
N PRO E 2272 76.99 -24.69 -18.87
CA PRO E 2272 75.89 -25.04 -19.80
C PRO E 2272 75.54 -23.92 -20.76
N LEU E 2273 75.73 -22.72 -20.26
CA LEU E 2273 75.47 -21.55 -21.01
C LEU E 2273 76.27 -21.50 -22.27
N ASP E 2274 77.49 -22.04 -22.17
CA ASP E 2274 78.34 -22.19 -23.32
C ASP E 2274 77.71 -23.05 -24.39
N VAL E 2275 77.07 -24.07 -23.88
CA VAL E 2275 76.39 -24.97 -24.75
C VAL E 2275 75.25 -24.28 -25.42
N ALA E 2276 74.62 -23.38 -24.69
CA ALA E 2276 73.51 -22.70 -25.23
C ALA E 2276 73.94 -21.81 -26.37
N ALA E 2277 74.99 -21.04 -26.15
CA ALA E 2277 75.44 -20.15 -27.21
C ALA E 2277 75.95 -20.92 -28.41
N ALA E 2278 76.56 -22.08 -28.15
CA ALA E 2278 77.00 -22.93 -29.23
C ALA E 2278 75.79 -23.44 -30.02
N SER E 2279 74.68 -23.59 -29.32
CA SER E 2279 73.47 -24.05 -29.96
C SER E 2279 72.72 -22.96 -30.69
N VAL E 2280 73.13 -21.74 -30.48
CA VAL E 2280 72.39 -20.67 -31.08
C VAL E 2280 73.12 -19.93 -32.20
N ILE E 2281 74.39 -19.59 -31.97
CA ILE E 2281 75.11 -18.61 -32.80
C ILE E 2281 75.20 -18.96 -34.29
N ASP E 2282 75.47 -20.23 -34.58
CA ASP E 2282 75.76 -20.60 -35.95
C ASP E 2282 74.57 -20.52 -36.88
N ASN E 2283 73.39 -20.64 -36.31
CA ASN E 2283 72.19 -20.63 -37.08
C ASN E 2283 71.23 -19.59 -36.67
N ASN E 2284 71.18 -18.59 -37.51
CA ASN E 2284 70.27 -17.54 -37.39
C ASN E 2284 68.84 -18.01 -37.46
N GLU E 2285 68.61 -19.03 -38.23
CA GLU E 2285 67.28 -19.46 -38.54
C GLU E 2285 66.52 -19.94 -37.35
N LEU E 2286 67.19 -20.51 -36.40
CA LEU E 2286 66.52 -20.78 -35.16
C LEU E 2286 66.89 -19.77 -34.11
N ALA E 2287 67.86 -18.95 -34.41
CA ALA E 2287 68.08 -17.85 -33.56
C ALA E 2287 66.90 -16.92 -33.61
N LEU E 2288 66.23 -16.93 -34.72
CA LEU E 2288 64.99 -16.28 -34.81
C LEU E 2288 63.96 -16.94 -33.93
N ALA E 2289 64.05 -18.25 -33.80
CA ALA E 2289 63.00 -18.98 -33.16
C ALA E 2289 62.98 -18.91 -31.62
N LEU E 2290 64.05 -18.39 -31.02
CA LEU E 2290 64.20 -18.40 -29.58
C LEU E 2290 63.13 -17.65 -28.81
N GLN E 2291 62.72 -18.29 -27.74
CA GLN E 2291 61.73 -17.76 -26.84
C GLN E 2291 62.21 -16.62 -26.04
N GLU E 2292 61.26 -15.78 -25.71
CA GLU E 2292 61.54 -14.66 -24.82
C GLU E 2292 61.82 -15.16 -23.43
N GLN E 2293 61.23 -16.30 -23.11
CA GLN E 2293 61.31 -16.82 -21.81
C GLN E 2293 62.71 -17.24 -21.49
N ASP E 2294 63.47 -17.63 -22.53
CA ASP E 2294 64.88 -17.97 -22.33
C ASP E 2294 65.59 -16.82 -21.71
N LEU E 2295 65.23 -15.70 -22.29
CA LEU E 2295 65.90 -14.52 -22.03
C LEU E 2295 65.46 -13.96 -20.70
N GLU E 2296 64.19 -14.07 -20.38
CA GLU E 2296 63.73 -13.62 -19.07
C GLU E 2296 64.30 -14.42 -17.96
N LYS E 2297 64.53 -15.68 -18.22
CA LYS E 2297 65.18 -16.46 -17.25
C LYS E 2297 66.68 -16.03 -17.18
N VAL E 2298 67.28 -15.65 -18.32
CA VAL E 2298 68.69 -15.22 -18.36
C VAL E 2298 68.87 -13.98 -17.48
N VAL E 2299 68.02 -12.99 -17.69
CA VAL E 2299 68.05 -11.80 -16.86
C VAL E 2299 67.64 -12.06 -15.41
N SER E 2300 66.80 -13.08 -15.23
CA SER E 2300 66.41 -13.43 -13.90
C SER E 2300 67.61 -13.92 -13.13
N TYR E 2301 68.51 -14.57 -13.85
CA TYR E 2301 69.77 -15.00 -13.28
C TYR E 2301 70.66 -13.82 -12.96
N LEU E 2302 70.44 -12.71 -13.63
CA LEU E 2302 71.12 -11.47 -13.30
C LEU E 2302 70.37 -10.77 -12.15
N ALA E 2303 70.46 -11.23 -10.88
CA ALA E 2303 69.63 -10.60 -9.78
C ALA E 2303 70.44 -10.10 -8.53
N GLY E 2304 70.89 -11.00 -7.66
CA GLY E 2304 71.77 -10.60 -6.56
C GLY E 2304 73.25 -10.62 -6.95
N CYS E 2305 73.61 -10.76 -8.25
CA CYS E 2305 75.05 -10.84 -8.69
C CYS E 2305 75.58 -9.45 -8.87
N GLY E 2306 76.22 -8.99 -7.81
CA GLY E 2306 76.65 -7.61 -7.68
C GLY E 2306 76.65 -7.22 -6.21
N LEU E 2307 77.11 -8.12 -5.31
CA LEU E 2307 77.10 -7.87 -3.87
C LEU E 2307 78.51 -7.52 -3.39
N PRO E 2325 79.69 -9.91 -11.38
CA PRO E 2325 80.39 -11.12 -11.23
C PRO E 2325 80.68 -11.81 -12.55
N CYS E 2326 81.51 -12.81 -12.45
CA CYS E 2326 81.87 -13.64 -13.57
C CYS E 2326 80.68 -14.42 -14.17
N GLY E 2327 79.75 -14.84 -13.33
CA GLY E 2327 78.56 -15.52 -13.82
C GLY E 2327 77.66 -14.52 -14.53
N GLY E 2328 77.63 -13.31 -13.98
CA GLY E 2328 76.90 -12.23 -14.61
C GLY E 2328 77.50 -11.81 -15.97
N GLU E 2329 78.85 -11.73 -16.04
CA GLU E 2329 79.53 -11.46 -17.33
C GLU E 2329 79.34 -12.61 -18.33
N ARG E 2330 79.21 -13.83 -17.85
CA ARG E 2330 78.83 -14.93 -18.74
C ARG E 2330 77.40 -14.80 -19.26
N TYR E 2331 76.46 -14.36 -18.39
CA TYR E 2331 75.03 -14.15 -18.80
C TYR E 2331 74.99 -13.14 -19.86
N LEU E 2332 75.87 -12.16 -19.71
CA LEU E 2332 76.05 -11.13 -20.73
C LEU E 2332 76.66 -11.72 -21.99
N ASP E 2333 77.57 -12.67 -21.84
CA ASP E 2333 78.24 -13.25 -22.98
C ASP E 2333 77.24 -14.02 -23.86
N PHE E 2334 76.24 -14.61 -23.23
CA PHE E 2334 75.24 -15.33 -23.99
C PHE E 2334 74.35 -14.45 -24.81
N LEU E 2335 73.90 -13.41 -24.15
CA LEU E 2335 73.02 -12.53 -24.77
C LEU E 2335 73.83 -11.72 -25.82
N ARG E 2336 75.15 -11.61 -25.61
CA ARG E 2336 76.11 -11.10 -26.60
C ARG E 2336 76.12 -11.98 -27.82
N PHE E 2337 76.02 -13.29 -27.60
CA PHE E 2337 75.98 -14.23 -28.70
C PHE E 2337 74.59 -14.47 -29.25
N ALA E 2338 73.58 -14.02 -28.49
CA ALA E 2338 72.17 -14.29 -28.75
C ALA E 2338 71.55 -13.53 -29.90
N VAL E 2339 72.27 -12.58 -30.42
CA VAL E 2339 71.73 -11.73 -31.41
C VAL E 2339 72.65 -11.51 -32.55
N PHE E 2340 73.93 -11.28 -32.33
CA PHE E 2340 74.77 -10.67 -33.36
C PHE E 2340 74.98 -11.63 -34.49
N VAL E 2341 75.01 -12.91 -34.15
CA VAL E 2341 75.00 -13.97 -35.14
C VAL E 2341 76.02 -13.77 -36.28
N ASN E 2342 75.80 -14.48 -37.38
CA ASN E 2342 76.71 -14.55 -38.52
C ASN E 2342 76.89 -13.24 -39.27
N GLY E 2343 75.85 -12.45 -39.24
CA GLY E 2343 75.86 -11.23 -39.94
C GLY E 2343 75.40 -10.21 -38.99
N GLU E 2344 74.52 -9.37 -39.51
CA GLU E 2344 74.00 -8.29 -38.71
C GLU E 2344 72.97 -8.91 -37.81
N SER E 2345 72.91 -8.37 -36.58
CA SER E 2345 72.00 -8.84 -35.58
C SER E 2345 70.63 -8.63 -36.06
N VAL E 2346 69.81 -9.61 -35.80
CA VAL E 2346 68.49 -9.52 -36.32
C VAL E 2346 67.70 -8.53 -35.54
N GLU E 2347 66.81 -7.85 -36.23
CA GLU E 2347 65.98 -6.86 -35.61
C GLU E 2347 64.91 -7.50 -34.78
N GLU E 2348 64.73 -8.77 -35.00
CA GLU E 2348 63.70 -9.52 -34.34
C GLU E 2348 64.04 -9.70 -32.86
N ASN E 2349 65.00 -10.60 -32.63
CA ASN E 2349 65.46 -10.92 -31.33
C ASN E 2349 66.01 -9.74 -30.61
N ALA E 2350 66.73 -8.90 -31.32
CA ALA E 2350 67.41 -7.79 -30.68
C ALA E 2350 66.46 -6.84 -30.07
N ASN E 2351 65.31 -6.67 -30.67
CA ASN E 2351 64.31 -5.78 -30.15
C ASN E 2351 63.78 -6.31 -28.82
N VAL E 2352 63.48 -7.60 -28.81
CA VAL E 2352 62.90 -8.21 -27.61
C VAL E 2352 63.91 -8.22 -26.47
N VAL E 2353 65.18 -8.29 -26.83
CA VAL E 2353 66.25 -8.15 -25.85
C VAL E 2353 66.28 -6.77 -25.27
N VAL E 2354 66.28 -5.81 -26.19
CA VAL E 2354 66.48 -4.44 -25.85
C VAL E 2354 65.33 -3.94 -24.96
N ARG E 2355 64.15 -4.51 -25.08
CA ARG E 2355 63.02 -4.05 -24.28
C ARG E 2355 63.27 -4.22 -22.79
N LEU E 2356 64.04 -5.24 -22.46
CA LEU E 2356 64.18 -5.66 -21.09
C LEU E 2356 65.51 -5.35 -20.44
N LEU E 2357 66.48 -4.87 -21.23
CA LEU E 2357 67.87 -4.75 -20.80
C LEU E 2357 68.10 -3.85 -19.61
N ILE E 2358 67.36 -2.77 -19.60
CA ILE E 2358 67.57 -1.76 -18.60
C ILE E 2358 67.02 -2.23 -17.20
N ARG E 2359 66.07 -3.17 -17.24
CA ARG E 2359 65.16 -3.49 -16.12
C ARG E 2359 65.81 -4.08 -14.84
N LYS E 2360 66.89 -4.80 -15.02
CA LYS E 2360 67.52 -5.50 -13.90
C LYS E 2360 68.66 -4.73 -13.23
N PRO E 2361 69.46 -3.92 -14.00
CA PRO E 2361 70.33 -3.03 -13.28
C PRO E 2361 69.50 -2.15 -12.34
N GLU E 2362 68.32 -1.78 -12.80
CA GLU E 2362 67.39 -1.02 -11.98
C GLU E 2362 66.41 -1.93 -11.27
N GLY E 2375 77.99 6.80 -11.60
CA GLY E 2375 79.43 6.81 -11.67
C GLY E 2375 80.03 5.46 -11.92
N LEU E 2376 79.48 4.79 -12.92
CA LEU E 2376 79.95 3.46 -13.26
C LEU E 2376 81.39 3.56 -13.89
N LEU E 2377 81.67 4.73 -14.50
CA LEU E 2377 83.02 4.97 -15.08
C LEU E 2377 84.10 4.97 -14.01
N ALA E 2378 83.71 5.39 -12.81
CA ALA E 2378 84.57 5.21 -11.61
C ALA E 2378 84.95 3.72 -11.33
N ALA E 2379 83.93 2.83 -11.42
CA ALA E 2379 84.21 1.38 -11.24
C ALA E 2379 85.22 0.91 -12.35
N ILE E 2380 84.99 1.47 -13.58
CA ILE E 2380 85.82 1.14 -14.77
C ILE E 2380 87.33 1.49 -14.59
N GLU E 2381 87.55 2.76 -14.30
CA GLU E 2381 88.93 3.26 -14.26
C GLU E 2381 89.66 2.75 -12.94
N GLU E 2382 88.91 2.56 -11.83
CA GLU E 2382 89.54 1.95 -10.61
C GLU E 2382 90.02 0.56 -10.91
N ALA E 2383 89.24 -0.07 -11.78
CA ALA E 2383 89.64 -1.39 -12.20
C ALA E 2383 90.94 -1.36 -13.09
N ILE E 2384 91.00 -0.39 -14.03
CA ILE E 2384 92.15 -0.22 -14.97
C ILE E 2384 93.43 0.04 -14.24
N ARG E 2385 93.30 0.72 -13.12
CA ARG E 2385 94.47 1.12 -12.40
C ARG E 2385 95.12 -0.02 -11.51
N ILE E 2386 94.46 -1.17 -11.27
CA ILE E 2386 94.99 -2.13 -10.19
C ILE E 2386 96.02 -3.21 -10.64
N GLY E 2419 87.38 -6.34 -7.19
CA GLY E 2419 88.45 -7.06 -7.91
C GLY E 2419 88.18 -7.24 -9.40
N HIS E 2420 88.91 -8.13 -10.10
CA HIS E 2420 88.68 -8.38 -11.56
C HIS E 2420 87.42 -9.30 -11.85
N ALA E 2421 86.19 -8.77 -11.70
CA ALA E 2421 84.90 -9.53 -12.02
C ALA E 2421 83.74 -8.58 -12.49
N ILE E 2422 83.40 -7.72 -11.54
CA ILE E 2422 82.37 -6.74 -11.68
C ILE E 2422 82.79 -5.72 -12.78
N MET E 2423 84.09 -5.43 -12.89
CA MET E 2423 84.64 -4.51 -13.95
C MET E 2423 84.44 -5.02 -15.37
N SER E 2424 84.56 -6.34 -15.51
CA SER E 2424 84.39 -6.96 -16.78
C SER E 2424 82.87 -7.23 -16.95
N PHE E 2425 82.05 -7.10 -15.89
CA PHE E 2425 80.54 -7.09 -16.02
C PHE E 2425 80.14 -5.80 -16.72
N TYR E 2426 80.62 -4.67 -16.18
CA TYR E 2426 80.33 -3.38 -16.79
C TYR E 2426 81.02 -3.29 -18.21
N ALA E 2427 82.13 -4.02 -18.42
CA ALA E 2427 82.79 -4.04 -19.74
C ALA E 2427 82.12 -4.91 -20.78
N ALA E 2428 81.67 -6.08 -20.39
CA ALA E 2428 80.91 -6.89 -21.30
C ALA E 2428 79.53 -6.28 -21.59
N LEU E 2429 78.97 -5.57 -20.60
CA LEU E 2429 77.60 -5.05 -20.73
C LEU E 2429 77.54 -4.05 -21.87
N ILE E 2430 78.64 -3.33 -22.06
CA ILE E 2430 78.75 -2.32 -23.13
C ILE E 2430 78.78 -2.91 -24.51
N ASP E 2431 79.49 -4.01 -24.63
CA ASP E 2431 79.48 -4.69 -25.87
C ASP E 2431 78.11 -5.26 -26.14
N LEU E 2432 77.44 -5.66 -25.06
CA LEU E 2432 76.12 -6.23 -25.16
C LEU E 2432 75.10 -5.26 -25.67
N LEU E 2433 75.17 -4.06 -25.13
CA LEU E 2433 74.30 -3.02 -25.57
C LEU E 2433 74.70 -2.58 -26.97
N GLY E 2434 75.99 -2.71 -27.31
CA GLY E 2434 76.53 -2.34 -28.62
C GLY E 2434 76.12 -3.22 -29.78
N ARG E 2435 76.12 -4.53 -29.59
CA ARG E 2435 75.77 -5.40 -30.69
C ARG E 2435 74.28 -5.37 -31.06
N CYS E 2436 73.42 -5.06 -30.09
CA CYS E 2436 71.99 -4.87 -30.36
C CYS E 2436 71.76 -3.49 -30.97
N ALA E 2437 70.62 -3.33 -31.62
CA ALA E 2437 70.37 -2.13 -32.37
C ALA E 2437 68.88 -2.02 -32.79
N GLU E 2449 59.90 2.50 -36.26
CA GLU E 2449 59.57 1.81 -35.01
C GLU E 2449 60.81 1.30 -34.30
N ALA E 2450 61.70 0.61 -35.01
CA ALA E 2450 63.00 0.28 -34.40
C ALA E 2450 63.82 1.56 -34.23
N LEU E 2451 63.70 2.54 -35.17
CA LEU E 2451 64.40 3.83 -35.10
C LEU E 2451 63.93 4.55 -33.75
N ARG E 2452 62.72 4.29 -33.25
CA ARG E 2452 62.25 4.80 -31.95
C ARG E 2452 63.14 4.39 -30.81
N ILE E 2453 63.07 3.12 -30.54
CA ILE E 2453 63.75 2.58 -29.45
C ILE E 2453 65.27 2.49 -29.72
N ARG E 2454 65.75 2.43 -30.96
CA ARG E 2454 67.23 2.33 -31.14
C ARG E 2454 67.92 3.58 -30.69
N ALA E 2455 67.19 4.68 -30.75
CA ALA E 2455 67.69 5.88 -30.15
C ALA E 2455 67.79 5.76 -28.57
N ILE E 2456 66.90 4.99 -27.91
CA ILE E 2456 66.85 4.88 -26.40
C ILE E 2456 68.14 4.29 -25.90
N LEU E 2457 68.83 3.52 -26.75
CA LEU E 2457 70.13 2.92 -26.37
C LEU E 2457 71.12 3.95 -26.01
N ARG E 2458 71.08 4.97 -26.84
CA ARG E 2458 72.02 6.03 -26.70
C ARG E 2458 71.68 6.82 -25.42
N SER E 2459 70.44 6.79 -24.93
CA SER E 2459 70.05 7.44 -23.65
C SER E 2459 70.22 6.54 -22.42
N LEU E 2460 69.99 5.25 -22.66
CA LEU E 2460 70.06 4.24 -21.64
C LEU E 2460 70.56 2.96 -22.31
N LEU E 2463 74.93 7.39 -26.03
CA LEU E 2463 75.40 8.44 -25.10
C LEU E 2463 75.16 8.06 -23.61
N ASP E 2464 74.54 6.91 -23.40
CA ASP E 2464 74.40 6.33 -22.07
C ASP E 2464 75.80 6.05 -21.52
N ASP E 2465 76.72 5.77 -22.44
CA ASP E 2465 78.14 5.64 -22.21
C ASP E 2465 78.87 6.99 -22.53
N LEU E 2466 78.91 7.36 -23.80
CA LEU E 2466 79.43 8.67 -24.26
C LEU E 2466 80.82 8.92 -23.79
N VAL E 2467 80.92 9.53 -22.62
CA VAL E 2467 82.19 9.76 -22.02
C VAL E 2467 82.91 8.43 -21.70
N GLY E 2468 82.11 7.38 -21.49
CA GLY E 2468 82.65 6.06 -21.32
C GLY E 2468 83.46 5.66 -22.53
N ILE E 2469 83.08 6.13 -23.74
CA ILE E 2469 83.90 5.91 -24.96
C ILE E 2469 85.30 6.46 -24.80
N ILE E 2470 85.32 7.61 -24.18
CA ILE E 2470 86.57 8.25 -24.01
C ILE E 2470 87.40 7.45 -22.96
N SER E 2471 86.74 6.67 -22.07
CA SER E 2471 87.44 5.77 -21.07
C SER E 2471 88.36 4.84 -21.82
N LEU E 2472 87.95 4.48 -23.03
CA LEU E 2472 88.74 3.54 -23.84
C LEU E 2472 90.14 4.10 -24.16
N PRO E 2473 90.15 5.40 -24.35
CA PRO E 2473 91.38 6.12 -24.53
C PRO E 2473 92.33 6.07 -23.31
N LEU E 2474 91.74 6.02 -22.12
CA LEU E 2474 92.51 6.01 -20.82
C LEU E 2474 93.13 4.61 -20.53
N GLN E 2475 92.61 3.62 -21.26
CA GLN E 2475 92.71 2.21 -20.84
C GLN E 2475 94.18 1.63 -20.81
N ILE E 2476 95.10 2.20 -21.60
CA ILE E 2476 96.23 1.38 -22.09
C ILE E 2476 97.26 1.18 -20.98
N PHE E 2494 92.00 -9.30 -18.95
CA PHE E 2494 91.96 -7.92 -18.52
C PHE E 2494 91.73 -6.91 -19.76
N VAL E 2495 92.76 -6.18 -20.24
CA VAL E 2495 92.57 -4.97 -21.13
C VAL E 2495 91.76 -5.15 -22.47
N PRO E 2496 92.09 -6.15 -23.30
CA PRO E 2496 91.44 -6.22 -24.64
C PRO E 2496 89.95 -6.29 -24.66
N ASP E 2497 89.30 -6.91 -23.62
CA ASP E 2497 87.76 -6.95 -23.43
C ASP E 2497 87.21 -5.54 -23.47
N HIS E 2498 87.97 -4.61 -22.87
CA HIS E 2498 87.47 -3.24 -22.66
C HIS E 2498 87.36 -2.56 -24.10
N LYS E 2499 88.48 -2.57 -24.89
CA LYS E 2499 88.50 -2.03 -26.34
C LYS E 2499 87.52 -2.79 -27.23
N ALA E 2500 87.52 -4.11 -27.09
CA ALA E 2500 86.72 -4.96 -27.96
C ALA E 2500 85.21 -4.74 -27.70
N SER E 2501 84.87 -4.32 -26.47
CA SER E 2501 83.47 -4.01 -26.12
C SER E 2501 83.08 -2.61 -26.59
N MET E 2502 83.79 -1.63 -26.08
CA MET E 2502 83.43 -0.26 -26.32
C MET E 2502 83.59 0.21 -27.80
N VAL E 2503 84.57 -0.33 -28.57
CA VAL E 2503 84.75 0.06 -30.03
C VAL E 2503 83.53 -0.37 -30.83
N LEU E 2504 83.08 -1.60 -30.60
CA LEU E 2504 81.87 -2.12 -31.24
C LEU E 2504 80.60 -1.40 -30.73
N PHE E 2505 80.58 -0.98 -29.46
CA PHE E 2505 79.48 -0.13 -28.98
C PHE E 2505 79.39 1.17 -29.74
N LEU E 2506 80.57 1.66 -30.12
CA LEU E 2506 80.67 2.94 -30.77
C LEU E 2506 80.31 2.87 -32.27
N ASP E 2507 80.79 1.82 -32.96
CA ASP E 2507 80.59 1.70 -34.40
C ASP E 2507 79.09 1.46 -34.75
N ARG E 2508 78.35 0.81 -33.86
CA ARG E 2508 76.93 0.46 -34.11
C ARG E 2508 75.90 1.56 -33.93
N VAL E 2509 76.31 2.62 -33.25
CA VAL E 2509 75.43 3.75 -32.97
C VAL E 2509 76.05 5.11 -33.46
N TYR E 2510 77.39 5.25 -33.56
CA TYR E 2510 78.03 6.57 -34.00
C TYR E 2510 79.06 6.43 -35.16
N ASN E 2514 81.14 14.98 -38.97
CA ASN E 2514 81.73 14.56 -37.74
C ASN E 2514 83.09 13.92 -37.85
N GLN E 2515 83.74 14.27 -38.95
CA GLN E 2515 85.19 14.12 -39.05
C GLN E 2515 86.00 14.74 -37.88
N ASP E 2516 85.56 15.93 -37.45
CA ASP E 2516 86.25 16.59 -36.30
C ASP E 2516 86.02 15.79 -35.01
N PHE E 2517 84.86 15.15 -34.90
CA PHE E 2517 84.61 14.35 -33.73
C PHE E 2517 85.56 13.17 -33.70
N LEU E 2518 85.92 12.66 -34.88
CA LEU E 2518 87.00 11.67 -35.02
C LEU E 2518 88.33 12.25 -34.61
N LEU E 2519 88.49 13.56 -34.80
CA LEU E 2519 89.76 14.15 -34.41
C LEU E 2519 89.80 14.17 -32.88
N HIS E 2520 88.61 14.33 -32.26
CA HIS E 2520 88.42 14.18 -30.79
C HIS E 2520 88.75 12.74 -30.40
N VAL E 2521 88.37 11.80 -31.25
CA VAL E 2521 88.61 10.41 -30.93
C VAL E 2521 90.11 10.08 -31.01
N LEU E 2522 90.88 10.83 -31.83
CA LEU E 2522 92.34 10.58 -32.05
C LEU E 2522 93.21 10.55 -30.79
N VAL E 2524 91.19 8.32 -27.94
CA VAL E 2524 92.62 8.20 -28.25
C VAL E 2524 93.03 6.75 -28.30
N GLY E 2525 92.63 6.04 -29.35
CA GLY E 2525 93.09 4.69 -29.56
C GLY E 2525 94.56 4.61 -29.95
N PHE E 2526 95.11 5.78 -30.39
CA PHE E 2526 96.53 5.89 -30.84
C PHE E 2526 97.50 5.54 -29.69
N LEU E 2527 97.06 5.65 -28.42
CA LEU E 2527 97.83 5.18 -27.21
C LEU E 2527 98.35 3.74 -27.33
N PRO E 2528 97.41 2.84 -27.58
CA PRO E 2528 97.81 1.48 -27.78
C PRO E 2528 98.70 1.31 -29.09
N ASP E 2529 98.54 2.17 -30.12
CA ASP E 2529 99.46 2.16 -31.37
C ASP E 2529 100.87 2.56 -30.90
N MET E 2530 100.96 3.42 -29.87
CA MET E 2530 102.25 3.74 -29.19
C MET E 2530 102.77 2.51 -28.43
N ARG E 2531 101.82 1.69 -27.92
CA ARG E 2531 102.18 0.46 -27.20
C ARG E 2531 102.60 -0.72 -28.17
N ALA E 2532 102.31 -0.52 -29.48
CA ALA E 2532 102.49 -1.54 -30.57
C ALA E 2532 103.93 -2.06 -30.68
N ALA E 2533 104.91 -1.18 -30.47
CA ALA E 2533 106.33 -1.61 -30.64
C ALA E 2533 106.83 -2.44 -29.42
N ALA E 2534 106.07 -2.38 -28.31
CA ALA E 2534 106.50 -2.99 -27.03
C ALA E 2534 106.54 -4.55 -27.08
N SER E 2535 105.80 -5.13 -28.01
CA SER E 2535 105.76 -6.59 -28.26
C SER E 2535 107.09 -7.25 -28.53
N LEU E 2536 107.98 -6.53 -29.22
CA LEU E 2536 109.22 -7.12 -29.68
C LEU E 2536 110.24 -7.03 -28.54
N THR E 2544 104.78 -11.48 -22.43
CA THR E 2544 103.92 -10.56 -21.72
C THR E 2544 102.42 -10.79 -22.14
N GLU E 2545 101.45 -10.24 -21.41
CA GLU E 2545 99.97 -10.32 -21.73
C GLU E 2545 99.61 -9.20 -22.76
N MET E 2546 100.33 -9.12 -23.88
CA MET E 2546 100.40 -7.84 -24.66
C MET E 2546 100.94 -8.13 -26.06
N ALA E 2547 102.05 -8.88 -26.15
CA ALA E 2547 102.77 -9.14 -27.42
C ALA E 2547 101.91 -9.88 -28.39
N LEU E 2548 101.14 -10.81 -27.85
CA LEU E 2548 100.30 -11.65 -28.62
C LEU E 2548 98.95 -10.91 -28.89
N ALA E 2549 98.66 -9.91 -28.03
CA ALA E 2549 97.40 -9.14 -28.06
C ALA E 2549 97.25 -8.25 -29.33
N LEU E 2550 98.36 -7.93 -29.99
CA LEU E 2550 98.36 -7.01 -31.15
C LEU E 2550 97.49 -7.50 -32.37
N ASN E 2551 97.47 -8.80 -32.57
CA ASN E 2551 96.77 -9.40 -33.71
C ASN E 2551 95.21 -9.24 -33.55
N ARG E 2552 94.69 -9.15 -32.34
CA ARG E 2552 93.25 -8.84 -32.15
C ARG E 2552 93.04 -7.26 -32.17
N TYR E 2553 94.05 -6.54 -31.68
CA TYR E 2553 94.11 -5.07 -31.86
C TYR E 2553 94.27 -4.73 -33.36
N LEU E 2554 94.82 -5.68 -34.13
CA LEU E 2554 94.90 -5.57 -35.59
C LEU E 2554 93.51 -5.48 -36.24
N CYS E 2555 92.54 -6.14 -35.63
CA CYS E 2555 91.13 -5.98 -36.01
C CYS E 2555 90.52 -4.65 -35.45
N LEU E 2556 90.83 -4.38 -34.17
CA LEU E 2556 90.20 -3.28 -33.45
C LEU E 2556 90.60 -1.95 -34.11
N ALA E 2557 91.83 -1.87 -34.64
CA ALA E 2557 92.25 -0.69 -35.42
C ALA E 2557 91.48 -0.49 -36.73
N VAL E 2558 91.19 -1.62 -37.36
CA VAL E 2558 90.47 -1.59 -38.61
C VAL E 2558 88.97 -1.14 -38.43
N LEU E 2559 88.37 -1.48 -37.26
CA LEU E 2559 86.92 -1.22 -36.98
C LEU E 2559 86.40 0.23 -37.21
N PRO E 2560 87.06 1.26 -36.66
CA PRO E 2560 86.39 2.58 -36.72
C PRO E 2560 86.65 3.33 -38.03
N LEU E 2561 86.66 2.63 -39.16
CA LEU E 2561 86.64 3.29 -40.48
C LEU E 2561 85.34 4.13 -40.66
N ILE E 2562 84.30 3.77 -39.95
CA ILE E 2562 83.02 4.45 -39.92
C ILE E 2562 82.81 5.40 -38.70
N PRO E 2567 93.09 19.07 -33.92
CA PRO E 2567 92.86 19.19 -35.36
C PRO E 2567 93.96 18.52 -36.21
N LEU E 2568 94.42 19.18 -37.29
CA LEU E 2568 94.90 18.44 -38.48
C LEU E 2568 96.25 17.78 -38.28
N PHE E 2569 97.09 18.45 -37.52
CA PHE E 2569 98.45 17.88 -37.36
C PHE E 2569 98.38 16.70 -36.37
N ALA E 2570 97.38 16.71 -35.44
CA ALA E 2570 97.08 15.52 -34.52
C ALA E 2570 96.76 14.30 -35.45
N GLY E 2571 96.04 14.60 -36.54
CA GLY E 2571 95.68 13.59 -37.54
C GLY E 2571 96.93 13.13 -38.32
N THR E 2572 97.89 14.06 -38.55
CA THR E 2572 99.21 13.69 -39.10
C THR E 2572 99.93 12.68 -38.16
N GLU E 2573 99.74 12.90 -36.87
CA GLU E 2573 100.35 12.01 -35.86
C GLU E 2573 99.68 10.57 -35.76
N HIS E 2574 98.35 10.50 -35.56
CA HIS E 2574 97.68 9.14 -35.37
C HIS E 2574 97.74 8.43 -36.75
N ARG E 2575 97.76 9.22 -37.85
CA ARG E 2575 97.99 8.65 -39.24
C ARG E 2575 99.41 8.09 -39.38
N ALA E 2576 100.37 8.78 -38.76
CA ALA E 2576 101.75 8.29 -38.75
C ALA E 2576 101.82 6.96 -37.88
N ILE E 2577 100.97 6.82 -36.82
CA ILE E 2577 100.81 5.52 -35.97
C ILE E 2577 100.32 4.35 -36.84
N MET E 2578 99.41 4.74 -37.72
CA MET E 2578 98.90 3.80 -38.71
C MET E 2578 99.98 3.46 -39.80
N VAL E 2579 100.82 4.46 -40.14
CA VAL E 2579 101.94 4.25 -41.09
C VAL E 2579 102.96 3.31 -40.37
N ASP E 2580 103.03 3.37 -39.02
CA ASP E 2580 103.81 2.40 -38.19
C ASP E 2580 103.20 1.00 -38.33
N SER E 2581 101.88 0.93 -38.40
CA SER E 2581 101.25 -0.35 -38.64
C SER E 2581 101.59 -0.85 -40.12
N MET E 2582 101.75 0.11 -41.07
CA MET E 2582 102.24 -0.20 -42.48
C MET E 2582 103.67 -0.77 -42.42
N LEU E 2583 104.43 -0.23 -41.46
CA LEU E 2583 105.80 -0.73 -41.20
C LEU E 2583 105.76 -2.15 -40.62
N HIS E 2584 104.72 -2.43 -39.82
CA HIS E 2584 104.50 -3.79 -39.30
C HIS E 2584 104.14 -4.68 -40.49
N THR E 2585 103.52 -4.09 -41.52
CA THR E 2585 103.22 -4.82 -42.77
C THR E 2585 104.45 -4.95 -43.70
N VAL E 2586 105.48 -4.16 -43.39
CA VAL E 2586 106.68 -4.12 -44.26
C VAL E 2586 107.72 -5.17 -43.81
N ARG E 2591 95.01 -13.17 -39.04
CA ARG E 2591 96.40 -12.80 -38.80
C ARG E 2591 96.95 -11.89 -39.87
N GLY E 2592 97.87 -12.37 -40.71
CA GLY E 2592 98.53 -11.50 -41.68
C GLY E 2592 97.54 -11.04 -42.79
N ARG E 2593 96.55 -11.86 -43.10
CA ARG E 2593 95.50 -11.42 -44.03
C ARG E 2593 94.61 -10.35 -43.34
N SER E 2594 94.48 -10.44 -41.99
CA SER E 2594 93.84 -9.34 -41.19
C SER E 2594 94.70 -8.06 -41.29
N LEU E 2595 96.02 -8.24 -41.44
CA LEU E 2595 96.93 -7.11 -41.72
C LEU E 2595 96.67 -6.52 -43.15
N THR E 2596 96.30 -7.38 -44.09
CA THR E 2596 95.85 -6.91 -45.41
C THR E 2596 94.53 -6.12 -45.27
N LYS E 2597 93.71 -6.54 -44.32
CA LYS E 2597 92.50 -5.78 -43.98
C LYS E 2597 92.87 -4.42 -43.31
N ALA E 2598 94.00 -4.39 -42.63
CA ALA E 2598 94.56 -3.11 -42.11
C ALA E 2598 95.05 -2.24 -43.29
N GLN E 2599 95.55 -2.88 -44.37
CA GLN E 2599 95.92 -2.13 -45.61
C GLN E 2599 94.67 -1.53 -46.26
N ARG E 2600 93.57 -2.28 -46.12
CA ARG E 2600 92.25 -1.81 -46.53
C ARG E 2600 91.80 -0.64 -45.64
N ASP E 2601 92.20 -0.69 -44.34
CA ASP E 2601 91.93 0.41 -43.36
C ASP E 2601 92.74 1.67 -43.77
N VAL E 2602 93.88 1.41 -44.42
CA VAL E 2602 94.74 2.50 -44.94
C VAL E 2602 94.15 3.20 -46.18
N ILE E 2603 93.76 2.36 -47.15
CA ILE E 2603 93.17 2.92 -48.38
C ILE E 2603 91.80 3.61 -48.03
N GLU E 2604 91.09 3.02 -47.03
CA GLU E 2604 89.82 3.61 -46.48
C GLU E 2604 90.11 4.95 -45.76
N ASP E 2605 91.28 5.04 -45.07
CA ASP E 2605 91.71 6.28 -44.37
C ASP E 2605 91.94 7.37 -45.46
N CYS E 2606 92.49 6.95 -46.64
CA CYS E 2606 92.62 7.84 -47.84
C CYS E 2606 91.22 8.30 -48.36
N LEU E 2607 90.24 7.40 -48.30
CA LEU E 2607 88.83 7.72 -48.77
C LEU E 2607 88.08 8.66 -47.78
N MET E 2608 88.48 8.59 -46.51
CA MET E 2608 87.76 9.21 -45.39
C MET E 2608 87.83 10.71 -45.46
N ALA E 2609 88.88 11.25 -46.10
CA ALA E 2609 89.35 12.60 -45.85
C ALA E 2609 90.29 13.00 -46.94
N ARG E 2615 92.51 19.52 -42.07
CA ARG E 2615 93.31 19.81 -43.26
C ARG E 2615 93.97 18.58 -43.84
N PRO E 2616 93.66 18.29 -45.10
CA PRO E 2616 94.10 17.07 -45.81
C PRO E 2616 95.62 16.98 -45.94
N SER E 2617 96.22 18.16 -46.03
CA SER E 2617 97.63 18.25 -46.22
C SER E 2617 98.45 17.61 -45.05
N MET E 2618 97.94 17.69 -43.80
CA MET E 2618 98.65 17.03 -42.66
C MET E 2618 98.61 15.50 -42.83
N LEU E 2619 97.54 15.01 -43.46
CA LEU E 2619 97.50 13.61 -43.88
C LEU E 2619 98.53 13.30 -44.99
N GLN E 2620 98.75 14.32 -45.83
CA GLN E 2620 99.79 14.20 -46.82
C GLN E 2620 101.26 14.27 -46.09
N HIS E 2621 101.33 14.81 -44.86
CA HIS E 2621 102.60 14.81 -44.00
C HIS E 2621 102.86 13.45 -43.32
N LEU E 2622 101.77 12.85 -42.85
CA LEU E 2622 101.84 11.46 -42.38
C LEU E 2622 102.17 10.53 -43.54
N LEU E 2623 101.71 10.94 -44.76
CA LEU E 2623 102.04 10.24 -46.03
C LEU E 2623 103.47 10.66 -46.51
N ARG E 2624 104.06 11.66 -45.85
CA ARG E 2624 105.47 12.03 -46.10
C ARG E 2624 106.42 11.11 -45.28
N ARG E 2625 106.09 10.93 -43.98
CA ARG E 2625 106.78 9.93 -43.16
C ARG E 2625 106.56 8.50 -43.80
N LEU E 2626 105.33 8.33 -44.29
CA LEU E 2626 104.97 7.11 -45.02
C LEU E 2626 105.74 7.01 -46.41
N VAL E 2627 106.06 8.17 -47.02
CA VAL E 2627 106.94 8.24 -48.25
C VAL E 2627 108.35 7.75 -47.90
N PHE E 2628 108.77 8.03 -46.64
CA PHE E 2628 110.03 7.44 -46.11
C PHE E 2628 109.97 5.92 -46.04
N ASP E 2629 108.82 5.46 -45.61
CA ASP E 2629 108.57 4.03 -45.60
C ASP E 2629 108.51 3.44 -47.06
N VAL E 2630 108.05 4.28 -48.02
CA VAL E 2630 107.91 3.88 -49.46
C VAL E 2630 109.26 3.66 -50.12
N PRO E 2631 110.16 4.60 -49.81
CA PRO E 2631 111.51 4.49 -50.25
C PRO E 2631 112.24 3.33 -49.47
N ILE E 2632 111.79 3.09 -48.21
CA ILE E 2632 112.32 1.95 -47.40
C ILE E 2632 111.94 0.60 -48.09
N LEU E 2633 110.80 0.58 -48.78
CA LEU E 2633 110.30 -0.66 -49.49
C LEU E 2633 111.22 -1.10 -50.65
N ASN E 2634 111.87 -0.12 -51.28
CA ASN E 2634 112.63 -0.36 -52.54
C ASN E 2634 113.54 0.82 -52.83
N LYS E 2638 106.33 -7.09 -45.97
CA LYS E 2638 107.25 -6.93 -47.10
C LYS E 2638 106.59 -6.25 -48.35
N MET E 2639 106.01 -7.12 -49.21
CA MET E 2639 105.21 -6.68 -50.39
C MET E 2639 103.97 -5.80 -49.96
N PRO E 2640 103.46 -6.00 -48.72
CA PRO E 2640 102.31 -5.16 -48.18
C PRO E 2640 102.72 -3.66 -48.08
N LEU E 2641 104.01 -3.37 -47.84
CA LEU E 2641 104.52 -1.96 -47.99
C LEU E 2641 104.43 -1.46 -49.47
N LYS E 2642 104.62 -2.36 -50.45
CA LYS E 2642 104.33 -2.01 -51.91
C LYS E 2642 102.81 -1.79 -52.15
N LEU E 2643 102.00 -2.52 -51.38
CA LEU E 2643 100.51 -2.29 -51.40
C LEU E 2643 100.18 -0.90 -50.74
N LEU E 2644 100.99 -0.53 -49.71
CA LEU E 2644 100.90 0.83 -49.05
C LEU E 2644 101.29 1.88 -50.15
N THR E 2645 102.23 1.51 -51.06
CA THR E 2645 102.56 2.33 -52.29
C THR E 2645 101.38 2.43 -53.28
N ASN E 2646 100.55 1.38 -53.31
CA ASN E 2646 99.35 1.37 -54.19
C ASN E 2646 98.22 2.32 -53.67
N HIS E 2647 97.93 2.20 -52.36
CA HIS E 2647 96.90 3.09 -51.68
C HIS E 2647 97.41 4.53 -51.70
N TYR E 2648 98.76 4.65 -51.53
CA TYR E 2648 99.46 5.96 -51.58
C TYR E 2648 99.39 6.51 -53.03
N GLU E 2649 99.36 5.60 -54.03
CA GLU E 2649 99.33 6.01 -55.47
C GLU E 2649 97.93 6.59 -55.91
N ARG E 2650 96.86 5.88 -55.51
CA ARG E 2650 95.47 6.34 -55.80
C ARG E 2650 95.19 7.66 -54.96
N CYS E 2651 95.68 7.69 -53.70
CA CYS E 2651 95.56 8.91 -52.83
C CYS E 2651 96.42 10.07 -53.43
N TRP E 2652 97.54 9.74 -54.08
CA TRP E 2652 98.37 10.73 -54.79
C TRP E 2652 97.56 11.24 -56.01
N LYS E 2653 96.75 10.36 -56.64
CA LYS E 2653 95.83 10.82 -57.73
C LYS E 2653 94.71 11.80 -57.11
N TYR E 2654 94.34 11.53 -55.84
CA TYR E 2654 93.44 12.46 -55.09
C TYR E 2654 94.19 13.81 -54.82
N TYR E 2655 95.52 13.71 -54.62
CA TYR E 2655 96.40 14.93 -54.50
C TYR E 2655 96.44 15.69 -55.87
N CYS E 2656 96.34 14.93 -57.00
CA CYS E 2656 96.18 15.54 -58.39
C CYS E 2656 94.88 16.31 -58.43
N LEU E 2657 93.86 15.78 -57.75
CA LEU E 2657 92.59 16.53 -57.58
C LEU E 2657 92.76 17.80 -56.70
N PRO E 2658 93.64 17.74 -55.71
CA PRO E 2658 94.03 18.97 -54.95
C PRO E 2658 94.84 19.91 -55.82
N THR E 2659 95.57 19.31 -56.78
CA THR E 2659 96.42 20.07 -57.70
C THR E 2659 95.53 20.58 -58.87
N GLY E 2660 94.24 20.19 -58.94
CA GLY E 2660 93.29 20.53 -60.07
C GLY E 2660 91.83 20.42 -59.63
N THR E 2667 110.05 20.97 -53.17
CA THR E 2667 109.35 20.78 -51.89
C THR E 2667 109.32 19.32 -51.43
N SER E 2668 108.31 18.95 -50.62
CA SER E 2668 108.05 17.51 -50.22
C SER E 2668 107.81 16.62 -51.46
N GLU E 2669 107.21 17.23 -52.46
CA GLU E 2669 106.97 16.58 -53.72
C GLU E 2669 108.29 16.23 -54.46
N GLU E 2670 109.34 17.05 -54.34
CA GLU E 2670 110.71 16.74 -54.91
C GLU E 2670 111.25 15.49 -54.23
N GLU E 2671 110.91 15.34 -52.95
CA GLU E 2671 111.25 14.07 -52.22
C GLU E 2671 110.52 12.86 -52.69
N LEU E 2672 109.28 13.15 -53.08
CA LEU E 2672 108.46 12.10 -53.67
C LEU E 2672 109.11 11.76 -55.09
N HIS E 2673 109.73 12.74 -55.81
CA HIS E 2673 110.53 12.50 -57.09
C HIS E 2673 111.75 11.60 -56.76
N LEU E 2674 112.37 11.81 -55.56
CA LEU E 2674 113.47 10.91 -55.06
C LEU E 2674 112.92 9.47 -54.91
N THR E 2675 111.69 9.41 -54.36
CA THR E 2675 110.97 8.13 -54.18
C THR E 2675 110.55 7.53 -55.61
N ARG E 2676 110.35 8.38 -56.64
CA ARG E 2676 110.12 7.95 -58.10
C ARG E 2676 111.42 7.34 -58.67
N LYS E 2677 112.56 7.90 -58.26
CA LYS E 2677 113.85 7.30 -58.64
C LYS E 2677 113.99 5.94 -57.90
N LEU E 2678 113.45 5.85 -56.67
CA LEU E 2678 113.35 4.56 -55.91
C LEU E 2678 112.47 3.56 -56.64
N PHE E 2679 111.46 4.09 -57.33
CA PHE E 2679 110.62 3.28 -58.23
C PHE E 2679 111.41 2.74 -59.44
N TRP E 2680 112.31 3.58 -59.92
CA TRP E 2680 113.20 3.15 -60.99
C TRP E 2680 114.14 2.03 -60.44
N GLY E 2681 114.48 2.15 -59.15
CA GLY E 2681 115.26 1.10 -58.44
C GLY E 2681 114.41 -0.18 -58.30
N ILE E 2682 113.09 -0.02 -58.17
CA ILE E 2682 112.17 -1.18 -58.17
C ILE E 2682 112.15 -1.81 -59.60
N PHE E 2683 112.32 -0.99 -60.67
CA PHE E 2683 112.49 -1.52 -62.08
C PHE E 2683 113.83 -2.28 -62.15
N ASP E 2684 114.83 -1.79 -61.40
CA ASP E 2684 116.13 -2.50 -61.25
C ASP E 2684 115.96 -3.86 -60.47
N SER E 2685 115.00 -3.91 -59.53
CA SER E 2685 114.79 -5.07 -58.59
C SER E 2685 114.46 -6.38 -59.31
N LEU E 2686 113.82 -6.28 -60.48
CA LEU E 2686 113.44 -7.50 -61.21
C LEU E 2686 114.24 -7.63 -62.53
N TYR E 2691 105.19 -12.39 -60.64
CA TYR E 2691 103.82 -12.08 -61.05
C TYR E 2691 103.22 -10.98 -60.14
N ASP E 2692 103.41 -11.08 -58.80
CA ASP E 2692 102.98 -9.97 -57.83
C ASP E 2692 103.68 -8.63 -58.16
N GLN E 2693 104.91 -8.79 -58.74
CA GLN E 2693 105.73 -7.68 -59.24
C GLN E 2693 104.90 -6.81 -60.25
N GLU E 2694 104.09 -7.46 -61.11
CA GLU E 2694 103.15 -6.77 -62.08
C GLU E 2694 102.09 -5.93 -61.35
N LEU E 2695 101.60 -6.42 -60.19
CA LEU E 2695 100.56 -5.66 -59.41
C LEU E 2695 101.15 -4.40 -58.79
N TYR E 2696 102.32 -4.62 -58.15
CA TYR E 2696 103.02 -3.51 -57.50
C TYR E 2696 103.51 -2.50 -58.63
N ARG E 2697 103.79 -3.06 -59.83
CA ARG E 2697 104.08 -2.23 -61.07
C ARG E 2697 102.88 -1.42 -61.58
N MET E 2698 101.67 -1.93 -61.36
CA MET E 2698 100.43 -1.23 -61.80
C MET E 2698 100.19 0.01 -60.87
N ALA E 2699 100.35 -0.25 -59.56
CA ALA E 2699 100.28 0.83 -58.52
C ALA E 2699 101.39 1.87 -58.73
N MET E 2700 102.55 1.36 -59.13
CA MET E 2700 103.69 2.22 -59.49
C MET E 2700 103.36 3.04 -60.77
N PRO E 2701 102.57 2.45 -61.69
CA PRO E 2701 102.13 3.15 -62.93
C PRO E 2701 101.14 4.34 -62.51
N CYS E 2702 100.26 4.06 -61.53
CA CYS E 2702 99.35 5.12 -60.97
C CYS E 2702 100.16 6.21 -60.25
N LEU E 2703 101.27 5.81 -59.59
CA LEU E 2703 102.22 6.74 -58.89
C LEU E 2703 102.92 7.62 -59.96
N CYS E 2704 103.18 7.03 -61.15
CA CYS E 2704 103.79 7.78 -62.30
C CYS E 2704 102.76 8.85 -62.84
N ALA E 2705 101.48 8.42 -62.87
CA ALA E 2705 100.36 9.33 -63.27
C ALA E 2705 100.25 10.50 -62.24
N ILE E 2706 100.48 10.10 -60.96
CA ILE E 2706 100.39 11.02 -59.79
C ILE E 2706 101.50 12.11 -59.80
N ALA E 2707 102.78 11.68 -59.95
CA ALA E 2707 103.96 12.64 -59.95
C ALA E 2707 103.85 13.54 -61.20
N GLY E 2708 103.33 12.97 -62.33
CA GLY E 2708 103.11 13.77 -63.59
C GLY E 2708 102.03 14.86 -63.33
N ALA E 2709 101.02 14.47 -62.52
CA ALA E 2709 99.98 15.44 -62.07
C ALA E 2709 100.53 16.50 -61.08
N LEU E 2710 101.54 16.08 -60.29
CA LEU E 2710 102.26 17.01 -59.37
C LEU E 2710 103.11 17.98 -60.21
N PRO E 2711 103.58 17.54 -61.40
CA PRO E 2711 104.49 18.37 -62.30
C PRO E 2711 103.66 19.43 -63.08
N PRO E 2712 102.31 19.30 -63.01
CA PRO E 2712 101.40 20.18 -63.75
C PRO E 2712 101.16 21.61 -63.20
N ASN E 2734 115.11 -2.10 -41.78
CA ASN E 2734 116.44 -2.23 -41.21
C ASN E 2734 117.31 -1.05 -41.63
N PHE E 2735 117.17 0.10 -40.96
CA PHE E 2735 118.18 1.15 -41.11
C PHE E 2735 119.58 0.68 -40.67
N ASP E 2736 120.59 0.87 -41.55
CA ASP E 2736 121.97 0.37 -41.31
C ASP E 2736 123.00 1.44 -41.61
N PRO E 2737 123.09 2.44 -40.68
CA PRO E 2737 124.03 3.52 -40.85
C PRO E 2737 125.50 3.01 -40.95
N ARG E 2738 126.34 3.62 -41.80
CA ARG E 2738 127.82 3.35 -41.76
C ARG E 2738 128.58 4.70 -41.72
N PRO E 2739 128.55 5.39 -40.54
CA PRO E 2739 129.22 6.68 -40.38
C PRO E 2739 130.70 6.61 -40.64
N VAL E 2740 131.25 7.65 -41.26
CA VAL E 2740 132.69 7.68 -41.44
C VAL E 2740 133.44 7.92 -40.09
N GLU E 2741 134.65 7.33 -39.95
CA GLU E 2741 135.72 7.61 -38.91
C GLU E 2741 135.82 9.13 -38.68
N THR E 2742 135.78 9.55 -37.42
CA THR E 2742 136.03 10.96 -37.11
C THR E 2742 137.24 11.13 -36.15
N LEU E 2743 137.24 10.39 -35.03
CA LEU E 2743 138.28 10.52 -33.97
C LEU E 2743 139.71 10.13 -34.51
N ASN E 2744 139.78 9.14 -35.43
CA ASN E 2744 141.03 8.75 -36.18
C ASN E 2744 141.72 9.95 -36.88
N VAL E 2745 140.88 10.84 -37.45
CA VAL E 2745 141.34 11.92 -38.31
C VAL E 2745 142.04 12.99 -37.50
N ILE E 2746 143.08 13.58 -38.07
CA ILE E 2746 143.74 14.71 -37.41
C ILE E 2746 143.63 16.05 -38.26
N ILE E 2747 142.81 17.05 -37.83
CA ILE E 2747 142.72 18.44 -38.46
C ILE E 2747 144.05 19.23 -38.26
N PRO E 2748 144.61 19.78 -39.37
CA PRO E 2748 145.86 20.62 -39.21
C PRO E 2748 145.56 21.89 -38.36
N GLU E 2749 146.55 22.32 -37.60
CA GLU E 2749 146.39 23.41 -36.59
C GLU E 2749 145.91 24.78 -37.17
N LYS E 2750 146.33 25.11 -38.40
CA LYS E 2750 145.94 26.36 -39.08
C LYS E 2750 144.42 26.43 -39.31
N LEU E 2751 143.76 25.28 -39.55
CA LEU E 2751 142.27 25.25 -39.74
C LEU E 2751 141.54 25.52 -38.39
N ASP E 2752 142.17 25.26 -37.24
CA ASP E 2752 141.52 25.54 -35.91
C ASP E 2752 141.32 27.11 -35.72
N SER E 2753 142.21 27.95 -36.28
CA SER E 2753 142.03 29.43 -36.30
C SER E 2753 140.79 29.81 -37.14
N PHE E 2754 140.54 29.06 -38.23
CA PHE E 2754 139.29 29.14 -39.02
C PHE E 2754 138.08 28.65 -38.15
N ILE E 2755 138.31 27.63 -37.30
CA ILE E 2755 137.25 27.07 -36.40
C ILE E 2755 136.90 28.16 -35.35
N ASN E 2756 137.88 29.03 -35.00
CA ASN E 2756 137.60 30.21 -34.13
C ASN E 2756 136.59 31.13 -34.80
N LYS E 2757 136.70 31.31 -36.14
CA LYS E 2757 135.79 32.20 -36.92
C LYS E 2757 134.38 31.54 -37.05
N PHE E 2758 134.31 30.26 -37.46
CA PHE E 2758 133.01 29.57 -37.65
C PHE E 2758 132.30 29.37 -36.29
N ALA E 2759 133.06 29.19 -35.21
CA ALA E 2759 132.45 29.02 -33.85
C ALA E 2759 132.05 30.37 -33.26
N GLU E 2760 132.86 31.40 -33.50
CA GLU E 2760 132.50 32.77 -33.07
C GLU E 2760 131.23 33.21 -33.85
N TYR E 2761 131.15 32.79 -35.12
CA TYR E 2761 129.91 33.01 -35.93
C TYR E 2761 128.79 32.14 -35.33
N THR E 2762 129.12 30.96 -34.77
CA THR E 2762 128.11 30.03 -34.19
C THR E 2762 127.45 30.71 -32.99
N HIS E 2763 128.26 31.29 -32.08
CA HIS E 2763 127.71 32.12 -30.97
C HIS E 2763 127.04 33.42 -31.42
N GLU E 2764 127.55 34.05 -32.49
CA GLU E 2764 126.90 35.26 -32.99
C GLU E 2764 125.48 34.96 -33.54
N LYS E 2765 125.31 33.82 -34.20
CA LYS E 2765 124.00 33.47 -34.77
C LYS E 2765 123.11 32.84 -33.65
N TRP E 2766 123.69 32.06 -32.76
CA TRP E 2766 122.96 31.46 -31.63
C TRP E 2766 122.50 32.53 -30.61
N ALA E 2767 123.26 33.65 -30.49
CA ALA E 2767 122.84 34.80 -29.61
C ALA E 2767 121.82 35.65 -30.38
N PHE E 2768 122.07 35.83 -31.70
CA PHE E 2768 121.14 36.61 -32.56
C PHE E 2768 119.73 35.93 -32.70
N ASP E 2769 119.66 34.59 -32.72
CA ASP E 2769 118.35 33.79 -32.68
C ASP E 2769 117.57 34.15 -31.41
N LYS E 2770 118.33 34.29 -30.30
CA LYS E 2770 117.77 34.74 -29.03
C LYS E 2770 117.29 36.22 -29.13
N ILE E 2771 118.04 37.03 -29.91
CA ILE E 2771 117.66 38.45 -30.15
C ILE E 2771 116.35 38.52 -31.03
N GLN E 2772 116.12 37.52 -31.89
CA GLN E 2772 114.90 37.47 -32.75
C GLN E 2772 113.61 37.37 -31.88
N ASN E 2773 113.70 36.76 -30.69
CA ASN E 2773 112.53 36.66 -29.72
C ASN E 2773 112.70 37.51 -28.41
N ASN E 2774 113.58 38.50 -28.50
CA ASN E 2774 113.81 39.39 -27.29
C ASN E 2774 114.40 38.73 -25.99
N TRP E 2775 115.22 37.70 -26.17
CA TRP E 2775 115.93 37.07 -25.03
C TRP E 2775 117.08 37.94 -24.55
N SER E 2776 117.42 37.80 -23.28
CA SER E 2776 118.42 38.60 -22.61
C SER E 2776 119.25 37.80 -21.55
N TYR E 2777 120.39 38.38 -21.10
CA TYR E 2777 121.28 37.77 -20.06
C TYR E 2777 120.48 37.62 -18.72
N GLY E 2778 120.63 36.50 -18.00
CA GLY E 2778 119.95 36.27 -16.69
C GLY E 2778 120.70 35.34 -15.73
N GLU E 2779 120.43 35.51 -14.43
CA GLU E 2779 120.93 34.58 -13.39
C GLU E 2779 120.37 33.14 -13.54
N ASN E 2780 119.22 32.98 -14.20
CA ASN E 2780 118.57 31.65 -14.32
C ASN E 2780 117.90 31.36 -15.69
N VAL E 2781 117.76 30.07 -16.03
CA VAL E 2781 117.07 29.62 -17.27
C VAL E 2781 115.58 29.70 -17.00
N ASP E 2782 115.07 30.92 -16.93
CA ASP E 2782 113.69 31.17 -16.63
C ASP E 2782 113.04 31.59 -17.95
N GLU E 2783 112.39 30.64 -18.64
CA GLU E 2783 111.86 30.92 -20.02
C GLU E 2783 110.65 31.90 -19.91
N GLU E 2784 109.96 31.94 -18.77
CA GLU E 2784 108.90 32.97 -18.50
C GLU E 2784 109.46 34.39 -18.37
N LEU E 2785 110.71 34.48 -17.86
CA LEU E 2785 111.37 35.79 -17.58
C LEU E 2785 111.90 36.45 -18.91
N LYS E 2786 111.76 35.71 -20.03
CA LYS E 2786 112.30 36.11 -21.35
C LYS E 2786 113.86 36.35 -21.22
N THR E 2787 114.60 35.44 -20.54
CA THR E 2787 116.05 35.56 -20.31
C THR E 2787 116.81 34.23 -20.25
N HIS E 2788 118.05 34.21 -20.72
CA HIS E 2788 118.85 33.04 -20.70
C HIS E 2788 120.29 33.39 -20.18
N PRO E 2789 120.89 32.50 -19.32
CA PRO E 2789 122.27 32.68 -18.70
C PRO E 2789 123.42 32.83 -19.69
N MET E 2790 123.36 32.18 -20.84
CA MET E 2790 124.51 32.13 -21.73
C MET E 2790 124.64 33.37 -22.65
N LEU E 2791 123.70 34.34 -22.61
CA LEU E 2791 123.76 35.52 -23.55
C LEU E 2791 124.79 36.56 -23.07
N ARG E 2792 126.04 36.13 -23.14
CA ARG E 2792 127.19 36.94 -22.80
C ARG E 2792 128.21 36.75 -23.95
N PRO E 2793 129.08 37.76 -24.16
CA PRO E 2793 129.90 37.83 -25.41
C PRO E 2793 130.85 36.65 -25.61
N TYR E 2794 131.05 36.23 -26.88
CA TYR E 2794 131.82 34.99 -27.21
C TYR E 2794 133.27 35.09 -26.68
N LYS E 2795 133.81 36.32 -26.68
CA LYS E 2795 135.13 36.65 -26.08
C LYS E 2795 135.25 36.25 -24.56
N THR E 2796 134.14 36.44 -23.82
CA THR E 2796 134.09 36.17 -22.38
C THR E 2796 134.16 34.66 -22.11
N PHE E 2797 133.76 33.82 -23.09
CA PHE E 2797 133.79 32.36 -22.92
C PHE E 2797 135.22 31.85 -22.62
N SER E 2798 135.30 30.89 -21.67
CA SER E 2798 136.49 30.09 -21.45
C SER E 2798 136.60 29.20 -22.73
N GLU E 2799 137.82 28.81 -23.12
CA GLU E 2799 138.02 28.07 -24.41
C GLU E 2799 137.27 26.71 -24.38
N LYS E 2800 137.17 26.13 -23.18
CA LYS E 2800 136.41 24.86 -22.97
C LYS E 2800 134.92 25.08 -23.24
N ASP E 2801 134.38 26.26 -22.88
CA ASP E 2801 132.96 26.62 -23.23
C ASP E 2801 132.82 26.81 -24.73
N LYS E 2802 133.86 27.30 -25.39
CA LYS E 2802 133.89 27.43 -26.86
C LYS E 2802 133.95 26.04 -27.51
N GLU E 2803 134.57 25.06 -26.81
CA GLU E 2803 134.65 23.65 -27.30
C GLU E 2803 133.22 22.99 -27.43
N ILE E 2804 132.23 23.41 -26.63
CA ILE E 2804 130.82 22.88 -26.72
C ILE E 2804 130.23 23.24 -28.13
N TYR E 2805 130.62 24.42 -28.68
CA TYR E 2805 130.29 24.86 -30.10
C TYR E 2805 131.24 24.17 -31.12
N ARG E 2806 132.53 24.21 -30.82
CA ARG E 2806 133.57 23.79 -31.77
C ARG E 2806 133.61 22.27 -32.05
N TRP E 2807 133.33 21.47 -31.02
CA TRP E 2807 133.59 20.02 -31.08
C TRP E 2807 132.74 19.32 -32.20
N PRO E 2808 131.39 19.58 -32.27
CA PRO E 2808 130.65 19.05 -33.51
C PRO E 2808 131.26 19.54 -34.88
N ILE E 2809 131.75 20.80 -34.89
CA ILE E 2809 132.37 21.43 -36.10
C ILE E 2809 133.66 20.70 -36.46
N LYS E 2810 134.51 20.50 -35.45
CA LYS E 2810 135.77 19.72 -35.55
C LYS E 2810 135.51 18.26 -36.01
N GLU E 2811 134.43 17.65 -35.50
CA GLU E 2811 134.04 16.28 -35.92
C GLU E 2811 133.55 16.31 -37.40
N SER E 2812 132.96 17.43 -37.82
CA SER E 2812 132.54 17.59 -39.23
C SER E 2812 133.79 17.78 -40.17
N LEU E 2813 134.75 18.65 -39.78
CA LEU E 2813 136.01 18.88 -40.57
C LEU E 2813 136.84 17.56 -40.62
N LYS E 2814 136.83 16.79 -39.53
CA LYS E 2814 137.48 15.45 -39.54
C LYS E 2814 136.69 14.48 -40.44
N ALA E 2815 135.37 14.66 -40.50
CA ALA E 2815 134.51 13.85 -41.39
C ALA E 2815 134.80 14.16 -42.87
N MET E 2816 135.18 15.40 -43.16
CA MET E 2816 135.55 15.79 -44.55
C MET E 2816 137.00 15.34 -44.88
N ILE E 2817 137.92 15.51 -43.93
CA ILE E 2817 139.32 15.09 -44.13
C ILE E 2817 139.39 13.53 -44.21
N ALA E 2818 138.51 12.79 -43.52
CA ALA E 2818 138.43 11.28 -43.69
C ALA E 2818 137.90 10.90 -45.08
N TRP E 2819 137.08 11.80 -45.64
CA TRP E 2819 136.63 11.71 -47.04
C TRP E 2819 137.69 12.36 -47.96
N GLU E 2820 138.68 12.98 -47.31
CA GLU E 2820 139.82 13.65 -47.99
C GLU E 2820 139.38 14.79 -48.89
N TRP E 2821 138.23 15.39 -48.58
CA TRP E 2821 137.78 16.55 -49.32
C TRP E 2821 138.72 17.74 -49.03
N THR E 2822 139.02 18.45 -50.11
CA THR E 2822 139.80 19.64 -50.08
C THR E 2822 138.99 20.80 -49.43
N ILE E 2823 139.70 21.53 -48.56
CA ILE E 2823 139.29 22.81 -47.95
C ILE E 2823 140.59 23.74 -47.83
N GLU E 2824 140.74 24.73 -48.71
CA GLU E 2824 142.05 25.44 -48.83
C GLU E 2824 141.86 26.94 -49.17
N LYS E 2825 142.87 27.77 -48.86
CA LYS E 2825 142.79 29.22 -49.16
C LYS E 2825 142.72 29.51 -50.68
N ALA E 2826 141.93 30.51 -51.04
CA ALA E 2826 141.79 30.99 -52.41
C ALA E 2826 141.25 32.44 -52.35
N ARG E 2827 139.95 32.59 -52.60
CA ARG E 2827 139.32 33.91 -52.61
C ARG E 2827 139.26 34.57 -51.21
N GLU E 2828 139.35 35.92 -51.20
CA GLU E 2828 139.18 36.75 -49.98
C GLU E 2828 137.82 36.56 -49.35
N GLY E 2829 137.82 36.55 -48.02
CA GLY E 2829 136.59 36.43 -47.27
C GLY E 2829 135.74 37.70 -47.12
N GLU E 2830 134.69 37.59 -46.30
CA GLU E 2830 133.79 38.73 -45.96
C GLU E 2830 133.31 38.69 -44.52
N TYR E 2849 112.99 46.01 -36.23
CA TYR E 2849 114.00 45.40 -35.37
C TYR E 2849 114.47 46.43 -34.27
N ASP E 2850 113.62 46.76 -33.25
CA ASP E 2850 114.02 47.68 -32.07
C ASP E 2850 115.17 46.91 -31.23
N PRO E 2851 116.38 47.53 -30.98
CA PRO E 2851 117.62 46.73 -30.56
C PRO E 2851 117.46 46.02 -29.21
N ARG E 2852 118.07 44.83 -29.06
CA ARG E 2852 117.82 43.98 -27.85
C ARG E 2852 118.79 44.14 -26.66
N GLU E 2853 118.34 43.88 -25.42
CA GLU E 2853 119.26 43.87 -24.24
C GLU E 2853 120.22 42.63 -24.30
N GLY E 2854 121.41 42.67 -23.69
CA GLY E 2854 122.41 41.54 -23.78
C GLY E 2854 123.31 41.75 -24.99
N TYR E 2855 124.21 40.80 -25.22
CA TYR E 2855 125.17 40.94 -26.31
C TYR E 2855 124.40 40.96 -27.66
N ASN E 2856 124.83 41.83 -28.61
CA ASN E 2856 124.04 42.11 -29.88
C ASN E 2856 124.77 41.90 -31.25
N PRO E 2857 125.17 40.61 -31.54
CA PRO E 2857 125.96 40.30 -32.76
C PRO E 2857 125.14 40.54 -34.02
N GLN E 2858 125.82 40.94 -35.08
CA GLN E 2858 125.16 41.06 -36.37
C GLN E 2858 125.97 40.21 -37.38
N PRO E 2859 125.67 38.86 -37.39
CA PRO E 2859 126.38 37.80 -38.18
C PRO E 2859 126.41 38.11 -39.70
N PRO E 2860 127.55 37.79 -40.40
CA PRO E 2860 127.67 37.90 -41.85
C PRO E 2860 126.59 37.03 -42.55
N ASP E 2861 126.08 37.50 -43.71
CA ASP E 2861 124.92 36.88 -44.37
C ASP E 2861 125.25 35.56 -45.13
N LEU E 2862 125.38 34.44 -44.38
CA LEU E 2862 125.56 33.04 -44.94
C LEU E 2862 124.33 32.66 -45.75
N SER E 2863 123.16 33.20 -45.36
CA SER E 2863 121.88 32.86 -46.00
C SER E 2863 121.88 33.34 -47.48
N GLY E 2864 122.63 34.41 -47.80
CA GLY E 2864 122.77 34.92 -49.20
C GLY E 2864 123.77 34.12 -50.03
N VAL E 2865 124.64 33.37 -49.34
CA VAL E 2865 125.57 32.45 -50.01
C VAL E 2865 124.75 31.30 -50.67
N THR E 2866 125.09 30.93 -51.89
CA THR E 2866 124.36 29.87 -52.65
C THR E 2866 125.42 28.88 -53.16
N LEU E 2867 125.40 27.67 -52.60
CA LEU E 2867 126.32 26.62 -53.02
C LEU E 2867 126.08 26.21 -54.53
N SER E 2868 127.15 25.93 -55.28
CA SER E 2868 127.07 25.33 -56.65
C SER E 2868 126.52 23.90 -56.46
N ARG E 2869 125.91 23.36 -57.50
CA ARG E 2869 125.24 22.04 -57.40
C ARG E 2869 126.25 20.89 -57.01
N GLU E 2870 127.54 21.07 -57.38
CA GLU E 2870 128.63 20.20 -56.88
C GLU E 2870 128.69 20.29 -55.31
N LEU E 2871 128.86 21.53 -54.83
CA LEU E 2871 128.86 21.84 -53.36
C LEU E 2871 127.47 21.55 -52.72
N GLN E 2872 126.36 21.68 -53.47
CA GLN E 2872 125.01 21.31 -52.95
C GLN E 2872 124.91 19.81 -52.72
N ALA E 2873 125.52 19.02 -53.63
CA ALA E 2873 125.61 17.56 -53.45
C ALA E 2873 126.53 17.30 -52.25
N MET E 2874 127.55 18.15 -52.07
CA MET E 2874 128.46 18.07 -50.89
C MET E 2874 127.65 18.35 -49.58
N ALA E 2875 126.66 19.27 -49.64
CA ALA E 2875 125.74 19.53 -48.49
C ALA E 2875 124.83 18.34 -48.27
N GLU E 2876 124.45 17.70 -49.40
CA GLU E 2876 123.64 16.47 -49.35
C GLU E 2876 124.40 15.34 -48.61
N GLN E 2877 125.71 15.24 -48.86
CA GLN E 2877 126.52 14.13 -48.32
C GLN E 2877 127.01 14.45 -46.86
N LEU E 2878 127.30 15.73 -46.53
CA LEU E 2878 127.57 16.11 -45.10
C LEU E 2878 126.30 15.91 -44.26
N ALA E 2879 125.12 16.18 -44.86
CA ALA E 2879 123.83 15.87 -44.20
C ALA E 2879 123.67 14.35 -44.06
N GLU E 2880 124.18 13.62 -45.04
CA GLU E 2880 124.20 12.14 -44.99
C GLU E 2880 125.12 11.66 -43.83
N ASN E 2881 126.20 12.42 -43.56
CA ASN E 2881 127.13 12.15 -42.41
C ASN E 2881 126.44 12.40 -41.07
N TYR E 2882 125.73 13.56 -40.97
CA TYR E 2882 124.97 13.93 -39.73
C TYR E 2882 123.94 12.83 -39.50
N HIS E 2883 123.35 12.34 -40.59
CA HIS E 2883 122.30 11.31 -40.50
C HIS E 2883 122.80 9.92 -40.08
N ASN E 2884 123.85 9.44 -40.73
CA ASN E 2884 124.41 8.15 -40.39
C ASN E 2884 125.09 8.16 -39.00
N THR E 2885 125.70 9.30 -38.61
CA THR E 2885 126.45 9.33 -37.33
C THR E 2885 125.51 9.55 -36.17
N TRP E 2886 124.71 10.63 -36.28
CA TRP E 2886 123.77 10.95 -35.21
C TRP E 2886 122.69 9.83 -35.20
N GLY E 2887 122.36 9.20 -36.34
CA GLY E 2887 121.41 8.07 -36.45
C GLY E 2887 121.95 6.78 -35.86
N ARG E 2888 123.24 6.49 -36.06
CA ARG E 2888 123.81 5.27 -35.47
C ARG E 2888 123.94 5.46 -33.93
N LYS E 2889 124.41 6.66 -33.51
CA LYS E 2889 124.52 7.00 -32.05
C LYS E 2889 123.11 7.01 -31.43
N LYS E 2890 122.10 7.42 -32.20
CA LYS E 2890 120.69 7.40 -31.74
C LYS E 2890 120.17 5.99 -31.60
N LYS E 2891 120.56 5.09 -32.52
CA LYS E 2891 120.10 3.68 -32.47
C LYS E 2891 120.76 2.96 -31.26
N GLN E 2892 122.07 3.13 -31.12
CA GLN E 2892 122.80 2.52 -30.01
C GLN E 2892 122.41 3.16 -28.66
N GLU E 2893 121.99 4.42 -28.68
CA GLU E 2893 121.49 5.11 -27.46
C GLU E 2893 120.14 4.51 -27.02
N LEU E 2894 119.20 4.37 -27.96
CA LEU E 2894 117.89 3.83 -27.61
C LEU E 2894 117.98 2.30 -27.25
N GLU E 2895 118.89 1.59 -27.91
CA GLU E 2895 119.18 0.20 -27.48
C GLU E 2895 119.91 0.19 -26.08
N ALA E 2896 120.71 1.20 -25.77
CA ALA E 2896 121.33 1.36 -24.39
C ALA E 2896 120.27 1.64 -23.32
N LYS E 2897 119.20 2.35 -23.68
CA LYS E 2897 118.05 2.58 -22.76
C LYS E 2897 117.02 1.38 -22.76
N GLY E 2898 117.19 0.43 -23.67
CA GLY E 2898 116.25 -0.69 -23.85
C GLY E 2898 115.05 -0.26 -24.66
N GLY E 2899 115.13 0.93 -25.23
CA GLY E 2899 113.97 1.54 -25.85
C GLY E 2899 113.86 1.20 -27.31
N GLY E 2900 113.04 2.01 -27.97
CA GLY E 2900 112.66 1.73 -29.33
C GLY E 2900 113.51 2.37 -30.39
N THR E 2901 112.98 3.49 -30.90
CA THR E 2901 113.43 4.07 -32.16
C THR E 2901 112.99 5.54 -32.33
N HIS E 2902 113.49 6.15 -33.39
CA HIS E 2902 113.19 7.52 -33.75
C HIS E 2902 112.71 7.56 -35.27
N PRO E 2903 111.82 8.54 -35.66
CA PRO E 2903 111.30 8.67 -37.10
C PRO E 2903 112.35 8.83 -38.19
N LEU E 2904 113.42 9.60 -37.86
CA LEU E 2904 114.59 9.81 -38.75
C LEU E 2904 115.48 8.55 -38.87
N LEU E 2905 115.32 7.48 -38.07
CA LEU E 2905 116.21 6.28 -38.22
C LEU E 2905 115.71 5.44 -39.45
N VAL E 2906 115.77 6.11 -40.62
CA VAL E 2906 115.57 5.49 -41.95
C VAL E 2906 116.76 5.98 -42.85
N PRO E 2907 117.18 5.16 -43.84
CA PRO E 2907 118.40 5.49 -44.64
C PRO E 2907 118.29 6.82 -45.33
N TYR E 2908 119.43 7.51 -45.43
CA TYR E 2908 119.41 8.91 -45.83
C TYR E 2908 118.78 9.11 -47.23
N ASP E 2909 119.04 8.15 -48.13
CA ASP E 2909 118.42 8.15 -49.48
C ASP E 2909 116.85 8.05 -49.38
N THR E 2910 116.37 7.29 -48.38
CA THR E 2910 114.93 7.06 -48.17
C THR E 2910 114.18 8.30 -47.65
N LEU E 2911 114.91 9.21 -47.02
CA LEU E 2911 114.31 10.36 -46.40
C LEU E 2911 113.54 11.23 -47.44
N THR E 2912 112.41 11.77 -47.03
CA THR E 2912 111.86 12.89 -47.74
C THR E 2912 112.85 14.08 -47.61
N ALA E 2913 112.95 14.90 -48.68
CA ALA E 2913 113.89 16.04 -48.81
C ALA E 2913 113.68 17.02 -47.69
N LYS E 2914 112.43 17.18 -47.20
CA LYS E 2914 112.18 18.03 -46.02
C LYS E 2914 112.92 17.51 -44.73
N GLU E 2915 112.94 16.18 -44.54
CA GLU E 2915 113.72 15.54 -43.45
C GLU E 2915 115.27 15.67 -43.68
N LYS E 2916 115.67 15.64 -44.96
CA LYS E 2916 117.09 15.81 -45.35
C LYS E 2916 117.49 17.28 -45.09
N ALA E 2917 116.50 18.21 -45.13
CA ALA E 2917 116.71 19.72 -45.12
C ALA E 2917 117.26 20.12 -43.81
N ARG E 2918 116.85 19.44 -42.73
CA ARG E 2918 117.26 19.79 -41.37
C ARG E 2918 118.79 19.58 -41.21
N ASP E 2919 119.28 18.39 -41.57
CA ASP E 2919 120.74 18.14 -41.66
C ASP E 2919 121.44 19.03 -42.77
N ARG E 2920 120.72 19.27 -43.89
CA ARG E 2920 121.30 20.01 -45.06
C ARG E 2920 121.57 21.49 -44.71
N GLU E 2921 120.69 22.11 -43.89
CA GLU E 2921 120.83 23.51 -43.40
C GLU E 2921 122.08 23.61 -42.48
N LYS E 2922 122.41 22.51 -41.78
CA LYS E 2922 123.64 22.43 -40.97
C LYS E 2922 124.88 22.25 -41.85
N ALA E 2923 124.73 21.49 -42.93
CA ALA E 2923 125.83 21.28 -43.87
C ALA E 2923 126.12 22.53 -44.69
N GLN E 2924 125.11 23.36 -44.89
CA GLN E 2924 125.23 24.55 -45.73
C GLN E 2924 125.69 25.72 -44.91
N GLU E 2925 125.32 25.66 -43.63
CA GLU E 2925 125.94 26.42 -42.55
C GLU E 2925 127.41 26.38 -42.76
N LEU E 2926 127.83 25.14 -42.88
CA LEU E 2926 129.22 24.91 -42.90
C LEU E 2926 129.91 25.26 -44.11
N LEU E 2927 129.39 24.64 -45.11
CA LEU E 2927 129.89 24.87 -46.53
C LEU E 2927 129.65 26.34 -47.02
N LYS E 2928 128.52 26.97 -46.63
CA LYS E 2928 128.24 28.39 -47.00
C LYS E 2928 129.26 29.32 -46.34
N PHE E 2929 129.68 29.00 -45.11
CA PHE E 2929 130.67 29.82 -44.44
C PHE E 2929 132.05 29.59 -45.13
N LEU E 2930 132.26 28.35 -45.59
CA LEU E 2930 133.47 27.99 -46.40
C LEU E 2930 133.51 28.73 -47.74
N GLN E 2931 132.35 28.98 -48.33
CA GLN E 2931 132.29 29.71 -49.61
C GLN E 2931 132.45 31.24 -49.33
N MET E 2932 131.85 31.72 -48.22
CA MET E 2932 131.97 33.13 -47.80
C MET E 2932 133.40 33.49 -47.48
N ASN E 2933 134.18 32.55 -46.92
CA ASN E 2933 135.61 32.82 -46.65
C ASN E 2933 136.42 32.76 -47.98
N GLY E 2934 135.77 32.22 -49.02
CA GLY E 2934 136.36 32.18 -50.35
C GLY E 2934 137.24 30.97 -50.53
N TYR E 2935 137.29 30.12 -49.52
CA TYR E 2935 138.06 28.90 -49.62
C TYR E 2935 137.51 27.96 -50.71
N ALA E 2936 138.42 27.37 -51.51
CA ALA E 2936 138.08 26.25 -52.37
C ALA E 2936 137.63 25.07 -51.45
N VAL E 2937 136.50 24.44 -51.79
CA VAL E 2937 135.95 23.30 -51.04
C VAL E 2937 135.38 22.24 -52.03
N THR E 2938 136.06 21.11 -52.23
CA THR E 2938 135.61 20.08 -53.25
C THR E 2938 135.79 18.64 -52.75
N ARG E 2939 135.07 17.70 -53.37
CA ARG E 2939 135.19 16.27 -53.02
C ARG E 2939 136.59 15.71 -53.31
N GLY E 2940 137.28 16.28 -54.30
CA GLY E 2940 138.68 15.91 -54.58
C GLY E 2940 139.07 14.42 -54.69
N TYR E 3016 109.83 19.05 -63.18
CA TYR E 3016 111.11 19.79 -63.42
C TYR E 3016 112.10 19.06 -64.37
N PHE E 3017 113.24 19.70 -64.67
CA PHE E 3017 114.15 19.24 -65.81
C PHE E 3017 114.85 17.92 -65.48
N LEU E 3018 115.15 17.81 -64.18
CA LEU E 3018 115.81 16.62 -63.63
C LEU E 3018 114.92 15.37 -63.90
N SER E 3019 113.57 15.50 -63.88
CA SER E 3019 112.61 14.35 -64.25
C SER E 3019 112.81 13.90 -65.70
N THR E 3020 113.05 14.89 -66.59
CA THR E 3020 113.34 14.61 -68.02
C THR E 3020 114.72 13.89 -68.12
N PRO E 3021 115.69 14.29 -67.28
CA PRO E 3021 117.04 13.62 -67.22
C PRO E 3021 116.86 12.16 -66.70
N ALA E 3022 115.90 11.96 -65.78
CA ALA E 3022 115.54 10.60 -65.26
C ALA E 3022 114.92 9.78 -66.40
N LYS E 3023 114.17 10.49 -67.28
CA LYS E 3023 113.59 9.84 -68.49
C LYS E 3023 114.74 9.42 -69.47
N VAL E 3024 115.79 10.24 -69.53
CA VAL E 3024 116.99 9.91 -70.31
C VAL E 3024 117.73 8.69 -69.64
N LEU E 3025 117.68 8.57 -68.30
CA LEU E 3025 118.21 7.37 -67.56
C LEU E 3025 117.37 6.13 -67.94
N GLY E 3026 116.07 6.37 -68.14
CA GLY E 3026 115.17 5.29 -68.62
C GLY E 3026 115.54 4.91 -70.11
N SER E 3027 116.01 5.92 -70.87
CA SER E 3027 116.52 5.67 -72.27
C SER E 3027 117.87 4.85 -72.19
N GLY E 3028 118.69 5.10 -71.15
CA GLY E 3028 119.94 4.29 -70.88
C GLY E 3028 119.51 2.83 -70.56
N GLY E 3029 118.36 2.70 -69.86
CA GLY E 3029 117.74 1.37 -69.58
C GLY E 3029 117.30 0.72 -70.88
N HIS E 3030 116.83 1.54 -71.84
CA HIS E 3030 116.49 1.08 -73.22
C HIS E 3030 117.79 0.59 -73.94
N ALA E 3031 118.93 1.23 -73.69
CA ALA E 3031 120.25 0.74 -74.25
C ALA E 3031 120.59 -0.65 -73.67
N SER E 3032 120.27 -0.77 -72.37
CA SER E 3032 120.48 -2.04 -71.66
C SER E 3032 119.49 -3.10 -72.29
N ASN E 3033 118.30 -2.61 -72.68
CA ASN E 3033 117.26 -3.47 -73.35
C ASN E 3033 117.74 -3.91 -74.74
N LYS E 3034 118.56 -3.06 -75.41
CA LYS E 3034 119.24 -3.46 -76.66
C LYS E 3034 120.24 -4.60 -76.35
N GLU E 3035 120.90 -4.51 -75.17
CA GLU E 3035 121.80 -5.59 -74.71
C GLU E 3035 121.02 -6.93 -74.49
N LYS E 3036 119.77 -6.77 -74.00
CA LYS E 3036 118.79 -7.91 -73.89
C LYS E 3036 118.41 -8.45 -75.27
N GLU E 3037 118.27 -7.50 -76.22
CA GLU E 3037 117.85 -7.82 -77.62
C GLU E 3037 118.95 -8.63 -78.35
N MET E 3038 120.21 -8.48 -77.84
CA MET E 3038 121.37 -9.24 -78.37
C MET E 3038 121.18 -10.77 -78.30
N ILE E 3039 120.43 -11.25 -77.28
CA ILE E 3039 120.33 -12.74 -77.04
C ILE E 3039 119.56 -13.62 -78.10
N PHE E 3043 115.30 -12.28 -67.36
CA PHE E 3043 114.06 -11.86 -66.73
C PHE E 3043 114.01 -10.34 -66.52
N CYS E 3044 115.16 -9.67 -66.47
CA CYS E 3044 115.21 -8.20 -66.20
C CYS E 3044 114.47 -7.37 -67.31
N LYS E 3045 114.45 -7.89 -68.55
CA LYS E 3045 113.74 -7.14 -69.68
C LYS E 3045 112.21 -7.02 -69.41
N LEU E 3046 111.61 -7.99 -68.72
CA LEU E 3046 110.15 -7.88 -68.26
C LEU E 3046 109.98 -6.68 -67.27
N ALA E 3047 110.99 -6.46 -66.41
CA ALA E 3047 111.01 -5.25 -65.50
C ALA E 3047 111.17 -3.96 -66.31
N ALA E 3048 111.89 -4.10 -67.44
CA ALA E 3048 112.00 -2.99 -68.42
C ALA E 3048 110.59 -2.76 -69.08
N LEU E 3049 109.81 -3.83 -69.29
CA LEU E 3049 108.39 -3.73 -69.79
C LEU E 3049 107.51 -3.04 -68.70
N VAL E 3050 107.85 -3.29 -67.40
CA VAL E 3050 107.21 -2.55 -66.26
C VAL E 3050 107.49 -1.03 -66.36
N ARG E 3051 108.76 -0.77 -66.72
CA ARG E 3051 109.22 0.61 -66.99
C ARG E 3051 108.48 1.20 -68.27
N HIS E 3052 108.08 0.32 -69.24
CA HIS E 3052 107.30 0.70 -70.50
C HIS E 3052 105.88 1.13 -70.14
N ARG E 3053 105.25 0.37 -69.19
CA ARG E 3053 103.87 0.73 -68.63
C ARG E 3053 103.98 2.10 -67.92
N VAL E 3054 105.11 2.23 -67.15
CA VAL E 3054 105.44 3.51 -66.43
C VAL E 3054 105.66 4.70 -67.46
N SER E 3055 106.25 4.38 -68.64
CA SER E 3055 106.55 5.38 -69.75
C SER E 3055 105.21 5.85 -70.42
N LEU E 3056 104.32 4.90 -70.76
CA LEU E 3056 102.97 5.26 -71.36
C LEU E 3056 102.11 6.08 -70.43
N PHE E 3057 102.19 5.72 -69.13
CA PHE E 3057 101.38 6.42 -68.12
C PHE E 3057 101.96 7.82 -67.77
N GLY E 3058 103.28 7.90 -67.53
CA GLY E 3058 103.95 9.20 -67.18
C GLY E 3058 103.91 10.14 -68.39
N THR E 3059 104.00 9.59 -69.63
CA THR E 3059 103.92 10.42 -70.86
C THR E 3059 102.47 10.69 -71.29
N ASP E 3060 101.51 9.96 -70.71
CA ASP E 3060 100.10 10.23 -71.02
C ASP E 3060 99.77 11.66 -70.43
N ALA E 3061 100.42 12.06 -69.31
CA ALA E 3061 100.32 13.46 -68.75
C ALA E 3061 101.07 14.46 -69.58
N PRO E 3062 102.02 13.99 -70.40
CA PRO E 3062 102.75 14.87 -71.34
C PRO E 3062 101.92 15.18 -72.63
N LEU E 3068 114.69 21.25 -70.54
CA LEU E 3068 113.66 21.43 -71.56
C LEU E 3068 113.98 20.58 -72.86
N HIS E 3069 115.10 20.91 -73.49
CA HIS E 3069 115.53 20.21 -74.69
C HIS E 3069 115.89 18.71 -74.38
N ILE E 3070 116.27 18.39 -73.12
CA ILE E 3070 116.57 16.96 -72.69
C ILE E 3070 115.35 16.09 -72.95
N LEU E 3071 114.16 16.66 -72.77
CA LEU E 3071 112.86 15.98 -73.10
C LEU E 3071 112.75 15.70 -74.61
N ALA E 3072 113.17 16.67 -75.44
CA ALA E 3072 113.12 16.49 -76.93
C ALA E 3072 114.19 15.38 -77.33
N ARG E 3073 115.29 15.32 -76.53
CA ARG E 3073 116.32 14.24 -76.67
C ARG E 3073 115.69 12.88 -76.35
N SER E 3074 114.85 12.88 -75.31
CA SER E 3074 114.14 11.68 -74.89
C SER E 3074 113.08 11.34 -76.02
N LEU E 3075 112.56 12.33 -76.78
CA LEU E 3075 111.68 12.10 -78.01
C LEU E 3075 112.46 11.40 -79.13
N ASP E 3076 113.72 11.81 -79.28
CA ASP E 3076 114.59 11.16 -80.26
C ASP E 3076 114.88 9.70 -79.74
N ALA E 3077 114.99 9.54 -78.41
CA ALA E 3077 115.16 8.21 -77.70
C ALA E 3077 113.90 7.37 -77.94
N ARG E 3078 112.71 8.03 -78.05
CA ARG E 3078 111.40 7.38 -78.43
C ARG E 3078 111.50 6.82 -79.85
N THR E 3079 112.13 7.61 -80.73
CA THR E 3079 112.37 7.16 -82.09
C THR E 3079 113.42 5.92 -82.06
N VAL E 3080 114.36 5.94 -81.10
CA VAL E 3080 115.43 4.86 -80.97
C VAL E 3080 114.84 3.51 -80.43
N MET E 3081 114.01 3.62 -79.39
CA MET E 3081 113.36 2.42 -78.86
C MET E 3081 112.26 2.00 -79.91
N LYS E 3082 111.76 2.96 -80.72
CA LYS E 3082 110.87 2.63 -81.93
C LYS E 3082 111.65 1.82 -82.98
N SER E 3083 112.96 2.09 -83.10
CA SER E 3083 113.88 1.23 -83.90
C SER E 3083 114.04 -0.19 -83.23
N GLY E 3084 114.06 -0.23 -81.89
CA GLY E 3084 114.11 -1.53 -81.14
C GLY E 3084 112.79 -2.35 -81.44
N PRO E 3085 111.68 -1.63 -81.63
CA PRO E 3085 110.39 -2.21 -82.14
C PRO E 3085 110.52 -2.64 -83.60
N GLU E 3086 111.31 -1.86 -84.34
CA GLU E 3086 111.55 -2.13 -85.76
C GLU E 3086 112.37 -3.46 -85.88
N ILE E 3087 113.17 -3.81 -84.86
CA ILE E 3087 113.83 -5.14 -84.77
C ILE E 3087 112.73 -6.23 -84.68
N VAL E 3088 111.62 -5.92 -83.99
CA VAL E 3088 110.44 -6.82 -83.95
C VAL E 3088 109.50 -6.72 -85.21
N LYS E 3089 109.68 -5.63 -85.97
CA LYS E 3089 108.88 -5.36 -87.19
C LYS E 3089 109.06 -6.43 -88.31
N ALA E 3090 110.25 -7.03 -88.33
CA ALA E 3090 110.72 -7.83 -89.46
C ALA E 3090 111.95 -8.70 -89.10
N PHE E 3095 107.60 -9.86 -74.55
CA PHE E 3095 106.26 -10.45 -74.77
C PHE E 3095 105.32 -9.51 -75.64
N PHE E 3096 104.28 -10.04 -76.34
CA PHE E 3096 103.42 -9.20 -77.33
C PHE E 3096 102.68 -8.06 -76.59
N GLU E 3097 102.27 -8.39 -75.36
CA GLU E 3097 101.53 -7.42 -74.50
C GLU E 3097 102.47 -6.25 -74.08
N SER E 3098 103.79 -6.56 -73.89
CA SER E 3098 104.85 -5.50 -73.61
C SER E 3098 104.94 -4.57 -74.85
N ALA E 3099 104.74 -5.14 -76.05
CA ALA E 3099 104.66 -4.36 -77.31
C ALA E 3099 103.40 -3.50 -77.33
N SER E 3100 102.30 -4.00 -76.78
CA SER E 3100 101.08 -3.20 -76.65
C SER E 3100 101.35 -2.05 -75.62
N GLU E 3101 102.21 -2.32 -74.61
CA GLU E 3101 102.69 -1.28 -73.64
C GLU E 3101 103.53 -0.23 -74.38
N ASP E 3102 104.30 -0.72 -75.35
CA ASP E 3102 105.07 0.14 -76.23
C ASP E 3102 104.12 0.94 -77.21
N ILE E 3103 102.92 0.42 -77.50
CA ILE E 3103 101.93 1.12 -78.37
C ILE E 3103 101.22 2.25 -77.58
N GLU E 3104 100.85 1.95 -76.32
CA GLU E 3104 100.29 2.98 -75.43
C GLU E 3104 101.41 4.04 -75.17
N LYS E 3105 102.65 3.53 -75.13
CA LYS E 3105 103.87 4.38 -75.06
C LYS E 3105 104.08 5.18 -76.41
N MET E 3106 103.50 4.70 -77.54
CA MET E 3106 103.60 5.38 -78.89
C MET E 3106 102.61 6.56 -78.98
N VAL E 3107 101.37 6.33 -78.53
CA VAL E 3107 100.38 7.45 -78.46
C VAL E 3107 100.84 8.49 -77.42
N GLU E 3108 101.43 7.97 -76.35
CA GLU E 3108 102.01 8.81 -75.29
C GLU E 3108 103.25 9.57 -75.88
N ASN E 3109 103.95 8.93 -76.84
CA ASN E 3109 105.08 9.58 -77.56
C ASN E 3109 104.54 10.72 -78.46
N LEU E 3110 103.31 10.55 -78.98
CA LEU E 3110 102.63 11.65 -79.69
C LEU E 3110 102.32 12.78 -78.72
N ARG E 3111 101.98 12.39 -77.48
CA ARG E 3111 101.78 13.38 -76.42
C ARG E 3111 103.19 14.09 -76.11
N LEU E 3112 104.31 13.36 -76.23
CA LEU E 3112 105.70 13.94 -76.09
C LEU E 3112 105.98 14.92 -77.24
N GLY E 3113 105.41 14.61 -78.42
CA GLY E 3113 105.42 15.53 -79.58
C GLY E 3113 104.58 16.79 -79.22
N LYS E 3114 103.54 16.59 -78.41
CA LYS E 3114 102.64 17.70 -77.93
C LYS E 3114 103.23 18.51 -76.71
N VAL E 3115 104.39 18.08 -76.18
CA VAL E 3115 105.04 18.76 -74.98
C VAL E 3115 105.36 20.28 -75.29
N SER E 3116 105.65 20.53 -76.57
CA SER E 3116 106.02 21.89 -77.06
C SER E 3116 104.87 22.34 -77.90
N THR E 3132 117.69 11.84 -87.56
CA THR E 3132 116.43 12.48 -87.87
C THR E 3132 115.86 11.87 -89.16
N THR E 3133 116.39 12.27 -90.33
CA THR E 3133 115.79 11.84 -91.63
C THR E 3133 115.90 10.33 -91.88
N VAL E 3134 116.87 9.67 -91.19
CA VAL E 3134 117.08 8.19 -91.22
C VAL E 3134 115.78 7.37 -91.09
N ALA E 3135 114.89 7.81 -90.20
CA ALA E 3135 113.68 7.09 -89.91
C ALA E 3135 112.76 7.01 -91.15
N LEU E 3136 112.78 8.06 -91.98
CA LEU E 3136 111.97 8.11 -93.23
C LEU E 3136 112.47 7.02 -94.14
N LEU E 3137 113.79 6.76 -94.08
CA LEU E 3137 114.39 5.71 -94.92
C LEU E 3137 113.83 4.31 -94.52
N PRO E 3138 113.48 4.17 -93.23
CA PRO E 3138 112.96 2.90 -92.75
C PRO E 3138 111.57 2.72 -93.39
N VAL E 3139 110.88 3.82 -93.76
CA VAL E 3139 109.63 3.74 -94.57
C VAL E 3139 109.86 3.09 -95.94
N LEU E 3140 111.04 3.33 -96.53
CA LEU E 3140 111.39 2.68 -97.82
C LEU E 3140 111.47 1.15 -97.67
N THR E 3141 111.98 0.72 -96.52
CA THR E 3141 111.94 -0.70 -96.17
C THR E 3141 110.48 -1.17 -95.94
N THR E 3142 109.64 -0.27 -95.41
CA THR E 3142 108.22 -0.59 -95.15
C THR E 3142 107.46 -0.80 -96.46
N LEU E 3143 107.87 -0.07 -97.48
CA LEU E 3143 107.25 -0.17 -98.80
C LEU E 3143 107.70 -1.50 -99.50
N PHE E 3144 108.99 -1.86 -99.45
CA PHE E 3144 109.49 -3.14 -100.09
C PHE E 3144 108.87 -4.35 -99.42
N GLN E 3145 108.64 -4.23 -98.11
CA GLN E 3145 107.95 -5.31 -97.37
C GLN E 3145 106.51 -5.46 -97.90
N HIS E 3146 105.92 -4.32 -98.30
CA HIS E 3146 104.57 -4.27 -98.91
C HIS E 3146 104.59 -5.08 -100.23
N ILE E 3147 105.75 -5.13 -100.91
CA ILE E 3147 105.91 -5.94 -102.16
C ILE E 3147 105.66 -7.42 -101.80
N ALA E 3148 106.10 -7.84 -100.58
CA ALA E 3148 105.87 -9.25 -100.09
C ALA E 3148 104.33 -9.49 -99.99
N GLN E 3149 103.61 -8.45 -99.56
CA GLN E 3149 102.12 -8.53 -99.45
C GLN E 3149 101.47 -8.67 -100.86
N HIS E 3150 102.13 -8.11 -101.90
CA HIS E 3150 101.62 -8.22 -103.30
C HIS E 3150 101.74 -9.72 -103.74
N GLN E 3151 102.70 -10.47 -103.16
CA GLN E 3151 102.86 -11.94 -103.41
C GLN E 3151 101.64 -12.73 -102.92
N PHE E 3152 100.93 -12.20 -101.92
CA PHE E 3152 99.69 -12.85 -101.39
C PHE E 3152 98.40 -12.33 -102.06
N LEU E 3158 105.98 -10.03 -88.84
CA LEU E 3158 105.57 -9.96 -90.27
C LEU E 3158 104.76 -8.69 -90.52
N ASP E 3159 103.49 -8.65 -90.14
CA ASP E 3159 102.63 -7.43 -90.37
C ASP E 3159 102.95 -6.26 -89.34
N ASP E 3160 103.84 -6.59 -88.38
CA ASP E 3160 104.26 -5.64 -87.32
C ASP E 3160 104.92 -4.30 -87.91
N VAL E 3161 105.61 -4.41 -89.06
CA VAL E 3161 106.21 -3.19 -89.71
C VAL E 3161 105.02 -2.28 -90.26
N GLN E 3162 103.92 -2.91 -90.72
CA GLN E 3162 102.62 -2.17 -91.06
C GLN E 3162 101.95 -1.46 -89.84
N VAL E 3163 102.01 -2.13 -88.68
CA VAL E 3163 101.35 -1.59 -87.44
C VAL E 3163 102.20 -0.36 -86.91
N SER E 3164 103.55 -0.53 -86.97
CA SER E 3164 104.58 0.57 -86.63
C SER E 3164 104.38 1.76 -87.59
N CYS E 3165 104.07 1.40 -88.84
CA CYS E 3165 103.78 2.40 -89.86
C CYS E 3165 102.39 3.11 -89.54
N TYR E 3166 101.43 2.38 -88.92
CA TYR E 3166 100.11 2.98 -88.52
C TYR E 3166 100.28 3.99 -87.32
N ARG E 3167 101.06 3.59 -86.29
CA ARG E 3167 101.38 4.51 -85.09
C ARG E 3167 102.25 5.72 -85.55
N THR E 3168 103.12 5.47 -86.54
CA THR E 3168 103.94 6.54 -87.17
C THR E 3168 103.01 7.49 -87.97
N LEU E 3169 101.94 6.94 -88.57
CA LEU E 3169 100.87 7.75 -89.26
C LEU E 3169 100.11 8.62 -88.23
N CYS E 3170 99.93 8.08 -87.02
CA CYS E 3170 99.35 8.86 -85.91
C CYS E 3170 100.33 10.00 -85.51
N SER E 3171 101.65 9.71 -85.58
CA SER E 3171 102.71 10.73 -85.36
C SER E 3171 102.65 11.79 -86.48
N ILE E 3172 102.26 11.36 -87.70
CA ILE E 3172 102.03 12.30 -88.82
C ILE E 3172 100.80 13.19 -88.52
N TYR E 3173 99.78 12.62 -87.85
CA TYR E 3173 98.62 13.40 -87.39
C TYR E 3173 99.11 14.41 -86.29
N SER E 3174 100.10 14.00 -85.50
CA SER E 3174 100.75 14.93 -84.55
C SER E 3174 101.52 16.05 -85.30
N LEU E 3175 102.07 15.71 -86.48
CA LEU E 3175 102.70 16.72 -87.39
C LEU E 3175 101.62 17.66 -87.92
N GLY E 3176 100.41 17.12 -88.12
CA GLY E 3176 99.23 17.95 -88.52
C GLY E 3176 98.86 18.93 -87.39
N THR E 3177 99.08 18.49 -86.15
CA THR E 3177 98.86 19.37 -84.96
C THR E 3177 99.87 20.53 -84.97
N THR E 3178 101.04 20.30 -85.59
CA THR E 3178 102.14 21.26 -85.60
C THR E 3178 102.22 22.04 -86.92
N VAL E 3183 112.85 14.66 -96.64
CA VAL E 3183 112.14 13.44 -96.36
C VAL E 3183 110.96 13.16 -97.39
N GLU E 3184 110.59 14.14 -98.23
CA GLU E 3184 109.45 13.96 -99.23
C GLU E 3184 109.69 12.85 -100.29
N LYS E 3185 110.95 12.57 -100.60
CA LYS E 3185 111.29 11.45 -101.53
C LYS E 3185 110.91 10.06 -100.94
N LEU E 3186 110.99 9.91 -99.61
CA LEU E 3186 110.49 8.68 -98.92
C LEU E 3186 108.97 8.61 -99.08
N ARG E 3187 108.31 9.79 -99.13
CA ARG E 3187 106.86 9.88 -99.48
C ARG E 3187 106.65 9.45 -100.94
N PRO E 3188 107.60 9.74 -101.83
CA PRO E 3188 107.54 9.24 -103.22
C PRO E 3188 107.71 7.67 -103.23
N ALA E 3189 108.49 7.14 -102.27
CA ALA E 3189 108.60 5.65 -102.07
C ALA E 3189 107.24 5.08 -101.59
N LEU E 3190 106.57 5.91 -100.78
CA LEU E 3190 105.21 5.56 -100.35
C LEU E 3190 104.22 5.68 -101.56
N GLY E 3191 104.49 6.56 -102.54
CA GLY E 3191 103.72 6.62 -103.81
C GLY E 3191 104.00 5.32 -104.59
N GLU E 3192 105.19 4.74 -104.45
CA GLU E 3192 105.47 3.39 -104.99
C GLU E 3192 104.60 2.33 -104.25
N CYS E 3193 104.42 2.55 -102.95
CA CYS E 3193 103.52 1.69 -102.15
C CYS E 3193 102.02 1.95 -102.62
N LEU E 3194 101.71 3.16 -103.09
CA LEU E 3194 100.38 3.47 -103.74
C LEU E 3194 100.22 2.71 -105.04
N ALA E 3195 101.35 2.52 -105.72
CA ALA E 3195 101.37 1.69 -106.93
C ALA E 3195 101.09 0.20 -106.50
N ARG E 3196 101.58 -0.17 -105.31
CA ARG E 3196 101.27 -1.51 -104.71
C ARG E 3196 99.75 -1.58 -104.35
N LEU E 3197 99.13 -0.43 -103.98
CA LEU E 3197 97.64 -0.34 -103.76
C LEU E 3197 96.88 -0.59 -105.07
N ALA E 3198 97.49 -0.06 -106.15
CA ALA E 3198 96.97 -0.31 -107.49
C ALA E 3198 97.11 -1.84 -107.90
N ALA E 3199 98.12 -2.55 -107.35
CA ALA E 3199 98.40 -4.00 -107.65
C ALA E 3199 97.23 -4.90 -107.21
N ALA E 3200 96.45 -4.46 -106.21
CA ALA E 3200 95.33 -5.25 -105.68
C ALA E 3200 93.98 -4.68 -106.09
N ALA E 3204 91.55 -6.97 -96.04
CA ALA E 3204 92.24 -6.44 -94.86
C ALA E 3204 93.10 -5.20 -95.23
N PHE E 3205 93.63 -5.30 -96.43
CA PHE E 3205 94.67 -4.42 -96.92
C PHE E 3205 94.21 -2.94 -97.03
N LEU E 3206 92.90 -2.75 -97.30
CA LEU E 3206 92.35 -1.37 -97.49
C LEU E 3206 92.49 -0.58 -96.16
N GLU E 3207 92.48 -1.27 -95.00
CA GLU E 3207 92.77 -0.62 -93.68
C GLU E 3207 94.25 -0.13 -93.61
N PRO E 3208 95.18 -0.90 -94.20
CA PRO E 3208 96.63 -0.43 -94.27
C PRO E 3208 96.71 0.80 -95.24
N GLN E 3209 95.82 0.80 -96.26
CA GLN E 3209 95.67 1.97 -97.20
C GLN E 3209 95.17 3.19 -96.38
N LEU E 3210 94.27 2.90 -95.42
CA LEU E 3210 93.77 3.94 -94.46
C LEU E 3210 94.96 4.41 -93.54
N ASN E 3211 95.92 3.51 -93.18
CA ASN E 3211 97.19 3.89 -92.38
C ASN E 3211 97.96 4.94 -93.22
N GLU E 3212 98.00 4.69 -94.55
CA GLU E 3212 98.62 5.64 -95.53
C GLU E 3212 97.82 6.99 -95.62
N TYR E 3213 96.50 6.88 -95.49
CA TYR E 3213 95.65 8.10 -95.47
C TYR E 3213 95.90 8.94 -94.20
N ASN E 3214 96.24 8.23 -93.07
CA ASN E 3214 96.70 8.88 -91.77
C ASN E 3214 98.08 9.49 -92.04
N ALA E 3215 98.86 8.85 -92.94
CA ALA E 3215 100.21 9.34 -93.30
C ALA E 3215 100.12 10.62 -94.23
N CYS E 3216 98.94 10.83 -94.84
CA CYS E 3216 98.68 12.03 -95.72
C CYS E 3216 98.82 13.36 -94.95
N SER E 3217 98.60 13.29 -93.64
CA SER E 3217 98.72 14.45 -92.76
C SER E 3217 100.20 14.86 -92.46
N THR E 3273 105.33 21.89 -108.18
CA THR E 3273 105.09 20.69 -108.96
C THR E 3273 103.63 20.62 -109.45
N LEU E 3274 103.22 21.55 -110.32
CA LEU E 3274 101.83 21.63 -110.81
C LEU E 3274 101.38 20.33 -111.56
N PRO E 3275 102.35 19.71 -112.23
CA PRO E 3275 102.09 18.48 -113.00
C PRO E 3275 101.64 17.32 -112.10
N MET E 3276 102.13 17.26 -110.85
CA MET E 3276 101.65 16.26 -109.84
C MET E 3276 100.13 16.49 -109.55
N LEU E 3277 99.75 17.79 -109.50
CA LEU E 3277 98.33 18.16 -109.27
C LEU E 3277 97.49 17.75 -110.54
N CYS E 3278 98.08 17.89 -111.75
CA CYS E 3278 97.44 17.43 -113.04
C CYS E 3278 97.26 15.88 -113.00
N SER E 3279 98.21 15.17 -112.37
CA SER E 3279 98.11 13.68 -112.17
C SER E 3279 96.95 13.37 -111.17
N TYR E 3280 96.77 14.25 -110.17
CA TYR E 3280 95.63 14.12 -109.23
C TYR E 3280 94.30 14.40 -109.99
N LEU E 3281 94.33 15.31 -111.00
CA LEU E 3281 93.15 15.56 -111.92
C LEU E 3281 92.87 14.31 -112.76
N PRO E 3282 93.95 13.60 -113.13
CA PRO E 3282 93.82 12.32 -113.86
C PRO E 3282 93.17 11.26 -112.88
N ARG E 3283 93.52 11.33 -111.57
CA ARG E 3283 92.88 10.46 -110.51
C ARG E 3283 91.36 10.80 -110.39
N TRP E 3284 91.03 12.10 -110.56
CA TRP E 3284 89.63 12.58 -110.60
C TRP E 3284 88.94 12.01 -111.88
N TRP E 3285 89.70 11.88 -112.98
CA TRP E 3285 89.21 11.27 -114.23
C TRP E 3285 88.93 9.76 -113.99
N GLU E 3286 89.76 9.11 -113.13
CA GLU E 3286 89.54 7.69 -112.68
C GLU E 3286 88.21 7.65 -111.88
N ARG E 3287 88.02 8.71 -111.08
CA ARG E 3287 86.75 8.86 -110.29
C ARG E 3287 85.49 9.05 -111.21
N GLY E 3288 85.68 9.69 -112.39
CA GLY E 3288 84.55 9.95 -113.36
C GLY E 3288 83.97 8.62 -113.86
N PRO E 3289 84.84 7.60 -113.94
CA PRO E 3289 84.44 6.25 -114.37
C PRO E 3289 83.48 5.59 -113.37
N GLU E 3290 83.60 5.96 -112.09
CA GLU E 3290 82.78 5.35 -111.04
C GLU E 3290 81.49 6.16 -110.83
N PRO E 3294 82.57 -3.83 -108.76
CA PRO E 3294 83.94 -3.27 -108.88
C PRO E 3294 84.33 -2.35 -107.69
N ALA E 3295 83.39 -2.35 -106.72
CA ALA E 3295 83.38 -1.41 -105.60
C ALA E 3295 84.64 -1.54 -104.70
N LEU E 3296 85.23 -2.76 -104.61
CA LEU E 3296 86.44 -3.03 -103.77
C LEU E 3296 87.62 -2.12 -104.14
N PRO E 3297 87.78 -1.86 -105.48
CA PRO E 3297 88.89 -0.96 -105.98
C PRO E 3297 88.65 0.47 -105.38
N ALA E 3298 87.36 0.87 -105.41
CA ALA E 3298 86.96 2.18 -104.82
C ALA E 3298 87.18 2.23 -103.23
N GLY E 3299 87.00 1.05 -102.58
CA GLY E 3299 87.26 0.90 -101.07
C GLY E 3299 88.74 1.19 -100.78
N ALA E 3300 89.57 0.68 -101.70
CA ALA E 3300 91.04 0.91 -101.64
C ALA E 3300 91.33 2.40 -101.93
N PRO E 3301 90.50 3.04 -102.78
CA PRO E 3301 90.72 4.45 -103.24
C PRO E 3301 90.25 5.49 -102.23
N PRO E 3302 89.58 5.00 -101.19
CA PRO E 3302 89.21 5.90 -100.13
C PRO E 3302 90.52 6.56 -99.47
N PRO E 3303 91.65 5.83 -99.47
CA PRO E 3303 93.01 6.40 -99.12
C PRO E 3303 93.40 7.58 -99.99
N CYS E 3304 93.09 7.41 -101.29
CA CYS E 3304 93.29 8.48 -102.29
C CYS E 3304 92.37 9.71 -101.94
N THR E 3305 91.14 9.44 -101.44
CA THR E 3305 90.16 10.52 -101.03
C THR E 3305 90.71 11.31 -99.80
N ALA E 3306 91.37 10.61 -98.88
CA ALA E 3306 92.05 11.28 -97.72
C ALA E 3306 93.29 12.11 -98.17
N VAL E 3307 93.95 11.60 -99.23
CA VAL E 3307 95.06 12.38 -99.87
C VAL E 3307 94.47 13.70 -100.51
N THR E 3308 93.23 13.56 -101.02
CA THR E 3308 92.43 14.72 -101.53
C THR E 3308 92.09 15.67 -100.37
N SER E 3309 91.90 15.10 -99.17
CA SER E 3309 91.70 15.93 -97.93
C SER E 3309 92.96 16.78 -97.63
N ASP E 3310 94.13 16.15 -97.89
CA ASP E 3310 95.43 16.87 -97.79
C ASP E 3310 95.45 17.99 -98.88
N HIS E 3311 94.83 17.67 -100.04
CA HIS E 3311 94.72 18.60 -101.18
C HIS E 3311 93.80 19.80 -100.96
N LEU E 3312 92.91 19.68 -99.99
CA LEU E 3312 91.97 20.72 -99.70
C LEU E 3312 92.68 21.98 -99.18
N ASN E 3313 93.91 21.85 -98.69
CA ASN E 3313 94.74 23.05 -98.33
C ASN E 3313 95.10 24.01 -99.50
N GLY E 3317 89.66 27.71 -102.14
CA GLY E 3317 90.51 27.44 -103.28
C GLY E 3317 89.81 26.55 -104.33
N ASN E 3318 90.53 26.19 -105.39
CA ASN E 3318 89.99 25.29 -106.48
C ASN E 3318 89.68 23.89 -105.92
N ILE E 3319 90.41 23.56 -104.83
CA ILE E 3319 90.23 22.26 -104.12
C ILE E 3319 88.78 22.14 -103.57
N LEU E 3320 88.11 23.26 -103.26
CA LEU E 3320 86.65 23.28 -102.96
C LEU E 3320 85.81 22.83 -104.20
N ARG E 3321 86.21 23.23 -105.42
CA ARG E 3321 85.53 22.71 -106.70
C ARG E 3321 85.78 21.19 -106.84
N ILE E 3322 86.97 20.76 -106.43
CA ILE E 3322 87.31 19.31 -106.41
C ILE E 3322 86.43 18.58 -105.39
N ILE E 3323 86.15 19.27 -104.29
CA ILE E 3323 85.24 18.78 -103.27
C ILE E 3323 83.80 18.77 -103.86
N VAL E 3324 83.47 19.68 -104.80
CA VAL E 3324 82.16 19.63 -105.51
C VAL E 3324 82.09 18.36 -106.37
N ASN E 3325 83.24 18.02 -106.97
CA ASN E 3325 83.35 16.76 -107.72
C ASN E 3325 83.17 15.54 -106.71
N ASN E 3326 83.71 15.71 -105.48
CA ASN E 3326 83.59 14.69 -104.38
C ASN E 3326 82.08 14.58 -103.98
N LEU E 3327 81.33 15.69 -104.11
CA LEU E 3327 79.84 15.70 -103.92
C LEU E 3327 79.10 14.94 -105.02
N GLY E 3328 79.64 15.01 -106.24
CA GLY E 3328 79.09 14.19 -107.33
C GLY E 3328 79.42 12.69 -107.00
N ILE E 3329 80.59 12.42 -106.36
CA ILE E 3329 80.99 11.05 -105.84
C ILE E 3329 80.00 10.58 -104.77
N ASP E 3330 79.54 11.54 -103.96
CA ASP E 3330 78.50 11.27 -102.96
C ASP E 3330 77.15 10.95 -103.65
N GLU E 3331 76.87 11.64 -104.78
CA GLU E 3331 75.68 11.31 -105.63
C GLU E 3331 75.84 9.83 -106.21
N ALA E 3332 77.07 9.41 -106.50
CA ALA E 3332 77.33 8.00 -107.01
C ALA E 3332 77.18 6.93 -105.89
N THR E 3333 77.68 7.25 -104.68
CA THR E 3333 77.53 6.34 -103.49
C THR E 3333 76.03 6.28 -103.15
N TRP E 3334 75.32 7.40 -103.40
CA TRP E 3334 73.80 7.48 -103.29
C TRP E 3334 73.13 6.57 -104.35
N MET E 3335 73.74 6.47 -105.54
CA MET E 3335 73.26 5.55 -106.58
C MET E 3335 73.48 4.09 -106.10
N LYS E 3336 74.56 3.84 -105.34
CA LYS E 3336 74.78 2.54 -104.65
C LYS E 3336 73.69 2.31 -103.59
N ARG E 3337 73.25 3.42 -103.02
CA ARG E 3337 72.22 3.38 -101.97
C ARG E 3337 70.77 3.36 -102.54
N LEU E 3338 70.62 3.50 -103.85
CA LEU E 3338 69.28 3.68 -104.46
C LEU E 3338 68.45 2.37 -104.29
N ALA E 3339 69.12 1.24 -104.07
CA ALA E 3339 68.45 -0.06 -103.85
C ALA E 3339 68.32 -0.42 -102.37
N VAL E 3346 76.50 -6.18 -97.48
CA VAL E 3346 76.68 -6.73 -96.13
C VAL E 3346 77.99 -6.17 -95.47
N SER E 3347 79.00 -6.98 -95.10
CA SER E 3347 80.17 -6.41 -94.30
C SER E 3347 81.11 -5.51 -95.13
N ARG E 3348 81.19 -5.79 -96.43
CA ARG E 3348 81.91 -4.89 -97.34
C ARG E 3348 81.11 -3.55 -97.46
N ALA E 3349 79.76 -3.60 -97.35
CA ALA E 3349 78.92 -2.35 -97.24
C ALA E 3349 79.28 -1.60 -95.94
N ARG E 3350 79.66 -2.34 -94.89
CA ARG E 3350 80.21 -1.77 -93.61
C ARG E 3350 81.57 -1.08 -93.87
N PRO E 3351 82.37 -1.67 -94.75
CA PRO E 3351 83.64 -1.02 -95.14
C PRO E 3351 83.31 0.30 -95.95
N GLU E 3352 82.21 0.25 -96.71
CA GLU E 3352 81.69 1.44 -97.42
C GLU E 3352 81.18 2.48 -96.39
N LEU E 3353 80.68 2.01 -95.25
CA LEU E 3353 80.33 2.91 -94.13
C LEU E 3353 81.65 3.52 -93.52
N LEU E 3354 82.78 2.77 -93.52
CA LEU E 3354 84.11 3.33 -93.08
C LEU E 3354 84.52 4.45 -94.10
N HIS E 3355 84.15 4.25 -95.36
CA HIS E 3355 84.34 5.29 -96.36
C HIS E 3355 83.36 6.50 -96.11
N SER E 3356 82.17 6.22 -95.55
CA SER E 3356 81.19 7.29 -95.11
C SER E 3356 81.84 8.11 -93.97
N HIS E 3357 82.66 7.42 -93.16
CA HIS E 3357 83.53 8.10 -92.14
C HIS E 3357 84.62 8.95 -92.81
N PHE E 3358 85.14 8.45 -93.94
CA PHE E 3358 86.11 9.24 -94.71
C PHE E 3358 85.38 10.51 -95.22
N ILE E 3359 84.06 10.38 -95.54
CA ILE E 3359 83.15 11.56 -95.82
C ILE E 3359 83.04 12.50 -94.60
N PRO E 3360 83.01 11.86 -93.42
CA PRO E 3360 82.90 12.61 -92.16
C PRO E 3360 84.19 13.46 -91.90
N THR E 3361 85.35 12.95 -92.37
CA THR E 3361 86.63 13.73 -92.37
C THR E 3361 86.47 14.96 -93.31
N ILE E 3362 85.66 14.81 -94.36
CA ILE E 3362 85.37 15.91 -95.31
C ILE E 3362 84.11 16.73 -94.98
N GLY E 3363 83.43 16.35 -93.89
CA GLY E 3363 82.06 16.89 -93.61
C GLY E 3363 81.85 18.42 -93.56
N LYS E 3367 77.93 23.99 -102.07
CA LYS E 3367 77.59 22.56 -102.21
C LYS E 3367 76.06 22.27 -102.22
N ARG E 3368 75.23 23.31 -102.08
CA ARG E 3368 73.76 23.15 -101.91
C ARG E 3368 73.02 22.47 -103.11
N ALA E 3369 73.48 22.72 -104.35
CA ALA E 3369 72.86 22.01 -105.51
C ALA E 3369 73.25 20.51 -105.48
N GLY E 3370 74.44 20.22 -104.94
CA GLY E 3370 74.83 18.82 -104.65
C GLY E 3370 74.00 18.31 -103.46
N LYS E 3371 73.53 19.20 -102.58
CA LYS E 3371 72.63 18.85 -101.46
C LYS E 3371 71.21 18.61 -101.97
N VAL E 3372 70.92 19.04 -103.19
CA VAL E 3372 69.68 18.69 -103.85
C VAL E 3372 69.75 17.24 -104.37
N VAL E 3373 70.90 16.86 -104.93
CA VAL E 3373 71.19 15.43 -105.28
C VAL E 3373 71.21 14.59 -104.00
N ALA E 3374 71.68 15.18 -102.89
CA ALA E 3374 71.61 14.52 -101.56
C ALA E 3374 70.16 14.41 -101.10
N GLU E 3375 69.33 15.39 -101.48
CA GLU E 3375 67.87 15.34 -101.23
C GLU E 3375 67.26 14.16 -102.07
N GLU E 3376 67.80 13.94 -103.27
CA GLU E 3376 67.41 12.76 -104.10
C GLU E 3376 67.91 11.43 -103.42
N GLU E 3377 69.08 11.49 -102.72
CA GLU E 3377 69.61 10.31 -101.91
C GLU E 3377 68.62 10.05 -100.74
N GLN E 3378 68.07 11.14 -100.18
CA GLN E 3378 67.05 11.06 -99.11
C GLN E 3378 65.71 10.55 -99.67
N LEU E 3379 65.42 10.81 -100.95
CA LEU E 3379 64.13 10.38 -101.62
C LEU E 3379 64.23 8.86 -101.92
N ARG E 3380 65.40 8.43 -102.43
CA ARG E 3380 65.71 6.98 -102.66
C ARG E 3380 65.72 6.24 -101.31
N LEU E 3381 66.30 6.90 -100.29
CA LEU E 3381 66.31 6.38 -98.92
C LEU E 3381 64.88 6.36 -98.34
N GLU E 3382 63.98 7.24 -98.84
CA GLU E 3382 62.55 7.30 -98.40
C GLU E 3382 61.77 6.11 -98.92
N ALA E 3383 61.94 5.89 -100.23
CA ALA E 3383 61.34 4.75 -100.87
C ALA E 3383 61.94 3.42 -100.29
N LYS E 3384 63.24 3.41 -99.99
CA LYS E 3384 63.90 2.18 -99.49
C LYS E 3384 63.52 1.90 -98.01
N ALA E 3385 63.46 2.94 -97.17
CA ALA E 3385 63.00 2.80 -95.77
C ALA E 3385 61.50 2.44 -95.75
N GLU E 3386 60.73 2.93 -96.73
CA GLU E 3386 59.32 2.52 -96.87
C GLU E 3386 59.23 1.01 -97.31
N ALA E 3387 60.20 0.54 -98.11
CA ALA E 3387 60.32 -0.92 -98.46
C ALA E 3387 60.66 -1.73 -97.20
N GLU E 3388 61.48 -1.14 -96.31
CA GLU E 3388 61.82 -1.76 -95.00
C GLU E 3388 60.51 -1.79 -94.14
N GLU E 3389 59.64 -0.77 -94.31
CA GLU E 3389 58.28 -0.74 -93.65
C GLU E 3389 57.39 -1.87 -94.20
N GLY E 3390 57.52 -2.16 -95.48
CA GLY E 3390 56.82 -3.31 -96.07
C GLY E 3390 57.39 -4.64 -95.49
N GLU E 3391 58.71 -4.64 -95.19
CA GLU E 3391 59.37 -5.79 -94.51
C GLU E 3391 58.80 -5.93 -93.07
N LEU E 3392 58.47 -4.79 -92.45
CA LEU E 3392 57.75 -4.80 -91.16
C LEU E 3392 56.29 -5.30 -91.33
N LEU E 3393 55.69 -5.04 -92.49
CA LEU E 3393 54.35 -5.61 -92.80
C LEU E 3393 54.48 -7.14 -92.90
N VAL E 3394 55.63 -7.60 -93.40
CA VAL E 3394 55.98 -9.06 -93.36
C VAL E 3394 56.22 -9.51 -91.88
N ARG E 3395 56.74 -8.59 -91.06
CA ARG E 3395 57.00 -8.81 -89.62
C ARG E 3395 55.69 -8.95 -88.86
N ASP E 3396 54.60 -8.40 -89.39
CA ASP E 3396 53.29 -8.54 -88.76
C ASP E 3396 52.86 -10.03 -88.57
N GLU E 3397 53.34 -10.95 -89.41
CA GLU E 3397 53.19 -12.43 -89.13
C GLU E 3397 54.38 -13.26 -89.64
N CYS E 3402 61.56 -13.40 -89.76
CA CYS E 3402 61.34 -12.84 -91.10
C CYS E 3402 61.96 -11.41 -91.23
N ARG E 3403 61.64 -10.55 -90.27
CA ARG E 3403 62.18 -9.18 -90.30
C ARG E 3403 63.72 -9.14 -90.04
N ASP E 3404 64.30 -10.24 -89.53
CA ASP E 3404 65.77 -10.40 -89.38
C ASP E 3404 66.60 -10.01 -90.65
N LEU E 3405 66.13 -10.36 -91.84
CA LEU E 3405 66.79 -9.96 -93.12
C LEU E 3405 66.70 -8.43 -93.28
N TYR E 3406 65.55 -7.85 -92.86
CA TYR E 3406 65.36 -6.33 -92.82
C TYR E 3406 66.34 -5.62 -91.84
N ALA E 3407 66.67 -6.33 -90.75
CA ALA E 3407 67.51 -5.71 -89.68
C ALA E 3407 68.96 -5.31 -90.14
N LEU E 3408 69.56 -6.11 -91.04
CA LEU E 3408 70.89 -5.78 -91.62
C LEU E 3408 70.74 -4.49 -92.47
N TYR E 3409 69.59 -4.36 -93.14
CA TYR E 3409 69.23 -3.16 -93.92
C TYR E 3409 69.07 -1.97 -92.96
N PRO E 3410 68.52 -2.22 -91.76
CA PRO E 3410 68.45 -1.21 -90.66
C PRO E 3410 69.90 -0.74 -90.20
N LEU E 3411 70.85 -1.67 -90.21
CA LEU E 3411 72.26 -1.37 -89.78
C LEU E 3411 73.02 -0.52 -90.87
N LEU E 3412 72.88 -0.93 -92.13
CA LEU E 3412 73.49 -0.20 -93.27
C LEU E 3412 72.78 1.17 -93.42
N ILE E 3413 71.47 1.21 -93.14
CA ILE E 3413 70.70 2.51 -93.14
C ILE E 3413 71.20 3.38 -91.99
N ARG E 3414 71.64 2.75 -90.88
CA ARG E 3414 72.31 3.46 -89.77
C ARG E 3414 73.68 4.06 -90.28
N TYR E 3415 74.42 3.31 -91.13
CA TYR E 3415 75.70 3.84 -91.77
C TYR E 3415 75.39 5.08 -92.69
N VAL E 3416 74.20 5.00 -93.32
CA VAL E 3416 73.62 6.13 -94.14
C VAL E 3416 73.31 7.33 -93.23
N ASP E 3417 72.83 7.03 -92.03
CA ASP E 3417 72.55 8.06 -91.02
C ASP E 3417 73.89 8.69 -90.53
N ASN E 3418 75.00 7.90 -90.52
CA ASN E 3418 76.41 8.46 -90.27
C ASN E 3418 76.78 9.45 -91.37
N ASN E 3419 76.37 9.06 -92.58
CA ASN E 3419 76.59 9.93 -93.71
C ASN E 3419 75.64 11.22 -93.59
N ARG E 3420 74.46 11.08 -92.98
CA ARG E 3420 73.55 12.23 -92.64
C ARG E 3420 74.21 13.13 -91.57
N ALA E 3421 75.00 12.50 -90.68
CA ALA E 3421 75.80 13.27 -89.65
C ALA E 3421 76.86 14.12 -90.38
N HIS E 3422 77.40 13.53 -91.47
CA HIS E 3422 78.27 14.27 -92.39
C HIS E 3422 77.46 15.37 -93.14
N TRP E 3423 76.16 15.11 -93.37
CA TRP E 3423 75.26 16.04 -94.09
C TRP E 3423 74.72 17.13 -93.15
N LEU E 3424 74.94 16.97 -91.84
CA LEU E 3424 74.35 17.87 -90.84
C LEU E 3424 74.92 19.32 -90.80
N PRO E 3427 76.44 23.01 -91.97
CA PRO E 3427 75.65 22.90 -93.20
C PRO E 3427 74.20 23.40 -93.02
N ASN E 3428 73.73 23.16 -91.79
CA ASN E 3428 72.35 23.45 -91.48
C ASN E 3428 71.97 24.97 -91.61
N ALA E 3429 72.95 25.90 -91.58
CA ALA E 3429 72.70 27.37 -91.78
C ALA E 3429 72.01 27.68 -93.11
N ASN E 3430 72.36 26.89 -94.13
CA ASN E 3430 71.69 27.01 -95.45
C ASN E 3430 70.20 26.61 -95.34
N ALA E 3431 69.95 25.58 -94.51
CA ALA E 3431 68.56 25.15 -94.20
C ALA E 3431 67.87 26.29 -93.41
N GLU E 3432 68.62 27.03 -92.57
CA GLU E 3432 68.07 28.23 -91.86
C GLU E 3432 67.66 29.31 -92.85
N GLU E 3433 68.48 29.44 -93.90
CA GLU E 3433 68.16 30.33 -95.01
C GLU E 3433 66.92 29.82 -95.81
N LEU E 3434 66.71 28.51 -95.86
CA LEU E 3434 65.57 27.94 -96.60
C LEU E 3434 64.17 28.27 -95.94
N PHE E 3435 64.11 28.60 -94.66
CA PHE E 3435 62.77 28.54 -93.90
C PHE E 3435 61.69 29.58 -94.32
N MET E 3437 63.15 26.37 -98.89
CA MET E 3437 61.88 25.74 -98.50
C MET E 3437 61.91 24.26 -98.84
N VAL E 3438 62.36 23.95 -100.06
CA VAL E 3438 62.50 22.59 -100.54
C VAL E 3438 63.43 21.77 -99.62
N GLY E 3439 64.48 22.41 -99.02
CA GLY E 3439 65.40 21.74 -98.05
C GLY E 3439 64.59 21.17 -96.87
N GLU E 3440 63.64 21.99 -96.45
CA GLU E 3440 62.74 21.66 -95.40
C GLU E 3440 61.80 20.51 -95.80
N ILE E 3441 61.45 20.45 -97.08
CA ILE E 3441 60.49 19.45 -97.56
C ILE E 3441 61.19 18.08 -97.68
N PHE E 3442 62.43 18.08 -98.18
CA PHE E 3442 63.22 16.81 -98.24
C PHE E 3442 63.59 16.33 -96.85
N ILE E 3443 63.80 17.29 -95.94
CA ILE E 3443 64.06 16.96 -94.55
C ILE E 3443 62.74 16.40 -93.97
N TYR E 3444 61.56 16.89 -94.45
CA TYR E 3444 60.21 16.33 -94.07
C TYR E 3444 60.05 14.92 -94.56
N TRP E 3445 60.68 14.61 -95.70
CA TRP E 3445 60.62 13.25 -96.23
C TRP E 3445 61.54 12.30 -95.42
N SER E 3446 62.75 12.80 -95.09
CA SER E 3446 63.71 12.07 -94.23
C SER E 3446 63.02 11.85 -92.83
N LYS E 3447 62.23 12.86 -92.43
CA LYS E 3447 61.41 12.80 -91.19
C LYS E 3447 60.29 11.76 -91.29
N SER E 3448 59.71 11.57 -92.49
CA SER E 3448 58.71 10.48 -92.71
C SER E 3448 59.41 9.12 -92.52
N HIS E 3449 60.69 9.10 -92.94
CA HIS E 3449 61.53 7.93 -92.73
C HIS E 3449 61.77 7.70 -91.20
N ASN E 3450 61.91 8.81 -90.46
CA ASN E 3450 62.03 8.76 -88.99
C ASN E 3450 60.66 8.25 -88.40
N PHE E 3451 59.53 8.57 -89.07
CA PHE E 3451 58.16 8.03 -88.68
C PHE E 3451 58.16 6.49 -88.79
N LYS E 3452 58.81 6.04 -89.85
CA LYS E 3452 59.00 4.61 -90.01
C LYS E 3452 60.03 4.05 -88.95
N ARG E 3453 61.00 4.86 -88.52
CA ARG E 3453 62.01 4.50 -87.45
C ARG E 3453 61.29 4.30 -86.12
N GLU E 3454 60.17 5.00 -85.96
CA GLU E 3454 59.31 4.85 -84.76
C GLU E 3454 58.74 3.44 -84.69
N GLU E 3455 58.58 2.81 -85.84
CA GLU E 3455 58.19 1.39 -85.92
C GLU E 3455 59.37 0.43 -85.79
N ASN E 3457 60.11 -2.53 -84.43
CA ASN E 3457 60.34 -2.51 -83.00
C ASN E 3457 61.53 -3.41 -82.62
N PHE E 3458 61.32 -4.75 -82.64
CA PHE E 3458 62.38 -5.70 -82.27
C PHE E 3458 63.57 -5.59 -83.26
N VAL E 3459 63.27 -5.21 -84.51
CA VAL E 3459 64.32 -4.99 -85.57
C VAL E 3459 65.30 -3.87 -85.19
N VAL E 3460 64.78 -2.84 -84.53
CA VAL E 3460 65.60 -1.72 -84.02
C VAL E 3460 66.49 -2.24 -82.88
N GLN E 3461 65.99 -3.22 -82.10
CA GLN E 3461 66.82 -3.90 -81.07
C GLN E 3461 67.94 -4.71 -81.73
N ASN E 3462 67.65 -5.27 -82.90
CA ASN E 3462 68.67 -5.96 -83.71
C ASN E 3462 69.70 -4.90 -84.23
N GLU E 3463 69.22 -3.68 -84.50
CA GLU E 3463 70.12 -2.55 -84.86
C GLU E 3463 71.00 -2.17 -83.63
N ILE E 3464 70.42 -2.31 -82.43
CA ILE E 3464 71.19 -2.12 -81.18
C ILE E 3464 72.24 -3.24 -81.06
N ASN E 3465 71.89 -4.44 -81.55
CA ASN E 3465 72.86 -5.56 -81.62
C ASN E 3465 74.00 -5.20 -82.62
N ASN E 3466 73.65 -4.45 -83.67
CA ASN E 3466 74.66 -3.92 -84.62
C ASN E 3466 75.59 -2.93 -83.90
N MET E 3467 74.99 -2.16 -82.99
CA MET E 3467 75.76 -1.23 -82.15
C MET E 3467 76.67 -2.02 -81.20
N SER E 3468 76.21 -3.21 -80.75
CA SER E 3468 77.03 -4.13 -79.90
C SER E 3468 78.21 -4.68 -80.66
N PHE E 3469 78.09 -4.75 -81.98
CA PHE E 3469 79.19 -5.17 -82.82
C PHE E 3469 80.18 -3.99 -83.08
N LEU E 3470 79.76 -2.75 -82.75
CA LEU E 3470 80.48 -1.49 -83.22
C LEU E 3470 81.30 -0.80 -82.12
N MET E 3478 71.90 14.38 -84.51
CA MET E 3478 70.98 13.51 -85.19
C MET E 3478 69.57 14.12 -85.36
N ALA E 3479 68.52 13.33 -85.00
CA ALA E 3479 67.16 13.53 -85.59
C ALA E 3479 66.54 14.82 -85.11
N LYS E 3480 66.92 15.26 -83.91
CA LYS E 3480 66.36 16.50 -83.34
C LYS E 3480 66.69 17.73 -84.20
N ALA E 3481 67.90 17.72 -84.78
CA ALA E 3481 68.33 18.86 -85.61
C ALA E 3481 67.35 18.90 -86.83
N GLY E 3482 66.89 17.70 -87.27
CA GLY E 3482 65.87 17.58 -88.39
C GLY E 3482 64.58 18.32 -88.07
N ASP E 3483 64.26 18.29 -86.79
CA ASP E 3483 63.02 18.88 -86.37
C ASP E 3483 63.13 20.39 -86.54
N ALA E 3484 64.35 20.98 -86.63
CA ALA E 3484 64.55 22.44 -87.03
C ALA E 3484 63.77 22.79 -88.28
N GLN E 3485 63.87 21.86 -89.19
CA GLN E 3485 63.26 22.10 -90.45
C GLN E 3485 61.68 22.12 -90.31
N SER E 3486 61.14 21.36 -89.33
CA SER E 3486 59.67 21.28 -89.10
C SER E 3486 59.16 22.69 -88.76
N GLY E 3487 60.05 23.47 -88.14
CA GLY E 3487 59.72 24.83 -87.76
C GLY E 3487 59.47 25.71 -88.97
N GLY E 3488 60.04 25.32 -90.12
CA GLY E 3488 59.75 26.05 -91.37
C GLY E 3488 58.22 26.03 -91.66
N SER E 3489 57.53 24.95 -91.23
CA SER E 3489 56.01 24.90 -91.25
C SER E 3489 55.32 26.10 -90.51
N ASP E 3490 55.92 26.59 -89.43
CA ASP E 3490 55.34 27.76 -88.64
C ASP E 3490 55.29 29.06 -89.41
N GLN E 3491 56.12 29.23 -90.43
CA GLN E 3491 56.14 30.53 -91.19
C GLN E 3491 54.79 30.89 -91.86
N THR E 3494 57.83 34.46 -92.44
CA THR E 3494 59.01 35.04 -91.79
C THR E 3494 58.62 35.94 -90.59
N LYS E 3495 58.18 37.17 -90.85
CA LYS E 3495 57.72 38.07 -89.73
C LYS E 3495 56.44 37.55 -89.09
N LYS E 3496 55.69 36.74 -89.84
CA LYS E 3496 54.48 36.13 -89.29
C LYS E 3496 54.83 35.17 -88.08
N LYS E 3497 56.04 34.58 -88.05
CA LYS E 3497 56.54 33.84 -86.85
C LYS E 3497 56.72 34.82 -85.65
N ARG E 3498 57.14 36.05 -85.95
CA ARG E 3498 57.19 37.12 -84.90
C ARG E 3498 55.78 37.46 -84.42
N ARG E 3499 54.83 37.39 -85.34
CA ARG E 3499 53.40 37.56 -84.97
C ARG E 3499 52.92 36.40 -84.09
N GLY E 3500 53.50 35.22 -84.30
CA GLY E 3500 53.26 34.06 -83.41
C GLY E 3500 53.83 34.33 -82.04
N ASP E 3501 54.96 35.04 -82.02
CA ASP E 3501 55.54 35.47 -80.76
C ASP E 3501 54.57 36.51 -80.09
N ARG E 3502 53.88 37.35 -80.89
CA ARG E 3502 52.81 38.26 -80.38
C ARG E 3502 51.63 37.44 -79.83
N TYR E 3503 51.45 36.24 -80.39
CA TYR E 3503 50.36 35.34 -79.97
C TYR E 3503 50.71 34.53 -78.73
N SER E 3504 52.00 34.52 -78.38
CA SER E 3504 52.49 33.68 -77.28
C SER E 3504 52.53 34.48 -75.99
N THR E 3513 52.67 32.88 -87.24
CA THR E 3513 51.35 32.76 -86.59
C THR E 3513 50.84 31.30 -86.58
N LEU E 3514 51.33 30.52 -87.52
CA LEU E 3514 50.89 29.14 -87.69
C LEU E 3514 51.27 28.17 -86.53
N LYS E 3515 52.36 28.50 -85.84
CA LYS E 3515 52.97 27.56 -84.87
C LYS E 3515 52.03 27.13 -83.72
N LYS E 3516 51.13 28.04 -83.30
CA LYS E 3516 50.11 27.70 -82.27
C LYS E 3516 49.12 26.65 -82.81
N MET E 3517 48.77 26.77 -84.09
CA MET E 3517 47.88 25.79 -84.72
C MET E 3517 48.70 24.47 -84.83
N LEU E 3518 50.03 24.55 -84.98
CA LEU E 3518 50.94 23.34 -84.92
C LEU E 3518 50.92 22.69 -83.53
N PRO E 3519 50.81 23.51 -82.51
CA PRO E 3519 50.62 22.99 -81.16
C PRO E 3519 49.19 22.35 -81.01
N ILE E 3520 48.20 22.91 -81.73
CA ILE E 3520 46.83 22.32 -81.79
C ILE E 3520 46.95 20.94 -82.44
N GLY E 3521 47.87 20.84 -83.41
CA GLY E 3521 48.20 19.54 -84.05
C GLY E 3521 48.91 18.57 -83.09
N LEU E 3522 49.69 19.13 -82.16
CA LEU E 3522 50.29 18.31 -81.11
C LEU E 3522 49.18 17.70 -80.25
N ASN E 3523 48.14 18.50 -80.00
CA ASN E 3523 46.95 18.00 -79.36
C ASN E 3523 46.25 16.93 -80.25
N MET E 3524 46.29 17.14 -81.58
CA MET E 3524 45.70 16.21 -82.61
C MET E 3524 46.35 14.82 -82.66
N CYS E 3525 47.63 14.78 -82.35
CA CYS E 3525 48.35 13.51 -82.40
C CYS E 3525 48.12 12.57 -81.18
N ALA E 3526 47.46 13.12 -80.14
CA ALA E 3526 47.08 12.33 -78.90
C ALA E 3526 46.19 11.12 -79.18
N PRO E 3527 45.38 11.27 -80.24
CA PRO E 3527 44.40 10.26 -80.62
C PRO E 3527 45.10 8.98 -81.04
N LYS E 3537 47.82 10.14 -91.05
CA LYS E 3537 47.32 11.22 -90.20
C LYS E 3537 46.25 12.06 -90.88
N THR E 3538 45.33 11.33 -91.54
CA THR E 3538 44.26 11.91 -92.31
C THR E 3538 43.35 12.87 -91.45
N ARG E 3539 43.13 12.49 -90.17
CA ARG E 3539 42.24 13.26 -89.23
C ARG E 3539 42.71 14.73 -89.03
N TYR E 3540 44.04 15.00 -89.05
CA TYR E 3540 44.57 16.42 -88.91
C TYR E 3540 44.09 17.33 -90.09
N ALA E 3541 44.14 16.73 -91.28
CA ALA E 3541 43.52 17.38 -92.46
C ALA E 3541 41.93 17.40 -92.33
N LEU E 3542 41.34 16.35 -91.68
CA LEU E 3542 39.81 16.19 -91.51
C LEU E 3542 39.22 17.29 -90.66
N LYS E 3543 40.04 17.82 -89.76
CA LYS E 3543 39.58 18.89 -88.84
C LYS E 3543 39.21 20.17 -89.61
N ASP E 3544 39.91 20.38 -90.74
CA ASP E 3544 39.70 21.54 -91.60
C ASP E 3544 38.53 21.28 -92.55
N VAL E 3549 44.56 26.96 -96.28
CA VAL E 3549 45.92 26.45 -96.46
C VAL E 3549 45.94 24.96 -96.13
N ARG E 3550 45.46 24.10 -97.03
CA ARG E 3550 45.40 22.61 -96.76
C ARG E 3550 46.82 21.96 -96.63
N GLU E 3551 47.82 22.57 -97.29
CA GLU E 3551 49.24 22.15 -97.15
C GLU E 3551 49.70 22.34 -95.71
N PHE E 3552 49.18 23.37 -95.05
CA PHE E 3552 49.42 23.58 -93.62
C PHE E 3552 48.73 22.45 -92.78
N LEU E 3553 47.60 21.90 -93.24
CA LEU E 3553 46.98 20.67 -92.57
C LEU E 3553 47.86 19.42 -92.85
N GLN E 3554 48.58 19.43 -93.98
CA GLN E 3554 49.59 18.35 -94.28
C GLN E 3554 50.83 18.51 -93.34
N ASN E 3555 51.25 19.76 -93.09
CA ASN E 3555 52.33 20.08 -92.09
C ASN E 3555 51.85 19.72 -90.68
N ASN E 3556 50.53 19.87 -90.45
CA ASN E 3556 49.86 19.41 -89.20
C ASN E 3556 49.90 17.86 -89.10
N LEU E 3557 49.84 17.18 -90.26
CA LEU E 3557 49.89 15.68 -90.29
C LEU E 3557 51.32 15.17 -89.97
N HIS E 3558 52.33 15.84 -90.58
CA HIS E 3558 53.77 15.53 -90.30
C HIS E 3558 54.05 15.85 -88.81
N LEU E 3559 53.41 16.91 -88.31
CA LEU E 3559 53.48 17.28 -86.91
C LEU E 3559 52.76 16.21 -86.04
N GLN E 3560 51.72 15.55 -86.58
CA GLN E 3560 50.94 14.51 -85.84
C GLN E 3560 51.79 13.24 -85.66
N GLY E 3561 52.46 12.87 -86.76
CA GLY E 3561 53.40 11.75 -86.69
C GLY E 3561 54.61 12.12 -85.77
N LYS E 3562 55.03 13.41 -85.83
CA LYS E 3562 56.13 13.97 -84.94
C LYS E 3562 55.69 13.95 -83.46
N VAL E 3563 54.37 14.04 -83.18
CA VAL E 3563 53.85 14.05 -81.77
C VAL E 3563 53.63 12.66 -81.18
N GLU E 3564 53.23 11.73 -82.04
CA GLU E 3564 53.23 10.34 -81.63
C GLU E 3564 54.75 9.91 -81.50
N GLY E 3565 55.64 10.53 -82.30
CA GLY E 3565 57.15 10.40 -82.14
C GLY E 3565 57.61 11.01 -80.83
N SER E 3566 56.91 12.03 -80.36
CA SER E 3566 57.13 12.55 -79.01
C SER E 3566 56.66 11.51 -77.95
N PRO E 3567 55.61 10.76 -78.26
CA PRO E 3567 55.18 9.65 -77.39
C PRO E 3567 56.28 8.57 -77.37
N SER E 3568 56.98 8.43 -78.49
CA SER E 3568 58.19 7.60 -78.55
C SER E 3568 59.34 8.23 -77.74
N LEU E 3569 59.35 9.56 -77.69
CA LEU E 3569 60.37 10.31 -76.96
C LEU E 3569 60.10 10.20 -75.45
N ARG E 3570 58.89 9.76 -75.07
CA ARG E 3570 58.59 9.42 -73.66
C ARG E 3570 59.48 8.30 -73.16
N TRP E 3571 59.90 7.41 -74.06
CA TRP E 3571 60.95 6.43 -73.74
C TRP E 3571 62.30 7.10 -73.46
N GLN E 3572 62.52 8.27 -74.03
CA GLN E 3572 63.76 9.06 -73.84
C GLN E 3572 63.60 10.20 -72.82
N PRO E 3645 78.43 -40.09 -53.95
CA PRO E 3645 78.22 -40.05 -52.45
C PRO E 3645 78.02 -41.47 -51.81
N THR E 3646 77.55 -42.38 -52.66
CA THR E 3646 77.30 -43.78 -52.31
C THR E 3646 76.48 -43.99 -51.03
N HIS E 3647 77.13 -44.49 -50.02
CA HIS E 3647 76.45 -44.80 -48.76
C HIS E 3647 75.90 -43.54 -48.07
N ARG E 3648 76.54 -42.40 -48.30
CA ARG E 3648 76.05 -41.13 -47.76
C ARG E 3648 74.65 -40.88 -48.26
N ALA E 3649 74.53 -41.13 -49.56
CA ALA E 3649 73.24 -41.04 -50.21
C ALA E 3649 72.19 -42.06 -49.82
N CYS E 3650 72.64 -43.20 -49.39
CA CYS E 3650 71.74 -44.26 -49.19
C CYS E 3650 70.76 -43.94 -48.09
N ASN E 3651 71.23 -43.21 -47.11
CA ASN E 3651 70.33 -42.80 -46.07
C ASN E 3651 69.29 -41.86 -46.60
N MET E 3652 69.71 -41.07 -47.57
CA MET E 3652 68.81 -40.17 -48.23
C MET E 3652 67.74 -40.99 -48.94
N PHE E 3653 68.13 -42.15 -49.47
CA PHE E 3653 67.12 -43.04 -49.98
C PHE E 3653 66.18 -43.59 -48.94
N LEU E 3654 66.69 -43.72 -47.75
CA LEU E 3654 65.84 -44.25 -46.74
C LEU E 3654 64.75 -43.30 -46.40
N GLU E 3655 65.19 -42.10 -46.14
CA GLU E 3655 64.30 -41.08 -45.74
C GLU E 3655 63.37 -40.69 -46.87
N SER E 3656 63.84 -40.76 -48.11
CA SER E 3656 62.99 -40.50 -49.25
C SER E 3656 61.92 -41.54 -49.37
N TYR E 3657 62.29 -42.77 -49.03
CA TYR E 3657 61.36 -43.85 -49.17
C TYR E 3657 60.35 -43.70 -48.09
N LYS E 3658 60.73 -43.04 -47.02
CA LYS E 3658 59.91 -42.94 -45.85
C LYS E 3658 58.73 -42.09 -46.09
N ALA E 3659 58.84 -41.26 -47.11
CA ALA E 3659 57.95 -40.19 -47.27
C ALA E 3659 56.61 -40.65 -47.79
N ALA E 3660 55.92 -39.82 -48.57
CA ALA E 3660 54.50 -40.05 -48.87
C ALA E 3660 54.29 -41.24 -49.79
N TRP E 3661 55.26 -41.51 -50.69
CA TRP E 3661 55.15 -42.62 -51.68
C TRP E 3661 54.98 -43.96 -50.85
N ILE E 3662 55.42 -44.04 -49.58
CA ILE E 3662 55.29 -45.26 -48.69
C ILE E 3662 54.32 -45.12 -47.51
N LEU E 3663 53.64 -43.99 -47.47
CA LEU E 3663 52.63 -43.78 -46.43
C LEU E 3663 51.34 -44.40 -46.90
N THR E 3664 51.33 -45.71 -46.79
CA THR E 3664 50.40 -46.51 -47.57
C THR E 3664 48.91 -46.44 -47.16
N GLU E 3665 48.11 -46.81 -48.14
CA GLU E 3665 46.68 -47.03 -48.06
C GLU E 3665 46.16 -47.96 -46.95
N ASP E 3666 46.93 -48.95 -46.50
CA ASP E 3666 46.31 -50.12 -45.80
C ASP E 3666 46.02 -49.66 -44.45
N HIS E 3667 44.82 -49.17 -44.26
CA HIS E 3667 44.36 -48.75 -42.97
C HIS E 3667 42.92 -49.25 -42.72
N SER E 3668 42.49 -50.32 -43.38
CA SER E 3668 41.19 -50.97 -43.06
C SER E 3668 41.29 -51.93 -41.88
N PHE E 3669 42.52 -52.17 -41.45
CA PHE E 3669 42.79 -53.19 -40.48
C PHE E 3669 42.26 -52.92 -39.10
N GLU E 3670 42.12 -51.65 -38.77
CA GLU E 3670 41.77 -51.33 -37.42
C GLU E 3670 40.45 -51.83 -36.97
N ASP E 3671 39.51 -51.80 -37.90
CA ASP E 3671 38.16 -52.10 -37.56
C ASP E 3671 37.96 -53.56 -37.32
N ARG E 3672 38.51 -54.36 -38.21
CA ARG E 3672 38.49 -55.79 -37.98
C ARG E 3672 39.33 -56.14 -36.76
N MET E 3673 40.31 -55.30 -36.44
CA MET E 3673 41.01 -55.43 -35.18
C MET E 3673 40.17 -55.18 -33.96
N ILE E 3674 39.37 -54.14 -34.07
CA ILE E 3674 38.45 -53.83 -33.03
C ILE E 3674 37.43 -54.92 -32.84
N ASP E 3675 37.00 -55.54 -33.91
CA ASP E 3675 36.10 -56.65 -33.75
C ASP E 3675 36.82 -57.82 -33.13
N ASP E 3676 38.09 -57.96 -33.47
CA ASP E 3676 38.90 -59.01 -32.94
C ASP E 3676 39.13 -58.86 -31.46
N LEU E 3677 39.10 -57.64 -30.95
CA LEU E 3677 39.24 -57.48 -29.53
C LEU E 3677 37.95 -57.74 -28.78
N SER E 3678 36.87 -57.83 -29.55
CA SER E 3678 35.54 -57.97 -29.00
C SER E 3678 34.75 -59.20 -29.51
N LYS E 3679 35.48 -60.27 -29.79
CA LYS E 3679 34.84 -61.52 -30.19
C LYS E 3679 34.19 -62.25 -29.06
N ALA E 3680 35.01 -62.76 -28.13
CA ALA E 3680 34.54 -63.63 -27.06
C ALA E 3680 33.73 -64.81 -27.55
N LYS E 3694 33.41 -63.18 -17.68
CA LYS E 3694 32.51 -62.47 -18.57
C LYS E 3694 33.25 -61.40 -19.47
N PRO E 3695 34.10 -60.50 -18.91
CA PRO E 3695 34.42 -59.31 -19.70
C PRO E 3695 35.27 -59.50 -20.92
N ASP E 3696 35.03 -58.64 -21.89
CA ASP E 3696 35.66 -58.71 -23.20
C ASP E 3696 37.08 -58.22 -23.23
N PRO E 3697 37.84 -58.78 -24.15
CA PRO E 3697 39.22 -58.43 -24.25
C PRO E 3697 39.50 -56.97 -24.56
N LEU E 3698 38.69 -56.40 -25.41
CA LEU E 3698 38.84 -55.04 -25.69
C LEU E 3698 38.51 -54.28 -24.47
N HIS E 3699 37.51 -54.75 -23.74
CA HIS E 3699 37.16 -54.14 -22.53
C HIS E 3699 38.24 -54.30 -21.54
N GLN E 3700 39.00 -55.38 -21.66
CA GLN E 3700 40.11 -55.55 -20.80
C GLN E 3700 41.14 -54.50 -21.11
N LEU E 3701 41.26 -54.13 -22.37
CA LEU E 3701 42.10 -53.03 -22.76
C LEU E 3701 41.68 -51.73 -22.19
N VAL E 3702 40.38 -51.63 -22.09
CA VAL E 3702 39.86 -50.41 -21.70
C VAL E 3702 40.07 -50.20 -20.20
N LEU E 3703 39.78 -51.23 -19.44
CA LEU E 3703 39.97 -51.15 -18.03
C LEU E 3703 41.41 -51.10 -17.70
N HIS E 3704 42.24 -51.58 -18.62
CA HIS E 3704 43.66 -51.42 -18.51
C HIS E 3704 44.12 -50.06 -18.55
N PHE E 3705 43.72 -49.38 -19.59
CA PHE E 3705 44.08 -48.02 -19.69
C PHE E 3705 43.47 -47.18 -18.64
N SER E 3706 42.30 -47.56 -18.26
CA SER E 3706 41.70 -46.88 -17.18
C SER E 3706 42.47 -47.01 -15.87
N ARG E 3707 43.02 -48.18 -15.69
CA ARG E 3707 43.87 -48.38 -14.56
C ARG E 3707 45.12 -47.54 -14.70
N THR E 3708 45.56 -47.39 -15.94
CA THR E 3708 46.73 -46.61 -16.19
C THR E 3708 46.48 -45.19 -15.84
N ALA E 3709 45.24 -44.80 -15.95
CA ALA E 3709 44.88 -43.47 -15.68
C ALA E 3709 44.68 -43.17 -14.24
N LEU E 3710 44.14 -44.11 -13.54
CA LEU E 3710 43.75 -43.78 -12.24
C LEU E 3710 44.87 -43.48 -11.29
N THR E 3711 45.99 -44.08 -11.56
CA THR E 3711 47.13 -43.93 -10.70
C THR E 3711 47.70 -42.50 -10.75
N GLU E 3712 48.14 -42.02 -9.62
CA GLU E 3712 48.82 -40.74 -9.58
C GLU E 3712 50.18 -40.76 -10.24
N LYS E 3713 50.47 -39.74 -11.04
CA LYS E 3713 51.82 -39.50 -11.60
C LYS E 3713 52.16 -38.00 -11.55
N SER E 3714 51.32 -37.22 -10.87
CA SER E 3714 51.41 -35.76 -10.96
C SER E 3714 51.45 -35.23 -12.41
N LYS E 3715 52.54 -35.45 -13.12
CA LYS E 3715 52.51 -35.36 -14.59
C LYS E 3715 51.96 -36.68 -15.17
N LEU E 3716 52.33 -37.06 -16.39
CA LEU E 3716 51.93 -38.32 -16.93
C LEU E 3716 52.92 -38.87 -17.88
N ASP E 3717 52.83 -40.18 -17.92
CA ASP E 3717 53.59 -40.99 -18.79
C ASP E 3717 53.19 -40.69 -20.21
N GLU E 3718 54.11 -40.60 -21.15
CA GLU E 3718 53.71 -40.36 -22.52
C GLU E 3718 52.93 -41.55 -22.99
N ASP E 3719 53.32 -42.71 -22.49
CA ASP E 3719 52.72 -43.97 -22.85
C ASP E 3719 52.29 -44.05 -24.29
N TYR E 3720 53.24 -44.35 -25.15
CA TYR E 3720 52.94 -44.38 -26.56
C TYR E 3720 51.84 -45.39 -26.91
N LEU E 3721 51.78 -46.41 -26.11
CA LEU E 3721 50.87 -47.49 -26.28
C LEU E 3721 49.42 -47.08 -26.20
N TYR E 3722 49.18 -46.16 -25.34
CA TYR E 3722 47.86 -45.77 -25.11
C TYR E 3722 47.35 -44.85 -26.13
N MET E 3723 48.20 -43.95 -26.59
CA MET E 3723 47.85 -43.03 -27.63
C MET E 3723 47.67 -43.82 -28.88
N ALA E 3724 48.39 -44.90 -28.96
CA ALA E 3724 48.27 -45.72 -30.10
C ALA E 3724 46.92 -46.39 -30.15
N TYR E 3725 46.53 -47.03 -29.06
CA TYR E 3725 45.22 -47.61 -29.10
C TYR E 3725 44.12 -46.62 -29.16
N ALA E 3726 44.36 -45.44 -28.61
CA ALA E 3726 43.39 -44.41 -28.76
C ALA E 3726 43.22 -44.07 -30.20
N ASP E 3727 44.30 -44.19 -30.95
CA ASP E 3727 44.26 -44.06 -32.40
C ASP E 3727 43.58 -45.15 -33.12
N ILE E 3728 43.67 -46.35 -32.55
CA ILE E 3728 43.03 -47.49 -33.13
C ILE E 3728 41.53 -47.38 -33.01
N MET E 3729 41.13 -47.06 -31.80
CA MET E 3729 39.77 -46.83 -31.54
C MET E 3729 39.29 -45.57 -32.22
N ALA E 3730 40.23 -44.69 -32.52
CA ALA E 3730 39.95 -43.50 -33.29
C ALA E 3730 39.49 -43.82 -34.63
N LYS E 3731 39.90 -44.97 -35.12
CA LYS E 3731 39.43 -45.45 -36.37
C LYS E 3731 38.02 -46.01 -36.22
N SER E 3732 37.10 -45.09 -36.40
CA SER E 3732 35.75 -45.38 -36.53
C SER E 3732 34.97 -44.27 -37.39
N CYS E 3733 35.39 -43.86 -38.61
CA CYS E 3733 34.48 -43.20 -39.63
C CYS E 3733 34.45 -43.91 -40.96
N GLU E 3750 17.37 -36.98 -49.07
CA GLU E 3750 17.30 -38.41 -48.76
C GLU E 3750 18.64 -39.17 -49.06
N VAL E 3751 19.32 -38.90 -50.18
CA VAL E 3751 20.80 -39.23 -50.34
C VAL E 3751 21.53 -38.55 -49.24
N SER E 3752 21.08 -37.32 -48.97
CA SER E 3752 21.64 -36.50 -47.94
C SER E 3752 20.96 -36.84 -46.59
N PHE E 3753 19.98 -37.75 -46.58
CA PHE E 3753 19.22 -38.12 -45.37
C PHE E 3753 19.23 -39.63 -45.09
N GLU E 3754 18.49 -40.38 -45.88
CA GLU E 3754 18.31 -41.77 -45.63
C GLU E 3754 19.61 -42.56 -45.76
N GLU E 3755 20.44 -42.17 -46.73
CA GLU E 3755 21.76 -42.76 -46.86
C GLU E 3755 22.60 -42.24 -45.65
N LYS E 3756 22.37 -40.98 -45.29
CA LYS E 3756 23.04 -40.35 -44.15
C LYS E 3756 22.60 -41.00 -42.91
N GLU E 3757 21.39 -41.55 -42.93
CA GLU E 3757 20.88 -42.25 -41.79
C GLU E 3757 21.53 -43.58 -41.59
N MET E 3758 21.63 -44.34 -42.66
CA MET E 3758 22.22 -45.62 -42.49
C MET E 3758 23.70 -45.48 -42.12
N GLU E 3759 24.35 -44.47 -42.67
CA GLU E 3759 25.72 -44.21 -42.32
C GLU E 3759 25.75 -43.74 -40.87
N LYS E 3760 24.74 -42.99 -40.47
CA LYS E 3760 24.71 -42.44 -39.15
C LYS E 3760 24.61 -43.47 -38.12
N GLN E 3761 23.91 -44.54 -38.46
CA GLN E 3761 23.70 -45.57 -37.49
C GLN E 3761 24.81 -46.59 -37.56
N ARG E 3762 25.46 -46.70 -38.72
CA ARG E 3762 26.67 -47.51 -38.83
C ARG E 3762 27.72 -46.88 -37.90
N LEU E 3763 27.76 -45.57 -37.91
CA LEU E 3763 28.58 -44.83 -36.96
C LEU E 3763 28.14 -44.91 -35.54
N LEU E 3764 26.87 -45.08 -35.38
CA LEU E 3764 26.40 -45.32 -34.05
C LEU E 3764 26.79 -46.65 -33.54
N TYR E 3765 26.99 -47.59 -34.42
CA TYR E 3765 27.48 -48.90 -34.00
C TYR E 3765 28.93 -48.82 -33.73
N GLN E 3766 29.64 -48.05 -34.55
CA GLN E 3766 31.04 -47.88 -34.35
C GLN E 3766 31.33 -47.12 -33.08
N GLN E 3767 30.39 -46.31 -32.65
CA GLN E 3767 30.53 -45.57 -31.44
C GLN E 3767 29.98 -46.29 -30.23
N SER E 3768 28.91 -47.01 -30.43
CA SER E 3768 28.33 -47.80 -29.38
C SER E 3768 29.26 -48.91 -28.97
N ARG E 3769 30.02 -49.40 -29.93
CA ARG E 3769 30.87 -50.49 -29.71
C ARG E 3769 31.87 -50.17 -28.64
N LEU E 3770 32.26 -48.91 -28.59
CA LEU E 3770 33.13 -48.44 -27.54
C LEU E 3770 32.42 -47.95 -26.43
N HIS E 3771 31.20 -47.59 -26.67
CA HIS E 3771 30.41 -47.11 -25.62
C HIS E 3771 30.15 -48.21 -24.62
N THR E 3772 30.08 -49.46 -25.03
CA THR E 3772 29.86 -50.52 -24.09
C THR E 3772 31.00 -50.69 -23.13
N ARG E 3773 32.15 -50.34 -23.62
CA ARG E 3773 33.35 -50.43 -22.87
C ARG E 3773 33.45 -49.51 -21.73
N GLY E 3774 32.75 -48.39 -21.80
CA GLY E 3774 32.86 -47.36 -20.77
C GLY E 3774 34.03 -46.53 -21.02
N ALA E 3775 34.44 -46.56 -22.27
CA ALA E 3775 35.64 -45.89 -22.64
C ALA E 3775 35.70 -44.47 -22.34
N ALA E 3776 34.54 -43.88 -22.32
CA ALA E 3776 34.51 -42.48 -22.21
C ALA E 3776 35.01 -42.13 -20.94
N GLU E 3777 34.73 -43.02 -19.97
CA GLU E 3777 35.08 -42.79 -18.63
C GLU E 3777 36.51 -42.58 -18.58
N MET E 3778 37.20 -43.56 -19.11
CA MET E 3778 38.60 -43.54 -19.04
C MET E 3778 39.21 -42.45 -19.82
N VAL E 3779 38.60 -42.07 -20.91
CA VAL E 3779 39.18 -41.06 -21.63
C VAL E 3779 39.07 -39.80 -20.87
N LEU E 3780 37.97 -39.65 -20.23
CA LEU E 3780 37.79 -38.49 -19.51
C LEU E 3780 38.73 -38.51 -18.36
N GLN E 3781 39.09 -39.68 -17.91
CA GLN E 3781 39.95 -39.79 -16.83
C GLN E 3781 41.29 -39.38 -17.20
N MET E 3782 41.80 -39.86 -18.33
CA MET E 3782 43.12 -39.46 -18.77
C MET E 3782 43.17 -38.02 -18.96
N ILE E 3783 42.11 -37.49 -19.54
CA ILE E 3783 42.08 -36.10 -19.77
C ILE E 3783 42.08 -35.34 -18.49
N SER E 3784 41.43 -35.88 -17.49
CA SER E 3784 41.50 -35.31 -16.20
C SER E 3784 42.88 -35.38 -15.60
N ALA E 3785 43.59 -36.41 -15.96
CA ALA E 3785 44.93 -36.55 -15.50
C ALA E 3785 45.90 -35.66 -16.20
N CYS E 3786 45.52 -35.13 -17.34
CA CYS E 3786 46.42 -34.33 -18.11
C CYS E 3786 46.81 -33.11 -17.44
N LYS E 3787 45.93 -32.63 -16.58
CA LYS E 3787 46.17 -31.44 -15.84
C LYS E 3787 46.71 -30.35 -16.77
N GLY E 3788 47.92 -29.84 -16.48
CA GLY E 3788 48.56 -28.78 -17.26
C GLY E 3788 49.33 -29.21 -18.48
N GLU E 3789 49.19 -30.49 -18.82
CA GLU E 3789 49.93 -31.05 -19.90
C GLU E 3789 49.32 -30.67 -21.16
N THR E 3790 50.20 -30.68 -22.12
CA THR E 3790 49.88 -30.37 -23.46
C THR E 3790 50.49 -31.42 -24.39
N GLY E 3791 50.45 -32.68 -23.95
CA GLY E 3791 51.15 -33.78 -24.58
C GLY E 3791 50.46 -34.24 -25.79
N ALA E 3792 51.17 -34.97 -26.63
CA ALA E 3792 50.57 -35.46 -27.87
C ALA E 3792 49.54 -36.54 -27.60
N MET E 3793 49.80 -37.28 -26.55
CA MET E 3793 48.94 -38.34 -26.19
C MET E 3793 47.60 -37.72 -25.76
N VAL E 3794 47.63 -36.52 -25.23
CA VAL E 3794 46.43 -35.84 -24.89
C VAL E 3794 45.61 -35.58 -26.12
N SER E 3795 46.26 -35.26 -27.20
CA SER E 3795 45.61 -35.10 -28.47
C SER E 3795 45.01 -36.38 -28.92
N SER E 3796 45.69 -37.45 -28.69
CA SER E 3796 45.15 -38.71 -29.13
C SER E 3796 43.87 -39.02 -28.33
N THR E 3797 43.85 -38.57 -27.12
CA THR E 3797 42.73 -38.81 -26.28
C THR E 3797 41.59 -38.00 -26.62
N LEU E 3798 41.86 -36.76 -26.88
CA LEU E 3798 40.81 -35.90 -27.21
C LEU E 3798 40.21 -36.25 -28.49
N LYS E 3799 41.06 -36.63 -29.44
CA LYS E 3799 40.63 -37.10 -30.68
C LYS E 3799 39.81 -38.34 -30.51
N LEU E 3800 40.15 -39.20 -29.55
CA LEU E 3800 39.33 -40.31 -29.23
C LEU E 3800 37.99 -39.92 -28.69
N GLY E 3801 37.98 -38.85 -27.95
CA GLY E 3801 36.77 -38.37 -27.43
C GLY E 3801 35.89 -37.89 -28.49
N ILE E 3802 36.52 -37.30 -29.47
CA ILE E 3802 35.83 -36.91 -30.67
C ILE E 3802 35.32 -38.09 -31.44
N SER E 3803 36.09 -39.17 -31.35
CA SER E 3803 35.73 -40.39 -32.05
C SER E 3803 34.51 -40.99 -31.46
N ILE E 3804 34.31 -40.77 -30.18
CA ILE E 3804 33.16 -41.30 -29.60
C ILE E 3804 31.96 -40.38 -29.51
N LEU E 3805 32.22 -39.12 -29.24
CA LEU E 3805 31.15 -38.19 -29.05
C LEU E 3805 30.47 -37.62 -30.29
N ASN E 3806 31.04 -37.89 -31.44
CA ASN E 3806 30.50 -37.27 -32.63
C ASN E 3806 29.16 -37.74 -32.97
N GLY E 3807 28.35 -36.90 -33.57
CA GLY E 3807 27.03 -37.32 -33.88
C GLY E 3807 26.13 -37.14 -32.67
N GLY E 3808 26.66 -36.38 -31.73
CA GLY E 3808 25.90 -35.91 -30.66
C GLY E 3808 25.44 -36.98 -29.72
N ASN E 3809 26.27 -37.98 -29.50
CA ASN E 3809 25.92 -39.12 -28.70
C ASN E 3809 25.68 -38.73 -27.26
N ALA E 3810 24.42 -38.48 -26.95
CA ALA E 3810 24.04 -38.04 -25.61
C ALA E 3810 24.20 -39.04 -24.58
N GLU E 3811 24.06 -40.29 -24.95
CA GLU E 3811 24.19 -41.34 -24.00
C GLU E 3811 25.59 -41.39 -23.46
N VAL E 3812 26.55 -41.11 -24.30
CA VAL E 3812 27.89 -41.11 -23.87
C VAL E 3812 28.04 -39.95 -22.90
N GLN E 3813 27.39 -38.84 -23.22
CA GLN E 3813 27.46 -37.64 -22.44
C GLN E 3813 26.84 -37.85 -21.08
N GLN E 3814 25.85 -38.72 -20.97
CA GLN E 3814 25.21 -38.92 -19.71
C GLN E 3814 25.93 -39.92 -18.89
N LYS E 3815 26.51 -40.93 -19.49
CA LYS E 3815 27.26 -41.80 -18.69
C LYS E 3815 28.49 -41.09 -18.23
N MET E 3816 29.04 -40.21 -19.06
CA MET E 3816 30.14 -39.37 -18.63
C MET E 3816 29.77 -38.50 -17.52
N LEU E 3817 28.60 -37.92 -17.64
CA LEU E 3817 28.12 -37.06 -16.64
C LEU E 3817 27.91 -37.76 -15.35
N ASP E 3818 27.45 -38.98 -15.42
CA ASP E 3818 27.29 -39.75 -14.22
C ASP E 3818 28.58 -40.03 -13.60
N TYR E 3819 29.58 -40.24 -14.41
CA TYR E 3819 30.87 -40.43 -13.84
C TYR E 3819 31.33 -39.12 -13.28
N LEU E 3820 30.89 -38.01 -13.83
CA LEU E 3820 31.23 -36.70 -13.31
C LEU E 3820 30.50 -36.33 -12.06
N LYS E 3821 29.45 -37.01 -11.73
CA LYS E 3821 28.74 -36.68 -10.51
C LYS E 3821 28.97 -37.69 -9.43
N ASP E 3822 29.05 -38.94 -9.79
CA ASP E 3822 29.37 -39.99 -8.86
C ASP E 3822 30.74 -39.81 -8.26
N LYS E 3823 31.65 -39.33 -9.09
CA LYS E 3823 33.03 -39.17 -8.71
C LYS E 3823 33.29 -37.82 -8.28
N LYS E 3824 32.58 -36.87 -8.87
CA LYS E 3824 32.74 -35.47 -8.64
C LYS E 3824 34.19 -35.19 -8.59
N GLU E 3825 34.79 -35.37 -9.75
CA GLU E 3825 36.18 -35.35 -9.92
C GLU E 3825 36.87 -33.99 -9.69
N VAL E 3826 36.19 -32.88 -9.89
CA VAL E 3826 36.77 -31.55 -9.71
C VAL E 3826 37.81 -31.20 -10.73
N GLY E 3827 38.71 -32.10 -10.89
CA GLY E 3827 39.88 -31.84 -11.59
C GLY E 3827 39.81 -32.01 -13.03
N PHE E 3828 38.70 -32.57 -13.50
CA PHE E 3828 38.57 -32.73 -14.90
C PHE E 3828 38.33 -31.43 -15.61
N PHE E 3829 37.41 -30.73 -15.05
CA PHE E 3829 37.09 -29.49 -15.55
C PHE E 3829 38.25 -28.53 -15.38
N GLN E 3830 39.00 -28.66 -14.29
CA GLN E 3830 40.16 -27.88 -14.09
C GLN E 3830 41.16 -28.22 -15.14
N SER E 3831 41.18 -29.46 -15.56
CA SER E 3831 42.09 -29.89 -16.58
C SER E 3831 41.82 -29.26 -17.92
N ILE E 3832 40.56 -29.16 -18.20
CA ILE E 3832 40.20 -28.57 -19.40
C ILE E 3832 40.49 -27.12 -19.27
N GLN E 3833 40.39 -26.58 -18.07
CA GLN E 3833 40.41 -25.16 -17.85
C GLN E 3833 41.74 -24.61 -17.94
N ALA E 3834 42.72 -25.24 -17.37
CA ALA E 3834 44.01 -24.68 -17.46
C ALA E 3834 44.48 -24.78 -18.91
N LEU E 3835 44.06 -25.81 -19.64
CA LEU E 3835 44.43 -26.01 -21.01
C LEU E 3835 43.85 -25.02 -21.85
N MET E 3836 42.59 -24.81 -21.57
CA MET E 3836 41.87 -23.84 -22.28
C MET E 3836 42.43 -22.46 -21.95
N GLN E 3837 42.92 -22.31 -20.74
CA GLN E 3837 43.47 -21.09 -20.31
C GLN E 3837 44.74 -20.85 -21.07
N THR E 3838 45.36 -21.91 -21.56
CA THR E 3838 46.62 -21.76 -22.22
C THR E 3838 46.57 -22.08 -23.68
N CYS E 3839 46.38 -23.38 -23.93
CA CYS E 3839 46.39 -23.95 -25.24
C CYS E 3839 47.39 -23.36 -26.20
N SER E 3840 46.94 -22.63 -27.23
CA SER E 3840 47.81 -22.18 -28.31
C SER E 3840 47.08 -21.10 -29.07
N VAL E 3841 47.82 -20.16 -29.64
CA VAL E 3841 47.24 -19.06 -30.33
C VAL E 3841 48.23 -18.60 -31.43
N LEU E 3842 47.75 -18.17 -32.60
CA LEU E 3842 48.67 -17.75 -33.66
C LEU E 3842 49.53 -16.51 -33.31
N ASP E 3843 49.01 -15.67 -32.41
CA ASP E 3843 49.71 -14.40 -31.97
C ASP E 3843 50.11 -13.51 -33.14
N LEU E 3844 51.42 -13.37 -33.38
CA LEU E 3844 51.92 -12.37 -34.30
C LEU E 3844 53.40 -12.45 -34.54
N ASN E 3845 54.18 -12.35 -33.48
CA ASN E 3845 55.60 -12.24 -33.64
C ASN E 3845 56.17 -13.48 -34.26
N ALA E 3846 55.48 -14.58 -33.97
CA ALA E 3846 55.84 -15.87 -34.48
C ALA E 3846 55.98 -15.84 -36.00
N PHE E 3847 55.00 -15.23 -36.65
CA PHE E 3847 55.02 -15.09 -38.08
C PHE E 3847 56.13 -14.20 -38.55
N GLU E 3848 56.37 -13.19 -37.73
CA GLU E 3848 57.30 -12.18 -38.08
C GLU E 3848 58.68 -12.77 -38.17
N ARG E 3849 58.88 -13.74 -37.33
CA ARG E 3849 60.10 -14.45 -37.34
C ARG E 3849 60.06 -15.51 -38.43
N GLN E 3850 58.85 -15.94 -38.80
CA GLN E 3850 58.65 -17.08 -39.70
C GLN E 3850 58.45 -16.59 -41.09
N ASN E 3851 59.54 -16.14 -41.69
CA ASN E 3851 59.51 -15.60 -42.98
C ASN E 3851 60.57 -16.20 -43.90
N LYS E 3852 61.62 -16.82 -43.34
CA LYS E 3852 62.87 -16.97 -44.09
C LYS E 3852 63.40 -18.41 -44.17
N ASP E 3877 50.16 -25.93 -31.00
CA ASP E 3877 49.41 -26.13 -32.24
C ASP E 3877 48.00 -25.67 -32.12
N ASP E 3878 47.77 -24.72 -33.00
CA ASP E 3878 46.48 -24.10 -33.12
C ASP E 3878 45.38 -25.17 -33.55
N GLU E 3879 45.83 -26.13 -34.34
CA GLU E 3879 44.97 -27.22 -34.79
C GLU E 3879 44.49 -28.05 -33.65
N PHE E 3880 45.35 -28.15 -32.66
CA PHE E 3880 44.94 -28.83 -31.45
C PHE E 3880 43.88 -28.14 -30.67
N THR E 3881 43.91 -26.83 -30.77
CA THR E 3881 42.95 -26.09 -30.08
C THR E 3881 41.67 -26.32 -30.75
N GLN E 3882 41.71 -26.33 -32.08
CA GLN E 3882 40.51 -26.55 -32.89
C GLN E 3882 39.86 -27.81 -32.51
N ASP E 3883 40.72 -28.80 -32.46
CA ASP E 3883 40.28 -30.07 -32.17
C ASP E 3883 39.73 -30.15 -30.73
N LEU E 3884 40.34 -29.40 -29.84
CA LEU E 3884 39.93 -29.50 -28.49
C LEU E 3884 38.58 -28.90 -28.22
N PHE E 3885 38.38 -27.74 -28.75
CA PHE E 3885 37.14 -27.16 -28.53
C PHE E 3885 36.03 -27.79 -29.36
N ARG E 3886 36.37 -28.41 -30.48
CA ARG E 3886 35.36 -29.19 -31.19
C ARG E 3886 34.94 -30.30 -30.28
N PHE E 3887 35.92 -30.88 -29.58
CA PHE E 3887 35.65 -31.88 -28.60
C PHE E 3887 34.69 -31.40 -27.55
N LEU E 3888 34.91 -30.20 -27.13
CA LEU E 3888 34.07 -29.67 -26.17
C LEU E 3888 32.68 -29.44 -26.69
N GLN E 3889 32.58 -29.13 -27.95
CA GLN E 3889 31.30 -28.99 -28.52
C GLN E 3889 30.60 -30.31 -28.50
N LEU E 3890 31.38 -31.34 -28.67
CA LEU E 3890 30.81 -32.64 -28.66
C LEU E 3890 30.29 -33.09 -27.30
N LEU E 3891 30.78 -32.45 -26.25
CA LEU E 3891 30.21 -32.67 -24.97
C LEU E 3891 28.81 -32.24 -24.87
N CYS E 3892 28.49 -31.22 -25.62
CA CYS E 3892 27.22 -30.57 -25.47
C CYS E 3892 26.18 -30.88 -26.53
N GLU E 3893 26.60 -31.53 -27.63
CA GLU E 3893 25.63 -31.83 -28.70
C GLU E 3893 24.66 -32.87 -28.27
N GLY E 3894 23.49 -32.75 -28.88
CA GLY E 3894 22.34 -33.41 -28.38
C GLY E 3894 21.73 -32.59 -27.26
N HIS E 3895 22.30 -31.43 -27.01
CA HIS E 3895 21.67 -30.39 -26.19
C HIS E 3895 21.31 -30.82 -24.76
N ASN E 3896 22.25 -31.45 -24.08
CA ASN E 3896 22.00 -31.88 -22.73
C ASN E 3896 22.27 -30.78 -21.78
N ASN E 3897 21.23 -30.07 -21.52
CA ASN E 3897 21.37 -28.90 -20.75
C ASN E 3897 21.72 -29.17 -19.34
N ASP E 3898 21.37 -30.34 -18.86
CA ASP E 3898 21.83 -30.70 -17.53
C ASP E 3898 23.33 -30.77 -17.44
N PHE E 3899 23.90 -31.23 -18.52
CA PHE E 3899 25.32 -31.32 -18.60
C PHE E 3899 25.95 -29.97 -18.82
N GLN E 3900 25.28 -29.12 -19.59
CA GLN E 3900 25.80 -27.80 -19.89
C GLN E 3900 25.79 -26.96 -18.64
N ASN E 3901 24.69 -26.97 -17.89
CA ASN E 3901 24.62 -26.30 -16.59
C ASN E 3901 25.60 -26.86 -15.62
N TYR E 3902 25.79 -28.17 -15.67
CA TYR E 3902 26.73 -28.75 -14.76
C TYR E 3902 28.14 -28.30 -15.07
N LEU E 3903 28.40 -28.06 -16.34
CA LEU E 3903 29.63 -27.41 -16.73
C LEU E 3903 29.66 -25.98 -16.30
N ARG E 3904 28.50 -25.33 -16.28
CA ARG E 3904 28.44 -23.97 -15.80
C ARG E 3904 28.69 -23.80 -14.31
N THR E 3905 28.33 -24.79 -13.50
CA THR E 3905 28.34 -24.58 -12.07
C THR E 3905 28.89 -25.71 -11.24
N GLN E 3906 29.03 -26.88 -11.82
CA GLN E 3906 29.70 -27.92 -11.17
C GLN E 3906 29.11 -28.24 -9.75
N THR E 3907 27.82 -28.50 -9.68
CA THR E 3907 27.16 -28.65 -8.37
C THR E 3907 27.48 -29.87 -7.55
N GLY E 3908 27.86 -30.97 -8.17
CA GLY E 3908 28.18 -32.17 -7.43
C GLY E 3908 29.44 -31.94 -6.57
N ASN E 3909 30.37 -31.18 -7.12
CA ASN E 3909 31.64 -30.84 -6.45
C ASN E 3909 31.45 -29.70 -5.54
N THR E 3910 32.27 -29.64 -4.50
CA THR E 3910 32.21 -28.46 -3.62
C THR E 3910 32.74 -27.22 -4.35
N THR E 3911 33.67 -27.48 -5.25
CA THR E 3911 34.22 -26.46 -6.11
C THR E 3911 33.27 -26.15 -7.25
N THR E 3912 33.45 -24.96 -7.83
CA THR E 3912 32.64 -24.58 -8.97
C THR E 3912 33.45 -23.94 -10.09
N ILE E 3913 33.08 -24.23 -11.34
CA ILE E 3913 33.76 -23.71 -12.50
C ILE E 3913 32.79 -23.56 -13.62
N ASN E 3914 33.01 -22.49 -14.41
CA ASN E 3914 32.25 -22.28 -15.64
C ASN E 3914 33.19 -22.22 -16.79
N ILE E 3915 33.34 -23.37 -17.39
CA ILE E 3915 34.27 -23.63 -18.45
C ILE E 3915 34.06 -22.71 -19.59
N ILE E 3916 32.82 -22.43 -19.77
CA ILE E 3916 32.44 -21.79 -20.89
C ILE E 3916 32.92 -20.36 -20.81
N ILE E 3917 33.01 -19.83 -19.62
CA ILE E 3917 33.54 -18.53 -19.44
C ILE E 3917 34.94 -18.43 -19.99
N CYS E 3918 35.63 -19.50 -19.78
CA CYS E 3918 36.97 -19.55 -20.17
C CYS E 3918 37.11 -19.73 -21.69
N THR E 3919 36.23 -20.49 -22.30
CA THR E 3919 36.36 -20.60 -23.72
C THR E 3919 36.03 -19.30 -24.36
N VAL E 3920 35.17 -18.55 -23.74
CA VAL E 3920 34.91 -17.22 -24.21
C VAL E 3920 36.14 -16.43 -24.16
N ASP E 3921 36.88 -16.66 -23.10
CA ASP E 3921 38.09 -15.94 -22.99
C ASP E 3921 39.10 -16.32 -24.05
N TYR E 3922 39.10 -17.59 -24.42
CA TYR E 3922 39.91 -18.00 -25.51
C TYR E 3922 39.50 -17.37 -26.82
N LEU E 3923 38.23 -17.18 -26.91
CA LEU E 3923 37.77 -16.58 -28.07
C LEU E 3923 38.28 -15.16 -28.09
N LEU E 3924 38.43 -14.60 -26.89
CA LEU E 3924 38.90 -13.25 -26.74
C LEU E 3924 40.25 -13.06 -27.18
N ARG E 3925 41.11 -13.90 -26.71
CA ARG E 3925 42.48 -13.77 -27.03
C ARG E 3925 42.74 -14.08 -28.50
N LEU E 3926 42.08 -15.11 -29.04
CA LEU E 3926 42.24 -15.41 -30.45
C LEU E 3926 41.73 -14.29 -31.26
N GLN E 3927 40.69 -13.67 -30.78
CA GLN E 3927 40.20 -12.47 -31.42
C GLN E 3927 41.14 -11.31 -31.43
N GLU E 3928 41.84 -11.19 -30.34
CA GLU E 3928 42.77 -10.15 -30.23
C GLU E 3928 43.92 -10.43 -31.20
N SER E 3929 44.24 -11.72 -31.42
CA SER E 3929 45.19 -12.11 -32.50
C SER E 3929 44.71 -11.74 -33.86
N ILE E 3930 43.40 -11.86 -34.01
CA ILE E 3930 42.84 -11.56 -35.25
C ILE E 3930 43.00 -10.12 -35.49
N SER E 3931 42.82 -9.37 -34.43
CA SER E 3931 42.81 -7.96 -34.51
C SER E 3931 44.20 -7.44 -34.84
N ASP E 3932 45.20 -7.94 -34.16
CA ASP E 3932 46.51 -7.47 -34.49
C ASP E 3932 46.95 -7.97 -35.88
N PHE E 3933 46.40 -9.10 -36.30
CA PHE E 3933 46.62 -9.55 -37.64
C PHE E 3933 46.06 -8.50 -38.63
N TYR E 3934 44.99 -7.86 -38.24
CA TYR E 3934 44.44 -6.77 -39.02
C TYR E 3934 45.29 -5.55 -39.02
N TRP E 3935 45.77 -5.16 -37.86
CA TRP E 3935 46.46 -3.92 -37.77
C TRP E 3935 47.84 -4.01 -38.36
N TYR E 3936 48.29 -5.22 -38.63
CA TYR E 3936 49.47 -5.38 -39.39
C TYR E 3936 49.17 -5.45 -40.87
N TYR E 3937 48.39 -6.46 -41.24
CA TYR E 3937 48.14 -6.75 -42.63
C TYR E 3937 47.35 -5.71 -43.40
N SER E 3938 46.52 -4.94 -42.69
CA SER E 3938 45.67 -3.95 -43.35
C SER E 3938 46.44 -2.87 -44.08
N GLY E 3939 47.60 -2.51 -43.51
CA GLY E 3939 48.48 -1.53 -44.12
C GLY E 3939 49.23 -2.06 -45.35
N LYS E 3940 49.35 -3.38 -45.46
CA LYS E 3940 50.04 -3.97 -46.61
C LYS E 3940 49.09 -4.45 -47.73
N ASP E 3941 47.78 -4.29 -47.51
CA ASP E 3941 46.74 -4.87 -48.45
C ASP E 3941 46.88 -6.36 -48.74
N VAL E 3942 47.68 -6.70 -49.75
CA VAL E 3942 47.96 -8.09 -50.09
C VAL E 3942 48.69 -8.85 -48.98
N ILE E 3943 48.32 -10.10 -48.77
CA ILE E 3943 48.97 -11.01 -47.81
C ILE E 3943 49.68 -12.08 -48.64
N GLU E 3944 50.67 -12.70 -48.04
CA GLU E 3944 51.56 -13.55 -48.76
C GLU E 3944 50.96 -14.83 -49.11
N GLU E 3945 51.31 -15.87 -48.35
CA GLU E 3945 50.85 -17.18 -48.67
C GLU E 3945 50.66 -18.00 -47.43
N GLN E 3946 51.76 -18.28 -46.74
CA GLN E 3946 51.71 -19.13 -45.59
C GLN E 3946 50.89 -18.45 -44.49
N GLY E 3947 50.95 -17.12 -44.41
CA GLY E 3947 50.17 -16.38 -43.39
C GLY E 3947 48.73 -16.45 -43.70
N LYS E 3948 48.46 -16.52 -44.99
CA LYS E 3948 47.13 -16.58 -45.43
C LYS E 3948 46.51 -17.91 -45.02
N ARG E 3949 47.15 -19.00 -45.41
CA ARG E 3949 46.61 -20.30 -45.14
C ARG E 3949 46.61 -20.62 -43.68
N ASN E 3950 47.59 -20.08 -42.97
CA ASN E 3950 47.70 -20.40 -41.58
C ASN E 3950 46.67 -19.62 -40.83
N PHE E 3951 46.55 -18.33 -41.17
CA PHE E 3951 45.55 -17.52 -40.56
C PHE E 3951 44.17 -18.02 -40.88
N SER E 3952 44.03 -18.60 -42.06
CA SER E 3952 42.78 -19.24 -42.42
C SER E 3952 42.45 -20.40 -41.56
N LYS E 3953 43.49 -21.13 -41.24
CA LYS E 3953 43.27 -22.25 -40.42
C LYS E 3953 42.88 -21.75 -39.01
N ALA E 3954 43.40 -20.57 -38.63
CA ALA E 3954 42.95 -19.91 -37.39
C ALA E 3954 41.54 -19.50 -37.43
N MET E 3955 41.09 -19.16 -38.62
CA MET E 3955 39.68 -18.92 -38.78
C MET E 3955 38.88 -20.22 -38.69
N SER E 3956 39.43 -21.35 -39.07
CA SER E 3956 38.73 -22.63 -38.87
C SER E 3956 38.59 -22.92 -37.40
N VAL E 3957 39.61 -22.49 -36.67
CA VAL E 3957 39.65 -22.69 -35.27
C VAL E 3957 38.64 -21.82 -34.61
N ALA E 3958 38.76 -20.58 -34.87
CA ALA E 3958 37.93 -19.67 -34.29
C ALA E 3958 36.46 -19.92 -34.64
N LYS E 3959 36.24 -20.32 -35.86
CA LYS E 3959 34.94 -20.72 -36.27
C LYS E 3959 34.46 -21.87 -35.46
N GLN E 3960 35.35 -22.76 -35.19
CA GLN E 3960 34.96 -23.86 -34.47
C GLN E 3960 34.59 -23.43 -33.06
N VAL E 3961 35.17 -22.34 -32.61
CA VAL E 3961 34.87 -21.85 -31.31
C VAL E 3961 33.58 -21.22 -31.21
N PHE E 3962 33.30 -20.47 -32.22
CA PHE E 3962 32.07 -19.90 -32.22
C PHE E 3962 31.01 -20.99 -32.28
N ASN E 3963 31.28 -22.06 -33.01
CA ASN E 3963 30.37 -23.11 -33.12
C ASN E 3963 30.16 -23.79 -31.83
N SER E 3964 31.22 -23.95 -31.11
CA SER E 3964 31.11 -24.57 -29.84
C SER E 3964 30.25 -23.77 -28.86
N LEU E 3965 30.37 -22.48 -28.96
CA LEU E 3965 29.49 -21.66 -28.20
C LEU E 3965 28.08 -21.80 -28.63
N THR E 3966 27.92 -21.95 -29.91
CA THR E 3966 26.61 -21.98 -30.41
C THR E 3966 25.92 -23.14 -29.79
N GLU E 3967 26.62 -24.27 -29.70
CA GLU E 3967 26.08 -25.44 -29.00
C GLU E 3967 25.92 -25.19 -27.52
N TYR E 3968 26.76 -24.34 -26.97
CA TYR E 3968 26.61 -24.11 -25.62
C TYR E 3968 25.35 -23.43 -25.26
N ILE E 3969 24.89 -22.58 -26.12
CA ILE E 3969 23.69 -21.82 -25.85
C ILE E 3969 22.49 -22.38 -26.58
N GLN E 3970 22.72 -23.30 -27.46
CA GLN E 3970 21.76 -23.52 -28.54
C GLN E 3970 20.41 -24.04 -28.08
N GLY E 3971 20.39 -24.63 -26.92
CA GLY E 3971 19.16 -25.13 -26.44
C GLY E 3971 18.50 -24.01 -25.71
N PRO E 3972 17.38 -24.34 -25.15
CA PRO E 3972 16.70 -23.45 -24.24
C PRO E 3972 17.42 -23.36 -22.85
N CYS E 3973 18.72 -23.08 -22.86
CA CYS E 3973 19.48 -22.84 -21.59
C CYS E 3973 19.45 -21.40 -21.21
N THR E 3974 18.47 -21.11 -20.39
CA THR E 3974 18.27 -19.76 -20.05
C THR E 3974 19.38 -19.31 -19.10
N GLY E 3975 19.90 -20.26 -18.31
CA GLY E 3975 20.87 -19.89 -17.26
C GLY E 3975 22.22 -19.64 -17.88
N ASN E 3976 22.52 -20.38 -18.94
CA ASN E 3976 23.74 -20.16 -19.67
C ASN E 3976 23.70 -18.84 -20.35
N GLN E 3977 22.51 -18.45 -20.78
CA GLN E 3977 22.32 -17.16 -21.37
C GLN E 3977 22.52 -16.13 -20.31
N GLN E 3978 22.16 -16.43 -19.06
CA GLN E 3978 22.49 -15.54 -17.97
C GLN E 3978 23.96 -15.39 -17.80
N SER E 3979 24.65 -16.47 -17.99
CA SER E 3979 26.06 -16.44 -17.91
C SER E 3979 26.66 -15.58 -18.99
N LEU E 3980 26.09 -15.65 -20.14
CA LEU E 3980 26.53 -14.81 -21.15
C LEU E 3980 26.09 -13.36 -20.92
N ALA E 3981 25.01 -13.16 -20.16
CA ALA E 3981 24.61 -11.81 -19.70
C ALA E 3981 25.65 -11.22 -18.89
N HIS E 3982 26.33 -12.08 -18.14
CA HIS E 3982 27.46 -11.64 -17.34
C HIS E 3982 28.79 -11.73 -18.12
N SER E 3983 28.74 -12.29 -19.34
CA SER E 3983 29.91 -12.48 -20.25
C SER E 3983 30.32 -11.24 -20.94
N ARG E 3984 31.59 -11.17 -21.28
CA ARG E 3984 32.11 -9.99 -21.90
C ARG E 3984 31.87 -10.06 -23.41
N LEU E 3985 31.00 -10.98 -23.77
CA LEU E 3985 30.89 -11.48 -25.07
C LEU E 3985 30.64 -10.49 -26.19
N TRP E 3986 29.99 -9.42 -25.84
CA TRP E 3986 29.61 -8.48 -26.80
C TRP E 3986 30.84 -7.78 -27.43
N ASP E 3987 31.87 -7.43 -26.66
CA ASP E 3987 33.12 -6.97 -27.28
C ASP E 3987 33.74 -7.97 -28.17
N ALA E 3988 33.51 -9.20 -27.79
CA ALA E 3988 34.01 -10.28 -28.54
C ALA E 3988 33.38 -10.38 -29.86
N VAL E 3989 32.19 -9.88 -29.92
CA VAL E 3989 31.58 -9.77 -31.17
C VAL E 3989 32.10 -8.53 -31.93
N VAL E 3990 32.29 -7.43 -31.24
CA VAL E 3990 32.65 -6.15 -31.89
C VAL E 3990 33.91 -6.20 -32.65
N GLY E 3991 34.85 -6.89 -32.09
CA GLY E 3991 36.10 -6.87 -32.69
C GLY E 3991 36.12 -7.67 -33.96
N PHE E 3992 35.39 -8.77 -33.99
CA PHE E 3992 35.27 -9.46 -35.23
C PHE E 3992 34.54 -8.65 -36.22
N LEU E 3993 33.59 -7.89 -35.72
CA LEU E 3993 32.87 -7.10 -36.58
C LEU E 3993 33.77 -6.10 -37.22
N HIS E 3994 34.73 -5.60 -36.47
CA HIS E 3994 35.60 -4.62 -36.96
C HIS E 3994 36.56 -5.14 -38.00
N VAL E 3995 37.27 -6.15 -37.59
CA VAL E 3995 38.36 -6.61 -38.38
C VAL E 3995 37.83 -7.19 -39.64
N PHE E 3996 36.64 -7.74 -39.58
CA PHE E 3996 36.09 -8.28 -40.77
C PHE E 3996 35.51 -7.20 -41.60
N ALA E 3997 34.94 -6.18 -40.96
CA ALA E 3997 34.35 -5.10 -41.71
C ALA E 3997 35.38 -4.45 -42.56
N HIS E 3998 36.64 -4.42 -42.14
CA HIS E 3998 37.65 -3.90 -42.99
C HIS E 3998 38.40 -4.95 -43.83
N MET E 3999 38.74 -6.06 -43.21
CA MET E 3999 39.53 -7.06 -43.90
C MET E 3999 38.85 -7.75 -45.04
N MET E 4000 37.55 -7.89 -44.95
CA MET E 4000 36.90 -8.48 -46.06
C MET E 4000 37.02 -7.58 -47.28
N MET E 4001 37.00 -6.27 -47.05
CA MET E 4001 37.21 -5.31 -48.12
C MET E 4001 38.62 -5.38 -48.64
N LYS E 4002 39.55 -5.60 -47.72
CA LYS E 4002 40.95 -5.71 -48.12
C LYS E 4002 41.22 -6.94 -48.97
N LEU E 4003 40.45 -7.97 -48.70
CA LEU E 4003 40.52 -9.21 -49.45
C LEU E 4003 39.66 -9.21 -50.68
N ALA E 4004 38.80 -8.20 -50.78
CA ALA E 4004 37.95 -8.08 -51.94
C ALA E 4004 38.70 -7.45 -53.09
N GLN E 4005 39.91 -7.02 -52.82
CA GLN E 4005 40.73 -6.43 -53.84
C GLN E 4005 41.06 -7.39 -54.94
N ASP E 4006 41.26 -8.63 -54.52
CA ASP E 4006 41.59 -9.67 -55.45
C ASP E 4006 40.79 -10.91 -55.34
N SER E 4007 40.54 -11.49 -56.49
CA SER E 4007 39.85 -12.77 -56.56
C SER E 4007 40.76 -13.90 -56.00
N SER E 4008 42.08 -13.71 -56.09
CA SER E 4008 43.01 -14.67 -55.49
C SER E 4008 42.84 -14.64 -53.96
N GLN E 4009 42.44 -13.48 -53.44
CA GLN E 4009 42.27 -13.29 -52.00
C GLN E 4009 40.98 -13.81 -51.40
N ILE E 4010 40.01 -14.12 -52.24
CA ILE E 4010 38.71 -14.47 -51.73
C ILE E 4010 38.65 -15.92 -51.30
N GLU E 4011 39.68 -16.69 -51.61
CA GLU E 4011 39.71 -18.03 -51.08
C GLU E 4011 40.29 -17.98 -49.69
N LEU E 4012 39.55 -17.32 -48.83
CA LEU E 4012 40.01 -16.90 -47.54
C LEU E 4012 38.98 -15.96 -47.02
N LEU E 4013 38.57 -15.09 -47.92
CA LEU E 4013 37.48 -14.26 -47.63
C LEU E 4013 36.22 -15.11 -47.48
N LYS E 4014 36.16 -16.17 -48.22
CA LYS E 4014 35.15 -17.13 -48.08
C LYS E 4014 35.10 -17.68 -46.69
N GLU E 4015 36.28 -17.91 -46.15
CA GLU E 4015 36.40 -18.42 -44.82
C GLU E 4015 35.92 -17.42 -43.83
N LEU E 4016 36.19 -16.17 -44.13
CA LEU E 4016 35.73 -15.10 -43.32
C LEU E 4016 34.25 -15.05 -43.33
N LEU E 4017 33.68 -15.37 -44.46
CA LEU E 4017 32.29 -15.41 -44.55
C LEU E 4017 31.70 -16.49 -43.75
N ASP E 4018 32.42 -17.58 -43.70
CA ASP E 4018 31.94 -18.67 -42.95
C ASP E 4018 31.95 -18.34 -41.49
N LEU E 4019 33.06 -17.78 -41.08
CA LEU E 4019 33.22 -17.46 -39.70
C LEU E 4019 32.20 -16.43 -39.27
N GLN E 4020 31.98 -15.48 -40.14
CA GLN E 4020 31.05 -14.44 -39.87
C GLN E 4020 29.64 -15.03 -39.77
N LYS E 4021 29.40 -16.07 -40.52
CA LYS E 4021 28.09 -16.64 -40.53
C LYS E 4021 27.80 -17.35 -39.25
N ASP E 4022 28.72 -18.18 -38.84
CA ASP E 4022 28.48 -18.88 -37.66
C ASP E 4022 28.47 -17.94 -36.47
N MET E 4023 29.16 -16.83 -36.65
CA MET E 4023 29.22 -15.84 -35.63
C MET E 4023 27.86 -15.26 -35.35
N VAL E 4024 27.24 -14.87 -36.43
CA VAL E 4024 25.97 -14.32 -36.26
C VAL E 4024 24.99 -15.36 -35.82
N VAL E 4025 25.29 -16.59 -36.15
CA VAL E 4025 24.47 -17.66 -35.68
C VAL E 4025 24.50 -17.74 -34.20
N MET E 4026 25.65 -17.58 -33.58
CA MET E 4026 25.64 -17.60 -32.16
C MET E 4026 24.90 -16.44 -31.59
N LEU E 4027 24.95 -15.39 -32.34
CA LEU E 4027 24.27 -14.28 -31.87
C LEU E 4027 22.79 -14.45 -31.93
N LEU E 4028 22.36 -15.29 -32.80
CA LEU E 4028 21.01 -15.57 -32.84
C LEU E 4028 20.64 -16.57 -31.80
N SER E 4029 21.51 -17.54 -31.59
CA SER E 4029 21.24 -18.59 -30.64
C SER E 4029 21.08 -17.95 -29.26
N LEU E 4030 21.81 -16.87 -29.02
CA LEU E 4030 21.61 -16.08 -27.85
C LEU E 4030 20.22 -15.51 -27.74
N LEU E 4031 19.65 -15.15 -28.87
CA LEU E 4031 18.32 -14.56 -28.87
C LEU E 4031 17.17 -15.53 -28.85
N GLU E 4032 17.52 -16.78 -29.02
CA GLU E 4032 16.51 -17.80 -29.03
C GLU E 4032 15.77 -17.92 -27.72
N GLY E 4033 16.46 -17.59 -26.64
CA GLY E 4033 15.82 -17.55 -25.35
C GLY E 4033 14.97 -16.31 -25.19
N ASN E 4034 15.30 -15.26 -25.94
CA ASN E 4034 14.64 -14.00 -25.81
C ASN E 4034 13.26 -13.95 -26.42
N VAL E 4035 12.35 -13.23 -25.74
CA VAL E 4035 11.02 -12.93 -26.27
C VAL E 4035 10.47 -11.53 -25.91
N VAL E 4036 10.19 -11.37 -24.66
CA VAL E 4036 9.71 -10.09 -24.15
C VAL E 4036 10.91 -9.19 -24.08
N ASN E 4037 10.72 -7.87 -24.08
CA ASN E 4037 11.84 -6.89 -23.97
C ASN E 4037 13.06 -7.38 -23.15
N GLY E 4038 13.81 -8.32 -23.73
CA GLY E 4038 15.01 -8.92 -23.16
C GLY E 4038 16.15 -7.97 -22.98
N MET E 4039 16.63 -7.99 -21.78
CA MET E 4039 17.71 -7.20 -21.35
C MET E 4039 18.96 -7.47 -22.16
N ILE E 4040 19.10 -8.73 -22.51
CA ILE E 4040 20.32 -9.15 -23.07
C ILE E 4040 20.31 -8.79 -24.53
N ALA E 4041 19.13 -8.91 -25.14
CA ALA E 4041 18.98 -8.52 -26.49
C ALA E 4041 19.18 -7.05 -26.65
N ARG E 4042 18.75 -6.32 -25.66
CA ARG E 4042 18.97 -4.89 -25.66
C ARG E 4042 20.42 -4.51 -25.55
N GLN E 4043 21.17 -5.28 -24.78
CA GLN E 4043 22.59 -5.03 -24.71
C GLN E 4043 23.25 -5.30 -26.03
N MET E 4044 22.71 -6.27 -26.75
CA MET E 4044 23.15 -6.46 -28.09
C MET E 4044 22.87 -5.32 -28.97
N VAL E 4045 21.73 -4.70 -28.72
CA VAL E 4045 21.41 -3.56 -29.51
C VAL E 4045 22.40 -2.47 -29.26
N ASP E 4046 22.81 -2.37 -28.00
CA ASP E 4046 23.69 -1.34 -27.61
C ASP E 4046 25.08 -1.52 -28.16
N MET E 4047 25.55 -2.75 -28.19
CA MET E 4047 26.81 -2.99 -28.84
C MET E 4047 26.74 -2.73 -30.35
N LEU E 4048 25.59 -3.05 -30.94
CA LEU E 4048 25.43 -2.79 -32.33
C LEU E 4048 25.37 -1.28 -32.56
N VAL E 4049 24.93 -0.50 -31.55
CA VAL E 4049 25.04 0.96 -31.58
C VAL E 4049 26.50 1.39 -31.60
N GLU E 4050 27.29 0.81 -30.71
CA GLU E 4050 28.68 1.14 -30.64
C GLU E 4050 29.44 0.75 -31.92
N SER E 4051 29.01 -0.34 -32.54
CA SER E 4051 29.71 -0.87 -33.67
C SER E 4051 29.01 -0.61 -34.92
N SER E 4052 28.15 0.35 -34.88
CA SER E 4052 27.28 0.55 -35.99
C SER E 4052 28.02 0.97 -37.21
N SER E 4053 29.18 1.58 -37.04
CA SER E 4053 30.05 1.93 -38.18
C SER E 4053 30.35 0.73 -39.05
N ASN E 4054 30.65 -0.32 -38.33
CA ASN E 4054 31.04 -1.51 -38.96
C ASN E 4054 29.85 -2.14 -39.67
N VAL E 4055 28.67 -2.07 -39.04
CA VAL E 4055 27.46 -2.59 -39.63
C VAL E 4055 27.16 -1.85 -40.89
N GLU E 4056 27.44 -0.56 -40.87
CA GLU E 4056 27.23 0.24 -42.06
C GLU E 4056 28.14 -0.28 -43.18
N MET E 4057 29.38 -0.64 -42.79
CA MET E 4057 30.36 -1.13 -43.77
C MET E 4057 29.93 -2.44 -44.42
N ILE E 4058 29.59 -3.39 -43.57
CA ILE E 4058 29.22 -4.70 -44.04
C ILE E 4058 27.94 -4.66 -44.87
N LEU E 4059 27.02 -3.79 -44.47
CA LEU E 4059 25.78 -3.65 -45.20
C LEU E 4059 25.96 -3.02 -46.57
N LYS E 4060 26.88 -2.07 -46.66
CA LYS E 4060 27.16 -1.52 -47.98
C LYS E 4060 27.88 -2.57 -48.82
N PHE E 4061 28.56 -3.48 -48.13
CA PHE E 4061 28.99 -4.64 -48.83
C PHE E 4061 27.77 -5.50 -49.29
N PHE E 4062 26.69 -5.56 -48.48
CA PHE E 4062 25.46 -6.35 -48.84
C PHE E 4062 24.61 -5.73 -49.95
N ASP E 4063 24.90 -4.48 -50.28
CA ASP E 4063 24.22 -3.82 -51.40
C ASP E 4063 24.45 -4.59 -52.71
N MET E 4064 25.60 -5.25 -52.75
CA MET E 4064 26.01 -6.11 -53.85
C MET E 4064 24.97 -7.23 -54.14
N ILE E 4071 25.89 -9.56 -56.61
CA ILE E 4071 25.02 -10.00 -57.71
C ILE E 4071 24.19 -8.81 -58.29
N VAL E 4072 24.07 -7.69 -57.52
CA VAL E 4072 23.39 -6.39 -57.92
C VAL E 4072 23.87 -5.86 -59.28
N GLY E 4073 25.12 -6.11 -59.61
CA GLY E 4073 25.75 -5.52 -60.77
C GLY E 4073 25.45 -6.22 -62.08
N SER E 4074 24.82 -7.41 -62.04
CA SER E 4074 24.37 -8.04 -63.28
C SER E 4074 23.29 -7.15 -63.95
N GLU E 4075 22.57 -6.37 -63.11
CA GLU E 4075 21.67 -5.27 -63.52
C GLU E 4075 22.36 -4.22 -64.36
N ALA E 4076 23.65 -4.00 -64.12
CA ALA E 4076 24.35 -2.92 -64.81
C ALA E 4076 24.56 -3.21 -66.33
N PHE E 4077 24.60 -4.53 -66.71
CA PHE E 4077 25.05 -4.96 -68.08
C PHE E 4077 24.06 -4.68 -69.23
N GLN E 4078 22.78 -4.43 -68.91
CA GLN E 4078 21.85 -3.87 -69.94
C GLN E 4078 21.22 -2.49 -69.53
N ASP E 4079 21.08 -2.19 -68.21
CA ASP E 4079 20.50 -0.84 -67.70
C ASP E 4079 21.32 0.36 -68.17
N TYR E 4080 22.63 0.15 -68.30
CA TYR E 4080 23.56 1.19 -68.73
C TYR E 4080 24.67 0.58 -69.63
N VAL E 4081 24.29 -0.21 -70.64
CA VAL E 4081 25.23 -1.00 -71.46
C VAL E 4081 26.01 -0.01 -72.31
N THR E 4082 27.27 -0.34 -72.55
CA THR E 4082 28.13 0.47 -73.37
C THR E 4082 29.03 -0.41 -74.26
N ASP E 4083 28.65 -1.69 -74.50
CA ASP E 4083 29.34 -2.61 -75.46
C ASP E 4083 28.56 -3.95 -75.73
N PRO E 4084 28.02 -4.57 -74.67
CA PRO E 4084 27.37 -5.87 -74.62
C PRO E 4084 28.11 -6.97 -75.42
N ARG E 4085 29.44 -7.05 -75.32
CA ARG E 4085 30.28 -8.09 -76.01
C ARG E 4085 31.14 -8.86 -74.95
N GLY E 4086 30.58 -9.02 -73.75
CA GLY E 4086 31.26 -9.66 -72.63
C GLY E 4086 32.13 -8.67 -71.90
N LEU E 4087 32.17 -7.42 -72.37
CA LEU E 4087 33.02 -6.35 -71.82
C LEU E 4087 32.21 -5.02 -71.73
N ILE E 4088 32.52 -4.12 -70.79
CA ILE E 4088 31.84 -2.79 -70.71
C ILE E 4088 32.78 -1.75 -70.05
N SER E 4089 32.82 -0.51 -70.52
CA SER E 4089 33.74 0.47 -69.90
C SER E 4089 33.30 0.90 -68.52
N LYS E 4090 34.27 1.22 -67.70
CA LYS E 4090 34.04 1.73 -66.39
C LYS E 4090 33.71 3.20 -66.43
N LYS E 4091 32.52 3.48 -66.87
CA LYS E 4091 32.05 4.83 -66.97
C LYS E 4091 30.48 4.86 -66.93
N ASP E 4092 29.77 4.17 -67.85
CA ASP E 4092 28.25 4.15 -67.84
C ASP E 4092 27.71 3.55 -66.56
N PHE E 4093 28.38 2.54 -65.97
CA PHE E 4093 27.97 2.00 -64.67
C PHE E 4093 28.66 2.77 -63.51
N GLN E 4094 29.76 3.47 -63.81
CA GLN E 4094 30.46 4.37 -62.82
C GLN E 4094 29.58 5.54 -62.40
N LYS E 4095 28.66 5.94 -63.28
CA LYS E 4095 27.73 7.02 -62.95
C LYS E 4095 26.30 6.60 -63.33
N ALA E 4096 25.91 5.38 -62.95
CA ALA E 4096 24.52 4.86 -63.16
C ALA E 4096 23.78 4.77 -61.84
N MET E 4097 23.92 3.64 -61.14
CA MET E 4097 23.32 3.44 -59.83
C MET E 4097 23.94 4.42 -58.82
N ASP E 4098 25.20 4.81 -59.03
CA ASP E 4098 25.81 5.87 -58.21
C ASP E 4098 25.12 7.20 -58.44
N SER E 4099 24.54 7.36 -59.63
CA SER E 4099 23.85 8.58 -59.99
C SER E 4099 22.34 8.52 -59.73
N GLN E 4100 21.96 8.31 -58.47
CA GLN E 4100 20.53 8.36 -58.06
C GLN E 4100 20.32 8.51 -56.54
N GLN E 4102 23.40 6.87 -54.23
CA GLN E 4102 23.20 6.30 -52.91
C GLN E 4102 24.53 5.88 -52.29
N PHE E 4103 25.10 4.81 -52.81
CA PHE E 4103 26.39 4.34 -52.33
C PHE E 4103 27.50 5.37 -52.67
N THR E 4104 28.49 5.53 -51.78
CA THR E 4104 29.68 6.36 -52.06
C THR E 4104 30.41 5.86 -53.31
N GLY E 4105 30.91 6.81 -54.10
CA GLY E 4105 31.57 6.44 -55.34
C GLY E 4105 32.94 5.87 -55.03
N PRO E 4106 33.44 6.09 -53.81
CA PRO E 4106 34.63 5.40 -53.30
C PRO E 4106 34.48 3.89 -53.36
N GLU E 4107 33.27 3.41 -53.11
CA GLU E 4107 33.02 2.00 -53.14
C GLU E 4107 32.73 1.57 -54.59
N ILE E 4108 32.49 2.53 -55.50
CA ILE E 4108 32.41 2.24 -56.95
C ILE E 4108 33.84 2.12 -57.53
N GLN E 4109 34.73 2.97 -57.05
CA GLN E 4109 36.11 2.83 -57.43
C GLN E 4109 36.69 1.54 -56.80
N PHE E 4110 36.17 1.20 -55.62
CA PHE E 4110 36.44 -0.11 -54.97
C PHE E 4110 35.89 -1.26 -55.86
N LEU E 4111 34.76 -0.97 -56.47
CA LEU E 4111 34.15 -1.90 -57.36
C LEU E 4111 34.98 -2.12 -58.65
N LEU E 4112 35.72 -1.10 -59.09
CA LEU E 4112 36.66 -1.23 -60.24
C LEU E 4112 37.74 -2.24 -59.95
N SER E 4113 38.20 -2.23 -58.72
CA SER E 4113 39.13 -3.24 -58.25
C SER E 4113 38.45 -4.58 -58.14
N CYS E 4114 37.17 -4.57 -57.79
CA CYS E 4114 36.40 -5.81 -57.73
C CYS E 4114 36.27 -6.42 -59.13
N SER E 4115 36.26 -5.56 -60.13
CA SER E 4115 36.27 -6.01 -61.50
C SER E 4115 37.66 -6.49 -61.91
N GLU E 4116 38.65 -6.17 -61.09
CA GLU E 4116 40.01 -6.64 -61.28
C GLU E 4116 40.57 -6.14 -62.60
N ALA E 4117 40.12 -4.96 -63.05
CA ALA E 4117 40.57 -4.38 -64.31
C ALA E 4117 40.51 -5.40 -65.53
N ASP E 4118 39.36 -6.02 -65.77
CA ASP E 4118 39.22 -7.05 -66.86
C ASP E 4118 39.59 -6.49 -68.26
N GLU E 4119 40.34 -7.27 -69.03
CA GLU E 4119 41.01 -6.78 -70.27
C GLU E 4119 41.82 -5.51 -69.97
N ASN E 4120 41.14 -4.35 -69.87
CA ASN E 4120 41.73 -3.14 -69.25
C ASN E 4120 40.68 -2.26 -68.59
N GLU E 4121 40.25 -1.18 -69.23
CA GLU E 4121 39.15 -0.33 -68.70
C GLU E 4121 37.83 -1.08 -68.57
N MET E 4122 37.67 -2.11 -69.41
CA MET E 4122 36.42 -2.83 -69.48
C MET E 4122 36.09 -3.60 -68.17
N ILE E 4123 34.81 -3.69 -67.83
CA ILE E 4123 34.34 -4.43 -66.63
C ILE E 4123 33.81 -5.88 -66.97
N ASN E 4124 34.31 -6.90 -66.23
CA ASN E 4124 33.78 -8.28 -66.35
C ASN E 4124 32.39 -8.44 -65.65
N PHE E 4125 31.65 -9.42 -66.12
CA PHE E 4125 30.25 -9.59 -65.75
C PHE E 4125 30.01 -10.52 -64.56
N GLU E 4126 29.76 -11.80 -64.86
CA GLU E 4126 29.21 -12.78 -63.89
C GLU E 4126 30.11 -13.04 -62.72
N GLU E 4127 31.42 -12.86 -62.92
CA GLU E 4127 32.36 -13.13 -61.84
C GLU E 4127 32.17 -12.14 -60.66
N PHE E 4128 31.58 -10.95 -60.95
CA PHE E 4128 31.02 -10.03 -59.94
C PHE E 4128 29.95 -10.70 -58.98
N ALA E 4129 29.10 -11.55 -59.59
CA ALA E 4129 27.89 -12.07 -58.89
C ALA E 4129 28.29 -12.98 -57.62
N ASN E 4130 29.48 -13.62 -57.61
CA ASN E 4130 29.96 -14.45 -56.47
C ASN E 4130 30.16 -13.68 -55.16
N ARG E 4131 30.41 -12.39 -55.24
CA ARG E 4131 30.54 -11.57 -54.01
C ARG E 4131 29.47 -10.47 -53.98
N PRO E 4135 26.47 -17.01 -52.16
CA PRO E 4135 27.49 -17.50 -51.25
C PRO E 4135 27.30 -16.95 -49.87
N ALA E 4136 27.50 -15.64 -49.84
CA ALA E 4136 27.45 -14.84 -48.68
C ALA E 4136 26.05 -14.46 -48.38
N ARG E 4137 25.16 -14.87 -49.28
CA ARG E 4137 23.75 -14.53 -49.22
C ARG E 4137 23.03 -14.86 -47.94
N ASP E 4138 23.37 -15.99 -47.42
CA ASP E 4138 22.76 -16.46 -46.29
C ASP E 4138 23.18 -15.67 -45.08
N ILE E 4139 24.36 -15.08 -45.11
CA ILE E 4139 24.79 -14.26 -44.01
C ILE E 4139 23.94 -13.10 -43.81
N GLY E 4140 23.53 -12.58 -44.94
CA GLY E 4140 22.74 -11.41 -44.91
C GLY E 4140 21.35 -11.79 -44.42
N PHE E 4141 20.88 -13.00 -44.76
CA PHE E 4141 19.67 -13.53 -44.19
C PHE E 4141 19.74 -13.67 -42.72
N ASN E 4142 20.91 -14.00 -42.26
CA ASN E 4142 21.08 -14.18 -40.89
C ASN E 4142 21.01 -12.97 -40.10
N VAL E 4143 21.73 -11.99 -40.58
CA VAL E 4143 21.68 -10.73 -39.89
C VAL E 4143 20.36 -10.09 -40.00
N ALA E 4144 19.71 -10.33 -41.10
CA ALA E 4144 18.42 -9.78 -41.31
C ALA E 4144 17.45 -10.37 -40.34
N VAL E 4145 17.58 -11.65 -40.11
CA VAL E 4145 16.75 -12.28 -39.16
C VAL E 4145 17.04 -11.75 -37.80
N LEU E 4146 18.29 -11.46 -37.56
CA LEU E 4146 18.63 -10.96 -36.31
C LEU E 4146 18.01 -9.64 -36.08
N LEU E 4147 17.89 -8.86 -37.12
CA LEU E 4147 17.38 -7.56 -37.01
C LEU E 4147 15.93 -7.51 -36.80
N THR E 4148 15.29 -8.23 -37.66
CA THR E 4148 13.88 -8.31 -37.64
C THR E 4148 13.41 -8.94 -36.35
N ASN E 4149 14.23 -9.81 -35.80
CA ASN E 4149 13.85 -10.43 -34.57
C ASN E 4149 14.18 -9.54 -33.41
N LEU E 4150 15.19 -8.72 -33.56
CA LEU E 4150 15.45 -7.74 -32.55
C LEU E 4150 14.34 -6.78 -32.46
N SER E 4151 13.73 -6.51 -33.58
CA SER E 4151 12.59 -5.67 -33.61
C SER E 4151 11.51 -6.29 -32.80
N GLU E 4152 11.47 -7.61 -32.76
CA GLU E 4152 10.44 -8.28 -32.02
C GLU E 4152 10.80 -8.65 -30.62
N HIS E 4153 12.06 -8.97 -30.37
CA HIS E 4153 12.40 -9.35 -29.05
C HIS E 4153 12.20 -8.20 -28.10
N VAL E 4154 12.39 -6.98 -28.58
CA VAL E 4154 12.28 -5.82 -27.71
C VAL E 4154 11.43 -4.79 -28.35
N PRO E 4155 10.12 -5.07 -28.33
CA PRO E 4155 9.08 -4.41 -29.03
C PRO E 4155 8.76 -2.98 -28.59
N HIS E 4156 8.28 -2.21 -29.56
CA HIS E 4156 7.74 -0.89 -29.36
C HIS E 4156 8.86 0.10 -28.90
N ASP E 4157 10.04 0.06 -29.55
CA ASP E 4157 11.19 0.83 -29.14
C ASP E 4157 11.89 1.65 -30.24
N PRO E 4158 12.61 2.71 -29.80
CA PRO E 4158 13.20 3.70 -30.66
C PRO E 4158 14.56 3.42 -31.25
N ARG E 4159 15.60 3.31 -30.43
CA ARG E 4159 16.98 3.33 -30.92
C ARG E 4159 17.26 2.15 -31.74
N LEU E 4160 16.54 1.10 -31.41
CA LEU E 4160 16.61 -0.15 -32.10
C LEU E 4160 16.17 0.02 -33.50
N ARG E 4161 15.01 0.66 -33.72
CA ARG E 4161 14.47 0.82 -35.05
C ARG E 4161 15.13 2.01 -35.73
N ASN E 4162 15.90 2.79 -35.00
CA ASN E 4162 16.82 3.78 -35.61
C ASN E 4162 17.98 3.12 -36.26
N PHE E 4163 18.61 2.26 -35.50
CA PHE E 4163 19.67 1.46 -35.99
C PHE E 4163 19.17 0.46 -37.04
N LEU E 4164 17.92 0.02 -36.90
CA LEU E 4164 17.34 -0.96 -37.80
C LEU E 4164 16.95 -0.31 -39.07
N GLU E 4165 16.44 0.90 -39.01
CA GLU E 4165 16.10 1.61 -40.18
C GLU E 4165 17.38 1.98 -40.89
N LEU E 4166 18.42 2.20 -40.10
CA LEU E 4166 19.72 2.44 -40.67
C LEU E 4166 20.21 1.23 -41.40
N ALA E 4167 19.79 0.09 -40.90
CA ALA E 4167 20.20 -1.15 -41.43
C ALA E 4167 19.24 -1.68 -42.44
N GLU E 4168 18.22 -0.89 -42.71
CA GLU E 4168 17.12 -1.41 -43.48
C GLU E 4168 17.44 -1.40 -44.97
N SER E 4169 18.58 -0.77 -45.27
CA SER E 4169 19.07 -0.53 -46.57
C SER E 4169 19.10 -1.73 -47.52
N ILE E 4170 19.44 -2.91 -47.00
CA ILE E 4170 19.47 -4.13 -47.84
C ILE E 4170 18.92 -5.28 -47.00
N LEU E 4171 17.60 -5.42 -46.95
CA LEU E 4171 16.90 -6.54 -46.27
C LEU E 4171 15.79 -7.10 -47.13
N GLU E 4172 15.49 -6.33 -48.13
CA GLU E 4172 14.39 -6.57 -49.02
C GLU E 4172 14.67 -7.70 -49.97
N TYR E 4173 15.95 -7.83 -50.32
CA TYR E 4173 16.44 -8.90 -51.15
C TYR E 4173 16.23 -10.20 -50.45
N PHE E 4174 16.24 -10.18 -49.15
CA PHE E 4174 16.15 -11.34 -48.37
C PHE E 4174 14.74 -11.78 -48.01
N ARG E 4175 13.74 -10.94 -48.16
CA ARG E 4175 12.39 -11.35 -47.75
C ARG E 4175 11.84 -12.55 -48.55
N PRO E 4176 12.08 -12.59 -49.87
CA PRO E 4176 11.78 -13.83 -50.57
C PRO E 4176 12.35 -15.03 -49.95
N TYR E 4177 13.57 -14.90 -49.53
CA TYR E 4177 14.30 -15.97 -48.97
C TYR E 4177 13.74 -16.25 -47.59
N LEU E 4178 13.11 -15.26 -46.97
CA LEU E 4178 12.62 -15.31 -45.57
C LEU E 4178 11.53 -16.28 -45.33
N GLY E 4179 11.60 -16.93 -44.17
CA GLY E 4179 10.46 -17.62 -43.60
C GLY E 4179 10.30 -17.27 -42.14
N ARG E 4180 9.08 -17.13 -41.67
CA ARG E 4180 8.84 -16.74 -40.29
C ARG E 4180 7.56 -17.26 -39.71
N ILE E 4181 7.66 -17.73 -38.47
CA ILE E 4181 6.51 -18.29 -37.80
C ILE E 4181 6.54 -18.19 -36.29
N GLU E 4182 5.32 -18.16 -35.75
CA GLU E 4182 5.06 -18.28 -34.36
C GLU E 4182 5.12 -19.74 -34.03
N ILE E 4183 5.65 -19.96 -32.84
CA ILE E 4183 5.56 -21.23 -32.23
C ILE E 4183 5.41 -21.16 -30.70
N MET E 4184 4.72 -22.12 -30.18
CA MET E 4184 4.50 -22.21 -28.79
C MET E 4184 5.18 -23.46 -28.37
N GLY E 4185 6.40 -23.23 -28.02
CA GLY E 4185 7.19 -24.33 -27.63
C GLY E 4185 7.12 -24.77 -26.18
N ALA E 4186 8.02 -25.67 -25.79
CA ALA E 4186 7.91 -26.34 -24.52
C ALA E 4186 8.35 -25.46 -23.34
N SER E 4187 7.88 -24.21 -23.25
CA SER E 4187 8.24 -23.30 -22.19
C SER E 4187 7.23 -22.18 -22.08
N ARG E 4188 6.08 -22.34 -22.71
CA ARG E 4188 4.94 -21.47 -22.46
C ARG E 4188 5.13 -20.01 -22.75
N ARG E 4189 5.67 -19.87 -23.93
CA ARG E 4189 5.85 -18.65 -24.57
C ARG E 4189 5.82 -18.91 -26.05
N ILE E 4190 5.51 -17.86 -26.72
CA ILE E 4190 5.39 -17.91 -28.10
C ILE E 4190 6.52 -17.17 -28.77
N GLU E 4191 7.44 -17.98 -29.24
CA GLU E 4191 8.54 -17.46 -29.96
C GLU E 4191 8.14 -17.04 -31.31
N ARG E 4192 8.79 -15.98 -31.76
CA ARG E 4192 8.65 -15.59 -33.11
C ARG E 4192 9.88 -16.05 -33.88
N ILE E 4193 10.01 -17.33 -34.09
CA ILE E 4193 11.20 -17.85 -34.75
C ILE E 4193 11.25 -17.62 -36.22
N TYR E 4194 12.48 -17.61 -36.70
CA TYR E 4194 12.67 -17.47 -38.10
C TYR E 4194 13.42 -18.63 -38.66
N PHE E 4195 13.26 -18.78 -39.99
CA PHE E 4195 13.89 -19.81 -40.75
C PHE E 4195 13.97 -19.51 -42.29
N GLU E 4196 15.02 -19.97 -42.91
CA GLU E 4196 15.21 -19.75 -44.33
C GLU E 4196 14.38 -20.71 -45.06
N ILE E 4197 13.93 -20.23 -46.20
CA ILE E 4197 13.22 -21.10 -47.13
C ILE E 4197 14.00 -21.34 -48.45
N SER E 4198 14.14 -22.60 -48.82
CA SER E 4198 14.75 -22.95 -50.10
C SER E 4198 14.00 -22.36 -51.24
N GLU E 4199 14.75 -21.83 -52.18
CA GLU E 4199 14.18 -21.12 -53.27
C GLU E 4199 13.79 -22.01 -54.42
N THR E 4200 14.54 -23.10 -54.61
CA THR E 4200 14.19 -24.04 -55.64
C THR E 4200 12.85 -24.67 -55.30
N ASN E 4201 12.71 -24.99 -54.02
CA ASN E 4201 11.46 -25.52 -53.52
C ASN E 4201 10.31 -24.54 -53.62
N ARG E 4202 10.62 -23.30 -53.36
CA ARG E 4202 9.64 -22.27 -53.41
C ARG E 4202 9.15 -22.14 -54.84
N ALA E 4203 10.07 -22.35 -55.78
CA ALA E 4203 9.75 -22.32 -57.19
C ALA E 4203 8.84 -23.44 -57.57
N GLN E 4204 9.13 -24.61 -57.04
CA GLN E 4204 8.33 -25.75 -57.37
C GLN E 4204 6.92 -25.58 -56.81
N TRP E 4205 6.82 -24.88 -55.68
CA TRP E 4205 5.56 -24.67 -54.99
C TRP E 4205 4.55 -23.88 -55.77
N GLU E 4206 5.01 -22.99 -56.62
CA GLU E 4206 4.13 -21.98 -57.11
C GLU E 4206 2.94 -22.36 -58.05
N MET E 4207 3.00 -23.46 -58.79
CA MET E 4207 2.10 -23.65 -59.95
C MET E 4207 1.25 -24.93 -60.08
N PRO E 4208 1.82 -26.10 -59.74
CA PRO E 4208 1.12 -27.28 -60.16
C PRO E 4208 -0.01 -27.59 -59.25
N GLN E 4209 -0.15 -28.89 -58.92
CA GLN E 4209 -1.17 -29.36 -58.02
C GLN E 4209 -0.71 -29.09 -56.66
N VAL E 4210 -0.62 -27.81 -56.38
CA VAL E 4210 -0.19 -27.37 -55.11
C VAL E 4210 -1.13 -26.36 -54.63
N LYS E 4211 -1.17 -25.22 -55.28
CA LYS E 4211 -2.05 -24.18 -54.92
C LYS E 4211 -3.47 -24.64 -55.02
N GLU E 4212 -3.75 -25.44 -56.06
CA GLU E 4212 -5.04 -26.02 -56.15
C GLU E 4212 -5.18 -27.09 -55.06
N SER E 4213 -4.11 -27.83 -54.83
CA SER E 4213 -4.08 -28.79 -53.74
C SER E 4213 -4.21 -28.06 -52.43
N LYS E 4214 -3.69 -26.85 -52.40
CA LYS E 4214 -3.85 -26.07 -51.23
C LYS E 4214 -5.28 -25.63 -51.01
N ARG E 4215 -6.00 -25.38 -52.10
CA ARG E 4215 -7.42 -25.10 -51.97
C ARG E 4215 -8.10 -26.35 -51.48
N GLN E 4216 -7.68 -27.52 -51.98
CA GLN E 4216 -8.32 -28.78 -51.68
C GLN E 4216 -8.18 -29.02 -50.26
N PHE E 4217 -7.05 -28.67 -49.69
CA PHE E 4217 -6.80 -28.98 -48.32
C PHE E 4217 -7.40 -28.00 -47.40
N ILE E 4218 -7.38 -26.76 -47.81
CA ILE E 4218 -8.02 -25.78 -47.03
C ILE E 4218 -9.52 -26.09 -47.06
N PHE E 4219 -10.03 -26.62 -48.15
CA PHE E 4219 -11.36 -27.18 -48.14
C PHE E 4219 -11.47 -28.39 -47.25
N ASP E 4220 -10.42 -29.17 -47.19
CA ASP E 4220 -10.43 -30.34 -46.35
C ASP E 4220 -10.46 -30.01 -44.87
N VAL E 4221 -10.00 -28.85 -44.51
CA VAL E 4221 -10.05 -28.43 -43.14
C VAL E 4221 -11.31 -27.71 -42.90
N VAL E 4222 -11.70 -26.78 -43.73
CA VAL E 4222 -12.85 -25.97 -43.43
C VAL E 4222 -14.10 -26.87 -43.45
N ASN E 4223 -14.00 -27.98 -44.16
CA ASN E 4223 -15.01 -28.96 -44.06
C ASN E 4223 -15.20 -29.48 -42.64
N GLU E 4224 -14.14 -29.49 -41.85
CA GLU E 4224 -14.21 -29.96 -40.49
C GLU E 4224 -13.08 -29.36 -39.62
N GLY E 4225 -12.94 -28.01 -39.70
CA GLY E 4225 -11.78 -27.25 -39.19
C GLY E 4225 -11.62 -26.93 -37.77
N GLY E 4226 -12.74 -26.91 -37.08
CA GLY E 4226 -12.77 -26.50 -35.71
C GLY E 4226 -12.27 -27.59 -34.78
N GLU E 4227 -12.11 -28.80 -35.32
CA GLU E 4227 -11.49 -29.92 -34.62
C GLU E 4227 -9.99 -29.70 -34.56
N ALA E 4228 -9.36 -30.15 -33.47
CA ALA E 4228 -7.98 -29.82 -33.24
C ALA E 4228 -7.16 -30.89 -33.93
N GLU E 4229 -7.51 -31.13 -35.18
CA GLU E 4229 -6.64 -31.85 -36.06
C GLU E 4229 -6.21 -30.93 -37.13
N LYS E 4230 -6.40 -29.64 -36.90
CA LYS E 4230 -5.89 -28.57 -37.66
C LYS E 4230 -4.41 -28.68 -37.74
N MET E 4231 -3.91 -29.26 -36.70
CA MET E 4231 -2.57 -29.45 -36.50
C MET E 4231 -2.18 -30.59 -37.36
N GLU E 4232 -2.67 -31.77 -37.04
CA GLU E 4232 -2.24 -32.95 -37.66
C GLU E 4232 -2.57 -33.10 -39.14
N LEU E 4233 -3.72 -32.59 -39.52
CA LEU E 4233 -4.08 -32.68 -40.90
C LEU E 4233 -3.15 -31.88 -41.75
N PHE E 4234 -2.79 -30.76 -41.17
CA PHE E 4234 -1.90 -29.88 -41.77
C PHE E 4234 -0.58 -30.56 -41.94
N VAL E 4235 -0.25 -31.40 -41.01
CA VAL E 4235 0.97 -32.09 -41.08
C VAL E 4235 0.98 -33.02 -42.23
N SER E 4236 -0.10 -33.75 -42.36
CA SER E 4236 -0.14 -34.70 -43.38
C SER E 4236 -0.07 -34.05 -44.75
N PHE E 4237 -0.68 -32.87 -44.85
CA PHE E 4237 -0.62 -32.10 -46.09
C PHE E 4237 0.72 -31.66 -46.43
N CYS E 4238 1.40 -31.18 -45.43
CA CYS E 4238 2.67 -30.69 -45.64
C CYS E 4238 3.60 -31.78 -46.08
N GLU E 4239 3.48 -32.93 -45.46
CA GLU E 4239 4.47 -33.95 -45.69
C GLU E 4239 4.22 -34.53 -47.03
N ASP E 4240 2.96 -34.71 -47.37
CA ASP E 4240 2.65 -35.20 -48.67
C ASP E 4240 3.04 -34.25 -49.77
N THR E 4241 2.88 -32.97 -49.50
CA THR E 4241 3.31 -31.98 -50.44
C THR E 4241 4.81 -31.93 -50.60
N ILE E 4242 5.51 -32.22 -49.52
CA ILE E 4242 6.92 -32.32 -49.61
C ILE E 4242 7.26 -33.43 -50.55
N PHE E 4243 6.51 -34.52 -50.46
CA PHE E 4243 6.71 -35.61 -51.37
C PHE E 4243 6.43 -35.19 -52.77
N GLU E 4244 5.50 -34.25 -52.89
CA GLU E 4244 5.21 -33.65 -54.16
C GLU E 4244 6.39 -32.94 -54.75
N MET E 4245 7.11 -32.21 -53.93
CA MET E 4245 8.26 -31.56 -54.45
C MET E 4245 9.34 -32.59 -54.74
N GLN E 4246 9.29 -33.69 -54.00
CA GLN E 4246 10.23 -34.78 -54.21
C GLN E 4246 10.00 -35.42 -55.57
N ILE E 4247 8.79 -35.35 -56.01
CA ILE E 4247 8.48 -35.78 -57.34
C ILE E 4247 8.83 -34.70 -58.35
N ALA E 4248 8.58 -33.44 -57.99
CA ALA E 4248 8.79 -32.32 -58.90
C ALA E 4248 10.26 -32.23 -59.29
N ALA E 4249 11.11 -32.64 -58.36
CA ALA E 4249 12.55 -32.62 -58.60
C ALA E 4249 12.99 -33.56 -59.76
N GLN E 4250 12.22 -34.63 -59.92
CA GLN E 4250 12.48 -35.60 -60.94
C GLN E 4250 12.28 -35.03 -62.34
N ILE E 4251 11.42 -34.01 -62.44
CA ILE E 4251 11.08 -33.44 -63.71
C ILE E 4251 11.71 -32.06 -63.87
N GLU E 4545 16.56 -46.49 -73.36
CA GLU E 4545 15.10 -46.35 -73.33
C GLU E 4545 14.73 -45.07 -72.52
N VAL E 4546 15.78 -44.34 -72.09
CA VAL E 4546 15.56 -43.27 -71.10
C VAL E 4546 14.78 -42.11 -71.70
N GLN E 4547 14.85 -41.96 -73.05
CA GLN E 4547 14.04 -40.93 -73.80
C GLN E 4547 12.58 -41.17 -73.55
N ARG E 4548 12.16 -42.45 -73.55
CA ARG E 4548 10.75 -42.74 -73.23
C ARG E 4548 10.42 -42.31 -71.78
N VAL E 4549 11.37 -42.48 -70.86
CA VAL E 4549 11.16 -42.16 -69.42
C VAL E 4549 10.94 -40.67 -69.21
N LYS E 4550 11.85 -39.90 -69.79
CA LYS E 4550 11.76 -38.47 -69.67
C LYS E 4550 10.52 -37.97 -70.49
N PHE E 4551 10.16 -38.70 -71.53
CA PHE E 4551 8.98 -38.32 -72.38
C PHE E 4551 7.69 -38.47 -71.60
N LEU E 4552 7.63 -39.53 -70.81
CA LEU E 4552 6.55 -39.68 -69.82
C LEU E 4552 6.61 -38.62 -68.72
N ASN E 4553 7.80 -38.19 -68.41
CA ASN E 4553 7.94 -37.11 -67.50
C ASN E 4553 7.38 -35.80 -68.11
N TYR E 4554 7.49 -35.63 -69.42
CA TYR E 4554 6.80 -34.55 -70.16
C TYR E 4554 5.31 -34.78 -70.09
N LEU E 4555 4.94 -36.04 -70.00
CA LEU E 4555 3.53 -36.38 -70.06
C LEU E 4555 2.86 -35.92 -68.79
N SER E 4556 3.52 -36.19 -67.70
CA SER E 4556 3.07 -35.70 -66.44
C SER E 4556 3.26 -34.20 -66.34
N ARG E 4557 4.24 -33.71 -67.06
CA ARG E 4557 4.58 -32.32 -67.02
C ARG E 4557 3.43 -31.47 -67.54
N ASN E 4558 2.59 -32.06 -68.36
CA ASN E 4558 1.46 -31.35 -68.96
C ASN E 4558 0.16 -32.13 -68.76
N PHE E 4559 0.05 -32.75 -67.61
CA PHE E 4559 -1.03 -33.64 -67.38
C PHE E 4559 -2.45 -33.06 -67.42
N TYR E 4560 -2.56 -31.83 -66.99
CA TYR E 4560 -3.90 -31.22 -66.92
C TYR E 4560 -4.49 -30.73 -68.25
N THR E 4561 -3.65 -30.00 -68.96
CA THR E 4561 -4.08 -29.36 -70.19
C THR E 4561 -4.43 -30.46 -71.22
N LEU E 4562 -3.70 -31.60 -71.19
CA LEU E 4562 -4.05 -32.77 -72.05
C LEU E 4562 -5.38 -33.31 -71.73
N ARG E 4563 -5.69 -33.30 -70.45
CA ARG E 4563 -6.93 -33.80 -70.01
C ARG E 4563 -8.05 -32.92 -70.48
N PHE E 4564 -7.78 -31.62 -70.41
CA PHE E 4564 -8.79 -30.60 -70.68
C PHE E 4564 -9.11 -30.56 -72.18
N LEU E 4565 -8.04 -30.43 -72.99
CA LEU E 4565 -8.15 -30.47 -74.46
C LEU E 4565 -8.67 -31.81 -74.92
N ALA E 4566 -8.37 -32.88 -74.21
CA ALA E 4566 -8.95 -34.14 -74.57
C ALA E 4566 -10.41 -34.19 -74.37
N LEU E 4567 -10.81 -33.55 -73.32
CA LEU E 4567 -12.20 -33.52 -73.13
C LEU E 4567 -12.83 -32.67 -74.19
N PHE E 4568 -12.17 -31.62 -74.61
CA PHE E 4568 -12.65 -30.84 -75.73
C PHE E 4568 -12.69 -31.68 -77.00
N LEU E 4569 -11.81 -32.67 -77.09
CA LEU E 4569 -11.86 -33.62 -78.19
C LEU E 4569 -13.05 -34.48 -78.20
N ALA E 4570 -13.31 -35.01 -77.07
CA ALA E 4570 -14.46 -35.83 -76.99
C ALA E 4570 -15.72 -35.00 -77.18
N PHE E 4571 -15.72 -33.77 -76.73
CA PHE E 4571 -16.89 -32.94 -76.84
C PHE E 4571 -17.16 -32.61 -78.24
N ALA E 4572 -16.08 -32.47 -78.98
CA ALA E 4572 -16.21 -32.18 -80.40
C ALA E 4572 -16.70 -33.41 -81.12
N ILE E 4573 -16.15 -34.58 -80.77
CA ILE E 4573 -16.61 -35.87 -81.28
C ILE E 4573 -18.04 -36.04 -81.11
N ASN E 4574 -18.49 -35.68 -79.95
CA ASN E 4574 -19.84 -35.88 -79.63
C ASN E 4574 -20.78 -34.89 -80.36
N PHE E 4575 -20.28 -33.69 -80.56
CA PHE E 4575 -21.03 -32.67 -81.40
C PHE E 4575 -21.19 -33.12 -82.81
N ILE E 4576 -20.16 -33.75 -83.27
CA ILE E 4576 -20.12 -34.07 -84.61
C ILE E 4576 -20.64 -35.46 -84.72
N LEU E 4577 -20.92 -36.07 -83.62
CA LEU E 4577 -21.51 -37.37 -83.63
C LEU E 4577 -22.93 -37.29 -83.90
N LEU E 4578 -23.40 -36.07 -83.94
CA LEU E 4578 -24.70 -35.80 -84.32
C LEU E 4578 -25.02 -35.93 -85.83
N PHE E 4579 -24.65 -37.04 -86.49
CA PHE E 4579 -24.88 -37.12 -87.94
C PHE E 4579 -25.22 -38.51 -88.51
N TYR E 4580 -24.82 -39.59 -87.87
CA TYR E 4580 -24.98 -40.93 -88.54
C TYR E 4580 -26.44 -41.36 -88.73
N LYS E 4581 -26.74 -42.00 -89.82
CA LYS E 4581 -28.04 -42.55 -90.05
C LYS E 4581 -28.09 -43.78 -90.85
N VAL E 4582 -28.75 -44.77 -90.30
CA VAL E 4582 -28.96 -45.99 -91.07
C VAL E 4582 -29.92 -45.77 -92.33
N SER E 4583 -29.63 -46.47 -93.46
CA SER E 4583 -30.37 -46.36 -94.78
C SER E 4583 -31.73 -47.01 -94.67
N VAL E 4628 -28.55 -51.85 -93.97
CA VAL E 4628 -29.23 -50.95 -93.05
C VAL E 4628 -28.26 -49.78 -92.70
N TYR E 4629 -27.08 -50.10 -92.12
CA TYR E 4629 -26.12 -49.06 -91.59
C TYR E 4629 -25.52 -48.14 -92.68
N TYR E 4630 -25.39 -46.86 -92.31
CA TYR E 4630 -24.81 -45.74 -93.16
C TYR E 4630 -24.51 -44.43 -92.31
N PHE E 4631 -23.57 -43.55 -92.72
CA PHE E 4631 -23.26 -42.29 -91.99
C PHE E 4631 -23.50 -41.06 -92.85
N LEU E 4632 -24.33 -40.14 -92.38
CA LEU E 4632 -24.60 -38.88 -93.08
C LEU E 4632 -23.59 -37.79 -92.72
N GLU E 4633 -22.53 -37.73 -93.48
CA GLU E 4633 -21.68 -36.57 -93.44
C GLU E 4633 -22.34 -35.41 -94.23
N GLU E 4634 -22.09 -34.18 -93.83
CA GLU E 4634 -22.63 -33.01 -94.57
C GLU E 4634 -21.71 -32.66 -95.77
N SER E 4635 -20.80 -31.71 -95.51
CA SER E 4635 -19.98 -31.08 -96.52
C SER E 4635 -18.66 -31.80 -96.75
N THR E 4636 -17.68 -31.64 -95.85
CA THR E 4636 -16.33 -32.20 -96.02
C THR E 4636 -16.37 -33.74 -96.05
N GLY E 4637 -15.56 -34.37 -96.89
CA GLY E 4637 -15.56 -35.85 -96.95
C GLY E 4637 -14.75 -36.52 -95.87
N TYR E 4638 -13.95 -35.71 -95.17
CA TYR E 4638 -12.93 -36.25 -94.29
C TYR E 4638 -13.30 -36.36 -92.81
N MET E 4639 -14.49 -35.90 -92.45
CA MET E 4639 -14.91 -35.93 -91.05
C MET E 4639 -15.06 -37.30 -90.41
N GLU E 4640 -15.76 -38.18 -91.10
CA GLU E 4640 -15.86 -39.52 -90.59
C GLU E 4640 -14.51 -40.23 -90.63
N PRO E 4641 -13.79 -40.14 -91.76
CA PRO E 4641 -12.46 -40.79 -91.75
C PRO E 4641 -11.50 -40.23 -90.69
N ALA E 4642 -11.59 -38.93 -90.37
CA ALA E 4642 -10.73 -38.36 -89.32
C ALA E 4642 -11.09 -39.03 -88.00
N LEU E 4643 -12.37 -39.30 -87.84
CA LEU E 4643 -12.84 -39.99 -86.69
C LEU E 4643 -12.31 -41.42 -86.62
N TRP E 4644 -12.01 -42.03 -87.79
CA TRP E 4644 -11.45 -43.41 -87.88
C TRP E 4644 -10.16 -43.34 -87.07
N CYS E 4645 -9.52 -42.18 -87.11
CA CYS E 4645 -8.38 -41.92 -86.30
C CYS E 4645 -8.80 -41.23 -84.97
N LEU E 4646 -9.76 -40.33 -85.00
CA LEU E 4646 -10.01 -39.47 -83.84
C LEU E 4646 -10.41 -40.22 -82.66
N SER E 4647 -11.12 -41.32 -82.95
CA SER E 4647 -11.53 -42.20 -81.87
C SER E 4647 -10.30 -42.64 -81.17
N LEU E 4648 -9.47 -43.27 -81.97
CA LEU E 4648 -8.27 -43.79 -81.46
C LEU E 4648 -7.46 -42.64 -80.95
N LEU E 4649 -7.56 -41.47 -81.58
CA LEU E 4649 -6.80 -40.32 -81.15
C LEU E 4649 -7.20 -40.03 -79.77
N HIS E 4650 -8.49 -40.00 -79.58
CA HIS E 4650 -8.93 -39.70 -78.27
C HIS E 4650 -8.50 -40.82 -77.34
N THR E 4651 -8.61 -42.01 -77.88
CA THR E 4651 -8.32 -43.18 -77.12
C THR E 4651 -6.84 -43.13 -76.74
N LEU E 4652 -6.03 -42.58 -77.63
CA LEU E 4652 -4.60 -42.54 -77.41
C LEU E 4652 -4.41 -41.80 -76.14
N VAL E 4653 -5.12 -40.69 -76.03
CA VAL E 4653 -4.87 -39.83 -74.91
C VAL E 4653 -5.28 -40.56 -73.68
N ALA E 4654 -6.30 -41.37 -73.81
CA ALA E 4654 -6.77 -42.11 -72.68
C ALA E 4654 -5.63 -42.97 -72.25
N PHE E 4655 -5.12 -43.73 -73.22
CA PHE E 4655 -4.05 -44.66 -72.90
C PHE E 4655 -2.95 -43.81 -72.26
N LEU E 4656 -2.72 -42.69 -72.93
CA LEU E 4656 -1.68 -41.77 -72.49
C LEU E 4656 -1.90 -41.40 -71.06
N CYS E 4657 -3.10 -40.94 -70.79
CA CYS E 4657 -3.26 -40.33 -69.52
C CYS E 4657 -3.08 -41.35 -68.47
N ILE E 4658 -3.50 -42.59 -68.75
CA ILE E 4658 -3.47 -43.51 -67.65
C ILE E 4658 -2.07 -43.73 -67.22
N ILE E 4659 -1.20 -43.78 -68.19
CA ILE E 4659 0.12 -44.14 -67.85
C ILE E 4659 0.68 -43.00 -67.04
N GLY E 4660 0.24 -41.79 -67.37
CA GLY E 4660 0.76 -40.65 -66.69
C GLY E 4660 0.32 -40.64 -65.26
N TYR E 4661 -0.89 -41.12 -65.05
CA TYR E 4661 -1.34 -41.16 -63.68
C TYR E 4661 -0.48 -42.06 -62.88
N ASN E 4662 0.05 -43.08 -63.53
CA ASN E 4662 0.94 -44.02 -62.87
C ASN E 4662 2.19 -43.29 -62.41
N CYS E 4663 2.57 -42.30 -63.19
CA CYS E 4663 3.68 -41.47 -62.84
C CYS E 4663 3.27 -40.32 -61.98
N LEU E 4664 2.00 -40.18 -61.66
CA LEU E 4664 1.58 -38.99 -61.01
C LEU E 4664 1.23 -39.24 -59.61
N LYS E 4665 -0.05 -39.37 -59.40
CA LYS E 4665 -0.55 -39.46 -58.07
C LYS E 4665 -0.25 -40.80 -57.43
N VAL E 4666 0.01 -41.77 -58.28
CA VAL E 4666 0.18 -43.10 -57.78
C VAL E 4666 1.30 -43.25 -56.77
N PRO E 4667 2.47 -42.77 -57.12
CA PRO E 4667 3.44 -42.94 -56.09
C PRO E 4667 3.09 -42.03 -54.89
N LEU E 4668 2.31 -40.99 -55.13
CA LEU E 4668 1.86 -40.14 -54.07
C LEU E 4668 0.84 -40.75 -53.16
N VAL E 4669 -0.10 -41.46 -53.76
CA VAL E 4669 -1.03 -42.05 -52.93
C VAL E 4669 -0.45 -43.23 -52.21
N ILE E 4670 0.49 -43.90 -52.86
CA ILE E 4670 1.20 -44.95 -52.19
C ILE E 4670 2.00 -44.43 -51.03
N PHE E 4671 2.58 -43.27 -51.20
CA PHE E 4671 3.25 -42.62 -50.14
C PHE E 4671 2.29 -42.24 -49.01
N LYS E 4672 1.07 -41.96 -49.39
CA LYS E 4672 0.12 -41.56 -48.45
C LYS E 4672 -0.31 -42.71 -47.55
N ARG E 4673 -0.63 -43.81 -48.18
CA ARG E 4673 -1.00 -45.00 -47.50
C ARG E 4673 0.12 -45.50 -46.68
N GLU E 4674 1.30 -45.28 -47.19
CA GLU E 4674 2.49 -45.73 -46.55
C GLU E 4674 2.62 -45.02 -45.25
N LYS E 4675 2.49 -43.69 -45.30
CA LYS E 4675 2.58 -42.89 -44.09
C LYS E 4675 1.50 -43.29 -43.14
N GLU E 4676 0.34 -43.63 -43.69
CA GLU E 4676 -0.78 -43.94 -42.88
C GLU E 4676 -0.50 -45.14 -42.05
N LEU E 4677 -0.29 -46.24 -42.74
CA LEU E 4677 -0.10 -47.42 -42.04
C LEU E 4677 1.10 -47.41 -41.12
N ALA E 4678 2.10 -46.68 -41.57
CA ALA E 4678 3.26 -46.63 -40.81
C ALA E 4678 3.07 -45.86 -39.53
N ARG E 4679 2.43 -44.72 -39.59
CA ARG E 4679 2.23 -43.96 -38.38
C ARG E 4679 1.26 -44.71 -37.44
N LYS E 4680 0.39 -45.50 -38.06
CA LYS E 4680 -0.51 -46.28 -37.28
C LYS E 4680 0.23 -47.29 -36.43
N LEU E 4681 1.18 -47.98 -37.04
CA LEU E 4681 1.98 -48.86 -36.27
C LEU E 4681 2.84 -48.11 -35.31
N GLU E 4682 3.20 -46.89 -35.67
CA GLU E 4682 4.06 -46.10 -34.81
C GLU E 4682 3.42 -45.74 -33.51
N PHE E 4683 2.10 -45.61 -33.51
CA PHE E 4683 1.45 -45.25 -32.30
C PHE E 4683 0.42 -46.23 -31.80
N ASP E 4684 -0.12 -47.02 -32.71
CA ASP E 4684 -1.20 -47.91 -32.35
C ASP E 4684 -0.85 -49.36 -32.47
N GLY E 4685 -0.15 -49.74 -33.52
CA GLY E 4685 0.34 -51.09 -33.60
C GLY E 4685 -0.79 -52.01 -33.86
N LEU E 4686 -1.72 -51.60 -34.68
CA LEU E 4686 -2.97 -52.37 -34.79
C LEU E 4686 -2.80 -53.82 -35.22
N TYR E 4687 -1.84 -54.05 -36.08
CA TYR E 4687 -1.53 -55.41 -36.42
C TYR E 4687 -0.87 -56.14 -35.24
N ILE E 4688 -0.16 -55.42 -34.39
CA ILE E 4688 0.28 -55.97 -33.11
C ILE E 4688 -0.89 -56.17 -32.18
N THR E 4689 -1.91 -55.37 -32.38
CA THR E 4689 -2.99 -55.31 -31.44
C THR E 4689 -4.35 -55.26 -32.11
N GLU E 4690 -4.80 -54.06 -32.47
CA GLU E 4690 -6.18 -53.88 -32.94
C GLU E 4690 -6.36 -54.25 -34.39
N GLN E 4691 -6.16 -55.52 -34.67
CA GLN E 4691 -6.21 -55.98 -36.02
C GLN E 4691 -7.62 -56.00 -36.62
N PRO E 4692 -7.67 -55.59 -37.87
CA PRO E 4692 -8.78 -55.81 -38.69
C PRO E 4692 -9.16 -57.23 -39.02
N GLY E 4693 -10.44 -57.51 -39.20
CA GLY E 4693 -10.90 -58.65 -40.06
C GLY E 4693 -11.36 -58.16 -41.47
N ASP E 4694 -12.43 -58.70 -42.08
CA ASP E 4694 -13.10 -58.02 -43.24
C ASP E 4694 -13.74 -56.70 -42.69
N ASP E 4695 -14.08 -56.68 -41.41
CA ASP E 4695 -14.37 -55.43 -40.65
C ASP E 4695 -13.07 -54.62 -40.54
N ASP E 4696 -13.18 -53.31 -40.39
CA ASP E 4696 -11.99 -52.43 -40.44
C ASP E 4696 -11.30 -52.70 -41.84
N VAL E 4697 -12.13 -52.60 -42.86
CA VAL E 4697 -11.91 -53.24 -44.15
C VAL E 4697 -10.62 -52.97 -44.82
N LYS E 4698 -10.12 -51.75 -44.67
CA LYS E 4698 -8.99 -51.36 -45.45
C LYS E 4698 -7.81 -52.15 -45.22
N GLY E 4699 -7.75 -52.67 -44.02
CA GLY E 4699 -6.62 -53.30 -43.59
C GLY E 4699 -6.51 -54.69 -44.06
N GLN E 4700 -7.57 -55.29 -44.62
CA GLN E 4700 -7.53 -56.72 -45.01
C GLN E 4700 -6.45 -56.98 -46.07
N TRP E 4701 -6.40 -56.16 -47.12
CA TRP E 4701 -5.29 -56.21 -48.11
C TRP E 4701 -4.01 -55.79 -47.43
N ASP E 4702 -4.13 -54.92 -46.46
CA ASP E 4702 -2.96 -54.30 -45.86
C ASP E 4702 -2.23 -55.17 -44.90
N ARG E 4703 -2.84 -56.29 -44.55
CA ARG E 4703 -2.18 -57.23 -43.66
C ARG E 4703 -0.95 -57.76 -44.27
N LEU E 4704 -1.09 -58.22 -45.51
CA LEU E 4704 -0.03 -58.92 -46.19
C LEU E 4704 1.17 -58.01 -46.51
N VAL E 4705 0.93 -56.72 -46.71
CA VAL E 4705 1.95 -55.86 -47.22
C VAL E 4705 3.09 -55.68 -46.24
N LEU E 4706 2.81 -55.75 -44.97
CA LEU E 4706 3.89 -55.57 -44.02
C LEU E 4706 4.95 -56.62 -44.05
N ASN E 4707 4.56 -57.76 -44.52
CA ASN E 4707 5.46 -58.86 -44.56
C ASN E 4707 6.59 -58.63 -45.49
N THR E 4708 6.29 -57.88 -46.54
CA THR E 4708 7.24 -57.58 -47.57
C THR E 4708 8.32 -56.65 -47.08
N PRO E 4709 9.54 -56.89 -47.57
CA PRO E 4709 10.69 -56.05 -47.31
C PRO E 4709 10.46 -54.57 -47.64
N SER E 4710 9.78 -54.41 -48.76
CA SER E 4710 9.76 -53.18 -49.47
C SER E 4710 8.56 -52.31 -49.10
N PHE E 4711 7.89 -52.69 -48.00
CA PHE E 4711 6.74 -51.95 -47.45
C PHE E 4711 7.00 -50.48 -47.33
N PRO E 4712 8.14 -50.14 -46.71
CA PRO E 4712 8.39 -48.75 -46.72
C PRO E 4712 9.05 -48.35 -48.03
N SER E 4713 8.29 -48.34 -49.11
CA SER E 4713 8.85 -48.02 -50.41
C SER E 4713 9.33 -46.57 -50.59
N ASN E 4714 8.64 -45.60 -49.99
CA ASN E 4714 8.89 -44.19 -50.23
C ASN E 4714 8.62 -43.21 -49.08
N TYR E 4715 8.65 -43.68 -47.84
CA TYR E 4715 8.29 -42.85 -46.67
C TYR E 4715 9.41 -41.95 -46.17
N TRP E 4716 10.59 -42.08 -46.75
CA TRP E 4716 11.77 -41.26 -46.38
C TRP E 4716 12.11 -41.25 -44.91
N ASP E 4717 11.51 -42.13 -44.11
CA ASP E 4717 12.00 -42.52 -42.80
C ASP E 4717 11.93 -44.03 -42.80
N LYS E 4718 12.36 -44.60 -43.91
CA LYS E 4718 12.08 -45.95 -44.27
C LYS E 4718 12.78 -46.96 -43.41
N PHE E 4719 12.61 -46.84 -42.10
CA PHE E 4719 13.28 -47.71 -41.13
C PHE E 4719 12.41 -48.01 -39.94
N VAL E 4720 11.16 -47.71 -40.17
CA VAL E 4720 10.23 -47.62 -39.15
C VAL E 4720 9.97 -48.94 -38.51
N LYS E 4721 10.11 -50.00 -39.29
CA LYS E 4721 9.78 -51.33 -38.86
C LYS E 4721 10.63 -51.67 -37.63
N ARG E 4722 11.86 -51.21 -37.66
CA ARG E 4722 12.75 -51.51 -36.58
C ARG E 4722 12.36 -50.72 -35.32
N LYS E 4723 11.77 -49.56 -35.51
CA LYS E 4723 11.12 -48.86 -34.37
C LYS E 4723 9.90 -49.53 -33.83
N VAL E 4724 9.25 -50.23 -34.72
CA VAL E 4724 8.10 -50.92 -34.31
C VAL E 4724 8.45 -52.12 -33.45
N LEU E 4725 9.49 -52.87 -33.86
CA LEU E 4725 10.01 -53.93 -33.01
C LEU E 4725 10.56 -53.29 -31.74
N ASP E 4726 11.08 -52.08 -31.85
CA ASP E 4726 11.62 -51.32 -30.70
C ASP E 4726 10.59 -50.99 -29.64
N LYS E 4727 9.35 -50.80 -30.06
CA LYS E 4727 8.34 -50.46 -29.12
C LYS E 4727 7.40 -51.61 -28.80
N HIS E 4728 6.66 -52.09 -29.79
CA HIS E 4728 5.71 -53.19 -29.57
C HIS E 4728 6.37 -54.53 -29.40
N GLY E 4729 7.63 -54.63 -29.76
CA GLY E 4729 8.34 -55.91 -29.67
C GLY E 4729 8.60 -56.37 -28.27
N ASP E 4730 8.78 -55.48 -27.30
CA ASP E 4730 9.02 -55.86 -25.91
C ASP E 4730 7.79 -56.52 -25.29
N ILE E 4731 6.60 -56.12 -25.71
CA ILE E 4731 5.39 -56.72 -25.18
C ILE E 4731 5.29 -58.16 -25.61
N PHE E 4732 5.82 -58.43 -26.80
CA PHE E 4732 5.82 -59.75 -27.37
C PHE E 4732 7.22 -60.24 -27.56
N GLY E 4733 7.40 -61.19 -28.47
CA GLY E 4733 8.72 -61.63 -28.81
C GLY E 4733 9.35 -60.52 -29.53
N ARG E 4734 10.59 -60.22 -29.25
CA ARG E 4734 11.27 -59.19 -29.99
C ARG E 4734 11.48 -59.67 -31.38
N GLU E 4735 11.72 -60.99 -31.56
CA GLU E 4735 11.85 -61.59 -32.90
C GLU E 4735 10.47 -62.18 -33.41
N ARG E 4736 9.51 -62.37 -32.53
CA ARG E 4736 8.17 -62.72 -32.98
C ARG E 4736 7.47 -61.58 -33.77
N ILE E 4737 7.74 -60.37 -33.37
CA ILE E 4737 7.32 -59.22 -34.16
C ILE E 4737 8.11 -59.15 -35.46
N ALA E 4738 9.36 -59.55 -35.39
CA ALA E 4738 10.22 -59.71 -36.59
C ALA E 4738 9.76 -60.86 -37.45
N GLU E 4739 9.17 -61.87 -36.81
CA GLU E 4739 8.51 -62.94 -37.53
C GLU E 4739 7.36 -62.36 -38.32
N LEU E 4740 6.69 -61.37 -37.74
CA LEU E 4740 5.70 -60.64 -38.46
C LEU E 4740 6.34 -59.75 -39.51
N LEU E 4741 7.57 -59.31 -39.27
CA LEU E 4741 8.19 -58.26 -40.04
C LEU E 4741 9.57 -58.63 -40.60
N GLY E 4742 10.65 -58.18 -39.97
CA GLY E 4742 12.00 -58.46 -40.43
C GLY E 4742 12.49 -59.86 -40.12
N LEU E 4765 15.97 -58.94 -68.39
CA LEU E 4765 16.89 -58.01 -67.71
C LEU E 4765 17.02 -58.40 -66.23
N THR E 4766 18.04 -57.86 -65.54
CA THR E 4766 18.18 -58.00 -64.06
C THR E 4766 16.93 -57.45 -63.31
N TRP E 4767 16.42 -56.36 -63.92
CA TRP E 4767 15.29 -55.58 -63.49
C TRP E 4767 14.07 -56.50 -63.21
N LEU E 4768 13.82 -57.50 -64.13
CA LEU E 4768 12.71 -58.50 -64.01
C LEU E 4768 12.84 -59.38 -62.75
N MET E 4769 14.04 -59.92 -62.55
CA MET E 4769 14.18 -60.86 -61.44
C MET E 4769 14.19 -60.10 -60.08
N SER E 4770 14.57 -58.81 -60.10
CA SER E 4770 14.70 -57.99 -58.84
C SER E 4770 13.35 -57.67 -58.20
N ILE E 4771 12.79 -56.51 -58.55
CA ILE E 4771 11.38 -56.14 -58.29
C ILE E 4771 10.79 -56.32 -56.89
N ASP E 4772 11.11 -57.45 -56.23
CA ASP E 4772 10.45 -57.86 -54.96
C ASP E 4772 8.89 -58.12 -55.14
N VAL E 4773 8.38 -59.18 -54.54
CA VAL E 4773 7.10 -59.72 -54.99
C VAL E 4773 5.82 -59.21 -54.29
N LYS E 4774 5.58 -59.57 -53.04
CA LYS E 4774 4.15 -59.54 -52.52
C LYS E 4774 3.53 -58.17 -52.36
N TYR E 4775 4.40 -57.22 -52.28
CA TYR E 4775 4.01 -55.87 -52.21
C TYR E 4775 3.27 -55.48 -53.40
N GLN E 4776 3.61 -56.11 -54.52
CA GLN E 4776 3.15 -55.65 -55.76
C GLN E 4776 1.60 -55.81 -55.88
N ILE E 4777 1.07 -56.99 -55.54
CA ILE E 4777 -0.37 -57.21 -55.75
C ILE E 4777 -1.21 -56.28 -54.87
N TRP E 4778 -0.72 -56.00 -53.68
CA TRP E 4778 -1.34 -55.03 -52.84
C TRP E 4778 -1.22 -53.67 -53.42
N LYS E 4779 -0.18 -53.42 -54.16
CA LYS E 4779 -0.01 -52.12 -54.67
C LYS E 4779 -1.00 -51.87 -55.79
N PHE E 4780 -1.13 -52.82 -56.69
CA PHE E 4780 -2.13 -52.73 -57.73
C PHE E 4780 -3.57 -52.71 -57.10
N GLY E 4781 -3.69 -53.30 -55.92
CA GLY E 4781 -4.97 -53.24 -55.21
C GLY E 4781 -5.24 -51.86 -54.65
N VAL E 4782 -4.19 -51.19 -54.21
CA VAL E 4782 -4.33 -49.83 -53.82
C VAL E 4782 -4.62 -48.98 -55.04
N ILE E 4783 -4.13 -49.42 -56.15
CA ILE E 4783 -4.45 -48.74 -57.33
C ILE E 4783 -5.92 -48.87 -57.62
N PHE E 4784 -6.48 -50.06 -57.30
CA PHE E 4784 -7.91 -50.28 -57.37
C PHE E 4784 -8.69 -49.42 -56.40
N THR E 4785 -8.08 -49.07 -55.27
CA THR E 4785 -8.80 -48.33 -54.25
C THR E 4785 -9.19 -46.94 -54.71
N ASP E 4786 -8.38 -46.39 -55.60
CA ASP E 4786 -8.58 -45.05 -56.02
C ASP E 4786 -9.83 -44.85 -56.76
N ASN E 4787 -10.46 -43.72 -56.50
CA ASN E 4787 -11.59 -43.35 -57.28
C ASN E 4787 -11.19 -42.91 -58.72
N SER E 4788 -10.14 -42.13 -58.80
CA SER E 4788 -9.65 -41.62 -60.06
C SER E 4788 -9.13 -42.64 -61.02
N PHE E 4789 -8.59 -43.69 -60.49
CA PHE E 4789 -8.07 -44.63 -61.36
C PHE E 4789 -9.21 -45.47 -61.98
N LEU E 4790 -10.27 -45.77 -61.21
CA LEU E 4790 -11.54 -46.44 -61.76
C LEU E 4790 -12.08 -45.52 -62.78
N TYR E 4791 -11.88 -44.24 -62.57
CA TYR E 4791 -12.48 -43.26 -63.41
C TYR E 4791 -11.85 -43.22 -64.78
N LEU E 4792 -10.55 -43.13 -64.77
CA LEU E 4792 -9.85 -43.19 -66.00
C LEU E 4792 -9.91 -44.55 -66.67
N GLY E 4793 -10.03 -45.61 -65.86
CA GLY E 4793 -10.13 -46.95 -66.41
C GLY E 4793 -11.45 -47.26 -67.08
N TRP E 4794 -12.50 -46.72 -66.51
CA TRP E 4794 -13.82 -46.85 -67.08
C TRP E 4794 -13.84 -46.03 -68.36
N TYR E 4795 -13.06 -44.96 -68.31
CA TYR E 4795 -12.97 -44.10 -69.39
C TYR E 4795 -12.27 -44.79 -70.50
N MET E 4796 -11.13 -45.40 -70.22
CA MET E 4796 -10.38 -46.03 -71.26
C MET E 4796 -10.99 -47.25 -71.78
N VAL E 4797 -11.67 -47.97 -70.91
CA VAL E 4797 -12.34 -49.15 -71.42
C VAL E 4797 -13.40 -48.70 -72.43
N MET E 4798 -14.02 -47.58 -72.14
CA MET E 4798 -14.93 -47.05 -73.08
C MET E 4798 -14.23 -46.61 -74.38
N SER E 4799 -13.01 -46.16 -74.22
CA SER E 4799 -12.24 -45.74 -75.35
C SER E 4799 -11.97 -46.87 -76.34
N LEU E 4800 -11.74 -48.02 -75.77
CA LEU E 4800 -11.56 -49.21 -76.61
C LEU E 4800 -12.90 -49.63 -77.13
N LEU E 4801 -13.97 -49.29 -76.42
CA LEU E 4801 -15.29 -49.53 -76.96
C LEU E 4801 -15.54 -48.69 -78.20
N GLY E 4802 -14.82 -47.58 -78.31
CA GLY E 4802 -14.94 -46.77 -79.49
C GLY E 4802 -14.44 -47.48 -80.73
N HIS E 4803 -13.45 -48.36 -80.59
CA HIS E 4803 -13.02 -49.29 -81.70
C HIS E 4803 -14.14 -50.23 -82.05
N TYR E 4804 -14.97 -50.57 -81.06
CA TYR E 4804 -16.14 -51.49 -81.26
C TYR E 4804 -17.33 -50.73 -81.81
N ASN E 4805 -17.47 -49.48 -81.37
CA ASN E 4805 -18.60 -48.63 -81.69
C ASN E 4805 -18.34 -47.22 -81.12
N ASN E 4806 -18.33 -46.29 -82.02
CA ASN E 4806 -18.06 -44.93 -81.73
C ASN E 4806 -19.22 -44.21 -80.93
N PHE E 4807 -20.41 -44.78 -80.92
CA PHE E 4807 -21.56 -44.15 -80.26
C PHE E 4807 -21.64 -44.51 -78.83
N PHE E 4808 -21.20 -45.71 -78.48
CA PHE E 4808 -21.05 -46.04 -77.06
C PHE E 4808 -19.87 -45.23 -76.55
N PHE E 4809 -19.00 -44.84 -77.48
CA PHE E 4809 -17.83 -44.04 -77.24
C PHE E 4809 -18.18 -42.60 -76.80
N ALA E 4810 -19.39 -42.24 -76.94
CA ALA E 4810 -19.75 -40.94 -76.56
C ALA E 4810 -19.70 -40.63 -75.03
N ALA E 4811 -19.78 -41.63 -74.21
CA ALA E 4811 -20.06 -41.44 -72.76
C ALA E 4811 -18.88 -40.72 -72.10
N HIS E 4812 -17.77 -40.54 -72.80
CA HIS E 4812 -16.62 -39.85 -72.25
C HIS E 4812 -16.92 -38.46 -71.80
N LEU E 4813 -17.93 -37.88 -72.40
CA LEU E 4813 -18.35 -36.56 -72.06
C LEU E 4813 -18.67 -36.40 -70.61
N LEU E 4814 -18.96 -37.52 -69.96
CA LEU E 4814 -19.27 -37.58 -68.55
C LEU E 4814 -18.17 -37.07 -67.75
N ASP E 4815 -17.00 -37.07 -68.35
CA ASP E 4815 -15.81 -36.63 -67.71
C ASP E 4815 -15.97 -35.19 -67.34
N ILE E 4816 -16.90 -34.51 -68.00
CA ILE E 4816 -17.15 -33.18 -67.68
C ILE E 4816 -17.59 -33.05 -66.24
N ALA E 4817 -18.08 -34.11 -65.66
CA ALA E 4817 -18.53 -34.10 -64.31
C ALA E 4817 -17.41 -33.70 -63.33
N MET E 4818 -16.17 -34.04 -63.70
CA MET E 4818 -15.03 -33.57 -62.95
C MET E 4818 -14.54 -32.22 -63.42
N GLY E 4819 -15.14 -31.71 -64.49
CA GLY E 4819 -14.72 -30.44 -65.12
C GLY E 4819 -15.80 -29.43 -64.85
N VAL E 4820 -15.34 -28.38 -64.21
CA VAL E 4820 -14.55 -28.54 -63.04
C VAL E 4820 -15.22 -28.75 -61.69
N LYS E 4821 -15.03 -27.82 -60.80
CA LYS E 4821 -15.48 -28.03 -59.42
C LYS E 4821 -16.99 -27.92 -59.30
N THR E 4822 -17.56 -27.14 -60.18
CA THR E 4822 -18.92 -26.85 -60.12
C THR E 4822 -19.80 -28.08 -60.36
N LEU E 4823 -19.38 -28.91 -61.28
CA LEU E 4823 -20.07 -30.12 -61.59
C LEU E 4823 -19.84 -31.18 -60.56
N ARG E 4824 -18.63 -31.17 -60.05
CA ARG E 4824 -18.31 -32.01 -58.94
C ARG E 4824 -19.15 -31.57 -57.72
N THR E 4825 -19.44 -30.27 -57.67
CA THR E 4825 -20.40 -29.72 -56.74
C THR E 4825 -21.79 -30.29 -56.95
N ILE E 4826 -22.09 -30.52 -58.18
CA ILE E 4826 -23.36 -30.98 -58.40
C ILE E 4826 -23.53 -32.44 -57.97
N LEU E 4827 -22.61 -33.25 -58.39
CA LEU E 4827 -22.70 -34.65 -58.07
C LEU E 4827 -22.61 -34.85 -56.60
N SER E 4828 -21.80 -34.00 -55.98
CA SER E 4828 -21.68 -34.06 -54.56
C SER E 4828 -23.03 -33.67 -53.88
N SER E 4829 -23.75 -32.77 -54.55
CA SER E 4829 -25.06 -32.36 -54.13
C SER E 4829 -26.00 -33.48 -54.08
N VAL E 4830 -25.77 -34.39 -54.95
CA VAL E 4830 -26.67 -35.49 -54.99
C VAL E 4830 -26.42 -36.55 -53.94
N THR E 4831 -25.15 -36.91 -53.88
CA THR E 4831 -24.77 -38.23 -53.38
C THR E 4831 -24.33 -38.26 -51.95
N HIS E 4832 -23.98 -37.11 -51.34
CA HIS E 4832 -23.54 -37.10 -49.94
C HIS E 4832 -24.61 -37.68 -49.01
N ASN E 4833 -25.88 -37.57 -49.44
CA ASN E 4833 -26.96 -38.07 -48.67
C ASN E 4833 -28.03 -38.78 -49.43
N GLY E 4834 -27.70 -39.93 -49.99
CA GLY E 4834 -28.68 -40.76 -50.67
C GLY E 4834 -29.45 -41.64 -49.71
N LYS E 4835 -28.98 -41.66 -48.46
CA LYS E 4835 -29.69 -42.41 -47.45
C LYS E 4835 -31.07 -41.74 -47.27
N GLN E 4836 -31.04 -40.45 -47.53
CA GLN E 4836 -32.24 -39.70 -47.65
C GLN E 4836 -33.02 -40.00 -48.89
N LEU E 4837 -32.36 -40.38 -49.92
CA LEU E 4837 -33.07 -40.75 -51.06
C LEU E 4837 -33.86 -42.04 -50.84
N VAL E 4838 -33.36 -42.88 -49.94
CA VAL E 4838 -33.99 -44.17 -49.73
C VAL E 4838 -35.40 -44.05 -49.25
N MET E 4839 -35.58 -43.13 -48.36
CA MET E 4839 -36.89 -42.94 -47.81
C MET E 4839 -37.89 -42.45 -48.83
N THR E 4840 -37.41 -41.76 -49.81
CA THR E 4840 -38.26 -41.15 -50.74
C THR E 4840 -38.68 -42.03 -51.78
N VAL E 4841 -37.73 -42.74 -52.33
CA VAL E 4841 -38.08 -43.69 -53.37
C VAL E 4841 -38.87 -44.77 -52.72
N GLY E 4842 -38.54 -45.11 -51.49
CA GLY E 4842 -39.28 -46.09 -50.75
C GLY E 4842 -40.65 -45.62 -50.49
N LEU E 4843 -40.81 -44.42 -50.00
CA LEU E 4843 -42.07 -43.94 -49.74
C LEU E 4843 -42.86 -43.81 -50.96
N LEU E 4844 -42.21 -43.51 -52.02
CA LEU E 4844 -42.93 -43.45 -53.21
C LEU E 4844 -43.49 -44.78 -53.58
N ALA E 4845 -42.67 -45.81 -53.45
CA ALA E 4845 -43.05 -47.16 -53.84
C ALA E 4845 -44.17 -47.64 -52.98
N VAL E 4846 -44.11 -47.15 -51.77
CA VAL E 4846 -45.09 -47.44 -50.81
C VAL E 4846 -46.40 -46.92 -51.15
N VAL E 4847 -46.38 -45.69 -51.49
CA VAL E 4847 -47.59 -45.07 -51.75
C VAL E 4847 -48.17 -45.55 -52.98
N VAL E 4848 -47.32 -45.77 -53.92
CA VAL E 4848 -47.80 -46.28 -55.12
C VAL E 4848 -48.46 -47.65 -54.92
N TYR E 4849 -47.93 -48.50 -54.07
CA TYR E 4849 -48.65 -49.75 -53.78
C TYR E 4849 -49.91 -49.44 -53.17
N LEU E 4850 -49.86 -48.46 -52.30
CA LEU E 4850 -50.96 -48.16 -51.47
C LEU E 4850 -52.17 -47.82 -52.24
N TYR E 4851 -51.96 -47.13 -53.33
CA TYR E 4851 -53.04 -46.70 -54.10
C TYR E 4851 -53.40 -47.73 -55.07
N THR E 4852 -52.39 -48.35 -55.61
CA THR E 4852 -52.60 -49.19 -56.70
C THR E 4852 -53.37 -50.38 -56.26
N VAL E 4853 -53.26 -50.77 -55.02
CA VAL E 4853 -53.91 -52.04 -54.76
C VAL E 4853 -55.38 -51.89 -54.69
N VAL E 4854 -55.78 -50.83 -54.06
CA VAL E 4854 -57.19 -50.47 -54.05
C VAL E 4854 -57.64 -50.17 -55.43
N ALA E 4855 -56.78 -49.63 -56.23
CA ALA E 4855 -57.09 -49.40 -57.59
C ALA E 4855 -57.35 -50.74 -58.30
N PHE E 4856 -56.65 -51.81 -57.93
CA PHE E 4856 -56.94 -53.09 -58.50
C PHE E 4856 -58.13 -53.73 -57.89
N ASN E 4857 -58.51 -53.19 -56.75
CA ASN E 4857 -59.71 -53.60 -56.13
C ASN E 4857 -60.84 -52.78 -56.62
N PHE E 4858 -61.14 -51.64 -55.94
CA PHE E 4858 -62.33 -50.90 -56.15
C PHE E 4858 -62.41 -50.18 -57.48
N PHE E 4859 -61.34 -50.00 -58.22
CA PHE E 4859 -61.39 -49.10 -59.35
C PHE E 4859 -60.79 -49.53 -60.65
N ARG E 4860 -60.94 -50.79 -61.03
CA ARG E 4860 -60.31 -51.22 -62.23
C ARG E 4860 -60.88 -50.66 -63.45
N LYS E 4861 -62.10 -50.23 -63.32
CA LYS E 4861 -62.83 -49.89 -64.43
C LYS E 4861 -62.67 -48.52 -64.88
N PHE E 4862 -61.56 -47.90 -64.56
CA PHE E 4862 -61.36 -46.55 -64.96
C PHE E 4862 -60.05 -46.34 -65.64
N TYR E 4863 -59.38 -47.48 -65.83
CA TYR E 4863 -58.01 -47.46 -66.23
C TYR E 4863 -57.72 -47.68 -67.68
N ASN E 4864 -58.76 -47.63 -68.49
CA ASN E 4864 -58.65 -47.99 -69.87
C ASN E 4864 -57.79 -47.05 -70.60
N LYS E 4865 -57.02 -47.57 -71.55
CA LYS E 4865 -56.50 -46.63 -72.50
C LYS E 4865 -56.69 -47.22 -73.85
N SER E 4866 -57.92 -47.69 -74.03
CA SER E 4866 -58.37 -48.23 -75.31
C SER E 4866 -58.47 -47.12 -76.29
N GLU E 4867 -58.33 -47.47 -77.57
CA GLU E 4867 -58.60 -46.53 -78.63
C GLU E 4867 -60.09 -46.16 -78.47
N ASP E 4868 -60.31 -45.11 -77.66
CA ASP E 4868 -61.60 -44.58 -77.27
C ASP E 4868 -62.78 -45.53 -77.37
N GLU E 4869 -63.03 -46.02 -78.59
CA GLU E 4869 -64.19 -46.85 -78.83
C GLU E 4869 -64.04 -48.21 -78.13
N ASP E 4870 -65.17 -48.84 -77.75
CA ASP E 4870 -65.18 -50.16 -77.02
C ASP E 4870 -64.51 -51.32 -77.75
N GLU E 4871 -63.21 -51.41 -77.50
CA GLU E 4871 -62.38 -52.48 -77.91
C GLU E 4871 -61.54 -52.82 -76.70
N PRO E 4872 -61.16 -54.08 -76.63
CA PRO E 4872 -60.43 -54.60 -75.48
C PRO E 4872 -59.07 -53.89 -75.22
N ASP E 4873 -58.65 -53.64 -73.96
CA ASP E 4873 -57.41 -52.89 -73.69
C ASP E 4873 -56.60 -53.21 -72.47
N MET E 4874 -55.47 -52.54 -72.39
CA MET E 4874 -54.43 -52.70 -71.45
C MET E 4874 -54.56 -51.87 -70.15
N LYS E 4875 -55.75 -51.68 -69.67
CA LYS E 4875 -55.87 -51.29 -68.31
C LYS E 4875 -55.40 -52.30 -67.30
N CYS E 4876 -54.81 -51.87 -66.19
CA CYS E 4876 -54.52 -52.79 -65.07
C CYS E 4876 -53.94 -54.09 -65.54
N ASP E 4877 -54.82 -55.07 -65.73
CA ASP E 4877 -54.54 -56.42 -66.26
C ASP E 4877 -53.70 -57.32 -65.39
N ASP E 4878 -52.80 -56.69 -64.63
CA ASP E 4878 -51.94 -57.44 -63.71
C ASP E 4878 -51.53 -56.47 -62.66
N MET E 4879 -51.15 -57.00 -61.53
CA MET E 4879 -50.76 -56.19 -60.47
C MET E 4879 -49.53 -55.45 -60.76
N MET E 4880 -48.66 -56.10 -61.47
CA MET E 4880 -47.42 -55.50 -61.82
C MET E 4880 -47.63 -54.39 -62.78
N THR E 4881 -48.46 -54.68 -63.76
CA THR E 4881 -48.65 -53.79 -64.83
C THR E 4881 -49.30 -52.51 -64.41
N CYS E 4882 -50.16 -52.60 -63.43
CA CYS E 4882 -50.78 -51.41 -62.96
C CYS E 4882 -49.82 -50.59 -62.11
N TYR E 4883 -49.00 -51.28 -61.35
CA TYR E 4883 -48.04 -50.53 -60.57
C TYR E 4883 -47.08 -49.85 -61.43
N LEU E 4884 -46.74 -50.44 -62.57
CA LEU E 4884 -45.80 -49.84 -63.46
C LEU E 4884 -46.50 -48.84 -64.37
N PHE E 4885 -47.81 -48.88 -64.34
CA PHE E 4885 -48.56 -47.86 -65.04
C PHE E 4885 -48.50 -46.56 -64.27
N HIS E 4886 -48.73 -46.67 -62.98
CA HIS E 4886 -48.58 -45.55 -62.15
C HIS E 4886 -47.15 -45.19 -61.98
N MET E 4887 -46.30 -46.18 -61.98
CA MET E 4887 -44.89 -45.98 -61.84
C MET E 4887 -44.35 -45.29 -63.11
N TYR E 4888 -45.02 -45.42 -64.26
CA TYR E 4888 -44.64 -44.66 -65.47
C TYR E 4888 -45.30 -43.34 -65.54
N VAL E 4889 -46.42 -43.27 -64.89
CA VAL E 4889 -47.23 -42.16 -65.11
C VAL E 4889 -47.39 -41.46 -63.83
N GLY E 4890 -47.95 -42.12 -62.83
CA GLY E 4890 -48.23 -41.49 -61.60
C GLY E 4890 -47.04 -41.07 -60.85
N VAL E 4891 -45.95 -41.79 -61.04
CA VAL E 4891 -44.71 -41.36 -60.46
C VAL E 4891 -44.22 -40.15 -61.18
N ARG E 4892 -44.60 -39.99 -62.44
CA ARG E 4892 -44.43 -38.69 -63.07
C ARG E 4892 -45.62 -37.78 -62.83
N ALA E 4893 -46.72 -38.16 -63.43
CA ALA E 4893 -47.91 -37.40 -63.39
C ALA E 4893 -47.75 -35.99 -63.89
N GLY E 4894 -47.49 -35.09 -62.95
CA GLY E 4894 -47.51 -33.68 -63.20
C GLY E 4894 -48.94 -33.23 -63.31
N GLY E 4895 -49.57 -33.67 -64.39
CA GLY E 4895 -50.98 -33.46 -64.63
C GLY E 4895 -51.81 -34.52 -63.94
N GLY E 4896 -51.15 -35.42 -63.22
CA GLY E 4896 -51.82 -36.34 -62.30
C GLY E 4896 -52.32 -37.65 -62.88
N ILE E 4897 -52.74 -38.60 -62.02
CA ILE E 4897 -53.28 -39.87 -62.52
C ILE E 4897 -54.63 -39.64 -63.08
N GLY E 4898 -55.21 -38.55 -62.64
CA GLY E 4898 -56.48 -38.18 -63.06
C GLY E 4898 -56.47 -37.66 -64.46
N ASP E 4899 -55.30 -37.33 -64.98
CA ASP E 4899 -55.17 -36.93 -66.35
C ASP E 4899 -55.52 -38.06 -67.33
N GLU E 4900 -55.17 -39.31 -66.98
CA GLU E 4900 -55.42 -40.43 -67.88
C GLU E 4900 -56.27 -41.55 -67.32
N ILE E 4901 -56.77 -41.39 -66.13
CA ILE E 4901 -57.88 -42.25 -65.68
C ILE E 4901 -59.20 -41.94 -66.43
N GLU E 4902 -60.03 -42.94 -66.62
CA GLU E 4902 -61.21 -42.77 -67.45
C GLU E 4902 -62.40 -42.26 -66.68
N ASP E 4903 -62.64 -40.96 -66.72
CA ASP E 4903 -63.67 -40.37 -65.79
C ASP E 4903 -64.24 -39.05 -66.26
N PRO E 4904 -65.14 -38.45 -65.37
CA PRO E 4904 -66.40 -38.98 -64.83
C PRO E 4904 -67.16 -40.02 -65.60
N ALA E 4905 -67.96 -40.79 -64.85
CA ALA E 4905 -67.51 -41.57 -63.59
C ALA E 4905 -67.58 -40.41 -62.55
N GLY E 4906 -68.77 -40.16 -62.06
CA GLY E 4906 -70.02 -40.22 -62.79
C GLY E 4906 -70.68 -41.56 -62.28
N ASP E 4907 -70.14 -42.25 -61.24
CA ASP E 4907 -70.64 -43.58 -60.83
C ASP E 4907 -70.38 -43.95 -59.37
N GLU E 4908 -70.37 -45.27 -59.11
CA GLU E 4908 -70.15 -45.81 -57.80
C GLU E 4908 -68.76 -45.55 -57.30
N TYR E 4909 -68.73 -45.22 -56.03
CA TYR E 4909 -67.57 -44.90 -55.33
C TYR E 4909 -66.78 -43.72 -56.01
N GLU E 4910 -67.48 -42.85 -56.70
CA GLU E 4910 -66.91 -41.69 -57.34
C GLU E 4910 -66.26 -40.73 -56.37
N LEU E 4911 -66.92 -40.52 -55.23
CA LEU E 4911 -66.41 -39.54 -54.28
C LEU E 4911 -65.10 -40.14 -53.76
N TYR E 4912 -65.02 -41.46 -53.63
CA TYR E 4912 -63.89 -42.07 -53.04
C TYR E 4912 -62.74 -42.07 -54.05
N ARG E 4913 -62.97 -42.29 -55.33
CA ARG E 4913 -61.90 -42.16 -56.34
C ARG E 4913 -61.45 -40.79 -56.57
N VAL E 4914 -62.35 -39.88 -56.30
CA VAL E 4914 -61.99 -38.54 -56.44
C VAL E 4914 -61.10 -38.07 -55.29
N VAL E 4915 -61.51 -38.43 -54.10
CA VAL E 4915 -60.68 -38.15 -52.94
C VAL E 4915 -59.40 -38.93 -53.06
N PHE E 4916 -59.47 -40.06 -53.73
CA PHE E 4916 -58.33 -40.85 -54.06
C PHE E 4916 -57.39 -40.06 -54.90
N ASP E 4917 -57.93 -39.37 -55.87
CA ASP E 4917 -57.12 -38.55 -56.68
C ASP E 4917 -56.50 -37.40 -55.92
N ILE E 4918 -57.20 -36.95 -54.90
CA ILE E 4918 -56.76 -35.87 -54.18
C ILE E 4918 -55.62 -36.22 -53.23
N THR E 4919 -55.78 -37.39 -52.63
CA THR E 4919 -54.72 -37.97 -51.82
C THR E 4919 -53.48 -38.21 -52.65
N PHE E 4920 -53.71 -38.59 -53.88
CA PHE E 4920 -52.62 -38.78 -54.79
C PHE E 4920 -52.00 -37.45 -55.08
N PHE E 4921 -52.76 -36.42 -55.09
CA PHE E 4921 -52.26 -35.17 -55.47
C PHE E 4921 -51.66 -34.39 -54.39
N PHE E 4922 -51.84 -34.83 -53.19
CA PHE E 4922 -51.20 -34.15 -52.12
C PHE E 4922 -50.06 -34.99 -51.68
N PHE E 4923 -50.33 -36.24 -51.38
CA PHE E 4923 -49.30 -37.03 -50.76
C PHE E 4923 -48.18 -37.38 -51.70
N VAL E 4924 -48.41 -37.17 -52.97
CA VAL E 4924 -47.44 -37.56 -53.90
C VAL E 4924 -46.93 -36.41 -54.63
N ILE E 4925 -47.86 -35.75 -55.26
CA ILE E 4925 -47.54 -34.72 -56.20
C ILE E 4925 -46.86 -33.60 -55.53
N VAL E 4926 -47.19 -33.46 -54.27
CA VAL E 4926 -46.71 -32.35 -53.55
C VAL E 4926 -45.62 -32.71 -52.58
N ILE E 4927 -45.85 -33.74 -51.81
CA ILE E 4927 -44.95 -34.06 -50.75
C ILE E 4927 -43.68 -34.75 -51.16
N LEU E 4928 -43.83 -35.74 -51.99
CA LEU E 4928 -42.74 -36.58 -52.30
C LEU E 4928 -41.67 -35.97 -53.17
N LEU E 4929 -42.14 -35.44 -54.21
CA LEU E 4929 -41.29 -34.89 -55.17
C LEU E 4929 -40.53 -33.72 -54.58
N ALA E 4930 -41.27 -32.86 -53.93
CA ALA E 4930 -40.71 -31.71 -53.34
C ALA E 4930 -39.75 -32.08 -52.31
N ILE E 4931 -39.99 -33.15 -51.56
CA ILE E 4931 -39.05 -33.51 -50.53
C ILE E 4931 -37.81 -33.91 -51.11
N ILE E 4932 -37.91 -34.55 -52.22
CA ILE E 4932 -36.74 -34.89 -52.82
C ILE E 4932 -36.01 -33.64 -53.30
N GLN E 4933 -36.77 -32.70 -53.80
CA GLN E 4933 -36.17 -31.57 -54.38
C GLN E 4933 -35.44 -30.76 -53.35
N GLY E 4934 -36.03 -30.60 -52.19
CA GLY E 4934 -35.39 -29.87 -51.13
C GLY E 4934 -34.26 -30.64 -50.56
N LEU E 4935 -34.42 -31.94 -50.69
CA LEU E 4935 -33.44 -32.84 -50.23
C LEU E 4935 -32.17 -32.61 -51.01
N ILE E 4936 -32.29 -32.18 -52.24
CA ILE E 4936 -31.17 -31.86 -53.02
C ILE E 4936 -30.72 -30.44 -52.91
N ILE E 4937 -31.65 -29.55 -52.91
CA ILE E 4937 -31.28 -28.18 -53.03
C ILE E 4937 -30.63 -27.64 -51.79
N ASP E 4938 -31.21 -28.05 -50.65
CA ASP E 4938 -30.69 -27.58 -49.37
C ASP E 4938 -29.25 -28.00 -49.20
N ALA E 4939 -28.97 -29.11 -49.85
CA ALA E 4939 -27.69 -29.70 -49.85
C ALA E 4939 -26.74 -28.98 -50.79
N PHE E 4940 -27.23 -28.57 -51.93
CA PHE E 4940 -26.39 -27.81 -52.81
C PHE E 4940 -25.96 -26.52 -52.21
N GLY E 4941 -26.88 -25.93 -51.48
CA GLY E 4941 -26.60 -24.72 -50.78
C GLY E 4941 -25.77 -24.98 -49.57
N GLU E 4942 -25.81 -26.21 -49.11
CA GLU E 4942 -25.03 -26.59 -48.01
C GLU E 4942 -23.62 -26.64 -48.41
N LEU E 4943 -23.29 -27.52 -49.35
CA LEU E 4943 -21.94 -27.69 -49.62
C LEU E 4943 -21.41 -26.43 -50.31
N ARG E 4944 -22.28 -25.72 -51.04
CA ARG E 4944 -21.81 -24.46 -51.58
C ARG E 4944 -21.50 -23.47 -50.46
N ASP E 4945 -22.35 -23.44 -49.46
CA ASP E 4945 -22.12 -22.52 -48.39
C ASP E 4945 -20.83 -22.86 -47.69
N GLN E 4946 -20.49 -24.14 -47.68
CA GLN E 4946 -19.18 -24.56 -47.24
C GLN E 4946 -18.11 -24.08 -48.18
N GLN E 4947 -18.45 -23.85 -49.45
CA GLN E 4947 -17.48 -23.34 -50.40
C GLN E 4947 -17.12 -21.91 -50.16
N GLU E 4948 -18.11 -21.07 -49.90
CA GLU E 4948 -17.75 -19.73 -49.51
C GLU E 4948 -17.18 -19.70 -48.10
N GLN E 4949 -17.62 -20.66 -47.29
CA GLN E 4949 -17.29 -20.66 -45.89
C GLN E 4949 -15.79 -20.81 -45.72
N VAL E 4950 -15.12 -21.37 -46.72
CA VAL E 4950 -13.66 -21.49 -46.73
C VAL E 4950 -12.97 -20.16 -46.69
N LYS E 4951 -13.37 -19.33 -47.62
CA LYS E 4951 -12.80 -18.02 -47.77
C LYS E 4951 -13.17 -17.18 -46.60
N GLU E 4952 -14.39 -17.39 -46.08
CA GLU E 4952 -14.87 -16.64 -44.93
C GLU E 4952 -14.08 -16.96 -43.70
N ASP E 4953 -13.92 -18.24 -43.40
CA ASP E 4953 -13.11 -18.63 -42.26
C ASP E 4953 -11.65 -18.26 -42.44
N MET E 4954 -11.13 -18.31 -43.67
CA MET E 4954 -9.72 -17.91 -43.90
C MET E 4954 -9.54 -16.42 -43.60
N GLU E 4955 -10.59 -15.68 -43.91
CA GLU E 4955 -10.53 -14.25 -43.78
C GLU E 4955 -11.14 -13.81 -42.42
N THR E 4956 -11.55 -14.76 -41.56
CA THR E 4956 -12.07 -14.43 -40.21
C THR E 4956 -11.27 -15.10 -39.17
N LYS E 4957 -11.69 -16.26 -38.76
CA LYS E 4957 -10.89 -16.86 -37.79
C LYS E 4957 -9.55 -17.24 -38.43
N CYS E 4958 -8.47 -17.13 -37.68
CA CYS E 4958 -7.16 -17.47 -38.24
C CYS E 4958 -7.10 -18.94 -38.46
N PHE E 4959 -6.53 -19.31 -39.58
CA PHE E 4959 -6.54 -20.69 -40.01
C PHE E 4959 -5.59 -21.46 -39.17
N ILE E 4960 -4.75 -20.72 -38.48
CA ILE E 4960 -3.77 -21.27 -37.65
C ILE E 4960 -4.09 -21.01 -36.16
N CYS E 4961 -3.90 -19.77 -35.70
CA CYS E 4961 -4.05 -19.44 -34.28
C CYS E 4961 -5.47 -19.33 -33.92
N GLY E 4962 -6.35 -19.37 -34.87
CA GLY E 4962 -7.68 -19.16 -34.57
C GLY E 4962 -7.85 -17.75 -34.13
N ILE E 4963 -8.42 -17.58 -32.95
CA ILE E 4963 -8.64 -16.29 -32.38
C ILE E 4963 -9.73 -15.51 -33.13
N GLY E 4964 -9.55 -15.31 -34.43
CA GLY E 4964 -10.49 -14.49 -35.26
C GLY E 4964 -9.72 -13.33 -35.85
N SER E 4965 -10.11 -12.86 -37.03
CA SER E 4965 -9.45 -11.72 -37.71
C SER E 4965 -9.50 -10.46 -36.98
N ASP E 4966 -10.49 -10.43 -36.15
CA ASP E 4966 -11.05 -9.32 -35.52
C ASP E 4966 -10.06 -8.61 -34.61
N TYR E 4967 -9.40 -9.43 -33.84
CA TYR E 4967 -8.44 -8.93 -32.96
C TYR E 4967 -7.22 -8.32 -33.81
N PHE E 4968 -6.89 -8.91 -34.95
CA PHE E 4968 -5.76 -8.43 -35.81
C PHE E 4968 -6.09 -7.47 -36.88
N ASP E 4969 -7.35 -7.27 -37.05
CA ASP E 4969 -7.80 -6.20 -37.88
C ASP E 4969 -7.58 -4.83 -37.18
N THR E 4970 -7.31 -4.86 -35.85
CA THR E 4970 -7.05 -3.67 -35.06
C THR E 4970 -5.94 -2.82 -35.62
N THR E 4971 -4.93 -3.44 -36.15
CA THR E 4971 -4.06 -2.73 -37.04
C THR E 4971 -4.70 -2.81 -38.44
N PRO E 4972 -4.64 -1.72 -39.18
CA PRO E 4972 -5.24 -1.71 -40.49
C PRO E 4972 -4.66 -2.74 -41.42
N HIS E 4973 -5.49 -3.23 -42.34
CA HIS E 4973 -5.17 -4.34 -43.25
C HIS E 4973 -4.47 -5.46 -42.50
N GLY E 4974 -4.72 -5.66 -41.19
CA GLY E 4974 -3.74 -6.36 -40.36
C GLY E 4974 -3.70 -7.83 -40.22
N PHE E 4975 -4.88 -8.36 -40.29
CA PHE E 4975 -4.95 -9.72 -40.15
C PHE E 4975 -4.29 -10.47 -41.38
N GLU E 4976 -4.24 -9.93 -42.61
CA GLU E 4976 -3.44 -10.63 -43.75
C GLU E 4976 -2.01 -10.68 -43.40
N THR E 4977 -1.54 -9.67 -42.67
CA THR E 4977 -0.21 -9.67 -42.15
C THR E 4977 -0.06 -10.70 -41.03
N HIS E 4978 -1.14 -10.91 -40.27
CA HIS E 4978 -1.14 -11.95 -39.23
C HIS E 4978 -1.10 -13.31 -39.89
N THR E 4979 -1.58 -13.38 -41.11
CA THR E 4979 -1.47 -14.60 -41.89
C THR E 4979 -0.16 -14.58 -42.65
N LEU E 4980 -0.13 -14.16 -43.90
CA LEU E 4980 1.00 -14.37 -44.81
C LEU E 4980 2.30 -13.81 -44.33
N GLU E 4981 2.24 -12.66 -43.71
CA GLU E 4981 3.41 -12.05 -43.15
C GLU E 4981 3.77 -12.59 -41.70
N GLU E 4982 2.91 -13.39 -41.07
CA GLU E 4982 3.23 -14.00 -39.75
C GLU E 4982 3.06 -15.50 -39.80
N HIS E 4983 1.84 -15.96 -39.51
CA HIS E 4983 1.51 -17.34 -39.60
C HIS E 4983 1.68 -17.92 -40.95
N ASN E 4984 1.37 -17.15 -41.95
CA ASN E 4984 1.24 -17.65 -43.27
C ASN E 4984 0.48 -18.92 -43.15
N LEU E 4985 1.11 -19.99 -43.63
CA LEU E 4985 0.63 -21.28 -43.44
C LEU E 4985 1.59 -22.16 -44.19
N ALA E 4986 1.95 -21.81 -45.43
CA ALA E 4986 2.88 -22.61 -46.21
C ALA E 4986 4.23 -22.58 -45.57
N ASN E 4987 4.47 -21.56 -44.81
CA ASN E 4987 5.72 -21.47 -44.15
C ASN E 4987 5.97 -22.59 -43.22
N TYR E 4988 4.92 -23.20 -42.66
CA TYR E 4988 5.15 -24.31 -41.82
C TYR E 4988 5.78 -25.41 -42.57
N MET E 4989 5.25 -25.68 -43.69
CA MET E 4989 5.84 -26.71 -44.45
C MET E 4989 7.21 -26.43 -45.04
N PHE E 4990 7.43 -25.18 -45.42
CA PHE E 4990 8.71 -24.89 -45.90
C PHE E 4990 9.70 -25.09 -44.75
N PHE E 4991 9.21 -24.83 -43.54
CA PHE E 4991 10.02 -25.12 -42.36
C PHE E 4991 10.30 -26.57 -42.14
N LEU E 4992 9.40 -27.37 -42.62
CA LEU E 4992 9.64 -28.73 -42.49
C LEU E 4992 10.69 -29.25 -43.42
N MET E 4993 10.62 -28.86 -44.68
CA MET E 4993 11.68 -29.23 -45.60
C MET E 4993 13.02 -28.70 -45.14
N TYR E 4994 12.96 -27.53 -44.53
CA TYR E 4994 14.12 -26.90 -43.93
C TYR E 4994 14.65 -27.70 -42.80
N LEU E 4995 13.77 -28.44 -42.15
CA LEU E 4995 14.21 -29.32 -41.14
C LEU E 4995 14.85 -30.56 -41.65
N ILE E 4996 14.22 -31.08 -42.66
CA ILE E 4996 14.65 -32.30 -43.18
C ILE E 4996 15.99 -32.24 -43.86
N ASN E 4997 16.28 -31.11 -44.46
CA ASN E 4997 17.52 -31.00 -45.16
C ASN E 4997 18.74 -30.76 -44.28
N LYS E 4998 18.50 -30.08 -43.18
CA LYS E 4998 19.55 -29.82 -42.23
C LYS E 4998 19.96 -31.06 -41.46
N ASP E 4999 21.24 -31.11 -41.11
CA ASP E 4999 21.76 -32.13 -40.23
C ASP E 4999 21.43 -31.80 -38.80
N GLU E 5000 21.38 -32.85 -38.03
CA GLU E 5000 20.97 -32.71 -36.67
C GLU E 5000 21.96 -31.88 -35.87
N THR E 5001 23.23 -31.86 -36.27
CA THR E 5001 24.26 -31.09 -35.53
C THR E 5001 24.04 -29.59 -35.56
N GLU E 5002 23.52 -29.17 -36.70
CA GLU E 5002 23.38 -27.80 -37.02
C GLU E 5002 22.01 -27.36 -36.68
N HIS E 5003 21.09 -28.25 -36.26
CA HIS E 5003 19.75 -27.83 -35.82
C HIS E 5003 19.86 -26.91 -34.65
N THR E 5004 19.13 -25.81 -34.68
CA THR E 5004 19.03 -24.93 -33.56
C THR E 5004 18.14 -25.63 -32.57
N GLY E 5005 18.35 -25.32 -31.29
CA GLY E 5005 17.74 -26.08 -30.22
C GLY E 5005 16.19 -26.06 -30.29
N GLN E 5006 15.68 -24.93 -30.75
CA GLN E 5006 14.25 -24.78 -30.90
C GLN E 5006 13.76 -25.68 -31.97
N GLU E 5007 14.45 -25.72 -33.07
CA GLU E 5007 14.03 -26.58 -34.14
C GLU E 5007 14.32 -27.94 -33.93
N SER E 5008 15.19 -28.17 -33.02
CA SER E 5008 15.47 -29.47 -32.72
C SER E 5008 14.36 -30.06 -31.82
N TYR E 5009 13.89 -29.36 -30.79
CA TYR E 5009 12.80 -29.97 -30.02
C TYR E 5009 11.57 -30.02 -30.77
N VAL E 5010 11.50 -29.10 -31.68
CA VAL E 5010 10.42 -29.13 -32.54
C VAL E 5010 10.52 -30.34 -33.47
N TRP E 5011 11.73 -30.66 -33.92
CA TRP E 5011 12.01 -31.82 -34.73
C TRP E 5011 11.60 -33.05 -34.03
N LYS E 5012 11.82 -33.05 -32.74
CA LYS E 5012 11.38 -34.13 -31.92
C LYS E 5012 9.93 -34.21 -31.79
N MET E 5013 9.33 -33.07 -31.80
CA MET E 5013 7.93 -33.07 -31.77
C MET E 5013 7.40 -33.63 -33.07
N TYR E 5014 8.15 -33.44 -34.16
CA TYR E 5014 7.86 -34.13 -35.39
C TYR E 5014 7.98 -35.61 -35.22
N GLN E 5015 8.96 -35.98 -34.43
CA GLN E 5015 9.18 -37.37 -34.24
C GLN E 5015 8.01 -38.02 -33.48
N GLU E 5016 7.40 -37.21 -32.62
CA GLU E 5016 6.39 -37.65 -31.74
C GLU E 5016 5.03 -37.23 -32.15
N ARG E 5017 4.93 -36.30 -33.09
CA ARG E 5017 3.69 -35.98 -33.71
C ARG E 5017 2.48 -35.53 -32.85
N CYS E 5018 2.71 -34.96 -31.70
CA CYS E 5018 1.58 -34.33 -30.96
C CYS E 5018 1.07 -33.09 -31.65
N TRP E 5019 2.05 -32.45 -32.23
CA TRP E 5019 1.99 -31.19 -32.88
C TRP E 5019 1.44 -30.08 -32.10
N ASP E 5020 1.61 -30.16 -30.80
CA ASP E 5020 1.02 -29.23 -29.86
C ASP E 5020 1.59 -27.84 -29.90
N PHE E 5021 2.76 -27.70 -30.47
CA PHE E 5021 3.43 -26.44 -30.44
C PHE E 5021 2.81 -25.49 -31.41
N PHE E 5022 1.94 -26.00 -32.31
CA PHE E 5022 1.06 -25.11 -33.00
C PHE E 5022 0.14 -24.47 -32.04
N PRO E 5023 -0.03 -23.14 -32.20
CA PRO E 5023 -0.64 -22.27 -31.20
C PRO E 5023 -1.98 -22.76 -30.71
N ALA E 5024 -2.15 -22.65 -29.39
CA ALA E 5024 -3.41 -22.75 -28.71
C ALA E 5024 -4.32 -21.67 -29.24
N GLY E 5025 -3.68 -20.57 -29.57
CA GLY E 5025 -4.30 -19.41 -30.12
C GLY E 5025 -4.01 -18.26 -29.25
N ASP E 5026 -2.73 -17.95 -29.05
CA ASP E 5026 -2.39 -16.93 -28.10
C ASP E 5026 -1.67 -15.72 -28.75
N CYS E 5027 -0.91 -16.02 -29.79
CA CYS E 5027 -0.19 -15.04 -30.55
C CYS E 5027 0.84 -14.24 -29.76
N PHE E 5028 1.94 -13.91 -30.43
CA PHE E 5028 3.09 -13.24 -29.80
C PHE E 5028 2.75 -11.84 -29.34
N ARG E 5029 2.46 -10.99 -30.29
CA ARG E 5029 2.22 -9.61 -29.96
C ARG E 5029 0.92 -9.43 -29.21
N LYS E 5030 -0.03 -10.36 -29.45
CA LYS E 5030 -1.18 -10.54 -28.60
C LYS E 5030 -0.84 -10.95 -27.18
N GLN E 5031 0.14 -11.80 -27.03
CA GLN E 5031 0.52 -12.22 -25.74
C GLN E 5031 1.22 -11.06 -24.99
N TYR E 5032 1.82 -10.15 -25.73
CA TYR E 5032 2.62 -9.11 -25.10
C TYR E 5032 2.12 -7.66 -25.31
N GLU E 5033 2.99 -6.81 -25.87
CA GLU E 5033 2.76 -5.42 -25.97
C GLU E 5033 2.62 -4.85 -24.55
N GLY F 2 108.24 -66.38 5.45
CA GLY F 2 106.79 -66.24 5.67
C GLY F 2 105.97 -67.33 5.01
N VAL F 3 106.07 -67.48 3.68
CA VAL F 3 105.18 -68.41 2.95
C VAL F 3 105.49 -69.86 3.29
N GLN F 4 104.45 -70.69 3.35
CA GLN F 4 104.60 -72.05 3.78
C GLN F 4 103.90 -73.06 2.86
N VAL F 5 104.20 -73.02 1.58
CA VAL F 5 103.55 -73.91 0.64
C VAL F 5 103.98 -75.34 0.87
N GLU F 6 103.04 -76.28 0.73
CA GLU F 6 103.36 -77.67 0.86
C GLU F 6 102.85 -78.49 -0.31
N THR F 7 103.74 -79.34 -0.75
CA THR F 7 103.44 -80.20 -1.86
C THR F 7 102.43 -81.27 -1.44
N ILE F 8 101.58 -81.60 -2.37
CA ILE F 8 100.63 -82.67 -2.22
C ILE F 8 101.14 -83.90 -3.01
N SER F 9 100.71 -84.08 -4.27
CA SER F 9 101.17 -85.23 -5.08
C SER F 9 102.44 -84.84 -5.80
N PRO F 10 103.52 -85.59 -5.57
CA PRO F 10 104.78 -85.25 -6.22
C PRO F 10 104.67 -85.47 -7.76
N GLY F 11 105.35 -84.64 -8.56
CA GLY F 11 105.24 -84.67 -10.06
C GLY F 11 106.49 -85.35 -10.69
N ASP F 12 107.02 -84.84 -11.81
CA ASP F 12 108.28 -85.34 -12.37
C ASP F 12 109.43 -85.01 -11.40
N GLY F 13 109.25 -83.97 -10.59
CA GLY F 13 110.24 -83.56 -9.58
C GLY F 13 111.40 -82.80 -10.18
N ARG F 14 111.21 -82.29 -11.38
CA ARG F 14 112.34 -81.67 -12.07
C ARG F 14 112.07 -80.27 -12.61
N THR F 15 111.15 -80.19 -13.59
CA THR F 15 110.96 -78.97 -14.36
C THR F 15 110.01 -78.05 -13.63
N PHE F 16 110.63 -77.23 -12.77
CA PHE F 16 109.96 -76.20 -12.05
C PHE F 16 109.67 -75.07 -13.00
N PRO F 17 108.58 -74.31 -12.73
CA PRO F 17 108.30 -73.15 -13.57
C PRO F 17 109.46 -72.11 -13.57
N LYS F 18 109.71 -71.52 -14.75
CA LYS F 18 110.78 -70.57 -14.93
C LYS F 18 110.24 -69.27 -15.52
N ARG F 19 111.13 -68.32 -15.72
CA ARG F 19 110.75 -67.04 -16.21
C ARG F 19 109.98 -67.00 -17.51
N GLY F 20 108.87 -66.26 -17.53
CA GLY F 20 108.13 -66.09 -18.74
C GLY F 20 107.21 -67.22 -19.11
N GLN F 21 107.30 -68.36 -18.43
CA GLN F 21 106.48 -69.51 -18.76
C GLN F 21 105.03 -69.27 -18.38
N THR F 22 104.11 -69.70 -19.24
CA THR F 22 102.67 -69.61 -18.96
C THR F 22 102.19 -70.93 -18.34
N CYS F 23 102.21 -71.00 -17.00
CA CYS F 23 101.80 -72.20 -16.25
C CYS F 23 100.32 -72.52 -16.46
N VAL F 24 100.02 -73.80 -16.69
CA VAL F 24 98.66 -74.30 -16.88
C VAL F 24 98.29 -75.25 -15.76
N VAL F 25 97.34 -74.79 -14.94
CA VAL F 25 97.03 -75.42 -13.65
C VAL F 25 95.53 -75.49 -13.29
N HIS F 26 95.18 -76.53 -12.54
CA HIS F 26 93.90 -76.59 -11.86
C HIS F 26 94.12 -76.37 -10.42
N TYR F 27 93.09 -75.83 -9.78
CA TYR F 27 93.20 -75.46 -8.39
C TYR F 27 91.86 -75.14 -7.77
N THR F 28 91.92 -74.80 -6.49
CA THR F 28 90.80 -74.18 -5.82
C THR F 28 91.30 -73.29 -4.72
N GLY F 29 90.49 -72.27 -4.42
CA GLY F 29 90.85 -71.30 -3.40
C GLY F 29 89.94 -71.29 -2.20
N MET F 30 90.55 -71.52 -1.03
CA MET F 30 89.84 -71.51 0.21
C MET F 30 90.56 -70.68 1.27
N LEU F 31 89.79 -70.29 2.28
CA LEU F 31 90.24 -69.37 3.31
C LEU F 31 90.98 -70.11 4.40
N GLU F 32 91.46 -69.37 5.38
CA GLU F 32 91.95 -69.96 6.62
C GLU F 32 90.79 -70.74 7.28
N ASP F 33 89.56 -70.25 7.07
CA ASP F 33 88.34 -70.91 7.53
C ASP F 33 88.23 -72.28 6.82
N GLY F 34 88.81 -72.37 5.60
CA GLY F 34 88.67 -73.54 4.73
C GLY F 34 87.49 -73.42 3.76
N LYS F 35 86.69 -72.37 3.92
CA LYS F 35 85.66 -72.00 2.99
C LYS F 35 86.19 -71.65 1.68
N LYS F 36 85.58 -72.23 0.64
CA LYS F 36 85.99 -71.97 -0.70
C LYS F 36 85.61 -70.61 -1.18
N PHE F 37 86.46 -70.09 -2.04
CA PHE F 37 86.17 -68.86 -2.70
C PHE F 37 86.58 -68.95 -4.14
N ASP F 38 87.08 -70.09 -4.56
CA ASP F 38 87.41 -70.24 -5.94
C ASP F 38 87.59 -71.67 -6.26
N SER F 39 87.52 -71.98 -7.54
CA SER F 39 87.91 -73.28 -8.03
C SER F 39 88.01 -73.27 -9.51
N SER F 40 89.17 -73.67 -10.00
CA SER F 40 89.37 -73.79 -11.44
C SER F 40 88.41 -74.83 -12.03
N ARG F 41 88.09 -75.84 -11.25
CA ARG F 41 87.17 -76.89 -11.65
C ARG F 41 85.73 -76.40 -11.78
N ASP F 42 85.44 -75.33 -11.08
CA ASP F 42 84.16 -74.73 -11.20
C ASP F 42 83.86 -74.20 -12.57
N ARG F 43 84.91 -73.80 -13.23
CA ARG F 43 84.79 -73.36 -14.59
C ARG F 43 85.26 -74.47 -15.52
N ASN F 44 85.82 -75.53 -14.92
CA ASN F 44 86.35 -76.70 -15.62
C ASN F 44 87.60 -76.39 -16.42
N LYS F 45 87.61 -75.21 -17.01
CA LYS F 45 88.74 -74.65 -17.70
C LYS F 45 89.97 -74.41 -16.81
N PRO F 46 91.12 -74.83 -17.28
CA PRO F 46 92.37 -74.59 -16.64
C PRO F 46 92.70 -73.12 -16.63
N PHE F 47 93.38 -72.71 -15.59
CA PHE F 47 93.86 -71.36 -15.54
C PHE F 47 95.35 -71.27 -15.93
N LYS F 48 95.66 -70.23 -16.69
CA LYS F 48 96.98 -70.04 -17.28
C LYS F 48 97.55 -68.70 -16.91
N PHE F 49 98.77 -68.70 -16.40
CA PHE F 49 99.39 -67.45 -16.03
C PHE F 49 100.89 -67.42 -16.38
N MET F 50 101.38 -66.34 -16.98
CA MET F 50 102.83 -66.15 -17.14
C MET F 50 103.53 -65.96 -15.79
N LEU F 51 104.68 -66.59 -15.60
CA LEU F 51 105.47 -66.36 -14.39
C LEU F 51 106.35 -65.13 -14.54
N GLY F 52 106.47 -64.41 -13.42
CA GLY F 52 107.28 -63.22 -13.37
C GLY F 52 106.54 -62.02 -13.92
N LYS F 53 105.29 -62.24 -14.29
CA LYS F 53 104.53 -61.17 -14.85
C LYS F 53 103.95 -60.28 -13.76
N GLN F 54 104.08 -60.72 -12.51
CA GLN F 54 103.51 -60.02 -11.34
C GLN F 54 102.04 -59.77 -11.52
N GLU F 55 101.41 -60.72 -12.20
CA GLU F 55 99.99 -60.69 -12.48
C GLU F 55 99.22 -61.40 -11.38
N VAL F 56 99.95 -61.97 -10.43
CA VAL F 56 99.37 -62.85 -9.43
C VAL F 56 99.64 -62.32 -8.06
N ILE F 57 99.03 -62.92 -7.05
CA ILE F 57 99.45 -62.63 -5.67
C ILE F 57 100.87 -63.14 -5.46
N ARG F 58 101.67 -62.44 -4.65
CA ARG F 58 103.11 -62.71 -4.56
C ARG F 58 103.40 -64.14 -4.08
N GLY F 59 102.51 -64.65 -3.23
CA GLY F 59 102.70 -65.98 -2.73
C GLY F 59 102.47 -67.03 -3.80
N TRP F 60 101.57 -66.76 -4.73
CA TRP F 60 101.35 -67.61 -5.89
C TRP F 60 102.59 -67.56 -6.77
N GLU F 61 103.23 -66.40 -6.85
CA GLU F 61 104.42 -66.21 -7.69
C GLU F 61 105.60 -67.02 -7.11
N GLU F 62 105.59 -67.21 -5.78
CA GLU F 62 106.69 -67.88 -5.07
C GLU F 62 106.48 -69.37 -5.00
N GLY F 63 105.30 -69.74 -4.54
CA GLY F 63 104.95 -71.10 -4.35
C GLY F 63 104.80 -71.94 -5.60
N VAL F 64 104.24 -71.37 -6.66
CA VAL F 64 103.97 -72.19 -7.84
C VAL F 64 105.28 -72.55 -8.48
N ALA F 65 106.28 -71.67 -8.29
CA ALA F 65 107.61 -71.91 -8.83
C ALA F 65 108.21 -73.18 -8.22
N GLN F 66 107.81 -73.50 -6.98
CA GLN F 66 108.22 -74.75 -6.30
C GLN F 66 107.70 -75.99 -7.02
N MET F 67 106.53 -75.88 -7.66
CA MET F 67 105.85 -77.04 -8.27
C MET F 67 106.54 -77.65 -9.44
N SER F 68 106.47 -78.97 -9.53
CA SER F 68 106.99 -79.68 -10.65
C SER F 68 105.88 -79.98 -11.62
N VAL F 69 106.23 -80.38 -12.84
CA VAL F 69 105.24 -80.81 -13.85
C VAL F 69 104.43 -82.05 -13.34
N GLY F 70 103.09 -81.99 -13.45
CA GLY F 70 102.12 -83.06 -13.05
C GLY F 70 101.84 -83.08 -11.56
N GLN F 71 102.56 -82.21 -10.84
CA GLN F 71 102.48 -82.11 -9.39
C GLN F 71 101.17 -81.48 -8.94
N ARG F 72 100.64 -81.97 -7.82
CA ARG F 72 99.60 -81.25 -7.03
C ARG F 72 100.23 -80.66 -5.73
N ALA F 73 99.79 -79.46 -5.28
CA ALA F 73 100.42 -78.78 -4.12
C ALA F 73 99.45 -77.92 -3.34
N LYS F 74 99.53 -77.97 -2.02
CA LYS F 74 98.69 -77.14 -1.19
C LYS F 74 99.44 -75.86 -0.81
N LEU F 75 98.80 -74.74 -1.12
CA LEU F 75 99.46 -73.45 -0.88
C LEU F 75 99.00 -72.79 0.33
N THR F 76 99.93 -72.47 1.21
CA THR F 76 99.60 -71.82 2.44
C THR F 76 100.16 -70.41 2.36
N ILE F 77 99.71 -69.67 1.37
CA ILE F 77 100.30 -68.35 1.16
C ILE F 77 99.85 -67.34 2.25
N SER F 78 100.81 -66.59 2.77
CA SER F 78 100.56 -65.55 3.75
C SER F 78 99.81 -64.37 3.12
N PRO F 79 98.92 -63.73 3.90
CA PRO F 79 98.15 -62.59 3.39
C PRO F 79 99.03 -61.46 2.90
N ASP F 80 100.18 -61.29 3.55
CA ASP F 80 101.15 -60.24 3.19
C ASP F 80 101.65 -60.44 1.77
N TYR F 81 101.70 -61.70 1.35
CA TYR F 81 102.04 -62.02 -0.05
C TYR F 81 100.80 -62.07 -0.92
N ALA F 82 99.62 -61.92 -0.32
CA ALA F 82 98.34 -61.92 -1.07
C ALA F 82 97.68 -60.54 -1.06
N TYR F 83 96.36 -60.52 -1.01
CA TYR F 83 95.63 -59.24 -1.00
C TYR F 83 95.87 -58.46 0.27
N GLY F 84 96.21 -59.20 1.32
CA GLY F 84 96.69 -58.65 2.58
C GLY F 84 95.71 -57.78 3.33
N ALA F 85 96.27 -56.71 3.91
CA ALA F 85 95.52 -55.86 4.79
C ALA F 85 94.34 -55.17 4.13
N THR F 86 94.46 -54.89 2.84
CA THR F 86 93.35 -54.38 2.09
C THR F 86 92.25 -55.43 2.02
N GLY F 87 92.70 -56.67 1.96
CA GLY F 87 91.81 -57.73 1.70
C GLY F 87 91.51 -57.74 0.22
N HIS F 88 90.61 -58.61 -0.19
CA HIS F 88 90.17 -58.59 -1.59
C HIS F 88 88.72 -58.14 -1.58
N PRO F 89 88.45 -56.95 -2.12
CA PRO F 89 87.17 -56.31 -2.05
C PRO F 89 86.06 -57.16 -2.50
N GLY F 90 85.27 -57.60 -1.54
CA GLY F 90 84.15 -58.46 -1.81
C GLY F 90 84.47 -59.95 -1.69
N ILE F 91 85.72 -60.28 -1.46
CA ILE F 91 86.11 -61.67 -1.49
C ILE F 91 86.82 -62.10 -0.24
N ILE F 92 88.06 -61.66 -0.15
CA ILE F 92 88.96 -62.10 0.89
C ILE F 92 89.06 -61.07 1.98
N PRO F 93 88.74 -61.46 3.18
CA PRO F 93 88.85 -60.57 4.31
C PRO F 93 90.30 -60.25 4.58
N PRO F 94 90.55 -59.08 5.16
CA PRO F 94 91.90 -58.63 5.51
C PRO F 94 92.70 -59.59 6.47
N HIS F 95 94.00 -59.78 6.22
CA HIS F 95 94.86 -60.67 7.06
C HIS F 95 94.43 -62.07 7.10
N ALA F 96 94.21 -62.57 5.90
CA ALA F 96 93.81 -63.94 5.73
C ALA F 96 94.79 -64.73 4.88
N THR F 97 95.40 -65.74 5.48
CA THR F 97 96.23 -66.70 4.77
C THR F 97 95.39 -67.50 3.81
N LEU F 98 95.90 -67.67 2.62
CA LEU F 98 95.16 -68.42 1.63
C LEU F 98 95.60 -69.82 1.55
N VAL F 99 94.61 -70.66 1.27
CA VAL F 99 94.86 -72.06 1.15
C VAL F 99 94.41 -72.58 -0.21
N PHE F 100 95.36 -73.08 -0.99
CA PHE F 100 95.06 -73.58 -2.34
C PHE F 100 95.33 -75.07 -2.55
N ASP F 101 94.66 -75.68 -3.52
CA ASP F 101 94.86 -77.09 -3.89
C ASP F 101 95.27 -77.12 -5.34
N VAL F 102 96.47 -76.65 -5.61
CA VAL F 102 96.88 -76.46 -6.99
C VAL F 102 97.27 -77.77 -7.64
N GLU F 103 97.10 -77.83 -8.96
CA GLU F 103 97.57 -78.95 -9.71
C GLU F 103 98.04 -78.53 -11.08
N LEU F 104 99.34 -78.40 -11.21
CA LEU F 104 99.91 -78.05 -12.47
C LEU F 104 99.65 -79.16 -13.50
N LEU F 105 99.21 -78.73 -14.69
CA LEU F 105 99.04 -79.64 -15.84
C LEU F 105 100.28 -79.55 -16.71
N LYS F 106 100.59 -78.31 -17.14
CA LYS F 106 101.74 -78.13 -18.04
C LYS F 106 102.33 -76.70 -18.11
N LEU F 107 103.66 -76.61 -18.12
CA LEU F 107 104.37 -75.32 -18.29
C LEU F 107 104.25 -74.97 -19.73
N GLU F 108 104.07 -73.68 -20.01
CA GLU F 108 103.95 -73.23 -21.41
C GLU F 108 104.70 -71.90 -21.61
N GLN G 12 32.12 0.67 -11.13
CA GLN G 12 31.49 0.99 -12.41
C GLN G 12 32.44 1.17 -13.52
N PHE G 13 31.95 0.90 -14.72
CA PHE G 13 32.72 1.06 -15.92
C PHE G 13 33.04 2.51 -16.10
N LEU G 14 34.25 2.73 -16.57
CA LEU G 14 34.70 4.06 -16.97
C LEU G 14 34.84 4.10 -18.48
N ARG G 15 33.96 4.82 -19.14
CA ARG G 15 33.95 4.82 -20.58
C ARG G 15 34.72 5.96 -21.14
N THR G 16 34.94 5.92 -22.45
CA THR G 16 35.51 7.04 -23.17
C THR G 16 34.64 8.28 -23.06
N ASP G 17 35.31 9.44 -23.07
CA ASP G 17 34.65 10.72 -22.97
C ASP G 17 34.00 10.88 -21.65
N ASP G 18 34.84 11.12 -20.66
CA ASP G 18 34.43 11.24 -19.29
C ASP G 18 35.53 11.97 -18.51
N GLU G 19 35.12 12.63 -17.45
CA GLU G 19 36.05 13.37 -16.66
C GLU G 19 36.43 12.63 -15.39
N VAL G 20 37.68 12.20 -15.31
CA VAL G 20 38.19 11.57 -14.10
C VAL G 20 39.65 11.93 -13.88
N VAL G 21 40.00 12.16 -12.64
CA VAL G 21 41.37 12.49 -12.28
C VAL G 21 42.19 11.24 -12.01
N LEU G 22 43.50 11.36 -12.16
CA LEU G 22 44.42 10.33 -11.70
C LEU G 22 44.88 10.52 -10.27
N GLN G 23 44.10 9.96 -9.35
CA GLN G 23 44.47 9.92 -7.90
C GLN G 23 45.45 8.81 -7.54
N CYS G 24 46.76 9.10 -7.51
CA CYS G 24 47.76 8.12 -7.02
C CYS G 24 47.63 8.04 -5.48
N SER G 25 47.90 6.86 -4.92
CA SER G 25 47.99 6.69 -3.48
C SER G 25 49.37 7.16 -3.01
N ALA G 26 49.61 8.47 -3.09
CA ALA G 26 50.94 9.07 -2.92
C ALA G 26 51.24 9.39 -1.44
N THR G 27 51.30 8.39 -0.54
CA THR G 27 51.97 8.64 0.74
C THR G 27 53.43 8.91 0.37
N VAL G 28 54.00 9.89 1.07
CA VAL G 28 55.33 10.35 0.75
C VAL G 28 56.26 9.42 1.58
N LEU G 29 56.30 8.13 1.20
CA LEU G 29 57.16 7.13 1.88
C LEU G 29 57.05 7.16 3.46
N LYS G 30 55.91 7.63 3.98
CA LYS G 30 55.70 7.70 5.44
C LYS G 30 54.27 8.01 5.69
N GLU G 31 53.93 9.27 5.49
CA GLU G 31 52.58 9.73 5.62
C GLU G 31 52.36 10.95 4.71
N GLN G 32 51.07 11.30 4.60
CA GLN G 32 50.07 10.36 4.12
C GLN G 32 49.18 10.78 2.98
N LEU G 33 49.42 11.98 2.45
CA LEU G 33 48.43 12.67 1.64
C LEU G 33 48.01 11.86 0.39
N LYS G 34 46.71 11.93 0.03
CA LYS G 34 46.19 11.17 -1.15
C LYS G 34 46.14 12.06 -2.40
N LEU G 35 47.25 12.77 -2.65
CA LEU G 35 47.33 13.84 -3.69
C LEU G 35 47.12 13.31 -5.12
N CYS G 36 46.29 14.03 -5.86
CA CYS G 36 46.09 13.79 -7.28
C CYS G 36 47.19 14.38 -8.16
N LEU G 37 47.31 13.78 -9.35
CA LEU G 37 48.24 14.25 -10.38
C LEU G 37 47.67 15.57 -10.93
N ALA G 38 48.56 16.52 -11.21
CA ALA G 38 48.12 17.79 -11.68
C ALA G 38 49.24 18.49 -12.40
N ALA G 39 48.80 19.23 -13.42
CA ALA G 39 49.63 20.18 -14.11
C ALA G 39 48.73 21.29 -14.77
N GLU G 40 48.95 22.54 -14.37
CA GLU G 40 47.96 23.63 -14.57
C GLU G 40 47.71 24.02 -16.00
N GLY G 41 48.64 23.67 -16.85
CA GLY G 41 48.39 23.75 -18.25
C GLY G 41 49.16 24.82 -18.94
N PHE G 42 48.53 25.96 -19.15
CA PHE G 42 49.17 27.00 -19.91
C PHE G 42 50.41 27.48 -19.19
N GLY G 43 51.50 27.63 -19.94
CA GLY G 43 52.71 28.18 -19.38
C GLY G 43 53.43 27.26 -18.44
N ASN G 44 53.05 26.02 -18.49
CA ASN G 44 53.49 25.09 -17.49
C ASN G 44 53.52 23.67 -18.06
N ARG G 45 54.49 23.39 -18.93
CA ARG G 45 54.65 22.05 -19.51
C ARG G 45 54.96 21.00 -18.43
N LEU G 46 55.76 21.42 -17.45
CA LEU G 46 56.25 20.52 -16.46
C LEU G 46 55.18 20.03 -15.54
N CYS G 47 55.27 18.75 -15.25
CA CYS G 47 54.35 18.13 -14.34
C CYS G 47 54.70 18.41 -12.86
N PHE G 48 53.67 18.34 -12.01
CA PHE G 48 53.83 18.37 -10.57
C PHE G 48 52.67 17.58 -9.91
N LEU G 49 52.44 17.89 -8.62
CA LEU G 49 51.49 17.14 -7.79
C LEU G 49 50.64 18.08 -6.93
N GLU G 50 49.35 17.81 -6.82
CA GLU G 50 48.49 18.66 -5.99
C GLU G 50 47.64 17.83 -5.03
N PRO G 51 47.40 18.32 -3.78
CA PRO G 51 46.51 17.62 -2.86
C PRO G 51 45.06 17.59 -3.41
N THR G 52 44.30 16.51 -3.14
CA THR G 52 42.83 16.49 -3.30
C THR G 52 42.14 15.70 -2.18
N SER G 53 42.83 15.41 -1.07
CA SER G 53 42.27 14.60 0.00
C SER G 53 42.09 15.34 1.38
N ASN G 54 42.87 16.41 1.63
CA ASN G 54 42.88 17.21 2.90
C ASN G 54 41.61 18.11 2.97
N ALA G 55 40.44 17.50 3.15
CA ALA G 55 39.14 18.23 3.10
C ALA G 55 38.81 18.70 4.48
N GLN G 56 39.54 19.74 4.87
CA GLN G 56 39.43 20.28 6.20
C GLN G 56 39.90 21.76 6.26
N ASN G 57 40.89 22.07 7.13
CA ASN G 57 41.38 23.47 7.30
C ASN G 57 42.31 23.96 6.22
N VAL G 58 42.87 23.01 5.45
CA VAL G 58 43.78 23.33 4.32
C VAL G 58 43.22 22.69 3.01
N PRO G 59 42.17 23.35 2.39
CA PRO G 59 41.48 22.83 1.19
C PRO G 59 42.45 22.80 0.00
N PRO G 60 42.28 21.82 -0.86
CA PRO G 60 43.11 21.51 -2.02
C PRO G 60 42.96 22.48 -3.21
N ASP G 61 43.34 22.02 -4.41
CA ASP G 61 43.12 22.74 -5.67
C ASP G 61 42.63 21.76 -6.78
N LEU G 62 41.35 21.37 -6.70
CA LEU G 62 40.75 20.31 -7.57
C LEU G 62 40.76 20.62 -9.09
N ALA G 63 40.68 21.91 -9.46
CA ALA G 63 40.38 22.31 -10.85
C ALA G 63 41.42 21.89 -11.82
N ILE G 64 42.67 21.86 -11.42
CA ILE G 64 43.75 21.50 -12.34
C ILE G 64 44.01 19.99 -12.53
N CYS G 65 43.36 19.19 -11.71
CA CYS G 65 43.61 17.73 -11.79
C CYS G 65 42.74 17.02 -12.84
N CYS G 66 41.77 17.72 -13.41
CA CYS G 66 40.62 17.09 -14.11
C CYS G 66 41.00 16.56 -15.52
N PHE G 67 41.64 15.40 -15.59
CA PHE G 67 41.99 14.84 -16.87
C PHE G 67 40.75 14.32 -17.55
N THR G 68 40.74 14.41 -18.87
CA THR G 68 39.63 13.89 -19.64
C THR G 68 40.06 12.64 -20.41
N LEU G 69 39.23 11.64 -20.34
CA LEU G 69 39.44 10.43 -21.05
C LEU G 69 39.14 10.63 -22.49
N GLU G 70 39.90 9.94 -23.33
CA GLU G 70 39.81 10.20 -24.76
C GLU G 70 39.80 9.04 -25.70
N GLN G 71 40.90 8.32 -25.76
CA GLN G 71 41.04 7.31 -26.76
C GLN G 71 41.86 6.17 -26.23
N SER G 72 41.17 5.12 -25.80
CA SER G 72 41.83 3.93 -25.26
C SER G 72 41.98 2.92 -26.36
N LEU G 73 42.68 3.32 -27.40
CA LEU G 73 42.86 2.45 -28.54
C LEU G 73 44.01 1.51 -28.35
N SER G 74 43.92 0.42 -29.07
CA SER G 74 44.94 -0.57 -29.07
C SER G 74 46.24 -0.06 -29.57
N VAL G 75 47.22 -0.68 -29.01
CA VAL G 75 48.57 -0.32 -29.28
C VAL G 75 48.87 -0.45 -30.73
N ARG G 76 48.51 -1.62 -31.22
CA ARG G 76 48.75 -1.91 -32.56
C ARG G 76 47.81 -1.05 -33.46
N ALA G 77 46.65 -0.75 -32.93
CA ALA G 77 45.72 0.10 -33.60
C ALA G 77 46.21 1.50 -33.73
N LEU G 78 46.97 1.94 -32.75
CA LEU G 78 47.54 3.22 -32.81
C LEU G 78 48.50 3.35 -33.95
N GLN G 79 49.10 2.24 -34.29
CA GLN G 79 50.17 2.24 -35.26
C GLN G 79 49.71 2.67 -36.64
N GLU G 80 48.47 2.33 -36.97
CA GLU G 80 47.96 2.69 -38.28
C GLU G 80 47.36 4.08 -38.28
N MET G 81 46.80 4.52 -37.17
CA MET G 81 46.34 5.87 -37.10
C MET G 81 47.50 6.83 -37.15
N LEU G 82 48.63 6.39 -36.65
CA LEU G 82 49.84 7.15 -36.85
C LEU G 82 50.21 7.18 -38.32
N ALA G 83 49.80 6.18 -39.06
CA ALA G 83 50.05 6.15 -40.48
C ALA G 83 48.99 6.88 -41.28
N ASN G 84 49.10 8.19 -41.21
CA ASN G 84 48.26 9.07 -41.99
C ASN G 84 48.77 10.51 -41.97
N GLY G 97 32.39 6.84 -30.53
CA GLY G 97 33.16 7.75 -29.73
C GLY G 97 33.07 7.54 -28.22
N HIS G 98 32.26 6.61 -27.73
CA HIS G 98 32.34 6.21 -26.29
C HIS G 98 32.81 4.76 -26.09
N ARG G 99 33.93 4.43 -26.75
CA ARG G 99 34.55 3.11 -26.64
C ARG G 99 34.95 2.87 -25.21
N THR G 100 34.66 1.69 -24.74
CA THR G 100 34.89 1.45 -23.36
C THR G 100 36.37 1.48 -23.10
N LEU G 101 36.77 2.04 -21.96
CA LEU G 101 38.15 1.96 -21.59
C LEU G 101 38.58 0.52 -21.33
N LEU G 102 39.78 0.12 -21.76
CA LEU G 102 40.25 -1.23 -21.49
C LEU G 102 41.71 -1.19 -21.14
N TYR G 103 42.10 -2.12 -20.27
CA TYR G 103 43.49 -2.21 -19.83
C TYR G 103 44.39 -2.52 -20.99
N GLY G 104 45.57 -1.91 -20.93
CA GLY G 104 46.64 -2.18 -21.87
C GLY G 104 46.62 -1.39 -23.14
N HIS G 105 45.60 -0.56 -23.33
CA HIS G 105 45.57 0.30 -24.49
C HIS G 105 46.40 1.51 -24.27
N ALA G 106 46.93 2.05 -25.35
CA ALA G 106 47.43 3.41 -25.29
C ALA G 106 46.23 4.31 -25.13
N ILE G 107 46.42 5.36 -24.33
CA ILE G 107 45.34 6.26 -24.06
C ILE G 107 45.69 7.70 -24.31
N LEU G 108 44.83 8.35 -25.08
CA LEU G 108 44.92 9.76 -25.17
C LEU G 108 44.37 10.38 -23.87
N LEU G 109 44.96 11.49 -23.41
CA LEU G 109 44.56 12.17 -22.13
C LEU G 109 44.73 13.68 -22.25
N ARG G 110 44.17 14.40 -21.30
CA ARG G 110 43.96 15.83 -21.48
C ARG G 110 44.04 16.58 -20.17
N HIS G 111 44.53 17.79 -20.20
CA HIS G 111 44.18 18.79 -19.20
C HIS G 111 43.09 19.66 -19.77
N ALA G 112 41.85 19.44 -19.37
CA ALA G 112 40.65 20.06 -20.03
C ALA G 112 40.71 21.55 -20.04
N HIS G 113 41.39 22.07 -19.04
CA HIS G 113 41.65 23.47 -18.89
C HIS G 113 42.52 24.02 -19.99
N SER G 114 43.45 23.21 -20.51
CA SER G 114 44.43 23.72 -21.45
C SER G 114 44.36 23.02 -22.78
N ARG G 115 43.81 21.80 -22.74
CA ARG G 115 43.87 20.87 -23.83
C ARG G 115 45.29 20.64 -24.27
N MET G 116 46.22 20.74 -23.32
CA MET G 116 47.58 20.32 -23.56
C MET G 116 47.67 18.91 -23.10
N TYR G 117 47.58 18.01 -24.05
CA TYR G 117 47.32 16.67 -23.75
C TYR G 117 48.48 16.12 -22.99
N LEU G 118 48.18 15.28 -22.00
CA LEU G 118 49.18 14.71 -21.15
C LEU G 118 50.22 13.88 -21.92
N SER G 119 51.52 14.04 -21.61
CA SER G 119 52.56 13.39 -22.44
C SER G 119 53.94 13.36 -21.84
N CYS G 120 54.74 12.42 -22.31
CA CYS G 120 56.15 12.42 -22.00
C CYS G 120 56.87 13.42 -22.86
N LEU G 121 57.98 13.95 -22.33
CA LEU G 121 58.83 14.86 -23.07
C LEU G 121 60.25 14.69 -22.67
N THR G 122 61.10 15.10 -23.56
CA THR G 122 62.50 14.81 -23.43
C THR G 122 63.24 15.87 -22.61
N THR G 123 63.29 15.69 -21.31
CA THR G 123 64.02 16.59 -20.40
C THR G 123 64.74 15.86 -19.24
N SER G 124 65.79 16.49 -18.67
CA SER G 124 66.55 15.94 -17.52
C SER G 124 65.93 16.27 -16.16
N ARG G 125 64.78 15.65 -15.84
CA ARG G 125 64.17 15.78 -14.48
C ARG G 125 63.54 14.51 -13.86
N LYS G 130 70.16 9.44 -12.78
CA LYS G 130 68.86 10.05 -13.05
C LYS G 130 68.72 10.25 -14.57
N LEU G 131 68.50 9.15 -15.30
CA LEU G 131 68.20 9.21 -16.76
C LEU G 131 66.76 8.75 -17.06
N ALA G 132 65.73 9.52 -16.71
CA ALA G 132 64.34 9.19 -17.07
C ALA G 132 63.52 10.45 -17.37
N PHE G 133 63.06 10.57 -18.61
CA PHE G 133 62.51 11.85 -19.09
C PHE G 133 61.21 12.21 -18.43
N ASP G 134 61.05 13.49 -18.13
CA ASP G 134 59.88 13.96 -17.40
C ASP G 134 58.63 14.04 -18.28
N VAL G 135 57.50 13.76 -17.68
CA VAL G 135 56.23 13.92 -18.34
C VAL G 135 55.90 15.40 -18.50
N GLY G 136 55.23 15.73 -19.59
CA GLY G 136 54.85 17.09 -19.83
C GLY G 136 53.72 17.31 -20.82
N LEU G 137 53.03 18.43 -20.67
CA LEU G 137 51.79 18.68 -21.37
C LEU G 137 51.91 19.39 -22.67
N GLN G 138 52.07 18.60 -23.69
CA GLN G 138 52.11 19.14 -25.02
C GLN G 138 50.72 19.35 -25.52
N GLU G 139 50.56 20.38 -26.31
CA GLU G 139 49.29 20.70 -26.89
C GLU G 139 48.81 19.64 -27.85
N ASP G 140 49.78 19.11 -28.57
CA ASP G 140 49.51 18.37 -29.75
C ASP G 140 48.83 17.04 -29.53
N ALA G 141 47.92 16.71 -30.43
CA ALA G 141 47.36 15.39 -30.57
C ALA G 141 48.28 14.52 -31.47
N THR G 142 49.39 15.08 -31.94
CA THR G 142 50.38 14.29 -32.66
C THR G 142 51.23 13.38 -31.81
N GLY G 143 51.64 12.29 -32.43
CA GLY G 143 52.73 11.53 -31.94
C GLY G 143 52.41 10.51 -30.87
N GLU G 144 53.38 9.66 -30.68
CA GLU G 144 53.50 8.74 -29.58
C GLU G 144 53.48 9.33 -28.19
N ALA G 145 53.76 10.62 -28.03
CA ALA G 145 53.92 11.24 -26.70
C ALA G 145 52.68 11.19 -25.86
N CYS G 146 51.53 11.31 -26.52
CA CYS G 146 50.26 11.49 -25.86
C CYS G 146 49.44 10.23 -25.69
N TRP G 147 50.12 9.18 -25.32
CA TRP G 147 49.50 7.89 -25.24
C TRP G 147 50.22 7.08 -24.17
N TRP G 148 49.49 6.25 -23.45
CA TRP G 148 50.04 5.58 -22.28
C TRP G 148 49.45 4.21 -22.04
N THR G 149 50.15 3.17 -22.46
CA THR G 149 49.64 1.82 -22.29
C THR G 149 49.57 1.39 -20.81
N MET G 150 48.49 0.73 -20.40
CA MET G 150 48.38 0.31 -19.00
C MET G 150 48.83 -1.12 -18.73
N HIS G 151 49.61 -1.32 -17.66
CA HIS G 151 50.05 -2.66 -17.25
C HIS G 151 49.75 -2.97 -15.81
N PRO G 152 48.45 -3.32 -15.53
CA PRO G 152 48.03 -3.55 -14.17
C PRO G 152 48.77 -4.72 -13.53
N ALA G 153 49.08 -4.54 -12.25
CA ALA G 153 49.77 -5.55 -11.46
C ALA G 153 48.86 -6.75 -11.23
N SER G 154 47.54 -6.53 -11.24
CA SER G 154 46.61 -7.63 -11.03
C SER G 154 46.40 -8.36 -12.33
N LYS G 155 46.79 -9.63 -12.35
CA LYS G 155 46.56 -10.47 -13.50
C LYS G 155 45.06 -10.76 -13.62
N GLN G 156 44.35 -10.67 -12.47
CA GLN G 156 42.88 -10.78 -12.40
C GLN G 156 42.22 -9.78 -13.36
N ARG G 157 42.87 -8.64 -13.50
CA ARG G 157 42.47 -7.61 -14.46
C ARG G 157 43.52 -7.51 -15.56
N SER G 158 43.56 -8.54 -16.40
CA SER G 158 44.54 -8.62 -17.51
C SER G 158 44.33 -7.49 -18.52
N GLU G 159 45.38 -7.12 -19.23
CA GLU G 159 45.28 -6.05 -20.22
C GLU G 159 44.29 -6.47 -21.26
N GLY G 160 43.46 -5.53 -21.65
CA GLY G 160 42.28 -5.84 -22.37
C GLY G 160 41.17 -6.26 -21.40
N GLU G 161 40.82 -5.35 -20.50
CA GLU G 161 39.69 -5.57 -19.56
C GLU G 161 39.13 -4.20 -19.14
N LYS G 162 37.81 -4.16 -18.93
CA LYS G 162 37.15 -2.88 -18.67
C LYS G 162 37.64 -2.25 -17.36
N VAL G 163 37.91 -0.94 -17.38
CA VAL G 163 38.38 -0.22 -16.17
C VAL G 163 37.21 -0.07 -15.22
N ARG G 164 37.48 -0.30 -13.96
CA ARG G 164 36.52 -0.04 -12.92
C ARG G 164 36.91 1.22 -12.24
N VAL G 165 35.94 1.82 -11.55
CA VAL G 165 36.18 3.06 -10.83
C VAL G 165 37.29 2.88 -9.76
N GLY G 166 38.25 3.81 -9.73
CA GLY G 166 39.28 3.83 -8.70
C GLY G 166 40.40 2.81 -8.87
N ASP G 167 40.44 2.12 -10.00
CA ASP G 167 41.41 1.06 -10.22
C ASP G 167 42.87 1.53 -10.29
N ASP G 168 43.73 0.75 -9.66
CA ASP G 168 45.18 0.96 -9.73
C ASP G 168 45.74 0.56 -11.03
N LEU G 169 46.72 1.33 -11.48
CA LEU G 169 47.38 1.05 -12.73
C LEU G 169 48.71 1.75 -12.89
N ILE G 170 49.63 1.15 -13.67
CA ILE G 170 50.93 1.74 -14.01
C ILE G 170 51.01 2.07 -15.49
N LEU G 171 50.89 3.36 -15.78
CA LEU G 171 51.01 3.83 -17.13
C LEU G 171 52.41 3.68 -17.61
N VAL G 172 52.49 3.38 -18.90
CA VAL G 172 53.73 3.13 -19.55
C VAL G 172 53.76 3.94 -20.83
N SER G 173 54.85 4.64 -21.02
CA SER G 173 54.94 5.46 -22.17
C SER G 173 54.95 4.64 -23.40
N VAL G 174 54.23 5.15 -24.40
CA VAL G 174 54.31 4.64 -25.74
C VAL G 174 55.51 5.32 -26.43
N SER G 175 55.88 6.49 -25.91
CA SER G 175 56.87 7.33 -26.53
C SER G 175 58.31 6.97 -26.14
N SER G 176 58.67 7.30 -24.91
CA SER G 176 59.99 6.99 -24.34
C SER G 176 60.02 5.57 -23.77
N GLU G 177 58.85 4.93 -23.81
CA GLU G 177 58.64 3.61 -23.27
C GLU G 177 58.94 3.50 -21.75
N ARG G 178 58.97 4.62 -21.04
CA ARG G 178 59.14 4.60 -19.60
C ARG G 178 57.84 4.26 -18.90
N TYR G 179 57.95 3.70 -17.70
CA TYR G 179 56.78 3.51 -16.83
C TYR G 179 56.47 4.87 -16.22
N LEU G 180 55.21 5.18 -15.96
CA LEU G 180 54.89 6.39 -15.24
C LEU G 180 55.30 6.24 -13.78
N HIS G 181 55.79 7.32 -13.18
CA HIS G 181 56.17 7.26 -11.79
C HIS G 181 56.18 8.57 -10.97
N LEU G 182 55.98 8.40 -9.65
CA LEU G 182 56.01 9.47 -8.65
C LEU G 182 57.39 9.54 -7.92
N SER G 183 58.28 10.46 -8.34
CA SER G 183 59.66 10.58 -7.77
C SER G 183 59.67 11.37 -6.43
N THR G 184 59.65 10.61 -5.33
CA THR G 184 59.64 11.18 -3.97
C THR G 184 61.06 11.23 -3.43
N LEU G 189 56.00 17.11 -4.98
CA LEU G 189 57.35 16.50 -5.11
C LEU G 189 57.65 16.08 -6.57
N GLN G 190 58.86 15.57 -6.89
CA GLN G 190 59.32 15.32 -8.32
C GLN G 190 58.42 14.31 -9.06
N VAL G 191 58.12 14.60 -10.32
CA VAL G 191 57.37 13.66 -11.14
C VAL G 191 58.29 13.10 -12.24
N ASP G 192 58.22 11.80 -12.55
CA ASP G 192 59.11 11.23 -13.58
C ASP G 192 58.57 9.99 -14.26
N ALA G 193 58.86 9.84 -15.54
CA ALA G 193 58.61 8.62 -16.23
C ALA G 193 59.84 7.76 -16.12
N SER G 194 59.84 6.88 -15.15
CA SER G 194 60.99 6.04 -14.84
C SER G 194 60.58 4.56 -14.90
N PHE G 195 61.52 3.65 -14.66
CA PHE G 195 61.21 2.19 -14.66
C PHE G 195 60.64 1.66 -13.35
N MET G 196 60.56 2.59 -12.43
CA MET G 196 59.88 2.37 -11.18
C MET G 196 58.38 2.57 -11.45
N GLN G 197 57.53 1.90 -10.66
CA GLN G 197 56.10 1.84 -11.00
C GLN G 197 55.09 2.24 -9.91
N THR G 198 54.77 3.54 -9.91
CA THR G 198 53.65 4.11 -9.15
C THR G 198 52.29 3.71 -9.75
N LEU G 199 51.34 3.40 -8.89
CA LEU G 199 49.95 3.19 -9.31
C LEU G 199 49.19 4.50 -9.42
N TRP G 200 48.11 4.49 -10.20
CA TRP G 200 47.36 5.70 -10.44
C TRP G 200 45.87 5.46 -10.57
N ASN G 201 45.08 5.80 -9.55
CA ASN G 201 43.63 5.56 -9.59
C ASN G 201 42.88 6.50 -10.49
N MET G 202 41.80 6.06 -11.11
CA MET G 202 40.89 6.98 -11.83
C MET G 202 39.73 7.36 -10.99
N ASN G 203 39.93 8.39 -10.20
CA ASN G 203 38.87 8.92 -9.38
C ASN G 203 37.83 9.67 -10.23
N PRO G 204 36.53 9.30 -10.12
CA PRO G 204 35.41 9.90 -10.85
C PRO G 204 35.20 11.36 -10.50
N ILE G 205 34.80 12.13 -11.49
CA ILE G 205 34.35 13.51 -11.29
C ILE G 205 32.93 13.69 -11.94
N CYS G 206 32.81 13.60 -13.28
CA CYS G 206 31.51 13.78 -14.00
C CYS G 206 31.43 12.98 -15.27
N SER G 207 30.20 12.70 -15.68
CA SER G 207 29.91 11.85 -16.81
C SER G 207 28.78 12.45 -17.52
N CYS G 208 29.16 13.27 -18.48
CA CYS G 208 28.22 13.79 -19.43
C CYS G 208 27.15 14.65 -18.76
N CYS G 209 27.52 15.89 -18.43
CA CYS G 209 26.61 16.88 -17.85
C CYS G 209 25.53 17.21 -18.86
N GLU G 210 24.31 17.36 -18.38
CA GLU G 210 23.24 17.81 -19.25
C GLU G 210 22.94 19.27 -19.05
N GLU G 211 22.50 19.93 -20.11
CA GLU G 211 22.12 21.33 -20.00
C GLU G 211 20.89 21.43 -19.09
N GLY G 212 20.83 22.51 -18.32
CA GLY G 212 19.73 22.67 -17.39
C GLY G 212 19.93 21.91 -16.11
N TYR G 213 21.13 21.34 -15.94
CA TYR G 213 21.45 20.48 -14.82
C TYR G 213 22.82 20.80 -14.26
N VAL G 214 22.80 21.56 -13.17
CA VAL G 214 23.99 22.14 -12.61
C VAL G 214 24.98 21.12 -12.06
N THR G 215 26.27 21.43 -12.20
CA THR G 215 27.34 20.54 -11.68
C THR G 215 28.45 21.30 -10.96
N GLY G 216 29.11 20.62 -10.02
CA GLY G 216 30.29 21.21 -9.33
C GLY G 216 31.58 20.99 -10.10
N GLY G 217 32.65 21.68 -9.70
CA GLY G 217 33.93 21.66 -10.41
C GLY G 217 33.71 22.39 -11.70
N HIS G 218 32.63 23.19 -11.74
CA HIS G 218 32.02 23.65 -13.01
C HIS G 218 31.48 25.05 -12.80
N VAL G 219 32.14 26.01 -13.38
CA VAL G 219 31.91 27.42 -13.07
C VAL G 219 30.56 27.86 -13.59
N LEU G 220 29.95 28.75 -12.83
CA LEU G 220 28.73 29.36 -13.25
C LEU G 220 28.48 30.65 -12.48
N ARG G 221 27.82 31.61 -13.12
CA ARG G 221 27.41 32.86 -12.44
C ARG G 221 26.29 32.72 -11.34
N LEU G 222 26.36 33.50 -10.26
CA LEU G 222 25.30 33.55 -9.20
C LEU G 222 24.53 34.86 -9.33
N PHE G 223 23.46 34.75 -10.08
CA PHE G 223 22.68 35.91 -10.48
C PHE G 223 21.92 36.67 -9.35
N HIS G 224 21.71 37.98 -9.49
CA HIS G 224 20.74 38.72 -8.67
C HIS G 224 19.51 39.24 -9.47
N GLY G 225 19.54 39.07 -10.77
CA GLY G 225 18.47 39.60 -11.65
C GLY G 225 18.95 40.76 -12.51
N GLU G 229 22.32 41.03 -13.67
CA GLU G 229 22.92 41.36 -12.37
C GLU G 229 23.24 40.11 -11.57
N CYS G 230 24.44 40.03 -10.98
CA CYS G 230 24.91 38.80 -10.35
C CYS G 230 26.00 39.00 -9.35
N LEU G 231 26.26 37.97 -8.57
CA LEU G 231 27.29 38.04 -7.57
C LEU G 231 28.69 38.26 -8.15
N THR G 232 29.47 39.09 -7.47
CA THR G 232 30.82 39.48 -7.88
C THR G 232 31.63 40.18 -6.77
N ILE G 233 32.92 40.45 -7.01
CA ILE G 233 33.80 41.15 -6.05
C ILE G 233 34.69 42.18 -6.74
N SER G 234 35.25 43.16 -6.01
CA SER G 234 35.87 44.35 -6.65
C SER G 234 37.06 43.99 -7.48
N ALA G 235 37.15 44.60 -8.65
CA ALA G 235 38.16 44.25 -9.62
C ALA G 235 39.51 44.92 -9.38
N ALA G 236 39.58 45.77 -8.37
CA ALA G 236 40.79 46.51 -8.05
C ALA G 236 42.01 45.58 -7.85
N ASP G 237 41.77 44.42 -7.23
CA ASP G 237 42.82 43.48 -6.86
C ASP G 237 43.99 44.19 -6.15
N SER G 238 43.67 45.13 -5.26
CA SER G 238 44.67 46.00 -4.61
C SER G 238 44.83 45.64 -3.11
N ASP G 239 45.11 46.69 -2.33
CA ASP G 239 45.29 46.56 -0.89
C ASP G 239 43.99 46.05 -0.27
N ASP G 240 42.86 46.42 -0.90
CA ASP G 240 41.54 45.86 -0.63
C ASP G 240 41.49 44.49 -1.29
N GLN G 241 41.78 43.41 -0.53
CA GLN G 241 42.10 42.12 -1.14
C GLN G 241 40.82 41.44 -1.64
N ARG G 242 40.03 42.21 -2.38
CA ARG G 242 38.78 41.79 -3.01
C ARG G 242 37.85 41.17 -1.98
N ARG G 243 38.02 41.62 -0.76
CA ARG G 243 37.26 41.09 0.36
C ARG G 243 35.79 41.51 0.30
N LEU G 244 35.56 42.69 -0.27
CA LEU G 244 34.23 43.24 -0.47
C LEU G 244 33.42 42.33 -1.39
N VAL G 245 32.13 42.15 -1.10
CA VAL G 245 31.32 41.25 -1.91
C VAL G 245 29.98 41.83 -2.32
N TYR G 246 29.71 41.90 -3.62
CA TYR G 246 28.57 42.69 -4.13
C TYR G 246 27.83 41.99 -5.22
N TYR G 247 26.49 42.02 -5.20
CA TYR G 247 25.75 41.79 -6.42
C TYR G 247 25.89 43.04 -7.28
N GLU G 248 25.90 42.85 -8.59
CA GLU G 248 26.03 43.98 -9.48
C GLU G 248 25.57 43.66 -10.91
N GLY G 249 24.91 44.64 -11.53
CA GLY G 249 24.38 44.51 -12.90
C GLY G 249 25.31 45.03 -13.97
N GLY G 250 24.82 44.98 -15.20
CA GLY G 250 25.58 45.38 -16.36
C GLY G 250 26.75 44.47 -16.74
N ALA G 251 27.80 45.07 -17.26
CA ALA G 251 28.90 44.33 -17.91
C ALA G 251 29.76 43.58 -16.92
N VAL G 252 29.65 43.87 -15.63
CA VAL G 252 30.35 43.10 -14.60
C VAL G 252 29.95 41.62 -14.66
N CYS G 253 28.75 41.36 -15.14
CA CYS G 253 28.27 40.01 -15.30
C CYS G 253 29.14 39.22 -16.28
N THR G 254 29.65 39.89 -17.31
CA THR G 254 30.60 39.27 -18.23
C THR G 254 31.92 39.05 -17.58
N HIS G 255 32.22 39.83 -16.53
CA HIS G 255 33.51 39.80 -15.90
C HIS G 255 33.79 38.54 -15.19
N ALA G 256 35.09 38.25 -15.14
CA ALA G 256 35.50 36.97 -14.60
C ALA G 256 35.33 36.93 -13.15
N ARG G 257 35.44 38.12 -12.60
CA ARG G 257 35.24 38.31 -11.21
C ARG G 257 33.82 37.84 -10.75
N SER G 258 32.83 37.88 -11.65
CA SER G 258 31.51 37.35 -11.37
C SER G 258 31.37 35.91 -11.85
N LEU G 259 32.32 35.07 -11.44
CA LEU G 259 32.26 33.63 -11.79
C LEU G 259 32.69 32.81 -10.63
N TRP G 260 32.09 31.63 -10.49
CA TRP G 260 32.30 30.86 -9.28
C TRP G 260 32.39 29.39 -9.55
N ARG G 261 33.50 28.77 -9.16
CA ARG G 261 33.69 27.32 -9.33
C ARG G 261 33.24 26.55 -8.10
N LEU G 262 32.01 26.08 -8.12
CA LEU G 262 31.47 25.35 -6.97
C LEU G 262 32.19 23.94 -6.84
N GLU G 263 32.50 23.54 -5.61
CA GLU G 263 32.98 22.16 -5.29
C GLU G 263 32.05 21.47 -4.23
N PRO G 264 31.18 20.49 -4.70
CA PRO G 264 30.35 19.71 -3.76
C PRO G 264 31.20 19.00 -2.70
N LEU G 265 30.75 18.89 -1.45
CA LEU G 265 31.59 18.32 -0.40
C LEU G 265 31.77 16.83 -0.64
N ARG G 266 32.49 16.54 -1.72
CA ARG G 266 32.81 15.19 -2.16
C ARG G 266 34.14 15.35 -2.95
N ILE G 267 34.96 14.32 -2.97
CA ILE G 267 36.13 14.30 -3.85
C ILE G 267 35.76 13.44 -5.10
N SER G 268 35.26 12.22 -4.91
CA SER G 268 34.68 11.44 -6.03
C SER G 268 33.38 12.03 -6.47
N TRP G 269 33.19 12.00 -7.79
CA TRP G 269 32.00 12.54 -8.44
C TRP G 269 31.72 13.96 -8.03
N SER G 270 32.77 14.77 -7.92
CA SER G 270 32.61 16.20 -7.60
C SER G 270 31.78 16.89 -8.68
N GLY G 271 31.94 16.38 -9.89
CA GLY G 271 31.27 16.93 -11.01
C GLY G 271 29.89 16.34 -11.27
N SER G 272 29.48 15.37 -10.47
CA SER G 272 28.18 14.83 -10.63
C SER G 272 27.11 15.96 -10.36
N HIS G 273 25.95 15.82 -11.00
CA HIS G 273 24.93 16.90 -11.07
C HIS G 273 24.46 17.33 -9.68
N LEU G 274 24.37 18.63 -9.46
CA LEU G 274 24.03 19.16 -8.14
C LEU G 274 22.53 19.07 -7.79
N ARG G 275 22.31 19.02 -6.49
CA ARG G 275 21.01 19.08 -5.86
C ARG G 275 20.78 20.37 -5.06
N TRP G 276 19.53 20.73 -4.79
CA TRP G 276 19.20 21.90 -3.94
C TRP G 276 19.23 21.44 -2.50
N GLY G 277 20.41 21.10 -2.04
CA GLY G 277 20.55 20.58 -0.71
C GLY G 277 21.88 19.98 -0.41
N GLN G 278 22.46 19.30 -1.36
CA GLN G 278 23.69 18.71 -1.11
C GLN G 278 24.78 19.77 -0.89
N PRO G 279 25.63 19.51 0.10
CA PRO G 279 26.59 20.45 0.63
C PRO G 279 27.71 20.75 -0.34
N LEU G 280 28.28 21.95 -0.33
CA LEU G 280 29.32 22.26 -1.30
C LEU G 280 30.31 23.38 -0.92
N ARG G 281 31.60 23.21 -1.30
CA ARG G 281 32.65 24.26 -1.25
C ARG G 281 32.44 25.32 -2.35
N ILE G 282 32.93 26.54 -2.15
CA ILE G 282 32.81 27.59 -3.17
C ILE G 282 34.15 28.25 -3.40
N ARG G 283 34.92 27.62 -4.25
CA ARG G 283 36.13 28.24 -4.75
C ARG G 283 35.82 29.45 -5.67
N HIS G 284 36.53 30.56 -5.48
CA HIS G 284 36.47 31.68 -6.42
C HIS G 284 37.29 31.32 -7.64
N VAL G 285 36.95 31.91 -8.76
CA VAL G 285 37.60 31.57 -9.93
C VAL G 285 38.76 32.53 -10.20
N THR G 286 38.48 33.83 -10.24
CA THR G 286 39.49 34.80 -10.63
C THR G 286 40.72 34.87 -9.69
N THR G 287 40.52 34.66 -8.41
CA THR G 287 41.62 34.63 -7.44
C THR G 287 41.81 33.27 -6.82
N GLY G 288 40.90 32.34 -7.11
CA GLY G 288 41.08 30.95 -6.70
C GLY G 288 40.69 30.73 -5.26
N ARG G 289 40.29 31.79 -4.59
CA ARG G 289 40.04 31.71 -3.15
C ARG G 289 38.79 30.90 -2.83
N TYR G 290 38.87 30.06 -1.78
CA TYR G 290 37.65 29.46 -1.25
C TYR G 290 36.85 30.50 -0.50
N LEU G 291 35.54 30.53 -0.71
CA LEU G 291 34.71 31.31 0.14
C LEU G 291 34.58 30.47 1.46
N ALA G 292 34.31 31.16 2.56
CA ALA G 292 34.26 30.50 3.91
C ALA G 292 33.43 31.33 4.93
N LEU G 293 33.12 30.77 6.10
CA LEU G 293 32.27 31.44 7.08
C LEU G 293 33.04 32.50 7.89
N THR G 294 33.21 33.68 7.28
CA THR G 294 33.54 34.91 8.02
C THR G 294 32.16 35.56 8.31
N GLU G 295 31.57 35.26 9.48
CA GLU G 295 30.26 35.88 9.84
C GLU G 295 30.44 37.39 10.04
N ASP G 296 31.68 37.85 10.31
CA ASP G 296 32.06 39.29 10.17
C ASP G 296 31.87 39.76 8.69
N GLN G 297 31.40 40.98 8.49
CA GLN G 297 30.99 41.50 7.15
C GLN G 297 29.91 40.59 6.52
N GLY G 298 29.10 39.94 7.36
CA GLY G 298 28.09 39.00 6.94
C GLY G 298 28.71 37.83 6.27
N LEU G 299 28.97 38.00 4.99
CA LEU G 299 29.72 37.03 4.26
C LEU G 299 30.61 37.69 3.24
N VAL G 300 31.86 37.24 3.15
CA VAL G 300 32.89 37.84 2.31
C VAL G 300 33.93 36.84 1.89
N VAL G 301 34.66 37.21 0.86
CA VAL G 301 35.79 36.45 0.38
C VAL G 301 36.88 36.30 1.45
N VAL G 302 37.57 35.17 1.43
CA VAL G 302 38.72 34.96 2.29
C VAL G 302 39.84 34.27 1.54
N ASP G 303 41.07 34.38 2.01
CA ASP G 303 42.18 33.70 1.31
C ASP G 303 41.99 32.14 1.35
N ALA G 304 42.45 31.44 0.33
CA ALA G 304 42.45 29.96 0.32
C ALA G 304 43.53 29.43 1.26
N CYS G 305 43.39 29.77 2.53
CA CYS G 305 44.25 29.25 3.61
C CYS G 305 43.38 29.15 4.89
N LYS G 306 42.67 30.24 5.26
CA LYS G 306 41.65 30.22 6.37
C LYS G 306 40.51 29.31 5.97
N ALA G 307 40.23 29.09 4.68
CA ALA G 307 38.99 28.45 4.26
C ALA G 307 38.90 27.06 4.82
N HIS G 308 37.70 26.72 5.25
CA HIS G 308 37.50 25.45 5.89
C HIS G 308 36.46 24.69 5.11
N THR G 309 36.55 23.36 5.11
CA THR G 309 35.48 22.51 4.56
C THR G 309 34.15 22.74 5.31
N LYS G 310 34.23 23.00 6.62
CA LYS G 310 33.09 23.39 7.47
C LYS G 310 32.56 24.78 7.18
N ALA G 311 33.49 25.73 7.09
CA ALA G 311 33.15 27.13 6.97
C ALA G 311 32.56 27.42 5.59
N THR G 312 32.88 26.57 4.62
CA THR G 312 32.39 26.75 3.27
C THR G 312 31.14 25.95 3.01
N SER G 313 30.59 25.29 4.03
CA SER G 313 29.54 24.31 3.81
C SER G 313 28.24 24.95 3.34
N PHE G 314 28.28 25.70 2.25
CA PHE G 314 27.08 26.25 1.64
C PHE G 314 26.35 25.18 0.81
N CYS G 315 25.04 25.36 0.67
CA CYS G 315 24.27 24.45 -0.15
C CYS G 315 23.02 25.13 -0.66
N PHE G 316 22.51 24.63 -1.78
CA PHE G 316 21.35 25.24 -2.46
C PHE G 316 20.02 24.92 -1.78
N ARG G 317 19.02 25.75 -1.97
CA ARG G 317 17.65 25.46 -1.55
C ARG G 317 16.67 26.11 -2.54
N VAL G 318 15.53 25.43 -2.71
CA VAL G 318 14.42 25.89 -3.60
C VAL G 318 13.81 27.24 -3.18
N SER G 319 13.72 27.44 -1.87
CA SER G 319 13.12 28.67 -1.28
C SER G 319 13.62 28.78 0.17
N LYS G 320 13.32 29.90 0.84
CA LYS G 320 13.79 30.07 2.21
C LYS G 320 13.10 29.03 3.08
N GLU G 321 13.78 27.90 3.31
CA GLU G 321 13.25 26.81 4.11
C GLU G 321 14.40 26.09 4.82
N LYS G 322 14.12 25.72 6.06
CA LYS G 322 15.11 25.31 7.07
C LYS G 322 15.26 23.79 7.20
N LEU G 323 14.69 23.03 6.26
CA LEU G 323 14.46 21.58 6.46
C LEU G 323 15.72 20.82 6.94
N LYS G 328 19.34 11.27 0.53
CA LYS G 328 20.54 10.67 1.10
C LYS G 328 21.80 11.29 0.49
N ARG G 329 22.96 10.98 1.06
CA ARG G 329 24.24 11.57 0.59
C ARG G 329 25.43 10.65 0.82
N ASP G 330 26.52 11.08 0.13
CA ASP G 330 26.50 11.31 -1.34
C ASP G 330 25.75 10.37 -2.32
N VAL G 331 25.14 10.93 -3.37
CA VAL G 331 24.52 10.11 -4.45
C VAL G 331 25.52 9.85 -5.62
N GLU G 332 26.47 8.90 -5.44
CA GLU G 332 27.56 8.62 -6.42
C GLU G 332 27.09 7.80 -7.65
N GLY G 333 27.87 7.91 -8.74
CA GLY G 333 27.62 7.14 -9.93
C GLY G 333 27.08 7.92 -11.08
N MET G 334 26.56 9.11 -10.81
CA MET G 334 26.28 10.09 -11.85
C MET G 334 25.82 11.41 -11.29
N GLY G 335 25.07 11.34 -10.19
CA GLY G 335 24.51 12.51 -9.59
C GLY G 335 23.31 12.94 -10.38
N PRO G 336 22.13 12.89 -9.77
CA PRO G 336 20.93 13.07 -10.57
C PRO G 336 20.76 14.47 -11.11
N PRO G 337 20.23 14.58 -12.32
CA PRO G 337 19.97 15.91 -12.89
C PRO G 337 18.92 16.66 -12.09
N GLU G 338 19.07 17.98 -11.91
CA GLU G 338 18.07 18.82 -11.22
C GLU G 338 18.08 20.31 -11.62
N ILE G 339 18.92 21.08 -10.95
CA ILE G 339 18.84 22.53 -11.04
C ILE G 339 19.24 23.05 -12.40
N LYS G 340 18.46 24.01 -12.88
CA LYS G 340 18.62 24.57 -14.20
C LYS G 340 19.90 25.41 -14.41
N TYR G 341 20.47 25.32 -15.60
CA TYR G 341 21.36 26.38 -16.10
C TYR G 341 20.53 27.50 -16.75
N GLY G 342 19.79 28.22 -15.94
CA GLY G 342 18.94 29.31 -16.45
C GLY G 342 17.82 29.70 -15.49
N GLU G 343 16.62 29.32 -15.85
CA GLU G 343 15.37 29.80 -15.24
C GLU G 343 15.19 29.57 -13.73
N SER G 344 15.56 28.40 -13.24
CA SER G 344 15.24 28.03 -11.86
C SER G 344 16.04 28.85 -10.82
N LEU G 345 15.38 29.30 -9.75
CA LEU G 345 16.09 29.85 -8.56
C LEU G 345 16.61 28.80 -7.64
N CYS G 346 17.70 29.11 -7.00
CA CYS G 346 18.13 28.41 -5.84
C CYS G 346 18.82 29.36 -4.91
N PHE G 347 18.45 29.31 -3.64
CA PHE G 347 19.16 30.13 -2.66
C PHE G 347 20.05 29.26 -1.82
N VAL G 348 21.19 29.84 -1.48
CA VAL G 348 22.26 29.12 -0.83
C VAL G 348 22.16 29.26 0.69
N GLN G 349 21.45 28.33 1.34
CA GLN G 349 21.51 28.25 2.82
C GLN G 349 22.90 27.71 3.26
N HIS G 350 23.47 28.33 4.30
CA HIS G 350 24.76 27.89 4.82
C HIS G 350 24.53 26.85 5.90
N VAL G 351 25.55 26.04 6.22
CA VAL G 351 25.44 25.04 7.28
C VAL G 351 26.17 25.45 8.57
N ALA G 352 27.44 25.88 8.52
CA ALA G 352 28.23 26.20 9.78
C ALA G 352 27.63 27.27 10.64
N SER G 353 27.04 28.28 9.98
CA SER G 353 26.29 29.34 10.65
C SER G 353 24.80 29.08 10.49
N GLY G 354 24.40 28.50 9.36
CA GLY G 354 22.98 28.23 9.06
C GLY G 354 22.30 29.43 8.43
N LEU G 355 23.07 30.52 8.33
CA LEU G 355 22.55 31.76 7.85
C LEU G 355 22.32 31.69 6.33
N TRP G 356 21.21 32.29 5.87
CA TRP G 356 20.97 32.50 4.44
C TRP G 356 21.83 33.65 3.89
N LEU G 357 22.28 33.47 2.66
CA LEU G 357 22.94 34.55 1.95
C LEU G 357 21.89 35.59 1.49
N THR G 358 22.28 36.86 1.51
CA THR G 358 21.43 37.94 0.99
C THR G 358 22.22 39.26 0.89
N TYR G 359 21.78 40.15 0.02
CA TYR G 359 22.37 41.50 -0.04
C TYR G 359 22.12 42.29 1.25
N ALA G 360 23.14 43.02 1.71
CA ALA G 360 23.06 43.78 2.97
C ALA G 360 22.02 44.90 2.92
N ALA G 361 21.75 45.47 1.73
CA ALA G 361 20.69 46.55 1.55
C ALA G 361 20.33 46.85 0.08
N VAL G 371 28.65 52.63 -4.98
CA VAL G 371 27.46 53.42 -5.24
C VAL G 371 26.21 52.54 -5.21
N LEU G 372 26.01 51.71 -6.26
CA LEU G 372 24.86 50.75 -6.35
C LEU G 372 25.19 49.47 -5.62
N LYS G 373 26.39 49.43 -5.05
CA LYS G 373 27.01 48.20 -4.65
C LYS G 373 26.23 47.61 -3.48
N LYS G 374 25.10 46.97 -3.80
CA LYS G 374 24.46 46.11 -2.83
C LYS G 374 25.42 44.96 -2.51
N LYS G 375 25.42 44.54 -1.26
CA LYS G 375 26.39 43.56 -0.78
C LYS G 375 25.85 42.16 -1.00
N ALA G 376 26.45 41.22 -0.26
CA ALA G 376 25.98 39.85 -0.17
C ALA G 376 26.43 39.24 1.20
N ILE G 377 25.52 39.07 2.16
CA ILE G 377 25.88 38.66 3.50
C ILE G 377 24.97 37.56 4.06
N LEU G 378 25.51 36.78 4.99
CA LEU G 378 24.75 35.70 5.65
C LEU G 378 23.88 36.16 6.92
N HIS G 379 22.54 36.03 6.84
CA HIS G 379 21.57 36.03 8.03
C HIS G 379 20.20 35.42 7.52
N GLN G 380 19.30 35.02 8.43
CA GLN G 380 18.13 34.09 8.07
C GLN G 380 17.13 34.61 7.03
N GLU G 381 16.98 35.92 6.95
CA GLU G 381 15.97 36.49 6.13
C GLU G 381 16.52 37.16 4.92
N GLY G 382 17.02 38.39 5.11
CA GLY G 382 17.24 39.32 4.01
C GLY G 382 15.93 39.60 3.33
N HIS G 383 15.77 39.33 2.02
CA HIS G 383 14.45 39.41 1.35
C HIS G 383 14.26 38.28 0.30
N MET G 384 13.01 38.04 -0.12
CA MET G 384 12.70 37.05 -1.15
C MET G 384 13.15 37.59 -2.51
N ASP G 385 14.46 37.63 -2.75
CA ASP G 385 15.01 38.20 -3.99
C ASP G 385 16.55 38.01 -4.12
N ASP G 386 17.12 36.94 -3.51
CA ASP G 386 18.56 36.55 -3.75
C ASP G 386 18.68 36.27 -5.31
N ALA G 387 17.57 35.81 -5.91
CA ALA G 387 17.36 35.71 -7.40
C ALA G 387 18.52 34.94 -8.10
N LEU G 388 19.05 33.87 -7.49
CA LEU G 388 20.20 33.11 -8.08
C LEU G 388 19.69 32.11 -9.13
N PHE G 389 19.19 32.62 -10.25
CA PHE G 389 18.78 31.79 -11.36
C PHE G 389 20.04 31.37 -12.13
N LEU G 390 20.68 30.33 -11.63
CA LEU G 390 22.02 29.92 -12.05
C LEU G 390 22.14 29.55 -13.52
N THR G 391 23.26 29.90 -14.14
CA THR G 391 23.54 29.56 -15.55
C THR G 391 25.04 29.27 -15.77
N ARG G 392 25.35 28.23 -16.55
CA ARG G 392 26.73 27.76 -16.68
C ARG G 392 27.61 28.78 -17.38
N CYS G 393 28.84 28.85 -16.92
CA CYS G 393 29.85 29.64 -17.55
C CYS G 393 30.33 29.00 -18.86
N GLN G 394 30.73 29.82 -19.83
CA GLN G 394 31.30 29.33 -21.08
C GLN G 394 32.65 28.80 -20.88
N GLN G 395 32.92 27.79 -21.69
CA GLN G 395 34.17 27.09 -21.69
C GLN G 395 35.34 28.04 -21.64
N GLU G 396 35.27 28.93 -22.59
CA GLU G 396 36.41 29.66 -22.90
C GLU G 396 36.60 30.65 -21.76
N GLU G 397 35.51 31.03 -21.15
CA GLU G 397 35.56 31.97 -20.07
C GLU G 397 36.30 31.49 -18.94
N SER G 398 36.15 30.21 -18.74
CA SER G 398 36.72 29.62 -17.61
C SER G 398 38.18 29.34 -17.78
N GLN G 399 38.56 28.83 -18.92
CA GLN G 399 39.97 28.62 -19.13
C GLN G 399 40.68 29.91 -19.10
N ALA G 400 40.00 30.92 -19.59
CA ALA G 400 40.54 32.20 -19.62
C ALA G 400 40.77 32.66 -18.23
N ALA G 401 39.76 32.52 -17.44
CA ALA G 401 39.86 33.04 -16.19
C ALA G 401 40.87 32.36 -15.33
N ARG G 402 40.79 31.06 -15.32
CA ARG G 402 41.68 30.29 -14.51
C ARG G 402 43.12 30.51 -14.92
N MET G 403 43.32 30.72 -16.21
CA MET G 403 44.60 31.10 -16.67
C MET G 403 45.04 32.46 -16.17
N ILE G 404 44.10 33.36 -16.05
CA ILE G 404 44.48 34.64 -15.60
C ILE G 404 44.90 34.53 -14.15
N HIS G 405 44.21 33.70 -13.36
CA HIS G 405 44.65 33.46 -11.99
C HIS G 405 45.96 32.76 -11.96
N SER G 406 46.24 31.95 -12.95
CA SER G 406 47.53 31.31 -12.97
C SER G 406 48.62 32.34 -13.17
N THR G 407 48.29 33.34 -13.95
CA THR G 407 49.23 34.33 -14.31
C THR G 407 49.51 35.30 -13.19
N ALA G 408 48.44 35.73 -12.54
CA ALA G 408 48.58 36.54 -11.36
C ALA G 408 49.27 35.74 -10.27
N GLY G 409 49.06 34.44 -10.31
CA GLY G 409 49.63 33.53 -9.36
C GLY G 409 51.09 33.23 -9.59
N LEU G 410 51.56 33.64 -10.77
CA LEU G 410 52.93 33.43 -11.10
C LEU G 410 53.83 34.63 -11.16
N TYR G 411 53.32 35.75 -11.61
CA TYR G 411 54.22 36.89 -11.76
C TYR G 411 54.75 37.41 -10.51
N ASN G 412 53.99 37.28 -9.44
CA ASN G 412 54.30 38.00 -8.27
C ASN G 412 55.59 37.61 -7.61
N GLN G 413 55.76 36.32 -7.39
CA GLN G 413 56.97 35.82 -6.81
C GLN G 413 58.16 36.13 -7.71
N PHE G 414 57.92 36.12 -9.02
CA PHE G 414 58.90 36.54 -9.98
C PHE G 414 59.30 38.00 -9.77
N ILE G 415 58.31 38.80 -9.41
CA ILE G 415 58.52 40.21 -9.27
C ILE G 415 59.32 40.54 -8.02
N LYS G 416 58.90 39.98 -6.90
CA LYS G 416 59.58 40.19 -5.64
C LYS G 416 60.96 39.60 -5.69
N GLY G 417 61.12 38.51 -6.42
CA GLY G 417 62.40 37.81 -6.54
C GLY G 417 63.39 38.58 -7.41
N LEU G 418 62.90 39.23 -8.46
CA LEU G 418 63.79 40.13 -9.22
C LEU G 418 64.10 41.39 -8.42
N ASP G 419 63.10 41.85 -7.68
CA ASP G 419 63.26 43.03 -6.86
C ASP G 419 64.22 42.77 -5.67
N SER G 420 64.34 41.50 -5.27
CA SER G 420 65.17 41.07 -4.13
C SER G 420 66.66 41.39 -4.27
N PHE G 421 67.24 41.28 -5.48
CA PHE G 421 68.71 41.60 -5.67
C PHE G 421 68.89 43.06 -6.14
N SER G 422 67.78 43.78 -6.32
CA SER G 422 67.83 45.25 -6.51
C SER G 422 68.38 45.93 -5.29
N GLY G 423 68.21 45.30 -4.14
CA GLY G 423 68.80 45.72 -2.90
C GLY G 423 70.30 45.46 -2.85
N LYS G 424 70.86 44.69 -3.78
CA LYS G 424 72.34 44.44 -3.81
C LYS G 424 72.95 44.57 -5.23
N PRO G 425 73.04 45.81 -5.76
CA PRO G 425 73.55 46.03 -7.12
C PRO G 425 74.97 45.62 -7.35
N ARG G 426 75.21 45.13 -8.57
CA ARG G 426 76.47 44.56 -9.03
C ARG G 426 76.44 44.27 -10.59
N LEU G 436 63.87 33.20 -8.30
CA LEU G 436 64.04 33.66 -9.67
C LEU G 436 63.34 32.79 -10.76
N PRO G 437 61.99 32.76 -10.83
CA PRO G 437 61.31 31.94 -11.88
C PRO G 437 61.48 32.49 -13.32
N ILE G 438 62.70 32.50 -13.92
CA ILE G 438 62.96 33.06 -15.29
C ILE G 438 62.22 32.29 -16.41
N GLU G 439 62.69 31.11 -16.71
CA GLU G 439 62.29 30.42 -17.90
C GLU G 439 60.82 29.98 -17.83
N ALA G 440 60.32 29.77 -16.61
CA ALA G 440 58.89 29.40 -16.48
C ALA G 440 58.01 30.59 -16.77
N VAL G 441 58.37 31.75 -16.26
CA VAL G 441 57.62 32.93 -16.62
C VAL G 441 57.78 33.24 -18.13
N ILE G 442 58.94 32.99 -18.72
CA ILE G 442 59.10 33.20 -20.15
C ILE G 442 58.14 32.31 -20.88
N LEU G 443 57.96 31.10 -20.36
CA LEU G 443 57.00 30.16 -20.89
C LEU G 443 55.58 30.70 -20.78
N SER G 444 55.28 31.35 -19.66
CA SER G 444 53.99 31.98 -19.46
C SER G 444 53.75 33.08 -20.46
N LEU G 445 54.82 33.76 -20.86
CA LEU G 445 54.70 34.84 -21.78
C LEU G 445 54.47 34.40 -23.17
N GLN G 446 55.28 33.49 -23.62
CA GLN G 446 55.07 33.04 -24.93
C GLN G 446 53.72 32.30 -25.00
N ASP G 447 53.26 31.74 -23.88
CA ASP G 447 51.93 31.12 -23.81
C ASP G 447 50.80 32.08 -23.94
N LEU G 448 50.93 33.20 -23.27
CA LEU G 448 49.93 34.17 -23.45
C LEU G 448 49.97 34.80 -24.80
N ILE G 449 51.16 34.95 -25.36
CA ILE G 449 51.29 35.49 -26.68
C ILE G 449 50.61 34.63 -27.65
N GLY G 450 50.71 33.32 -27.44
CA GLY G 450 50.01 32.39 -28.28
C GLY G 450 48.53 32.46 -28.09
N TYR G 451 48.16 32.61 -26.82
CA TYR G 451 46.78 32.68 -26.44
C TYR G 451 46.14 33.93 -26.96
N PHE G 452 46.97 34.94 -27.17
CA PHE G 452 46.51 36.19 -27.63
C PHE G 452 47.15 36.61 -28.91
N GLU G 453 46.54 36.22 -30.00
CA GLU G 453 46.93 36.69 -31.29
C GLU G 453 45.76 36.79 -32.22
N PRO G 454 45.93 37.51 -33.27
CA PRO G 454 45.04 37.66 -34.34
C PRO G 454 44.73 36.47 -35.11
N PRO G 455 43.47 36.38 -35.57
CA PRO G 455 43.04 35.41 -36.49
C PRO G 455 43.88 35.50 -37.74
N SER G 456 44.03 34.35 -38.37
CA SER G 456 44.61 34.22 -39.66
C SER G 456 43.99 35.05 -40.72
N GLU G 457 44.84 35.76 -41.41
CA GLU G 457 44.41 36.53 -42.52
C GLU G 457 43.97 35.63 -43.64
N GLU G 458 44.60 34.48 -43.69
CA GLU G 458 44.26 33.44 -44.61
C GLU G 458 43.18 32.58 -44.01
N LEU G 459 42.05 33.22 -43.90
CA LEU G 459 40.92 32.57 -43.41
C LEU G 459 39.65 33.19 -44.00
N GLN G 460 38.58 32.44 -43.90
CA GLN G 460 37.33 32.96 -44.32
C GLN G 460 36.92 34.13 -43.42
N HIS G 461 36.21 35.08 -43.99
CA HIS G 461 35.88 36.28 -43.24
C HIS G 461 35.07 36.03 -42.03
N GLU G 462 34.26 34.97 -42.09
CA GLU G 462 33.38 34.74 -40.99
C GLU G 462 34.16 34.23 -39.83
N GLU G 463 35.00 33.25 -40.03
CA GLU G 463 35.81 32.78 -38.96
C GLU G 463 36.82 33.75 -38.52
N LYS G 464 37.31 34.58 -39.42
CA LYS G 464 38.21 35.65 -39.02
C LYS G 464 37.53 36.63 -38.10
N GLN G 465 36.30 36.90 -38.40
CA GLN G 465 35.63 37.89 -37.70
C GLN G 465 35.19 37.30 -36.35
N SER G 466 34.71 36.05 -36.33
CA SER G 466 34.30 35.41 -35.11
C SER G 466 35.48 35.16 -34.21
N LYS G 467 36.57 34.77 -34.81
CA LYS G 467 37.71 34.54 -34.05
C LYS G 467 38.21 35.84 -33.51
N LEU G 468 38.01 36.90 -34.26
CA LEU G 468 38.32 38.20 -33.78
C LEU G 468 37.44 38.62 -32.63
N ARG G 469 36.21 38.15 -32.61
CA ARG G 469 35.36 38.35 -31.48
C ARG G 469 35.88 37.59 -30.28
N SER G 470 36.46 36.43 -30.50
CA SER G 470 37.07 35.72 -29.42
C SER G 470 38.25 36.42 -28.90
N LEU G 471 38.92 37.13 -29.78
CA LEU G 471 40.06 37.90 -29.38
C LEU G 471 39.74 39.10 -28.59
N ARG G 472 38.72 39.76 -29.07
CA ARG G 472 38.26 40.91 -28.42
C ARG G 472 37.74 40.56 -27.02
N ASN G 473 37.10 39.39 -26.91
CA ASN G 473 36.57 38.94 -25.66
C ASN G 473 37.65 38.55 -24.71
N ARG G 474 38.61 37.80 -25.19
CA ARG G 474 39.68 37.38 -24.34
C ARG G 474 40.53 38.53 -23.84
N GLN G 475 40.76 39.50 -24.72
CA GLN G 475 41.53 40.66 -24.33
C GLN G 475 40.79 41.43 -23.32
N SER G 476 39.48 41.55 -23.51
CA SER G 476 38.67 42.24 -22.57
C SER G 476 38.74 41.55 -21.23
N LEU G 477 38.78 40.23 -21.27
CA LEU G 477 38.74 39.47 -20.06
C LEU G 477 39.98 39.65 -19.28
N PHE G 478 41.13 39.52 -19.94
CA PHE G 478 42.33 39.69 -19.16
C PHE G 478 42.47 41.15 -18.73
N GLN G 479 41.90 42.07 -19.50
CA GLN G 479 41.90 43.47 -19.14
C GLN G 479 41.02 43.73 -17.95
N GLU G 480 40.06 42.84 -17.68
CA GLU G 480 39.12 43.04 -16.57
C GLU G 480 39.78 43.12 -15.22
N GLU G 481 40.88 42.40 -15.08
CA GLU G 481 41.69 42.51 -13.90
C GLU G 481 42.83 43.50 -14.04
N GLY G 482 43.31 43.76 -15.26
CA GLY G 482 44.31 44.76 -15.53
C GLY G 482 45.67 44.27 -15.15
N MET G 483 45.88 42.96 -15.29
CA MET G 483 47.20 42.41 -14.85
C MET G 483 48.36 42.83 -15.69
N LEU G 484 47.97 43.26 -16.84
CA LEU G 484 48.74 43.98 -17.76
C LEU G 484 49.48 45.17 -17.15
N SER G 485 48.82 45.80 -16.21
CA SER G 485 49.42 46.82 -15.43
C SER G 485 50.46 46.27 -14.49
N LEU G 486 50.27 45.02 -14.04
CA LEU G 486 51.32 44.37 -13.27
C LEU G 486 52.51 44.13 -14.16
N VAL G 487 52.23 43.88 -15.43
CA VAL G 487 53.29 43.79 -16.37
C VAL G 487 53.99 45.11 -16.57
N LEU G 488 53.20 46.15 -16.51
CA LEU G 488 53.71 47.50 -16.58
C LEU G 488 54.67 47.78 -15.39
N ASN G 489 54.32 47.24 -14.21
CA ASN G 489 55.20 47.31 -13.04
C ASN G 489 56.46 46.53 -13.21
N CYS G 490 56.33 45.46 -13.96
CA CYS G 490 57.47 44.63 -14.18
C CYS G 490 58.49 45.40 -14.97
N ILE G 491 57.98 45.95 -16.05
CA ILE G 491 58.81 46.72 -16.95
C ILE G 491 59.42 47.89 -16.24
N ASP G 492 58.67 48.45 -15.30
CA ASP G 492 59.19 49.51 -14.52
C ASP G 492 60.38 49.05 -13.68
N ARG G 493 60.31 47.79 -13.20
CA ARG G 493 61.37 47.26 -12.33
C ARG G 493 62.62 46.81 -13.03
N LEU G 494 62.52 46.63 -14.33
CA LEU G 494 63.51 45.90 -15.03
C LEU G 494 64.61 46.75 -15.58
N ASN G 495 64.24 47.60 -16.54
CA ASN G 495 65.19 48.15 -17.48
C ASN G 495 65.89 49.36 -16.93
N VAL G 496 66.15 49.31 -15.63
CA VAL G 496 67.15 50.12 -14.98
C VAL G 496 68.54 49.77 -15.56
N TYR G 497 68.75 48.50 -15.87
CA TYR G 497 70.06 48.00 -16.22
C TYR G 497 70.54 48.49 -17.60
N THR G 498 71.84 48.64 -17.67
CA THR G 498 72.50 48.79 -18.93
C THR G 498 72.81 47.45 -19.61
N THR G 499 72.69 46.33 -18.90
CA THR G 499 73.09 45.02 -19.52
C THR G 499 72.56 43.79 -18.78
N TYR G 506 72.89 42.45 -15.70
CA TYR G 506 73.77 43.35 -14.97
C TYR G 506 73.81 42.95 -13.53
N ALA G 507 72.73 43.24 -12.78
CA ALA G 507 72.67 42.67 -11.43
C ALA G 507 72.34 41.22 -11.55
N GLY G 508 72.87 40.41 -10.64
CA GLY G 508 72.81 38.96 -10.78
C GLY G 508 73.98 38.46 -11.68
N GLU G 509 74.16 39.05 -12.87
CA GLU G 509 75.28 38.70 -13.79
C GLU G 509 75.33 37.20 -14.22
N GLU G 510 74.18 36.57 -14.38
CA GLU G 510 74.08 35.13 -14.69
C GLU G 510 72.76 34.79 -15.40
N ALA G 511 71.59 35.02 -14.77
CA ALA G 511 70.26 34.78 -15.41
C ALA G 511 69.94 36.02 -16.29
N ALA G 512 70.75 37.07 -16.15
CA ALA G 512 70.41 38.40 -16.79
C ALA G 512 70.63 38.42 -18.28
N GLU G 513 71.36 37.45 -18.84
CA GLU G 513 71.46 37.48 -20.30
C GLU G 513 70.16 37.10 -20.98
N SER G 514 69.34 36.29 -20.32
CA SER G 514 67.96 36.05 -20.80
C SER G 514 67.05 37.30 -20.68
N TRP G 515 67.45 38.22 -19.83
CA TRP G 515 66.64 39.36 -19.42
C TRP G 515 66.21 40.38 -20.49
N LYS G 516 67.04 40.64 -21.49
CA LYS G 516 66.65 41.55 -22.56
C LYS G 516 65.55 40.92 -23.45
N GLU G 517 65.67 39.62 -23.66
CA GLU G 517 64.68 38.89 -24.38
C GLU G 517 63.41 38.89 -23.61
N ILE G 518 63.56 38.83 -22.31
CA ILE G 518 62.42 38.70 -21.50
C ILE G 518 61.66 39.97 -21.56
N VAL G 519 62.33 41.09 -21.34
CA VAL G 519 61.67 42.36 -21.34
C VAL G 519 60.99 42.65 -22.67
N ASN G 520 61.69 42.33 -23.73
CA ASN G 520 61.12 42.54 -25.01
C ASN G 520 59.89 41.68 -25.20
N LEU G 521 59.97 40.50 -24.64
CA LEU G 521 58.88 39.60 -24.72
C LEU G 521 57.68 40.10 -23.97
N LEU G 522 57.96 40.81 -22.92
CA LEU G 522 56.89 41.40 -22.23
C LEU G 522 56.24 42.50 -23.03
N TYR G 523 57.04 43.32 -23.71
CA TYR G 523 56.41 44.37 -24.46
C TYR G 523 55.54 43.76 -25.50
N GLU G 524 55.98 42.63 -26.01
CA GLU G 524 55.24 42.01 -27.02
C GLU G 524 53.97 41.50 -26.49
N LEU G 525 53.99 41.07 -25.26
CA LEU G 525 52.79 40.62 -24.66
C LEU G 525 51.76 41.70 -24.53
N LEU G 526 52.24 42.77 -23.97
CA LEU G 526 51.40 43.89 -23.75
C LEU G 526 50.78 44.35 -25.02
N ALA G 527 51.61 44.34 -26.04
CA ALA G 527 51.19 44.72 -27.34
C ALA G 527 50.10 43.87 -27.84
N SER G 528 50.26 42.61 -27.53
CA SER G 528 49.31 41.67 -27.99
C SER G 528 47.98 41.97 -27.33
N LEU G 529 48.03 42.48 -26.10
CA LEU G 529 46.85 42.95 -25.46
C LEU G 529 46.28 44.20 -25.97
N ILE G 530 47.11 44.97 -26.57
CA ILE G 530 46.63 46.23 -27.08
C ILE G 530 46.05 46.22 -28.52
N ARG G 531 46.47 45.33 -29.41
CA ARG G 531 46.20 45.61 -30.85
C ARG G 531 44.74 45.62 -31.21
N GLY G 532 43.95 44.85 -30.43
CA GLY G 532 42.55 44.60 -30.70
C GLY G 532 41.57 45.37 -29.87
N ASN G 533 41.96 46.38 -29.09
CA ASN G 533 41.05 47.07 -28.21
C ASN G 533 41.29 48.55 -28.07
N ARG G 534 40.20 49.29 -27.85
CA ARG G 534 40.30 50.72 -27.54
C ARG G 534 40.67 50.95 -26.09
N ALA G 535 40.05 50.19 -25.23
CA ALA G 535 40.07 50.49 -23.84
C ALA G 535 41.41 50.38 -23.22
N ASN G 536 42.19 49.48 -23.73
CA ASN G 536 43.49 49.33 -23.19
C ASN G 536 44.29 50.60 -23.37
N CYS G 537 44.07 51.13 -24.55
CA CYS G 537 44.71 52.36 -24.93
C CYS G 537 44.21 53.48 -24.08
N ALA G 538 42.95 53.39 -23.73
CA ALA G 538 42.39 54.38 -22.88
C ALA G 538 43.06 54.37 -21.54
N LEU G 539 43.39 53.18 -21.05
CA LEU G 539 44.14 53.10 -19.83
C LEU G 539 45.57 53.60 -20.01
N PHE G 540 46.07 53.47 -21.21
CA PHE G 540 47.42 53.87 -21.50
C PHE G 540 47.59 55.29 -21.82
N SER G 541 46.49 56.03 -21.89
CA SER G 541 46.59 57.44 -22.19
C SER G 541 47.39 58.19 -21.13
N THR G 542 47.31 57.73 -19.91
CA THR G 542 48.13 58.24 -18.85
C THR G 542 49.55 57.74 -18.94
N ASN G 543 49.68 56.60 -19.59
CA ASN G 543 50.96 55.97 -19.75
C ASN G 543 51.71 56.50 -20.94
N LEU G 544 51.17 57.45 -21.70
CA LEU G 544 51.85 58.03 -22.86
C LEU G 544 53.19 58.57 -22.47
N ASP G 545 53.23 59.31 -21.38
CA ASP G 545 54.47 59.85 -20.89
C ASP G 545 55.37 58.70 -20.46
N TRP G 546 54.77 57.63 -19.97
CA TRP G 546 55.50 56.45 -19.58
C TRP G 546 56.04 55.71 -20.77
N VAL G 547 55.21 55.54 -21.76
CA VAL G 547 55.60 54.87 -22.94
C VAL G 547 56.74 55.62 -23.62
N VAL G 548 56.63 56.93 -23.64
CA VAL G 548 57.66 57.72 -24.22
C VAL G 548 58.90 57.62 -23.36
N SER G 549 58.70 57.44 -22.06
CA SER G 549 59.82 57.29 -21.15
C SER G 549 60.59 56.04 -21.46
N LYS G 550 59.89 55.04 -21.94
CA LYS G 550 60.51 53.77 -22.20
C LYS G 550 61.06 53.64 -23.60
N LEU G 551 60.54 54.42 -24.53
CA LEU G 551 61.00 54.30 -25.89
C LEU G 551 62.43 54.69 -26.05
N ASP G 552 62.91 55.48 -25.12
CA ASP G 552 64.27 55.96 -25.14
C ASP G 552 65.29 54.84 -25.00
N ARG G 553 64.85 53.69 -24.47
CA ARG G 553 65.69 52.52 -24.35
C ARG G 553 66.17 52.04 -25.68
N LEU G 554 67.37 51.50 -25.73
CA LEU G 554 68.01 51.19 -26.98
C LEU G 554 68.43 49.72 -27.17
N GLU G 555 67.54 48.78 -26.91
CA GLU G 555 67.90 47.35 -26.99
C GLU G 555 66.78 46.41 -27.43
N ALA G 556 65.55 46.79 -27.09
CA ALA G 556 64.37 46.01 -27.36
C ALA G 556 63.24 47.00 -27.66
N SER G 557 63.60 48.09 -28.33
CA SER G 557 62.69 49.22 -28.59
C SER G 557 61.58 48.88 -29.51
N SER G 558 61.75 47.85 -30.32
CA SER G 558 60.80 47.48 -31.31
C SER G 558 59.49 47.07 -30.78
N GLY G 559 59.50 46.42 -29.63
CA GLY G 559 58.27 46.00 -29.04
C GLY G 559 57.55 47.17 -28.47
N ILE G 560 58.32 48.08 -27.93
CA ILE G 560 57.79 49.30 -27.43
C ILE G 560 57.18 50.04 -28.59
N LEU G 561 57.75 49.85 -29.74
CA LEU G 561 57.30 50.51 -30.91
C LEU G 561 56.00 49.94 -31.35
N GLU G 562 55.86 48.64 -31.32
CA GLU G 562 54.63 48.04 -31.70
C GLU G 562 53.60 48.48 -30.76
N VAL G 563 54.01 48.66 -29.54
CA VAL G 563 53.10 49.09 -28.56
C VAL G 563 52.57 50.43 -28.89
N LEU G 564 53.47 51.35 -29.10
CA LEU G 564 53.08 52.67 -29.31
C LEU G 564 52.25 52.73 -30.50
N TYR G 565 52.62 51.91 -31.47
CA TYR G 565 51.95 51.90 -32.70
C TYR G 565 50.51 51.53 -32.57
N CYS G 566 50.29 50.43 -31.90
CA CYS G 566 48.93 49.97 -31.78
C CYS G 566 48.08 50.87 -30.94
N VAL G 567 48.75 51.46 -29.96
CA VAL G 567 48.08 52.38 -29.16
C VAL G 567 47.59 53.55 -29.98
N LEU G 568 48.43 53.97 -30.87
CA LEU G 568 48.05 55.03 -31.69
C LEU G 568 46.96 54.63 -32.61
N ILE G 569 46.94 53.37 -33.01
CA ILE G 569 45.94 52.90 -33.89
C ILE G 569 44.59 52.99 -33.26
N GLU G 570 44.58 52.80 -31.95
CA GLU G 570 43.33 52.64 -31.32
C GLU G 570 43.02 53.63 -30.24
N SER G 571 43.46 54.87 -30.44
CA SER G 571 43.22 55.88 -29.47
C SER G 571 43.50 57.27 -29.91
N PRO G 572 42.49 57.92 -30.50
CA PRO G 572 42.55 59.31 -30.91
C PRO G 572 42.83 60.25 -29.80
N GLU G 573 42.28 59.92 -28.65
CA GLU G 573 42.42 60.76 -27.54
C GLU G 573 43.86 60.89 -27.15
N VAL G 574 44.58 59.80 -27.32
CA VAL G 574 45.96 59.80 -27.00
C VAL G 574 46.70 60.70 -27.98
N LEU G 575 46.22 60.76 -29.20
CA LEU G 575 46.75 61.71 -30.15
C LEU G 575 46.51 63.12 -29.74
N ASN G 576 45.37 63.35 -29.11
CA ASN G 576 45.10 64.65 -28.55
C ASN G 576 46.01 65.02 -27.41
N ILE G 577 46.43 64.01 -26.68
CA ILE G 577 47.13 64.23 -25.47
C ILE G 577 48.58 64.45 -25.65
N ILE G 578 49.21 63.76 -26.59
CA ILE G 578 50.62 63.64 -26.57
C ILE G 578 51.32 64.97 -26.64
N GLN G 579 52.37 65.10 -25.84
CA GLN G 579 53.03 66.40 -25.66
C GLN G 579 54.00 66.76 -26.71
N GLU G 580 54.33 68.04 -26.82
CA GLU G 580 54.99 68.53 -28.05
C GLU G 580 56.47 68.25 -28.10
N ASN G 581 56.81 67.15 -27.54
CA ASN G 581 58.15 66.92 -27.15
C ASN G 581 58.36 65.45 -26.99
N HIS G 582 57.38 64.75 -26.46
CA HIS G 582 57.36 63.30 -26.47
C HIS G 582 57.37 62.78 -27.90
N ILE G 583 56.69 63.51 -28.73
CA ILE G 583 56.72 63.29 -30.13
C ILE G 583 58.12 63.54 -30.65
N LYS G 584 58.72 64.62 -30.16
CA LYS G 584 60.06 64.98 -30.52
C LYS G 584 60.99 63.90 -30.00
N SER G 585 60.59 63.26 -28.91
CA SER G 585 61.29 62.09 -28.41
C SER G 585 61.17 60.91 -29.36
N ILE G 586 60.07 60.85 -30.09
CA ILE G 586 59.91 59.81 -31.04
C ILE G 586 60.71 60.04 -32.30
N ILE G 587 60.72 61.26 -32.80
CA ILE G 587 61.53 61.57 -33.95
C ILE G 587 62.95 61.37 -33.60
N SER G 588 63.26 61.72 -32.37
CA SER G 588 64.58 61.49 -31.86
C SER G 588 64.88 60.00 -31.76
N LEU G 589 63.86 59.22 -31.51
CA LEU G 589 64.03 57.80 -31.54
C LEU G 589 64.40 57.33 -32.91
N LEU G 590 63.76 57.92 -33.90
CA LEU G 590 64.06 57.54 -35.20
C LEU G 590 65.45 57.90 -35.59
N ASP G 591 65.89 59.01 -35.09
CA ASP G 591 67.26 59.38 -35.32
C ASP G 591 68.24 58.48 -34.58
N LYS G 592 67.80 57.94 -33.45
CA LYS G 592 68.57 56.96 -32.72
C LYS G 592 68.71 55.66 -33.50
N HIS G 593 67.68 55.32 -34.26
CA HIS G 593 67.62 54.04 -34.88
C HIS G 593 67.90 54.04 -36.34
N GLY G 594 68.20 55.21 -36.87
CA GLY G 594 68.43 55.27 -38.28
C GLY G 594 67.20 54.94 -39.07
N ARG G 595 67.37 54.14 -40.11
CA ARG G 595 66.28 53.93 -41.07
C ARG G 595 65.38 52.75 -40.71
N ASN G 596 64.43 52.98 -39.81
CA ASN G 596 63.42 51.97 -39.47
C ASN G 596 62.08 52.46 -39.85
N HIS G 597 61.51 51.73 -40.76
CA HIS G 597 60.24 52.04 -41.31
C HIS G 597 59.07 51.98 -40.37
N LYS G 598 59.21 51.19 -39.36
CA LYS G 598 58.18 51.02 -38.42
C LYS G 598 57.82 52.32 -37.71
N VAL G 599 58.85 53.08 -37.43
CA VAL G 599 58.69 54.31 -36.71
C VAL G 599 57.87 55.30 -37.49
N LEU G 600 58.03 55.19 -38.78
CA LEU G 600 57.28 56.02 -39.63
C LEU G 600 55.83 55.64 -39.68
N ASP G 601 55.55 54.35 -39.58
CA ASP G 601 54.19 53.90 -39.55
C ASP G 601 53.57 54.42 -38.27
N VAL G 602 54.41 54.53 -37.27
CA VAL G 602 54.05 55.15 -36.02
C VAL G 602 53.73 56.59 -36.21
N LEU G 603 54.46 57.22 -37.08
CA LEU G 603 54.25 58.61 -37.24
C LEU G 603 53.01 58.95 -37.95
N CYS G 604 52.77 58.24 -39.03
CA CYS G 604 51.55 58.46 -39.76
C CYS G 604 50.37 58.10 -38.89
N SER G 605 50.58 57.15 -38.00
CA SER G 605 49.59 56.88 -37.03
C SER G 605 49.38 58.05 -36.09
N LEU G 606 50.43 58.76 -35.77
CA LEU G 606 50.26 59.92 -34.97
C LEU G 606 49.49 60.99 -35.65
N CYS G 607 49.64 61.04 -36.94
CA CYS G 607 49.13 62.14 -37.66
C CYS G 607 47.62 62.21 -37.62
N VAL G 608 46.99 61.05 -37.59
CA VAL G 608 45.59 60.98 -37.91
C VAL G 608 44.90 60.05 -37.05
N CYS G 609 43.69 60.47 -36.70
CA CYS G 609 42.87 59.69 -35.81
C CYS G 609 42.04 58.72 -36.59
N ASN G 610 40.88 58.47 -36.01
CA ASN G 610 39.91 57.66 -36.61
C ASN G 610 39.43 58.20 -37.92
N GLY G 611 39.51 59.51 -38.07
CA GLY G 611 39.26 60.16 -39.34
C GLY G 611 39.76 61.58 -39.26
N VAL G 612 39.58 62.14 -38.09
CA VAL G 612 39.98 63.49 -37.79
C VAL G 612 41.44 63.54 -37.50
N ALA G 613 41.97 64.75 -37.43
CA ALA G 613 43.34 64.86 -37.10
C ALA G 613 43.71 66.10 -36.29
N VAL G 614 44.76 65.90 -35.53
CA VAL G 614 45.47 66.93 -34.86
C VAL G 614 46.52 67.53 -35.76
N ARG G 615 46.11 68.63 -36.34
CA ARG G 615 46.88 69.25 -37.30
C ARG G 615 48.15 69.79 -36.73
N SER G 616 48.10 70.15 -35.46
CA SER G 616 49.22 70.83 -34.84
C SER G 616 50.40 69.96 -34.63
N ASN G 617 50.14 68.77 -34.15
CA ASN G 617 51.19 67.85 -33.89
C ASN G 617 51.84 67.43 -35.12
N GLN G 618 51.06 67.39 -36.19
CA GLN G 618 51.60 67.12 -37.49
C GLN G 618 52.48 68.20 -38.03
N ASP G 619 52.08 69.42 -37.81
CA ASP G 619 52.90 70.53 -38.27
C ASP G 619 54.18 70.53 -37.47
N LEU G 620 54.10 70.08 -36.22
CA LEU G 620 55.28 69.87 -35.40
C LEU G 620 56.11 68.78 -35.93
N ILE G 621 55.49 67.78 -36.52
CA ILE G 621 56.23 66.71 -37.14
C ILE G 621 56.99 67.22 -38.29
N THR G 622 56.40 68.14 -39.01
CA THR G 622 57.03 68.64 -40.18
C THR G 622 58.17 69.53 -39.80
N GLU G 623 57.93 70.48 -38.87
CA GLU G 623 58.98 71.40 -38.46
C GLU G 623 60.12 70.65 -37.83
N ASN G 624 59.80 69.60 -37.11
CA ASN G 624 60.81 68.74 -36.59
C ASN G 624 61.45 67.85 -37.65
N LEU G 625 60.79 67.61 -38.77
CA LEU G 625 61.35 66.84 -39.89
C LEU G 625 61.88 67.67 -41.03
N LEU G 626 60.94 68.30 -41.73
CA LEU G 626 61.25 68.94 -43.00
C LEU G 626 62.33 70.02 -42.93
N PRO G 627 62.24 70.95 -41.96
CA PRO G 627 63.43 71.76 -41.78
C PRO G 627 64.66 70.97 -41.37
N GLY G 628 64.50 69.89 -40.61
CA GLY G 628 65.64 69.17 -40.08
C GLY G 628 66.35 68.43 -41.19
N ARG G 629 65.68 68.27 -42.33
CA ARG G 629 66.28 67.74 -43.55
C ARG G 629 66.81 66.37 -43.37
N GLU G 630 67.79 66.30 -42.51
CA GLU G 630 68.65 65.19 -42.43
C GLU G 630 68.04 63.86 -41.96
N LEU G 631 67.01 63.85 -41.14
CA LEU G 631 66.52 62.58 -40.65
C LEU G 631 65.72 61.77 -41.67
N LEU G 632 64.69 62.37 -42.24
CA LEU G 632 63.99 61.70 -43.29
C LEU G 632 64.85 61.75 -44.58
N LEU G 633 64.74 60.73 -45.41
CA LEU G 633 65.38 60.78 -46.73
C LEU G 633 64.65 61.75 -47.61
N GLN G 634 65.39 62.37 -48.48
CA GLN G 634 64.92 63.46 -49.24
C GLN G 634 65.55 63.46 -50.61
N THR G 635 64.84 64.14 -51.47
CA THR G 635 65.06 63.99 -52.87
C THR G 635 64.87 65.24 -53.67
N ASN G 636 65.42 65.21 -54.87
CA ASN G 636 65.33 66.32 -55.79
C ASN G 636 65.67 65.83 -57.18
N LEU G 637 66.30 66.63 -58.00
CA LEU G 637 66.75 66.12 -59.29
C LEU G 637 67.80 67.03 -59.89
N ILE G 638 68.61 66.47 -60.78
CA ILE G 638 69.62 67.27 -61.45
C ILE G 638 69.34 67.17 -62.96
N ASN G 639 70.25 67.57 -63.82
CA ASN G 639 70.27 67.22 -65.24
C ASN G 639 71.48 66.39 -65.48
N TYR G 640 71.49 65.61 -66.54
CA TYR G 640 72.64 64.73 -66.78
C TYR G 640 73.93 65.50 -66.98
N VAL G 641 75.01 65.02 -66.36
CA VAL G 641 76.33 65.67 -66.40
C VAL G 641 77.26 64.81 -67.31
N THR G 642 78.12 65.45 -68.16
CA THR G 642 79.07 64.71 -69.06
C THR G 642 80.42 65.41 -69.14
N SER G 643 81.45 64.80 -68.57
CA SER G 643 82.80 65.29 -68.67
C SER G 643 83.44 65.01 -70.06
N ILE G 644 84.40 65.84 -70.50
CA ILE G 644 85.19 65.63 -71.75
C ILE G 644 86.66 65.76 -71.50
N ARG G 645 87.45 64.88 -72.10
CA ARG G 645 88.86 65.04 -71.93
C ARG G 645 89.57 64.87 -73.26
N PRO G 646 90.68 65.59 -73.41
CA PRO G 646 91.68 65.24 -74.42
C PRO G 646 92.28 63.89 -74.12
N ASN G 647 92.68 63.18 -75.17
CA ASN G 647 93.05 61.76 -75.02
C ASN G 647 94.24 61.48 -74.14
N ILE G 648 95.14 62.45 -74.09
CA ILE G 648 96.37 62.31 -73.38
C ILE G 648 96.42 62.77 -71.94
N PHE G 649 96.76 61.80 -71.12
CA PHE G 649 97.05 61.98 -69.74
C PHE G 649 98.46 62.57 -69.59
N VAL G 650 98.67 63.47 -68.64
CA VAL G 650 100.01 64.02 -68.30
C VAL G 650 100.58 63.45 -66.99
N GLY G 651 101.87 63.06 -66.97
CA GLY G 651 102.60 62.57 -65.74
C GLY G 651 103.98 63.22 -65.44
N GLY G 660 106.81 67.99 -68.57
CA GLY G 660 106.95 69.33 -68.04
C GLY G 660 105.60 70.00 -67.77
N LYS G 661 105.62 71.32 -67.68
CA LYS G 661 104.40 72.12 -67.58
C LYS G 661 103.64 72.07 -68.89
N TRP G 662 102.32 72.13 -68.78
CA TRP G 662 101.50 72.03 -69.96
C TRP G 662 100.47 73.08 -69.95
N TYR G 663 100.01 73.34 -71.17
CA TYR G 663 99.04 74.38 -71.37
C TYR G 663 98.00 74.05 -72.48
N PHE G 664 96.72 74.38 -72.26
CA PHE G 664 95.69 74.15 -73.27
C PHE G 664 94.57 75.16 -73.21
N GLU G 665 93.92 75.21 -74.36
CA GLU G 665 92.99 76.23 -74.65
C GLU G 665 91.55 75.64 -74.80
N VAL G 666 90.56 76.35 -74.22
CA VAL G 666 89.14 75.96 -74.33
C VAL G 666 88.22 77.14 -74.54
N MET G 667 87.93 77.37 -75.81
CA MET G 667 87.02 78.41 -76.16
C MET G 667 85.64 77.94 -75.80
N VAL G 668 84.84 78.88 -75.30
CA VAL G 668 83.43 78.63 -75.03
C VAL G 668 82.51 79.07 -76.18
N ASP G 669 82.21 78.15 -77.09
CA ASP G 669 81.30 78.44 -78.24
C ASP G 669 79.85 78.71 -77.88
N GLU G 670 79.39 78.09 -76.81
CA GLU G 670 77.99 78.15 -76.49
C GLU G 670 77.74 77.88 -74.98
N VAL G 671 76.76 78.56 -74.39
CA VAL G 671 76.19 78.24 -73.03
C VAL G 671 74.65 78.46 -73.07
N VAL G 672 73.85 77.58 -72.45
CA VAL G 672 72.39 77.80 -72.32
C VAL G 672 72.07 77.60 -70.85
N PRO G 673 72.36 78.62 -70.04
CA PRO G 673 72.43 78.51 -68.58
C PRO G 673 71.18 77.96 -67.88
N PHE G 674 69.99 78.38 -68.31
CA PHE G 674 68.80 78.10 -67.52
C PHE G 674 67.78 77.24 -68.15
N LEU G 675 68.15 76.54 -69.20
CA LEU G 675 67.25 75.58 -69.74
C LEU G 675 67.04 74.49 -68.68
N THR G 676 65.81 74.03 -68.57
CA THR G 676 65.38 73.17 -67.47
C THR G 676 65.61 73.77 -66.10
N ALA G 677 65.15 73.10 -65.05
CA ALA G 677 65.13 73.68 -63.69
C ALA G 677 66.52 73.91 -63.16
N GLN G 678 67.46 73.08 -63.59
CA GLN G 678 68.82 73.20 -63.13
C GLN G 678 69.52 74.34 -63.88
N ALA G 679 70.39 75.07 -63.19
CA ALA G 679 71.36 75.90 -63.88
C ALA G 679 72.31 74.97 -64.61
N THR G 680 72.65 75.31 -65.85
CA THR G 680 73.41 74.41 -66.71
C THR G 680 74.79 74.20 -66.13
N HIS G 681 75.20 72.95 -66.09
CA HIS G 681 76.53 72.59 -65.68
C HIS G 681 77.55 72.87 -66.79
N LEU G 682 78.79 73.22 -66.42
CA LEU G 682 79.90 73.37 -67.44
C LEU G 682 81.21 73.60 -66.71
N ARG G 683 81.45 72.79 -65.69
CA ARG G 683 82.71 72.90 -64.95
C ARG G 683 83.89 72.41 -65.80
N VAL G 684 85.07 72.99 -65.53
CA VAL G 684 86.29 72.69 -66.29
C VAL G 684 87.49 72.57 -65.34
N GLY G 685 88.23 71.45 -65.42
CA GLY G 685 89.38 71.31 -64.56
C GLY G 685 90.17 70.04 -64.66
N TRP G 686 91.30 70.00 -63.98
CA TRP G 686 92.21 68.87 -64.02
C TRP G 686 91.73 67.67 -63.22
N ALA G 687 92.21 66.46 -63.52
CA ALA G 687 91.72 65.20 -62.89
C ALA G 687 92.64 64.02 -63.07
N LEU G 688 92.43 62.94 -62.35
CA LEU G 688 93.30 61.75 -62.50
C LEU G 688 92.55 60.41 -62.40
N THR G 689 93.05 59.34 -63.03
CA THR G 689 92.32 58.03 -63.10
C THR G 689 92.46 57.14 -61.86
N GLU G 690 91.76 57.51 -60.78
CA GLU G 690 91.41 56.62 -59.63
C GLU G 690 90.38 57.32 -58.66
N GLY G 691 90.60 58.61 -58.36
CA GLY G 691 89.69 59.38 -57.46
C GLY G 691 88.62 60.16 -58.19
N TYR G 692 88.51 59.91 -59.50
CA TYR G 692 87.45 60.50 -60.31
C TYR G 692 86.99 59.56 -61.43
N SER G 693 85.84 58.95 -61.22
CA SER G 693 85.28 58.03 -62.16
C SER G 693 83.82 58.38 -62.37
N PRO G 694 83.59 59.45 -63.14
CA PRO G 694 82.28 60.08 -63.29
C PRO G 694 81.20 59.18 -63.94
N TYR G 695 80.38 58.53 -63.13
CA TYR G 695 79.22 57.82 -63.67
C TYR G 695 78.02 58.72 -63.53
N PRO G 696 77.39 59.01 -64.65
CA PRO G 696 76.32 59.98 -64.70
C PRO G 696 75.14 59.65 -63.83
N GLY G 697 74.88 58.36 -63.67
CA GLY G 697 73.76 57.99 -62.88
C GLY G 697 73.89 58.24 -61.40
N GLY G 698 74.14 59.48 -60.99
CA GLY G 698 74.26 59.76 -59.57
C GLY G 698 75.62 59.48 -58.94
N GLY G 699 75.66 59.55 -57.61
CA GLY G 699 76.86 59.53 -56.79
C GLY G 699 77.26 60.93 -56.42
N GLU G 700 77.71 61.05 -55.19
CA GLU G 700 78.07 62.35 -54.59
C GLU G 700 76.89 63.28 -54.46
N GLY G 701 76.99 64.25 -53.57
CA GLY G 701 75.93 65.21 -53.37
C GLY G 701 75.58 66.02 -54.56
N TRP G 702 74.65 65.47 -55.33
CA TRP G 702 74.05 66.17 -56.44
C TRP G 702 75.03 66.63 -57.55
N GLY G 703 75.88 65.73 -58.05
CA GLY G 703 76.62 66.00 -59.29
C GLY G 703 77.70 65.05 -59.73
N GLY G 704 78.53 65.49 -60.69
CA GLY G 704 79.56 64.66 -61.29
C GLY G 704 80.99 65.30 -61.31
N ASN G 705 81.20 66.46 -61.94
CA ASN G 705 82.56 67.15 -61.95
C ASN G 705 82.81 67.89 -60.64
N GLY G 706 84.08 68.02 -60.24
CA GLY G 706 84.41 68.85 -59.08
C GLY G 706 84.23 68.13 -57.77
N VAL G 707 83.80 66.91 -57.84
CA VAL G 707 83.46 66.16 -56.67
C VAL G 707 84.68 65.46 -56.01
N GLY G 708 85.65 65.05 -56.79
CA GLY G 708 86.73 64.21 -56.27
C GLY G 708 87.77 64.96 -55.54
N ASP G 709 88.41 64.31 -54.57
CA ASP G 709 89.60 64.90 -53.98
C ASP G 709 90.66 64.88 -55.04
N ASP G 710 90.62 63.85 -55.90
CA ASP G 710 91.62 63.79 -56.97
C ASP G 710 91.40 64.80 -58.16
N LEU G 711 90.16 65.23 -58.33
CA LEU G 711 89.87 66.20 -59.35
C LEU G 711 89.94 67.68 -58.87
N TYR G 712 90.28 68.60 -59.77
CA TYR G 712 90.44 70.05 -59.47
C TYR G 712 89.65 70.83 -60.52
N SER G 713 88.89 71.88 -60.16
CA SER G 713 87.86 72.39 -61.09
C SER G 713 87.54 73.89 -61.05
N TYR G 714 86.69 74.32 -61.99
CA TYR G 714 86.39 75.72 -62.25
C TYR G 714 85.03 75.93 -62.95
N GLY G 715 84.42 77.11 -62.74
CA GLY G 715 83.26 77.51 -63.48
C GLY G 715 82.42 78.54 -62.82
N PHE G 716 81.32 78.82 -63.51
CA PHE G 716 80.21 79.58 -62.98
C PHE G 716 80.63 80.98 -62.41
N ASP G 717 79.77 81.55 -61.56
CA ASP G 717 79.89 82.90 -60.92
C ASP G 717 81.14 82.92 -60.08
N GLY G 718 81.83 84.05 -60.21
CA GLY G 718 82.94 84.34 -59.34
C GLY G 718 84.07 83.42 -59.64
N LEU G 719 84.04 82.77 -60.79
CA LEU G 719 85.02 81.82 -61.20
C LEU G 719 85.21 80.71 -60.17
N HIS G 720 86.28 80.83 -59.40
CA HIS G 720 86.64 79.90 -58.34
C HIS G 720 86.57 78.45 -58.71
N LEU G 721 86.44 77.61 -57.70
CA LEU G 721 86.70 76.20 -57.86
C LEU G 721 85.73 75.28 -57.17
N TRP G 722 85.93 73.97 -57.37
CA TRP G 722 85.20 72.92 -56.66
C TRP G 722 86.05 71.67 -56.38
N THR G 723 86.29 71.38 -55.11
CA THR G 723 86.89 70.12 -54.67
C THR G 723 86.07 69.51 -53.57
N GLY G 724 85.61 68.28 -53.77
CA GLY G 724 84.62 67.68 -52.86
C GLY G 724 83.27 68.26 -53.17
N HIS G 725 83.22 68.93 -54.30
CA HIS G 725 82.09 69.70 -54.73
C HIS G 725 81.87 70.83 -53.75
N VAL G 726 82.95 71.25 -53.10
CA VAL G 726 82.94 72.41 -52.22
C VAL G 726 83.14 73.65 -53.03
N ALA G 727 82.27 74.62 -52.85
CA ALA G 727 82.36 75.88 -53.60
C ALA G 727 83.21 76.90 -52.87
N ARG G 728 84.54 76.76 -52.88
CA ARG G 728 85.41 77.84 -52.36
C ARG G 728 85.26 79.03 -53.31
N PRO G 729 84.80 80.19 -52.79
CA PRO G 729 84.47 81.31 -53.67
C PRO G 729 85.56 82.35 -53.86
N VAL G 730 86.75 81.93 -54.34
CA VAL G 730 87.85 82.83 -54.63
C VAL G 730 87.33 83.74 -55.75
N THR G 731 87.28 85.04 -55.49
CA THR G 731 86.69 86.01 -56.41
C THR G 731 87.57 86.21 -57.61
N SER G 732 86.97 86.38 -58.77
CA SER G 732 87.78 86.62 -59.99
C SER G 732 88.27 88.08 -60.02
N PRO G 733 89.41 88.35 -60.73
CA PRO G 733 89.83 89.74 -60.90
C PRO G 733 88.72 90.61 -61.56
N GLY G 734 87.86 90.01 -62.37
CA GLY G 734 86.64 90.67 -62.88
C GLY G 734 86.23 90.10 -64.21
N GLN G 735 84.92 89.87 -64.20
CA GLN G 735 84.39 88.67 -63.54
C GLN G 735 83.68 87.68 -64.41
N HIS G 736 82.35 87.77 -64.45
CA HIS G 736 81.49 87.02 -65.35
C HIS G 736 81.56 85.51 -65.17
N LEU G 737 80.49 84.87 -65.58
CA LEU G 737 80.34 83.44 -65.51
C LEU G 737 80.88 82.78 -66.72
N LEU G 738 80.16 81.77 -67.19
CA LEU G 738 80.47 81.12 -68.43
C LEU G 738 79.35 81.41 -69.47
N ALA G 739 79.69 82.17 -70.51
CA ALA G 739 78.78 82.49 -71.61
C ALA G 739 79.56 82.28 -72.94
N PRO G 740 78.87 82.06 -74.07
CA PRO G 740 79.58 81.81 -75.34
C PRO G 740 80.48 82.92 -75.80
N GLU G 741 81.55 83.10 -75.06
CA GLU G 741 82.53 84.12 -75.34
C GLU G 741 83.92 83.71 -74.85
N ASP G 742 84.10 83.49 -73.54
CA ASP G 742 85.47 83.46 -72.95
C ASP G 742 86.26 82.30 -73.46
N VAL G 743 87.53 82.59 -73.70
CA VAL G 743 88.50 81.58 -74.09
C VAL G 743 89.16 81.10 -72.79
N VAL G 744 88.47 80.26 -72.06
CA VAL G 744 88.97 79.84 -70.76
C VAL G 744 90.12 78.88 -70.97
N SER G 745 91.14 79.05 -70.14
CA SER G 745 92.37 78.37 -70.41
C SER G 745 93.12 78.01 -69.18
N CYS G 746 93.93 76.98 -69.33
CA CYS G 746 94.55 76.38 -68.20
C CYS G 746 95.93 75.95 -68.41
N CYS G 747 96.60 75.97 -67.27
CA CYS G 747 97.95 75.54 -67.23
C CYS G 747 98.21 74.75 -65.96
N LEU G 748 99.24 73.89 -66.08
CA LEU G 748 99.75 73.14 -64.94
C LEU G 748 101.25 72.88 -65.00
N ASP G 749 101.97 73.32 -63.96
CA ASP G 749 103.40 73.12 -63.82
C ASP G 749 103.66 71.70 -63.45
N LEU G 750 104.78 71.18 -63.89
CA LEU G 750 105.10 69.81 -63.58
C LEU G 750 105.43 69.68 -62.10
N SER G 751 105.17 68.50 -61.56
CA SER G 751 105.40 68.15 -60.15
C SER G 751 104.45 68.96 -59.27
N VAL G 752 104.72 70.27 -59.09
CA VAL G 752 103.83 71.15 -58.31
C VAL G 752 102.50 71.36 -59.02
N PRO G 753 101.36 71.10 -58.33
CA PRO G 753 99.99 71.28 -58.88
C PRO G 753 99.49 72.70 -58.68
N SER G 754 100.21 73.64 -59.27
CA SER G 754 99.89 75.05 -59.16
C SER G 754 98.90 75.40 -60.23
N ILE G 755 97.76 74.76 -60.21
CA ILE G 755 96.77 75.01 -61.18
C ILE G 755 96.21 76.39 -60.90
N SER G 756 95.89 77.05 -62.00
CA SER G 756 95.24 78.33 -61.96
C SER G 756 94.55 78.50 -63.30
N PHE G 757 93.27 78.69 -63.16
CA PHE G 757 92.46 78.90 -64.28
C PHE G 757 92.65 80.35 -64.76
N ARG G 758 92.38 80.53 -66.06
CA ARG G 758 92.41 81.81 -66.68
C ARG G 758 91.13 82.14 -67.48
N ILE G 759 90.52 83.30 -67.20
CA ILE G 759 89.32 83.76 -67.91
C ILE G 759 89.69 84.62 -69.11
N ASN G 760 89.78 83.99 -70.28
CA ASN G 760 90.03 84.70 -71.53
C ASN G 760 91.26 85.63 -71.46
N GLY G 761 92.38 85.11 -70.99
CA GLY G 761 93.60 85.90 -70.87
C GLY G 761 93.71 86.57 -69.51
N CYS G 762 92.69 86.43 -68.64
CA CYS G 762 92.75 86.92 -67.25
C CYS G 762 92.74 85.77 -66.24
N PRO G 763 93.89 85.56 -65.57
CA PRO G 763 94.04 84.45 -64.60
C PRO G 763 93.13 84.58 -63.41
N VAL G 764 92.68 83.46 -62.91
CA VAL G 764 91.78 83.49 -61.82
C VAL G 764 92.56 83.41 -60.51
N GLN G 765 93.40 84.40 -60.31
CA GLN G 765 94.12 84.50 -59.05
C GLN G 765 94.90 83.27 -58.69
N GLY G 766 95.44 83.25 -57.47
CA GLY G 766 96.08 82.09 -56.93
C GLY G 766 95.01 81.07 -56.67
N VAL G 767 95.34 79.82 -56.99
CA VAL G 767 94.39 78.78 -56.81
C VAL G 767 95.02 77.53 -56.14
N PHE G 768 95.15 76.42 -56.87
CA PHE G 768 95.52 75.14 -56.25
C PHE G 768 96.99 75.04 -56.01
N GLU G 769 97.33 74.31 -54.96
CA GLU G 769 98.72 74.02 -54.63
C GLU G 769 98.82 72.74 -53.84
N ALA G 770 99.99 72.12 -53.95
CA ALA G 770 100.31 70.97 -53.13
C ALA G 770 99.23 69.84 -53.15
N PHE G 771 99.45 68.85 -54.00
CA PHE G 771 98.52 67.72 -54.20
C PHE G 771 99.36 66.50 -54.58
N ASN G 772 98.80 65.33 -54.40
CA ASN G 772 99.54 64.13 -54.79
C ASN G 772 99.64 64.06 -56.31
N LEU G 773 100.76 63.59 -56.88
CA LEU G 773 100.83 63.25 -58.32
C LEU G 773 100.67 61.70 -58.43
N ASP G 774 99.54 61.20 -57.91
CA ASP G 774 99.20 59.75 -57.99
C ASP G 774 98.49 59.45 -59.30
N GLY G 775 99.31 59.07 -60.26
CA GLY G 775 98.86 58.76 -61.58
C GLY G 775 98.79 59.99 -62.41
N LEU G 776 98.69 59.77 -63.70
CA LEU G 776 98.80 60.86 -64.65
C LEU G 776 97.65 61.87 -64.57
N PHE G 777 97.94 63.17 -64.59
CA PHE G 777 96.90 64.20 -64.69
C PHE G 777 96.35 64.40 -66.12
N PHE G 778 95.06 64.72 -66.27
CA PHE G 778 94.46 65.08 -67.58
C PHE G 778 93.42 66.16 -67.44
N PRO G 779 93.27 66.96 -68.48
CA PRO G 779 92.30 68.06 -68.57
C PRO G 779 90.88 67.56 -68.71
N VAL G 780 89.93 68.36 -68.20
CA VAL G 780 88.52 67.99 -68.25
C VAL G 780 87.59 69.16 -68.49
N VAL G 781 86.53 68.89 -69.24
CA VAL G 781 85.46 69.85 -69.49
C VAL G 781 84.06 69.18 -69.42
N SER G 782 83.45 69.22 -68.23
CA SER G 782 82.06 68.76 -68.05
C SER G 782 81.09 69.76 -68.59
N PHE G 783 79.91 69.29 -68.93
CA PHE G 783 78.91 70.18 -69.46
C PHE G 783 77.51 69.69 -69.14
N SER G 784 76.51 70.49 -69.50
CA SER G 784 75.11 70.04 -69.49
C SER G 784 74.38 70.81 -70.56
N ALA G 785 73.21 70.32 -70.92
CA ALA G 785 72.32 71.05 -71.80
C ALA G 785 72.93 71.23 -73.18
N GLY G 786 72.26 72.07 -73.96
CA GLY G 786 72.65 72.37 -75.31
C GLY G 786 73.81 73.31 -75.36
N VAL G 787 75.02 72.75 -75.37
CA VAL G 787 76.25 73.53 -75.22
C VAL G 787 77.37 73.03 -76.16
N LYS G 788 78.17 73.99 -76.64
CA LYS G 788 79.28 73.68 -77.49
C LYS G 788 80.48 74.48 -77.08
N VAL G 789 81.63 73.82 -77.18
CA VAL G 789 82.91 74.48 -76.93
C VAL G 789 84.00 74.06 -77.93
N ARG G 790 84.88 74.98 -78.32
CA ARG G 790 85.87 74.72 -79.39
C ARG G 790 87.27 74.74 -78.82
N PHE G 791 88.11 73.85 -79.33
CA PHE G 791 89.52 73.89 -78.95
C PHE G 791 90.37 74.51 -80.07
N LEU G 792 90.80 75.78 -79.91
CA LEU G 792 91.83 76.40 -80.80
C LEU G 792 93.22 75.78 -80.53
N LEU G 793 93.42 74.49 -80.88
CA LEU G 793 94.67 73.75 -80.64
C LEU G 793 95.35 73.33 -81.96
N GLY G 794 94.58 72.76 -82.91
CA GLY G 794 95.12 72.36 -84.22
C GLY G 794 94.10 72.53 -85.37
N GLU G 799 96.02 76.36 -83.93
CA GLU G 799 95.07 77.48 -83.93
C GLU G 799 95.23 78.34 -82.62
N PHE G 800 96.39 78.28 -81.96
CA PHE G 800 96.58 78.79 -80.57
C PHE G 800 96.24 80.29 -80.35
N LYS G 801 95.59 80.56 -79.22
CA LYS G 801 95.18 81.88 -78.80
C LYS G 801 95.36 82.03 -77.24
N PHE G 802 96.14 83.03 -76.79
CA PHE G 802 96.58 83.16 -75.38
C PHE G 802 97.50 82.03 -74.95
N LEU G 803 98.83 82.22 -74.88
CA LEU G 803 99.75 81.20 -74.30
C LEU G 803 100.71 81.78 -73.27
N PRO G 804 100.20 82.04 -72.05
CA PRO G 804 100.97 82.69 -70.97
C PRO G 804 102.12 81.85 -70.46
N PRO G 805 103.25 82.47 -70.06
CA PRO G 805 104.44 81.74 -69.59
C PRO G 805 104.34 81.22 -68.16
N PRO G 806 104.40 79.88 -68.01
CA PRO G 806 104.57 79.14 -66.77
C PRO G 806 105.55 77.94 -66.95
N GLY G 807 106.48 77.99 -67.92
CA GLY G 807 107.35 76.83 -68.25
C GLY G 807 106.61 75.83 -69.13
N TYR G 808 105.49 76.31 -69.66
CA TYR G 808 104.54 75.47 -70.35
C TYR G 808 105.00 74.92 -71.67
N ALA G 809 104.37 73.83 -72.11
CA ALA G 809 104.34 73.49 -73.53
C ALA G 809 102.87 73.19 -73.96
N PRO G 810 102.48 73.54 -75.22
CA PRO G 810 101.08 73.39 -75.65
C PRO G 810 100.64 71.92 -75.75
N CYS G 811 99.37 71.71 -75.48
CA CYS G 811 98.84 70.36 -75.51
C CYS G 811 98.58 69.74 -76.91
N HIS G 812 98.38 70.51 -77.97
CA HIS G 812 98.12 69.87 -79.34
C HIS G 812 99.35 69.14 -79.81
N GLU G 813 100.49 69.66 -79.35
CA GLU G 813 101.78 69.04 -79.61
C GLU G 813 101.87 67.71 -78.81
N ALA G 814 101.07 67.58 -77.72
CA ALA G 814 100.91 66.32 -76.95
C ALA G 814 100.08 65.31 -77.75
N VAL G 815 100.65 64.77 -78.83
CA VAL G 815 100.08 63.67 -79.58
C VAL G 815 101.23 62.64 -79.76
N LEU G 816 102.16 62.54 -78.80
CA LEU G 816 103.42 61.75 -79.00
C LEU G 816 103.24 60.23 -79.30
N PRO G 817 102.37 59.52 -78.55
CA PRO G 817 102.31 58.08 -78.82
C PRO G 817 101.54 57.76 -80.10
N ARG G 818 101.12 56.51 -80.25
CA ARG G 818 100.38 56.05 -81.42
C ARG G 818 99.09 56.81 -81.63
N GLU G 819 98.46 57.16 -80.53
CA GLU G 819 97.19 57.81 -80.60
C GLU G 819 97.34 59.22 -81.11
N ARG G 820 96.47 59.60 -82.01
CA ARG G 820 96.25 60.98 -82.36
C ARG G 820 95.52 61.72 -81.22
N LEU G 821 95.77 63.03 -81.09
CA LEU G 821 95.10 63.85 -80.10
C LEU G 821 93.55 63.82 -80.36
N ARG G 822 92.75 63.64 -79.30
CA ARG G 822 91.30 63.68 -79.44
C ARG G 822 90.57 63.81 -78.12
N LEU G 823 89.35 64.33 -78.20
CA LEU G 823 88.44 64.38 -77.06
C LEU G 823 87.94 63.00 -76.66
N GLU G 824 87.73 62.80 -75.37
CA GLU G 824 87.09 61.58 -74.86
C GLU G 824 86.12 61.97 -73.77
N PRO G 825 85.04 61.16 -73.60
CA PRO G 825 84.09 61.43 -72.52
C PRO G 825 84.40 60.80 -71.17
N ILE G 826 85.60 60.25 -70.99
CA ILE G 826 86.06 59.65 -69.72
C ILE G 826 85.29 58.39 -69.29
N LYS G 827 86.04 57.37 -68.88
CA LYS G 827 85.50 56.11 -68.38
C LYS G 827 84.66 55.41 -69.41
N GLU G 828 83.46 55.91 -69.62
CA GLU G 828 82.58 55.38 -70.64
C GLU G 828 82.20 53.91 -70.28
N TYR G 829 80.98 53.71 -69.82
CA TYR G 829 80.44 52.39 -69.64
C TYR G 829 79.36 52.12 -70.71
N ARG G 830 79.18 52.99 -71.69
CA ARG G 830 78.17 52.79 -72.79
C ARG G 830 78.49 53.60 -74.02
N ARG G 831 79.37 53.09 -74.84
CA ARG G 831 79.72 53.75 -76.08
C ARG G 831 78.57 53.77 -77.04
N GLU G 832 78.43 54.84 -77.80
CA GLU G 832 77.32 55.01 -78.76
C GLU G 832 77.54 54.20 -80.03
N GLY G 833 77.28 52.92 -79.97
CA GLY G 833 77.45 52.07 -81.10
C GLY G 833 76.29 52.09 -82.06
N PRO G 834 76.45 51.38 -83.19
CA PRO G 834 75.45 51.37 -84.25
C PRO G 834 74.13 50.73 -83.85
N ARG G 835 74.14 49.42 -83.69
CA ARG G 835 72.93 48.70 -83.42
C ARG G 835 72.50 48.99 -81.99
N GLY G 836 73.43 49.42 -81.13
CA GLY G 836 73.11 49.88 -79.77
C GLY G 836 74.33 50.32 -78.97
N PRO G 837 74.16 50.82 -77.73
CA PRO G 837 75.29 51.23 -76.91
C PRO G 837 76.10 50.06 -76.42
N HIS G 838 77.34 50.05 -76.85
CA HIS G 838 78.26 49.03 -76.43
C HIS G 838 78.61 49.19 -74.95
N LEU G 839 78.76 48.07 -74.29
CA LEU G 839 79.40 48.06 -73.00
C LEU G 839 80.88 48.18 -73.18
N VAL G 840 81.55 48.92 -72.30
CA VAL G 840 82.95 49.26 -72.57
C VAL G 840 83.89 49.54 -71.36
N GLY G 841 85.19 49.59 -71.60
CA GLY G 841 86.17 50.05 -70.58
C GLY G 841 86.85 48.99 -69.82
N PRO G 842 87.46 49.46 -68.73
CA PRO G 842 88.41 50.56 -68.62
C PRO G 842 89.70 50.70 -69.45
N SER G 843 90.03 49.71 -70.26
CA SER G 843 91.41 49.62 -70.82
C SER G 843 92.53 49.65 -69.77
N ARG G 844 93.53 50.56 -69.84
CA ARG G 844 94.47 50.80 -68.70
C ARG G 844 95.06 52.23 -68.56
N CYS G 845 96.33 52.52 -68.91
CA CYS G 845 96.92 53.88 -68.53
C CYS G 845 98.11 54.50 -69.27
N PHE G 851 103.51 56.40 -67.08
CA PHE G 851 104.68 55.99 -66.34
C PHE G 851 105.94 55.72 -67.18
N VAL G 852 106.82 56.73 -67.31
CA VAL G 852 107.93 56.72 -68.31
C VAL G 852 109.40 57.08 -67.88
N PRO G 853 109.64 58.20 -67.12
CA PRO G 853 111.04 58.63 -66.96
C PRO G 853 111.89 57.72 -66.10
N CYS G 854 112.74 56.88 -66.73
CA CYS G 854 113.62 55.91 -66.02
C CYS G 854 114.57 54.99 -66.93
N PRO G 855 115.88 55.36 -67.22
CA PRO G 855 116.86 54.47 -67.97
C PRO G 855 117.17 53.21 -67.16
N VAL G 856 117.27 52.05 -67.80
CA VAL G 856 117.18 50.74 -67.07
C VAL G 856 118.24 49.72 -67.55
N ASP G 857 119.45 50.26 -67.69
CA ASP G 857 120.67 49.47 -67.89
C ASP G 857 120.84 48.76 -69.28
N THR G 858 121.79 49.29 -70.12
CA THR G 858 122.34 48.65 -71.37
C THR G 858 123.84 48.32 -71.33
N VAL G 859 124.59 48.69 -70.31
CA VAL G 859 126.05 48.46 -70.30
C VAL G 859 126.53 47.94 -68.93
N GLN G 860 125.73 47.06 -68.37
CA GLN G 860 125.82 46.74 -66.94
C GLN G 860 126.78 45.62 -66.81
N ILE G 861 126.27 44.42 -67.06
CA ILE G 861 127.04 43.22 -66.92
C ILE G 861 128.16 43.25 -67.96
N VAL G 862 129.37 42.84 -67.53
CA VAL G 862 130.58 42.79 -68.40
C VAL G 862 130.42 41.72 -69.56
N LEU G 863 130.90 42.00 -70.80
CA LEU G 863 130.96 40.94 -71.90
C LEU G 863 132.34 40.25 -71.88
N PRO G 864 132.34 38.88 -71.66
CA PRO G 864 133.61 38.15 -71.53
C PRO G 864 134.44 38.31 -72.82
N PRO G 865 135.79 38.43 -72.68
CA PRO G 865 136.55 38.78 -73.90
C PRO G 865 136.56 37.67 -75.02
N HIS G 866 136.30 36.38 -74.66
CA HIS G 866 136.12 35.28 -75.68
C HIS G 866 134.94 35.53 -76.63
N LEU G 867 133.88 36.11 -76.08
CA LEU G 867 132.73 36.50 -76.89
C LEU G 867 132.91 37.99 -77.45
N GLU G 868 133.65 38.88 -76.71
CA GLU G 868 133.84 40.37 -77.07
C GLU G 868 134.50 40.55 -78.44
N ARG G 869 135.43 39.65 -78.78
CA ARG G 869 136.06 39.58 -80.11
C ARG G 869 134.97 39.31 -81.17
N ILE G 870 134.01 38.42 -80.87
CA ILE G 870 132.87 38.13 -81.80
C ILE G 870 131.81 39.23 -81.71
N ARG G 871 131.90 40.05 -80.63
CA ARG G 871 131.04 41.24 -80.52
C ARG G 871 131.55 42.29 -81.53
N GLU G 872 132.87 42.53 -81.50
CA GLU G 872 133.53 43.43 -82.48
C GLU G 872 133.46 42.85 -83.95
N LYS G 873 133.41 41.50 -84.12
CA LYS G 873 133.26 40.81 -85.49
C LYS G 873 131.85 41.02 -86.06
N LEU G 874 130.84 40.75 -85.23
CA LEU G 874 129.45 40.89 -85.68
C LEU G 874 129.14 42.41 -85.86
N ALA G 875 129.81 43.28 -85.07
CA ALA G 875 129.64 44.78 -85.15
C ALA G 875 130.28 45.33 -86.43
N GLU G 876 131.48 44.84 -86.76
CA GLU G 876 132.13 45.26 -88.00
C GLU G 876 131.31 44.72 -89.21
N ASN G 877 130.72 43.52 -89.03
CA ASN G 877 129.83 42.88 -90.07
C ASN G 877 128.54 43.68 -90.33
N ILE G 878 127.96 44.19 -89.24
CA ILE G 878 126.74 45.00 -89.35
C ILE G 878 127.06 46.50 -89.67
N HIS G 879 128.33 46.91 -89.51
CA HIS G 879 128.75 48.28 -89.89
C HIS G 879 128.98 48.33 -91.41
N GLU G 880 129.60 47.25 -91.89
CA GLU G 880 129.74 47.03 -93.32
C GLU G 880 128.33 46.77 -93.90
N LEU G 881 127.43 46.14 -93.12
CA LEU G 881 125.99 46.01 -93.51
C LEU G 881 125.36 47.40 -93.53
N TRP G 882 125.82 48.32 -92.66
CA TRP G 882 125.36 49.72 -92.68
C TRP G 882 125.80 50.37 -94.00
N ALA G 883 126.98 49.96 -94.48
CA ALA G 883 127.43 50.35 -95.83
C ALA G 883 126.52 49.74 -96.96
N LEU G 884 125.90 48.58 -96.71
CA LEU G 884 124.99 47.94 -97.69
C LEU G 884 123.51 48.38 -97.47
N THR G 885 123.24 49.69 -97.47
CA THR G 885 121.84 50.19 -97.27
C THR G 885 121.65 51.67 -97.63
N ARG G 886 122.34 52.54 -96.86
CA ARG G 886 122.34 54.00 -97.10
C ARG G 886 122.94 54.35 -98.49
N ILE G 887 123.89 53.53 -99.02
CA ILE G 887 124.52 53.83 -100.35
C ILE G 887 123.46 53.77 -101.50
N GLU G 888 122.35 53.04 -101.27
CA GLU G 888 121.20 52.95 -102.24
C GLU G 888 120.61 54.32 -102.50
N GLN G 889 120.78 55.25 -101.54
CA GLN G 889 120.35 56.67 -101.70
C GLN G 889 121.42 57.48 -102.49
N GLY G 890 122.53 56.83 -102.84
CA GLY G 890 123.68 57.53 -103.50
C GLY G 890 124.79 58.07 -102.59
N TRP G 891 124.65 57.87 -101.27
CA TRP G 891 125.71 58.25 -100.28
C TRP G 891 127.01 57.43 -100.56
N THR G 892 128.18 58.05 -100.32
CA THR G 892 129.47 57.40 -100.57
C THR G 892 130.56 57.82 -99.53
N TYR G 893 131.50 56.91 -99.24
CA TYR G 893 132.56 57.13 -98.24
C TYR G 893 133.52 58.20 -98.67
N GLY G 894 134.02 58.96 -97.70
CA GLY G 894 135.02 60.01 -98.00
C GLY G 894 134.41 61.34 -97.80
N PRO G 895 135.17 62.14 -97.03
CA PRO G 895 135.57 61.86 -95.65
C PRO G 895 134.98 62.56 -94.48
N VAL G 896 134.80 63.87 -94.61
CA VAL G 896 134.02 64.65 -93.62
C VAL G 896 132.57 64.19 -93.58
N ARG G 897 131.94 64.17 -92.38
CA ARG G 897 130.53 63.72 -92.22
C ARG G 897 129.59 64.83 -92.65
N ASP G 898 129.68 65.19 -93.94
CA ASP G 898 128.87 66.25 -94.49
C ASP G 898 127.39 65.78 -94.53
N ASP G 899 126.51 66.73 -94.25
CA ASP G 899 125.06 66.51 -94.28
C ASP G 899 124.52 66.48 -95.76
N ASN G 900 125.35 66.93 -96.72
CA ASN G 900 124.90 67.13 -98.11
C ASN G 900 124.49 65.81 -98.88
N LYS G 901 125.47 65.26 -99.60
CA LYS G 901 125.38 63.97 -100.28
C LYS G 901 126.80 63.32 -100.47
N ARG G 902 126.81 61.98 -100.53
CA ARG G 902 128.04 61.22 -100.82
C ARG G 902 129.22 61.48 -99.84
N LEU G 903 128.94 61.63 -98.55
CA LEU G 903 130.00 61.90 -97.57
C LEU G 903 129.76 61.38 -96.15
N HIS G 904 130.16 60.14 -95.83
CA HIS G 904 130.22 59.70 -94.43
C HIS G 904 131.54 58.94 -94.09
N PRO G 905 132.15 59.16 -92.87
CA PRO G 905 133.21 58.27 -92.29
C PRO G 905 132.66 56.83 -92.02
N CYS G 906 131.34 56.70 -91.72
CA CYS G 906 130.72 55.37 -91.31
C CYS G 906 130.84 54.27 -92.43
N LEU G 907 130.91 54.68 -93.71
CA LEU G 907 130.94 53.72 -94.83
C LEU G 907 132.36 53.09 -95.00
N VAL G 908 132.84 52.38 -93.96
CA VAL G 908 134.17 51.73 -94.00
C VAL G 908 134.25 50.70 -92.89
N ASN G 909 135.41 50.07 -92.76
CA ASN G 909 135.64 49.17 -91.63
C ASN G 909 135.57 49.98 -90.28
N PHE G 910 134.90 49.44 -89.25
CA PHE G 910 134.59 50.21 -87.98
C PHE G 910 135.86 50.62 -87.17
N HIS G 911 136.91 49.77 -87.21
CA HIS G 911 138.23 50.00 -86.51
C HIS G 911 139.00 51.25 -86.98
N SER G 912 138.86 51.57 -88.28
CA SER G 912 139.74 52.56 -88.97
C SER G 912 139.73 53.99 -88.42
N LEU G 913 138.59 54.45 -87.91
CA LEU G 913 138.45 55.85 -87.48
C LEU G 913 137.85 55.96 -86.08
N PRO G 914 138.65 55.63 -85.05
CA PRO G 914 138.39 55.58 -83.63
C PRO G 914 136.98 55.03 -83.29
N GLU G 915 136.36 55.52 -82.21
CA GLU G 915 134.98 55.17 -81.86
C GLU G 915 134.13 56.47 -81.55
N PRO G 916 133.87 57.29 -82.59
CA PRO G 916 132.91 58.42 -82.74
C PRO G 916 132.50 58.61 -84.21
N GLU G 917 133.46 58.44 -85.14
CA GLU G 917 133.18 58.45 -86.59
C GLU G 917 132.59 57.05 -87.03
N ARG G 918 132.67 56.05 -86.15
CA ARG G 918 132.00 54.72 -86.38
C ARG G 918 131.23 54.34 -85.11
N ASN G 919 130.45 55.30 -84.60
CA ASN G 919 129.60 55.09 -83.38
C ASN G 919 128.34 54.30 -83.82
N TYR G 920 128.10 54.15 -85.13
CA TYR G 920 126.98 53.34 -85.62
C TYR G 920 127.10 51.87 -85.22
N ASN G 921 128.30 51.33 -84.98
CA ASN G 921 128.44 49.89 -84.50
C ASN G 921 129.25 49.59 -83.21
N LEU G 922 130.47 49.10 -83.36
CA LEU G 922 131.26 48.51 -82.26
C LEU G 922 131.44 49.42 -81.01
N GLN G 923 131.45 50.77 -81.17
CA GLN G 923 131.45 51.74 -80.00
C GLN G 923 130.22 51.53 -79.15
N MET G 924 129.13 51.11 -79.81
CA MET G 924 127.83 50.97 -79.16
C MET G 924 127.21 49.52 -79.36
N SER G 925 127.39 48.90 -80.55
CA SER G 925 126.85 47.51 -80.83
C SER G 925 127.49 46.49 -79.91
N GLY G 926 128.77 46.73 -79.57
CA GLY G 926 129.48 45.91 -78.59
C GLY G 926 128.89 46.14 -77.19
N GLU G 927 128.53 47.39 -76.88
CA GLU G 927 127.79 47.74 -75.65
C GLU G 927 126.35 47.13 -75.65
N THR G 928 125.78 47.05 -76.87
CA THR G 928 124.39 46.52 -77.04
C THR G 928 124.31 45.02 -76.63
N LEU G 929 125.36 44.27 -76.94
CA LEU G 929 125.45 42.86 -76.50
C LEU G 929 125.85 42.75 -74.98
N LYS G 930 126.44 43.82 -74.42
CA LYS G 930 126.63 43.90 -72.95
C LYS G 930 125.31 44.02 -72.27
N THR G 931 124.38 44.65 -72.98
CA THR G 931 122.98 44.68 -72.55
C THR G 931 122.31 43.28 -72.59
N LEU G 932 122.75 42.42 -73.53
CA LEU G 932 122.19 41.04 -73.69
C LEU G 932 122.53 40.22 -72.41
N LEU G 933 123.68 40.53 -71.78
CA LEU G 933 124.00 39.97 -70.45
C LEU G 933 123.30 40.81 -69.33
N ALA G 934 122.83 42.02 -69.64
CA ALA G 934 122.25 42.95 -68.62
C ALA G 934 120.70 43.03 -68.58
N LEU G 935 120.04 42.92 -69.73
CA LEU G 935 118.58 43.06 -69.82
C LEU G 935 117.82 41.76 -69.42
N GLY G 936 118.53 40.65 -69.24
CA GLY G 936 117.90 39.39 -68.73
C GLY G 936 118.03 38.24 -69.68
N CYS G 937 119.28 37.91 -70.03
CA CYS G 937 119.56 36.76 -70.86
C CYS G 937 120.94 36.13 -70.42
N HIS G 938 121.11 34.81 -70.57
CA HIS G 938 122.36 34.10 -70.19
C HIS G 938 123.10 33.35 -71.38
N VAL G 939 123.63 34.09 -72.36
CA VAL G 939 124.07 33.56 -73.72
C VAL G 939 125.22 32.53 -73.64
N GLY G 940 125.21 31.47 -74.47
CA GLY G 940 126.37 30.54 -74.65
C GLY G 940 126.91 30.32 -76.11
N MET G 941 128.21 29.94 -76.25
CA MET G 941 128.76 29.40 -77.55
C MET G 941 127.97 28.14 -78.06
N ALA G 942 127.70 28.01 -79.38
CA ALA G 942 126.91 26.87 -79.96
C ALA G 942 127.22 26.51 -81.44
N ASP G 943 127.81 27.45 -82.20
CA ASP G 943 128.14 27.18 -83.62
C ASP G 943 129.39 27.97 -84.12
N GLU G 944 130.02 27.61 -85.26
CA GLU G 944 131.23 28.36 -85.79
C GLU G 944 130.88 29.85 -86.13
N LYS G 945 131.78 30.79 -85.82
CA LYS G 945 131.53 32.24 -86.08
C LYS G 945 131.39 32.59 -87.58
N ALA G 946 130.51 33.56 -87.88
CA ALA G 946 130.31 34.07 -89.27
C ALA G 946 129.57 35.42 -89.30
N TYR G 959 124.76 42.27 -106.73
CA TYR G 959 125.84 43.00 -106.11
C TYR G 959 125.91 44.40 -106.75
N MET G 960 125.59 45.44 -105.96
CA MET G 960 125.40 46.82 -106.47
C MET G 960 126.67 47.44 -107.11
N MET G 961 127.87 46.99 -106.73
CA MET G 961 129.16 47.65 -107.12
C MET G 961 129.08 49.16 -106.70
N SER G 962 128.51 49.36 -105.51
CA SER G 962 128.12 50.67 -104.99
C SER G 962 129.28 51.69 -104.81
N ASN G 963 128.96 52.98 -104.92
CA ASN G 963 129.95 54.05 -104.72
C ASN G 963 130.51 54.04 -103.27
N GLY G 964 131.83 54.24 -103.12
CA GLY G 964 132.48 54.41 -101.80
C GLY G 964 133.19 53.20 -101.18
N TYR G 965 132.43 52.18 -100.80
CA TYR G 965 132.94 51.00 -100.11
C TYR G 965 131.92 49.81 -100.23
N LYS G 966 132.40 48.64 -100.66
CA LYS G 966 131.48 47.53 -101.12
C LYS G 966 131.74 46.11 -100.56
N PRO G 967 131.38 45.85 -99.28
CA PRO G 967 131.38 44.43 -98.81
C PRO G 967 129.96 43.88 -98.74
N ALA G 968 129.71 42.67 -99.26
CA ALA G 968 128.40 42.02 -99.08
C ALA G 968 128.45 41.03 -97.88
N PRO G 969 127.77 41.36 -96.72
CA PRO G 969 127.85 40.52 -95.47
C PRO G 969 127.41 39.03 -95.66
N LEU G 970 128.08 38.09 -94.96
CA LEU G 970 127.68 36.65 -94.81
C LEU G 970 128.12 36.18 -93.36
N ASP G 971 127.69 34.95 -93.03
CA ASP G 971 126.25 34.57 -93.00
C ASP G 971 125.06 35.41 -92.48
N LEU G 972 124.89 36.68 -92.89
CA LEU G 972 123.60 37.42 -92.63
C LEU G 972 122.58 37.04 -93.72
N SER G 973 123.07 36.48 -94.81
CA SER G 973 122.24 36.06 -95.92
C SER G 973 121.23 34.89 -95.57
N HIS G 974 121.44 34.03 -94.55
CA HIS G 974 120.41 32.93 -94.25
C HIS G 974 119.71 32.96 -92.85
N VAL G 975 119.48 34.16 -92.29
CA VAL G 975 119.15 34.33 -90.82
C VAL G 975 117.85 33.64 -90.38
N ARG G 976 117.91 33.00 -89.20
CA ARG G 976 116.75 32.30 -88.63
C ARG G 976 116.62 32.49 -87.05
N LEU G 977 116.30 33.70 -86.57
CA LEU G 977 116.13 33.96 -85.10
C LEU G 977 114.94 33.24 -84.41
N THR G 978 115.09 32.79 -83.16
CA THR G 978 113.94 32.39 -82.31
C THR G 978 113.04 33.61 -82.01
N PRO G 979 111.71 33.40 -82.11
CA PRO G 979 110.79 34.52 -82.22
C PRO G 979 110.71 35.43 -80.92
N ALA G 980 110.89 34.86 -79.73
CA ALA G 980 110.88 35.67 -78.42
C ALA G 980 112.10 36.61 -78.33
N GLN G 981 113.16 36.23 -79.02
CA GLN G 981 114.40 37.00 -78.99
C GLN G 981 114.22 38.39 -79.72
N THR G 982 113.27 38.50 -80.64
CA THR G 982 112.84 39.81 -81.16
C THR G 982 112.20 40.70 -80.06
N THR G 983 111.43 40.09 -79.15
CA THR G 983 110.92 40.83 -77.96
C THR G 983 112.07 41.25 -77.04
N LEU G 984 113.06 40.36 -76.93
CA LEU G 984 114.24 40.69 -76.15
C LEU G 984 114.99 41.90 -76.80
N VAL G 985 114.93 41.93 -78.15
CA VAL G 985 115.45 43.07 -78.96
C VAL G 985 114.63 44.37 -78.71
N ASP G 986 113.36 44.19 -78.38
CA ASP G 986 112.51 45.35 -78.02
C ASP G 986 112.98 45.92 -76.68
N ARG G 987 113.30 45.03 -75.73
CA ARG G 987 113.88 45.45 -74.41
C ARG G 987 115.20 46.16 -74.60
N LEU G 988 115.99 45.66 -75.55
CA LEU G 988 117.29 46.23 -75.79
C LEU G 988 117.17 47.66 -76.41
N ALA G 989 116.37 47.76 -77.48
CA ALA G 989 116.19 49.03 -78.18
C ALA G 989 115.54 50.10 -77.25
N GLU G 990 114.64 49.64 -76.38
CA GLU G 990 113.94 50.57 -75.47
C GLU G 990 114.85 51.06 -74.34
N ASN G 991 115.52 50.09 -73.73
CA ASN G 991 116.37 50.36 -72.59
C ASN G 991 117.46 51.33 -73.04
N GLY G 992 117.87 51.20 -74.30
CA GLY G 992 118.91 52.08 -74.80
C GLY G 992 118.41 53.44 -75.21
N HIS G 993 117.20 53.49 -75.72
CA HIS G 993 116.67 54.77 -76.14
C HIS G 993 116.36 55.63 -74.91
N ASN G 994 116.11 54.96 -73.80
CA ASN G 994 115.80 55.62 -72.54
C ASN G 994 116.84 56.57 -71.98
N VAL G 995 118.08 56.25 -72.18
CA VAL G 995 119.11 57.08 -71.68
C VAL G 995 119.16 58.42 -72.48
N TRP G 996 118.98 58.40 -73.80
CA TRP G 996 118.90 59.67 -74.59
C TRP G 996 117.73 60.50 -74.16
N ALA G 997 116.68 59.76 -73.80
CA ALA G 997 115.46 60.40 -73.41
C ALA G 997 115.64 61.23 -72.12
N ARG G 998 116.55 60.78 -71.28
CA ARG G 998 116.83 61.48 -70.07
C ARG G 998 117.54 62.84 -70.28
N ASP G 999 118.33 62.99 -71.34
CA ASP G 999 118.75 64.38 -71.71
C ASP G 999 117.82 65.12 -72.69
N ARG G 1000 116.78 64.42 -73.15
CA ARG G 1000 115.76 65.01 -74.13
C ARG G 1000 115.07 66.29 -73.59
N VAL G 1001 114.97 66.36 -72.25
CA VAL G 1001 114.46 67.55 -71.54
C VAL G 1001 115.27 68.83 -71.87
N ALA G 1002 116.56 68.67 -72.09
CA ALA G 1002 117.40 69.73 -72.60
C ALA G 1002 117.29 69.82 -74.17
N GLN G 1003 116.17 70.29 -74.77
CA GLN G 1003 116.02 70.30 -76.29
C GLN G 1003 116.13 71.67 -76.94
N ARG G 1016 112.91 71.26 -80.50
CA ARG G 1016 111.44 71.26 -80.48
C ARG G 1016 110.97 70.13 -79.51
N ARG G 1017 109.65 70.05 -79.17
CA ARG G 1017 109.13 69.13 -78.06
C ARG G 1017 108.91 67.77 -78.65
N ASN G 1018 110.00 66.97 -78.64
CA ASN G 1018 110.08 65.75 -79.44
C ASN G 1018 109.04 64.68 -79.00
N PRO G 1019 108.33 64.07 -80.00
CA PRO G 1019 107.44 62.93 -79.79
C PRO G 1019 108.30 61.68 -79.36
N ARG G 1020 109.59 61.63 -79.77
CA ARG G 1020 110.55 60.51 -79.36
C ARG G 1020 110.80 60.33 -77.82
N LEU G 1021 110.56 61.39 -76.99
CA LEU G 1021 110.99 61.46 -75.52
C LEU G 1021 110.38 60.27 -74.73
N VAL G 1022 109.18 59.88 -75.14
CA VAL G 1022 108.55 58.70 -74.55
C VAL G 1022 109.21 57.39 -74.99
N PRO G 1023 109.26 56.41 -74.07
CA PRO G 1023 109.78 55.06 -74.27
C PRO G 1023 108.94 54.23 -75.25
N TYR G 1024 109.58 53.27 -75.94
CA TYR G 1024 108.96 52.45 -77.03
C TYR G 1024 107.75 51.69 -76.56
N ARG G 1025 107.58 51.57 -75.22
CA ARG G 1025 106.34 51.06 -74.61
C ARG G 1025 105.12 51.76 -75.22
N LEU G 1026 105.26 53.04 -75.60
CA LEU G 1026 104.17 53.78 -76.22
C LEU G 1026 104.59 54.56 -77.47
N LEU G 1027 104.85 53.83 -78.56
CA LEU G 1027 105.20 54.44 -79.86
C LEU G 1027 104.71 53.61 -81.09
N ASP G 1028 104.84 54.19 -82.29
CA ASP G 1028 104.08 53.77 -83.51
C ASP G 1028 104.24 52.31 -84.03
N GLU G 1029 105.33 51.62 -83.66
CA GLU G 1029 105.67 50.32 -84.31
C GLU G 1029 106.00 50.57 -85.81
N ALA G 1030 106.46 51.79 -86.13
CA ALA G 1030 107.02 52.16 -87.43
C ALA G 1030 108.46 52.66 -87.21
N THR G 1031 108.63 53.69 -86.35
CA THR G 1031 109.98 54.09 -85.84
C THR G 1031 110.59 52.94 -85.01
N LYS G 1032 109.72 52.22 -84.30
CA LYS G 1032 110.11 50.96 -83.62
C LYS G 1032 110.41 49.86 -84.69
N ARG G 1033 109.78 49.93 -85.88
CA ARG G 1033 110.04 48.94 -86.99
C ARG G 1033 111.42 49.26 -87.58
N SER G 1034 111.95 50.45 -87.25
CA SER G 1034 113.31 50.87 -87.64
C SER G 1034 114.37 50.63 -86.54
N ASN G 1035 114.36 51.44 -85.47
CA ASN G 1035 115.41 51.36 -84.40
C ASN G 1035 115.52 49.97 -83.69
N ARG G 1036 114.40 49.29 -83.48
CA ARG G 1036 114.43 47.91 -82.90
C ARG G 1036 114.86 46.82 -83.94
N ASP G 1037 114.24 46.82 -85.13
CA ASP G 1037 114.55 45.81 -86.18
C ASP G 1037 116.02 46.03 -86.71
N SER G 1038 116.53 47.29 -86.71
CA SER G 1038 117.96 47.58 -87.09
C SER G 1038 118.94 46.92 -86.07
N LEU G 1039 118.54 46.90 -84.79
CA LEU G 1039 119.30 46.18 -83.72
C LEU G 1039 119.29 44.64 -84.01
N CYS G 1040 118.18 44.13 -84.58
CA CYS G 1040 118.05 42.70 -84.98
C CYS G 1040 119.09 42.34 -86.11
N GLN G 1041 119.46 43.32 -86.97
CA GLN G 1041 120.47 43.09 -88.02
C GLN G 1041 121.85 42.82 -87.38
N ALA G 1042 122.17 43.48 -86.24
CA ALA G 1042 123.39 43.12 -85.43
C ALA G 1042 123.20 41.68 -84.87
N VAL G 1043 121.96 41.38 -84.47
CA VAL G 1043 121.60 40.02 -83.98
C VAL G 1043 121.58 38.99 -85.17
N ARG G 1044 121.37 39.47 -86.40
CA ARG G 1044 121.35 38.60 -87.61
C ARG G 1044 122.75 37.97 -87.84
N THR G 1045 123.81 38.74 -87.50
CA THR G 1045 125.21 38.24 -87.53
C THR G 1045 125.42 37.18 -86.44
N LEU G 1046 124.69 37.29 -85.32
CA LEU G 1046 124.75 36.30 -84.21
C LEU G 1046 124.27 34.89 -84.69
N LEU G 1047 123.29 34.84 -85.60
CA LEU G 1047 122.86 33.55 -86.20
C LEU G 1047 124.02 32.94 -87.03
N GLY G 1048 124.81 33.82 -87.63
CA GLY G 1048 126.05 33.38 -88.28
C GLY G 1048 127.15 33.09 -87.26
N TYR G 1049 127.13 33.84 -86.15
CA TYR G 1049 128.01 33.52 -84.97
C TYR G 1049 127.52 32.17 -84.34
N GLY G 1050 126.19 31.92 -84.47
CA GLY G 1050 125.52 30.71 -83.96
C GLY G 1050 125.33 30.65 -82.46
N TYR G 1051 125.62 31.73 -81.75
CA TYR G 1051 125.56 31.74 -80.26
C TYR G 1051 124.14 31.47 -79.65
N ASN G 1052 124.05 30.66 -78.59
CA ASN G 1052 122.75 30.24 -77.94
C ASN G 1052 122.05 31.39 -77.17
N ILE G 1053 120.71 31.38 -77.09
CA ILE G 1053 119.93 32.44 -76.34
C ILE G 1053 118.86 31.91 -75.35
N GLU G 1054 119.28 31.07 -74.40
CA GLU G 1054 118.38 30.51 -73.34
C GLU G 1054 117.78 31.57 -72.41
N PRO G 1055 116.48 31.48 -72.05
CA PRO G 1055 115.72 32.49 -71.30
C PRO G 1055 114.76 31.88 -70.26
N ARG G 1071 90.66 47.80 -63.60
CA ARG G 1071 89.70 47.19 -62.74
C ARG G 1071 88.73 46.31 -63.56
N VAL G 1072 88.64 45.01 -63.24
CA VAL G 1072 87.71 44.07 -63.95
C VAL G 1072 86.25 44.46 -63.81
N ARG G 1073 85.46 44.44 -64.91
CA ARG G 1073 84.07 44.94 -64.97
C ARG G 1073 82.99 43.84 -65.05
N ILE G 1074 81.72 44.18 -64.70
CA ILE G 1074 80.60 43.25 -64.71
C ILE G 1074 79.26 43.94 -64.90
N PHE G 1075 78.27 43.23 -65.45
CA PHE G 1075 76.97 43.84 -65.73
C PHE G 1075 75.82 42.88 -65.50
N ARG G 1076 74.64 43.41 -65.18
CA ARG G 1076 73.52 42.56 -64.84
C ARG G 1076 72.15 43.12 -65.09
N ALA G 1077 71.28 42.20 -65.43
CA ALA G 1077 69.88 42.45 -65.69
C ALA G 1077 69.04 42.70 -64.46
N GLU G 1078 67.85 43.30 -64.66
CA GLU G 1078 66.91 43.57 -63.59
C GLU G 1078 66.38 42.34 -62.90
N LYS G 1079 66.28 42.47 -61.60
CA LYS G 1079 65.82 41.43 -60.81
C LYS G 1079 64.39 41.16 -61.09
N SER G 1080 63.66 42.13 -61.60
CA SER G 1080 62.28 41.94 -61.96
C SER G 1080 62.08 40.93 -63.01
N TYR G 1081 63.12 40.84 -63.78
CA TYR G 1081 63.01 40.08 -64.92
C TYR G 1081 63.47 38.63 -64.64
N THR G 1082 63.72 38.30 -63.39
CA THR G 1082 64.18 36.98 -63.00
C THR G 1082 63.18 35.91 -63.16
N VAL G 1083 63.10 35.45 -64.37
CA VAL G 1083 62.14 34.45 -64.66
C VAL G 1083 62.56 33.15 -64.07
N GLN G 1084 61.61 32.43 -63.49
CA GLN G 1084 61.88 31.11 -63.09
C GLN G 1084 61.18 30.12 -63.98
N SER G 1085 60.48 30.63 -64.97
CA SER G 1085 59.77 29.79 -65.88
C SER G 1085 59.65 30.46 -67.26
N GLY G 1086 59.30 29.67 -68.26
CA GLY G 1086 59.28 30.15 -69.63
C GLY G 1086 60.55 29.81 -70.35
N ARG G 1087 60.49 29.85 -71.68
CA ARG G 1087 61.66 29.55 -72.47
C ARG G 1087 62.34 30.84 -72.84
N TRP G 1088 63.67 30.81 -72.88
CA TRP G 1088 64.49 32.03 -72.96
C TRP G 1088 65.86 31.88 -73.61
N TYR G 1089 65.92 32.33 -74.85
CA TYR G 1089 67.19 32.64 -75.48
C TYR G 1089 67.61 34.05 -75.05
N PHE G 1090 68.91 34.32 -75.06
CA PHE G 1090 69.39 35.67 -74.90
C PHE G 1090 70.71 35.94 -75.62
N GLU G 1091 70.83 37.14 -76.15
CA GLU G 1091 72.01 37.58 -76.87
C GLU G 1091 73.19 38.04 -75.99
N PHE G 1092 74.39 37.96 -76.55
CA PHE G 1092 75.52 38.80 -76.12
C PHE G 1092 76.35 39.17 -77.33
N GLU G 1093 76.03 40.30 -77.94
CA GLU G 1093 76.78 40.71 -79.09
C GLU G 1093 78.26 41.02 -78.74
N ALA G 1094 79.16 40.49 -79.57
CA ALA G 1094 80.59 40.58 -79.41
C ALA G 1094 81.20 41.87 -79.90
N VAL G 1095 82.32 42.19 -79.28
CA VAL G 1095 83.16 43.28 -79.71
C VAL G 1095 84.59 42.77 -79.54
N THR G 1096 85.21 42.95 -78.38
CA THR G 1096 86.55 42.41 -78.09
C THR G 1096 86.47 40.89 -77.86
N THR G 1097 87.54 40.16 -78.21
CA THR G 1097 87.53 38.69 -78.03
C THR G 1097 88.25 38.18 -76.79
N GLY G 1098 88.48 39.06 -75.81
CA GLY G 1098 89.16 38.68 -74.57
C GLY G 1098 88.24 38.07 -73.52
N GLU G 1099 88.52 38.33 -72.24
CA GLU G 1099 87.82 37.68 -71.13
C GLU G 1099 86.45 38.32 -70.89
N MET G 1100 85.54 38.00 -71.80
CA MET G 1100 84.30 38.74 -71.98
C MET G 1100 83.15 38.20 -71.17
N ARG G 1101 83.46 37.25 -70.31
CA ARG G 1101 82.56 36.14 -69.99
C ARG G 1101 81.16 36.52 -69.48
N VAL G 1102 80.15 35.78 -69.91
CA VAL G 1102 78.74 36.12 -69.71
C VAL G 1102 77.86 34.87 -69.55
N GLY G 1103 76.82 34.98 -68.75
CA GLY G 1103 75.90 33.85 -68.55
C GLY G 1103 74.81 34.13 -67.52
N TRP G 1104 73.93 33.15 -67.35
CA TRP G 1104 72.86 33.32 -66.37
C TRP G 1104 73.40 33.33 -64.95
N ALA G 1105 72.75 34.13 -64.10
CA ALA G 1105 73.07 34.12 -62.71
C ALA G 1105 71.93 34.57 -61.79
N ARG G 1106 71.82 33.96 -60.62
CA ARG G 1106 70.89 34.38 -59.60
C ARG G 1106 71.31 35.70 -59.03
N PRO G 1107 70.36 36.54 -58.74
CA PRO G 1107 70.55 37.93 -58.43
C PRO G 1107 71.36 38.17 -57.20
N GLU G 1108 71.27 37.23 -56.28
CA GLU G 1108 71.75 37.44 -54.97
C GLU G 1108 73.24 37.50 -54.87
N LEU G 1109 73.92 36.98 -55.88
CA LEU G 1109 75.40 36.98 -55.89
C LEU G 1109 75.92 38.35 -55.91
N ARG G 1110 77.05 38.54 -55.25
CA ARG G 1110 77.55 39.86 -55.25
C ARG G 1110 78.08 40.14 -56.63
N PRO G 1111 77.70 41.27 -57.20
CA PRO G 1111 78.42 41.81 -58.27
C PRO G 1111 79.79 42.27 -57.74
N ASP G 1112 79.90 42.62 -56.47
CA ASP G 1112 81.21 42.93 -55.84
C ASP G 1112 82.23 41.81 -55.97
N VAL G 1113 81.78 40.57 -55.96
CA VAL G 1113 82.67 39.44 -56.20
C VAL G 1113 82.94 39.35 -57.66
N GLU G 1114 84.14 39.01 -58.03
CA GLU G 1114 84.41 38.73 -59.40
C GLU G 1114 83.68 37.45 -59.82
N LEU G 1115 83.14 37.50 -61.03
CA LEU G 1115 82.46 36.38 -61.61
C LEU G 1115 83.41 35.29 -61.94
N GLY G 1116 82.94 34.08 -61.69
CA GLY G 1116 83.66 32.90 -62.02
C GLY G 1116 83.39 31.85 -61.00
N ALA G 1117 84.10 31.93 -59.89
CA ALA G 1117 83.94 31.03 -58.76
C ALA G 1117 82.85 31.56 -57.89
N ASP G 1118 81.66 31.18 -58.32
CA ASP G 1118 80.46 31.45 -57.56
C ASP G 1118 79.39 30.47 -57.96
N GLU G 1119 78.63 30.04 -56.96
CA GLU G 1119 77.60 29.08 -57.19
C GLU G 1119 76.50 29.65 -58.08
N LEU G 1120 76.28 30.93 -57.98
CA LEU G 1120 75.06 31.49 -58.50
C LEU G 1120 75.14 31.82 -59.97
N ALA G 1121 76.32 31.73 -60.57
CA ALA G 1121 76.56 32.35 -61.89
C ALA G 1121 77.18 31.42 -62.90
N TYR G 1122 76.31 30.69 -63.55
CA TYR G 1122 76.67 29.88 -64.65
C TYR G 1122 77.02 30.86 -65.82
N VAL G 1123 78.19 30.63 -66.45
CA VAL G 1123 78.68 31.54 -67.50
C VAL G 1123 79.56 30.87 -68.53
N PHE G 1124 79.85 31.63 -69.59
CA PHE G 1124 80.69 31.14 -70.67
C PHE G 1124 81.67 32.25 -71.09
N ASN G 1125 82.93 31.87 -71.33
CA ASN G 1125 83.98 32.83 -71.65
C ASN G 1125 83.96 33.40 -73.08
N GLY G 1126 84.45 34.63 -73.18
CA GLY G 1126 84.65 35.25 -74.45
C GLY G 1126 85.95 34.86 -75.15
N HIS G 1127 86.74 34.08 -74.45
CA HIS G 1127 87.99 33.66 -74.95
C HIS G 1127 88.36 32.32 -74.33
N ARG G 1128 89.24 31.59 -75.00
CA ARG G 1128 89.64 30.24 -74.61
C ARG G 1128 88.49 29.21 -74.63
N GLY G 1129 87.33 29.65 -74.16
CA GLY G 1129 86.10 28.93 -74.43
C GLY G 1129 85.60 27.86 -73.47
N GLN G 1130 86.41 27.48 -72.50
CA GLN G 1130 85.85 26.76 -71.41
C GLN G 1130 84.80 27.59 -70.65
N ARG G 1131 83.71 26.93 -70.29
CA ARG G 1131 82.72 27.58 -69.44
C ARG G 1131 83.16 27.62 -67.95
N TRP G 1132 82.72 28.66 -67.20
CA TRP G 1132 83.00 28.70 -65.76
C TRP G 1132 81.81 28.61 -64.85
N HIS G 1133 82.00 27.80 -63.82
CA HIS G 1133 81.14 27.81 -62.67
C HIS G 1133 81.86 27.10 -61.54
N LEU G 1134 82.01 27.80 -60.42
CA LEU G 1134 82.83 27.32 -59.33
C LEU G 1134 84.21 27.01 -59.90
N GLY G 1135 84.76 27.95 -60.66
CA GLY G 1135 85.97 27.77 -61.42
C GLY G 1135 85.68 27.09 -62.72
N SER G 1136 86.72 26.82 -63.47
CA SER G 1136 86.54 26.33 -64.82
C SER G 1136 85.95 24.93 -64.92
N GLU G 1137 85.10 24.77 -65.93
CA GLU G 1137 84.53 23.48 -66.28
C GLU G 1137 84.60 23.32 -67.80
N PRO G 1138 85.80 23.03 -68.34
CA PRO G 1138 86.03 23.14 -69.77
C PRO G 1138 85.12 22.28 -70.66
N PHE G 1139 84.68 22.84 -71.79
CA PHE G 1139 84.02 22.05 -72.81
C PHE G 1139 84.02 22.75 -74.13
N GLY G 1140 83.83 24.06 -74.10
CA GLY G 1140 83.81 24.83 -75.33
C GLY G 1140 85.07 25.33 -76.00
N ARG G 1141 84.86 26.24 -76.95
CA ARG G 1141 85.91 26.91 -77.71
C ARG G 1141 85.71 28.46 -77.77
N PRO G 1142 86.78 29.25 -77.99
CA PRO G 1142 86.67 30.71 -78.07
C PRO G 1142 86.00 31.18 -79.37
N TRP G 1143 86.22 32.45 -79.72
CA TRP G 1143 85.72 32.98 -80.98
C TRP G 1143 86.45 34.21 -81.50
N GLN G 1144 86.40 34.34 -82.82
CA GLN G 1144 86.94 35.49 -83.49
C GLN G 1144 86.11 36.73 -83.16
N SER G 1145 86.73 37.89 -83.09
CA SER G 1145 86.04 39.10 -82.63
C SER G 1145 84.88 39.43 -83.53
N GLY G 1146 83.80 39.95 -82.95
CA GLY G 1146 82.57 40.26 -83.70
C GLY G 1146 81.69 39.03 -83.96
N ASP G 1147 82.07 37.90 -83.37
CA ASP G 1147 81.22 36.71 -83.35
C ASP G 1147 80.34 36.75 -82.10
N VAL G 1148 79.06 37.10 -82.29
CA VAL G 1148 78.09 37.21 -81.21
C VAL G 1148 77.91 35.89 -80.47
N VAL G 1149 77.78 35.98 -79.14
CA VAL G 1149 77.58 34.81 -78.32
C VAL G 1149 76.20 34.79 -77.70
N GLY G 1150 75.32 33.99 -78.28
CA GLY G 1150 73.99 33.79 -77.75
C GLY G 1150 74.00 32.65 -76.77
N CYS G 1151 72.85 32.42 -76.13
CA CYS G 1151 72.69 31.30 -75.21
C CYS G 1151 71.20 30.94 -74.98
N MET G 1152 70.91 29.71 -74.57
CA MET G 1152 69.53 29.24 -74.37
C MET G 1152 69.34 28.60 -73.02
N ILE G 1153 68.18 28.79 -72.41
CA ILE G 1153 67.91 28.12 -71.14
C ILE G 1153 66.53 27.49 -71.09
N ASP G 1154 66.52 26.20 -70.80
CA ASP G 1154 65.30 25.55 -70.41
C ASP G 1154 64.97 25.95 -69.03
N LEU G 1155 63.67 26.14 -68.85
CA LEU G 1155 63.14 26.28 -67.56
C LEU G 1155 62.15 25.21 -67.36
N THR G 1156 61.91 24.91 -66.09
CA THR G 1156 61.38 23.62 -65.65
C THR G 1156 62.51 22.57 -65.77
N GLU G 1157 62.90 22.32 -67.00
CA GLU G 1157 64.10 21.60 -67.21
C GLU G 1157 65.24 22.55 -66.90
N ASN G 1158 66.29 21.97 -66.38
CA ASN G 1158 67.43 22.68 -65.90
C ASN G 1158 68.50 23.08 -66.91
N THR G 1159 68.47 22.53 -68.12
CA THR G 1159 69.60 22.65 -69.04
C THR G 1159 69.88 24.08 -69.50
N ILE G 1160 71.17 24.36 -69.72
CA ILE G 1160 71.61 25.60 -70.33
C ILE G 1160 72.54 25.31 -71.48
N ILE G 1161 72.44 26.11 -72.55
CA ILE G 1161 73.21 25.88 -73.74
C ILE G 1161 73.69 27.16 -74.40
N PHE G 1162 74.95 27.49 -74.16
CA PHE G 1162 75.62 28.55 -74.87
C PHE G 1162 75.81 28.26 -76.34
N THR G 1163 75.68 29.27 -77.21
CA THR G 1163 75.92 29.08 -78.64
C THR G 1163 76.72 30.23 -79.28
N LEU G 1164 77.66 29.90 -80.17
CA LEU G 1164 78.39 30.92 -80.95
C LEU G 1164 77.62 31.22 -82.24
N ASN G 1165 76.78 32.24 -82.18
CA ASN G 1165 75.91 32.58 -83.29
C ASN G 1165 75.02 31.40 -83.75
N GLY G 1166 74.45 30.69 -82.78
CA GLY G 1166 73.60 29.51 -83.03
C GLY G 1166 74.34 28.18 -83.14
N GLU G 1167 75.63 28.22 -82.87
CA GLU G 1167 76.40 27.00 -82.81
C GLU G 1167 76.28 26.27 -81.48
N VAL G 1168 75.40 25.31 -81.45
CA VAL G 1168 75.13 24.55 -80.25
C VAL G 1168 76.33 23.70 -79.72
N LEU G 1169 76.51 23.52 -78.41
CA LEU G 1169 77.53 22.57 -77.78
C LEU G 1169 76.89 21.59 -76.75
N ALA G 1178 75.73 23.30 -72.43
CA ALA G 1178 76.48 23.94 -71.39
C ALA G 1178 76.16 23.42 -69.99
N PHE G 1179 75.46 24.21 -69.17
CA PHE G 1179 75.18 23.84 -67.80
C PHE G 1179 73.94 23.06 -67.68
N ARG G 1180 74.06 21.85 -68.15
CA ARG G 1180 73.01 20.88 -68.05
C ARG G 1180 72.92 20.42 -66.59
N GLU G 1181 71.68 20.11 -66.21
CA GLU G 1181 71.37 19.50 -64.93
C GLU G 1181 71.81 20.38 -63.80
N ILE G 1182 70.92 21.29 -63.42
CA ILE G 1182 71.17 22.20 -62.34
C ILE G 1182 69.88 22.31 -61.51
N GLU G 1183 69.52 23.51 -61.02
CA GLU G 1183 68.24 23.71 -60.34
C GLU G 1183 67.66 25.11 -60.46
N ILE G 1184 66.35 25.22 -60.48
CA ILE G 1184 65.70 26.53 -60.42
C ILE G 1184 65.82 27.07 -59.06
N GLY G 1185 65.95 28.38 -58.99
CA GLY G 1185 66.17 28.98 -57.71
C GLY G 1185 65.55 30.33 -57.60
N ASP G 1186 66.44 31.31 -57.48
CA ASP G 1186 66.04 32.67 -57.42
C ASP G 1186 65.49 33.12 -58.76
N GLY G 1187 65.92 32.50 -59.87
CA GLY G 1187 65.56 33.01 -61.18
C GLY G 1187 66.71 33.73 -61.83
N PHE G 1188 67.19 33.10 -62.87
CA PHE G 1188 68.43 33.52 -63.46
C PHE G 1188 68.34 34.77 -64.28
N LEU G 1189 69.44 35.51 -64.34
CA LEU G 1189 69.55 36.66 -65.18
C LEU G 1189 70.80 36.74 -65.95
N PRO G 1190 70.73 37.40 -67.08
CA PRO G 1190 71.96 37.47 -67.81
C PRO G 1190 72.94 38.35 -67.15
N VAL G 1191 74.19 38.01 -67.30
CA VAL G 1191 75.22 38.77 -66.65
C VAL G 1191 76.50 38.83 -67.47
N CYS G 1192 76.83 40.04 -67.90
CA CYS G 1192 78.09 40.28 -68.54
C CYS G 1192 79.23 40.41 -67.54
N SER G 1193 80.46 40.18 -67.97
CA SER G 1193 81.64 40.50 -67.16
C SER G 1193 82.89 40.65 -68.03
N LEU G 1194 83.21 41.91 -68.28
CA LEU G 1194 84.36 42.32 -69.07
C LEU G 1194 85.62 42.19 -68.22
N GLY G 1195 86.72 41.95 -68.92
CA GLY G 1195 88.03 42.17 -68.34
C GLY G 1195 88.35 43.66 -68.43
N PRO G 1196 89.43 44.08 -67.74
CA PRO G 1196 89.77 45.51 -67.68
C PRO G 1196 90.11 46.09 -69.06
N GLY G 1197 90.62 45.31 -69.99
CA GLY G 1197 90.91 45.80 -71.32
C GLY G 1197 89.80 45.62 -72.33
N GLN G 1198 88.94 44.66 -72.02
CA GLN G 1198 87.96 44.17 -72.94
C GLN G 1198 86.73 45.04 -73.06
N VAL G 1199 86.08 44.89 -74.21
CA VAL G 1199 84.89 45.67 -74.56
C VAL G 1199 83.80 44.78 -75.13
N GLY G 1200 82.55 45.04 -74.75
CA GLY G 1200 81.41 44.19 -75.15
C GLY G 1200 80.16 44.93 -75.64
N HIS G 1201 79.06 44.20 -75.79
CA HIS G 1201 77.75 44.79 -76.19
C HIS G 1201 76.62 43.82 -75.87
N LEU G 1202 75.43 44.36 -75.65
CA LEU G 1202 74.28 43.54 -75.45
C LEU G 1202 72.98 44.14 -75.88
N ASN G 1203 72.08 43.27 -76.32
CA ASN G 1203 70.69 43.61 -76.67
C ASN G 1203 69.82 42.39 -76.43
N LEU G 1204 68.62 42.60 -75.89
CA LEU G 1204 67.73 41.50 -75.55
C LEU G 1204 66.35 41.88 -75.96
N GLY G 1205 65.67 40.91 -76.52
CA GLY G 1205 64.38 41.15 -77.10
C GLY G 1205 64.52 41.87 -78.46
N GLN G 1206 63.39 42.39 -78.97
CA GLN G 1206 63.25 42.85 -80.38
C GLN G 1206 63.43 41.61 -81.36
N ASP G 1207 62.39 41.24 -82.11
CA ASP G 1207 62.48 40.07 -83.03
C ASP G 1207 63.49 40.35 -84.14
N VAL G 1208 63.73 41.64 -84.39
CA VAL G 1208 64.77 42.11 -85.30
C VAL G 1208 66.13 41.61 -84.82
N SER G 1209 66.28 41.43 -83.50
CA SER G 1209 67.50 40.84 -82.93
C SER G 1209 67.42 39.33 -83.05
N SER G 1210 67.62 38.90 -84.28
CA SER G 1210 67.64 37.50 -84.64
C SER G 1210 68.51 37.35 -85.89
N LEU G 1211 69.78 37.79 -85.79
CA LEU G 1211 70.73 37.76 -86.92
C LEU G 1211 71.15 36.30 -87.21
N ARG G 1212 72.41 36.01 -86.92
CA ARG G 1212 73.06 34.73 -87.12
C ARG G 1212 72.53 33.69 -86.13
N PHE G 1213 72.01 34.18 -85.03
CA PHE G 1213 71.88 33.40 -83.80
C PHE G 1213 70.46 32.94 -83.43
N PHE G 1214 69.55 33.84 -83.16
CA PHE G 1214 68.22 33.49 -82.74
C PHE G 1214 67.48 32.96 -83.94
N ALA G 1215 67.93 33.32 -85.15
CA ALA G 1215 67.31 32.80 -86.35
C ALA G 1215 67.48 31.29 -86.45
N ILE G 1216 68.54 30.76 -85.83
CA ILE G 1216 68.78 29.31 -85.78
C ILE G 1216 67.74 28.65 -84.87
N CYS G 1217 68.16 28.18 -83.71
CA CYS G 1217 67.29 27.36 -82.90
C CYS G 1217 66.28 28.20 -82.13
N GLY G 1218 66.52 29.52 -82.06
CA GLY G 1218 65.71 30.39 -81.26
C GLY G 1218 64.31 30.59 -81.77
N LEU G 1219 64.13 30.68 -83.10
CA LEU G 1219 62.77 30.81 -83.66
C LEU G 1219 61.95 29.54 -83.47
N GLN G 1220 62.70 28.48 -83.32
CA GLN G 1220 62.18 27.15 -83.54
C GLN G 1220 61.70 26.49 -82.24
N GLU G 1221 62.56 26.60 -81.26
CA GLU G 1221 62.35 25.99 -79.96
C GLU G 1221 61.44 26.84 -79.06
N GLY G 1222 61.10 28.01 -79.55
CA GLY G 1222 60.21 28.86 -78.80
C GLY G 1222 60.90 29.69 -77.72
N PHE G 1223 62.23 29.71 -77.72
CA PHE G 1223 62.97 30.41 -76.65
C PHE G 1223 62.98 31.93 -76.81
N GLU G 1224 61.87 32.58 -76.44
CA GLU G 1224 61.69 34.02 -76.66
C GLU G 1224 62.50 34.90 -75.73
N PRO G 1225 63.20 35.90 -76.27
CA PRO G 1225 63.99 37.00 -75.68
C PRO G 1225 63.18 38.03 -74.96
N PHE G 1226 63.80 38.70 -74.02
CA PHE G 1226 63.10 39.43 -73.03
C PHE G 1226 62.07 40.50 -73.50
N ALA G 1227 62.45 41.25 -74.51
CA ALA G 1227 61.69 42.49 -74.82
C ALA G 1227 60.43 42.24 -75.65
N ILE G 1228 60.19 40.99 -76.02
CA ILE G 1228 58.92 40.62 -76.65
C ILE G 1228 57.81 40.91 -75.68
N ASN G 1229 58.14 40.71 -74.41
CA ASN G 1229 57.23 40.92 -73.35
C ASN G 1229 56.91 42.38 -73.10
N MET G 1230 57.88 43.24 -73.45
CA MET G 1230 57.80 44.61 -72.99
C MET G 1230 58.22 45.64 -74.02
N GLN G 1231 57.51 46.76 -73.95
CA GLN G 1231 57.81 47.99 -74.68
C GLN G 1231 59.20 48.53 -74.29
N ARG G 1232 59.52 48.39 -73.03
CA ARG G 1232 60.70 48.93 -72.49
C ARG G 1232 61.98 48.14 -72.88
N PRO G 1233 63.07 48.86 -73.11
CA PRO G 1233 64.39 48.25 -73.06
C PRO G 1233 64.71 47.80 -71.64
N VAL G 1234 65.50 46.78 -71.53
CA VAL G 1234 65.85 46.22 -70.24
C VAL G 1234 66.70 47.15 -69.44
N THR G 1235 66.36 47.25 -68.18
CA THR G 1235 67.22 47.92 -67.25
C THR G 1235 68.40 47.02 -66.80
N THR G 1236 69.56 47.61 -66.51
CA THR G 1236 70.76 46.86 -66.11
C THR G 1236 71.64 47.69 -65.18
N TRP G 1237 72.61 47.04 -64.57
CA TRP G 1237 73.51 47.68 -63.64
C TRP G 1237 74.99 47.40 -63.97
N PHE G 1238 75.74 48.42 -64.31
CA PHE G 1238 77.20 48.27 -64.36
C PHE G 1238 77.80 48.18 -62.97
N SER G 1239 78.83 47.38 -62.82
CA SER G 1239 79.60 47.38 -61.60
C SER G 1239 80.46 48.64 -61.54
N LYS G 1240 80.70 49.12 -60.33
CA LYS G 1240 81.36 50.40 -60.08
C LYS G 1240 82.47 50.12 -59.12
N SER G 1241 83.65 50.38 -59.61
CA SER G 1241 84.84 50.00 -58.91
C SER G 1241 84.97 50.77 -57.60
N LEU G 1242 84.28 51.90 -57.51
CA LEU G 1242 84.28 52.72 -56.33
C LEU G 1242 83.64 52.01 -55.21
N PRO G 1243 84.31 51.96 -54.06
CA PRO G 1243 83.82 51.26 -52.89
C PRO G 1243 83.05 52.21 -52.03
N GLN G 1244 81.79 52.41 -52.35
CA GLN G 1244 80.93 53.07 -51.42
C GLN G 1244 80.78 52.22 -50.19
N PHE G 1245 80.75 52.85 -49.02
CA PHE G 1245 80.60 52.12 -47.77
C PHE G 1245 79.30 51.36 -47.66
N GLU G 1246 79.37 50.19 -47.05
CA GLU G 1246 78.15 49.47 -46.71
C GLU G 1246 78.30 48.85 -45.34
N PRO G 1247 77.21 48.72 -44.66
CA PRO G 1247 77.26 48.14 -43.34
C PRO G 1247 77.69 46.72 -43.33
N VAL G 1248 78.43 46.31 -42.30
CA VAL G 1248 79.01 44.98 -42.36
C VAL G 1248 77.92 43.96 -42.11
N PRO G 1249 77.72 43.02 -43.04
CA PRO G 1249 76.78 41.92 -42.88
C PRO G 1249 77.25 40.96 -41.80
N PRO G 1250 76.33 40.32 -41.09
CA PRO G 1250 76.84 39.15 -40.38
C PRO G 1250 77.23 38.13 -41.42
N GLU G 1251 78.26 37.36 -41.12
CA GLU G 1251 79.01 36.62 -42.13
C GLU G 1251 79.56 37.53 -43.20
N HIS G 1252 80.57 38.28 -42.81
CA HIS G 1252 81.61 38.69 -43.76
C HIS G 1252 82.50 37.47 -43.78
N PRO G 1253 83.39 37.29 -44.76
CA PRO G 1253 84.32 36.18 -44.68
C PRO G 1253 84.99 36.09 -43.31
N HIS G 1254 85.31 37.26 -42.74
CA HIS G 1254 84.99 37.56 -41.35
C HIS G 1254 85.57 38.83 -40.79
N TYR G 1255 84.68 39.73 -40.35
CA TYR G 1255 85.02 40.84 -39.47
C TYR G 1255 83.97 40.97 -38.34
N GLU G 1256 84.28 40.39 -37.20
CA GLU G 1256 83.36 40.37 -36.08
C GLU G 1256 83.27 41.74 -35.48
N VAL G 1257 82.09 42.02 -34.95
CA VAL G 1257 81.88 43.24 -34.23
C VAL G 1257 80.90 43.05 -33.10
N ALA G 1258 81.10 43.77 -31.99
CA ALA G 1258 80.26 43.61 -30.83
C ALA G 1258 80.02 44.88 -30.00
N ARG G 1259 78.79 45.34 -30.09
CA ARG G 1259 78.33 46.44 -29.29
C ARG G 1259 78.31 46.13 -27.79
N MET G 1260 78.68 47.08 -26.92
CA MET G 1260 78.50 46.88 -25.47
C MET G 1260 78.65 48.12 -24.58
N ASP G 1261 78.20 47.96 -23.32
CA ASP G 1261 78.37 48.99 -22.29
C ASP G 1261 79.84 49.20 -21.92
N LEU G 1272 80.99 52.41 -19.08
CA LEU G 1272 81.83 52.95 -20.15
C LEU G 1272 81.52 52.30 -21.52
N ALA G 1273 80.64 52.92 -22.34
CA ALA G 1273 80.19 52.33 -23.61
C ALA G 1273 81.29 52.22 -24.67
N HIS G 1274 81.37 51.06 -25.32
CA HIS G 1274 82.41 50.72 -26.31
C HIS G 1274 82.00 49.50 -27.23
N ARG G 1275 82.84 49.04 -28.14
CA ARG G 1275 82.58 47.78 -28.88
C ARG G 1275 83.86 46.96 -29.16
N THR G 1276 83.77 45.63 -29.28
CA THR G 1276 84.96 44.77 -29.51
C THR G 1276 85.06 44.21 -30.96
N TRP G 1277 86.26 43.69 -31.32
CA TRP G 1277 86.60 43.38 -32.73
C TRP G 1277 87.54 42.22 -32.91
N GLY G 1278 87.70 41.72 -34.15
CA GLY G 1278 88.64 40.60 -34.44
C GLY G 1278 88.45 39.92 -35.83
N SER G 1279 89.57 39.72 -36.51
CA SER G 1279 89.61 38.98 -37.78
C SER G 1279 89.16 37.50 -37.66
N GLN G 1280 89.40 36.92 -36.48
CA GLN G 1280 89.14 35.53 -36.19
C GLN G 1280 89.88 34.57 -37.17
N ASN G 1281 89.25 34.25 -38.30
CA ASN G 1281 89.85 33.35 -39.30
C ASN G 1281 91.06 33.99 -39.95
N SER G 1282 92.04 33.15 -40.32
CA SER G 1282 93.16 33.62 -41.11
C SER G 1282 92.62 34.20 -42.46
N LEU G 1283 92.98 35.46 -42.82
CA LEU G 1283 92.30 36.28 -43.87
C LEU G 1283 93.12 37.57 -44.14
N VAL G 1284 92.89 38.06 -45.33
CA VAL G 1284 93.77 38.95 -46.03
C VAL G 1284 93.83 40.39 -45.51
N GLU G 1285 94.31 41.30 -46.36
CA GLU G 1285 94.69 42.67 -46.04
C GLU G 1285 93.58 43.64 -45.66
N MET G 1286 93.92 44.51 -44.73
CA MET G 1286 93.31 45.83 -44.56
C MET G 1286 91.86 45.92 -44.16
N LEU G 1287 91.59 46.94 -43.35
CA LEU G 1287 90.24 47.26 -42.92
C LEU G 1287 90.10 48.75 -42.93
N PHE G 1288 89.40 49.22 -43.93
CA PHE G 1288 89.08 50.62 -43.98
C PHE G 1288 87.83 50.82 -43.12
N LEU G 1289 88.06 51.04 -41.85
CA LEU G 1289 86.99 51.07 -40.89
C LEU G 1289 86.18 52.36 -40.92
N ARG G 1290 85.25 52.48 -41.86
CA ARG G 1290 84.51 53.77 -42.05
C ARG G 1290 83.28 53.83 -41.23
N LEU G 1291 83.30 54.55 -40.13
CA LEU G 1291 82.11 54.80 -39.39
C LEU G 1291 81.28 55.80 -40.18
N SER G 1292 79.98 55.55 -40.22
CA SER G 1292 79.10 56.29 -41.12
C SER G 1292 78.90 57.75 -40.81
N LEU G 1293 79.06 58.14 -39.57
CA LEU G 1293 78.44 59.36 -39.10
C LEU G 1293 79.37 60.60 -39.19
N PRO G 1294 78.99 61.60 -40.03
CA PRO G 1294 79.68 62.89 -40.20
C PRO G 1294 79.68 63.77 -38.96
N VAL G 1295 80.74 64.49 -38.70
CA VAL G 1295 80.75 65.40 -37.57
C VAL G 1295 80.01 66.71 -37.82
N GLN G 1296 79.17 67.19 -36.93
CA GLN G 1296 78.41 68.46 -37.16
C GLN G 1296 79.20 69.77 -36.80
N PHE G 1297 78.98 70.96 -37.41
CA PHE G 1297 79.60 72.27 -36.88
C PHE G 1297 78.74 73.40 -36.31
N THR G 1432 85.35 70.66 -27.99
CA THR G 1432 84.33 70.43 -26.96
C THR G 1432 84.24 68.89 -26.67
N TYR G 1433 83.77 68.16 -27.68
CA TYR G 1433 83.62 66.68 -27.57
C TYR G 1433 84.80 65.87 -27.94
N TYR G 1434 85.30 65.07 -26.99
CA TYR G 1434 86.25 64.00 -27.30
C TYR G 1434 85.60 62.79 -27.98
N TYR G 1435 86.41 62.09 -28.78
CA TYR G 1435 86.02 60.83 -29.44
C TYR G 1435 87.17 59.89 -29.31
N SER G 1436 86.92 58.60 -29.11
CA SER G 1436 87.96 57.69 -28.64
C SER G 1436 88.02 56.29 -29.27
N VAL G 1437 89.21 55.72 -29.53
CA VAL G 1437 89.37 54.40 -30.17
C VAL G 1437 90.73 53.82 -29.74
N ARG G 1438 90.73 53.02 -28.68
CA ARG G 1438 91.95 52.29 -28.31
C ARG G 1438 92.31 51.19 -29.35
N VAL G 1439 93.59 50.94 -29.57
CA VAL G 1439 94.08 49.79 -30.42
C VAL G 1439 95.17 49.02 -29.65
N PHE G 1440 95.25 47.69 -29.73
CA PHE G 1440 96.21 46.90 -28.89
C PHE G 1440 96.96 45.79 -29.68
N ALA G 1441 97.08 45.93 -31.01
CA ALA G 1441 97.81 44.93 -31.85
C ALA G 1441 98.14 45.57 -33.18
N CYS G 1447 102.00 51.28 -37.32
CA CYS G 1447 101.64 50.13 -38.26
C CYS G 1447 100.23 50.32 -38.82
N VAL G 1448 99.50 51.21 -38.16
CA VAL G 1448 98.08 51.48 -38.50
C VAL G 1448 97.83 52.98 -38.63
N TRP G 1449 97.05 53.33 -39.65
CA TRP G 1449 96.86 54.72 -40.06
C TRP G 1449 95.64 55.39 -39.40
N VAL G 1450 95.76 55.79 -38.11
CA VAL G 1450 94.69 56.62 -37.46
C VAL G 1450 94.64 58.05 -38.11
N GLY G 1451 93.42 58.57 -38.30
CA GLY G 1451 93.19 59.83 -38.98
C GLY G 1451 91.81 59.88 -39.60
N TRP G 1452 91.03 60.83 -39.12
CA TRP G 1452 89.61 60.86 -39.42
C TRP G 1452 89.29 61.12 -40.88
N VAL G 1453 88.38 60.30 -41.41
CA VAL G 1453 88.10 60.23 -42.84
C VAL G 1453 87.28 61.33 -43.45
N THR G 1454 87.63 61.62 -44.69
CA THR G 1454 86.83 62.44 -45.57
C THR G 1454 85.75 61.59 -46.25
N PRO G 1455 84.50 62.05 -46.14
CA PRO G 1455 83.37 61.29 -46.62
C PRO G 1455 83.34 60.84 -48.09
N ASP G 1456 83.84 61.65 -49.00
CA ASP G 1456 83.67 61.34 -50.42
C ASP G 1456 84.70 60.32 -50.88
N TYR G 1457 85.66 59.92 -50.04
CA TYR G 1457 86.89 59.21 -50.48
C TYR G 1457 86.85 57.77 -51.08
N HIS G 1458 88.02 57.26 -51.52
CA HIS G 1458 88.16 55.90 -52.09
C HIS G 1458 89.56 55.56 -52.72
N GLN G 1459 89.86 54.24 -52.84
CA GLN G 1459 91.10 53.65 -53.40
C GLN G 1459 91.45 52.37 -52.61
N HIS G 1460 92.36 51.49 -53.03
CA HIS G 1460 92.56 50.41 -52.10
C HIS G 1460 94.07 50.05 -51.82
N ASP G 1461 94.35 49.38 -50.69
CA ASP G 1461 95.72 48.84 -50.37
C ASP G 1461 96.75 49.91 -50.02
N MET G 1462 97.65 49.52 -49.12
CA MET G 1462 98.71 50.39 -48.70
C MET G 1462 98.25 51.79 -48.20
N ASN G 1463 98.19 52.80 -49.06
CA ASN G 1463 97.64 54.12 -48.67
C ASN G 1463 98.24 54.85 -47.41
N PHE G 1464 99.52 55.06 -47.51
CA PHE G 1464 100.28 55.81 -46.45
C PHE G 1464 101.07 56.94 -47.07
N ASP G 1465 100.45 58.07 -46.85
CA ASP G 1465 99.16 58.25 -47.38
C ASP G 1465 98.88 58.76 -48.80
N LEU G 1466 98.47 57.87 -49.70
CA LEU G 1466 97.97 58.26 -51.01
C LEU G 1466 96.51 58.85 -51.05
N SER G 1467 96.26 60.05 -50.48
CA SER G 1467 94.88 60.70 -50.50
C SER G 1467 94.44 61.28 -51.84
N VAL G 1472 96.75 68.26 -50.07
CA VAL G 1472 95.63 69.04 -50.55
C VAL G 1472 95.55 70.41 -49.88
N THR G 1473 95.81 71.44 -50.67
CA THR G 1473 95.78 72.83 -50.21
C THR G 1473 95.37 73.76 -51.33
N VAL G 1474 94.90 74.96 -50.95
CA VAL G 1474 94.49 75.95 -51.90
C VAL G 1474 94.79 77.35 -51.42
N THR G 1475 95.63 78.05 -52.15
CA THR G 1475 95.83 79.45 -51.93
C THR G 1475 94.59 80.25 -52.28
N MET G 1476 94.26 81.20 -51.43
CA MET G 1476 93.17 82.13 -51.70
C MET G 1476 93.74 83.47 -52.17
N GLY G 1477 94.33 83.38 -53.35
CA GLY G 1477 95.12 84.49 -53.79
C GLY G 1477 94.27 85.62 -54.34
N ASP G 1478 94.94 86.76 -54.52
CA ASP G 1478 94.38 87.97 -55.18
C ASP G 1478 95.28 88.28 -56.45
N GLU G 1479 95.69 87.22 -57.16
CA GLU G 1479 96.63 87.25 -58.35
C GLU G 1479 98.08 87.61 -57.97
N GLN G 1480 98.18 88.57 -57.04
CA GLN G 1480 99.46 89.01 -56.44
C GLN G 1480 100.19 87.82 -55.75
N GLY G 1481 99.41 86.86 -55.26
CA GLY G 1481 99.96 85.85 -54.40
C GLY G 1481 100.01 86.26 -52.93
N ASN G 1482 99.65 87.51 -52.57
CA ASN G 1482 99.60 87.91 -51.12
C ASN G 1482 98.59 87.08 -50.34
N VAL G 1483 97.54 86.71 -51.05
CA VAL G 1483 96.52 85.75 -50.61
C VAL G 1483 95.75 86.23 -49.39
N HIS G 1484 94.44 86.08 -49.49
CA HIS G 1484 93.58 86.22 -48.33
C HIS G 1484 93.59 84.87 -47.57
N SER G 1485 94.71 84.65 -46.87
CA SER G 1485 95.00 83.38 -46.20
C SER G 1485 95.03 82.19 -47.23
N SER G 1486 95.32 80.96 -46.77
CA SER G 1486 95.35 79.74 -47.67
C SER G 1486 95.10 78.52 -46.85
N LEU G 1487 94.30 77.61 -47.36
CA LEU G 1487 93.72 76.62 -46.50
C LEU G 1487 93.64 75.26 -47.16
N LYS G 1488 92.48 74.59 -47.02
CA LYS G 1488 92.28 73.22 -47.49
C LYS G 1488 93.18 72.18 -46.81
N CYS G 1489 92.54 71.19 -46.17
CA CYS G 1489 93.24 70.15 -45.41
C CYS G 1489 92.30 68.95 -45.10
N SER G 1490 92.91 67.83 -44.74
CA SER G 1490 92.22 66.58 -44.47
C SER G 1490 91.32 66.08 -45.61
N ASN G 1491 91.72 66.16 -46.88
CA ASN G 1491 90.94 65.60 -48.02
C ASN G 1491 91.41 64.18 -48.49
N TYR G 1493 91.82 63.00 -45.48
CA TYR G 1493 91.83 62.35 -44.15
C TYR G 1493 93.09 62.67 -43.36
N MET G 1494 93.63 61.67 -42.66
CA MET G 1494 94.91 61.75 -41.98
C MET G 1494 95.51 60.31 -41.79
N VAL G 1495 96.80 60.20 -41.52
CA VAL G 1495 97.49 58.90 -41.45
C VAL G 1495 98.50 58.85 -40.27
N TRP G 1496 98.85 57.65 -39.79
CA TRP G 1496 99.73 57.46 -38.59
C TRP G 1496 100.53 56.12 -38.61
N GLY G 1497 101.54 56.05 -37.71
CA GLY G 1497 102.53 54.98 -37.64
C GLY G 1497 102.80 54.58 -36.24
N SER G 1510 104.84 46.44 -27.23
CA SER G 1510 103.48 46.18 -27.62
C SER G 1510 102.49 47.14 -26.93
N HIS G 1511 102.82 48.43 -26.86
CA HIS G 1511 101.95 49.42 -26.23
C HIS G 1511 100.72 49.69 -27.09
N THR G 1512 99.56 49.79 -26.44
CA THR G 1512 98.31 50.05 -27.14
C THR G 1512 98.32 51.44 -27.79
N ASP G 1513 97.31 51.70 -28.61
CA ASP G 1513 97.21 52.99 -29.30
C ASP G 1513 95.83 53.61 -29.08
N LEU G 1514 95.78 54.66 -28.26
CA LEU G 1514 94.53 55.35 -27.98
C LEU G 1514 94.36 56.56 -28.88
N VAL G 1515 93.14 57.10 -28.92
CA VAL G 1515 92.84 58.26 -29.74
C VAL G 1515 91.64 59.02 -29.20
N ILE G 1516 91.89 59.94 -28.27
CA ILE G 1516 90.81 60.76 -27.66
C ILE G 1516 90.74 62.15 -28.33
N GLY G 1517 90.50 62.23 -29.64
CA GLY G 1517 90.53 63.51 -30.31
C GLY G 1517 89.32 64.41 -29.95
N CYS G 1518 89.65 65.63 -29.56
CA CYS G 1518 88.62 66.63 -29.25
C CYS G 1518 88.10 67.28 -30.53
N LEU G 1519 86.86 67.80 -30.47
CA LEU G 1519 86.31 68.59 -31.55
C LEU G 1519 85.30 69.68 -31.13
N VAL G 1520 85.18 70.78 -31.89
CA VAL G 1520 84.27 71.92 -31.59
C VAL G 1520 84.54 72.58 -30.24
N GLY G 1525 84.98 75.13 -35.48
CA GLY G 1525 86.02 74.47 -34.71
C GLY G 1525 87.22 74.18 -35.60
N LEU G 1526 88.09 73.25 -35.20
CA LEU G 1526 89.15 72.67 -36.06
C LEU G 1526 89.68 71.33 -35.48
N MET G 1527 90.27 70.47 -36.31
CA MET G 1527 90.76 69.18 -35.87
C MET G 1527 91.91 69.30 -34.87
N THR G 1528 91.87 68.45 -33.86
CA THR G 1528 92.85 68.38 -32.80
C THR G 1528 93.23 66.92 -32.50
N PHE G 1529 94.31 66.49 -33.12
CA PHE G 1529 94.72 65.11 -32.99
C PHE G 1529 95.23 64.81 -31.58
N THR G 1530 95.02 63.56 -31.13
CA THR G 1530 95.65 63.13 -29.86
C THR G 1530 96.29 61.74 -29.94
N ALA G 1531 97.32 61.64 -30.79
CA ALA G 1531 98.08 60.40 -31.06
C ALA G 1531 98.58 59.70 -29.78
N ASN G 1532 98.32 58.40 -29.55
CA ASN G 1532 98.92 57.66 -28.42
C ASN G 1532 98.51 58.31 -27.09
N GLY G 1533 97.27 58.81 -27.01
CA GLY G 1533 96.77 59.51 -25.81
C GLY G 1533 97.39 60.89 -25.57
N LYS G 1534 98.70 60.97 -25.59
CA LYS G 1534 99.44 62.24 -25.45
C LYS G 1534 99.15 63.24 -26.59
N GLU G 1535 99.25 64.52 -26.33
CA GLU G 1535 99.14 65.52 -27.43
C GLU G 1535 100.32 65.39 -28.43
N SER G 1536 100.11 65.56 -29.73
CA SER G 1536 101.24 65.65 -30.71
C SER G 1536 100.96 66.58 -31.90
N ASN G 1537 100.43 67.75 -31.60
CA ASN G 1537 99.98 68.71 -32.62
C ASN G 1537 98.86 68.16 -33.55
N THR G 1538 98.47 68.97 -34.55
CA THR G 1538 97.39 68.64 -35.54
C THR G 1538 97.50 69.52 -36.80
N PHE G 1539 98.09 68.99 -37.87
CA PHE G 1539 98.27 69.72 -39.12
C PHE G 1539 96.91 70.12 -39.71
N PHE G 1540 95.89 69.29 -39.50
CA PHE G 1540 94.57 69.57 -40.01
C PHE G 1540 93.89 70.73 -39.24
N GLN G 1541 93.14 71.51 -40.02
CA GLN G 1541 92.14 72.45 -39.51
C GLN G 1541 91.14 72.91 -40.61
N VAL G 1542 89.87 72.46 -40.56
CA VAL G 1542 88.84 73.04 -41.45
C VAL G 1542 87.44 73.04 -40.87
N GLU G 1543 86.88 74.22 -40.59
CA GLU G 1543 85.45 74.33 -40.23
C GLU G 1543 84.65 75.39 -41.04
N PRO G 1544 84.34 75.10 -42.33
CA PRO G 1544 83.29 75.86 -43.09
C PRO G 1544 81.82 75.35 -42.84
N ASN G 1545 81.46 75.05 -41.58
CA ASN G 1545 80.15 74.40 -41.28
C ASN G 1545 79.98 72.98 -41.93
N THR G 1546 81.04 72.32 -42.42
CA THR G 1546 80.95 70.99 -43.02
C THR G 1546 80.79 69.84 -42.01
N LYS G 1547 80.18 68.79 -42.49
CA LYS G 1547 80.13 67.51 -41.83
C LYS G 1547 81.17 66.56 -42.43
N LEU G 1548 81.84 65.82 -41.58
CA LEU G 1548 82.92 64.90 -41.99
C LEU G 1548 83.15 63.69 -41.05
N PHE G 1549 83.78 62.64 -41.59
CA PHE G 1549 83.92 61.39 -40.87
C PHE G 1549 85.03 61.37 -39.87
N PRO G 1550 84.82 60.66 -38.75
CA PRO G 1550 85.84 60.12 -37.86
C PRO G 1550 86.07 58.62 -38.05
N ALA G 1551 87.24 58.22 -38.53
CA ALA G 1551 87.50 56.77 -38.82
C ALA G 1551 89.00 56.43 -39.01
N VAL G 1552 89.31 55.12 -39.11
CA VAL G 1552 90.67 54.65 -39.28
C VAL G 1552 90.85 53.52 -40.30
N PHE G 1553 91.96 53.52 -41.07
CA PHE G 1553 92.30 52.41 -41.98
C PHE G 1553 93.23 51.35 -41.40
N VAL G 1554 92.73 50.52 -40.51
CA VAL G 1554 93.58 49.47 -39.86
C VAL G 1554 94.10 48.35 -40.79
N LEU G 1555 95.33 47.96 -40.55
CA LEU G 1555 95.86 46.72 -41.04
C LEU G 1555 95.82 45.66 -39.91
N PRO G 1556 95.09 44.57 -40.12
CA PRO G 1556 94.87 43.56 -39.06
C PRO G 1556 96.09 42.86 -38.46
N THR G 1557 96.08 42.60 -37.15
CA THR G 1557 97.09 41.77 -36.44
C THR G 1557 96.54 40.40 -36.15
N HIS G 1558 95.77 39.90 -37.14
CA HIS G 1558 94.97 38.68 -37.01
C HIS G 1558 94.03 38.75 -35.79
N GLN G 1559 94.38 38.08 -34.68
CA GLN G 1559 93.46 38.03 -33.54
C GLN G 1559 93.25 39.40 -32.84
N ASN G 1560 91.98 39.65 -32.50
CA ASN G 1560 91.56 40.87 -31.81
C ASN G 1560 92.14 42.19 -32.36
N VAL G 1561 91.72 42.45 -33.60
CA VAL G 1561 92.19 43.60 -34.41
C VAL G 1561 92.17 45.02 -33.79
N ILE G 1562 91.12 45.36 -33.06
CA ILE G 1562 91.02 46.73 -32.52
C ILE G 1562 89.98 46.89 -31.41
N GLN G 1563 90.26 47.79 -30.46
CA GLN G 1563 89.27 48.21 -29.48
C GLN G 1563 88.53 49.48 -29.99
N PHE G 1564 87.44 49.93 -29.40
CA PHE G 1564 86.74 51.11 -29.97
C PHE G 1564 85.82 51.80 -28.94
N GLU G 1565 85.50 53.08 -29.08
CA GLU G 1565 84.52 53.73 -28.10
C GLU G 1565 83.35 54.40 -28.69
N ALA G 1577 85.54 68.76 -21.47
CA ALA G 1577 85.63 67.46 -22.11
C ALA G 1577 84.40 66.67 -21.80
N ALA G 1578 83.78 66.13 -22.87
CA ALA G 1578 82.50 65.36 -22.83
C ALA G 1578 82.34 64.35 -24.04
N MET G 1579 81.73 63.19 -23.78
CA MET G 1579 81.65 62.11 -24.77
C MET G 1579 80.77 62.47 -25.99
N PHE G 1580 81.20 62.03 -27.18
CA PHE G 1580 80.59 62.44 -28.45
C PHE G 1580 79.27 61.73 -28.74
N LEU G 1581 78.94 60.70 -27.97
CA LEU G 1581 77.93 59.72 -28.53
C LEU G 1581 76.55 60.23 -28.17
N SER G 1582 76.18 61.35 -28.78
CA SER G 1582 75.02 62.14 -28.31
C SER G 1582 74.86 63.38 -29.17
N GLU G 1583 75.90 64.20 -29.22
CA GLU G 1583 75.89 65.43 -30.02
C GLU G 1583 75.72 65.08 -31.49
N ARG G 1584 76.20 63.90 -31.89
CA ARG G 1584 76.04 63.40 -33.21
C ARG G 1584 74.56 63.32 -33.57
N LYS G 1585 73.76 62.86 -32.60
CA LYS G 1585 72.29 62.91 -32.69
C LYS G 1585 71.74 64.32 -32.42
N ASN G 1586 70.53 64.64 -32.86
CA ASN G 1586 69.97 65.94 -32.55
C ASN G 1586 69.88 66.34 -31.12
N PRO G 1587 69.46 65.43 -30.23
CA PRO G 1587 69.39 65.90 -28.87
C PRO G 1587 70.75 66.20 -28.21
N ALA G 1588 71.65 67.01 -28.84
CA ALA G 1588 72.84 67.63 -28.24
C ALA G 1588 72.37 68.50 -27.11
N PRO G 1589 73.31 68.72 -26.20
CA PRO G 1589 74.14 67.70 -25.60
C PRO G 1589 73.65 66.35 -25.16
N GLN G 1590 72.86 66.29 -24.08
CA GLN G 1590 72.58 65.03 -23.38
C GLN G 1590 73.92 64.27 -23.20
N CYS G 1591 74.78 64.80 -22.33
CA CYS G 1591 76.21 64.45 -22.31
C CYS G 1591 76.56 62.98 -22.12
N PRO G 1592 75.89 62.22 -21.25
CA PRO G 1592 76.31 60.82 -21.09
C PRO G 1592 76.31 59.96 -22.38
N PRO G 1593 77.30 59.06 -22.55
CA PRO G 1593 77.46 58.23 -23.76
C PRO G 1593 76.30 57.22 -23.97
N ARG G 1594 75.91 57.00 -25.24
CA ARG G 1594 74.72 56.21 -25.56
C ARG G 1594 74.89 55.54 -26.90
N LEU G 1595 75.46 54.36 -26.86
CA LEU G 1595 75.58 53.59 -28.05
C LEU G 1595 74.22 53.02 -28.41
N GLU G 1596 74.01 52.85 -29.70
CA GLU G 1596 72.69 52.75 -30.21
C GLU G 1596 72.68 52.27 -31.64
N VAL G 1597 71.48 52.05 -32.12
CA VAL G 1597 71.23 51.36 -33.33
C VAL G 1597 71.84 52.04 -34.55
N GLN G 1598 71.86 53.35 -34.58
CA GLN G 1598 72.42 54.03 -35.75
C GLN G 1598 73.95 54.24 -35.58
N MET G 1599 74.52 53.74 -34.49
CA MET G 1599 76.00 53.84 -34.36
C MET G 1599 76.72 53.01 -35.37
N LEU G 1600 76.63 53.41 -36.61
CA LEU G 1600 76.83 52.46 -37.67
C LEU G 1600 78.26 51.95 -37.86
N MET G 1601 78.40 50.75 -38.42
CA MET G 1601 79.65 50.30 -38.91
C MET G 1601 79.71 49.85 -40.37
N PRO G 1602 79.70 50.81 -41.30
CA PRO G 1602 79.80 50.48 -42.72
C PRO G 1602 81.15 50.61 -43.33
N VAL G 1603 81.87 49.53 -43.39
CA VAL G 1603 83.16 49.58 -44.01
C VAL G 1603 83.03 49.83 -45.53
N SER G 1604 83.96 50.56 -46.12
CA SER G 1604 83.99 50.64 -47.59
C SER G 1604 84.50 49.34 -48.14
N TRP G 1605 83.98 48.84 -49.25
CA TRP G 1605 84.43 47.55 -49.76
C TRP G 1605 84.93 47.65 -51.10
N SER G 1606 84.09 47.40 -52.10
CA SER G 1606 84.54 47.58 -53.42
C SER G 1606 83.44 47.78 -54.45
N ARG G 1607 83.44 46.89 -55.42
CA ARG G 1607 82.65 47.02 -56.64
C ARG G 1607 81.15 46.95 -56.33
N MET G 1608 80.31 47.82 -56.85
CA MET G 1608 78.84 47.71 -56.64
C MET G 1608 78.07 48.16 -57.88
N PRO G 1609 76.89 47.61 -58.08
CA PRO G 1609 76.15 47.78 -59.27
C PRO G 1609 75.22 49.00 -59.32
N ASN G 1610 75.71 50.12 -59.83
CA ASN G 1610 74.84 51.23 -60.15
C ASN G 1610 74.16 51.10 -61.51
N HIS G 1611 73.00 51.73 -61.61
CA HIS G 1611 72.11 51.56 -62.75
C HIS G 1611 72.64 52.12 -64.08
N PHE G 1612 72.33 51.45 -65.15
CA PHE G 1612 72.80 51.85 -66.44
C PHE G 1612 72.27 53.20 -66.98
N LEU G 1613 71.09 53.58 -66.57
CA LEU G 1613 70.36 54.73 -67.09
C LEU G 1613 69.89 54.57 -68.55
N GLN G 1614 68.56 54.34 -68.81
CA GLN G 1614 68.01 54.09 -70.19
C GLN G 1614 68.42 55.15 -71.24
N VAL G 1615 68.50 56.41 -70.84
CA VAL G 1615 68.87 57.51 -71.79
C VAL G 1615 69.76 58.54 -71.11
N GLU G 1616 70.69 59.20 -71.81
CA GLU G 1616 71.42 60.30 -71.13
C GLU G 1616 72.03 61.42 -71.97
N THR G 1617 72.82 61.09 -72.98
CA THR G 1617 73.60 62.12 -73.67
C THR G 1617 73.52 62.00 -75.21
N ARG G 1618 73.68 63.11 -75.91
CA ARG G 1618 73.53 63.13 -77.37
C ARG G 1618 74.67 63.96 -77.99
N ARG G 1619 75.89 63.74 -77.51
CA ARG G 1619 77.05 64.56 -77.87
C ARG G 1619 77.46 64.35 -79.35
N ALA G 1620 77.95 65.44 -79.95
CA ALA G 1620 78.46 65.43 -81.31
C ALA G 1620 79.78 66.24 -81.39
N GLY G 1621 80.64 65.76 -82.28
CA GLY G 1621 82.06 66.11 -82.32
C GLY G 1621 82.51 66.73 -83.61
N GLU G 1622 83.80 67.05 -83.64
CA GLU G 1622 84.39 67.76 -84.77
C GLU G 1622 85.91 67.80 -84.61
N ARG G 1623 86.60 67.97 -85.74
CA ARG G 1623 88.06 68.01 -85.80
C ARG G 1623 88.67 69.16 -86.73
N LEU G 1624 90.00 69.37 -86.68
CA LEU G 1624 90.69 70.61 -87.12
C LEU G 1624 90.04 71.82 -86.44
N GLY G 1625 89.68 71.70 -85.15
CA GLY G 1625 88.95 72.72 -84.36
C GLY G 1625 88.32 72.17 -83.03
N TRP G 1626 87.91 70.89 -83.05
CA TRP G 1626 87.38 70.17 -81.81
C TRP G 1626 86.26 70.92 -81.12
N ALA G 1627 85.34 71.39 -81.94
CA ALA G 1627 84.22 72.17 -81.45
C ALA G 1627 83.12 71.20 -80.97
N VAL G 1628 83.37 70.54 -79.84
CA VAL G 1628 82.45 69.55 -79.29
C VAL G 1628 81.12 70.16 -78.82
N GLN G 1629 80.03 69.44 -79.04
CA GLN G 1629 78.72 69.96 -78.74
C GLN G 1629 77.82 68.85 -78.32
N CYS G 1630 76.83 69.23 -77.51
CA CYS G 1630 75.76 68.31 -77.16
C CYS G 1630 74.44 69.05 -76.97
N GLN G 1631 73.32 68.32 -77.07
CA GLN G 1631 71.99 68.96 -77.09
C GLN G 1631 71.20 68.73 -75.80
N ASP G 1632 69.94 68.28 -75.89
CA ASP G 1632 68.92 68.52 -74.86
C ASP G 1632 69.18 67.77 -73.59
N PRO G 1633 69.22 68.49 -72.46
CA PRO G 1633 69.32 67.92 -71.13
C PRO G 1633 68.10 67.14 -70.68
N LEU G 1634 68.38 66.11 -69.91
CA LEU G 1634 67.41 65.28 -69.33
C LEU G 1634 67.85 65.08 -67.89
N THR G 1635 66.85 64.99 -67.04
CA THR G 1635 67.05 65.01 -65.62
C THR G 1635 67.69 63.79 -65.04
N MET G 1636 68.56 64.02 -64.07
CA MET G 1636 68.92 63.03 -63.09
C MET G 1636 67.81 63.02 -62.06
N MET G 1637 66.76 62.27 -62.37
CA MET G 1637 65.76 62.08 -61.41
C MET G 1637 66.43 61.36 -60.26
N ALA G 1638 66.23 61.81 -59.01
CA ALA G 1638 67.03 61.28 -57.93
C ALA G 1638 66.67 61.67 -56.50
N LEU G 1639 67.18 60.87 -55.58
CA LEU G 1639 67.14 61.19 -54.14
C LEU G 1639 68.52 61.10 -53.59
N HIS G 1640 68.68 61.23 -52.28
CA HIS G 1640 69.97 60.95 -51.72
C HIS G 1640 69.80 60.61 -50.30
N ILE G 1641 70.74 59.84 -49.80
CA ILE G 1641 70.89 59.69 -48.37
C ILE G 1641 71.43 61.01 -47.92
N PRO G 1642 70.69 61.67 -47.03
CA PRO G 1642 71.08 62.97 -46.60
C PRO G 1642 72.45 63.00 -45.95
N GLU G 1643 72.77 61.94 -45.22
CA GLU G 1643 74.07 61.78 -44.65
C GLU G 1643 75.01 61.31 -45.69
N GLU G 1644 76.26 61.77 -45.62
CA GLU G 1644 77.24 61.39 -46.63
C GLU G 1644 76.66 61.53 -48.02
N ASN G 1645 76.34 62.76 -48.39
CA ASN G 1645 75.42 62.99 -49.49
C ASN G 1645 75.86 62.36 -50.80
N ARG G 1646 74.92 61.70 -51.47
CA ARG G 1646 75.16 60.95 -52.70
C ARG G 1646 73.91 60.83 -53.48
N CYS G 1647 73.84 61.54 -54.59
CA CYS G 1647 72.71 61.43 -55.47
C CYS G 1647 72.58 60.01 -56.05
N MET G 1648 71.32 59.52 -56.07
CA MET G 1648 70.92 58.21 -56.53
C MET G 1648 69.51 58.36 -57.12
N ASP G 1649 69.28 57.80 -58.30
CA ASP G 1649 67.93 57.80 -58.88
C ASP G 1649 67.12 56.94 -58.08
N ILE G 1650 65.86 57.34 -58.01
CA ILE G 1650 65.07 56.73 -57.02
C ILE G 1650 64.86 55.25 -57.35
N LEU G 1651 64.88 54.98 -58.63
CA LEU G 1651 64.60 53.68 -59.09
C LEU G 1651 65.65 52.66 -58.62
N GLU G 1652 66.80 53.17 -58.24
CA GLU G 1652 67.86 52.37 -57.70
C GLU G 1652 67.43 51.72 -56.41
N LEU G 1653 66.50 52.36 -55.72
CA LEU G 1653 66.00 51.81 -54.50
C LEU G 1653 65.07 50.67 -54.72
N SER G 1654 64.62 50.48 -55.97
CA SER G 1654 63.68 49.40 -56.28
C SER G 1654 64.29 48.07 -55.97
N GLU G 1655 65.61 47.99 -56.04
CA GLU G 1655 66.24 46.71 -55.88
C GLU G 1655 66.94 46.53 -54.54
N ARG G 1656 67.53 47.59 -54.01
CA ARG G 1656 67.86 47.59 -52.59
C ARG G 1656 66.67 48.18 -51.85
N LEU G 1657 65.68 47.31 -51.76
CA LEU G 1657 64.30 47.71 -51.54
C LEU G 1657 63.96 48.08 -50.15
N ASP G 1658 64.90 47.86 -49.26
CA ASP G 1658 64.65 48.20 -47.93
C ASP G 1658 64.47 49.69 -47.81
N LEU G 1659 65.31 50.39 -48.53
CA LEU G 1659 65.19 51.81 -48.58
C LEU G 1659 63.97 52.23 -49.31
N GLN G 1660 63.52 51.42 -50.24
CA GLN G 1660 62.26 51.67 -50.87
C GLN G 1660 61.11 51.59 -49.89
N ARG G 1661 61.25 50.71 -48.94
CA ARG G 1661 60.26 50.56 -47.95
C ARG G 1661 60.28 51.77 -47.05
N PHE G 1662 61.47 52.23 -46.72
CA PHE G 1662 61.59 53.39 -45.91
C PHE G 1662 61.05 54.62 -46.58
N HIS G 1663 61.25 54.70 -47.87
CA HIS G 1663 60.80 55.83 -48.59
C HIS G 1663 59.34 55.84 -48.71
N SER G 1664 58.84 54.67 -49.00
CA SER G 1664 57.45 54.55 -49.15
C SER G 1664 56.69 54.89 -47.89
N HIS G 1665 57.25 54.51 -46.78
CA HIS G 1665 56.69 54.96 -45.55
C HIS G 1665 56.87 56.47 -45.33
N THR G 1666 57.89 57.05 -45.91
CA THR G 1666 57.97 58.48 -45.84
C THR G 1666 56.85 59.19 -46.57
N LEU G 1667 56.42 58.51 -47.59
CA LEU G 1667 55.37 59.03 -48.40
C LEU G 1667 54.01 58.80 -47.81
N ARG G 1668 53.85 57.67 -47.15
CA ARG G 1668 52.69 57.45 -46.36
C ARG G 1668 52.65 58.54 -45.35
N LEU G 1669 53.82 58.89 -44.86
CA LEU G 1669 53.91 59.83 -43.82
C LEU G 1669 53.45 61.14 -44.19
N TYR G 1670 53.92 61.60 -45.30
CA TYR G 1670 53.50 62.88 -45.70
C TYR G 1670 52.05 62.89 -46.01
N ARG G 1671 51.61 61.76 -46.54
CA ARG G 1671 50.25 61.62 -46.95
C ARG G 1671 49.35 61.79 -45.76
N ALA G 1672 49.82 61.32 -44.60
CA ALA G 1672 49.16 61.53 -43.34
C ALA G 1672 49.37 62.91 -42.82
N VAL G 1673 50.44 63.49 -43.27
CA VAL G 1673 50.73 64.78 -42.88
C VAL G 1673 49.85 65.78 -43.53
N CYS G 1674 49.27 65.46 -44.65
CA CYS G 1674 48.37 66.41 -45.22
C CYS G 1674 47.12 66.71 -44.35
N ALA G 1675 46.74 65.76 -43.52
CA ALA G 1675 45.61 65.95 -42.58
C ALA G 1675 44.32 66.19 -43.27
N LEU G 1676 44.21 65.62 -44.47
CA LEU G 1676 43.07 65.87 -45.28
C LEU G 1676 42.89 67.40 -45.42
N GLY G 1677 43.65 68.02 -46.31
CA GLY G 1677 43.47 69.44 -46.63
C GLY G 1677 44.21 70.50 -45.82
N ASN G 1678 45.12 70.13 -44.92
CA ASN G 1678 45.92 71.17 -44.27
C ASN G 1678 46.80 71.79 -45.31
N ASN G 1679 46.94 73.10 -45.26
CA ASN G 1679 47.56 73.80 -46.37
C ASN G 1679 48.92 74.40 -46.05
N ARG G 1680 49.03 75.05 -44.90
CA ARG G 1680 50.27 75.67 -44.54
C ARG G 1680 51.35 74.62 -44.39
N VAL G 1681 50.91 73.41 -44.05
CA VAL G 1681 51.80 72.30 -44.03
C VAL G 1681 52.09 71.82 -45.41
N ALA G 1682 51.07 71.84 -46.21
CA ALA G 1682 51.23 71.38 -47.53
C ALA G 1682 52.19 72.25 -48.31
N HIS G 1683 52.20 73.53 -48.03
CA HIS G 1683 53.10 74.42 -48.70
C HIS G 1683 54.51 74.01 -48.38
N ALA G 1684 54.66 73.55 -47.14
CA ALA G 1684 55.94 73.09 -46.69
C ALA G 1684 56.43 71.95 -47.47
N LEU G 1685 55.50 71.10 -47.79
CA LEU G 1685 55.85 70.00 -48.57
C LEU G 1685 56.14 70.40 -49.96
N CYS G 1686 55.51 71.43 -50.47
CA CYS G 1686 55.81 71.84 -51.80
C CYS G 1686 57.19 72.29 -51.83
N SER G 1687 57.63 72.90 -50.74
CA SER G 1687 59.01 73.28 -50.59
C SER G 1687 59.93 72.09 -50.67
N HIS G 1688 59.40 70.95 -50.25
CA HIS G 1688 60.21 69.89 -49.94
C HIS G 1688 60.07 68.72 -50.87
N VAL G 1689 59.17 68.73 -51.82
CA VAL G 1689 59.06 67.63 -52.73
C VAL G 1689 58.92 68.08 -54.18
N ASP G 1690 58.37 69.26 -54.39
CA ASP G 1690 58.39 69.90 -55.67
C ASP G 1690 57.50 69.25 -56.63
N GLN G 1691 56.48 70.01 -57.01
CA GLN G 1691 55.49 69.55 -57.93
C GLN G 1691 56.05 69.10 -59.24
N ALA G 1692 57.03 69.81 -59.71
CA ALA G 1692 57.58 69.50 -60.96
C ALA G 1692 58.32 68.21 -60.89
N GLN G 1693 58.87 67.89 -59.71
CA GLN G 1693 59.61 66.70 -59.55
C GLN G 1693 58.69 65.53 -59.72
N LEU G 1694 57.52 65.70 -59.19
CA LEU G 1694 56.55 64.68 -59.33
C LEU G 1694 56.02 64.62 -60.71
N LEU G 1695 56.01 65.74 -61.38
CA LEU G 1695 55.58 65.73 -62.74
C LEU G 1695 56.49 64.95 -63.60
N HIS G 1696 57.78 64.99 -63.29
CA HIS G 1696 58.72 64.12 -63.94
C HIS G 1696 58.51 62.69 -63.46
N ALA G 1697 57.99 62.54 -62.25
CA ALA G 1697 57.72 61.26 -61.72
C ALA G 1697 56.49 60.64 -62.32
N LEU G 1698 55.68 61.38 -63.04
CA LEU G 1698 54.60 60.77 -63.72
C LEU G 1698 54.97 59.90 -64.86
N GLU G 1699 56.11 60.15 -65.45
CA GLU G 1699 56.40 59.55 -66.71
C GLU G 1699 56.77 58.06 -66.64
N ASP G 1700 58.01 57.77 -66.28
CA ASP G 1700 58.61 56.47 -66.46
C ASP G 1700 57.97 55.30 -65.73
N ALA G 1701 58.00 54.14 -66.40
CA ALA G 1701 57.65 52.85 -65.77
C ALA G 1701 58.75 52.40 -64.90
N HIS G 1702 59.94 52.91 -65.18
CA HIS G 1702 61.12 52.48 -64.49
C HIS G 1702 61.04 52.87 -63.03
N LEU G 1703 60.20 53.86 -62.72
CA LEU G 1703 59.96 54.22 -61.38
C LEU G 1703 59.22 53.13 -60.69
N PRO G 1704 59.70 52.72 -59.51
CA PRO G 1704 59.14 51.58 -58.83
C PRO G 1704 57.79 51.86 -58.32
N GLY G 1705 57.03 50.79 -58.22
CA GLY G 1705 55.63 50.85 -58.04
C GLY G 1705 55.18 51.66 -56.89
N PRO G 1706 55.35 51.15 -55.68
CA PRO G 1706 54.78 51.81 -54.54
C PRO G 1706 55.25 53.19 -54.37
N LEU G 1707 56.51 53.44 -54.70
CA LEU G 1707 57.02 54.72 -54.48
C LEU G 1707 56.30 55.68 -55.33
N ARG G 1708 56.01 55.24 -56.53
CA ARG G 1708 55.18 56.00 -57.41
C ARG G 1708 53.81 56.25 -56.91
N ALA G 1709 53.30 55.27 -56.26
CA ALA G 1709 51.99 55.37 -55.77
C ALA G 1709 51.97 56.48 -54.77
N GLY G 1710 53.06 56.63 -54.07
CA GLY G 1710 53.22 57.71 -53.16
C GLY G 1710 53.39 59.04 -53.81
N TYR G 1711 54.10 59.07 -54.90
CA TYR G 1711 54.24 60.32 -55.46
C TYR G 1711 52.94 60.78 -56.04
N TYR G 1712 52.12 59.87 -56.52
CA TYR G 1712 50.89 60.29 -57.09
C TYR G 1712 49.92 60.70 -56.03
N ASP G 1713 49.79 59.87 -55.02
CA ASP G 1713 48.86 60.17 -53.95
C ASP G 1713 49.19 61.41 -53.24
N LEU G 1714 50.45 61.68 -53.13
CA LEU G 1714 50.85 62.95 -52.68
C LEU G 1714 50.57 64.03 -53.66
N LEU G 1715 50.63 63.77 -54.92
CA LEU G 1715 50.38 64.86 -55.81
C LEU G 1715 48.96 65.32 -55.69
N ILE G 1716 48.11 64.35 -55.37
CA ILE G 1716 46.76 64.61 -55.08
C ILE G 1716 46.67 65.32 -53.80
N SER G 1717 47.41 64.81 -52.86
CA SER G 1717 47.29 65.19 -51.49
C SER G 1717 47.70 66.56 -51.26
N ILE G 1718 48.73 66.98 -51.96
CA ILE G 1718 49.27 68.23 -51.68
C ILE G 1718 48.41 69.29 -52.16
N HIS G 1719 47.64 68.95 -53.16
CA HIS G 1719 46.90 69.93 -53.79
C HIS G 1719 45.45 69.57 -53.97
N LEU G 1720 45.27 68.54 -54.76
CA LEU G 1720 43.99 68.32 -55.32
C LEU G 1720 42.95 67.91 -54.36
N GLU G 1721 43.46 67.33 -53.32
CA GLU G 1721 42.63 66.67 -52.36
C GLU G 1721 41.61 67.56 -51.66
N SER G 1722 41.91 68.82 -51.43
CA SER G 1722 41.01 69.63 -50.61
C SER G 1722 39.88 70.11 -51.42
N ALA G 1723 40.20 70.60 -52.61
CA ALA G 1723 39.22 71.10 -53.52
C ALA G 1723 38.20 70.05 -53.82
N CYS G 1724 38.72 68.87 -54.03
CA CYS G 1724 37.89 67.75 -54.22
C CYS G 1724 37.11 67.35 -52.97
N ARG G 1725 37.75 67.58 -51.84
CA ARG G 1725 37.16 67.18 -50.60
C ARG G 1725 35.87 67.90 -50.40
N SER G 1726 35.92 69.18 -50.62
CA SER G 1726 34.74 69.93 -50.57
C SER G 1726 33.83 69.61 -51.70
N ARG G 1727 34.42 69.37 -52.85
CA ARG G 1727 33.69 69.30 -54.05
C ARG G 1727 32.78 68.13 -54.09
N ARG G 1728 33.09 67.11 -53.32
CA ARG G 1728 32.25 65.97 -53.35
C ARG G 1728 30.89 66.35 -52.88
N SER G 1729 30.87 67.00 -51.71
CA SER G 1729 29.64 67.42 -51.14
C SER G 1729 28.90 68.46 -51.96
N MET G 1730 29.70 69.36 -52.50
CA MET G 1730 29.13 70.47 -53.25
C MET G 1730 28.40 69.98 -54.49
N LEU G 1731 29.05 69.05 -55.17
CA LEU G 1731 28.46 68.47 -56.31
C LEU G 1731 27.30 67.62 -55.93
N SER G 1732 27.36 67.05 -54.72
CA SER G 1732 26.23 66.27 -54.28
C SER G 1732 25.00 67.13 -54.12
N GLU G 1733 25.19 68.40 -53.78
CA GLU G 1733 24.08 69.23 -53.44
C GLU G 1733 23.09 69.47 -54.53
N TYR G 1734 23.55 69.48 -55.76
CA TYR G 1734 22.63 69.62 -56.86
C TYR G 1734 21.82 70.89 -56.89
N ILE G 1735 22.23 71.93 -56.18
CA ILE G 1735 21.47 73.20 -56.27
C ILE G 1735 21.75 73.96 -57.55
N VAL G 1736 20.79 74.69 -58.07
CA VAL G 1736 20.90 75.33 -59.41
C VAL G 1736 20.30 76.72 -59.42
N PRO G 1737 20.76 77.59 -60.31
CA PRO G 1737 20.16 78.88 -60.48
C PRO G 1737 19.22 78.97 -61.67
N LEU G 1738 18.80 80.21 -61.93
CA LEU G 1738 17.99 80.52 -63.08
C LEU G 1738 18.72 81.42 -64.07
N THR G 1739 19.95 81.09 -64.38
CA THR G 1739 20.66 81.74 -65.49
C THR G 1739 20.02 81.27 -66.80
N PRO G 1740 20.11 82.08 -67.86
CA PRO G 1740 19.43 81.78 -69.11
C PRO G 1740 19.71 80.41 -69.71
N GLU G 1741 20.89 79.88 -69.52
CA GLU G 1741 21.15 78.51 -69.97
C GLU G 1741 20.34 77.49 -69.24
N THR G 1742 20.14 77.76 -67.99
CA THR G 1742 19.49 76.82 -67.14
C THR G 1742 18.01 76.72 -67.46
N ARG G 1743 17.42 77.78 -68.00
CA ARG G 1743 16.00 77.74 -68.33
C ARG G 1743 15.75 77.11 -69.68
N ALA G 1744 16.82 76.87 -70.42
CA ALA G 1744 16.68 76.24 -71.68
C ALA G 1744 17.80 75.23 -71.91
N ILE G 1745 18.27 74.59 -70.85
CA ILE G 1745 19.32 73.63 -71.01
C ILE G 1745 18.90 72.39 -71.76
N THR G 1746 17.61 72.04 -71.68
CA THR G 1746 17.07 70.84 -72.33
C THR G 1746 17.85 69.55 -71.98
N LEU G 1747 17.68 68.48 -72.79
CA LEU G 1747 18.39 67.22 -72.59
C LEU G 1747 18.37 66.21 -73.78
N PHE G 1748 17.28 65.47 -73.91
CA PHE G 1748 17.32 64.19 -74.60
C PHE G 1748 17.51 64.19 -76.16
N PRO G 1749 18.46 63.40 -76.64
CA PRO G 1749 18.46 62.68 -77.97
C PRO G 1749 17.42 61.53 -78.04
N PRO G 1750 16.91 61.13 -79.26
CA PRO G 1750 15.91 60.04 -79.35
C PRO G 1750 16.46 58.67 -79.05
N GLY G 1761 22.45 59.29 -76.19
CA GLY G 1761 22.62 59.90 -74.90
C GLY G 1761 24.08 60.10 -74.46
N LEU G 1762 24.44 61.29 -73.96
CA LEU G 1762 25.86 61.62 -73.61
C LEU G 1762 25.98 62.35 -72.23
N PRO G 1763 27.12 62.22 -71.50
CA PRO G 1763 27.16 62.71 -70.12
C PRO G 1763 27.98 63.90 -69.76
N GLY G 1764 29.17 64.03 -70.33
CA GLY G 1764 30.16 64.96 -69.79
C GLY G 1764 30.09 66.31 -70.46
N VAL G 1765 28.88 66.82 -70.53
CA VAL G 1765 28.65 68.09 -71.15
C VAL G 1765 29.18 69.20 -70.24
N GLY G 1766 29.63 70.28 -70.84
CA GLY G 1766 30.17 71.39 -70.05
C GLY G 1766 29.14 72.45 -69.70
N VAL G 1767 27.86 72.16 -69.94
CA VAL G 1767 26.83 73.13 -69.59
C VAL G 1767 26.54 73.06 -68.12
N THR G 1768 25.32 72.70 -67.73
CA THR G 1768 25.01 72.20 -66.41
C THR G 1768 25.12 73.21 -65.32
N THR G 1769 26.36 73.47 -64.97
CA THR G 1769 26.73 74.44 -63.99
C THR G 1769 26.33 74.02 -62.59
N SER G 1770 25.03 73.85 -62.33
CA SER G 1770 24.58 73.85 -60.97
C SER G 1770 25.12 75.10 -60.29
N LEU G 1771 25.91 74.94 -59.21
CA LEU G 1771 26.65 76.04 -58.65
C LEU G 1771 28.08 75.63 -58.42
N ARG G 1772 28.36 75.25 -57.18
CA ARG G 1772 29.61 74.74 -56.75
C ARG G 1772 30.77 75.71 -56.82
N PRO G 1773 31.36 75.97 -55.66
CA PRO G 1773 32.26 77.08 -55.59
C PRO G 1773 33.54 76.74 -56.33
N PRO G 1774 34.20 77.75 -56.91
CA PRO G 1774 35.57 77.61 -57.36
C PRO G 1774 36.51 77.56 -56.23
N HIS G 1775 37.33 76.60 -56.40
CA HIS G 1775 38.49 76.42 -55.65
C HIS G 1775 39.59 77.41 -55.99
N HIS G 1776 39.95 78.14 -54.96
CA HIS G 1776 41.10 78.99 -55.01
C HIS G 1776 42.40 78.24 -54.76
N PHE G 1777 43.52 78.71 -55.30
CA PHE G 1777 44.85 78.15 -54.99
C PHE G 1777 46.00 79.17 -55.11
N SER G 1778 46.41 79.78 -54.02
CA SER G 1778 47.61 80.64 -54.04
C SER G 1778 48.89 79.77 -54.03
N PRO G 1779 49.84 80.07 -54.91
CA PRO G 1779 51.08 79.29 -55.01
C PRO G 1779 51.97 79.43 -53.78
N PRO G 1780 52.68 78.38 -53.44
CA PRO G 1780 53.51 78.35 -52.21
C PRO G 1780 54.72 79.28 -52.24
N CYS G 1781 54.46 80.57 -52.13
CA CYS G 1781 55.57 81.53 -52.39
C CYS G 1781 56.32 81.93 -51.13
N PHE G 1782 57.53 81.42 -50.98
CA PHE G 1782 58.19 81.49 -49.72
C PHE G 1782 58.78 82.85 -49.39
N VAL G 1783 57.89 83.79 -49.02
CA VAL G 1783 58.22 85.21 -49.01
C VAL G 1783 58.03 86.09 -47.67
N ALA G 1784 56.93 85.92 -46.86
CA ALA G 1784 56.59 86.55 -45.52
C ALA G 1784 55.79 85.80 -44.33
N LEU G 1798 47.24 80.07 -47.90
CA LEU G 1798 46.77 78.68 -47.89
C LEU G 1798 46.32 78.18 -49.31
N SER G 1799 46.11 76.89 -49.45
CA SER G 1799 45.77 76.21 -50.73
C SER G 1799 46.81 76.42 -51.85
N PRO G 1800 47.82 75.56 -51.90
CA PRO G 1800 48.95 75.61 -52.85
C PRO G 1800 48.53 75.42 -54.31
N ALA G 1801 49.20 76.10 -55.23
CA ALA G 1801 48.86 75.98 -56.65
C ALA G 1801 49.47 74.76 -57.37
N ILE G 1802 48.77 74.29 -58.41
CA ILE G 1802 49.35 73.33 -59.37
C ILE G 1802 48.93 73.63 -60.79
N PRO G 1803 49.71 73.17 -61.78
CA PRO G 1803 49.35 73.30 -63.19
C PRO G 1803 48.09 72.62 -63.50
N LEU G 1804 47.33 73.22 -64.37
CA LEU G 1804 46.00 72.76 -64.53
C LEU G 1804 45.90 71.89 -65.72
N GLU G 1805 45.72 72.54 -66.83
CA GLU G 1805 45.48 71.89 -68.05
C GLU G 1805 46.65 71.04 -68.43
N ALA G 1806 47.86 71.50 -68.07
CA ALA G 1806 49.09 70.78 -68.35
C ALA G 1806 49.01 69.41 -67.77
N LEU G 1807 48.52 69.42 -66.55
CA LEU G 1807 48.48 68.24 -65.81
C LEU G 1807 47.48 67.25 -66.34
N ARG G 1808 46.30 67.73 -66.74
CA ARG G 1808 45.31 66.85 -67.27
C ARG G 1808 45.77 66.26 -68.55
N ASP G 1809 46.55 67.03 -69.26
CA ASP G 1809 47.10 66.53 -70.47
C ASP G 1809 48.07 65.42 -70.18
N LYS G 1810 48.79 65.56 -69.07
CA LYS G 1810 49.75 64.56 -68.67
C LYS G 1810 49.11 63.30 -68.31
N ALA G 1811 48.12 63.43 -67.46
CA ALA G 1811 47.50 62.28 -67.00
C ALA G 1811 46.75 61.61 -68.10
N LEU G 1812 46.15 62.38 -68.97
CA LEU G 1812 45.43 61.80 -70.02
C LEU G 1812 46.41 61.06 -70.95
N ARG G 1813 47.60 61.61 -71.08
CA ARG G 1813 48.64 60.93 -71.84
C ARG G 1813 48.99 59.61 -71.20
N MET G 1814 48.98 59.60 -69.88
CA MET G 1814 49.19 58.37 -69.14
C MET G 1814 48.07 57.38 -69.32
N LEU G 1815 46.91 57.88 -69.60
CA LEU G 1815 45.84 57.01 -69.87
C LEU G 1815 45.97 56.35 -71.13
N GLY G 1816 46.38 57.10 -72.12
CA GLY G 1816 46.56 56.53 -73.42
C GLY G 1816 47.70 55.51 -73.41
N GLU G 1817 48.75 55.86 -72.67
CA GLU G 1817 49.84 54.93 -72.47
C GLU G 1817 49.40 53.70 -71.69
N ALA G 1818 48.47 53.89 -70.77
CA ALA G 1818 47.90 52.78 -70.04
C ALA G 1818 47.04 51.86 -70.92
N VAL G 1819 46.32 52.43 -71.86
CA VAL G 1819 45.36 51.69 -72.67
C VAL G 1819 45.99 51.00 -73.86
N ARG G 1820 46.95 51.65 -74.51
CA ARG G 1820 47.42 51.07 -75.75
C ARG G 1820 48.27 49.85 -75.47
N ASP G 1821 48.90 49.77 -74.30
CA ASP G 1821 49.61 48.55 -73.94
C ASP G 1821 48.79 47.65 -73.01
N GLY G 1822 47.83 48.22 -72.29
CA GLY G 1822 47.02 47.45 -71.36
C GLY G 1822 46.03 46.54 -72.04
N GLY G 1823 45.60 46.96 -73.22
CA GLY G 1823 44.70 46.13 -74.06
C GLY G 1823 45.46 44.97 -74.70
N GLN G 1824 46.70 45.25 -75.09
CA GLN G 1824 47.57 44.21 -75.64
C GLN G 1824 47.93 43.22 -74.55
N HIS G 1825 47.93 43.72 -73.32
CA HIS G 1825 48.34 42.99 -72.16
C HIS G 1825 49.70 42.34 -72.32
N ALA G 1826 50.61 43.06 -72.95
CA ALA G 1826 52.01 42.69 -72.85
C ALA G 1826 52.39 42.87 -71.40
N ARG G 1827 53.18 41.94 -70.87
CA ARG G 1827 53.66 42.13 -69.54
C ARG G 1827 54.91 42.98 -69.59
N ASP G 1828 54.71 44.28 -69.59
CA ASP G 1828 55.84 45.17 -69.66
C ASP G 1828 56.78 45.04 -68.44
N PRO G 1829 56.14 44.73 -67.29
CA PRO G 1829 55.10 45.47 -66.62
C PRO G 1829 55.20 46.96 -66.64
N VAL G 1830 54.07 47.62 -66.80
CA VAL G 1830 54.10 49.06 -66.91
C VAL G 1830 54.41 49.65 -65.54
N GLY G 1831 54.29 48.86 -64.48
CA GLY G 1831 54.73 49.26 -63.14
C GLY G 1831 53.96 48.51 -62.03
N GLY G 1832 54.74 47.87 -61.16
CA GLY G 1832 54.18 47.03 -60.11
C GLY G 1832 53.31 45.87 -60.56
N SER G 1833 53.75 45.20 -61.63
CA SER G 1833 52.97 44.17 -62.32
C SER G 1833 51.74 44.78 -62.92
N VAL G 1834 52.02 45.58 -63.96
CA VAL G 1834 51.00 46.18 -64.82
C VAL G 1834 49.91 46.92 -64.06
N GLU G 1835 49.08 46.17 -63.38
CA GLU G 1835 47.90 46.70 -62.90
C GLU G 1835 48.14 47.69 -61.77
N PHE G 1836 49.20 47.49 -61.01
CA PHE G 1836 49.40 48.30 -59.88
C PHE G 1836 49.75 49.72 -60.37
N GLN G 1837 50.28 49.80 -61.60
CA GLN G 1837 50.62 51.06 -62.22
C GLN G 1837 49.39 51.88 -62.48
N PHE G 1838 48.26 51.24 -62.73
CA PHE G 1838 47.09 51.98 -63.17
C PHE G 1838 46.48 52.78 -62.13
N VAL G 1839 46.45 52.20 -60.96
CA VAL G 1839 45.64 52.69 -59.92
C VAL G 1839 45.79 54.14 -59.62
N PRO G 1840 46.99 54.50 -59.28
CA PRO G 1840 47.16 55.89 -58.90
C PRO G 1840 46.76 56.91 -59.98
N VAL G 1841 46.95 56.54 -61.22
CA VAL G 1841 46.74 57.50 -62.28
C VAL G 1841 45.28 57.66 -62.55
N LEU G 1842 44.58 56.55 -62.54
CA LEU G 1842 43.17 56.66 -62.76
C LEU G 1842 42.54 57.32 -61.61
N LYS G 1843 43.20 57.23 -60.46
CA LYS G 1843 42.82 57.98 -59.28
C LYS G 1843 42.92 59.45 -59.55
N LEU G 1844 44.04 59.86 -60.10
CA LEU G 1844 44.24 61.27 -60.34
C LEU G 1844 43.23 61.78 -61.30
N VAL G 1845 42.95 60.98 -62.29
CA VAL G 1845 42.01 61.34 -63.28
C VAL G 1845 40.69 61.48 -62.74
N SER G 1846 40.42 60.62 -61.81
CA SER G 1846 39.12 60.58 -61.30
C SER G 1846 38.82 61.78 -60.43
N THR G 1847 39.74 62.08 -59.57
CA THR G 1847 39.54 63.15 -58.70
C THR G 1847 39.64 64.46 -59.41
N LEU G 1848 40.60 64.54 -60.30
CA LEU G 1848 40.77 65.73 -61.06
C LEU G 1848 39.54 65.99 -61.90
N LEU G 1849 38.92 64.93 -62.34
CA LEU G 1849 37.64 65.02 -62.96
C LEU G 1849 36.56 65.50 -62.06
N VAL G 1850 36.66 65.11 -60.83
CA VAL G 1850 35.69 65.51 -59.93
C VAL G 1850 35.76 67.00 -59.67
N MET G 1851 36.96 67.56 -59.74
CA MET G 1851 37.13 68.90 -59.22
C MET G 1851 36.71 69.98 -60.16
N GLY G 1852 36.27 69.58 -61.34
CA GLY G 1852 35.82 70.51 -62.33
C GLY G 1852 36.79 70.77 -63.43
N ILE G 1853 38.04 70.35 -63.29
CA ILE G 1853 38.94 70.30 -64.44
C ILE G 1853 38.51 69.10 -65.21
N PHE G 1854 38.78 69.13 -66.52
CA PHE G 1854 38.07 68.36 -67.50
C PHE G 1854 36.69 68.92 -67.78
N GLY G 1855 36.43 68.86 -69.06
CA GLY G 1855 36.38 67.54 -69.82
C GLY G 1855 37.45 67.92 -70.84
N ASP G 1856 36.93 67.99 -72.04
CA ASP G 1856 35.66 68.59 -72.40
C ASP G 1856 34.98 67.54 -73.31
N GLU G 1857 35.45 67.35 -74.55
CA GLU G 1857 36.80 66.82 -74.97
C GLU G 1857 37.46 65.67 -74.23
N ASP G 1858 38.30 65.90 -73.25
CA ASP G 1858 39.08 64.80 -72.70
C ASP G 1858 38.29 63.72 -71.98
N VAL G 1859 37.28 64.11 -71.25
CA VAL G 1859 36.44 63.13 -70.69
C VAL G 1859 35.70 62.40 -71.79
N LYS G 1860 35.40 63.13 -72.87
CA LYS G 1860 34.84 62.53 -74.03
C LYS G 1860 35.83 61.54 -74.62
N GLN G 1861 37.11 61.86 -74.48
CA GLN G 1861 38.14 60.93 -74.90
C GLN G 1861 38.10 59.67 -74.08
N ILE G 1862 37.72 59.80 -72.84
CA ILE G 1862 37.62 58.65 -71.98
C ILE G 1862 36.46 57.79 -72.30
N LEU G 1863 35.33 58.43 -72.52
CA LEU G 1863 34.12 57.72 -72.81
C LEU G 1863 34.20 57.01 -74.17
N LYS G 1864 34.84 57.67 -75.16
CA LYS G 1864 35.12 57.02 -76.48
C LYS G 1864 36.13 55.88 -76.25
N MET G 1865 37.02 56.10 -75.26
CA MET G 1865 38.03 55.14 -74.88
C MET G 1865 37.44 53.87 -74.34
N ILE G 1866 36.34 53.96 -73.65
CA ILE G 1866 35.84 52.83 -72.92
C ILE G 1866 34.62 52.08 -73.62
N GLU G 1867 33.61 52.78 -74.19
CA GLU G 1867 32.37 52.09 -74.76
C GLU G 1867 32.63 51.05 -75.86
N PRO G 1868 33.60 51.41 -76.72
CA PRO G 1868 33.55 52.50 -77.67
C PRO G 1868 32.21 52.73 -78.43
N GLU G 1869 31.87 54.03 -78.63
CA GLU G 1869 30.71 54.54 -79.37
C GLU G 1869 30.69 56.10 -79.45
N GLY G 1925 39.12 49.24 -77.07
CA GLY G 1925 38.43 49.73 -75.85
C GLY G 1925 39.22 49.59 -74.51
N LEU G 1926 38.69 49.99 -73.32
CA LEU G 1926 39.41 49.90 -71.96
C LEU G 1926 38.60 49.18 -70.92
N LEU G 1927 37.38 49.66 -70.76
CA LEU G 1927 36.50 49.10 -69.80
C LEU G 1927 36.23 47.65 -70.05
N GLN G 1928 36.19 47.29 -71.33
CA GLN G 1928 35.83 45.96 -71.74
C GLN G 1928 37.00 45.03 -71.38
N MET G 1929 38.21 45.60 -71.31
CA MET G 1929 39.42 44.82 -71.14
C MET G 1929 39.52 44.37 -69.73
N LYS G 1930 39.96 43.14 -69.55
CA LYS G 1930 40.04 42.59 -68.22
C LYS G 1930 41.29 43.08 -67.58
N LEU G 1931 41.10 43.43 -66.33
CA LEU G 1931 42.10 43.76 -65.42
C LEU G 1931 41.69 43.32 -64.02
N PRO G 1932 42.68 43.17 -63.18
CA PRO G 1932 42.45 42.86 -61.79
C PRO G 1932 41.94 43.97 -60.97
N GLU G 1933 41.41 43.55 -59.88
CA GLU G 1933 40.29 44.13 -59.24
C GLU G 1933 40.49 45.50 -58.74
N SER G 1934 41.67 45.70 -58.31
CA SER G 1934 41.90 46.86 -57.57
C SER G 1934 41.73 48.06 -58.49
N VAL G 1935 42.00 47.89 -59.76
CA VAL G 1935 41.64 48.88 -60.79
C VAL G 1935 40.19 48.98 -60.93
N LYS G 1936 39.52 47.88 -60.74
CA LYS G 1936 38.11 47.87 -60.98
C LYS G 1936 37.49 48.89 -60.07
N LEU G 1937 38.07 49.07 -58.92
CA LEU G 1937 37.56 49.99 -57.99
C LEU G 1937 37.59 51.40 -58.46
N GLN G 1938 38.72 51.76 -58.92
CA GLN G 1938 38.90 53.07 -59.30
C GLN G 1938 38.08 53.40 -60.49
N MET G 1939 37.93 52.40 -61.33
CA MET G 1939 37.29 52.56 -62.59
C MET G 1939 35.80 52.75 -62.39
N CYS G 1940 35.26 51.97 -61.50
CA CYS G 1940 33.87 52.12 -61.25
C CYS G 1940 33.63 53.43 -60.59
N ASN G 1941 34.59 53.91 -59.82
CA ASN G 1941 34.44 55.21 -59.27
C ASN G 1941 34.43 56.25 -60.40
N LEU G 1942 35.28 56.05 -61.36
CA LEU G 1942 35.32 56.95 -62.46
C LEU G 1942 34.00 57.01 -63.21
N LEU G 1943 33.37 55.88 -63.23
CA LEU G 1943 32.08 55.78 -63.74
C LEU G 1943 30.99 56.46 -62.87
N GLU G 1944 31.21 56.45 -61.57
CA GLU G 1944 30.22 57.03 -60.68
C GLU G 1944 30.15 58.50 -60.98
N TYR G 1945 31.26 59.04 -61.43
CA TYR G 1945 31.18 60.43 -61.81
C TYR G 1945 30.23 60.61 -62.94
N PHE G 1946 30.18 59.63 -63.81
CA PHE G 1946 29.31 59.75 -64.95
C PHE G 1946 27.89 59.70 -64.58
N CYS G 1947 27.54 58.67 -63.82
CA CYS G 1947 26.16 58.56 -63.44
C CYS G 1947 25.71 59.78 -62.63
N ASP G 1948 26.61 60.28 -61.81
CA ASP G 1948 26.29 61.43 -61.02
C ASP G 1948 26.03 62.67 -61.87
N GLN G 1949 26.79 62.77 -62.93
CA GLN G 1949 26.56 63.83 -63.84
C GLN G 1949 25.23 63.68 -64.56
N GLU G 1950 24.83 62.46 -64.82
CA GLU G 1950 23.58 62.23 -65.51
C GLU G 1950 22.43 62.64 -64.65
N LEU G 1951 22.57 62.34 -63.38
CA LEU G 1951 21.61 62.75 -62.44
C LEU G 1951 21.54 64.24 -62.29
N GLN G 1952 22.69 64.86 -62.38
CA GLN G 1952 22.75 66.28 -62.30
C GLN G 1952 22.01 66.93 -63.49
N HIS G 1953 22.36 66.49 -64.68
CA HIS G 1953 21.82 67.06 -65.88
C HIS G 1953 20.34 66.82 -65.98
N ARG G 1954 19.94 65.72 -65.40
CA ARG G 1954 18.56 65.39 -65.34
C ARG G 1954 17.81 66.35 -64.41
N VAL G 1955 18.40 66.67 -63.27
CA VAL G 1955 17.75 67.59 -62.38
C VAL G 1955 17.59 68.92 -63.05
N GLU G 1956 18.61 69.22 -63.82
CA GLU G 1956 18.68 70.46 -64.42
C GLU G 1956 17.65 70.65 -65.53
N SER G 1957 17.53 69.64 -66.38
CA SER G 1957 16.52 69.66 -67.43
C SER G 1957 15.13 69.73 -66.80
N LEU G 1958 15.01 69.09 -65.64
CA LEU G 1958 13.77 69.13 -64.91
C LEU G 1958 13.44 70.55 -64.51
N ALA G 1959 14.47 71.27 -64.12
CA ALA G 1959 14.29 72.65 -63.75
C ALA G 1959 13.94 73.58 -64.92
N ALA G 1960 14.52 73.30 -66.06
CA ALA G 1960 14.20 74.09 -67.26
C ALA G 1960 12.74 73.82 -67.63
N PHE G 1961 12.33 72.57 -67.42
CA PHE G 1961 10.95 72.13 -67.65
C PHE G 1961 10.04 72.87 -66.68
N ALA G 1962 10.57 73.18 -65.50
CA ALA G 1962 9.84 73.97 -64.54
C ALA G 1962 9.61 75.35 -64.99
N GLU G 1963 10.71 76.02 -65.31
CA GLU G 1963 10.64 77.41 -65.69
C GLU G 1963 9.78 77.55 -66.96
N ARG G 1964 9.84 76.57 -67.84
CA ARG G 1964 8.99 76.60 -69.04
C ARG G 1964 7.52 76.37 -68.68
N TYR G 1965 7.25 75.52 -67.72
CA TYR G 1965 5.88 75.29 -67.32
C TYR G 1965 5.21 76.47 -66.55
N VAL G 1966 5.97 77.26 -65.83
CA VAL G 1966 5.33 78.22 -64.91
C VAL G 1966 4.54 79.33 -65.63
N ASP G 1967 4.95 79.63 -66.86
CA ASP G 1967 4.37 80.72 -67.64
C ASP G 1967 2.84 80.69 -67.77
N LYS G 1968 2.38 79.62 -68.37
CA LYS G 1968 0.94 79.49 -68.63
C LYS G 1968 0.18 79.31 -67.31
N LEU G 1969 0.90 78.78 -66.30
CA LEU G 1969 0.33 78.71 -64.95
C LEU G 1969 0.04 80.07 -64.37
N GLN G 1970 0.94 81.03 -64.60
CA GLN G 1970 0.67 82.34 -64.10
C GLN G 1970 -0.43 83.02 -64.97
N ALA G 1971 -0.55 82.58 -66.23
CA ALA G 1971 -1.59 83.11 -67.12
C ALA G 1971 -2.99 82.75 -66.63
N ASN G 1972 -3.17 81.47 -66.36
CA ASN G 1972 -4.45 81.00 -65.83
C ASN G 1972 -4.63 81.57 -64.42
N GLN G 1973 -3.50 81.76 -63.69
CA GLN G 1973 -3.47 82.31 -62.27
C GLN G 1973 -4.12 83.72 -62.26
N ARG G 1974 -3.80 84.53 -63.28
CA ARG G 1974 -4.38 85.89 -63.37
C ARG G 1974 -5.74 85.88 -64.15
N SER G 1975 -6.09 84.75 -64.79
CA SER G 1975 -7.35 84.63 -65.64
C SER G 1975 -8.68 84.65 -64.83
N ARG G 1976 -8.51 84.47 -63.51
CA ARG G 1976 -9.61 84.30 -62.51
C ARG G 1976 -10.89 85.04 -62.77
N THR G 2057 -6.89 73.81 -65.97
CA THR G 2057 -6.41 72.50 -65.72
C THR G 2057 -6.28 71.64 -67.04
N SER G 2058 -7.07 71.89 -68.08
CA SER G 2058 -7.16 70.95 -69.28
C SER G 2058 -5.89 70.76 -70.13
N LEU G 2059 -5.08 71.80 -70.10
CA LEU G 2059 -3.85 71.88 -70.82
C LEU G 2059 -2.88 70.72 -70.42
N SER G 2060 -3.04 70.25 -69.15
CA SER G 2060 -2.01 69.44 -68.42
C SER G 2060 -1.52 68.24 -69.20
N SER G 2061 -2.41 67.73 -70.06
CA SER G 2061 -2.14 66.63 -70.96
C SER G 2061 -0.83 66.79 -71.75
N ARG G 2062 -0.50 67.98 -72.21
CA ARG G 2062 0.73 68.16 -73.00
C ARG G 2062 1.99 67.78 -72.22
N LEU G 2063 2.01 68.06 -70.92
CA LEU G 2063 3.20 67.79 -70.13
C LEU G 2063 3.38 66.29 -70.04
N ARG G 2064 2.26 65.54 -70.14
CA ARG G 2064 2.26 64.05 -70.11
C ARG G 2064 3.15 63.54 -71.23
N SER G 2065 3.13 64.27 -72.34
CA SER G 2065 3.89 63.93 -73.50
C SER G 2065 5.39 63.97 -73.17
N LEU G 2066 5.79 64.88 -72.28
CA LEU G 2066 7.18 65.00 -71.90
C LEU G 2066 7.51 64.40 -70.56
N LEU G 2067 6.46 64.07 -69.82
CA LEU G 2067 6.62 63.50 -68.51
C LEU G 2067 7.24 62.06 -68.56
N GLU G 2068 6.82 61.23 -69.49
CA GLU G 2068 7.33 59.84 -69.51
C GLU G 2068 8.76 59.80 -69.99
N THR G 2069 9.10 60.79 -70.78
CA THR G 2069 10.43 60.81 -71.40
C THR G 2069 11.60 60.97 -70.42
N VAL G 2070 11.23 61.52 -69.26
CA VAL G 2070 12.13 61.89 -68.25
C VAL G 2070 12.91 60.67 -67.71
N ARG G 2071 12.32 59.46 -67.83
CA ARG G 2071 12.78 58.26 -67.12
C ARG G 2071 14.17 57.89 -67.40
N LEU G 2072 14.61 58.08 -68.64
CA LEU G 2072 15.88 57.58 -69.00
C LEU G 2072 16.50 58.56 -69.98
N SER G 2093 24.26 51.92 -76.46
CA SER G 2093 24.54 51.27 -75.20
C SER G 2093 25.31 52.28 -74.25
N LEU G 2094 24.97 52.38 -72.93
CA LEU G 2094 25.66 53.31 -71.89
C LEU G 2094 25.57 52.84 -70.39
N GLN G 2095 24.41 53.04 -69.83
CA GLN G 2095 24.09 52.55 -68.56
C GLN G 2095 24.05 50.99 -68.63
N GLU G 2096 23.62 50.45 -69.78
CA GLU G 2096 23.47 49.00 -69.97
C GLU G 2096 24.82 48.24 -69.87
N LEU G 2097 25.82 48.75 -70.56
CA LEU G 2097 27.14 48.12 -70.55
C LEU G 2097 27.80 48.26 -69.23
N VAL G 2098 27.40 49.27 -68.49
CA VAL G 2098 27.85 49.40 -67.18
C VAL G 2098 27.29 48.28 -66.33
N SER G 2099 25.99 48.11 -66.34
CA SER G 2099 25.41 47.06 -65.54
C SER G 2099 25.97 45.69 -65.91
N HIS G 2100 26.14 45.50 -67.19
CA HIS G 2100 26.56 44.24 -67.70
C HIS G 2100 28.00 43.97 -67.32
N MET G 2101 28.85 44.96 -67.49
CA MET G 2101 30.22 44.79 -67.15
C MET G 2101 30.40 44.56 -65.65
N VAL G 2102 29.53 45.17 -64.85
CA VAL G 2102 29.53 44.86 -63.45
C VAL G 2102 29.23 43.41 -63.22
N VAL G 2103 28.29 42.92 -63.99
CA VAL G 2103 27.96 41.54 -63.82
C VAL G 2103 29.10 40.65 -64.19
N ARG G 2104 29.84 41.07 -65.18
CA ARG G 2104 31.01 40.34 -65.58
C ARG G 2104 32.03 40.37 -64.49
N TRP G 2105 32.12 41.47 -63.76
CA TRP G 2105 33.04 41.51 -62.62
C TRP G 2105 32.67 40.55 -61.54
N ALA G 2106 31.38 40.38 -61.41
CA ALA G 2106 30.87 39.57 -60.38
C ALA G 2106 30.76 38.14 -60.76
N GLN G 2107 31.00 37.86 -62.03
CA GLN G 2107 30.79 36.55 -62.52
C GLN G 2107 32.04 35.75 -62.36
N GLU G 2108 33.06 36.18 -63.09
CA GLU G 2108 34.27 35.46 -63.14
C GLU G 2108 35.18 35.80 -62.01
N ASP G 2109 34.74 35.63 -60.75
CA ASP G 2109 35.65 35.92 -59.72
C ASP G 2109 35.46 35.43 -58.33
N TYR G 2110 34.29 35.58 -57.73
CA TYR G 2110 34.25 35.53 -56.25
C TYR G 2110 35.17 36.58 -55.67
N VAL G 2111 34.85 37.81 -55.96
CA VAL G 2111 35.68 38.88 -55.55
C VAL G 2111 35.53 38.99 -54.05
N GLN G 2112 36.59 39.50 -53.46
CA GLN G 2112 36.48 39.95 -52.15
C GLN G 2112 36.60 41.44 -52.08
N SER G 2113 37.10 41.96 -50.96
CA SER G 2113 37.24 43.39 -50.74
C SER G 2113 35.93 43.99 -50.76
N PRO G 2114 35.28 43.95 -49.60
CA PRO G 2114 33.88 44.30 -49.43
C PRO G 2114 33.54 45.73 -49.86
N GLU G 2115 34.54 46.57 -49.70
CA GLU G 2115 34.49 47.92 -50.04
C GLU G 2115 34.30 48.09 -51.54
N LEU G 2116 34.92 47.18 -52.26
CA LEU G 2116 34.92 47.21 -53.67
C LEU G 2116 33.57 46.86 -54.16
N VAL G 2117 33.10 45.82 -53.59
CA VAL G 2117 31.85 45.32 -53.96
C VAL G 2117 30.76 46.28 -53.62
N ARG G 2118 30.96 46.95 -52.51
CA ARG G 2118 30.02 47.89 -52.07
C ARG G 2118 29.85 49.00 -53.06
N ALA G 2119 30.97 49.39 -53.61
CA ALA G 2119 30.87 50.34 -54.63
C ALA G 2119 30.19 49.80 -55.87
N MET G 2120 30.40 48.54 -56.06
CA MET G 2120 29.93 47.93 -57.22
C MET G 2120 28.48 47.95 -57.34
N PHE G 2121 27.87 47.47 -56.31
CA PHE G 2121 26.47 47.40 -56.37
C PHE G 2121 25.86 48.73 -56.03
N SER G 2122 26.65 49.61 -55.47
CA SER G 2122 26.17 50.93 -55.33
C SER G 2122 25.88 51.45 -56.71
N LEU G 2123 26.87 51.29 -57.56
CA LEU G 2123 26.74 51.72 -58.89
C LEU G 2123 25.72 51.05 -59.66
N LEU G 2124 25.62 49.80 -59.40
CA LEU G 2124 24.71 49.04 -60.12
C LEU G 2124 23.29 49.42 -59.76
N HIS G 2125 23.07 49.67 -58.50
CA HIS G 2125 21.80 50.13 -58.07
C HIS G 2125 21.53 51.48 -58.68
N ARG G 2126 22.57 52.29 -58.81
CA ARG G 2126 22.44 53.59 -59.44
C ARG G 2126 22.04 53.43 -60.87
N GLN G 2127 22.38 52.29 -61.42
CA GLN G 2127 21.99 52.03 -62.76
C GLN G 2127 20.52 51.60 -62.84
N TYR G 2128 20.10 50.67 -62.00
CA TYR G 2128 18.74 50.11 -62.13
C TYR G 2128 17.56 50.91 -61.69
N ASP G 2129 17.79 51.89 -60.85
CA ASP G 2129 16.66 52.73 -60.48
C ASP G 2129 17.03 54.20 -60.38
N GLY G 2130 17.30 54.80 -61.52
CA GLY G 2130 17.66 56.20 -61.55
C GLY G 2130 16.49 57.11 -61.29
N LEU G 2131 15.33 56.51 -61.30
CA LEU G 2131 14.10 57.12 -61.02
C LEU G 2131 14.00 57.51 -59.58
N GLY G 2132 14.16 56.48 -58.77
CA GLY G 2132 14.07 56.65 -57.35
C GLY G 2132 15.30 57.28 -56.80
N GLU G 2133 16.40 57.04 -57.47
CA GLU G 2133 17.60 57.70 -57.12
C GLU G 2133 17.40 59.18 -57.34
N LEU G 2134 16.68 59.52 -58.40
CA LEU G 2134 16.34 60.87 -58.64
C LEU G 2134 15.48 61.40 -57.54
N LEU G 2135 14.69 60.54 -57.03
CA LEU G 2135 13.81 60.98 -56.02
C LEU G 2135 14.48 61.33 -54.73
N ARG G 2136 15.32 60.44 -54.28
CA ARG G 2136 16.12 60.75 -53.15
C ARG G 2136 17.09 61.87 -53.41
N ALA G 2137 17.45 62.03 -54.66
CA ALA G 2137 18.21 63.17 -55.06
C ALA G 2137 17.53 64.54 -54.99
N LEU G 2138 16.23 64.54 -55.12
CA LEU G 2138 15.55 65.82 -55.24
C LEU G 2138 15.63 66.78 -54.12
N PRO G 2139 15.54 66.31 -52.90
CA PRO G 2139 15.49 67.22 -51.82
C PRO G 2139 16.57 68.18 -51.71
N ARG G 2140 17.76 67.70 -51.93
CA ARG G 2140 18.90 68.51 -51.84
C ARG G 2140 18.98 69.42 -53.09
N ALA G 2141 18.35 69.07 -54.20
CA ALA G 2141 18.23 69.99 -55.32
C ALA G 2141 17.36 71.21 -54.99
N TYR G 2142 17.70 72.39 -55.52
CA TYR G 2142 16.99 73.64 -55.20
C TYR G 2142 17.33 74.74 -56.18
N THR G 2143 16.31 75.29 -56.83
CA THR G 2143 16.54 76.42 -57.72
C THR G 2143 16.81 77.70 -56.95
N ILE G 2144 17.57 78.62 -57.57
CA ILE G 2144 17.84 79.92 -56.96
C ILE G 2144 17.76 81.03 -57.98
N SER G 2145 17.36 82.19 -57.52
CA SER G 2145 17.31 83.35 -58.39
C SER G 2145 18.71 83.76 -58.86
N PRO G 2146 18.83 84.07 -60.16
CA PRO G 2146 20.09 84.47 -60.75
C PRO G 2146 20.73 85.72 -60.12
N SER G 2147 19.95 86.65 -59.59
CA SER G 2147 20.54 87.86 -59.00
C SER G 2147 21.34 87.58 -57.77
N SER G 2148 20.90 86.56 -57.05
CA SER G 2148 21.41 86.29 -55.73
C SER G 2148 22.56 85.33 -55.70
N VAL G 2149 22.99 84.88 -56.84
CA VAL G 2149 23.89 83.80 -56.94
C VAL G 2149 25.23 83.95 -56.28
N GLU G 2150 25.67 85.18 -56.21
CA GLU G 2150 27.00 85.44 -55.79
C GLU G 2150 27.19 85.12 -54.30
N ASP G 2151 26.26 85.67 -53.53
CA ASP G 2151 26.27 85.51 -52.10
C ASP G 2151 26.08 84.04 -51.75
N THR G 2152 25.24 83.36 -52.54
CA THR G 2152 24.98 81.97 -52.33
C THR G 2152 26.14 81.13 -52.50
N MET G 2153 26.87 81.42 -53.56
CA MET G 2153 28.03 80.64 -53.85
C MET G 2153 29.09 80.81 -52.79
N SER G 2154 29.22 82.04 -52.32
CA SER G 2154 30.20 82.29 -51.28
C SER G 2154 29.78 81.51 -50.03
N LEU G 2155 28.49 81.46 -49.80
CA LEU G 2155 27.96 80.74 -48.67
C LEU G 2155 28.17 79.29 -48.76
N LEU G 2156 28.22 78.83 -49.98
CA LEU G 2156 28.54 77.48 -50.20
C LEU G 2156 29.96 77.18 -49.92
N GLU G 2157 30.81 78.14 -50.21
CA GLU G 2157 32.22 77.94 -49.98
C GLU G 2157 32.44 77.96 -48.45
N CYS G 2158 31.83 78.87 -47.73
CA CYS G 2158 31.94 78.84 -46.30
C CYS G 2158 31.29 77.63 -45.65
N LEU G 2159 30.23 77.17 -46.25
CA LEU G 2159 29.68 75.98 -45.80
C LEU G 2159 30.63 74.83 -46.06
N GLY G 2160 31.43 74.96 -47.09
CA GLY G 2160 32.38 73.95 -47.39
C GLY G 2160 33.56 74.05 -46.49
N GLN G 2161 33.67 75.22 -45.89
CA GLN G 2161 34.67 75.40 -44.92
C GLN G 2161 34.27 74.71 -43.65
N ILE G 2162 33.02 74.88 -43.27
CA ILE G 2162 32.60 74.20 -42.11
C ILE G 2162 32.55 72.69 -42.29
N ARG G 2163 32.26 72.28 -43.49
CA ARG G 2163 32.36 70.93 -43.74
C ARG G 2163 33.80 70.46 -43.74
N SER G 2164 34.71 71.34 -44.05
CA SER G 2164 36.11 71.00 -43.87
C SER G 2164 36.41 70.79 -42.40
N LEU G 2165 35.67 71.53 -41.60
CA LEU G 2165 35.85 71.43 -40.19
C LEU G 2165 35.13 70.30 -39.60
N LEU G 2166 34.38 69.61 -40.42
CA LEU G 2166 33.74 68.44 -39.99
C LEU G 2166 34.73 67.45 -39.48
N ILE G 2167 35.91 67.51 -40.04
CA ILE G 2167 36.92 66.61 -39.66
C ILE G 2167 38.03 67.38 -38.95
N VAL G 2168 37.93 67.46 -37.63
CA VAL G 2168 38.95 68.06 -36.76
C VAL G 2168 39.27 67.36 -35.42
N GLN G 2173 42.63 77.92 -33.65
CA GLN G 2173 42.70 76.86 -34.58
C GLN G 2173 41.34 76.15 -34.65
N GLU G 2174 41.05 75.15 -33.81
CA GLU G 2174 39.72 74.52 -33.65
C GLU G 2174 38.72 75.59 -33.33
N GLU G 2175 39.20 76.50 -32.47
CA GLU G 2175 38.31 77.42 -31.75
C GLU G 2175 38.03 78.77 -32.53
N ASN G 2176 38.55 78.97 -33.76
CA ASN G 2176 38.34 80.28 -34.42
C ASN G 2176 37.78 80.27 -35.80
N LEU G 2177 38.26 79.35 -36.61
CA LEU G 2177 37.81 79.28 -37.97
C LEU G 2177 36.35 79.06 -38.06
N MET G 2178 35.88 78.27 -37.14
CA MET G 2178 34.53 77.92 -37.13
C MET G 2178 33.67 79.14 -36.89
N ILE G 2179 34.17 79.98 -36.01
CA ILE G 2179 33.51 81.19 -35.71
C ILE G 2179 33.60 82.13 -36.92
N GLN G 2180 34.68 82.06 -37.68
CA GLN G 2180 34.78 82.83 -38.91
C GLN G 2180 33.66 82.51 -39.84
N SER G 2181 33.36 81.21 -39.88
CA SER G 2181 32.22 80.72 -40.64
C SER G 2181 30.96 81.26 -40.13
N ILE G 2182 30.90 81.36 -38.84
CA ILE G 2182 29.71 81.71 -38.23
C ILE G 2182 29.34 83.12 -38.62
N GLY G 2183 30.32 84.00 -38.45
CA GLY G 2183 30.15 85.41 -38.74
C GLY G 2183 29.87 85.66 -40.20
N ASN G 2184 30.60 84.88 -40.99
CA ASN G 2184 30.43 84.98 -42.39
C ASN G 2184 29.00 84.61 -42.84
N ILE G 2185 28.43 83.64 -42.17
CA ILE G 2185 27.09 83.21 -42.53
C ILE G 2185 26.00 84.13 -42.05
N MET G 2186 26.24 84.73 -40.91
CA MET G 2186 25.33 85.74 -40.44
C MET G 2186 25.30 86.96 -41.33
N ASN G 2187 26.45 87.25 -41.94
CA ASN G 2187 26.55 88.37 -42.83
C ASN G 2187 25.71 88.24 -44.07
N ASN G 2188 25.50 87.00 -44.48
CA ASN G 2188 24.77 86.73 -45.67
C ASN G 2188 23.31 87.11 -45.57
N LYS G 2189 22.83 87.69 -46.64
CA LYS G 2189 21.43 88.06 -46.77
C LYS G 2189 20.63 86.89 -47.31
N VAL G 2190 21.30 85.86 -47.81
CA VAL G 2190 20.60 84.71 -48.35
C VAL G 2190 19.91 83.94 -47.23
N PHE G 2191 20.46 84.08 -46.05
CA PHE G 2191 20.00 83.39 -44.89
C PHE G 2191 18.57 83.83 -44.54
N TYR G 2192 18.20 85.05 -44.87
CA TYR G 2192 16.81 85.45 -44.81
C TYR G 2192 16.09 85.00 -46.11
N GLN G 2193 16.74 85.26 -47.25
CA GLN G 2193 16.09 85.24 -48.55
C GLN G 2193 15.66 83.90 -49.01
N HIS G 2194 16.39 82.88 -48.63
CA HIS G 2194 16.05 81.52 -49.01
C HIS G 2194 16.11 80.53 -47.87
N PRO G 2195 15.13 80.57 -46.99
CA PRO G 2195 15.14 79.66 -45.86
C PRO G 2195 15.06 78.21 -46.24
N ASN G 2196 14.36 77.93 -47.32
CA ASN G 2196 14.20 76.58 -47.76
C ASN G 2196 15.52 76.02 -48.20
N LEU G 2197 16.37 76.87 -48.74
CA LEU G 2197 17.68 76.44 -49.10
C LEU G 2197 18.45 76.08 -47.86
N MET G 2198 18.33 76.90 -46.84
CA MET G 2198 19.10 76.72 -45.65
C MET G 2198 18.69 75.47 -44.91
N ARG G 2199 17.43 75.12 -45.05
CA ARG G 2199 16.95 73.85 -44.54
C ARG G 2199 17.50 72.75 -45.38
N ALA G 2200 17.55 72.96 -46.68
CA ALA G 2200 18.03 71.94 -47.60
C ALA G 2200 19.47 71.61 -47.43
N LEU G 2201 20.20 72.58 -46.96
CA LEU G 2201 21.58 72.41 -46.81
C LEU G 2201 21.95 71.44 -45.77
N GLY G 2202 21.11 71.36 -44.72
CA GLY G 2202 21.22 70.41 -43.63
C GLY G 2202 22.33 70.74 -42.71
N MET G 2203 22.76 71.97 -42.88
CA MET G 2203 23.97 72.42 -42.24
C MET G 2203 23.85 72.54 -40.79
N HIS G 2204 22.62 72.68 -40.37
CA HIS G 2204 22.34 72.76 -39.01
C HIS G 2204 22.73 71.51 -38.32
N GLU G 2205 22.48 70.40 -38.99
CA GLU G 2205 22.82 69.18 -38.44
C GLU G 2205 24.34 69.12 -38.31
N THR G 2206 25.06 69.73 -39.26
CA THR G 2206 26.50 69.68 -39.25
C THR G 2206 27.17 70.42 -38.14
N VAL G 2207 26.73 71.62 -38.03
CA VAL G 2207 27.28 72.43 -37.07
C VAL G 2207 26.94 71.87 -35.71
N MET G 2208 25.75 71.31 -35.60
CA MET G 2208 25.37 70.71 -34.35
C MET G 2208 26.26 69.53 -34.06
N GLU G 2209 26.66 68.82 -35.10
CA GLU G 2209 27.57 67.73 -34.88
C GLU G 2209 28.88 68.20 -34.39
N VAL G 2210 29.29 69.36 -34.86
CA VAL G 2210 30.45 70.00 -34.32
C VAL G 2210 30.30 70.32 -32.86
N MET G 2211 29.13 70.69 -32.50
CA MET G 2211 28.91 71.07 -31.16
C MET G 2211 29.06 69.90 -30.28
N VAL G 2212 28.46 68.79 -30.68
CA VAL G 2212 28.53 67.57 -29.91
C VAL G 2212 29.96 67.13 -29.75
N ASN G 2213 30.68 67.33 -30.85
CA ASN G 2213 32.04 66.92 -30.87
C ASN G 2213 32.89 67.69 -29.92
N VAL G 2214 32.61 68.96 -29.79
CA VAL G 2214 33.27 69.74 -28.79
C VAL G 2214 32.86 69.26 -27.42
N LEU G 2215 31.61 68.86 -27.31
CA LEU G 2215 31.07 68.56 -26.02
C LEU G 2215 31.48 67.26 -25.43
N GLY G 2216 32.11 66.44 -26.27
CA GLY G 2216 32.72 65.24 -25.78
C GLY G 2216 34.01 65.45 -24.98
N PRO G 2226 35.98 74.77 -24.02
CA PRO G 2226 36.24 75.50 -25.23
C PRO G 2226 35.25 76.71 -25.47
N LYS G 2227 35.78 77.92 -25.46
CA LYS G 2227 34.95 79.18 -25.38
C LYS G 2227 34.17 79.56 -26.61
N MET G 2228 34.66 79.12 -27.73
CA MET G 2228 34.12 79.58 -29.00
C MET G 2228 32.70 79.05 -29.18
N VAL G 2229 32.45 77.99 -28.43
CA VAL G 2229 31.30 77.16 -28.61
C VAL G 2229 30.04 77.92 -28.43
N THR G 2230 30.12 78.91 -27.58
CA THR G 2230 28.94 79.62 -27.21
C THR G 2230 28.41 80.46 -28.38
N SER G 2231 29.26 81.24 -29.06
CA SER G 2231 28.78 82.03 -30.20
C SER G 2231 28.24 81.16 -31.30
N CYS G 2232 28.86 80.03 -31.45
CA CYS G 2232 28.41 79.07 -32.40
C CYS G 2232 27.00 78.54 -32.09
N CYS G 2233 26.77 78.41 -30.81
CA CYS G 2233 25.54 77.92 -30.37
C CYS G 2233 24.45 78.96 -30.59
N ARG G 2234 24.79 80.23 -30.32
CA ARG G 2234 23.85 81.32 -30.51
C ARG G 2234 23.56 81.47 -32.02
N PHE G 2235 24.53 81.06 -32.82
CA PHE G 2235 24.34 80.95 -34.25
C PHE G 2235 23.30 79.94 -34.65
N LEU G 2236 23.46 78.75 -34.13
CA LEU G 2236 22.58 77.76 -34.53
C LEU G 2236 21.20 78.09 -34.03
N CYS G 2237 21.16 78.80 -32.93
CA CYS G 2237 19.90 79.25 -32.37
C CYS G 2237 19.19 80.21 -33.30
N TYR G 2238 19.92 81.23 -33.75
CA TYR G 2238 19.32 82.24 -34.62
C TYR G 2238 18.91 81.61 -35.91
N PHE G 2239 19.68 80.60 -36.30
CA PHE G 2239 19.35 79.80 -37.45
C PHE G 2239 18.03 79.09 -37.28
N CYS G 2240 17.83 78.60 -36.10
CA CYS G 2240 16.62 77.93 -35.87
C CYS G 2240 15.44 78.88 -35.89
N ARG G 2241 15.70 80.14 -35.54
CA ARG G 2241 14.65 81.10 -35.31
C ARG G 2241 13.83 81.45 -36.49
N ILE G 2242 14.44 81.40 -37.65
CA ILE G 2242 13.85 82.03 -38.79
C ILE G 2242 12.55 81.41 -39.33
N SER G 2243 12.36 80.12 -39.16
CA SER G 2243 11.24 79.45 -39.79
C SER G 2243 10.81 78.19 -39.14
N ARG G 2244 9.53 77.94 -39.27
CA ARG G 2244 8.97 76.75 -38.73
C ARG G 2244 9.43 75.49 -39.44
N GLN G 2245 9.78 75.64 -40.70
CA GLN G 2245 10.20 74.50 -41.49
C GLN G 2245 11.64 74.19 -41.27
N ASN G 2246 12.04 74.30 -40.05
CA ASN G 2246 13.42 74.26 -39.67
C ASN G 2246 13.42 74.19 -38.19
N GLN G 2247 12.55 74.98 -37.59
CA GLN G 2247 12.30 74.88 -36.20
C GLN G 2247 11.75 73.49 -35.92
N ARG G 2248 10.97 72.92 -36.84
CA ARG G 2248 10.56 71.52 -36.74
C ARG G 2248 11.72 70.62 -36.65
N SER G 2249 12.65 70.92 -37.52
CA SER G 2249 13.72 70.03 -37.77
C SER G 2249 14.62 69.94 -36.60
N MET G 2250 15.01 71.09 -36.12
CA MET G 2250 15.86 71.08 -34.99
C MET G 2250 15.12 70.68 -33.77
N PHE G 2251 13.81 70.86 -33.82
CA PHE G 2251 12.99 70.36 -32.73
C PHE G 2251 13.13 68.87 -32.59
N ASP G 2252 13.32 68.20 -33.71
CA ASP G 2252 13.51 66.78 -33.70
C ASP G 2252 14.78 66.36 -32.98
N HIS G 2253 15.74 67.25 -32.95
CA HIS G 2253 17.03 67.00 -32.33
C HIS G 2253 17.11 67.30 -30.89
N LEU G 2254 16.09 67.93 -30.34
CA LEU G 2254 16.25 68.59 -29.06
C LEU G 2254 16.52 67.71 -27.85
N SER G 2255 16.15 66.45 -27.86
CA SER G 2255 16.51 65.61 -26.69
C SER G 2255 17.98 65.38 -26.69
N TYR G 2256 18.45 65.14 -27.89
CA TYR G 2256 19.82 64.93 -28.17
C TYR G 2256 20.61 66.17 -27.79
N LEU G 2257 20.01 67.33 -28.07
CA LEU G 2257 20.55 68.62 -27.65
C LEU G 2257 20.54 68.81 -26.15
N LEU G 2258 19.60 68.17 -25.49
CA LEU G 2258 19.48 68.35 -24.06
C LEU G 2258 20.47 67.49 -23.28
N GLU G 2259 20.80 66.35 -23.83
CA GLU G 2259 21.81 65.52 -23.21
C GLU G 2259 23.09 66.30 -23.15
N ASN G 2260 23.20 67.07 -24.19
CA ASN G 2260 24.21 68.07 -24.28
C ASN G 2260 23.96 69.29 -23.39
N SER G 2261 22.71 69.61 -23.10
CA SER G 2261 22.39 70.81 -22.36
C SER G 2261 22.56 70.62 -20.88
N GLY G 2262 22.97 69.40 -20.51
CA GLY G 2262 23.31 69.09 -19.13
C GLY G 2262 24.51 69.98 -18.65
N ILE G 2263 25.28 70.49 -19.61
CA ILE G 2263 26.41 71.38 -19.32
C ILE G 2263 26.07 72.88 -19.41
N THR G 2271 25.16 78.18 -24.40
CA THR G 2271 23.92 77.67 -23.84
C THR G 2271 22.97 77.05 -24.90
N PRO G 2272 23.07 75.73 -25.05
CA PRO G 2272 22.23 74.91 -25.96
C PRO G 2272 20.75 74.99 -25.64
N LEU G 2273 20.49 75.16 -24.36
CA LEU G 2273 19.18 75.28 -23.86
C LEU G 2273 18.43 76.40 -24.52
N ASP G 2274 19.18 77.47 -24.79
CA ASP G 2274 18.65 78.59 -25.51
C ASP G 2274 18.15 78.20 -26.88
N VAL G 2275 18.92 77.32 -27.48
CA VAL G 2275 18.58 76.83 -28.75
C VAL G 2275 17.32 76.01 -28.67
N ALA G 2276 17.18 75.31 -27.56
CA ALA G 2276 16.04 74.49 -27.41
C ALA G 2276 14.78 75.34 -27.31
N ALA G 2277 14.83 76.35 -26.48
CA ALA G 2277 13.65 77.19 -26.35
C ALA G 2277 13.32 77.95 -27.63
N ALA G 2278 14.37 78.32 -28.37
CA ALA G 2278 14.17 78.93 -29.64
C ALA G 2278 13.50 77.95 -30.61
N SER G 2279 13.78 76.69 -30.41
CA SER G 2279 13.19 75.66 -31.25
C SER G 2279 11.78 75.29 -30.85
N VAL G 2280 11.37 75.76 -29.70
CA VAL G 2280 10.08 75.35 -29.26
C VAL G 2280 9.02 76.45 -29.24
N ILE G 2281 9.38 77.63 -28.74
CA ILE G 2281 8.40 78.67 -28.37
C ILE G 2281 7.50 79.15 -29.51
N ASP G 2282 8.09 79.34 -30.69
CA ASP G 2282 7.34 79.95 -31.76
C ASP G 2282 6.23 79.10 -32.32
N ASN G 2283 6.38 77.80 -32.16
CA ASN G 2283 5.42 76.88 -32.70
C ASN G 2283 4.84 75.98 -31.70
N ASN G 2284 3.61 76.28 -31.39
CA ASN G 2284 2.83 75.51 -30.53
C ASN G 2284 2.61 74.11 -31.06
N GLU G 2285 2.55 73.99 -32.36
CA GLU G 2285 2.16 72.77 -32.98
C GLU G 2285 3.11 71.65 -32.73
N LEU G 2286 4.37 71.94 -32.60
CA LEU G 2286 5.27 70.91 -32.17
C LEU G 2286 5.59 71.06 -30.70
N ALA G 2287 5.19 72.17 -30.13
CA ALA G 2287 5.27 72.27 -28.73
C ALA G 2287 4.35 71.28 -28.09
N LEU G 2288 3.30 70.96 -28.80
CA LEU G 2288 2.48 69.89 -28.41
C LEU G 2288 3.20 68.58 -28.51
N ALA G 2289 4.08 68.47 -29.50
CA ALA G 2289 4.67 67.19 -29.79
C ALA G 2289 5.81 66.74 -28.85
N LEU G 2290 6.29 67.66 -28.01
CA LEU G 2290 7.44 67.39 -27.17
C LEU G 2290 7.28 66.25 -26.18
N GLN G 2291 8.34 65.47 -26.11
CA GLN G 2291 8.43 64.33 -25.25
C GLN G 2291 8.52 64.68 -23.81
N GLU G 2292 7.99 63.79 -23.02
CA GLU G 2292 8.12 63.92 -21.57
C GLU G 2292 9.55 63.73 -21.16
N GLN G 2293 10.27 62.95 -21.92
CA GLN G 2293 11.60 62.61 -21.60
C GLN G 2293 12.48 63.80 -21.64
N ASP G 2294 12.15 64.77 -22.50
CA ASP G 2294 12.92 66.03 -22.55
C ASP G 2294 12.94 66.64 -21.20
N LEU G 2295 11.75 66.60 -20.65
CA LEU G 2295 11.47 67.30 -19.49
C LEU G 2295 12.02 66.56 -18.30
N GLU G 2296 11.94 65.24 -18.31
CA GLU G 2296 12.55 64.48 -17.22
C GLU G 2296 14.02 64.61 -17.17
N LYS G 2297 14.61 64.74 -18.32
CA LYS G 2297 16.00 65.00 -18.35
C LYS G 2297 16.25 66.45 -17.84
N VAL G 2298 15.35 67.41 -18.14
CA VAL G 2298 15.50 68.80 -17.71
C VAL G 2298 15.51 68.87 -16.18
N VAL G 2299 14.53 68.22 -15.58
CA VAL G 2299 14.48 68.15 -14.11
C VAL G 2299 15.61 67.32 -13.53
N SER G 2300 16.07 66.36 -14.31
CA SER G 2300 17.17 65.56 -13.85
C SER G 2300 18.40 66.41 -13.70
N TYR G 2301 18.51 67.40 -14.57
CA TYR G 2301 19.57 68.37 -14.50
C TYR G 2301 19.41 69.27 -13.29
N LEU G 2302 18.18 69.37 -12.80
CA LEU G 2302 17.92 70.09 -11.56
C LEU G 2302 18.18 69.12 -10.36
N ALA G 2303 19.42 68.78 -9.99
CA ALA G 2303 19.66 67.75 -8.91
C ALA G 2303 20.56 68.21 -7.71
N GLY G 2304 21.88 68.27 -7.89
CA GLY G 2304 22.75 68.84 -6.85
C GLY G 2304 22.92 70.35 -6.97
N CYS G 2305 22.11 71.05 -7.83
CA CYS G 2305 22.26 72.54 -8.04
C CYS G 2305 21.49 73.25 -6.97
N GLY G 2306 22.23 73.61 -5.94
CA GLY G 2306 21.68 74.15 -4.72
C GLY G 2306 22.58 73.77 -3.55
N LEU G 2307 23.91 73.83 -3.73
CA LEU G 2307 24.86 73.43 -2.68
C LEU G 2307 25.44 74.68 -2.02
N PRO G 2325 21.08 77.84 -8.50
CA PRO G 2325 22.09 78.32 -9.34
C PRO G 2325 21.56 78.90 -10.63
N CYS G 2326 22.47 79.55 -11.32
CA CYS G 2326 22.21 80.11 -12.62
C CYS G 2326 21.85 79.06 -13.70
N GLY G 2327 22.45 77.90 -13.62
CA GLY G 2327 22.10 76.82 -14.54
C GLY G 2327 20.73 76.29 -14.22
N GLY G 2328 20.43 76.25 -12.92
CA GLY G 2328 19.10 75.86 -12.47
C GLY G 2328 18.01 76.87 -12.87
N GLU G 2329 18.32 78.18 -12.75
CA GLU G 2329 17.38 79.23 -13.23
C GLU G 2329 17.23 79.20 -14.76
N ARG G 2330 18.27 78.79 -15.47
CA ARG G 2330 18.12 78.56 -16.91
C ARG G 2330 17.21 77.37 -17.23
N TYR G 2331 17.34 76.28 -16.44
CA TYR G 2331 16.48 75.05 -16.62
C TYR G 2331 15.07 75.44 -16.43
N LEU G 2332 14.88 76.34 -15.47
CA LEU G 2332 13.57 76.92 -15.23
C LEU G 2332 13.13 77.81 -16.38
N ASP G 2333 14.07 78.52 -16.98
CA ASP G 2333 13.74 79.42 -18.06
C ASP G 2333 13.21 78.66 -19.27
N PHE G 2334 13.74 77.45 -19.47
CA PHE G 2334 13.27 76.64 -20.58
C PHE G 2334 11.87 76.13 -20.41
N LEU G 2335 11.63 75.64 -19.23
CA LEU G 2335 10.39 75.08 -18.94
C LEU G 2335 9.37 76.25 -18.83
N ARG G 2336 9.86 77.45 -18.51
CA ARG G 2336 9.11 78.72 -18.60
C ARG G 2336 8.68 78.98 -20.02
N PHE G 2337 9.58 78.67 -20.95
CA PHE G 2337 9.27 78.84 -22.36
C PHE G 2337 8.58 77.65 -23.00
N ALA G 2338 8.58 76.52 -22.27
CA ALA G 2338 8.12 75.22 -22.75
C ALA G 2338 6.64 75.06 -22.85
N VAL G 2339 5.90 76.00 -22.32
CA VAL G 2339 4.51 75.86 -22.25
C VAL G 2339 3.77 77.09 -22.67
N PHE G 2340 4.20 78.28 -22.25
CA PHE G 2340 3.31 79.44 -22.30
C PHE G 2340 3.06 79.84 -23.71
N VAL G 2341 4.06 79.62 -24.55
CA VAL G 2341 3.91 79.77 -25.99
C VAL G 2341 3.24 81.10 -26.40
N ASN G 2342 2.75 81.13 -27.63
CA ASN G 2342 2.20 82.32 -28.29
C ASN G 2342 0.92 82.86 -27.64
N GLY G 2343 0.18 81.95 -27.07
CA GLY G 2343 -1.04 82.29 -26.49
C GLY G 2343 -1.05 81.71 -25.14
N GLU G 2344 -2.19 81.12 -24.82
CA GLU G 2344 -2.34 80.52 -23.53
C GLU G 2344 -1.63 79.21 -23.59
N SER G 2345 -1.02 78.85 -22.44
CA SER G 2345 -0.26 77.65 -22.32
C SER G 2345 -1.16 76.51 -22.53
N VAL G 2346 -0.66 75.55 -23.23
CA VAL G 2346 -1.50 74.44 -23.56
C VAL G 2346 -1.71 73.58 -22.36
N GLU G 2347 -2.90 73.01 -22.29
CA GLU G 2347 -3.25 72.15 -21.19
C GLU G 2347 -2.56 70.84 -21.30
N GLU G 2348 -2.05 70.58 -22.48
CA GLU G 2348 -1.42 69.33 -22.77
C GLU G 2348 -0.09 69.21 -22.03
N ASN G 2349 0.88 69.95 -22.55
CA ASN G 2349 2.20 69.98 -22.02
C ASN G 2349 2.24 70.44 -20.61
N ALA G 2350 1.42 71.42 -20.28
CA ALA G 2350 1.49 72.02 -18.98
C ALA G 2350 1.11 71.06 -17.90
N ASN G 2351 0.21 70.15 -18.21
CA ASN G 2351 -0.20 69.16 -17.25
C ASN G 2351 0.94 68.20 -16.96
N VAL G 2352 1.60 67.76 -18.02
CA VAL G 2352 2.69 66.79 -17.86
C VAL G 2352 3.87 67.42 -17.13
N VAL G 2353 4.01 68.72 -17.30
CA VAL G 2353 5.01 69.47 -16.53
C VAL G 2353 4.67 69.50 -15.08
N VAL G 2354 3.42 69.87 -14.83
CA VAL G 2354 2.94 70.13 -13.51
C VAL G 2354 2.99 68.84 -12.68
N ARG G 2355 2.87 67.69 -13.30
CA ARG G 2355 2.87 66.44 -12.56
C ARG G 2355 4.18 66.21 -11.81
N LEU G 2356 5.25 66.73 -12.39
CA LEU G 2356 6.58 66.42 -11.92
C LEU G 2356 7.30 67.53 -11.19
N LEU G 2357 6.73 68.74 -11.20
CA LEU G 2357 7.40 69.95 -10.72
C LEU G 2357 7.84 69.93 -9.28
N ILE G 2358 6.98 69.36 -8.47
CA ILE G 2358 7.22 69.37 -7.06
C ILE G 2358 8.40 68.40 -6.67
N ARG G 2359 8.61 67.38 -7.52
CA ARG G 2359 9.39 66.16 -7.19
C ARG G 2359 10.90 66.34 -6.88
N LYS G 2360 11.50 67.34 -7.48
CA LYS G 2360 12.94 67.52 -7.34
C LYS G 2360 13.36 68.49 -6.23
N PRO G 2361 12.56 69.56 -5.96
CA PRO G 2361 12.87 70.27 -4.75
C PRO G 2361 12.81 69.31 -3.57
N GLU G 2362 11.89 68.36 -3.62
CA GLU G 2362 11.77 67.33 -2.60
C GLU G 2362 12.54 66.09 -3.02
N GLY G 2375 10.79 78.27 4.77
CA GLY G 2375 11.16 79.65 4.85
C GLY G 2375 11.93 80.13 3.64
N LEU G 2376 11.39 79.82 2.49
CA LEU G 2376 12.04 80.21 1.24
C LEU G 2376 11.94 81.78 1.07
N LEU G 2377 10.87 82.35 1.69
CA LEU G 2377 10.71 83.83 1.65
C LEU G 2377 11.84 84.56 2.35
N ALA G 2378 12.40 83.89 3.36
CA ALA G 2378 13.67 84.34 3.98
C ALA G 2378 14.86 84.43 2.97
N ALA G 2379 14.99 83.40 2.11
CA ALA G 2379 16.04 83.44 1.07
C ALA G 2379 15.77 84.65 0.12
N ILE G 2380 14.45 84.85 -0.16
CA ILE G 2380 13.98 85.94 -1.07
C ILE G 2380 14.38 87.38 -0.56
N GLU G 2381 13.93 87.66 0.65
CA GLU G 2381 14.09 89.01 1.18
C GLU G 2381 15.60 89.26 1.59
N GLU G 2382 16.33 88.21 2.03
CA GLU G 2382 17.80 88.40 2.30
C GLU G 2382 18.51 88.76 1.04
N ALA G 2383 17.99 88.20 -0.04
CA ALA G 2383 18.55 88.53 -1.33
C ALA G 2383 18.24 90.02 -1.73
N ILE G 2384 16.99 90.47 -1.48
CA ILE G 2384 16.52 91.86 -1.81
C ILE G 2384 17.31 92.89 -1.08
N ARG G 2385 17.74 92.53 0.12
CA ARG G 2385 18.41 93.48 0.94
C ARG G 2385 19.92 93.71 0.58
N ILE G 2386 20.57 92.87 -0.24
CA ILE G 2386 22.10 92.95 -0.36
C ILE G 2386 22.71 93.91 -1.43
N GLY G 2419 24.51 84.47 -2.53
CA GLY G 2419 24.72 85.56 -3.49
C GLY G 2419 23.60 85.69 -4.54
N HIS G 2420 23.80 86.46 -5.62
CA HIS G 2420 22.76 86.64 -6.67
C HIS G 2420 22.69 85.41 -7.68
N ALA G 2421 22.12 84.26 -7.25
CA ALA G 2421 21.92 83.02 -8.16
C ALA G 2421 20.68 82.18 -7.76
N ILE G 2422 20.80 81.67 -6.54
CA ILE G 2422 19.82 80.85 -5.90
C ILE G 2422 18.52 81.69 -5.70
N MET G 2423 18.67 82.99 -5.43
CA MET G 2423 17.50 83.94 -5.27
C MET G 2423 16.66 84.09 -6.52
N SER G 2424 17.34 84.09 -7.65
CA SER G 2424 16.69 84.22 -8.91
C SER G 2424 16.25 82.79 -9.35
N PHE G 2425 16.73 81.71 -8.68
CA PHE G 2425 16.17 80.32 -8.87
C PHE G 2425 14.77 80.30 -8.27
N TYR G 2426 14.68 80.74 -7.01
CA TYR G 2426 13.39 80.79 -6.35
C TYR G 2426 12.47 81.88 -7.05
N ALA G 2427 13.07 82.89 -7.67
CA ALA G 2427 12.28 83.89 -8.42
C ALA G 2427 11.78 83.44 -9.78
N ALA G 2428 12.61 82.76 -10.52
CA ALA G 2428 12.16 82.19 -11.78
C ALA G 2428 11.17 81.03 -11.55
N LEU G 2429 11.35 80.31 -10.44
CA LEU G 2429 10.54 79.12 -10.18
C LEU G 2429 9.08 79.51 -10.03
N ILE G 2430 8.86 80.71 -9.48
CA ILE G 2430 7.50 81.24 -9.27
C ILE G 2430 6.80 81.59 -10.55
N ASP G 2431 7.55 82.18 -11.47
CA ASP G 2431 6.97 82.45 -12.74
C ASP G 2431 6.70 81.16 -13.46
N LEU G 2432 7.54 80.17 -13.20
CA LEU G 2432 7.40 78.87 -13.83
C LEU G 2432 6.15 78.17 -13.40
N LEU G 2433 5.90 78.22 -12.12
CA LEU G 2433 4.71 77.63 -11.60
C LEU G 2433 3.51 78.46 -12.04
N GLY G 2434 3.71 79.77 -12.23
CA GLY G 2434 2.65 80.70 -12.66
C GLY G 2434 2.15 80.55 -14.08
N ARG G 2435 3.05 80.34 -15.03
CA ARG G 2435 2.62 80.21 -16.40
C ARG G 2435 1.86 78.91 -16.70
N CYS G 2436 2.18 77.85 -15.96
CA CYS G 2436 1.43 76.59 -16.06
C CYS G 2436 0.11 76.70 -15.33
N ALA G 2437 -0.82 75.83 -15.66
CA ALA G 2437 -2.16 75.93 -15.15
C ALA G 2437 -2.99 74.64 -15.40
N GLU G 2449 -10.94 67.68 -14.44
CA GLU G 2449 -9.70 66.91 -14.30
C GLU G 2449 -8.49 67.82 -14.21
N ALA G 2450 -8.35 68.80 -15.11
CA ALA G 2450 -7.30 69.82 -14.92
C ALA G 2450 -7.67 70.69 -13.73
N LEU G 2451 -8.98 70.95 -13.49
CA LEU G 2451 -9.46 71.74 -12.34
C LEU G 2451 -9.00 71.00 -11.00
N ARG G 2452 -8.83 69.67 -11.04
CA ARG G 2452 -8.27 68.90 -9.91
C ARG G 2452 -6.90 69.38 -9.50
N ILE G 2453 -5.98 69.10 -10.37
CA ILE G 2453 -4.65 69.36 -10.13
C ILE G 2453 -4.34 70.88 -10.23
N ARG G 2454 -5.10 71.69 -10.96
CA ARG G 2454 -4.73 73.12 -11.04
C ARG G 2454 -4.92 73.80 -9.70
N ALA G 2455 -5.81 73.25 -8.91
CA ALA G 2455 -5.89 73.68 -7.55
C ALA G 2455 -4.60 73.32 -6.73
N ILE G 2456 -3.91 72.19 -7.03
CA ILE G 2456 -2.71 71.72 -6.24
C ILE G 2456 -1.59 72.73 -6.36
N LEU G 2457 -1.59 73.54 -7.42
CA LEU G 2457 -0.57 74.60 -7.58
C LEU G 2457 -0.60 75.56 -6.46
N ARG G 2458 -1.83 75.88 -6.11
CA ARG G 2458 -2.05 76.85 -5.10
C ARG G 2458 -1.62 76.25 -3.74
N SER G 2459 -1.61 74.92 -3.57
CA SER G 2459 -1.13 74.27 -2.32
C SER G 2459 0.36 73.97 -2.32
N LEU G 2460 0.86 73.67 -3.53
CA LEU G 2460 2.24 73.32 -3.75
C LEU G 2460 2.61 73.86 -5.13
N LEU G 2463 -1.46 79.58 -3.38
CA LEU G 2463 -1.21 79.88 -1.95
C LEU G 2463 0.07 79.18 -1.41
N ASP G 2464 0.71 78.39 -2.27
CA ASP G 2464 2.01 77.82 -1.99
C ASP G 2464 3.00 78.94 -1.78
N ASP G 2465 2.74 80.07 -2.46
CA ASP G 2465 3.42 81.33 -2.32
C ASP G 2465 2.63 82.27 -1.38
N LEU G 2466 1.45 82.72 -1.82
CA LEU G 2466 0.51 83.50 -0.98
C LEU G 2466 1.15 84.72 -0.40
N VAL G 2467 1.71 84.55 0.77
CA VAL G 2467 2.41 85.62 1.41
C VAL G 2467 3.64 86.04 0.58
N GLY G 2468 4.17 85.11 -0.20
CA GLY G 2468 5.22 85.40 -1.13
C GLY G 2468 4.77 86.47 -2.10
N ILE G 2469 3.48 86.50 -2.46
CA ILE G 2469 2.93 87.61 -3.29
C ILE G 2469 3.14 88.96 -2.65
N ILE G 2470 2.95 88.94 -1.35
CA ILE G 2470 3.08 90.16 -0.65
C ILE G 2470 4.60 90.56 -0.62
N SER G 2471 5.53 89.58 -0.77
CA SER G 2471 7.01 89.86 -0.87
C SER G 2471 7.27 90.83 -1.98
N LEU G 2472 6.43 90.76 -3.01
CA LEU G 2472 6.59 91.63 -4.19
C LEU G 2472 6.45 93.11 -3.82
N PRO G 2473 5.55 93.33 -2.87
CA PRO G 2473 5.38 94.63 -2.30
C PRO G 2473 6.62 95.18 -1.57
N LEU G 2474 7.37 94.27 -0.95
CA LEU G 2474 8.60 94.63 -0.14
C LEU G 2474 9.81 94.98 -1.07
N GLN G 2475 9.66 94.56 -2.32
CA GLN G 2475 10.82 94.37 -3.22
C GLN G 2475 11.61 95.71 -3.56
N ILE G 2476 10.93 96.85 -3.51
CA ILE G 2476 11.40 98.00 -4.33
C ILE G 2476 12.60 98.62 -3.62
N PHE G 2494 18.64 91.80 -11.47
CA PHE G 2494 18.19 91.80 -10.10
C PHE G 2494 16.58 92.05 -10.01
N VAL G 2495 16.12 93.26 -9.63
CA VAL G 2495 14.69 93.48 -9.18
C VAL G 2495 13.55 93.09 -10.17
N PRO G 2496 13.59 93.52 -11.44
CA PRO G 2496 12.42 93.28 -12.33
C PRO G 2496 11.98 91.87 -12.51
N ASP G 2497 12.92 90.87 -12.46
CA ASP G 2497 12.63 89.37 -12.51
C ASP G 2497 11.63 89.02 -11.43
N HIS G 2498 11.78 89.68 -10.27
CA HIS G 2498 11.00 89.30 -9.07
C HIS G 2498 9.48 89.69 -9.37
N LYS G 2499 9.23 90.98 -9.74
CA LYS G 2499 7.82 91.48 -10.15
C LYS G 2499 7.28 90.71 -11.37
N ALA G 2500 8.15 90.52 -12.35
CA ALA G 2500 7.74 89.90 -13.60
C ALA G 2500 7.36 88.42 -13.39
N SER G 2501 7.95 87.78 -12.37
CA SER G 2501 7.62 86.40 -12.01
C SER G 2501 6.33 86.32 -11.19
N MET G 2502 6.37 86.97 -10.05
CA MET G 2502 5.28 86.84 -9.10
C MET G 2502 3.94 87.48 -9.57
N VAL G 2503 3.95 88.57 -10.37
CA VAL G 2503 2.69 89.21 -10.90
C VAL G 2503 1.95 88.22 -11.80
N LEU G 2504 2.69 87.57 -12.69
CA LEU G 2504 2.14 86.56 -13.58
C LEU G 2504 1.73 85.30 -12.79
N PHE G 2505 2.46 84.96 -11.71
CA PHE G 2505 2.01 83.86 -10.84
C PHE G 2505 0.65 84.17 -10.23
N LEU G 2506 0.44 85.45 -9.97
CA LEU G 2506 -0.75 85.87 -9.30
C LEU G 2506 -1.98 85.95 -10.27
N ASP G 2507 -1.75 86.49 -11.48
CA ASP G 2507 -2.84 86.69 -12.42
C ASP G 2507 -3.42 85.35 -12.94
N ARG G 2508 -2.60 84.30 -13.01
CA ARG G 2508 -3.02 82.99 -13.55
C ARG G 2508 -3.82 82.08 -12.62
N VAL G 2509 -3.78 82.41 -11.34
CA VAL G 2509 -4.48 81.62 -10.33
C VAL G 2509 -5.45 82.51 -9.46
N TYR G 2510 -5.20 83.83 -9.31
CA TYR G 2510 -6.11 84.73 -8.44
C TYR G 2510 -6.59 86.03 -9.16
N ASN G 2514 -13.79 90.10 -4.29
CA ASN G 2514 -12.44 90.25 -3.86
C ASN G 2514 -11.75 91.51 -4.34
N GLN G 2515 -12.57 92.47 -4.65
CA GLN G 2515 -12.13 93.87 -4.72
C GLN G 2515 -11.35 94.37 -3.48
N ASP G 2516 -11.84 93.98 -2.30
CA ASP G 2516 -11.15 94.38 -1.05
C ASP G 2516 -9.77 93.69 -0.95
N PHE G 2517 -9.68 92.48 -1.50
CA PHE G 2517 -8.40 91.82 -1.48
C PHE G 2517 -7.41 92.57 -2.35
N LEU G 2518 -7.90 93.19 -3.42
CA LEU G 2518 -7.11 94.15 -4.22
C LEU G 2518 -6.74 95.35 -3.41
N LEU G 2519 -7.59 95.73 -2.45
CA LEU G 2519 -7.25 96.88 -1.65
C LEU G 2519 -6.09 96.48 -0.74
N HIS G 2520 -6.07 95.18 -0.34
CA HIS G 2520 -4.92 94.56 0.37
C HIS G 2520 -3.68 94.60 -0.53
N VAL G 2521 -3.91 94.37 -1.83
CA VAL G 2521 -2.80 94.34 -2.74
C VAL G 2521 -2.21 95.76 -2.94
N LEU G 2522 -3.04 96.81 -2.75
CA LEU G 2522 -2.62 98.24 -2.96
C LEU G 2522 -1.39 98.70 -2.19
N VAL G 2524 1.45 95.70 -2.51
CA VAL G 2524 1.72 97.12 -2.67
C VAL G 2524 2.64 97.37 -3.86
N GLY G 2525 2.11 97.21 -5.06
CA GLY G 2525 2.86 97.56 -6.25
C GLY G 2525 3.05 99.06 -6.43
N PHE G 2526 2.22 99.84 -5.68
CA PHE G 2526 2.24 101.34 -5.74
C PHE G 2526 3.62 101.88 -5.29
N LEU G 2527 4.39 101.10 -4.50
CA LEU G 2527 5.82 101.42 -4.12
C LEU G 2527 6.70 101.79 -5.32
N PRO G 2528 6.75 100.87 -6.25
CA PRO G 2528 7.51 101.15 -7.43
C PRO G 2528 6.88 102.35 -8.28
N ASP G 2529 5.54 102.60 -8.21
CA ASP G 2529 4.88 103.84 -8.85
C ASP G 2529 5.42 105.09 -8.16
N MET G 2530 5.73 104.97 -6.85
CA MET G 2530 6.47 106.04 -6.09
C MET G 2530 7.91 106.16 -6.60
N ARG G 2531 8.47 105.03 -7.04
CA ARG G 2531 9.85 105.01 -7.59
C ARG G 2531 9.92 105.56 -9.08
N ALA G 2532 8.71 105.69 -9.70
CA ALA G 2532 8.54 106.05 -11.15
C ALA G 2532 9.18 107.38 -11.53
N ALA G 2533 9.15 108.37 -10.62
CA ALA G 2533 9.70 109.70 -10.98
C ALA G 2533 11.25 109.73 -10.87
N ALA G 2534 11.83 108.69 -10.23
CA ALA G 2534 13.29 108.64 -9.95
C ALA G 2534 14.17 108.51 -11.23
N SER G 2535 13.56 108.03 -12.32
CA SER G 2535 14.21 107.89 -13.64
C SER G 2535 14.79 109.18 -14.23
N LEU G 2536 14.14 110.30 -13.95
CA LEU G 2536 14.49 111.56 -14.58
C LEU G 2536 15.63 112.20 -13.79
N THR G 2544 21.13 104.71 -14.24
CA THR G 2544 20.89 103.79 -13.14
C THR G 2544 20.25 102.45 -13.71
N GLU G 2545 20.21 101.38 -12.91
CA GLU G 2545 19.56 100.08 -13.29
C GLU G 2545 18.02 100.16 -13.02
N MET G 2546 17.34 101.17 -13.54
CA MET G 2546 16.02 101.63 -12.98
C MET G 2546 15.30 102.51 -13.97
N ALA G 2547 16.01 103.50 -14.55
CA ALA G 2547 15.42 104.52 -15.45
C ALA G 2547 14.83 103.89 -16.69
N LEU G 2548 15.54 102.89 -17.17
CA LEU G 2548 15.17 102.20 -18.36
C LEU G 2548 14.14 101.09 -18.01
N ALA G 2549 14.13 100.69 -16.72
CA ALA G 2549 13.29 99.60 -16.21
C ALA G 2549 11.76 99.92 -16.28
N LEU G 2550 11.41 101.20 -16.28
CA LEU G 2550 9.99 101.64 -16.22
C LEU G 2550 9.09 101.10 -17.39
N ASN G 2551 9.69 100.99 -18.57
CA ASN G 2551 8.95 100.59 -19.78
C ASN G 2551 8.51 99.08 -19.69
N ARG G 2552 9.23 98.24 -18.95
CA ARG G 2552 8.75 96.86 -18.70
C ARG G 2552 7.77 96.84 -17.44
N TYR G 2553 8.03 97.75 -16.51
CA TYR G 2553 7.06 98.02 -15.41
C TYR G 2553 5.77 98.64 -16.00
N LEU G 2554 5.89 99.27 -17.16
CA LEU G 2554 4.73 99.78 -17.93
C LEU G 2554 3.78 98.66 -18.33
N CYS G 2555 4.33 97.49 -18.60
CA CYS G 2555 3.52 96.28 -18.80
C CYS G 2555 2.99 95.70 -17.45
N LEU G 2556 3.91 95.66 -16.46
CA LEU G 2556 3.63 94.96 -15.19
C LEU G 2556 2.49 95.68 -14.46
N ALA G 2557 2.40 97.02 -14.60
CA ALA G 2557 1.29 97.78 -14.03
C ALA G 2557 -0.07 97.43 -14.67
N VAL G 2558 -0.01 97.23 -15.99
CA VAL G 2558 -1.19 96.93 -16.74
C VAL G 2558 -1.75 95.49 -16.41
N LEU G 2559 -0.83 94.56 -16.06
CA LEU G 2559 -1.21 93.12 -15.81
C LEU G 2559 -2.36 92.85 -14.81
N PRO G 2560 -2.34 93.42 -13.60
CA PRO G 2560 -3.34 92.97 -12.62
C PRO G 2560 -4.69 93.68 -12.77
N LEU G 2561 -5.14 93.94 -13.99
CA LEU G 2561 -6.53 94.39 -14.23
C LEU G 2561 -7.55 93.32 -13.75
N ILE G 2562 -7.12 92.08 -13.71
CA ILE G 2562 -7.89 90.94 -13.24
C ILE G 2562 -7.57 90.49 -11.78
N PRO G 2567 -8.66 100.48 2.87
CA PRO G 2567 -9.90 100.69 2.13
C PRO G 2567 -9.84 101.89 1.16
N LEU G 2568 -10.90 102.70 1.10
CA LEU G 2568 -11.24 103.43 -0.16
C LEU G 2568 -10.30 104.57 -0.48
N PHE G 2569 -9.86 105.25 0.57
CA PHE G 2569 -9.00 106.42 0.32
C PHE G 2569 -7.60 105.93 -0.07
N ALA G 2570 -7.19 104.71 0.41
CA ALA G 2570 -5.91 104.02 -0.05
C ALA G 2570 -6.00 103.85 -1.60
N GLY G 2571 -7.22 103.51 -2.05
CA GLY G 2571 -7.50 103.34 -3.48
C GLY G 2571 -7.46 104.70 -4.21
N THR G 2572 -7.89 105.78 -3.52
CA THR G 2572 -7.70 107.14 -4.03
C THR G 2572 -6.19 107.45 -4.24
N GLU G 2573 -5.39 106.94 -3.34
CA GLU G 2573 -3.94 107.11 -3.43
C GLU G 2573 -3.23 106.28 -4.58
N HIS G 2574 -3.42 104.96 -4.63
CA HIS G 2574 -2.71 104.09 -5.66
C HIS G 2574 -3.32 104.47 -7.04
N ARG G 2575 -4.62 104.90 -7.05
CA ARG G 2575 -5.26 105.45 -8.30
C ARG G 2575 -4.64 106.78 -8.71
N ALA G 2576 -4.28 107.60 -7.72
CA ALA G 2576 -3.56 108.85 -7.99
C ALA G 2576 -2.12 108.51 -8.56
N ILE G 2577 -1.48 107.38 -8.12
CA ILE G 2577 -0.14 106.83 -8.71
C ILE G 2577 -0.28 106.48 -10.19
N MET G 2578 -1.45 105.90 -10.46
CA MET G 2578 -1.82 105.60 -11.83
C MET G 2578 -2.12 106.91 -12.66
N VAL G 2579 -2.69 107.91 -11.98
CA VAL G 2579 -2.96 109.24 -12.61
C VAL G 2579 -1.58 109.89 -12.89
N ASP G 2580 -0.56 109.57 -12.05
CA ASP G 2580 0.87 109.95 -12.29
C ASP G 2580 1.38 109.25 -13.55
N SER G 2581 0.98 108.00 -13.75
CA SER G 2581 1.33 107.33 -14.98
C SER G 2581 0.60 108.03 -16.21
N MET G 2582 -0.62 108.57 -15.97
CA MET G 2582 -1.37 109.39 -17.01
C MET G 2582 -0.56 110.68 -17.32
N LEU G 2583 0.09 111.18 -16.27
CA LEU G 2583 0.99 112.35 -16.43
C LEU G 2583 2.23 111.97 -17.23
N HIS G 2584 2.69 110.72 -17.08
CA HIS G 2584 3.79 110.20 -17.90
C HIS G 2584 3.29 110.10 -19.33
N THR G 2585 1.98 109.87 -19.51
CA THR G 2585 1.36 109.86 -20.84
C THR G 2585 1.11 111.29 -21.39
N VAL G 2586 1.19 112.29 -20.51
CA VAL G 2586 0.88 113.67 -20.89
C VAL G 2586 2.14 114.40 -21.39
N ARG G 2591 6.53 100.02 -26.07
CA ARG G 2591 6.92 101.31 -25.53
C ARG G 2591 5.75 102.25 -25.37
N GLY G 2592 5.65 103.30 -26.18
CA GLY G 2592 4.61 104.31 -25.97
C GLY G 2592 3.20 103.74 -26.33
N ARG G 2593 3.15 102.79 -27.25
CA ARG G 2593 1.87 102.11 -27.51
C ARG G 2593 1.53 101.20 -26.31
N SER G 2594 2.55 100.68 -25.61
CA SER G 2594 2.34 99.96 -24.30
C SER G 2594 1.79 100.95 -23.25
N LEU G 2595 2.17 102.22 -23.39
CA LEU G 2595 1.57 103.31 -22.57
C LEU G 2595 0.08 103.54 -22.95
N THR G 2596 -0.26 103.36 -24.22
CA THR G 2596 -1.68 103.37 -24.64
C THR G 2596 -2.43 102.16 -24.02
N LYS G 2597 -1.70 101.06 -23.86
CA LYS G 2597 -2.24 99.91 -23.13
C LYS G 2597 -2.39 100.23 -21.61
N ALA G 2598 -1.54 101.13 -21.12
CA ALA G 2598 -1.72 101.67 -19.74
C ALA G 2598 -2.97 102.57 -19.67
N GLN G 2599 -3.28 103.27 -20.79
CA GLN G 2599 -4.55 104.06 -20.87
C GLN G 2599 -5.75 103.12 -20.85
N ARG G 2600 -5.55 101.95 -21.47
CA ARG G 2600 -6.53 100.86 -21.42
C ARG G 2600 -6.65 100.32 -19.98
N ASP G 2601 -5.51 100.32 -19.23
CA ASP G 2601 -5.47 99.92 -17.78
C ASP G 2601 -6.28 100.94 -16.96
N VAL G 2602 -6.29 102.19 -17.44
CA VAL G 2602 -7.04 103.28 -16.80
C VAL G 2602 -8.56 103.15 -17.00
N ILE G 2603 -8.95 102.98 -18.27
CA ILE G 2603 -10.37 102.83 -18.58
C ILE G 2603 -10.91 101.49 -17.92
N GLU G 2604 -10.00 100.47 -17.88
CA GLU G 2604 -10.31 99.17 -17.19
C GLU G 2604 -10.46 99.40 -15.65
N ASP G 2605 -9.63 100.32 -15.09
CA ASP G 2605 -9.70 100.67 -13.65
C ASP G 2605 -11.09 101.33 -13.39
N CYS G 2606 -11.58 102.15 -14.35
CA CYS G 2606 -12.96 102.73 -14.32
C CYS G 2606 -14.04 101.59 -14.37
N LEU G 2607 -13.78 100.54 -15.14
CA LEU G 2607 -14.75 99.38 -15.27
C LEU G 2607 -14.77 98.50 -13.99
N MET G 2608 -13.63 98.50 -13.28
CA MET G 2608 -13.36 97.54 -12.18
C MET G 2608 -14.26 97.81 -11.00
N ALA G 2609 -14.73 99.05 -10.86
CA ALA G 2609 -15.16 99.58 -9.58
C ALA G 2609 -15.94 100.84 -9.81
N ARG G 2615 -15.35 102.36 -1.52
CA ARG G 2615 -16.17 103.50 -1.94
C ARG G 2615 -15.69 104.11 -3.23
N PRO G 2616 -16.58 104.13 -4.23
CA PRO G 2616 -16.30 104.62 -5.59
C PRO G 2616 -15.87 106.09 -5.63
N SER G 2617 -16.43 106.82 -4.69
CA SER G 2617 -16.20 108.23 -4.61
C SER G 2617 -14.70 108.59 -4.38
N MET G 2618 -13.96 107.76 -3.62
CA MET G 2618 -12.49 108.02 -3.45
C MET G 2618 -11.76 107.86 -4.78
N LEU G 2619 -12.28 106.97 -5.62
CA LEU G 2619 -11.79 106.89 -7.01
C LEU G 2619 -12.17 108.15 -7.83
N GLN G 2620 -13.32 108.73 -7.48
CA GLN G 2620 -13.69 109.98 -8.07
C GLN G 2620 -12.73 111.18 -7.47
N HIS G 2621 -12.08 110.95 -6.32
CA HIS G 2621 -11.05 111.92 -5.72
C HIS G 2621 -9.68 111.81 -6.41
N LEU G 2622 -9.29 110.57 -6.70
CA LEU G 2622 -8.12 110.34 -7.55
C LEU G 2622 -8.38 110.88 -8.95
N LEU G 2623 -9.67 110.84 -9.35
CA LEU G 2623 -10.14 111.44 -10.63
C LEU G 2623 -10.32 112.99 -10.46
N ARG G 2624 -10.21 113.47 -9.22
CA ARG G 2624 -10.20 114.93 -8.96
C ARG G 2624 -8.75 115.48 -9.16
N ARG G 2625 -7.77 114.77 -8.58
CA ARG G 2625 -6.34 115.07 -8.85
C ARG G 2625 -6.08 114.89 -10.40
N LEU G 2626 -6.74 113.85 -10.92
CA LEU G 2626 -6.69 113.57 -12.36
C LEU G 2626 -7.46 114.68 -13.19
N VAL G 2627 -8.49 115.30 -12.58
CA VAL G 2627 -9.20 116.49 -13.18
C VAL G 2627 -8.24 117.69 -13.26
N PHE G 2628 -7.31 117.75 -12.27
CA PHE G 2628 -6.20 118.74 -12.35
C PHE G 2628 -5.29 118.48 -13.53
N ASP G 2629 -5.04 117.20 -13.74
CA ASP G 2629 -4.28 116.81 -14.92
C ASP G 2629 -5.08 117.11 -16.24
N VAL G 2630 -6.42 117.03 -16.16
CA VAL G 2630 -7.34 117.28 -17.34
C VAL G 2630 -7.30 118.73 -17.78
N PRO G 2631 -7.34 119.59 -16.77
CA PRO G 2631 -7.19 121.00 -17.01
C PRO G 2631 -5.73 121.33 -17.44
N ILE G 2632 -4.76 120.52 -16.95
CA ILE G 2632 -3.33 120.65 -17.35
C ILE G 2632 -3.19 120.33 -18.88
N LEU G 2633 -4.06 119.44 -19.38
CA LEU G 2633 -4.03 119.02 -20.84
C LEU G 2633 -4.39 120.18 -21.80
N ASN G 2634 -5.25 121.10 -21.33
CA ASN G 2634 -5.81 122.18 -22.18
C ASN G 2634 -6.44 123.25 -21.34
N LYS G 2638 1.16 113.49 -24.32
CA LYS G 2638 0.49 114.71 -24.77
C LYS G 2638 -1.06 114.52 -25.00
N MET G 2639 -1.39 114.11 -26.24
CA MET G 2639 -2.77 113.74 -26.64
C MET G 2639 -3.33 112.54 -25.77
N PRO G 2640 -2.43 111.68 -25.24
CA PRO G 2640 -2.85 110.53 -24.34
C PRO G 2640 -3.50 111.07 -23.04
N LEU G 2641 -3.09 112.27 -22.57
CA LEU G 2641 -3.85 112.96 -21.46
C LEU G 2641 -5.30 113.35 -21.92
N LYS G 2642 -5.46 113.72 -23.20
CA LYS G 2642 -6.87 113.91 -23.78
C LYS G 2642 -7.64 112.56 -23.86
N LEU G 2643 -6.89 111.47 -24.08
CA LEU G 2643 -7.48 110.10 -24.01
C LEU G 2643 -7.88 109.76 -22.53
N LEU G 2644 -7.06 110.27 -21.57
CA LEU G 2644 -7.34 110.16 -20.08
C LEU G 2644 -8.68 110.96 -19.84
N THR G 2645 -8.88 112.07 -20.60
CA THR G 2645 -10.17 112.84 -20.61
C THR G 2645 -11.35 112.02 -21.21
N ASN G 2646 -11.03 111.13 -22.14
CA ASN G 2646 -12.05 110.23 -22.75
C ASN G 2646 -12.54 109.12 -21.77
N HIS G 2647 -11.57 108.45 -21.13
CA HIS G 2647 -11.86 107.37 -20.09
C HIS G 2647 -12.57 108.03 -18.90
N TYR G 2648 -12.08 109.28 -18.59
CA TYR G 2648 -12.66 110.10 -17.50
C TYR G 2648 -14.09 110.53 -17.91
N GLU G 2649 -14.34 110.68 -19.23
CA GLU G 2649 -15.69 111.12 -19.74
C GLU G 2649 -16.77 109.99 -19.62
N ARG G 2650 -16.40 108.78 -20.05
CA ARG G 2650 -17.31 107.60 -19.96
C ARG G 2650 -17.49 107.23 -18.44
N CYS G 2651 -16.41 107.35 -17.64
CA CYS G 2651 -16.49 107.11 -16.16
C CYS G 2651 -17.35 108.23 -15.50
N TRP G 2652 -17.31 109.45 -16.05
CA TRP G 2652 -18.17 110.55 -15.58
C TRP G 2652 -19.64 110.21 -15.96
N LYS G 2653 -19.86 109.52 -17.09
CA LYS G 2653 -21.23 109.02 -17.43
C LYS G 2653 -21.65 107.89 -16.38
N TYR G 2654 -20.66 107.13 -15.89
CA TYR G 2654 -20.90 106.16 -14.77
C TYR G 2654 -21.24 106.95 -13.47
N TYR G 2655 -20.63 108.14 -13.31
CA TYR G 2655 -20.97 109.09 -12.19
C TYR G 2655 -22.43 109.62 -12.37
N CYS G 2656 -22.89 109.75 -13.65
CA CYS G 2656 -24.35 110.09 -13.97
C CYS G 2656 -25.21 108.93 -13.47
N LEU G 2657 -24.70 107.71 -13.60
CA LEU G 2657 -25.38 106.54 -13.00
C LEU G 2657 -25.39 106.60 -11.44
N PRO G 2658 -24.34 107.15 -10.85
CA PRO G 2658 -24.37 107.43 -9.38
C PRO G 2658 -25.33 108.56 -9.05
N THR G 2659 -25.49 109.46 -10.03
CA THR G 2659 -26.37 110.61 -9.89
C THR G 2659 -27.82 110.16 -10.22
N GLY G 2660 -28.04 108.91 -10.70
CA GLY G 2660 -29.37 108.37 -11.14
C GLY G 2660 -29.42 106.85 -11.10
N THR G 2667 -19.14 122.35 -5.42
CA THR G 2667 -18.30 121.27 -4.92
C THR G 2667 -17.15 120.94 -5.87
N SER G 2668 -16.65 119.69 -5.80
CA SER G 2668 -15.64 119.14 -6.79
C SER G 2668 -16.18 119.17 -8.23
N GLU G 2669 -17.49 118.99 -8.33
CA GLU G 2669 -18.17 119.05 -9.59
C GLU G 2669 -18.14 120.48 -10.21
N GLU G 2670 -18.16 121.55 -9.38
CA GLU G 2670 -18.02 122.96 -9.87
C GLU G 2670 -16.61 123.14 -10.46
N GLU G 2671 -15.66 122.40 -9.87
CA GLU G 2671 -14.27 122.35 -10.45
C GLU G 2671 -14.18 121.66 -11.77
N LEU G 2672 -15.02 120.63 -11.86
CA LEU G 2672 -15.14 119.92 -13.13
C LEU G 2672 -15.83 120.95 -14.16
N HIS G 2673 -16.74 121.87 -13.70
CA HIS G 2673 -17.33 122.99 -14.57
C HIS G 2673 -16.18 123.94 -15.02
N LEU G 2674 -15.20 124.19 -14.12
CA LEU G 2674 -13.98 124.98 -14.48
C LEU G 2674 -13.19 124.23 -15.60
N THR G 2675 -13.14 122.90 -15.43
CA THR G 2675 -12.48 122.01 -16.41
C THR G 2675 -13.36 121.98 -17.76
N ARG G 2676 -14.69 122.20 -17.67
CA ARG G 2676 -15.62 122.37 -18.90
C ARG G 2676 -15.30 123.70 -19.62
N LYS G 2677 -14.94 124.71 -18.83
CA LYS G 2677 -14.46 125.98 -19.41
C LYS G 2677 -13.09 125.72 -20.11
N LEU G 2678 -12.29 124.83 -19.50
CA LEU G 2678 -11.00 124.35 -20.11
C LEU G 2678 -11.28 123.61 -21.42
N PHE G 2679 -12.41 122.92 -21.48
CA PHE G 2679 -12.89 122.29 -22.72
C PHE G 2679 -13.24 123.34 -23.80
N TRP G 2680 -13.82 124.45 -23.33
CA TRP G 2680 -14.11 125.53 -24.25
C TRP G 2680 -12.75 126.13 -24.76
N GLY G 2681 -11.74 126.11 -23.88
CA GLY G 2681 -10.36 126.49 -24.26
C GLY G 2681 -9.78 125.49 -25.25
N ILE G 2682 -10.17 124.22 -25.15
CA ILE G 2682 -9.78 123.19 -26.15
C ILE G 2682 -10.48 123.51 -27.51
N PHE G 2683 -11.71 124.08 -27.47
CA PHE G 2683 -12.40 124.57 -28.72
C PHE G 2683 -11.61 125.77 -29.28
N ASP G 2684 -11.03 126.58 -28.38
CA ASP G 2684 -10.12 127.68 -28.77
C ASP G 2684 -8.77 127.12 -29.37
N SER G 2685 -8.33 125.93 -28.93
CA SER G 2685 -6.98 125.32 -29.29
C SER G 2685 -6.85 125.03 -30.79
N LEU G 2686 -7.98 124.76 -31.45
CA LEU G 2686 -7.91 124.43 -32.89
C LEU G 2686 -8.53 125.55 -33.73
N TYR G 2691 -7.39 116.06 -37.23
CA TYR G 2691 -8.26 114.88 -37.32
C TYR G 2691 -8.36 114.17 -35.95
N ASP G 2692 -7.22 113.97 -35.24
CA ASP G 2692 -7.23 113.41 -33.81
C ASP G 2692 -8.04 114.32 -32.85
N GLN G 2693 -8.03 115.63 -33.24
CA GLN G 2693 -8.81 116.69 -32.56
C GLN G 2693 -10.32 116.28 -32.50
N GLU G 2694 -10.84 115.67 -33.59
CA GLU G 2694 -12.25 115.13 -33.66
C GLU G 2694 -12.48 114.00 -32.63
N LEU G 2695 -11.46 113.17 -32.38
CA LEU G 2695 -11.59 112.04 -31.39
C LEU G 2695 -11.69 112.58 -29.96
N TYR G 2696 -10.74 113.48 -29.68
CA TYR G 2696 -10.67 114.09 -28.35
C TYR G 2696 -11.97 115.01 -28.17
N ARG G 2697 -12.49 115.52 -29.30
CA ARG G 2697 -13.82 116.26 -29.34
C ARG G 2697 -15.03 115.36 -29.06
N MET G 2698 -14.92 114.08 -29.44
CA MET G 2698 -16.03 113.10 -29.20
C MET G 2698 -16.10 112.77 -27.68
N ALA G 2699 -14.92 112.52 -27.11
CA ALA G 2699 -14.76 112.29 -25.64
C ALA G 2699 -15.18 113.54 -24.84
N MET G 2700 -14.87 114.70 -25.41
CA MET G 2700 -15.31 115.98 -24.84
C MET G 2700 -16.86 116.13 -24.96
N PRO G 2701 -17.43 115.55 -26.03
CA PRO G 2701 -18.92 115.56 -26.22
C PRO G 2701 -19.57 114.63 -25.08
N CYS G 2702 -18.91 113.50 -24.78
CA CYS G 2702 -19.36 112.60 -23.64
C CYS G 2702 -19.20 113.30 -22.29
N LEU G 2703 -18.14 114.14 -22.16
CA LEU G 2703 -17.88 114.96 -20.93
C LEU G 2703 -18.99 116.04 -20.81
N CYS G 2704 -19.49 116.55 -21.98
CA CYS G 2704 -20.63 117.54 -22.02
C CYS G 2704 -21.94 116.83 -21.49
N ALA G 2705 -22.09 115.56 -21.95
CA ALA G 2705 -23.25 114.72 -21.52
C ALA G 2705 -23.15 114.46 -19.98
N ILE G 2706 -21.88 114.28 -19.54
CA ILE G 2706 -21.52 113.95 -18.13
C ILE G 2706 -21.83 115.13 -17.15
N ALA G 2707 -21.31 116.34 -17.48
CA ALA G 2707 -21.48 117.54 -16.55
C ALA G 2707 -22.99 117.93 -16.59
N GLY G 2708 -23.67 117.72 -17.76
CA GLY G 2708 -25.13 117.98 -17.86
C GLY G 2708 -25.92 117.00 -16.95
N ALA G 2709 -25.40 115.75 -16.87
CA ALA G 2709 -25.96 114.75 -15.93
C ALA G 2709 -25.65 115.11 -14.44
N LEU G 2710 -24.49 115.77 -14.24
CA LEU G 2710 -24.12 116.29 -12.89
C LEU G 2710 -25.06 117.47 -12.53
N PRO G 2711 -25.56 118.21 -13.55
CA PRO G 2711 -26.44 119.43 -13.35
C PRO G 2711 -27.89 119.02 -13.01
N PRO G 2712 -28.19 117.70 -13.18
CA PRO G 2712 -29.55 117.17 -13.00
C PRO G 2712 -30.03 116.93 -11.54
N ASN G 2734 4.17 121.19 -17.14
CA ASN G 2734 5.08 122.29 -16.83
C ASN G 2734 4.33 123.37 -16.05
N PHE G 2735 4.12 123.17 -14.74
CA PHE G 2735 3.70 124.31 -13.91
C PHE G 2735 4.74 125.45 -13.92
N ASP G 2736 4.27 126.70 -14.19
CA ASP G 2736 5.15 127.87 -14.34
C ASP G 2736 4.61 129.05 -13.57
N PRO G 2737 4.79 128.99 -12.23
CA PRO G 2737 4.31 130.06 -11.35
C PRO G 2737 4.99 131.43 -11.71
N ARG G 2738 4.23 132.54 -11.65
CA ARG G 2738 4.84 133.91 -11.73
C ARG G 2738 4.29 134.78 -10.57
N PRO G 2739 4.79 134.52 -9.33
CA PRO G 2739 4.35 135.26 -8.14
C PRO G 2739 4.64 136.74 -8.26
N VAL G 2740 3.73 137.57 -7.76
CA VAL G 2740 4.01 139.00 -7.70
C VAL G 2740 5.14 139.32 -6.66
N GLU G 2741 5.96 140.36 -6.97
CA GLU G 2741 6.91 141.08 -6.05
C GLU G 2741 6.25 141.30 -4.67
N THR G 2742 6.94 140.94 -3.59
CA THR G 2742 6.44 141.25 -2.26
C THR G 2742 7.44 142.16 -1.47
N LEU G 2743 8.72 141.74 -1.42
CA LEU G 2743 9.76 142.46 -0.63
C LEU G 2743 10.00 143.92 -1.15
N ASN G 2744 9.88 144.13 -2.48
CA ASN G 2744 9.88 145.50 -3.14
C ASN G 2744 8.85 146.48 -2.53
N VAL G 2745 7.68 145.93 -2.18
CA VAL G 2745 6.53 146.73 -1.76
C VAL G 2745 6.77 147.29 -0.38
N ILE G 2746 6.30 148.52 -0.14
CA ILE G 2746 6.35 149.09 1.20
C ILE G 2746 4.91 149.40 1.80
N ILE G 2747 4.41 148.60 2.78
CA ILE G 2747 3.12 148.86 3.54
C ILE G 2747 3.23 150.16 4.40
N PRO G 2748 2.23 151.10 4.25
CA PRO G 2748 2.24 152.32 5.10
C PRO G 2748 2.08 151.95 6.61
N GLU G 2749 2.71 152.76 7.48
CA GLU G 2749 2.78 152.50 8.93
C GLU G 2749 1.40 152.34 9.67
N LYS G 2750 0.39 153.10 9.22
CA LYS G 2750 -0.96 153.07 9.80
C LYS G 2750 -1.60 151.68 9.66
N LEU G 2751 -1.31 150.95 8.56
CA LEU G 2751 -1.86 149.59 8.32
C LEU G 2751 -1.19 148.57 9.29
N ASP G 2752 0.03 148.82 9.80
CA ASP G 2752 0.69 147.88 10.75
C ASP G 2752 -0.14 147.81 12.11
N SER G 2753 -0.79 148.92 12.53
CA SER G 2753 -1.71 148.93 13.71
C SER G 2753 -2.93 148.04 13.43
N PHE G 2754 -3.40 148.01 12.17
CA PHE G 2754 -4.42 147.07 11.67
C PHE G 2754 -3.85 145.60 11.69
N ILE G 2755 -2.54 145.45 11.40
CA ILE G 2755 -1.86 144.13 11.40
C ILE G 2755 -1.81 143.62 12.86
N ASN G 2756 -1.75 144.54 13.83
CA ASN G 2756 -1.88 144.18 15.28
C ASN G 2756 -3.23 143.51 15.55
N LYS G 2757 -4.30 144.02 14.90
CA LYS G 2757 -5.69 143.48 15.09
C LYS G 2757 -5.82 142.10 14.36
N PHE G 2758 -5.41 142.02 13.09
CA PHE G 2758 -5.56 140.76 12.31
C PHE G 2758 -4.64 139.66 12.87
N ALA G 2759 -3.47 140.04 13.40
CA ALA G 2759 -2.52 139.03 14.00
C ALA G 2759 -2.97 138.65 15.41
N GLU G 2760 -3.49 139.62 16.18
CA GLU G 2760 -4.05 139.30 17.51
C GLU G 2760 -5.27 138.36 17.31
N TYR G 2761 -6.04 138.62 16.25
CA TYR G 2761 -7.15 137.70 15.85
C TYR G 2761 -6.53 136.35 15.42
N THR G 2762 -5.32 136.37 14.80
CA THR G 2762 -4.67 135.13 14.31
C THR G 2762 -4.35 134.25 15.51
N HIS G 2763 -3.73 134.81 16.55
CA HIS G 2763 -3.53 134.07 17.83
C HIS G 2763 -4.83 133.71 18.57
N GLU G 2764 -5.83 134.57 18.50
CA GLU G 2764 -7.10 134.25 19.14
C GLU G 2764 -7.78 133.01 18.46
N LYS G 2765 -7.69 132.91 17.14
CA LYS G 2765 -8.31 131.80 16.44
C LYS G 2765 -7.37 130.55 16.51
N TRP G 2766 -6.06 130.76 16.43
CA TRP G 2766 -5.09 129.66 16.55
C TRP G 2766 -5.06 129.06 17.98
N ALA G 2767 -5.38 129.88 19.01
CA ALA G 2767 -5.51 129.36 20.42
C ALA G 2767 -6.89 128.71 20.58
N PHE G 2768 -7.92 129.34 19.98
CA PHE G 2768 -9.30 128.81 20.04
C PHE G 2768 -9.44 127.43 19.29
N ASP G 2769 -8.70 127.20 18.19
CA ASP G 2769 -8.61 125.86 17.47
C ASP G 2769 -8.08 124.79 18.44
N LYS G 2770 -7.10 125.20 19.26
CA LYS G 2770 -6.55 124.36 20.33
C LYS G 2770 -7.64 124.11 21.43
N ILE G 2771 -8.46 125.14 21.68
CA ILE G 2771 -9.58 125.03 22.66
C ILE G 2771 -10.69 124.03 22.12
N GLN G 2772 -10.84 123.95 20.78
CA GLN G 2772 -11.83 123.04 20.16
C GLN G 2772 -11.50 121.54 20.49
N ASN G 2773 -10.22 121.20 20.69
CA ASN G 2773 -9.78 119.82 21.09
C ASN G 2773 -9.22 119.70 22.55
N ASN G 2774 -9.59 120.66 23.37
CA ASN G 2774 -9.11 120.65 24.80
C ASN G 2774 -7.57 120.75 25.07
N TRP G 2775 -6.86 121.46 24.20
CA TRP G 2775 -5.42 121.73 24.39
C TRP G 2775 -5.20 122.78 25.48
N SER G 2776 -4.04 122.72 26.13
CA SER G 2776 -3.70 123.57 27.23
C SER G 2776 -2.18 123.96 27.26
N TYR G 2777 -1.83 124.98 28.09
CA TYR G 2777 -0.42 125.45 28.26
C TYR G 2777 0.44 124.30 28.87
N GLY G 2778 1.69 124.10 28.39
CA GLY G 2778 2.60 123.05 28.91
C GLY G 2778 4.10 123.37 28.78
N GLU G 2779 4.90 122.74 29.64
CA GLU G 2779 6.38 122.81 29.54
C GLU G 2779 6.92 122.16 28.23
N ASN G 2780 6.16 121.24 27.63
CA ASN G 2780 6.65 120.51 26.42
C ASN G 2780 5.57 120.24 25.34
N VAL G 2781 6.00 120.06 24.09
CA VAL G 2781 5.10 119.70 22.96
C VAL G 2781 4.83 118.21 23.06
N ASP G 2782 4.01 117.86 24.06
CA ASP G 2782 3.68 116.49 24.32
C ASP G 2782 2.24 116.28 23.85
N GLU G 2783 2.06 115.76 22.63
CA GLU G 2783 0.69 115.69 22.01
C GLU G 2783 -0.17 114.63 22.78
N GLU G 2784 0.48 113.65 23.43
CA GLU G 2784 -0.24 112.68 24.32
C GLU G 2784 -0.78 113.35 25.60
N LEU G 2785 -0.06 114.39 26.07
CA LEU G 2785 -0.39 115.10 27.34
C LEU G 2785 -1.62 116.06 27.13
N LYS G 2786 -2.10 116.16 25.87
CA LYS G 2786 -3.16 117.12 25.48
C LYS G 2786 -2.72 118.58 25.88
N THR G 2787 -1.46 118.98 25.59
CA THR G 2787 -0.92 120.31 25.93
C THR G 2787 0.12 120.85 24.94
N HIS G 2788 0.14 122.16 24.75
CA HIS G 2788 1.06 122.78 23.87
C HIS G 2788 1.70 124.04 24.57
N PRO G 2789 3.04 124.26 24.39
CA PRO G 2789 3.83 125.41 25.01
C PRO G 2789 3.36 126.80 24.65
N MET G 2790 2.84 127.01 23.45
CA MET G 2790 2.53 128.35 22.98
C MET G 2790 1.16 128.89 23.46
N LEU G 2791 0.36 128.10 24.19
CA LEU G 2791 -1.02 128.56 24.60
C LEU G 2791 -0.94 129.53 25.81
N ARG G 2792 -0.37 130.68 25.53
CA ARG G 2792 -0.23 131.78 26.46
C ARG G 2792 -0.69 133.06 25.72
N PRO G 2793 -1.17 134.06 26.48
CA PRO G 2793 -1.91 135.21 25.87
C PRO G 2793 -1.10 136.02 24.87
N TYR G 2794 -1.75 136.53 23.80
CA TYR G 2794 -1.05 137.22 22.67
C TYR G 2794 -0.27 138.45 23.17
N LYS G 2795 -0.81 139.12 24.20
CA LYS G 2795 -0.14 140.24 24.91
C LYS G 2795 1.27 139.85 25.49
N THR G 2796 1.38 138.62 25.98
CA THR G 2796 2.62 138.12 26.61
C THR G 2796 3.72 137.92 25.54
N PHE G 2797 3.33 137.73 24.27
CA PHE G 2797 4.31 137.53 23.18
C PHE G 2797 5.26 138.75 23.05
N SER G 2798 6.55 138.43 22.84
CA SER G 2798 7.55 139.41 22.40
C SER G 2798 7.12 139.77 20.95
N GLU G 2799 7.42 141.00 20.50
CA GLU G 2799 6.92 141.48 19.16
C GLU G 2799 7.49 140.60 18.03
N LYS G 2800 8.71 140.08 18.24
CA LYS G 2800 9.36 139.17 17.27
C LYS G 2800 8.58 137.84 17.18
N ASP G 2801 8.02 137.36 18.30
CA ASP G 2801 7.12 136.17 18.28
C ASP G 2801 5.82 136.48 17.54
N LYS G 2802 5.35 137.73 17.65
CA LYS G 2802 4.17 138.19 16.90
C LYS G 2802 4.49 138.26 15.40
N GLU G 2803 5.77 138.54 15.07
CA GLU G 2803 6.24 138.59 13.64
C GLU G 2803 6.09 137.20 12.92
N ILE G 2804 6.15 136.08 13.67
CA ILE G 2804 5.96 134.70 13.06
C ILE G 2804 4.51 134.59 12.49
N TYR G 2805 3.52 135.25 13.15
CA TYR G 2805 2.11 135.38 12.66
C TYR G 2805 2.01 136.51 11.58
N ARG G 2806 2.59 137.66 11.89
CA ARG G 2806 2.43 138.87 11.06
C ARG G 2806 3.11 138.81 9.68
N TRP G 2807 4.27 138.16 9.61
CA TRP G 2807 5.13 138.25 8.41
C TRP G 2807 4.42 137.67 7.13
N PRO G 2808 3.82 136.44 7.20
CA PRO G 2808 2.96 136.03 6.00
C PRO G 2808 1.81 137.06 5.66
N ILE G 2809 1.23 137.67 6.72
CA ILE G 2809 0.12 138.66 6.58
C ILE G 2809 0.65 139.92 5.89
N LYS G 2810 1.81 140.42 6.37
CA LYS G 2810 2.52 141.56 5.76
C LYS G 2810 2.92 141.28 4.29
N GLU G 2811 3.35 140.05 3.99
CA GLU G 2811 3.70 139.64 2.61
C GLU G 2811 2.40 139.61 1.74
N SER G 2812 1.27 139.27 2.36
CA SER G 2812 -0.02 139.29 1.66
C SER G 2812 -0.50 140.76 1.37
N LEU G 2813 -0.41 141.66 2.40
CA LEU G 2813 -0.78 143.11 2.23
C LEU G 2813 0.17 143.78 1.19
N LYS G 2814 1.45 143.35 1.14
CA LYS G 2814 2.36 143.82 0.09
C LYS G 2814 1.97 143.22 -1.28
N ALA G 2815 1.43 142.00 -1.27
CA ALA G 2815 0.92 141.38 -2.50
C ALA G 2815 -0.29 142.14 -3.04
N MET G 2816 -1.08 142.73 -2.12
CA MET G 2816 -2.23 143.57 -2.52
C MET G 2816 -1.76 144.97 -3.02
N ILE G 2817 -0.84 145.59 -2.28
CA ILE G 2817 -0.35 146.92 -2.63
C ILE G 2817 0.48 146.85 -3.97
N ALA G 2818 1.17 145.74 -4.25
CA ALA G 2818 1.84 145.55 -5.59
C ALA G 2818 0.81 145.38 -6.71
N TRP G 2819 -0.36 144.86 -6.35
CA TRP G 2819 -1.53 144.81 -7.24
C TRP G 2819 -2.31 146.13 -7.13
N GLU G 2820 -1.89 146.95 -6.17
CA GLU G 2820 -2.51 148.28 -5.89
C GLU G 2820 -3.97 148.19 -5.49
N TRP G 2821 -4.35 147.08 -4.88
CA TRP G 2821 -5.70 146.92 -4.36
C TRP G 2821 -5.89 147.86 -3.15
N THR G 2822 -7.09 148.42 -3.11
CA THR G 2822 -7.48 149.36 -2.09
C THR G 2822 -7.59 148.68 -0.69
N ILE G 2823 -7.09 149.38 0.33
CA ILE G 2823 -7.29 149.10 1.77
C ILE G 2823 -7.32 150.46 2.58
N GLU G 2824 -8.51 150.95 2.94
CA GLU G 2824 -8.65 152.31 3.53
C GLU G 2824 -9.85 152.35 4.50
N LYS G 2825 -9.86 153.30 5.46
CA LYS G 2825 -11.02 153.40 6.42
C LYS G 2825 -12.34 153.78 5.70
N ALA G 2826 -13.44 153.17 6.14
CA ALA G 2826 -14.77 153.52 5.62
C ALA G 2826 -15.81 153.22 6.72
N ARG G 2827 -16.51 152.10 6.57
CA ARG G 2827 -17.51 151.67 7.54
C ARG G 2827 -16.91 151.31 8.92
N GLU G 2828 -17.68 151.55 9.99
CA GLU G 2828 -17.30 151.17 11.39
C GLU G 2828 -17.09 149.66 11.50
N GLY G 2829 -16.08 149.31 12.30
CA GLY G 2829 -15.78 147.91 12.57
C GLY G 2829 -16.67 147.22 13.61
N GLU G 2830 -16.32 145.97 13.89
CA GLU G 2830 -17.00 145.15 14.92
C GLU G 2830 -16.03 144.31 15.75
N TYR G 2849 -19.95 123.20 24.89
CA TYR G 2849 -18.63 123.83 24.98
C TYR G 2849 -18.25 124.09 26.48
N ASP G 2850 -17.91 123.03 27.28
CA ASP G 2850 -17.44 123.18 28.74
C ASP G 2850 -16.02 123.94 28.71
N PRO G 2851 -15.81 125.08 29.45
CA PRO G 2851 -14.66 126.06 29.15
C PRO G 2851 -13.27 125.44 29.34
N ARG G 2852 -12.29 125.84 28.52
CA ARG G 2852 -10.95 125.16 28.52
C ARG G 2852 -9.87 125.77 29.42
N GLU G 2853 -8.91 124.94 29.90
CA GLU G 2853 -7.72 125.48 30.66
C GLU G 2853 -6.76 126.27 29.70
N GLY G 2854 -5.98 127.25 30.19
CA GLY G 2854 -5.09 128.08 29.32
C GLY G 2854 -5.86 129.30 28.83
N TYR G 2855 -5.21 130.10 27.99
CA TYR G 2855 -5.83 131.35 27.54
C TYR G 2855 -7.10 131.01 26.70
N ASN G 2856 -8.19 131.79 26.88
CA ASN G 2856 -9.55 131.44 26.30
C ASN G 2856 -10.24 132.51 25.38
N PRO G 2857 -9.59 132.82 24.21
CA PRO G 2857 -10.10 133.88 23.30
C PRO G 2857 -11.44 133.50 22.69
N GLN G 2858 -12.28 134.49 22.45
CA GLN G 2858 -13.53 134.26 21.74
C GLN G 2858 -13.55 135.23 20.52
N PRO G 2859 -12.87 134.78 19.41
CA PRO G 2859 -12.67 135.55 18.13
C PRO G 2859 -13.99 136.05 17.51
N PRO G 2860 -13.98 137.29 16.92
CA PRO G 2860 -15.13 137.83 16.17
C PRO G 2860 -15.48 136.91 14.97
N ASP G 2861 -16.78 136.83 14.63
CA ASP G 2861 -17.28 135.86 13.65
C ASP G 2861 -16.99 136.24 12.16
N LEU G 2862 -15.73 136.02 11.70
CA LEU G 2862 -15.29 136.20 10.26
C LEU G 2862 -16.04 135.22 9.38
N SER G 2863 -16.40 134.06 9.94
CA SER G 2863 -17.04 132.98 9.17
C SER G 2863 -18.45 133.43 8.69
N GLY G 2864 -19.10 134.34 9.45
CA GLY G 2864 -20.42 134.91 9.05
C GLY G 2864 -20.31 136.02 8.01
N VAL G 2865 -19.09 136.59 7.89
CA VAL G 2865 -18.81 137.59 6.85
C VAL G 2865 -18.89 136.87 5.46
N THR G 2866 -19.49 137.52 4.46
CA THR G 2866 -19.70 136.89 3.12
C THR G 2866 -19.21 137.91 2.07
N LEU G 2867 -18.10 137.57 1.41
CA LEU G 2867 -17.55 138.43 0.36
C LEU G 2867 -18.55 138.53 -0.85
N SER G 2868 -18.68 139.73 -1.47
CA SER G 2868 -19.41 139.94 -2.75
C SER G 2868 -18.58 139.19 -3.83
N ARG G 2869 -19.24 138.82 -4.92
CA ARG G 2869 -18.59 137.99 -5.96
C ARG G 2869 -17.32 138.69 -6.58
N GLU G 2870 -17.31 140.04 -6.61
CA GLU G 2870 -16.11 140.83 -6.97
C GLU G 2870 -14.95 140.51 -5.96
N LEU G 2871 -15.27 140.70 -4.67
CA LEU G 2871 -14.33 140.39 -3.54
C LEU G 2871 -14.06 138.86 -3.47
N GLN G 2872 -15.03 138.01 -3.86
CA GLN G 2872 -14.80 136.53 -3.91
C GLN G 2872 -13.77 136.20 -4.98
N ALA G 2873 -13.83 136.91 -6.12
CA ALA G 2873 -12.81 136.78 -7.18
C ALA G 2873 -11.47 137.31 -6.63
N MET G 2874 -11.53 138.34 -5.78
CA MET G 2874 -10.32 138.90 -5.12
C MET G 2874 -9.68 137.86 -4.15
N ALA G 2875 -10.54 137.09 -3.43
CA ALA G 2875 -10.06 135.95 -2.57
C ALA G 2875 -9.50 134.84 -3.45
N GLU G 2876 -10.12 134.70 -4.63
CA GLU G 2876 -9.65 133.72 -5.63
C GLU G 2876 -8.21 134.09 -6.11
N GLN G 2877 -7.95 135.38 -6.28
CA GLN G 2877 -6.66 135.86 -6.83
C GLN G 2877 -5.57 135.96 -5.70
N LEU G 2878 -5.94 136.32 -4.44
CA LEU G 2878 -4.97 136.22 -3.29
C LEU G 2878 -4.59 134.76 -3.07
N ALA G 2879 -5.57 133.86 -3.24
CA ALA G 2879 -5.30 132.41 -3.18
C ALA G 2879 -4.40 131.99 -4.35
N GLU G 2880 -4.58 132.65 -5.48
CA GLU G 2880 -3.71 132.44 -6.67
C GLU G 2880 -2.26 132.92 -6.34
N ASN G 2881 -2.13 134.00 -5.54
CA ASN G 2881 -0.80 134.48 -5.05
C ASN G 2881 -0.15 133.45 -4.10
N TYR G 2882 -0.97 132.88 -3.20
CA TYR G 2882 -0.49 131.85 -2.23
C TYR G 2882 0.01 130.65 -3.07
N HIS G 2883 -0.71 130.36 -4.14
CA HIS G 2883 -0.38 129.21 -5.00
C HIS G 2883 0.89 129.41 -5.84
N ASN G 2884 0.99 130.54 -6.52
CA ASN G 2884 2.17 130.83 -7.33
C ASN G 2884 3.42 131.07 -6.45
N THR G 2885 3.25 131.66 -5.25
CA THR G 2885 4.43 132.00 -4.42
C THR G 2885 4.89 130.80 -3.63
N TRP G 2886 3.95 130.21 -2.89
CA TRP G 2886 4.28 129.04 -2.07
C TRP G 2886 4.61 127.87 -3.06
N GLY G 2887 4.01 127.83 -4.26
CA GLY G 2887 4.28 126.82 -5.31
C GLY G 2887 5.63 127.01 -5.99
N ARG G 2888 6.02 128.26 -6.23
CA ARG G 2888 7.35 128.49 -6.83
C ARG G 2888 8.45 128.18 -5.78
N LYS G 2889 8.23 128.65 -4.53
CA LYS G 2889 9.17 128.36 -3.39
C LYS G 2889 9.20 126.86 -3.15
N LYS G 2890 8.07 126.16 -3.33
CA LYS G 2890 8.00 124.70 -3.19
C LYS G 2890 8.76 124.00 -4.29
N LYS G 2891 8.70 124.52 -5.52
CA LYS G 2891 9.40 123.90 -6.67
C LYS G 2891 10.94 124.09 -6.50
N GLN G 2892 11.34 125.32 -6.18
CA GLN G 2892 12.76 125.63 -5.98
C GLN G 2892 13.29 124.95 -4.71
N GLU G 2893 12.43 124.70 -3.73
CA GLU G 2893 12.82 123.96 -2.50
C GLU G 2893 13.10 122.47 -2.83
N LEU G 2894 12.18 121.84 -3.56
CA LEU G 2894 12.36 120.42 -3.89
C LEU G 2894 13.52 120.23 -4.91
N GLU G 2895 13.72 121.20 -5.80
CA GLU G 2895 14.92 121.19 -6.66
C GLU G 2895 16.21 121.48 -5.81
N ALA G 2896 16.13 122.27 -4.74
CA ALA G 2896 17.26 122.49 -3.77
C ALA G 2896 17.61 121.20 -3.00
N LYS G 2897 16.60 120.37 -2.72
CA LYS G 2897 16.82 119.05 -2.09
C LYS G 2897 17.20 117.91 -3.13
N GLY G 2898 17.09 118.23 -4.42
CA GLY G 2898 17.31 117.26 -5.50
C GLY G 2898 16.08 116.40 -5.72
N GLY G 2899 14.99 116.79 -5.07
CA GLY G 2899 13.82 115.94 -5.04
C GLY G 2899 12.88 116.23 -6.18
N GLY G 2900 11.65 115.76 -5.98
CA GLY G 2900 10.67 115.75 -7.03
C GLY G 2900 9.75 116.94 -7.06
N THR G 2901 8.56 116.71 -6.49
CA THR G 2901 7.40 117.56 -6.71
C THR G 2901 6.30 117.35 -5.65
N HIS G 2902 5.29 118.20 -5.73
CA HIS G 2902 4.14 118.17 -4.85
C HIS G 2902 2.80 118.15 -5.73
N PRO G 2903 1.68 117.53 -5.23
CA PRO G 2903 0.35 117.46 -5.99
C PRO G 2903 -0.27 118.81 -6.42
N LEU G 2904 -0.15 119.80 -5.52
CA LEU G 2904 -0.58 121.21 -5.78
C LEU G 2904 0.31 121.93 -6.82
N LEU G 2905 1.50 121.44 -7.23
CA LEU G 2905 2.35 122.19 -8.22
C LEU G 2905 1.74 121.98 -9.64
N VAL G 2906 0.49 122.44 -9.79
CA VAL G 2906 -0.23 122.58 -11.08
C VAL G 2906 -0.83 124.03 -11.10
N PRO G 2907 -1.00 124.62 -12.31
CA PRO G 2907 -1.43 126.05 -12.41
C PRO G 2907 -2.75 126.30 -11.74
N TYR G 2908 -2.89 127.48 -11.14
CA TYR G 2908 -3.98 127.73 -10.21
C TYR G 2908 -5.36 127.57 -10.91
N ASP G 2909 -5.43 127.98 -12.19
CA ASP G 2909 -6.64 127.76 -13.02
C ASP G 2909 -6.97 126.23 -13.17
N THR G 2910 -5.92 125.40 -13.25
CA THR G 2910 -6.06 123.95 -13.46
C THR G 2910 -6.59 123.22 -12.21
N LEU G 2911 -6.42 123.83 -11.05
CA LEU G 2911 -6.79 123.21 -9.80
C LEU G 2911 -8.31 122.90 -9.78
N THR G 2912 -8.66 121.76 -9.20
CA THR G 2912 -10.02 121.56 -8.76
C THR G 2912 -10.33 122.58 -7.66
N ALA G 2913 -11.58 123.09 -7.63
CA ALA G 2913 -12.08 124.14 -6.70
C ALA G 2913 -11.86 123.70 -5.26
N LYS G 2914 -11.94 122.39 -4.96
CA LYS G 2914 -11.61 121.89 -3.62
C LYS G 2914 -10.10 122.15 -3.24
N GLU G 2915 -9.21 121.95 -4.20
CA GLU G 2915 -7.76 122.30 -4.01
C GLU G 2915 -7.55 123.85 -3.92
N LYS G 2916 -8.39 124.60 -4.66
CA LYS G 2916 -8.37 126.09 -4.63
C LYS G 2916 -8.88 126.54 -3.24
N ALA G 2917 -9.73 125.72 -2.58
CA ALA G 2917 -10.47 126.10 -1.31
C ALA G 2917 -9.50 126.27 -0.19
N ARG G 2918 -8.41 125.49 -0.19
CA ARG G 2918 -7.42 125.50 0.87
C ARG G 2918 -6.68 126.87 0.87
N ASP G 2919 -6.15 127.29 -0.28
CA ASP G 2919 -5.59 128.67 -0.44
C ASP G 2919 -6.66 129.79 -0.24
N ARG G 2920 -7.89 129.55 -0.71
CA ARG G 2920 -8.97 130.60 -0.75
C ARG G 2920 -9.42 131.00 0.67
N GLU G 2921 -9.44 130.04 1.60
CA GLU G 2921 -9.83 130.27 3.05
C GLU G 2921 -8.82 131.21 3.75
N LYS G 2922 -7.54 131.12 3.39
CA LYS G 2922 -6.48 132.05 3.90
C LYS G 2922 -6.76 133.50 3.35
N ALA G 2923 -7.38 133.63 2.17
CA ALA G 2923 -7.69 134.94 1.54
C ALA G 2923 -9.04 135.51 1.95
N GLN G 2924 -9.98 134.63 2.22
CA GLN G 2924 -11.23 135.04 2.84
C GLN G 2924 -11.00 135.24 4.33
N GLU G 2925 -9.81 134.87 4.80
CA GLU G 2925 -9.35 135.18 6.15
C GLU G 2925 -8.93 136.65 6.13
N LEU G 2926 -8.02 136.97 5.21
CA LEU G 2926 -7.52 138.31 5.04
C LEU G 2926 -8.63 139.27 4.64
N LEU G 2927 -9.37 138.91 3.59
CA LEU G 2927 -10.40 139.77 3.04
C LEU G 2927 -11.63 139.91 3.94
N LYS G 2928 -12.10 138.81 4.52
CA LYS G 2928 -13.28 138.88 5.39
C LYS G 2928 -13.03 139.74 6.63
N PHE G 2929 -11.83 139.67 7.20
CA PHE G 2929 -11.48 140.50 8.36
C PHE G 2929 -11.47 142.00 7.94
N LEU G 2930 -11.05 142.29 6.71
CA LEU G 2930 -11.11 143.67 6.13
C LEU G 2930 -12.56 144.16 6.01
N GLN G 2931 -13.47 143.28 5.61
CA GLN G 2931 -14.88 143.65 5.46
C GLN G 2931 -15.52 143.91 6.87
N MET G 2932 -15.08 143.16 7.88
CA MET G 2932 -15.58 143.30 9.28
C MET G 2932 -15.17 144.65 9.86
N ASN G 2933 -13.97 145.15 9.48
CA ASN G 2933 -13.51 146.48 9.94
C ASN G 2933 -14.17 147.59 9.10
N GLY G 2934 -14.85 147.17 8.03
CA GLY G 2934 -15.62 148.05 7.19
C GLY G 2934 -14.79 148.73 6.13
N TYR G 2935 -13.51 148.36 6.04
CA TYR G 2935 -12.62 148.93 5.04
C TYR G 2935 -13.08 148.60 3.61
N ALA G 2936 -13.00 149.61 2.74
CA ALA G 2936 -13.18 149.41 1.30
C ALA G 2936 -12.09 148.44 0.79
N VAL G 2937 -12.47 147.46 -0.03
CA VAL G 2937 -11.53 146.46 -0.58
C VAL G 2937 -11.89 146.17 -2.09
N THR G 2938 -11.19 146.81 -3.05
CA THR G 2938 -11.43 146.63 -4.54
C THR G 2938 -10.10 146.61 -5.30
N ARG G 2939 -10.12 145.97 -6.48
CA ARG G 2939 -8.92 145.86 -7.33
C ARG G 2939 -8.35 147.21 -7.82
N GLY G 2940 -9.19 148.24 -7.93
CA GLY G 2940 -8.66 149.60 -8.18
C GLY G 2940 -7.78 149.80 -9.42
N TYR G 3016 -25.51 124.26 -12.96
CA TYR G 3016 -25.97 125.44 -12.19
C TYR G 3016 -26.06 126.72 -13.06
N PHE G 3017 -26.24 127.89 -12.43
CA PHE G 3017 -26.76 129.09 -13.21
C PHE G 3017 -25.72 129.68 -14.14
N LEU G 3018 -24.49 129.62 -13.64
CA LEU G 3018 -23.35 130.14 -14.39
C LEU G 3018 -23.11 129.27 -15.68
N SER G 3019 -23.52 127.97 -15.67
CA SER G 3019 -23.36 127.00 -16.88
C SER G 3019 -24.10 127.52 -18.13
N THR G 3020 -25.30 128.08 -17.86
CA THR G 3020 -26.13 128.66 -18.90
C THR G 3020 -25.45 129.95 -19.44
N PRO G 3021 -24.77 130.70 -18.55
CA PRO G 3021 -23.96 131.91 -18.94
C PRO G 3021 -22.76 131.47 -19.83
N ALA G 3022 -22.21 130.27 -19.56
CA ALA G 3022 -21.06 129.71 -20.36
C ALA G 3022 -21.54 129.41 -21.78
N LYS G 3023 -22.81 128.99 -21.90
CA LYS G 3023 -23.44 128.77 -23.22
C LYS G 3023 -23.59 130.12 -23.98
N VAL G 3024 -23.87 131.20 -23.24
CA VAL G 3024 -23.93 132.55 -23.81
C VAL G 3024 -22.46 132.97 -24.23
N LEU G 3025 -21.43 132.50 -23.49
CA LEU G 3025 -19.99 132.66 -23.90
C LEU G 3025 -19.72 131.82 -25.15
N GLY G 3026 -20.35 130.65 -25.23
CA GLY G 3026 -20.27 129.82 -26.45
C GLY G 3026 -21.06 130.52 -27.62
N SER G 3027 -22.14 131.23 -27.24
CA SER G 3027 -22.98 132.03 -28.23
C SER G 3027 -22.07 133.22 -28.74
N GLY G 3028 -21.14 133.71 -27.88
CA GLY G 3028 -20.12 134.76 -28.25
C GLY G 3028 -19.19 134.20 -29.35
N GLY G 3029 -18.89 132.88 -29.30
CA GLY G 3029 -18.12 132.17 -30.39
C GLY G 3029 -18.90 132.18 -31.68
N HIS G 3030 -20.24 132.05 -31.56
CA HIS G 3030 -21.16 132.12 -32.71
C HIS G 3030 -21.09 133.56 -33.35
N ALA G 3031 -20.90 134.59 -32.51
CA ALA G 3031 -20.68 135.98 -32.99
C ALA G 3031 -19.34 136.07 -33.75
N SER G 3032 -18.34 135.35 -33.20
CA SER G 3032 -17.04 135.24 -33.87
C SER G 3032 -17.22 134.43 -35.21
N ASN G 3033 -18.13 133.46 -35.13
CA ASN G 3033 -18.43 132.54 -36.28
C ASN G 3033 -19.11 133.32 -37.44
N LYS G 3034 -19.77 134.44 -37.12
CA LYS G 3034 -20.35 135.31 -38.15
C LYS G 3034 -19.23 135.83 -39.11
N GLU G 3035 -18.04 136.13 -38.54
CA GLU G 3035 -16.84 136.47 -39.40
C GLU G 3035 -16.43 135.33 -40.36
N LYS G 3036 -16.59 134.07 -39.91
CA LYS G 3036 -16.33 132.85 -40.80
C LYS G 3036 -17.12 132.87 -42.13
N GLU G 3037 -18.41 133.27 -42.01
CA GLU G 3037 -19.35 133.25 -43.20
C GLU G 3037 -18.93 134.26 -44.32
N MET G 3038 -18.17 135.31 -43.92
CA MET G 3038 -17.66 136.38 -44.85
C MET G 3038 -16.87 135.84 -46.07
N ILE G 3039 -16.15 134.71 -45.91
CA ILE G 3039 -15.01 134.40 -46.85
C ILE G 3039 -15.43 133.98 -48.27
N PHE G 3043 -9.30 127.69 -40.33
CA PHE G 3043 -9.29 126.42 -39.62
C PHE G 3043 -9.95 126.53 -38.23
N CYS G 3044 -9.85 127.68 -37.57
CA CYS G 3044 -10.43 127.85 -36.19
C CYS G 3044 -11.96 127.66 -36.20
N LYS G 3045 -12.61 128.02 -37.31
CA LYS G 3045 -14.11 127.81 -37.42
C LYS G 3045 -14.48 126.32 -37.42
N LEU G 3046 -13.57 125.46 -37.92
CA LEU G 3046 -13.76 123.97 -37.87
C LEU G 3046 -13.82 123.50 -36.40
N ALA G 3047 -13.07 124.16 -35.51
CA ALA G 3047 -13.13 123.88 -34.02
C ALA G 3047 -14.50 124.29 -33.43
N ALA G 3048 -15.10 125.33 -34.02
CA ALA G 3048 -16.49 125.76 -33.64
C ALA G 3048 -17.48 124.64 -34.09
N LEU G 3049 -17.19 123.97 -35.22
CA LEU G 3049 -18.03 122.83 -35.72
C LEU G 3049 -17.87 121.65 -34.70
N VAL G 3050 -16.68 121.50 -34.08
CA VAL G 3050 -16.45 120.53 -32.95
C VAL G 3050 -17.27 120.92 -31.71
N ARG G 3051 -17.35 122.25 -31.51
CA ARG G 3051 -18.18 122.81 -30.42
C ARG G 3051 -19.73 122.51 -30.67
N HIS G 3052 -20.11 122.41 -31.97
CA HIS G 3052 -21.54 122.11 -32.39
C HIS G 3052 -21.98 120.70 -31.88
N ARG G 3053 -21.03 119.72 -31.82
CA ARG G 3053 -21.31 118.35 -31.17
C ARG G 3053 -21.65 118.53 -29.68
N VAL G 3054 -20.86 119.44 -29.04
CA VAL G 3054 -21.11 119.83 -27.59
C VAL G 3054 -22.53 120.54 -27.41
N SER G 3055 -22.92 121.35 -28.42
CA SER G 3055 -24.25 122.08 -28.43
C SER G 3055 -25.48 121.10 -28.46
N LEU G 3056 -25.32 119.92 -29.08
CA LEU G 3056 -26.42 118.87 -29.15
C LEU G 3056 -26.48 118.00 -27.89
N PHE G 3057 -25.30 117.51 -27.50
CA PHE G 3057 -25.24 116.49 -26.43
C PHE G 3057 -25.50 117.14 -25.04
N GLY G 3058 -25.11 118.40 -24.85
CA GLY G 3058 -25.39 119.11 -23.57
C GLY G 3058 -26.86 119.57 -23.59
N THR G 3059 -27.38 120.07 -24.74
CA THR G 3059 -28.86 120.42 -24.85
C THR G 3059 -29.77 119.19 -24.70
N ASP G 3060 -29.27 118.04 -25.12
CA ASP G 3060 -30.06 116.81 -25.03
C ASP G 3060 -30.34 116.48 -23.50
N ALA G 3061 -29.42 116.83 -22.58
CA ALA G 3061 -29.70 116.72 -21.09
C ALA G 3061 -30.67 117.79 -20.64
N PRO G 3062 -30.81 118.86 -21.42
CA PRO G 3062 -31.82 119.93 -21.13
C PRO G 3062 -33.20 119.62 -21.79
N LEU G 3068 -31.62 131.79 -14.55
CA LEU G 3068 -32.81 131.24 -15.19
C LEU G 3068 -33.06 131.89 -16.60
N HIS G 3069 -33.29 133.20 -16.59
CA HIS G 3069 -33.61 133.92 -17.83
C HIS G 3069 -32.40 133.92 -18.83
N ILE G 3070 -31.14 133.81 -18.32
CA ILE G 3070 -29.90 133.76 -19.19
C ILE G 3070 -29.95 132.55 -20.11
N LEU G 3071 -30.55 131.45 -19.60
CA LEU G 3071 -30.80 130.23 -20.44
C LEU G 3071 -31.76 130.51 -21.58
N ALA G 3072 -32.81 131.29 -21.27
CA ALA G 3072 -33.86 131.61 -22.28
C ALA G 3072 -33.21 132.55 -23.38
N ARG G 3073 -32.15 133.31 -22.98
CA ARG G 3073 -31.39 134.21 -23.91
C ARG G 3073 -30.72 133.38 -25.02
N SER G 3074 -30.18 132.24 -24.59
CA SER G 3074 -29.49 131.38 -25.53
C SER G 3074 -30.56 130.75 -26.53
N LEU G 3075 -31.86 130.61 -26.14
CA LEU G 3075 -32.99 130.21 -27.10
C LEU G 3075 -33.17 131.24 -28.22
N ASP G 3076 -33.02 132.51 -27.84
CA ASP G 3076 -33.02 133.58 -28.83
C ASP G 3076 -31.71 133.47 -29.68
N ALA G 3077 -30.60 133.15 -28.97
CA ALA G 3077 -29.22 132.92 -29.60
C ALA G 3077 -29.30 131.70 -30.55
N ARG G 3078 -30.19 130.71 -30.23
CA ARG G 3078 -30.43 129.49 -31.10
C ARG G 3078 -30.95 129.90 -32.47
N THR G 3079 -31.89 130.85 -32.43
CA THR G 3079 -32.44 131.39 -33.65
C THR G 3079 -31.31 132.26 -34.39
N VAL G 3080 -30.38 132.84 -33.62
CA VAL G 3080 -29.26 133.71 -34.19
C VAL G 3080 -28.21 132.87 -34.93
N MET G 3081 -27.79 131.75 -34.32
CA MET G 3081 -26.86 130.85 -34.99
C MET G 3081 -27.64 130.13 -36.12
N LYS G 3082 -28.97 129.96 -35.97
CA LYS G 3082 -29.88 129.46 -37.09
C LYS G 3082 -29.91 130.46 -38.28
N SER G 3083 -29.72 131.75 -37.98
CA SER G 3083 -29.62 132.79 -39.03
C SER G 3083 -28.35 132.55 -39.92
N GLY G 3084 -27.24 132.04 -39.35
CA GLY G 3084 -26.04 131.60 -40.16
C GLY G 3084 -26.43 130.33 -41.01
N PRO G 3085 -27.31 129.48 -40.47
CA PRO G 3085 -27.91 128.33 -41.27
C PRO G 3085 -28.82 128.84 -42.38
N GLU G 3086 -29.47 129.98 -42.08
CA GLU G 3086 -30.35 130.62 -43.06
C GLU G 3086 -29.50 131.14 -44.26
N ILE G 3087 -28.21 131.49 -44.03
CA ILE G 3087 -27.25 131.80 -45.11
C ILE G 3087 -27.04 130.53 -45.96
N VAL G 3088 -27.06 129.35 -45.32
CA VAL G 3088 -26.96 128.04 -46.05
C VAL G 3088 -28.30 127.60 -46.71
N LYS G 3089 -29.39 128.20 -46.19
CA LYS G 3089 -30.77 127.90 -46.67
C LYS G 3089 -30.98 128.30 -48.17
N ALA G 3090 -30.22 129.31 -48.63
CA ALA G 3090 -30.31 129.80 -50.01
C ALA G 3090 -29.04 130.57 -50.44
N PHE G 3095 -18.04 122.74 -42.81
CA PHE G 3095 -18.29 121.56 -43.67
C PHE G 3095 -19.80 121.12 -43.70
N PHE G 3096 -20.27 120.34 -44.72
CA PHE G 3096 -21.77 119.95 -44.86
C PHE G 3096 -22.20 119.09 -43.68
N GLU G 3097 -21.26 118.25 -43.23
CA GLU G 3097 -21.49 117.36 -42.07
C GLU G 3097 -21.64 118.18 -40.75
N SER G 3098 -20.95 119.34 -40.66
CA SER G 3098 -21.02 120.27 -39.44
C SER G 3098 -22.47 120.77 -39.26
N ALA G 3099 -23.18 120.94 -40.40
CA ALA G 3099 -24.62 121.33 -40.41
C ALA G 3099 -25.46 120.25 -39.78
N SER G 3100 -25.11 118.98 -40.03
CA SER G 3100 -25.81 117.84 -39.45
C SER G 3100 -25.59 117.84 -37.91
N GLU G 3101 -24.41 118.29 -37.44
CA GLU G 3101 -24.15 118.44 -35.97
C GLU G 3101 -25.05 119.51 -35.35
N ASP G 3102 -25.23 120.59 -36.12
CA ASP G 3102 -26.17 121.63 -35.75
C ASP G 3102 -27.64 121.07 -35.89
N ILE G 3103 -27.87 120.15 -36.82
CA ILE G 3103 -29.19 119.47 -36.95
C ILE G 3103 -29.46 118.56 -35.72
N GLU G 3104 -28.40 117.99 -35.15
CA GLU G 3104 -28.51 117.26 -33.87
C GLU G 3104 -28.82 118.28 -32.75
N LYS G 3105 -28.21 119.47 -32.87
CA LYS G 3105 -28.51 120.61 -31.97
C LYS G 3105 -29.99 121.15 -32.21
N MET G 3106 -30.51 121.03 -33.44
CA MET G 3106 -31.87 121.58 -33.84
C MET G 3106 -33.03 120.85 -33.13
N VAL G 3107 -32.99 119.51 -33.13
CA VAL G 3107 -33.99 118.72 -32.34
C VAL G 3107 -33.65 118.86 -30.83
N GLU G 3108 -32.35 119.02 -30.53
CA GLU G 3108 -31.91 119.29 -29.12
C GLU G 3108 -32.43 120.70 -28.67
N ASN G 3109 -32.59 121.63 -29.63
CA ASN G 3109 -33.07 123.00 -29.35
C ASN G 3109 -34.52 122.98 -28.84
N LEU G 3110 -35.30 121.99 -29.29
CA LEU G 3110 -36.66 121.78 -28.74
C LEU G 3110 -36.59 121.40 -27.28
N ARG G 3111 -35.55 120.63 -26.91
CA ARG G 3111 -35.30 120.30 -25.50
C ARG G 3111 -34.99 121.63 -24.70
N LEU G 3112 -34.35 122.65 -25.31
CA LEU G 3112 -34.09 123.99 -24.64
C LEU G 3112 -35.39 124.70 -24.31
N GLY G 3113 -36.39 124.50 -25.20
CA GLY G 3113 -37.77 124.98 -24.97
C GLY G 3113 -38.40 124.25 -23.73
N LYS G 3114 -37.96 123.01 -23.47
CA LYS G 3114 -38.47 122.17 -22.33
C LYS G 3114 -37.79 122.50 -20.96
N VAL G 3115 -36.79 123.40 -20.96
CA VAL G 3115 -36.08 123.81 -19.67
C VAL G 3115 -37.11 124.40 -18.66
N SER G 3116 -38.16 125.03 -19.21
CA SER G 3116 -39.26 125.59 -18.40
C SER G 3116 -40.46 124.68 -18.43
N THR G 3132 -37.97 138.64 -32.24
CA THR G 3132 -38.94 137.60 -31.96
C THR G 3132 -39.75 137.33 -33.25
N THR G 3133 -40.66 138.24 -33.63
CA THR G 3133 -41.52 138.04 -34.84
C THR G 3133 -40.72 138.01 -36.15
N VAL G 3134 -39.47 138.54 -36.15
CA VAL G 3134 -38.53 138.51 -37.32
C VAL G 3134 -38.43 137.12 -37.99
N ALA G 3135 -38.40 136.07 -37.16
CA ALA G 3135 -38.22 134.71 -37.66
C ALA G 3135 -39.42 134.25 -38.53
N LEU G 3136 -40.63 134.74 -38.19
CA LEU G 3136 -41.87 134.41 -38.95
C LEU G 3136 -41.78 135.03 -40.34
N LEU G 3137 -41.07 136.15 -40.45
CA LEU G 3137 -40.91 136.83 -41.74
C LEU G 3137 -40.07 135.98 -42.73
N PRO G 3138 -39.15 135.19 -42.17
CA PRO G 3138 -38.31 134.35 -43.01
C PRO G 3138 -39.19 133.20 -43.60
N VAL G 3139 -40.31 132.84 -42.98
CA VAL G 3139 -41.31 131.90 -43.56
C VAL G 3139 -41.89 132.41 -44.89
N LEU G 3140 -42.10 133.74 -44.96
CA LEU G 3140 -42.55 134.36 -46.24
C LEU G 3140 -41.49 134.22 -47.33
N THR G 3141 -40.22 134.21 -46.92
CA THR G 3141 -39.11 134.04 -47.85
C THR G 3141 -39.02 132.55 -48.33
N THR G 3142 -39.14 131.61 -47.40
CA THR G 3142 -39.11 130.16 -47.74
C THR G 3142 -40.32 129.80 -48.62
N LEU G 3143 -41.44 130.47 -48.35
CA LEU G 3143 -42.65 130.29 -49.18
C LEU G 3143 -42.35 130.90 -50.61
N PHE G 3144 -41.60 132.00 -50.69
CA PHE G 3144 -41.17 132.59 -52.00
C PHE G 3144 -40.19 131.66 -52.72
N GLN G 3145 -39.40 130.93 -51.93
CA GLN G 3145 -38.46 129.92 -52.48
C GLN G 3145 -39.25 128.76 -53.11
N HIS G 3146 -40.42 128.46 -52.50
CA HIS G 3146 -41.34 127.40 -52.99
C HIS G 3146 -41.83 127.74 -54.43
N ILE G 3147 -41.99 129.05 -54.74
CA ILE G 3147 -42.36 129.53 -56.11
C ILE G 3147 -41.31 129.08 -57.15
N ALA G 3148 -40.02 129.11 -56.75
CA ALA G 3148 -38.89 128.59 -57.62
C ALA G 3148 -39.04 127.07 -57.89
N GLN G 3149 -39.51 126.34 -56.87
CA GLN G 3149 -39.75 124.86 -56.99
C GLN G 3149 -40.92 124.56 -58.00
N HIS G 3150 -41.91 125.47 -58.08
CA HIS G 3150 -43.11 125.28 -58.98
C HIS G 3150 -42.64 125.31 -60.47
N GLN G 3151 -41.52 126.03 -60.74
CA GLN G 3151 -40.87 126.04 -62.09
C GLN G 3151 -40.37 124.64 -62.51
N PHE G 3152 -39.99 123.81 -61.54
CA PHE G 3152 -39.52 122.42 -61.84
C PHE G 3152 -40.64 121.38 -61.95
N LEU G 3158 -29.67 125.83 -52.33
CA LEU G 3158 -30.88 125.68 -53.20
C LEU G 3158 -32.00 125.00 -52.42
N ASP G 3159 -32.08 123.66 -52.42
CA ASP G 3159 -33.21 122.91 -51.73
C ASP G 3159 -33.12 122.91 -50.17
N ASP G 3160 -31.97 123.36 -49.65
CA ASP G 3160 -31.64 123.30 -48.20
C ASP G 3160 -32.68 123.99 -47.24
N VAL G 3161 -33.33 125.11 -47.70
CA VAL G 3161 -34.22 125.94 -46.76
C VAL G 3161 -35.44 125.11 -46.25
N GLN G 3162 -35.89 124.08 -47.02
CA GLN G 3162 -36.96 123.07 -46.55
C GLN G 3162 -36.65 122.37 -45.18
N VAL G 3163 -35.38 121.95 -45.03
CA VAL G 3163 -34.95 121.17 -43.81
C VAL G 3163 -35.06 122.07 -42.53
N SER G 3164 -34.72 123.38 -42.67
CA SER G 3164 -34.83 124.44 -41.52
C SER G 3164 -36.29 124.58 -41.05
N CYS G 3165 -37.17 124.58 -42.06
CA CYS G 3165 -38.60 124.71 -41.80
C CYS G 3165 -39.14 123.39 -41.12
N TYR G 3166 -38.53 122.22 -41.42
CA TYR G 3166 -38.96 120.91 -40.83
C TYR G 3166 -38.59 120.85 -39.30
N ARG G 3167 -37.36 121.29 -38.94
CA ARG G 3167 -36.94 121.42 -37.48
C ARG G 3167 -37.78 122.53 -36.80
N THR G 3168 -38.11 123.59 -37.57
CA THR G 3168 -39.04 124.65 -37.09
C THR G 3168 -40.47 124.07 -36.95
N LEU G 3169 -40.84 123.12 -37.85
CA LEU G 3169 -42.14 122.35 -37.78
C LEU G 3169 -42.15 121.47 -36.53
N CYS G 3170 -40.97 120.93 -36.19
CA CYS G 3170 -40.79 120.17 -34.95
C CYS G 3170 -40.92 121.13 -33.74
N SER G 3171 -40.44 122.39 -33.91
CA SER G 3171 -40.57 123.46 -32.87
C SER G 3171 -42.07 123.79 -32.70
N ILE G 3172 -42.84 123.72 -33.80
CA ILE G 3172 -44.31 123.88 -33.73
C ILE G 3172 -44.93 122.71 -32.96
N TYR G 3173 -44.38 121.49 -33.14
CA TYR G 3173 -44.75 120.30 -32.31
C TYR G 3173 -44.29 120.55 -30.85
N SER G 3174 -43.16 121.26 -30.67
CA SER G 3174 -42.71 121.68 -29.33
C SER G 3174 -43.65 122.75 -28.73
N LEU G 3175 -44.24 123.58 -29.62
CA LEU G 3175 -45.25 124.61 -29.23
C LEU G 3175 -46.52 123.91 -28.74
N GLY G 3176 -46.79 122.71 -29.27
CA GLY G 3176 -47.94 121.87 -28.83
C GLY G 3176 -47.75 121.43 -27.38
N THR G 3177 -46.48 121.23 -26.97
CA THR G 3177 -46.17 120.89 -25.58
C THR G 3177 -46.50 122.08 -24.65
N THR G 3178 -46.48 123.29 -25.22
CA THR G 3178 -46.74 124.52 -24.47
C THR G 3178 -48.15 125.07 -24.70
N VAL G 3183 -47.35 137.08 -35.44
CA VAL G 3183 -46.85 135.98 -36.21
C VAL G 3183 -47.99 135.19 -37.02
N GLU G 3184 -49.28 135.35 -36.67
CA GLU G 3184 -50.41 134.53 -37.33
C GLU G 3184 -50.54 134.78 -38.84
N LYS G 3185 -50.23 136.01 -39.26
CA LYS G 3185 -50.31 136.37 -40.70
C LYS G 3185 -49.24 135.65 -41.54
N LEU G 3186 -48.11 135.27 -40.92
CA LEU G 3186 -47.06 134.45 -41.61
C LEU G 3186 -47.64 133.08 -41.99
N ARG G 3187 -48.60 132.58 -41.19
CA ARG G 3187 -49.35 131.35 -41.53
C ARG G 3187 -50.19 131.57 -42.81
N PRO G 3188 -50.71 132.80 -42.99
CA PRO G 3188 -51.43 133.14 -44.26
C PRO G 3188 -50.45 133.15 -45.45
N ALA G 3189 -49.17 133.48 -45.19
CA ALA G 3189 -48.09 133.39 -46.24
C ALA G 3189 -47.84 131.92 -46.65
N LEU G 3190 -47.98 131.05 -45.65
CA LEU G 3190 -47.87 129.61 -45.89
C LEU G 3190 -49.13 129.14 -46.69
N GLY G 3191 -50.28 129.83 -46.55
CA GLY G 3191 -51.49 129.54 -47.36
C GLY G 3191 -51.17 129.87 -48.84
N GLU G 3192 -50.32 130.87 -49.09
CA GLU G 3192 -49.76 131.11 -50.47
C GLU G 3192 -48.87 129.92 -50.90
N CYS G 3193 -48.07 129.45 -49.95
CA CYS G 3193 -47.26 128.23 -50.15
C CYS G 3193 -48.21 127.00 -50.24
N LEU G 3194 -49.36 127.05 -49.58
CA LEU G 3194 -50.43 125.99 -49.68
C LEU G 3194 -51.00 125.91 -51.08
N ALA G 3195 -51.05 127.08 -51.72
CA ALA G 3195 -51.51 127.15 -53.12
C ALA G 3195 -50.46 126.42 -54.03
N ARG G 3196 -49.18 126.43 -53.63
CA ARG G 3196 -48.11 125.68 -54.36
C ARG G 3196 -48.38 124.15 -54.27
N LEU G 3197 -49.00 123.66 -53.15
CA LEU G 3197 -49.48 122.22 -53.08
C LEU G 3197 -50.57 121.98 -54.11
N ALA G 3198 -51.44 122.99 -54.23
CA ALA G 3198 -52.49 122.97 -55.24
C ALA G 3198 -51.88 123.08 -56.71
N ALA G 3199 -50.70 123.72 -56.86
CA ALA G 3199 -49.99 123.87 -58.18
C ALA G 3199 -49.58 122.51 -58.77
N ALA G 3200 -49.35 121.49 -57.93
CA ALA G 3200 -48.84 120.19 -58.42
C ALA G 3200 -49.81 119.04 -58.20
N ALA G 3204 -41.29 113.63 -54.67
CA ALA G 3204 -40.62 114.08 -53.45
C ALA G 3204 -41.41 115.17 -52.70
N PHE G 3205 -42.15 115.93 -53.50
CA PHE G 3205 -42.74 117.19 -53.09
C PHE G 3205 -43.72 117.06 -51.90
N LEU G 3206 -44.50 115.95 -51.90
CA LEU G 3206 -45.56 115.75 -50.86
C LEU G 3206 -44.88 115.56 -49.47
N GLU G 3207 -43.63 115.04 -49.43
CA GLU G 3207 -42.85 114.93 -48.14
C GLU G 3207 -42.54 116.32 -47.58
N PRO G 3208 -42.26 117.30 -48.45
CA PRO G 3208 -42.01 118.72 -47.97
C PRO G 3208 -43.34 119.32 -47.44
N GLN G 3209 -44.47 118.87 -48.04
CA GLN G 3209 -45.86 119.25 -47.60
C GLN G 3209 -46.12 118.71 -46.17
N LEU G 3210 -45.52 117.53 -45.87
CA LEU G 3210 -45.61 116.90 -44.53
C LEU G 3210 -44.97 117.85 -43.43
N ASN G 3211 -43.90 118.63 -43.78
CA ASN G 3211 -43.29 119.68 -42.81
C ASN G 3211 -44.37 120.69 -42.45
N GLU G 3212 -45.20 121.07 -43.44
CA GLU G 3212 -46.37 121.99 -43.20
C GLU G 3212 -47.46 121.41 -42.25
N TYR G 3213 -47.65 120.09 -42.30
CA TYR G 3213 -48.64 119.43 -41.43
C TYR G 3213 -48.27 119.53 -39.94
N ASN G 3214 -46.94 119.49 -39.66
CA ASN G 3214 -46.37 119.66 -38.27
C ASN G 3214 -46.57 121.14 -37.84
N ALA G 3215 -46.58 122.04 -38.84
CA ALA G 3215 -46.78 123.50 -38.60
C ALA G 3215 -48.21 123.81 -38.08
N CYS G 3216 -49.18 122.90 -38.32
CA CYS G 3216 -50.58 123.03 -37.79
C CYS G 3216 -50.63 123.16 -36.26
N SER G 3217 -49.64 122.54 -35.61
CA SER G 3217 -49.59 122.47 -34.17
C SER G 3217 -49.00 123.77 -33.56
N THR G 3273 -62.75 134.25 -37.05
CA THR G 3273 -62.93 134.04 -38.48
C THR G 3273 -63.80 132.78 -38.77
N LEU G 3274 -65.10 132.82 -38.48
CA LEU G 3274 -65.99 131.64 -38.67
C LEU G 3274 -66.05 131.23 -40.15
N PRO G 3275 -65.95 132.22 -41.03
CA PRO G 3275 -65.97 131.98 -42.48
C PRO G 3275 -64.76 131.17 -42.97
N MET G 3276 -63.61 131.28 -42.27
CA MET G 3276 -62.38 130.48 -42.63
C MET G 3276 -62.67 128.96 -42.49
N LEU G 3277 -63.48 128.62 -41.45
CA LEU G 3277 -63.93 127.23 -41.25
C LEU G 3277 -64.86 126.78 -42.43
N CYS G 3278 -65.67 127.71 -43.00
CA CYS G 3278 -66.53 127.40 -44.21
C CYS G 3278 -65.68 127.00 -45.44
N SER G 3279 -64.47 127.58 -45.58
CA SER G 3279 -63.50 127.16 -46.67
C SER G 3279 -63.05 125.70 -46.48
N TYR G 3280 -62.87 125.32 -45.21
CA TYR G 3280 -62.52 123.93 -44.86
C TYR G 3280 -63.71 122.97 -45.17
N LEU G 3281 -64.96 123.46 -45.04
CA LEU G 3281 -66.21 122.68 -45.43
C LEU G 3281 -66.20 122.45 -46.95
N PRO G 3282 -65.74 123.46 -47.70
CA PRO G 3282 -65.56 123.33 -49.16
C PRO G 3282 -64.37 122.33 -49.43
N ARG G 3283 -63.33 122.35 -48.57
CA ARG G 3283 -62.16 121.38 -48.65
C ARG G 3283 -62.66 119.96 -48.38
N TRP G 3284 -63.65 119.84 -47.45
CA TRP G 3284 -64.33 118.56 -47.12
C TRP G 3284 -65.12 118.08 -48.36
N TRP G 3285 -65.69 119.05 -49.10
CA TRP G 3285 -66.44 118.77 -50.34
C TRP G 3285 -65.50 118.20 -51.43
N GLU G 3286 -64.23 118.68 -51.44
CA GLU G 3286 -63.18 118.20 -52.39
C GLU G 3286 -62.95 116.66 -52.14
N ARG G 3287 -63.02 116.28 -50.86
CA ARG G 3287 -62.89 114.85 -50.45
C ARG G 3287 -64.05 113.93 -50.99
N GLY G 3288 -65.28 114.50 -51.13
CA GLY G 3288 -66.47 113.72 -51.66
C GLY G 3288 -66.20 113.28 -53.11
N PRO G 3289 -65.42 114.08 -53.83
CA PRO G 3289 -65.01 113.76 -55.22
C PRO G 3289 -64.08 112.54 -55.25
N GLU G 3290 -63.34 112.30 -54.17
CA GLU G 3290 -62.39 111.17 -54.12
C GLU G 3290 -63.01 109.94 -53.43
N PRO G 3294 -55.40 108.77 -59.95
CA PRO G 3294 -55.65 110.17 -59.56
C PRO G 3294 -55.09 110.55 -58.14
N ALA G 3295 -54.69 109.45 -57.48
CA ALA G 3295 -54.28 109.44 -56.08
C ALA G 3295 -53.06 110.38 -55.79
N LEU G 3296 -52.18 110.65 -56.77
CA LEU G 3296 -50.98 111.55 -56.58
C LEU G 3296 -51.38 112.96 -56.12
N PRO G 3297 -52.48 113.51 -56.69
CA PRO G 3297 -52.99 114.86 -56.26
C PRO G 3297 -53.52 114.73 -54.80
N ALA G 3298 -54.15 113.57 -54.51
CA ALA G 3298 -54.67 113.28 -53.14
C ALA G 3298 -53.52 113.11 -52.02
N GLY G 3299 -52.30 112.74 -52.45
CA GLY G 3299 -51.13 112.48 -51.47
C GLY G 3299 -50.80 113.75 -50.64
N ALA G 3300 -50.88 114.87 -51.37
CA ALA G 3300 -50.63 116.21 -50.79
C ALA G 3300 -51.77 116.58 -49.82
N PRO G 3301 -52.97 116.02 -50.00
CA PRO G 3301 -54.12 116.30 -49.08
C PRO G 3301 -53.88 115.76 -47.67
N PRO G 3302 -53.03 114.74 -47.57
CA PRO G 3302 -52.67 114.28 -46.24
C PRO G 3302 -51.96 115.42 -45.41
N PRO G 3303 -51.21 116.31 -46.08
CA PRO G 3303 -50.73 117.61 -45.42
C PRO G 3303 -51.88 118.50 -44.98
N CYS G 3304 -52.96 118.46 -45.77
CA CYS G 3304 -54.20 119.21 -45.40
C CYS G 3304 -55.01 118.45 -44.29
N THR G 3305 -55.08 117.11 -44.41
CA THR G 3305 -55.80 116.23 -43.40
C THR G 3305 -55.16 116.33 -42.00
N ALA G 3306 -53.83 116.52 -41.98
CA ALA G 3306 -53.08 116.74 -40.68
C ALA G 3306 -53.42 118.10 -40.04
N VAL G 3307 -53.72 119.08 -40.90
CA VAL G 3307 -54.20 120.40 -40.41
C VAL G 3307 -55.59 120.30 -39.73
N THR G 3308 -56.37 119.30 -40.19
CA THR G 3308 -57.69 118.98 -39.61
C THR G 3308 -57.54 118.52 -38.14
N SER G 3309 -56.38 117.97 -37.78
CA SER G 3309 -56.09 117.60 -36.34
C SER G 3309 -56.11 118.86 -35.43
N ASP G 3310 -55.62 119.98 -35.98
CA ASP G 3310 -55.72 121.28 -35.27
C ASP G 3310 -57.21 121.68 -35.11
N HIS G 3311 -58.03 121.31 -36.12
CA HIS G 3311 -59.51 121.51 -36.09
C HIS G 3311 -60.21 120.73 -35.02
N LEU G 3312 -59.62 119.60 -34.65
CA LEU G 3312 -60.23 118.73 -33.67
C LEU G 3312 -60.33 119.43 -32.31
N ASN G 3313 -59.46 120.43 -32.05
CA ASN G 3313 -59.53 121.23 -30.79
C ASN G 3313 -60.79 122.11 -30.60
N GLY G 3317 -66.14 117.69 -29.33
CA GLY G 3317 -66.46 118.95 -30.02
C GLY G 3317 -66.95 118.74 -31.47
N ASN G 3318 -67.21 119.85 -32.18
CA ASN G 3318 -67.91 119.84 -33.51
C ASN G 3318 -67.11 119.07 -34.57
N ILE G 3319 -65.77 119.16 -34.39
CA ILE G 3319 -64.82 118.55 -35.35
C ILE G 3319 -64.91 117.00 -35.39
N LEU G 3320 -65.46 116.38 -34.33
CA LEU G 3320 -65.74 114.92 -34.31
C LEU G 3320 -66.72 114.52 -35.46
N ARG G 3321 -67.66 115.41 -35.84
CA ARG G 3321 -68.56 115.17 -37.02
C ARG G 3321 -67.73 115.12 -38.32
N ILE G 3322 -66.69 115.96 -38.37
CA ILE G 3322 -65.71 115.92 -39.54
C ILE G 3322 -64.90 114.63 -39.52
N ILE G 3323 -64.62 114.13 -38.32
CA ILE G 3323 -63.91 112.87 -38.17
C ILE G 3323 -64.86 111.74 -38.66
N VAL G 3324 -66.18 111.91 -38.48
CA VAL G 3324 -67.20 110.96 -39.04
C VAL G 3324 -67.13 111.01 -40.56
N ASN G 3325 -66.91 112.23 -41.10
CA ASN G 3325 -66.65 112.40 -42.54
C ASN G 3325 -65.27 111.70 -42.92
N ASN G 3326 -64.29 111.82 -41.99
CA ASN G 3326 -62.91 111.19 -42.16
C ASN G 3326 -63.08 109.63 -42.19
N LEU G 3327 -64.13 109.13 -41.50
CA LEU G 3327 -64.49 107.67 -41.52
C LEU G 3327 -64.93 107.19 -42.91
N GLY G 3328 -65.64 108.08 -43.60
CA GLY G 3328 -66.00 107.81 -45.01
C GLY G 3328 -64.69 107.87 -45.86
N ILE G 3329 -63.70 108.72 -45.48
CA ILE G 3329 -62.33 108.83 -46.17
C ILE G 3329 -61.58 107.51 -46.07
N ASP G 3330 -61.71 106.86 -44.89
CA ASP G 3330 -61.12 105.54 -44.69
C ASP G 3330 -61.82 104.46 -45.56
N GLU G 3331 -63.16 104.60 -45.71
CA GLU G 3331 -63.96 103.73 -46.60
C GLU G 3331 -63.50 103.95 -48.12
N ALA G 3332 -63.03 105.17 -48.43
CA ALA G 3332 -62.55 105.49 -49.82
C ALA G 3332 -61.17 104.85 -50.11
N THR G 3333 -60.26 104.90 -49.13
CA THR G 3333 -58.93 104.21 -49.23
C THR G 3333 -59.19 102.68 -49.23
N TRP G 3334 -60.29 102.28 -48.55
CA TRP G 3334 -60.75 100.84 -48.49
C TRP G 3334 -61.11 100.30 -49.91
N MET G 3335 -61.59 101.17 -50.79
CA MET G 3335 -61.91 100.77 -52.16
C MET G 3335 -60.63 100.37 -52.92
N LYS G 3336 -59.48 101.01 -52.61
CA LYS G 3336 -58.14 100.55 -53.12
C LYS G 3336 -57.83 99.14 -52.62
N ARG G 3337 -58.26 98.89 -51.38
CA ARG G 3337 -58.03 97.60 -50.74
C ARG G 3337 -58.93 96.47 -51.31
N LEU G 3338 -60.02 96.84 -51.99
CA LEU G 3338 -60.93 95.87 -52.59
C LEU G 3338 -60.20 95.04 -53.69
N ALA G 3339 -59.16 95.60 -54.31
CA ALA G 3339 -58.35 94.88 -55.31
C ALA G 3339 -56.99 94.45 -54.79
N VAL G 3346 -47.70 99.87 -56.04
CA VAL G 3346 -46.32 99.53 -55.70
C VAL G 3346 -45.72 100.62 -54.75
N SER G 3347 -44.63 101.29 -55.10
CA SER G 3347 -43.93 102.19 -54.09
C SER G 3347 -44.69 103.50 -53.80
N ARG G 3348 -45.50 103.95 -54.76
CA ARG G 3348 -46.38 105.10 -54.49
C ARG G 3348 -47.49 104.67 -53.49
N ALA G 3349 -47.86 103.37 -53.46
CA ALA G 3349 -48.74 102.81 -52.37
C ALA G 3349 -48.06 102.93 -50.99
N ARG G 3350 -46.71 102.86 -50.96
CA ARG G 3350 -45.91 103.16 -49.70
C ARG G 3350 -46.09 104.62 -49.25
N PRO G 3351 -46.20 105.52 -50.23
CA PRO G 3351 -46.49 106.94 -49.89
C PRO G 3351 -47.95 107.04 -49.32
N GLU G 3352 -48.85 106.17 -49.81
CA GLU G 3352 -50.21 106.03 -49.23
C GLU G 3352 -50.15 105.42 -47.82
N LEU G 3353 -49.16 104.55 -47.59
CA LEU G 3353 -48.93 104.02 -46.25
C LEU G 3353 -48.41 105.19 -45.32
N LEU G 3354 -47.67 106.16 -45.90
CA LEU G 3354 -47.26 107.39 -45.16
C LEU G 3354 -48.53 108.24 -44.86
N HIS G 3355 -49.53 108.16 -45.73
CA HIS G 3355 -50.86 108.75 -45.44
C HIS G 3355 -51.60 107.94 -44.33
N SER G 3356 -51.35 106.62 -44.27
CA SER G 3356 -51.89 105.74 -43.16
C SER G 3356 -51.22 106.19 -41.82
N HIS G 3357 -49.99 106.73 -41.93
CA HIS G 3357 -49.27 107.36 -40.77
C HIS G 3357 -50.00 108.60 -40.25
N PHE G 3358 -50.59 109.35 -41.19
CA PHE G 3358 -51.44 110.48 -40.82
C PHE G 3358 -52.70 109.93 -40.13
N ILE G 3359 -53.17 108.72 -40.53
CA ILE G 3359 -54.31 107.98 -39.87
C ILE G 3359 -54.02 107.67 -38.40
N PRO G 3360 -52.74 107.42 -38.13
CA PRO G 3360 -52.30 107.08 -36.78
C PRO G 3360 -52.53 108.28 -35.77
N THR G 3361 -52.39 109.52 -36.28
CA THR G 3361 -52.74 110.76 -35.49
C THR G 3361 -54.25 110.80 -35.23
N ILE G 3362 -55.04 110.19 -36.10
CA ILE G 3362 -56.52 110.14 -35.96
C ILE G 3362 -57.04 108.95 -35.15
N GLY G 3363 -56.12 108.08 -34.75
CA GLY G 3363 -56.51 106.78 -34.13
C GLY G 3363 -57.40 106.83 -32.87
N LYS G 3367 -67.94 106.52 -34.35
CA LYS G 3367 -67.09 105.87 -35.34
C LYS G 3367 -67.45 104.36 -35.60
N ARG G 3368 -68.26 103.75 -34.73
CA ARG G 3368 -68.50 102.28 -34.76
C ARG G 3368 -69.25 101.79 -36.03
N ALA G 3369 -70.14 102.62 -36.59
CA ALA G 3369 -70.81 102.20 -37.89
C ALA G 3369 -69.78 102.25 -39.02
N GLY G 3370 -68.79 103.15 -38.90
CA GLY G 3370 -67.65 103.19 -39.83
C GLY G 3370 -66.79 101.92 -39.63
N LYS G 3371 -66.75 101.36 -38.43
CA LYS G 3371 -66.07 100.07 -38.15
C LYS G 3371 -66.76 98.91 -38.89
N VAL G 3372 -68.08 98.99 -39.06
CA VAL G 3372 -68.81 98.03 -39.90
C VAL G 3372 -68.39 98.23 -41.37
N VAL G 3373 -68.13 99.48 -41.76
CA VAL G 3373 -67.51 99.80 -43.08
C VAL G 3373 -66.04 99.32 -43.10
N ALA G 3374 -65.35 99.43 -41.95
CA ALA G 3374 -63.99 98.86 -41.77
C ALA G 3374 -64.08 97.33 -41.80
N GLU G 3375 -65.20 96.79 -41.28
CA GLU G 3375 -65.48 95.33 -41.39
C GLU G 3375 -65.68 94.97 -42.89
N GLU G 3376 -66.31 95.87 -43.65
CA GLU G 3376 -66.40 95.73 -45.14
C GLU G 3376 -64.99 95.93 -45.76
N GLU G 3377 -64.12 96.76 -45.13
CA GLU G 3377 -62.70 97.02 -45.59
C GLU G 3377 -61.86 95.77 -45.28
N GLN G 3378 -62.03 95.23 -44.08
CA GLN G 3378 -61.36 93.99 -43.66
C GLN G 3378 -61.89 92.79 -44.48
N LEU G 3379 -63.18 92.77 -44.81
CA LEU G 3379 -63.79 91.69 -45.67
C LEU G 3379 -63.19 91.85 -47.10
N ARG G 3380 -62.94 93.10 -47.50
CA ARG G 3380 -62.26 93.40 -48.79
C ARG G 3380 -60.82 92.90 -48.70
N LEU G 3381 -60.19 93.15 -47.54
CA LEU G 3381 -58.84 92.63 -47.23
C LEU G 3381 -58.91 91.08 -47.11
N GLU G 3382 -60.06 90.53 -46.68
CA GLU G 3382 -60.23 89.05 -46.51
C GLU G 3382 -60.28 88.35 -47.82
N ALA G 3383 -61.12 88.90 -48.71
CA ALA G 3383 -61.24 88.39 -50.06
C ALA G 3383 -59.88 88.53 -50.79
N LYS G 3384 -59.16 89.62 -50.51
CA LYS G 3384 -57.88 89.87 -51.19
C LYS G 3384 -56.71 89.03 -50.55
N ALA G 3385 -56.69 88.90 -49.23
CA ALA G 3385 -55.65 88.07 -48.57
C ALA G 3385 -55.87 86.59 -48.90
N GLU G 3386 -57.13 86.17 -49.05
CA GLU G 3386 -57.41 84.78 -49.50
C GLU G 3386 -56.96 84.62 -50.99
N ALA G 3387 -57.06 85.71 -51.78
CA ALA G 3387 -56.48 85.73 -53.19
C ALA G 3387 -54.95 85.66 -53.16
N GLU G 3388 -54.34 86.27 -52.13
CA GLU G 3388 -52.86 86.22 -51.90
C GLU G 3388 -52.51 84.73 -51.57
N GLU G 3389 -53.43 84.03 -50.87
CA GLU G 3389 -53.31 82.58 -50.55
C GLU G 3389 -53.34 81.71 -51.81
N GLY G 3390 -54.13 82.14 -52.79
CA GLY G 3390 -54.20 81.44 -54.07
C GLY G 3390 -52.85 81.57 -54.82
N GLU G 3391 -52.19 82.73 -54.63
CA GLU G 3391 -50.80 82.97 -55.15
C GLU G 3391 -49.81 81.99 -54.45
N LEU G 3392 -50.08 81.71 -53.18
CA LEU G 3392 -49.25 80.77 -52.42
C LEU G 3392 -49.45 79.31 -52.92
N LEU G 3393 -50.62 79.01 -53.50
CA LEU G 3393 -50.83 77.69 -54.14
C LEU G 3393 -49.95 77.57 -55.37
N VAL G 3394 -49.70 78.71 -56.04
CA VAL G 3394 -48.75 78.77 -57.19
C VAL G 3394 -47.29 78.50 -56.73
N ARG G 3395 -47.02 78.85 -55.46
CA ARG G 3395 -45.68 78.67 -54.85
C ARG G 3395 -45.32 77.18 -54.74
N ASP G 3396 -46.34 76.29 -54.73
CA ASP G 3396 -46.09 74.83 -54.74
C ASP G 3396 -45.21 74.36 -55.95
N GLU G 3397 -45.28 75.05 -57.10
CA GLU G 3397 -44.32 74.82 -58.25
C GLU G 3397 -44.18 76.09 -59.11
N CYS G 3402 -42.07 82.50 -58.12
CA CYS G 3402 -43.47 82.60 -58.58
C CYS G 3402 -44.31 83.48 -57.61
N ARG G 3403 -44.24 83.20 -56.30
CA ARG G 3403 -45.03 83.97 -55.29
C ARG G 3403 -44.38 85.34 -54.97
N ASP G 3404 -43.20 85.59 -55.58
CA ASP G 3404 -42.46 86.84 -55.43
C ASP G 3404 -43.30 88.10 -55.74
N LEU G 3405 -44.21 88.04 -56.73
CA LEU G 3405 -45.07 89.23 -57.01
C LEU G 3405 -46.08 89.41 -55.86
N TYR G 3406 -46.51 88.29 -55.25
CA TYR G 3406 -47.38 88.30 -53.99
C TYR G 3406 -46.62 88.93 -52.79
N ALA G 3407 -45.29 88.77 -52.80
CA ALA G 3407 -44.44 89.27 -51.68
C ALA G 3407 -44.47 90.83 -51.60
N LEU G 3408 -44.56 91.49 -52.77
CA LEU G 3408 -44.73 92.97 -52.83
C LEU G 3408 -46.12 93.30 -52.26
N TYR G 3409 -47.12 92.47 -52.60
CA TYR G 3409 -48.49 92.58 -52.02
C TYR G 3409 -48.44 92.29 -50.51
N PRO G 3410 -47.57 91.34 -50.09
CA PRO G 3410 -47.37 90.98 -48.66
C PRO G 3410 -46.81 92.23 -47.85
N LEU G 3411 -45.96 93.03 -48.52
CA LEU G 3411 -45.42 94.27 -47.89
C LEU G 3411 -46.53 95.36 -47.88
N LEU G 3412 -47.26 95.44 -49.01
CA LEU G 3412 -48.40 96.38 -49.15
C LEU G 3412 -49.53 96.00 -48.17
N ILE G 3413 -49.73 94.68 -47.95
CA ILE G 3413 -50.74 94.18 -46.97
C ILE G 3413 -50.29 94.57 -45.56
N ARG G 3414 -48.95 94.58 -45.35
CA ARG G 3414 -48.36 95.02 -44.07
C ARG G 3414 -48.69 96.55 -43.83
N TYR G 3415 -48.68 97.37 -44.88
CA TYR G 3415 -49.02 98.84 -44.77
C TYR G 3415 -50.51 99.03 -44.33
N VAL G 3416 -51.36 98.08 -44.79
CA VAL G 3416 -52.81 97.96 -44.37
C VAL G 3416 -52.88 97.65 -42.87
N ASP G 3417 -51.97 96.78 -42.44
CA ASP G 3417 -51.93 96.36 -41.04
C ASP G 3417 -51.51 97.57 -40.14
N ASN G 3418 -50.74 98.55 -40.69
CA ASN G 3418 -50.37 99.84 -39.95
C ASN G 3418 -51.63 100.59 -39.57
N ASN G 3419 -52.54 100.61 -40.54
CA ASN G 3419 -53.80 101.26 -40.31
C ASN G 3419 -54.70 100.42 -39.28
N ARG G 3420 -54.49 99.09 -39.21
CA ARG G 3420 -55.19 98.23 -38.20
C ARG G 3420 -54.79 98.60 -36.76
N ALA G 3421 -53.54 99.11 -36.56
CA ALA G 3421 -53.09 99.61 -35.19
C ALA G 3421 -53.95 100.80 -34.77
N HIS G 3422 -54.29 101.64 -35.75
CA HIS G 3422 -55.25 102.74 -35.55
C HIS G 3422 -56.66 102.18 -35.28
N TRP G 3423 -56.97 101.02 -35.86
CA TRP G 3423 -58.28 100.36 -35.71
C TRP G 3423 -58.36 99.60 -34.36
N LEU G 3424 -57.21 99.42 -33.72
CA LEU G 3424 -57.14 98.63 -32.47
C LEU G 3424 -57.54 99.37 -31.17
N PRO G 3427 -59.97 101.84 -29.38
CA PRO G 3427 -61.18 101.44 -30.13
C PRO G 3427 -61.74 100.10 -29.63
N ASN G 3428 -60.80 99.29 -29.15
CA ASN G 3428 -61.12 97.94 -28.75
C ASN G 3428 -62.16 97.87 -27.59
N ALA G 3429 -62.33 98.95 -26.79
CA ALA G 3429 -63.36 99.01 -25.69
C ALA G 3429 -64.78 98.78 -26.22
N ASN G 3430 -65.03 99.28 -27.45
CA ASN G 3430 -66.32 99.04 -28.11
C ASN G 3430 -66.51 97.54 -28.41
N ALA G 3431 -65.39 96.87 -28.77
CA ALA G 3431 -65.40 95.41 -29.04
C ALA G 3431 -65.76 94.63 -27.73
N GLU G 3432 -65.36 95.16 -26.55
CA GLU G 3432 -65.69 94.53 -25.25
C GLU G 3432 -67.19 94.47 -25.03
N GLU G 3433 -67.86 95.56 -25.45
CA GLU G 3433 -69.30 95.62 -25.40
C GLU G 3433 -69.95 94.66 -26.43
N LEU G 3434 -69.26 94.36 -27.53
CA LEU G 3434 -69.78 93.43 -28.55
C LEU G 3434 -69.84 91.93 -28.02
N PHE G 3435 -69.07 91.56 -27.00
CA PHE G 3435 -68.86 90.08 -26.69
C PHE G 3435 -70.09 89.33 -26.12
N MET G 3437 -71.07 91.22 -30.96
CA MET G 3437 -70.95 89.87 -31.51
C MET G 3437 -70.37 89.93 -32.92
N VAL G 3438 -71.08 90.63 -33.81
CA VAL G 3438 -70.65 90.80 -35.17
C VAL G 3438 -69.28 91.48 -35.24
N GLY G 3439 -68.98 92.43 -34.30
CA GLY G 3439 -67.64 93.11 -34.25
C GLY G 3439 -66.54 92.06 -34.07
N GLU G 3440 -66.88 91.07 -33.25
CA GLU G 3440 -66.00 89.96 -33.03
C GLU G 3440 -65.97 89.02 -34.26
N ILE G 3441 -67.15 88.80 -34.85
CA ILE G 3441 -67.26 87.95 -36.04
C ILE G 3441 -66.55 88.64 -37.21
N PHE G 3442 -66.56 89.97 -37.19
CA PHE G 3442 -65.78 90.80 -38.16
C PHE G 3442 -64.30 90.62 -37.89
N ILE G 3443 -63.94 90.58 -36.61
CA ILE G 3443 -62.56 90.34 -36.22
C ILE G 3443 -62.23 88.88 -36.59
N TYR G 3444 -63.22 87.97 -36.55
CA TYR G 3444 -63.07 86.54 -37.00
C TYR G 3444 -62.73 86.51 -38.46
N TRP G 3445 -63.31 87.43 -39.23
CA TRP G 3445 -62.96 87.58 -40.63
C TRP G 3445 -61.51 88.08 -40.76
N SER G 3446 -61.15 89.06 -39.90
CA SER G 3446 -59.76 89.57 -39.82
C SER G 3446 -58.82 88.40 -39.39
N LYS G 3447 -59.36 87.57 -38.48
CA LYS G 3447 -58.62 86.40 -37.93
C LYS G 3447 -58.34 85.29 -38.96
N SER G 3448 -59.32 84.99 -39.84
CA SER G 3448 -59.19 83.85 -40.80
C SER G 3448 -58.00 84.08 -41.73
N HIS G 3449 -57.82 85.37 -42.04
CA HIS G 3449 -56.74 85.81 -42.93
C HIS G 3449 -55.36 85.54 -42.29
N ASN G 3450 -55.31 85.72 -40.95
CA ASN G 3450 -54.07 85.57 -40.21
C ASN G 3450 -53.58 84.09 -40.29
N PHE G 3451 -54.47 83.10 -40.53
CA PHE G 3451 -54.07 81.66 -40.72
C PHE G 3451 -53.11 81.51 -41.93
N LYS G 3452 -53.36 82.30 -42.96
CA LYS G 3452 -52.44 82.29 -44.12
C LYS G 3452 -51.03 82.87 -43.80
N ARG G 3453 -50.91 83.78 -42.79
CA ARG G 3453 -49.55 84.29 -42.31
C ARG G 3453 -48.73 83.13 -41.73
N GLU G 3454 -49.41 82.13 -41.17
CA GLU G 3454 -48.74 80.87 -40.72
C GLU G 3454 -48.16 80.10 -41.89
N GLU G 3455 -48.78 80.27 -43.06
CA GLU G 3455 -48.28 79.63 -44.30
C GLU G 3455 -47.41 80.57 -45.12
N ASN G 3457 -44.60 80.79 -46.53
CA ASN G 3457 -43.56 80.79 -45.51
C ASN G 3457 -42.34 81.63 -45.98
N PHE G 3458 -41.67 81.22 -47.06
CA PHE G 3458 -40.50 81.96 -47.60
C PHE G 3458 -40.93 83.37 -48.05
N VAL G 3459 -42.20 83.50 -48.48
CA VAL G 3459 -42.79 84.83 -48.87
C VAL G 3459 -42.76 85.87 -47.72
N VAL G 3460 -43.00 85.34 -46.51
CA VAL G 3460 -43.01 86.16 -45.29
C VAL G 3460 -41.58 86.67 -45.02
N GLN G 3461 -40.55 85.89 -45.39
CA GLN G 3461 -39.13 86.37 -45.30
C GLN G 3461 -38.88 87.52 -46.28
N ASN G 3462 -39.54 87.48 -47.44
CA ASN G 3462 -39.50 88.62 -48.39
C ASN G 3462 -40.27 89.80 -47.78
N GLU G 3463 -41.32 89.51 -47.01
CA GLU G 3463 -42.08 90.55 -46.26
C GLU G 3463 -41.18 91.16 -45.15
N ILE G 3464 -40.26 90.34 -44.62
CA ILE G 3464 -39.27 90.81 -43.62
C ILE G 3464 -38.29 91.79 -44.29
N ASN G 3465 -38.05 91.58 -45.60
CA ASN G 3465 -37.19 92.47 -46.38
C ASN G 3465 -37.82 93.89 -46.45
N ASN G 3466 -39.16 93.96 -46.45
CA ASN G 3466 -39.89 95.26 -46.36
C ASN G 3466 -39.55 95.99 -45.08
N MET G 3467 -39.40 95.21 -44.01
CA MET G 3467 -38.97 95.76 -42.72
C MET G 3467 -37.48 96.16 -42.80
N SER G 3468 -36.68 95.36 -43.53
CA SER G 3468 -35.23 95.65 -43.76
C SER G 3468 -35.06 96.91 -44.61
N PHE G 3469 -36.06 97.19 -45.43
CA PHE G 3469 -36.05 98.41 -46.23
C PHE G 3469 -36.56 99.61 -45.39
N LEU G 3470 -37.17 99.32 -44.22
CA LEU G 3470 -37.92 100.35 -43.41
C LEU G 3470 -37.16 100.90 -42.19
N MET G 3478 -50.75 94.18 -32.23
CA MET G 3478 -51.06 93.33 -33.34
C MET G 3478 -52.06 92.19 -32.99
N ALA G 3479 -51.73 90.96 -33.44
CA ALA G 3479 -52.75 89.90 -33.62
C ALA G 3479 -53.24 89.38 -32.26
N LYS G 3480 -52.43 89.52 -31.22
CA LYS G 3480 -52.86 89.11 -29.87
C LYS G 3480 -54.01 89.98 -29.33
N ALA G 3481 -54.04 91.27 -29.70
CA ALA G 3481 -55.15 92.15 -29.32
C ALA G 3481 -56.42 91.62 -30.05
N GLY G 3482 -56.24 91.09 -31.28
CA GLY G 3482 -57.35 90.39 -32.07
C GLY G 3482 -57.90 89.16 -31.37
N ASP G 3483 -57.03 88.50 -30.62
CA ASP G 3483 -57.41 87.30 -29.96
C ASP G 3483 -58.45 87.57 -28.89
N ALA G 3484 -58.60 88.85 -28.41
CA ALA G 3484 -59.76 89.30 -27.52
C ALA G 3484 -61.12 88.81 -28.01
N GLN G 3485 -61.24 88.94 -29.31
CA GLN G 3485 -62.46 88.61 -29.97
C GLN G 3485 -62.74 87.07 -29.97
N SER G 3486 -61.66 86.25 -30.01
CA SER G 3486 -61.79 84.77 -30.08
C SER G 3486 -62.51 84.27 -28.80
N GLY G 3487 -62.29 85.01 -27.72
CA GLY G 3487 -62.86 84.68 -26.43
C GLY G 3487 -64.36 84.95 -26.35
N GLY G 3488 -64.87 85.82 -27.24
CA GLY G 3488 -66.31 86.11 -27.29
C GLY G 3488 -67.14 84.82 -27.55
N SER G 3489 -66.52 83.85 -28.26
CA SER G 3489 -67.10 82.45 -28.43
C SER G 3489 -67.54 81.75 -27.09
N ASP G 3490 -66.85 82.04 -25.97
CA ASP G 3490 -67.16 81.42 -24.64
C ASP G 3490 -68.54 81.75 -24.10
N GLN G 3491 -69.09 82.89 -24.54
CA GLN G 3491 -70.40 83.38 -23.98
C GLN G 3491 -71.59 82.41 -24.19
N THR G 3494 -73.13 85.72 -21.62
CA THR G 3494 -72.48 86.74 -20.82
C THR G 3494 -72.21 86.22 -19.37
N LYS G 3495 -73.23 86.14 -18.53
CA LYS G 3495 -73.03 85.66 -17.13
C LYS G 3495 -72.71 84.16 -17.11
N LYS G 3496 -73.14 83.43 -18.15
CA LYS G 3496 -72.80 81.99 -18.22
C LYS G 3496 -71.23 81.82 -18.42
N LYS G 3497 -70.54 82.83 -18.98
CA LYS G 3497 -69.01 82.83 -19.07
C LYS G 3497 -68.39 82.88 -17.67
N ARG G 3498 -69.07 83.52 -16.72
CA ARG G 3498 -68.64 83.51 -15.30
C ARG G 3498 -68.70 82.09 -14.71
N ARG G 3499 -69.65 81.30 -15.21
CA ARG G 3499 -69.83 79.92 -14.74
C ARG G 3499 -68.66 79.02 -15.12
N GLY G 3500 -67.92 79.40 -16.17
CA GLY G 3500 -66.70 78.67 -16.57
C GLY G 3500 -65.67 78.66 -15.49
N ASP G 3501 -65.66 79.75 -14.72
CA ASP G 3501 -64.79 79.83 -13.59
C ASP G 3501 -65.21 78.77 -12.50
N ARG G 3502 -66.52 78.48 -12.35
CA ARG G 3502 -67.02 77.35 -11.50
C ARG G 3502 -66.54 76.02 -12.08
N TYR G 3503 -66.37 76.00 -13.40
CA TYR G 3503 -65.91 74.80 -14.11
C TYR G 3503 -64.40 74.65 -14.05
N SER G 3504 -63.73 75.72 -13.61
CA SER G 3504 -62.27 75.77 -13.58
C SER G 3504 -61.77 75.33 -12.21
N THR G 3513 -69.01 79.45 -20.25
CA THR G 3513 -68.79 78.03 -19.96
C THR G 3513 -68.22 77.28 -21.19
N LEU G 3514 -68.48 77.85 -22.36
CA LEU G 3514 -68.07 77.25 -23.61
C LEU G 3514 -66.54 77.20 -23.81
N LYS G 3515 -65.83 78.15 -23.15
CA LYS G 3515 -64.35 78.26 -23.28
C LYS G 3515 -63.64 76.98 -22.84
N LYS G 3516 -64.22 76.31 -21.84
CA LYS G 3516 -63.69 75.03 -21.38
C LYS G 3516 -63.87 73.93 -22.47
N MET G 3517 -65.01 73.94 -23.17
CA MET G 3517 -65.18 73.02 -24.34
C MET G 3517 -64.21 73.53 -25.43
N LEU G 3518 -63.99 74.86 -25.51
CA LEU G 3518 -62.98 75.43 -26.47
C LEU G 3518 -61.54 75.03 -26.12
N PRO G 3519 -61.28 74.88 -24.84
CA PRO G 3519 -59.98 74.42 -24.40
C PRO G 3519 -59.78 72.93 -24.82
N ILE G 3520 -60.88 72.15 -24.85
CA ILE G 3520 -60.85 70.74 -25.37
C ILE G 3520 -60.51 70.78 -26.86
N GLY G 3521 -60.96 71.85 -27.50
CA GLY G 3521 -60.71 72.08 -28.93
C GLY G 3521 -59.25 72.40 -29.25
N LEU G 3522 -58.48 72.83 -28.25
CA LEU G 3522 -57.04 73.02 -28.49
C LEU G 3522 -56.38 71.70 -28.89
N ASN G 3523 -56.88 70.61 -28.32
CA ASN G 3523 -56.44 69.29 -28.71
C ASN G 3523 -56.75 68.96 -30.22
N MET G 3524 -57.83 69.56 -30.79
CA MET G 3524 -58.22 69.41 -32.29
C MET G 3524 -57.09 69.76 -33.23
N CYS G 3525 -56.38 70.82 -32.85
CA CYS G 3525 -55.31 71.30 -33.69
C CYS G 3525 -53.98 70.50 -33.63
N ALA G 3526 -53.88 69.62 -32.63
CA ALA G 3526 -52.71 68.69 -32.47
C ALA G 3526 -52.59 67.71 -33.64
N PRO G 3527 -53.74 67.42 -34.25
CA PRO G 3527 -53.84 66.48 -35.35
C PRO G 3527 -53.12 67.00 -36.59
N LYS G 3537 -60.54 73.06 -41.30
CA LYS G 3537 -60.80 72.73 -39.89
C LYS G 3537 -62.08 71.91 -39.70
N THR G 3538 -62.34 71.12 -40.74
CA THR G 3538 -63.50 70.27 -40.85
C THR G 3538 -63.61 69.29 -39.64
N ARG G 3539 -62.45 68.76 -39.20
CA ARG G 3539 -62.38 67.79 -38.08
C ARG G 3539 -62.96 68.33 -36.73
N TYR G 3540 -62.89 69.66 -36.46
CA TYR G 3540 -63.47 70.26 -35.15
C TYR G 3540 -65.01 70.04 -35.02
N ALA G 3541 -65.65 70.21 -36.17
CA ALA G 3541 -67.11 69.96 -36.22
C ALA G 3541 -67.49 68.41 -36.08
N LEU G 3542 -66.56 67.51 -36.50
CA LEU G 3542 -66.79 65.99 -36.65
C LEU G 3542 -67.11 65.33 -35.32
N LYS G 3543 -66.58 65.92 -34.25
CA LYS G 3543 -66.77 65.37 -32.89
C LYS G 3543 -68.26 65.40 -32.47
N ASP G 3544 -68.99 66.38 -33.02
CA ASP G 3544 -70.41 66.61 -32.69
C ASP G 3544 -71.25 65.80 -33.66
N VAL G 3549 -75.16 73.09 -30.79
CA VAL G 3549 -74.65 74.36 -31.34
C VAL G 3549 -73.44 74.05 -32.25
N ARG G 3550 -73.67 73.60 -33.50
CA ARG G 3550 -72.54 73.37 -34.47
C ARG G 3550 -71.80 74.70 -34.85
N GLU G 3551 -72.49 75.85 -34.74
CA GLU G 3551 -71.84 77.19 -34.92
C GLU G 3551 -70.76 77.40 -33.85
N PHE G 3552 -71.00 76.88 -32.64
CA PHE G 3552 -69.99 76.89 -31.61
C PHE G 3552 -68.78 75.94 -32.01
N LEU G 3553 -69.03 74.82 -32.71
CA LEU G 3553 -67.90 73.97 -33.29
C LEU G 3553 -67.19 74.75 -34.43
N GLN G 3554 -67.96 75.62 -35.13
CA GLN G 3554 -67.35 76.56 -36.14
C GLN G 3554 -66.48 77.62 -35.40
N ASN G 3555 -66.90 78.00 -34.19
CA ASN G 3555 -66.07 78.87 -33.28
C ASN G 3555 -64.84 78.09 -32.80
N ASN G 3556 -65.03 76.78 -32.56
CA ASN G 3556 -63.89 75.85 -32.29
C ASN G 3556 -62.99 75.72 -33.57
N LEU G 3557 -63.60 75.81 -34.76
CA LEU G 3557 -62.82 75.76 -36.04
C LEU G 3557 -61.87 77.00 -36.14
N HIS G 3558 -62.34 78.15 -35.62
CA HIS G 3558 -61.50 79.39 -35.48
C HIS G 3558 -60.38 79.10 -34.47
N LEU G 3559 -60.74 78.42 -33.38
CA LEU G 3559 -59.79 77.99 -32.36
C LEU G 3559 -58.84 76.88 -32.92
N GLN G 3560 -59.31 76.06 -33.88
CA GLN G 3560 -58.51 74.90 -34.42
C GLN G 3560 -57.30 75.46 -35.18
N GLY G 3561 -57.59 76.43 -36.08
CA GLY G 3561 -56.52 77.12 -36.80
C GLY G 3561 -55.63 77.97 -35.83
N LYS G 3562 -56.29 78.58 -34.82
CA LYS G 3562 -55.59 79.45 -33.79
C LYS G 3562 -54.60 78.61 -32.94
N VAL G 3563 -54.93 77.33 -32.71
CA VAL G 3563 -54.03 76.43 -31.94
C VAL G 3563 -52.86 75.91 -32.81
N GLU G 3564 -53.15 75.67 -34.09
CA GLU G 3564 -52.10 75.33 -35.00
C GLU G 3564 -51.28 76.66 -35.22
N GLY G 3565 -51.92 77.84 -35.13
CA GLY G 3565 -51.23 79.20 -35.05
C GLY G 3565 -50.44 79.32 -33.75
N SER G 3566 -50.90 78.68 -32.70
CA SER G 3566 -50.15 78.61 -31.45
C SER G 3566 -48.89 77.74 -31.64
N PRO G 3567 -48.95 76.74 -32.52
CA PRO G 3567 -47.75 75.98 -32.91
C PRO G 3567 -46.77 76.90 -33.66
N SER G 3568 -47.31 77.86 -34.39
CA SER G 3568 -46.50 78.92 -35.00
C SER G 3568 -45.95 79.88 -33.94
N LEU G 3569 -46.68 80.02 -32.84
CA LEU G 3569 -46.26 80.87 -31.73
C LEU G 3569 -45.07 80.20 -31.00
N ARG G 3570 -44.86 78.89 -31.20
CA ARG G 3570 -43.64 78.20 -30.72
C ARG G 3570 -42.37 78.79 -31.33
N TRP G 3571 -42.48 79.30 -32.55
CA TRP G 3571 -41.39 80.10 -33.14
C TRP G 3571 -41.14 81.39 -32.35
N GLN G 3572 -42.19 81.89 -31.70
CA GLN G 3572 -42.10 83.11 -30.86
C GLN G 3572 -41.94 82.80 -29.36
N PRO G 3645 5.45 85.41 -57.97
CA PRO G 3645 6.51 84.89 -57.03
C PRO G 3645 7.77 84.23 -57.76
N THR G 3646 7.52 83.90 -59.00
CA THR G 3646 8.54 83.39 -59.96
C THR G 3646 9.38 82.23 -59.44
N HIS G 3647 10.63 82.52 -59.16
CA HIS G 3647 11.57 81.47 -58.76
C HIS G 3647 11.22 80.87 -57.40
N ARG G 3648 10.52 81.67 -56.58
CA ARG G 3648 10.04 81.16 -55.28
C ARG G 3648 9.16 79.97 -55.52
N ALA G 3649 8.28 80.15 -56.47
CA ALA G 3649 7.41 79.07 -56.92
C ALA G 3649 8.08 77.93 -57.64
N CYS G 3650 9.18 78.23 -58.29
CA CYS G 3650 9.81 77.23 -59.06
C CYS G 3650 10.31 76.13 -58.17
N ASN G 3651 10.80 76.50 -56.99
CA ASN G 3651 11.16 75.51 -56.02
C ASN G 3651 9.95 74.75 -55.57
N MET G 3652 8.85 75.46 -55.46
CA MET G 3652 7.62 74.85 -55.06
C MET G 3652 7.17 73.86 -56.12
N PHE G 3653 7.47 74.14 -57.38
CA PHE G 3653 7.15 73.21 -58.42
C PHE G 3653 7.85 71.89 -58.34
N LEU G 3654 9.06 71.94 -57.82
CA LEU G 3654 9.84 70.74 -57.82
C LEU G 3654 9.29 69.73 -56.90
N GLU G 3655 8.69 70.25 -55.86
CA GLU G 3655 8.16 69.45 -54.86
C GLU G 3655 6.78 68.96 -55.29
N SER G 3656 6.02 69.83 -55.96
CA SER G 3656 4.73 69.44 -56.50
C SER G 3656 4.92 68.39 -57.56
N TYR G 3657 6.00 68.53 -58.30
CA TYR G 3657 6.25 67.58 -59.35
C TYR G 3657 6.58 66.28 -58.72
N LYS G 3658 7.15 66.32 -57.53
CA LYS G 3658 7.73 65.18 -56.92
C LYS G 3658 6.73 64.19 -56.49
N ALA G 3659 5.52 64.69 -56.34
CA ALA G 3659 4.54 63.98 -55.61
C ALA G 3659 4.00 62.82 -56.41
N ALA G 3660 2.73 62.48 -56.27
CA ALA G 3660 2.20 61.20 -56.79
C ALA G 3660 2.19 61.16 -58.30
N TRP G 3661 1.97 62.33 -58.95
CA TRP G 3661 1.88 62.40 -60.44
C TRP G 3661 3.25 61.87 -61.03
N ILE G 3662 4.37 61.89 -60.29
CA ILE G 3662 5.72 61.35 -60.72
C ILE G 3662 6.19 60.07 -60.02
N LEU G 3663 5.35 59.57 -59.13
CA LEU G 3663 5.70 58.33 -58.43
C LEU G 3663 5.31 57.17 -59.30
N THR G 3664 6.14 56.96 -60.30
CA THR G 3664 5.73 56.18 -61.45
C THR G 3664 5.57 54.67 -61.25
N GLU G 3665 4.80 54.10 -62.14
CA GLU G 3665 4.58 52.69 -62.35
C GLU G 3665 5.80 51.79 -62.48
N ASP G 3666 6.93 52.29 -62.99
CA ASP G 3666 7.96 51.37 -63.56
C ASP G 3666 8.66 50.78 -62.42
N HIS G 3667 8.15 49.64 -61.98
CA HIS G 3667 8.80 48.89 -60.94
C HIS G 3667 8.88 47.39 -61.31
N SER G 3668 8.71 47.08 -62.60
CA SER G 3668 8.96 45.72 -63.09
C SER G 3668 10.43 45.35 -63.09
N PHE G 3669 11.29 46.36 -63.04
CA PHE G 3669 12.68 46.17 -63.25
C PHE G 3669 13.40 45.35 -62.23
N GLU G 3670 12.91 45.34 -61.01
CA GLU G 3670 13.59 44.62 -59.98
C GLU G 3670 13.64 43.15 -60.20
N ASP G 3671 12.59 42.64 -60.80
CA ASP G 3671 12.49 41.23 -60.98
C ASP G 3671 13.42 40.68 -62.00
N ARG G 3672 13.50 41.35 -63.13
CA ARG G 3672 14.47 40.98 -64.10
C ARG G 3672 15.89 41.24 -63.59
N MET G 3673 16.03 42.21 -62.71
CA MET G 3673 17.31 42.51 -62.11
C MET G 3673 17.88 41.42 -61.28
N ILE G 3674 17.01 40.73 -60.62
CA ILE G 3674 17.38 39.62 -59.83
C ILE G 3674 17.96 38.52 -60.69
N ASP G 3675 17.36 38.29 -61.85
CA ASP G 3675 17.94 37.35 -62.78
C ASP G 3675 19.23 37.87 -63.33
N ASP G 3676 19.31 39.19 -63.45
CA ASP G 3676 20.48 39.82 -63.94
C ASP G 3676 21.64 39.67 -62.97
N LEU G 3677 21.35 39.51 -61.70
CA LEU G 3677 22.40 39.23 -60.76
C LEU G 3677 22.76 37.76 -60.68
N SER G 3678 21.98 36.96 -61.40
CA SER G 3678 22.10 35.51 -61.31
C SER G 3678 22.07 34.78 -62.65
N LYS G 3679 22.94 35.20 -63.56
CA LYS G 3679 23.07 34.56 -64.86
C LYS G 3679 24.19 33.53 -64.82
N ALA G 3680 25.42 34.03 -64.69
CA ALA G 3680 26.61 33.21 -64.64
C ALA G 3680 26.75 32.26 -65.82
N LYS G 3694 32.91 29.17 -58.87
CA LYS G 3694 31.57 28.70 -58.80
C LYS G 3694 30.53 29.82 -58.40
N PRO G 3695 30.74 30.61 -57.32
CA PRO G 3695 29.61 31.36 -56.75
C PRO G 3695 29.01 32.44 -57.58
N ASP G 3696 27.72 32.61 -57.41
CA ASP G 3696 26.91 33.49 -58.22
C ASP G 3696 27.10 34.96 -57.93
N PRO G 3697 26.91 35.75 -58.97
CA PRO G 3697 27.05 37.16 -58.80
C PRO G 3697 26.08 37.79 -57.81
N LEU G 3698 24.87 37.35 -57.81
CA LEU G 3698 23.94 37.86 -56.88
C LEU G 3698 24.36 37.52 -55.51
N HIS G 3699 24.91 36.32 -55.37
CA HIS G 3699 25.27 35.83 -54.10
C HIS G 3699 26.36 36.63 -53.55
N GLN G 3700 27.16 37.18 -54.44
CA GLN G 3700 28.29 37.91 -54.02
C GLN G 3700 27.81 39.15 -53.29
N LEU G 3701 26.65 39.65 -53.69
CA LEU G 3701 25.94 40.65 -52.94
C LEU G 3701 25.42 40.13 -51.65
N VAL G 3702 24.96 38.93 -51.71
CA VAL G 3702 24.39 38.39 -50.56
C VAL G 3702 25.47 38.15 -49.53
N LEU G 3703 26.55 37.59 -49.99
CA LEU G 3703 27.62 37.30 -49.09
C LEU G 3703 28.25 38.59 -48.60
N HIS G 3704 28.14 39.62 -49.40
CA HIS G 3704 28.57 40.94 -49.02
C HIS G 3704 27.84 41.52 -47.90
N PHE G 3705 26.55 41.49 -48.03
CA PHE G 3705 25.75 41.92 -46.96
C PHE G 3705 25.84 41.05 -45.78
N SER G 3706 26.10 39.81 -46.03
CA SER G 3706 26.39 38.95 -44.94
C SER G 3706 27.65 39.31 -44.21
N ARG G 3707 28.64 39.67 -44.99
CA ARG G 3707 29.88 40.06 -44.39
C ARG G 3707 29.70 41.33 -43.61
N THR G 3708 28.81 42.18 -44.13
CA THR G 3708 28.57 43.43 -43.46
C THR G 3708 27.96 43.22 -42.13
N ALA G 3709 27.17 42.18 -42.03
CA ALA G 3709 26.52 41.95 -40.80
C ALA G 3709 27.40 41.38 -39.74
N LEU G 3710 28.34 40.60 -40.16
CA LEU G 3710 29.08 39.91 -39.20
C LEU G 3710 29.95 40.78 -38.33
N THR G 3711 30.38 41.86 -38.91
CA THR G 3711 31.25 42.75 -38.22
C THR G 3711 30.55 43.46 -37.06
N GLU G 3712 31.26 43.60 -35.97
CA GLU G 3712 30.79 44.37 -34.85
C GLU G 3712 30.73 45.86 -35.15
N LYS G 3713 29.63 46.50 -34.77
CA LYS G 3713 29.49 47.97 -34.78
C LYS G 3713 28.78 48.44 -33.49
N SER G 3714 28.59 47.52 -32.55
CA SER G 3714 27.72 47.79 -31.41
C SER G 3714 26.33 48.30 -31.81
N LYS G 3715 26.23 49.53 -32.30
CA LYS G 3715 25.04 49.94 -33.09
C LYS G 3715 25.20 49.45 -34.55
N LEU G 3716 24.59 50.11 -35.52
CA LEU G 3716 24.80 49.75 -36.91
C LEU G 3716 24.63 50.89 -37.82
N ASP G 3717 25.30 50.68 -38.93
CA ASP G 3717 25.32 51.60 -40.01
C ASP G 3717 23.94 51.67 -40.61
N GLU G 3718 23.47 52.85 -41.03
CA GLU G 3718 22.18 52.90 -41.65
C GLU G 3718 22.27 52.15 -42.94
N ASP G 3719 23.46 52.22 -43.54
CA ASP G 3719 23.77 51.58 -44.79
C ASP G 3719 22.59 51.52 -45.73
N TYR G 3720 22.36 52.61 -46.41
CA TYR G 3720 21.24 52.64 -47.32
C TYR G 3720 21.33 51.59 -48.45
N LEU G 3721 22.55 51.26 -48.73
CA LEU G 3721 22.86 50.35 -49.77
C LEU G 3721 22.35 48.96 -49.50
N TYR G 3722 22.25 48.64 -48.26
CA TYR G 3722 21.77 47.36 -47.91
C TYR G 3722 20.34 47.20 -48.07
N MET G 3723 19.62 48.18 -47.60
CA MET G 3723 18.19 48.13 -47.55
C MET G 3723 17.68 48.22 -48.93
N ALA G 3724 18.50 48.78 -49.78
CA ALA G 3724 18.11 49.04 -51.11
C ALA G 3724 17.91 47.78 -51.90
N TYR G 3725 18.92 46.94 -51.90
CA TYR G 3725 18.80 45.67 -52.50
C TYR G 3725 17.85 44.79 -51.74
N ALA G 3726 17.77 45.07 -50.46
CA ALA G 3726 16.80 44.44 -49.66
C ALA G 3726 15.42 44.85 -50.12
N ASP G 3727 15.29 46.07 -50.57
CA ASP G 3727 14.08 46.48 -51.24
C ASP G 3727 13.87 45.84 -52.57
N ILE G 3728 14.99 45.53 -53.21
CA ILE G 3728 14.96 44.88 -54.51
C ILE G 3728 14.55 43.43 -54.37
N MET G 3729 15.16 42.78 -53.42
CA MET G 3729 14.79 41.46 -53.10
C MET G 3729 13.40 41.42 -52.50
N ALA G 3730 12.99 42.53 -51.94
CA ALA G 3730 11.64 42.69 -51.46
C ALA G 3730 10.68 42.56 -52.55
N LYS G 3731 11.13 42.88 -53.75
CA LYS G 3731 10.32 42.70 -54.93
C LYS G 3731 10.37 41.25 -55.36
N SER G 3732 9.44 40.53 -54.75
CA SER G 3732 9.10 39.25 -55.15
C SER G 3732 7.57 38.91 -54.80
N CYS G 3733 6.54 39.65 -55.26
CA CYS G 3733 5.12 39.16 -55.35
C CYS G 3733 4.51 39.44 -56.70
N GLU G 3750 -10.89 26.31 -57.13
CA GLU G 3750 -9.82 25.98 -58.05
C GLU G 3750 -9.20 27.25 -58.75
N VAL G 3751 -10.01 28.25 -59.11
CA VAL G 3751 -9.52 29.65 -59.41
C VAL G 3751 -8.77 30.13 -58.22
N SER G 3752 -9.35 29.82 -57.06
CA SER G 3752 -8.79 30.15 -55.78
C SER G 3752 -7.77 29.07 -55.35
N PHE G 3753 -7.65 27.97 -56.09
CA PHE G 3753 -6.76 26.86 -55.75
C PHE G 3753 -5.73 26.53 -56.85
N GLU G 3754 -6.21 25.94 -57.92
CA GLU G 3754 -5.33 25.48 -58.95
C GLU G 3754 -4.56 26.60 -59.59
N GLU G 3755 -5.21 27.75 -59.75
CA GLU G 3755 -4.51 28.93 -60.19
C GLU G 3755 -3.52 29.42 -59.09
N LYS G 3756 -3.89 29.20 -57.83
CA LYS G 3756 -3.09 29.67 -56.70
C LYS G 3756 -1.76 29.00 -56.63
N GLU G 3757 -1.70 27.76 -57.06
CA GLU G 3757 -0.48 27.01 -57.00
C GLU G 3757 0.53 27.51 -57.99
N MET G 3758 0.08 27.74 -59.19
CA MET G 3758 1.03 28.17 -60.17
C MET G 3758 1.56 29.54 -59.80
N GLU G 3759 0.73 30.33 -59.13
CA GLU G 3759 1.19 31.58 -58.57
C GLU G 3759 2.08 31.28 -57.38
N LYS G 3760 1.73 30.26 -56.61
CA LYS G 3760 2.45 29.98 -55.41
C LYS G 3760 3.82 29.48 -55.67
N GLN G 3761 3.90 28.53 -56.58
CA GLN G 3761 5.18 27.97 -56.88
C GLN G 3761 6.05 29.01 -57.55
N ARG G 3762 5.41 29.95 -58.26
CA ARG G 3762 6.12 31.06 -58.90
C ARG G 3762 6.75 31.92 -57.83
N LEU G 3763 5.99 32.18 -56.78
CA LEU G 3763 6.54 32.88 -55.62
C LEU G 3763 7.56 32.08 -54.89
N LEU G 3764 7.36 30.81 -54.91
CA LEU G 3764 8.36 29.96 -54.36
C LEU G 3764 9.61 30.00 -55.16
N TYR G 3765 9.48 30.10 -56.46
CA TYR G 3765 10.66 30.24 -57.30
C TYR G 3765 11.30 31.55 -57.01
N GLN G 3766 10.51 32.55 -56.70
CA GLN G 3766 11.03 33.82 -56.27
C GLN G 3766 11.63 33.71 -54.90
N GLN G 3767 11.11 32.81 -54.09
CA GLN G 3767 11.67 32.60 -52.78
C GLN G 3767 12.86 31.67 -52.79
N SER G 3768 12.74 30.63 -53.58
CA SER G 3768 13.81 29.69 -53.70
C SER G 3768 15.03 30.37 -54.27
N ARG G 3769 14.81 31.32 -55.17
CA ARG G 3769 15.87 32.02 -55.80
C ARG G 3769 16.66 32.79 -54.80
N LEU G 3770 16.01 33.21 -53.76
CA LEU G 3770 16.70 33.86 -52.67
C LEU G 3770 17.14 32.90 -51.69
N HIS G 3771 16.42 31.84 -51.60
CA HIS G 3771 16.78 30.81 -50.71
C HIS G 3771 18.10 30.19 -51.10
N THR G 3772 18.44 30.19 -52.38
CA THR G 3772 19.69 29.61 -52.81
C THR G 3772 20.88 30.35 -52.30
N ARG G 3773 20.68 31.61 -52.04
CA ARG G 3773 21.73 32.44 -51.60
C ARG G 3773 22.07 32.28 -50.18
N GLY G 3774 21.22 31.63 -49.40
CA GLY G 3774 21.42 31.53 -47.96
C GLY G 3774 21.07 32.79 -47.31
N ALA G 3775 20.26 33.51 -48.06
CA ALA G 3775 19.95 34.86 -47.75
C ALA G 3775 19.36 35.07 -46.43
N ALA G 3776 18.74 34.03 -45.95
CA ALA G 3776 18.01 34.19 -44.77
C ALA G 3776 18.90 34.44 -43.69
N GLU G 3777 20.09 33.89 -43.83
CA GLU G 3777 21.01 33.93 -42.77
C GLU G 3777 21.33 35.31 -42.47
N MET G 3778 21.73 35.99 -43.52
CA MET G 3778 22.15 37.32 -43.38
C MET G 3778 21.07 38.21 -42.90
N VAL G 3779 19.86 37.90 -43.25
CA VAL G 3779 18.85 38.70 -42.79
C VAL G 3779 18.73 38.57 -41.33
N LEU G 3780 18.80 37.36 -40.89
CA LEU G 3780 18.70 37.14 -39.54
C LEU G 3780 19.94 37.64 -38.87
N GLN G 3781 21.05 37.66 -39.58
CA GLN G 3781 22.23 38.14 -39.02
C GLN G 3781 22.19 39.58 -38.84
N MET G 3782 21.43 40.31 -39.62
CA MET G 3782 21.35 41.73 -39.47
C MET G 3782 20.46 42.05 -38.36
N ILE G 3783 19.36 41.34 -38.34
CA ILE G 3783 18.38 41.60 -37.34
C ILE G 3783 18.96 41.29 -35.99
N SER G 3784 19.77 40.26 -35.92
CA SER G 3784 20.51 40.00 -34.73
C SER G 3784 21.47 41.13 -34.40
N ALA G 3785 22.01 41.71 -35.41
CA ALA G 3785 22.85 42.84 -35.21
C ALA G 3785 22.13 44.09 -34.86
N CYS G 3786 20.85 44.13 -35.13
CA CYS G 3786 20.06 45.30 -34.84
C CYS G 3786 19.98 45.58 -33.43
N LYS G 3787 20.07 44.52 -32.64
CA LYS G 3787 20.01 44.66 -31.24
C LYS G 3787 18.84 45.54 -30.85
N GLY G 3788 19.14 46.66 -30.15
CA GLY G 3788 18.15 47.60 -29.65
C GLY G 3788 17.76 48.69 -30.59
N GLU G 3789 18.14 48.51 -31.84
CA GLU G 3789 17.85 49.49 -32.82
C GLU G 3789 16.46 49.38 -33.21
N THR G 3790 15.95 50.54 -33.59
CA THR G 3790 14.65 50.63 -34.16
C THR G 3790 14.72 51.35 -35.51
N GLY G 3791 15.79 51.07 -36.26
CA GLY G 3791 16.20 51.83 -37.38
C GLY G 3791 15.36 51.54 -38.55
N ALA G 3792 15.43 52.44 -39.50
CA ALA G 3792 14.58 52.38 -40.64
C ALA G 3792 14.95 51.19 -41.52
N MET G 3793 16.23 50.92 -41.58
CA MET G 3793 16.69 49.86 -42.40
C MET G 3793 16.24 48.52 -41.81
N VAL G 3794 16.06 48.51 -40.51
CA VAL G 3794 15.64 47.33 -39.82
C VAL G 3794 14.31 46.88 -40.33
N SER G 3795 13.46 47.82 -40.69
CA SER G 3795 12.19 47.53 -41.28
C SER G 3795 12.35 46.85 -42.61
N SER G 3796 13.31 47.26 -43.38
CA SER G 3796 13.50 46.62 -44.64
C SER G 3796 13.92 45.19 -44.42
N THR G 3797 14.70 45.00 -43.40
CA THR G 3797 15.22 43.73 -43.12
C THR G 3797 14.17 42.76 -42.78
N LEU G 3798 13.19 43.27 -42.12
CA LEU G 3798 12.14 42.43 -41.73
C LEU G 3798 11.28 42.11 -42.88
N LYS G 3799 11.03 43.16 -43.65
CA LYS G 3799 10.29 43.03 -44.84
C LYS G 3799 11.06 42.11 -45.75
N LEU G 3800 12.37 42.12 -45.67
CA LEU G 3800 13.16 41.23 -46.44
C LEU G 3800 12.95 39.80 -46.07
N GLY G 3801 12.62 39.53 -44.82
CA GLY G 3801 12.29 38.19 -44.44
C GLY G 3801 10.96 37.77 -44.86
N ILE G 3802 10.11 38.75 -44.93
CA ILE G 3802 8.79 38.54 -45.36
C ILE G 3802 8.77 38.19 -46.83
N SER G 3803 9.77 38.67 -47.56
CA SER G 3803 9.84 38.43 -48.98
C SER G 3803 10.14 37.00 -49.23
N ILE G 3804 10.63 36.30 -48.21
CA ILE G 3804 11.00 34.95 -48.39
C ILE G 3804 10.26 33.95 -47.56
N LEU G 3805 9.94 34.35 -46.34
CA LEU G 3805 9.22 33.47 -45.49
C LEU G 3805 7.70 33.34 -45.74
N ASN G 3806 7.17 34.21 -46.59
CA ASN G 3806 5.73 34.23 -46.80
C ASN G 3806 5.24 33.00 -47.43
N GLY G 3807 4.09 32.55 -47.00
CA GLY G 3807 3.54 31.41 -47.63
C GLY G 3807 4.09 30.16 -47.03
N GLY G 3808 4.81 30.30 -45.93
CA GLY G 3808 5.28 29.15 -45.22
C GLY G 3808 6.38 28.43 -45.95
N ASN G 3809 7.60 28.74 -45.52
CA ASN G 3809 8.77 28.19 -46.11
C ASN G 3809 9.64 27.52 -45.05
N ALA G 3810 9.32 26.27 -44.74
CA ALA G 3810 10.12 25.54 -43.76
C ALA G 3810 11.49 25.33 -44.22
N GLU G 3811 11.67 25.27 -45.52
CA GLU G 3811 12.98 25.12 -46.07
C GLU G 3811 13.84 26.29 -45.75
N VAL G 3812 13.24 27.44 -45.67
CA VAL G 3812 13.95 28.59 -45.24
C VAL G 3812 14.09 28.54 -43.74
N GLN G 3813 13.02 28.14 -43.07
CA GLN G 3813 12.94 28.12 -41.64
C GLN G 3813 13.93 27.15 -41.06
N GLN G 3814 14.23 26.08 -41.77
CA GLN G 3814 15.12 25.09 -41.24
C GLN G 3814 16.54 25.52 -41.30
N LYS G 3815 16.93 26.10 -42.42
CA LYS G 3815 18.26 26.51 -42.55
C LYS G 3815 18.51 27.68 -41.66
N MET G 3816 17.47 28.45 -41.37
CA MET G 3816 17.58 29.47 -40.36
C MET G 3816 17.77 28.85 -39.04
N LEU G 3817 16.90 27.92 -38.74
CA LEU G 3817 16.97 27.20 -37.53
C LEU G 3817 18.26 26.48 -37.40
N ASP G 3818 18.74 25.94 -38.49
CA ASP G 3818 20.02 25.31 -38.48
C ASP G 3818 21.09 26.26 -38.21
N TYR G 3819 20.91 27.48 -38.68
CA TYR G 3819 21.92 28.47 -38.43
C TYR G 3819 21.78 28.91 -37.02
N LEU G 3820 20.57 28.95 -36.50
CA LEU G 3820 20.35 29.28 -35.11
C LEU G 3820 20.92 28.28 -34.17
N LYS G 3821 20.98 27.04 -34.53
CA LYS G 3821 21.54 26.06 -33.65
C LYS G 3821 23.01 25.88 -33.88
N ASP G 3822 23.44 26.01 -35.11
CA ASP G 3822 24.85 25.91 -35.43
C ASP G 3822 25.67 27.01 -34.79
N LYS G 3823 25.08 28.19 -34.71
CA LYS G 3823 25.75 29.35 -34.20
C LYS G 3823 25.39 29.58 -32.83
N LYS G 3824 24.18 29.19 -32.45
CA LYS G 3824 23.64 29.44 -31.16
C LYS G 3824 23.99 30.85 -30.78
N GLU G 3825 23.38 31.73 -31.55
CA GLU G 3825 23.67 33.11 -31.56
C GLU G 3825 23.24 33.88 -30.34
N VAL G 3826 22.28 33.39 -29.58
CA VAL G 3826 21.81 34.04 -28.34
C VAL G 3826 21.11 35.34 -28.56
N GLY G 3827 21.78 36.20 -29.25
CA GLY G 3827 21.36 37.52 -29.35
C GLY G 3827 20.28 37.79 -30.28
N PHE G 3828 20.09 36.87 -31.22
CA PHE G 3828 19.10 37.13 -32.21
C PHE G 3828 17.73 37.20 -31.62
N PHE G 3829 17.48 36.27 -30.76
CA PHE G 3829 16.27 36.27 -30.06
C PHE G 3829 16.22 37.45 -29.10
N GLN G 3830 17.36 37.82 -28.55
CA GLN G 3830 17.45 39.01 -27.77
C GLN G 3830 17.19 40.18 -28.63
N SER G 3831 17.62 40.11 -29.87
CA SER G 3831 17.40 41.20 -30.80
C SER G 3831 15.95 41.38 -31.16
N ILE G 3832 15.28 40.27 -31.14
CA ILE G 3832 13.90 40.33 -31.41
C ILE G 3832 13.21 40.79 -30.19
N GLN G 3833 13.61 40.25 -29.05
CA GLN G 3833 13.00 40.53 -27.80
C GLN G 3833 13.17 41.89 -27.43
N ALA G 3834 14.29 42.45 -27.77
CA ALA G 3834 14.56 43.75 -27.34
C ALA G 3834 13.59 44.69 -28.05
N LEU G 3835 13.47 44.57 -29.38
CA LEU G 3835 12.48 45.31 -30.13
C LEU G 3835 11.13 45.06 -29.65
N MET G 3836 10.92 43.81 -29.38
CA MET G 3836 9.66 43.41 -28.96
C MET G 3836 9.34 43.92 -27.57
N GLN G 3837 10.38 44.09 -26.77
CA GLN G 3837 10.23 44.57 -25.45
C GLN G 3837 9.76 46.00 -25.52
N THR G 3838 9.99 46.62 -26.67
CA THR G 3838 9.75 48.02 -26.83
C THR G 3838 8.78 48.33 -27.91
N CYS G 3839 9.26 48.15 -29.13
CA CYS G 3839 8.54 48.49 -30.33
C CYS G 3839 7.71 49.73 -30.25
N SER G 3840 6.39 49.62 -30.40
CA SER G 3840 5.56 50.81 -30.56
C SER G 3840 4.14 50.48 -30.21
N VAL G 3841 3.41 51.49 -29.76
CA VAL G 3841 2.05 51.32 -29.33
C VAL G 3841 1.28 52.63 -29.60
N LEU G 3842 -0.01 52.60 -29.96
CA LEU G 3842 -0.74 53.87 -30.21
C LEU G 3842 -0.90 54.73 -28.92
N ASP G 3843 -0.86 54.07 -27.77
CA ASP G 3843 -0.98 54.76 -26.45
C ASP G 3843 -2.26 55.59 -26.32
N LEU G 3844 -2.12 56.93 -26.25
CA LEU G 3844 -3.21 57.80 -25.90
C LEU G 3844 -2.90 59.27 -26.03
N ASN G 3845 -1.90 59.74 -25.31
CA ASN G 3845 -1.67 61.15 -25.19
C ASN G 3845 -1.29 61.75 -26.50
N ALA G 3846 -0.64 60.92 -27.28
CA ALA G 3846 -0.20 61.26 -28.61
C ALA G 3846 -1.37 61.75 -29.44
N PHE G 3847 -2.48 61.02 -29.34
CA PHE G 3847 -3.70 61.36 -30.02
C PHE G 3847 -4.28 62.65 -29.51
N GLU G 3848 -4.15 62.80 -28.21
CA GLU G 3848 -4.70 63.91 -27.53
C GLU G 3848 -4.06 65.19 -27.98
N ARG G 3849 -2.80 65.05 -28.32
CA ARG G 3849 -2.06 66.14 -28.81
C ARG G 3849 -2.31 66.29 -30.29
N GLN G 3850 -2.64 65.17 -30.96
CA GLN G 3850 -2.74 65.12 -32.43
C GLN G 3850 -4.14 65.43 -32.84
N ASN G 3851 -4.49 66.70 -32.72
CA ASN G 3851 -5.79 67.14 -32.96
C ASN G 3851 -5.83 68.34 -33.90
N LYS G 3852 -4.73 69.11 -34.00
CA LYS G 3852 -4.84 70.48 -34.50
C LYS G 3852 -3.88 70.80 -35.63
N ASP G 3877 6.70 53.77 -35.05
CA ASP G 3877 5.65 53.44 -36.00
C ASP G 3877 4.88 52.26 -35.55
N ASP G 3878 3.62 52.56 -35.31
CA ASP G 3878 2.67 51.58 -34.92
C ASP G 3878 2.56 50.45 -36.01
N GLU G 3879 2.69 50.88 -37.25
CA GLU G 3879 2.65 50.00 -38.41
C GLU G 3879 3.81 49.03 -38.46
N PHE G 3880 4.90 49.45 -37.88
CA PHE G 3880 6.07 48.60 -37.91
C PHE G 3880 5.97 47.32 -37.14
N THR G 3881 5.17 47.34 -36.13
CA THR G 3881 4.98 46.18 -35.35
C THR G 3881 4.25 45.21 -36.18
N GLN G 3882 3.29 45.72 -36.97
CA GLN G 3882 2.47 44.87 -37.86
C GLN G 3882 3.32 44.12 -38.77
N ASP G 3883 4.30 44.85 -39.25
CA ASP G 3883 5.17 44.28 -40.15
C ASP G 3883 6.10 43.24 -39.46
N LEU G 3884 6.35 43.40 -38.18
CA LEU G 3884 7.25 42.55 -37.50
C LEU G 3884 6.67 41.27 -36.98
N PHE G 3885 5.60 41.42 -36.28
CA PHE G 3885 5.07 40.26 -35.72
C PHE G 3885 4.42 39.36 -36.76
N ARG G 3886 3.99 39.93 -37.87
CA ARG G 3886 3.60 39.10 -39.01
C ARG G 3886 4.81 38.31 -39.43
N PHE G 3887 5.96 38.97 -39.40
CA PHE G 3887 7.20 38.35 -39.69
C PHE G 3887 7.49 37.18 -38.81
N LEU G 3888 7.16 37.31 -37.56
CA LEU G 3888 7.43 36.26 -36.71
C LEU G 3888 6.53 35.08 -36.96
N GLN G 3889 5.35 35.34 -37.44
CA GLN G 3889 4.47 34.28 -37.76
C GLN G 3889 5.04 33.49 -38.88
N LEU G 3890 5.72 34.19 -39.75
CA LEU G 3890 6.32 33.54 -40.87
C LEU G 3890 7.46 32.61 -40.47
N LEU G 3891 8.02 32.85 -39.29
CA LEU G 3891 8.96 31.94 -38.76
C LEU G 3891 8.36 30.65 -38.41
N CYS G 3892 7.11 30.69 -38.04
CA CYS G 3892 6.48 29.54 -37.46
C CYS G 3892 5.48 28.79 -38.36
N GLU G 3893 5.11 29.37 -39.50
CA GLU G 3893 4.12 28.69 -40.34
C GLU G 3893 4.65 27.52 -41.05
N GLY G 3894 3.69 26.65 -41.35
CA GLY G 3894 3.97 25.30 -41.67
C GLY G 3894 4.30 24.51 -40.43
N HIS G 3895 3.99 25.11 -39.28
CA HIS G 3895 3.91 24.39 -38.04
C HIS G 3895 5.20 23.67 -37.64
N ASN G 3896 6.31 24.38 -37.69
CA ASN G 3896 7.57 23.80 -37.30
C ASN G 3896 7.79 23.93 -35.83
N ASN G 3897 7.27 22.98 -35.13
CA ASN G 3897 7.37 23.04 -33.72
C ASN G 3897 8.76 22.85 -33.22
N ASP G 3898 9.57 22.17 -34.02
CA ASP G 3898 10.97 22.04 -33.68
C ASP G 3898 11.68 23.37 -33.68
N PHE G 3899 11.17 24.24 -34.53
CA PHE G 3899 11.62 25.60 -34.53
C PHE G 3899 10.93 26.36 -33.45
N GLN G 3900 9.65 26.06 -33.26
CA GLN G 3900 8.87 26.76 -32.27
C GLN G 3900 9.34 26.47 -30.87
N ASN G 3901 9.71 25.22 -30.59
CA ASN G 3901 10.23 24.89 -29.27
C ASN G 3901 11.54 25.55 -28.97
N TYR G 3902 12.37 25.68 -29.98
CA TYR G 3902 13.64 26.32 -29.79
C TYR G 3902 13.45 27.79 -29.48
N LEU G 3903 12.37 28.36 -30.00
CA LEU G 3903 11.99 29.70 -29.62
C LEU G 3903 11.53 29.77 -28.20
N ARG G 3904 10.88 28.71 -27.75
CA ARG G 3904 10.36 28.67 -26.40
C ARG G 3904 11.42 28.60 -25.32
N THR G 3905 12.57 28.02 -25.64
CA THR G 3905 13.53 27.73 -24.59
C THR G 3905 14.98 27.76 -25.03
N GLN G 3906 15.22 27.95 -26.31
CA GLN G 3906 16.51 28.24 -26.76
C GLN G 3906 17.59 27.20 -26.29
N THR G 3907 17.34 25.93 -26.56
CA THR G 3907 18.18 24.86 -25.98
C THR G 3907 19.63 24.76 -26.42
N GLY G 3908 19.94 25.19 -27.63
CA GLY G 3908 21.33 25.15 -28.10
C GLY G 3908 22.21 26.11 -27.32
N ASN G 3909 21.65 27.24 -26.94
CA ASN G 3909 22.36 28.30 -26.21
C ASN G 3909 22.37 28.00 -24.77
N THR G 3910 23.39 28.45 -24.07
CA THR G 3910 23.38 28.30 -22.61
C THR G 3910 22.29 29.16 -21.98
N THR G 3911 22.04 30.28 -22.64
CA THR G 3911 20.97 31.18 -22.28
C THR G 3911 19.65 30.64 -22.77
N THR G 3912 18.57 31.11 -22.16
CA THR G 3912 17.25 30.71 -22.60
C THR G 3912 16.26 31.86 -22.68
N ILE G 3913 15.39 31.83 -23.69
CA ILE G 3913 14.40 32.88 -23.90
C ILE G 3913 13.19 32.32 -24.56
N ASN G 3914 12.03 32.82 -24.11
CA ASN G 3914 10.76 32.46 -24.71
C ASN G 3914 10.13 33.65 -25.35
N ILE G 3915 10.37 33.75 -26.64
CA ILE G 3915 9.90 34.85 -27.47
C ILE G 3915 8.43 35.02 -27.44
N ILE G 3916 7.84 33.89 -27.32
CA ILE G 3916 6.50 33.80 -27.45
C ILE G 3916 5.87 34.43 -26.26
N ILE G 3917 6.56 34.44 -25.15
CA ILE G 3917 6.06 35.07 -23.98
C ILE G 3917 5.94 36.53 -24.12
N CYS G 3918 6.97 37.08 -24.66
CA CYS G 3918 7.05 38.46 -24.73
C CYS G 3918 6.05 39.02 -25.76
N THR G 3919 5.80 38.26 -26.80
CA THR G 3919 4.88 38.76 -27.76
C THR G 3919 3.51 38.82 -27.17
N VAL G 3920 3.24 37.92 -26.23
CA VAL G 3920 2.01 37.99 -25.51
C VAL G 3920 1.96 39.24 -24.74
N ASP G 3921 3.12 39.53 -24.19
CA ASP G 3921 3.23 40.68 -23.41
C ASP G 3921 3.02 41.92 -24.22
N TYR G 3922 3.41 41.89 -25.47
CA TYR G 3922 3.10 42.96 -26.34
C TYR G 3922 1.62 43.16 -26.53
N LEU G 3923 0.94 42.07 -26.56
CA LEU G 3923 -0.42 42.21 -26.80
C LEU G 3923 -1.06 42.91 -25.65
N LEU G 3924 -0.44 42.76 -24.48
CA LEU G 3924 -0.95 43.38 -23.29
C LEU G 3924 -0.91 44.82 -23.37
N ARG G 3925 0.27 45.31 -23.67
CA ARG G 3925 0.50 46.72 -23.67
C ARG G 3925 -0.30 47.38 -24.78
N LEU G 3926 -0.56 46.66 -25.87
CA LEU G 3926 -1.38 47.19 -26.94
C LEU G 3926 -2.78 47.25 -26.51
N GLN G 3927 -3.24 46.18 -25.91
CA GLN G 3927 -4.61 46.10 -25.45
C GLN G 3927 -4.99 47.05 -24.37
N GLU G 3928 -4.04 47.33 -23.51
CA GLU G 3928 -4.29 48.21 -22.46
C GLU G 3928 -4.40 49.64 -23.03
N SER G 3929 -3.78 49.90 -24.20
CA SER G 3929 -4.08 51.11 -25.03
C SER G 3929 -5.43 51.02 -25.61
N ILE G 3930 -5.73 49.83 -26.08
CA ILE G 3930 -6.98 49.60 -26.72
C ILE G 3930 -8.08 49.76 -25.74
N SER G 3931 -7.81 49.32 -24.54
CA SER G 3931 -8.78 49.41 -23.52
C SER G 3931 -8.92 50.85 -23.06
N ASP G 3932 -7.84 51.56 -22.90
CA ASP G 3932 -7.94 52.95 -22.58
C ASP G 3932 -8.50 53.74 -23.74
N PHE G 3933 -8.37 53.21 -24.94
CA PHE G 3933 -9.01 53.80 -26.07
C PHE G 3933 -10.55 53.65 -25.90
N TYR G 3934 -10.97 52.61 -25.20
CA TYR G 3934 -12.39 52.34 -24.92
C TYR G 3934 -13.11 53.31 -24.03
N TRP G 3935 -12.38 53.92 -23.14
CA TRP G 3935 -12.95 54.74 -22.14
C TRP G 3935 -13.05 56.17 -22.56
N TYR G 3936 -12.10 56.58 -23.37
CA TYR G 3936 -12.08 57.89 -23.88
C TYR G 3936 -13.28 58.21 -24.78
N TYR G 3937 -13.73 57.22 -25.51
CA TYR G 3937 -14.73 57.43 -26.53
C TYR G 3937 -16.17 57.11 -26.13
N SER G 3938 -16.23 56.23 -25.11
CA SER G 3938 -17.50 55.74 -24.61
C SER G 3938 -18.33 56.89 -24.05
N GLY G 3939 -17.63 57.90 -23.54
CA GLY G 3939 -18.24 59.14 -23.11
C GLY G 3939 -18.59 60.08 -24.24
N LYS G 3940 -18.19 59.76 -25.46
CA LYS G 3940 -18.46 60.62 -26.61
C LYS G 3940 -19.17 59.91 -27.77
N ASP G 3941 -19.26 58.58 -27.71
CA ASP G 3941 -19.95 57.77 -28.79
C ASP G 3941 -19.32 57.87 -30.15
N VAL G 3942 -19.56 58.99 -30.84
CA VAL G 3942 -18.92 59.25 -32.13
C VAL G 3942 -17.40 59.36 -32.06
N ILE G 3943 -16.70 58.85 -33.07
CA ILE G 3943 -15.24 58.95 -33.19
C ILE G 3943 -14.95 59.67 -34.49
N GLU G 3944 -13.87 60.39 -34.49
CA GLU G 3944 -13.62 61.36 -35.52
C GLU G 3944 -13.17 60.74 -36.79
N GLU G 3945 -11.85 60.71 -37.02
CA GLU G 3945 -11.33 60.30 -38.29
C GLU G 3945 -10.00 59.62 -38.10
N GLN G 3946 -9.01 60.38 -37.68
CA GLN G 3946 -7.71 59.83 -37.38
C GLN G 3946 -7.80 58.96 -36.15
N GLY G 3947 -8.82 59.18 -35.34
CA GLY G 3947 -9.00 58.32 -34.20
C GLY G 3947 -9.72 57.12 -34.63
N LYS G 3948 -10.12 57.09 -35.88
CA LYS G 3948 -10.72 55.94 -36.41
C LYS G 3948 -9.70 55.15 -37.16
N ARG G 3949 -9.26 55.69 -38.28
CA ARG G 3949 -8.52 54.92 -39.23
C ARG G 3949 -7.18 54.51 -38.71
N ASN G 3950 -6.62 55.31 -37.84
CA ASN G 3950 -5.33 54.99 -37.31
C ASN G 3950 -5.50 53.91 -36.27
N PHE G 3951 -6.55 54.10 -35.46
CA PHE G 3951 -6.91 53.06 -34.56
C PHE G 3951 -7.34 51.79 -35.28
N SER G 3952 -7.95 51.98 -36.43
CA SER G 3952 -8.28 50.85 -37.28
C SER G 3952 -7.06 50.11 -37.73
N LYS G 3953 -6.04 50.88 -38.00
CA LYS G 3953 -4.82 50.27 -38.33
C LYS G 3953 -4.22 49.57 -37.07
N ALA G 3954 -4.49 50.15 -35.90
CA ALA G 3954 -4.07 49.51 -34.64
C ALA G 3954 -4.76 48.22 -34.38
N MET G 3955 -6.01 48.15 -34.81
CA MET G 3955 -6.68 46.88 -34.79
C MET G 3955 -6.08 45.97 -35.86
N SER G 3956 -5.61 46.53 -36.97
CA SER G 3956 -5.01 45.69 -38.01
C SER G 3956 -3.74 45.05 -37.49
N VAL G 3957 -3.11 45.79 -36.59
CA VAL G 3957 -1.95 45.31 -35.92
C VAL G 3957 -2.33 44.24 -34.96
N ALA G 3958 -3.25 44.55 -34.13
CA ALA G 3958 -3.66 43.64 -33.18
C ALA G 3958 -4.24 42.36 -33.76
N LYS G 3959 -4.93 42.52 -34.84
CA LYS G 3959 -5.43 41.39 -35.55
C LYS G 3959 -4.26 40.53 -36.00
N GLN G 3960 -3.22 41.20 -36.41
CA GLN G 3960 -2.11 40.50 -36.84
C GLN G 3960 -1.44 39.76 -35.70
N VAL G 3961 -1.64 40.28 -34.53
CA VAL G 3961 -1.03 39.70 -33.41
C VAL G 3961 -1.61 38.43 -33.01
N PHE G 3962 -2.90 38.47 -32.96
CA PHE G 3962 -3.51 37.29 -32.59
C PHE G 3962 -3.21 36.22 -33.62
N ASN G 3963 -3.15 36.63 -34.87
CA ASN G 3963 -2.86 35.71 -35.90
C ASN G 3963 -1.50 35.15 -35.67
N SER G 3964 -0.59 35.99 -35.27
CA SER G 3964 0.69 35.52 -34.94
C SER G 3964 0.73 34.58 -33.74
N LEU G 3965 -0.12 34.87 -32.79
CA LEU G 3965 -0.13 34.02 -31.63
C LEU G 3965 -0.57 32.65 -31.90
N THR G 3966 -1.39 32.55 -32.89
CA THR G 3966 -1.98 31.31 -33.13
C THR G 3966 -0.96 30.33 -33.51
N GLU G 3967 -0.13 30.72 -34.48
CA GLU G 3967 0.80 29.82 -35.12
C GLU G 3967 1.78 29.26 -34.15
N TYR G 3968 2.01 29.97 -33.09
CA TYR G 3968 2.84 29.45 -32.14
C TYR G 3968 2.25 28.19 -31.53
N ILE G 3969 0.94 28.14 -31.50
CA ILE G 3969 0.21 27.08 -30.85
C ILE G 3969 -0.76 26.40 -31.79
N GLN G 3970 -0.91 26.97 -32.96
CA GLN G 3970 -1.86 26.43 -33.90
C GLN G 3970 -1.45 24.99 -34.34
N GLY G 3971 -0.16 24.75 -34.29
CA GLY G 3971 0.32 23.41 -34.44
C GLY G 3971 -0.02 22.69 -33.18
N PRO G 3972 -0.09 21.39 -33.30
CA PRO G 3972 -0.35 20.56 -32.17
C PRO G 3972 0.88 20.47 -31.23
N CYS G 3973 1.19 21.58 -30.54
CA CYS G 3973 2.24 21.57 -29.54
C CYS G 3973 1.68 21.91 -28.20
N THR G 3974 1.65 20.90 -27.37
CA THR G 3974 1.14 21.05 -26.07
C THR G 3974 2.14 21.77 -25.23
N GLY G 3975 3.43 21.70 -25.59
CA GLY G 3975 4.48 22.28 -24.75
C GLY G 3975 4.42 23.79 -24.80
N ASN G 3976 4.12 24.33 -25.97
CA ASN G 3976 3.90 25.74 -26.06
C ASN G 3976 2.67 26.13 -25.31
N GLN G 3977 1.70 25.25 -25.33
CA GLN G 3977 0.46 25.49 -24.64
C GLN G 3977 0.80 25.53 -23.17
N GLN G 3978 1.78 24.73 -22.74
CA GLN G 3978 2.27 24.78 -21.38
C GLN G 3978 2.84 26.09 -21.09
N SER G 3979 3.46 26.69 -22.06
CA SER G 3979 3.93 28.01 -21.91
C SER G 3979 2.82 29.00 -21.77
N LEU G 3980 1.77 28.79 -22.51
CA LEU G 3980 0.67 29.65 -22.33
C LEU G 3980 -0.10 29.31 -21.06
N ALA G 3981 0.06 28.09 -20.57
CA ALA G 3981 -0.59 27.64 -19.34
C ALA G 3981 -0.21 28.45 -18.18
N HIS G 3982 1.06 28.84 -18.18
CA HIS G 3982 1.60 29.65 -17.11
C HIS G 3982 1.64 31.13 -17.57
N SER G 3983 1.34 31.37 -18.84
CA SER G 3983 1.22 32.72 -19.43
C SER G 3983 0.04 33.41 -18.88
N ARG G 3984 0.16 34.71 -18.75
CA ARG G 3984 -0.93 35.45 -18.23
C ARG G 3984 -2.07 35.41 -19.24
N LEU G 3985 -1.70 35.33 -20.52
CA LEU G 3985 -2.59 35.03 -21.59
C LEU G 3985 -4.08 35.40 -21.45
N TRP G 3986 -4.76 34.73 -20.54
CA TRP G 3986 -6.18 34.81 -20.44
C TRP G 3986 -6.66 36.21 -20.07
N ASP G 3987 -5.87 36.96 -19.30
CA ASP G 3987 -6.24 38.35 -19.00
C ASP G 3987 -6.42 39.18 -20.21
N ALA G 3988 -5.64 38.87 -21.21
CA ALA G 3988 -5.71 39.56 -22.43
C ALA G 3988 -6.98 39.35 -23.08
N VAL G 3989 -7.43 38.14 -22.98
CA VAL G 3989 -8.66 37.81 -23.59
C VAL G 3989 -9.83 38.54 -22.92
N VAL G 3990 -9.72 38.75 -21.63
CA VAL G 3990 -10.83 39.36 -20.86
C VAL G 3990 -11.20 40.70 -21.34
N GLY G 3991 -10.18 41.40 -21.73
CA GLY G 3991 -10.35 42.77 -21.91
C GLY G 3991 -11.03 43.11 -23.18
N PHE G 3992 -10.79 42.34 -24.22
CA PHE G 3992 -11.44 42.65 -25.44
C PHE G 3992 -12.91 42.49 -25.32
N LEU G 3993 -13.23 41.53 -24.50
CA LEU G 3993 -14.55 41.27 -24.25
C LEU G 3993 -15.14 42.44 -23.49
N HIS G 3994 -14.36 43.08 -22.67
CA HIS G 3994 -14.82 44.25 -21.99
C HIS G 3994 -15.09 45.37 -22.95
N VAL G 3995 -14.47 45.32 -24.09
CA VAL G 3995 -14.50 46.45 -24.96
C VAL G 3995 -15.41 46.24 -26.12
N PHE G 3996 -15.16 45.16 -26.83
CA PHE G 3996 -15.87 44.92 -28.03
C PHE G 3996 -17.30 44.62 -27.75
N ALA G 3997 -17.59 44.17 -26.53
CA ALA G 3997 -18.96 43.98 -26.10
C ALA G 3997 -19.70 45.31 -26.08
N HIS G 3998 -18.99 46.41 -25.81
CA HIS G 3998 -19.62 47.70 -25.65
C HIS G 3998 -19.33 48.67 -26.78
N MET G 3999 -18.11 48.66 -27.28
CA MET G 3999 -17.76 49.59 -28.32
C MET G 3999 -18.48 49.38 -29.60
N MET G 4000 -18.75 48.14 -29.88
CA MET G 4000 -19.45 47.88 -31.10
C MET G 4000 -20.86 48.45 -31.03
N MET G 4001 -21.43 48.50 -29.84
CA MET G 4001 -22.72 49.16 -29.65
C MET G 4001 -22.56 50.61 -29.92
N LYS G 4002 -21.42 51.15 -29.51
CA LYS G 4002 -21.09 52.53 -29.82
C LYS G 4002 -20.85 52.73 -31.31
N LEU G 4003 -20.36 51.67 -31.91
CA LEU G 4003 -20.15 51.67 -33.35
C LEU G 4003 -21.38 51.23 -34.12
N ALA G 4004 -22.35 50.68 -33.43
CA ALA G 4004 -23.60 50.30 -34.06
C ALA G 4004 -24.55 51.47 -34.09
N GLN G 4005 -24.12 52.56 -33.50
CA GLN G 4005 -24.94 53.74 -33.49
C GLN G 4005 -25.11 54.27 -34.87
N ASP G 4006 -24.04 54.13 -35.65
CA ASP G 4006 -24.04 54.60 -36.98
C ASP G 4006 -23.52 53.59 -37.94
N SER G 4007 -24.14 53.58 -39.12
CA SER G 4007 -23.67 52.71 -40.16
C SER G 4007 -22.29 53.17 -40.71
N SER G 4008 -21.98 54.47 -40.60
CA SER G 4008 -20.65 54.95 -41.00
C SER G 4008 -19.58 54.34 -40.08
N GLN G 4009 -19.98 54.07 -38.83
CA GLN G 4009 -19.09 53.49 -37.82
C GLN G 4009 -18.72 52.03 -38.03
N ILE G 4010 -19.54 51.29 -38.76
CA ILE G 4010 -19.34 49.87 -38.86
C ILE G 4010 -18.18 49.53 -39.76
N GLU G 4011 -17.72 50.51 -40.53
CA GLU G 4011 -16.50 50.33 -41.24
C GLU G 4011 -15.34 50.61 -40.31
N LEU G 4012 -15.22 49.72 -39.35
CA LEU G 4012 -14.35 49.84 -38.22
C LEU G 4012 -14.80 48.80 -37.25
N LEU G 4013 -16.10 48.74 -37.10
CA LEU G 4013 -16.69 47.67 -36.40
C LEU G 4013 -16.45 46.37 -37.16
N LYS G 4014 -16.37 46.49 -38.46
CA LYS G 4014 -16.01 45.39 -39.28
C LYS G 4014 -14.65 44.90 -38.89
N GLU G 4015 -13.77 45.83 -38.60
CA GLU G 4015 -12.45 45.53 -38.16
C GLU G 4015 -12.52 44.97 -36.77
N LEU G 4016 -13.44 45.49 -36.01
CA LEU G 4016 -13.72 44.95 -34.72
C LEU G 4016 -14.26 43.58 -34.84
N LEU G 4017 -14.96 43.33 -35.91
CA LEU G 4017 -15.37 42.00 -36.17
C LEU G 4017 -14.25 41.15 -36.63
N ASP G 4018 -13.40 41.73 -37.43
CA ASP G 4018 -12.30 40.98 -37.92
C ASP G 4018 -11.36 40.57 -36.83
N LEU G 4019 -11.29 41.39 -35.81
CA LEU G 4019 -10.38 41.13 -34.78
C LEU G 4019 -10.87 40.07 -33.85
N GLN G 4020 -12.11 40.23 -33.47
CA GLN G 4020 -12.71 39.35 -32.54
C GLN G 4020 -12.78 37.93 -33.11
N LYS G 4021 -12.93 37.84 -34.40
CA LYS G 4021 -13.05 36.56 -35.02
C LYS G 4021 -11.81 35.74 -34.87
N ASP G 4022 -10.72 36.38 -35.18
CA ASP G 4022 -9.48 35.74 -35.08
C ASP G 4022 -9.08 35.57 -33.66
N MET G 4023 -9.64 36.38 -32.81
CA MET G 4023 -9.28 36.36 -31.45
C MET G 4023 -9.55 35.03 -30.80
N VAL G 4024 -10.69 34.51 -31.14
CA VAL G 4024 -11.08 33.30 -30.56
C VAL G 4024 -10.42 32.12 -31.14
N VAL G 4025 -9.85 32.35 -32.28
CA VAL G 4025 -9.18 31.32 -32.93
C VAL G 4025 -8.03 30.82 -32.14
N MET G 4026 -7.29 31.73 -31.56
CA MET G 4026 -6.21 31.27 -30.72
C MET G 4026 -6.72 30.53 -29.53
N LEU G 4027 -7.87 30.93 -29.12
CA LEU G 4027 -8.46 30.28 -28.06
C LEU G 4027 -8.91 28.93 -28.45
N LEU G 4028 -9.20 28.78 -29.70
CA LEU G 4028 -9.52 27.51 -30.13
C LEU G 4028 -8.30 26.66 -30.32
N SER G 4029 -7.28 27.25 -30.92
CA SER G 4029 -6.09 26.51 -31.25
C SER G 4029 -5.47 25.96 -29.97
N LEU G 4030 -5.63 26.71 -28.89
CA LEU G 4030 -5.23 26.29 -27.59
C LEU G 4030 -5.92 25.00 -27.16
N LEU G 4031 -7.17 24.89 -27.54
CA LEU G 4031 -7.95 23.73 -27.20
C LEU G 4031 -7.80 22.55 -28.13
N GLU G 4032 -7.10 22.81 -29.21
CA GLU G 4032 -6.86 21.76 -30.16
C GLU G 4032 -6.02 20.66 -29.55
N GLY G 4033 -5.18 21.03 -28.61
CA GLY G 4033 -4.45 20.05 -27.83
C GLY G 4033 -5.33 19.37 -26.78
N ASN G 4034 -6.35 20.10 -26.34
CA ASN G 4034 -7.18 19.58 -25.28
C ASN G 4034 -8.14 18.48 -25.69
N VAL G 4035 -8.33 17.51 -24.77
CA VAL G 4035 -9.37 16.49 -24.89
C VAL G 4035 -10.03 16.10 -23.56
N VAL G 4036 -9.24 15.50 -22.71
CA VAL G 4036 -9.70 15.06 -21.42
C VAL G 4036 -9.78 16.30 -20.57
N ASN G 4037 -10.52 16.26 -19.48
CA ASN G 4037 -10.71 17.43 -18.60
C ASN G 4037 -9.46 18.28 -18.37
N GLY G 4038 -9.03 18.96 -19.43
CA GLY G 4038 -7.88 19.86 -19.45
C GLY G 4038 -8.06 21.06 -18.58
N MET G 4039 -7.10 21.19 -17.71
CA MET G 4039 -6.99 22.26 -16.80
C MET G 4039 -6.91 23.58 -17.53
N ILE G 4040 -6.20 23.53 -18.65
CA ILE G 4040 -5.90 24.71 -19.34
C ILE G 4040 -7.15 25.17 -20.06
N ALA G 4041 -8.03 24.21 -20.34
CA ALA G 4041 -9.32 24.53 -20.89
C ALA G 4041 -10.24 25.06 -19.88
N ARG G 4042 -10.16 24.47 -18.71
CA ARG G 4042 -10.95 24.94 -17.61
C ARG G 4042 -10.57 26.33 -17.18
N GLN G 4043 -9.30 26.64 -17.28
CA GLN G 4043 -8.89 27.99 -16.98
C GLN G 4043 -9.44 28.97 -18.01
N MET G 4044 -9.62 28.50 -19.23
CA MET G 4044 -10.36 29.25 -20.18
C MET G 4044 -11.80 29.35 -19.83
N VAL G 4045 -12.26 28.36 -19.12
CA VAL G 4045 -13.62 28.41 -18.70
C VAL G 4045 -13.76 29.30 -17.51
N ASP G 4046 -12.84 29.16 -16.58
CA ASP G 4046 -12.93 29.89 -15.37
C ASP G 4046 -12.80 31.37 -15.59
N MET G 4047 -12.06 31.77 -16.60
CA MET G 4047 -12.04 33.16 -16.97
C MET G 4047 -13.37 33.65 -17.54
N LEU G 4048 -14.05 32.77 -18.25
CA LEU G 4048 -15.31 33.14 -18.84
C LEU G 4048 -16.34 33.34 -17.71
N VAL G 4049 -16.12 32.71 -16.54
CA VAL G 4049 -16.92 32.94 -15.35
C VAL G 4049 -16.77 34.39 -14.87
N GLU G 4050 -15.54 34.85 -14.77
CA GLU G 4050 -15.24 36.21 -14.41
C GLU G 4050 -15.75 37.20 -15.46
N SER G 4051 -15.70 36.80 -16.72
CA SER G 4051 -16.06 37.69 -17.79
C SER G 4051 -17.43 37.43 -18.26
N SER G 4052 -18.17 36.69 -17.49
CA SER G 4052 -19.45 36.26 -17.92
C SER G 4052 -20.37 37.44 -18.17
N SER G 4053 -20.11 38.51 -17.43
CA SER G 4053 -20.79 39.78 -17.70
C SER G 4053 -20.48 40.26 -19.08
N ASN G 4054 -19.19 40.29 -19.33
CA ASN G 4054 -18.76 40.70 -20.61
C ASN G 4054 -19.18 39.72 -21.69
N VAL G 4055 -19.20 38.41 -21.37
CA VAL G 4055 -19.65 37.39 -22.31
C VAL G 4055 -21.07 37.55 -22.62
N GLU G 4056 -21.86 37.91 -21.63
CA GLU G 4056 -23.27 38.07 -21.87
C GLU G 4056 -23.60 39.19 -22.87
N MET G 4057 -22.85 40.29 -22.82
CA MET G 4057 -23.24 41.50 -23.59
C MET G 4057 -23.22 41.31 -25.10
N ILE G 4058 -22.30 40.48 -25.56
CA ILE G 4058 -22.21 40.15 -26.96
C ILE G 4058 -23.34 39.22 -27.40
N LEU G 4059 -23.79 38.38 -26.49
CA LEU G 4059 -24.62 37.26 -26.87
C LEU G 4059 -25.99 37.68 -27.38
N LYS G 4060 -26.59 38.73 -26.83
CA LYS G 4060 -27.93 39.11 -27.35
C LYS G 4060 -27.78 39.90 -28.62
N PHE G 4061 -26.56 40.38 -28.88
CA PHE G 4061 -26.27 40.92 -30.16
C PHE G 4061 -26.45 39.79 -31.27
N PHE G 4062 -26.10 38.53 -30.94
CA PHE G 4062 -26.18 37.35 -31.86
C PHE G 4062 -27.58 36.85 -32.31
N ASP G 4063 -28.58 37.25 -31.56
CA ASP G 4063 -29.96 36.84 -31.92
C ASP G 4063 -30.33 37.41 -33.30
N MET G 4064 -29.67 38.52 -33.63
CA MET G 4064 -29.78 39.16 -34.94
C MET G 4064 -29.45 38.22 -36.13
N ILE G 4071 -29.95 39.95 -38.83
CA ILE G 4071 -30.72 39.27 -39.86
C ILE G 4071 -32.12 38.84 -39.36
N VAL G 4072 -32.25 38.61 -38.02
CA VAL G 4072 -33.53 38.25 -37.31
C VAL G 4072 -34.70 39.18 -37.64
N GLY G 4073 -34.40 40.43 -37.90
CA GLY G 4073 -35.40 41.46 -38.06
C GLY G 4073 -36.10 41.44 -39.39
N SER G 4074 -35.58 40.70 -40.37
CA SER G 4074 -36.31 40.52 -41.62
C SER G 4074 -37.63 39.77 -41.34
N GLU G 4075 -37.61 38.93 -40.28
CA GLU G 4075 -38.81 38.29 -39.65
C GLU G 4075 -39.84 39.31 -39.21
N ALA G 4076 -39.37 40.47 -38.74
CA ALA G 4076 -40.28 41.48 -38.19
C ALA G 4076 -41.22 42.09 -39.28
N PHE G 4077 -40.76 42.13 -40.56
CA PHE G 4077 -41.44 42.90 -41.65
C PHE G 4077 -42.77 42.30 -42.15
N GLN G 4078 -43.02 41.01 -41.89
CA GLN G 4078 -44.39 40.45 -42.11
C GLN G 4078 -45.03 39.88 -40.80
N ASP G 4079 -44.23 39.41 -39.80
CA ASP G 4079 -44.79 38.90 -38.45
C ASP G 4079 -45.59 39.95 -37.69
N TYR G 4080 -45.18 41.21 -37.86
CA TYR G 4080 -45.82 42.34 -37.21
C TYR G 4080 -45.82 43.59 -38.14
N VAL G 4081 -46.24 43.41 -39.41
CA VAL G 4081 -46.19 44.47 -40.42
C VAL G 4081 -47.15 45.57 -40.04
N THR G 4082 -46.76 46.80 -40.34
CA THR G 4082 -47.58 47.96 -40.10
C THR G 4082 -47.47 48.97 -41.26
N ASP G 4083 -47.03 48.52 -42.46
CA ASP G 4083 -47.04 49.33 -43.73
C ASP G 4083 -46.72 48.51 -45.02
N PRO G 4084 -45.73 47.61 -44.95
CA PRO G 4084 -45.12 46.82 -46.03
C PRO G 4084 -44.87 47.64 -47.32
N ARG G 4085 -44.34 48.87 -47.21
CA ARG G 4085 -43.99 49.73 -48.39
C ARG G 4085 -42.48 50.13 -48.33
N GLY G 4086 -41.67 49.23 -47.76
CA GLY G 4086 -40.23 49.47 -47.56
C GLY G 4086 -39.98 50.20 -46.28
N LEU G 4087 -41.05 50.54 -45.54
CA LEU G 4087 -40.97 51.34 -44.30
C LEU G 4087 -41.92 50.73 -43.22
N ILE G 4088 -41.62 50.83 -41.93
CA ILE G 4088 -42.53 50.35 -40.85
C ILE G 4088 -42.33 51.16 -39.55
N SER G 4089 -43.38 51.48 -38.80
CA SER G 4089 -43.17 52.27 -37.57
C SER G 4089 -42.52 51.47 -36.45
N LYS G 4090 -41.80 52.17 -35.61
CA LYS G 4090 -41.22 51.59 -34.43
C LYS G 4090 -42.25 51.47 -33.34
N LYS G 4091 -43.14 50.54 -33.55
CA LYS G 4091 -44.18 50.27 -32.60
C LYS G 4091 -44.60 48.76 -32.66
N ASP G 4092 -45.11 48.26 -33.81
CA ASP G 4092 -45.54 46.81 -33.93
C ASP G 4092 -44.36 45.87 -33.72
N PHE G 4093 -43.14 46.25 -34.15
CA PHE G 4093 -41.94 45.46 -33.87
C PHE G 4093 -41.31 45.86 -32.53
N GLN G 4094 -41.62 47.07 -32.03
CA GLN G 4094 -41.18 47.54 -30.69
C GLN G 4094 -41.76 46.72 -29.56
N LYS G 4095 -42.93 46.15 -29.79
CA LYS G 4095 -43.57 45.28 -28.80
C LYS G 4095 -44.03 43.99 -29.46
N ALA G 4096 -43.17 43.37 -30.27
CA ALA G 4096 -43.45 42.07 -30.91
C ALA G 4096 -42.62 40.97 -30.26
N MET G 4097 -41.38 40.78 -30.74
CA MET G 4097 -40.43 39.83 -30.18
C MET G 4097 -40.09 40.22 -28.74
N ASP G 4098 -40.11 41.53 -28.45
CA ASP G 4098 -39.89 42.00 -27.05
C ASP G 4098 -41.05 41.54 -26.17
N SER G 4099 -42.21 41.35 -26.79
CA SER G 4099 -43.39 40.95 -26.09
C SER G 4099 -43.63 39.43 -26.10
N GLN G 4100 -42.67 38.66 -25.58
CA GLN G 4100 -42.81 37.18 -25.43
C GLN G 4100 -41.79 36.53 -24.47
N GLN G 4102 -38.15 38.54 -24.22
CA GLN G 4102 -36.84 38.01 -23.91
C GLN G 4102 -35.83 39.12 -23.71
N PHE G 4103 -35.44 39.74 -24.82
CA PHE G 4103 -34.39 40.74 -24.79
C PHE G 4103 -34.89 42.01 -24.04
N THR G 4104 -34.00 42.69 -23.31
CA THR G 4104 -34.30 44.01 -22.71
C THR G 4104 -34.70 44.96 -23.81
N GLY G 4105 -35.72 45.76 -23.51
CA GLY G 4105 -36.27 46.64 -24.54
C GLY G 4105 -35.36 47.83 -24.76
N PRO G 4106 -34.39 48.06 -23.84
CA PRO G 4106 -33.32 49.03 -24.11
C PRO G 4106 -32.61 48.75 -25.44
N GLU G 4107 -32.37 47.48 -25.70
CA GLU G 4107 -31.72 47.10 -26.92
C GLU G 4107 -32.70 47.29 -28.10
N ILE G 4108 -34.00 47.09 -27.87
CA ILE G 4108 -35.04 47.41 -28.88
C ILE G 4108 -35.05 48.92 -29.17
N GLN G 4109 -34.76 49.70 -28.15
CA GLN G 4109 -34.57 51.11 -28.35
C GLN G 4109 -33.18 51.35 -28.94
N PHE G 4110 -32.20 50.53 -28.57
CA PHE G 4110 -30.88 50.49 -29.24
C PHE G 4110 -31.05 50.05 -30.71
N LEU G 4111 -32.08 49.25 -30.94
CA LEU G 4111 -32.41 48.85 -32.26
C LEU G 4111 -32.88 50.02 -33.17
N LEU G 4112 -33.57 51.03 -32.61
CA LEU G 4112 -33.92 52.28 -33.35
C LEU G 4112 -32.67 53.01 -33.81
N SER G 4113 -31.63 52.93 -32.99
CA SER G 4113 -30.34 53.46 -33.38
C SER G 4113 -29.73 52.58 -34.45
N CYS G 4114 -29.93 51.28 -34.30
CA CYS G 4114 -29.51 50.33 -35.33
C CYS G 4114 -30.33 50.55 -36.61
N SER G 4115 -31.57 50.96 -36.43
CA SER G 4115 -32.40 51.35 -37.53
C SER G 4115 -31.94 52.66 -38.11
N GLU G 4116 -31.22 53.43 -37.32
CA GLU G 4116 -30.65 54.70 -37.76
C GLU G 4116 -31.75 55.67 -38.18
N ALA G 4117 -32.92 55.56 -37.54
CA ALA G 4117 -34.03 56.46 -37.81
C ALA G 4117 -34.36 56.67 -39.34
N ASP G 4118 -34.55 55.58 -40.10
CA ASP G 4118 -34.84 55.67 -41.56
C ASP G 4118 -36.12 56.51 -41.87
N GLU G 4119 -36.02 57.37 -42.89
CA GLU G 4119 -37.05 58.42 -43.15
C GLU G 4119 -37.32 59.25 -41.90
N ASN G 4120 -38.11 58.69 -40.96
CA ASN G 4120 -38.22 59.23 -39.59
C ASN G 4120 -38.56 58.13 -38.56
N GLU G 4121 -39.82 58.04 -38.12
CA GLU G 4121 -40.24 56.94 -37.22
C GLU G 4121 -40.07 55.56 -37.84
N MET G 4122 -40.18 55.53 -39.17
CA MET G 4122 -40.20 54.28 -39.89
C MET G 4122 -38.86 53.51 -39.79
N ILE G 4123 -38.92 52.17 -39.79
CA ILE G 4123 -37.72 51.31 -39.73
C ILE G 4123 -37.30 50.72 -41.12
N ASN G 4124 -36.00 50.87 -41.49
CA ASN G 4124 -35.44 50.24 -42.70
C ASN G 4124 -35.24 48.70 -42.53
N PHE G 4125 -35.28 48.01 -43.66
CA PHE G 4125 -35.33 46.57 -43.72
C PHE G 4125 -33.96 45.87 -43.79
N GLU G 4126 -33.53 45.55 -45.01
CA GLU G 4126 -32.40 44.64 -45.29
C GLU G 4126 -31.09 45.14 -44.73
N GLU G 4127 -30.95 46.46 -44.63
CA GLU G 4127 -29.71 47.02 -44.13
C GLU G 4127 -29.47 46.63 -42.63
N PHE G 4128 -30.57 46.33 -41.91
CA PHE G 4128 -30.54 45.62 -40.61
C PHE G 4128 -29.76 44.25 -40.64
N ALA G 4129 -29.96 43.49 -41.72
CA ALA G 4129 -29.45 42.11 -41.81
C ALA G 4129 -27.83 42.03 -41.76
N ASN G 4130 -27.12 43.11 -42.19
CA ASN G 4130 -25.61 43.12 -42.20
C ASN G 4130 -24.95 42.99 -40.82
N ARG G 4131 -25.62 43.40 -39.76
CA ARG G 4131 -25.08 43.25 -38.39
C ARG G 4131 -25.92 42.29 -37.57
N PRO G 4135 -21.86 38.24 -42.12
CA PRO G 4135 -20.58 38.87 -41.86
C PRO G 4135 -19.96 38.36 -40.59
N ALA G 4136 -20.67 38.68 -39.54
CA ALA G 4136 -20.30 38.38 -38.21
C ALA G 4136 -20.73 37.01 -37.83
N ARG G 4137 -21.41 36.37 -38.76
CA ARG G 4137 -21.95 35.01 -38.56
C ARG G 4137 -20.98 33.96 -38.09
N ASP G 4138 -19.84 34.01 -38.70
CA ASP G 4138 -18.87 33.08 -38.47
C ASP G 4138 -18.27 33.31 -37.09
N ILE G 4139 -18.31 34.51 -36.59
CA ILE G 4139 -17.76 34.79 -35.28
C ILE G 4139 -18.45 34.11 -34.20
N GLY G 4140 -19.74 34.10 -34.37
CA GLY G 4140 -20.53 33.50 -33.37
C GLY G 4140 -20.37 32.00 -33.53
N PHE G 4141 -20.20 31.53 -34.76
CA PHE G 4141 -19.91 30.15 -35.05
C PHE G 4141 -18.70 29.67 -34.38
N ASN G 4142 -17.74 30.55 -34.28
CA ASN G 4142 -16.54 30.20 -33.68
C ASN G 4142 -16.62 29.91 -32.24
N VAL G 4143 -17.29 30.81 -31.56
CA VAL G 4143 -17.54 30.58 -30.17
C VAL G 4143 -18.45 29.43 -29.96
N ALA G 4144 -19.36 29.28 -30.89
CA ALA G 4144 -20.27 28.20 -30.83
C ALA G 4144 -19.54 26.90 -30.94
N VAL G 4145 -18.53 26.89 -31.79
CA VAL G 4145 -17.70 25.75 -31.88
C VAL G 4145 -16.94 25.61 -30.61
N LEU G 4146 -16.63 26.72 -29.99
CA LEU G 4146 -15.87 26.69 -28.83
C LEU G 4146 -16.69 26.25 -27.71
N LEU G 4147 -17.86 26.82 -27.57
CA LEU G 4147 -18.70 26.51 -26.47
C LEU G 4147 -19.10 25.12 -26.36
N THR G 4148 -19.35 24.57 -27.49
CA THR G 4148 -19.79 23.24 -27.55
C THR G 4148 -18.67 22.31 -27.18
N ASN G 4149 -17.51 22.58 -27.74
CA ASN G 4149 -16.38 21.74 -27.52
C ASN G 4149 -15.90 21.86 -26.11
N LEU G 4150 -16.18 22.97 -25.49
CA LEU G 4150 -15.79 23.13 -24.12
C LEU G 4150 -16.46 22.18 -23.21
N SER G 4151 -17.71 21.88 -23.50
CA SER G 4151 -18.40 20.92 -22.73
C SER G 4151 -17.73 19.59 -22.96
N GLU G 4152 -17.14 19.43 -24.13
CA GLU G 4152 -16.48 18.22 -24.47
C GLU G 4152 -15.06 18.11 -24.00
N HIS G 4153 -14.35 19.21 -24.02
CA HIS G 4153 -13.02 19.17 -23.55
C HIS G 4153 -13.00 18.92 -22.05
N VAL G 4154 -14.03 19.35 -21.34
CA VAL G 4154 -14.12 19.09 -19.90
C VAL G 4154 -15.42 18.44 -19.59
N PRO G 4155 -15.51 17.17 -19.95
CA PRO G 4155 -16.70 16.39 -19.93
C PRO G 4155 -17.29 16.13 -18.52
N HIS G 4156 -18.61 16.03 -18.49
CA HIS G 4156 -19.39 15.62 -17.35
C HIS G 4156 -19.28 16.67 -16.20
N ASP G 4157 -19.33 17.96 -16.52
CA ASP G 4157 -19.12 19.05 -15.56
C ASP G 4157 -20.15 20.19 -15.60
N PRO G 4158 -20.38 20.82 -14.43
CA PRO G 4158 -21.51 21.69 -14.19
C PRO G 4158 -21.40 23.15 -14.56
N ARG G 4159 -20.43 23.86 -14.01
CA ARG G 4159 -20.43 25.32 -14.03
C ARG G 4159 -20.35 25.91 -15.38
N LEU G 4160 -19.68 25.16 -16.23
CA LEU G 4160 -19.53 25.49 -17.60
C LEU G 4160 -20.82 25.27 -18.32
N ARG G 4161 -21.47 24.13 -18.12
CA ARG G 4161 -22.74 23.87 -18.77
C ARG G 4161 -23.78 24.83 -18.20
N ASN G 4162 -23.58 25.29 -16.96
CA ASN G 4162 -24.34 26.42 -16.40
C ASN G 4162 -24.06 27.70 -17.10
N PHE G 4163 -22.79 27.93 -17.33
CA PHE G 4163 -22.37 29.04 -18.13
C PHE G 4163 -22.74 28.81 -19.61
N LEU G 4164 -22.77 27.57 -20.04
CA LEU G 4164 -23.07 27.23 -21.42
C LEU G 4164 -24.52 27.46 -21.66
N GLU G 4165 -25.34 27.05 -20.74
CA GLU G 4165 -26.75 27.20 -20.85
C GLU G 4165 -27.09 28.66 -20.82
N LEU G 4166 -26.29 29.41 -20.08
CA LEU G 4166 -26.40 30.84 -20.07
C LEU G 4166 -26.04 31.44 -21.40
N ALA G 4167 -25.13 30.76 -22.08
CA ALA G 4167 -24.66 31.21 -23.35
C ALA G 4167 -25.36 30.43 -24.46
N GLU G 4168 -26.30 29.58 -24.08
CA GLU G 4168 -26.91 28.71 -25.06
C GLU G 4168 -28.01 29.48 -25.81
N SER G 4169 -28.24 30.69 -25.33
CA SER G 4169 -29.27 31.55 -25.78
C SER G 4169 -29.36 31.73 -27.31
N ILE G 4170 -28.23 31.81 -27.99
CA ILE G 4170 -28.24 31.91 -29.47
C ILE G 4170 -27.11 31.06 -30.02
N LEU G 4171 -27.36 29.77 -30.21
CA LEU G 4171 -26.39 28.81 -30.84
C LEU G 4171 -27.03 27.92 -31.88
N GLU G 4172 -28.32 27.99 -31.88
CA GLU G 4172 -29.14 27.11 -32.65
C GLU G 4172 -29.11 27.48 -34.12
N TYR G 4173 -28.95 28.76 -34.36
CA TYR G 4173 -28.80 29.34 -35.69
C TYR G 4173 -27.59 28.76 -36.34
N PHE G 4174 -26.60 28.42 -35.55
CA PHE G 4174 -25.36 28.06 -36.01
C PHE G 4174 -25.19 26.56 -36.30
N ARG G 4175 -26.08 25.72 -35.83
CA ARG G 4175 -25.90 24.28 -36.05
C ARG G 4175 -25.95 23.82 -37.50
N PRO G 4176 -26.86 24.40 -38.31
CA PRO G 4176 -26.77 24.14 -39.72
C PRO G 4176 -25.43 24.33 -40.30
N TYR G 4177 -24.82 25.40 -39.88
CA TYR G 4177 -23.57 25.80 -40.39
C TYR G 4177 -22.52 24.83 -39.85
N LEU G 4178 -22.78 24.18 -38.72
CA LEU G 4178 -21.82 23.30 -38.02
C LEU G 4178 -21.48 22.06 -38.76
N GLY G 4179 -20.20 21.69 -38.69
CA GLY G 4179 -19.76 20.35 -39.06
C GLY G 4179 -18.86 19.75 -38.01
N ARG G 4180 -19.19 18.56 -37.54
CA ARG G 4180 -18.45 17.94 -36.46
C ARG G 4180 -18.16 16.50 -36.68
N ILE G 4181 -16.93 16.13 -36.31
CA ILE G 4181 -16.44 14.78 -36.51
C ILE G 4181 -15.36 14.40 -35.54
N GLU G 4182 -15.27 13.09 -35.32
CA GLU G 4182 -14.19 12.50 -34.60
C GLU G 4182 -13.04 12.35 -35.54
N ILE G 4183 -11.87 12.53 -34.94
CA ILE G 4183 -10.67 12.20 -35.59
C ILE G 4183 -9.63 11.58 -34.65
N MET G 4184 -8.96 10.57 -35.15
CA MET G 4184 -7.96 9.89 -34.44
C MET G 4184 -6.73 10.39 -35.05
N GLY G 4185 -6.24 11.38 -34.35
CA GLY G 4185 -5.12 12.08 -34.84
C GLY G 4185 -3.78 11.43 -34.62
N ALA G 4186 -2.73 12.11 -35.12
CA ALA G 4186 -1.39 11.57 -35.05
C ALA G 4186 -0.77 11.71 -33.64
N SER G 4187 -1.49 11.34 -32.59
CA SER G 4187 -1.01 11.41 -31.21
C SER G 4187 -1.85 10.54 -30.28
N ARG G 4188 -2.58 9.61 -30.87
CA ARG G 4188 -3.23 8.55 -30.10
C ARG G 4188 -4.27 9.00 -29.10
N ARG G 4189 -5.07 9.86 -29.66
CA ARG G 4189 -6.22 10.36 -29.05
C ARG G 4189 -7.18 10.74 -30.14
N ILE G 4190 -8.39 10.77 -29.70
CA ILE G 4190 -9.44 11.09 -30.56
C ILE G 4190 -10.02 12.45 -30.23
N GLU G 4191 -9.62 13.36 -31.06
CA GLU G 4191 -10.12 14.70 -30.95
C GLU G 4191 -11.51 14.79 -31.43
N ARG G 4192 -12.26 15.65 -30.78
CA ARG G 4192 -13.55 15.98 -31.28
C ARG G 4192 -13.48 17.40 -31.88
N ILE G 4193 -12.82 17.52 -33.00
CA ILE G 4193 -12.75 18.82 -33.71
C ILE G 4193 -14.01 19.20 -34.36
N TYR G 4194 -14.16 20.48 -34.57
CA TYR G 4194 -15.27 20.91 -35.36
C TYR G 4194 -14.77 21.67 -36.56
N PHE G 4195 -15.70 21.83 -37.51
CA PHE G 4195 -15.50 22.62 -38.68
C PHE G 4195 -16.78 23.17 -39.32
N GLU G 4196 -16.66 24.28 -39.99
CA GLU G 4196 -17.77 24.92 -40.64
C GLU G 4196 -18.06 24.25 -41.90
N ILE G 4197 -19.33 24.25 -42.25
CA ILE G 4197 -19.77 23.78 -43.56
C ILE G 4197 -20.44 24.90 -44.39
N SER G 4198 -19.97 25.10 -45.62
CA SER G 4198 -20.60 26.03 -46.51
C SER G 4198 -22.01 25.62 -46.81
N GLU G 4199 -22.87 26.60 -46.77
CA GLU G 4199 -24.26 26.37 -46.96
C GLU G 4199 -24.62 26.21 -48.44
N THR G 4200 -23.97 27.00 -49.29
CA THR G 4200 -24.21 26.93 -50.73
C THR G 4200 -23.85 25.55 -51.22
N ASN G 4201 -22.82 24.98 -50.62
CA ASN G 4201 -22.45 23.61 -50.87
C ASN G 4201 -23.45 22.63 -50.29
N ARG G 4202 -23.92 22.95 -49.10
CA ARG G 4202 -24.86 22.08 -48.43
C ARG G 4202 -26.13 21.97 -49.23
N ALA G 4203 -26.51 23.06 -49.86
CA ALA G 4203 -27.72 23.08 -50.66
C ALA G 4203 -27.66 22.19 -51.85
N GLN G 4204 -26.49 22.14 -52.45
CA GLN G 4204 -26.30 21.33 -53.62
C GLN G 4204 -26.37 19.86 -53.28
N TRP G 4205 -25.99 19.53 -52.03
CA TRP G 4205 -25.96 18.17 -51.56
C TRP G 4205 -27.32 17.52 -51.51
N GLU G 4206 -28.33 18.30 -51.28
CA GLU G 4206 -29.59 17.76 -50.86
C GLU G 4206 -30.44 16.88 -51.81
N MET G 4207 -30.28 16.98 -53.12
CA MET G 4207 -31.31 16.44 -54.05
C MET G 4207 -30.88 15.51 -55.20
N PRO G 4208 -29.75 15.80 -55.86
CA PRO G 4208 -29.52 15.08 -57.08
C PRO G 4208 -28.99 13.72 -56.83
N GLN G 4209 -28.03 13.31 -57.66
CA GLN G 4209 -27.38 12.02 -57.53
C GLN G 4209 -26.37 12.15 -56.49
N VAL G 4210 -26.87 12.32 -55.29
CA VAL G 4210 -26.03 12.45 -54.16
C VAL G 4210 -26.58 11.62 -53.08
N LYS G 4211 -27.75 12.00 -52.59
CA LYS G 4211 -28.45 11.27 -51.63
C LYS G 4211 -28.74 9.90 -52.16
N GLU G 4212 -29.08 9.82 -53.44
CA GLU G 4212 -29.24 8.54 -54.04
C GLU G 4212 -27.88 7.89 -54.23
N SER G 4213 -26.89 8.67 -54.63
CA SER G 4213 -25.54 8.15 -54.81
C SER G 4213 -25.03 7.66 -53.50
N LYS G 4214 -25.43 8.33 -52.44
CA LYS G 4214 -25.09 7.87 -51.12
C LYS G 4214 -25.80 6.59 -50.77
N ARG G 4215 -27.05 6.44 -51.22
CA ARG G 4215 -27.73 5.17 -51.05
C ARG G 4215 -26.99 4.14 -51.81
N GLN G 4216 -26.39 4.57 -52.95
CA GLN G 4216 -25.62 3.70 -53.82
C GLN G 4216 -24.38 3.43 -53.16
N PHE G 4217 -23.68 4.46 -52.71
CA PHE G 4217 -22.33 4.29 -52.17
C PHE G 4217 -22.30 3.44 -50.96
N ILE G 4218 -23.28 3.63 -50.12
CA ILE G 4218 -23.37 2.86 -48.93
C ILE G 4218 -23.57 1.40 -49.31
N PHE G 4219 -24.33 1.18 -50.35
CA PHE G 4219 -24.43 -0.13 -50.96
C PHE G 4219 -23.15 -0.54 -51.63
N ASP G 4220 -22.38 0.42 -52.10
CA ASP G 4220 -21.12 0.11 -52.70
C ASP G 4220 -20.13 -0.33 -51.64
N VAL G 4221 -20.37 0.03 -50.39
CA VAL G 4221 -19.47 -0.28 -49.34
C VAL G 4221 -19.96 -1.42 -48.53
N VAL G 4222 -21.17 -1.35 -48.03
CA VAL G 4222 -21.65 -2.36 -47.12
C VAL G 4222 -21.71 -3.72 -47.82
N ASN G 4223 -21.76 -3.69 -49.14
CA ASN G 4223 -21.60 -4.86 -49.92
C ASN G 4223 -20.26 -5.52 -49.69
N GLU G 4224 -19.25 -4.73 -49.32
CA GLU G 4224 -17.96 -5.27 -48.96
C GLU G 4224 -17.25 -4.38 -47.90
N GLY G 4225 -18.03 -3.93 -46.91
CA GLY G 4225 -17.71 -2.83 -45.98
C GLY G 4225 -16.89 -3.09 -44.80
N GLY G 4226 -16.83 -4.35 -44.45
CA GLY G 4226 -16.12 -4.74 -43.25
C GLY G 4226 -14.62 -4.74 -43.46
N GLU G 4227 -14.20 -4.66 -44.73
CA GLU G 4227 -12.79 -4.50 -45.11
C GLU G 4227 -12.36 -3.09 -44.79
N ALA G 4228 -11.09 -2.90 -44.45
CA ALA G 4228 -10.64 -1.58 -43.96
C ALA G 4228 -10.31 -0.75 -45.18
N GLU G 4229 -11.26 -0.74 -46.10
CA GLU G 4229 -11.25 0.21 -47.15
C GLU G 4229 -12.42 1.08 -47.04
N LYS G 4230 -13.11 0.94 -45.94
CA LYS G 4230 -14.16 1.77 -45.49
C LYS G 4230 -13.69 3.18 -45.43
N MET G 4231 -12.49 3.31 -44.98
CA MET G 4231 -11.87 4.53 -44.88
C MET G 4231 -11.48 5.00 -46.24
N GLU G 4232 -11.10 4.06 -47.07
CA GLU G 4232 -10.48 4.36 -48.31
C GLU G 4232 -11.48 4.46 -49.42
N LEU G 4233 -12.49 3.63 -49.40
CA LEU G 4233 -13.45 3.71 -50.47
C LEU G 4233 -14.23 4.99 -50.34
N PHE G 4234 -14.31 5.44 -49.11
CA PHE G 4234 -14.94 6.61 -48.76
C PHE G 4234 -14.31 7.78 -49.37
N VAL G 4235 -13.08 7.66 -49.73
CA VAL G 4235 -12.36 8.78 -50.15
C VAL G 4235 -12.90 9.30 -51.44
N SER G 4236 -13.05 8.41 -52.39
CA SER G 4236 -13.34 8.87 -53.69
C SER G 4236 -14.72 9.51 -53.78
N PHE G 4237 -15.66 8.94 -53.03
CA PHE G 4237 -17.03 9.43 -53.04
C PHE G 4237 -17.14 10.83 -52.64
N CYS G 4238 -16.28 11.19 -51.74
CA CYS G 4238 -16.28 12.49 -51.27
C CYS G 4238 -15.70 13.39 -52.33
N GLU G 4239 -14.59 12.96 -52.87
CA GLU G 4239 -13.92 13.74 -53.86
C GLU G 4239 -14.77 13.79 -55.07
N ASP G 4240 -15.58 12.78 -55.28
CA ASP G 4240 -16.41 12.77 -56.41
C ASP G 4240 -17.59 13.68 -56.28
N THR G 4241 -18.23 13.65 -55.15
CA THR G 4241 -19.37 14.51 -54.98
C THR G 4241 -18.98 15.95 -54.95
N ILE G 4242 -17.78 16.20 -54.48
CA ILE G 4242 -17.24 17.52 -54.57
C ILE G 4242 -17.15 17.93 -55.99
N PHE G 4243 -16.69 17.03 -56.84
CA PHE G 4243 -16.66 17.29 -58.25
C PHE G 4243 -18.04 17.46 -58.79
N GLU G 4244 -18.96 16.74 -58.17
CA GLU G 4244 -20.33 16.90 -58.49
C GLU G 4244 -20.85 18.28 -58.18
N MET G 4245 -20.41 18.83 -57.07
CA MET G 4245 -20.80 20.18 -56.77
C MET G 4245 -20.10 21.15 -57.69
N GLN G 4246 -18.92 20.75 -58.16
CA GLN G 4246 -18.19 21.55 -59.13
C GLN G 4246 -18.97 21.56 -60.43
N ILE G 4247 -19.71 20.51 -60.65
CA ILE G 4247 -20.62 20.48 -61.75
C ILE G 4247 -21.95 21.13 -61.39
N ALA G 4248 -22.40 20.93 -60.14
CA ALA G 4248 -23.69 21.47 -59.72
C ALA G 4248 -23.65 23.01 -59.79
N ALA G 4249 -22.47 23.55 -59.52
CA ALA G 4249 -22.30 25.01 -59.59
C ALA G 4249 -22.50 25.59 -61.01
N GLN G 4250 -22.18 24.77 -61.99
CA GLN G 4250 -22.28 25.15 -63.37
C GLN G 4250 -23.70 25.41 -63.80
N ILE G 4251 -24.66 24.79 -63.11
CA ILE G 4251 -26.07 24.95 -63.44
C ILE G 4251 -26.77 25.88 -62.45
N GLU G 4545 -24.12 31.46 -79.03
CA GLU G 4545 -24.59 30.06 -79.01
C GLU G 4545 -24.84 29.66 -77.54
N VAL G 4546 -24.63 30.61 -76.62
CA VAL G 4546 -24.56 30.25 -75.19
C VAL G 4546 -25.94 29.83 -74.67
N GLN G 4547 -27.01 30.30 -75.33
CA GLN G 4547 -28.42 29.87 -75.00
C GLN G 4547 -28.55 28.40 -75.17
N ARG G 4548 -27.91 27.84 -76.21
CA ARG G 4548 -27.92 26.37 -76.36
C ARG G 4548 -27.21 25.70 -75.15
N VAL G 4549 -26.11 26.30 -74.69
CA VAL G 4549 -25.27 25.72 -73.61
C VAL G 4549 -26.01 25.55 -72.30
N LYS G 4550 -26.62 26.65 -71.88
CA LYS G 4550 -27.35 26.62 -70.64
C LYS G 4550 -28.64 25.76 -70.89
N PHE G 4551 -29.13 25.72 -72.13
CA PHE G 4551 -30.35 24.91 -72.46
C PHE G 4551 -30.05 23.43 -72.31
N LEU G 4552 -28.84 23.05 -72.71
CA LEU G 4552 -28.33 21.72 -72.38
C LEU G 4552 -28.06 21.54 -70.90
N ASN G 4553 -27.71 22.62 -70.24
CA ASN G 4553 -27.59 22.58 -68.82
C ASN G 4553 -28.97 22.43 -68.13
N TYR G 4554 -30.04 22.94 -68.75
CA TYR G 4554 -31.42 22.63 -68.33
C TYR G 4554 -31.66 21.19 -68.51
N LEU G 4555 -30.99 20.60 -69.48
CA LEU G 4555 -31.26 19.26 -69.85
C LEU G 4555 -30.80 18.31 -68.76
N SER G 4556 -29.60 18.55 -68.31
CA SER G 4556 -29.09 17.78 -67.21
C SER G 4556 -29.85 18.10 -65.95
N ARG G 4557 -30.31 19.33 -65.88
CA ARG G 4557 -31.00 19.82 -64.73
C ARG G 4557 -32.28 19.05 -64.52
N ASN G 4558 -32.85 18.57 -65.62
CA ASN G 4558 -34.08 17.78 -65.56
C ASN G 4558 -33.87 16.35 -66.08
N PHE G 4559 -32.62 15.91 -66.00
CA PHE G 4559 -32.23 14.69 -66.66
C PHE G 4559 -32.97 13.42 -66.27
N TYR G 4560 -33.34 13.34 -65.00
CA TYR G 4560 -34.02 12.14 -64.56
C TYR G 4560 -35.49 12.05 -64.92
N THR G 4561 -36.20 13.16 -64.76
CA THR G 4561 -37.63 13.15 -65.01
C THR G 4561 -37.90 12.93 -66.51
N LEU G 4562 -37.07 13.52 -67.39
CA LEU G 4562 -37.14 13.25 -68.86
C LEU G 4562 -36.85 11.85 -69.20
N ARG G 4563 -35.94 11.29 -68.46
CA ARG G 4563 -35.59 9.94 -68.65
C ARG G 4563 -36.73 9.06 -68.16
N PHE G 4564 -37.43 9.55 -67.17
CA PHE G 4564 -38.48 8.77 -66.52
C PHE G 4564 -39.74 8.76 -67.35
N LEU G 4565 -40.22 9.94 -67.76
CA LEU G 4565 -41.37 10.05 -68.68
C LEU G 4565 -41.15 9.43 -70.06
N ALA G 4566 -39.95 9.44 -70.55
CA ALA G 4566 -39.73 8.94 -71.87
C ALA G 4566 -39.99 7.47 -72.00
N LEU G 4567 -39.67 6.80 -70.93
CA LEU G 4567 -39.93 5.43 -70.92
C LEU G 4567 -41.43 5.24 -70.88
N PHE G 4568 -42.10 6.12 -70.16
CA PHE G 4568 -43.51 6.02 -70.06
C PHE G 4568 -44.16 6.32 -71.41
N LEU G 4569 -43.45 7.05 -72.25
CA LEU G 4569 -43.89 7.25 -73.62
C LEU G 4569 -43.89 6.04 -74.45
N ALA G 4570 -42.76 5.41 -74.40
CA ALA G 4570 -42.64 4.21 -75.15
C ALA G 4570 -43.58 3.14 -74.60
N PHE G 4571 -43.79 3.15 -73.30
CA PHE G 4571 -44.69 2.20 -72.71
C PHE G 4571 -46.08 2.47 -73.16
N ALA G 4572 -46.39 3.74 -73.25
CA ALA G 4572 -47.68 4.14 -73.82
C ALA G 4572 -47.76 3.74 -75.28
N ILE G 4573 -46.62 3.77 -75.99
CA ILE G 4573 -46.53 3.35 -77.40
C ILE G 4573 -46.84 1.96 -77.57
N ASN G 4574 -46.17 1.17 -76.81
CA ASN G 4574 -46.23 -0.23 -76.95
C ASN G 4574 -47.65 -0.78 -76.65
N PHE G 4575 -48.31 -0.10 -75.73
CA PHE G 4575 -49.76 -0.37 -75.45
C PHE G 4575 -50.61 -0.04 -76.63
N ILE G 4576 -50.21 1.00 -77.28
CA ILE G 4576 -50.96 1.46 -78.33
C ILE G 4576 -50.37 0.89 -79.59
N LEU G 4577 -49.23 0.26 -79.49
CA LEU G 4577 -48.66 -0.42 -80.60
C LEU G 4577 -49.30 -1.72 -80.78
N LEU G 4578 -50.14 -2.04 -79.82
CA LEU G 4578 -50.92 -3.19 -79.90
C LEU G 4578 -52.10 -3.11 -80.92
N PHE G 4579 -51.87 -2.74 -82.17
CA PHE G 4579 -53.00 -2.59 -83.10
C PHE G 4579 -52.75 -2.96 -84.57
N TYR G 4580 -51.53 -2.81 -85.07
CA TYR G 4580 -51.32 -2.93 -86.56
C TYR G 4580 -51.62 -4.33 -87.13
N LYS G 4581 -52.16 -4.39 -88.32
CA LYS G 4581 -52.41 -5.62 -88.98
C LYS G 4581 -52.34 -5.58 -90.44
N VAL G 4582 -51.55 -6.49 -90.97
CA VAL G 4582 -51.52 -6.62 -92.43
C VAL G 4582 -52.89 -7.15 -93.05
N SER G 4583 -53.28 -6.66 -94.25
CA SER G 4583 -54.57 -6.97 -94.98
C SER G 4583 -54.54 -8.36 -95.54
N VAL G 4628 -50.24 -6.13 -98.84
CA VAL G 4628 -50.27 -6.93 -97.63
C VAL G 4628 -50.39 -5.95 -96.41
N TYR G 4629 -49.41 -5.02 -96.25
CA TYR G 4629 -49.35 -4.13 -95.03
C TYR G 4629 -50.54 -3.16 -94.91
N TYR G 4630 -50.95 -2.97 -93.63
CA TYR G 4630 -52.05 -2.05 -93.16
C TYR G 4630 -52.06 -1.85 -91.58
N PHE G 4631 -52.62 -0.75 -91.04
CA PHE G 4631 -52.70 -0.52 -89.58
C PHE G 4631 -54.12 -0.39 -89.09
N LEU G 4632 -54.51 -1.19 -88.11
CA LEU G 4632 -55.84 -1.14 -87.49
C LEU G 4632 -55.91 -0.13 -86.34
N GLU G 4633 -56.22 1.09 -86.68
CA GLU G 4633 -56.61 2.04 -85.67
C GLU G 4633 -58.06 1.75 -85.20
N GLU G 4634 -58.38 2.02 -83.95
CA GLU G 4634 -59.75 1.87 -83.48
C GLU G 4634 -60.60 3.13 -83.80
N SER G 4635 -60.68 4.02 -82.82
CA SER G 4635 -61.57 5.15 -82.81
C SER G 4635 -60.91 6.39 -83.41
N THR G 4636 -60.01 7.04 -82.67
CA THR G 4636 -59.41 8.31 -83.09
C THR G 4636 -58.58 8.14 -84.36
N GLY G 4637 -58.62 9.10 -85.29
CA GLY G 4637 -57.84 8.96 -86.53
C GLY G 4637 -56.38 9.36 -86.40
N TYR G 4638 -56.04 9.98 -85.27
CA TYR G 4638 -54.78 10.67 -85.15
C TYR G 4638 -53.65 9.89 -84.45
N MET G 4639 -53.91 8.68 -83.99
CA MET G 4639 -52.89 7.87 -83.33
C MET G 4639 -51.69 7.45 -84.15
N GLU G 4640 -51.95 6.90 -85.33
CA GLU G 4640 -50.85 6.58 -86.20
C GLU G 4640 -50.16 7.85 -86.66
N PRO G 4641 -50.95 8.87 -87.08
CA PRO G 4641 -50.22 10.12 -87.44
C PRO G 4641 -49.42 10.71 -86.28
N ALA G 4642 -49.92 10.58 -85.03
CA ALA G 4642 -49.15 11.03 -83.86
C ALA G 4642 -47.91 10.16 -83.75
N LEU G 4643 -48.06 8.88 -84.06
CA LEU G 4643 -46.95 7.95 -84.01
C LEU G 4643 -45.93 8.23 -85.11
N TRP G 4644 -46.32 8.90 -86.20
CA TRP G 4644 -45.38 9.37 -87.26
C TRP G 4644 -44.44 10.34 -86.53
N CYS G 4645 -44.99 11.05 -85.55
CA CYS G 4645 -44.22 11.96 -84.75
C CYS G 4645 -43.77 11.34 -83.40
N LEU G 4646 -44.58 10.47 -82.82
CA LEU G 4646 -44.26 9.90 -81.52
C LEU G 4646 -43.07 9.06 -81.56
N SER G 4647 -42.83 8.49 -82.74
CA SER G 4647 -41.61 7.73 -82.96
C SER G 4647 -40.45 8.65 -82.74
N LEU G 4648 -40.48 9.71 -83.49
CA LEU G 4648 -39.48 10.70 -83.39
C LEU G 4648 -39.59 11.44 -82.07
N LEU G 4649 -40.77 11.57 -81.49
CA LEU G 4649 -40.92 12.22 -80.22
C LEU G 4649 -40.22 11.46 -79.18
N HIS G 4650 -40.22 10.16 -79.34
CA HIS G 4650 -39.45 9.36 -78.44
C HIS G 4650 -37.99 9.39 -78.81
N THR G 4651 -37.76 9.36 -80.11
CA THR G 4651 -36.42 9.40 -80.61
C THR G 4651 -35.75 10.74 -80.28
N LEU G 4652 -36.52 11.81 -80.23
CA LEU G 4652 -36.01 13.13 -79.93
C LEU G 4652 -35.35 13.16 -78.58
N VAL G 4653 -35.98 12.45 -77.66
CA VAL G 4653 -35.43 12.41 -76.33
C VAL G 4653 -34.17 11.61 -76.31
N ALA G 4654 -34.16 10.56 -77.10
CA ALA G 4654 -32.98 9.76 -77.22
C ALA G 4654 -31.85 10.54 -77.76
N PHE G 4655 -32.17 11.39 -78.72
CA PHE G 4655 -31.18 12.29 -79.24
C PHE G 4655 -30.79 13.34 -78.20
N LEU G 4656 -31.73 13.57 -77.28
CA LEU G 4656 -31.58 14.56 -76.24
C LEU G 4656 -30.80 14.12 -75.04
N CYS G 4657 -31.06 12.93 -74.62
CA CYS G 4657 -30.58 12.54 -73.32
C CYS G 4657 -29.14 12.24 -73.33
N ILE G 4658 -28.73 11.63 -74.45
CA ILE G 4658 -27.38 11.16 -74.55
C ILE G 4658 -26.39 12.27 -74.57
N ILE G 4659 -26.78 13.34 -75.20
CA ILE G 4659 -25.90 14.45 -75.27
C ILE G 4659 -25.74 15.12 -73.90
N GLY G 4660 -26.77 15.01 -73.06
CA GLY G 4660 -26.69 15.57 -71.72
C GLY G 4660 -25.90 14.73 -70.77
N TYR G 4661 -25.92 13.43 -71.01
CA TYR G 4661 -25.08 12.55 -70.20
C TYR G 4661 -23.65 12.84 -70.42
N ASN G 4662 -23.35 13.31 -71.62
CA ASN G 4662 -22.02 13.78 -71.96
C ASN G 4662 -21.63 14.98 -71.10
N CYS G 4663 -22.62 15.77 -70.73
CA CYS G 4663 -22.40 16.83 -69.78
C CYS G 4663 -22.58 16.34 -68.37
N LEU G 4664 -22.99 15.09 -68.17
CA LEU G 4664 -23.34 14.66 -66.86
C LEU G 4664 -22.29 13.81 -66.25
N LYS G 4665 -22.51 12.52 -66.34
CA LYS G 4665 -21.62 11.62 -65.70
C LYS G 4665 -20.30 11.47 -66.44
N VAL G 4666 -20.34 11.79 -67.71
CA VAL G 4666 -19.17 11.62 -68.51
C VAL G 4666 -17.99 12.44 -68.02
N PRO G 4667 -18.19 13.74 -67.79
CA PRO G 4667 -17.05 14.42 -67.28
C PRO G 4667 -16.72 13.87 -65.88
N LEU G 4668 -17.69 13.31 -65.21
CA LEU G 4668 -17.46 12.67 -63.93
C LEU G 4668 -16.71 11.38 -64.04
N VAL G 4669 -17.09 10.56 -64.98
CA VAL G 4669 -16.42 9.33 -65.02
C VAL G 4669 -15.04 9.50 -65.53
N ILE G 4670 -14.85 10.53 -66.34
CA ILE G 4670 -13.52 10.91 -66.73
C ILE G 4670 -12.75 11.36 -65.52
N PHE G 4671 -13.37 12.17 -64.71
CA PHE G 4671 -12.77 12.59 -63.50
C PHE G 4671 -12.51 11.43 -62.55
N LYS G 4672 -13.40 10.48 -62.58
CA LYS G 4672 -13.25 9.36 -61.75
C LYS G 4672 -12.02 8.58 -62.20
N ARG G 4673 -11.95 8.35 -63.48
CA ARG G 4673 -10.83 7.71 -64.10
C ARG G 4673 -9.60 8.50 -63.96
N GLU G 4674 -9.78 9.80 -63.94
CA GLU G 4674 -8.66 10.69 -63.92
C GLU G 4674 -7.89 10.52 -62.67
N LYS G 4675 -8.59 10.21 -61.58
CA LYS G 4675 -7.90 9.95 -60.34
C LYS G 4675 -7.35 8.56 -60.38
N GLU G 4676 -8.13 7.65 -60.94
CA GLU G 4676 -7.82 6.27 -60.86
C GLU G 4676 -6.54 5.90 -61.46
N LEU G 4677 -6.14 6.60 -62.48
CA LEU G 4677 -4.86 6.30 -62.97
C LEU G 4677 -3.82 7.09 -62.26
N ALA G 4678 -4.16 8.33 -62.00
CA ALA G 4678 -3.24 9.20 -61.41
C ALA G 4678 -2.88 8.82 -60.00
N ARG G 4679 -3.83 8.32 -59.26
CA ARG G 4679 -3.53 7.96 -57.91
C ARG G 4679 -2.58 6.77 -57.90
N LYS G 4680 -2.69 5.92 -58.91
CA LYS G 4680 -1.81 4.81 -59.02
C LYS G 4680 -0.38 5.23 -59.23
N LEU G 4681 -0.20 6.31 -59.97
CA LEU G 4681 1.09 6.76 -60.20
C LEU G 4681 1.71 7.33 -58.96
N GLU G 4682 0.88 7.85 -58.08
CA GLU G 4682 1.36 8.48 -56.86
C GLU G 4682 2.04 7.49 -55.96
N PHE G 4683 1.63 6.23 -56.07
CA PHE G 4683 2.13 5.21 -55.21
C PHE G 4683 2.79 4.08 -55.93
N ASP G 4684 2.20 3.69 -57.03
CA ASP G 4684 2.64 2.52 -57.74
C ASP G 4684 3.50 2.85 -58.95
N GLY G 4685 2.99 3.70 -59.81
CA GLY G 4685 3.79 4.06 -60.96
C GLY G 4685 3.82 2.94 -61.91
N LEU G 4686 2.68 2.34 -62.19
CA LEU G 4686 2.69 1.11 -62.95
C LEU G 4686 3.27 1.20 -64.34
N TYR G 4687 3.05 2.33 -64.99
CA TYR G 4687 3.67 2.54 -66.27
C TYR G 4687 5.17 2.71 -66.12
N ILE G 4688 5.62 3.25 -64.98
CA ILE G 4688 7.03 3.22 -64.63
C ILE G 4688 7.49 1.83 -64.32
N THR G 4689 6.56 1.01 -63.85
CA THR G 4689 6.93 -0.27 -63.31
C THR G 4689 5.99 -1.36 -63.76
N GLU G 4690 4.89 -1.54 -63.05
CA GLU G 4690 4.00 -2.70 -63.28
C GLU G 4690 3.07 -2.48 -64.45
N GLN G 4691 3.66 -2.37 -65.62
CA GLN G 4691 2.90 -2.08 -66.78
C GLN G 4691 2.03 -3.25 -67.26
N PRO G 4692 0.83 -2.89 -67.68
CA PRO G 4692 -0.01 -3.72 -68.40
C PRO G 4692 0.46 -4.17 -69.79
N GLY G 4693 0.08 -5.37 -70.21
CA GLY G 4693 -0.06 -5.67 -71.66
C GLY G 4693 -1.56 -5.63 -72.11
N ASP G 4694 -2.03 -6.54 -72.99
CA ASP G 4694 -3.52 -6.76 -73.16
C ASP G 4694 -4.05 -7.37 -71.82
N ASP G 4695 -3.17 -8.07 -71.07
CA ASP G 4695 -3.41 -8.41 -69.65
C ASP G 4695 -3.42 -7.12 -68.83
N ASP G 4696 -4.09 -7.10 -67.70
CA ASP G 4696 -4.29 -5.85 -66.93
C ASP G 4696 -4.98 -4.83 -67.92
N VAL G 4697 -6.07 -5.30 -68.51
CA VAL G 4697 -6.61 -4.80 -69.77
C VAL G 4697 -6.90 -3.34 -69.84
N LYS G 4698 -7.33 -2.76 -68.72
CA LYS G 4698 -7.77 -1.40 -68.76
C LYS G 4698 -6.75 -0.48 -69.19
N GLY G 4699 -5.53 -0.86 -68.91
CA GLY G 4699 -4.46 -0.03 -69.11
C GLY G 4699 -3.98 0.02 -70.50
N GLN G 4700 -4.45 -0.83 -71.42
CA GLN G 4700 -3.95 -0.79 -72.79
C GLN G 4700 -4.28 0.52 -73.50
N TRP G 4701 -5.56 0.96 -73.44
CA TRP G 4701 -5.97 2.31 -73.95
C TRP G 4701 -5.30 3.36 -73.13
N ASP G 4702 -5.05 3.06 -71.88
CA ASP G 4702 -4.59 4.07 -70.96
C ASP G 4702 -3.14 4.42 -71.05
N ARG G 4703 -2.41 3.62 -71.79
CA ARG G 4703 -0.98 3.88 -71.95
C ARG G 4703 -0.76 5.16 -72.65
N LEU G 4704 -1.47 5.32 -73.75
CA LEU G 4704 -1.26 6.43 -74.65
C LEU G 4704 -1.65 7.79 -74.00
N VAL G 4705 -2.60 7.76 -73.08
CA VAL G 4705 -3.17 8.97 -72.59
C VAL G 4705 -2.19 9.81 -71.79
N LEU G 4706 -1.28 9.15 -71.12
CA LEU G 4706 -0.33 9.92 -70.34
C LEU G 4706 0.56 10.82 -71.13
N ASN G 4707 0.74 10.45 -72.36
CA ASN G 4707 1.62 11.19 -73.20
C ASN G 4707 1.10 12.56 -73.47
N THR G 4708 -0.22 12.64 -73.48
CA THR G 4708 -0.93 13.88 -73.73
C THR G 4708 -0.75 14.85 -72.59
N PRO G 4709 -0.60 16.14 -72.96
CA PRO G 4709 -0.57 17.25 -72.05
C PRO G 4709 -1.74 17.29 -71.06
N SER G 4710 -2.88 16.96 -71.62
CA SER G 4710 -4.14 17.31 -71.03
C SER G 4710 -4.74 16.16 -70.21
N PHE G 4711 -3.90 15.17 -69.91
CA PHE G 4711 -4.28 13.99 -69.10
C PHE G 4711 -4.95 14.40 -67.80
N PRO G 4712 -4.32 15.34 -67.09
CA PRO G 4712 -5.06 15.76 -65.96
C PRO G 4712 -6.04 16.85 -66.38
N SER G 4713 -7.11 16.48 -67.08
CA SER G 4713 -8.07 17.46 -67.56
C SER G 4713 -8.89 18.16 -66.46
N ASN G 4714 -9.21 17.45 -65.38
CA ASN G 4714 -10.12 17.96 -64.35
C ASN G 4714 -9.90 17.46 -62.91
N TYR G 4715 -8.67 17.05 -62.58
CA TYR G 4715 -8.40 16.44 -61.26
C TYR G 4715 -8.14 17.45 -60.16
N TRP G 4716 -8.11 18.73 -60.50
CA TRP G 4716 -7.90 19.81 -59.52
C TRP G 4716 -6.67 19.67 -58.64
N ASP G 4717 -5.79 18.70 -58.93
CA ASP G 4717 -4.41 18.71 -58.47
C ASP G 4717 -3.59 18.45 -59.71
N LYS G 4718 -3.97 19.16 -60.77
CA LYS G 4718 -3.54 18.90 -62.10
C LYS G 4718 -2.10 19.24 -62.34
N PHE G 4719 -1.23 18.64 -61.55
CA PHE G 4719 0.21 18.89 -61.65
C PHE G 4719 0.98 17.65 -61.28
N VAL G 4720 0.23 16.57 -61.32
CA VAL G 4720 0.68 15.35 -60.80
C VAL G 4720 1.82 14.82 -61.63
N LYS G 4721 1.79 15.15 -62.92
CA LYS G 4721 2.77 14.67 -63.84
C LYS G 4721 4.16 15.15 -63.35
N ARG G 4722 4.19 16.33 -62.76
CA ARG G 4722 5.43 16.83 -62.20
C ARG G 4722 5.72 16.18 -60.86
N LYS G 4723 4.68 15.89 -60.11
CA LYS G 4723 4.88 15.12 -58.87
C LYS G 4723 5.29 13.68 -59.05
N VAL G 4724 4.89 13.12 -60.15
CA VAL G 4724 5.26 11.79 -60.40
C VAL G 4724 6.74 11.66 -60.72
N LEU G 4725 7.27 12.62 -61.50
CA LEU G 4725 8.66 12.60 -61.86
C LEU G 4725 9.50 12.81 -60.60
N ASP G 4726 8.92 13.44 -59.59
CA ASP G 4726 9.57 13.70 -58.30
C ASP G 4726 9.99 12.45 -57.57
N LYS G 4727 9.22 11.39 -57.76
CA LYS G 4727 9.50 10.18 -57.09
C LYS G 4727 10.11 9.12 -58.00
N HIS G 4728 9.37 8.69 -59.02
CA HIS G 4728 9.86 7.63 -59.89
C HIS G 4728 10.98 8.04 -60.82
N GLY G 4729 11.16 9.34 -60.99
CA GLY G 4729 12.15 9.86 -61.91
C GLY G 4729 13.57 9.64 -61.49
N ASP G 4730 13.87 9.67 -60.18
CA ASP G 4730 15.24 9.46 -59.68
C ASP G 4730 15.70 8.03 -59.93
N ILE G 4731 14.77 7.07 -59.91
CA ILE G 4731 15.11 5.68 -60.17
C ILE G 4731 15.56 5.53 -61.59
N PHE G 4732 14.98 6.35 -62.46
CA PHE G 4732 15.30 6.36 -63.86
C PHE G 4732 15.87 7.69 -64.26
N GLY G 4733 15.74 8.04 -65.53
CA GLY G 4733 16.12 9.35 -65.97
C GLY G 4733 15.11 10.28 -65.44
N ARG G 4734 15.54 11.42 -64.94
CA ARG G 4734 14.58 12.43 -64.54
C ARG G 4734 13.88 12.95 -65.75
N GLU G 4735 14.59 13.04 -66.88
CA GLU G 4735 13.99 13.48 -68.16
C GLU G 4735 13.51 12.23 -69.00
N ARG G 4736 14.03 11.05 -68.69
CA ARG G 4736 13.52 9.86 -69.32
C ARG G 4736 12.06 9.55 -68.92
N ILE G 4737 11.70 9.90 -67.72
CA ILE G 4737 10.31 9.84 -67.29
C ILE G 4737 9.53 10.97 -67.93
N ALA G 4738 10.19 12.11 -68.11
CA ALA G 4738 9.62 13.25 -68.84
C ALA G 4738 9.48 12.99 -70.31
N GLU G 4739 10.34 12.10 -70.81
CA GLU G 4739 10.20 11.61 -72.17
C GLU G 4739 8.90 10.85 -72.26
N LEU G 4740 8.55 10.14 -71.19
CA LEU G 4740 7.29 9.51 -71.11
C LEU G 4740 6.18 10.54 -70.95
N LEU G 4741 6.50 11.68 -70.34
CA LEU G 4741 5.51 12.64 -69.90
C LEU G 4741 5.72 14.06 -70.42
N GLY G 4742 6.44 14.90 -69.71
CA GLY G 4742 6.65 16.31 -70.10
C GLY G 4742 8.02 16.59 -70.69
N LEU G 4765 -13.69 28.10 -86.35
CA LEU G 4765 -13.46 28.85 -85.10
C LEU G 4765 -12.02 28.62 -84.60
N THR G 4766 -11.52 29.50 -83.71
CA THR G 4766 -10.21 29.31 -83.02
C THR G 4766 -10.16 27.99 -82.25
N TRP G 4767 -11.33 27.63 -81.70
CA TRP G 4767 -11.57 26.47 -80.88
C TRP G 4767 -11.08 25.15 -81.54
N LEU G 4768 -11.31 25.02 -82.89
CA LEU G 4768 -10.96 23.81 -83.70
C LEU G 4768 -9.49 23.39 -83.64
N MET G 4769 -8.60 24.38 -83.64
CA MET G 4769 -7.20 24.07 -83.81
C MET G 4769 -6.56 23.72 -82.44
N SER G 4770 -7.28 23.95 -81.33
CA SER G 4770 -6.71 23.75 -79.97
C SER G 4770 -6.94 22.33 -79.44
N ILE G 4771 -7.99 22.14 -78.66
CA ILE G 4771 -8.57 20.81 -78.31
C ILE G 4771 -7.65 19.66 -77.83
N ASP G 4772 -6.42 19.58 -78.36
CA ASP G 4772 -5.45 18.54 -77.95
C ASP G 4772 -5.92 17.07 -78.27
N VAL G 4773 -5.22 16.47 -79.19
CA VAL G 4773 -5.77 15.37 -79.95
C VAL G 4773 -5.80 13.99 -79.25
N LYS G 4774 -4.65 13.50 -78.79
CA LYS G 4774 -4.59 12.04 -78.44
C LYS G 4774 -5.37 11.68 -77.21
N TYR G 4775 -5.61 12.66 -76.41
CA TYR G 4775 -6.39 12.46 -75.27
C TYR G 4775 -7.74 12.08 -75.65
N GLN G 4776 -8.19 12.66 -76.75
CA GLN G 4776 -9.53 12.45 -77.16
C GLN G 4776 -9.85 10.98 -77.51
N ILE G 4777 -8.91 10.36 -78.22
CA ILE G 4777 -9.19 8.99 -78.64
C ILE G 4777 -9.30 8.04 -77.45
N TRP G 4778 -8.54 8.33 -76.42
CA TRP G 4778 -8.72 7.66 -75.17
C TRP G 4778 -10.00 8.10 -74.53
N LYS G 4779 -10.38 9.33 -74.77
CA LYS G 4779 -11.50 9.85 -74.05
C LYS G 4779 -12.78 9.26 -74.57
N PHE G 4780 -12.90 9.23 -75.90
CA PHE G 4780 -14.01 8.54 -76.51
C PHE G 4780 -13.96 7.01 -76.18
N GLY G 4781 -12.74 6.53 -75.93
CA GLY G 4781 -12.52 5.15 -75.56
C GLY G 4781 -13.09 4.82 -74.22
N VAL G 4782 -12.95 5.77 -73.31
CA VAL G 4782 -13.55 5.63 -72.02
C VAL G 4782 -15.06 5.74 -72.10
N ILE G 4783 -15.49 6.48 -73.07
CA ILE G 4783 -16.87 6.63 -73.22
C ILE G 4783 -17.50 5.32 -73.61
N PHE G 4784 -16.76 4.51 -74.39
CA PHE G 4784 -17.21 3.18 -74.73
C PHE G 4784 -17.26 2.28 -73.50
N THR G 4785 -16.43 2.54 -72.50
CA THR G 4785 -16.33 1.66 -71.36
C THR G 4785 -17.57 1.63 -70.51
N ASP G 4786 -18.29 2.73 -70.51
CA ASP G 4786 -19.45 2.86 -69.68
C ASP G 4786 -20.50 1.91 -70.05
N ASN G 4787 -21.05 1.30 -69.03
CA ASN G 4787 -22.17 0.45 -69.25
C ASN G 4787 -23.42 1.24 -69.69
N SER G 4788 -23.61 2.40 -69.08
CA SER G 4788 -24.74 3.27 -69.37
C SER G 4788 -24.76 3.87 -70.73
N PHE G 4789 -23.59 4.12 -71.24
CA PHE G 4789 -23.56 4.81 -72.43
C PHE G 4789 -24.04 3.90 -73.55
N LEU G 4790 -23.54 2.66 -73.61
CA LEU G 4790 -24.09 1.58 -74.54
C LEU G 4790 -25.51 1.34 -74.21
N TYR G 4791 -25.86 1.47 -72.93
CA TYR G 4791 -27.20 1.20 -72.52
C TYR G 4791 -28.16 2.19 -73.11
N LEU G 4792 -27.65 3.39 -73.32
CA LEU G 4792 -28.38 4.34 -74.13
C LEU G 4792 -28.00 4.19 -75.59
N GLY G 4793 -26.78 3.78 -75.82
CA GLY G 4793 -26.29 3.63 -77.19
C GLY G 4793 -26.96 2.50 -77.97
N TRP G 4794 -27.21 1.41 -77.30
CA TRP G 4794 -27.93 0.31 -77.92
C TRP G 4794 -29.41 0.68 -77.99
N TYR G 4795 -29.76 1.63 -77.15
CA TYR G 4795 -31.09 2.11 -77.08
C TYR G 4795 -31.34 3.07 -78.17
N MET G 4796 -30.46 4.03 -78.32
CA MET G 4796 -30.67 5.06 -79.24
C MET G 4796 -30.65 4.66 -80.62
N VAL G 4797 -29.88 3.64 -80.89
CA VAL G 4797 -29.78 3.18 -82.25
C VAL G 4797 -31.13 2.68 -82.75
N MET G 4798 -31.87 2.10 -81.84
CA MET G 4798 -33.15 1.60 -82.21
C MET G 4798 -34.14 2.73 -82.48
N SER G 4799 -33.90 3.88 -81.89
CA SER G 4799 -34.81 4.98 -82.03
C SER G 4799 -34.95 5.46 -83.45
N LEU G 4800 -33.84 5.39 -84.18
CA LEU G 4800 -33.83 5.76 -85.61
C LEU G 4800 -34.49 4.65 -86.37
N LEU G 4801 -34.54 3.46 -85.77
CA LEU G 4801 -35.09 2.33 -86.45
C LEU G 4801 -36.61 2.32 -86.43
N GLY G 4802 -37.19 3.19 -85.63
CA GLY G 4802 -38.61 3.35 -85.66
C GLY G 4802 -39.03 4.01 -86.94
N HIS G 4803 -38.16 4.87 -87.48
CA HIS G 4803 -38.29 5.45 -88.84
C HIS G 4803 -38.18 4.35 -89.88
N TYR G 4804 -37.47 3.27 -89.54
CA TYR G 4804 -37.33 2.07 -90.43
C TYR G 4804 -38.44 1.09 -90.18
N ASN G 4805 -38.87 0.98 -88.92
CA ASN G 4805 -39.88 0.03 -88.49
C ASN G 4805 -40.18 0.23 -86.98
N ASN G 4806 -41.41 0.58 -86.73
CA ASN G 4806 -41.87 0.91 -85.42
C ASN G 4806 -41.95 -0.27 -84.43
N PHE G 4807 -41.96 -1.49 -84.93
CA PHE G 4807 -42.13 -2.65 -84.05
C PHE G 4807 -40.85 -3.16 -83.55
N PHE G 4808 -39.78 -3.01 -84.31
CA PHE G 4808 -38.48 -3.29 -83.74
C PHE G 4808 -38.22 -2.18 -82.72
N PHE G 4809 -38.90 -1.05 -82.94
CA PHE G 4809 -38.83 0.14 -82.12
C PHE G 4809 -39.48 -0.06 -80.73
N ALA G 4810 -40.16 -1.12 -80.57
CA ALA G 4810 -40.76 -1.35 -79.32
C ALA G 4810 -39.76 -1.63 -78.15
N ALA G 4811 -38.59 -2.10 -78.50
CA ALA G 4811 -37.77 -2.79 -77.50
C ALA G 4811 -37.16 -1.77 -76.52
N HIS G 4812 -37.43 -0.48 -76.71
CA HIS G 4812 -37.09 0.57 -75.76
C HIS G 4812 -37.63 0.28 -74.37
N LEU G 4813 -38.71 -0.46 -74.31
CA LEU G 4813 -39.30 -0.82 -73.06
C LEU G 4813 -38.41 -1.53 -72.13
N LEU G 4814 -37.34 -2.10 -72.67
CA LEU G 4814 -36.36 -2.86 -71.92
C LEU G 4814 -35.64 -2.04 -70.94
N ASP G 4815 -35.75 -0.73 -71.12
CA ASP G 4815 -35.06 0.22 -70.32
C ASP G 4815 -35.58 0.13 -68.91
N ILE G 4816 -36.73 -0.48 -68.76
CA ILE G 4816 -37.35 -0.64 -67.51
C ILE G 4816 -36.51 -1.44 -66.56
N ALA G 4817 -35.62 -2.24 -67.06
CA ALA G 4817 -34.87 -3.11 -66.23
C ALA G 4817 -34.00 -2.33 -65.16
N MET G 4818 -33.57 -1.12 -65.54
CA MET G 4818 -32.90 -0.20 -64.62
C MET G 4818 -33.91 0.61 -63.80
N GLY G 4819 -35.20 0.48 -64.10
CA GLY G 4819 -36.27 1.22 -63.42
C GLY G 4819 -36.95 0.25 -62.49
N VAL G 4820 -36.91 0.65 -61.25
CA VAL G 4820 -35.70 1.09 -60.63
C VAL G 4820 -34.74 0.07 -60.11
N LYS G 4821 -34.46 0.10 -58.83
CA LYS G 4821 -33.56 -0.90 -58.26
C LYS G 4821 -34.26 -2.25 -58.18
N THR G 4822 -35.56 -2.20 -58.03
CA THR G 4822 -36.35 -3.35 -57.80
C THR G 4822 -36.28 -4.23 -59.00
N LEU G 4823 -36.16 -3.68 -60.18
CA LEU G 4823 -35.97 -4.47 -61.38
C LEU G 4823 -34.56 -4.69 -61.70
N ARG G 4824 -33.72 -3.77 -61.29
CA ARG G 4824 -32.30 -3.95 -61.48
C ARG G 4824 -31.82 -5.13 -60.65
N THR G 4825 -32.51 -5.43 -59.56
CA THR G 4825 -32.27 -6.61 -58.78
C THR G 4825 -32.43 -7.87 -59.56
N ILE G 4826 -33.35 -7.82 -60.43
CA ILE G 4826 -33.67 -8.99 -61.06
C ILE G 4826 -32.56 -9.40 -62.06
N LEU G 4827 -32.10 -8.46 -62.86
CA LEU G 4827 -31.02 -8.73 -63.78
C LEU G 4827 -29.78 -9.07 -63.05
N SER G 4828 -29.64 -8.46 -61.90
CA SER G 4828 -28.50 -8.74 -61.10
C SER G 4828 -28.54 -10.21 -60.61
N SER G 4829 -29.76 -10.67 -60.33
CA SER G 4829 -30.01 -12.04 -59.95
C SER G 4829 -29.57 -13.03 -60.96
N VAL G 4830 -29.78 -12.62 -62.17
CA VAL G 4830 -29.56 -13.52 -63.24
C VAL G 4830 -28.14 -13.97 -63.34
N THR G 4831 -27.22 -13.10 -63.00
CA THR G 4831 -25.88 -13.37 -63.40
C THR G 4831 -24.81 -12.80 -62.50
N HIS G 4832 -25.14 -12.37 -61.26
CA HIS G 4832 -24.06 -12.09 -60.33
C HIS G 4832 -23.38 -13.41 -59.98
N ASN G 4833 -24.19 -14.48 -60.07
CA ASN G 4833 -23.74 -15.79 -59.81
C ASN G 4833 -24.00 -16.68 -60.99
N GLY G 4834 -23.87 -16.13 -62.17
CA GLY G 4834 -24.16 -16.82 -63.38
C GLY G 4834 -22.98 -17.66 -63.88
N LYS G 4835 -21.82 -17.48 -63.29
CA LYS G 4835 -20.70 -18.32 -63.71
C LYS G 4835 -20.98 -19.77 -63.22
N GLN G 4836 -21.81 -19.90 -62.19
CA GLN G 4836 -22.34 -21.20 -61.83
C GLN G 4836 -23.25 -21.78 -62.85
N LEU G 4837 -23.87 -20.90 -63.56
CA LEU G 4837 -24.82 -21.32 -64.46
C LEU G 4837 -24.25 -22.08 -65.60
N VAL G 4838 -22.95 -21.98 -65.81
CA VAL G 4838 -22.35 -22.54 -67.00
C VAL G 4838 -22.64 -24.01 -67.15
N MET G 4839 -22.69 -24.66 -66.03
CA MET G 4839 -22.83 -26.07 -66.03
C MET G 4839 -24.20 -26.54 -66.41
N THR G 4840 -25.15 -25.71 -66.18
CA THR G 4840 -26.47 -26.17 -66.14
C THR G 4840 -27.04 -26.57 -67.47
N VAL G 4841 -26.90 -25.72 -68.46
CA VAL G 4841 -27.32 -26.04 -69.82
C VAL G 4841 -26.39 -27.14 -70.33
N GLY G 4842 -25.15 -27.13 -69.89
CA GLY G 4842 -24.20 -28.19 -70.20
C GLY G 4842 -24.49 -29.46 -69.48
N LEU G 4843 -24.96 -29.37 -68.26
CA LEU G 4843 -25.35 -30.50 -67.61
C LEU G 4843 -26.56 -31.02 -68.23
N LEU G 4844 -27.37 -30.20 -68.78
CA LEU G 4844 -28.50 -30.64 -69.46
C LEU G 4844 -28.20 -31.22 -70.82
N ALA G 4845 -27.22 -30.68 -71.48
CA ALA G 4845 -26.78 -31.22 -72.74
C ALA G 4845 -26.25 -32.61 -72.59
N VAL G 4846 -25.65 -32.80 -71.45
CA VAL G 4846 -25.17 -34.07 -71.09
C VAL G 4846 -26.22 -35.06 -71.01
N VAL G 4847 -27.28 -34.64 -70.43
CA VAL G 4847 -28.35 -35.49 -70.24
C VAL G 4847 -28.94 -35.85 -71.49
N VAL G 4848 -28.96 -34.92 -72.38
CA VAL G 4848 -29.63 -35.11 -73.57
C VAL G 4848 -28.76 -35.82 -74.60
N TYR G 4849 -27.46 -35.56 -74.59
CA TYR G 4849 -26.61 -36.34 -75.48
C TYR G 4849 -26.64 -37.70 -75.06
N LEU G 4850 -26.89 -37.90 -73.80
CA LEU G 4850 -26.84 -39.19 -73.26
C LEU G 4850 -27.94 -39.99 -73.80
N TYR G 4851 -29.13 -39.59 -73.48
CA TYR G 4851 -30.25 -40.40 -73.71
C TYR G 4851 -30.52 -40.65 -75.10
N THR G 4852 -30.27 -39.63 -75.86
CA THR G 4852 -30.72 -39.67 -77.17
C THR G 4852 -29.99 -40.68 -78.02
N VAL G 4853 -28.76 -40.98 -77.68
CA VAL G 4853 -28.02 -41.84 -78.58
C VAL G 4853 -28.43 -43.24 -78.37
N VAL G 4854 -28.64 -43.59 -77.12
CA VAL G 4854 -29.23 -44.87 -76.84
C VAL G 4854 -30.60 -44.91 -77.40
N ALA G 4855 -31.27 -43.80 -77.38
CA ALA G 4855 -32.54 -43.71 -77.99
C ALA G 4855 -32.45 -43.90 -79.48
N PHE G 4856 -31.36 -43.47 -80.07
CA PHE G 4856 -31.17 -43.64 -81.48
C PHE G 4856 -30.78 -45.03 -81.82
N ASN G 4857 -30.39 -45.76 -80.79
CA ASN G 4857 -30.06 -47.13 -80.94
C ASN G 4857 -31.23 -47.98 -80.55
N PHE G 4858 -31.47 -48.17 -79.24
CA PHE G 4858 -32.41 -49.13 -78.77
C PHE G 4858 -33.86 -48.68 -78.87
N PHE G 4859 -34.14 -47.42 -79.20
CA PHE G 4859 -35.50 -46.94 -79.09
C PHE G 4859 -36.04 -46.02 -80.15
N ARG G 4860 -35.64 -46.20 -81.39
CA ARG G 4860 -36.11 -45.30 -82.40
C ARG G 4860 -37.53 -45.46 -82.72
N LYS G 4861 -38.01 -46.62 -82.39
CA LYS G 4861 -39.27 -46.98 -82.81
C LYS G 4861 -40.38 -46.52 -81.96
N PHE G 4862 -40.10 -45.57 -81.10
CA PHE G 4862 -41.11 -45.08 -80.22
C PHE G 4862 -41.36 -43.61 -80.35
N TYR G 4863 -40.68 -43.03 -81.32
CA TYR G 4863 -40.59 -41.60 -81.44
C TYR G 4863 -41.49 -40.92 -82.42
N ASN G 4864 -42.45 -41.66 -82.93
CA ASN G 4864 -43.26 -41.20 -84.00
C ASN G 4864 -44.08 -40.04 -83.61
N LYS G 4865 -44.28 -39.10 -84.51
CA LYS G 4865 -45.39 -38.24 -84.29
C LYS G 4865 -46.13 -38.08 -85.55
N SER G 4866 -46.37 -39.24 -86.15
CA SER G 4866 -47.17 -39.37 -87.36
C SER G 4866 -48.59 -39.06 -87.04
N GLU G 4867 -49.32 -38.58 -88.05
CA GLU G 4867 -50.75 -38.44 -87.92
C GLU G 4867 -51.28 -39.85 -87.65
N ASP G 4868 -51.33 -40.19 -86.35
CA ASP G 4868 -51.73 -41.46 -85.79
C ASP G 4868 -51.62 -42.66 -86.71
N GLU G 4869 -52.32 -42.60 -87.83
CA GLU G 4869 -52.37 -43.74 -88.74
C GLU G 4869 -51.01 -43.95 -89.42
N ASP G 4870 -50.70 -45.21 -89.79
CA ASP G 4870 -49.39 -45.59 -90.44
C ASP G 4870 -49.08 -44.87 -91.74
N GLU G 4871 -48.44 -43.73 -91.57
CA GLU G 4871 -47.90 -42.94 -92.62
C GLU G 4871 -46.52 -42.54 -92.13
N PRO G 4872 -45.63 -42.35 -93.10
CA PRO G 4872 -44.23 -42.03 -92.80
C PRO G 4872 -44.05 -40.74 -91.96
N ASP G 4873 -43.10 -40.67 -90.98
CA ASP G 4873 -42.96 -39.48 -90.13
C ASP G 4873 -41.60 -39.10 -89.62
N MET G 4874 -41.58 -37.96 -88.95
CA MET G 4874 -40.45 -37.28 -88.47
C MET G 4874 -39.95 -37.67 -87.07
N LYS G 4875 -40.10 -38.90 -86.71
CA LYS G 4875 -39.34 -39.39 -85.60
C LYS G 4875 -37.85 -39.37 -85.81
N CYS G 4876 -37.06 -39.07 -84.78
CA CYS G 4876 -35.60 -39.16 -84.89
C CYS G 4876 -35.09 -38.61 -86.20
N ASP G 4877 -34.87 -39.53 -87.15
CA ASP G 4877 -34.49 -39.29 -88.55
C ASP G 4877 -33.10 -38.74 -88.78
N ASP G 4878 -32.58 -38.07 -87.74
CA ASP G 4878 -31.22 -37.55 -87.79
C ASP G 4878 -30.82 -37.37 -86.37
N MET G 4879 -29.54 -37.45 -86.11
CA MET G 4879 -29.08 -37.32 -84.78
C MET G 4879 -29.35 -36.00 -84.23
N MET G 4880 -29.16 -34.99 -85.05
CA MET G 4880 -29.40 -33.65 -84.62
C MET G 4880 -30.83 -33.49 -84.23
N THR G 4881 -31.67 -34.13 -85.00
CA THR G 4881 -33.07 -33.91 -84.90
C THR G 4881 -33.68 -34.55 -83.70
N CYS G 4882 -33.26 -35.75 -83.42
CA CYS G 4882 -33.72 -36.40 -82.25
C CYS G 4882 -33.22 -35.66 -81.02
N TYR G 4883 -32.05 -35.05 -81.14
CA TYR G 4883 -31.58 -34.23 -80.04
C TYR G 4883 -32.39 -33.05 -79.88
N LEU G 4884 -32.66 -32.34 -80.99
CA LEU G 4884 -33.39 -31.11 -80.91
C LEU G 4884 -34.80 -31.39 -80.51
N PHE G 4885 -35.25 -32.60 -80.79
CA PHE G 4885 -36.58 -32.96 -80.39
C PHE G 4885 -36.72 -33.00 -78.87
N HIS G 4886 -35.79 -33.66 -78.23
CA HIS G 4886 -35.75 -33.63 -76.84
C HIS G 4886 -35.27 -32.29 -76.33
N MET G 4887 -34.44 -31.65 -77.10
CA MET G 4887 -33.98 -30.32 -76.76
C MET G 4887 -35.18 -29.35 -76.87
N TYR G 4888 -36.21 -29.67 -77.67
CA TYR G 4888 -37.43 -28.83 -77.70
C TYR G 4888 -38.46 -29.29 -76.73
N VAL G 4889 -38.55 -30.58 -76.60
CA VAL G 4889 -39.64 -31.13 -75.91
C VAL G 4889 -39.16 -31.57 -74.61
N GLY G 4890 -38.15 -32.44 -74.61
CA GLY G 4890 -37.66 -33.00 -73.40
C GLY G 4890 -37.03 -32.03 -72.49
N VAL G 4891 -36.39 -31.02 -73.08
CA VAL G 4891 -35.82 -29.98 -72.27
C VAL G 4891 -36.90 -29.18 -71.63
N ARG G 4892 -38.04 -29.06 -72.27
CA ARG G 4892 -39.21 -28.57 -71.57
C ARG G 4892 -39.87 -29.63 -70.76
N ALA G 4893 -40.05 -30.77 -71.36
CA ALA G 4893 -40.77 -31.83 -70.77
C ALA G 4893 -42.07 -31.40 -70.12
N GLY G 4894 -42.01 -31.17 -68.81
CA GLY G 4894 -43.15 -30.90 -68.00
C GLY G 4894 -43.90 -32.17 -67.74
N GLY G 4895 -44.68 -32.55 -68.75
CA GLY G 4895 -45.37 -33.82 -68.79
C GLY G 4895 -44.40 -34.89 -69.26
N GLY G 4896 -43.17 -34.48 -69.59
CA GLY G 4896 -42.06 -35.41 -69.88
C GLY G 4896 -42.06 -36.01 -71.28
N ILE G 4897 -41.03 -36.79 -71.63
CA ILE G 4897 -40.98 -37.34 -73.00
C ILE G 4897 -41.95 -38.42 -73.10
N GLY G 4898 -42.32 -38.93 -71.95
CA GLY G 4898 -43.23 -39.98 -71.88
C GLY G 4898 -44.63 -39.53 -72.19
N ASP G 4899 -44.86 -38.22 -72.18
CA ASP G 4899 -46.10 -37.67 -72.67
C ASP G 4899 -46.23 -37.88 -74.20
N GLU G 4900 -45.11 -37.82 -74.93
CA GLU G 4900 -45.13 -37.85 -76.40
C GLU G 4900 -44.30 -38.93 -77.08
N ILE G 4901 -43.62 -39.74 -76.31
CA ILE G 4901 -43.11 -41.00 -76.83
C ILE G 4901 -44.26 -42.01 -77.13
N GLU G 4902 -44.08 -42.84 -78.13
CA GLU G 4902 -45.17 -43.70 -78.58
C GLU G 4902 -45.24 -45.00 -77.82
N ASP G 4903 -46.10 -45.06 -76.81
CA ASP G 4903 -46.06 -46.24 -75.88
C ASP G 4903 -47.34 -46.49 -75.14
N PRO G 4904 -47.30 -47.54 -74.21
CA PRO G 4904 -46.97 -48.96 -74.41
C PRO G 4904 -47.15 -49.58 -75.75
N ALA G 4905 -46.38 -50.65 -75.98
CA ALA G 4905 -44.84 -50.68 -75.82
C ALA G 4905 -44.75 -50.90 -74.29
N GLY G 4906 -44.87 -52.14 -73.89
CA GLY G 4906 -45.78 -53.12 -74.46
C GLY G 4906 -44.82 -54.09 -75.27
N ASP G 4907 -43.47 -53.93 -75.20
CA ASP G 4907 -42.56 -54.72 -76.05
C ASP G 4907 -41.14 -54.90 -75.50
N GLU G 4908 -40.20 -55.14 -76.41
CA GLU G 4908 -38.83 -55.35 -76.08
C GLU G 4908 -38.18 -54.14 -75.48
N TYR G 4909 -37.37 -54.43 -74.49
CA TYR G 4909 -36.68 -53.47 -73.73
C TYR G 4909 -37.62 -52.40 -73.07
N GLU G 4910 -38.87 -52.77 -72.83
CA GLU G 4910 -39.84 -51.93 -72.16
C GLU G 4910 -39.48 -51.65 -70.73
N LEU G 4911 -38.89 -52.65 -70.05
CA LEU G 4911 -38.54 -52.47 -68.65
C LEU G 4911 -37.47 -51.36 -68.57
N TYR G 4912 -36.63 -51.25 -69.61
CA TYR G 4912 -35.56 -50.33 -69.59
C TYR G 4912 -36.10 -48.96 -69.99
N ARG G 4913 -36.94 -48.87 -70.98
CA ARG G 4913 -37.40 -47.57 -71.45
C ARG G 4913 -38.19 -46.80 -70.48
N VAL G 4914 -38.83 -47.55 -69.64
CA VAL G 4914 -39.58 -46.92 -68.61
C VAL G 4914 -38.63 -46.29 -67.61
N VAL G 4915 -37.64 -47.08 -67.26
CA VAL G 4915 -36.60 -46.59 -66.40
C VAL G 4915 -35.85 -45.54 -67.19
N PHE G 4916 -35.75 -45.72 -68.49
CA PHE G 4916 -35.22 -44.71 -69.36
C PHE G 4916 -36.08 -43.47 -69.27
N ASP G 4917 -37.38 -43.66 -69.18
CA ASP G 4917 -38.21 -42.55 -68.92
C ASP G 4917 -38.03 -42.00 -67.49
N ILE G 4918 -37.64 -42.89 -66.59
CA ILE G 4918 -37.45 -42.47 -65.27
C ILE G 4918 -36.11 -41.78 -65.06
N THR G 4919 -35.09 -42.31 -65.71
CA THR G 4919 -33.80 -41.65 -65.72
C THR G 4919 -33.93 -40.27 -66.33
N PHE G 4920 -34.89 -40.20 -67.25
CA PHE G 4920 -35.26 -38.94 -67.83
C PHE G 4920 -36.01 -38.12 -66.83
N PHE G 4921 -36.52 -38.72 -65.78
CA PHE G 4921 -37.37 -38.00 -64.92
C PHE G 4921 -36.79 -37.61 -63.66
N PHE G 4922 -36.27 -38.50 -62.86
CA PHE G 4922 -35.70 -38.02 -61.62
C PHE G 4922 -34.52 -37.16 -61.96
N PHE G 4923 -33.72 -37.57 -62.93
CA PHE G 4923 -32.56 -36.82 -63.26
C PHE G 4923 -32.79 -35.49 -63.87
N VAL G 4924 -33.93 -35.31 -64.47
CA VAL G 4924 -34.15 -34.12 -65.18
C VAL G 4924 -35.16 -33.27 -64.60
N ILE G 4925 -36.30 -33.89 -64.41
CA ILE G 4925 -37.51 -33.19 -64.07
C ILE G 4925 -37.31 -32.54 -62.76
N VAL G 4926 -36.41 -33.13 -61.99
CA VAL G 4926 -36.23 -32.68 -60.66
C VAL G 4926 -34.83 -32.20 -60.44
N ILE G 4927 -33.89 -33.09 -60.64
CA ILE G 4927 -32.52 -32.83 -60.34
C ILE G 4927 -31.89 -31.79 -61.21
N LEU G 4928 -32.31 -31.71 -62.45
CA LEU G 4928 -31.74 -30.69 -63.29
C LEU G 4928 -32.39 -29.39 -63.10
N LEU G 4929 -33.66 -29.36 -63.22
CA LEU G 4929 -34.37 -28.11 -63.32
C LEU G 4929 -34.37 -27.33 -62.05
N ALA G 4930 -34.33 -28.02 -60.95
CA ALA G 4930 -34.48 -27.35 -59.70
C ALA G 4930 -33.26 -26.60 -59.43
N ILE G 4931 -32.08 -27.19 -59.65
CA ILE G 4931 -30.85 -26.45 -59.39
C ILE G 4931 -30.72 -25.29 -60.24
N ILE G 4932 -31.24 -25.44 -61.40
CA ILE G 4932 -31.25 -24.43 -62.29
C ILE G 4932 -32.10 -23.33 -61.75
N GLN G 4933 -33.13 -23.65 -61.01
CA GLN G 4933 -33.93 -22.63 -60.42
C GLN G 4933 -33.28 -22.03 -59.24
N GLY G 4934 -32.71 -22.89 -58.43
CA GLY G 4934 -32.28 -22.40 -57.16
C GLY G 4934 -30.97 -21.74 -57.25
N LEU G 4935 -30.34 -21.90 -58.39
CA LEU G 4935 -29.15 -21.21 -58.68
C LEU G 4935 -29.45 -19.73 -58.67
N ILE G 4936 -30.68 -19.38 -58.97
CA ILE G 4936 -31.11 -18.04 -59.01
C ILE G 4936 -31.86 -17.57 -57.79
N ILE G 4937 -32.55 -18.48 -57.19
CA ILE G 4937 -33.52 -17.95 -56.29
C ILE G 4937 -32.89 -17.41 -55.02
N ASP G 4938 -31.95 -18.17 -54.48
CA ASP G 4938 -31.11 -17.66 -53.36
C ASP G 4938 -30.34 -16.43 -53.78
N ALA G 4939 -29.97 -16.45 -55.04
CA ALA G 4939 -29.20 -15.42 -55.59
C ALA G 4939 -30.02 -14.14 -55.63
N PHE G 4940 -31.31 -14.26 -55.88
CA PHE G 4940 -32.20 -13.15 -55.70
C PHE G 4940 -32.26 -12.71 -54.28
N GLY G 4941 -32.17 -13.71 -53.43
CA GLY G 4941 -32.30 -13.45 -52.04
C GLY G 4941 -31.02 -13.08 -51.41
N GLU G 4942 -29.98 -12.99 -52.20
CA GLU G 4942 -28.71 -12.68 -51.72
C GLU G 4942 -28.59 -11.23 -51.70
N LEU G 4943 -28.57 -10.61 -52.87
CA LEU G 4943 -28.22 -9.24 -52.84
C LEU G 4943 -29.39 -8.47 -52.20
N ARG G 4944 -30.57 -9.03 -52.29
CA ARG G 4944 -31.70 -8.43 -51.63
C ARG G 4944 -31.58 -8.42 -50.12
N ASP G 4945 -31.05 -9.48 -49.57
CA ASP G 4945 -30.81 -9.60 -48.15
C ASP G 4945 -29.78 -8.57 -47.74
N GLN G 4946 -28.88 -8.24 -48.66
CA GLN G 4946 -27.88 -7.26 -48.37
C GLN G 4946 -28.52 -5.92 -48.27
N GLN G 4947 -29.67 -5.72 -48.91
CA GLN G 4947 -30.30 -4.42 -48.93
C GLN G 4947 -30.73 -3.98 -47.57
N GLU G 4948 -31.43 -4.85 -46.87
CA GLU G 4948 -31.73 -4.53 -45.49
C GLU G 4948 -30.43 -4.58 -44.66
N GLN G 4949 -29.53 -5.46 -45.09
CA GLN G 4949 -28.28 -5.62 -44.39
C GLN G 4949 -27.49 -4.34 -44.40
N VAL G 4950 -27.66 -3.57 -45.47
CA VAL G 4950 -27.14 -2.20 -45.56
C VAL G 4950 -27.74 -1.32 -44.53
N LYS G 4951 -29.07 -1.37 -44.49
CA LYS G 4951 -29.82 -0.61 -43.52
C LYS G 4951 -29.59 -1.13 -42.15
N GLU G 4952 -29.37 -2.44 -42.03
CA GLU G 4952 -29.05 -3.06 -40.74
C GLU G 4952 -27.67 -2.68 -40.29
N ASP G 4953 -26.68 -2.80 -41.15
CA ASP G 4953 -25.34 -2.48 -40.72
C ASP G 4953 -25.21 -0.98 -40.42
N MET G 4954 -25.93 -0.11 -41.13
CA MET G 4954 -25.89 1.33 -40.79
C MET G 4954 -26.49 1.58 -39.42
N GLU G 4955 -27.48 0.75 -39.10
CA GLU G 4955 -28.19 0.93 -37.86
C GLU G 4955 -27.60 -0.01 -36.78
N THR G 4956 -26.55 -0.79 -37.07
CA THR G 4956 -25.89 -1.65 -36.07
C THR G 4956 -24.47 -1.26 -35.90
N LYS G 4957 -23.60 -1.86 -36.65
CA LYS G 4957 -22.30 -1.40 -36.52
C LYS G 4957 -22.19 0.03 -37.04
N CYS G 4958 -21.38 0.88 -36.44
CA CYS G 4958 -21.24 2.24 -36.93
C CYS G 4958 -20.50 2.19 -38.25
N PHE G 4959 -21.01 2.94 -39.21
CA PHE G 4959 -20.46 2.91 -40.53
C PHE G 4959 -19.10 3.51 -40.54
N ILE G 4960 -18.87 4.31 -39.54
CA ILE G 4960 -17.70 5.04 -39.43
C ILE G 4960 -16.69 4.38 -38.45
N CYS G 4961 -16.97 4.45 -37.15
CA CYS G 4961 -16.09 3.91 -36.13
C CYS G 4961 -16.28 2.45 -35.97
N GLY G 4962 -17.27 1.85 -36.58
CA GLY G 4962 -17.52 0.54 -36.30
C GLY G 4962 -18.06 0.42 -34.92
N ILE G 4963 -17.44 -0.43 -34.15
CA ILE G 4963 -17.83 -0.66 -32.79
C ILE G 4963 -19.17 -1.41 -32.70
N GLY G 4964 -20.24 -0.81 -33.23
CA GLY G 4964 -21.62 -1.38 -33.12
C GLY G 4964 -22.52 -0.35 -32.45
N SER G 4965 -23.81 -0.36 -32.78
CA SER G 4965 -24.79 0.57 -32.19
C SER G 4965 -24.96 0.45 -30.74
N ASP G 4966 -24.64 -0.72 -30.33
CA ASP G 4966 -24.95 -1.32 -29.10
C ASP G 4966 -24.39 -0.56 -27.92
N TYR G 4967 -23.14 -0.24 -28.07
CA TYR G 4967 -22.48 0.49 -27.09
C TYR G 4967 -23.11 1.96 -27.00
N PHE G 4968 -23.55 2.53 -28.11
CA PHE G 4968 -24.17 3.91 -28.14
C PHE G 4968 -25.61 4.00 -28.01
N ASP G 4969 -26.23 2.87 -28.02
CA ASP G 4969 -27.62 2.80 -27.67
C ASP G 4969 -27.77 2.96 -26.13
N THR G 4970 -26.66 2.84 -25.37
CA THR G 4970 -26.66 2.99 -23.92
C THR G 4970 -27.25 4.29 -23.45
N THR G 4971 -26.99 5.35 -24.18
CA THR G 4971 -27.81 6.51 -24.06
C THR G 4971 -29.03 6.30 -24.97
N PRO G 4972 -30.20 6.70 -24.51
CA PRO G 4972 -31.39 6.49 -25.32
C PRO G 4972 -31.32 7.16 -26.66
N HIS G 4973 -31.96 6.53 -27.64
CA HIS G 4973 -31.95 6.96 -29.03
C HIS G 4973 -30.55 7.35 -29.49
N GLY G 4974 -29.49 6.82 -28.87
CA GLY G 4974 -28.21 7.55 -28.91
C GLY G 4974 -27.21 7.31 -29.97
N PHE G 4975 -27.34 6.16 -30.57
CA PHE G 4975 -26.44 5.87 -31.57
C PHE G 4975 -26.69 6.79 -32.82
N GLU G 4976 -27.91 7.32 -33.09
CA GLU G 4976 -28.10 8.32 -34.21
C GLU G 4976 -27.35 9.57 -33.91
N THR G 4977 -27.21 9.88 -32.62
CA THR G 4977 -26.37 10.98 -32.23
C THR G 4977 -24.90 10.64 -32.45
N HIS G 4978 -24.55 9.37 -32.23
CA HIS G 4978 -23.18 8.90 -32.54
C HIS G 4978 -22.94 8.88 -34.03
N THR G 4979 -23.98 8.73 -34.82
CA THR G 4979 -23.86 8.83 -36.25
C THR G 4979 -24.29 10.22 -36.69
N LEU G 4980 -25.58 10.51 -36.87
CA LEU G 4980 -26.05 11.73 -37.53
C LEU G 4980 -25.57 13.02 -36.92
N GLU G 4981 -25.43 13.04 -35.60
CA GLU G 4981 -24.87 14.20 -34.96
C GLU G 4981 -23.32 14.11 -34.71
N GLU G 4982 -22.76 12.92 -34.54
CA GLU G 4982 -21.30 12.83 -34.29
C GLU G 4982 -20.57 12.55 -35.59
N HIS G 4983 -20.41 11.26 -35.90
CA HIS G 4983 -19.78 10.85 -37.10
C HIS G 4983 -20.42 11.33 -38.34
N ASN G 4984 -21.72 11.34 -38.34
CA ASN G 4984 -22.50 11.78 -39.47
C ASN G 4984 -22.13 11.08 -40.73
N LEU G 4985 -20.84 10.76 -40.90
CA LEU G 4985 -20.30 10.29 -42.14
C LEU G 4985 -20.27 11.41 -43.21
N ALA G 4986 -21.39 12.04 -43.46
CA ALA G 4986 -21.53 13.03 -44.57
C ALA G 4986 -20.72 14.21 -44.26
N ASN G 4987 -20.47 14.48 -43.02
CA ASN G 4987 -19.65 15.62 -42.71
C ASN G 4987 -18.29 15.56 -43.27
N TYR G 4988 -17.75 14.36 -43.46
CA TYR G 4988 -16.39 14.24 -43.84
C TYR G 4988 -16.16 14.83 -45.15
N MET G 4989 -17.13 14.68 -45.97
CA MET G 4989 -16.99 15.18 -47.26
C MET G 4989 -17.00 16.71 -47.34
N PHE G 4990 -17.84 17.31 -46.54
CA PHE G 4990 -17.88 18.71 -46.53
C PHE G 4990 -16.55 19.21 -46.00
N PHE G 4991 -15.95 18.38 -45.16
CA PHE G 4991 -14.69 18.74 -44.57
C PHE G 4991 -13.57 18.87 -45.53
N LEU G 4992 -13.69 18.17 -46.61
CA LEU G 4992 -12.67 18.26 -47.54
C LEU G 4992 -12.71 19.53 -48.30
N MET G 4993 -13.89 19.90 -48.77
CA MET G 4993 -14.06 21.16 -49.43
C MET G 4993 -13.77 22.30 -48.51
N TYR G 4994 -14.03 22.09 -47.23
CA TYR G 4994 -13.63 23.03 -46.20
C TYR G 4994 -12.17 23.14 -46.12
N LEU G 4995 -11.49 22.06 -46.45
CA LEU G 4995 -10.09 22.13 -46.52
C LEU G 4995 -9.60 22.79 -47.76
N ILE G 4996 -10.24 22.46 -48.86
CA ILE G 4996 -9.78 22.94 -50.08
C ILE G 4996 -9.98 24.40 -50.29
N ASN G 4997 -11.10 24.91 -49.82
CA ASN G 4997 -11.35 26.32 -49.97
C ASN G 4997 -10.42 27.22 -49.18
N LYS G 4998 -9.98 26.68 -48.05
CA LYS G 4998 -9.05 27.39 -47.20
C LYS G 4998 -7.66 27.39 -47.78
N ASP G 4999 -6.96 28.48 -47.51
CA ASP G 4999 -5.57 28.60 -47.85
C ASP G 4999 -4.76 27.91 -46.77
N GLU G 5000 -3.59 27.50 -47.18
CA GLU G 5000 -2.77 26.75 -46.29
C GLU G 5000 -2.33 27.58 -45.09
N THR G 5001 -2.32 28.91 -45.24
CA THR G 5001 -1.94 29.81 -44.15
C THR G 5001 -2.80 29.73 -42.90
N GLU G 5002 -4.06 29.56 -43.20
CA GLU G 5002 -5.08 29.62 -42.22
C GLU G 5002 -5.45 28.27 -41.78
N HIS G 5003 -4.85 27.20 -42.34
CA HIS G 5003 -5.11 25.85 -41.82
C HIS G 5003 -4.73 25.74 -40.35
N THR G 5004 -5.59 25.11 -39.55
CA THR G 5004 -5.27 24.79 -38.21
C THR G 5004 -4.32 23.60 -38.26
N GLY G 5005 -3.48 23.47 -37.24
CA GLY G 5005 -2.43 22.46 -37.29
C GLY G 5005 -2.99 21.04 -37.16
N GLN G 5006 -4.19 20.94 -36.64
CA GLN G 5006 -4.86 19.64 -36.60
C GLN G 5006 -5.32 19.25 -37.95
N GLU G 5007 -5.86 20.19 -38.69
CA GLU G 5007 -6.28 19.90 -40.02
C GLU G 5007 -5.28 19.75 -40.99
N SER G 5008 -4.19 20.37 -40.70
CA SER G 5008 -3.22 20.46 -41.66
C SER G 5008 -2.53 19.09 -41.85
N TYR G 5009 -2.18 18.36 -40.80
CA TYR G 5009 -1.63 17.02 -41.07
C TYR G 5009 -2.61 16.13 -41.67
N VAL G 5010 -3.82 16.41 -41.30
CA VAL G 5010 -4.89 15.69 -41.85
C VAL G 5010 -4.99 16.02 -43.33
N TRP G 5011 -4.74 17.28 -43.67
CA TRP G 5011 -4.62 17.70 -45.05
C TRP G 5011 -3.46 17.01 -45.68
N LYS G 5012 -2.40 16.88 -44.92
CA LYS G 5012 -1.28 16.12 -45.37
C LYS G 5012 -1.53 14.67 -45.46
N MET G 5013 -2.35 14.20 -44.59
CA MET G 5013 -2.68 12.84 -44.69
C MET G 5013 -3.51 12.62 -45.94
N TYR G 5014 -4.28 13.63 -46.35
CA TYR G 5014 -4.93 13.61 -47.62
C TYR G 5014 -3.93 13.59 -48.75
N GLN G 5015 -2.84 14.28 -48.53
CA GLN G 5015 -1.83 14.31 -49.51
C GLN G 5015 -1.17 12.92 -49.64
N GLU G 5016 -1.17 12.19 -48.54
CA GLU G 5016 -0.54 10.93 -48.44
C GLU G 5016 -1.48 9.80 -48.47
N ARG G 5017 -2.76 10.06 -48.25
CA ARG G 5017 -3.78 9.06 -48.46
C ARG G 5017 -3.68 7.72 -47.73
N CYS G 5018 -3.09 7.69 -46.56
CA CYS G 5018 -3.19 6.47 -45.73
C CYS G 5018 -4.61 6.29 -45.20
N TRP G 5019 -5.19 7.45 -44.97
CA TRP G 5019 -6.47 7.66 -44.36
C TRP G 5019 -6.67 7.02 -43.05
N ASP G 5020 -5.61 6.94 -42.29
CA ASP G 5020 -5.63 6.23 -41.01
C ASP G 5020 -6.20 7.05 -39.86
N PHE G 5021 -6.47 8.30 -40.14
CA PHE G 5021 -6.93 9.13 -39.10
C PHE G 5021 -8.39 8.94 -38.86
N PHE G 5022 -9.06 8.20 -39.77
CA PHE G 5022 -10.34 7.68 -39.39
C PHE G 5022 -10.20 6.69 -38.32
N PRO G 5023 -11.15 6.72 -37.36
CA PRO G 5023 -11.06 5.95 -36.13
C PRO G 5023 -10.80 4.46 -36.41
N ALA G 5024 -9.95 3.88 -35.57
CA ALA G 5024 -9.78 2.46 -35.45
C ALA G 5024 -11.08 1.87 -35.00
N GLY G 5025 -11.76 2.69 -34.22
CA GLY G 5025 -13.04 2.40 -33.68
C GLY G 5025 -12.96 2.54 -32.21
N ASP G 5026 -12.63 3.74 -31.73
CA ASP G 5026 -12.40 3.89 -30.30
C ASP G 5026 -13.34 4.94 -29.63
N CYS G 5027 -13.77 5.89 -30.45
CA CYS G 5027 -14.70 6.91 -30.05
C CYS G 5027 -14.22 7.79 -28.90
N PHE G 5028 -14.62 9.06 -28.92
CA PHE G 5028 -14.14 10.04 -27.94
C PHE G 5028 -14.72 9.83 -26.57
N ARG G 5029 -16.03 9.81 -26.46
CA ARG G 5029 -16.62 9.66 -25.15
C ARG G 5029 -16.51 8.23 -24.64
N LYS G 5030 -16.42 7.28 -25.59
CA LYS G 5030 -16.02 5.93 -25.30
C LYS G 5030 -14.63 5.79 -24.73
N GLN G 5031 -13.73 6.59 -25.20
CA GLN G 5031 -12.40 6.49 -24.76
C GLN G 5031 -12.25 6.97 -23.30
N TYR G 5032 -13.16 7.81 -22.84
CA TYR G 5032 -12.97 8.51 -21.56
C TYR G 5032 -14.11 8.34 -20.54
N GLU G 5033 -14.83 9.42 -20.26
CA GLU G 5033 -15.82 9.45 -19.26
C GLU G 5033 -15.18 9.15 -17.90
N GLY H 2 74.99 93.66 -42.24
CA GLY H 2 74.64 92.23 -42.06
C GLY H 2 74.47 91.49 -43.36
N VAL H 3 73.58 91.97 -44.24
CA VAL H 3 73.27 91.24 -45.49
C VAL H 3 74.46 91.24 -46.44
N GLN H 4 74.67 90.14 -47.18
CA GLN H 4 75.84 90.02 -48.03
C GLN H 4 75.52 89.49 -49.42
N VAL H 5 74.51 90.05 -50.05
CA VAL H 5 74.10 89.58 -51.36
C VAL H 5 75.20 89.84 -52.38
N GLU H 6 75.40 88.88 -53.27
CA GLU H 6 76.42 89.02 -54.26
C GLU H 6 75.93 88.68 -55.66
N THR H 7 76.26 89.57 -56.54
CA THR H 7 75.85 89.45 -57.90
C THR H 7 76.54 88.26 -58.55
N ILE H 8 75.77 87.59 -59.37
CA ILE H 8 76.27 86.49 -60.14
C ILE H 8 76.72 87.01 -61.53
N SER H 9 75.77 87.41 -62.39
CA SER H 9 76.12 87.92 -63.71
C SER H 9 75.55 89.32 -63.92
N PRO H 10 76.35 90.20 -64.50
CA PRO H 10 75.92 91.58 -64.72
C PRO H 10 74.72 91.70 -65.71
N GLY H 11 73.81 92.66 -65.48
CA GLY H 11 72.64 92.96 -66.38
C GLY H 11 72.93 94.24 -67.21
N ASP H 12 71.96 95.15 -67.36
CA ASP H 12 72.21 96.45 -67.99
C ASP H 12 73.13 97.29 -67.09
N GLY H 13 73.13 97.01 -65.79
CA GLY H 13 73.99 97.68 -64.82
C GLY H 13 73.48 99.05 -64.43
N ARG H 14 72.20 99.30 -64.67
CA ARG H 14 71.68 100.65 -64.45
C ARG H 14 70.37 100.72 -63.67
N THR H 15 69.31 100.13 -64.26
CA THR H 15 67.95 100.31 -63.74
C THR H 15 67.68 99.31 -62.64
N PHE H 16 68.06 99.74 -61.44
CA PHE H 16 67.81 99.02 -60.23
C PHE H 16 66.35 99.14 -59.90
N PRO H 17 65.80 98.12 -59.22
CA PRO H 17 64.41 98.23 -58.78
C PRO H 17 64.17 99.47 -57.85
N LYS H 18 63.01 100.12 -58.03
CA LYS H 18 62.66 101.31 -57.29
C LYS H 18 61.30 101.12 -56.62
N ARG H 19 60.88 102.14 -55.89
CA ARG H 19 59.65 102.07 -55.17
C ARG H 19 58.41 101.74 -55.98
N GLY H 20 57.63 100.77 -55.48
CA GLY H 20 56.39 100.44 -56.11
C GLY H 20 56.47 99.52 -57.30
N GLN H 21 57.68 99.26 -57.82
CA GLN H 21 57.85 98.43 -59.00
C GLN H 21 57.57 96.97 -58.67
N THR H 22 56.91 96.27 -59.59
CA THR H 22 56.62 94.84 -59.45
C THR H 22 57.68 93.99 -60.19
N CYS H 23 58.74 93.61 -59.50
CA CYS H 23 59.89 92.90 -60.11
C CYS H 23 59.52 91.51 -60.63
N VAL H 24 60.05 91.14 -61.80
CA VAL H 24 59.81 89.83 -62.40
C VAL H 24 61.09 89.02 -62.48
N VAL H 25 61.15 87.96 -61.69
CA VAL H 25 62.40 87.25 -61.45
C VAL H 25 62.29 85.72 -61.47
N HIS H 26 63.34 85.09 -61.97
CA HIS H 26 63.52 83.67 -61.78
C HIS H 26 64.57 83.47 -60.76
N TYR H 27 64.37 82.40 -59.98
CA TYR H 27 65.24 82.15 -58.86
C TYR H 27 65.08 80.74 -58.35
N THR H 28 65.84 80.43 -57.32
CA THR H 28 65.65 79.22 -56.56
C THR H 28 66.06 79.45 -55.13
N GLY H 29 65.52 78.64 -54.24
CA GLY H 29 65.77 78.80 -52.80
C GLY H 29 66.52 77.67 -52.16
N MET H 30 67.69 78.00 -51.60
CA MET H 30 68.48 77.02 -50.91
C MET H 30 69.01 77.56 -49.58
N LEU H 31 69.33 76.64 -48.69
CA LEU H 31 69.69 76.93 -47.32
C LEU H 31 71.17 77.25 -47.19
N GLU H 32 71.62 77.40 -45.96
CA GLU H 32 73.05 77.39 -45.66
C GLU H 32 73.63 76.02 -46.02
N ASP H 33 72.80 74.97 -45.87
CA ASP H 33 73.16 73.59 -46.22
C ASP H 33 73.33 73.54 -47.75
N GLY H 34 72.66 74.44 -48.47
CA GLY H 34 72.62 74.44 -49.94
C GLY H 34 71.48 73.58 -50.49
N LYS H 35 70.75 72.92 -49.59
CA LYS H 35 69.53 72.20 -49.86
C LYS H 35 68.50 73.08 -50.37
N LYS H 36 67.87 72.69 -51.48
CA LYS H 36 66.83 73.47 -52.05
C LYS H 36 65.55 73.39 -51.29
N PHE H 37 64.82 74.49 -51.37
CA PHE H 37 63.53 74.54 -50.79
C PHE H 37 62.58 75.29 -51.67
N ASP H 38 63.07 75.90 -52.71
CA ASP H 38 62.17 76.57 -53.60
C ASP H 38 62.85 76.84 -54.89
N SER H 39 62.04 77.01 -55.92
CA SER H 39 62.54 77.41 -57.20
C SER H 39 61.43 77.90 -58.06
N SER H 40 61.64 79.10 -58.61
CA SER H 40 60.67 79.67 -59.56
C SER H 40 60.54 78.78 -60.80
N ARG H 41 61.62 78.12 -61.16
CA ARG H 41 61.65 77.21 -62.30
C ARG H 41 60.83 75.95 -62.07
N ASP H 42 60.64 75.63 -60.82
CA ASP H 42 59.82 74.52 -60.48
C ASP H 42 58.39 74.69 -60.87
N ARG H 43 57.97 75.92 -60.88
CA ARG H 43 56.67 76.27 -61.35
C ARG H 43 56.75 76.85 -62.76
N ASN H 44 57.99 77.06 -63.22
CA ASN H 44 58.29 77.61 -64.53
C ASN H 44 57.89 79.09 -64.65
N LYS H 45 56.72 79.39 -64.11
CA LYS H 45 56.23 80.73 -63.98
C LYS H 45 57.08 81.64 -63.10
N PRO H 46 57.36 82.83 -63.57
CA PRO H 46 58.04 83.83 -62.81
C PRO H 46 57.23 84.26 -61.61
N PHE H 47 57.92 84.56 -60.54
CA PHE H 47 57.32 85.20 -59.41
C PHE H 47 57.46 86.72 -59.50
N LYS H 48 56.45 87.42 -59.03
CA LYS H 48 56.40 88.87 -59.12
C LYS H 48 56.05 89.49 -57.80
N PHE H 49 56.76 90.53 -57.44
CA PHE H 49 56.52 91.19 -56.17
C PHE H 49 56.69 92.71 -56.28
N MET H 50 55.81 93.49 -55.67
CA MET H 50 56.05 94.95 -55.54
C MET H 50 57.21 95.20 -54.58
N LEU H 51 58.10 96.14 -54.91
CA LEU H 51 59.11 96.56 -53.97
C LEU H 51 58.55 97.57 -52.98
N GLY H 52 59.02 97.47 -51.75
CA GLY H 52 58.62 98.37 -50.70
C GLY H 52 57.26 98.00 -50.13
N LYS H 53 56.72 96.88 -50.60
CA LYS H 53 55.44 96.47 -50.12
C LYS H 53 55.56 95.72 -48.81
N GLN H 54 56.81 95.42 -48.43
CA GLN H 54 57.12 94.65 -47.21
C GLN H 54 56.41 93.31 -47.22
N GLU H 55 56.24 92.80 -48.44
CA GLU H 55 55.60 91.53 -48.68
C GLU H 55 56.62 90.39 -48.69
N VAL H 56 57.88 90.74 -48.53
CA VAL H 56 58.97 89.81 -48.72
C VAL H 56 59.81 89.72 -47.47
N ILE H 57 60.73 88.77 -47.43
CA ILE H 57 61.73 88.77 -46.35
C ILE H 57 62.62 90.01 -46.48
N ARG H 58 63.05 90.56 -45.35
CA ARG H 58 63.71 91.87 -45.33
C ARG H 58 64.97 91.91 -46.19
N GLY H 59 65.66 90.79 -46.28
CA GLY H 59 66.85 90.74 -47.08
C GLY H 59 66.55 90.78 -48.58
N TRP H 60 65.45 90.17 -48.98
CA TRP H 60 65.00 90.18 -50.36
C TRP H 60 64.66 91.58 -50.80
N GLU H 61 64.12 92.38 -49.89
CA GLU H 61 63.71 93.75 -50.19
C GLU H 61 64.95 94.61 -50.46
N GLU H 62 66.10 94.20 -49.90
CA GLU H 62 67.35 94.97 -49.97
C GLU H 62 68.26 94.50 -51.06
N GLY H 63 68.42 93.19 -51.11
CA GLY H 63 69.25 92.58 -52.09
C GLY H 63 68.74 92.67 -53.52
N VAL H 64 67.43 92.55 -53.71
CA VAL H 64 66.90 92.57 -55.08
C VAL H 64 67.04 93.98 -55.62
N ALA H 65 66.98 94.95 -54.70
CA ALA H 65 67.12 96.35 -55.08
C ALA H 65 68.50 96.60 -55.71
N GLN H 66 69.50 95.82 -55.27
CA GLN H 66 70.86 95.87 -55.84
C GLN H 66 70.89 95.47 -57.31
N MET H 67 69.98 94.58 -57.70
CA MET H 67 69.96 93.98 -59.05
C MET H 67 69.64 94.92 -60.17
N SER H 68 70.27 94.70 -61.30
CA SER H 68 69.96 95.45 -62.48
C SER H 68 69.06 94.63 -63.37
N VAL H 69 68.47 95.28 -64.38
CA VAL H 69 67.67 94.57 -65.38
C VAL H 69 68.52 93.52 -66.16
N GLY H 70 68.02 92.27 -66.28
CA GLY H 70 68.66 91.13 -66.99
C GLY H 70 69.73 90.44 -66.14
N GLN H 71 70.00 91.03 -64.97
CA GLN H 71 71.01 90.54 -64.03
C GLN H 71 70.60 89.23 -63.36
N ARG H 72 71.58 88.36 -63.15
CA ARG H 72 71.45 87.20 -62.23
C ARG H 72 72.21 87.47 -60.88
N ALA H 73 71.72 86.97 -59.73
CA ALA H 73 72.32 87.33 -58.40
C ALA H 73 72.16 86.29 -57.30
N LYS H 74 73.22 86.05 -56.56
CA LYS H 74 73.16 85.16 -55.42
C LYS H 74 72.98 85.97 -54.13
N LEU H 75 72.03 85.52 -53.32
CA LEU H 75 71.64 86.27 -52.13
C LEU H 75 72.01 85.64 -50.86
N THR H 76 72.99 86.22 -50.19
CA THR H 76 73.38 85.73 -48.89
C THR H 76 72.58 86.49 -47.82
N ILE H 77 71.27 86.36 -47.88
CA ILE H 77 70.45 87.08 -46.92
C ILE H 77 70.57 86.48 -45.51
N SER H 78 70.77 87.31 -44.50
CA SER H 78 70.86 86.89 -43.12
C SER H 78 69.50 86.44 -42.60
N PRO H 79 69.46 85.43 -41.71
CA PRO H 79 68.19 84.95 -41.17
C PRO H 79 67.42 86.03 -40.44
N ASP H 80 68.13 86.97 -39.84
CA ASP H 80 67.54 88.09 -39.13
C ASP H 80 66.72 88.97 -40.09
N TYR H 81 67.17 89.01 -41.33
CA TYR H 81 66.41 89.69 -42.39
C TYR H 81 65.42 88.74 -43.05
N ALA H 82 65.46 87.46 -42.67
CA ALA H 82 64.52 86.44 -43.22
C ALA H 82 63.48 86.04 -42.20
N TYR H 83 63.12 84.75 -42.20
CA TYR H 83 62.13 84.25 -41.24
C TYR H 83 62.64 84.24 -39.82
N GLY H 84 63.97 84.23 -39.70
CA GLY H 84 64.63 84.43 -38.44
C GLY H 84 64.50 83.31 -37.43
N ALA H 85 64.59 83.70 -36.18
CA ALA H 85 64.59 82.78 -35.08
C ALA H 85 63.31 81.94 -34.99
N THR H 86 62.22 82.50 -35.49
CA THR H 86 60.99 81.73 -35.60
C THR H 86 61.20 80.61 -36.60
N GLY H 87 61.99 80.91 -37.60
CA GLY H 87 62.14 80.03 -38.69
C GLY H 87 60.94 80.18 -39.58
N HIS H 88 60.85 79.33 -40.59
CA HIS H 88 59.64 79.31 -41.41
C HIS H 88 58.96 77.98 -41.17
N PRO H 89 57.80 78.01 -40.51
CA PRO H 89 57.10 76.85 -40.04
C PRO H 89 56.91 75.83 -41.09
N GLY H 90 57.66 74.75 -40.95
CA GLY H 90 57.60 73.66 -41.90
C GLY H 90 58.62 73.77 -43.02
N ILE H 91 59.37 74.87 -43.06
CA ILE H 91 60.26 75.07 -44.18
C ILE H 91 61.67 75.35 -43.76
N ILE H 92 61.87 76.55 -43.26
CA ILE H 92 63.18 77.04 -42.97
C ILE H 92 63.46 76.96 -41.49
N PRO H 93 64.50 76.25 -41.14
CA PRO H 93 64.88 76.14 -39.75
C PRO H 93 65.35 77.47 -39.22
N PRO H 94 65.17 77.69 -37.91
CA PRO H 94 65.60 78.90 -37.24
C PRO H 94 67.12 79.28 -37.38
N HIS H 95 67.46 80.55 -37.58
CA HIS H 95 68.86 81.01 -37.74
C HIS H 95 69.57 80.43 -38.87
N ALA H 96 68.89 80.52 -40.00
CA ALA H 96 69.42 80.02 -41.23
C ALA H 96 69.50 81.10 -42.31
N THR H 97 70.71 81.41 -42.74
CA THR H 97 70.96 82.27 -43.88
C THR H 97 70.45 81.62 -45.14
N LEU H 98 69.76 82.38 -45.95
CA LEU H 98 69.28 81.82 -47.20
C LEU H 98 70.18 82.15 -48.32
N VAL H 99 70.06 81.33 -49.36
CA VAL H 99 70.81 81.56 -50.55
C VAL H 99 69.94 81.37 -51.79
N PHE H 100 70.02 82.33 -52.71
CA PHE H 100 69.16 82.31 -53.91
C PHE H 100 69.93 82.41 -55.23
N ASP H 101 69.29 82.10 -56.35
CA ASP H 101 69.88 82.20 -57.70
C ASP H 101 68.99 83.10 -58.51
N VAL H 102 68.75 84.28 -58.00
CA VAL H 102 67.79 85.19 -58.62
C VAL H 102 68.26 85.68 -59.98
N GLU H 103 67.29 85.82 -60.88
CA GLU H 103 67.53 86.41 -62.15
C GLU H 103 66.37 87.27 -62.58
N LEU H 104 66.56 88.57 -62.45
CA LEU H 104 65.57 89.50 -62.86
C LEU H 104 65.37 89.47 -64.39
N LEU H 105 64.11 89.53 -64.80
CA LEU H 105 63.74 89.57 -66.23
C LEU H 105 63.39 91.00 -66.62
N LYS H 106 62.44 91.57 -65.86
CA LYS H 106 61.95 92.93 -66.12
C LYS H 106 61.26 93.59 -64.91
N LEU H 107 61.51 94.89 -64.72
CA LEU H 107 60.86 95.68 -63.65
C LEU H 107 59.49 96.00 -64.14
N GLU H 108 58.52 96.07 -63.23
CA GLU H 108 57.15 96.41 -63.63
C GLU H 108 56.51 97.38 -62.62
#